data_7TOR
#
_entry.id   7TOR
#
loop_
_entity.id
_entity.type
_entity.pdbx_description
1 polymer '18S rRNA'
2 polymer '28S rRNA'
3 polymer '5.8S rRNA'
4 polymer '5S rRNA'
5 polymer '60S ribosomal protein L8'
6 polymer '60S ribosomal protein L3'
7 polymer '60S ribosomal protein L4'
8 polymer '60S ribosomal protein L5'
9 polymer '60S ribosomal protein L6'
10 polymer '60S ribosomal protein L7'
11 polymer eL8
12 polymer '60S ribosomal protein L9'
13 polymer 'Ribosomal protein L10'
14 polymer '60S ribosomal protein L11'
15 polymer uL11
16 polymer '60S ribosomal protein L13'
17 polymer '60S ribosomal protein L14'
18 polymer '60S ribosomal protein L15'
19 polymer uL13
20 polymer '60S ribosomal protein L17'
21 polymer eL18
22 polymer '60S ribosomal protein L19'
23 polymer eL20
24 polymer '60S ribosomal protein L21'
25 polymer eL22
26 polymer '60S ribosomal protein L23'
27 polymer 'Ribosomal protein L24'
28 polymer uL23
29 polymer '60S ribosomal protein L26'
30 polymer '60S ribosomal protein L27'
31 polymer '60S ribosomal protein L27a'
32 polymer eL29
33 polymer '60S ribosomal protein L30'
34 polymer '60S ribosomal protein L31'
35 polymer '60S ribosomal protein L32'
36 polymer '60S ribosomal protein L35a'
37 polymer '60S ribosomal protein L34'
38 polymer '60S ribosomal protein L35'
39 polymer '60S ribosomal protein L36'
40 polymer '60S ribosomal protein L37'
41 polymer eL38
42 polymer '60S ribosomal protein L39'
43 polymer eL40
44 polymer eL41
45 polymer eL42
46 polymer '60S ribosomal protein L37a'
47 polymer '60S ribosomal protein L28'
48 polymer '60S acidic ribosomal protein P0'
49 polymer 'Receptor of activated protein C kinase 1'
50 polymer '40S_SA_C domain-containing protein'
51 polymer '40S ribosomal protein S3a'
52 polymer '40S ribosomal protein S2'
53 polymer '40S ribosomal protein S3'
54 polymer '40S ribosomal protein S4'
55 polymer 'Ribosomal protein S5'
56 polymer '40S ribosomal protein S6'
57 polymer eS7
58 polymer '40S ribosomal protein S8'
59 polymer '40S ribosomal protein S9'
60 polymer '40S ribosomal protein S10'
61 polymer '40S ribosomal protein S11'
62 polymer '40S ribosomal protein S12'
63 polymer '40S ribosomal protein S13'
64 polymer uS11
65 polymer '40S ribosomal protein S15'
66 polymer uS9
67 polymer '40S ribosomal protein S17'
68 polymer '40S ribosomal protein S18'
69 polymer eS19
70 polymer '40S ribosomal protein S20'
71 polymer eS21
72 polymer '40S ribosomal protein S15a'
73 polymer '40S ribosomal protein S23'
74 polymer '40S ribosomal protein S24'
75 polymer '40S ribosomal protein S25'
76 polymer eS26
77 polymer '40S ribosomal protein S27'
78 polymer '40S ribosomal protein S28'
79 polymer '40S ribosomal protein S29'
80 polymer '40S ribosomal protein S30'
81 polymer '40S ribosomal protein S27a'
82 polymer 'tRNAfMet bound to E-site'
83 polymer 'GR20, ALS/FTD dipeptide repeat protein'
84 polymer mRNA
85 non-polymer 'ZINC ION'
#
loop_
_entity_poly.entity_id
_entity_poly.type
_entity_poly.pdbx_seq_one_letter_code
_entity_poly.pdbx_strand_id
1 'polyribonucleotide'
;UACCUGGUUGAUCCUGCCAGUAGCAUAUGCUUGUCUCAAAGAUUAAGCCAUGCAUGUCUAAGUACGCACGGCCGGUACAG
UGAAACUGCGAAUGGCUCAUUAAAUCAGUUAUGGUUCCUUUGGUCGCUCGUACUUGGAUAACUGUGGUAAUUCUAGAGCU
AAUACAUGCCGACGGGCGCUGACCCCCUUCGCGGGGGGGAUGCGUGCAUUUAUCAGUGGUGACUCUAGAUAACCUCGGGC
CGAUCGCACGCCCGGCGGCGACGACCCAUUCGAACGUCUGCCCUAUCAACUUUCGAUGGUAGUCGCCGUGCCUACCAUGG
UGACCACGGGUGACGGGGAAUCAGGGUUCGAUUCCGGAGAGGGAGCCUGAGAAACGGCUACCACAUCCAAGGAAGGCAGC
AGGCGCGCAAAUUACCCACUCCCGACCCGGGGAGGUAGUGACGAAAAAUAACAAUACAGGACUCUUUCGAGGCCCUGUAA
UUGGAAUGAGUCCACUUUAAAUCCUUUAACGAGGAUCCAUUGGAGGGCAAGUCUGGUGCCAGCAGCCGCGGUAAUUCCAG
CUCCAAUAGCGUAUAUUAAAGUUGCUGCAGUUAAAAAGCUCGUAGUUGGAUCUUGGGAGCGGCCGUCCCCUGCUCGGCGC
CGGCCCGAAGCGUUUACUUUGAAAAAAUUAGAGUGUUCAAAGCAGGCCGCCUGGAUACCGCAGCUAGGAAUAAUGGAAUA
GGACCGCGGUUCUAUUUUGUUGGUUUUCGGAACUGAGGCCAUGAUUAAGAGGGACGGCCGGGGGCAUUCGUAUUGCGCCG
CUAGAGGUGAAAUUCUUGGACCGGCGCAAGACGGACCAGAGCGAAAGCAUUUGCCAAGAAUGUUUUCAUUAAUCAAGAAC
GAAAGUCGGAGGUUCGAAGACGAUCAGAUACCGUCGUAGUUCCGACCAUAAACGAUGCCGACUGGCGAUGCGGCGGCGUU
AUUCCCAUGACCCGCCGGGCAGCUUCCGGGAAACCAAAGUCUUUGGGUUCCGGGGGGAGUAUGGUUGCAAAGCUGAAACU
UAAAGGAAUUGACGGAAGGGCACCACCAGGAGUGGAGCCUGCGGCUUAAUUUGACUCAACACGGGAAACCUCACCCGGCC
CGGACACGGACAGGAUUGACAGAUUGAUAGCUCUUUCUCGAUUCCGUGGGUGGUGGUGCAUGGCCGUUCUUAGUUGGUGG
AGCGAUUUGUCUGGUUAAUUCCGAUAACGAACGAGACUCUGGCAUGCUAACUAGUUACGCGACCCCGGUCGGCGUAACUU
CUUAGAGGGACAAGUGGCGUUCAGCCACCCGAGAUUGAGCAAUAACAGGUCUGUGAUGCCCUUAGAUGUCCGGGGCUGCA
CGCGCGCUACACUGACUGGCUCAGCGUGUGCCUACCCUACGCCGGCAGGCGCGGGUAACCCGUUGAACCCCAUUCGUGAU
GGGGAUCGGGGAUUGCAAUUAUUCCCCAUGAACGAGGAAUUCCCAGUAAGUGCGGGUCAUAAGCUUGCGUUGAUUAAGUC
CCUGCCCUUUGUACACACCGCCCGUCGCUACUACCGAUUGGAUGGUUUAGUGAGGCCCUCGGAUCGGCCCCGCCGGGGUG
CCCUGGCGGAGCGCUGAGAAGACGGUCGAACUUGACUAUCUAGAGGAAGUAAAAGUCGUAACAAGGUUUCCGUAGGUGAA
CCUGCGGAAGGAUCAUUA
;
A18S
2 'polyribonucleotide'
;CGCGACCUCAGAUCAGACGUGGCGACCCGCUGAAUUUAAGCAUAUUAGUCAGCGGAGGAAAAGAAACUAACCAGGAUUCC
CUCAGUAACGGCGAGUGAACAGGGAAGAGCCCAGCGCCGAAUCCCCGCCCCGCGGCGGGGCGCGGGAAAUGUGGCGUACG
GAAGACCCACUCCCCGGCGCGGGGGCCCAAGUCCUUCUGAUCGAGGCCCAGCCCGUGGACGGUGUGAGGCCGGUAGCGGC
CCCCGGCGCGCCGGGCCCGGGUCUUCCCGGAGUCGGGUUGCUUGGGAAUGCAGCCCAAAGCGGGUGGUAAACUCCAUCUA
AGGCUAAAUACCGGCACGAGACCGAUAGUCAACAAGUACCGUAAGGGAAAGUUGAAAAGAACUUUGAAGAGAGAGUUCAA
GAGGGCGUGAAACCGUUAAGAGGUAAACGGGUGGGGUCCGCGCAGUCCGCCCGGAGGAUUCAACCCGGCGGCGCGGUCCG
GCCGUGCCGGCGGGGCGGAUCCCCGCUCUCGGCGGGGGACCGCCCCCCGGCCGGCGACCGGCCGCCGCCGGGCGCAUUUC
CACCGCGGCGGUGCGCCGCGACCGGCUCCGGGACGGCUGGGAAGGCCCCGGCGGGGAAGGUGGCCCGGGGGCCCCGGGUG
UUACAGCCCCGCCCCGGCAGCAGCAGCUCGCCGAAUCCCGGGGCCGAGGGAGCGAGACCCGUGCGCCGCGCUCUCCCCCC
GGGGGGCCGGGCCACCCCUCCCACGGCGCGACCGCUGGGGCGGACUGUCCAGUGCGCCCCGGGCGGGUCGCGCCGUCGGG
CCCGGGGGGCCACGCGUCCAGCGCACGGGGUCGGCGGCGAUGUCGGCUACCCACCCGACCCGUCUUGAAACACGGACCAA
GGAGUCUAACACGUGCGCGAGUCGGGGGCUACGAAAGCCGCCGUGGCGCAAUGAAGGUGAAGGCCGGCCGGCCGAGGUGG
GAUCCCGAGGCAGUCCGCCGAGGGCGCACCACCGGCCCGUCUCGCCCGCCGCGCCGGGGAGGUGGAGCACGAGCGCACGU
GUUAGGACCCGAAAGAUGGUGAACUAUGCCUGGGCAGGGCGAAGCCAGAGGAAACUCUGGUGGAGGUCCGUAGCGGUCCU
GACGUGCGAAUCGGUCGUCCGACCUGGGUAUAGGGGCGAAAGACUAAUCGAACCAUCUAGUAGCUGGUUCCCUCCAAAGU
UUCCCUCAGGAUAGCUGGCGCUCUCCGCAGUUUUAUCCGGUAAAGCGAAUGAUUAGAGGUCUUGGGGCCGAAACGAUCUC
AACCUAUUCUCAAACUUUAAAUGGGUAAGAAGCCCGGCUCGCUGGUGUGGAGCCGGGCGUGGAAUGCGAGUGCCUAGUGG
GCCACUUUUGGUAAGCAGAACUGGCGCUGCGGGAUGAACCGAACGCCGGGUUAAGGCGCCCGAUGCCGACGCUCAUCAGA
CCCCAGAAAAGGUGUUGGUUGAUAUAGACAGCAGGAUGGUGGCCAUGGAAGUCGGAAUCCGCUAAGGAGUGUGUAACAAC
UCACCUGCCGAAUCAACUAGCCCUGAAAAUGGAUGGCGCUGGAGCGUCGGGCCCAUACCCGGCCGUCGCUGGCAGUCGGC
AGAGCGAGAAAGAGAGGGACGCUACGCCGCGACGAGUAGGAGGGCCGCUGCGGUGAGCCUUGAAGCCUAGGGCGCGGGCC
CGGGUGGAGCCGCCGCAGGUGCAGAUCUUGGUGGUAGUAGCAAAUAUUCAAACGAGAACUUUGAAGGCCGAAGUGGAGAA
GGGUUCCAUGUGAACAGCAGUUGAACAUGGGUCAGUCGGUCCUGAGAGAUGGGCGAGCGCCGUUCCGAAGGGACGGGCGA
UGGCCUCCGUUGCCCUCAGCCGAUCGAAAGGGAGUCGGGUUCAGAUCCCCGAAUCCGGAGUGGCGGAGAUGGGCGCCGCG
AGGCGUCCAGUGCGGUAACGCGACCGAUCCCGGAGAAGCCGGCGGGAGCCCCGGGGAGAGUUCUCUUUUCUUUGUGAAGG
GCAGGGCGCCCUGGAAUGGGUUCGCCCCGAGAGAGGGGCCCGUGCCUUGGAAAGCGUCGCGGUUCCGGCGGCGUCCGGUG
AGCUCUCGCUGGCCCUUGAAAAUCCGGGGGAGAGGGUGUAAAUCUCGCGCCGGGCCGUACCCAUAUCCGCAGCAGGUCUC
CAAGGUGAACAGCCUCUGGCAUGUUGGAACAAUGUAGGUAAGGGAAGUCGGCAAGCCGGAUCCGUAACUUCGGGAUAAGG
AUUGGCUCUAAGGGCUCAGCCGACUUAGAACUGGUGCGGACCAGGGGAAUCCGACUGUUUAAUUAAAACAAAGCAUCGCG
AAGGCCCGCGGCGGGUGUUGACGCGAUGUGAUUUCUGCCCAGUGCUCUGAAUGUCAAAGUGAAGAAAUUCAAUGAAGCGC
GGGUAAACGGCGGGAGUAACUAUGACUCUCUUAAGGUAGCCAAAUGCCUCGUCAUCUAAUUAGUGACGCGCAUGAAUGGA
UGAACGAGAUUCCCACUGUCCCUACCUACUAUCCAGCGAAACCACAGCCAAGGGAACGGGCUUGGCGGAAUCAGCGGGGA
AAGAAGACCCUGUUGAGCUUGACUCUAGUCUGGCACGGUGAAGAGACAUGAGAGGUGUAGAAUAAGUGGGAGGCCGGCCG
CCGGUGAAAUACCACUACUCUGAUCGUUUUUUCACUGACCCGGUGAGGCGGGGGGGCGAGGGCUCUCGCUUCUGGCGCCA
AGCGCCCGGCGCCGGGCGCGACCCGCUCCGGGGACAGUGCCAGGUGGGGAGUUUGACUGGGGCGGUACACCUGUCAAACG
GUAACGCAGGUGUCCUAAGGCGAGCUCAGGGAGGACAGAAACCUCCCGUGGAGCAGAAGGGCAAAAGCUCGCUUGAUCUU
GAUUUUCAGUACGAAUACAGACCGUGAAAGCGGGGCCUCACGAUCCUUCUGACCUUUUGGGUUUUAAGCAGGAGGUGUCA
GAAAAGUUACCACAGGGAUAACUGGCUUGUGGCGGCCAAGCGUUCAUAGCGACGUCGCUUUUUGAUCCUUCGAUGUCGGC
UCUUCCUAUCAUUGUGAAGCAGAAUUCACCAAGCGUUGGAUUGUUCACCCACUAAUAGGGAACGUGAGCUGGGUUUAGAC
CGUCGUGAGACAGGUUAGUUUUACCCUACUGAUGAUGUGUUGUUGCCAUGGUAAUCCUGCUCAGUACGAGAGGAACCGCA
GGUUCAGACAUUUGGUGUAUGUGCUUGGCUGAGGAGCCAAUGGGGCGAAGCUACCAUCUGUGGGAUUAUGACUGAACGCC
UCUAAGUCAGAAUCCCGCCCAGGCGGAACGAUAGCCGGAGCCUCGGUUGGCCUCGGAUAGCCGGUCCCCCGGGGGUCCGG
UGCGGAGAGCCCUUCGUCCCGGGAAACGGGGCGGCCGGAAAGGGGGCCGCCCUCUCGCCCGUCACGCACCGCACGUUCGU
GGGGAACCUGGCGCUAAACCAUUCGUAGACGACCUGCUUCUGGGUCGGGGUUUCGUACGUAGCAGAGCAGGCUGCGAUCU
AUUGAAAGUCAGCCCUCGACACAAGGGUUUGU
;
A28S
3 'polyribonucleotide'
;CGACUCUUAGCGGUGGAUCACUCGGCUCGUGCGUCGAUGAAGAACGCAGCUAGCUGCGAGAAUUAAUGUGAAUUGCAGGU
UGAUCAUCGACACUUCGAACGCACUUGCGGCCCCGGGUUCCUCCCGGGGCUACGCCUGUCUGAGCGUCGCU
;
A58S
4 'polyribonucleotide'
;GUCUACGGCCAUACCACCCUGAACGCGCCCGAUCUCGUCUGAUCUCGGAAGCUAAGCAGGGUCGGGCCUGGUUAGUACUU
GGAUGGGAGACCGCCUGGGAAUACCGGGUGCUGUAGGCUU
;
A5S
5 'polypeptide(L)'
;GRVIRGQRKGAGSVFRAHVKHRKGAARLRAVDFAERHGYIKGIVKDIIHDPGRGAPLAKVVFRDPYRFKKRTELFIAAEG
IHTGQFVYCGKKAQLNIGNVLPVGTMPEGTIVCCLEEKPGDRGKLARASGNYATVISHNPETKKTRVKLPSGSKKVISSA
NRAVVGVVAGGGRIDKPILKAGRAYHKYKAKRNCWPRVRGVAMNPVEHPFGGGNHQHIGKPSTIRRDAPAGRKVGLIAAR
RTGRLRGT
;
AL02
6 'polypeptide(L)'
;SHRKFSAPRHGSLGFLPRKRSSRHRGKVKSFPKDDPSKPVHLTAFLGYKAGMTHIVREVDRPGSKVNKKEVVEAVTIVET
PPMVVVGIVGYVETPRGLRTFKTVFAEHISDECKRRFYKNWHKSKKKAFTKYCKKWQDDAGKRQLDKDFSSMKKYCQVIR
VLAHTQMRLLPLRQKKAHLMEIQVNGGTVAEKLDWARERLEQQVPVSQVFGQDEMIDVIGVTKGKGYKGVTSRWHTKKLP
RKTHRGLRKVACIGAWHPARVAFSVARAGQKGYHHRTEINKKIYKIGQGYLIKDGKLIKNNASTDYDLSDKSINPLGGFV
HYGEVTNDFVMLKGCVVGTKKRVLTLRKSLLVQTKRRALEKIDLKFIDTTSKFGHGRFQTVEEKKAFMGPLKKD
;
AL03
7 'polypeptide(L)'
;ACARPLISVYSEKGESSGKNVTLPAVFKAPIRPDIVNFVHTNLRKNNRQPYAVSELAGHQTSAESWGTGRAVARIPRVRG
GGTHRSGQGAFGNMCRGGRMFAPTKTWRRWHRRVNTTQKRYAICSALAASALPALVMSKGHRIEEVPELPLVVEDKVEGY
KKTKEAVLLLKKLKAWNDIKKVYASQRMRAGKGKMRNRRRIQRRGPCVIYNEDNGIVKAFRNIPGITLLNVTKLNILKLA
PGGHVGRFCIWTESAFRKLDDLYGTWRKAASLKSNYNLPMHKMLNTDLSRILKSPEIQRALRAPRKKIHRRVLKKNPLKN
LRIMLKLNPYAKTMRRNTILRQARNHKLRVERAAAALAAKSD
;
AL04
8 'polypeptide(L)'
;FVKVVKNKAYFKRYQVKFRRRREGKTDYYARKRLVIQDKNKYNTPKYRMIVRVTNRDIICQIAYARIEGDMIVCAAYAHE
LPKYGVKVGLTNYAAAYCTGLLLARRLLNRFGMDKIYEGQVEVTGDEYNVESIDGQPGAFTCYLDAGLARTTTGNKVFGA
LKGAVDGGLSIPHSTKRFPGYDSESKEFNAEVHRKHIMGQNVADYMRYLMEEDEDAYKKQFSQYIKNNVTPDMMEEMYKK
AHAAIRENPVYEKKPKREVKKKRWNRPKMSLAQKKDRVAQKKASFLRAQERAA
;
AL05
9 'polypeptide(L)'
;KGKPHCSRNPVLVRGIGRYSRSAMYSRKALYKRKYAAPKSRIERKKKREKVLATVTKPVGGDKNGGTRVVKLRKMPRYYP
TEDVPRKLLSHGKKPFSQHVRKLRASITPGTILIILTGRHRGKRVVFLKQLSSGLLLVTGPLSLNRVPLRRTHQKFVIAT
STKIDISGVKIPKHLTDAYFKKKKLRKPRHQEGEIFDTEKEKYEITEQRKVDQKAVDSQILPKIKAVPQLQGYLRSVFAL
TNGVYPHKLVF
;
AL06
10 'polypeptide(L)'
;NFAELKIKRLRKKFAQKMLRKARRKLIYEKAKHYHKEYRQMYRTEIRMARMARKAGNFYVPAEPKLAFVIRIRGINGVSP
KVRKVLQLLRLRQIFNGTFVKLNKASINMLRIVEPYIAWGYPNLKSVNELIYKRGYGKINKKRIALTDNTLIARSLGKYN
IICMEDLIHEIYTVGKHFKEANNFLWPFKLSSPRGGMKKKTTHFVEGGDAGNREDQINRLIRRMN
;
AL07
11 'polypeptide(L)'
;VVNPLFEKRPKNFGIGQDIQPKRDLTRFVKWPRYIRLQRQRAILYKRLKVPPAINQFTQVLDRQTATQLLKLAHKYRPET
KQEKKQRLLARAEKKAAKRPPVLRAGVNTVTTLVENKKAQLVVIAHDVDPIELVVFLPALCRKMGVPYCILKGKARLGRL
VHRKTCTTVAFTQVNSEDKGALAKLVEAIRTNYNDRYDEIRRHWGGNVLGPKSVARIAKLEKAKAKELATKLG
;
AL08
12 'polypeptide(L)'
;MKTILSNQTVDIPENVDISLKGRTVIVKGPRGTLRRDFNHINVELSLLGKKKKRLRVDKWWGNRKELATVRTICSHVQNM
IKGVTLGFRYKMRSVYAHFPINVVIQENGSLVEIRNFLGEKYIRRVRMRPGVACSVSQAQKDELVLEGNDIELVSNSAAL
IQQATTVKNKDIRKFLDGIYVSEKGTVQQA
;
AL09
13 'polypeptide(L)'
;GRRPARCYRYCKNKPYPKSRFCRGVPDAKIRIFDLGRKKAKVDEFPLCGHMVSDEYEQLSSEALEAARICANKYMVKSCG
KDGFHIRVRLHPFHVIRINKMLQTGMRGAFGKPQGTVARVHIGQVIMSIRTKLQNKEHVVEALRRAKFKFPGRQKIHISK
KWGFTKFNADEFEDMVAEKRLIPDGCGVKYIPNRGPLDKWRALHS
;
AL10
14 'polypeptide(L)'
;KENPMRELRIRKLCLNICVGESGDRLTRAAKVLEQLTGQTPVFSKARYTVRSFGIRRNEKIAVHCTVRGAKAEEILEKGL
KVREYELRKNNFSDTGNFGFGIQEHIDLGIKYDPSIGIYGLDFYVVLGRPGFSIADKKRRTGCIGAKHRISKEEAMRWFQ
QKYDGIILPG
;
AL11
15 'polypeptide(L)'
;EIKVVYLRCTGGEVGATSALAPKIGPLGLSPKKVGDDIAKATGDWKGLRITVKLTIQNRQAQIEVVPSASALIIKALKEP
PRDRKKQKNIKHSGNITFDEIVNIARQMRHRSLARELSGTIKEILGTAQSVGCNVDGRHPHDIIDDINSGAVE
;
AL12
16 'polypeptide(L)'
;APSRNGMILKPHFHKDWQRRVATWFNQPARKIRRRKARQARARRIAPRPAAGPIRPIVRCPTVRYHTKVRAGRGFSLEEL
RVAGIHKKVARTIGISVDPRRRNKSTESLQANVQRLKEYRSKLVLFPRKPSAPKKGDSSAEELKLATQLTGPVMPIRNVF
KKEKARVITEEEKNFKAFASLRMARANARLFGIRAKRAKEAAEQDVEKKK
;
AL13
17 'polypeptide(L)'
;VFRRFVEVGRVAYVSFGPHAGKLVAIVDVIDQNRALVDGPCTRVRRQAMPFKCMQLTDFILKFPHSARQKYVRKAWEKAD
INTKWAATRWAKKIEARERKAKMTDFDRYKVMKAKKMRNRIIKNEVKKLQRAALLKAS
;
AL14
18 'polypeptide(L)'
;GAYKYIQELWRKKQSDVMRFLLRVRCWQYRQLSALHRAPRPTRPDKARRLGYKAKQGYVIYRIRVRRGGRKRPVPKGATY
GKPVHHGVNQLKFARSLQSVAEERAGRHCGALRVLNSYWVGEDSTYKFFEVILIDPFHKAIRRNPDTQWITKPVHKHREM
RGLTSAGRKSRGLGKGHKFHHTIGGSRRAAWRRRNTLQLHRYR
;
AL15
19 'polypeptide(L)'
;QVLVLDGRGHLLGRLAAIVAKQVLLGRKVVVVRCEGINISGNFYRNKLKYLAFLRKRMNTNPSRGPYHFRAPSRIFWRTV
RGMLPHKTKRGQAALDRLKVFDGIPPPYDKKKRMVVPAALKVVRLKPTRKFAYLGRLAHEVGWKYQAVTATLEEKRKEKA
KIHYRKKKQLMRLRKQAEKNVEKKISKFTDVLKTHGLLV
;
AL16
20 'polypeptide(L)'
;VRYSLDPENPTKSCKSRGSNLRVHFKNTRETAQAIKGMHIRKATKYLKDVTLKKQCVPFRRYNGGVGRCAQAKQWGWTQG
RWPKKSAEFLLHMLKNAESNAELKGLDVDSLVIEHIQVNKAPKMRRRTYRAHGRINPYMSSPCHIEMILTEKE
;
AL17
21 'polypeptide(L)'
;GVDIRHNKDRKVRRKEPKSQDIYLRLLVKLYRFLARRTNSTFNQRVVLKRLFMSRTNRKPPLSLSRMIRKMKLPGRESNK
TAVVVGTVRTDDVRVQEVPKLKVCALRVTSRARSRILKAGGKILTFDQLALDSPKGRGTVLLSGPRKGREVYRHFGKAPG
TPHSHTKPYVRSKGRKFERARGRRASRGYKN
;
AL18
22 'polypeptide(L)'
;SMLRLQKRLASSVLRCGKKKVWLDPNETNEIANANSRQQIRKLIKDGLIIRKPVTVHSRARCRKNTLARRKGRHMGIGKR
KGTANARMPEKVTWMRRMRILRRLLRRYRESKKIDRHMYHSLYLKVKGNVFKNKRILMEHIHKLKADKARKKLLADQAEA
RRSKTKEARKRREERLQAKK
;
AL19
23 'polypeptide(L)'
;MKASGTLREYKVVGRCLPTPKCRTPPLYRMRIFAPNHVVAKSRFWYFVSQLKKMKKSSGEIVYCGQVFEKSPLRVKNFGI
WLRYDSRSGTHNMYREYRDLTTAGAVTQCYRDMGARHRARAHSIQIMKVEEIAASKCRRPAVKQFHDSKIKFPLPHRVLR
RQHKPRFTTKRPNTFF
;
AL20
24 'polypeptide(L)'
;TNTKGKRRGTRYMFSRPFRKHGVVPLATYMRIYKKGDIVDIKGMGTVQKGMPHKCYHGKTGRVYNVTQHAVGIVVNKQVK
GKILAKRINVRIEHIKHSKSRDSFLKRVKENDQKKKEAKEKGTWVQLKRQPAPPREAHFVRTNGKEPELLEPIPYEFMA
;
AL21
25 'polypeptide(L)'
;QLLKFTLDCTHPVEDGIMDAANFEQFLQERIKVNGKAGNLGGGVVSLERSKSKITVTSEVPFSKRYLKYLTKKYLKKNNL
RDWLRVVANTKESYELRYF
;
AL22
26 'polypeptide(L)'
;SGAKFRISLGLPVGAVINCADNTGAKNLYIISVKGIKGRLNRLPAAGVGDMVMATVKKGKPELRKKVHPAVVIRQRKSYR
RKDGVFLYFEDNAGVIVNNKGEMKGSAITGPVAKECADLWPRIASNAGSIA
;
AL23
27 'polypeptide(L)'
;MKVELCSFSGYKIYPGHGRRYARTDGKVFQFLNAKCESAFLSKRNPRQINWTVLYRRKHKKGQSEEIQKKRTRRAVKFQR
AITGASLADIMAKRNQKPEVRKAQREQAIRAAKEAKKAKQA
;
AL24
28 'polypeptide(L)'
;KIRTSPTFRRPKTLRLRRQPKYPRKSAPRRNKLDHYAIIKFPLTTESAMKKIEDNNTLVFIVDVKANKHQIKQAVKKLYD
IDVAKVNTLIRPDGEKKAYVRLAPDYDALDVANKIGII
;
AL25
29 'polypeptide(L)'
;MKFNPFVTSDRSKNRKRHFNAPSHIRRKIMSSPLSKELRQKYNVRSMPIRKDDEVQVVRGHYKGQQIGKVVQVYRKKYVI
YIERVQREKANGTTVHVGIHPSKVVITRLKLDKDRKKILERKAKSRQVGKEKGK
;
AL26
30 'polypeptide(L)'
;GKFMKPGKVVLVLAGRYSGRKAVIVKNIDDGTSDRPYSHALVAGIDRYPRKVTAAMGKKKIAKRSKIKSFVKVYNYNHLM
PTRYSVDIPLDKTVVNKDVFRDPALKRKARREAKVKFEERYKTGKNKWFFQKLRF
;
AL27
31 'polypeptide(L)'
;PSRLRKTRKLRGHVSHGHGRIGKHRKHPGGRGNAGGMHHHRINFDKYHPGYFGKVGMRHYHLKRNQSFCPTVNLDKLWTL
VSEQTRVNAAKNKTGAAPIIDVVRSGYYKVLGKGKLPKQPVIVKAKFFSRRAEEKIKGVGGACVLVA
;
AL28
32 'polypeptide(L)'
;AKSKNHTTHNQSRKWHRNGIKKPRSQRYESLKGVDPKFLRNMRFAKKHNKKGLKKMQANNAKAMAARAEAIKALVVSRKL
HRLAYIAHPKLGRRARARIARGLR
;
AL29
33 'polypeptide(L)'
;SLESINSRLQLVMKSGKYVLGYKQSLKMIRQGKAKLVILANNCPALRKSEIEYYAMLAKTGVHHYSGNNIELGTACGKYY
RVCTLSIIDPGDSDIIRS
;
AL30
34 'polypeptide(L)'
;NEVVTREYTINIHKRIHGVGFKKRAPRALKEIRKFAMKEMGTPDVRIDTRLNKAVWAKGIRNVPYRIRVRLSRKRNEDED
SPNKLYTLVTYVPVTTFKNLQTVNVDE
;
AL31
35 'polypeptide(L)'
;AALRPLVKPKIVKKRTKKFIRHQSDRYVKIKRNWRKPRGIDNRVRRRFKGQILMPNIGYGSNKKTKHMLPSGFRKFLVHN
VKELEVLLMCNKSYCAEIAHNVSSKNRKAIVERAAQLAIRVTNPNARL
;
AL32
36 'polypeptide(L)'
;SGRLWCKAIFAGYKRGLRNQREHTALLKIEGVYARDETEFYLGKRCAYVYKAKNNTVTPGGKPNKTRVIWGKVTRAHGNS
GMVRAKFRSNLPAKAIGHRIRVMLYPSRI
;
AL33
37 'polypeptide(L)'
;VQRLTYRRRLSYNTASNKTRLSRTPGNRIVYLYTKKVGKAPKSACGVCPGRLRGVRAVRPKVLMRLSKTKKHVSRAYGGS
MCAKCVRDRIKRAFLIEEQKIVVKVLKAQAQSQK
;
AL34
38 'polypeptide(L)'
;AKIKARDLRGKKKEELLKQLDDLKVELSQLRVAKVTGGAASKLSKIRVVRKSIARVLTVINQTQKENLRKFYKGKKYKPL
DLRPKKTRAMRRRLNKHEESLKTKKQQRKERLYPLRKYAVKA
;
AL35
39 'polypeptide(L)'
;ALRYPMAVGLNKGHKVTKNVSKPRHSRRRGRLTKHTKFVRDMIREVCGFAPYERRAMELLKVSKDKRALKFIKKRVGTHI
RAKRKREELSSVLAAMRKAAAK
;
AL36
40 'polypeptide(L)'
;TKGTSSFGKRRNKTHTLCRRCGSKAYHLQKSTCGKCGYPAKRKRKYNWSAKAKRRNTTGTGRMRHLKIVYRRFRHGFREG
TTPKPK
;
AL37
41 'polypeptide(L)' PRKIEEIKDFLLTARRKDAKSVKIKKNKDNVKFKVRCSRYLYTLVITDKEKAEKLKQSLPPGLAVKELK AL38
42 'polypeptide(L)' SSHKTFRIKRFLAKKQKQNRPIPQWIWMKTGNKIRYNSKRRHWRRTKLGL AL39
43 'polypeptide(L)' IIEPSLRQLAQKYNCDKMICRKCYARLHPRAVNCRKKKCGHTNNLRPKKKVK AL40
44 'polypeptide(L)' MRAKWRKKRMRRLKRKRRKMRQRSK AL41
45 'polypeptide(L)'
;VNVPKTRRTFCKKCGKHQPHKVTQYKKGKDSLYAQGKRRYDRKQSGYGGQTKPIFRKKAKTTKKIVLRLECVEPNCRSKR
MLAIKRCKHFELGGDKKRKGQVIQ
;
AL42
46 'polypeptide(L)'
;AKRTKKVGIVGKYGTRYGASLRKMVKKIEISQHAKYTCSFCGKTKMKRRAVGIWHCGSCMKTVAGGAWTYNTTSAVTVKS
AIRRLKELKDQ
;
AL43
47 'polypeptide(L)'
;SAHLQWMVVRNCSSFLIKRNKQTYSTEPNNLKARNSFRYNGLIHRKTVGVEPAADGKGVVVVMKRRSGQRKPATSYVRTT
INKNARATLSSIRHMIRKNKYHPDLRMAAIRRASAILRSQKPVM
;
ALNW
48 'polypeptide(L)' RATWKSNYFLKIIQLLDTMMRKAIRGH ALP0
49 'polypeptide(L)'
;TEQMTLRGTLKGHNGWVTQIATTPQFPDMILSASRDKTIIMWKLTRDETNYGIPQRALRGHSHFVSDVVISSDGQFALSG
SWDGTLRLWDLTTGTTTRRFVGHTKDVLSVAFSSDNRQIVSGSRDKTIKLWNTLGVCKYTVQDESHSEWVSCVRFSPNSS
NPIIVSCGWDKLVKVWNLANCKLKTNHIGHTGYLNTVTVSPDGSLCASGGKDGQAMLWDLNEGKHLYTLDGGDIINALCF
SPNRYWLCAATGPSIKIWDLEGKIIVDELKQEVISTSSKAEPPQCTSLAWSADGQTLFAGYTDNLVRVWQVTI
;
ARAC
50 'polypeptide(L)'
;SGALDVLQMKEEDVLKFLAAGTHLGGTNLDFQMEQYIYKRKSDGIYIINLKRTWEKLLLAARAIVAIENPADVSVISSRN
TGQRAVLKFAAATGATPIAGRFTPGTFTNQIQTAFREPRLLVVTDPRADHQPLTEASYVNLPTIALCNTDSPLRYVDIAI
PCNNKGAHSVGLMWWMLAREVLRMRGTISREHPWEVMPDLYFYRDPEEIEKEEQAAA
;
AS00
51 'polypeptide(L)'
;VVDPFSKKDWYDVKAPAMFNIRNIGKTLVTRTQGTKIASDGLKGRVFEVSLADLQNDEVAFRKFKLITEDVQGKNCLTNF
HGMDLTRDKMCSMVKKWQTMIEAHVDVKTTDGYLLRLFCVGFTKKRNNQIRKTSYAQHQQVRQIRKKMMEIMTREVQTND
LKEVVNKLIPDSIGKDIEKACQSIYPLHDVFVRKVKMLKKPKFELGKLMELHG
;
AS01
52 'polypeptide(L)'
;KEWLPVTKLGRLVKDMKIKSLEEIYLFSLPIKESEIIDFFLGASLKDEVLKIMPVQKQTRAGQRTRFKAFVAIGDYNGHV
GLGVKCSKEVATAIRGAIILAKLSIVPVRRGYWGNKIGKPHTVPCKVTGRCGSVLVRLIPAPRGTGIVSAPVPKKLLMMA
GIDDCYTSARGCTATLGNFAKATFDAISKTYSYLTPDLWKETVFTKSPYQEFTDHLVKTHT
;
AS02
53 'polypeptide(L)'
;MAVQISKKRKFVADGIFKAELNEFLTRELAEDGYSGVEVRVTPTRTEIIILATRTQNVLGEKGRRIRELTAVVQKRFGFP
EGSVELYAEKVATRGLCAIAQAESLRYKLLGGLAVRRACYGVLRFIMESGAKGCEVVVSGKLRGQRAKSMKFVDGLMIHS
GDPVNYYVDTAVRHVLLRQGVLGIKVKIMLPWDPSGKIGPKKPLPDHVSIVEPKDEILPTTPISEQKG
;
AS03
54 'polypeptide(L)'
;ARGPKKHLKRVAAPKHWMLDKLTGVFAPRPSTGPHKLRECLPLIIFLRNRLKYALTGDEVKKICMQRFIKIDGKVRTDIT
YPAGFMDVISIDKTGENFRLIYDTKGRFAVHRITPEEAKYKLCKVRKIFVGTKGIPHLVTHDARTIRYPDPLIKVNDTIQ
IDLETGKITDFIKFDTGNLCMVTGGANLGRIGVITNRERHPGSFDVVHVKDANGNSFATRLSNIFVIGKGNKPWISLPRG
KGIRLTIAEERDKRLAAKQSSG
;
AS04
55 'polypeptide(L)'
;TPDIKLFGKWSTDDVQINDISLQDYIAVKEKYAKYLPHSAGRYAAKRFRKAQCPIVERLTNSMMMHGRNNGKKLMTVRIV
KHAFEIIHLLTGENPLQVLVNAIINSGPREDSTRIGRAGTVRRQAVDVSPLRRVNQAIWLLCTGAREAAFRNIKTIAECL
ADELINAAKGSSNSYAIKKKDELERVAKSNR
;
AS05
56 'polypeptide(L)'
;MKLNISFPATGCQKLIEVDDERKLRTFYEKRMATEVAADALGEEWKGYVVRISGGNDKQGFPMKQGVLTHGRVRLLLSKG
HSCYRPRRTGERKRKSVRGCIVDANLSVLNLVIVKKGEKDIPGLTDTTVPRRLGPKRASRIRKLFNLSKEDDVRQYVVRK
PLNKEGKKPRTKAPKIQRLVTPRVLQHKRRRIALKKQRTKKNKEEAAEYAKLLAKRMKEAKEKRQEQIAKRRRLSSL
;
AS06
57 'polypeptide(L)'
;AKIVKPNGEKPDEFESGISQALLELEMNSDLKAQLRELNITAAKEIEVGGGRKAIIIFVPVPQLKSFQKIQVRLVRELEK
KFSGKHVVFIAQRRILPKPTRKSRTKNKQKRPRSRTLTAVHDAILEDLVFPSEIVGKRIRVKLDGSRLIKVHLDKAQQNN
VEHKVETFSGVYKKLTGKDVNFEFPEFQL
;
AS07
58 'polypeptide(L)'
;GISRDNWHKRRKTGGKRKPYHKKRKYELGRPAANTKIGPRRIHTVRVRGGNKKYRALRLDVGNFSWGSECCTRKTRIIDV
VYNASNNELVRTKTLVKNCIVLIDSTPYRQWYESHYALPLGRKKGAKLTPEEEEILNKKRSKKIQKKYDERKKNAKISSL
LEEQFQQGKLLACIASRPGQCGRADGYVLEGKELEFYLRKIKARKG
;
AS08
59 'polypeptide(L)'
;PVARSWVCRKTYVTPRRPFEKSRLDQELKLIGEYGLRNKREVWRVKFTLAKIRKAARELLTLDEKDPRRLFEGNALLRRL
VRIGVLDEGKMKLDYILGLKIEDFLERRLQTQVFKLGLAKSIHHARVLIRQRHIRVRKQVVNIPSFIVRLDSQKHIDFSL
RSPYGGGRPGRVKRKNAKKGQGGAG
;
AS09
60 'polypeptide(L)'
;MLMPKKNRIAIYELLFKEGVMVAKKDVHMPKHPELADKNVPNLHVMKAMQSLKSRGYVKEQFAWRHFYWYLTNEGIQYLR
DYLHLPPEIVPATLRR
;
AS10
61 'polypeptide(L)'
;DIQTERAYQKQPTIFQNKKRVLLGETGKEKLPRYYKNIGLGFKTPKEAIEGTYIDKKCPFTGNVSIRGRILSGVVTKMKM
QRTIVIRRDYLHYIRKYNRFEKRHKNMSVHLSPCFRDVQIGDIVTVGECRPLSKTVRFNVLKVTKAAGTKK
;
AS11
62 'polypeptide(L)'
;VNTALQEVLKTALIHDGLARGIREAAKALDKRQAHLCVLASNCDEPMYVKLVEALCAEHQINLIKVDDNKKLGEWVGLCK
IDREGKPRKVVGCSCVVVKDYGKESQAKDVIEEYFKC
;
AS12
63 'polypeptide(L)'
;GRMHAPGKGLSQSALPYRRSVPTWLKLTSDDVKEQIYKLAKKGLTPSQIGVILRDSHGVAQVRFVTGNKILRILKSKGLA
PDLPEDLYHLIKKAVAVRKHLERNRKDKDAKFRLILIESRIHRLARYYKTKRVLPPNWKYESSTASALV
;
AS13
64 'polypeptide(L)'
;SLGPQVAEGENVFGVCHIFASFNDTFVHVTDLSGKETICRVTGGMKVKADRDESSPYAAMLAAQDVAQRCKELGITALHI
KLRATGGNRTKTPGPGAQSALRALARSGMKIGRIEDVTPIPSDSTRRKGGRRGRR
;
AS14
65 'polypeptide(L)'
;FRKFTYRGVDLDQLLDMSYEQLMQLYSARQRRRLSRGLRRKQHSLLKRLRKAKKEAPPMEKPEVVKTHLRDMIILPEMVG
SMVGVYNGKTFNQVEIKPEMIGHYLGEFSITYKPVKHGRP
;
AS15
66 'polypeptide(L)'
;GPLQSVQVFGRKKTATAVAHCKRGNGLIKVNGRPLEMIEPRTLQYKLLEPVLLLGKERFAGVDIRVRVKGGGHVAQIYAI
RQSISKALVAYYQKYVDEASKKEIKDILIQYDRTLLVADPRRCESKKFGGPGARARYQKSYR
;
AS16
67 'polypeptide(L)'
;GRVRTKTVKKAARVIIEKYYTRLGNDFHTNKRVCEEIAIIPSKKLRNKIAGYVTHLMKRIQRGPVRGISIKLQEEERERR
DNYVPEVSALDQEIIEVDPDTKEMLKLLDFGSLSNLQVTQPTVGMNFKTPRG
;
AS17
68 'polypeptide(L)'
;SLVIPEKFQHILRVLNTNIDGRRKIAFAITAIKGVGRRYAHVVLRKADIDLTKRAGELTEDEVERVITIMQNPRQYKIPD
WFLNRQKDVKDGKYSQVLANGLDNKLREDLERLKKIRAHRGLRHFWGLRVRGQHTKTTGRRGRT
;
AS18
69 'polypeptide(L)'
;GVTVKDVNQQEFVRALAAFLKKSGKLKVPEWVDTVKLAKHKELAPYDENWFYTRAASTARHLYLRGGAGVGSMTKIYGGR
QRNGVMPSHFSRGSKSVARRVLQALEGLKMVEKDQDGGRKLTPQGQRDLDRIAGQVAAAKK
;
AS19
70 'polypeptide(L)'
;HRIRITLTSRNVKSLEKVCADLIRGAKEKNLKVKGPVRMPTKTLRITTRKTPCGEGSKTWDRFQMRIHKRLIDLHSPSEI
VKQITSISIEPGVEVEVTIA
;
AS20
71 'polypeptide(L)'
;MQNDAGEFVDLYVPRKCSASNRIIGAKDHASIQMNVAEVDKVTGRFNGQFKTYAICGAIRRMGESDDSILRLAKADGIVS
KNF
;
AS21
72 'polypeptide(L)'
;VRMNVLADALKSINNAEKRGKRQVLIRPCSKVIVRFLTVMMKHGYIGEFEIIDDHRAGKIVVNLTGRLNKCGVISPRFDV
QLKDLEKWQNNLLPSRQFGFIVLTTSAGIMDHEEARRKHTGGKILGFFF
;
AS22
73 'polypeptide(L)'
;GKCRGLRTARKLRSHRRDQKWHDKQYKKAHLGTALKANPFGGASHAKGIVLEKVGVEAKQPNSAIRKCVRVQLIKNGKKI
TAFVPNDGCLNFIEENDEVLVAGFGRKGHAVGDIPGVRFKVVKVANVSLLALYKGKKERPR
;
AS23
74 'polypeptide(L)'
;TVTIRTRKFMTNRLLQRKQMVIDVLHPGKATVPKTEIREKLAKMYKTTPDVIFVFGFRTHFGGGKTTGFGMIYDSLDYAK
KNEPKHRLARHGLYEKKKTSRKQRKERKNRMKKVRGTAKANVGA
;
AS24
75 'polypeptide(L)' RDKLNNLVLFDKATYDKLCKEVPNYKLITPAVVSERLKIRGSLARAALQELLSKGLIKLVSKHRAQVIYTRNTKG AS25
76 'polypeptide(L)'
;TKKRRNNGRAKKGRGHVQPIRCTNCARCVPKDKAIKKFVIRNIVEAAAVRDISEASVFDAYVLPKLYVKLHYCVSCAIHS
KVVRNRSREARKDRTPPPRFR
;
AS26
77 'polypeptide(L)'
;PLAKDLLHPSPEEEKRKHKKKRLVQSPNSYFMDVKCPGCYKITTVFSHAQTVVLCVGCSTVLCQPTGGKARLTEGCSFRR
KQH
;
AS27
78 'polypeptide(L)' QPIKLARVTKVLGRTGSQGQCTQVRVEFMDDTSRSIIRNVKGPVREGDVLTLLESEREARRL AS28
79 'polypeptide(L)' GHQQLYWSHPRKFGQGSRSCRVCSNRHGLIRKYGLNMCRQCFRQYAKDIGFIKLD AS29
80 'polypeptide(L)' SLARVGKVRGQTLKVAKQEKKKKRTGRAKRRMQYNRRFVNVVPTFGKKKGPNANS AS30
81 'polypeptide(L)' KSYTTPKKNKHKRKKVKLAVLKYYKVDENGKISRLRRECPSDECGAGVFMASHFDRHYCGKCCLTYCF AS31
82 'polyribonucleotide' CGCGGGGUGGAGCAGCCUGGUAGCUCGUCGGGCUCAUAACCCGAAGGUCGUCGGUUCAAAUCCGGCCCCCGCAACCA ETRN,PTRN
83 'polypeptide(L)' GRGRGRGRGRGRGRGRGRGRGRGRGRGRGRGRGRGRGRGR GR1,GR2
84 'polyribonucleotide' CCACAUGUUCCCCCCCCCCCCCCCCCCC MRNA
#
# COMPACT_ATOMS: atom_id res chain seq x y z
N GLY E 1 30.23 -4.98 -18.66
CA GLY E 1 31.33 -5.25 -19.56
C GLY E 1 31.00 -6.31 -20.60
N ARG E 2 29.98 -7.11 -20.32
CA ARG E 2 29.59 -8.16 -21.24
C ARG E 2 28.86 -7.56 -22.45
N VAL E 3 29.00 -8.23 -23.58
CA VAL E 3 28.37 -7.83 -24.83
C VAL E 3 26.93 -8.31 -24.81
N ILE E 4 25.99 -7.38 -25.00
CA ILE E 4 24.57 -7.68 -24.87
C ILE E 4 24.09 -8.53 -26.04
N ARG E 5 22.88 -9.08 -25.91
CA ARG E 5 22.34 -9.96 -26.94
C ARG E 5 22.12 -9.21 -28.26
N GLY E 6 21.70 -7.95 -28.18
CA GLY E 6 21.49 -7.17 -29.38
C GLY E 6 22.75 -6.94 -30.20
N GLN E 7 23.89 -6.81 -29.53
CA GLN E 7 25.15 -6.67 -30.23
C GLN E 7 25.66 -7.99 -30.81
N ARG E 8 25.32 -9.11 -30.19
CA ARG E 8 25.79 -10.41 -30.65
C ARG E 8 25.13 -10.88 -31.93
N LYS E 9 24.00 -10.27 -32.33
CA LYS E 9 23.33 -10.67 -33.56
C LYS E 9 24.03 -10.15 -34.80
N GLY E 10 24.90 -9.16 -34.68
CA GLY E 10 25.61 -8.63 -35.84
C GLY E 10 26.77 -9.47 -36.31
N ALA E 11 27.38 -10.25 -35.42
CA ALA E 11 28.51 -11.09 -35.79
C ALA E 11 28.07 -12.38 -36.49
N GLY E 12 26.80 -12.76 -36.38
CA GLY E 12 26.32 -13.94 -37.06
C GLY E 12 26.83 -15.24 -36.43
N SER E 13 26.84 -16.29 -37.26
CA SER E 13 27.35 -17.63 -36.98
C SER E 13 26.45 -18.41 -36.02
N VAL E 14 25.45 -17.75 -35.46
CA VAL E 14 24.38 -18.41 -34.72
C VAL E 14 23.04 -17.92 -35.26
N PHE E 15 22.89 -16.59 -35.31
CA PHE E 15 21.63 -15.95 -35.68
C PHE E 15 21.44 -15.80 -37.19
N ARG E 16 22.26 -16.47 -38.00
CA ARG E 16 22.09 -16.40 -39.44
C ARG E 16 20.82 -17.13 -39.86
N ALA E 17 20.29 -16.75 -41.01
CA ALA E 17 19.04 -17.32 -41.50
C ALA E 17 19.22 -18.77 -41.90
N HIS E 18 18.16 -19.55 -41.67
CA HIS E 18 18.13 -20.97 -42.02
C HIS E 18 17.62 -21.08 -43.45
N VAL E 19 18.53 -21.26 -44.40
CA VAL E 19 18.20 -21.23 -45.81
C VAL E 19 18.54 -22.56 -46.46
N LYS E 20 18.58 -23.62 -45.67
CA LYS E 20 18.93 -24.93 -46.21
C LYS E 20 17.85 -25.47 -47.14
N HIS E 21 16.60 -25.46 -46.69
CA HIS E 21 15.50 -26.04 -47.45
C HIS E 21 14.72 -24.99 -48.24
N ARG E 22 15.18 -23.75 -48.24
CA ARG E 22 14.50 -22.71 -49.01
C ARG E 22 14.73 -22.95 -50.50
N LYS E 23 13.67 -22.74 -51.28
CA LYS E 23 13.67 -23.11 -52.69
C LYS E 23 14.50 -22.17 -53.56
N GLY E 24 14.71 -20.94 -53.14
CA GLY E 24 15.50 -20.02 -53.91
C GLY E 24 15.10 -18.59 -53.63
N ALA E 25 15.69 -17.68 -54.40
CA ALA E 25 15.39 -16.26 -54.29
C ALA E 25 14.19 -15.91 -55.14
N ALA E 26 13.18 -15.29 -54.51
CA ALA E 26 11.94 -14.91 -55.20
C ALA E 26 12.17 -13.56 -55.86
N ARG E 27 12.48 -13.58 -57.15
CA ARG E 27 12.78 -12.38 -57.92
C ARG E 27 11.85 -12.29 -59.12
N LEU E 28 11.92 -11.16 -59.82
CA LEU E 28 11.20 -10.99 -61.08
C LEU E 28 12.12 -11.36 -62.24
N ARG E 29 11.56 -11.35 -63.45
CA ARG E 29 12.36 -11.66 -64.63
C ARG E 29 13.28 -10.50 -64.98
N ALA E 30 14.49 -10.83 -65.41
CA ALA E 30 15.47 -9.82 -65.76
C ALA E 30 15.05 -9.07 -67.02
N VAL E 31 15.46 -7.80 -67.11
CA VAL E 31 15.06 -6.97 -68.23
C VAL E 31 15.81 -7.39 -69.50
N ASP E 32 15.12 -7.28 -70.62
CA ASP E 32 15.69 -7.58 -71.93
C ASP E 32 14.87 -6.85 -72.99
N PHE E 33 15.04 -7.23 -74.25
CA PHE E 33 14.29 -6.61 -75.33
C PHE E 33 12.80 -6.90 -75.21
N ALA E 34 12.45 -8.07 -74.64
CA ALA E 34 11.05 -8.45 -74.52
C ALA E 34 10.30 -7.56 -73.54
N GLU E 35 10.88 -7.26 -72.38
CA GLU E 35 10.19 -6.45 -71.39
C GLU E 35 10.10 -5.00 -71.82
N ARG E 36 11.13 -4.50 -72.52
CA ARG E 36 11.21 -3.07 -72.81
C ARG E 36 10.25 -2.67 -73.93
N HIS E 37 9.96 -3.56 -74.88
CA HIS E 37 9.21 -3.15 -76.06
C HIS E 37 7.93 -3.96 -76.26
N GLY E 38 7.98 -5.26 -76.03
CA GLY E 38 6.81 -6.10 -76.24
C GLY E 38 6.40 -6.86 -75.01
N TYR E 39 6.17 -8.17 -75.15
CA TYR E 39 5.90 -9.03 -74.01
C TYR E 39 6.38 -10.44 -74.34
N ILE E 40 6.50 -11.26 -73.29
CA ILE E 40 6.89 -12.65 -73.43
C ILE E 40 5.95 -13.51 -72.59
N LYS E 41 5.57 -14.66 -73.13
CA LYS E 41 4.59 -15.52 -72.49
C LYS E 41 5.29 -16.57 -71.64
N GLY E 42 4.81 -16.76 -70.41
CA GLY E 42 5.41 -17.71 -69.50
C GLY E 42 4.35 -18.58 -68.86
N ILE E 43 4.69 -19.83 -68.66
CA ILE E 43 3.75 -20.84 -68.18
C ILE E 43 3.99 -21.09 -66.70
N VAL E 44 2.91 -21.19 -65.95
CA VAL E 44 3.00 -21.55 -64.53
C VAL E 44 3.11 -23.06 -64.44
N LYS E 45 4.32 -23.54 -64.16
CA LYS E 45 4.55 -24.98 -64.02
C LYS E 45 3.85 -25.52 -62.79
N ASP E 46 4.19 -24.97 -61.63
CA ASP E 46 3.70 -25.45 -60.34
C ASP E 46 3.86 -24.37 -59.28
N ILE E 47 3.10 -24.51 -58.19
CA ILE E 47 3.13 -23.58 -57.07
C ILE E 47 3.62 -24.35 -55.84
N ILE E 48 4.64 -23.81 -55.18
CA ILE E 48 5.33 -24.51 -54.10
C ILE E 48 5.43 -23.61 -52.87
N HIS E 49 5.56 -24.26 -51.71
CA HIS E 49 5.71 -23.57 -50.45
C HIS E 49 7.19 -23.35 -50.13
N ASP E 50 7.51 -22.14 -49.65
CA ASP E 50 8.87 -21.82 -49.28
C ASP E 50 9.02 -21.82 -47.77
N PRO E 51 10.00 -22.55 -47.23
CA PRO E 51 10.18 -22.58 -45.77
C PRO E 51 10.59 -21.22 -45.23
N GLY E 52 10.00 -20.84 -44.10
CA GLY E 52 10.28 -19.56 -43.48
C GLY E 52 9.59 -18.38 -44.11
N ARG E 53 8.75 -18.61 -45.12
CA ARG E 53 8.04 -17.54 -45.81
C ARG E 53 6.59 -17.93 -45.99
N GLY E 54 5.67 -17.07 -45.53
CA GLY E 54 4.25 -17.37 -45.65
C GLY E 54 3.72 -17.23 -47.06
N ALA E 55 4.39 -16.45 -47.91
CA ALA E 55 3.94 -16.29 -49.28
C ALA E 55 4.34 -17.48 -50.14
N PRO E 56 3.41 -18.10 -50.84
CA PRO E 56 3.76 -19.19 -51.76
C PRO E 56 4.51 -18.66 -52.97
N LEU E 57 5.32 -19.55 -53.55
CA LEU E 57 6.11 -19.22 -54.73
C LEU E 57 5.63 -20.07 -55.90
N ALA E 58 5.76 -19.49 -57.11
CA ALA E 58 5.30 -20.12 -58.33
C ALA E 58 6.46 -20.23 -59.31
N LYS E 59 6.65 -21.42 -59.87
CA LYS E 59 7.69 -21.65 -60.86
C LYS E 59 7.13 -21.34 -62.24
N VAL E 60 7.70 -20.32 -62.89
CA VAL E 60 7.27 -19.89 -64.21
C VAL E 60 8.37 -20.16 -65.21
N VAL E 61 8.03 -20.83 -66.31
CA VAL E 61 9.00 -21.26 -67.32
C VAL E 61 8.79 -20.40 -68.56
N PHE E 62 9.86 -19.81 -69.05
CA PHE E 62 9.85 -18.94 -70.22
C PHE E 62 10.61 -19.61 -71.37
N ARG E 63 10.62 -18.91 -72.51
CA ARG E 63 11.37 -19.32 -73.69
C ARG E 63 12.46 -18.29 -73.95
N ASP E 64 13.69 -18.77 -74.08
CA ASP E 64 14.80 -17.85 -74.33
C ASP E 64 14.74 -17.36 -75.77
N PRO E 65 14.66 -16.04 -75.99
CA PRO E 65 14.52 -15.53 -77.38
C PRO E 65 15.81 -15.51 -78.16
N TYR E 66 16.95 -15.78 -77.54
CA TYR E 66 18.24 -15.72 -78.23
C TYR E 66 18.88 -17.08 -78.43
N ARG E 67 18.68 -18.01 -77.50
CA ARG E 67 19.19 -19.37 -77.61
C ARG E 67 18.04 -20.35 -77.45
N PHE E 68 18.20 -21.52 -78.07
CA PHE E 68 17.17 -22.55 -77.98
C PHE E 68 17.20 -23.17 -76.58
N LYS E 69 16.47 -22.58 -75.65
CA LYS E 69 16.47 -23.02 -74.27
C LYS E 69 15.22 -22.51 -73.57
N LYS E 70 14.83 -23.20 -72.50
CA LYS E 70 13.73 -22.78 -71.66
C LYS E 70 14.27 -22.31 -70.32
N ARG E 71 13.88 -21.10 -69.92
CA ARG E 71 14.36 -20.48 -68.70
C ARG E 71 13.25 -20.47 -67.66
N THR E 72 13.55 -20.98 -66.47
CA THR E 72 12.59 -21.00 -65.37
C THR E 72 12.94 -19.92 -64.36
N GLU E 73 11.89 -19.42 -63.71
CA GLU E 73 12.02 -18.36 -62.70
C GLU E 73 11.26 -18.76 -61.45
N LEU E 74 11.52 -18.04 -60.37
CA LEU E 74 10.83 -18.22 -59.10
C LEU E 74 10.06 -16.93 -58.80
N PHE E 75 8.79 -16.91 -59.16
CA PHE E 75 7.93 -15.75 -58.95
C PHE E 75 7.19 -15.87 -57.62
N ILE E 76 6.62 -14.75 -57.19
CA ILE E 76 5.80 -14.71 -56.00
C ILE E 76 4.34 -14.80 -56.42
N ALA E 77 3.66 -15.86 -55.96
CA ALA E 77 2.35 -16.19 -56.47
C ALA E 77 1.30 -15.21 -55.99
N ALA E 78 0.70 -14.49 -56.92
CA ALA E 78 -0.47 -13.68 -56.60
C ALA E 78 -1.68 -14.57 -56.38
N GLU E 79 -2.63 -14.08 -55.60
CA GLU E 79 -3.83 -14.86 -55.28
C GLU E 79 -4.72 -14.97 -56.51
N GLY E 80 -5.03 -16.20 -56.90
CA GLY E 80 -5.78 -16.48 -58.11
C GLY E 80 -4.98 -17.19 -59.18
N ILE E 81 -3.67 -17.36 -59.00
CA ILE E 81 -2.84 -18.02 -60.01
C ILE E 81 -2.99 -19.53 -59.86
N HIS E 82 -3.23 -20.20 -60.99
CA HIS E 82 -3.34 -21.65 -61.04
C HIS E 82 -2.26 -22.22 -61.95
N THR E 83 -1.95 -23.50 -61.74
CA THR E 83 -0.96 -24.16 -62.56
C THR E 83 -1.47 -24.34 -63.99
N GLY E 84 -0.56 -24.22 -64.94
CA GLY E 84 -0.93 -24.29 -66.34
C GLY E 84 -1.68 -23.06 -66.79
N GLN E 85 -1.05 -21.89 -66.66
CA GLN E 85 -1.66 -20.62 -67.01
C GLN E 85 -0.60 -19.72 -67.61
N PHE E 86 -0.93 -19.07 -68.73
CA PHE E 86 0.03 -18.22 -69.43
C PHE E 86 0.18 -16.90 -68.68
N VAL E 87 1.35 -16.70 -68.09
CA VAL E 87 1.69 -15.44 -67.43
C VAL E 87 2.58 -14.63 -68.37
N TYR E 88 2.19 -13.39 -68.63
CA TYR E 88 2.88 -12.55 -69.59
C TYR E 88 3.78 -11.56 -68.87
N CYS E 89 4.83 -11.12 -69.57
CA CYS E 89 5.86 -10.27 -68.99
C CYS E 89 6.35 -9.31 -70.06
N GLY E 90 6.05 -8.03 -69.90
CA GLY E 90 6.56 -7.03 -70.81
C GLY E 90 5.72 -5.77 -70.78
N LYS E 91 6.10 -4.83 -71.64
CA LYS E 91 5.43 -3.54 -71.67
C LYS E 91 4.05 -3.64 -72.31
N LYS E 92 3.93 -4.42 -73.38
CA LYS E 92 2.66 -4.56 -74.09
C LYS E 92 1.72 -5.58 -73.47
N ALA E 93 1.96 -5.96 -72.22
CA ALA E 93 1.13 -6.96 -71.54
C ALA E 93 -0.22 -6.38 -71.18
N GLN E 94 -1.20 -7.28 -71.00
CA GLN E 94 -2.55 -6.90 -70.61
C GLN E 94 -2.68 -6.85 -69.09
N LEU E 95 -3.69 -6.12 -68.64
CA LEU E 95 -3.90 -5.85 -67.22
C LEU E 95 -4.85 -6.89 -66.63
N ASN E 96 -4.28 -7.94 -66.06
CA ASN E 96 -5.04 -8.92 -65.29
C ASN E 96 -4.13 -9.50 -64.21
N ILE E 97 -4.71 -10.33 -63.35
CA ILE E 97 -4.00 -10.79 -62.15
C ILE E 97 -2.93 -11.80 -62.55
N GLY E 98 -1.70 -11.55 -62.09
CA GLY E 98 -0.58 -12.40 -62.44
C GLY E 98 0.01 -12.02 -63.78
N ASN E 99 0.27 -10.72 -63.96
CA ASN E 99 0.79 -10.22 -65.23
C ASN E 99 1.59 -8.95 -64.92
N VAL E 100 2.92 -9.07 -64.99
CA VAL E 100 3.80 -7.97 -64.64
C VAL E 100 4.02 -7.08 -65.86
N LEU E 101 3.93 -5.77 -65.64
CA LEU E 101 4.12 -4.76 -66.66
C LEU E 101 4.50 -3.47 -65.96
N PRO E 102 5.14 -2.53 -66.66
CA PRO E 102 5.58 -1.30 -65.99
C PRO E 102 4.44 -0.46 -65.43
N VAL E 103 4.75 0.25 -64.34
CA VAL E 103 3.76 1.04 -63.63
C VAL E 103 3.23 2.20 -64.45
N GLY E 104 4.08 2.82 -65.29
CA GLY E 104 3.67 3.99 -66.04
C GLY E 104 2.60 3.71 -67.08
N THR E 105 2.41 2.44 -67.45
CA THR E 105 1.36 2.04 -68.37
C THR E 105 0.05 1.76 -67.66
N MET E 106 0.09 1.57 -66.34
CA MET E 106 -1.07 1.15 -65.58
C MET E 106 -2.06 2.30 -65.42
N PRO E 107 -3.35 1.97 -65.25
CA PRO E 107 -4.33 3.02 -64.93
C PRO E 107 -4.25 3.43 -63.47
N GLU E 108 -5.13 4.32 -63.05
CA GLU E 108 -5.09 4.85 -61.70
C GLU E 108 -5.67 3.83 -60.72
N GLY E 109 -4.99 3.67 -59.58
CA GLY E 109 -5.49 2.80 -58.53
C GLY E 109 -5.27 1.32 -58.76
N THR E 110 -4.30 0.94 -59.58
CA THR E 110 -4.03 -0.47 -59.84
C THR E 110 -3.39 -1.14 -58.63
N ILE E 111 -3.89 -2.32 -58.28
CA ILE E 111 -3.38 -3.07 -57.14
C ILE E 111 -2.23 -3.95 -57.64
N VAL E 112 -1.04 -3.77 -57.05
CA VAL E 112 0.14 -4.49 -57.49
C VAL E 112 0.88 -5.03 -56.28
N CYS E 113 1.83 -5.93 -56.55
CA CYS E 113 2.73 -6.45 -55.53
C CYS E 113 4.05 -6.76 -56.21
N CYS E 114 5.04 -7.12 -55.40
CA CYS E 114 6.41 -7.40 -55.85
C CYS E 114 6.96 -6.21 -56.64
N LEU E 115 6.78 -5.01 -56.10
CA LEU E 115 7.11 -3.78 -56.81
C LEU E 115 8.62 -3.52 -56.77
N GLU E 116 9.17 -3.14 -57.91
CA GLU E 116 10.57 -2.71 -57.97
C GLU E 116 10.70 -1.29 -57.41
N GLU E 117 11.70 -1.11 -56.54
CA GLU E 117 12.03 0.23 -56.05
C GLU E 117 13.08 0.92 -56.91
N LYS E 118 13.72 0.19 -57.82
CA LYS E 118 14.62 0.75 -58.82
C LYS E 118 14.40 -0.01 -60.12
N PRO E 119 14.62 0.64 -61.26
CA PRO E 119 14.41 -0.05 -62.54
C PRO E 119 15.47 -1.12 -62.77
N GLY E 120 15.05 -2.38 -62.68
CA GLY E 120 15.90 -3.51 -62.98
C GLY E 120 16.38 -4.33 -61.81
N ASP E 121 15.82 -4.14 -60.61
CA ASP E 121 16.28 -4.88 -59.43
C ASP E 121 15.38 -6.08 -59.09
N ARG E 122 14.53 -6.49 -60.03
CA ARG E 122 13.76 -7.74 -59.97
C ARG E 122 12.76 -7.78 -58.82
N GLY E 123 12.26 -6.64 -58.36
CA GLY E 123 11.16 -6.62 -57.42
C GLY E 123 11.59 -6.64 -55.96
N LYS E 124 11.26 -5.59 -55.22
CA LYS E 124 11.67 -5.50 -53.82
C LYS E 124 10.54 -5.12 -52.87
N LEU E 125 9.58 -4.33 -53.35
CA LEU E 125 8.57 -3.73 -52.48
C LEU E 125 7.27 -4.52 -52.55
N ALA E 126 6.58 -4.58 -51.41
CA ALA E 126 5.23 -5.14 -51.28
C ALA E 126 5.18 -6.59 -51.75
N ARG E 127 5.92 -7.46 -51.05
CA ARG E 127 5.97 -8.86 -51.44
C ARG E 127 5.81 -9.82 -50.26
N ALA E 128 5.21 -9.37 -49.16
CA ALA E 128 4.84 -10.27 -48.08
C ALA E 128 3.43 -10.81 -48.31
N SER E 129 3.07 -11.83 -47.53
CA SER E 129 1.79 -12.49 -47.72
C SER E 129 0.64 -11.55 -47.38
N GLY E 130 -0.26 -11.36 -48.34
CA GLY E 130 -1.42 -10.51 -48.14
C GLY E 130 -1.17 -9.03 -48.31
N ASN E 131 0.01 -8.63 -48.75
CA ASN E 131 0.35 -7.22 -48.91
C ASN E 131 0.29 -6.81 -50.38
N TYR E 132 0.14 -5.52 -50.61
CA TYR E 132 -0.02 -4.98 -51.95
C TYR E 132 0.34 -3.50 -51.95
N ALA E 133 0.44 -2.94 -53.14
CA ALA E 133 0.68 -1.52 -53.35
C ALA E 133 -0.31 -0.99 -54.38
N THR E 134 -0.65 0.29 -54.25
CA THR E 134 -1.60 0.94 -55.15
C THR E 134 -0.94 2.10 -55.85
N VAL E 135 -1.35 2.36 -57.09
CA VAL E 135 -0.86 3.50 -57.85
C VAL E 135 -1.66 4.73 -57.45
N ILE E 136 -0.97 5.77 -57.00
CA ILE E 136 -1.63 6.98 -56.52
C ILE E 136 -1.91 7.92 -57.68
N SER E 137 -0.85 8.37 -58.35
CA SER E 137 -0.98 9.33 -59.43
C SER E 137 0.19 9.18 -60.39
N HIS E 138 -0.09 9.38 -61.68
CA HIS E 138 0.93 9.32 -62.71
C HIS E 138 1.49 10.72 -62.98
N ASN E 139 2.68 10.73 -63.58
CA ASN E 139 3.32 11.97 -64.01
C ASN E 139 4.03 11.71 -65.34
N PRO E 140 3.43 12.12 -66.46
CA PRO E 140 4.04 11.81 -67.78
C PRO E 140 5.43 12.38 -67.96
N GLU E 141 5.68 13.60 -67.48
CA GLU E 141 7.04 14.13 -67.52
C GLU E 141 7.83 13.63 -66.33
N THR E 142 9.15 13.54 -66.51
CA THR E 142 10.16 13.03 -65.57
C THR E 142 10.01 11.54 -65.30
N LYS E 143 9.00 10.90 -65.92
CA LYS E 143 8.79 9.45 -65.86
C LYS E 143 8.72 8.92 -64.43
N LYS E 144 7.90 9.57 -63.60
CA LYS E 144 7.76 9.20 -62.20
C LYS E 144 6.29 8.97 -61.87
N THR E 145 6.06 8.20 -60.81
CA THR E 145 4.71 7.81 -60.41
C THR E 145 4.66 7.68 -58.89
N ARG E 146 3.61 8.25 -58.28
CA ARG E 146 3.42 8.08 -56.84
C ARG E 146 2.75 6.75 -56.56
N VAL E 147 3.36 5.96 -55.68
CA VAL E 147 2.85 4.66 -55.26
C VAL E 147 2.95 4.57 -53.75
N LYS E 148 1.86 4.19 -53.09
CA LYS E 148 1.86 4.01 -51.65
C LYS E 148 2.23 2.57 -51.31
N LEU E 149 2.70 2.38 -50.09
CA LEU E 149 3.21 1.12 -49.60
C LEU E 149 2.31 0.58 -48.49
N PRO E 150 2.39 -0.72 -48.19
CA PRO E 150 1.53 -1.28 -47.12
C PRO E 150 1.76 -0.66 -45.74
N SER E 151 2.88 0.02 -45.52
CA SER E 151 3.06 0.77 -44.28
C SER E 151 2.22 2.04 -44.25
N GLY E 152 1.63 2.43 -45.38
CA GLY E 152 0.85 3.64 -45.47
C GLY E 152 1.60 4.84 -46.01
N SER E 153 2.93 4.78 -46.05
CA SER E 153 3.73 5.87 -46.58
C SER E 153 3.61 5.92 -48.10
N LYS E 154 3.59 7.13 -48.65
CA LYS E 154 3.51 7.36 -50.08
C LYS E 154 4.89 7.72 -50.61
N LYS E 155 5.33 6.99 -51.63
CA LYS E 155 6.68 7.12 -52.18
C LYS E 155 6.59 7.40 -53.67
N VAL E 156 7.33 8.42 -54.12
CA VAL E 156 7.43 8.70 -55.55
C VAL E 156 8.41 7.72 -56.17
N ILE E 157 7.96 7.00 -57.20
CA ILE E 157 8.76 5.95 -57.82
C ILE E 157 8.76 6.20 -59.32
N SER E 158 9.80 5.69 -59.99
CA SER E 158 9.94 5.87 -61.42
C SER E 158 8.88 5.05 -62.17
N SER E 159 8.56 5.50 -63.37
CA SER E 159 7.57 4.84 -64.21
C SER E 159 8.16 3.74 -65.09
N ALA E 160 9.48 3.54 -65.04
CA ALA E 160 10.10 2.52 -65.88
C ALA E 160 10.05 1.13 -65.24
N ASN E 161 10.06 1.05 -63.92
CA ASN E 161 10.04 -0.24 -63.25
C ASN E 161 8.63 -0.85 -63.28
N ARG E 162 8.56 -2.14 -62.94
CA ARG E 162 7.37 -2.93 -63.14
C ARG E 162 6.96 -3.64 -61.86
N ALA E 163 5.73 -4.14 -61.85
CA ALA E 163 5.19 -4.89 -60.72
C ALA E 163 4.08 -5.80 -61.23
N VAL E 164 3.92 -6.95 -60.57
CA VAL E 164 2.91 -7.93 -60.95
C VAL E 164 1.58 -7.55 -60.32
N VAL E 165 0.51 -7.65 -61.10
CA VAL E 165 -0.81 -7.15 -60.71
C VAL E 165 -1.46 -8.16 -59.78
N GLY E 166 -1.94 -7.69 -58.64
CA GLY E 166 -2.68 -8.48 -57.67
C GLY E 166 -2.06 -8.39 -56.30
N VAL E 167 -2.74 -9.02 -55.33
CA VAL E 167 -2.24 -9.15 -53.98
C VAL E 167 -1.54 -10.51 -53.87
N VAL E 168 -0.63 -10.61 -52.91
CA VAL E 168 0.12 -11.84 -52.71
C VAL E 168 -0.79 -12.88 -52.08
N ALA E 169 -0.70 -14.11 -52.56
CA ALA E 169 -1.48 -15.21 -52.02
C ALA E 169 -1.02 -15.56 -50.61
N GLY E 170 -1.87 -16.27 -49.88
CA GLY E 170 -1.59 -16.59 -48.50
C GLY E 170 -1.92 -15.48 -47.53
N GLY E 171 -2.82 -14.58 -47.91
CA GLY E 171 -3.19 -13.50 -47.03
C GLY E 171 -4.04 -13.96 -45.87
N GLY E 172 -4.15 -13.09 -44.86
CA GLY E 172 -4.89 -13.43 -43.67
C GLY E 172 -4.20 -14.37 -42.73
N ARG E 173 -2.87 -14.51 -42.84
CA ARG E 173 -2.14 -15.46 -42.02
C ARG E 173 -2.11 -15.04 -40.56
N ILE E 174 -2.03 -13.73 -40.28
CA ILE E 174 -1.86 -13.24 -38.91
C ILE E 174 -3.14 -13.24 -38.10
N ASP E 175 -4.30 -13.45 -38.73
CA ASP E 175 -5.54 -13.46 -37.96
C ASP E 175 -5.69 -14.72 -37.12
N LYS E 176 -5.07 -15.82 -37.52
CA LYS E 176 -5.13 -17.03 -36.71
C LYS E 176 -4.17 -16.88 -35.52
N PRO E 177 -4.66 -16.97 -34.29
CA PRO E 177 -3.77 -16.85 -33.13
C PRO E 177 -2.95 -18.11 -32.95
N ILE E 178 -1.64 -17.92 -32.74
CA ILE E 178 -0.83 -19.02 -32.22
C ILE E 178 -1.34 -19.38 -30.84
N LEU E 179 -1.53 -20.67 -30.59
CA LEU E 179 -2.12 -21.10 -29.32
C LEU E 179 -1.07 -21.57 -28.34
N LYS E 180 -0.09 -22.34 -28.80
CA LYS E 180 0.91 -22.95 -27.93
C LYS E 180 2.30 -22.51 -28.37
N ALA E 181 3.28 -22.77 -27.49
CA ALA E 181 4.66 -22.41 -27.80
C ALA E 181 5.20 -23.23 -28.96
N GLY E 182 4.63 -24.40 -29.22
CA GLY E 182 5.16 -25.27 -30.27
C GLY E 182 4.98 -24.69 -31.67
N ARG E 183 3.81 -24.08 -31.93
CA ARG E 183 3.58 -23.49 -33.23
C ARG E 183 4.52 -22.33 -33.51
N ALA E 184 4.80 -21.52 -32.47
CA ALA E 184 5.77 -20.43 -32.62
C ALA E 184 7.20 -20.94 -32.64
N TYR E 185 7.48 -22.04 -31.92
CA TYR E 185 8.82 -22.62 -31.94
C TYR E 185 9.15 -23.17 -33.32
N HIS E 186 8.19 -23.84 -33.96
CA HIS E 186 8.42 -24.40 -35.28
C HIS E 186 8.40 -23.34 -36.37
N LYS E 187 7.72 -22.21 -36.15
CA LYS E 187 7.68 -21.14 -37.14
C LYS E 187 9.06 -20.51 -37.31
N TYR E 188 9.69 -20.11 -36.21
CA TYR E 188 10.97 -19.43 -36.27
C TYR E 188 12.14 -20.37 -36.48
N LYS E 189 11.98 -21.67 -36.21
CA LYS E 189 13.06 -22.61 -36.43
C LYS E 189 13.45 -22.70 -37.89
N ALA E 190 12.48 -22.51 -38.79
CA ALA E 190 12.79 -22.46 -40.22
C ALA E 190 13.43 -21.14 -40.64
N LYS E 191 13.25 -20.07 -39.84
CA LYS E 191 13.78 -18.77 -40.24
C LYS E 191 15.14 -18.49 -39.64
N ARG E 192 15.23 -18.40 -38.31
CA ARG E 192 16.47 -18.06 -37.62
C ARG E 192 16.25 -18.21 -36.12
N ASN E 193 17.36 -18.18 -35.38
CA ASN E 193 17.35 -18.30 -33.92
C ASN E 193 17.05 -16.94 -33.32
N CYS E 194 15.77 -16.58 -33.28
CA CYS E 194 15.36 -15.31 -32.69
C CYS E 194 14.08 -15.39 -31.88
N TRP E 195 13.49 -16.57 -31.70
CA TRP E 195 12.19 -16.67 -31.05
C TRP E 195 12.23 -16.53 -29.53
N PRO E 196 13.06 -17.30 -28.77
CA PRO E 196 13.00 -17.18 -27.30
C PRO E 196 13.57 -15.85 -26.84
N ARG E 197 12.67 -14.96 -26.41
CA ARG E 197 13.03 -13.58 -26.07
C ARG E 197 13.02 -13.42 -24.56
N VAL E 198 14.19 -13.16 -23.98
CA VAL E 198 14.30 -12.86 -22.55
C VAL E 198 14.25 -11.36 -22.37
N ARG E 199 13.35 -10.89 -21.51
CA ARG E 199 13.24 -9.46 -21.24
C ARG E 199 14.47 -8.98 -20.46
N GLY E 200 14.88 -7.75 -20.76
CA GLY E 200 16.07 -7.18 -20.16
C GLY E 200 15.99 -6.90 -18.68
N VAL E 201 14.78 -6.84 -18.12
CA VAL E 201 14.65 -6.63 -16.69
C VAL E 201 15.12 -7.86 -15.92
N ALA E 202 14.72 -9.05 -16.34
CA ALA E 202 15.15 -10.28 -15.69
C ALA E 202 16.60 -10.61 -15.97
N MET E 203 17.21 -9.96 -16.95
CA MET E 203 18.61 -10.16 -17.26
C MET E 203 19.47 -9.55 -16.17
N ASN E 204 20.75 -9.92 -16.18
CA ASN E 204 21.68 -9.36 -15.21
C ASN E 204 22.27 -8.05 -15.72
N PRO E 205 22.65 -7.14 -14.82
CA PRO E 205 23.08 -5.80 -15.26
C PRO E 205 24.36 -5.79 -16.09
N VAL E 206 25.18 -6.85 -16.05
CA VAL E 206 26.37 -6.85 -16.88
C VAL E 206 26.03 -7.05 -18.35
N GLU E 207 25.00 -7.85 -18.66
CA GLU E 207 24.66 -8.16 -20.03
C GLU E 207 23.47 -7.37 -20.56
N HIS E 208 22.94 -6.42 -19.78
CA HIS E 208 21.82 -5.60 -20.22
C HIS E 208 21.79 -4.32 -19.40
N PRO E 209 21.48 -3.18 -20.00
CA PRO E 209 21.37 -1.93 -19.25
C PRO E 209 20.12 -1.82 -18.39
N PHE E 210 19.16 -2.73 -18.55
CA PHE E 210 17.94 -2.72 -17.76
C PHE E 210 17.97 -3.71 -16.60
N GLY E 211 18.99 -4.57 -16.53
CA GLY E 211 19.02 -5.59 -15.51
C GLY E 211 19.48 -5.07 -14.17
N GLY E 212 19.31 -5.92 -13.15
CA GLY E 212 19.73 -5.60 -11.81
C GLY E 212 18.63 -5.04 -10.95
N GLY E 213 18.92 -4.94 -9.66
CA GLY E 213 17.98 -4.43 -8.68
C GLY E 213 17.22 -5.53 -7.97
N ASN E 214 16.76 -5.22 -6.77
CA ASN E 214 16.00 -6.15 -5.96
C ASN E 214 14.55 -6.29 -6.41
N HIS E 215 14.07 -5.38 -7.25
CA HIS E 215 12.74 -5.45 -7.83
C HIS E 215 12.85 -5.48 -9.35
N GLN E 216 11.92 -6.17 -9.99
CA GLN E 216 11.90 -6.26 -11.45
C GLN E 216 11.38 -4.93 -11.99
N HIS E 217 12.30 -4.00 -12.21
CA HIS E 217 11.97 -2.68 -12.71
C HIS E 217 13.08 -2.20 -13.63
N ILE E 218 12.75 -1.24 -14.49
CA ILE E 218 13.73 -0.70 -15.43
C ILE E 218 14.66 0.28 -14.74
N GLY E 219 14.08 1.25 -14.02
CA GLY E 219 14.86 2.23 -13.30
C GLY E 219 15.38 3.39 -14.14
N LYS E 220 15.09 3.40 -15.43
CA LYS E 220 15.52 4.46 -16.32
C LYS E 220 14.49 4.60 -17.43
N PRO E 221 14.36 5.77 -18.05
CA PRO E 221 13.39 5.94 -19.13
C PRO E 221 13.70 5.01 -20.30
N SER E 222 12.70 4.19 -20.66
CA SER E 222 12.86 3.22 -21.73
C SER E 222 13.03 3.86 -23.10
N THR E 223 12.48 5.05 -23.31
CA THR E 223 12.73 5.77 -24.55
C THR E 223 14.15 6.30 -24.57
N ILE E 224 14.85 6.05 -25.68
CA ILE E 224 16.27 6.38 -25.80
C ILE E 224 16.51 6.98 -27.17
N ARG E 225 17.42 7.96 -27.22
CA ARG E 225 17.82 8.57 -28.48
C ARG E 225 18.52 7.55 -29.38
N ARG E 226 18.47 7.79 -30.67
CA ARG E 226 19.20 6.97 -31.63
C ARG E 226 20.65 7.43 -31.80
N ASP E 227 21.04 8.51 -31.12
CA ASP E 227 22.45 8.88 -31.04
C ASP E 227 23.19 8.02 -30.02
N ALA E 228 22.48 7.21 -29.25
CA ALA E 228 23.10 6.36 -28.25
C ALA E 228 23.97 5.30 -28.91
N PRO E 229 25.07 4.92 -28.27
CA PRO E 229 25.97 3.92 -28.87
C PRO E 229 25.42 2.51 -28.78
N ALA E 230 26.16 1.60 -29.41
CA ALA E 230 25.83 0.18 -29.34
C ALA E 230 25.98 -0.33 -27.92
N GLY E 231 25.08 -1.22 -27.51
CA GLY E 231 25.04 -1.72 -26.15
C GLY E 231 24.23 -0.88 -25.19
N ARG E 232 23.86 0.34 -25.58
CA ARG E 232 23.00 1.19 -24.78
C ARG E 232 21.68 1.50 -25.46
N LYS E 233 21.64 1.56 -26.78
CA LYS E 233 20.44 1.90 -27.54
C LYS E 233 19.48 0.70 -27.47
N VAL E 234 18.82 0.58 -26.33
CA VAL E 234 17.96 -0.57 -26.03
C VAL E 234 16.64 -0.04 -25.48
N GLY E 235 15.53 -0.52 -26.04
CA GLY E 235 14.20 -0.14 -25.59
C GLY E 235 13.40 0.49 -26.71
N LEU E 236 12.80 1.64 -26.42
CA LEU E 236 12.00 2.39 -27.39
C LEU E 236 12.93 3.35 -28.11
N ILE E 237 13.32 2.99 -29.33
CA ILE E 237 14.34 3.72 -30.08
C ILE E 237 13.70 4.94 -30.74
N ALA E 238 14.11 6.13 -30.31
CA ALA E 238 13.69 7.40 -30.91
C ALA E 238 12.17 7.54 -30.94
N ALA E 239 11.53 7.29 -29.80
CA ALA E 239 10.07 7.32 -29.75
C ALA E 239 9.55 8.75 -29.84
N ARG E 240 8.78 9.04 -30.88
CA ARG E 240 8.11 10.33 -30.99
C ARG E 240 6.91 10.42 -30.07
N ARG E 241 6.26 9.31 -29.76
CA ARG E 241 5.07 9.27 -28.93
C ARG E 241 4.98 7.88 -28.33
N THR E 242 5.02 7.80 -27.00
CA THR E 242 5.12 6.52 -26.31
C THR E 242 3.93 6.37 -25.36
N GLY E 243 2.99 5.50 -25.75
CA GLY E 243 1.86 5.21 -24.91
C GLY E 243 0.78 4.47 -25.67
N ARG E 244 -0.37 4.34 -25.03
CA ARG E 244 -1.53 3.73 -25.68
C ARG E 244 -2.06 4.70 -26.74
N LEU E 245 -2.28 4.19 -27.95
CA LEU E 245 -2.68 5.04 -29.07
C LEU E 245 -4.18 5.24 -29.07
N ARG E 246 -4.61 6.49 -29.03
CA ARG E 246 -6.01 6.86 -29.15
C ARG E 246 -6.24 7.62 -30.45
N GLY E 247 -7.32 7.27 -31.15
CA GLY E 247 -7.55 7.89 -32.44
C GLY E 247 -6.62 7.31 -33.51
N THR E 248 -6.41 8.12 -34.54
CA THR E 248 -5.55 7.73 -35.66
C THR E 248 -4.09 7.60 -35.23
N SER F 1 21.72 -23.74 31.55
CA SER F 1 20.44 -23.47 32.19
C SER F 1 19.91 -24.69 32.93
N HIS F 2 18.73 -24.55 33.52
CA HIS F 2 18.12 -25.67 34.24
C HIS F 2 17.29 -26.53 33.29
N ARG F 3 16.99 -27.74 33.75
CA ARG F 3 16.16 -28.65 32.98
C ARG F 3 14.73 -28.12 32.92
N LYS F 4 14.13 -28.18 31.72
CA LYS F 4 12.85 -27.52 31.48
C LYS F 4 11.74 -28.13 32.32
N PHE F 5 11.58 -29.45 32.26
CA PHE F 5 10.55 -30.15 33.01
C PHE F 5 11.18 -31.25 33.83
N SER F 6 10.94 -31.22 35.15
CA SER F 6 11.58 -32.15 36.07
C SER F 6 11.03 -33.57 35.88
N ALA F 7 11.92 -34.55 36.07
CA ALA F 7 11.59 -35.96 35.96
C ALA F 7 12.56 -36.75 36.80
N PRO F 8 12.11 -37.81 37.47
CA PRO F 8 13.02 -38.63 38.26
C PRO F 8 14.02 -39.38 37.38
N ARG F 9 15.18 -39.66 37.98
CA ARG F 9 16.26 -40.32 37.23
C ARG F 9 15.92 -41.78 36.95
N HIS F 10 16.55 -42.32 35.92
CA HIS F 10 16.33 -43.70 35.50
C HIS F 10 17.29 -44.62 36.24
N GLY F 11 16.75 -45.64 36.89
CA GLY F 11 17.57 -46.63 37.57
C GLY F 11 18.04 -46.19 38.94
N SER F 12 18.02 -47.12 39.90
CA SER F 12 18.51 -46.82 41.23
C SER F 12 20.03 -46.88 41.27
N LEU F 13 20.63 -46.04 42.10
CA LEU F 13 22.07 -46.02 42.29
C LEU F 13 22.52 -46.90 43.45
N GLY F 14 21.58 -47.55 44.14
CA GLY F 14 21.95 -48.52 45.16
C GLY F 14 22.41 -49.84 44.61
N PHE F 15 22.03 -50.16 43.37
CA PHE F 15 22.49 -51.33 42.64
C PHE F 15 23.43 -50.92 41.51
N LEU F 16 24.25 -49.89 41.78
CA LEU F 16 25.09 -49.25 40.76
C LEU F 16 26.10 -50.18 40.10
N PRO F 17 26.92 -50.98 40.84
CA PRO F 17 27.92 -51.79 40.14
C PRO F 17 27.28 -52.96 39.40
N ARG F 18 26.69 -52.68 38.24
CA ARG F 18 25.98 -53.70 37.47
C ARG F 18 27.01 -54.52 36.69
N LYS F 19 27.78 -55.30 37.43
CA LYS F 19 28.77 -56.20 36.88
C LYS F 19 28.26 -57.63 37.00
N ARG F 20 28.96 -58.56 36.34
CA ARG F 20 28.68 -59.97 36.56
C ARG F 20 29.07 -60.34 37.98
N SER F 21 28.22 -61.13 38.63
CA SER F 21 28.46 -61.49 40.02
C SER F 21 29.70 -62.36 40.14
N SER F 22 30.55 -62.03 41.13
CA SER F 22 31.75 -62.82 41.37
C SER F 22 31.41 -64.20 41.92
N ARG F 23 30.20 -64.37 42.44
CA ARG F 23 29.71 -65.64 42.96
C ARG F 23 28.56 -66.13 42.12
N HIS F 24 28.37 -67.44 42.13
CA HIS F 24 27.21 -68.07 41.50
C HIS F 24 26.17 -68.52 42.52
N ARG F 25 26.60 -68.86 43.73
CA ARG F 25 25.68 -69.20 44.80
C ARG F 25 25.31 -67.95 45.60
N GLY F 26 24.04 -67.82 45.96
CA GLY F 26 23.59 -66.69 46.75
C GLY F 26 24.26 -66.66 48.11
N LYS F 27 24.59 -65.44 48.54
CA LYS F 27 25.37 -65.22 49.75
C LYS F 27 24.54 -64.44 50.76
N VAL F 28 24.52 -64.93 52.01
CA VAL F 28 23.84 -64.22 53.09
C VAL F 28 24.77 -63.12 53.58
N LYS F 29 24.47 -61.88 53.21
CA LYS F 29 25.30 -60.75 53.64
C LYS F 29 25.05 -60.39 55.10
N SER F 30 23.82 -60.60 55.59
CA SER F 30 23.48 -60.30 56.97
C SER F 30 22.57 -61.39 57.49
N PHE F 31 23.09 -62.21 58.40
CA PHE F 31 22.28 -63.23 59.05
C PHE F 31 21.38 -62.61 60.11
N PRO F 32 20.25 -63.23 60.40
CA PRO F 32 19.38 -62.72 61.48
C PRO F 32 20.09 -62.77 62.82
N LYS F 33 19.88 -61.73 63.62
CA LYS F 33 20.50 -61.66 64.93
C LYS F 33 19.80 -62.62 65.89
N ASP F 34 20.52 -63.05 66.91
CA ASP F 34 20.06 -64.10 67.81
C ASP F 34 19.91 -63.56 69.23
N ASP F 35 18.98 -64.17 69.97
CA ASP F 35 18.77 -63.92 71.38
C ASP F 35 18.80 -65.25 72.14
N PRO F 36 19.41 -65.29 73.32
CA PRO F 36 19.58 -66.56 74.05
C PRO F 36 18.28 -67.21 74.49
N SER F 37 17.16 -66.49 74.49
CA SER F 37 15.90 -67.08 74.92
C SER F 37 15.39 -68.15 73.96
N LYS F 38 15.57 -67.95 72.66
CA LYS F 38 15.08 -68.89 71.67
C LYS F 38 15.94 -70.15 71.65
N PRO F 39 15.35 -71.30 71.32
CA PRO F 39 16.14 -72.52 71.14
C PRO F 39 16.97 -72.45 69.87
N VAL F 40 17.92 -73.37 69.77
CA VAL F 40 18.82 -73.42 68.63
C VAL F 40 18.06 -73.86 67.39
N HIS F 41 18.31 -73.17 66.27
CA HIS F 41 17.63 -73.48 65.02
C HIS F 41 18.46 -72.95 63.86
N LEU F 42 18.13 -73.42 62.67
CA LEU F 42 18.80 -72.94 61.47
C LEU F 42 18.14 -71.65 60.99
N THR F 43 18.91 -70.82 60.29
CA THR F 43 18.44 -69.53 59.81
C THR F 43 18.45 -69.39 58.30
N ALA F 44 19.08 -70.31 57.58
CA ALA F 44 19.17 -70.20 56.14
C ALA F 44 19.13 -71.60 55.53
N PHE F 45 18.69 -71.66 54.28
CA PHE F 45 18.62 -72.92 53.54
C PHE F 45 18.89 -72.60 52.07
N LEU F 46 19.19 -73.64 51.29
CA LEU F 46 19.62 -73.46 49.91
C LEU F 46 18.78 -74.34 49.01
N GLY F 47 18.08 -73.72 48.06
CA GLY F 47 17.19 -74.45 47.17
C GLY F 47 17.44 -74.17 45.70
N TYR F 48 16.65 -74.78 44.82
CA TYR F 48 16.84 -74.68 43.39
C TYR F 48 15.51 -74.42 42.71
N LYS F 49 15.48 -73.46 41.79
CA LYS F 49 14.24 -73.05 41.15
C LYS F 49 13.81 -74.10 40.13
N ALA F 50 12.55 -74.52 40.22
CA ALA F 50 11.99 -75.53 39.31
C ALA F 50 11.07 -74.92 38.27
N GLY F 51 10.05 -74.18 38.70
CA GLY F 51 9.09 -73.61 37.80
C GLY F 51 8.02 -72.86 38.58
N MET F 52 7.01 -72.39 37.85
CA MET F 52 5.92 -71.63 38.46
C MET F 52 4.58 -72.13 37.92
N THR F 53 3.53 -71.88 38.70
CA THR F 53 2.18 -72.34 38.35
C THR F 53 1.17 -71.48 39.10
N HIS F 54 -0.10 -71.84 38.95
CA HIS F 54 -1.20 -71.10 39.57
C HIS F 54 -1.44 -71.62 40.99
N ILE F 55 -2.43 -71.04 41.67
CA ILE F 55 -2.93 -71.53 42.94
C ILE F 55 -4.34 -71.00 43.13
N VAL F 56 -5.12 -71.70 43.95
CA VAL F 56 -6.46 -71.26 44.33
C VAL F 56 -6.54 -71.31 45.85
N ARG F 57 -7.00 -70.22 46.45
CA ARG F 57 -7.04 -70.13 47.91
C ARG F 57 -8.12 -69.13 48.30
N GLU F 58 -8.51 -69.20 49.58
CA GLU F 58 -9.47 -68.27 50.13
C GLU F 58 -8.73 -67.14 50.84
N VAL F 59 -9.20 -65.91 50.60
CA VAL F 59 -8.63 -64.72 51.22
C VAL F 59 -9.47 -64.37 52.44
N ASP F 60 -8.79 -64.12 53.56
CA ASP F 60 -9.46 -63.85 54.84
C ASP F 60 -8.94 -62.54 55.41
N ARG F 61 -8.80 -61.54 54.54
CA ARG F 61 -8.38 -60.21 54.99
C ARG F 61 -9.60 -59.35 55.25
N PRO F 62 -9.78 -58.85 56.48
CA PRO F 62 -10.97 -58.05 56.77
C PRO F 62 -10.93 -56.69 56.08
N GLY F 63 -12.13 -56.17 55.78
CA GLY F 63 -12.28 -54.80 55.30
C GLY F 63 -12.00 -54.59 53.82
N SER F 64 -11.74 -55.65 53.06
CA SER F 64 -11.37 -55.55 51.66
C SER F 64 -12.57 -55.83 50.76
N LYS F 65 -12.41 -55.44 49.49
CA LYS F 65 -13.34 -55.83 48.45
C LYS F 65 -13.19 -57.30 48.06
N VAL F 66 -12.02 -57.89 48.32
CA VAL F 66 -11.71 -59.24 47.90
C VAL F 66 -11.85 -60.24 49.06
N ASN F 67 -12.45 -59.81 50.17
CA ASN F 67 -12.62 -60.68 51.32
C ASN F 67 -13.54 -61.86 50.99
N LYS F 68 -13.12 -63.05 51.43
CA LYS F 68 -13.87 -64.30 51.25
C LYS F 68 -14.13 -64.58 49.77
N LYS F 69 -13.13 -64.34 48.93
CA LYS F 69 -13.22 -64.58 47.50
C LYS F 69 -12.05 -65.46 47.07
N GLU F 70 -12.26 -66.16 45.94
CA GLU F 70 -11.25 -67.05 45.38
C GLU F 70 -10.38 -66.27 44.40
N VAL F 71 -9.06 -66.39 44.56
CA VAL F 71 -8.10 -65.67 43.73
C VAL F 71 -7.12 -66.67 43.15
N VAL F 72 -6.31 -66.19 42.21
CA VAL F 72 -5.17 -66.95 41.70
C VAL F 72 -3.90 -66.15 41.96
N GLU F 73 -2.84 -66.86 42.31
CA GLU F 73 -1.57 -66.24 42.64
C GLU F 73 -0.44 -67.00 41.93
N ALA F 74 0.53 -66.25 41.41
CA ALA F 74 1.72 -66.87 40.85
C ALA F 74 2.62 -67.34 41.96
N VAL F 75 2.97 -68.63 41.94
CA VAL F 75 3.77 -69.24 43.00
C VAL F 75 4.97 -69.93 42.37
N THR F 76 6.12 -69.80 43.02
CA THR F 76 7.33 -70.47 42.57
C THR F 76 7.45 -71.85 43.20
N ILE F 77 8.05 -72.77 42.45
CA ILE F 77 8.35 -74.11 42.94
C ILE F 77 9.85 -74.21 43.11
N VAL F 78 10.30 -74.39 44.34
CA VAL F 78 11.72 -74.51 44.66
C VAL F 78 11.94 -75.89 45.26
N GLU F 79 12.56 -76.79 44.50
CA GLU F 79 12.87 -78.11 45.01
C GLU F 79 14.01 -78.03 46.00
N THR F 80 13.77 -78.50 47.22
CA THR F 80 14.67 -78.31 48.35
C THR F 80 14.98 -79.65 48.99
N PRO F 81 15.94 -80.40 48.44
CA PRO F 81 16.36 -81.64 49.09
C PRO F 81 17.07 -81.35 50.39
N PRO F 82 17.02 -82.27 51.36
CA PRO F 82 17.69 -82.04 52.64
C PRO F 82 19.20 -82.02 52.49
N MET F 83 19.85 -81.28 53.38
CA MET F 83 21.29 -81.11 53.39
C MET F 83 21.98 -82.20 54.19
N VAL F 84 23.30 -82.25 54.06
CA VAL F 84 24.16 -83.10 54.88
C VAL F 84 25.17 -82.18 55.56
N VAL F 85 25.14 -82.16 56.90
CA VAL F 85 26.08 -81.33 57.65
C VAL F 85 27.45 -82.00 57.63
N VAL F 86 28.46 -81.26 57.16
CA VAL F 86 29.81 -81.80 57.03
C VAL F 86 30.82 -81.10 57.92
N GLY F 87 30.47 -79.97 58.53
CA GLY F 87 31.42 -79.29 59.40
C GLY F 87 30.77 -78.11 60.09
N ILE F 88 31.52 -77.52 61.01
CA ILE F 88 31.12 -76.32 61.73
C ILE F 88 32.27 -75.33 61.72
N VAL F 89 31.95 -74.07 61.96
CA VAL F 89 32.95 -73.00 61.99
C VAL F 89 32.62 -72.06 63.13
N GLY F 90 33.64 -71.62 63.85
CA GLY F 90 33.50 -70.67 64.94
C GLY F 90 34.06 -69.32 64.55
N TYR F 91 33.52 -68.26 65.16
CA TYR F 91 33.90 -66.89 64.85
C TYR F 91 34.20 -66.15 66.14
N VAL F 92 35.47 -65.77 66.33
CA VAL F 92 35.83 -64.83 67.38
C VAL F 92 35.49 -63.44 66.85
N GLU F 93 35.27 -62.47 67.73
CA GLU F 93 34.80 -61.17 67.29
C GLU F 93 35.84 -60.13 67.67
N THR F 94 36.27 -59.35 66.68
CA THR F 94 37.43 -58.46 66.80
C THR F 94 37.01 -57.01 66.67
N PRO F 95 37.83 -56.04 67.13
CA PRO F 95 37.54 -54.63 66.83
C PRO F 95 37.68 -54.26 65.36
N ARG F 96 38.33 -55.10 64.56
CA ARG F 96 38.45 -54.87 63.12
C ARG F 96 37.32 -55.52 62.34
N GLY F 97 36.39 -56.19 63.01
CA GLY F 97 35.31 -56.89 62.34
C GLY F 97 35.08 -58.28 62.90
N LEU F 98 34.54 -59.18 62.07
CA LEU F 98 34.30 -60.55 62.48
C LEU F 98 35.33 -61.46 61.83
N ARG F 99 35.99 -62.29 62.64
CA ARG F 99 37.06 -63.15 62.18
C ARG F 99 36.74 -64.60 62.49
N THR F 100 37.01 -65.49 61.54
CA THR F 100 36.83 -66.91 61.77
C THR F 100 37.88 -67.41 62.74
N PHE F 101 37.48 -68.33 63.63
CA PHE F 101 38.36 -68.83 64.69
C PHE F 101 38.94 -70.19 64.33
N LYS F 102 38.08 -71.17 64.08
CA LYS F 102 38.53 -72.52 63.75
C LYS F 102 37.43 -73.22 62.97
N THR F 103 37.82 -74.01 61.98
CA THR F 103 36.89 -74.79 61.18
C THR F 103 37.12 -76.27 61.46
N VAL F 104 36.07 -76.97 61.88
CA VAL F 104 36.15 -78.39 62.20
C VAL F 104 35.17 -79.12 61.29
N PHE F 105 35.68 -80.07 60.51
CA PHE F 105 34.87 -80.84 59.59
C PHE F 105 34.50 -82.19 60.20
N ALA F 106 33.80 -83.00 59.40
CA ALA F 106 33.39 -84.32 59.82
C ALA F 106 34.55 -85.31 59.71
N GLU F 107 34.31 -86.54 60.17
CA GLU F 107 35.30 -87.59 60.01
C GLU F 107 35.38 -88.04 58.55
N HIS F 108 34.26 -88.48 57.99
CA HIS F 108 34.18 -88.88 56.59
C HIS F 108 33.19 -87.98 55.87
N ILE F 109 33.59 -87.51 54.69
CA ILE F 109 32.82 -86.56 53.91
C ILE F 109 32.31 -87.25 52.65
N SER F 110 31.02 -87.09 52.38
CA SER F 110 30.42 -87.68 51.18
C SER F 110 31.04 -87.09 49.92
N ASP F 111 31.13 -87.91 48.88
CA ASP F 111 31.77 -87.51 47.63
C ASP F 111 31.03 -86.41 46.89
N GLU F 112 29.75 -86.18 47.21
CA GLU F 112 29.04 -85.04 46.63
C GLU F 112 29.67 -83.73 47.10
N CYS F 113 30.02 -83.65 48.39
CA CYS F 113 30.69 -82.47 48.92
C CYS F 113 32.14 -82.40 48.46
N LYS F 114 32.77 -83.55 48.16
CA LYS F 114 34.13 -83.58 47.70
C LYS F 114 34.28 -83.03 46.28
N ARG F 115 33.17 -82.88 45.55
CA ARG F 115 33.23 -82.31 44.21
C ARG F 115 33.64 -80.83 44.27
N ARG F 116 33.24 -80.13 45.32
CA ARG F 116 33.47 -78.69 45.43
C ARG F 116 34.95 -78.35 45.56
N PHE F 117 35.75 -79.21 46.18
CA PHE F 117 37.15 -78.94 46.42
C PHE F 117 38.03 -79.26 45.22
N TYR F 118 37.45 -79.42 44.04
CA TYR F 118 38.22 -79.75 42.84
C TYR F 118 37.69 -78.99 41.64
N LYS F 119 38.60 -78.40 40.86
CA LYS F 119 38.23 -77.82 39.58
C LYS F 119 38.02 -78.89 38.52
N ASN F 120 38.78 -79.98 38.58
CA ASN F 120 38.68 -81.08 37.64
C ASN F 120 38.61 -82.38 38.42
N TRP F 121 37.42 -82.98 38.47
CA TRP F 121 37.23 -84.23 39.20
C TRP F 121 37.78 -85.43 38.44
N HIS F 122 37.80 -85.35 37.11
CA HIS F 122 38.23 -86.49 36.30
C HIS F 122 39.72 -86.75 36.44
N LYS F 123 40.53 -85.69 36.41
CA LYS F 123 41.98 -85.86 36.47
C LYS F 123 42.52 -86.01 37.88
N SER F 124 41.75 -85.58 38.89
CA SER F 124 42.24 -85.61 40.26
C SER F 124 42.20 -87.03 40.81
N LYS F 125 43.04 -87.27 41.83
CA LYS F 125 43.10 -88.54 42.52
C LYS F 125 42.16 -88.62 43.71
N LYS F 126 41.36 -87.56 43.94
CA LYS F 126 40.38 -87.51 45.04
C LYS F 126 41.06 -87.72 46.39
N LYS F 127 42.14 -86.97 46.61
CA LYS F 127 42.96 -87.11 47.81
C LYS F 127 42.60 -86.10 48.90
N ALA F 128 41.52 -85.34 48.73
CA ALA F 128 41.14 -84.36 49.74
C ALA F 128 40.69 -85.03 51.03
N PHE F 129 41.09 -84.45 52.15
CA PHE F 129 40.70 -84.87 53.49
C PHE F 129 41.12 -86.30 53.81
N THR F 130 42.13 -86.82 53.11
CA THR F 130 42.58 -88.19 53.38
C THR F 130 43.40 -88.27 54.66
N LYS F 131 44.28 -87.30 54.91
CA LYS F 131 45.01 -87.28 56.16
C LYS F 131 44.21 -86.65 57.30
N TYR F 132 43.22 -85.82 56.98
CA TYR F 132 42.36 -85.25 58.00
C TYR F 132 41.44 -86.29 58.62
N CYS F 133 41.01 -87.27 57.83
CA CYS F 133 40.16 -88.35 58.34
C CYS F 133 40.94 -89.38 59.14
N LYS F 134 42.28 -89.28 59.15
CA LYS F 134 43.10 -90.13 60.00
C LYS F 134 43.17 -89.64 61.43
N LYS F 135 42.64 -88.45 61.71
CA LYS F 135 42.65 -87.88 63.06
C LYS F 135 41.58 -88.47 63.96
N TRP F 136 40.64 -89.24 63.42
CA TRP F 136 39.51 -89.72 64.21
C TRP F 136 39.68 -91.14 64.73
N GLN F 137 40.79 -91.81 64.43
CA GLN F 137 41.05 -93.15 64.93
C GLN F 137 42.40 -93.25 65.65
N ASP F 138 42.82 -92.13 66.25
CA ASP F 138 43.97 -92.14 67.15
C ASP F 138 43.61 -91.34 68.39
N ASP F 139 44.06 -91.82 69.54
CA ASP F 139 43.67 -91.24 70.82
C ASP F 139 44.16 -89.81 71.00
N ALA F 140 45.29 -89.45 70.37
CA ALA F 140 45.72 -88.06 70.37
C ALA F 140 44.79 -87.20 69.52
N GLY F 141 44.23 -87.79 68.46
CA GLY F 141 43.33 -87.04 67.60
C GLY F 141 42.04 -86.64 68.27
N LYS F 142 41.42 -87.56 69.01
CA LYS F 142 40.17 -87.25 69.69
C LYS F 142 40.36 -86.19 70.78
N ARG F 143 41.49 -86.26 71.50
CA ARG F 143 41.77 -85.24 72.50
C ARG F 143 42.02 -83.88 71.86
N GLN F 144 42.63 -83.85 70.69
CA GLN F 144 42.80 -82.60 69.97
C GLN F 144 41.47 -82.07 69.44
N LEU F 145 40.58 -82.96 68.99
CA LEU F 145 39.26 -82.53 68.54
C LEU F 145 38.44 -81.95 69.68
N ASP F 146 38.50 -82.59 70.86
CA ASP F 146 37.83 -82.05 72.03
C ASP F 146 38.48 -80.76 72.52
N LYS F 147 39.80 -80.62 72.38
CA LYS F 147 40.47 -79.37 72.72
C LYS F 147 40.07 -78.25 71.76
N ASP F 148 39.89 -78.59 70.49
CA ASP F 148 39.39 -77.59 69.54
C ASP F 148 37.95 -77.20 69.84
N PHE F 149 37.11 -78.16 70.23
CA PHE F 149 35.74 -77.85 70.60
C PHE F 149 35.69 -77.06 71.90
N SER F 150 36.54 -77.39 72.87
CA SER F 150 36.57 -76.65 74.13
C SER F 150 37.09 -75.22 73.92
N SER F 151 37.95 -75.03 72.92
CA SER F 151 38.43 -73.68 72.63
C SER F 151 37.32 -72.80 72.06
N MET F 152 36.42 -73.39 71.26
CA MET F 152 35.30 -72.63 70.73
C MET F 152 34.22 -72.37 71.77
N LYS F 153 34.21 -73.12 72.87
CA LYS F 153 33.30 -72.81 73.97
C LYS F 153 33.65 -71.49 74.63
N LYS F 154 34.96 -71.19 74.74
CA LYS F 154 35.39 -70.01 75.46
C LYS F 154 35.29 -68.76 74.59
N TYR F 155 35.91 -68.80 73.40
CA TYR F 155 36.22 -67.58 72.65
C TYR F 155 35.22 -67.25 71.56
N CYS F 156 34.55 -68.23 70.98
CA CYS F 156 33.67 -67.96 69.85
C CYS F 156 32.37 -67.30 70.29
N GLN F 157 31.99 -66.27 69.57
CA GLN F 157 30.74 -65.54 69.80
C GLN F 157 29.64 -65.97 68.83
N VAL F 158 29.96 -66.07 67.55
CA VAL F 158 29.01 -66.47 66.52
C VAL F 158 29.45 -67.82 65.97
N ILE F 159 28.53 -68.77 65.91
CA ILE F 159 28.80 -70.12 65.41
C ILE F 159 27.91 -70.38 64.22
N ARG F 160 28.52 -70.71 63.08
CA ARG F 160 27.82 -71.15 61.89
C ARG F 160 28.07 -72.64 61.67
N VAL F 161 27.34 -73.21 60.72
CA VAL F 161 27.44 -74.62 60.39
C VAL F 161 27.66 -74.76 58.89
N LEU F 162 28.50 -75.71 58.51
CA LEU F 162 28.82 -75.98 57.11
C LEU F 162 28.00 -77.17 56.63
N ALA F 163 27.02 -76.89 55.76
CA ALA F 163 26.16 -77.92 55.20
C ALA F 163 26.08 -77.75 53.69
N HIS F 164 25.91 -78.86 52.99
CA HIS F 164 25.89 -78.89 51.53
C HIS F 164 24.64 -79.59 51.03
N THR F 165 24.22 -79.22 49.82
CA THR F 165 23.05 -79.82 49.19
C THR F 165 23.40 -81.21 48.66
N GLN F 166 22.37 -81.89 48.16
CA GLN F 166 22.48 -83.29 47.73
C GLN F 166 22.11 -83.37 46.24
N MET F 167 23.13 -83.43 45.38
CA MET F 167 22.90 -83.49 43.94
C MET F 167 22.41 -84.85 43.46
N ARG F 168 22.57 -85.91 44.27
CA ARG F 168 22.18 -87.24 43.81
C ARG F 168 20.67 -87.34 43.63
N LEU F 169 19.91 -86.68 44.51
CA LEU F 169 18.45 -86.70 44.42
C LEU F 169 17.90 -85.74 43.38
N LEU F 170 18.71 -84.79 42.88
CA LEU F 170 18.17 -83.83 41.92
C LEU F 170 18.40 -84.32 40.50
N PRO F 171 17.50 -83.98 39.57
CA PRO F 171 17.67 -84.38 38.17
C PRO F 171 18.60 -83.49 37.36
N LEU F 172 19.37 -82.61 38.01
CA LEU F 172 20.25 -81.71 37.29
C LEU F 172 21.44 -82.46 36.71
N ARG F 173 22.06 -81.86 35.69
CA ARG F 173 23.21 -82.48 35.04
C ARG F 173 24.42 -82.48 35.96
N GLN F 174 24.64 -81.38 36.69
CA GLN F 174 25.81 -81.26 37.54
C GLN F 174 25.70 -82.15 38.77
N LYS F 175 26.87 -82.55 39.28
CA LYS F 175 26.96 -83.34 40.50
C LYS F 175 27.74 -82.64 41.60
N LYS F 176 28.10 -81.38 41.42
CA LYS F 176 28.94 -80.65 42.38
C LYS F 176 28.05 -79.91 43.37
N ALA F 177 28.10 -80.34 44.64
CA ALA F 177 27.29 -79.72 45.67
C ALA F 177 27.83 -78.34 46.04
N HIS F 178 26.96 -77.53 46.62
CA HIS F 178 27.28 -76.16 47.01
C HIS F 178 27.42 -76.10 48.53
N LEU F 179 28.62 -75.80 49.01
CA LEU F 179 28.81 -75.56 50.43
C LEU F 179 28.23 -74.21 50.83
N MET F 180 27.87 -74.09 52.11
CA MET F 180 27.26 -72.87 52.63
C MET F 180 27.37 -72.79 54.14
N GLU F 181 27.82 -71.64 54.64
CA GLU F 181 27.75 -71.38 56.07
C GLU F 181 26.36 -70.89 56.44
N ILE F 182 25.74 -71.56 57.40
CA ILE F 182 24.44 -71.18 57.92
C ILE F 182 24.60 -70.85 59.39
N GLN F 183 24.24 -69.63 59.78
CA GLN F 183 24.37 -69.22 61.16
C GLN F 183 23.34 -69.92 62.03
N VAL F 184 23.79 -70.49 63.15
CA VAL F 184 22.92 -71.17 64.10
C VAL F 184 22.54 -70.15 65.17
N ASN F 185 21.26 -69.76 65.17
CA ASN F 185 20.74 -68.82 66.14
C ASN F 185 19.94 -69.55 67.22
N GLY F 186 20.18 -69.20 68.47
CA GLY F 186 19.54 -69.88 69.59
C GLY F 186 20.05 -69.47 70.95
N GLY F 187 20.32 -70.44 71.82
CA GLY F 187 20.73 -70.14 73.19
C GLY F 187 22.18 -69.71 73.31
N THR F 188 22.83 -69.99 74.44
CA THR F 188 24.21 -69.60 74.64
C THR F 188 25.14 -70.44 73.77
N VAL F 189 26.43 -70.08 73.81
CA VAL F 189 27.43 -70.69 72.93
C VAL F 189 27.59 -72.16 73.22
N ALA F 190 27.53 -72.54 74.50
CA ALA F 190 27.88 -73.92 74.88
C ALA F 190 26.87 -74.93 74.33
N GLU F 191 25.57 -74.69 74.54
CA GLU F 191 24.57 -75.62 74.02
C GLU F 191 24.43 -75.50 72.52
N LYS F 192 24.71 -74.31 71.96
CA LYS F 192 24.77 -74.14 70.52
C LYS F 192 25.85 -75.03 69.90
N LEU F 193 27.02 -75.10 70.54
CA LEU F 193 28.09 -75.94 70.03
C LEU F 193 27.77 -77.43 70.18
N ASP F 194 27.11 -77.81 71.27
CA ASP F 194 26.77 -79.22 71.46
C ASP F 194 25.70 -79.68 70.48
N TRP F 195 24.77 -78.79 70.12
CA TRP F 195 23.73 -79.16 69.16
C TRP F 195 24.30 -79.40 67.78
N ALA F 196 25.24 -78.55 67.34
CA ALA F 196 25.87 -78.72 66.04
C ALA F 196 26.83 -79.91 65.99
N ARG F 197 27.41 -80.28 67.14
CA ARG F 197 28.24 -81.48 67.19
C ARG F 197 27.40 -82.73 66.98
N GLU F 198 26.19 -82.76 67.54
CA GLU F 198 25.30 -83.90 67.35
C GLU F 198 24.78 -83.98 65.92
N ARG F 199 24.53 -82.82 65.30
CA ARG F 199 23.97 -82.76 63.96
C ARG F 199 24.98 -83.08 62.87
N LEU F 200 26.19 -83.48 63.21
CA LEU F 200 27.22 -83.77 62.23
C LEU F 200 26.87 -85.04 61.46
N GLU F 201 27.04 -84.98 60.14
CA GLU F 201 26.73 -86.10 59.22
C GLU F 201 25.28 -86.54 59.32
N GLN F 202 24.37 -85.60 59.55
CA GLN F 202 22.95 -85.89 59.71
C GLN F 202 22.14 -85.19 58.64
N GLN F 203 21.01 -85.79 58.29
CA GLN F 203 20.09 -85.19 57.34
C GLN F 203 19.35 -84.02 57.98
N VAL F 204 19.31 -82.89 57.28
CA VAL F 204 18.59 -81.72 57.76
C VAL F 204 17.45 -81.39 56.79
N PRO F 205 16.22 -81.78 57.10
CA PRO F 205 15.10 -81.47 56.22
C PRO F 205 14.69 -80.01 56.32
N VAL F 206 13.82 -79.61 55.38
CA VAL F 206 13.40 -78.21 55.29
C VAL F 206 12.53 -77.83 56.48
N SER F 207 11.72 -78.77 56.98
CA SER F 207 10.76 -78.49 58.05
C SER F 207 11.42 -78.05 59.35
N GLN F 208 12.69 -78.42 59.57
CA GLN F 208 13.39 -77.93 60.75
C GLN F 208 13.65 -76.43 60.66
N VAL F 209 13.94 -75.94 59.46
CA VAL F 209 14.33 -74.54 59.28
C VAL F 209 13.10 -73.65 59.18
N PHE F 210 12.28 -73.87 58.16
CA PHE F 210 11.18 -72.98 57.83
C PHE F 210 9.83 -73.62 58.16
N GLY F 211 8.80 -72.78 58.15
CA GLY F 211 7.43 -73.23 58.33
C GLY F 211 6.52 -72.56 57.32
N GLN F 212 5.24 -72.91 57.41
CA GLN F 212 4.24 -72.34 56.52
C GLN F 212 3.92 -70.89 56.93
N ASP F 213 3.32 -70.16 55.98
CA ASP F 213 2.86 -68.76 56.14
C ASP F 213 3.88 -67.86 56.84
N GLU F 214 5.14 -68.04 56.48
CA GLU F 214 6.25 -67.34 57.12
C GLU F 214 6.99 -66.48 56.10
N MET F 215 7.26 -65.22 56.47
CA MET F 215 8.11 -64.36 55.66
C MET F 215 9.53 -64.90 55.62
N ILE F 216 10.07 -65.07 54.41
CA ILE F 216 11.46 -65.46 54.24
C ILE F 216 12.11 -64.51 53.25
N ASP F 217 13.41 -64.64 53.06
CA ASP F 217 14.16 -63.82 52.13
C ASP F 217 14.82 -64.71 51.08
N VAL F 218 14.76 -64.29 49.82
CA VAL F 218 15.32 -65.04 48.71
C VAL F 218 16.55 -64.29 48.20
N ILE F 219 17.68 -64.99 48.16
CA ILE F 219 18.93 -64.43 47.69
C ILE F 219 19.42 -65.27 46.52
N GLY F 220 19.78 -64.60 45.43
CA GLY F 220 20.22 -65.33 44.25
C GLY F 220 20.82 -64.40 43.22
N VAL F 221 21.17 -64.97 42.09
CA VAL F 221 21.81 -64.26 40.99
C VAL F 221 20.78 -64.05 39.89
N THR F 222 20.78 -62.86 39.29
CA THR F 222 19.84 -62.52 38.23
C THR F 222 20.09 -63.39 37.00
N LYS F 223 19.04 -63.57 36.21
CA LYS F 223 19.16 -64.20 34.90
C LYS F 223 20.10 -63.39 34.00
N GLY F 224 21.04 -64.09 33.38
CA GLY F 224 22.00 -63.41 32.51
C GLY F 224 21.35 -62.93 31.22
N LYS F 225 21.75 -61.72 30.81
CA LYS F 225 21.23 -61.12 29.58
C LYS F 225 22.34 -60.55 28.70
N GLY F 226 23.59 -60.62 29.13
CA GLY F 226 24.71 -60.21 28.31
C GLY F 226 24.87 -58.69 28.24
N TYR F 227 25.67 -58.27 27.26
CA TYR F 227 25.94 -56.85 27.05
C TYR F 227 24.70 -56.18 26.47
N LYS F 228 24.27 -55.08 27.09
CA LYS F 228 23.04 -54.41 26.70
C LYS F 228 23.25 -52.91 26.69
N GLY F 229 22.43 -52.21 25.90
CA GLY F 229 22.48 -50.77 25.82
C GLY F 229 21.74 -50.09 26.95
N VAL F 230 21.71 -48.75 26.88
CA VAL F 230 21.04 -47.96 27.89
C VAL F 230 19.52 -48.10 27.83
N THR F 231 18.97 -48.42 26.65
CA THR F 231 17.53 -48.58 26.51
C THR F 231 17.02 -49.84 27.21
N SER F 232 17.82 -50.90 27.20
CA SER F 232 17.39 -52.14 27.85
C SER F 232 17.82 -52.19 29.32
N ARG F 233 19.06 -51.82 29.61
CA ARG F 233 19.55 -51.90 30.99
C ARG F 233 18.96 -50.82 31.87
N TRP F 234 18.90 -49.58 31.38
CA TRP F 234 18.51 -48.45 32.20
C TRP F 234 17.12 -47.91 31.89
N HIS F 235 16.49 -48.40 30.83
CA HIS F 235 15.14 -48.00 30.43
C HIS F 235 15.04 -46.49 30.20
N THR F 236 15.90 -46.00 29.30
CA THR F 236 15.91 -44.59 28.95
C THR F 236 14.97 -44.34 27.77
N LYS F 237 14.70 -43.06 27.51
CA LYS F 237 13.80 -42.70 26.42
C LYS F 237 14.47 -42.92 25.07
N LYS F 238 13.74 -43.55 24.16
CA LYS F 238 14.23 -43.73 22.80
C LYS F 238 14.19 -42.42 22.04
N LEU F 239 15.29 -42.12 21.36
CA LEU F 239 15.40 -40.90 20.57
C LEU F 239 14.51 -41.01 19.34
N PRO F 240 14.12 -39.87 18.74
CA PRO F 240 13.23 -39.92 17.58
C PRO F 240 13.89 -40.58 16.37
N ARG F 241 13.07 -40.79 15.35
CA ARG F 241 13.51 -41.52 14.16
C ARG F 241 14.53 -40.74 13.35
N LYS F 242 14.52 -39.42 13.45
CA LYS F 242 15.35 -38.58 12.59
C LYS F 242 16.80 -38.46 13.06
N THR F 243 17.18 -39.15 14.13
CA THR F 243 18.55 -39.08 14.64
C THR F 243 19.52 -39.73 13.67
N HIS F 244 20.70 -39.13 13.52
CA HIS F 244 21.67 -39.61 12.55
C HIS F 244 22.53 -40.75 13.11
N ARG F 245 23.07 -40.58 14.32
CA ARG F 245 23.99 -41.55 14.90
C ARG F 245 23.27 -42.59 15.74
N GLY F 246 21.99 -42.81 15.49
CA GLY F 246 21.22 -43.80 16.21
C GLY F 246 20.27 -43.20 17.23
N LEU F 247 19.33 -44.03 17.67
CA LEU F 247 18.25 -43.58 18.53
C LEU F 247 18.09 -44.35 19.83
N ARG F 248 18.71 -45.52 19.97
CA ARG F 248 18.65 -46.27 21.23
C ARG F 248 19.84 -45.91 22.13
N LYS F 249 20.01 -44.62 22.40
CA LYS F 249 21.16 -44.12 23.14
C LYS F 249 20.74 -43.13 24.22
N VAL F 250 21.72 -42.53 24.88
CA VAL F 250 21.50 -41.39 25.78
C VAL F 250 22.01 -40.15 25.06
N ALA F 251 21.13 -39.16 24.90
CA ALA F 251 21.45 -38.04 24.02
C ALA F 251 22.50 -37.11 24.64
N CYS F 252 22.14 -36.42 25.71
CA CYS F 252 23.08 -35.55 26.41
C CYS F 252 23.58 -36.27 27.64
N ILE F 253 24.89 -36.50 27.70
CA ILE F 253 25.45 -37.28 28.79
C ILE F 253 25.84 -36.38 29.97
N GLY F 254 26.64 -35.34 29.73
CA GLY F 254 27.12 -34.50 30.80
C GLY F 254 27.33 -33.06 30.36
N ALA F 255 27.62 -32.21 31.34
CA ALA F 255 27.92 -30.81 31.10
C ALA F 255 29.42 -30.62 30.89
N TRP F 256 29.82 -29.39 30.57
CA TRP F 256 31.17 -29.07 30.12
C TRP F 256 32.14 -28.96 31.30
N HIS F 257 31.91 -28.02 32.23
CA HIS F 257 32.76 -27.88 33.40
C HIS F 257 32.72 -29.07 34.35
N PRO F 258 31.65 -29.86 34.40
CA PRO F 258 31.83 -31.25 34.82
C PRO F 258 32.66 -32.00 33.77
N ALA F 259 33.96 -31.73 33.76
CA ALA F 259 34.87 -32.16 32.70
C ALA F 259 35.04 -33.66 32.63
N ARG F 260 34.67 -34.37 33.69
CA ARG F 260 34.59 -35.83 33.67
C ARG F 260 33.12 -36.24 33.58
N VAL F 261 32.87 -37.30 32.83
CA VAL F 261 31.55 -37.91 32.80
C VAL F 261 31.28 -38.61 34.13
N ALA F 262 30.09 -38.39 34.67
CA ALA F 262 29.76 -38.78 36.03
C ALA F 262 29.48 -40.27 36.14
N PHE F 263 29.52 -40.75 37.38
CA PHE F 263 29.17 -42.13 37.71
C PHE F 263 27.68 -42.39 37.70
N SER F 264 26.86 -41.35 37.75
CA SER F 264 25.41 -41.50 37.85
C SER F 264 24.71 -41.52 36.51
N VAL F 265 25.45 -41.44 35.41
CA VAL F 265 24.87 -41.38 34.08
C VAL F 265 24.73 -42.80 33.53
N ALA F 266 23.64 -43.05 32.82
CA ALA F 266 23.35 -44.37 32.27
C ALA F 266 24.28 -44.67 31.10
N ARG F 267 25.08 -45.73 31.23
CA ARG F 267 25.96 -46.19 30.18
C ARG F 267 25.68 -47.65 29.87
N ALA F 268 26.07 -48.08 28.68
CA ALA F 268 25.89 -49.46 28.28
C ALA F 268 26.87 -50.38 29.00
N GLY F 269 26.49 -51.64 29.13
CA GLY F 269 27.33 -52.59 29.83
C GLY F 269 26.58 -53.89 30.08
N GLN F 270 27.07 -54.64 31.08
CA GLN F 270 26.47 -55.92 31.41
C GLN F 270 25.12 -55.73 32.07
N LYS F 271 24.11 -56.44 31.54
CA LYS F 271 22.78 -56.45 32.11
C LYS F 271 22.43 -57.88 32.51
N GLY F 272 21.93 -58.04 33.73
CA GLY F 272 21.66 -59.35 34.26
C GLY F 272 22.87 -59.95 34.98
N TYR F 273 22.65 -61.14 35.54
CA TYR F 273 23.64 -61.85 36.36
C TYR F 273 24.11 -60.99 37.53
N HIS F 274 23.18 -60.28 38.15
CA HIS F 274 23.46 -59.46 39.31
C HIS F 274 22.95 -60.15 40.57
N HIS F 275 23.73 -60.06 41.63
CA HIS F 275 23.34 -60.61 42.92
C HIS F 275 22.25 -59.76 43.53
N ARG F 276 21.17 -60.39 43.99
CA ARG F 276 20.00 -59.68 44.49
C ARG F 276 19.50 -60.34 45.75
N THR F 277 18.74 -59.58 46.53
CA THR F 277 18.16 -60.05 47.80
C THR F 277 16.72 -59.55 47.87
N GLU F 278 15.77 -60.45 47.63
CA GLU F 278 14.35 -60.13 47.71
C GLU F 278 13.80 -60.54 49.07
N ILE F 279 13.02 -59.64 49.67
CA ILE F 279 12.50 -59.85 51.01
C ILE F 279 10.97 -59.98 50.96
N ASN F 280 10.40 -60.46 52.07
CA ASN F 280 8.96 -60.58 52.28
C ASN F 280 8.32 -61.49 51.23
N LYS F 281 8.74 -62.75 51.24
CA LYS F 281 8.16 -63.78 50.40
C LYS F 281 7.38 -64.75 51.28
N LYS F 282 6.16 -65.06 50.87
CA LYS F 282 5.24 -65.87 51.66
C LYS F 282 5.30 -67.33 51.23
N ILE F 283 5.44 -68.22 52.20
CA ILE F 283 5.44 -69.66 51.94
C ILE F 283 4.01 -70.16 52.04
N TYR F 284 3.40 -70.48 50.90
CA TYR F 284 2.05 -71.03 50.91
C TYR F 284 2.04 -72.48 51.38
N LYS F 285 3.03 -73.28 50.99
CA LYS F 285 3.03 -74.70 51.29
C LYS F 285 4.44 -75.25 51.26
N ILE F 286 4.80 -75.99 52.30
CA ILE F 286 6.03 -76.77 52.32
C ILE F 286 5.63 -78.20 51.97
N GLY F 287 6.06 -78.67 50.80
CA GLY F 287 5.63 -79.95 50.28
C GLY F 287 6.46 -81.11 50.80
N GLN F 288 6.05 -82.31 50.39
CA GLN F 288 6.71 -83.55 50.77
C GLN F 288 7.18 -84.27 49.52
N GLY F 289 8.36 -84.88 49.62
CA GLY F 289 8.94 -85.56 48.48
C GLY F 289 8.32 -86.93 48.25
N TYR F 290 8.76 -87.56 47.16
CA TYR F 290 8.32 -88.91 46.85
C TYR F 290 8.87 -89.89 47.87
N LEU F 291 7.99 -90.69 48.45
CA LEU F 291 8.38 -91.69 49.43
C LEU F 291 7.52 -92.93 49.22
N ILE F 292 8.13 -94.10 49.43
CA ILE F 292 7.50 -95.38 49.16
C ILE F 292 7.18 -96.07 50.47
N LYS F 293 5.90 -96.39 50.67
CA LYS F 293 5.47 -97.19 51.81
C LYS F 293 4.46 -98.22 51.32
N ASP F 294 4.54 -99.43 51.88
CA ASP F 294 3.69 -100.56 51.52
C ASP F 294 3.76 -100.87 50.03
N GLY F 295 4.96 -100.79 49.48
CA GLY F 295 5.20 -101.15 48.08
C GLY F 295 5.12 -100.05 47.05
N LYS F 296 4.08 -99.24 47.09
CA LYS F 296 3.86 -98.17 46.14
C LYS F 296 4.23 -96.81 46.74
N LEU F 297 4.60 -95.89 45.88
CA LEU F 297 5.07 -94.57 46.31
C LEU F 297 3.90 -93.64 46.58
N ILE F 298 4.20 -92.54 47.27
CA ILE F 298 3.23 -91.52 47.61
C ILE F 298 3.61 -90.26 46.86
N LYS F 299 2.72 -89.76 46.01
CA LYS F 299 3.01 -88.62 45.16
C LYS F 299 1.92 -87.55 45.15
N ASN F 300 1.05 -87.52 46.17
CA ASN F 300 -0.04 -86.56 46.22
C ASN F 300 0.45 -85.22 46.80
N ASN F 301 1.44 -84.63 46.13
CA ASN F 301 1.98 -83.35 46.57
C ASN F 301 1.06 -82.20 46.21
N ALA F 302 0.29 -82.32 45.14
CA ALA F 302 -0.65 -81.28 44.72
C ALA F 302 -2.03 -81.45 45.35
N SER F 303 -2.21 -82.46 46.20
CA SER F 303 -3.49 -82.67 46.85
C SER F 303 -3.75 -81.61 47.90
N THR F 304 -4.97 -81.07 47.90
CA THR F 304 -5.42 -80.11 48.91
C THR F 304 -6.60 -80.72 49.67
N ASP F 305 -7.20 -79.92 50.54
CA ASP F 305 -8.34 -80.40 51.32
C ASP F 305 -9.58 -80.61 50.45
N TYR F 306 -9.69 -79.88 49.34
CA TYR F 306 -10.85 -79.98 48.47
C TYR F 306 -10.55 -80.72 47.16
N ASP F 307 -9.31 -80.69 46.69
CA ASP F 307 -8.96 -81.40 45.46
C ASP F 307 -8.96 -82.91 45.68
N LEU F 308 -8.29 -83.35 46.76
CA LEU F 308 -8.06 -84.75 47.13
C LEU F 308 -7.68 -85.65 45.95
N SER F 309 -6.96 -85.10 44.99
CA SER F 309 -6.46 -85.85 43.85
C SER F 309 -4.99 -86.18 44.08
N ASP F 310 -4.59 -87.39 43.66
CA ASP F 310 -3.25 -87.90 43.94
C ASP F 310 -2.20 -87.40 42.94
N LYS F 311 -2.50 -86.32 42.22
CA LYS F 311 -1.52 -85.75 41.31
C LYS F 311 -0.40 -85.05 42.07
N SER F 312 0.76 -84.97 41.43
CA SER F 312 1.90 -84.27 42.00
C SER F 312 1.99 -82.86 41.41
N ILE F 313 2.91 -82.06 41.94
CA ILE F 313 3.11 -80.71 41.42
C ILE F 313 3.84 -80.70 40.09
N ASN F 314 4.41 -81.81 39.68
CA ASN F 314 5.03 -81.89 38.37
C ASN F 314 3.95 -81.82 37.30
N PRO F 315 4.02 -80.88 36.37
CA PRO F 315 2.99 -80.74 35.34
C PRO F 315 3.10 -81.86 34.32
N LEU F 316 2.17 -81.85 33.35
CA LEU F 316 2.19 -82.83 32.28
C LEU F 316 3.42 -82.62 31.41
N GLY F 317 4.24 -83.65 31.28
CA GLY F 317 5.52 -83.53 30.61
C GLY F 317 6.64 -82.98 31.46
N GLY F 318 6.40 -82.76 32.76
CA GLY F 318 7.42 -82.24 33.64
C GLY F 318 7.58 -80.74 33.52
N PHE F 319 8.39 -80.20 34.43
CA PHE F 319 8.72 -78.78 34.42
C PHE F 319 9.59 -78.46 33.21
N VAL F 320 9.30 -77.34 32.55
CA VAL F 320 10.05 -76.96 31.35
C VAL F 320 11.47 -76.56 31.74
N HIS F 321 12.45 -77.19 31.10
CA HIS F 321 13.88 -76.88 31.24
C HIS F 321 14.40 -77.12 32.66
N TYR F 322 13.66 -77.84 33.51
CA TYR F 322 14.18 -78.17 34.82
C TYR F 322 14.31 -79.67 35.04
N GLY F 323 13.21 -80.40 34.84
CA GLY F 323 13.12 -81.80 35.19
C GLY F 323 11.91 -82.05 36.05
N GLU F 324 11.91 -83.18 36.75
CA GLU F 324 10.82 -83.56 37.65
C GLU F 324 11.23 -83.32 39.09
N VAL F 325 10.29 -82.83 39.89
CA VAL F 325 10.51 -82.61 41.32
C VAL F 325 10.14 -83.89 42.06
N THR F 326 11.14 -84.56 42.64
CA THR F 326 10.91 -85.77 43.40
C THR F 326 11.14 -85.59 44.90
N ASN F 327 11.89 -84.58 45.31
CA ASN F 327 12.15 -84.33 46.72
C ASN F 327 11.17 -83.29 47.25
N ASP F 328 11.25 -83.01 48.55
CA ASP F 328 10.38 -82.03 49.16
C ASP F 328 10.69 -80.62 48.64
N PHE F 329 9.71 -79.74 48.73
CA PHE F 329 9.76 -78.46 48.06
C PHE F 329 9.07 -77.40 48.92
N VAL F 330 9.34 -76.15 48.60
CA VAL F 330 8.66 -75.00 49.20
C VAL F 330 7.98 -74.22 48.11
N MET F 331 6.80 -73.69 48.42
CA MET F 331 5.98 -72.94 47.47
C MET F 331 5.93 -71.50 47.92
N LEU F 332 6.58 -70.62 47.15
CA LEU F 332 6.73 -69.22 47.52
C LEU F 332 5.85 -68.35 46.63
N LYS F 333 5.11 -67.43 47.24
CA LYS F 333 4.23 -66.54 46.49
C LYS F 333 5.04 -65.53 45.70
N GLY F 334 4.70 -65.37 44.42
CA GLY F 334 5.37 -64.42 43.56
C GLY F 334 6.62 -65.00 42.94
N CYS F 335 7.05 -64.35 41.85
CA CYS F 335 8.26 -64.78 41.15
C CYS F 335 9.50 -64.46 41.97
N VAL F 336 10.55 -65.25 41.75
CA VAL F 336 11.81 -65.10 42.47
C VAL F 336 12.91 -64.84 41.45
N VAL F 337 14.06 -64.40 41.95
CA VAL F 337 15.19 -64.10 41.09
C VAL F 337 15.84 -65.40 40.61
N GLY F 338 16.40 -65.37 39.41
CA GLY F 338 17.10 -66.51 38.86
C GLY F 338 16.29 -67.27 37.83
N THR F 339 17.00 -68.00 36.99
CA THR F 339 16.41 -68.80 35.93
C THR F 339 16.16 -70.22 36.42
N LYS F 340 15.85 -71.14 35.51
CA LYS F 340 15.70 -72.54 35.86
C LYS F 340 17.07 -73.14 36.22
N LYS F 341 17.03 -74.13 37.11
CA LYS F 341 18.20 -74.80 37.70
C LYS F 341 19.09 -73.84 38.47
N ARG F 342 18.64 -72.63 38.77
CA ARG F 342 19.45 -71.67 39.49
C ARG F 342 19.43 -71.97 40.98
N VAL F 343 20.61 -71.91 41.60
CA VAL F 343 20.72 -72.11 43.04
C VAL F 343 20.15 -70.88 43.75
N LEU F 344 19.30 -71.13 44.74
CA LEU F 344 18.60 -70.07 45.46
C LEU F 344 18.84 -70.19 46.96
N THR F 345 19.12 -69.06 47.58
CA THR F 345 19.36 -68.98 49.02
C THR F 345 18.07 -68.55 49.72
N LEU F 346 17.57 -69.40 50.61
CA LEU F 346 16.41 -69.09 51.43
C LEU F 346 16.88 -68.69 52.82
N ARG F 347 16.33 -67.59 53.34
CA ARG F 347 16.77 -67.01 54.60
C ARG F 347 15.57 -66.48 55.37
N LYS F 348 15.63 -66.61 56.69
CA LYS F 348 14.59 -66.04 57.55
C LYS F 348 14.66 -64.51 57.51
N SER F 349 13.54 -63.89 57.90
CA SER F 349 13.41 -62.44 57.82
C SER F 349 14.27 -61.75 58.87
N LEU F 350 14.80 -60.58 58.49
CA LEU F 350 15.56 -59.73 59.39
C LEU F 350 14.69 -58.72 60.13
N LEU F 351 13.37 -58.76 59.93
CA LEU F 351 12.47 -57.76 60.49
C LEU F 351 11.32 -58.48 61.21
N VAL F 352 10.78 -57.82 62.23
CA VAL F 352 9.72 -58.39 63.04
C VAL F 352 8.42 -58.32 62.26
N GLN F 353 7.89 -59.47 61.87
CA GLN F 353 6.71 -59.55 61.00
C GLN F 353 5.44 -59.51 61.86
N THR F 354 4.86 -58.33 62.00
CA THR F 354 3.55 -58.16 62.66
C THR F 354 2.70 -57.30 61.73
N LYS F 355 2.03 -57.95 60.77
CA LYS F 355 1.16 -57.27 59.82
C LYS F 355 -0.03 -58.18 59.53
N ARG F 356 -1.05 -57.60 58.89
CA ARG F 356 -2.18 -58.42 58.44
C ARG F 356 -1.77 -59.31 57.27
N ARG F 357 -0.85 -58.83 56.43
CA ARG F 357 -0.38 -59.62 55.30
C ARG F 357 0.52 -60.77 55.72
N ALA F 358 1.43 -60.53 56.67
CA ALA F 358 2.44 -61.53 57.01
C ALA F 358 1.94 -62.57 58.00
N LEU F 359 0.81 -62.34 58.66
CA LEU F 359 0.26 -63.28 59.63
C LEU F 359 -1.00 -63.97 59.12
N GLU F 360 -1.33 -63.82 57.85
CA GLU F 360 -2.52 -64.46 57.28
C GLU F 360 -2.20 -65.89 56.91
N LYS F 361 -2.98 -66.83 57.45
CA LYS F 361 -2.82 -68.23 57.09
C LYS F 361 -3.39 -68.49 55.70
N ILE F 362 -2.88 -69.53 55.04
CA ILE F 362 -3.25 -69.85 53.67
C ILE F 362 -3.84 -71.24 53.64
N ASP F 363 -5.01 -71.37 53.01
CA ASP F 363 -5.66 -72.66 52.78
C ASP F 363 -5.79 -72.87 51.28
N LEU F 364 -4.95 -73.73 50.72
CA LEU F 364 -4.98 -74.01 49.29
C LEU F 364 -6.24 -74.77 48.91
N LYS F 365 -6.82 -74.39 47.78
CA LYS F 365 -8.02 -75.03 47.27
C LYS F 365 -7.78 -75.84 46.00
N PHE F 366 -6.89 -75.37 45.11
CA PHE F 366 -6.62 -76.06 43.86
C PHE F 366 -5.24 -75.64 43.37
N ILE F 367 -4.43 -76.61 42.97
CA ILE F 367 -3.10 -76.37 42.43
C ILE F 367 -3.09 -76.76 40.96
N ASP F 368 -2.68 -75.84 40.10
CA ASP F 368 -2.70 -76.06 38.66
C ASP F 368 -1.48 -76.90 38.27
N THR F 369 -1.73 -78.13 37.83
CA THR F 369 -0.68 -79.03 37.38
C THR F 369 -0.76 -79.29 35.88
N THR F 370 -1.33 -78.34 35.13
CA THR F 370 -1.43 -78.48 33.69
C THR F 370 -0.08 -78.25 33.04
N SER F 371 0.04 -78.70 31.79
CA SER F 371 1.32 -78.63 31.08
C SER F 371 1.71 -77.19 30.80
N LYS F 372 2.94 -76.84 31.15
CA LYS F 372 3.49 -75.52 30.88
C LYS F 372 4.31 -75.49 29.60
N PHE F 373 4.36 -76.60 28.87
CA PHE F 373 5.06 -76.69 27.59
C PHE F 373 4.13 -76.32 26.44
N GLY F 374 3.45 -75.18 26.59
CA GLY F 374 2.39 -74.78 25.68
C GLY F 374 1.10 -74.53 26.45
N HIS F 375 0.04 -74.30 25.68
CA HIS F 375 -1.29 -74.05 26.25
C HIS F 375 -1.90 -75.37 26.71
N GLY F 376 -1.54 -75.79 27.91
CA GLY F 376 -2.09 -77.02 28.45
C GLY F 376 -3.54 -76.86 28.86
N ARG F 377 -4.28 -77.98 28.84
CA ARG F 377 -5.69 -77.96 29.18
C ARG F 377 -6.11 -79.16 30.02
N PHE F 378 -5.17 -79.90 30.59
CA PHE F 378 -5.47 -81.08 31.39
C PHE F 378 -4.59 -81.09 32.64
N GLN F 379 -5.19 -81.43 33.77
CA GLN F 379 -4.43 -81.48 35.02
C GLN F 379 -3.59 -82.75 35.12
N THR F 380 -4.23 -83.91 35.02
CA THR F 380 -3.58 -85.20 35.14
C THR F 380 -3.57 -85.91 33.78
N VAL F 381 -2.76 -86.96 33.69
CA VAL F 381 -2.68 -87.74 32.47
C VAL F 381 -3.96 -88.55 32.27
N GLU F 382 -4.49 -89.13 33.34
CA GLU F 382 -5.69 -89.95 33.25
C GLU F 382 -6.95 -89.12 33.02
N GLU F 383 -6.95 -87.84 33.39
CA GLU F 383 -8.07 -86.97 33.05
C GLU F 383 -8.14 -86.74 31.54
N LYS F 384 -6.98 -86.55 30.91
CA LYS F 384 -6.93 -86.44 29.46
C LYS F 384 -7.35 -87.74 28.78
N LYS F 385 -7.00 -88.88 29.37
CA LYS F 385 -7.41 -90.17 28.81
C LYS F 385 -8.92 -90.33 28.86
N ALA F 386 -9.57 -89.87 29.93
CA ALA F 386 -11.02 -89.96 30.03
C ALA F 386 -11.72 -89.01 29.05
N PHE F 387 -11.06 -87.94 28.64
CA PHE F 387 -11.65 -86.99 27.68
C PHE F 387 -11.33 -87.39 26.24
N MET F 388 -10.07 -87.69 25.94
CA MET F 388 -9.69 -88.10 24.60
C MET F 388 -10.28 -89.46 24.24
N GLY F 389 -10.32 -90.38 25.19
CA GLY F 389 -10.76 -91.72 24.93
C GLY F 389 -9.66 -92.56 24.29
N PRO F 390 -10.04 -93.62 23.60
CA PRO F 390 -9.03 -94.42 22.88
C PRO F 390 -8.46 -93.67 21.70
N LEU F 391 -7.25 -94.03 21.34
CA LEU F 391 -6.54 -93.42 20.21
C LEU F 391 -6.30 -94.47 19.13
N LYS F 392 -5.60 -94.05 18.06
CA LYS F 392 -5.29 -94.97 16.98
C LYS F 392 -4.25 -96.01 17.42
N LYS F 393 -3.31 -95.60 18.28
CA LYS F 393 -2.20 -96.45 18.69
C LYS F 393 -2.58 -97.47 19.76
N ASP F 394 -3.87 -97.69 20.00
CA ASP F 394 -4.31 -98.67 20.98
C ASP F 394 -5.03 -99.84 20.30
N ALA G 1 122.01 4.88 6.16
CA ALA G 1 123.36 4.62 6.63
C ALA G 1 124.34 5.63 6.06
N CYS G 2 125.34 6.00 6.87
CA CYS G 2 126.35 6.97 6.42
C CYS G 2 127.31 6.32 5.44
N ALA G 3 128.00 5.27 5.87
CA ALA G 3 128.94 4.56 5.01
C ALA G 3 128.32 3.27 4.49
N ARG G 4 128.60 2.98 3.22
CA ARG G 4 128.05 1.82 2.54
C ARG G 4 129.17 0.81 2.28
N PRO G 5 128.93 -0.48 2.48
CA PRO G 5 130.02 -1.47 2.32
C PRO G 5 130.39 -1.72 0.87
N LEU G 6 131.35 -2.62 0.65
CA LEU G 6 131.84 -2.96 -0.68
C LEU G 6 131.54 -4.44 -0.93
N ILE G 7 130.56 -4.71 -1.79
CA ILE G 7 130.14 -6.07 -2.08
C ILE G 7 131.09 -6.68 -3.11
N SER G 8 131.57 -7.89 -2.84
CA SER G 8 132.50 -8.58 -3.72
C SER G 8 131.77 -9.48 -4.70
N VAL G 9 132.17 -9.43 -5.96
CA VAL G 9 131.60 -10.28 -6.99
C VAL G 9 132.23 -11.67 -6.90
N TYR G 10 131.41 -12.70 -7.03
CA TYR G 10 131.86 -14.08 -6.95
C TYR G 10 131.90 -14.72 -8.33
N SER G 11 132.86 -15.63 -8.51
CA SER G 11 133.03 -16.32 -9.78
C SER G 11 132.06 -17.50 -9.88
N GLU G 12 132.18 -18.27 -10.96
CA GLU G 12 131.31 -19.41 -11.20
C GLU G 12 131.66 -20.62 -10.34
N LYS G 13 132.84 -20.65 -9.72
CA LYS G 13 133.27 -21.77 -8.90
C LYS G 13 133.19 -21.47 -7.41
N GLY G 14 132.53 -20.38 -7.03
CA GLY G 14 132.35 -20.02 -5.65
C GLY G 14 133.44 -19.15 -5.06
N GLU G 15 134.60 -19.06 -5.72
CA GLU G 15 135.67 -18.22 -5.22
C GLU G 15 135.39 -16.75 -5.50
N SER G 16 135.89 -15.89 -4.62
CA SER G 16 135.64 -14.46 -4.75
C SER G 16 136.52 -13.86 -5.84
N SER G 17 135.90 -13.17 -6.79
CA SER G 17 136.63 -12.48 -7.83
C SER G 17 137.22 -11.18 -7.31
N GLY G 18 138.14 -10.62 -8.09
CA GLY G 18 138.78 -9.37 -7.71
C GLY G 18 137.89 -8.15 -7.82
N LYS G 19 136.85 -8.23 -8.63
CA LYS G 19 135.94 -7.09 -8.81
C LYS G 19 135.08 -6.89 -7.58
N ASN G 20 134.91 -5.64 -7.18
CA ASN G 20 134.08 -5.26 -6.05
C ASN G 20 133.18 -4.10 -6.44
N VAL G 21 131.91 -4.20 -6.06
CA VAL G 21 130.92 -3.19 -6.41
C VAL G 21 130.34 -2.62 -5.11
N THR G 22 130.22 -1.30 -5.06
CA THR G 22 129.64 -0.63 -3.90
C THR G 22 128.18 -1.02 -3.76
N LEU G 23 127.74 -1.24 -2.52
CA LEU G 23 126.36 -1.61 -2.26
C LEU G 23 125.42 -0.48 -2.66
N PRO G 24 124.37 -0.75 -3.42
CA PRO G 24 123.41 0.30 -3.77
C PRO G 24 122.66 0.79 -2.55
N ALA G 25 122.21 2.04 -2.65
CA ALA G 25 121.41 2.65 -1.59
C ALA G 25 120.00 2.06 -1.52
N VAL G 26 119.60 1.27 -2.51
CA VAL G 26 118.29 0.61 -2.47
C VAL G 26 118.22 -0.39 -1.32
N PHE G 27 119.34 -1.05 -1.03
CA PHE G 27 119.39 -2.00 0.10
C PHE G 27 119.37 -1.30 1.45
N LYS G 28 119.50 0.03 1.49
CA LYS G 28 119.37 0.80 2.71
C LYS G 28 117.99 1.44 2.86
N ALA G 29 117.04 1.04 2.02
CA ALA G 29 115.69 1.58 2.09
C ALA G 29 114.99 1.10 3.35
N PRO G 30 114.00 1.86 3.84
CA PRO G 30 113.26 1.43 5.03
C PRO G 30 112.47 0.14 4.80
N ILE G 31 112.36 -0.64 5.86
CA ILE G 31 111.67 -1.93 5.81
C ILE G 31 110.26 -1.73 6.36
N ARG G 32 109.26 -1.89 5.49
CA ARG G 32 107.85 -1.70 5.85
C ARG G 32 107.06 -2.93 5.44
N PRO G 33 107.02 -3.97 6.27
CA PRO G 33 106.24 -5.17 5.92
C PRO G 33 104.74 -4.90 5.79
N ASP G 34 104.20 -3.91 6.50
CA ASP G 34 102.78 -3.60 6.36
C ASP G 34 102.44 -3.09 4.97
N ILE G 35 103.28 -2.24 4.40
CA ILE G 35 103.05 -1.74 3.05
C ILE G 35 103.27 -2.85 2.02
N VAL G 36 104.30 -3.68 2.23
CA VAL G 36 104.54 -4.81 1.35
C VAL G 36 103.36 -5.77 1.38
N ASN G 37 102.84 -6.05 2.57
CA ASN G 37 101.64 -6.86 2.69
C ASN G 37 100.41 -6.18 2.08
N PHE G 38 100.36 -4.85 2.13
CA PHE G 38 99.25 -4.14 1.49
C PHE G 38 99.32 -4.25 -0.03
N VAL G 39 100.52 -4.09 -0.60
CA VAL G 39 100.68 -4.17 -2.04
C VAL G 39 100.51 -5.60 -2.54
N HIS G 40 101.10 -6.56 -1.83
CA HIS G 40 101.08 -7.95 -2.28
C HIS G 40 99.68 -8.54 -2.29
N THR G 41 98.89 -8.24 -1.25
CA THR G 41 97.52 -8.75 -1.18
C THR G 41 96.56 -8.00 -2.10
N ASN G 42 96.96 -6.85 -2.63
CA ASN G 42 96.14 -6.11 -3.58
C ASN G 42 96.50 -6.43 -5.02
N LEU G 43 97.78 -6.66 -5.30
CA LEU G 43 98.20 -7.00 -6.66
C LEU G 43 97.91 -8.44 -7.03
N ARG G 44 97.66 -9.32 -6.05
CA ARG G 44 97.27 -10.69 -6.34
C ARG G 44 95.81 -10.81 -6.77
N LYS G 45 95.01 -9.76 -6.57
CA LYS G 45 93.63 -9.78 -7.01
C LYS G 45 93.47 -9.40 -8.48
N ASN G 46 94.55 -8.94 -9.13
CA ASN G 46 94.49 -8.55 -10.53
C ASN G 46 94.67 -9.72 -11.47
N ASN G 47 95.45 -10.73 -11.10
CA ASN G 47 95.60 -11.93 -11.91
C ASN G 47 94.59 -13.00 -11.51
N ARG G 48 93.31 -12.60 -11.51
CA ARG G 48 92.22 -13.46 -11.08
C ARG G 48 91.16 -13.52 -12.17
N GLN G 49 90.71 -14.74 -12.47
CA GLN G 49 89.68 -14.95 -13.48
C GLN G 49 88.30 -14.99 -12.83
N PRO G 50 87.35 -14.24 -13.38
CA PRO G 50 86.03 -14.13 -12.74
C PRO G 50 85.24 -15.43 -12.77
N TYR G 51 84.49 -15.66 -11.70
CA TYR G 51 83.55 -16.78 -11.61
C TYR G 51 82.18 -16.25 -11.21
N ALA G 52 81.14 -16.85 -11.79
CA ALA G 52 79.78 -16.42 -11.51
C ALA G 52 78.81 -17.56 -11.79
N VAL G 53 77.76 -17.63 -10.97
CA VAL G 53 76.66 -18.54 -11.23
C VAL G 53 75.84 -18.00 -12.40
N SER G 54 75.31 -18.91 -13.22
CA SER G 54 74.51 -18.51 -14.36
C SER G 54 73.22 -17.81 -13.92
N GLU G 55 72.85 -16.78 -14.67
CA GLU G 55 71.66 -16.01 -14.36
C GLU G 55 70.37 -16.75 -14.68
N LEU G 56 70.44 -17.84 -15.45
CA LEU G 56 69.27 -18.67 -15.72
C LEU G 56 69.09 -19.79 -14.71
N ALA G 57 70.01 -19.93 -13.76
CA ALA G 57 69.93 -21.00 -12.78
C ALA G 57 68.76 -20.74 -11.83
N GLY G 58 67.85 -21.70 -11.75
CA GLY G 58 66.70 -21.57 -10.87
C GLY G 58 65.60 -20.67 -11.37
N HIS G 59 65.70 -20.18 -12.59
CA HIS G 59 64.70 -19.28 -13.16
C HIS G 59 64.03 -19.83 -14.41
N GLN G 60 64.46 -21.00 -14.87
CA GLN G 60 63.89 -21.62 -16.06
C GLN G 60 62.60 -22.37 -15.76
N THR G 61 62.26 -22.57 -14.49
CA THR G 61 61.05 -23.25 -14.12
C THR G 61 59.88 -22.27 -14.02
N SER G 62 58.69 -22.75 -14.36
CA SER G 62 57.47 -21.97 -14.25
C SER G 62 56.73 -22.43 -12.99
N ALA G 63 56.62 -21.53 -12.01
CA ALA G 63 56.07 -21.88 -10.72
C ALA G 63 55.11 -20.80 -10.25
N GLU G 64 54.18 -21.21 -9.39
CA GLU G 64 53.22 -20.30 -8.78
C GLU G 64 52.84 -20.85 -7.41
N SER G 65 52.77 -19.98 -6.42
CA SER G 65 52.39 -20.39 -5.09
C SER G 65 50.92 -20.77 -5.05
N TRP G 66 50.61 -21.74 -4.19
CA TRP G 66 49.22 -22.20 -4.03
C TRP G 66 48.42 -21.27 -3.14
N GLY G 67 49.01 -20.20 -2.62
CA GLY G 67 48.30 -19.26 -1.77
C GLY G 67 48.05 -19.84 -0.40
N THR G 68 47.13 -19.21 0.32
CA THR G 68 46.70 -19.68 1.62
C THR G 68 45.81 -20.90 1.45
N GLY G 69 45.68 -21.67 2.52
CA GLY G 69 44.94 -22.92 2.48
C GLY G 69 45.79 -24.07 1.98
N ARG G 70 45.12 -25.20 1.82
CA ARG G 70 45.68 -26.44 1.26
C ARG G 70 46.80 -27.02 2.12
N ALA G 71 46.98 -26.49 3.34
CA ALA G 71 47.96 -26.96 4.32
C ALA G 71 49.38 -26.98 3.78
N VAL G 72 49.72 -26.03 2.89
CA VAL G 72 51.08 -25.94 2.34
C VAL G 72 51.73 -24.67 2.84
N ALA G 73 53.02 -24.51 2.58
CA ALA G 73 53.84 -23.47 3.20
C ALA G 73 54.01 -22.24 2.31
N ARG G 74 53.04 -21.99 1.43
CA ARG G 74 52.89 -20.72 0.70
C ARG G 74 54.06 -20.45 -0.25
N ILE G 75 54.95 -21.42 -0.45
CA ILE G 75 56.11 -21.27 -1.32
C ILE G 75 55.65 -21.45 -2.76
N PRO G 76 56.26 -20.78 -3.74
CA PRO G 76 55.98 -21.11 -5.14
C PRO G 76 56.32 -22.56 -5.45
N ARG G 77 55.46 -23.21 -6.21
CA ARG G 77 55.55 -24.64 -6.46
C ARG G 77 55.36 -24.94 -7.95
N VAL G 78 55.84 -26.10 -8.36
CA VAL G 78 55.82 -26.50 -9.76
C VAL G 78 54.39 -26.72 -10.21
N ARG G 79 54.05 -26.21 -11.39
CA ARG G 79 52.68 -26.24 -11.89
C ARG G 79 52.35 -27.61 -12.46
N GLY G 80 51.78 -28.48 -11.61
CA GLY G 80 51.21 -29.73 -12.08
C GLY G 80 52.25 -30.71 -12.61
N GLY G 81 51.74 -31.76 -13.24
CA GLY G 81 52.55 -32.78 -13.85
C GLY G 81 52.48 -34.10 -13.10
N GLY G 82 52.54 -35.19 -13.87
CA GLY G 82 52.54 -36.52 -13.29
C GLY G 82 53.94 -37.04 -13.05
N THR G 83 54.72 -36.29 -12.26
CA THR G 83 56.11 -36.64 -11.99
C THR G 83 56.44 -36.26 -10.55
N HIS G 84 57.67 -36.56 -10.14
CA HIS G 84 58.10 -36.23 -8.79
C HIS G 84 58.18 -34.72 -8.58
N ARG G 85 58.74 -34.01 -9.57
CA ARG G 85 58.84 -32.55 -9.49
C ARG G 85 57.50 -31.96 -9.92
N SER G 86 56.56 -31.91 -8.98
CA SER G 86 55.24 -31.34 -9.22
C SER G 86 54.72 -30.81 -7.90
N GLY G 87 54.71 -29.49 -7.75
CA GLY G 87 54.41 -28.90 -6.46
C GLY G 87 55.49 -29.15 -5.42
N GLN G 88 56.76 -29.09 -5.84
CA GLN G 88 57.88 -29.39 -4.96
C GLN G 88 58.62 -28.16 -4.49
N GLY G 89 58.31 -26.98 -5.01
CA GLY G 89 59.03 -25.77 -4.64
C GLY G 89 60.18 -25.47 -5.58
N ALA G 90 60.10 -24.36 -6.31
CA ALA G 90 61.08 -24.03 -7.32
C ALA G 90 61.93 -22.83 -6.90
N PHE G 91 61.31 -21.70 -6.57
CA PHE G 91 62.07 -20.51 -6.22
C PHE G 91 62.37 -20.48 -4.72
N GLY G 92 63.29 -19.60 -4.34
CA GLY G 92 63.72 -19.48 -2.96
C GLY G 92 65.01 -20.22 -2.70
N ASN G 93 65.85 -19.67 -1.81
CA ASN G 93 67.13 -20.30 -1.51
C ASN G 93 67.00 -21.46 -0.53
N MET G 94 65.85 -21.62 0.13
CA MET G 94 65.67 -22.70 1.09
C MET G 94 65.23 -24.00 0.43
N CYS G 95 64.87 -23.98 -0.84
CA CYS G 95 64.30 -25.16 -1.50
C CYS G 95 65.37 -25.93 -2.26
N ARG G 96 65.11 -27.21 -2.49
CA ARG G 96 66.00 -28.02 -3.31
C ARG G 96 65.95 -27.52 -4.75
N GLY G 97 67.13 -27.38 -5.35
CA GLY G 97 67.22 -26.74 -6.64
C GLY G 97 66.95 -25.26 -6.53
N GLY G 98 66.63 -24.65 -7.66
CA GLY G 98 66.27 -23.26 -7.69
C GLY G 98 67.46 -22.34 -7.50
N ARG G 99 67.17 -21.04 -7.46
CA ARG G 99 68.20 -20.04 -7.31
C ARG G 99 68.75 -20.01 -5.89
N MET G 100 70.05 -19.78 -5.79
CA MET G 100 70.68 -19.53 -4.50
C MET G 100 70.64 -18.04 -4.17
N PHE G 101 70.73 -17.74 -2.87
CA PHE G 101 70.63 -16.36 -2.42
C PHE G 101 71.80 -15.52 -2.93
N ALA G 102 71.47 -14.35 -3.48
CA ALA G 102 72.43 -13.40 -4.03
C ALA G 102 73.36 -14.05 -5.05
N PRO G 103 72.85 -14.37 -6.27
CA PRO G 103 73.71 -15.00 -7.29
C PRO G 103 74.92 -14.15 -7.65
N THR G 104 76.10 -14.77 -7.63
CA THR G 104 77.33 -14.06 -7.91
C THR G 104 77.36 -13.59 -9.36
N LYS G 105 77.78 -12.35 -9.56
CA LYS G 105 77.82 -11.74 -10.88
C LYS G 105 79.25 -11.64 -11.38
N THR G 106 79.38 -11.45 -12.70
CA THR G 106 80.69 -11.28 -13.31
C THR G 106 81.28 -9.91 -13.02
N TRP G 107 80.45 -8.90 -12.73
CA TRP G 107 80.92 -7.54 -12.56
C TRP G 107 81.28 -7.21 -11.12
N ARG G 108 81.66 -8.21 -10.33
CA ARG G 108 82.26 -7.96 -9.03
C ARG G 108 83.63 -7.29 -9.22
N ARG G 109 84.00 -6.45 -8.27
CA ARG G 109 85.26 -5.70 -8.37
C ARG G 109 86.41 -6.66 -8.06
N TRP G 110 86.87 -7.38 -9.10
CA TRP G 110 87.94 -8.33 -8.91
C TRP G 110 89.29 -7.64 -8.74
N HIS G 111 89.55 -6.62 -9.55
CA HIS G 111 90.87 -5.99 -9.63
C HIS G 111 90.97 -4.80 -8.69
N ARG G 112 92.20 -4.53 -8.26
CA ARG G 112 92.53 -3.41 -7.38
C ARG G 112 93.72 -2.68 -7.95
N ARG G 113 93.72 -1.35 -7.83
CA ARG G 113 94.81 -0.52 -8.31
C ARG G 113 95.56 0.09 -7.14
N VAL G 114 96.88 0.17 -7.27
CA VAL G 114 97.76 0.70 -6.23
C VAL G 114 98.51 1.90 -6.82
N ASN G 115 98.82 2.88 -5.98
CA ASN G 115 99.57 4.04 -6.42
C ASN G 115 100.96 3.63 -6.90
N THR G 116 101.46 4.35 -7.91
CA THR G 116 102.76 4.04 -8.49
C THR G 116 103.88 4.20 -7.47
N THR G 117 103.79 5.25 -6.63
CA THR G 117 104.79 5.43 -5.58
C THR G 117 104.71 4.33 -4.54
N GLN G 118 103.52 3.82 -4.26
CA GLN G 118 103.37 2.71 -3.31
C GLN G 118 103.85 1.40 -3.90
N LYS G 119 103.64 1.19 -5.20
CA LYS G 119 104.18 -0.01 -5.86
C LYS G 119 105.70 -0.01 -5.84
N ARG G 120 106.32 1.14 -6.08
CA ARG G 120 107.76 1.26 -6.03
C ARG G 120 108.30 1.24 -4.61
N TYR G 121 107.46 1.58 -3.63
CA TYR G 121 107.93 1.60 -2.25
C TYR G 121 108.14 0.20 -1.71
N ALA G 122 107.22 -0.73 -2.02
CA ALA G 122 107.34 -2.09 -1.53
C ALA G 122 108.49 -2.84 -2.18
N ILE G 123 108.77 -2.54 -3.45
CA ILE G 123 109.91 -3.16 -4.12
C ILE G 123 111.22 -2.74 -3.47
N CYS G 124 111.34 -1.46 -3.11
CA CYS G 124 112.51 -0.99 -2.37
C CYS G 124 112.60 -1.66 -1.00
N SER G 125 111.47 -1.85 -0.33
CA SER G 125 111.47 -2.56 0.94
C SER G 125 111.78 -4.04 0.75
N ALA G 126 111.32 -4.63 -0.35
CA ALA G 126 111.60 -6.03 -0.62
C ALA G 126 113.07 -6.26 -0.95
N LEU G 127 113.70 -5.35 -1.70
CA LEU G 127 115.11 -5.50 -2.04
C LEU G 127 115.98 -5.27 -0.82
N ALA G 128 115.64 -4.28 0.01
CA ALA G 128 116.46 -3.95 1.17
C ALA G 128 116.41 -5.03 2.24
N ALA G 129 115.28 -5.72 2.38
CA ALA G 129 115.18 -6.79 3.35
C ALA G 129 115.83 -8.09 2.89
N SER G 130 116.18 -8.19 1.61
CA SER G 130 116.84 -9.36 1.07
C SER G 130 118.35 -9.36 1.33
N ALA G 131 118.89 -8.28 1.88
CA ALA G 131 120.32 -8.19 2.21
C ALA G 131 120.61 -8.38 3.68
N LEU G 132 119.58 -8.42 4.53
CA LEU G 132 119.77 -8.66 5.95
C LEU G 132 119.75 -10.16 6.22
N PRO G 133 120.80 -10.72 6.83
CA PRO G 133 120.84 -12.18 7.03
C PRO G 133 119.73 -12.72 7.92
N ALA G 134 119.29 -11.95 8.92
CA ALA G 134 118.29 -12.47 9.86
C ALA G 134 116.93 -12.61 9.22
N LEU G 135 116.55 -11.69 8.32
CA LEU G 135 115.23 -11.73 7.72
C LEU G 135 115.07 -12.87 6.73
N VAL G 136 116.14 -13.21 5.99
CA VAL G 136 116.05 -14.27 5.00
C VAL G 136 115.97 -15.64 5.69
N MET G 137 116.60 -15.78 6.87
CA MET G 137 116.46 -17.01 7.65
C MET G 137 115.00 -17.25 8.03
N SER G 138 114.28 -16.19 8.38
CA SER G 138 112.88 -16.29 8.74
C SER G 138 111.99 -16.68 7.56
N LYS G 139 112.50 -16.58 6.33
CA LYS G 139 111.80 -17.09 5.16
C LYS G 139 112.03 -18.57 4.94
N GLY G 140 112.85 -19.21 5.78
CA GLY G 140 113.12 -20.62 5.67
C GLY G 140 114.22 -21.02 4.71
N HIS G 141 114.92 -20.05 4.14
CA HIS G 141 115.96 -20.36 3.15
C HIS G 141 117.17 -21.01 3.80
N ARG G 142 117.62 -22.11 3.21
CA ARG G 142 118.73 -22.90 3.75
C ARG G 142 120.01 -22.45 3.04
N ILE G 143 120.49 -21.26 3.43
CA ILE G 143 121.63 -20.64 2.76
C ILE G 143 122.71 -20.26 3.76
N GLU G 144 122.83 -21.00 4.85
CA GLU G 144 123.85 -20.72 5.86
C GLU G 144 125.27 -20.91 5.34
N GLU G 145 125.45 -21.64 4.24
CA GLU G 145 126.75 -21.85 3.64
C GLU G 145 127.08 -20.84 2.56
N VAL G 146 126.20 -19.89 2.29
CA VAL G 146 126.46 -18.87 1.26
C VAL G 146 127.55 -17.93 1.76
N PRO G 147 128.57 -17.64 0.94
CA PRO G 147 129.65 -16.76 1.43
C PRO G 147 129.20 -15.34 1.74
N GLU G 148 128.44 -14.71 0.84
CA GLU G 148 127.94 -13.36 1.07
C GLU G 148 126.49 -13.29 0.60
N LEU G 149 125.60 -12.82 1.47
CA LEU G 149 124.17 -12.77 1.17
C LEU G 149 123.86 -11.85 -0.01
N PRO G 150 124.44 -10.64 -0.13
CA PRO G 150 124.33 -9.93 -1.41
C PRO G 150 125.13 -10.63 -2.49
N LEU G 151 124.58 -11.75 -2.99
CA LEU G 151 125.32 -12.65 -3.88
C LEU G 151 125.42 -12.03 -5.26
N VAL G 152 126.62 -11.59 -5.62
CA VAL G 152 126.89 -10.99 -6.92
C VAL G 152 127.76 -11.95 -7.72
N VAL G 153 127.27 -12.34 -8.90
CA VAL G 153 127.93 -13.33 -9.74
C VAL G 153 128.37 -12.63 -11.02
N GLU G 154 129.46 -13.12 -11.61
CA GLU G 154 129.97 -12.55 -12.84
C GLU G 154 128.98 -12.73 -13.99
N ASP G 155 129.18 -11.93 -15.05
CA ASP G 155 128.28 -11.90 -16.19
C ASP G 155 128.48 -13.07 -17.15
N LYS G 156 129.29 -14.06 -16.77
CA LYS G 156 129.50 -15.23 -17.62
C LYS G 156 128.30 -16.18 -17.59
N VAL G 157 127.51 -16.14 -16.52
CA VAL G 157 126.38 -17.07 -16.38
C VAL G 157 125.23 -16.76 -17.33
N GLU G 158 125.21 -15.58 -17.95
CA GLU G 158 124.24 -15.33 -19.00
C GLU G 158 124.48 -16.21 -20.21
N GLY G 159 125.74 -16.60 -20.45
CA GLY G 159 126.08 -17.48 -21.54
C GLY G 159 125.82 -18.94 -21.29
N TYR G 160 125.30 -19.29 -20.12
CA TYR G 160 124.92 -20.68 -19.84
C TYR G 160 123.77 -21.11 -20.74
N LYS G 161 123.84 -22.36 -21.21
CA LYS G 161 122.79 -22.90 -22.06
C LYS G 161 122.38 -24.31 -21.65
N LYS G 162 122.93 -24.87 -20.59
CA LYS G 162 122.60 -26.19 -20.10
C LYS G 162 122.26 -26.12 -18.62
N THR G 163 121.31 -26.96 -18.19
CA THR G 163 120.93 -26.99 -16.79
C THR G 163 122.00 -27.61 -15.89
N LYS G 164 122.91 -28.40 -16.46
CA LYS G 164 123.99 -28.96 -15.66
C LYS G 164 124.97 -27.88 -15.21
N GLU G 165 125.17 -26.85 -16.04
CA GLU G 165 125.99 -25.72 -15.61
C GLU G 165 125.31 -24.93 -14.50
N ALA G 166 123.98 -24.77 -14.59
CA ALA G 166 123.25 -24.04 -13.56
C ALA G 166 123.23 -24.80 -12.24
N VAL G 167 123.10 -26.13 -12.29
CA VAL G 167 123.16 -26.93 -11.07
C VAL G 167 124.53 -26.85 -10.42
N LEU G 168 125.59 -26.93 -11.24
CA LEU G 168 126.95 -26.85 -10.72
C LEU G 168 127.23 -25.48 -10.12
N LEU G 169 126.67 -24.42 -10.72
CA LEU G 169 126.83 -23.08 -10.16
C LEU G 169 126.20 -22.98 -8.78
N LEU G 170 125.02 -23.58 -8.60
CA LEU G 170 124.38 -23.57 -7.28
C LEU G 170 125.15 -24.40 -6.27
N LYS G 171 125.77 -25.50 -6.71
CA LYS G 171 126.63 -26.27 -5.82
C LYS G 171 127.86 -25.46 -5.40
N LYS G 172 128.46 -24.74 -6.35
CA LYS G 172 129.65 -23.95 -6.04
C LYS G 172 129.32 -22.76 -5.15
N LEU G 173 128.16 -22.15 -5.34
CA LEU G 173 127.72 -21.04 -4.51
C LEU G 173 127.09 -21.50 -3.19
N LYS G 174 126.96 -22.82 -3.00
CA LYS G 174 126.41 -23.42 -1.77
C LYS G 174 124.97 -22.97 -1.53
N ALA G 175 124.26 -22.65 -2.60
CA ALA G 175 122.84 -22.38 -2.56
C ALA G 175 122.00 -23.60 -2.91
N TRP G 176 122.64 -24.73 -3.21
CA TRP G 176 121.93 -25.93 -3.62
C TRP G 176 121.06 -26.50 -2.49
N ASN G 177 121.41 -26.19 -1.24
CA ASN G 177 120.65 -26.70 -0.10
C ASN G 177 119.22 -26.16 -0.08
N ASP G 178 118.98 -24.98 -0.63
CA ASP G 178 117.62 -24.47 -0.71
C ASP G 178 116.82 -25.19 -1.81
N ILE G 179 117.48 -25.51 -2.92
CA ILE G 179 116.83 -26.32 -3.96
C ILE G 179 116.62 -27.75 -3.45
N LYS G 180 117.57 -28.27 -2.67
CA LYS G 180 117.38 -29.57 -2.03
C LYS G 180 116.22 -29.54 -1.05
N LYS G 181 115.96 -28.39 -0.43
CA LYS G 181 114.80 -28.24 0.44
C LYS G 181 113.51 -28.22 -0.36
N VAL G 182 113.56 -27.83 -1.63
CA VAL G 182 112.37 -27.81 -2.47
C VAL G 182 111.90 -29.24 -2.74
N TYR G 183 112.84 -30.16 -2.98
CA TYR G 183 112.48 -31.56 -3.20
C TYR G 183 111.74 -32.15 -2.01
N ALA G 184 112.15 -31.81 -0.79
CA ALA G 184 111.47 -32.32 0.39
C ALA G 184 110.09 -31.68 0.56
N SER G 185 109.82 -30.57 -0.10
CA SER G 185 108.58 -29.84 0.03
C SER G 185 107.57 -30.16 -1.06
N GLN G 186 107.86 -31.14 -1.91
CA GLN G 186 106.96 -31.50 -2.99
C GLN G 186 105.97 -32.53 -2.49
N ARG G 187 104.69 -32.14 -2.42
CA ARG G 187 103.63 -33.03 -2.00
C ARG G 187 102.34 -32.56 -2.66
N MET G 188 101.41 -33.49 -2.83
CA MET G 188 100.13 -33.15 -3.42
C MET G 188 99.25 -32.39 -2.44
N ARG G 189 98.50 -31.42 -2.96
CA ARG G 189 97.85 -30.40 -2.15
C ARG G 189 96.68 -30.97 -1.35
N ALA G 190 96.40 -30.32 -0.22
CA ALA G 190 95.21 -30.64 0.57
C ALA G 190 94.00 -29.89 0.03
N GLY G 191 92.89 -30.60 -0.08
CA GLY G 191 91.61 -29.99 -0.40
C GLY G 191 91.16 -30.25 -1.82
N LYS G 192 90.31 -29.35 -2.31
CA LYS G 192 89.71 -29.47 -3.63
C LYS G 192 90.60 -28.95 -4.75
N GLY G 193 91.78 -28.41 -4.43
CA GLY G 193 92.66 -27.90 -5.45
C GLY G 193 93.27 -28.96 -6.34
N LYS G 194 93.30 -30.22 -5.89
CA LYS G 194 93.88 -31.29 -6.67
C LYS G 194 93.10 -31.55 -7.95
N MET G 195 91.77 -31.35 -7.92
CA MET G 195 90.92 -31.54 -9.09
C MET G 195 90.65 -30.23 -9.82
N ARG G 196 91.37 -29.17 -9.49
CA ARG G 196 91.24 -27.88 -10.15
C ARG G 196 92.60 -27.39 -10.65
N ASN G 197 93.39 -28.32 -11.20
CA ASN G 197 94.69 -28.04 -11.83
C ASN G 197 95.68 -27.43 -10.85
N ARG G 198 95.55 -27.78 -9.57
CA ARG G 198 96.52 -27.38 -8.55
C ARG G 198 96.93 -28.60 -7.73
N ARG G 199 97.27 -29.69 -8.42
CA ARG G 199 97.53 -30.96 -7.75
C ARG G 199 98.76 -30.89 -6.86
N ARG G 200 99.85 -30.32 -7.36
CA ARG G 200 101.13 -30.35 -6.67
C ARG G 200 101.54 -28.95 -6.22
N ILE G 201 102.09 -28.88 -5.01
CA ILE G 201 102.59 -27.63 -4.44
C ILE G 201 104.02 -27.88 -3.94
N GLN G 202 104.78 -26.80 -3.88
CA GLN G 202 106.18 -26.88 -3.46
C GLN G 202 106.62 -25.53 -2.91
N ARG G 203 107.74 -25.56 -2.20
CA ARG G 203 108.30 -24.35 -1.60
C ARG G 203 108.97 -23.48 -2.67
N ARG G 204 108.96 -22.18 -2.44
CA ARG G 204 109.71 -21.25 -3.27
C ARG G 204 111.21 -21.53 -3.14
N GLY G 205 111.93 -21.31 -4.24
CA GLY G 205 113.37 -21.42 -4.22
C GLY G 205 114.03 -20.07 -4.33
N PRO G 206 115.33 -20.05 -4.62
CA PRO G 206 116.03 -18.78 -4.80
C PRO G 206 115.62 -18.10 -6.10
N CYS G 207 115.75 -16.77 -6.10
CA CYS G 207 115.37 -15.95 -7.24
C CYS G 207 116.64 -15.44 -7.92
N VAL G 208 116.73 -15.65 -9.23
CA VAL G 208 117.87 -15.24 -10.03
C VAL G 208 117.48 -14.02 -10.83
N ILE G 209 118.23 -12.93 -10.66
CA ILE G 209 117.94 -11.66 -11.32
C ILE G 209 119.04 -11.41 -12.34
N TYR G 210 118.64 -11.22 -13.60
CA TYR G 210 119.57 -11.05 -14.71
C TYR G 210 119.33 -9.72 -15.40
N ASN G 211 120.42 -9.07 -15.80
CA ASN G 211 120.31 -7.82 -16.55
C ASN G 211 119.87 -8.08 -17.99
N GLU G 212 120.45 -9.09 -18.63
CA GLU G 212 120.13 -9.44 -20.00
C GLU G 212 119.91 -10.95 -20.11
N ASP G 213 119.17 -11.34 -21.14
CA ASP G 213 118.86 -12.74 -21.40
C ASP G 213 119.72 -13.22 -22.56
N ASN G 214 120.58 -14.20 -22.29
CA ASN G 214 121.43 -14.79 -23.32
C ASN G 214 121.39 -16.32 -23.25
N GLY G 215 120.42 -16.88 -22.55
CA GLY G 215 120.32 -18.32 -22.39
C GLY G 215 120.22 -18.73 -20.94
N ILE G 216 120.36 -17.75 -20.04
CA ILE G 216 120.29 -18.03 -18.60
C ILE G 216 118.88 -18.48 -18.22
N VAL G 217 117.85 -17.92 -18.85
CA VAL G 217 116.48 -18.34 -18.58
C VAL G 217 116.27 -19.79 -18.97
N LYS G 218 116.78 -20.19 -20.14
CA LYS G 218 116.62 -21.57 -20.60
C LYS G 218 117.34 -22.55 -19.68
N ALA G 219 118.55 -22.19 -19.22
CA ALA G 219 119.36 -23.11 -18.43
C ALA G 219 118.92 -23.18 -16.97
N PHE G 220 118.06 -22.26 -16.52
CA PHE G 220 117.65 -22.22 -15.12
C PHE G 220 116.19 -22.57 -14.89
N ARG G 221 115.36 -22.58 -15.94
CA ARG G 221 113.92 -22.77 -15.76
C ARG G 221 113.54 -24.20 -15.42
N ASN G 222 114.41 -25.17 -15.67
CA ASN G 222 114.10 -26.56 -15.35
C ASN G 222 114.35 -26.91 -13.89
N ILE G 223 115.07 -26.08 -13.17
CA ILE G 223 115.27 -26.31 -11.74
C ILE G 223 114.06 -25.78 -10.98
N PRO G 224 113.34 -26.61 -10.23
CA PRO G 224 112.17 -26.12 -9.50
C PRO G 224 112.56 -25.13 -8.41
N GLY G 225 111.71 -24.13 -8.21
CA GLY G 225 111.96 -23.10 -7.23
C GLY G 225 112.69 -21.90 -7.82
N ILE G 226 113.50 -22.13 -8.85
CA ILE G 226 114.21 -21.04 -9.51
C ILE G 226 113.22 -20.20 -10.29
N THR G 227 113.15 -18.91 -9.97
CA THR G 227 112.32 -17.96 -10.69
C THR G 227 113.22 -16.87 -11.28
N LEU G 228 113.03 -16.61 -12.57
CA LEU G 228 113.84 -15.63 -13.28
C LEU G 228 113.13 -14.28 -13.29
N LEU G 229 113.91 -13.22 -13.14
CA LEU G 229 113.37 -11.87 -13.08
C LEU G 229 114.33 -10.91 -13.78
N ASN G 230 113.78 -10.04 -14.62
CA ASN G 230 114.57 -9.02 -15.30
C ASN G 230 114.80 -7.85 -14.34
N VAL G 231 115.89 -7.12 -14.58
CA VAL G 231 116.23 -6.01 -13.70
C VAL G 231 115.25 -4.85 -13.85
N THR G 232 114.96 -4.44 -15.08
CA THR G 232 114.06 -3.31 -15.29
C THR G 232 112.62 -3.66 -14.94
N LYS G 233 112.25 -4.94 -15.02
CA LYS G 233 110.89 -5.39 -14.76
C LYS G 233 110.92 -6.30 -13.54
N LEU G 234 110.80 -5.70 -12.36
CA LEU G 234 110.72 -6.45 -11.11
C LEU G 234 109.27 -6.77 -10.81
N ASN G 235 109.05 -7.58 -9.77
CA ASN G 235 107.70 -8.00 -9.41
C ASN G 235 107.66 -8.23 -7.90
N ILE G 236 106.72 -7.56 -7.22
CA ILE G 236 106.56 -7.76 -5.79
C ILE G 236 105.91 -9.10 -5.48
N LEU G 237 105.19 -9.70 -6.43
CA LEU G 237 104.58 -11.00 -6.22
C LEU G 237 105.60 -12.13 -6.24
N LYS G 238 106.77 -11.92 -6.83
CA LYS G 238 107.83 -12.91 -6.86
C LYS G 238 109.02 -12.55 -5.98
N LEU G 239 109.10 -11.31 -5.52
CA LEU G 239 110.14 -10.91 -4.57
C LEU G 239 109.70 -11.06 -3.12
N ALA G 240 108.40 -10.97 -2.85
CA ALA G 240 107.85 -11.19 -1.51
C ALA G 240 106.70 -12.17 -1.63
N PRO G 241 107.01 -13.47 -1.70
CA PRO G 241 105.95 -14.49 -1.86
C PRO G 241 105.13 -14.63 -0.59
N GLY G 242 103.81 -14.58 -0.73
CA GLY G 242 102.92 -14.75 0.39
C GLY G 242 102.73 -13.53 1.27
N GLY G 243 103.33 -12.40 0.92
CA GLY G 243 103.27 -11.20 1.72
C GLY G 243 104.45 -11.02 2.64
N HIS G 244 105.13 -12.10 3.01
CA HIS G 244 106.33 -12.01 3.81
C HIS G 244 107.51 -11.59 2.94
N VAL G 245 108.48 -10.93 3.57
CA VAL G 245 109.57 -10.29 2.86
C VAL G 245 110.88 -10.96 3.26
N GLY G 246 111.86 -10.92 2.35
CA GLY G 246 113.15 -11.52 2.61
C GLY G 246 113.43 -12.79 1.85
N ARG G 247 113.06 -12.83 0.57
CA ARG G 247 113.39 -13.95 -0.29
C ARG G 247 114.87 -13.91 -0.66
N PHE G 248 115.50 -15.08 -0.74
CA PHE G 248 116.88 -15.16 -1.20
C PHE G 248 116.96 -14.76 -2.66
N CYS G 249 117.87 -13.83 -2.96
CA CYS G 249 118.04 -13.30 -4.31
C CYS G 249 119.48 -13.49 -4.76
N ILE G 250 119.65 -13.90 -6.01
CA ILE G 250 120.96 -14.06 -6.63
C ILE G 250 121.07 -13.06 -7.77
N TRP G 251 122.12 -12.24 -7.75
CA TRP G 251 122.30 -11.17 -8.70
C TRP G 251 123.53 -11.40 -9.56
N THR G 252 123.46 -10.98 -10.81
CA THR G 252 124.65 -10.91 -11.65
C THR G 252 125.30 -9.54 -11.50
N GLU G 253 126.51 -9.41 -12.04
CA GLU G 253 127.27 -8.16 -11.85
C GLU G 253 126.59 -6.98 -12.52
N SER G 254 126.14 -7.16 -13.76
CA SER G 254 125.39 -6.11 -14.43
C SER G 254 124.03 -5.87 -13.80
N ALA G 255 123.41 -6.91 -13.23
CA ALA G 255 122.18 -6.73 -12.47
C ALA G 255 122.43 -5.91 -11.20
N PHE G 256 123.55 -6.17 -10.53
CA PHE G 256 123.83 -5.54 -9.25
C PHE G 256 124.23 -4.08 -9.42
N ARG G 257 124.77 -3.72 -10.58
CA ARG G 257 125.18 -2.34 -10.84
C ARG G 257 124.05 -1.48 -11.40
N LYS G 258 123.00 -2.08 -11.94
CA LYS G 258 121.90 -1.32 -12.52
C LYS G 258 120.90 -0.83 -11.48
N LEU G 259 121.07 -1.23 -10.20
CA LEU G 259 120.13 -0.80 -9.18
C LEU G 259 120.30 0.67 -8.84
N ASP G 260 121.51 1.21 -9.02
CA ASP G 260 121.77 2.63 -8.81
C ASP G 260 121.15 3.51 -9.87
N ASP G 261 120.71 2.94 -11.00
CA ASP G 261 120.12 3.74 -12.07
C ASP G 261 118.60 3.60 -12.13
N LEU G 262 118.04 2.54 -11.57
CA LEU G 262 116.59 2.35 -11.55
C LEU G 262 115.93 3.02 -10.36
N TYR G 263 116.65 3.21 -9.26
CA TYR G 263 116.12 3.87 -8.09
C TYR G 263 117.00 4.99 -7.55
N GLY G 264 118.30 4.97 -7.83
CA GLY G 264 119.17 6.05 -7.43
C GLY G 264 119.51 6.00 -5.95
N THR G 265 120.42 6.89 -5.56
CA THR G 265 120.73 7.10 -4.15
C THR G 265 119.81 8.19 -3.61
N TRP G 266 120.10 8.66 -2.39
CA TRP G 266 119.28 9.72 -1.82
C TRP G 266 119.68 11.11 -2.32
N ARG G 267 120.92 11.26 -2.79
CA ARG G 267 121.34 12.55 -3.35
C ARG G 267 121.26 12.60 -4.87
N LYS G 268 120.78 11.54 -5.51
CA LYS G 268 120.66 11.52 -6.97
C LYS G 268 119.46 10.67 -7.36
N ALA G 269 118.56 11.24 -8.16
CA ALA G 269 117.33 10.58 -8.55
C ALA G 269 117.61 9.48 -9.56
N ALA G 270 116.59 8.66 -9.79
CA ALA G 270 116.70 7.55 -10.74
C ALA G 270 116.80 8.07 -12.16
N SER G 271 117.69 7.47 -12.96
CA SER G 271 117.89 7.88 -14.34
C SER G 271 116.93 7.20 -15.31
N LEU G 272 116.27 6.11 -14.91
CA LEU G 272 115.32 5.44 -15.78
C LEU G 272 113.87 5.67 -15.41
N LYS G 273 113.59 6.04 -14.15
CA LYS G 273 112.27 6.57 -13.81
C LYS G 273 112.19 8.04 -14.16
N SER G 274 110.98 8.50 -14.48
CA SER G 274 110.78 9.90 -14.84
C SER G 274 111.06 10.82 -13.66
N ASN G 275 110.42 10.56 -12.52
CA ASN G 275 110.58 11.35 -11.30
C ASN G 275 110.43 10.41 -10.11
N TYR G 276 111.55 9.91 -9.60
CA TYR G 276 111.52 9.01 -8.46
C TYR G 276 112.85 9.08 -7.73
N ASN G 277 112.78 9.16 -6.40
CA ASN G 277 113.93 9.10 -5.53
C ASN G 277 113.63 8.14 -4.39
N LEU G 278 114.68 7.73 -3.70
CA LEU G 278 114.50 6.82 -2.57
C LEU G 278 113.75 7.52 -1.43
N PRO G 279 112.83 6.81 -0.78
CA PRO G 279 112.06 7.42 0.31
C PRO G 279 112.94 7.72 1.51
N MET G 280 112.52 8.74 2.25
CA MET G 280 113.25 9.14 3.44
C MET G 280 112.91 8.23 4.62
N HIS G 281 113.79 8.24 5.62
CA HIS G 281 113.61 7.41 6.80
C HIS G 281 112.87 8.19 7.89
N LYS G 282 111.90 7.53 8.52
CA LYS G 282 111.23 8.11 9.67
C LYS G 282 112.17 8.26 10.85
N MET G 283 113.07 7.30 11.04
CA MET G 283 114.10 7.38 12.07
C MET G 283 115.37 6.75 11.52
N LEU G 284 116.51 7.21 12.03
CA LEU G 284 117.80 6.80 11.50
C LEU G 284 118.44 5.69 12.32
N ASN G 285 118.67 5.91 13.61
CA ASN G 285 119.30 4.90 14.47
C ASN G 285 118.21 3.99 15.00
N THR G 286 117.97 2.88 14.30
CA THR G 286 116.89 1.97 14.66
C THR G 286 117.24 1.07 15.84
N ASP G 287 118.52 0.93 16.18
CA ASP G 287 118.92 0.15 17.34
C ASP G 287 118.79 1.04 18.57
N LEU G 288 117.61 1.00 19.18
CA LEU G 288 117.32 1.81 20.35
C LEU G 288 118.03 1.33 21.61
N SER G 289 118.58 0.11 21.59
CA SER G 289 119.39 -0.35 22.72
C SER G 289 120.64 0.50 22.87
N ARG G 290 121.30 0.84 21.76
CA ARG G 290 122.44 1.75 21.80
C ARG G 290 122.02 3.15 22.22
N ILE G 291 120.81 3.57 21.82
CA ILE G 291 120.33 4.91 22.15
C ILE G 291 120.01 5.02 23.64
N LEU G 292 119.37 3.98 24.19
CA LEU G 292 118.85 4.06 25.55
C LEU G 292 119.96 4.08 26.60
N LYS G 293 121.07 3.37 26.38
CA LYS G 293 122.18 3.38 27.32
C LYS G 293 123.27 4.37 26.90
N SER G 294 123.01 5.17 25.86
CA SER G 294 123.93 6.24 25.51
C SER G 294 123.97 7.26 26.64
N PRO G 295 125.13 7.86 26.89
CA PRO G 295 125.26 8.75 28.06
C PRO G 295 124.33 9.95 28.03
N GLU G 296 124.05 10.53 26.86
CA GLU G 296 123.34 11.81 26.79
C GLU G 296 121.95 11.72 27.40
N ILE G 297 121.23 10.63 27.13
CA ILE G 297 119.95 10.39 27.79
C ILE G 297 120.16 10.07 29.27
N GLN G 298 121.24 9.34 29.59
CA GLN G 298 121.37 8.73 30.91
C GLN G 298 121.57 9.77 32.03
N ARG G 299 122.01 10.99 31.69
CA ARG G 299 122.07 12.03 32.71
C ARG G 299 120.68 12.50 33.10
N ALA G 300 119.80 12.73 32.14
CA ALA G 300 118.49 13.31 32.40
C ALA G 300 117.44 12.23 32.63
N LEU G 301 117.73 11.36 33.59
CA LEU G 301 116.82 10.30 33.98
C LEU G 301 116.72 10.27 35.50
N ARG G 302 115.53 9.90 35.99
CA ARG G 302 115.35 9.74 37.43
C ARG G 302 115.82 8.36 37.87
N ALA G 303 115.87 8.16 39.18
CA ALA G 303 116.26 6.88 39.72
C ALA G 303 115.18 5.83 39.45
N PRO G 304 115.56 4.64 38.99
CA PRO G 304 114.57 3.59 38.75
C PRO G 304 114.03 3.03 40.06
N ARG G 305 112.71 2.84 40.09
CA ARG G 305 112.03 2.29 41.25
C ARG G 305 111.66 0.84 40.93
N LYS G 306 112.34 -0.10 41.59
CA LYS G 306 112.16 -1.52 41.29
C LYS G 306 111.96 -2.34 42.56
N LYS G 307 111.58 -1.70 43.65
CA LYS G 307 111.25 -2.41 44.88
C LYS G 307 109.77 -2.77 44.85
N ILE G 308 109.47 -4.06 44.90
CA ILE G 308 108.09 -4.52 44.78
C ILE G 308 107.36 -4.27 46.09
N HIS G 309 106.32 -3.45 46.03
CA HIS G 309 105.51 -3.10 47.20
C HIS G 309 104.12 -3.71 47.00
N ARG G 310 103.93 -4.91 47.51
CA ARG G 310 102.65 -5.60 47.40
C ARG G 310 101.71 -5.12 48.49
N ARG G 311 100.50 -5.69 48.51
CA ARG G 311 99.54 -5.33 49.54
C ARG G 311 99.97 -5.89 50.90
N VAL G 312 99.49 -5.23 51.95
CA VAL G 312 99.81 -5.60 53.32
C VAL G 312 98.53 -6.08 54.00
N LEU G 313 98.64 -7.16 54.76
CA LEU G 313 97.50 -7.68 55.51
C LEU G 313 97.20 -6.76 56.68
N LYS G 314 96.01 -6.15 56.67
CA LYS G 314 95.64 -5.18 57.69
C LYS G 314 95.32 -5.92 58.99
N LYS G 315 96.32 -6.05 59.85
CA LYS G 315 96.11 -6.64 61.16
C LYS G 315 95.39 -5.65 62.08
N ASN G 316 94.49 -6.17 62.89
CA ASN G 316 93.67 -5.32 63.74
C ASN G 316 94.50 -4.72 64.85
N PRO G 317 94.61 -3.40 64.95
CA PRO G 317 95.38 -2.80 66.06
C PRO G 317 94.78 -3.11 67.43
N LEU G 318 93.48 -3.37 67.51
CA LEU G 318 92.83 -3.66 68.77
C LEU G 318 93.16 -5.05 69.30
N LYS G 319 93.38 -6.02 68.41
CA LYS G 319 93.74 -7.38 68.80
C LYS G 319 95.26 -7.57 68.74
N ASN G 320 95.89 -7.16 67.66
CA ASN G 320 97.34 -7.22 67.51
C ASN G 320 97.94 -6.05 68.27
N LEU G 321 98.64 -6.35 69.38
CA LEU G 321 99.18 -5.30 70.23
C LEU G 321 100.27 -4.50 69.52
N ARG G 322 101.14 -5.18 68.76
CA ARG G 322 102.27 -4.51 68.13
C ARG G 322 101.87 -3.60 66.99
N ILE G 323 100.78 -3.92 66.28
CA ILE G 323 100.29 -3.02 65.24
C ILE G 323 99.79 -1.72 65.86
N MET G 324 99.16 -1.82 67.03
CA MET G 324 98.76 -0.61 67.77
C MET G 324 99.99 0.18 68.22
N LEU G 325 101.03 -0.51 68.67
CA LEU G 325 102.27 0.17 69.04
C LEU G 325 102.98 0.79 67.85
N LYS G 326 102.87 0.19 66.67
CA LYS G 326 103.44 0.80 65.47
C LYS G 326 102.70 2.08 65.10
N LEU G 327 101.38 2.11 65.30
CA LEU G 327 100.58 3.28 65.00
C LEU G 327 100.59 4.30 66.14
N ASN G 328 100.70 3.84 67.38
CA ASN G 328 100.66 4.73 68.55
C ASN G 328 101.63 4.19 69.58
N PRO G 329 102.77 4.85 69.79
CA PRO G 329 103.72 4.39 70.81
C PRO G 329 103.26 4.62 72.24
N TYR G 330 102.33 5.56 72.46
CA TYR G 330 101.84 5.82 73.80
C TYR G 330 100.92 4.73 74.32
N ALA G 331 100.45 3.84 73.44
CA ALA G 331 99.57 2.75 73.86
C ALA G 331 100.29 1.76 74.78
N LYS G 332 101.62 1.72 74.75
CA LYS G 332 102.36 0.89 75.69
C LYS G 332 102.14 1.36 77.12
N THR G 333 102.24 2.66 77.36
CA THR G 333 101.97 3.21 78.68
C THR G 333 100.49 3.40 78.96
N MET G 334 99.64 3.36 77.93
CA MET G 334 98.21 3.18 78.17
C MET G 334 97.95 1.81 78.80
N ARG G 335 98.65 0.79 78.33
CA ARG G 335 98.49 -0.56 78.87
C ARG G 335 99.59 -0.94 79.85
N ARG G 336 100.60 -0.09 80.06
CA ARG G 336 101.44 -0.25 81.24
C ARG G 336 100.68 0.17 82.48
N ASN G 337 99.97 1.30 82.41
CA ASN G 337 98.94 1.60 83.38
C ASN G 337 97.69 0.79 83.06
N THR G 338 96.67 0.91 83.93
CA THR G 338 95.46 0.08 83.92
C THR G 338 95.78 -1.41 84.08
N ILE G 339 97.01 -1.73 84.46
CA ILE G 339 97.39 -3.03 84.98
C ILE G 339 97.93 -2.92 86.40
N LEU G 340 98.88 -2.01 86.61
CA LEU G 340 99.31 -1.68 87.95
C LEU G 340 98.20 -0.99 88.73
N ARG G 341 97.42 -0.12 88.07
CA ARG G 341 96.32 0.56 88.74
C ARG G 341 95.21 -0.41 89.13
N GLN G 342 94.82 -1.28 88.21
CA GLN G 342 93.74 -2.24 88.48
C GLN G 342 94.15 -3.30 89.51
N ALA G 343 95.42 -3.70 89.51
CA ALA G 343 95.89 -4.61 90.54
C ALA G 343 95.97 -3.93 91.89
N ARG G 344 96.41 -2.66 91.91
CA ARG G 344 96.44 -1.89 93.15
C ARG G 344 95.03 -1.66 93.68
N ASN G 345 94.08 -1.34 92.79
CA ASN G 345 92.70 -1.18 93.20
C ASN G 345 92.06 -2.50 93.62
N HIS G 346 92.45 -3.62 93.00
CA HIS G 346 91.98 -4.91 93.46
C HIS G 346 92.59 -5.30 94.80
N LYS G 347 93.83 -4.87 95.06
CA LYS G 347 94.46 -5.13 96.34
C LYS G 347 93.74 -4.40 97.46
N LEU G 348 93.36 -3.14 97.22
CA LEU G 348 92.63 -2.37 98.23
C LEU G 348 91.22 -2.92 98.46
N ARG G 349 90.60 -3.49 97.44
CA ARG G 349 89.30 -4.13 97.63
C ARG G 349 89.41 -5.35 98.53
N VAL G 350 90.47 -6.14 98.36
CA VAL G 350 90.68 -7.33 99.18
C VAL G 350 91.01 -6.93 100.62
N GLU G 351 91.88 -5.94 100.79
CA GLU G 351 92.24 -5.50 102.13
C GLU G 351 91.07 -4.86 102.86
N ARG G 352 90.14 -4.22 102.12
CA ARG G 352 88.92 -3.75 102.74
C ARG G 352 88.06 -4.91 103.23
N ALA G 353 87.99 -5.98 102.43
CA ALA G 353 87.27 -7.17 102.86
C ALA G 353 88.02 -7.91 103.97
N ALA G 354 89.36 -7.87 103.93
CA ALA G 354 90.14 -8.47 105.01
C ALA G 354 89.94 -7.72 106.32
N ALA G 355 89.88 -6.38 106.26
CA ALA G 355 89.57 -5.59 107.44
C ALA G 355 88.10 -5.66 107.82
N ALA G 356 87.22 -6.03 106.86
CA ALA G 356 85.82 -6.20 107.18
C ALA G 356 85.59 -7.38 108.12
N LEU G 357 86.33 -8.48 107.94
CA LEU G 357 86.22 -9.63 108.82
C LEU G 357 86.66 -9.31 110.24
N ALA G 358 87.59 -8.37 110.42
CA ALA G 358 87.95 -7.94 111.76
C ALA G 358 86.89 -7.02 112.37
N ALA G 359 86.18 -6.26 111.55
CA ALA G 359 85.13 -5.39 112.06
C ALA G 359 83.90 -6.18 112.45
N LYS G 360 83.52 -7.18 111.65
CA LYS G 360 82.35 -7.99 111.96
C LYS G 360 82.58 -8.88 113.17
N SER G 361 83.78 -9.47 113.29
CA SER G 361 84.08 -10.36 114.41
C SER G 361 84.32 -9.62 115.71
N ASP G 362 84.60 -8.32 115.66
CA ASP G 362 84.83 -7.54 116.87
C ASP G 362 83.76 -6.47 117.05
N PHE H 1 13.22 53.67 52.17
CA PHE H 1 14.18 54.69 51.76
C PHE H 1 14.97 54.13 50.59
N VAL H 2 16.19 54.62 50.40
CA VAL H 2 17.09 54.08 49.39
C VAL H 2 18.42 53.73 50.06
N LYS H 3 19.22 52.95 49.34
CA LYS H 3 20.49 52.46 49.86
C LYS H 3 21.50 53.59 50.05
N VAL H 4 22.27 53.49 51.13
CA VAL H 4 23.30 54.46 51.43
C VAL H 4 24.51 54.21 50.54
N VAL H 5 25.02 55.27 49.92
CA VAL H 5 26.13 55.13 48.97
C VAL H 5 27.44 54.89 49.69
N LYS H 6 27.82 55.80 50.58
CA LYS H 6 29.11 55.73 51.27
C LYS H 6 28.93 54.91 52.54
N ASN H 7 28.84 53.59 52.36
CA ASN H 7 28.70 52.65 53.46
C ASN H 7 30.09 52.17 53.89
N LYS H 8 30.14 51.11 54.71
CA LYS H 8 31.42 50.54 55.12
C LYS H 8 32.18 49.98 53.92
N ALA H 9 31.47 49.33 52.99
CA ALA H 9 32.10 48.75 51.82
C ALA H 9 32.61 49.78 50.83
N TYR H 10 32.10 51.01 50.89
CA TYR H 10 32.60 52.06 50.00
C TYR H 10 34.04 52.42 50.31
N PHE H 11 34.33 52.71 51.58
CA PHE H 11 35.68 53.07 51.98
C PHE H 11 36.63 51.88 52.00
N LYS H 12 36.12 50.67 52.17
CA LYS H 12 36.98 49.49 52.13
C LYS H 12 37.53 49.25 50.74
N ARG H 13 36.73 49.47 49.70
CA ARG H 13 37.14 49.28 48.33
C ARG H 13 37.62 50.57 47.66
N TYR H 14 37.70 51.67 48.41
CA TYR H 14 38.09 52.95 47.83
C TYR H 14 39.61 53.04 47.72
N GLN H 15 40.09 53.34 46.51
CA GLN H 15 41.50 53.62 46.27
C GLN H 15 41.67 55.11 46.07
N VAL H 16 42.53 55.73 46.88
CA VAL H 16 42.79 57.15 46.74
C VAL H 16 43.79 57.39 45.61
N LYS H 17 43.67 58.54 44.97
CA LYS H 17 44.60 58.93 43.93
C LYS H 17 45.83 59.58 44.56
N PHE H 18 46.71 60.11 43.71
CA PHE H 18 47.92 60.78 44.19
C PHE H 18 47.55 62.06 44.93
N ARG H 19 48.40 62.43 45.89
CA ARG H 19 48.12 63.60 46.73
C ARG H 19 48.06 64.88 45.91
N ARG H 20 48.98 65.04 44.96
CA ARG H 20 48.94 66.21 44.08
C ARG H 20 47.73 66.17 43.16
N ARG H 21 47.30 64.98 42.74
CA ARG H 21 46.09 64.86 41.94
C ARG H 21 44.85 65.19 42.77
N ARG H 22 44.84 64.79 44.03
CA ARG H 22 43.74 65.14 44.93
C ARG H 22 43.67 66.65 45.15
N GLU H 23 44.82 67.30 45.30
CA GLU H 23 44.86 68.75 45.42
C GLU H 23 44.68 69.46 44.09
N GLY H 24 44.75 68.73 42.98
CA GLY H 24 44.58 69.32 41.67
C GLY H 24 45.71 70.27 41.28
N LYS H 25 46.95 69.81 41.42
CA LYS H 25 48.12 70.61 41.07
C LYS H 25 48.96 70.00 39.96
N THR H 26 49.03 68.67 39.88
CA THR H 26 49.84 67.99 38.90
C THR H 26 48.94 67.31 37.85
N ASP H 27 49.48 67.14 36.65
CA ASP H 27 48.75 66.63 35.50
C ASP H 27 49.46 65.39 34.97
N TYR H 28 49.68 64.42 35.87
CA TYR H 28 50.56 63.27 35.71
C TYR H 28 50.51 62.58 34.36
N TYR H 29 49.37 62.62 33.68
CA TYR H 29 49.30 62.12 32.31
C TYR H 29 50.22 62.92 31.40
N ALA H 30 50.21 64.24 31.52
CA ALA H 30 51.15 65.07 30.78
C ALA H 30 52.55 65.02 31.37
N ARG H 31 52.68 64.74 32.66
CA ARG H 31 53.99 64.68 33.28
C ARG H 31 54.77 63.45 32.81
N LYS H 32 54.05 62.38 32.45
CA LYS H 32 54.73 61.21 31.90
C LYS H 32 55.35 61.51 30.54
N ARG H 33 54.65 62.28 29.69
CA ARG H 33 55.25 62.73 28.45
C ARG H 33 56.27 63.83 28.68
N LEU H 34 56.28 64.42 29.87
CA LEU H 34 57.18 65.47 30.32
C LEU H 34 58.50 64.91 30.84
N VAL H 35 59.09 65.64 31.80
CA VAL H 35 60.50 65.74 32.17
C VAL H 35 61.26 64.42 32.28
N ILE H 36 60.57 63.28 32.40
CA ILE H 36 61.27 62.00 32.52
C ILE H 36 62.11 61.76 31.26
N GLN H 37 63.19 60.99 31.40
CA GLN H 37 64.26 60.94 30.42
C GLN H 37 64.39 59.54 29.85
N ASP H 38 64.79 59.47 28.58
CA ASP H 38 65.03 58.20 27.91
C ASP H 38 66.16 57.43 28.60
N LYS H 39 66.07 56.10 28.54
CA LYS H 39 66.95 55.24 29.32
C LYS H 39 68.37 55.16 28.75
N ASN H 40 68.59 55.58 27.51
CA ASN H 40 69.93 55.57 26.94
C ASN H 40 70.70 56.85 27.24
N LYS H 41 70.17 57.70 28.11
CA LYS H 41 70.85 58.93 28.51
C LYS H 41 71.60 58.80 29.83
N TYR H 42 71.11 57.96 30.75
CA TYR H 42 71.80 57.61 31.99
C TYR H 42 72.07 58.85 32.84
N ASN H 43 70.97 59.42 33.34
CA ASN H 43 70.98 60.61 34.22
C ASN H 43 71.45 61.86 33.50
N THR H 44 71.19 61.96 32.20
CA THR H 44 71.35 63.24 31.53
C THR H 44 70.20 64.14 31.96
N PRO H 45 70.47 65.31 32.52
CA PRO H 45 69.38 66.13 33.08
C PRO H 45 68.50 66.71 31.99
N LYS H 46 67.20 66.38 32.08
CA LYS H 46 66.19 66.92 31.18
C LYS H 46 65.58 68.13 31.88
N TYR H 47 65.93 69.32 31.41
CA TYR H 47 65.49 70.55 32.04
C TYR H 47 64.14 70.97 31.49
N ARG H 48 63.25 71.42 32.38
CA ARG H 48 61.96 71.95 32.00
C ARG H 48 61.74 73.28 32.72
N MET H 49 60.96 74.15 32.07
CA MET H 49 60.66 75.49 32.58
C MET H 49 59.26 75.48 33.16
N ILE H 50 59.16 75.70 34.46
CA ILE H 50 57.88 75.72 35.15
C ILE H 50 57.41 77.17 35.26
N VAL H 51 56.27 77.48 34.64
CA VAL H 51 55.67 78.81 34.69
C VAL H 51 54.27 78.67 35.27
N ARG H 52 54.03 79.35 36.39
CA ARG H 52 52.74 79.33 37.07
C ARG H 52 52.24 80.76 37.22
N VAL H 53 51.03 81.02 36.73
CA VAL H 53 50.41 82.33 36.84
C VAL H 53 49.50 82.31 38.06
N THR H 54 49.90 83.05 39.09
CA THR H 54 49.20 83.12 40.35
C THR H 54 48.41 84.45 40.38
N ASN H 55 47.50 84.61 41.35
CA ASN H 55 46.61 85.77 41.37
C ASN H 55 47.39 87.07 41.54
N ARG H 56 48.42 87.08 42.40
CA ARG H 56 49.21 88.27 42.65
C ARG H 56 50.68 88.13 42.29
N ASP H 57 51.09 87.00 41.72
CA ASP H 57 52.49 86.76 41.43
C ASP H 57 52.62 85.87 40.20
N ILE H 58 53.83 85.82 39.65
CA ILE H 58 54.18 84.93 38.55
C ILE H 58 55.47 84.22 38.92
N ILE H 59 55.44 82.89 38.89
CA ILE H 59 56.56 82.06 39.32
C ILE H 59 57.17 81.39 38.09
N CYS H 60 58.48 81.54 37.93
CA CYS H 60 59.21 80.97 36.81
C CYS H 60 60.40 80.19 37.37
N GLN H 61 60.38 78.87 37.22
CA GLN H 61 61.44 78.01 37.72
C GLN H 61 61.89 77.04 36.63
N ILE H 62 63.13 76.59 36.76
CA ILE H 62 63.71 75.58 35.88
C ILE H 62 64.14 74.39 36.73
N ALA H 63 63.66 73.20 36.38
CA ALA H 63 63.88 72.02 37.20
C ALA H 63 64.14 70.81 36.32
N TYR H 64 64.77 69.80 36.91
CA TYR H 64 64.98 68.51 36.29
C TYR H 64 64.60 67.41 37.27
N ALA H 65 64.11 66.29 36.74
CA ALA H 65 63.54 65.24 37.56
C ALA H 65 64.64 64.44 38.27
N ARG H 66 64.42 64.17 39.56
CA ARG H 66 65.26 63.28 40.34
C ARG H 66 64.37 62.34 41.16
N ILE H 67 64.95 61.22 41.58
CA ILE H 67 64.18 60.18 42.27
C ILE H 67 63.75 60.60 43.67
N GLU H 68 64.45 61.54 44.30
CA GLU H 68 63.95 62.11 45.55
C GLU H 68 62.93 63.22 45.30
N GLY H 69 62.76 63.63 44.05
CA GLY H 69 61.92 64.77 43.73
C GLY H 69 62.68 65.74 42.85
N ASP H 70 61.99 66.39 41.91
CA ASP H 70 62.67 67.29 40.98
C ASP H 70 63.22 68.51 41.71
N MET H 71 64.38 68.96 41.26
CA MET H 71 65.19 69.95 41.97
C MET H 71 65.19 71.26 41.18
N ILE H 72 64.90 72.36 41.86
CA ILE H 72 64.97 73.68 41.25
C ILE H 72 66.42 74.12 41.19
N VAL H 73 66.89 74.44 39.99
CA VAL H 73 68.27 74.88 39.80
C VAL H 73 68.31 76.40 39.76
N CYS H 74 67.21 77.01 39.35
CA CYS H 74 67.10 78.47 39.29
C CYS H 74 65.64 78.86 39.30
N ALA H 75 65.32 79.95 39.98
CA ALA H 75 63.96 80.43 40.10
C ALA H 75 63.93 81.95 40.00
N ALA H 76 62.79 82.47 39.57
CA ALA H 76 62.58 83.91 39.47
C ALA H 76 61.12 84.21 39.75
N TYR H 77 60.87 85.22 40.57
CA TYR H 77 59.52 85.58 40.98
C TYR H 77 59.16 86.97 40.45
N ALA H 78 57.87 87.22 40.35
CA ALA H 78 57.38 88.50 39.86
C ALA H 78 57.50 89.61 40.89
N HIS H 79 57.64 89.28 42.17
CA HIS H 79 57.79 90.30 43.20
C HIS H 79 59.21 90.81 43.31
N GLU H 80 60.14 90.28 42.51
CA GLU H 80 61.49 90.83 42.46
C GLU H 80 61.56 92.05 41.55
N LEU H 81 60.53 92.26 40.73
CA LEU H 81 60.43 93.38 39.79
C LEU H 81 60.43 94.77 40.43
N PRO H 82 59.91 94.97 41.65
CA PRO H 82 60.14 96.26 42.31
C PRO H 82 61.60 96.64 42.47
N LYS H 83 62.50 95.66 42.59
CA LYS H 83 63.93 95.98 42.58
C LYS H 83 64.38 96.50 41.22
N TYR H 84 63.79 95.97 40.14
CA TYR H 84 64.18 96.32 38.79
C TYR H 84 63.33 97.44 38.20
N GLY H 85 62.63 98.21 39.03
CA GLY H 85 61.91 99.38 38.55
C GLY H 85 60.49 99.15 38.12
N VAL H 86 59.89 97.99 38.43
CA VAL H 86 58.50 97.71 38.13
C VAL H 86 57.77 97.61 39.47
N LYS H 87 57.19 98.73 39.91
CA LYS H 87 56.51 98.75 41.20
C LYS H 87 55.23 97.93 41.18
N VAL H 88 54.43 98.07 40.11
CA VAL H 88 53.08 97.53 40.06
C VAL H 88 52.86 96.86 38.71
N GLY H 89 51.65 96.32 38.53
CA GLY H 89 51.33 95.55 37.34
C GLY H 89 52.14 94.27 37.27
N LEU H 90 52.20 93.55 38.39
CA LEU H 90 53.07 92.40 38.55
C LEU H 90 52.43 91.09 38.07
N THR H 91 51.26 91.16 37.42
CA THR H 91 50.59 89.95 36.99
C THR H 91 50.02 90.06 35.57
N ASN H 92 50.51 91.00 34.77
CA ASN H 92 50.04 91.17 33.40
C ASN H 92 50.92 90.39 32.45
N TYR H 93 50.67 90.54 31.14
CA TYR H 93 51.52 89.89 30.14
C TYR H 93 52.92 90.47 30.13
N ALA H 94 53.05 91.78 30.33
CA ALA H 94 54.37 92.40 30.34
C ALA H 94 55.19 91.97 31.53
N ALA H 95 54.56 91.73 32.68
CA ALA H 95 55.27 91.24 33.85
C ALA H 95 55.76 89.82 33.66
N ALA H 96 55.02 88.99 32.92
CA ALA H 96 55.47 87.63 32.63
C ALA H 96 56.72 87.64 31.75
N TYR H 97 56.79 88.57 30.80
CA TYR H 97 57.97 88.68 29.96
C TYR H 97 59.20 89.05 30.77
N CYS H 98 59.06 89.99 31.70
CA CYS H 98 60.19 90.39 32.52
C CYS H 98 60.59 89.30 33.51
N THR H 99 59.61 88.55 34.03
CA THR H 99 59.92 87.43 34.91
C THR H 99 60.66 86.33 34.16
N GLY H 100 60.24 86.04 32.93
CA GLY H 100 60.94 85.07 32.11
C GLY H 100 62.33 85.52 31.70
N LEU H 101 62.48 86.82 31.40
CA LEU H 101 63.80 87.35 31.08
C LEU H 101 64.72 87.32 32.29
N LEU H 102 64.17 87.62 33.48
CA LEU H 102 64.97 87.56 34.69
C LEU H 102 65.45 86.15 35.00
N LEU H 103 64.57 85.15 34.78
CA LEU H 103 64.98 83.77 34.95
C LEU H 103 66.02 83.37 33.90
N ALA H 104 65.88 83.89 32.68
CA ALA H 104 66.79 83.54 31.60
C ALA H 104 68.19 84.06 31.86
N ARG H 105 68.32 85.33 32.25
CA ARG H 105 69.64 85.92 32.45
C ARG H 105 70.29 85.45 33.75
N ARG H 106 69.49 85.13 34.76
CA ARG H 106 70.06 84.65 36.02
C ARG H 106 70.71 83.27 35.86
N LEU H 107 70.07 82.39 35.10
CA LEU H 107 70.60 81.04 34.88
C LEU H 107 71.91 81.10 34.10
N LEU H 108 71.97 81.96 33.08
CA LEU H 108 73.19 82.09 32.29
C LEU H 108 74.33 82.72 33.08
N ASN H 109 74.02 83.53 34.10
CA ASN H 109 75.08 84.12 34.91
C ASN H 109 75.73 83.08 35.82
N ARG H 110 74.92 82.16 36.36
CA ARG H 110 75.45 81.15 37.28
C ARG H 110 76.19 80.03 36.57
N PHE H 111 75.99 79.87 35.27
CA PHE H 111 76.69 78.85 34.48
C PHE H 111 77.91 79.39 33.75
N GLY H 112 78.24 80.67 33.94
CA GLY H 112 79.34 81.27 33.23
C GLY H 112 79.04 81.63 31.79
N MET H 113 77.77 81.60 31.39
CA MET H 113 77.36 81.89 30.02
C MET H 113 76.68 83.25 29.91
N ASP H 114 77.13 84.23 30.67
CA ASP H 114 76.50 85.55 30.63
C ASP H 114 76.85 86.29 29.34
N LYS H 115 78.12 86.26 28.93
CA LYS H 115 78.54 86.99 27.75
C LYS H 115 78.13 86.30 26.46
N ILE H 116 78.06 84.98 26.46
CA ILE H 116 77.66 84.22 25.27
C ILE H 116 76.16 84.03 25.29
N TYR H 117 75.54 84.00 24.11
CA TYR H 117 74.09 83.88 23.92
C TYR H 117 73.36 85.04 24.60
N GLU H 118 73.64 86.23 24.07
CA GLU H 118 72.98 87.44 24.57
C GLU H 118 71.47 87.40 24.33
N GLY H 119 71.06 86.90 23.17
CA GLY H 119 69.65 86.89 22.83
C GLY H 119 69.18 88.24 22.30
N GLN H 120 67.87 88.44 22.37
CA GLN H 120 67.28 89.67 21.87
C GLN H 120 67.48 90.81 22.88
N VAL H 121 68.09 91.90 22.42
CA VAL H 121 68.27 93.09 23.23
C VAL H 121 67.35 94.22 22.77
N GLU H 122 66.84 94.15 21.54
CA GLU H 122 66.05 95.21 20.92
C GLU H 122 64.70 94.66 20.53
N VAL H 123 64.01 94.04 21.50
CA VAL H 123 62.85 93.16 21.34
C VAL H 123 61.84 93.66 20.32
N THR H 124 61.47 92.77 19.40
CA THR H 124 60.53 93.08 18.33
C THR H 124 59.35 92.12 18.39
N GLY H 125 59.59 90.93 18.94
CA GLY H 125 58.55 89.92 19.00
C GLY H 125 58.54 88.96 17.84
N ASP H 126 59.63 88.86 17.09
CA ASP H 126 59.70 87.98 15.93
C ASP H 126 60.02 86.55 16.37
N GLU H 127 60.20 85.67 15.37
CA GLU H 127 60.49 84.25 15.61
C GLU H 127 61.99 84.10 15.81
N TYR H 128 62.43 84.31 17.05
CA TYR H 128 63.82 84.21 17.41
C TYR H 128 64.11 82.85 18.04
N ASN H 129 65.26 82.27 17.70
CA ASN H 129 65.71 81.01 18.28
C ASN H 129 67.20 81.09 18.55
N VAL H 130 67.62 80.55 19.69
CA VAL H 130 69.02 80.59 20.08
C VAL H 130 69.77 79.47 19.38
N GLU H 131 70.90 79.80 18.76
CA GLU H 131 71.74 78.84 18.05
C GLU H 131 73.06 78.68 18.79
N SER H 132 73.49 77.44 18.95
CA SER H 132 74.73 77.14 19.64
C SER H 132 75.93 77.54 18.77
N ILE H 133 76.92 78.14 19.41
CA ILE H 133 78.12 78.61 18.73
C ILE H 133 79.17 77.51 18.75
N ASP H 134 79.76 77.25 17.58
CA ASP H 134 80.81 76.24 17.49
C ASP H 134 82.06 76.70 18.24
N GLY H 135 82.73 75.75 18.88
CA GLY H 135 83.88 76.07 19.70
C GLY H 135 83.52 76.71 21.02
N GLN H 136 82.25 76.69 21.40
CA GLN H 136 81.74 77.30 22.62
C GLN H 136 80.82 76.29 23.30
N PRO H 137 80.59 76.47 24.61
CA PRO H 137 79.60 75.62 25.29
C PRO H 137 78.22 75.78 24.66
N GLY H 138 77.50 74.66 24.57
CA GLY H 138 76.21 74.67 23.90
C GLY H 138 75.17 75.46 24.65
N ALA H 139 74.22 75.99 23.89
CA ALA H 139 73.16 76.80 24.46
C ALA H 139 72.24 75.97 25.34
N PHE H 140 71.78 76.56 26.44
CA PHE H 140 70.88 75.88 27.35
C PHE H 140 69.53 75.64 26.67
N THR H 141 69.03 74.42 26.77
CA THR H 141 67.74 74.05 26.20
C THR H 141 66.84 73.47 27.28
N CYS H 142 65.56 73.83 27.23
CA CYS H 142 64.58 73.33 28.18
C CYS H 142 63.22 73.37 27.50
N TYR H 143 62.20 72.89 28.23
CA TYR H 143 60.85 72.80 27.70
C TYR H 143 59.89 73.45 28.68
N LEU H 144 58.73 73.87 28.16
CA LEU H 144 57.76 74.60 28.95
C LEU H 144 56.84 73.64 29.70
N ASP H 145 56.56 73.95 30.96
CA ASP H 145 55.60 73.22 31.76
C ASP H 145 54.37 74.09 31.94
N ALA H 146 53.34 73.84 31.11
CA ALA H 146 52.14 74.66 31.18
C ALA H 146 51.28 74.31 32.39
N GLY H 147 51.42 73.10 32.92
CA GLY H 147 50.60 72.68 34.04
C GLY H 147 49.16 72.46 33.65
N LEU H 148 48.23 72.94 34.49
CA LEU H 148 46.81 72.81 34.22
C LEU H 148 46.23 74.03 33.51
N ALA H 149 47.06 74.99 33.14
CA ALA H 149 46.57 76.20 32.48
C ALA H 149 46.16 75.90 31.05
N ARG H 150 45.04 76.48 30.62
CA ARG H 150 44.58 76.35 29.24
C ARG H 150 45.46 77.20 28.34
N THR H 151 46.14 76.55 27.39
CA THR H 151 47.05 77.24 26.48
C THR H 151 46.30 77.66 25.23
N THR H 152 45.66 78.82 25.32
CA THR H 152 45.08 79.47 24.16
C THR H 152 46.03 80.52 23.62
N THR H 153 45.59 81.23 22.58
CA THR H 153 46.42 82.29 22.01
C THR H 153 46.46 83.49 22.95
N GLY H 154 47.67 83.96 23.26
CA GLY H 154 47.83 85.09 24.13
C GLY H 154 47.94 84.77 25.61
N ASN H 155 48.23 83.53 25.97
CA ASN H 155 48.35 83.16 27.38
C ASN H 155 49.63 83.75 27.97
N LYS H 156 49.55 84.10 29.26
CA LYS H 156 50.70 84.66 29.97
C LYS H 156 51.81 83.64 30.18
N VAL H 157 51.51 82.35 30.09
CA VAL H 157 52.54 81.33 30.22
C VAL H 157 53.52 81.43 29.06
N PHE H 158 53.02 81.74 27.86
CA PHE H 158 53.88 81.97 26.71
C PHE H 158 54.58 83.33 26.77
N GLY H 159 54.08 84.25 27.59
CA GLY H 159 54.79 85.50 27.79
C GLY H 159 56.12 85.29 28.50
N ALA H 160 56.14 84.41 29.50
CA ALA H 160 57.41 84.05 30.14
C ALA H 160 58.28 83.23 29.19
N LEU H 161 57.67 82.51 28.25
CA LEU H 161 58.44 81.80 27.24
C LEU H 161 59.21 82.75 26.35
N LYS H 162 58.58 83.85 25.93
CA LYS H 162 59.24 84.82 25.07
C LYS H 162 60.39 85.51 25.78
N GLY H 163 60.22 85.80 27.08
CA GLY H 163 61.32 86.37 27.84
C GLY H 163 62.49 85.41 28.00
N ALA H 164 62.20 84.11 28.13
CA ALA H 164 63.26 83.13 28.27
C ALA H 164 64.02 82.93 26.96
N VAL H 165 63.30 82.92 25.83
CA VAL H 165 63.95 82.73 24.54
C VAL H 165 64.83 83.94 24.20
N ASP H 166 64.32 85.14 24.45
CA ASP H 166 65.11 86.34 24.22
C ASP H 166 66.26 86.50 25.22
N GLY H 167 66.24 85.76 26.32
CA GLY H 167 67.34 85.79 27.26
C GLY H 167 68.49 84.86 26.93
N GLY H 168 68.32 83.97 25.95
CA GLY H 168 69.40 83.08 25.54
C GLY H 168 69.17 81.62 25.85
N LEU H 169 67.92 81.18 25.83
CA LEU H 169 67.56 79.79 26.05
C LEU H 169 66.91 79.21 24.81
N SER H 170 67.37 78.03 24.38
CA SER H 170 66.86 77.38 23.18
C SER H 170 65.69 76.47 23.57
N ILE H 171 64.52 77.08 23.69
CA ILE H 171 63.27 76.39 24.00
C ILE H 171 62.52 76.18 22.69
N PRO H 172 62.18 74.94 22.32
CA PRO H 172 61.40 74.72 21.10
C PRO H 172 59.98 75.24 21.27
N HIS H 173 59.57 76.13 20.35
CA HIS H 173 58.25 76.73 20.42
C HIS H 173 57.80 77.15 19.04
N SER H 174 56.49 77.33 18.89
CA SER H 174 55.89 77.86 17.68
C SER H 174 55.09 79.11 18.02
N THR H 175 55.11 80.08 17.10
CA THR H 175 54.44 81.35 17.33
C THR H 175 52.96 81.30 16.93
N LYS H 176 52.25 80.34 17.48
CA LYS H 176 50.81 80.23 17.28
C LYS H 176 50.01 80.72 18.50
N ARG H 177 50.55 80.52 19.70
CA ARG H 177 49.88 80.91 20.93
C ARG H 177 50.27 82.31 21.40
N PHE H 178 51.21 82.96 20.71
CA PHE H 178 51.60 84.32 21.07
C PHE H 178 50.48 85.29 20.68
N PRO H 179 50.28 86.37 21.45
CA PRO H 179 49.31 87.38 21.05
C PRO H 179 49.74 88.09 19.78
N GLY H 180 48.75 88.51 18.99
CA GLY H 180 49.01 89.07 17.68
C GLY H 180 48.97 88.07 16.54
N TYR H 181 48.85 86.78 16.84
CA TYR H 181 48.70 85.76 15.80
C TYR H 181 47.27 85.81 15.30
N ASP H 182 47.09 86.16 14.03
CA ASP H 182 45.75 86.28 13.47
C ASP H 182 45.18 84.89 13.21
N SER H 183 44.00 84.63 13.78
CA SER H 183 43.42 83.29 13.74
C SER H 183 42.81 82.97 12.38
N GLU H 184 42.17 83.95 11.74
CA GLU H 184 41.42 83.66 10.52
C GLU H 184 42.33 83.45 9.31
N SER H 185 43.42 84.20 9.19
CA SER H 185 44.31 84.09 8.05
C SER H 185 45.61 83.38 8.37
N LYS H 186 45.82 82.97 9.63
CA LYS H 186 46.96 82.15 10.05
C LYS H 186 48.30 82.83 9.76
N GLU H 187 48.48 84.02 10.32
CA GLU H 187 49.75 84.72 10.25
C GLU H 187 50.03 85.38 11.59
N PHE H 188 51.30 85.66 11.84
CA PHE H 188 51.76 86.20 13.11
C PHE H 188 52.25 87.64 12.89
N ASN H 189 51.74 88.55 13.70
CA ASN H 189 52.16 89.95 13.66
C ASN H 189 53.11 90.23 14.81
N ALA H 190 54.34 90.65 14.48
CA ALA H 190 55.32 90.93 15.51
C ALA H 190 55.06 92.24 16.24
N GLU H 191 54.44 93.21 15.56
CA GLU H 191 54.18 94.50 16.20
C GLU H 191 53.12 94.38 17.28
N VAL H 192 52.07 93.58 17.02
CA VAL H 192 51.02 93.38 18.03
C VAL H 192 51.57 92.60 19.21
N HIS H 193 52.44 91.62 18.96
CA HIS H 193 53.11 90.91 20.04
C HIS H 193 54.04 91.83 20.81
N ARG H 194 54.67 92.79 20.13
CA ARG H 194 55.52 93.76 20.81
C ARG H 194 54.71 94.63 21.77
N LYS H 195 53.52 95.05 21.35
CA LYS H 195 52.68 95.89 22.20
C LYS H 195 52.27 95.19 23.49
N HIS H 196 51.92 93.90 23.38
CA HIS H 196 51.60 93.13 24.58
C HIS H 196 52.84 92.90 25.44
N ILE H 197 53.99 92.72 24.81
CA ILE H 197 55.25 92.61 25.56
C ILE H 197 55.60 93.93 26.20
N MET H 198 55.41 95.04 25.48
CA MET H 198 55.71 96.37 26.00
C MET H 198 54.61 96.92 26.90
N GLY H 199 53.56 96.14 27.15
CA GLY H 199 52.48 96.60 28.01
C GLY H 199 51.61 97.68 27.42
N GLN H 200 51.60 97.83 26.08
CA GLN H 200 50.82 98.87 25.44
C GLN H 200 49.33 98.53 25.37
N ASN H 201 48.95 97.27 25.56
CA ASN H 201 47.54 96.94 25.63
C ASN H 201 46.90 97.50 26.90
N VAL H 202 47.66 97.53 27.99
CA VAL H 202 47.18 98.20 29.20
C VAL H 202 47.14 99.70 29.02
N ALA H 203 48.04 100.24 28.20
CA ALA H 203 48.06 101.68 27.94
C ALA H 203 46.80 102.13 27.21
N ASP H 204 46.29 101.31 26.30
CA ASP H 204 45.06 101.65 25.60
C ASP H 204 43.86 101.66 26.54
N TYR H 205 43.84 100.74 27.51
CA TYR H 205 42.70 100.64 28.43
C TYR H 205 42.66 101.82 29.39
N MET H 206 43.81 102.22 29.93
CA MET H 206 43.85 103.39 30.81
C MET H 206 43.46 104.67 30.09
N ARG H 207 43.90 104.82 28.84
CA ARG H 207 43.48 105.97 28.04
C ARG H 207 42.01 105.86 27.66
N TYR H 208 41.51 104.63 27.48
CA TYR H 208 40.09 104.43 27.23
C TYR H 208 39.24 104.85 28.41
N LEU H 209 39.73 104.64 29.63
CA LEU H 209 39.01 105.05 30.83
C LEU H 209 39.07 106.55 31.05
N MET H 210 39.96 107.26 30.35
CA MET H 210 39.99 108.72 30.44
C MET H 210 38.74 109.33 29.82
N GLU H 211 38.33 108.82 28.65
CA GLU H 211 37.22 109.41 27.92
C GLU H 211 35.86 108.95 28.45
N GLU H 212 35.78 107.73 28.97
CA GLU H 212 34.47 107.18 29.34
C GLU H 212 33.99 107.74 30.68
N ASP H 213 34.71 107.45 31.76
CA ASP H 213 34.32 107.92 33.09
C ASP H 213 35.53 107.82 34.02
N GLU H 214 35.71 108.84 34.85
CA GLU H 214 36.88 108.88 35.73
C GLU H 214 36.72 107.98 36.95
N ASP H 215 35.49 107.75 37.41
CA ASP H 215 35.30 106.99 38.64
C ASP H 215 35.69 105.52 38.47
N ALA H 216 35.39 104.94 37.31
CA ALA H 216 35.79 103.56 37.07
C ALA H 216 37.29 103.42 36.89
N TYR H 217 37.96 104.49 36.43
CA TYR H 217 39.42 104.45 36.29
C TYR H 217 40.10 104.33 37.64
N LYS H 218 39.62 105.03 38.66
CA LYS H 218 40.22 104.94 39.99
C LYS H 218 39.91 103.62 40.68
N LYS H 219 38.76 103.00 40.36
CA LYS H 219 38.41 101.72 40.96
C LYS H 219 39.19 100.58 40.31
N GLN H 220 39.22 100.55 38.98
CA GLN H 220 39.95 99.50 38.28
C GLN H 220 41.45 99.61 38.52
N PHE H 221 41.99 100.82 38.49
CA PHE H 221 43.40 101.06 38.72
C PHE H 221 43.57 102.02 39.90
N SER H 222 44.23 101.55 40.95
CA SER H 222 44.49 102.37 42.13
C SER H 222 45.97 102.57 42.39
N GLN H 223 46.78 101.51 42.33
CA GLN H 223 48.22 101.66 42.54
C GLN H 223 48.92 102.28 41.33
N TYR H 224 48.29 102.26 40.15
CA TYR H 224 48.80 103.05 39.03
C TYR H 224 48.77 104.53 39.36
N ILE H 225 47.68 105.00 39.97
CA ILE H 225 47.60 106.39 40.40
C ILE H 225 48.52 106.63 41.59
N LYS H 226 48.59 105.69 42.53
CA LYS H 226 49.38 105.87 43.74
C LYS H 226 50.87 105.93 43.43
N ASN H 227 51.35 105.07 42.53
CA ASN H 227 52.75 105.04 42.16
C ASN H 227 53.05 105.90 40.94
N ASN H 228 52.05 106.64 40.44
CA ASN H 228 52.20 107.60 39.35
C ASN H 228 52.72 106.94 38.08
N VAL H 229 51.96 105.96 37.60
CA VAL H 229 52.29 105.22 36.37
C VAL H 229 51.19 105.55 35.36
N THR H 230 51.41 106.59 34.57
CA THR H 230 50.54 106.94 33.46
C THR H 230 50.90 106.09 32.24
N PRO H 231 50.00 105.98 31.25
CA PRO H 231 50.31 105.14 30.07
C PRO H 231 51.52 105.59 29.27
N ASP H 232 52.00 106.82 29.45
CA ASP H 232 53.01 107.37 28.55
C ASP H 232 54.35 106.64 28.68
N MET H 233 54.85 106.45 29.90
CA MET H 233 56.23 105.98 30.07
C MET H 233 56.34 104.50 30.41
N MET H 234 55.27 103.71 30.32
CA MET H 234 55.44 102.28 30.56
C MET H 234 56.31 101.62 29.50
N GLU H 235 56.25 102.10 28.26
CA GLU H 235 57.19 101.63 27.25
C GLU H 235 58.62 102.00 27.61
N GLU H 236 58.83 103.17 28.23
CA GLU H 236 60.15 103.52 28.73
C GLU H 236 60.46 102.78 30.03
N MET H 237 59.44 102.55 30.86
CA MET H 237 59.66 101.87 32.13
C MET H 237 60.10 100.42 31.92
N TYR H 238 59.46 99.72 30.98
CA TYR H 238 59.83 98.33 30.73
C TYR H 238 61.18 98.23 30.03
N LYS H 239 61.52 99.21 29.19
CA LYS H 239 62.86 99.24 28.60
C LYS H 239 63.92 99.49 29.65
N LYS H 240 63.61 100.33 30.65
CA LYS H 240 64.50 100.50 31.79
C LYS H 240 64.63 99.20 32.58
N ALA H 241 63.52 98.48 32.76
CA ALA H 241 63.55 97.21 33.48
C ALA H 241 64.29 96.14 32.69
N HIS H 242 64.13 96.14 31.37
CA HIS H 242 64.83 95.17 30.53
C HIS H 242 66.34 95.37 30.60
N ALA H 243 66.79 96.63 30.58
CA ALA H 243 68.21 96.91 30.71
C ALA H 243 68.72 96.61 32.11
N ALA H 244 67.90 96.88 33.14
CA ALA H 244 68.33 96.64 34.51
C ALA H 244 68.42 95.15 34.83
N ILE H 245 67.60 94.33 34.18
CA ILE H 245 67.65 92.88 34.43
C ILE H 245 68.93 92.29 33.88
N ARG H 246 69.32 92.70 32.66
CA ARG H 246 70.47 92.09 32.00
C ARG H 246 71.80 92.51 32.62
N GLU H 247 71.88 93.71 33.21
CA GLU H 247 73.15 94.16 33.78
C GLU H 247 73.44 93.48 35.11
N ASN H 248 72.41 93.17 35.89
CA ASN H 248 72.57 92.51 37.18
C ASN H 248 71.42 91.53 37.40
N PRO H 249 71.53 90.33 36.82
CA PRO H 249 70.48 89.32 37.03
C PRO H 249 70.67 88.43 38.25
N VAL H 250 71.75 88.60 38.99
CA VAL H 250 72.03 87.76 40.15
C VAL H 250 71.04 88.09 41.26
N TYR H 251 70.76 87.10 42.11
CA TYR H 251 69.82 87.25 43.21
C TYR H 251 70.55 87.28 44.54
N GLU H 252 70.08 88.14 45.43
CA GLU H 252 70.62 88.24 46.79
C GLU H 252 69.53 87.85 47.78
N LYS H 253 69.81 86.84 48.60
CA LYS H 253 68.83 86.36 49.56
C LYS H 253 68.69 87.33 50.73
N LYS H 254 67.47 87.42 51.24
CA LYS H 254 67.21 88.24 52.41
C LYS H 254 67.85 87.58 53.64
N PRO H 255 68.43 88.36 54.55
CA PRO H 255 68.98 87.76 55.78
C PRO H 255 67.87 87.18 56.65
N LYS H 256 68.21 86.10 57.35
CA LYS H 256 67.26 85.40 58.20
C LYS H 256 67.51 85.80 59.64
N ARG H 257 66.61 86.63 60.19
CA ARG H 257 66.70 87.00 61.59
C ARG H 257 66.27 85.82 62.46
N GLU H 258 66.74 85.81 63.70
CA GLU H 258 66.51 84.69 64.60
C GLU H 258 65.02 84.55 64.92
N VAL H 259 64.51 83.33 64.77
CA VAL H 259 63.10 83.06 65.04
C VAL H 259 62.88 82.92 66.55
N LYS H 260 61.74 83.42 67.01
CA LYS H 260 61.37 83.29 68.42
C LYS H 260 61.11 81.84 68.84
N LYS H 261 60.90 80.94 67.88
CA LYS H 261 60.61 79.52 68.12
C LYS H 261 59.37 79.37 69.01
N LYS H 262 58.26 79.85 68.47
CA LYS H 262 56.95 79.71 69.11
C LYS H 262 56.01 78.99 68.15
N ARG H 263 55.03 78.31 68.73
CA ARG H 263 54.08 77.51 67.96
C ARG H 263 52.74 78.25 67.90
N TRP H 264 52.46 78.85 66.75
CA TRP H 264 51.12 79.38 66.50
C TRP H 264 50.11 78.27 66.29
N ASN H 265 50.57 77.05 66.01
CA ASN H 265 49.72 75.92 65.70
C ASN H 265 49.13 75.31 66.97
N ARG H 266 48.06 74.54 66.79
CA ARG H 266 47.44 73.76 67.86
C ARG H 266 48.11 72.41 67.96
N PRO H 267 48.72 72.09 69.10
CA PRO H 267 49.42 70.80 69.23
C PRO H 267 48.44 69.64 69.27
N LYS H 268 48.93 68.48 68.83
CA LYS H 268 48.12 67.27 68.81
C LYS H 268 47.92 66.76 70.23
N MET H 269 46.66 66.47 70.58
CA MET H 269 46.33 66.04 71.91
C MET H 269 46.63 64.55 72.08
N SER H 270 47.28 64.20 73.19
CA SER H 270 47.82 62.86 73.36
C SER H 270 46.70 61.86 73.72
N LEU H 271 47.10 60.59 73.77
CA LEU H 271 46.15 59.50 74.04
C LEU H 271 45.58 59.59 75.46
N ALA H 272 46.43 59.93 76.43
CA ALA H 272 45.98 59.99 77.82
C ALA H 272 44.90 61.04 78.00
N GLN H 273 45.05 62.19 77.33
CA GLN H 273 43.98 63.19 77.34
C GLN H 273 42.77 62.73 76.52
N LYS H 274 43.01 61.98 75.44
CA LYS H 274 41.91 61.42 74.67
C LYS H 274 41.10 60.43 75.50
N LYS H 275 41.78 59.57 76.27
CA LYS H 275 41.10 58.64 77.15
C LYS H 275 40.50 59.33 78.36
N ASP H 276 41.04 60.49 78.76
CA ASP H 276 40.47 61.22 79.89
C ASP H 276 39.19 61.94 79.49
N ARG H 277 39.06 62.34 78.23
CA ARG H 277 37.86 63.06 77.79
C ARG H 277 36.62 62.19 77.92
N VAL H 278 36.71 60.92 77.51
CA VAL H 278 35.54 60.06 77.54
C VAL H 278 35.21 59.60 78.95
N ALA H 279 36.21 59.53 79.85
CA ALA H 279 35.91 59.24 81.24
C ALA H 279 35.15 60.38 81.90
N GLN H 280 35.53 61.62 81.56
CA GLN H 280 34.82 62.78 82.10
C GLN H 280 33.46 62.95 81.43
N LYS H 281 33.36 62.59 80.15
CA LYS H 281 32.08 62.66 79.45
C LYS H 281 31.09 61.65 80.03
N LYS H 282 31.55 60.44 80.31
CA LYS H 282 30.66 59.40 80.82
C LYS H 282 30.27 59.67 82.27
N ALA H 283 31.22 60.17 83.08
CA ALA H 283 30.92 60.45 84.47
C ALA H 283 29.94 61.62 84.61
N SER H 284 30.11 62.66 83.79
CA SER H 284 29.20 63.80 83.85
C SER H 284 27.81 63.46 83.33
N PHE H 285 27.70 62.59 82.33
CA PHE H 285 26.39 62.20 81.83
C PHE H 285 25.63 61.40 82.87
N LEU H 286 26.34 60.64 83.70
CA LEU H 286 25.67 59.85 84.75
C LEU H 286 25.13 60.75 85.86
N ARG H 287 25.92 61.72 86.32
CA ARG H 287 25.46 62.58 87.41
C ARG H 287 24.40 63.57 86.92
N ALA H 288 24.49 64.03 85.67
CA ALA H 288 23.44 64.85 85.11
C ALA H 288 22.15 64.08 84.90
N GLN H 289 22.25 62.78 84.58
CA GLN H 289 21.06 61.93 84.54
C GLN H 289 20.48 61.73 85.94
N GLU H 290 21.33 61.67 86.96
CA GLU H 290 20.86 61.50 88.33
C GLU H 290 20.06 62.69 88.83
N ARG H 291 20.33 63.89 88.31
CA ARG H 291 19.55 65.06 88.68
C ARG H 291 18.17 65.09 88.04
N ALA H 292 17.97 64.36 86.93
CA ALA H 292 16.66 64.28 86.31
C ALA H 292 15.72 63.37 87.07
N ALA H 293 16.24 62.35 87.75
CA ALA H 293 15.42 61.42 88.51
C ALA H 293 15.59 61.64 90.01
N LYS I 1 133.35 -9.12 79.29
CA LYS I 1 133.51 -10.30 80.13
C LYS I 1 132.91 -10.05 81.52
N GLY I 2 131.99 -10.91 81.92
CA GLY I 2 131.37 -10.80 83.22
C GLY I 2 130.13 -11.66 83.30
N LYS I 3 129.63 -11.80 84.51
CA LYS I 3 128.43 -12.60 84.73
C LYS I 3 127.20 -11.85 84.23
N PRO I 4 126.24 -12.55 83.62
CA PRO I 4 125.00 -11.90 83.18
C PRO I 4 123.90 -11.99 84.22
N HIS I 5 123.16 -10.89 84.40
CA HIS I 5 122.00 -10.90 85.28
C HIS I 5 120.74 -11.13 84.46
N CYS I 6 119.71 -11.67 85.13
CA CYS I 6 118.43 -11.91 84.47
C CYS I 6 117.76 -10.58 84.11
N SER I 7 116.66 -10.68 83.36
CA SER I 7 115.88 -9.51 83.01
C SER I 7 115.36 -8.84 84.27
N ARG I 8 115.81 -7.59 84.49
CA ARG I 8 115.53 -6.90 85.76
C ARG I 8 114.04 -6.64 85.95
N ASN I 9 113.33 -6.26 84.89
CA ASN I 9 111.89 -6.05 84.99
C ASN I 9 111.16 -7.36 84.82
N PRO I 10 110.29 -7.75 85.75
CA PRO I 10 109.45 -8.92 85.53
C PRO I 10 108.42 -8.68 84.44
N VAL I 11 108.02 -9.75 83.78
CA VAL I 11 106.98 -9.66 82.76
C VAL I 11 105.63 -9.48 83.44
N LEU I 12 104.90 -8.45 83.03
CA LEU I 12 103.61 -8.14 83.61
C LEU I 12 102.46 -8.66 82.75
N VAL I 13 102.41 -8.20 81.49
CA VAL I 13 101.52 -8.74 80.47
C VAL I 13 102.41 -9.07 79.28
N ARG I 14 102.12 -10.18 78.60
CA ARG I 14 102.94 -10.66 77.49
C ARG I 14 103.11 -9.57 76.45
N GLY I 15 104.35 -9.23 76.15
CA GLY I 15 104.68 -8.12 75.27
C GLY I 15 104.78 -6.77 75.95
N ILE I 16 104.52 -6.68 77.25
CA ILE I 16 104.53 -5.42 77.98
C ILE I 16 105.42 -5.59 79.20
N GLY I 17 106.42 -4.70 79.33
CA GLY I 17 107.26 -4.71 80.51
C GLY I 17 106.61 -4.00 81.69
N ARG I 18 107.04 -4.39 82.90
CA ARG I 18 106.51 -3.77 84.10
C ARG I 18 107.07 -2.37 84.33
N TYR I 19 108.34 -2.16 84.01
CA TYR I 19 108.99 -0.87 84.24
C TYR I 19 109.13 -0.11 82.93
N SER I 20 108.88 1.19 82.98
CA SER I 20 109.08 2.05 81.82
C SER I 20 110.56 2.20 81.52
N ARG I 21 110.86 2.62 80.28
CA ARG I 21 112.24 2.67 79.81
C ARG I 21 113.10 3.68 80.57
N SER I 22 112.54 4.80 81.02
CA SER I 22 113.33 5.73 81.83
C SER I 22 113.52 5.19 83.25
N ALA I 23 112.49 4.52 83.79
CA ALA I 23 112.68 3.79 85.04
C ALA I 23 113.58 2.58 84.83
N MET I 24 113.53 1.98 83.63
CA MET I 24 114.50 0.94 83.27
C MET I 24 115.90 1.52 83.12
N TYR I 25 115.99 2.78 82.67
CA TYR I 25 117.28 3.43 82.52
C TYR I 25 117.97 3.61 83.88
N SER I 26 117.20 4.02 84.90
CA SER I 26 117.76 4.16 86.24
C SER I 26 118.02 2.81 86.88
N ARG I 27 117.17 1.81 86.60
CA ARG I 27 117.38 0.48 87.14
C ARG I 27 118.59 -0.19 86.50
N LYS I 28 118.82 0.03 85.19
CA LYS I 28 120.02 -0.46 84.53
C LYS I 28 121.29 0.23 84.99
N ALA I 29 121.18 1.40 85.63
CA ALA I 29 122.32 2.26 85.96
C ALA I 29 123.13 2.63 84.71
N LEU I 30 122.40 2.94 83.63
CA LEU I 30 123.00 3.41 82.39
C LEU I 30 123.41 4.88 82.44
N TYR I 31 123.02 5.60 83.49
CA TYR I 31 123.41 7.00 83.62
C TYR I 31 124.91 7.16 83.81
N LYS I 32 125.54 6.21 84.49
CA LYS I 32 126.97 6.23 84.75
C LYS I 32 127.74 5.24 83.88
N ARG I 33 127.14 4.76 82.80
CA ARG I 33 127.77 3.81 81.91
C ARG I 33 127.74 4.31 80.47
N LYS I 34 128.21 5.54 80.26
CA LYS I 34 128.29 6.06 78.90
C LYS I 34 129.43 5.38 78.14
N TYR I 35 129.16 5.03 76.89
CA TYR I 35 130.10 4.34 76.03
C TYR I 35 130.24 5.11 74.73
N ALA I 36 131.47 5.38 74.32
CA ALA I 36 131.75 6.15 73.12
C ALA I 36 132.86 5.48 72.33
N ALA I 37 132.87 5.72 71.02
CA ALA I 37 133.88 5.15 70.14
C ALA I 37 134.26 6.15 69.06
N LEU I 52 140.20 -19.01 53.42
CA LEU I 52 139.13 -19.82 53.99
C LEU I 52 138.76 -20.98 53.07
N ALA I 53 138.72 -20.71 51.77
CA ALA I 53 138.39 -21.73 50.78
C ALA I 53 139.61 -22.29 50.06
N THR I 54 140.65 -21.48 49.86
CA THR I 54 141.85 -21.92 49.16
C THR I 54 142.84 -22.49 50.17
N VAL I 55 143.26 -23.74 49.94
CA VAL I 55 144.20 -24.43 50.81
C VAL I 55 145.37 -24.91 49.96
N THR I 56 146.59 -24.57 50.40
CA THR I 56 147.79 -25.01 49.71
C THR I 56 148.16 -26.41 50.17
N LYS I 57 148.40 -27.30 49.21
CA LYS I 57 148.75 -28.68 49.50
C LYS I 57 149.98 -29.11 48.71
N PRO I 58 150.85 -29.92 49.29
CA PRO I 58 151.98 -30.46 48.53
C PRO I 58 151.56 -31.61 47.65
N VAL I 59 152.20 -31.72 46.50
CA VAL I 59 151.94 -32.78 45.52
C VAL I 59 153.24 -33.46 45.17
N GLY I 60 153.28 -34.79 45.31
CA GLY I 60 154.47 -35.56 44.99
C GLY I 60 154.70 -35.71 43.50
N GLY I 65 155.93 -31.36 38.94
CA GLY I 65 155.36 -31.42 40.27
C GLY I 65 155.39 -30.09 41.01
N GLY I 66 155.42 -30.15 42.34
CA GLY I 66 155.46 -28.95 43.15
C GLY I 66 154.39 -28.92 44.21
N THR I 67 153.66 -27.80 44.30
CA THR I 67 152.59 -27.64 45.27
C THR I 67 151.34 -27.13 44.55
N ARG I 68 150.18 -27.56 45.05
CA ARG I 68 148.90 -27.21 44.47
C ARG I 68 148.05 -26.47 45.50
N VAL I 69 147.29 -25.50 45.03
CA VAL I 69 146.40 -24.71 45.86
C VAL I 69 144.98 -25.12 45.51
N VAL I 70 144.42 -26.07 46.27
CA VAL I 70 143.07 -26.56 46.02
C VAL I 70 142.06 -25.55 46.57
N LYS I 71 140.88 -25.54 45.98
CA LYS I 71 139.80 -24.66 46.39
C LYS I 71 138.66 -25.50 46.96
N LEU I 72 138.30 -25.24 48.22
CA LEU I 72 137.17 -25.91 48.83
C LEU I 72 135.87 -25.38 48.26
N ARG I 73 134.83 -26.23 48.31
CA ARG I 73 133.50 -25.93 47.78
C ARG I 73 133.56 -25.55 46.30
N LYS I 74 133.97 -26.55 45.51
CA LYS I 74 134.13 -26.35 44.08
C LYS I 74 132.78 -26.15 43.41
N MET I 75 132.82 -25.64 42.19
CA MET I 75 131.60 -25.33 41.46
C MET I 75 130.83 -26.60 41.12
N PRO I 76 129.50 -26.57 41.17
CA PRO I 76 128.71 -27.77 40.86
C PRO I 76 128.84 -28.16 39.39
N ARG I 77 128.76 -29.46 39.14
CA ARG I 77 128.87 -30.01 37.80
C ARG I 77 127.52 -30.14 37.10
N TYR I 78 126.41 -29.88 37.80
CA TYR I 78 125.09 -30.04 37.23
C TYR I 78 124.24 -28.81 37.53
N TYR I 79 123.39 -28.45 36.58
CA TYR I 79 122.43 -27.36 36.72
C TYR I 79 121.10 -27.78 36.13
N PRO I 80 120.01 -27.70 36.89
CA PRO I 80 118.69 -28.07 36.36
C PRO I 80 118.22 -27.07 35.31
N THR I 81 117.25 -27.53 34.50
CA THR I 81 116.70 -26.68 33.45
C THR I 81 116.00 -25.46 34.02
N GLU I 82 115.24 -25.63 35.10
CA GLU I 82 114.58 -24.53 35.77
C GLU I 82 114.53 -24.81 37.27
N ASP I 83 114.53 -23.74 38.06
CA ASP I 83 114.64 -23.83 39.50
C ASP I 83 113.60 -22.89 40.10
N VAL I 84 113.15 -23.22 41.31
CA VAL I 84 112.13 -22.46 42.01
C VAL I 84 112.68 -21.12 42.47
N PRO I 85 111.85 -20.08 42.54
CA PRO I 85 112.23 -18.87 43.25
C PRO I 85 112.15 -19.08 44.76
N ARG I 86 112.95 -18.32 45.50
CA ARG I 86 112.92 -18.43 46.94
C ARG I 86 111.69 -17.76 47.51
N LYS I 87 111.29 -18.22 48.70
CA LYS I 87 110.09 -17.74 49.35
C LYS I 87 110.41 -16.59 50.29
N LEU I 88 109.38 -15.79 50.59
CA LEU I 88 109.55 -14.64 51.46
C LEU I 88 109.79 -15.09 52.91
N LEU I 89 110.30 -14.16 53.71
CA LEU I 89 110.70 -14.45 55.08
C LEU I 89 109.53 -14.25 56.03
N SER I 90 109.27 -15.26 56.87
CA SER I 90 108.28 -15.19 57.94
C SER I 90 109.01 -15.13 59.28
N HIS I 91 108.25 -14.83 60.33
CA HIS I 91 108.85 -14.63 61.65
C HIS I 91 108.20 -15.49 62.72
N GLY I 92 106.89 -15.70 62.61
CA GLY I 92 106.13 -16.38 63.64
C GLY I 92 106.03 -17.88 63.49
N LYS I 93 106.77 -18.48 62.57
CA LYS I 93 106.70 -19.91 62.31
C LYS I 93 107.94 -20.58 62.90
N LYS I 94 107.71 -21.54 63.79
CA LYS I 94 108.77 -22.28 64.47
C LYS I 94 108.63 -23.77 64.22
N PRO I 95 109.74 -24.51 64.29
CA PRO I 95 109.65 -25.97 64.19
C PRO I 95 108.97 -26.57 65.41
N PHE I 96 108.48 -27.80 65.24
CA PHE I 96 107.67 -28.46 66.26
C PHE I 96 108.44 -28.69 67.55
N SER I 97 109.77 -28.85 67.47
CA SER I 97 110.56 -29.07 68.66
C SER I 97 110.67 -27.82 69.53
N GLN I 98 110.48 -26.63 68.96
CA GLN I 98 110.61 -25.38 69.70
C GLN I 98 109.26 -24.79 70.07
N HIS I 99 108.16 -25.48 69.79
CA HIS I 99 106.84 -24.98 70.15
C HIS I 99 106.62 -25.05 71.66
N VAL I 100 105.70 -24.23 72.14
CA VAL I 100 105.25 -24.32 73.52
C VAL I 100 104.21 -25.43 73.62
N ARG I 101 104.23 -26.15 74.73
CA ARG I 101 103.41 -27.35 74.91
C ARG I 101 102.44 -27.11 76.06
N LYS I 102 101.16 -27.04 75.73
CA LYS I 102 100.13 -26.76 76.72
C LYS I 102 99.74 -28.02 77.49
N LEU I 103 99.01 -27.82 78.59
CA LEU I 103 98.52 -28.91 79.41
C LEU I 103 97.27 -28.44 80.13
N ARG I 104 96.26 -29.31 80.21
CA ARG I 104 95.01 -28.97 80.86
C ARG I 104 95.22 -28.82 82.37
N ALA I 105 94.40 -27.97 82.97
CA ALA I 105 94.44 -27.80 84.43
C ALA I 105 93.90 -29.03 85.14
N SER I 106 92.98 -29.76 84.50
CA SER I 106 92.47 -30.98 85.11
C SER I 106 93.51 -32.10 85.08
N ILE I 107 94.38 -32.10 84.08
CA ILE I 107 95.42 -33.12 83.97
C ILE I 107 96.57 -32.74 84.89
N THR I 108 96.70 -33.44 86.01
CA THR I 108 97.76 -33.25 86.99
C THR I 108 98.40 -34.59 87.28
N PRO I 109 99.68 -34.61 87.66
CA PRO I 109 100.35 -35.90 87.97
C PRO I 109 99.68 -36.60 89.14
N GLY I 110 99.12 -37.77 88.86
CA GLY I 110 98.39 -38.55 89.84
C GLY I 110 96.93 -38.74 89.53
N THR I 111 96.39 -38.06 88.53
CA THR I 111 95.00 -38.22 88.15
C THR I 111 94.82 -39.47 87.29
N ILE I 112 93.56 -39.87 87.12
CA ILE I 112 93.19 -41.06 86.36
C ILE I 112 92.55 -40.61 85.05
N LEU I 113 93.07 -41.11 83.95
CA LEU I 113 92.59 -40.76 82.62
C LEU I 113 91.90 -41.97 81.97
N ILE I 114 91.12 -41.68 80.92
CA ILE I 114 90.40 -42.69 80.17
C ILE I 114 90.84 -42.60 78.72
N ILE I 115 91.28 -43.72 78.15
CA ILE I 115 91.75 -43.77 76.78
C ILE I 115 90.56 -44.02 75.86
N LEU I 116 90.46 -43.22 74.79
CA LEU I 116 89.30 -43.27 73.90
C LEU I 116 89.61 -43.78 72.51
N THR I 117 90.73 -43.40 71.91
CA THR I 117 90.99 -43.69 70.50
C THR I 117 91.87 -44.92 70.30
N GLY I 118 92.81 -45.18 71.21
CA GLY I 118 93.73 -46.28 71.07
C GLY I 118 93.06 -47.63 71.26
N ARG I 119 93.84 -48.69 71.08
CA ARG I 119 93.32 -50.05 71.25
C ARG I 119 92.99 -50.38 72.70
N HIS I 120 93.22 -49.45 73.64
CA HIS I 120 92.85 -49.59 75.04
C HIS I 120 91.56 -48.83 75.36
N ARG I 121 90.57 -48.92 74.48
CA ARG I 121 89.32 -48.19 74.64
C ARG I 121 88.65 -48.47 75.98
N GLY I 122 88.21 -47.40 76.64
CA GLY I 122 87.49 -47.49 77.89
C GLY I 122 88.33 -47.83 79.09
N LYS I 123 89.65 -47.94 78.93
CA LYS I 123 90.51 -48.31 80.04
C LYS I 123 90.89 -47.09 80.87
N ARG I 124 90.85 -47.26 82.18
CA ARG I 124 91.14 -46.17 83.12
C ARG I 124 92.61 -46.25 83.49
N VAL I 125 93.39 -45.30 82.97
CA VAL I 125 94.84 -45.37 82.95
C VAL I 125 95.41 -44.19 83.72
N VAL I 126 96.41 -44.44 84.57
CA VAL I 126 96.91 -43.47 85.52
C VAL I 126 97.98 -42.61 84.88
N PHE I 127 97.83 -41.29 85.00
CA PHE I 127 98.73 -40.32 84.38
C PHE I 127 99.97 -40.12 85.25
N LEU I 128 101.15 -40.21 84.62
CA LEU I 128 102.42 -40.04 85.33
C LEU I 128 102.97 -38.63 85.20
N LYS I 129 103.28 -38.19 83.98
CA LYS I 129 103.99 -36.94 83.79
C LYS I 129 103.80 -36.44 82.37
N GLN I 130 104.14 -35.17 82.15
CA GLN I 130 104.06 -34.55 80.84
C GLN I 130 105.41 -34.66 80.15
N LEU I 131 105.40 -35.23 78.94
CA LEU I 131 106.63 -35.44 78.20
C LEU I 131 107.05 -34.17 77.46
N SER I 132 108.16 -34.27 76.72
CA SER I 132 108.72 -33.09 76.06
C SER I 132 107.91 -32.66 74.84
N SER I 133 107.45 -33.61 74.03
CA SER I 133 106.77 -33.26 72.78
C SER I 133 105.31 -32.86 72.99
N GLY I 134 104.78 -33.02 74.20
CA GLY I 134 103.40 -32.70 74.50
C GLY I 134 102.53 -33.91 74.75
N LEU I 135 103.00 -35.10 74.40
CA LEU I 135 102.28 -36.32 74.71
C LEU I 135 102.35 -36.60 76.21
N LEU I 136 101.36 -37.34 76.69
CA LEU I 136 101.28 -37.69 78.11
C LEU I 136 101.82 -39.09 78.33
N LEU I 137 102.74 -39.22 79.27
CA LEU I 137 103.18 -40.53 79.74
C LEU I 137 102.14 -41.03 80.73
N VAL I 138 101.34 -42.01 80.30
CA VAL I 138 100.21 -42.49 81.09
C VAL I 138 100.38 -43.99 81.28
N THR I 139 100.20 -44.47 82.51
CA THR I 139 100.51 -45.85 82.84
C THR I 139 99.63 -46.31 84.00
N GLY I 140 98.63 -47.12 83.69
CA GLY I 140 97.96 -47.92 84.68
C GLY I 140 98.80 -49.16 84.94
N PRO I 141 98.58 -49.82 86.08
CA PRO I 141 99.31 -51.06 86.37
C PRO I 141 99.03 -52.13 85.33
N LEU I 142 100.08 -52.86 84.95
CA LEU I 142 99.93 -53.92 83.97
C LEU I 142 99.15 -55.10 84.54
N SER I 143 99.18 -55.27 85.86
CA SER I 143 98.38 -56.33 86.49
C SER I 143 96.90 -56.02 86.36
N LEU I 144 96.51 -54.75 86.48
CA LEU I 144 95.11 -54.37 86.49
C LEU I 144 94.62 -53.97 85.09
N ASN I 145 95.23 -52.95 84.50
CA ASN I 145 94.74 -52.42 83.23
C ASN I 145 95.33 -53.15 82.02
N ARG I 146 96.38 -53.94 82.21
CA ARG I 146 97.15 -54.53 81.10
C ARG I 146 97.61 -53.44 80.13
N VAL I 147 98.12 -52.35 80.70
CA VAL I 147 98.56 -51.19 79.93
C VAL I 147 100.01 -50.90 80.30
N PRO I 148 100.94 -50.91 79.36
CA PRO I 148 102.35 -50.64 79.69
C PRO I 148 102.65 -49.16 79.85
N LEU I 149 103.92 -48.83 80.01
CA LEU I 149 104.37 -47.44 79.96
C LEU I 149 104.16 -46.95 78.53
N ARG I 150 103.07 -46.24 78.30
CA ARG I 150 102.62 -45.91 76.95
C ARG I 150 102.33 -44.42 76.84
N ARG I 151 102.74 -43.84 75.71
CA ARG I 151 102.41 -42.46 75.41
C ARG I 151 100.95 -42.33 74.98
N THR I 152 100.40 -41.14 75.19
CA THR I 152 99.02 -40.86 74.78
C THR I 152 98.86 -39.36 74.61
N HIS I 153 98.28 -38.96 73.47
CA HIS I 153 97.99 -37.56 73.23
C HIS I 153 96.93 -37.05 74.19
N GLN I 154 97.10 -35.81 74.64
CA GLN I 154 96.24 -35.24 75.67
C GLN I 154 94.85 -34.89 75.17
N LYS I 155 94.67 -34.70 73.86
CA LYS I 155 93.34 -34.34 73.35
C LYS I 155 92.37 -35.51 73.44
N PHE I 156 92.83 -36.71 73.09
CA PHE I 156 91.98 -37.90 73.10
C PHE I 156 91.97 -38.56 74.48
N VAL I 157 91.69 -37.77 75.52
CA VAL I 157 91.75 -38.22 76.90
C VAL I 157 90.56 -37.65 77.66
N ILE I 158 89.82 -38.53 78.34
CA ILE I 158 88.85 -38.11 79.34
C ILE I 158 89.56 -38.02 80.68
N ALA I 159 89.49 -36.84 81.29
CA ALA I 159 90.23 -36.55 82.52
C ALA I 159 89.27 -36.66 83.70
N THR I 160 89.29 -37.82 84.36
CA THR I 160 88.44 -38.05 85.53
C THR I 160 89.06 -37.38 86.75
N SER I 161 88.21 -36.77 87.58
CA SER I 161 88.66 -36.07 88.79
C SER I 161 88.86 -37.05 89.94
N THR I 162 89.74 -38.02 89.70
CA THR I 162 90.16 -38.99 90.72
C THR I 162 91.68 -39.00 90.74
N LYS I 163 92.27 -38.58 91.85
CA LYS I 163 93.70 -38.33 91.94
C LYS I 163 94.34 -39.16 93.04
N ILE I 164 95.51 -39.70 92.75
CA ILE I 164 96.37 -40.31 93.75
C ILE I 164 97.62 -39.44 93.91
N ASP I 165 98.39 -39.72 94.95
CA ASP I 165 99.56 -38.92 95.30
C ASP I 165 100.81 -39.64 94.78
N ILE I 166 101.28 -39.23 93.61
CA ILE I 166 102.51 -39.79 93.04
C ILE I 166 103.63 -38.78 93.23
N SER I 167 103.50 -37.91 94.23
CA SER I 167 104.56 -36.94 94.51
C SER I 167 105.82 -37.63 95.00
N GLY I 168 105.68 -38.78 95.65
CA GLY I 168 106.81 -39.48 96.24
C GLY I 168 107.36 -40.65 95.45
N VAL I 169 107.06 -40.74 94.16
CA VAL I 169 107.57 -41.82 93.33
C VAL I 169 108.80 -41.31 92.59
N LYS I 170 109.58 -42.25 92.06
CA LYS I 170 110.83 -41.96 91.36
C LYS I 170 110.70 -42.46 89.93
N ILE I 171 110.27 -41.58 89.03
CA ILE I 171 110.20 -41.95 87.61
C ILE I 171 111.63 -42.05 87.06
N PRO I 172 111.94 -43.05 86.24
CA PRO I 172 113.28 -43.13 85.64
C PRO I 172 113.50 -41.99 84.65
N LYS I 173 114.67 -41.38 84.72
CA LYS I 173 115.02 -40.28 83.81
C LYS I 173 115.41 -40.76 82.43
N HIS I 174 115.85 -42.02 82.29
CA HIS I 174 116.32 -42.50 81.00
C HIS I 174 115.19 -42.71 80.01
N LEU I 175 113.98 -42.99 80.50
CA LEU I 175 112.83 -43.14 79.61
C LEU I 175 112.32 -41.76 79.24
N THR I 176 112.12 -41.53 77.95
CA THR I 176 111.66 -40.25 77.43
C THR I 176 110.90 -40.50 76.14
N ASP I 177 110.70 -39.43 75.36
CA ASP I 177 110.00 -39.56 74.10
C ASP I 177 110.79 -40.40 73.09
N ALA I 178 112.12 -40.26 73.09
CA ALA I 178 112.95 -41.08 72.22
C ALA I 178 112.96 -42.54 72.66
N TYR I 179 112.72 -42.80 73.95
CA TYR I 179 112.65 -44.17 74.44
C TYR I 179 111.41 -44.89 73.93
N PHE I 180 110.29 -44.18 73.79
CA PHE I 180 109.05 -44.75 73.29
C PHE I 180 108.88 -44.56 71.79
N LYS I 181 109.87 -43.97 71.12
CA LYS I 181 109.80 -43.79 69.68
C LYS I 181 109.87 -45.14 68.97
N LYS I 182 109.05 -45.29 67.93
CA LYS I 182 109.04 -46.52 67.16
C LYS I 182 110.32 -46.65 66.35
N LYS I 183 110.94 -47.83 66.43
CA LYS I 183 112.28 -48.00 65.88
C LYS I 183 112.26 -48.20 64.36
N LYS I 184 111.60 -49.27 63.91
CA LYS I 184 111.57 -49.59 62.49
C LYS I 184 110.36 -50.45 62.14
N LYS I 202 107.49 -56.83 63.25
CA LYS I 202 107.13 -57.60 64.44
C LYS I 202 107.70 -56.96 65.69
N TYR I 203 106.83 -56.64 66.65
CA TYR I 203 107.24 -56.01 67.90
C TYR I 203 107.39 -57.07 68.98
N GLU I 204 108.61 -57.22 69.51
CA GLU I 204 108.87 -58.06 70.67
C GLU I 204 109.31 -57.19 71.83
N ILE I 205 108.83 -57.51 73.02
CA ILE I 205 109.09 -56.69 74.20
C ILE I 205 110.53 -56.88 74.63
N THR I 206 111.27 -55.78 74.71
CA THR I 206 112.64 -55.83 75.20
C THR I 206 112.65 -55.99 76.72
N GLU I 207 113.73 -56.56 77.24
CA GLU I 207 113.87 -56.76 78.68
C GLU I 207 114.04 -55.46 79.44
N GLN I 208 114.51 -54.40 78.79
CA GLN I 208 114.56 -53.09 79.45
C GLN I 208 113.16 -52.56 79.70
N ARG I 209 112.24 -52.80 78.76
CA ARG I 209 110.85 -52.40 78.95
C ARG I 209 110.22 -53.13 80.14
N LYS I 210 110.52 -54.42 80.28
CA LYS I 210 109.96 -55.20 81.38
C LYS I 210 110.50 -54.76 82.73
N VAL I 211 111.79 -54.43 82.80
CA VAL I 211 112.39 -53.96 84.05
C VAL I 211 111.78 -52.62 84.46
N ASP I 212 111.67 -51.69 83.51
CA ASP I 212 111.07 -50.39 83.81
C ASP I 212 109.57 -50.49 84.08
N GLN I 213 108.91 -51.56 83.60
CA GLN I 213 107.50 -51.73 83.88
C GLN I 213 107.26 -52.01 85.36
N LYS I 214 108.02 -52.95 85.94
CA LYS I 214 107.90 -53.26 87.35
C LYS I 214 108.63 -52.27 88.25
N ALA I 215 109.54 -51.46 87.70
CA ALA I 215 110.21 -50.46 88.52
C ALA I 215 109.27 -49.30 88.88
N VAL I 216 108.32 -48.99 88.00
CA VAL I 216 107.35 -47.93 88.25
C VAL I 216 106.10 -48.46 88.91
N ASP I 217 105.66 -49.66 88.53
CA ASP I 217 104.45 -50.24 89.11
C ASP I 217 104.63 -50.56 90.58
N SER I 218 105.87 -50.85 91.00
CA SER I 218 106.12 -51.15 92.40
C SER I 218 105.92 -49.94 93.30
N GLN I 219 105.98 -48.73 92.73
CA GLN I 219 105.74 -47.53 93.52
C GLN I 219 104.27 -47.12 93.47
N ILE I 220 103.57 -47.48 92.41
CA ILE I 220 102.18 -47.04 92.23
C ILE I 220 101.21 -48.00 92.89
N LEU I 221 101.42 -49.30 92.67
CA LEU I 221 100.46 -50.31 93.12
C LEU I 221 100.21 -50.32 94.63
N PRO I 222 101.21 -50.18 95.52
CA PRO I 222 100.86 -50.00 96.95
C PRO I 222 100.04 -48.75 97.22
N LYS I 223 100.25 -47.68 96.47
CA LYS I 223 99.53 -46.43 96.71
C LYS I 223 98.08 -46.48 96.30
N ILE I 224 97.74 -47.21 95.23
CA ILE I 224 96.34 -47.32 94.84
C ILE I 224 95.59 -48.31 95.72
N LYS I 225 96.31 -49.17 96.45
CA LYS I 225 95.67 -50.05 97.42
C LYS I 225 95.27 -49.31 98.70
N ALA I 226 95.82 -48.12 98.93
CA ALA I 226 95.42 -47.32 100.09
C ALA I 226 94.03 -46.73 99.92
N VAL I 227 93.59 -46.50 98.69
CA VAL I 227 92.24 -46.03 98.40
C VAL I 227 91.35 -47.25 98.22
N PRO I 228 90.26 -47.38 98.99
CA PRO I 228 89.40 -48.56 98.85
C PRO I 228 88.73 -48.62 97.49
N GLN I 229 88.65 -49.85 96.96
CA GLN I 229 87.98 -50.17 95.70
C GLN I 229 88.55 -49.41 94.51
N LEU I 230 89.82 -49.01 94.57
CA LEU I 230 90.43 -48.32 93.45
C LEU I 230 90.97 -49.29 92.40
N GLN I 231 91.49 -50.44 92.82
CA GLN I 231 91.97 -51.43 91.87
C GLN I 231 90.84 -52.05 91.05
N GLY I 232 89.68 -52.26 91.66
CA GLY I 232 88.52 -52.69 90.88
C GLY I 232 88.05 -51.61 89.92
N TYR I 233 88.19 -50.35 90.32
CA TYR I 233 87.85 -49.24 89.43
C TYR I 233 88.75 -49.21 88.20
N LEU I 234 90.05 -49.48 88.38
CA LEU I 234 90.98 -49.50 87.26
C LEU I 234 90.80 -50.74 86.37
N ARG I 235 90.41 -51.87 86.95
CA ARG I 235 90.20 -53.08 86.15
C ARG I 235 88.95 -52.97 85.29
N SER I 236 87.99 -52.14 85.70
CA SER I 236 86.75 -51.98 84.95
C SER I 236 87.00 -51.16 83.68
N VAL I 237 86.03 -51.23 82.76
CA VAL I 237 86.10 -50.52 81.49
C VAL I 237 85.00 -49.48 81.47
N PHE I 238 85.26 -48.37 80.79
CA PHE I 238 84.32 -47.26 80.69
C PHE I 238 83.45 -47.42 79.45
N ALA I 239 82.15 -47.18 79.63
CA ALA I 239 81.20 -47.33 78.54
C ALA I 239 79.99 -46.45 78.82
N LEU I 240 79.21 -46.18 77.78
CA LEU I 240 77.99 -45.39 77.87
C LEU I 240 76.79 -46.32 77.72
N THR I 241 75.88 -46.27 78.70
CA THR I 241 74.67 -47.08 78.68
C THR I 241 73.48 -46.20 78.29
N ASN I 242 72.29 -46.78 78.35
CA ASN I 242 71.08 -46.04 78.03
C ASN I 242 70.79 -44.98 79.10
N GLY I 243 70.41 -43.78 78.67
CA GLY I 243 70.12 -42.70 79.58
C GLY I 243 71.34 -42.01 80.14
N VAL I 244 72.54 -42.30 79.64
CA VAL I 244 73.77 -41.70 80.12
C VAL I 244 74.23 -40.69 79.09
N TYR I 245 74.42 -39.44 79.51
CA TYR I 245 74.86 -38.37 78.64
C TYR I 245 76.10 -37.71 79.23
N PRO I 246 77.20 -37.64 78.48
CA PRO I 246 78.43 -37.03 79.03
C PRO I 246 78.28 -35.57 79.39
N HIS I 247 77.41 -34.82 78.71
CA HIS I 247 77.24 -33.41 79.04
C HIS I 247 76.46 -33.22 80.33
N LYS I 248 75.60 -34.18 80.68
CA LYS I 248 74.78 -34.05 81.88
C LYS I 248 75.54 -34.44 83.14
N LEU I 249 76.38 -35.46 83.05
CA LEU I 249 77.12 -35.98 84.20
C LEU I 249 78.44 -35.23 84.38
N VAL I 250 78.98 -35.31 85.59
CA VAL I 250 80.26 -34.70 85.92
C VAL I 250 81.20 -35.83 86.35
N PHE I 251 82.49 -35.60 86.17
CA PHE I 251 83.50 -36.61 86.43
C PHE I 251 84.86 -35.99 86.75
N ASN J 1 139.07 3.24 45.15
CA ASN J 1 138.67 4.38 45.96
C ASN J 1 137.59 3.97 46.96
N PHE J 2 136.40 4.56 46.81
CA PHE J 2 135.22 4.24 47.63
C PHE J 2 135.47 4.46 49.12
N ALA J 3 136.36 5.40 49.45
CA ALA J 3 136.69 5.64 50.84
C ALA J 3 135.65 6.52 51.53
N GLU J 4 135.47 7.75 51.02
CA GLU J 4 134.51 8.66 51.62
C GLU J 4 133.08 8.28 51.27
N LEU J 5 132.86 7.66 50.11
CA LEU J 5 131.51 7.34 49.67
C LEU J 5 130.88 6.22 50.50
N LYS J 6 131.69 5.26 50.97
CA LYS J 6 131.15 4.21 51.81
C LYS J 6 130.77 4.74 53.19
N ILE J 7 131.63 5.58 53.78
CA ILE J 7 131.30 6.21 55.04
C ILE J 7 130.13 7.17 54.91
N LYS J 8 130.02 7.86 53.78
CA LYS J 8 128.85 8.71 53.54
C LYS J 8 127.57 7.89 53.40
N ARG J 9 127.68 6.66 52.90
CA ARG J 9 126.54 5.76 52.89
C ARG J 9 126.09 5.41 54.31
N LEU J 10 127.06 5.20 55.22
CA LEU J 10 126.72 4.96 56.62
C LEU J 10 126.07 6.19 57.25
N ARG J 11 126.56 7.38 56.90
CA ARG J 11 125.97 8.61 57.41
C ARG J 11 124.71 9.02 56.67
N LYS J 12 124.44 8.42 55.50
CA LYS J 12 123.18 8.68 54.81
C LYS J 12 122.03 7.99 55.52
N LYS J 13 122.16 6.68 55.79
CA LYS J 13 121.11 5.96 56.49
C LYS J 13 121.00 6.38 57.95
N PHE J 14 122.09 6.88 58.54
CA PHE J 14 122.05 7.38 59.90
C PHE J 14 121.25 8.67 60.00
N ALA J 15 121.07 9.40 58.89
CA ALA J 15 120.28 10.63 58.93
C ALA J 15 118.80 10.34 59.18
N GLN J 16 118.23 9.39 58.44
CA GLN J 16 116.85 9.01 58.68
C GLN J 16 116.68 8.08 59.88
N LYS J 17 117.77 7.46 60.36
CA LYS J 17 117.66 6.65 61.56
C LYS J 17 117.43 7.50 62.80
N MET J 18 118.15 8.62 62.92
CA MET J 18 117.91 9.55 64.03
C MET J 18 116.63 10.35 63.82
N LEU J 19 116.31 10.68 62.57
CA LEU J 19 115.09 11.43 62.28
C LEU J 19 113.84 10.61 62.53
N ARG J 20 113.86 9.31 62.23
CA ARG J 20 112.72 8.46 62.54
C ARG J 20 112.53 8.33 64.04
N LYS J 21 113.63 8.18 64.79
CA LYS J 21 113.55 8.12 66.24
C LYS J 21 113.09 9.45 66.83
N ALA J 22 113.50 10.57 66.22
CA ALA J 22 113.00 11.87 66.67
C ALA J 22 111.51 12.02 66.37
N ARG J 23 111.05 11.49 65.24
CA ARG J 23 109.63 11.53 64.92
C ARG J 23 108.81 10.65 65.84
N ARG J 24 109.35 9.51 66.27
CA ARG J 24 108.64 8.65 67.22
C ARG J 24 108.42 9.35 68.55
N LYS J 25 109.39 10.14 69.00
CA LYS J 25 109.25 10.89 70.24
C LYS J 25 108.17 11.97 70.12
N LEU J 26 108.04 12.58 68.94
CA LEU J 26 106.98 13.56 68.74
C LEU J 26 105.60 12.92 68.75
N ILE J 27 105.47 11.73 68.14
CA ILE J 27 104.18 11.05 68.11
C ILE J 27 103.79 10.59 69.51
N TYR J 28 104.77 10.14 70.30
CA TYR J 28 104.50 9.75 71.69
C TYR J 28 104.01 10.94 72.51
N GLU J 29 104.66 12.09 72.36
CA GLU J 29 104.28 13.27 73.14
C GLU J 29 102.96 13.87 72.68
N LYS J 30 102.64 13.76 71.39
CA LYS J 30 101.34 14.23 70.91
C LYS J 30 100.20 13.42 71.52
N ALA J 31 100.37 12.10 71.62
CA ALA J 31 99.32 11.26 72.20
C ALA J 31 99.22 11.41 73.71
N LYS J 32 100.34 11.69 74.38
CA LYS J 32 100.28 11.97 75.82
C LYS J 32 99.52 13.26 76.08
N HIS J 33 99.74 14.29 75.27
CA HIS J 33 98.98 15.53 75.40
C HIS J 33 97.51 15.32 75.08
N TYR J 34 97.22 14.49 74.07
CA TYR J 34 95.84 14.20 73.70
C TYR J 34 95.12 13.45 74.82
N HIS J 35 95.84 12.57 75.53
CA HIS J 35 95.28 11.91 76.71
C HIS J 35 94.98 12.92 77.80
N LYS J 36 95.81 13.94 77.93
CA LYS J 36 95.51 14.98 78.89
C LYS J 36 94.28 15.77 78.47
N GLU J 37 94.05 15.94 77.15
CA GLU J 37 92.95 16.79 76.70
C GLU J 37 91.59 16.20 77.06
N TYR J 38 91.53 14.86 77.19
CA TYR J 38 90.28 14.18 77.46
C TYR J 38 89.97 14.11 78.96
N ARG J 39 90.99 14.05 79.83
CA ARG J 39 90.77 14.45 81.22
C ARG J 39 90.18 15.86 81.34
N GLN J 40 90.71 16.84 80.60
CA GLN J 40 90.20 18.20 80.75
C GLN J 40 88.82 18.37 80.16
N MET J 41 88.54 17.76 79.01
CA MET J 41 87.22 17.96 78.43
C MET J 41 86.13 17.10 79.07
N TYR J 42 86.45 15.86 79.47
CA TYR J 42 85.42 14.97 80.00
C TYR J 42 85.04 15.34 81.43
N ARG J 43 86.01 15.75 82.24
CA ARG J 43 85.72 16.05 83.64
C ARG J 43 85.00 17.38 83.84
N THR J 44 85.28 18.39 83.02
CA THR J 44 84.65 19.69 83.20
C THR J 44 83.16 19.68 82.84
N GLU J 45 82.70 18.72 82.03
CA GLU J 45 81.26 18.62 81.78
C GLU J 45 80.52 18.13 83.01
N ILE J 46 81.12 17.19 83.75
CA ILE J 46 80.59 16.81 85.05
C ILE J 46 80.77 17.93 86.05
N ARG J 47 81.92 18.62 85.99
CA ARG J 47 82.21 19.71 86.93
C ARG J 47 81.24 20.87 86.76
N MET J 48 80.90 21.22 85.52
CA MET J 48 79.97 22.30 85.29
C MET J 48 78.58 21.99 85.83
N ALA J 49 78.13 20.74 85.65
CA ALA J 49 76.78 20.38 86.09
C ALA J 49 76.71 20.20 87.60
N ARG J 50 77.81 19.77 88.22
CA ARG J 50 77.80 19.52 89.66
C ARG J 50 77.62 20.82 90.45
N MET J 51 78.29 21.89 90.04
CA MET J 51 78.17 23.16 90.74
C MET J 51 76.90 23.92 90.37
N ALA J 52 76.29 23.61 89.23
CA ALA J 52 75.02 24.22 88.88
C ALA J 52 73.88 23.64 89.71
N ARG J 53 73.92 22.33 89.96
CA ARG J 53 72.94 21.70 90.83
C ARG J 53 73.12 22.15 92.28
N LYS J 54 74.36 22.38 92.71
CA LYS J 54 74.59 22.91 94.05
C LYS J 54 74.06 24.33 94.18
N ALA J 55 74.18 25.13 93.13
CA ALA J 55 73.61 26.47 93.13
C ALA J 55 72.11 26.47 92.85
N GLY J 56 71.54 25.32 92.48
CA GLY J 56 70.13 25.20 92.21
C GLY J 56 69.73 25.38 90.77
N ASN J 57 70.60 25.93 89.93
CA ASN J 57 70.29 26.18 88.53
C ASN J 57 70.57 24.93 87.70
N PHE J 58 70.50 25.07 86.38
CA PHE J 58 70.78 23.98 85.45
C PHE J 58 71.95 24.35 84.56
N TYR J 59 72.73 23.34 84.18
CA TYR J 59 73.83 23.51 83.24
C TYR J 59 73.44 22.84 81.92
N VAL J 60 73.16 23.65 80.92
CA VAL J 60 72.87 23.14 79.58
C VAL J 60 74.19 22.77 78.93
N PRO J 61 74.41 21.51 78.54
CA PRO J 61 75.64 21.15 77.85
C PRO J 61 75.66 21.72 76.44
N ALA J 62 76.87 21.80 75.89
CA ALA J 62 77.03 22.30 74.53
C ALA J 62 76.40 21.33 73.55
N GLU J 63 75.71 21.88 72.55
CA GLU J 63 75.09 21.06 71.52
C GLU J 63 76.20 20.35 70.73
N PRO J 64 76.09 19.04 70.53
CA PRO J 64 77.20 18.29 69.93
C PRO J 64 77.53 18.76 68.52
N LYS J 65 78.82 18.74 68.20
CA LYS J 65 79.32 19.26 66.94
C LYS J 65 79.44 18.19 65.86
N LEU J 66 79.59 16.93 66.24
CA LEU J 66 79.78 15.84 65.28
C LEU J 66 78.80 14.71 65.56
N ALA J 67 78.32 14.09 64.49
CA ALA J 67 77.50 12.90 64.55
C ALA J 67 77.98 11.89 63.52
N PHE J 68 77.73 10.62 63.79
CA PHE J 68 78.07 9.54 62.87
C PHE J 68 76.81 9.11 62.14
N VAL J 69 76.87 9.13 60.81
CA VAL J 69 75.69 8.88 59.97
C VAL J 69 75.88 7.54 59.27
N ILE J 70 74.92 6.64 59.45
CA ILE J 70 74.96 5.31 58.85
C ILE J 70 73.74 5.13 57.97
N ARG J 71 73.97 4.75 56.71
CA ARG J 71 72.87 4.39 55.82
C ARG J 71 72.35 3.01 56.18
N ILE J 72 71.04 2.90 56.38
CA ILE J 72 70.44 1.65 56.84
C ILE J 72 69.50 1.01 55.83
N ARG J 73 69.09 1.73 54.78
CA ARG J 73 68.19 1.17 53.79
C ARG J 73 68.93 0.92 52.49
N GLY J 74 68.29 0.13 51.62
CA GLY J 74 68.88 -0.31 50.37
C GLY J 74 68.87 0.76 49.30
N ILE J 75 68.98 0.32 48.05
CA ILE J 75 69.11 1.23 46.91
C ILE J 75 68.00 1.07 45.88
N ASN J 76 67.17 0.02 45.98
CA ASN J 76 66.15 -0.24 44.98
C ASN J 76 64.96 0.67 45.24
N GLY J 77 64.94 1.82 44.56
CA GLY J 77 63.85 2.77 44.71
C GLY J 77 64.17 3.88 45.69
N VAL J 78 64.43 5.08 45.15
CA VAL J 78 64.76 6.23 45.99
C VAL J 78 64.44 7.49 45.19
N SER J 79 63.93 8.51 45.88
CA SER J 79 63.65 9.78 45.24
C SER J 79 64.97 10.42 44.80
N PRO J 80 64.99 11.06 43.62
CA PRO J 80 66.24 11.65 43.12
C PRO J 80 66.80 12.76 43.98
N LYS J 81 65.95 13.54 44.66
CA LYS J 81 66.44 14.52 45.60
C LYS J 81 67.06 13.86 46.82
N VAL J 82 66.42 12.80 47.32
CA VAL J 82 66.98 12.05 48.45
C VAL J 82 68.24 11.30 48.03
N ARG J 83 68.25 10.77 46.79
CA ARG J 83 69.42 10.07 46.30
C ARG J 83 70.61 11.01 46.14
N LYS J 84 70.35 12.26 45.73
CA LYS J 84 71.43 13.22 45.54
C LYS J 84 72.12 13.55 46.86
N VAL J 85 71.35 13.68 47.94
CA VAL J 85 71.95 13.96 49.25
C VAL J 85 72.76 12.77 49.74
N LEU J 86 72.29 11.55 49.46
CA LEU J 86 72.95 10.35 49.97
C LEU J 86 74.32 10.15 49.34
N GLN J 87 74.49 10.51 48.06
CA GLN J 87 75.80 10.44 47.44
C GLN J 87 76.65 11.67 47.74
N LEU J 88 76.05 12.76 48.25
CA LEU J 88 76.82 13.90 48.72
C LEU J 88 77.37 13.68 50.12
N LEU J 89 76.86 12.68 50.84
CA LEU J 89 77.40 12.29 52.14
C LEU J 89 78.31 11.09 52.05
N ARG J 90 78.68 10.68 50.82
CA ARG J 90 79.52 9.51 50.56
C ARG J 90 78.93 8.24 51.19
N LEU J 91 77.62 8.10 51.07
CA LEU J 91 76.89 6.92 51.56
C LEU J 91 76.20 6.29 50.37
N ARG J 92 76.92 5.40 49.67
CA ARG J 92 76.40 4.77 48.46
C ARG J 92 75.97 3.33 48.67
N GLN J 93 76.59 2.61 49.60
CA GLN J 93 76.18 1.26 49.96
C GLN J 93 75.34 1.29 51.24
N ILE J 94 74.62 0.20 51.48
CA ILE J 94 73.96 0.03 52.77
C ILE J 94 75.02 -0.26 53.83
N PHE J 95 74.71 0.13 55.08
CA PHE J 95 75.60 -0.02 56.23
C PHE J 95 76.93 0.69 56.03
N ASN J 96 76.94 1.78 55.25
CA ASN J 96 78.11 2.62 55.14
C ASN J 96 78.09 3.70 56.22
N GLY J 97 79.28 4.17 56.59
CA GLY J 97 79.39 5.15 57.65
C GLY J 97 80.36 6.28 57.36
N THR J 98 80.02 7.48 57.79
CA THR J 98 80.89 8.64 57.63
C THR J 98 80.66 9.60 58.79
N PHE J 99 81.67 10.44 59.04
CA PHE J 99 81.59 11.45 60.08
C PHE J 99 81.14 12.78 59.47
N VAL J 100 80.12 13.38 60.07
CA VAL J 100 79.54 14.64 59.59
C VAL J 100 79.48 15.61 60.75
N LYS J 101 80.03 16.81 60.55
CA LYS J 101 79.94 17.88 61.53
C LYS J 101 78.56 18.54 61.45
N LEU J 102 78.18 19.19 62.55
CA LEU J 102 76.83 19.72 62.70
C LEU J 102 76.83 21.23 62.49
N ASN J 103 75.90 21.69 61.64
CA ASN J 103 75.58 23.10 61.49
C ASN J 103 74.17 23.19 60.92
N LYS J 104 73.76 24.40 60.54
CA LYS J 104 72.43 24.57 59.95
C LYS J 104 72.33 23.85 58.60
N ALA J 105 73.41 23.87 57.82
CA ALA J 105 73.39 23.22 56.51
C ALA J 105 73.36 21.70 56.63
N SER J 106 74.12 21.13 57.57
CA SER J 106 74.20 19.67 57.69
C SER J 106 72.92 19.10 58.28
N ILE J 107 72.29 19.83 59.21
CA ILE J 107 71.07 19.35 59.85
C ILE J 107 69.95 19.20 58.82
N ASN J 108 69.78 20.21 57.95
CA ASN J 108 68.72 20.15 56.96
C ASN J 108 68.97 19.11 55.87
N MET J 109 70.24 18.81 55.57
CA MET J 109 70.52 17.68 54.68
C MET J 109 70.24 16.34 55.35
N LEU J 110 70.47 16.23 56.66
CA LEU J 110 70.14 15.02 57.39
C LEU J 110 68.64 14.86 57.63
N ARG J 111 67.89 15.97 57.66
CA ARG J 111 66.45 15.88 57.83
C ARG J 111 65.78 15.35 56.58
N ILE J 112 66.31 15.65 55.39
CA ILE J 112 65.70 15.22 54.15
C ILE J 112 65.97 13.75 53.84
N VAL J 113 66.89 13.11 54.56
CA VAL J 113 67.21 11.70 54.35
C VAL J 113 66.94 10.87 55.60
N GLU J 114 66.04 11.33 56.46
CA GLU J 114 65.79 10.67 57.75
C GLU J 114 65.38 9.21 57.66
N PRO J 115 64.42 8.79 56.80
CA PRO J 115 64.12 7.35 56.75
C PRO J 115 65.27 6.50 56.24
N TYR J 116 66.14 7.04 55.39
CA TYR J 116 67.18 6.24 54.76
C TYR J 116 68.44 6.10 55.61
N ILE J 117 68.57 6.88 56.69
CA ILE J 117 69.77 6.84 57.52
C ILE J 117 69.37 6.65 58.98
N ALA J 118 70.35 6.19 59.76
CA ALA J 118 70.30 6.23 61.21
C ALA J 118 71.57 6.90 61.70
N TRP J 119 71.42 7.96 62.48
CA TRP J 119 72.57 8.77 62.86
C TRP J 119 72.45 9.17 64.32
N GLY J 120 73.59 9.59 64.88
CA GLY J 120 73.64 10.00 66.26
C GLY J 120 75.06 10.42 66.62
N TYR J 121 75.21 10.89 67.86
CA TYR J 121 76.47 11.47 68.30
C TYR J 121 77.35 10.38 68.88
N PRO J 122 78.49 10.07 68.28
CA PRO J 122 79.33 8.99 68.80
C PRO J 122 80.12 9.42 70.04
N ASN J 123 80.61 8.41 70.75
CA ASN J 123 81.40 8.61 71.95
C ASN J 123 82.88 8.80 71.57
N LEU J 124 83.70 9.10 72.57
CA LEU J 124 85.14 9.14 72.37
C LEU J 124 85.68 7.75 72.03
N LYS J 125 85.10 6.71 72.64
CA LYS J 125 85.49 5.34 72.31
C LYS J 125 85.12 4.99 70.87
N SER J 126 83.88 5.30 70.46
CA SER J 126 83.37 4.84 69.16
C SER J 126 84.18 5.35 67.98
N VAL J 127 84.92 6.45 68.15
CA VAL J 127 85.84 6.90 67.11
C VAL J 127 87.00 5.92 66.97
N ASN J 128 87.47 5.36 68.08
CA ASN J 128 88.71 4.59 68.08
C ASN J 128 88.57 3.30 67.28
N GLU J 129 87.53 2.51 67.55
CA GLU J 129 87.31 1.29 66.78
C GLU J 129 86.97 1.55 65.32
N LEU J 130 86.47 2.74 64.98
CA LEU J 130 86.21 3.04 63.58
C LEU J 130 87.50 3.38 62.85
N ILE J 131 88.33 4.24 63.44
CA ILE J 131 89.58 4.65 62.78
C ILE J 131 90.60 3.51 62.80
N TYR J 132 90.66 2.74 63.88
CA TYR J 132 91.68 1.70 63.98
C TYR J 132 91.32 0.47 63.17
N LYS J 133 90.08 -0.02 63.29
CA LYS J 133 89.68 -1.27 62.65
C LYS J 133 89.18 -1.07 61.22
N ARG J 134 88.33 -0.07 61.00
CA ARG J 134 87.74 0.17 59.69
C ARG J 134 88.26 1.45 59.04
N GLY J 135 89.37 1.99 59.55
CA GLY J 135 89.92 3.21 58.99
C GLY J 135 90.70 2.97 57.71
N TYR J 136 90.19 3.50 56.61
CA TYR J 136 90.83 3.37 55.31
C TYR J 136 91.02 4.76 54.72
N GLY J 137 92.24 5.05 54.25
CA GLY J 137 92.53 6.33 53.67
C GLY J 137 92.35 6.36 52.16
N LYS J 138 92.00 7.53 51.65
CA LYS J 138 91.83 7.74 50.21
C LYS J 138 93.08 8.45 49.69
N ILE J 139 94.04 7.67 49.23
CA ILE J 139 95.31 8.18 48.71
C ILE J 139 95.32 7.92 47.21
N ASN J 140 95.45 9.00 46.43
CA ASN J 140 95.42 8.96 44.97
C ASN J 140 94.15 8.28 44.46
N LYS J 141 93.02 8.60 45.10
CA LYS J 141 91.70 8.04 44.79
C LYS J 141 91.69 6.52 44.89
N LYS J 142 92.43 5.97 45.86
CA LYS J 142 92.48 4.55 46.10
C LYS J 142 92.23 4.27 47.58
N ARG J 143 91.51 3.18 47.85
CA ARG J 143 91.18 2.78 49.23
C ARG J 143 92.35 1.99 49.79
N ILE J 144 93.16 2.63 50.63
CA ILE J 144 94.36 2.02 51.20
C ILE J 144 94.22 1.99 52.71
N ALA J 145 94.48 0.83 53.30
CA ALA J 145 94.38 0.67 54.75
C ALA J 145 95.45 1.48 55.45
N LEU J 146 95.07 2.09 56.58
CA LEU J 146 95.99 2.91 57.38
C LEU J 146 96.79 2.00 58.30
N THR J 147 97.77 1.32 57.71
CA THR J 147 98.65 0.41 58.45
C THR J 147 99.93 1.08 58.91
N ASP J 148 100.13 2.36 58.61
CA ASP J 148 101.34 3.06 59.00
C ASP J 148 101.01 4.54 59.14
N ASN J 149 101.74 5.21 60.03
CA ASN J 149 101.52 6.63 60.26
C ASN J 149 101.99 7.49 59.11
N THR J 150 102.95 6.99 58.31
CA THR J 150 103.46 7.79 57.19
C THR J 150 102.43 7.92 56.08
N LEU J 151 101.48 6.99 55.99
CA LEU J 151 100.43 7.09 54.99
C LEU J 151 99.53 8.31 55.23
N ILE J 152 99.17 8.58 56.48
CA ILE J 152 98.42 9.77 56.81
C ILE J 152 99.29 11.01 56.63
N ALA J 153 100.54 10.93 57.08
CA ALA J 153 101.43 12.08 57.04
C ALA J 153 101.84 12.47 55.62
N ARG J 154 101.76 11.53 54.66
CA ARG J 154 102.07 11.87 53.28
C ARG J 154 101.03 12.80 52.66
N SER J 155 99.78 12.67 53.07
CA SER J 155 98.69 13.49 52.54
C SER J 155 98.22 14.56 53.50
N LEU J 156 98.20 14.27 54.80
CA LEU J 156 97.71 15.20 55.81
C LEU J 156 98.83 15.82 56.65
N GLY J 157 100.07 15.74 56.17
CA GLY J 157 101.18 16.29 56.92
C GLY J 157 101.23 17.80 56.94
N LYS J 158 100.60 18.46 55.97
CA LYS J 158 100.57 19.91 55.94
C LYS J 158 99.63 20.51 56.98
N TYR J 159 98.70 19.72 57.51
CA TYR J 159 97.77 20.16 58.55
C TYR J 159 98.17 19.68 59.93
N ASN J 160 99.45 19.30 60.11
CA ASN J 160 99.98 18.77 61.36
C ASN J 160 99.20 17.53 61.82
N ILE J 161 98.80 16.71 60.86
CA ILE J 161 98.16 15.43 61.12
C ILE J 161 99.10 14.36 60.59
N ILE J 162 99.97 13.85 61.46
CA ILE J 162 101.08 13.00 61.04
C ILE J 162 101.06 11.62 61.70
N CYS J 163 99.98 11.30 62.40
CA CYS J 163 99.86 9.98 63.01
C CYS J 163 98.39 9.64 63.20
N MET J 164 98.14 8.43 63.69
CA MET J 164 96.77 7.97 63.90
C MET J 164 96.07 8.79 64.97
N GLU J 165 96.80 9.15 66.04
CA GLU J 165 96.21 9.95 67.11
C GLU J 165 95.87 11.37 66.65
N ASP J 166 96.68 11.95 65.77
CA ASP J 166 96.36 13.28 65.23
C ASP J 166 95.07 13.25 64.43
N LEU J 167 94.86 12.19 63.65
CA LEU J 167 93.61 12.06 62.89
C LEU J 167 92.41 11.88 63.82
N ILE J 168 92.58 11.08 64.88
CA ILE J 168 91.48 10.86 65.82
C ILE J 168 91.14 12.16 66.56
N HIS J 169 92.16 12.91 66.97
CA HIS J 169 91.92 14.19 67.62
C HIS J 169 91.28 15.19 66.66
N GLU J 170 91.67 15.16 65.39
CA GLU J 170 91.06 16.04 64.40
C GLU J 170 89.62 15.65 64.09
N ILE J 171 89.28 14.37 64.22
CA ILE J 171 87.91 13.94 63.97
C ILE J 171 87.02 14.18 65.19
N TYR J 172 87.42 13.64 66.34
CA TYR J 172 86.59 13.74 67.54
C TYR J 172 86.41 15.20 67.96
N THR J 173 87.50 15.88 68.26
CA THR J 173 87.44 17.33 68.44
C THR J 173 87.41 18.00 67.07
N VAL J 174 86.33 18.72 66.79
CA VAL J 174 86.14 19.28 65.45
C VAL J 174 87.02 20.51 65.29
N GLY J 175 88.21 20.30 64.72
CA GLY J 175 89.15 21.38 64.53
C GLY J 175 88.93 22.14 63.24
N LYS J 176 89.89 23.00 62.91
CA LYS J 176 89.82 23.82 61.71
C LYS J 176 90.15 23.04 60.44
N HIS J 177 90.69 21.83 60.56
CA HIS J 177 91.01 20.98 59.42
C HIS J 177 90.21 19.68 59.45
N PHE J 178 88.96 19.76 59.92
CA PHE J 178 88.12 18.56 59.96
C PHE J 178 87.72 18.11 58.56
N LYS J 179 87.49 19.07 57.66
CA LYS J 179 87.05 18.73 56.30
C LYS J 179 88.11 17.92 55.56
N GLU J 180 89.38 18.31 55.68
CA GLU J 180 90.45 17.57 55.01
C GLU J 180 90.68 16.22 55.68
N ALA J 181 90.51 16.14 57.00
CA ALA J 181 90.70 14.87 57.69
C ALA J 181 89.56 13.90 57.40
N ASN J 182 88.33 14.39 57.37
CA ASN J 182 87.18 13.51 57.12
C ASN J 182 87.12 13.05 55.66
N ASN J 183 87.43 13.94 54.72
CA ASN J 183 87.44 13.55 53.32
C ASN J 183 88.60 12.63 52.96
N PHE J 184 89.67 12.63 53.76
CA PHE J 184 90.75 11.67 53.56
C PHE J 184 90.29 10.26 53.89
N LEU J 185 89.41 10.11 54.87
CA LEU J 185 88.92 8.80 55.26
C LEU J 185 87.93 8.27 54.24
N TRP J 186 88.11 7.01 53.84
CA TRP J 186 87.12 6.34 53.02
C TRP J 186 85.86 6.09 53.84
N PRO J 187 84.70 6.05 53.18
CA PRO J 187 83.47 5.67 53.90
C PRO J 187 83.60 4.30 54.53
N PHE J 188 83.09 4.19 55.77
CA PHE J 188 83.33 3.01 56.59
C PHE J 188 82.43 1.88 56.14
N LYS J 189 83.04 0.78 55.70
CA LYS J 189 82.29 -0.39 55.23
C LYS J 189 81.98 -1.25 56.44
N LEU J 190 80.83 -0.99 57.06
CA LEU J 190 80.42 -1.72 58.25
C LEU J 190 79.63 -2.96 57.86
N SER J 191 79.71 -3.98 58.72
CA SER J 191 79.00 -5.23 58.50
C SER J 191 77.55 -5.09 58.96
N SER J 192 76.79 -6.18 58.84
CA SER J 192 75.41 -6.18 59.30
C SER J 192 75.37 -6.17 60.82
N PRO J 193 74.33 -5.57 61.41
CA PRO J 193 74.25 -5.47 62.87
C PRO J 193 74.02 -6.84 63.51
N ARG J 194 74.96 -7.25 64.36
CA ARG J 194 74.81 -8.48 65.11
C ARG J 194 73.73 -8.31 66.18
N GLY J 195 72.80 -9.26 66.24
CA GLY J 195 71.68 -9.20 67.15
C GLY J 195 70.39 -8.76 66.52
N GLY J 196 70.40 -8.41 65.23
CA GLY J 196 69.19 -8.00 64.55
C GLY J 196 68.94 -6.51 64.66
N MET J 197 67.82 -6.11 64.05
CA MET J 197 67.37 -4.73 64.05
C MET J 197 65.93 -4.65 64.53
N LYS J 198 65.58 -3.51 65.12
CA LYS J 198 64.22 -3.33 65.63
C LYS J 198 63.22 -3.19 64.49
N LYS J 199 63.36 -2.13 63.69
CA LYS J 199 62.52 -1.94 62.52
C LYS J 199 63.21 -0.97 61.57
N LYS J 200 63.37 -1.37 60.31
CA LYS J 200 64.12 -0.55 59.36
C LYS J 200 63.30 0.63 58.87
N THR J 201 62.00 0.42 58.65
CA THR J 201 61.18 1.36 57.88
C THR J 201 60.59 2.50 58.71
N THR J 202 60.78 2.51 60.02
CA THR J 202 60.19 3.54 60.87
C THR J 202 61.27 4.31 61.61
N HIS J 203 60.86 5.46 62.15
CA HIS J 203 61.76 6.33 62.90
C HIS J 203 62.13 5.69 64.24
N PHE J 204 63.29 6.08 64.76
CA PHE J 204 63.77 5.53 66.03
C PHE J 204 62.84 5.91 67.18
N VAL J 205 62.14 7.05 67.05
CA VAL J 205 61.18 7.46 68.07
C VAL J 205 60.03 6.45 68.16
N GLU J 206 59.50 6.03 67.01
CA GLU J 206 58.39 5.08 66.98
C GLU J 206 58.90 3.64 66.89
N GLY J 207 59.83 3.28 67.77
CA GLY J 207 60.30 1.91 67.88
C GLY J 207 61.08 1.38 66.70
N GLY J 208 61.59 2.25 65.83
CA GLY J 208 62.36 1.78 64.69
C GLY J 208 63.83 2.10 64.81
N ASP J 209 64.50 2.27 63.67
CA ASP J 209 65.92 2.58 63.63
C ASP J 209 66.27 3.86 62.92
N ALA J 210 65.46 4.32 61.97
CA ALA J 210 65.77 5.52 61.21
C ALA J 210 65.64 6.76 62.08
N GLY J 211 66.27 7.83 61.63
CA GLY J 211 66.23 9.09 62.37
C GLY J 211 67.46 9.30 63.22
N ASN J 212 67.29 10.13 64.25
CA ASN J 212 68.38 10.56 65.11
C ASN J 212 68.29 9.81 66.44
N ARG J 213 69.15 8.82 66.61
CA ARG J 213 69.37 8.19 67.91
C ARG J 213 70.63 8.77 68.55
N GLU J 214 70.39 9.82 69.34
CA GLU J 214 71.40 10.78 69.80
C GLU J 214 72.66 10.15 70.39
N ASP J 215 72.53 9.40 71.48
CA ASP J 215 73.66 8.70 72.08
C ASP J 215 73.48 7.19 72.09
N GLN J 216 72.40 6.69 71.49
CA GLN J 216 72.20 5.25 71.34
C GLN J 216 72.88 4.70 70.10
N ILE J 217 73.51 5.56 69.29
CA ILE J 217 74.25 5.09 68.12
C ILE J 217 75.52 4.35 68.52
N ASN J 218 76.02 4.58 69.73
CA ASN J 218 77.20 3.84 70.20
C ASN J 218 76.90 2.35 70.40
N ARG J 219 75.68 2.02 70.85
CA ARG J 219 75.27 0.63 70.92
C ARG J 219 75.19 0.00 69.53
N LEU J 220 74.68 0.76 68.55
CA LEU J 220 74.57 0.26 67.19
C LEU J 220 75.93 0.20 66.50
N ILE J 221 76.86 1.07 66.89
CA ILE J 221 78.20 1.06 66.30
C ILE J 221 78.94 -0.23 66.66
N ARG J 222 78.78 -0.69 67.90
CA ARG J 222 79.50 -1.88 68.35
C ARG J 222 79.05 -3.13 67.60
N ARG J 223 77.81 -3.14 67.11
CA ARG J 223 77.30 -4.29 66.38
C ARG J 223 77.55 -4.19 64.88
N MET J 224 77.66 -2.98 64.35
CA MET J 224 78.09 -2.80 62.96
C MET J 224 79.56 -3.12 62.76
N ASN J 225 80.41 -2.73 63.71
CA ASN J 225 81.85 -2.91 63.57
C ASN J 225 82.27 -4.27 64.11
N VAL K 1 9.90 -27.14 -115.20
CA VAL K 1 11.35 -27.01 -115.09
C VAL K 1 11.76 -26.97 -113.62
N VAL K 2 11.17 -26.05 -112.88
CA VAL K 2 11.51 -25.90 -111.46
C VAL K 2 10.88 -27.04 -110.65
N ASN K 3 11.54 -27.39 -109.56
CA ASN K 3 11.04 -28.44 -108.68
C ASN K 3 9.96 -27.88 -107.77
N PRO K 4 8.74 -28.44 -107.80
CA PRO K 4 7.67 -27.93 -106.93
C PRO K 4 7.90 -28.17 -105.45
N LEU K 5 8.81 -29.07 -105.08
CA LEU K 5 9.03 -29.38 -103.67
C LEU K 5 9.87 -28.32 -102.96
N PHE K 6 10.55 -27.45 -103.70
CA PHE K 6 11.32 -26.38 -103.10
C PHE K 6 10.36 -25.30 -102.60
N GLU K 7 10.34 -25.09 -101.29
CA GLU K 7 9.38 -24.20 -100.66
C GLU K 7 10.13 -23.08 -99.94
N LYS K 8 9.69 -21.84 -100.16
CA LYS K 8 10.29 -20.68 -99.49
C LYS K 8 9.75 -20.63 -98.06
N ARG K 9 10.66 -20.74 -97.09
CA ARG K 9 10.29 -20.78 -95.67
C ARG K 9 10.96 -19.60 -94.95
N PRO K 10 10.26 -18.48 -94.84
CA PRO K 10 10.83 -17.33 -94.13
C PRO K 10 10.68 -17.47 -92.62
N LYS K 11 11.39 -16.61 -91.90
CA LYS K 11 11.32 -16.54 -90.45
C LYS K 11 10.86 -15.17 -90.01
N ASN K 12 10.00 -15.15 -88.99
CA ASN K 12 9.50 -13.91 -88.40
C ASN K 12 10.24 -13.70 -87.09
N PHE K 13 11.06 -12.65 -87.03
CA PHE K 13 11.93 -12.39 -85.89
C PHE K 13 11.32 -11.37 -84.94
N GLY K 14 10.00 -11.39 -84.76
CA GLY K 14 9.35 -10.51 -83.83
C GLY K 14 9.61 -10.89 -82.39
N ILE K 15 9.11 -10.05 -81.48
CA ILE K 15 9.29 -10.31 -80.05
C ILE K 15 8.43 -11.49 -79.65
N GLY K 16 9.07 -12.55 -79.18
CA GLY K 16 8.34 -13.74 -78.78
C GLY K 16 7.83 -14.60 -79.92
N GLN K 17 8.22 -14.30 -81.15
CA GLN K 17 7.75 -15.04 -82.33
C GLN K 17 8.69 -16.19 -82.66
N ASP K 18 9.99 -15.93 -82.74
CA ASP K 18 10.97 -16.95 -83.10
C ASP K 18 12.31 -16.55 -82.49
N ILE K 19 13.25 -17.51 -82.49
CA ILE K 19 14.57 -17.27 -81.95
C ILE K 19 15.28 -16.20 -82.76
N GLN K 20 15.99 -15.32 -82.06
CA GLN K 20 16.70 -14.23 -82.72
C GLN K 20 17.90 -14.76 -83.51
N PRO K 21 18.21 -14.15 -84.66
CA PRO K 21 19.37 -14.58 -85.43
C PRO K 21 20.67 -14.13 -84.77
N LYS K 22 21.75 -14.79 -85.15
CA LYS K 22 23.08 -14.49 -84.64
C LYS K 22 23.59 -13.24 -85.34
N ARG K 23 23.23 -12.08 -84.78
CA ARG K 23 23.62 -10.80 -85.35
C ARG K 23 24.83 -10.22 -84.63
N ASP K 24 25.38 -9.14 -85.19
CA ASP K 24 26.60 -8.54 -84.68
C ASP K 24 26.35 -7.90 -83.31
N LEU K 25 27.29 -8.11 -82.38
CA LEU K 25 27.14 -7.66 -81.00
C LEU K 25 28.42 -7.02 -80.47
N THR K 26 29.20 -6.35 -81.33
CA THR K 26 30.44 -5.73 -80.89
C THR K 26 30.21 -4.59 -79.90
N ARG K 27 29.05 -3.92 -79.98
CA ARG K 27 28.77 -2.82 -79.06
C ARG K 27 28.50 -3.30 -77.64
N PHE K 28 28.13 -4.57 -77.46
CA PHE K 28 27.72 -5.09 -76.16
C PHE K 28 28.66 -6.17 -75.64
N VAL K 29 29.89 -6.23 -76.15
CA VAL K 29 30.86 -7.21 -75.68
C VAL K 29 31.44 -6.74 -74.36
N LYS K 30 31.43 -7.61 -73.36
CA LYS K 30 32.08 -7.32 -72.09
C LYS K 30 33.59 -7.40 -72.30
N TRP K 31 34.20 -6.27 -72.61
CA TRP K 31 35.62 -6.22 -72.94
C TRP K 31 36.47 -6.43 -71.70
N PRO K 32 37.72 -6.86 -71.88
CA PRO K 32 38.65 -6.95 -70.74
C PRO K 32 38.95 -5.58 -70.16
N ARG K 33 39.48 -5.58 -68.94
CA ARG K 33 39.74 -4.34 -68.23
C ARG K 33 40.79 -3.48 -68.93
N TYR K 34 41.79 -4.11 -69.55
CA TYR K 34 42.79 -3.35 -70.27
C TYR K 34 42.25 -2.74 -71.56
N ILE K 35 41.33 -3.44 -72.24
CA ILE K 35 40.67 -2.86 -73.40
C ILE K 35 39.70 -1.76 -72.97
N ARG K 36 38.95 -2.00 -71.89
CA ARG K 36 37.97 -1.02 -71.42
C ARG K 36 38.65 0.26 -70.96
N LEU K 37 39.79 0.14 -70.27
CA LEU K 37 40.57 1.31 -69.91
C LEU K 37 41.14 1.99 -71.15
N GLN K 38 41.42 1.22 -72.20
CA GLN K 38 42.09 1.77 -73.37
C GLN K 38 41.16 2.64 -74.22
N ARG K 39 39.85 2.41 -74.12
CA ARG K 39 38.92 3.12 -75.01
C ARG K 39 38.41 4.42 -74.40
N GLN K 40 38.01 4.39 -73.12
CA GLN K 40 37.41 5.56 -72.50
C GLN K 40 38.42 6.64 -72.15
N ARG K 41 39.72 6.35 -72.20
CA ARG K 41 40.71 7.40 -72.00
C ARG K 41 40.77 8.35 -73.19
N ALA K 42 40.53 7.84 -74.39
CA ALA K 42 40.42 8.71 -75.55
C ALA K 42 39.14 9.52 -75.50
N ILE K 43 38.09 8.98 -74.89
CA ILE K 43 36.87 9.74 -74.66
C ILE K 43 37.13 10.88 -73.67
N LEU K 44 37.97 10.62 -72.67
CA LEU K 44 38.34 11.65 -71.71
C LEU K 44 39.12 12.79 -72.34
N TYR K 45 39.79 12.55 -73.46
CA TYR K 45 40.47 13.61 -74.20
C TYR K 45 39.49 14.47 -75.00
N LYS K 46 38.23 14.05 -75.10
CA LYS K 46 37.19 14.87 -75.71
C LYS K 46 36.27 15.51 -74.69
N ARG K 47 36.08 14.88 -73.53
CA ARG K 47 35.26 15.47 -72.47
C ARG K 47 35.96 16.67 -71.85
N LEU K 48 37.23 16.52 -71.50
CA LEU K 48 37.94 17.52 -70.72
C LEU K 48 38.50 18.61 -71.63
N LYS K 49 38.58 19.83 -71.09
CA LYS K 49 39.13 20.96 -71.82
C LYS K 49 40.64 20.80 -71.89
N VAL K 50 41.12 20.29 -73.03
CA VAL K 50 42.54 20.04 -73.24
C VAL K 50 43.29 21.36 -73.32
N PRO K 51 44.36 21.55 -72.56
CA PRO K 51 45.13 22.77 -72.67
C PRO K 51 45.80 22.88 -74.03
N PRO K 52 46.05 24.10 -74.53
CA PRO K 52 46.63 24.23 -75.87
C PRO K 52 48.04 23.68 -76.01
N ALA K 53 48.76 23.50 -74.90
CA ALA K 53 50.09 22.89 -75.00
C ALA K 53 50.00 21.43 -75.42
N ILE K 54 48.97 20.72 -74.98
CA ILE K 54 48.78 19.33 -75.40
C ILE K 54 47.84 19.22 -76.60
N ASN K 55 46.90 20.16 -76.74
CA ASN K 55 45.98 20.14 -77.88
C ASN K 55 46.68 20.45 -79.20
N GLN K 56 47.85 21.08 -79.16
CA GLN K 56 48.56 21.46 -80.38
C GLN K 56 49.03 20.27 -81.19
N PHE K 57 49.08 19.08 -80.60
CA PHE K 57 49.47 17.88 -81.34
C PHE K 57 48.33 17.26 -82.12
N THR K 58 47.09 17.69 -81.88
CA THR K 58 45.98 17.25 -82.71
C THR K 58 46.11 17.81 -84.13
N GLN K 59 46.51 19.07 -84.25
CA GLN K 59 46.84 19.62 -85.55
C GLN K 59 48.14 19.02 -86.05
N VAL K 60 48.11 18.45 -87.26
CA VAL K 60 49.20 17.61 -87.74
C VAL K 60 49.41 17.90 -89.22
N LEU K 61 50.61 17.58 -89.71
CA LEU K 61 50.92 17.73 -91.13
C LEU K 61 50.05 16.77 -91.95
N ASP K 62 49.68 17.21 -93.15
CA ASP K 62 48.77 16.47 -94.00
C ASP K 62 49.43 15.22 -94.57
N ARG K 63 48.64 14.43 -95.32
CA ARG K 63 49.10 13.11 -95.76
C ARG K 63 50.19 13.21 -96.82
N GLN K 64 49.97 14.03 -97.85
CA GLN K 64 50.91 14.05 -98.97
C GLN K 64 52.21 14.78 -98.62
N THR K 65 52.14 15.77 -97.72
CA THR K 65 53.36 16.42 -97.27
C THR K 65 54.19 15.50 -96.39
N ALA K 66 53.52 14.61 -95.63
CA ALA K 66 54.24 13.64 -94.81
C ALA K 66 55.04 12.67 -95.66
N THR K 67 54.47 12.23 -96.79
CA THR K 67 55.20 11.33 -97.69
C THR K 67 56.40 12.03 -98.33
N GLN K 68 56.25 13.30 -98.70
CA GLN K 68 57.37 14.03 -99.28
C GLN K 68 58.47 14.28 -98.27
N LEU K 69 58.09 14.59 -97.01
CA LEU K 69 59.09 14.87 -95.98
C LEU K 69 59.85 13.61 -95.59
N LEU K 70 59.16 12.48 -95.47
CA LEU K 70 59.83 11.23 -95.12
C LEU K 70 60.68 10.69 -96.26
N LYS K 71 60.29 10.95 -97.51
CA LYS K 71 61.11 10.55 -98.64
C LYS K 71 62.44 11.31 -98.65
N LEU K 72 62.40 12.61 -98.34
CA LEU K 72 63.64 13.38 -98.25
C LEU K 72 64.48 12.95 -97.06
N ALA K 73 63.83 12.60 -95.94
CA ALA K 73 64.56 12.16 -94.76
C ALA K 73 65.11 10.74 -94.92
N HIS K 74 64.54 9.96 -95.84
CA HIS K 74 65.05 8.61 -96.09
C HIS K 74 66.41 8.63 -96.76
N LYS K 75 66.76 9.71 -97.44
CA LYS K 75 68.10 9.82 -98.03
C LYS K 75 69.15 10.15 -96.97
N TYR K 76 68.77 10.90 -95.93
CA TYR K 76 69.68 11.37 -94.90
C TYR K 76 69.61 10.51 -93.64
N ARG K 77 69.34 9.22 -93.80
CA ARG K 77 69.27 8.32 -92.67
C ARG K 77 70.65 8.14 -92.03
N PRO K 78 70.71 7.89 -90.73
CA PRO K 78 71.99 7.54 -90.10
C PRO K 78 72.48 6.20 -90.61
N GLU K 79 73.80 6.02 -90.58
CA GLU K 79 74.42 4.84 -91.15
C GLU K 79 74.04 3.58 -90.37
N THR K 80 73.91 2.48 -91.11
CA THR K 80 73.60 1.20 -90.50
C THR K 80 74.83 0.68 -89.77
N LYS K 81 74.60 -0.19 -88.78
CA LYS K 81 75.70 -0.80 -88.02
C LYS K 81 76.64 -1.57 -88.95
N GLN K 82 76.09 -2.21 -89.99
CA GLN K 82 76.94 -2.85 -90.98
C GLN K 82 77.72 -1.81 -91.79
N GLU K 83 77.08 -0.70 -92.15
CA GLU K 83 77.78 0.38 -92.82
C GLU K 83 78.75 1.11 -91.89
N LYS K 84 78.53 1.04 -90.57
CA LYS K 84 79.52 1.57 -89.63
C LYS K 84 80.82 0.77 -89.72
N LYS K 85 80.71 -0.55 -89.80
CA LYS K 85 81.91 -1.36 -90.04
C LYS K 85 82.50 -1.10 -91.42
N GLN K 86 81.64 -0.97 -92.43
CA GLN K 86 82.09 -0.77 -93.80
C GLN K 86 82.68 0.61 -94.03
N ARG K 87 82.45 1.57 -93.13
CA ARG K 87 83.16 2.84 -93.22
C ARG K 87 84.54 2.74 -92.57
N LEU K 88 84.65 1.96 -91.50
CA LEU K 88 85.93 1.81 -90.80
C LEU K 88 86.89 0.92 -91.58
N LEU K 89 86.41 -0.16 -92.18
CA LEU K 89 87.28 -1.01 -92.98
C LEU K 89 87.70 -0.35 -94.28
N ALA K 90 86.84 0.50 -94.86
CA ALA K 90 87.28 1.33 -95.97
C ALA K 90 88.29 2.37 -95.52
N ARG K 91 88.19 2.81 -94.26
CA ARG K 91 89.24 3.65 -93.68
C ARG K 91 90.46 2.83 -93.29
N ALA K 92 90.26 1.58 -92.86
CA ALA K 92 91.38 0.72 -92.48
C ALA K 92 92.27 0.39 -93.67
N GLU K 93 91.69 0.11 -94.83
CA GLU K 93 92.50 -0.16 -96.01
C GLU K 93 93.19 1.11 -96.51
N LYS K 94 92.61 2.28 -96.25
CA LYS K 94 93.30 3.53 -96.54
C LYS K 94 94.50 3.73 -95.65
N LYS K 95 94.41 3.35 -94.37
CA LYS K 95 95.54 3.47 -93.46
C LYS K 95 96.67 2.52 -93.85
N ALA K 96 96.33 1.31 -94.27
CA ALA K 96 97.35 0.35 -94.69
C ALA K 96 98.04 0.76 -95.98
N ALA K 97 97.30 1.38 -96.89
CA ALA K 97 97.87 1.84 -98.16
C ALA K 97 98.35 3.28 -98.05
N LYS K 98 85.43 13.91 -95.69
CA LYS K 98 84.36 14.70 -95.11
C LYS K 98 83.10 13.86 -94.93
N ARG K 99 82.58 13.83 -93.71
CA ARG K 99 81.37 13.08 -93.43
C ARG K 99 80.17 13.77 -94.07
N PRO K 100 79.29 13.03 -94.73
CA PRO K 100 78.08 13.63 -95.31
C PRO K 100 77.11 14.06 -94.22
N PRO K 101 76.28 15.06 -94.49
CA PRO K 101 75.27 15.46 -93.50
C PRO K 101 74.26 14.36 -93.25
N VAL K 102 73.86 14.22 -92.00
CA VAL K 102 72.95 13.17 -91.56
C VAL K 102 71.82 13.80 -90.75
N LEU K 103 70.90 12.94 -90.31
CA LEU K 103 69.78 13.38 -89.49
C LEU K 103 70.17 13.37 -88.02
N ARG K 104 69.24 13.80 -87.16
CA ARG K 104 69.45 13.81 -85.73
C ARG K 104 68.22 13.23 -85.04
N ALA K 105 68.44 12.33 -84.08
CA ALA K 105 67.36 11.64 -83.41
C ALA K 105 67.44 11.86 -81.91
N GLY K 106 66.28 11.83 -81.26
CA GLY K 106 66.21 12.00 -79.82
C GLY K 106 66.04 13.45 -79.41
N VAL K 107 65.19 13.69 -78.39
CA VAL K 107 64.93 15.04 -77.94
C VAL K 107 66.16 15.69 -77.31
N ASN K 108 67.01 14.90 -76.65
CA ASN K 108 68.19 15.46 -75.99
C ASN K 108 69.20 16.02 -77.00
N THR K 109 69.41 15.31 -78.11
CA THR K 109 70.30 15.81 -79.15
C THR K 109 69.66 16.93 -79.98
N VAL K 110 68.34 16.92 -80.13
CA VAL K 110 67.68 17.94 -80.94
C VAL K 110 67.67 19.29 -80.22
N THR K 111 67.24 19.30 -78.96
CA THR K 111 67.09 20.56 -78.24
C THR K 111 68.41 21.28 -78.00
N THR K 112 69.53 20.55 -77.98
CA THR K 112 70.83 21.21 -77.84
C THR K 112 71.18 22.02 -79.08
N LEU K 113 70.96 21.45 -80.26
CA LEU K 113 71.29 22.12 -81.51
C LEU K 113 70.20 23.09 -81.98
N VAL K 114 68.97 22.97 -81.46
CA VAL K 114 68.00 24.04 -81.67
C VAL K 114 68.35 25.25 -80.81
N GLU K 115 68.85 25.00 -79.59
CA GLU K 115 69.39 26.08 -78.76
C GLU K 115 70.64 26.70 -79.40
N ASN K 116 71.38 25.91 -80.17
CA ASN K 116 72.54 26.41 -80.90
C ASN K 116 72.18 26.92 -82.29
N LYS K 117 70.90 26.91 -82.66
CA LYS K 117 70.39 27.37 -83.95
C LYS K 117 71.01 26.60 -85.12
N LYS K 118 71.34 25.33 -84.89
CA LYS K 118 71.88 24.47 -85.94
C LYS K 118 70.80 23.72 -86.71
N ALA K 119 69.54 23.83 -86.31
CA ALA K 119 68.47 23.09 -86.96
C ALA K 119 67.82 23.92 -88.06
N GLN K 120 67.64 23.29 -89.22
CA GLN K 120 66.90 23.91 -90.33
C GLN K 120 65.43 23.51 -90.35
N LEU K 121 65.10 22.32 -89.86
CA LEU K 121 63.72 21.86 -89.78
C LEU K 121 63.63 20.84 -88.67
N VAL K 122 62.51 20.86 -87.94
CA VAL K 122 62.31 19.99 -86.78
C VAL K 122 61.02 19.22 -86.98
N VAL K 123 61.08 17.89 -86.79
CA VAL K 123 59.93 17.01 -86.92
C VAL K 123 59.54 16.53 -85.53
N ILE K 124 58.23 16.50 -85.26
CA ILE K 124 57.70 16.15 -83.95
C ILE K 124 56.74 14.98 -84.12
N ALA K 125 56.94 13.94 -83.31
CA ALA K 125 55.93 12.90 -83.20
C ALA K 125 54.93 13.26 -82.10
N HIS K 126 53.64 13.13 -82.43
CA HIS K 126 52.60 13.59 -81.52
C HIS K 126 52.25 12.56 -80.46
N ASP K 127 52.33 11.27 -80.77
CA ASP K 127 51.89 10.24 -79.85
C ASP K 127 53.04 9.68 -79.00
N VAL K 128 53.74 10.55 -78.29
CA VAL K 128 54.71 10.10 -77.29
C VAL K 128 53.94 9.76 -76.01
N ASP K 129 54.30 8.62 -75.39
CA ASP K 129 53.50 8.09 -74.29
C ASP K 129 53.51 9.03 -73.08
N PRO K 130 54.67 9.57 -72.63
CA PRO K 130 54.60 10.77 -71.79
C PRO K 130 54.66 12.04 -72.62
N ILE K 131 53.63 12.89 -72.51
CA ILE K 131 53.58 14.06 -73.38
C ILE K 131 54.54 15.16 -72.89
N GLU K 132 55.00 15.09 -71.65
CA GLU K 132 55.88 16.12 -71.11
C GLU K 132 57.25 16.15 -71.78
N LEU K 133 57.60 15.08 -72.51
CA LEU K 133 58.90 15.02 -73.17
C LEU K 133 59.03 16.05 -74.29
N VAL K 134 57.92 16.51 -74.86
CA VAL K 134 57.93 17.24 -76.11
C VAL K 134 57.40 18.66 -75.95
N VAL K 135 56.30 18.83 -75.21
CA VAL K 135 55.43 20.01 -75.25
C VAL K 135 56.17 21.36 -75.20
N PHE K 136 57.33 21.41 -74.55
CA PHE K 136 58.08 22.65 -74.52
C PHE K 136 58.71 22.97 -75.87
N LEU K 137 59.10 21.94 -76.63
CA LEU K 137 59.85 22.08 -77.88
C LEU K 137 59.08 22.82 -78.97
N PRO K 138 57.78 22.59 -79.21
CA PRO K 138 57.08 23.42 -80.21
C PRO K 138 57.12 24.91 -79.92
N ALA K 139 57.01 25.31 -78.65
CA ALA K 139 57.15 26.73 -78.32
C ALA K 139 58.61 27.14 -78.32
N LEU K 140 59.53 26.20 -78.07
CA LEU K 140 60.96 26.51 -78.04
C LEU K 140 61.48 26.81 -79.44
N CYS K 141 61.04 26.05 -80.44
CA CYS K 141 61.52 26.27 -81.80
C CYS K 141 60.95 27.55 -82.41
N ARG K 142 59.74 27.94 -82.01
CA ARG K 142 59.11 29.13 -82.59
C ARG K 142 59.88 30.39 -82.24
N LYS K 143 60.31 30.53 -80.97
CA LYS K 143 60.93 31.77 -80.53
C LYS K 143 62.28 32.00 -81.18
N MET K 144 63.03 30.94 -81.45
CA MET K 144 64.36 31.05 -82.03
C MET K 144 64.37 30.90 -83.54
N GLY K 145 63.20 30.88 -84.18
CA GLY K 145 63.14 30.90 -85.63
C GLY K 145 63.31 29.58 -86.33
N VAL K 146 63.26 28.47 -85.60
CA VAL K 146 63.41 27.15 -86.21
C VAL K 146 62.04 26.63 -86.64
N PRO K 147 61.84 26.31 -87.92
CA PRO K 147 60.55 25.74 -88.35
C PRO K 147 60.36 24.34 -87.80
N TYR K 148 59.17 24.09 -87.27
CA TYR K 148 58.85 22.80 -86.66
C TYR K 148 57.56 22.26 -87.24
N CYS K 149 57.50 20.94 -87.40
CA CYS K 149 56.34 20.25 -87.94
C CYS K 149 56.04 19.01 -87.12
N ILE K 150 54.78 18.59 -87.16
CA ILE K 150 54.30 17.43 -86.42
C ILE K 150 53.76 16.41 -87.41
N LEU K 151 54.21 15.17 -87.30
CA LEU K 151 53.69 14.07 -88.10
C LEU K 151 52.85 13.13 -87.24
N LYS K 152 52.05 12.31 -87.91
CA LYS K 152 51.19 11.35 -87.22
C LYS K 152 51.94 10.04 -86.99
N GLY K 153 52.16 9.72 -85.72
CA GLY K 153 52.73 8.43 -85.38
C GLY K 153 54.24 8.42 -85.19
N LYS K 154 54.69 8.06 -83.98
CA LYS K 154 56.12 7.92 -83.73
C LYS K 154 56.70 6.69 -84.39
N ALA K 155 55.86 5.74 -84.80
CA ALA K 155 56.36 4.52 -85.44
C ALA K 155 56.99 4.81 -86.78
N ARG K 156 56.28 5.54 -87.65
CA ARG K 156 56.81 5.87 -88.96
C ARG K 156 57.89 6.94 -88.89
N LEU K 157 57.90 7.76 -87.84
CA LEU K 157 59.03 8.64 -87.59
C LEU K 157 60.23 7.86 -87.05
N GLY K 158 59.97 6.76 -86.35
CA GLY K 158 61.01 5.88 -85.87
C GLY K 158 61.52 4.89 -86.89
N ARG K 159 60.94 4.86 -88.09
CA ARG K 159 61.43 4.02 -89.16
C ARG K 159 62.45 4.72 -90.05
N LEU K 160 62.67 6.03 -89.84
CA LEU K 160 63.80 6.69 -90.45
C LEU K 160 65.11 6.11 -89.93
N VAL K 161 65.21 5.99 -88.60
CA VAL K 161 66.25 5.20 -87.96
C VAL K 161 65.80 3.74 -87.98
N HIS K 162 66.69 2.82 -87.61
CA HIS K 162 66.38 1.39 -87.62
C HIS K 162 65.90 0.92 -86.26
N ARG K 163 65.19 1.78 -85.53
CA ARG K 163 64.68 1.48 -84.21
C ARG K 163 63.16 1.44 -84.22
N LYS K 164 62.57 1.27 -83.04
CA LYS K 164 61.12 1.16 -82.95
C LYS K 164 60.45 2.53 -83.04
N THR K 165 60.73 3.41 -82.08
CA THR K 165 60.12 4.73 -82.02
C THR K 165 61.19 5.81 -81.92
N CYS K 166 60.87 6.98 -82.46
CA CYS K 166 61.70 8.15 -82.33
C CYS K 166 60.80 9.36 -82.13
N THR K 167 61.16 10.22 -81.17
CA THR K 167 60.32 11.36 -80.83
C THR K 167 60.53 12.51 -81.80
N THR K 168 61.74 13.03 -81.90
CA THR K 168 62.04 14.19 -82.71
C THR K 168 63.14 13.87 -83.71
N VAL K 169 62.97 14.39 -84.93
CA VAL K 169 63.96 14.29 -85.99
C VAL K 169 64.26 15.69 -86.49
N ALA K 170 65.54 16.06 -86.52
CA ALA K 170 65.94 17.41 -86.87
C ALA K 170 66.85 17.39 -88.09
N PHE K 171 66.72 18.43 -88.92
CA PHE K 171 67.57 18.63 -90.07
C PHE K 171 68.63 19.68 -89.74
N THR K 172 69.90 19.32 -89.90
CA THR K 172 71.00 20.22 -89.65
C THR K 172 71.61 20.74 -90.94
N GLN K 173 72.04 19.84 -91.82
CA GLN K 173 72.57 20.22 -93.13
C GLN K 173 72.07 19.23 -94.17
N VAL K 174 72.04 19.69 -95.42
CA VAL K 174 71.60 18.89 -96.56
C VAL K 174 72.62 19.05 -97.69
N ASN K 175 72.42 18.27 -98.75
CA ASN K 175 73.29 18.34 -99.92
C ASN K 175 72.82 19.47 -100.85
N SER K 176 73.64 19.75 -101.86
CA SER K 176 73.33 20.80 -102.80
C SER K 176 72.14 20.45 -103.67
N GLU K 177 71.99 19.17 -104.04
CA GLU K 177 70.87 18.78 -104.89
C GLU K 177 69.54 18.81 -104.16
N ASP K 178 69.52 18.45 -102.88
CA ASP K 178 68.31 18.54 -102.07
C ASP K 178 68.32 19.83 -101.25
N LYS K 179 68.32 20.96 -101.95
CA LYS K 179 68.32 22.27 -101.32
C LYS K 179 67.00 22.99 -101.50
N GLY K 180 66.49 23.10 -102.74
CA GLY K 180 65.18 23.68 -102.95
C GLY K 180 64.04 22.79 -102.51
N ALA K 181 64.26 21.48 -102.45
CA ALA K 181 63.23 20.57 -101.94
C ALA K 181 62.98 20.80 -100.46
N LEU K 182 64.05 21.05 -99.68
CA LEU K 182 63.86 21.39 -98.28
C LEU K 182 63.27 22.78 -98.12
N ALA K 183 63.65 23.72 -98.99
CA ALA K 183 63.18 25.09 -98.88
C ALA K 183 61.68 25.21 -99.15
N LYS K 184 61.16 24.46 -100.13
CA LYS K 184 59.74 24.52 -100.42
C LYS K 184 58.91 23.84 -99.33
N LEU K 185 59.46 22.84 -98.65
CA LEU K 185 58.76 22.24 -97.53
C LEU K 185 58.75 23.16 -96.31
N VAL K 186 59.78 24.00 -96.16
CA VAL K 186 59.85 24.92 -95.03
C VAL K 186 58.72 25.93 -95.11
N GLU K 187 58.46 26.49 -96.31
CA GLU K 187 57.43 27.50 -96.47
C GLU K 187 56.04 26.97 -96.15
N ALA K 188 55.77 25.70 -96.47
CA ALA K 188 54.48 25.12 -96.12
C ALA K 188 54.40 24.83 -94.63
N ILE K 189 55.55 24.69 -93.97
CA ILE K 189 55.57 24.30 -92.56
C ILE K 189 55.52 25.53 -91.66
N ARG K 190 56.37 26.53 -91.93
CA ARG K 190 56.45 27.69 -91.04
C ARG K 190 55.22 28.58 -91.15
N THR K 191 54.54 28.57 -92.31
CA THR K 191 53.32 29.34 -92.46
C THR K 191 52.11 28.66 -91.83
N ASN K 192 52.23 27.40 -91.42
CA ASN K 192 51.16 26.67 -90.76
C ASN K 192 51.42 26.50 -89.27
N TYR K 193 52.67 26.29 -88.87
CA TYR K 193 53.03 26.11 -87.46
C TYR K 193 53.63 27.37 -86.85
N ASN K 194 54.72 27.88 -87.44
CA ASN K 194 55.44 28.98 -86.82
C ASN K 194 54.69 30.30 -86.94
N ASP K 195 54.14 30.59 -88.12
CA ASP K 195 53.45 31.86 -88.34
C ASP K 195 52.03 31.87 -87.77
N ARG K 196 51.49 30.70 -87.43
CA ARG K 196 50.19 30.58 -86.79
C ARG K 196 50.32 30.30 -85.29
N TYR K 197 51.37 30.81 -84.66
CA TYR K 197 51.69 30.42 -83.29
C TYR K 197 50.67 30.98 -82.30
N ASP K 198 50.24 32.23 -82.49
CA ASP K 198 49.33 32.85 -81.53
C ASP K 198 47.95 32.22 -81.57
N GLU K 199 47.52 31.71 -82.73
CA GLU K 199 46.22 31.05 -82.82
C GLU K 199 46.23 29.73 -82.06
N ILE K 200 47.37 29.05 -82.01
CA ILE K 200 47.47 27.77 -81.32
C ILE K 200 47.30 27.94 -79.82
N ARG K 201 47.84 29.02 -79.25
CA ARG K 201 47.76 29.23 -77.81
C ARG K 201 46.33 29.47 -77.34
N ARG K 202 45.47 29.99 -78.22
CA ARG K 202 44.08 30.23 -77.87
C ARG K 202 43.16 29.09 -78.28
N HIS K 203 43.72 28.00 -78.82
CA HIS K 203 42.92 26.88 -79.33
C HIS K 203 42.90 25.77 -78.29
N TRP K 204 41.91 25.83 -77.41
CA TRP K 204 41.68 24.73 -76.47
C TRP K 204 40.94 23.59 -77.16
N GLY K 205 41.16 22.37 -76.65
CA GLY K 205 40.58 21.18 -77.22
C GLY K 205 39.61 20.50 -76.27
N GLY K 206 39.06 19.39 -76.74
CA GLY K 206 38.10 18.64 -75.95
C GLY K 206 36.79 19.40 -75.79
N ASN K 207 36.18 19.22 -74.61
CA ASN K 207 34.91 19.86 -74.25
C ASN K 207 33.80 19.49 -75.23
N VAL K 208 33.82 18.25 -75.70
CA VAL K 208 32.82 17.73 -76.63
C VAL K 208 32.08 16.58 -75.94
N LEU K 209 30.76 16.69 -75.86
CA LEU K 209 29.95 15.66 -75.23
C LEU K 209 29.72 14.50 -76.20
N GLY K 210 29.19 13.40 -75.67
CA GLY K 210 28.92 12.22 -76.45
C GLY K 210 27.76 12.39 -77.40
N PRO K 211 27.76 11.64 -78.51
CA PRO K 211 26.67 11.76 -79.49
C PRO K 211 25.30 11.41 -78.93
N LYS K 212 25.23 10.54 -77.92
CA LYS K 212 23.95 10.27 -77.26
C LYS K 212 23.47 11.48 -76.49
N SER K 213 24.39 12.23 -75.88
CA SER K 213 24.04 13.40 -75.10
C SER K 213 23.99 14.68 -75.93
N VAL K 214 24.74 14.75 -77.05
CA VAL K 214 24.63 15.90 -77.94
C VAL K 214 23.25 15.94 -78.58
N ALA K 215 22.77 14.79 -79.06
CA ALA K 215 21.43 14.72 -79.62
C ALA K 215 20.33 14.89 -78.58
N ARG K 216 20.63 14.65 -77.30
CA ARG K 216 19.66 14.90 -76.25
C ARG K 216 19.40 16.40 -76.10
N ILE K 217 20.48 17.19 -76.03
CA ILE K 217 20.32 18.64 -75.95
C ILE K 217 19.80 19.19 -77.28
N ALA K 218 20.25 18.61 -78.40
CA ALA K 218 19.83 19.08 -79.70
C ALA K 218 18.34 18.85 -79.94
N LYS K 219 17.80 17.72 -79.45
CA LYS K 219 16.37 17.47 -79.59
C LYS K 219 15.55 18.50 -78.81
N LEU K 220 16.00 18.83 -77.59
CA LEU K 220 15.32 19.85 -76.80
C LEU K 220 15.49 21.23 -77.44
N GLU K 221 16.67 21.50 -77.99
CA GLU K 221 16.91 22.79 -78.64
C GLU K 221 16.12 22.91 -79.94
N LYS K 222 16.08 21.84 -80.73
CA LYS K 222 15.31 21.87 -81.98
C LYS K 222 13.81 21.96 -81.71
N ALA K 223 13.33 21.26 -80.68
CA ALA K 223 11.92 21.38 -80.32
C ALA K 223 11.59 22.78 -79.84
N LYS K 224 12.46 23.36 -79.02
CA LYS K 224 12.26 24.74 -78.58
C LYS K 224 12.38 25.72 -79.74
N ALA K 225 13.29 25.45 -80.67
CA ALA K 225 13.34 26.24 -81.90
C ALA K 225 12.07 26.02 -82.73
N LYS K 226 11.57 24.79 -82.78
CA LYS K 226 10.28 24.54 -83.41
C LYS K 226 9.14 25.15 -82.61
N GLU K 227 9.28 25.21 -81.28
CA GLU K 227 8.26 25.86 -80.46
C GLU K 227 8.18 27.35 -80.77
N LEU K 228 9.28 28.07 -80.60
CA LEU K 228 9.29 29.52 -80.78
C LEU K 228 9.11 29.95 -82.23
N ALA K 229 9.27 29.04 -83.19
CA ALA K 229 9.04 29.40 -84.59
C ALA K 229 7.56 29.64 -84.85
N THR K 230 6.69 28.77 -84.34
CA THR K 230 5.26 28.93 -84.53
C THR K 230 4.63 29.90 -83.56
N LYS K 231 5.36 30.34 -82.53
CA LYS K 231 4.83 31.35 -81.62
C LYS K 231 4.79 32.71 -82.30
N LEU K 232 5.82 33.03 -83.09
CA LEU K 232 5.85 34.27 -83.84
C LEU K 232 4.91 34.24 -85.03
N GLY K 233 4.68 33.07 -85.61
CA GLY K 233 3.80 32.95 -86.76
C GLY K 233 4.54 32.96 -88.08
N MET L 1 36.30 -8.73 85.96
CA MET L 1 37.18 -8.96 87.09
C MET L 1 37.04 -10.37 87.64
N LYS L 2 37.89 -10.71 88.60
CA LYS L 2 37.84 -12.01 89.26
C LYS L 2 37.63 -11.78 90.74
N THR L 3 36.55 -12.34 91.28
CA THR L 3 36.26 -12.21 92.71
C THR L 3 37.11 -13.22 93.46
N ILE L 4 37.82 -12.73 94.49
CA ILE L 4 38.86 -13.53 95.13
C ILE L 4 38.28 -14.74 95.86
N LEU L 5 37.11 -14.60 96.47
CA LEU L 5 36.49 -15.71 97.19
C LEU L 5 35.00 -15.47 97.30
N SER L 6 34.21 -16.49 96.96
CA SER L 6 32.79 -16.48 97.16
C SER L 6 32.36 -17.79 97.84
N ASN L 7 31.37 -17.69 98.71
CA ASN L 7 30.89 -18.86 99.43
C ASN L 7 29.42 -18.68 99.80
N GLN L 8 28.76 -19.81 100.06
CA GLN L 8 27.39 -19.82 100.54
C GLN L 8 27.18 -21.08 101.36
N THR L 9 26.95 -20.91 102.65
CA THR L 9 26.86 -22.02 103.58
C THR L 9 25.43 -22.55 103.62
N VAL L 10 25.30 -23.88 103.60
CA VAL L 10 24.02 -24.56 103.61
C VAL L 10 23.87 -25.23 104.98
N ASP L 11 22.93 -24.75 105.77
CA ASP L 11 22.66 -25.32 107.08
C ASP L 11 21.73 -26.53 106.93
N ILE L 12 22.19 -27.69 107.40
CA ILE L 12 21.44 -28.93 107.24
C ILE L 12 20.78 -29.28 108.57
N PRO L 13 19.62 -29.96 108.56
CA PRO L 13 18.97 -30.33 109.82
C PRO L 13 19.54 -31.58 110.45
N GLU L 14 18.97 -31.98 111.58
CA GLU L 14 19.46 -33.14 112.33
C GLU L 14 19.07 -34.46 111.68
N ASN L 15 17.95 -34.51 110.96
CA ASN L 15 17.49 -35.77 110.40
C ASN L 15 18.31 -36.20 109.19
N VAL L 16 18.93 -35.26 108.50
CA VAL L 16 19.70 -35.54 107.28
C VAL L 16 21.15 -35.78 107.66
N ASP L 17 21.75 -36.83 107.08
CA ASP L 17 23.13 -37.22 107.34
C ASP L 17 23.89 -37.22 106.00
N ILE L 18 24.51 -36.09 105.67
CA ILE L 18 25.20 -35.95 104.40
C ILE L 18 26.66 -36.33 104.56
N SER L 19 27.27 -36.71 103.43
CA SER L 19 28.72 -36.93 103.34
C SER L 19 29.12 -36.73 101.90
N LEU L 20 30.41 -36.50 101.67
CA LEU L 20 30.89 -36.19 100.33
C LEU L 20 32.26 -36.80 100.10
N LYS L 21 32.47 -37.29 98.88
CA LYS L 21 33.77 -37.73 98.40
C LYS L 21 34.07 -37.02 97.09
N GLY L 22 35.26 -36.45 96.98
CA GLY L 22 35.62 -35.68 95.80
C GLY L 22 34.77 -34.45 95.62
N ARG L 23 33.98 -34.42 94.54
CA ARG L 23 33.05 -33.34 94.28
C ARG L 23 31.61 -33.83 94.19
N THR L 24 31.33 -35.01 94.75
CA THR L 24 30.00 -35.61 94.73
C THR L 24 29.50 -35.73 96.16
N VAL L 25 28.30 -35.20 96.42
CA VAL L 25 27.69 -35.25 97.74
C VAL L 25 26.56 -36.28 97.73
N ILE L 26 26.31 -36.87 98.89
CA ILE L 26 25.20 -37.79 99.08
C ILE L 26 24.34 -37.28 100.23
N VAL L 27 23.04 -37.47 100.11
CA VAL L 27 22.07 -36.98 101.08
C VAL L 27 21.17 -38.14 101.48
N LYS L 28 21.18 -38.50 102.77
CA LYS L 28 20.39 -39.59 103.29
C LYS L 28 19.64 -39.13 104.53
N GLY L 29 18.66 -39.93 104.95
CA GLY L 29 17.89 -39.63 106.13
C GLY L 29 16.64 -40.49 106.25
N PRO L 30 15.51 -39.85 106.56
CA PRO L 30 14.27 -40.60 106.81
C PRO L 30 13.71 -41.30 105.58
N ARG L 31 13.56 -40.58 104.47
CA ARG L 31 12.87 -41.11 103.30
C ARG L 31 13.80 -41.84 102.33
N GLY L 32 15.09 -41.95 102.63
CA GLY L 32 16.00 -42.68 101.79
C GLY L 32 17.27 -41.89 101.55
N THR L 33 18.00 -42.28 100.51
CA THR L 33 19.28 -41.69 100.17
C THR L 33 19.23 -41.07 98.77
N LEU L 34 19.83 -39.89 98.64
CA LEU L 34 19.90 -39.18 97.37
C LEU L 34 21.34 -38.83 97.06
N ARG L 35 21.73 -39.00 95.80
CA ARG L 35 23.09 -38.73 95.35
C ARG L 35 23.05 -37.85 94.10
N ARG L 36 23.93 -36.86 94.06
CA ARG L 36 24.00 -35.95 92.92
C ARG L 36 25.46 -35.58 92.69
N ASP L 37 25.86 -35.49 91.41
CA ASP L 37 27.23 -35.21 91.04
C ASP L 37 27.37 -33.76 90.59
N PHE L 38 28.49 -33.15 90.92
CA PHE L 38 28.79 -31.76 90.58
C PHE L 38 30.17 -31.61 89.97
N ASN L 39 30.58 -32.58 89.15
CA ASN L 39 31.90 -32.54 88.54
C ASN L 39 32.00 -31.55 87.39
N HIS L 40 30.89 -30.96 86.96
CA HIS L 40 30.88 -30.06 85.82
C HIS L 40 31.21 -28.62 86.19
N ILE L 41 31.44 -28.31 87.46
CA ILE L 41 31.56 -26.93 87.90
C ILE L 41 32.94 -26.61 88.49
N ASN L 42 33.67 -27.60 89.00
CA ASN L 42 35.02 -27.42 89.56
C ASN L 42 35.02 -26.42 90.72
N VAL L 43 34.31 -26.81 91.79
CA VAL L 43 34.25 -26.01 93.02
C VAL L 43 34.78 -26.86 94.17
N GLU L 44 34.93 -26.20 95.32
CA GLU L 44 35.43 -26.83 96.55
C GLU L 44 34.26 -27.06 97.49
N LEU L 45 34.10 -28.29 97.96
CA LEU L 45 33.07 -28.64 98.92
C LEU L 45 33.73 -28.92 100.27
N SER L 46 33.31 -28.19 101.30
CA SER L 46 33.91 -28.31 102.62
C SER L 46 32.82 -28.57 103.65
N LEU L 47 32.93 -29.68 104.36
CA LEU L 47 31.99 -30.07 105.40
C LEU L 47 32.67 -29.96 106.77
N LEU L 48 32.70 -28.74 107.32
CA LEU L 48 33.32 -28.49 108.62
C LEU L 48 32.25 -28.15 109.67
N GLY L 49 32.71 -27.91 110.90
CA GLY L 49 31.84 -27.75 112.04
C GLY L 49 31.49 -29.08 112.66
N LYS L 50 31.58 -29.18 113.98
CA LYS L 50 31.34 -30.43 114.68
C LYS L 50 29.84 -30.63 114.87
N LYS L 51 29.43 -31.91 114.89
CA LYS L 51 28.04 -32.34 114.67
C LYS L 51 27.54 -31.91 113.29
N LYS L 52 28.49 -31.67 112.37
CA LYS L 52 28.26 -31.59 110.90
C LYS L 52 27.04 -30.75 110.50
N LYS L 53 26.78 -29.67 111.24
CA LYS L 53 25.53 -28.92 111.10
C LYS L 53 25.44 -28.05 109.84
N ARG L 54 26.53 -27.84 109.11
CA ARG L 54 26.42 -27.02 107.90
C ARG L 54 27.39 -27.52 106.84
N LEU L 55 27.05 -27.23 105.60
CA LEU L 55 27.91 -27.50 104.45
C LEU L 55 28.19 -26.20 103.70
N ARG L 56 29.45 -25.96 103.38
CA ARG L 56 29.88 -24.73 102.72
C ARG L 56 30.59 -25.04 101.41
N VAL L 57 30.19 -24.34 100.35
CA VAL L 57 30.86 -24.45 99.06
C VAL L 57 31.79 -23.24 98.89
N ASP L 58 32.79 -23.40 98.03
CA ASP L 58 33.76 -22.34 97.79
C ASP L 58 34.12 -22.30 96.31
N LYS L 59 34.51 -21.12 95.84
CA LYS L 59 35.02 -20.94 94.48
C LYS L 59 36.00 -19.78 94.48
N TRP L 60 37.29 -20.10 94.29
CA TRP L 60 38.34 -19.09 94.34
C TRP L 60 38.61 -18.54 92.94
N TRP L 61 38.85 -17.22 92.86
CA TRP L 61 39.12 -16.52 91.60
C TRP L 61 38.02 -16.74 90.56
N GLY L 62 36.76 -16.68 91.03
CA GLY L 62 35.65 -16.81 90.11
C GLY L 62 35.17 -15.50 89.51
N ASN L 63 34.52 -15.60 88.35
CA ASN L 63 33.97 -14.43 87.64
C ASN L 63 32.44 -14.44 87.63
N ARG L 64 31.82 -13.44 86.98
CA ARG L 64 30.38 -13.19 87.15
C ARG L 64 29.55 -14.42 86.78
N LYS L 65 29.93 -15.17 85.74
CA LYS L 65 29.07 -16.26 85.30
C LYS L 65 29.08 -17.43 86.29
N GLU L 66 30.27 -17.87 86.71
CA GLU L 66 30.37 -19.09 87.51
C GLU L 66 30.04 -18.84 88.98
N LEU L 67 30.19 -17.60 89.45
CA LEU L 67 29.66 -17.28 90.77
C LEU L 67 28.16 -17.37 90.84
N ALA L 68 27.46 -17.13 89.73
CA ALA L 68 26.03 -17.40 89.65
C ALA L 68 25.75 -18.89 89.75
N THR L 69 26.68 -19.71 89.28
CA THR L 69 26.54 -21.16 89.41
C THR L 69 26.90 -21.67 90.80
N VAL L 70 27.50 -20.82 91.64
CA VAL L 70 27.74 -21.20 93.03
C VAL L 70 26.43 -21.26 93.80
N ARG L 71 25.52 -20.30 93.53
CA ARG L 71 24.26 -20.24 94.28
C ARG L 71 23.32 -21.38 93.92
N THR L 72 23.29 -21.81 92.66
CA THR L 72 22.39 -22.88 92.25
C THR L 72 22.79 -24.24 92.84
N ILE L 73 24.02 -24.39 93.32
CA ILE L 73 24.37 -25.58 94.09
C ILE L 73 23.64 -25.56 95.43
N CYS L 74 23.61 -24.39 96.08
CA CYS L 74 22.89 -24.26 97.35
C CYS L 74 21.40 -24.55 97.18
N SER L 75 20.82 -24.16 96.04
CA SER L 75 19.44 -24.52 95.76
C SER L 75 19.30 -26.02 95.51
N HIS L 76 20.28 -26.63 94.85
CA HIS L 76 20.20 -28.06 94.56
C HIS L 76 20.39 -28.91 95.81
N VAL L 77 21.33 -28.52 96.68
CA VAL L 77 21.53 -29.26 97.92
C VAL L 77 20.33 -29.10 98.85
N GLN L 78 19.74 -27.90 98.89
CA GLN L 78 18.56 -27.69 99.70
C GLN L 78 17.37 -28.50 99.18
N ASN L 79 17.25 -28.66 97.86
CA ASN L 79 16.19 -29.49 97.32
C ASN L 79 16.40 -30.96 97.64
N MET L 80 17.66 -31.41 97.73
CA MET L 80 17.93 -32.77 98.16
C MET L 80 17.59 -32.97 99.62
N ILE L 81 17.77 -31.94 100.44
CA ILE L 81 17.37 -32.00 101.85
C ILE L 81 15.85 -32.07 101.96
N LYS L 82 15.14 -31.26 101.18
CA LYS L 82 13.68 -31.24 101.23
C LYS L 82 13.09 -32.57 100.79
N GLY L 83 13.68 -33.20 99.78
CA GLY L 83 13.16 -34.47 99.30
C GLY L 83 13.40 -35.63 100.23
N VAL L 84 14.42 -35.54 101.09
CA VAL L 84 14.69 -36.60 102.04
C VAL L 84 13.92 -36.36 103.34
N THR L 85 13.76 -35.10 103.75
CA THR L 85 12.95 -34.80 104.93
C THR L 85 11.46 -34.90 104.62
N LEU L 86 10.99 -34.11 103.64
CA LEU L 86 9.56 -33.99 103.39
C LEU L 86 9.14 -34.48 102.01
N GLY L 87 10.06 -34.82 101.12
CA GLY L 87 9.69 -35.33 99.82
C GLY L 87 9.15 -34.25 98.89
N PHE L 88 8.55 -34.72 97.79
CA PHE L 88 7.95 -33.84 96.80
C PHE L 88 6.64 -34.45 96.34
N ARG L 89 5.54 -33.73 96.58
CA ARG L 89 4.21 -34.15 96.16
C ARG L 89 3.72 -33.21 95.07
N TYR L 90 3.52 -33.76 93.87
CA TYR L 90 3.02 -32.98 92.73
C TYR L 90 1.61 -33.45 92.40
N LYS L 91 0.67 -32.52 92.42
CA LYS L 91 -0.74 -32.79 92.13
C LYS L 91 -1.10 -32.18 90.79
N MET L 92 -1.70 -32.97 89.90
CA MET L 92 -1.99 -32.55 88.54
C MET L 92 -3.46 -32.77 88.23
N ARG L 93 -4.11 -31.76 87.67
CA ARG L 93 -5.51 -31.84 87.29
C ARG L 93 -5.66 -32.54 85.93
N SER L 94 -6.91 -32.84 85.58
CA SER L 94 -7.27 -33.39 84.28
C SER L 94 -8.40 -32.54 83.72
N VAL L 95 -8.06 -31.61 82.84
CA VAL L 95 -9.02 -30.65 82.30
C VAL L 95 -9.50 -31.15 80.94
N TYR L 96 -10.82 -31.31 80.80
CA TYR L 96 -11.40 -31.77 79.55
C TYR L 96 -12.75 -31.08 79.35
N ALA L 97 -13.06 -30.76 78.09
CA ALA L 97 -14.33 -30.12 77.77
C ALA L 97 -15.44 -31.15 77.63
N HIS L 98 -15.31 -32.07 76.66
CA HIS L 98 -16.36 -33.04 76.35
C HIS L 98 -15.98 -34.45 76.75
N PHE L 99 -14.86 -34.96 76.25
CA PHE L 99 -14.49 -36.36 76.46
C PHE L 99 -13.81 -36.52 77.81
N PRO L 100 -14.32 -37.39 78.70
CA PRO L 100 -13.65 -37.63 79.98
C PRO L 100 -12.31 -38.34 79.75
N ILE L 101 -11.24 -37.74 80.27
CA ILE L 101 -9.89 -38.27 80.11
C ILE L 101 -9.73 -39.45 81.08
N ASN L 102 -9.86 -40.66 80.56
CA ASN L 102 -9.69 -41.85 81.39
C ASN L 102 -8.23 -42.09 81.71
N VAL L 103 -7.94 -42.36 82.97
CA VAL L 103 -6.56 -42.54 83.44
C VAL L 103 -6.51 -43.76 84.35
N VAL L 104 -5.48 -44.59 84.14
CA VAL L 104 -5.27 -45.77 84.97
C VAL L 104 -3.78 -46.11 84.96
N ILE L 105 -3.29 -46.63 86.08
CA ILE L 105 -1.87 -46.84 86.31
C ILE L 105 -1.57 -48.34 86.32
N GLN L 106 -0.63 -48.76 85.48
CA GLN L 106 -0.18 -50.14 85.48
C GLN L 106 1.20 -50.26 86.13
N GLU L 107 1.45 -51.45 86.70
CA GLU L 107 2.60 -51.76 87.56
C GLU L 107 2.93 -50.61 88.52
N ASN L 108 2.05 -50.49 89.52
CA ASN L 108 2.20 -49.78 90.79
C ASN L 108 2.95 -48.45 90.74
N GLY L 109 2.58 -47.57 89.83
CA GLY L 109 3.09 -46.21 89.83
C GLY L 109 4.24 -45.92 88.91
N SER L 110 4.57 -46.83 87.99
CA SER L 110 5.65 -46.62 87.05
C SER L 110 5.19 -46.35 85.63
N LEU L 111 3.92 -46.62 85.31
CA LEU L 111 3.38 -46.43 83.97
C LEU L 111 1.99 -45.81 84.05
N VAL L 112 1.69 -44.94 83.10
CA VAL L 112 0.40 -44.24 83.04
C VAL L 112 -0.29 -44.56 81.72
N GLU L 113 -1.55 -44.98 81.79
CA GLU L 113 -2.40 -45.12 80.62
C GLU L 113 -3.38 -43.97 80.56
N ILE L 114 -3.41 -43.26 79.43
CA ILE L 114 -4.32 -42.14 79.22
C ILE L 114 -5.23 -42.49 78.04
N ARG L 115 -6.52 -42.61 78.31
CA ARG L 115 -7.50 -43.03 77.31
C ARG L 115 -8.55 -41.94 77.12
N ASN L 116 -9.15 -41.94 75.93
CA ASN L 116 -10.25 -41.02 75.56
C ASN L 116 -9.83 -39.57 75.68
N PHE L 117 -8.57 -39.26 75.40
CA PHE L 117 -8.12 -37.88 75.39
C PHE L 117 -8.54 -37.22 74.09
N LEU L 118 -9.49 -36.28 74.17
CA LEU L 118 -10.14 -35.66 73.00
C LEU L 118 -10.82 -36.70 72.12
N GLY L 119 -11.28 -37.79 72.72
CA GLY L 119 -11.96 -38.84 71.99
C GLY L 119 -11.10 -39.55 70.96
N GLU L 120 -9.81 -39.73 71.24
CA GLU L 120 -8.89 -40.34 70.30
C GLU L 120 -8.83 -41.85 70.53
N LYS L 121 -8.80 -42.59 69.42
CA LYS L 121 -8.67 -44.05 69.52
C LYS L 121 -7.30 -44.46 70.03
N TYR L 122 -6.28 -43.64 69.79
CA TYR L 122 -4.94 -43.92 70.29
C TYR L 122 -4.89 -43.84 71.81
N ILE L 123 -4.17 -44.76 72.43
CA ILE L 123 -3.93 -44.76 73.86
C ILE L 123 -2.49 -44.33 74.11
N ARG L 124 -2.30 -43.44 75.07
CA ARG L 124 -1.00 -42.83 75.32
C ARG L 124 -0.37 -43.47 76.55
N ARG L 125 0.89 -43.88 76.41
CA ARG L 125 1.58 -44.68 77.41
C ARG L 125 2.88 -43.97 77.77
N VAL L 126 2.97 -43.49 79.00
CA VAL L 126 4.12 -42.73 79.48
C VAL L 126 4.80 -43.53 80.59
N ARG L 127 6.12 -43.67 80.50
CA ARG L 127 6.89 -44.41 81.49
C ARG L 127 7.43 -43.44 82.53
N MET L 128 7.05 -43.65 83.79
CA MET L 128 7.52 -42.80 84.86
C MET L 128 8.99 -43.05 85.14
N ARG L 129 9.68 -42.01 85.59
CA ARG L 129 11.08 -42.12 85.95
C ARG L 129 11.25 -43.01 87.18
N PRO L 130 12.36 -43.76 87.26
CA PRO L 130 12.61 -44.55 88.47
C PRO L 130 12.70 -43.67 89.71
N GLY L 131 12.16 -44.18 90.82
CA GLY L 131 12.07 -43.42 92.05
C GLY L 131 10.82 -42.58 92.19
N VAL L 132 9.95 -42.56 91.17
CA VAL L 132 8.72 -41.77 91.19
C VAL L 132 7.53 -42.71 91.30
N ALA L 133 6.64 -42.41 92.22
CA ALA L 133 5.43 -43.18 92.44
C ALA L 133 4.21 -42.41 91.94
N CYS L 134 3.33 -43.10 91.23
CA CYS L 134 2.18 -42.48 90.58
C CYS L 134 0.88 -43.13 91.06
N SER L 135 -0.10 -42.30 91.42
CA SER L 135 -1.38 -42.81 91.87
C SER L 135 -2.44 -41.72 91.75
N VAL L 136 -3.70 -42.15 91.72
CA VAL L 136 -4.84 -41.24 91.77
C VAL L 136 -5.28 -41.08 93.21
N SER L 137 -5.47 -39.84 93.64
CA SER L 137 -5.93 -39.57 94.99
C SER L 137 -7.42 -39.90 95.13
N GLN L 138 -7.94 -39.74 96.34
CA GLN L 138 -9.32 -40.03 96.64
C GLN L 138 -10.08 -38.74 96.96
N ALA L 139 -11.40 -38.87 97.06
CA ALA L 139 -12.33 -37.79 97.44
C ALA L 139 -12.33 -36.65 96.43
N GLN L 140 -11.82 -36.92 95.22
CA GLN L 140 -11.94 -35.98 94.11
C GLN L 140 -11.59 -36.74 92.84
N LYS L 141 -12.34 -36.48 91.76
CA LYS L 141 -12.20 -37.25 90.54
C LYS L 141 -10.90 -36.96 89.78
N ASP L 142 -10.69 -35.71 89.37
CA ASP L 142 -9.59 -35.37 88.46
C ASP L 142 -8.35 -34.99 89.26
N GLU L 143 -7.59 -36.01 89.64
CA GLU L 143 -6.28 -35.85 90.26
C GLU L 143 -5.37 -36.98 89.80
N LEU L 144 -4.12 -36.65 89.51
CA LEU L 144 -3.09 -37.66 89.36
C LEU L 144 -1.90 -37.21 90.20
N VAL L 145 -1.50 -38.04 91.15
CA VAL L 145 -0.58 -37.65 92.21
C VAL L 145 0.74 -38.35 91.99
N LEU L 146 1.82 -37.58 91.93
CA LEU L 146 3.17 -38.10 91.76
C LEU L 146 3.93 -37.94 93.07
N GLU L 147 4.64 -39.00 93.46
CA GLU L 147 5.40 -39.02 94.70
C GLU L 147 6.85 -39.36 94.40
N GLY L 148 7.75 -38.88 95.25
CA GLY L 148 9.16 -39.16 95.05
C GLY L 148 10.01 -38.34 96.00
N ASN L 149 11.32 -38.37 95.76
CA ASN L 149 12.29 -37.68 96.60
C ASN L 149 13.18 -36.71 95.85
N ASP L 150 13.38 -36.89 94.55
CA ASP L 150 14.27 -36.03 93.78
C ASP L 150 13.41 -35.08 92.96
N ILE L 151 13.68 -33.78 93.06
CA ILE L 151 12.85 -32.78 92.39
C ILE L 151 13.04 -32.85 90.88
N GLU L 152 14.22 -33.25 90.41
CA GLU L 152 14.45 -33.37 88.98
C GLU L 152 13.58 -34.48 88.36
N LEU L 153 13.49 -35.63 89.04
CA LEU L 153 12.79 -36.77 88.47
C LEU L 153 11.28 -36.61 88.54
N VAL L 154 10.77 -36.08 89.66
CA VAL L 154 9.32 -35.96 89.84
C VAL L 154 8.74 -34.94 88.87
N SER L 155 9.37 -33.77 88.76
CA SER L 155 8.86 -32.73 87.87
C SER L 155 9.10 -33.04 86.40
N ASN L 156 10.10 -33.85 86.06
CA ASN L 156 10.27 -34.28 84.68
C ASN L 156 9.15 -35.23 84.28
N SER L 157 8.82 -36.19 85.15
CA SER L 157 7.70 -37.09 84.89
C SER L 157 6.37 -36.37 84.87
N ALA L 158 6.22 -35.29 85.66
CA ALA L 158 5.05 -34.45 85.55
C ALA L 158 4.99 -33.75 84.19
N ALA L 159 6.14 -33.30 83.69
CA ALA L 159 6.22 -32.67 82.38
C ALA L 159 6.18 -33.67 81.24
N LEU L 160 6.41 -34.95 81.52
CA LEU L 160 6.29 -35.97 80.47
C LEU L 160 4.83 -36.14 80.04
N ILE L 161 3.93 -36.29 81.01
CA ILE L 161 2.51 -36.46 80.70
C ILE L 161 1.83 -35.14 80.33
N GLN L 162 2.37 -34.02 80.80
CA GLN L 162 1.84 -32.72 80.37
C GLN L 162 2.14 -32.49 78.90
N GLN L 163 3.34 -32.86 78.45
CA GLN L 163 3.68 -32.80 77.03
C GLN L 163 3.08 -33.94 76.23
N ALA L 164 2.73 -35.06 76.88
CA ALA L 164 2.11 -36.16 76.19
C ALA L 164 0.65 -35.89 75.85
N THR L 165 -0.01 -34.98 76.57
CA THR L 165 -1.39 -34.61 76.30
C THR L 165 -1.41 -33.17 75.81
N THR L 166 -1.22 -33.01 74.50
CA THR L 166 -1.28 -31.72 73.84
C THR L 166 -2.21 -31.81 72.63
N VAL L 167 -2.83 -30.69 72.30
CA VAL L 167 -3.79 -30.63 71.20
C VAL L 167 -3.05 -30.14 69.96
N LYS L 168 -3.08 -30.95 68.90
CA LYS L 168 -2.37 -30.62 67.67
C LYS L 168 -3.26 -29.86 66.71
N ASN L 169 -2.63 -28.97 65.94
CA ASN L 169 -3.21 -28.14 64.86
C ASN L 169 -4.60 -27.59 65.16
N LYS L 170 -4.82 -27.14 66.40
CA LYS L 170 -6.08 -26.56 66.82
C LYS L 170 -5.84 -25.21 67.46
N ASP L 171 -6.91 -24.41 67.53
CA ASP L 171 -6.86 -23.14 68.24
C ASP L 171 -6.88 -23.45 69.74
N ILE L 172 -5.68 -23.54 70.33
CA ILE L 172 -5.55 -23.90 71.74
C ILE L 172 -6.08 -22.84 72.68
N ARG L 173 -6.32 -21.62 72.19
CA ARG L 173 -6.97 -20.61 73.01
C ARG L 173 -8.43 -20.99 73.30
N LYS L 174 -9.07 -21.68 72.36
CA LYS L 174 -10.40 -22.22 72.57
C LYS L 174 -10.36 -23.63 73.15
N PHE L 175 -9.52 -24.50 72.59
CA PHE L 175 -9.37 -25.87 73.06
C PHE L 175 -8.42 -25.88 74.24
N LEU L 176 -8.97 -25.91 75.45
CA LEU L 176 -8.19 -25.91 76.68
C LEU L 176 -8.36 -27.28 77.34
N ASP L 177 -7.51 -28.22 76.92
CA ASP L 177 -7.59 -29.59 77.39
C ASP L 177 -6.18 -30.10 77.69
N GLY L 178 -6.11 -31.15 78.50
CA GLY L 178 -4.86 -31.79 78.85
C GLY L 178 -4.70 -31.94 80.35
N ILE L 179 -3.58 -32.53 80.73
CA ILE L 179 -3.24 -32.77 82.13
C ILE L 179 -2.14 -31.78 82.50
N TYR L 180 -2.42 -30.93 83.47
CA TYR L 180 -1.52 -29.83 83.83
C TYR L 180 -1.18 -29.87 85.32
N VAL L 181 -0.01 -29.34 85.65
CA VAL L 181 0.48 -29.34 87.02
C VAL L 181 -0.28 -28.29 87.82
N SER L 182 -0.88 -28.70 88.94
CA SER L 182 -1.66 -27.79 89.77
C SER L 182 -0.90 -27.34 91.01
N GLU L 183 -0.46 -28.28 91.84
CA GLU L 183 0.07 -27.99 93.16
C GLU L 183 1.44 -28.64 93.31
N LYS L 184 2.40 -27.87 93.79
CA LYS L 184 3.78 -28.34 94.00
C LYS L 184 4.06 -28.33 95.51
N GLY L 185 3.92 -29.49 96.13
CA GLY L 185 4.11 -29.62 97.57
C GLY L 185 5.03 -30.77 97.93
N THR L 186 5.03 -31.09 99.22
CA THR L 186 5.84 -32.16 99.79
C THR L 186 4.95 -33.30 100.29
N VAL L 187 5.59 -34.44 100.57
CA VAL L 187 4.86 -35.62 101.02
C VAL L 187 4.26 -35.37 102.40
N GLN L 188 5.12 -35.04 103.37
CA GLN L 188 4.70 -34.75 104.74
C GLN L 188 5.06 -33.31 105.09
N GLN L 189 4.27 -32.74 105.99
CA GLN L 189 4.43 -31.36 106.41
C GLN L 189 5.09 -31.29 107.78
N ALA L 190 5.42 -30.08 108.21
CA ALA L 190 6.07 -29.87 109.50
C ALA L 190 5.47 -28.67 110.21
N GLY M 1 12.77 5.84 39.45
CA GLY M 1 12.84 7.28 39.63
C GLY M 1 14.26 7.81 39.67
N ARG M 2 14.77 8.01 40.89
CA ARG M 2 16.12 8.51 41.10
C ARG M 2 17.04 7.38 41.56
N ARG M 3 18.34 7.64 41.48
CA ARG M 3 19.33 6.65 41.87
C ARG M 3 19.41 6.53 43.39
N PRO M 4 19.86 5.37 43.90
CA PRO M 4 20.09 5.25 45.34
C PRO M 4 21.19 6.17 45.81
N ALA M 5 21.12 6.53 47.10
CA ALA M 5 22.08 7.46 47.70
C ALA M 5 23.47 6.86 47.87
N ARG M 6 23.63 5.55 47.64
CA ARG M 6 24.94 4.93 47.77
C ARG M 6 25.94 5.48 46.76
N CYS M 7 25.48 5.75 45.52
CA CYS M 7 26.38 6.26 44.50
C CYS M 7 26.84 7.68 44.82
N TYR M 8 25.91 8.55 45.16
CA TYR M 8 26.21 9.96 45.42
C TYR M 8 26.40 10.21 46.92
N ARG M 9 27.40 9.53 47.49
CA ARG M 9 27.67 9.61 48.91
C ARG M 9 28.97 10.36 49.24
N TYR M 10 30.08 9.95 48.65
CA TYR M 10 31.38 10.49 49.00
C TYR M 10 31.64 11.82 48.28
N CYS M 11 32.50 12.64 48.89
CA CYS M 11 32.90 13.93 48.31
C CYS M 11 33.89 13.64 47.18
N LYS M 12 33.34 13.34 46.00
CA LYS M 12 34.16 12.89 44.88
C LYS M 12 34.79 14.06 44.13
N ASN M 13 33.96 14.93 43.56
CA ASN M 13 34.43 15.95 42.65
C ASN M 13 34.48 17.32 43.34
N LYS M 14 34.81 18.35 42.56
CA LYS M 14 34.80 19.71 43.06
C LYS M 14 33.37 20.17 43.31
N PRO M 15 33.19 21.19 44.15
CA PRO M 15 31.84 21.77 44.31
C PRO M 15 31.29 22.30 42.99
N TYR M 16 30.02 21.98 42.73
CA TYR M 16 29.37 22.29 41.46
C TYR M 16 28.04 22.99 41.74
N PRO M 17 28.08 24.25 42.12
CA PRO M 17 26.84 24.95 42.49
C PRO M 17 26.04 25.37 41.27
N LYS M 18 24.78 25.75 41.53
CA LYS M 18 23.92 26.25 40.47
C LYS M 18 24.31 27.68 40.12
N SER M 19 24.73 27.87 38.87
CA SER M 19 25.21 29.17 38.40
C SER M 19 24.90 29.28 36.92
N ARG M 20 25.58 30.21 36.25
CA ARG M 20 25.46 30.32 34.80
C ARG M 20 25.95 29.07 34.10
N PHE M 21 27.05 28.48 34.60
CA PHE M 21 27.61 27.29 33.98
C PHE M 21 26.71 26.08 34.19
N CYS M 22 26.23 25.88 35.42
CA CYS M 22 25.35 24.76 35.75
C CYS M 22 23.93 25.27 35.82
N ARG M 23 23.18 25.05 34.74
CA ARG M 23 21.81 25.55 34.61
C ARG M 23 20.86 24.40 34.38
N GLY M 24 19.57 24.71 34.40
CA GLY M 24 18.53 23.71 34.27
C GLY M 24 18.47 22.75 35.44
N VAL M 25 18.66 23.25 36.65
CA VAL M 25 18.69 22.43 37.85
C VAL M 25 17.29 22.43 38.46
N PRO M 26 16.67 21.27 38.69
CA PRO M 26 15.39 21.25 39.40
C PRO M 26 15.55 21.68 40.85
N ASP M 27 14.47 22.18 41.43
CA ASP M 27 14.49 22.72 42.78
C ASP M 27 14.70 21.61 43.80
N ALA M 28 15.42 21.95 44.86
CA ALA M 28 15.68 21.00 45.94
C ALA M 28 14.40 20.74 46.74
N LYS M 29 14.35 19.55 47.36
CA LYS M 29 13.17 19.17 48.12
C LYS M 29 12.99 20.03 49.37
N ILE M 30 14.07 20.30 50.10
CA ILE M 30 13.98 21.10 51.31
C ILE M 30 13.92 22.59 50.93
N ARG M 31 12.93 23.29 51.50
CA ARG M 31 12.74 24.70 51.21
C ARG M 31 12.57 25.50 52.49
N ILE M 32 12.03 24.85 53.53
CA ILE M 32 11.77 25.52 54.79
C ILE M 32 12.83 25.09 55.80
N PHE M 33 13.93 25.85 55.87
CA PHE M 33 15.04 25.49 56.73
C PHE M 33 14.77 25.75 58.21
N ASP M 34 13.81 26.62 58.54
CA ASP M 34 13.51 26.94 59.92
C ASP M 34 12.02 26.79 60.16
N LEU M 35 11.66 26.28 61.34
CA LEU M 35 10.28 26.04 61.69
C LEU M 35 10.13 26.17 63.20
N GLY M 36 8.95 25.79 63.70
CA GLY M 36 8.65 25.99 65.10
C GLY M 36 8.29 27.43 65.38
N ARG M 37 8.44 27.82 66.65
CA ARG M 37 8.21 29.21 67.06
C ARG M 37 9.52 29.97 66.83
N LYS M 38 9.83 30.17 65.55
CA LYS M 38 11.03 30.92 65.17
C LYS M 38 10.91 32.40 65.48
N LYS M 39 9.69 32.93 65.59
CA LYS M 39 9.48 34.32 66.00
C LYS M 39 9.47 34.39 67.53
N ALA M 40 10.66 34.20 68.10
CA ALA M 40 10.83 34.11 69.54
C ALA M 40 12.05 34.90 69.97
N LYS M 41 12.01 35.38 71.22
CA LYS M 41 13.12 36.12 71.79
C LYS M 41 14.20 35.16 72.30
N VAL M 42 15.33 35.74 72.71
CA VAL M 42 16.48 34.94 73.12
C VAL M 42 16.46 34.52 74.58
N ASP M 43 15.66 35.17 75.42
CA ASP M 43 15.75 34.94 76.85
C ASP M 43 14.84 33.81 77.35
N GLU M 44 14.00 33.22 76.50
CA GLU M 44 13.15 32.13 76.92
C GLU M 44 13.60 30.76 76.44
N PHE M 45 14.52 30.69 75.48
CA PHE M 45 15.03 29.42 74.95
C PHE M 45 16.53 29.38 75.13
N PRO M 46 17.03 29.10 76.35
CA PRO M 46 18.48 29.08 76.57
C PRO M 46 19.14 27.81 76.07
N LEU M 47 18.46 26.68 76.23
CA LEU M 47 19.04 25.38 75.90
C LEU M 47 19.06 25.17 74.40
N CYS M 48 20.21 24.74 73.87
CA CYS M 48 20.39 24.49 72.44
C CYS M 48 20.97 23.09 72.25
N GLY M 49 20.37 22.33 71.34
CA GLY M 49 20.88 21.02 70.97
C GLY M 49 21.62 21.07 69.64
N HIS M 50 22.26 19.95 69.31
CA HIS M 50 23.02 19.83 68.07
C HIS M 50 22.95 18.39 67.56
N MET M 51 23.11 18.27 66.24
CA MET M 51 23.32 16.98 65.58
C MET M 51 24.62 17.15 64.78
N VAL M 52 25.73 16.74 65.38
CA VAL M 52 27.06 16.98 64.83
C VAL M 52 27.48 15.78 63.99
N SER M 53 27.82 16.04 62.73
CA SER M 53 28.21 14.97 61.81
C SER M 53 29.58 14.41 62.21
N ASP M 54 29.86 13.20 61.69
CA ASP M 54 31.09 12.50 62.05
C ASP M 54 31.88 11.98 60.84
N GLU M 55 31.41 12.22 59.61
CA GLU M 55 32.11 11.77 58.41
C GLU M 55 32.21 12.92 57.41
N TYR M 56 33.28 12.90 56.62
CA TYR M 56 33.44 13.84 55.51
C TYR M 56 32.65 13.29 54.32
N GLU M 57 31.38 13.64 54.26
CA GLU M 57 30.45 12.99 53.34
C GLU M 57 29.38 14.00 52.92
N GLN M 58 28.50 13.58 52.01
CA GLN M 58 27.50 14.45 51.41
C GLN M 58 26.09 14.05 51.82
N LEU M 59 25.31 15.05 52.25
CA LEU M 59 23.92 14.84 52.63
C LEU M 59 23.02 15.41 51.54
N SER M 60 22.14 14.56 51.01
CA SER M 60 21.21 15.00 49.97
C SER M 60 20.12 15.88 50.57
N SER M 61 19.47 16.66 49.69
CA SER M 61 18.37 17.50 50.11
C SER M 61 17.17 16.69 50.57
N GLU M 62 16.98 15.49 50.01
CA GLU M 62 15.87 14.65 50.42
C GLU M 62 16.09 14.11 51.84
N ALA M 63 17.34 13.75 52.16
CA ALA M 63 17.64 13.29 53.51
C ALA M 63 17.46 14.39 54.54
N LEU M 64 17.84 15.62 54.19
CA LEU M 64 17.56 16.76 55.05
C LEU M 64 16.08 17.02 55.19
N GLU M 65 15.32 16.86 54.09
CA GLU M 65 13.88 17.03 54.14
C GLU M 65 13.22 15.95 54.98
N ALA M 66 13.68 14.70 54.84
CA ALA M 66 13.07 13.60 55.57
C ALA M 66 13.37 13.68 57.07
N ALA M 67 14.60 14.04 57.43
CA ALA M 67 14.95 14.17 58.84
C ALA M 67 14.33 15.39 59.49
N ARG M 68 14.01 16.43 58.70
CA ARG M 68 13.34 17.59 59.25
C ARG M 68 11.93 17.25 59.71
N ILE M 69 11.21 16.46 58.92
CA ILE M 69 9.83 16.08 59.27
C ILE M 69 9.83 15.19 60.51
N CYS M 70 10.74 14.22 60.57
CA CYS M 70 10.79 13.30 61.71
C CYS M 70 11.17 14.01 63.00
N ALA M 71 12.07 15.00 62.93
CA ALA M 71 12.40 15.77 64.12
C ALA M 71 11.22 16.64 64.54
N ASN M 72 10.47 17.17 63.58
CA ASN M 72 9.30 17.97 63.91
C ASN M 72 8.13 17.12 64.37
N LYS M 73 8.00 15.90 63.84
CA LYS M 73 6.86 15.05 64.18
C LYS M 73 6.89 14.64 65.65
N TYR M 74 8.07 14.32 66.17
CA TYR M 74 8.18 13.99 67.60
C TYR M 74 8.13 15.24 68.47
N MET M 75 8.77 16.33 68.03
CA MET M 75 8.85 17.51 68.89
C MET M 75 7.48 18.15 69.11
N VAL M 76 6.60 18.10 68.11
CA VAL M 76 5.26 18.65 68.26
C VAL M 76 4.46 17.88 69.31
N LYS M 77 4.56 16.54 69.27
CA LYS M 77 3.83 15.72 70.24
C LYS M 77 4.30 15.95 71.67
N SER M 78 5.57 16.32 71.85
CA SER M 78 6.13 16.44 73.20
C SER M 78 5.78 17.77 73.86
N CYS M 79 6.24 18.88 73.28
CA CYS M 79 6.08 20.19 73.87
C CYS M 79 5.17 21.12 73.06
N GLY M 80 4.36 20.57 72.18
CA GLY M 80 3.48 21.40 71.37
C GLY M 80 4.18 22.00 70.18
N LYS M 81 3.45 22.91 69.51
CA LYS M 81 3.93 23.48 68.26
C LYS M 81 4.72 24.77 68.44
N ASP M 82 4.81 25.31 69.66
CA ASP M 82 5.43 26.62 69.85
C ASP M 82 6.35 26.67 71.06
N GLY M 83 6.91 25.53 71.44
CA GLY M 83 7.84 25.48 72.55
C GLY M 83 9.26 25.20 72.12
N PHE M 84 9.59 25.49 70.86
CA PHE M 84 10.87 25.08 70.29
C PHE M 84 11.14 25.94 69.05
N HIS M 85 12.34 25.75 68.48
CA HIS M 85 12.71 26.38 67.22
C HIS M 85 13.82 25.53 66.60
N ILE M 86 13.53 24.92 65.45
CA ILE M 86 14.47 24.02 64.78
C ILE M 86 15.20 24.79 63.69
N ARG M 87 16.52 24.64 63.65
CA ARG M 87 17.37 25.28 62.65
C ARG M 87 18.08 24.21 61.85
N VAL M 88 17.83 24.18 60.55
CA VAL M 88 18.57 23.32 59.64
C VAL M 88 19.74 24.12 59.10
N ARG M 89 20.96 23.74 59.48
CA ARG M 89 22.14 24.54 59.23
C ARG M 89 22.90 24.09 57.98
N LEU M 90 22.32 23.20 57.19
CA LEU M 90 22.94 22.74 55.95
C LEU M 90 22.03 23.11 54.78
N HIS M 91 22.56 23.89 53.84
CA HIS M 91 21.83 24.29 52.65
C HIS M 91 22.41 23.57 51.44
N PRO M 92 21.65 22.70 50.78
CA PRO M 92 22.20 21.96 49.63
C PRO M 92 22.46 22.85 48.42
N PHE M 93 23.74 23.07 48.10
CA PHE M 93 24.13 23.86 46.94
C PHE M 93 24.88 23.07 45.88
N HIS M 94 25.52 21.96 46.26
CA HIS M 94 26.24 21.14 45.29
C HIS M 94 25.25 20.38 44.41
N VAL M 95 25.28 20.66 43.12
CA VAL M 95 24.42 19.96 42.18
C VAL M 95 25.09 18.65 41.76
N ILE M 96 24.32 17.56 41.79
CA ILE M 96 24.81 16.26 41.41
C ILE M 96 24.44 16.01 39.96
N ARG M 97 25.14 15.08 39.32
CA ARG M 97 25.00 14.84 37.89
C ARG M 97 24.51 13.42 37.63
N ILE M 98 23.72 13.27 36.56
CA ILE M 98 23.22 11.98 36.09
C ILE M 98 23.57 11.80 34.62
N ASN M 99 24.15 10.65 34.29
CA ASN M 99 24.46 10.30 32.91
C ASN M 99 23.29 9.49 32.36
N LYS M 100 22.23 10.21 31.99
CA LYS M 100 21.01 9.58 31.52
C LYS M 100 21.22 9.03 30.11
N MET M 101 20.98 7.74 29.94
CA MET M 101 21.15 7.06 28.67
C MET M 101 19.79 6.59 28.17
N LEU M 102 19.45 6.97 26.93
CA LEU M 102 18.19 6.60 26.29
C LEU M 102 16.96 7.00 27.10
N GLN M 103 23.57 3.92 19.58
CA GLN M 103 24.29 3.74 20.84
C GLN M 103 25.56 4.58 20.89
N THR M 104 25.84 5.17 22.04
CA THR M 104 27.02 6.01 22.25
C THR M 104 27.94 5.49 23.34
N GLY M 105 27.38 4.97 24.43
CA GLY M 105 28.19 4.51 25.55
C GLY M 105 28.77 5.64 26.37
N MET M 106 30.09 5.77 26.37
CA MET M 106 30.78 6.83 27.09
C MET M 106 31.19 7.99 26.19
N ARG M 107 30.67 8.02 24.96
CA ARG M 107 30.97 9.09 24.02
C ARG M 107 30.24 10.36 24.47
N GLY M 108 31.01 11.36 24.91
CA GLY M 108 30.43 12.59 25.40
C GLY M 108 29.62 12.40 26.67
N ALA M 109 30.16 11.63 27.61
CA ALA M 109 29.44 11.27 28.83
C ALA M 109 29.65 12.36 29.87
N PHE M 110 28.74 13.34 29.87
CA PHE M 110 28.71 14.37 30.89
C PHE M 110 27.32 14.38 31.54
N GLY M 111 27.30 14.54 32.86
CA GLY M 111 26.07 14.34 33.58
C GLY M 111 25.11 15.51 33.47
N LYS M 112 23.82 15.18 33.46
CA LYS M 112 22.74 16.15 33.52
C LYS M 112 22.45 16.52 34.98
N PRO M 113 21.91 17.72 35.24
CA PRO M 113 21.71 18.14 36.64
C PRO M 113 20.58 17.40 37.34
N GLN M 114 20.90 16.23 37.91
CA GLN M 114 19.88 15.43 38.59
C GLN M 114 19.27 16.16 39.78
N GLY M 115 20.10 16.48 40.77
CA GLY M 115 19.59 17.11 41.97
C GLY M 115 20.70 17.76 42.77
N THR M 116 20.34 18.23 43.95
CA THR M 116 21.26 18.93 44.84
C THR M 116 21.67 18.04 46.00
N VAL M 117 22.79 18.40 46.61
CA VAL M 117 23.34 17.65 47.74
C VAL M 117 24.18 18.62 48.55
N ALA M 118 24.33 18.35 49.85
CA ALA M 118 25.01 19.25 50.77
C ALA M 118 26.24 18.58 51.35
N ARG M 119 27.39 19.24 51.21
CA ARG M 119 28.62 18.74 51.80
C ARG M 119 28.68 19.05 53.28
N VAL M 120 29.14 18.07 54.07
CA VAL M 120 29.32 18.24 55.50
C VAL M 120 30.62 17.55 55.91
N HIS M 121 31.28 18.09 56.94
CA HIS M 121 32.55 17.58 57.42
C HIS M 121 32.40 17.01 58.82
N ILE M 122 33.50 16.50 59.36
CA ILE M 122 33.51 15.98 60.73
C ILE M 122 33.57 17.14 61.70
N GLY M 123 32.67 17.12 62.69
CA GLY M 123 32.58 18.20 63.64
C GLY M 123 31.68 19.34 63.22
N GLN M 124 30.85 19.16 62.21
CA GLN M 124 29.96 20.19 61.71
C GLN M 124 28.53 19.93 62.17
N VAL M 125 27.83 20.99 62.54
CA VAL M 125 26.46 20.88 63.05
C VAL M 125 25.50 20.81 61.87
N ILE M 126 24.65 19.78 61.87
CA ILE M 126 23.64 19.63 60.82
C ILE M 126 22.38 20.37 61.23
N MET M 127 21.82 20.00 62.38
CA MET M 127 20.58 20.57 62.87
C MET M 127 20.75 21.02 64.32
N SER M 128 20.14 22.16 64.65
CA SER M 128 20.19 22.70 66.00
C SER M 128 18.79 23.14 66.40
N ILE M 129 18.40 22.81 67.62
CA ILE M 129 17.08 23.14 68.15
C ILE M 129 17.27 23.89 69.46
N ARG M 130 16.66 25.06 69.57
CA ARG M 130 16.64 25.82 70.81
C ARG M 130 15.27 25.69 71.46
N THR M 131 15.27 25.52 72.79
CA THR M 131 14.03 25.38 73.55
C THR M 131 14.33 25.69 75.01
N LYS M 132 13.33 25.49 75.86
CA LYS M 132 13.48 25.73 77.28
C LYS M 132 14.37 24.66 77.92
N LEU M 133 14.92 24.99 79.09
CA LEU M 133 15.94 24.16 79.72
C LEU M 133 15.38 22.86 80.29
N GLN M 134 14.17 22.88 80.84
CA GLN M 134 13.62 21.67 81.45
C GLN M 134 13.33 20.60 80.41
N ASN M 135 12.89 21.01 79.23
CA ASN M 135 12.61 20.07 78.14
C ASN M 135 13.94 19.76 77.43
N LYS M 136 14.71 18.86 78.04
CA LYS M 136 16.06 18.55 77.58
C LYS M 136 16.18 17.19 76.93
N GLU M 137 15.64 16.14 77.55
CA GLU M 137 15.70 14.81 76.96
C GLU M 137 14.82 14.70 75.71
N HIS M 138 13.86 15.61 75.54
CA HIS M 138 13.05 15.63 74.33
C HIS M 138 13.89 16.00 73.12
N VAL M 139 14.85 16.91 73.29
CA VAL M 139 15.70 17.31 72.18
C VAL M 139 16.60 16.15 71.75
N VAL M 140 17.15 15.43 72.72
CA VAL M 140 17.99 14.27 72.40
C VAL M 140 17.16 13.18 71.71
N GLU M 141 15.95 12.94 72.20
CA GLU M 141 15.08 11.94 71.60
C GLU M 141 14.62 12.36 70.21
N ALA M 142 14.30 13.64 70.01
CA ALA M 142 13.88 14.10 68.69
C ALA M 142 15.03 14.02 67.69
N LEU M 143 16.25 14.35 68.12
CA LEU M 143 17.41 14.23 67.25
C LEU M 143 17.84 12.78 67.06
N ARG M 144 17.53 11.90 68.02
CA ARG M 144 17.80 10.48 67.85
C ARG M 144 16.94 9.89 66.74
N ARG M 145 15.68 10.30 66.65
CA ARG M 145 14.79 9.80 65.62
C ARG M 145 15.14 10.34 64.24
N ALA M 146 15.78 11.51 64.16
CA ALA M 146 16.21 12.06 62.88
C ALA M 146 17.52 11.46 62.40
N LYS M 147 18.22 10.70 63.24
CA LYS M 147 19.48 10.09 62.82
C LYS M 147 19.27 8.99 61.80
N PHE M 148 18.12 8.32 61.83
CA PHE M 148 17.86 7.21 60.92
C PHE M 148 17.63 7.67 59.49
N LYS M 149 17.32 8.94 59.27
CA LYS M 149 17.14 9.47 57.93
C LYS M 149 18.46 9.89 57.27
N PHE M 150 19.57 9.86 58.01
CA PHE M 150 20.85 10.30 57.48
C PHE M 150 21.80 9.12 57.34
N PRO M 151 22.61 9.09 56.28
CA PRO M 151 23.63 8.04 56.15
C PRO M 151 24.77 8.24 57.15
N GLY M 152 25.44 7.13 57.46
CA GLY M 152 26.53 7.17 58.42
C GLY M 152 26.03 7.36 59.84
N ARG M 153 26.99 7.67 60.72
CA ARG M 153 26.70 7.95 62.12
C ARG M 153 27.04 9.39 62.44
N GLN M 154 26.29 9.95 63.40
CA GLN M 154 26.52 11.30 63.89
C GLN M 154 26.06 11.37 65.34
N LYS M 155 26.56 12.36 66.06
CA LYS M 155 26.37 12.45 67.50
C LYS M 155 25.46 13.62 67.86
N ILE M 156 24.87 13.54 69.04
CA ILE M 156 24.01 14.57 69.60
C ILE M 156 24.76 15.26 70.73
N HIS M 157 24.83 16.58 70.68
CA HIS M 157 25.57 17.36 71.65
C HIS M 157 24.73 18.52 72.14
N ILE M 158 24.85 18.81 73.44
CA ILE M 158 24.15 19.93 74.07
C ILE M 158 25.12 21.10 74.12
N SER M 159 24.76 22.19 73.44
CA SER M 159 25.67 23.32 73.29
C SER M 159 25.86 24.08 74.60
N LYS M 160 27.05 24.66 74.75
CA LYS M 160 27.34 25.55 75.86
C LYS M 160 26.88 26.98 75.60
N LYS M 161 26.37 27.27 74.40
CA LYS M 161 25.94 28.60 74.04
C LYS M 161 24.49 28.83 74.46
N TRP M 162 24.15 30.10 74.69
CA TRP M 162 22.80 30.49 75.06
C TRP M 162 21.95 30.49 73.80
N GLY M 163 21.27 29.38 73.53
CA GLY M 163 20.42 29.30 72.35
C GLY M 163 21.27 29.24 71.09
N PHE M 164 20.88 30.03 70.08
CA PHE M 164 21.57 30.05 68.80
C PHE M 164 22.65 31.12 68.73
N THR M 165 22.91 31.81 69.84
CA THR M 165 23.93 32.84 69.87
C THR M 165 25.32 32.21 69.96
N LYS M 166 26.35 33.05 69.86
CA LYS M 166 27.74 32.60 69.93
C LYS M 166 28.38 32.91 71.27
N PHE M 167 27.58 33.14 72.31
CA PHE M 167 28.08 33.46 73.64
C PHE M 167 27.64 32.38 74.61
N ASN M 168 28.49 32.11 75.60
CA ASN M 168 28.21 31.06 76.58
C ASN M 168 27.00 31.40 77.42
N ALA M 169 26.25 30.36 77.81
CA ALA M 169 25.04 30.57 78.59
C ALA M 169 25.34 31.09 79.99
N ASP M 170 26.48 30.68 80.57
CA ASP M 170 26.84 31.17 81.89
C ASP M 170 27.22 32.65 81.86
N GLU M 171 27.77 33.12 80.74
CA GLU M 171 28.15 34.51 80.61
C GLU M 171 27.02 35.37 80.04
N PHE M 172 25.97 34.74 79.51
CA PHE M 172 24.92 35.48 78.80
C PHE M 172 24.18 36.44 79.72
N GLU M 173 23.85 36.02 80.94
CA GLU M 173 23.09 36.89 81.83
C GLU M 173 23.94 38.06 82.31
N ASP M 174 25.26 37.91 82.31
CA ASP M 174 26.13 39.00 82.73
C ASP M 174 26.17 40.11 81.69
N MET M 175 26.31 39.76 80.40
CA MET M 175 26.48 40.81 79.40
C MET M 175 25.22 41.64 79.18
N VAL M 176 24.06 41.08 79.50
CA VAL M 176 22.84 41.87 79.50
C VAL M 176 22.85 42.85 80.68
N ALA M 177 23.43 42.43 81.82
CA ALA M 177 23.28 43.19 83.06
C ALA M 177 24.00 44.53 82.99
N GLU M 178 25.26 44.55 82.57
CA GLU M 178 25.95 45.80 82.29
C GLU M 178 25.95 46.15 80.80
N LYS M 179 24.99 45.62 80.05
CA LYS M 179 24.59 46.15 78.75
C LYS M 179 25.69 46.00 77.71
N ARG M 180 26.18 44.77 77.54
CA ARG M 180 27.09 44.46 76.44
C ARG M 180 26.41 43.72 75.31
N LEU M 181 25.21 43.20 75.53
CA LEU M 181 24.41 42.53 74.51
C LEU M 181 23.00 43.10 74.48
N ILE M 182 22.44 43.22 73.29
CA ILE M 182 21.07 43.71 73.12
C ILE M 182 20.27 42.69 72.31
N PRO M 183 19.17 42.18 72.85
CA PRO M 183 18.41 41.12 72.15
C PRO M 183 17.73 41.64 70.89
N ASP M 184 18.21 41.20 69.75
CA ASP M 184 17.62 41.57 68.46
C ASP M 184 16.69 40.46 67.97
N GLY M 185 15.62 40.24 68.73
CA GLY M 185 14.62 39.25 68.38
C GLY M 185 15.14 37.82 68.48
N CYS M 186 15.26 37.15 67.33
CA CYS M 186 15.76 35.78 67.32
C CYS M 186 17.23 35.71 67.71
N GLY M 187 18.00 36.76 67.42
CA GLY M 187 19.40 36.79 67.78
C GLY M 187 19.73 37.89 68.75
N VAL M 188 21.03 38.15 68.97
CA VAL M 188 21.48 39.18 69.88
C VAL M 188 22.56 39.99 69.19
N LYS M 189 22.70 41.25 69.59
CA LYS M 189 23.65 42.18 68.99
C LYS M 189 24.75 42.49 69.99
N TYR M 190 26.00 42.34 69.55
CA TYR M 190 27.14 42.64 70.39
C TYR M 190 27.58 44.08 70.18
N ILE M 191 27.64 44.84 71.28
CA ILE M 191 27.97 46.26 71.25
C ILE M 191 29.35 46.44 71.89
N PRO M 192 30.38 46.81 71.12
CA PRO M 192 31.69 47.06 71.72
C PRO M 192 31.81 48.46 72.29
N ASN M 193 33.00 48.79 72.80
CA ASN M 193 33.31 50.14 73.27
C ASN M 193 34.07 50.95 72.22
N ARG M 194 33.81 50.70 70.94
CA ARG M 194 34.59 51.29 69.85
C ARG M 194 33.80 52.31 69.04
N GLY M 195 32.47 52.34 69.17
CA GLY M 195 31.66 53.26 68.41
C GLY M 195 31.67 54.66 69.01
N PRO M 196 30.88 55.56 68.42
CA PRO M 196 30.79 56.92 68.97
C PRO M 196 30.08 56.92 70.32
N LEU M 197 30.40 57.95 71.12
CA LEU M 197 29.86 58.06 72.47
C LEU M 197 28.39 58.45 72.50
N ASP M 198 27.82 58.92 71.38
CA ASP M 198 26.42 59.29 71.36
C ASP M 198 25.50 58.08 71.52
N LYS M 199 25.87 56.93 70.94
CA LYS M 199 25.08 55.72 71.11
C LYS M 199 25.27 55.10 72.47
N TRP M 200 26.38 55.38 73.16
CA TRP M 200 26.54 54.93 74.54
C TRP M 200 25.56 55.64 75.45
N ARG M 201 25.32 56.94 75.21
CA ARG M 201 24.35 57.68 76.00
C ARG M 201 22.93 57.18 75.75
N ALA M 202 22.63 56.77 74.53
CA ALA M 202 21.30 56.25 74.23
C ALA M 202 21.00 54.95 74.96
N LEU M 203 22.01 54.07 75.09
CA LEU M 203 21.83 52.83 75.82
C LEU M 203 21.71 53.06 77.32
N HIS M 204 22.29 54.15 77.83
CA HIS M 204 22.26 54.46 79.26
C HIS M 204 21.24 55.53 79.61
N SER M 205 20.27 55.77 78.73
CA SER M 205 19.22 56.74 79.00
C SER M 205 17.92 56.37 78.29
N LYS N 1 26.29 90.84 62.67
CA LYS N 1 27.71 90.95 62.35
C LYS N 1 28.16 89.81 61.45
N GLU N 2 27.24 89.32 60.62
CA GLU N 2 27.53 88.24 59.70
C GLU N 2 28.52 88.69 58.64
N ASN N 3 29.30 87.72 58.12
CA ASN N 3 30.33 88.03 57.14
C ASN N 3 29.71 88.54 55.84
N PRO N 4 30.32 89.57 55.23
CA PRO N 4 29.72 90.16 54.01
C PRO N 4 29.66 89.23 52.80
N MET N 5 30.52 88.22 52.71
CA MET N 5 30.43 87.24 51.62
C MET N 5 29.68 85.99 52.03
N ARG N 6 29.02 85.98 53.19
CA ARG N 6 27.98 85.00 53.46
C ARG N 6 26.61 85.46 53.00
N GLU N 7 26.51 86.63 52.38
CA GLU N 7 25.24 87.09 51.82
C GLU N 7 24.85 86.22 50.63
N LEU N 8 23.58 85.84 50.59
CA LEU N 8 23.09 84.93 49.56
C LEU N 8 22.87 85.70 48.26
N ARG N 9 23.55 85.28 47.20
CA ARG N 9 23.42 85.89 45.88
C ARG N 9 22.64 84.95 44.96
N ILE N 10 22.50 85.36 43.70
CA ILE N 10 21.88 84.54 42.67
C ILE N 10 22.96 84.16 41.67
N ARG N 11 23.22 82.86 41.55
CA ARG N 11 24.28 82.40 40.66
C ARG N 11 23.80 82.40 39.21
N LYS N 12 22.70 81.70 38.92
CA LYS N 12 22.17 81.67 37.57
C LYS N 12 20.68 81.43 37.59
N LEU N 13 19.99 82.00 36.61
CA LEU N 13 18.58 81.74 36.34
C LEU N 13 18.49 80.99 35.03
N CYS N 14 17.90 79.80 35.07
CA CYS N 14 17.82 78.91 33.91
C CYS N 14 16.39 78.86 33.41
N LEU N 15 16.22 79.11 32.11
CA LEU N 15 14.92 79.02 31.45
C LEU N 15 14.95 77.89 30.45
N ASN N 16 13.81 77.22 30.29
CA ASN N 16 13.74 76.07 29.40
C ASN N 16 12.32 75.90 28.88
N ILE N 17 12.20 75.58 27.59
CA ILE N 17 10.93 75.28 26.95
C ILE N 17 11.06 73.92 26.27
N CYS N 18 10.17 73.00 26.60
CA CYS N 18 10.15 71.67 26.00
C CYS N 18 8.82 71.48 25.28
N VAL N 19 8.80 71.81 23.98
CA VAL N 19 7.61 71.55 23.18
C VAL N 19 7.50 70.09 22.80
N GLY N 20 8.59 69.33 22.90
CA GLY N 20 8.55 67.92 22.57
C GLY N 20 8.44 67.60 21.09
N GLU N 21 8.80 68.55 20.22
CA GLU N 21 8.71 68.33 18.78
C GLU N 21 9.63 69.28 18.03
N SER N 22 10.33 68.79 17.02
CA SER N 22 11.23 69.60 16.23
C SER N 22 10.43 70.34 15.15
N GLY N 23 11.14 71.00 14.23
CA GLY N 23 10.48 71.69 13.14
C GLY N 23 10.05 73.10 13.51
N ASP N 24 8.93 73.53 12.93
CA ASP N 24 8.43 74.89 13.14
C ASP N 24 7.96 75.12 14.57
N ARG N 25 7.52 74.06 15.26
CA ARG N 25 7.03 74.21 16.63
C ARG N 25 8.14 74.67 17.57
N LEU N 26 9.34 74.13 17.40
CA LEU N 26 10.43 74.39 18.34
C LEU N 26 11.12 75.72 18.04
N THR N 27 11.39 76.01 16.77
CA THR N 27 12.21 77.16 16.41
C THR N 27 11.51 78.49 16.69
N ARG N 28 10.18 78.50 16.75
CA ARG N 28 9.46 79.73 17.09
C ARG N 28 9.56 80.04 18.58
N ALA N 29 9.59 79.01 19.43
CA ALA N 29 9.77 79.24 20.86
C ALA N 29 11.18 79.72 21.20
N ALA N 30 12.17 79.44 20.34
CA ALA N 30 13.51 79.96 20.56
C ALA N 30 13.56 81.47 20.42
N LYS N 31 12.81 82.01 19.46
CA LYS N 31 12.74 83.47 19.30
C LYS N 31 12.04 84.14 20.47
N VAL N 32 11.13 83.43 21.15
CA VAL N 32 10.55 83.95 22.38
C VAL N 32 11.63 84.13 23.45
N LEU N 33 12.50 83.12 23.60
CA LEU N 33 13.63 83.24 24.53
C LEU N 33 14.64 84.26 24.03
N GLU N 34 14.76 84.43 22.71
CA GLU N 34 15.70 85.39 22.16
C GLU N 34 15.30 86.82 22.52
N GLN N 35 14.02 87.17 22.35
CA GLN N 35 13.56 88.52 22.58
C GLN N 35 13.34 88.84 24.06
N LEU N 36 13.35 87.83 24.93
CA LEU N 36 13.20 88.04 26.36
C LEU N 36 14.53 88.07 27.09
N THR N 37 15.38 87.08 26.86
CA THR N 37 16.70 87.05 27.48
C THR N 37 17.66 88.03 26.81
N GLY N 38 17.40 88.41 25.57
CA GLY N 38 18.32 89.23 24.81
C GLY N 38 19.48 88.47 24.19
N GLN N 39 19.48 87.13 24.30
CA GLN N 39 20.58 86.31 23.83
C GLN N 39 20.03 85.08 23.13
N THR N 40 20.85 84.48 22.28
CA THR N 40 20.43 83.32 21.51
C THR N 40 20.43 82.08 22.40
N PRO N 41 19.31 81.38 22.53
CA PRO N 41 19.27 80.16 23.35
C PRO N 41 19.90 78.99 22.62
N VAL N 42 20.05 77.88 23.34
CA VAL N 42 20.65 76.66 22.82
C VAL N 42 19.62 75.54 22.91
N PHE N 43 19.43 74.83 21.81
CA PHE N 43 18.43 73.79 21.69
C PHE N 43 18.81 72.59 22.56
N SER N 44 17.81 71.82 22.97
CA SER N 44 18.00 70.66 23.83
C SER N 44 17.40 69.44 23.14
N LYS N 45 18.23 68.41 22.97
CA LYS N 45 17.87 67.25 22.17
C LYS N 45 17.50 66.04 23.05
N ALA N 46 16.82 65.09 22.44
CA ALA N 46 16.26 63.95 23.15
C ALA N 46 17.34 62.93 23.49
N ARG N 47 17.21 62.33 24.68
CA ARG N 47 18.17 61.30 25.09
C ARG N 47 17.94 59.98 24.36
N TYR N 48 16.67 59.59 24.20
CA TYR N 48 16.34 58.34 23.53
C TYR N 48 14.91 58.41 23.03
N THR N 49 14.57 57.48 22.14
CA THR N 49 13.27 57.49 21.48
C THR N 49 12.18 57.03 22.45
N VAL N 50 11.08 57.78 22.49
CA VAL N 50 9.81 57.30 23.04
C VAL N 50 8.78 57.43 21.93
N ARG N 51 8.22 56.29 21.50
CA ARG N 51 7.32 56.30 20.36
C ARG N 51 5.94 56.86 20.68
N SER N 52 5.62 57.01 21.97
CA SER N 52 4.31 57.56 22.34
C SER N 52 4.22 59.05 22.02
N PHE N 53 5.26 59.82 22.36
CA PHE N 53 5.25 61.25 22.14
C PHE N 53 5.47 61.64 20.69
N GLY N 54 5.85 60.70 19.84
CA GLY N 54 6.25 61.01 18.49
C GLY N 54 7.68 61.50 18.35
N ILE N 55 8.50 61.30 19.38
CA ILE N 55 9.88 61.75 19.37
C ILE N 55 10.78 60.58 19.04
N ARG N 56 12.04 60.88 18.73
CA ARG N 56 13.03 59.87 18.39
C ARG N 56 14.32 60.13 19.15
N ARG N 57 15.26 59.20 19.03
CA ARG N 57 16.58 59.38 19.62
C ARG N 57 17.28 60.56 18.95
N ASN N 58 17.86 61.44 19.78
CA ASN N 58 18.66 62.60 19.36
C ASN N 58 17.80 63.59 18.55
N GLU N 59 16.48 63.52 18.69
CA GLU N 59 15.57 64.45 18.04
C GLU N 59 15.42 65.71 18.87
N LYS N 60 15.43 66.86 18.21
CA LYS N 60 15.32 68.16 18.88
C LYS N 60 13.94 68.31 19.49
N ILE N 61 13.86 68.35 20.82
CA ILE N 61 12.57 68.42 21.49
C ILE N 61 12.46 69.58 22.49
N ALA N 62 13.55 70.27 22.81
CA ALA N 62 13.49 71.32 23.81
C ALA N 62 14.47 72.43 23.47
N VAL N 63 14.30 73.57 24.12
CA VAL N 63 15.18 74.73 23.99
C VAL N 63 15.34 75.36 25.37
N HIS N 64 16.56 75.77 25.70
CA HIS N 64 16.84 76.30 27.02
C HIS N 64 17.90 77.39 26.93
N CYS N 65 17.96 78.20 27.98
CA CYS N 65 18.93 79.29 28.06
C CYS N 65 19.17 79.63 29.53
N THR N 66 20.38 80.08 29.84
CA THR N 66 20.76 80.47 31.19
C THR N 66 21.16 81.93 31.21
N VAL N 67 20.63 82.68 32.17
CA VAL N 67 20.84 84.12 32.26
C VAL N 67 21.59 84.43 33.55
N ARG N 68 22.62 85.27 33.44
CA ARG N 68 23.43 85.66 34.59
C ARG N 68 23.37 87.17 34.79
N GLY N 69 23.79 87.59 35.98
CA GLY N 69 23.98 89.01 36.23
C GLY N 69 22.68 89.73 36.54
N ALA N 70 22.66 91.03 36.21
CA ALA N 70 21.51 91.87 36.54
C ALA N 70 20.30 91.53 35.68
N LYS N 71 20.54 90.97 34.48
CA LYS N 71 19.42 90.57 33.63
C LYS N 71 18.64 89.42 34.26
N ALA N 72 19.32 88.47 34.91
CA ALA N 72 18.62 87.43 35.65
C ALA N 72 17.88 88.00 36.85
N GLU N 73 18.40 89.07 37.44
CA GLU N 73 17.69 89.76 38.50
C GLU N 73 16.39 90.38 37.99
N GLU N 74 16.43 90.93 36.76
CA GLU N 74 15.25 91.58 36.20
C GLU N 74 14.21 90.55 35.75
N ILE N 75 14.66 89.46 35.13
CA ILE N 75 13.73 88.45 34.63
C ILE N 75 13.04 87.72 35.78
N LEU N 76 13.78 87.44 36.86
CA LEU N 76 13.16 86.83 38.03
C LEU N 76 12.13 87.76 38.66
N GLU N 77 12.42 89.07 38.69
CA GLU N 77 11.43 90.03 39.16
C GLU N 77 10.21 90.06 38.23
N LYS N 78 10.44 89.94 36.92
CA LYS N 78 9.33 89.88 35.98
C LYS N 78 8.51 88.61 36.15
N GLY N 79 9.16 87.47 36.39
CA GLY N 79 8.47 86.19 36.49
C GLY N 79 7.57 86.03 37.69
N LEU N 80 8.01 86.51 38.85
CA LEU N 80 7.21 86.39 40.07
C LEU N 80 6.01 87.33 40.09
N LYS N 81 6.00 88.35 39.23
CA LYS N 81 4.79 89.15 39.07
C LYS N 81 3.67 88.31 38.47
N VAL N 82 4.02 87.37 37.59
CA VAL N 82 3.04 86.46 37.03
C VAL N 82 2.47 85.55 38.11
N ARG N 83 3.33 85.02 38.97
CA ARG N 83 2.93 84.16 40.07
C ARG N 83 2.58 84.93 41.33
N GLU N 84 2.30 86.24 41.20
CA GLU N 84 1.90 87.18 42.26
C GLU N 84 2.65 87.01 43.58
N TYR N 85 3.95 86.69 43.48
CA TYR N 85 4.85 86.59 44.63
C TYR N 85 4.35 85.59 45.67
N GLU N 86 4.22 84.34 45.23
CA GLU N 86 3.86 83.25 46.13
C GLU N 86 4.41 81.95 45.57
N LEU N 87 4.77 81.03 46.47
CA LEU N 87 5.34 79.76 46.10
C LEU N 87 4.88 78.70 47.08
N ARG N 88 4.97 77.44 46.66
CA ARG N 88 4.62 76.33 47.53
C ARG N 88 5.84 75.85 48.32
N LYS N 89 5.57 75.02 49.33
CA LYS N 89 6.65 74.45 50.14
C LYS N 89 7.53 73.53 49.31
N ASN N 90 6.93 72.74 48.43
CA ASN N 90 7.66 71.71 47.69
C ASN N 90 8.46 72.26 46.51
N ASN N 91 8.25 73.52 46.12
CA ASN N 91 8.99 74.07 44.99
C ASN N 91 10.46 74.26 45.31
N PHE N 92 10.79 74.55 46.57
CA PHE N 92 12.19 74.70 46.96
C PHE N 92 12.87 73.34 47.03
N SER N 93 14.13 73.30 46.62
CA SER N 93 14.92 72.09 46.65
C SER N 93 15.72 72.00 47.95
N ASP N 94 16.23 70.80 48.22
CA ASP N 94 16.99 70.56 49.44
C ASP N 94 18.38 71.19 49.44
N THR N 95 18.89 71.56 48.27
CA THR N 95 20.22 72.15 48.16
C THR N 95 20.20 73.68 48.14
N GLY N 96 19.05 74.30 48.33
CA GLY N 96 18.95 75.74 48.34
C GLY N 96 18.47 76.38 47.06
N ASN N 97 17.99 75.60 46.09
CA ASN N 97 17.48 76.12 44.84
C ASN N 97 15.96 75.97 44.80
N PHE N 98 15.34 76.64 43.84
CA PHE N 98 13.89 76.58 43.67
C PHE N 98 13.55 76.91 42.22
N GLY N 99 12.27 76.77 41.89
CA GLY N 99 11.80 77.08 40.55
C GLY N 99 10.30 76.90 40.48
N PHE N 100 9.75 77.30 39.33
CA PHE N 100 8.31 77.23 39.11
C PHE N 100 8.05 77.32 37.62
N GLY N 101 6.83 76.95 37.23
CA GLY N 101 6.41 77.01 35.84
C GLY N 101 5.25 77.96 35.66
N ILE N 102 5.35 78.84 34.67
CA ILE N 102 4.29 79.79 34.36
C ILE N 102 3.46 79.25 33.20
N GLN N 103 2.26 79.81 33.02
CA GLN N 103 1.34 79.26 32.04
C GLN N 103 1.77 79.60 30.61
N GLU N 104 2.25 80.83 30.38
CA GLU N 104 2.66 81.26 29.04
C GLU N 104 3.49 82.53 29.17
N HIS N 105 4.12 82.90 28.06
CA HIS N 105 5.06 84.01 28.01
C HIS N 105 4.42 85.38 27.83
N ILE N 106 3.13 85.45 27.52
CA ILE N 106 2.51 86.75 27.26
C ILE N 106 2.32 87.57 28.53
N ASP N 107 2.38 86.94 29.71
CA ASP N 107 2.19 87.65 30.97
C ASP N 107 3.42 88.45 31.40
N LEU N 108 4.56 88.26 30.73
CA LEU N 108 5.77 88.98 31.12
C LEU N 108 5.68 90.45 30.71
N GLY N 109 5.02 90.74 29.59
CA GLY N 109 4.93 92.09 29.09
C GLY N 109 5.32 92.19 27.62
N ILE N 110 5.41 91.03 26.97
CA ILE N 110 5.74 90.96 25.54
C ILE N 110 4.47 90.67 24.76
N LYS N 111 4.21 91.50 23.74
CA LYS N 111 3.03 91.34 22.92
C LYS N 111 3.09 90.07 22.08
N TYR N 112 1.97 89.36 22.01
CA TYR N 112 1.83 88.21 21.14
C TYR N 112 1.93 88.60 19.67
N ASP N 113 2.51 87.72 18.86
CA ASP N 113 2.51 87.87 17.42
C ASP N 113 2.04 86.59 16.74
N PRO N 114 1.33 86.68 15.61
CA PRO N 114 0.79 85.46 14.99
C PRO N 114 1.86 84.58 14.37
N SER N 115 3.00 85.14 13.97
CA SER N 115 4.02 84.38 13.26
C SER N 115 4.72 83.35 14.13
N ILE N 116 4.69 83.50 15.45
CA ILE N 116 5.35 82.59 16.37
C ILE N 116 4.35 81.73 17.13
N GLY N 117 3.34 82.34 17.72
CA GLY N 117 2.32 81.65 18.46
C GLY N 117 2.37 81.94 19.95
N ILE N 118 1.86 80.99 20.73
CA ILE N 118 1.85 81.10 22.19
C ILE N 118 2.68 79.96 22.75
N TYR N 119 3.50 80.27 23.75
CA TYR N 119 4.42 79.29 24.32
C TYR N 119 4.52 79.49 25.82
N GLY N 120 4.47 78.39 26.56
CA GLY N 120 4.77 78.39 27.98
C GLY N 120 6.25 78.09 28.18
N LEU N 121 6.74 78.39 29.38
CA LEU N 121 8.16 78.21 29.68
C LEU N 121 8.29 77.80 31.15
N ASP N 122 9.54 77.65 31.60
CA ASP N 122 9.82 77.15 32.94
C ASP N 122 10.92 77.98 33.58
N PHE N 123 10.70 78.36 34.83
CA PHE N 123 11.72 79.06 35.62
C PHE N 123 12.42 78.10 36.57
N TYR N 124 13.69 78.38 36.82
CA TYR N 124 14.44 77.73 37.89
C TYR N 124 15.58 78.65 38.31
N VAL N 125 15.68 78.89 39.61
CA VAL N 125 16.66 79.81 40.18
C VAL N 125 17.70 79.00 40.92
N VAL N 126 18.96 79.20 40.57
CA VAL N 126 20.09 78.56 41.24
C VAL N 126 20.75 79.62 42.11
N LEU N 127 20.45 79.58 43.42
CA LEU N 127 21.03 80.55 44.34
C LEU N 127 22.49 80.21 44.60
N GLY N 128 23.21 81.12 45.22
CA GLY N 128 24.62 80.93 45.44
C GLY N 128 25.15 81.81 46.55
N ARG N 129 26.48 81.81 46.67
CA ARG N 129 27.18 82.57 47.68
C ARG N 129 28.58 82.83 47.16
N PRO N 130 29.21 83.95 47.54
CA PRO N 130 30.59 84.21 47.08
C PRO N 130 31.53 83.10 47.54
N GLY N 131 32.11 82.40 46.56
CA GLY N 131 32.90 81.21 46.83
C GLY N 131 32.32 79.93 46.25
N PHE N 132 31.23 80.01 45.50
CA PHE N 132 30.66 78.83 44.84
C PHE N 132 31.39 78.48 43.56
N SER N 133 32.31 79.31 43.09
CA SER N 133 33.02 79.08 41.85
C SER N 133 34.23 78.16 42.02
N ILE N 134 34.50 77.72 43.24
CA ILE N 134 35.60 76.79 43.48
C ILE N 134 35.27 75.41 42.90
N ALA N 135 34.02 74.98 43.06
CA ALA N 135 33.62 73.62 42.69
C ALA N 135 33.56 73.39 41.18
N ASP N 136 33.64 74.44 40.36
CA ASP N 136 33.58 74.23 38.91
C ASP N 136 34.73 74.89 38.18
N LYS N 137 35.79 75.29 38.87
CA LYS N 137 36.96 75.81 38.18
C LYS N 137 37.93 74.69 37.83
N LYS N 138 38.74 74.93 36.81
CA LYS N 138 39.59 73.88 36.26
C LYS N 138 40.80 73.61 37.15
N ARG N 139 41.39 74.66 37.75
CA ARG N 139 42.70 74.53 38.37
C ARG N 139 42.65 73.79 39.70
N ARG N 140 41.94 74.35 40.68
CA ARG N 140 42.04 73.90 42.07
C ARG N 140 40.66 73.56 42.61
N THR N 141 39.95 72.69 41.89
CA THR N 141 38.58 72.31 42.21
C THR N 141 38.50 71.67 43.60
N GLY N 142 37.43 72.01 44.32
CA GLY N 142 37.20 71.46 45.64
C GLY N 142 35.80 71.79 46.11
N CYS N 143 35.41 71.12 47.19
CA CYS N 143 34.09 71.30 47.77
C CYS N 143 33.98 72.66 48.46
N ILE N 144 32.74 73.03 48.80
CA ILE N 144 32.48 74.34 49.41
C ILE N 144 32.40 74.29 50.92
N GLY N 145 32.23 73.11 51.51
CA GLY N 145 32.14 73.01 52.96
C GLY N 145 30.71 73.10 53.45
N ALA N 146 30.46 72.46 54.61
CA ALA N 146 29.12 72.37 55.15
C ALA N 146 28.58 73.70 55.64
N LYS N 147 29.44 74.54 56.24
CA LYS N 147 28.99 75.83 56.74
C LYS N 147 28.61 76.79 55.61
N HIS N 148 29.29 76.69 54.47
CA HIS N 148 29.11 77.61 53.35
C HIS N 148 27.95 77.21 52.45
N ARG N 149 27.37 76.04 52.65
CA ARG N 149 26.25 75.58 51.84
C ARG N 149 25.00 76.39 52.15
N ILE N 150 24.03 76.29 51.24
CA ILE N 150 22.72 76.91 51.40
C ILE N 150 21.72 75.80 51.66
N SER N 151 21.11 75.82 52.84
CA SER N 151 20.09 74.84 53.18
C SER N 151 18.76 75.22 52.54
N LYS N 152 17.78 74.31 52.61
CA LYS N 152 16.46 74.61 52.10
C LYS N 152 15.79 75.72 52.90
N GLU N 153 15.91 75.67 54.24
CA GLU N 153 15.30 76.69 55.09
C GLU N 153 15.93 78.05 54.85
N GLU N 154 17.25 78.09 54.64
CA GLU N 154 17.93 79.36 54.38
C GLU N 154 17.52 79.95 53.03
N ALA N 155 17.23 79.10 52.05
CA ALA N 155 16.78 79.60 50.75
C ALA N 155 15.34 80.09 50.82
N MET N 156 14.50 79.44 51.62
CA MET N 156 13.11 79.86 51.75
C MET N 156 13.00 81.21 52.44
N ARG N 157 13.77 81.43 53.51
CA ARG N 157 13.71 82.69 54.21
C ARG N 157 14.35 83.84 53.43
N TRP N 158 15.33 83.55 52.57
CA TRP N 158 15.90 84.60 51.72
C TRP N 158 14.85 85.17 50.79
N PHE N 159 13.93 84.31 50.34
CA PHE N 159 12.82 84.77 49.50
C PHE N 159 11.84 85.62 50.31
N GLN N 160 11.84 85.47 51.64
CA GLN N 160 10.89 86.19 52.49
C GLN N 160 11.28 87.66 52.68
N GLN N 161 12.52 87.93 53.09
CA GLN N 161 12.90 89.32 53.30
C GLN N 161 13.11 90.06 51.98
N LYS N 162 13.59 89.37 50.94
CA LYS N 162 13.95 90.07 49.72
C LYS N 162 12.73 90.48 48.90
N TYR N 163 11.94 89.49 48.46
CA TYR N 163 10.81 89.74 47.58
C TYR N 163 9.46 89.77 48.29
N ASP N 164 9.44 89.54 49.60
CA ASP N 164 8.21 89.54 50.41
C ASP N 164 7.19 88.53 49.89
N GLY N 165 7.66 87.43 49.32
CA GLY N 165 6.77 86.39 48.82
C GLY N 165 6.46 85.33 49.85
N ILE N 166 5.18 85.12 50.14
CA ILE N 166 4.77 84.14 51.12
C ILE N 166 4.88 82.73 50.53
N ILE N 167 5.20 81.77 51.39
CA ILE N 167 5.28 80.36 51.01
C ILE N 167 4.18 79.63 51.77
N LEU N 168 3.09 79.30 51.08
CA LEU N 168 1.94 78.56 51.57
C LEU N 168 2.01 77.09 51.13
N PRO N 169 1.52 76.16 51.94
CA PRO N 169 1.57 74.76 51.55
C PRO N 169 0.65 74.46 50.37
N GLY N 170 1.08 73.49 49.56
CA GLY N 170 0.33 73.09 48.38
C GLY N 170 1.09 72.14 47.47
N PRO O 67 -25.44 20.13 113.78
CA PRO O 67 -24.88 20.91 112.68
C PRO O 67 -23.43 20.52 112.36
N SER O 68 -23.13 20.40 111.07
CA SER O 68 -21.79 20.08 110.63
C SER O 68 -20.95 21.34 110.50
N ALA O 69 -19.68 21.17 110.11
CA ALA O 69 -18.81 22.32 109.90
C ALA O 69 -19.26 23.14 108.69
N SER O 70 -19.60 22.46 107.59
CA SER O 70 -20.09 23.16 106.41
C SER O 70 -21.50 23.71 106.62
N ALA O 71 -22.32 23.03 107.43
CA ALA O 71 -23.68 23.49 107.67
C ALA O 71 -23.70 24.82 108.40
N LEU O 72 -22.80 25.00 109.37
CA LEU O 72 -22.74 26.25 110.11
C LEU O 72 -22.19 27.39 109.25
N ILE O 73 -21.28 27.09 108.33
CA ILE O 73 -20.69 28.12 107.48
C ILE O 73 -21.74 28.68 106.53
N ILE O 74 -22.50 27.80 105.87
CA ILE O 74 -23.56 28.24 104.97
C ILE O 74 -24.69 28.94 105.71
N LYS O 75 -25.02 28.46 106.92
CA LYS O 75 -26.04 29.13 107.74
C LYS O 75 -25.61 30.55 108.11
N ALA O 76 -24.36 30.73 108.46
CA ALA O 76 -23.85 32.06 108.82
C ALA O 76 -23.62 32.90 107.58
N PHE O 98 -15.29 37.36 111.08
CA PHE O 98 -14.36 36.53 111.84
C PHE O 98 -14.98 36.08 113.16
N ASP O 99 -15.91 36.89 113.67
CA ASP O 99 -16.59 36.55 114.92
C ASP O 99 -17.49 35.34 114.76
N GLU O 100 -18.05 35.14 113.56
CA GLU O 100 -18.84 33.95 113.30
C GLU O 100 -17.98 32.69 113.34
N ILE O 101 -16.73 32.81 112.87
CA ILE O 101 -15.80 31.68 112.94
C ILE O 101 -15.46 31.35 114.38
N VAL O 102 -15.31 32.37 115.22
CA VAL O 102 -15.01 32.16 116.64
C VAL O 102 -16.18 31.46 117.33
N ASN O 103 -17.41 31.85 116.99
CA ASN O 103 -18.59 31.23 117.59
C ASN O 103 -18.69 29.76 117.20
N ILE O 104 -18.37 29.42 115.96
CA ILE O 104 -18.37 28.01 115.54
C ILE O 104 -17.27 27.24 116.26
N ALA O 105 -16.12 27.88 116.48
CA ALA O 105 -15.02 27.22 117.18
C ALA O 105 -15.38 26.92 118.63
N ARG O 106 -16.12 27.82 119.27
CA ARG O 106 -16.52 27.59 120.66
C ARG O 106 -17.54 26.47 120.77
N GLN O 107 -18.36 26.27 119.73
CA GLN O 107 -19.41 25.25 119.79
C GLN O 107 -18.84 23.83 119.77
N MET O 108 -17.90 23.56 118.85
CA MET O 108 -17.32 22.22 118.79
C MET O 108 -16.35 21.98 119.94
N ARG O 109 -15.83 23.05 120.54
CA ARG O 109 -15.07 22.92 121.78
C ARG O 109 -15.99 22.48 122.92
N HIS O 110 -17.22 22.96 122.93
CA HIS O 110 -18.24 22.48 123.88
C HIS O 110 -18.59 21.02 123.62
N LEU O 117 -8.06 25.72 121.04
CA LEU O 117 -8.81 26.71 120.29
C LEU O 117 -8.05 27.11 119.01
N SER O 118 -6.72 27.08 119.09
CA SER O 118 -5.90 27.44 117.94
C SER O 118 -6.06 26.44 116.80
N GLY O 119 -6.13 25.16 117.11
CA GLY O 119 -6.34 24.15 116.08
C GLY O 119 -7.75 24.15 115.53
N THR O 120 -8.72 24.54 116.36
CA THR O 120 -10.11 24.58 115.91
C THR O 120 -10.33 25.72 114.92
N ILE O 121 -9.69 26.87 115.14
CA ILE O 121 -9.84 27.98 114.21
C ILE O 121 -9.17 27.66 112.87
N LYS O 122 -8.02 27.01 112.92
CA LYS O 122 -7.30 26.66 111.68
C LYS O 122 -8.09 25.66 110.84
N GLU O 123 -8.70 24.66 111.48
CA GLU O 123 -9.42 23.65 110.71
C GLU O 123 -10.74 24.19 110.14
N ILE O 124 -11.32 25.20 110.77
CA ILE O 124 -12.54 25.81 110.22
C ILE O 124 -12.21 26.61 108.97
N LEU O 125 -11.13 27.39 109.00
CA LEU O 125 -10.73 28.17 107.83
C LEU O 125 -10.30 27.28 106.67
N GLY O 126 -9.75 26.09 106.97
CA GLY O 126 -9.50 25.13 105.92
C GLY O 126 -10.78 24.59 105.29
N THR O 127 -11.82 24.39 106.10
CA THR O 127 -13.11 24.00 105.57
C THR O 127 -13.87 25.19 104.98
N ALA O 128 -13.49 26.41 105.33
CA ALA O 128 -14.16 27.58 104.79
C ALA O 128 -13.89 27.74 103.29
N GLN O 129 -12.64 27.50 102.87
CA GLN O 129 -12.31 27.56 101.45
C GLN O 129 -12.87 26.38 100.67
N SER O 130 -13.16 25.26 101.35
CA SER O 130 -13.80 24.14 100.68
C SER O 130 -15.27 24.42 100.38
N VAL O 131 -15.92 25.26 101.20
CA VAL O 131 -17.30 25.63 100.98
C VAL O 131 -17.40 26.70 99.91
N ALA P 1 63.98 6.85 2.95
CA ALA P 1 64.09 7.42 4.28
C ALA P 1 65.50 7.96 4.53
N PRO P 2 65.65 9.28 4.47
CA PRO P 2 66.97 9.88 4.69
C PRO P 2 67.42 9.79 6.13
N SER P 3 68.73 9.84 6.32
CA SER P 3 69.33 9.82 7.65
C SER P 3 69.38 11.26 8.17
N ARG P 4 70.11 11.49 9.26
CA ARG P 4 70.23 12.82 9.83
C ARG P 4 70.84 13.83 8.86
N ASN P 5 72.09 13.60 8.46
CA ASN P 5 72.79 14.52 7.58
C ASN P 5 73.35 13.76 6.40
N GLY P 6 73.09 14.27 5.20
CA GLY P 6 73.61 13.64 4.01
C GLY P 6 73.16 14.37 2.76
N MET P 7 73.43 13.76 1.62
CA MET P 7 73.14 14.35 0.33
C MET P 7 71.79 13.87 -0.20
N ILE P 8 71.29 14.57 -1.20
CA ILE P 8 70.15 14.13 -1.99
C ILE P 8 70.70 13.54 -3.28
N LEU P 9 70.49 12.25 -3.47
CA LEU P 9 71.14 11.50 -4.54
C LEU P 9 70.11 11.05 -5.55
N LYS P 10 70.52 10.97 -6.81
CA LYS P 10 69.66 10.55 -7.91
C LYS P 10 70.34 9.40 -8.64
N PRO P 11 70.27 8.17 -8.10
CA PRO P 11 70.90 7.04 -8.78
C PRO P 11 70.12 6.64 -10.02
N HIS P 12 70.79 6.65 -11.16
CA HIS P 12 70.16 6.31 -12.44
C HIS P 12 70.20 4.79 -12.64
N PHE P 13 69.41 4.10 -11.83
CA PHE P 13 69.34 2.65 -11.85
C PHE P 13 67.90 2.16 -11.85
N HIS P 14 66.96 3.02 -12.27
CA HIS P 14 65.56 2.66 -12.29
C HIS P 14 65.15 1.92 -13.56
N LYS P 15 66.04 1.85 -14.55
CA LYS P 15 65.82 1.02 -15.71
C LYS P 15 66.31 -0.40 -15.44
N ASP P 16 66.18 -1.28 -16.43
CA ASP P 16 66.68 -2.64 -16.32
C ASP P 16 68.15 -2.64 -16.75
N TRP P 17 68.99 -2.03 -15.91
CA TRP P 17 70.38 -1.81 -16.25
C TRP P 17 71.22 -3.07 -16.16
N GLN P 18 70.78 -4.06 -15.36
CA GLN P 18 71.56 -5.28 -15.17
C GLN P 18 71.70 -6.09 -16.46
N ARG P 19 70.73 -5.98 -17.38
CA ARG P 19 70.88 -6.64 -18.67
C ARG P 19 71.96 -5.98 -19.51
N ARG P 20 72.01 -4.65 -19.51
CA ARG P 20 72.98 -3.90 -20.30
C ARG P 20 74.14 -3.49 -19.38
N VAL P 21 74.99 -4.46 -19.07
CA VAL P 21 76.20 -4.24 -18.29
C VAL P 21 77.38 -4.63 -19.15
N ALA P 22 78.31 -3.69 -19.36
CA ALA P 22 79.48 -3.92 -20.21
C ALA P 22 80.71 -4.14 -19.31
N THR P 23 81.13 -5.39 -19.19
CA THR P 23 82.35 -5.70 -18.47
C THR P 23 83.56 -5.40 -19.35
N TRP P 24 84.73 -5.29 -18.72
CA TRP P 24 85.94 -4.89 -19.42
C TRP P 24 87.04 -5.96 -19.30
N PHE P 25 86.65 -7.23 -19.22
CA PHE P 25 87.65 -8.30 -19.21
C PHE P 25 88.29 -8.52 -20.57
N ASN P 26 87.73 -7.96 -21.63
CA ASN P 26 88.36 -8.04 -22.95
C ASN P 26 89.53 -7.09 -23.08
N GLN P 27 89.65 -6.12 -22.16
CA GLN P 27 90.68 -5.09 -22.29
C GLN P 27 92.12 -5.62 -22.33
N PRO P 28 92.57 -6.54 -21.45
CA PRO P 28 93.93 -7.08 -21.65
C PRO P 28 94.09 -7.88 -22.94
N ALA P 29 93.05 -8.57 -23.38
CA ALA P 29 93.11 -9.28 -24.64
C ALA P 29 92.97 -8.34 -25.84
N ARG P 30 92.21 -7.25 -25.68
CA ARG P 30 92.06 -6.29 -26.76
C ARG P 30 93.39 -5.59 -27.06
N LYS P 31 94.17 -5.28 -26.02
CA LYS P 31 95.44 -4.60 -26.21
C LYS P 31 96.42 -5.45 -27.02
N ILE P 32 96.41 -6.77 -26.81
CA ILE P 32 97.23 -7.65 -27.63
C ILE P 32 96.74 -7.64 -29.08
N ARG P 33 95.42 -7.66 -29.28
CA ARG P 33 94.86 -7.65 -30.63
C ARG P 33 95.15 -6.34 -31.36
N ARG P 34 95.12 -5.22 -30.64
CA ARG P 34 95.50 -3.94 -31.26
C ARG P 34 96.98 -3.94 -31.63
N ARG P 35 97.83 -4.50 -30.76
CA ARG P 35 99.27 -4.51 -31.02
C ARG P 35 99.63 -5.43 -32.18
N LYS P 36 99.02 -6.61 -32.24
CA LYS P 36 99.36 -7.57 -33.29
C LYS P 36 98.93 -7.08 -34.67
N ALA P 37 97.76 -6.45 -34.76
CA ALA P 37 97.34 -5.90 -36.04
C ALA P 37 98.18 -4.69 -36.44
N ARG P 38 98.63 -3.90 -35.46
CA ARG P 38 99.49 -2.76 -35.75
C ARG P 38 100.87 -3.22 -36.22
N GLN P 39 101.42 -4.26 -35.59
CA GLN P 39 102.70 -4.79 -36.03
C GLN P 39 102.60 -5.47 -37.39
N ALA P 40 101.48 -6.13 -37.67
CA ALA P 40 101.28 -6.74 -38.97
C ALA P 40 101.09 -5.71 -40.07
N ARG P 41 100.44 -4.59 -39.76
CA ARG P 41 100.31 -3.51 -40.74
C ARG P 41 101.66 -2.89 -41.07
N ALA P 42 102.52 -2.72 -40.06
CA ALA P 42 103.81 -2.10 -40.27
C ALA P 42 104.70 -2.93 -41.19
N ARG P 43 104.65 -4.25 -41.07
CA ARG P 43 105.41 -5.12 -41.96
C ARG P 43 104.86 -5.11 -43.38
N ARG P 44 103.57 -4.79 -43.55
CA ARG P 44 103.00 -4.69 -44.89
C ARG P 44 103.48 -3.44 -45.61
N ILE P 45 103.73 -2.36 -44.87
CA ILE P 45 104.18 -1.09 -45.43
C ILE P 45 105.60 -0.81 -44.96
N ALA P 46 106.41 -1.87 -44.82
CA ALA P 46 107.74 -1.91 -44.22
C ALA P 46 108.66 -0.72 -44.55
N PRO P 47 108.69 -0.17 -45.79
CA PRO P 47 109.48 1.06 -45.98
C PRO P 47 108.75 2.32 -45.53
N ARG P 48 107.42 2.30 -45.60
CA ARG P 48 106.63 3.46 -45.21
C ARG P 48 106.54 3.56 -43.68
N PRO P 49 106.35 4.76 -43.15
CA PRO P 49 106.24 4.91 -41.69
C PRO P 49 104.98 4.26 -41.12
N ALA P 50 105.11 3.80 -39.88
CA ALA P 50 104.02 3.11 -39.22
C ALA P 50 102.86 4.04 -38.84
N ALA P 51 103.14 5.32 -38.58
CA ALA P 51 102.07 6.24 -38.25
C ALA P 51 101.16 6.51 -39.44
N GLY P 52 101.74 6.65 -40.63
CA GLY P 52 100.99 6.91 -41.83
C GLY P 52 101.37 8.22 -42.48
N PRO P 53 100.41 8.86 -43.15
CA PRO P 53 100.67 10.15 -43.78
C PRO P 53 100.85 11.25 -42.75
N ILE P 54 101.53 12.32 -43.16
CA ILE P 54 101.82 13.43 -42.26
C ILE P 54 100.56 14.26 -42.01
N ARG P 55 100.56 14.95 -40.89
CA ARG P 55 99.40 15.74 -40.48
C ARG P 55 99.79 17.22 -40.35
N PRO P 56 98.88 18.13 -40.69
CA PRO P 56 99.21 19.55 -40.69
C PRO P 56 99.23 20.13 -39.29
N ILE P 57 99.75 21.36 -39.19
CA ILE P 57 99.76 22.11 -37.94
C ILE P 57 98.42 22.84 -37.81
N VAL P 58 97.73 22.62 -36.69
CA VAL P 58 96.34 22.99 -36.53
C VAL P 58 96.15 23.74 -35.22
N ARG P 59 95.57 24.94 -35.31
CA ARG P 59 95.14 25.68 -34.12
C ARG P 59 93.74 25.22 -33.71
N CYS P 60 93.46 25.32 -32.41
CA CYS P 60 92.19 24.82 -31.89
C CYS P 60 91.11 25.89 -31.93
N PRO P 61 89.85 25.48 -32.09
CA PRO P 61 88.73 26.37 -31.80
C PRO P 61 88.43 26.38 -30.30
N THR P 62 87.31 26.96 -29.88
CA THR P 62 86.85 26.88 -28.49
C THR P 62 87.87 27.47 -27.53
N VAL P 63 87.91 28.80 -27.44
CA VAL P 63 88.99 29.66 -26.95
C VAL P 63 89.72 29.10 -25.73
N ARG P 64 89.03 28.32 -24.90
CA ARG P 64 89.69 27.50 -23.88
C ARG P 64 90.94 26.80 -24.39
N TYR P 65 90.90 26.28 -25.62
CA TYR P 65 92.03 25.55 -26.19
C TYR P 65 92.75 26.33 -27.29
N HIS P 66 92.40 27.60 -27.49
CA HIS P 66 92.87 28.35 -28.66
C HIS P 66 94.37 28.61 -28.66
N THR P 67 95.06 28.42 -27.55
CA THR P 67 96.51 28.56 -27.52
C THR P 67 97.24 27.26 -27.78
N LYS P 68 96.54 26.17 -28.04
CA LYS P 68 97.14 24.86 -28.25
C LYS P 68 97.20 24.53 -29.74
N VAL P 69 98.11 23.63 -30.09
CA VAL P 69 98.32 23.21 -31.47
C VAL P 69 98.28 21.69 -31.53
N ARG P 70 97.48 21.14 -32.44
CA ARG P 70 97.28 19.70 -32.58
C ARG P 70 97.80 19.21 -33.94
N ALA P 71 97.59 17.93 -34.19
CA ALA P 71 97.79 17.34 -35.52
C ALA P 71 96.42 17.15 -36.17
N GLY P 72 96.31 17.56 -37.43
CA GLY P 72 95.03 17.71 -38.07
C GLY P 72 94.66 16.56 -39.00
N ARG P 73 93.49 16.72 -39.62
CA ARG P 73 92.98 15.70 -40.54
C ARG P 73 93.82 15.64 -41.81
N GLY P 74 94.09 16.78 -42.43
CA GLY P 74 94.83 16.79 -43.67
C GLY P 74 95.22 18.19 -44.08
N PHE P 75 96.16 18.25 -45.02
CA PHE P 75 96.62 19.53 -45.54
C PHE P 75 95.58 20.12 -46.49
N SER P 76 95.41 21.44 -46.42
CA SER P 76 94.48 22.13 -47.29
C SER P 76 95.04 22.24 -48.70
N LEU P 77 94.14 22.51 -49.64
CA LEU P 77 94.55 22.66 -51.04
C LEU P 77 95.37 23.93 -51.26
N GLU P 78 95.09 24.99 -50.49
CA GLU P 78 95.90 26.20 -50.58
C GLU P 78 97.32 25.93 -50.10
N GLU P 79 97.47 25.11 -49.06
CA GLU P 79 98.80 24.77 -48.57
C GLU P 79 99.56 23.91 -49.57
N LEU P 80 98.87 23.03 -50.29
CA LEU P 80 99.52 22.22 -51.31
C LEU P 80 99.82 23.01 -52.57
N ARG P 81 98.97 23.98 -52.91
CA ARG P 81 99.20 24.78 -54.12
C ARG P 81 100.46 25.64 -54.00
N VAL P 82 100.69 26.21 -52.81
CA VAL P 82 101.90 27.00 -52.59
C VAL P 82 103.13 26.09 -52.60
N ALA P 83 103.03 24.90 -52.01
CA ALA P 83 104.14 23.95 -51.97
C ALA P 83 104.42 23.32 -53.33
N GLY P 84 103.57 23.52 -54.32
CA GLY P 84 103.81 22.97 -55.65
C GLY P 84 103.59 21.48 -55.77
N ILE P 85 102.66 20.92 -55.00
CA ILE P 85 102.37 19.49 -55.03
C ILE P 85 100.93 19.31 -55.48
N HIS P 86 100.73 18.48 -56.51
CA HIS P 86 99.39 18.20 -56.99
C HIS P 86 98.61 17.39 -55.95
N LYS P 87 97.33 17.71 -55.80
CA LYS P 87 96.51 17.11 -54.75
C LYS P 87 96.26 15.63 -54.96
N LYS P 88 96.29 15.14 -56.20
CA LYS P 88 96.11 13.73 -56.48
C LYS P 88 97.42 12.94 -56.42
N VAL P 89 98.56 13.62 -56.34
CA VAL P 89 99.83 12.93 -56.23
C VAL P 89 100.36 12.93 -54.80
N ALA P 90 99.95 13.92 -53.99
CA ALA P 90 100.40 13.99 -52.60
C ALA P 90 99.92 12.81 -51.78
N ARG P 91 98.76 12.23 -52.13
CA ARG P 91 98.22 11.14 -51.33
C ARG P 91 99.01 9.86 -51.52
N THR P 92 99.69 9.71 -52.66
CA THR P 92 100.50 8.52 -52.90
C THR P 92 101.85 8.58 -52.20
N ILE P 93 102.29 9.77 -51.77
CA ILE P 93 103.58 9.91 -51.11
C ILE P 93 103.42 10.17 -49.62
N GLY P 94 102.23 9.91 -49.07
CA GLY P 94 102.03 10.02 -47.65
C GLY P 94 101.74 11.42 -47.13
N ILE P 95 100.88 12.16 -47.82
CA ILE P 95 100.42 13.47 -47.37
C ILE P 95 98.90 13.42 -47.20
N SER P 96 98.43 13.75 -46.01
CA SER P 96 97.00 13.79 -45.74
C SER P 96 96.40 15.01 -46.40
N VAL P 97 95.38 14.80 -47.23
CA VAL P 97 94.74 15.86 -47.99
C VAL P 97 93.25 15.83 -47.72
N ASP P 98 92.67 17.00 -47.40
CA ASP P 98 91.23 17.13 -47.32
C ASP P 98 90.81 18.47 -47.90
N PRO P 99 89.74 18.50 -48.70
CA PRO P 99 89.28 19.77 -49.29
C PRO P 99 88.41 20.61 -48.37
N ARG P 100 88.07 20.12 -47.19
CA ARG P 100 87.19 20.85 -46.28
C ARG P 100 87.90 21.99 -45.57
N ARG P 101 89.20 21.89 -45.35
CA ARG P 101 89.92 22.88 -44.55
C ARG P 101 90.04 24.21 -45.28
N ARG P 102 90.00 25.29 -44.50
CA ARG P 102 90.11 26.65 -44.99
C ARG P 102 91.50 27.21 -44.69
N ASN P 103 91.73 28.43 -45.16
CA ASN P 103 92.94 29.18 -44.83
C ASN P 103 92.54 30.64 -44.59
N LYS P 104 92.17 30.96 -43.35
CA LYS P 104 91.88 32.33 -42.97
C LYS P 104 93.14 33.10 -42.58
N SER P 105 94.12 32.40 -42.01
CA SER P 105 95.35 33.03 -41.59
C SER P 105 96.47 32.81 -42.62
N THR P 106 97.53 33.60 -42.47
CA THR P 106 98.73 33.44 -43.28
C THR P 106 99.84 32.72 -42.54
N GLU P 107 99.93 32.89 -41.21
CA GLU P 107 100.95 32.22 -40.42
C GLU P 107 100.78 30.71 -40.46
N SER P 108 99.55 30.23 -40.25
CA SER P 108 99.28 28.80 -40.32
C SER P 108 99.38 28.26 -41.74
N LEU P 109 99.02 29.07 -42.74
CA LEU P 109 99.23 28.66 -44.12
C LEU P 109 100.71 28.52 -44.44
N GLN P 110 101.53 29.46 -43.97
CA GLN P 110 102.96 29.39 -44.23
C GLN P 110 103.64 28.33 -43.38
N ALA P 111 103.10 28.03 -42.20
CA ALA P 111 103.69 27.00 -41.35
C ALA P 111 103.55 25.62 -41.97
N ASN P 112 102.40 25.34 -42.58
CA ASN P 112 102.18 24.05 -43.21
C ASN P 112 102.96 23.91 -44.52
N VAL P 113 103.11 25.01 -45.25
CA VAL P 113 103.97 24.99 -46.44
C VAL P 113 105.41 24.73 -46.05
N GLN P 114 105.89 25.39 -44.98
CA GLN P 114 107.22 25.12 -44.47
C GLN P 114 107.33 23.69 -43.93
N ARG P 115 106.24 23.18 -43.34
CA ARG P 115 106.22 21.78 -42.93
C ARG P 115 106.27 20.84 -44.12
N LEU P 116 105.62 21.23 -45.23
CA LEU P 116 105.65 20.39 -46.43
C LEU P 116 107.01 20.44 -47.11
N LYS P 117 107.72 21.56 -47.01
CA LYS P 117 109.02 21.68 -47.66
C LYS P 117 110.05 20.75 -47.02
N GLU P 118 110.07 20.66 -45.69
CA GLU P 118 111.00 19.76 -45.02
C GLU P 118 110.59 18.30 -45.13
N TYR P 119 109.32 18.02 -45.43
CA TYR P 119 108.91 16.64 -45.67
C TYR P 119 109.39 16.16 -47.03
N ARG P 120 109.37 17.03 -48.03
CA ARG P 120 109.85 16.66 -49.36
C ARG P 120 111.36 16.42 -49.36
N SER P 121 112.10 17.15 -48.53
CA SER P 121 113.54 16.92 -48.43
C SER P 121 113.85 15.60 -47.72
N LYS P 122 113.08 15.26 -46.70
CA LYS P 122 113.29 14.05 -45.93
C LYS P 122 112.68 12.81 -46.59
N LEU P 123 111.92 12.98 -47.66
CA LEU P 123 111.25 11.85 -48.30
C LEU P 123 112.21 11.14 -49.25
N VAL P 124 112.46 9.87 -49.01
CA VAL P 124 113.23 9.03 -49.91
C VAL P 124 112.24 8.28 -50.81
N LEU P 125 112.24 8.60 -52.10
CA LEU P 125 111.27 8.06 -53.04
C LEU P 125 111.91 6.93 -53.84
N PHE P 126 111.28 5.76 -53.79
CA PHE P 126 111.82 4.65 -54.59
C PHE P 126 111.38 4.78 -56.04
N PRO P 127 112.19 4.30 -56.97
CA PRO P 127 111.77 4.29 -58.38
C PRO P 127 110.62 3.33 -58.60
N ARG P 128 109.86 3.60 -59.67
CA ARG P 128 108.76 2.73 -60.07
C ARG P 128 109.28 1.33 -60.38
N LYS P 129 110.30 1.25 -61.22
CA LYS P 129 111.01 0.01 -61.43
C LYS P 129 112.48 0.16 -61.06
N PRO P 130 113.07 -0.84 -60.42
CA PRO P 130 114.50 -0.74 -60.06
C PRO P 130 115.43 -0.71 -61.27
N SER P 131 114.98 -1.19 -62.44
CA SER P 131 115.84 -1.18 -63.62
C SER P 131 116.01 0.23 -64.17
N ALA P 132 114.96 1.05 -64.10
CA ALA P 132 114.97 2.39 -64.69
C ALA P 132 114.58 3.43 -63.63
N PRO P 133 115.55 3.94 -62.87
CA PRO P 133 115.24 5.04 -61.93
C PRO P 133 114.88 6.31 -62.69
N LYS P 134 113.76 6.91 -62.31
CA LYS P 134 113.26 8.09 -63.02
C LYS P 134 113.87 9.37 -62.48
N LYS P 135 113.34 10.52 -62.92
CA LYS P 135 113.94 11.81 -62.58
C LYS P 135 113.71 12.18 -61.12
N GLY P 136 112.47 12.02 -60.64
CA GLY P 136 112.10 12.53 -59.34
C GLY P 136 112.31 11.58 -58.18
N ASP P 137 113.07 10.50 -58.40
CA ASP P 137 113.33 9.55 -57.33
C ASP P 137 114.63 9.88 -56.61
N SER P 138 114.84 9.20 -55.50
CA SER P 138 116.03 9.41 -54.69
C SER P 138 117.25 8.75 -55.34
N SER P 139 118.43 9.10 -54.83
CA SER P 139 119.67 8.55 -55.34
C SER P 139 119.80 7.07 -54.95
N ALA P 140 120.71 6.38 -55.63
CA ALA P 140 120.88 4.94 -55.43
C ALA P 140 121.36 4.62 -54.03
N GLU P 141 122.22 5.47 -53.45
CA GLU P 141 122.69 5.23 -52.08
C GLU P 141 121.59 5.45 -51.05
N GLU P 142 120.57 6.23 -51.38
CA GLU P 142 119.46 6.44 -50.45
C GLU P 142 118.52 5.23 -50.41
N LEU P 143 118.59 4.37 -51.43
CA LEU P 143 117.83 3.12 -51.40
C LEU P 143 118.31 2.22 -50.27
N LYS P 144 119.62 2.17 -50.02
CA LYS P 144 120.17 1.29 -49.01
C LYS P 144 119.99 1.81 -47.60
N LEU P 145 119.63 3.09 -47.44
CA LEU P 145 119.48 3.71 -46.14
C LEU P 145 118.02 4.01 -45.80
N ALA P 146 117.08 3.39 -46.50
CA ALA P 146 115.67 3.60 -46.22
C ALA P 146 115.23 2.73 -45.04
N THR P 147 114.69 3.39 -44.01
CA THR P 147 114.34 2.70 -42.77
C THR P 147 112.98 3.21 -42.29
N GLN P 148 112.31 2.37 -41.50
CA GLN P 148 111.01 2.71 -40.94
C GLN P 148 111.16 3.75 -39.83
N LEU P 149 110.16 4.62 -39.72
CA LEU P 149 110.15 5.67 -38.71
C LEU P 149 109.09 5.33 -37.68
N THR P 150 109.51 5.16 -36.42
CA THR P 150 108.62 4.80 -35.34
C THR P 150 108.00 6.06 -34.74
N GLY P 151 106.75 5.94 -34.29
CA GLY P 151 106.04 7.06 -33.72
C GLY P 151 105.44 7.95 -34.78
N PRO P 152 104.86 9.08 -34.36
CA PRO P 152 104.30 10.05 -35.32
C PRO P 152 105.42 10.69 -36.12
N VAL P 153 105.26 10.71 -37.44
CA VAL P 153 106.26 11.32 -38.32
C VAL P 153 106.21 12.84 -38.15
N MET P 154 107.37 13.44 -37.84
CA MET P 154 107.53 14.86 -37.51
C MET P 154 106.53 15.26 -36.43
N PRO P 155 106.75 14.86 -35.18
CA PRO P 155 105.76 15.17 -34.13
C PRO P 155 105.61 16.67 -33.92
N ILE P 156 104.37 17.08 -33.68
CA ILE P 156 104.02 18.49 -33.54
C ILE P 156 104.16 18.84 -32.07
N ARG P 157 105.24 19.53 -31.74
CA ARG P 157 105.53 19.93 -30.37
C ARG P 157 105.13 21.38 -30.18
N ASN P 158 104.30 21.64 -29.16
CA ASN P 158 103.83 22.99 -28.85
C ASN P 158 104.98 23.75 -28.19
N VAL P 159 105.89 24.22 -29.03
CA VAL P 159 107.09 24.90 -28.54
C VAL P 159 106.75 26.33 -28.12
N PHE P 160 107.39 26.79 -27.06
CA PHE P 160 107.20 28.12 -26.53
C PHE P 160 108.48 28.92 -26.70
N LYS P 161 108.35 30.21 -27.01
CA LYS P 161 109.47 31.08 -27.30
C LYS P 161 109.88 31.83 -26.03
N LYS P 162 111.18 31.76 -25.70
CA LYS P 162 111.69 32.48 -24.56
C LYS P 162 111.78 33.97 -24.85
N GLU P 163 111.73 34.78 -23.80
CA GLU P 163 111.91 36.22 -23.92
C GLU P 163 112.92 36.68 -22.88
N LYS P 164 113.71 37.68 -23.25
CA LYS P 164 114.74 38.23 -22.38
C LYS P 164 114.16 39.34 -21.50
N ALA P 165 114.76 39.49 -20.32
CA ALA P 165 114.28 40.47 -19.36
C ALA P 165 114.59 41.89 -19.84
N ARG P 166 113.54 42.70 -19.95
CA ARG P 166 113.66 44.07 -20.45
C ARG P 166 113.51 45.07 -19.31
N VAL P 167 113.92 46.30 -19.59
CA VAL P 167 113.75 47.43 -18.68
C VAL P 167 112.43 48.10 -19.01
N ILE P 168 111.58 48.29 -17.99
CA ILE P 168 110.25 48.84 -18.21
C ILE P 168 110.36 50.31 -18.59
N THR P 169 109.70 50.68 -19.68
CA THR P 169 109.66 52.06 -20.14
C THR P 169 108.56 52.82 -19.39
N GLU P 170 108.28 54.05 -19.83
CA GLU P 170 107.25 54.85 -19.19
C GLU P 170 105.85 54.59 -19.74
N GLU P 171 105.74 54.19 -21.00
CA GLU P 171 104.43 53.83 -21.55
C GLU P 171 103.87 52.59 -20.88
N GLU P 172 104.71 51.59 -20.64
CA GLU P 172 104.28 50.40 -19.92
C GLU P 172 104.03 50.68 -18.45
N LYS P 173 104.78 51.61 -17.87
CA LYS P 173 104.60 51.94 -16.45
C LYS P 173 103.30 52.69 -16.22
N ASN P 174 102.93 53.59 -17.13
CA ASN P 174 101.75 54.42 -16.97
C ASN P 174 100.49 53.82 -17.60
N PHE P 175 100.60 52.64 -18.19
CA PHE P 175 99.44 52.00 -18.79
C PHE P 175 98.47 51.54 -17.70
N LYS P 176 97.18 51.70 -17.96
CA LYS P 176 96.11 51.31 -17.04
C LYS P 176 95.39 50.12 -17.66
N ALA P 177 95.78 48.91 -17.26
CA ALA P 177 95.19 47.71 -17.84
C ALA P 177 93.74 47.54 -17.40
N PHE P 178 93.42 47.81 -16.13
CA PHE P 178 92.04 47.65 -15.66
C PHE P 178 91.13 48.69 -16.28
N ALA P 179 91.60 49.94 -16.39
CA ALA P 179 90.79 50.99 -16.97
C ALA P 179 90.52 50.75 -18.46
N SER P 180 91.54 50.25 -19.19
CA SER P 180 91.33 49.92 -20.59
C SER P 180 90.37 48.75 -20.75
N LEU P 181 90.47 47.74 -19.87
CA LEU P 181 89.58 46.60 -19.93
C LEU P 181 88.14 46.99 -19.62
N ARG P 182 87.95 47.90 -18.66
CA ARG P 182 86.61 48.37 -18.34
C ARG P 182 86.05 49.26 -19.44
N MET P 183 86.91 50.05 -20.09
CA MET P 183 86.45 50.96 -21.13
C MET P 183 86.04 50.21 -22.39
N ALA P 184 86.85 49.23 -22.82
CA ALA P 184 86.49 48.45 -24.00
C ALA P 184 85.25 47.60 -23.75
N ARG P 185 85.01 47.24 -22.50
CA ARG P 185 83.78 46.52 -22.14
C ARG P 185 82.56 47.39 -22.38
N ALA P 186 82.64 48.68 -22.03
CA ALA P 186 81.49 49.56 -22.15
C ALA P 186 81.18 49.94 -23.59
N ASN P 187 82.22 50.24 -24.39
CA ASN P 187 82.00 50.66 -25.76
C ASN P 187 81.47 49.52 -26.62
N ALA P 188 81.91 48.29 -26.40
CA ALA P 188 81.34 47.15 -27.10
C ALA P 188 79.88 46.96 -26.70
N ARG P 189 79.56 47.19 -25.43
CA ARG P 189 78.18 47.12 -24.97
C ARG P 189 77.35 48.27 -25.52
N LEU P 190 77.93 49.46 -25.61
CA LEU P 190 77.20 50.66 -26.01
C LEU P 190 77.54 51.11 -27.43
N PHE P 191 77.94 50.18 -28.29
CA PHE P 191 78.24 50.54 -29.68
C PHE P 191 76.97 50.81 -30.47
N GLY P 192 75.97 49.94 -30.34
CA GLY P 192 74.75 50.07 -31.13
C GLY P 192 73.91 51.27 -30.74
N ILE P 193 73.82 51.57 -29.44
CA ILE P 193 72.97 52.67 -28.99
C ILE P 193 73.54 54.01 -29.41
N ARG P 194 74.87 54.17 -29.32
CA ARG P 194 75.50 55.42 -29.74
C ARG P 194 75.41 55.60 -31.25
N ALA P 195 75.55 54.50 -32.02
CA ALA P 195 75.34 54.59 -33.46
C ALA P 195 73.90 54.95 -33.80
N LYS P 196 72.94 54.38 -33.06
CA LYS P 196 71.55 54.73 -33.26
C LYS P 196 71.27 56.17 -32.82
N ARG P 197 71.90 56.60 -31.72
CA ARG P 197 71.69 57.96 -31.23
C ARG P 197 72.19 59.00 -32.21
N ALA P 198 73.32 58.73 -32.87
CA ALA P 198 73.83 59.63 -33.90
C ALA P 198 73.07 59.52 -35.21
N LYS P 199 72.21 58.51 -35.36
CA LYS P 199 71.48 58.33 -36.62
C LYS P 199 70.32 59.31 -36.73
N GLU P 200 69.37 59.24 -35.81
CA GLU P 200 68.22 60.14 -35.87
C GLU P 200 68.55 61.56 -35.46
N ALA P 201 69.72 61.80 -34.84
CA ALA P 201 70.11 63.15 -34.46
C ALA P 201 70.37 64.03 -35.67
N ALA P 202 70.64 63.44 -36.83
CA ALA P 202 70.80 64.24 -38.04
C ALA P 202 69.46 64.78 -38.55
N GLU P 203 68.38 64.04 -38.34
CA GLU P 203 67.06 64.46 -38.80
C GLU P 203 66.38 65.43 -37.83
N GLN P 204 66.88 65.55 -36.60
CA GLN P 204 66.48 66.68 -35.76
C GLN P 204 67.20 67.96 -36.17
N ASP P 205 68.41 67.83 -36.73
CA ASP P 205 69.11 68.98 -37.28
C ASP P 205 68.53 69.42 -38.61
N VAL P 206 68.06 68.48 -39.43
CA VAL P 206 67.46 68.81 -40.71
C VAL P 206 66.12 69.50 -40.49
N GLU P 207 65.30 68.97 -39.58
CA GLU P 207 64.01 69.58 -39.28
C GLU P 207 64.15 70.95 -38.62
N LYS P 208 65.21 71.15 -37.82
CA LYS P 208 65.46 72.46 -37.25
C LYS P 208 65.86 73.47 -38.32
N LYS P 209 66.66 73.04 -39.30
CA LYS P 209 67.11 73.95 -40.34
C LYS P 209 66.02 74.29 -41.34
N LYS P 210 65.19 73.33 -41.72
CA LYS P 210 64.13 73.55 -42.70
C LYS P 210 62.85 74.03 -42.02
N VAL Q 1 40.20 -30.42 98.53
CA VAL Q 1 40.39 -29.24 99.36
C VAL Q 1 41.84 -28.78 99.32
N PHE Q 2 42.06 -27.54 99.73
CA PHE Q 2 43.39 -26.93 99.72
C PHE Q 2 43.94 -26.85 101.14
N ARG Q 3 45.21 -27.20 101.29
CA ARG Q 3 45.90 -27.15 102.57
C ARG Q 3 46.94 -26.05 102.67
N ARG Q 4 47.46 -25.58 101.53
CA ARG Q 4 48.40 -24.48 101.48
C ARG Q 4 47.72 -23.26 100.88
N PHE Q 5 47.91 -22.11 101.52
CA PHE Q 5 47.21 -20.88 101.15
C PHE Q 5 48.21 -19.73 101.06
N VAL Q 6 48.12 -18.95 99.99
CA VAL Q 6 48.95 -17.76 99.87
C VAL Q 6 48.43 -16.73 100.87
N GLU Q 7 49.25 -16.40 101.86
CA GLU Q 7 48.84 -15.53 102.96
C GLU Q 7 50.09 -14.93 103.58
N VAL Q 8 49.88 -13.87 104.37
CA VAL Q 8 50.98 -13.07 104.90
C VAL Q 8 51.80 -13.92 105.87
N GLY Q 9 53.03 -14.24 105.50
CA GLY Q 9 53.94 -14.95 106.38
C GLY Q 9 54.22 -16.39 106.03
N ARG Q 10 53.79 -16.89 104.89
CA ARG Q 10 54.04 -18.27 104.53
C ARG Q 10 55.42 -18.41 103.88
N VAL Q 11 56.22 -19.35 104.38
CA VAL Q 11 57.53 -19.62 103.81
C VAL Q 11 57.36 -20.37 102.49
N ALA Q 12 58.08 -19.92 101.47
CA ALA Q 12 57.92 -20.45 100.13
C ALA Q 12 59.27 -20.90 99.57
N TYR Q 13 59.22 -21.86 98.65
CA TYR Q 13 60.39 -22.36 97.93
C TYR Q 13 60.35 -21.83 96.50
N VAL Q 14 61.45 -21.24 96.05
CA VAL Q 14 61.54 -20.62 94.72
C VAL Q 14 61.76 -21.72 93.69
N SER Q 15 60.94 -21.71 92.63
CA SER Q 15 61.03 -22.74 91.59
C SER Q 15 62.16 -22.44 90.60
N PHE Q 16 62.04 -21.34 89.85
CA PHE Q 16 63.07 -20.92 88.92
C PHE Q 16 63.46 -19.46 89.16
N GLY Q 17 64.48 -19.03 88.44
CA GLY Q 17 64.97 -17.68 88.53
C GLY Q 17 66.38 -17.62 89.11
N PRO Q 18 66.91 -16.40 89.27
CA PRO Q 18 68.23 -16.26 89.90
C PRO Q 18 68.28 -16.70 91.35
N HIS Q 19 67.14 -16.76 92.03
CA HIS Q 19 67.09 -17.17 93.43
C HIS Q 19 66.45 -18.55 93.59
N ALA Q 20 66.57 -19.40 92.57
CA ALA Q 20 65.97 -20.72 92.61
C ALA Q 20 66.68 -21.61 93.63
N GLY Q 21 65.91 -22.41 94.35
CA GLY Q 21 66.46 -23.31 95.36
C GLY Q 21 66.57 -22.72 96.74
N LYS Q 22 66.06 -21.52 96.97
CA LYS Q 22 66.12 -20.87 98.27
C LYS Q 22 64.72 -20.77 98.87
N LEU Q 23 64.67 -20.46 100.16
CA LEU Q 23 63.44 -20.21 100.88
C LEU Q 23 63.16 -18.70 100.93
N VAL Q 24 61.88 -18.35 101.03
CA VAL Q 24 61.46 -16.96 100.99
C VAL Q 24 60.09 -16.87 101.66
N ALA Q 25 59.80 -15.71 102.25
CA ALA Q 25 58.60 -15.54 103.08
C ALA Q 25 57.73 -14.42 102.53
N ILE Q 26 56.44 -14.68 102.42
CA ILE Q 26 55.49 -13.73 101.86
C ILE Q 26 55.26 -12.59 102.85
N VAL Q 27 55.38 -11.35 102.37
CA VAL Q 27 55.08 -10.18 103.19
C VAL Q 27 53.71 -9.62 102.84
N ASP Q 28 53.48 -9.33 101.56
CA ASP Q 28 52.22 -8.76 101.11
C ASP Q 28 51.89 -9.26 99.71
N VAL Q 29 50.61 -9.19 99.36
CA VAL Q 29 50.14 -9.58 98.03
C VAL Q 29 49.91 -8.31 97.21
N ILE Q 30 50.60 -8.21 96.07
CA ILE Q 30 50.49 -7.00 95.25
C ILE Q 30 49.32 -7.10 94.30
N ASP Q 31 49.32 -8.13 93.44
CA ASP Q 31 48.34 -8.23 92.36
C ASP Q 31 47.79 -9.65 92.38
N GLN Q 32 46.94 -9.98 91.40
CA GLN Q 32 46.36 -11.31 91.29
C GLN Q 32 47.40 -12.38 90.99
N ASN Q 33 48.47 -12.04 90.27
CA ASN Q 33 49.48 -13.02 89.91
C ASN Q 33 50.88 -12.54 90.28
N ARG Q 34 50.99 -11.75 91.35
CA ARG Q 34 52.27 -11.24 91.82
C ARG Q 34 52.12 -10.83 93.28
N ALA Q 35 53.15 -11.09 94.08
CA ALA Q 35 53.13 -10.81 95.50
C ALA Q 35 54.45 -10.22 95.96
N LEU Q 36 54.39 -9.38 96.99
CA LEU Q 36 55.58 -8.79 97.58
C LEU Q 36 56.17 -9.75 98.61
N VAL Q 37 57.46 -10.08 98.44
CA VAL Q 37 58.05 -11.19 99.16
C VAL Q 37 59.44 -10.80 99.64
N ASP Q 38 59.92 -11.47 100.68
CA ASP Q 38 61.21 -11.11 101.30
C ASP Q 38 61.81 -12.33 101.98
N GLY Q 39 62.95 -12.79 101.46
CA GLY Q 39 63.79 -13.78 102.10
C GLY Q 39 64.97 -13.20 102.87
N PRO Q 40 64.73 -12.57 104.03
CA PRO Q 40 65.81 -11.82 104.69
C PRO Q 40 66.98 -12.66 105.17
N CYS Q 41 66.78 -13.95 105.46
CA CYS Q 41 67.84 -14.81 105.96
C CYS Q 41 68.39 -15.76 104.91
N THR Q 42 67.82 -15.78 103.70
CA THR Q 42 68.25 -16.70 102.65
C THR Q 42 68.84 -15.97 101.46
N ARG Q 43 69.43 -14.78 101.69
CA ARG Q 43 70.06 -13.96 100.65
C ARG Q 43 69.09 -13.63 99.52
N VAL Q 44 67.84 -13.32 99.88
CA VAL Q 44 66.82 -12.91 98.93
C VAL Q 44 66.37 -11.52 99.36
N ARG Q 45 66.81 -10.50 98.63
CA ARG Q 45 66.46 -9.12 98.96
C ARG Q 45 64.98 -8.88 98.73
N ARG Q 46 64.43 -7.95 99.52
CA ARG Q 46 63.01 -7.57 99.42
C ARG Q 46 62.67 -7.10 98.01
N GLN Q 47 61.71 -7.79 97.39
CA GLN Q 47 61.40 -7.55 95.99
C GLN Q 47 60.02 -8.11 95.70
N ALA Q 48 59.56 -7.88 94.48
CA ALA Q 48 58.32 -8.48 93.98
C ALA Q 48 58.67 -9.72 93.18
N MET Q 49 58.00 -10.83 93.51
CA MET Q 49 58.24 -12.09 92.82
C MET Q 49 56.89 -12.78 92.62
N PRO Q 50 56.57 -13.15 91.39
CA PRO Q 50 55.22 -13.64 91.08
C PRO Q 50 55.01 -15.06 91.61
N PHE Q 51 53.76 -15.52 91.47
CA PHE Q 51 53.39 -16.87 91.86
C PHE Q 51 53.91 -17.93 90.90
N LYS Q 52 54.46 -17.52 89.75
CA LYS Q 52 54.92 -18.45 88.73
C LYS Q 52 56.06 -19.32 89.23
N CYS Q 53 57.00 -18.74 89.97
CA CYS Q 53 58.27 -19.37 90.30
C CYS Q 53 58.38 -19.72 91.78
N MET Q 54 57.26 -19.90 92.47
CA MET Q 54 57.26 -20.21 93.89
C MET Q 54 56.42 -21.46 94.17
N GLN Q 55 56.94 -22.31 95.04
CA GLN Q 55 56.19 -23.42 95.60
C GLN Q 55 55.99 -23.17 97.09
N LEU Q 56 54.74 -23.05 97.51
CA LEU Q 56 54.41 -22.61 98.86
C LEU Q 56 54.38 -23.80 99.80
N THR Q 57 55.01 -23.63 100.97
CA THR Q 57 55.21 -24.71 101.93
C THR Q 57 54.19 -24.60 103.07
N ASP Q 58 54.21 -25.59 103.95
CA ASP Q 58 53.35 -25.61 105.13
C ASP Q 58 54.05 -25.02 106.35
N PHE Q 59 54.62 -23.83 106.16
CA PHE Q 59 55.29 -23.09 107.22
C PHE Q 59 54.71 -21.69 107.29
N ILE Q 60 54.24 -21.30 108.47
CA ILE Q 60 53.59 -20.00 108.66
C ILE Q 60 54.25 -19.31 109.85
N LEU Q 61 54.86 -18.16 109.60
CA LEU Q 61 55.40 -17.29 110.64
C LEU Q 61 54.68 -15.96 110.59
N LYS Q 62 54.28 -15.47 111.76
CA LYS Q 62 53.31 -14.38 111.86
C LYS Q 62 54.01 -13.03 111.99
N PHE Q 63 53.61 -12.09 111.13
CA PHE Q 63 54.01 -10.69 111.22
C PHE Q 63 53.01 -9.86 110.40
N PRO Q 64 52.89 -8.57 110.69
CA PRO Q 64 51.89 -7.74 110.00
C PRO Q 64 52.13 -7.65 108.51
N HIS Q 65 51.05 -7.29 107.79
CA HIS Q 65 51.02 -7.38 106.34
C HIS Q 65 52.01 -6.47 105.63
N SER Q 66 52.51 -5.43 106.29
CA SER Q 66 53.50 -4.54 105.70
C SER Q 66 54.62 -4.24 106.69
N ALA Q 67 55.03 -5.27 107.44
CA ALA Q 67 56.14 -5.11 108.37
C ALA Q 67 57.45 -4.97 107.60
N ARG Q 68 58.39 -4.22 108.17
CA ARG Q 68 59.66 -3.99 107.52
C ARG Q 68 60.56 -5.21 107.62
N GLN Q 69 61.70 -5.14 106.94
CA GLN Q 69 62.61 -6.28 106.83
C GLN Q 69 63.23 -6.68 108.17
N LYS Q 70 63.26 -5.77 109.15
CA LYS Q 70 63.81 -6.11 110.46
C LYS Q 70 62.97 -7.16 111.17
N TYR Q 71 61.64 -6.98 111.15
CA TYR Q 71 60.76 -7.90 111.87
C TYR Q 71 60.62 -9.24 111.16
N VAL Q 72 60.78 -9.27 109.84
CA VAL Q 72 60.71 -10.53 109.11
C VAL Q 72 61.90 -11.41 109.47
N ARG Q 73 63.09 -10.83 109.57
CA ARG Q 73 64.26 -11.59 109.97
C ARG Q 73 64.15 -12.09 111.40
N LYS Q 74 63.63 -11.25 112.30
CA LYS Q 74 63.44 -11.66 113.69
C LYS Q 74 62.43 -12.78 113.82
N ALA Q 75 61.34 -12.74 113.04
CA ALA Q 75 60.37 -13.82 113.05
C ALA Q 75 60.92 -15.08 112.39
N TRP Q 76 61.81 -14.92 111.40
CA TRP Q 76 62.46 -16.08 110.80
C TRP Q 76 63.36 -16.80 111.80
N GLU Q 77 64.12 -16.05 112.59
CA GLU Q 77 65.02 -16.66 113.57
C GLU Q 77 64.27 -17.20 114.77
N LYS Q 78 63.17 -16.55 115.17
CA LYS Q 78 62.36 -17.05 116.27
C LYS Q 78 61.72 -18.39 115.93
N ALA Q 79 61.16 -18.51 114.73
CA ALA Q 79 60.57 -19.77 114.31
C ALA Q 79 61.63 -20.80 113.94
N ASP Q 80 62.83 -20.33 113.56
CA ASP Q 80 63.96 -21.17 113.16
C ASP Q 80 63.58 -22.07 111.99
N ILE Q 81 63.25 -21.41 110.88
CA ILE Q 81 62.77 -22.10 109.69
C ILE Q 81 63.88 -22.94 109.06
N ASN Q 82 65.12 -22.42 109.10
CA ASN Q 82 66.22 -23.05 108.38
C ASN Q 82 66.53 -24.45 108.91
N THR Q 83 66.44 -24.66 110.22
CA THR Q 83 66.69 -25.99 110.76
C THR Q 83 65.51 -26.93 110.52
N LYS Q 84 64.29 -26.41 110.62
CA LYS Q 84 63.11 -27.22 110.36
C LYS Q 84 62.94 -27.57 108.89
N TRP Q 85 63.36 -26.69 107.98
CA TRP Q 85 63.29 -26.99 106.56
C TRP Q 85 64.20 -28.14 106.19
N ALA Q 86 65.40 -28.20 106.77
CA ALA Q 86 66.32 -29.31 106.51
C ALA Q 86 65.81 -30.63 107.07
N ALA Q 87 64.93 -30.59 108.06
CA ALA Q 87 64.32 -31.80 108.62
C ALA Q 87 63.07 -32.22 107.86
N THR Q 88 62.61 -31.42 106.90
CA THR Q 88 61.46 -31.77 106.08
C THR Q 88 61.87 -32.79 105.02
N ARG Q 89 60.98 -33.74 104.74
CA ARG Q 89 61.24 -34.72 103.69
C ARG Q 89 61.29 -34.08 102.31
N TRP Q 90 60.72 -32.88 102.18
CA TRP Q 90 60.83 -32.12 100.93
C TRP Q 90 62.29 -31.82 100.61
N ALA Q 91 63.02 -31.24 101.57
CA ALA Q 91 64.40 -30.84 101.34
C ALA Q 91 65.36 -32.02 101.35
N LYS Q 92 65.04 -33.12 102.04
CA LYS Q 92 65.93 -34.26 102.07
C LYS Q 92 66.08 -34.89 100.69
N LYS Q 93 64.99 -34.98 99.94
CA LYS Q 93 65.07 -35.45 98.56
C LYS Q 93 65.46 -34.35 97.58
N ILE Q 94 65.45 -33.09 98.01
CA ILE Q 94 66.00 -32.02 97.17
C ILE Q 94 67.52 -32.10 97.16
N GLU Q 95 68.14 -32.17 98.34
CA GLU Q 95 69.59 -32.19 98.47
C GLU Q 95 70.21 -33.48 97.96
N ALA Q 96 69.44 -34.56 97.89
CA ALA Q 96 69.96 -35.80 97.31
C ALA Q 96 70.14 -35.68 95.79
N ARG Q 97 69.47 -34.72 95.16
CA ARG Q 97 69.54 -34.60 93.70
C ARG Q 97 70.91 -34.10 93.24
N GLU Q 98 71.45 -33.07 93.92
CA GLU Q 98 72.80 -32.64 93.57
C GLU Q 98 73.87 -33.62 94.02
N ARG Q 99 73.58 -34.44 95.03
CA ARG Q 99 74.49 -35.54 95.36
C ARG Q 99 74.60 -36.53 94.21
N LYS Q 100 73.49 -36.84 93.55
CA LYS Q 100 73.55 -37.62 92.32
C LYS Q 100 74.18 -36.81 91.19
N ALA Q 101 73.93 -35.50 91.16
CA ALA Q 101 74.47 -34.67 90.09
C ALA Q 101 75.98 -34.47 90.18
N LYS Q 102 76.53 -34.35 91.40
CA LYS Q 102 77.96 -34.18 91.57
C LYS Q 102 78.68 -35.51 91.72
N MET Q 103 77.98 -36.63 91.53
CA MET Q 103 78.56 -37.95 91.73
C MET Q 103 79.64 -38.22 90.69
N THR Q 104 80.86 -38.46 91.17
CA THR Q 104 82.03 -38.65 90.33
C THR Q 104 81.95 -40.02 89.64
N ASP Q 105 82.68 -40.17 88.53
CA ASP Q 105 82.74 -41.44 87.84
C ASP Q 105 83.30 -42.54 88.75
N PHE Q 106 84.29 -42.21 89.58
CA PHE Q 106 84.74 -43.15 90.60
C PHE Q 106 83.65 -43.40 91.63
N ASP Q 107 82.89 -42.37 92.00
CA ASP Q 107 81.74 -42.57 92.89
C ASP Q 107 80.64 -43.35 92.17
N ARG Q 108 80.54 -43.20 90.85
CA ARG Q 108 79.57 -43.96 90.08
C ARG Q 108 79.89 -45.46 90.09
N TYR Q 109 81.17 -45.81 90.06
CA TYR Q 109 81.56 -47.22 90.07
C TYR Q 109 81.27 -47.86 91.43
N LYS Q 110 81.54 -47.13 92.51
CA LYS Q 110 81.32 -47.69 93.85
C LYS Q 110 79.84 -47.87 94.14
N VAL Q 111 78.99 -46.97 93.62
CA VAL Q 111 77.55 -47.14 93.77
C VAL Q 111 77.08 -48.38 93.03
N MET Q 112 77.59 -48.59 91.82
CA MET Q 112 77.21 -49.75 91.02
C MET Q 112 77.65 -51.06 91.68
N LYS Q 113 78.86 -51.09 92.25
CA LYS Q 113 79.32 -52.28 92.96
C LYS Q 113 78.53 -52.54 94.23
N ALA Q 114 78.17 -51.47 94.96
CA ALA Q 114 77.37 -51.64 96.17
C ALA Q 114 75.94 -52.03 95.85
N LYS Q 115 75.41 -51.55 94.71
CA LYS Q 115 74.05 -51.91 94.32
C LYS Q 115 73.93 -53.38 93.95
N LYS Q 116 75.03 -54.01 93.54
CA LYS Q 116 74.98 -55.40 93.10
C LYS Q 116 74.68 -56.34 94.27
N MET Q 117 75.50 -56.31 95.32
CA MET Q 117 75.31 -57.19 96.45
C MET Q 117 74.15 -56.77 97.35
N ARG Q 118 73.83 -55.49 97.39
CA ARG Q 118 72.64 -55.06 98.13
C ARG Q 118 71.38 -55.68 97.52
N ASN Q 119 71.30 -55.73 96.20
CA ASN Q 119 70.20 -56.43 95.55
C ASN Q 119 70.32 -57.94 95.67
N ARG Q 120 71.55 -58.46 95.81
CA ARG Q 120 71.74 -59.89 95.98
C ARG Q 120 71.14 -60.39 97.28
N ILE Q 121 71.36 -59.64 98.37
CA ILE Q 121 70.83 -60.05 99.67
C ILE Q 121 69.31 -59.95 99.70
N ILE Q 122 68.77 -58.86 99.14
CA ILE Q 122 67.32 -58.68 99.13
C ILE Q 122 66.64 -59.76 98.28
N LYS Q 123 67.20 -60.05 97.11
CA LYS Q 123 66.64 -61.10 96.26
C LYS Q 123 66.76 -62.46 96.94
N ASN Q 124 67.88 -62.73 97.60
CA ASN Q 124 68.01 -63.95 98.39
C ASN Q 124 67.06 -63.95 99.57
N GLU Q 125 66.88 -62.79 100.22
CA GLU Q 125 65.91 -62.70 101.30
C GLU Q 125 64.49 -62.89 100.81
N VAL Q 126 64.14 -62.27 99.68
CA VAL Q 126 62.80 -62.42 99.10
C VAL Q 126 62.57 -63.87 98.68
N LYS Q 127 63.60 -64.51 98.12
CA LYS Q 127 63.51 -65.91 97.72
C LYS Q 127 63.20 -66.83 98.89
N LYS Q 128 63.74 -66.52 100.08
CA LYS Q 128 63.45 -67.36 101.24
C LYS Q 128 62.00 -67.22 101.68
N LEU Q 129 61.40 -66.04 101.50
CA LEU Q 129 60.03 -65.84 101.95
C LEU Q 129 58.97 -66.30 100.95
N GLN Q 130 59.29 -66.37 99.65
CA GLN Q 130 58.32 -66.95 98.73
C GLN Q 130 58.19 -68.46 98.96
N ARG Q 131 59.30 -69.15 99.20
CA ARG Q 131 59.23 -70.57 99.49
C ARG Q 131 58.67 -70.84 100.88
N ALA Q 132 58.92 -69.93 101.84
CA ALA Q 132 58.35 -70.10 103.17
C ALA Q 132 56.85 -69.88 103.16
N ALA Q 133 56.36 -69.02 102.27
CA ALA Q 133 54.91 -68.77 102.19
C ALA Q 133 54.17 -69.98 101.64
N LEU Q 134 54.77 -70.72 100.70
CA LEU Q 134 54.03 -71.79 100.04
C LEU Q 134 53.88 -73.02 100.93
N LEU Q 135 54.83 -73.27 101.84
CA LEU Q 135 54.59 -74.25 102.89
C LEU Q 135 53.48 -73.77 103.83
N LYS Q 136 53.48 -72.49 104.17
CA LYS Q 136 52.40 -71.93 104.97
C LYS Q 136 51.09 -71.82 104.21
N ALA Q 137 51.14 -71.80 102.87
CA ALA Q 137 49.91 -71.78 102.08
C ALA Q 137 49.31 -73.17 101.91
N SER Q 138 50.05 -74.22 102.26
CA SER Q 138 49.56 -75.58 102.13
C SER Q 138 49.61 -76.31 103.47
N GLY R 1 70.16 19.73 -72.61
CA GLY R 1 69.28 18.87 -73.38
C GLY R 1 67.81 19.01 -72.98
N ALA R 2 67.02 17.99 -73.32
CA ALA R 2 65.60 18.03 -73.03
C ALA R 2 65.26 17.67 -71.59
N TYR R 3 66.20 17.07 -70.85
CA TYR R 3 65.90 16.66 -69.48
C TYR R 3 65.72 17.86 -68.56
N LYS R 4 66.43 18.96 -68.82
CA LYS R 4 66.28 20.15 -67.99
C LYS R 4 64.89 20.75 -68.13
N TYR R 5 64.35 20.79 -69.35
CA TYR R 5 63.06 21.41 -69.58
C TYR R 5 61.91 20.63 -68.95
N ILE R 6 62.13 19.35 -68.60
CA ILE R 6 61.09 18.60 -67.91
C ILE R 6 61.24 18.76 -66.40
N GLN R 7 62.42 19.20 -65.93
CA GLN R 7 62.66 19.31 -64.49
C GLN R 7 61.76 20.36 -63.84
N GLU R 8 61.74 21.58 -64.39
CA GLU R 8 60.83 22.60 -63.91
C GLU R 8 59.44 22.51 -64.53
N LEU R 9 59.25 21.64 -65.53
CA LEU R 9 57.91 21.38 -66.01
C LEU R 9 57.09 20.62 -64.99
N TRP R 10 57.73 19.70 -64.26
CA TRP R 10 57.07 19.01 -63.16
C TRP R 10 57.07 19.81 -61.87
N ARG R 11 57.74 20.96 -61.85
CA ARG R 11 57.70 21.88 -60.72
C ARG R 11 56.54 22.85 -60.81
N LYS R 12 55.71 22.74 -61.85
CA LYS R 12 54.59 23.63 -62.07
C LYS R 12 53.29 22.85 -61.99
N LYS R 13 53.15 22.02 -60.95
CA LYS R 13 52.00 21.11 -60.81
C LYS R 13 50.68 21.84 -60.71
N GLN R 14 50.68 23.13 -60.36
CA GLN R 14 49.46 23.92 -60.30
C GLN R 14 49.06 24.50 -61.65
N SER R 15 49.90 24.39 -62.67
CA SER R 15 49.61 24.96 -63.97
C SER R 15 48.56 24.12 -64.71
N ASP R 16 48.02 24.69 -65.78
CA ASP R 16 46.95 24.03 -66.53
C ASP R 16 47.45 22.75 -67.19
N VAL R 17 48.68 22.75 -67.70
CA VAL R 17 49.21 21.57 -68.38
C VAL R 17 49.37 20.40 -67.41
N MET R 18 49.93 20.67 -66.22
CA MET R 18 50.15 19.59 -65.27
C MET R 18 48.87 19.14 -64.60
N ARG R 19 47.96 20.08 -64.30
CA ARG R 19 46.70 19.71 -63.66
C ARG R 19 45.81 18.86 -64.56
N PHE R 20 45.89 19.05 -65.87
CA PHE R 20 45.19 18.17 -66.79
C PHE R 20 45.83 16.79 -66.81
N LEU R 21 47.17 16.74 -66.82
CA LEU R 21 47.87 15.46 -66.89
C LEU R 21 47.74 14.67 -65.59
N LEU R 22 47.87 15.35 -64.45
CA LEU R 22 47.86 14.65 -63.17
C LEU R 22 46.50 14.03 -62.87
N ARG R 23 45.42 14.64 -63.34
CA ARG R 23 44.10 14.06 -63.14
C ARG R 23 43.76 12.98 -64.18
N VAL R 24 44.54 12.90 -65.27
CA VAL R 24 44.35 11.83 -66.23
C VAL R 24 45.11 10.58 -65.79
N ARG R 25 46.35 10.75 -65.36
CA ARG R 25 47.13 9.61 -64.85
C ARG R 25 46.51 9.04 -63.58
N CYS R 26 46.00 9.91 -62.69
CA CYS R 26 45.36 9.44 -61.48
C CYS R 26 44.10 8.63 -61.76
N TRP R 27 43.30 9.04 -62.76
CA TRP R 27 42.16 8.22 -63.17
C TRP R 27 42.63 6.92 -63.79
N GLN R 28 43.67 6.97 -64.64
CA GLN R 28 44.17 5.77 -65.30
C GLN R 28 44.77 4.79 -64.30
N TYR R 29 45.53 5.30 -63.32
CA TYR R 29 46.14 4.42 -62.33
C TYR R 29 45.13 3.87 -61.34
N ARG R 30 43.98 4.52 -61.18
CA ARG R 30 42.97 4.06 -60.23
C ARG R 30 42.22 2.83 -60.74
N GLN R 31 41.97 2.73 -62.03
CA GLN R 31 41.24 1.61 -62.60
C GLN R 31 42.08 0.35 -62.73
N LEU R 32 43.39 0.44 -62.55
CA LEU R 32 44.26 -0.72 -62.62
C LEU R 32 44.29 -1.41 -61.25
N SER R 33 45.15 -2.42 -61.11
CA SER R 33 45.26 -3.16 -59.88
C SER R 33 46.14 -2.39 -58.89
N ALA R 34 46.27 -2.90 -57.67
CA ALA R 34 47.10 -2.27 -56.66
C ALA R 34 48.59 -2.58 -56.84
N LEU R 35 48.94 -3.46 -57.77
CA LEU R 35 50.33 -3.81 -58.00
C LEU R 35 50.47 -4.32 -59.42
N HIS R 36 51.20 -3.58 -60.26
CA HIS R 36 51.41 -3.96 -61.65
C HIS R 36 52.72 -3.33 -62.13
N ARG R 37 53.22 -3.85 -63.24
CA ARG R 37 54.50 -3.41 -63.79
C ARG R 37 54.30 -2.30 -64.82
N ALA R 38 55.04 -1.20 -64.65
CA ALA R 38 55.12 -0.17 -65.68
C ALA R 38 56.27 -0.48 -66.64
N PRO R 39 56.01 -0.48 -67.95
CA PRO R 39 57.07 -0.84 -68.90
C PRO R 39 58.10 0.24 -69.17
N ARG R 40 57.76 1.51 -68.94
CA ARG R 40 58.70 2.61 -69.13
C ARG R 40 58.32 3.72 -68.16
N PRO R 41 59.29 4.53 -67.73
CA PRO R 41 59.01 5.54 -66.71
C PRO R 41 58.12 6.66 -67.22
N THR R 42 57.08 6.98 -66.44
CA THR R 42 56.28 8.16 -66.70
C THR R 42 57.08 9.43 -66.45
N ARG R 43 58.01 9.37 -65.49
CA ARG R 43 58.93 10.47 -65.19
C ARG R 43 60.34 10.04 -65.59
N PRO R 44 60.73 10.18 -66.86
CA PRO R 44 62.10 9.82 -67.24
C PRO R 44 63.16 10.69 -66.59
N ASP R 45 62.85 11.95 -66.32
CA ASP R 45 63.83 12.84 -65.70
C ASP R 45 64.10 12.46 -64.25
N LYS R 46 63.04 12.11 -63.50
CA LYS R 46 63.21 11.80 -62.08
C LYS R 46 63.99 10.52 -61.86
N ALA R 47 63.79 9.52 -62.73
CA ALA R 47 64.44 8.23 -62.52
C ALA R 47 65.94 8.30 -62.76
N ARG R 48 66.40 9.20 -63.63
CA ARG R 48 67.82 9.34 -63.88
C ARG R 48 68.55 9.95 -62.69
N ARG R 49 67.90 10.89 -61.99
CA ARG R 49 68.49 11.44 -60.77
C ARG R 49 68.60 10.38 -59.69
N LEU R 50 67.63 9.46 -59.62
CA LEU R 50 67.65 8.42 -58.60
C LEU R 50 68.54 7.24 -58.98
N GLY R 51 69.03 7.19 -60.21
CA GLY R 51 69.98 6.16 -60.60
C GLY R 51 69.51 5.15 -61.63
N TYR R 52 68.33 5.35 -62.22
CA TYR R 52 67.84 4.40 -63.22
C TYR R 52 68.52 4.65 -64.55
N LYS R 53 68.96 3.57 -65.20
CA LYS R 53 69.52 3.61 -66.54
C LYS R 53 68.69 2.70 -67.45
N ALA R 54 68.43 3.18 -68.66
CA ALA R 54 67.56 2.46 -69.60
C ALA R 54 68.36 1.33 -70.25
N LYS R 55 68.43 0.21 -69.53
CA LYS R 55 69.10 -0.99 -70.03
C LYS R 55 68.39 -2.21 -69.44
N GLN R 56 68.75 -3.38 -69.96
CA GLN R 56 68.17 -4.62 -69.46
C GLN R 56 68.60 -4.88 -68.02
N GLY R 57 67.66 -5.32 -67.20
CA GLY R 57 67.88 -5.51 -65.78
C GLY R 57 67.28 -4.43 -64.91
N TYR R 58 66.86 -3.30 -65.49
CA TYR R 58 66.21 -2.23 -64.75
C TYR R 58 64.70 -2.40 -64.89
N VAL R 59 64.04 -2.71 -63.78
CA VAL R 59 62.60 -2.97 -63.74
C VAL R 59 61.95 -1.95 -62.81
N ILE R 60 60.79 -1.44 -63.22
CA ILE R 60 60.03 -0.49 -62.40
C ILE R 60 58.61 -1.02 -62.23
N TYR R 61 58.09 -0.92 -61.02
CA TYR R 61 56.72 -1.31 -60.70
C TYR R 61 55.95 -0.11 -60.18
N ARG R 62 54.71 0.04 -60.63
CA ARG R 62 53.83 1.11 -60.22
C ARG R 62 52.73 0.53 -59.34
N ILE R 63 52.68 0.99 -58.08
CA ILE R 63 51.68 0.52 -57.12
C ILE R 63 51.01 1.72 -56.49
N ARG R 64 50.01 1.46 -55.66
CA ARG R 64 49.29 2.48 -54.94
C ARG R 64 49.27 2.16 -53.45
N VAL R 65 49.24 3.22 -52.64
CA VAL R 65 49.18 3.11 -51.18
C VAL R 65 47.97 3.92 -50.72
N ARG R 66 47.15 3.30 -49.88
CA ARG R 66 45.93 3.97 -49.40
C ARG R 66 46.29 5.15 -48.52
N ARG R 67 45.68 6.30 -48.82
CA ARG R 67 46.02 7.54 -48.12
C ARG R 67 45.38 7.57 -46.74
N GLY R 68 45.95 8.41 -45.88
CA GLY R 68 45.44 8.61 -44.53
C GLY R 68 46.48 8.23 -43.49
N GLY R 69 46.08 8.39 -42.23
CA GLY R 69 46.93 8.05 -41.11
C GLY R 69 46.78 6.58 -40.73
N ARG R 70 47.28 6.26 -39.55
CA ARG R 70 47.23 4.90 -39.02
C ARG R 70 46.43 4.90 -37.72
N LYS R 71 45.30 4.18 -37.72
CA LYS R 71 44.56 3.96 -36.49
C LYS R 71 45.05 2.67 -35.83
N ARG R 72 44.91 2.62 -34.51
CA ARG R 72 45.44 1.51 -33.74
C ARG R 72 44.55 0.28 -33.93
N PRO R 73 45.09 -0.85 -34.39
CA PRO R 73 44.26 -2.06 -34.62
C PRO R 73 43.91 -2.79 -33.33
N VAL R 74 42.86 -2.30 -32.66
CA VAL R 74 42.46 -2.81 -31.35
C VAL R 74 40.95 -3.00 -31.31
N PRO R 75 40.43 -4.02 -30.59
CA PRO R 75 38.97 -4.21 -30.58
C PRO R 75 38.18 -3.16 -29.80
N LYS R 76 37.62 -2.24 -30.58
CA LYS R 76 36.59 -1.23 -30.30
C LYS R 76 37.02 -0.10 -29.37
N GLY R 77 37.89 -0.35 -28.39
CA GLY R 77 38.85 0.64 -27.94
C GLY R 77 40.15 -0.02 -27.51
N ALA R 78 39.97 -1.18 -26.87
CA ALA R 78 40.99 -2.07 -26.32
C ALA R 78 42.24 -1.37 -25.81
N THR R 79 42.08 -0.34 -24.99
CA THR R 79 43.20 0.34 -24.35
C THR R 79 43.06 0.12 -22.85
N TYR R 80 43.60 -1.00 -22.38
CA TYR R 80 43.55 -1.34 -20.96
C TYR R 80 44.79 -0.77 -20.28
N GLY R 81 44.72 0.49 -19.91
CA GLY R 81 45.88 1.15 -19.35
C GLY R 81 45.61 2.62 -19.07
N LYS R 82 46.70 3.38 -18.97
CA LYS R 82 46.64 4.78 -18.59
C LYS R 82 46.10 5.64 -19.73
N PRO R 83 45.54 6.82 -19.40
CA PRO R 83 44.99 7.70 -20.44
C PRO R 83 45.99 8.18 -21.49
N VAL R 84 47.29 8.02 -21.29
CA VAL R 84 48.26 8.47 -22.29
C VAL R 84 48.11 7.68 -23.59
N HIS R 85 47.91 6.36 -23.49
CA HIS R 85 47.88 5.49 -24.65
C HIS R 85 46.46 5.26 -25.16
N HIS R 86 45.49 6.02 -24.66
CA HIS R 86 44.11 5.90 -25.12
C HIS R 86 43.89 6.48 -26.50
N GLY R 87 44.89 7.16 -27.06
CA GLY R 87 44.75 7.68 -28.41
C GLY R 87 44.72 6.56 -29.44
N VAL R 88 43.67 6.53 -30.25
CA VAL R 88 43.52 5.51 -31.28
C VAL R 88 43.23 6.10 -32.66
N ASN R 89 42.68 7.31 -32.77
CA ASN R 89 42.29 7.86 -34.06
C ASN R 89 43.42 8.70 -34.68
N GLN R 90 43.94 9.68 -33.94
CA GLN R 90 44.86 10.67 -34.48
C GLN R 90 46.31 10.21 -34.44
N LEU R 91 46.56 8.91 -34.35
CA LEU R 91 47.94 8.42 -34.39
C LEU R 91 48.47 8.47 -35.82
N LYS R 92 49.80 8.45 -35.93
CA LYS R 92 50.48 8.51 -37.22
C LYS R 92 51.55 7.43 -37.30
N PHE R 93 51.73 6.90 -38.50
CA PHE R 93 52.78 5.92 -38.75
C PHE R 93 54.14 6.58 -38.75
N ALA R 94 55.14 5.85 -38.26
CA ALA R 94 56.49 6.41 -38.14
C ALA R 94 57.14 6.62 -39.50
N ARG R 95 56.81 5.78 -40.48
CA ARG R 95 57.38 5.89 -41.82
C ARG R 95 56.39 6.56 -42.77
N SER R 96 56.94 7.10 -43.85
CA SER R 96 56.13 7.80 -44.84
C SER R 96 55.41 6.80 -45.74
N LEU R 97 54.46 7.32 -46.53
CA LEU R 97 53.71 6.48 -47.45
C LEU R 97 54.59 6.02 -48.61
N GLN R 98 55.56 6.82 -49.02
CA GLN R 98 56.49 6.42 -50.07
C GLN R 98 57.34 5.24 -49.62
N SER R 99 57.79 5.23 -48.37
CA SER R 99 58.53 4.09 -47.83
C SER R 99 57.67 2.84 -47.74
N VAL R 100 56.36 2.99 -47.54
CA VAL R 100 55.46 1.84 -47.58
C VAL R 100 55.40 1.26 -48.99
N ALA R 101 55.37 2.14 -50.00
CA ALA R 101 55.35 1.69 -51.38
C ALA R 101 56.63 0.95 -51.77
N GLU R 102 57.76 1.32 -51.18
CA GLU R 102 58.99 0.56 -51.44
C GLU R 102 58.95 -0.80 -50.77
N GLU R 103 58.32 -0.90 -49.60
CA GLU R 103 58.24 -2.19 -48.91
C GLU R 103 57.34 -3.17 -49.63
N ARG R 104 56.20 -2.69 -50.15
CA ARG R 104 55.26 -3.58 -50.83
C ARG R 104 55.77 -4.03 -52.18
N ALA R 105 56.51 -3.17 -52.89
CA ALA R 105 57.08 -3.56 -54.17
C ALA R 105 58.20 -4.58 -53.99
N GLY R 106 59.01 -4.43 -52.95
CA GLY R 106 60.09 -5.36 -52.72
C GLY R 106 59.65 -6.70 -52.16
N ARG R 107 58.55 -6.71 -51.40
CA ARG R 107 58.06 -7.96 -50.83
C ARG R 107 57.44 -8.85 -51.89
N HIS R 108 56.76 -8.26 -52.88
CA HIS R 108 56.15 -9.05 -53.94
C HIS R 108 57.21 -9.63 -54.87
N CYS R 109 58.01 -8.77 -55.48
CA CYS R 109 59.10 -9.20 -56.36
C CYS R 109 60.35 -9.39 -55.50
N GLY R 110 60.39 -10.54 -54.83
CA GLY R 110 61.50 -10.86 -53.94
C GLY R 110 62.80 -11.18 -54.63
N ALA R 111 62.77 -11.53 -55.91
CA ALA R 111 63.99 -11.79 -56.67
C ALA R 111 64.72 -10.50 -57.04
N LEU R 112 64.00 -9.39 -57.19
CA LEU R 112 64.60 -8.11 -57.50
C LEU R 112 64.93 -7.36 -56.21
N ARG R 113 65.63 -6.23 -56.36
CA ARG R 113 66.03 -5.42 -55.22
C ARG R 113 65.70 -3.96 -55.50
N VAL R 114 65.22 -3.25 -54.48
CA VAL R 114 64.70 -1.90 -54.63
C VAL R 114 65.85 -0.91 -54.70
N LEU R 115 65.89 -0.10 -55.75
CA LEU R 115 66.87 0.96 -55.85
C LEU R 115 66.34 2.26 -55.25
N ASN R 116 65.24 2.77 -55.81
CA ASN R 116 64.64 4.02 -55.34
C ASN R 116 63.21 4.09 -55.85
N SER R 117 62.52 5.17 -55.48
CA SER R 117 61.14 5.38 -55.88
C SER R 117 60.85 6.87 -55.91
N TYR R 118 59.78 7.24 -56.62
CA TYR R 118 59.42 8.63 -56.77
C TYR R 118 57.91 8.76 -56.90
N TRP R 119 57.44 10.00 -56.87
CA TRP R 119 56.01 10.31 -56.85
C TRP R 119 55.51 10.62 -58.25
N VAL R 120 54.40 9.98 -58.64
CA VAL R 120 53.83 10.16 -59.98
C VAL R 120 52.36 10.53 -59.94
N GLY R 121 51.75 10.67 -58.77
CA GLY R 121 50.35 11.00 -58.68
C GLY R 121 49.72 10.66 -57.35
N GLU R 122 48.65 11.36 -56.98
CA GLU R 122 47.98 11.12 -55.71
C GLU R 122 46.49 11.43 -55.86
N ASP R 123 45.70 10.85 -54.96
CA ASP R 123 44.26 11.09 -54.93
C ASP R 123 43.84 11.42 -53.50
N SER R 124 42.53 11.48 -53.26
CA SER R 124 42.06 11.67 -51.89
C SER R 124 42.33 10.43 -51.05
N THR R 125 42.22 9.24 -51.66
CA THR R 125 42.38 7.98 -50.94
C THR R 125 43.61 7.19 -51.37
N TYR R 126 44.31 7.60 -52.43
CA TYR R 126 45.43 6.82 -52.95
C TYR R 126 46.62 7.73 -53.24
N LYS R 127 47.81 7.17 -53.07
CA LYS R 127 49.06 7.77 -53.51
C LYS R 127 49.76 6.79 -54.44
N PHE R 128 50.21 7.29 -55.59
CA PHE R 128 50.79 6.46 -56.63
C PHE R 128 52.29 6.72 -56.72
N PHE R 129 53.07 5.64 -56.69
CA PHE R 129 54.52 5.72 -56.74
C PHE R 129 55.07 4.68 -57.70
N GLU R 130 56.08 5.05 -58.46
CA GLU R 130 56.83 4.10 -59.27
C GLU R 130 58.13 3.74 -58.56
N VAL R 131 58.36 2.44 -58.39
CA VAL R 131 59.48 1.94 -57.60
C VAL R 131 60.45 1.23 -58.54
N ILE R 132 61.70 1.66 -58.52
CA ILE R 132 62.73 1.09 -59.37
C ILE R 132 63.29 -0.17 -58.71
N LEU R 133 63.31 -1.26 -59.46
CA LEU R 133 63.84 -2.54 -59.02
C LEU R 133 65.04 -2.92 -59.87
N ILE R 134 66.00 -3.62 -59.25
CA ILE R 134 67.22 -4.03 -59.93
C ILE R 134 67.28 -5.55 -59.89
N ASP R 135 67.50 -6.16 -61.05
CA ASP R 135 67.75 -7.60 -61.11
C ASP R 135 69.22 -7.84 -60.82
N PRO R 136 69.57 -8.48 -59.70
CA PRO R 136 70.99 -8.66 -59.37
C PRO R 136 71.68 -9.80 -60.09
N PHE R 137 70.95 -10.56 -60.92
CA PHE R 137 71.53 -11.71 -61.60
C PHE R 137 71.56 -11.55 -63.11
N HIS R 138 71.07 -10.43 -63.64
CA HIS R 138 71.22 -10.14 -65.05
C HIS R 138 72.67 -9.79 -65.36
N LYS R 139 73.20 -10.34 -66.45
CA LYS R 139 74.61 -10.15 -66.77
C LYS R 139 74.95 -8.71 -67.10
N ALA R 140 73.97 -7.91 -67.53
CA ALA R 140 74.21 -6.48 -67.71
C ALA R 140 74.50 -5.80 -66.38
N ILE R 141 73.72 -6.13 -65.35
CA ILE R 141 73.96 -5.59 -64.01
C ILE R 141 75.15 -6.27 -63.37
N ARG R 142 75.28 -7.60 -63.55
CA ARG R 142 76.31 -8.36 -62.85
C ARG R 142 77.71 -8.00 -63.33
N ARG R 143 77.89 -7.80 -64.63
CA ARG R 143 79.21 -7.49 -65.17
C ARG R 143 79.54 -6.01 -65.16
N ASN R 144 78.59 -5.15 -64.84
CA ASN R 144 78.89 -3.72 -64.79
C ASN R 144 79.52 -3.39 -63.44
N PRO R 145 80.73 -2.83 -63.41
CA PRO R 145 81.41 -2.57 -62.12
C PRO R 145 80.73 -1.51 -61.27
N ASP R 146 79.97 -0.59 -61.87
CA ASP R 146 79.29 0.43 -61.09
C ASP R 146 78.05 -0.12 -60.38
N THR R 147 77.34 -1.05 -61.01
CA THR R 147 76.05 -1.52 -60.52
C THR R 147 76.11 -2.90 -59.88
N GLN R 148 77.30 -3.46 -59.62
CA GLN R 148 77.40 -4.78 -59.03
C GLN R 148 77.30 -4.77 -57.51
N TRP R 149 77.14 -3.59 -56.90
CA TRP R 149 76.96 -3.54 -55.45
C TRP R 149 75.56 -4.01 -55.06
N ILE R 150 74.62 -4.01 -56.02
CA ILE R 150 73.32 -4.65 -55.79
C ILE R 150 73.50 -6.13 -55.55
N THR R 151 74.41 -6.76 -56.30
CA THR R 151 74.60 -8.20 -56.31
C THR R 151 75.15 -8.75 -55.00
N LYS R 152 75.71 -7.91 -54.14
CA LYS R 152 76.22 -8.38 -52.85
C LYS R 152 75.06 -8.80 -51.94
N PRO R 153 75.27 -9.83 -51.12
CA PRO R 153 74.20 -10.29 -50.21
C PRO R 153 73.92 -9.34 -49.05
N VAL R 154 74.78 -8.35 -48.82
CA VAL R 154 74.53 -7.39 -47.75
C VAL R 154 73.33 -6.51 -48.08
N HIS R 155 73.16 -6.14 -49.35
CA HIS R 155 72.09 -5.25 -49.77
C HIS R 155 70.78 -5.97 -50.08
N LYS R 156 70.57 -7.15 -49.51
CA LYS R 156 69.30 -7.83 -49.66
C LYS R 156 68.21 -7.09 -48.89
N HIS R 157 67.14 -6.72 -49.60
CA HIS R 157 65.97 -6.05 -49.01
C HIS R 157 66.36 -4.76 -48.29
N ARG R 158 66.86 -3.81 -49.07
CA ARG R 158 67.24 -2.51 -48.52
C ARG R 158 66.03 -1.77 -47.96
N GLU R 159 64.89 -1.89 -48.62
CA GLU R 159 63.68 -1.21 -48.16
C GLU R 159 63.15 -1.77 -46.85
N MET R 160 63.50 -3.00 -46.50
CA MET R 160 63.05 -3.58 -45.24
C MET R 160 63.81 -3.01 -44.04
N ARG R 161 65.06 -2.59 -44.23
CA ARG R 161 65.85 -1.97 -43.18
C ARG R 161 65.84 -0.46 -43.25
N GLY R 162 65.08 0.13 -44.17
CA GLY R 162 65.05 1.56 -44.32
C GLY R 162 66.32 2.15 -44.90
N LEU R 163 67.06 1.39 -45.70
CA LEU R 163 68.31 1.85 -46.27
C LEU R 163 68.13 2.65 -47.56
N THR R 164 66.92 2.68 -48.12
CA THR R 164 66.68 3.44 -49.32
C THR R 164 66.50 4.93 -49.00
N SER R 165 66.33 5.74 -50.05
CA SER R 165 66.20 7.17 -49.86
C SER R 165 64.93 7.54 -49.10
N ALA R 166 63.82 6.87 -49.42
CA ALA R 166 62.56 7.17 -48.72
C ALA R 166 62.56 6.61 -47.31
N GLY R 167 63.17 5.45 -47.08
CA GLY R 167 63.19 4.87 -45.74
C GLY R 167 64.15 5.56 -44.80
N ARG R 168 65.19 6.20 -45.32
CA ARG R 168 66.17 6.86 -44.46
C ARG R 168 65.63 8.14 -43.83
N LYS R 169 64.58 8.73 -44.41
CA LYS R 169 64.02 9.95 -43.86
C LYS R 169 63.34 9.70 -42.52
N SER R 170 62.68 8.55 -42.36
CA SER R 170 61.99 8.26 -41.12
C SER R 170 62.91 7.81 -39.99
N ARG R 171 64.18 7.54 -40.29
CA ARG R 171 65.11 7.11 -39.25
C ARG R 171 65.62 8.28 -38.41
N GLY R 172 65.47 9.51 -38.88
CA GLY R 172 65.91 10.67 -38.13
C GLY R 172 67.40 10.80 -37.98
N LEU R 173 68.17 10.24 -38.91
CA LEU R 173 69.63 10.25 -38.85
C LEU R 173 70.19 11.35 -39.73
N GLY R 174 71.36 11.84 -39.35
CA GLY R 174 72.04 12.87 -40.10
C GLY R 174 73.05 13.59 -39.23
N LYS R 175 73.78 14.49 -39.86
CA LYS R 175 74.78 15.29 -39.18
C LYS R 175 74.17 16.57 -38.65
N GLY R 176 74.57 16.95 -37.44
CA GLY R 176 74.19 18.22 -36.86
C GLY R 176 73.63 18.05 -35.47
N HIS R 177 73.26 19.19 -34.87
CA HIS R 177 72.67 19.22 -33.54
C HIS R 177 71.20 18.84 -33.54
N LYS R 178 70.58 18.75 -34.72
CA LYS R 178 69.18 18.36 -34.81
C LYS R 178 69.00 16.84 -34.75
N PHE R 179 70.09 16.08 -34.80
CA PHE R 179 70.01 14.63 -34.83
C PHE R 179 70.91 14.03 -33.75
N HIS R 180 70.79 14.56 -32.52
CA HIS R 180 71.64 14.09 -31.43
C HIS R 180 71.26 12.70 -30.96
N HIS R 181 69.99 12.32 -31.12
CA HIS R 181 69.49 11.05 -30.60
C HIS R 181 69.71 9.90 -31.56
N THR R 182 70.39 10.13 -32.68
CA THR R 182 70.70 9.09 -33.65
C THR R 182 72.19 9.01 -33.92
N ILE R 183 73.00 9.54 -33.02
CA ILE R 183 74.45 9.48 -33.16
C ILE R 183 74.92 8.05 -32.91
N GLY R 184 75.74 7.54 -33.82
CA GLY R 184 76.11 6.15 -33.80
C GLY R 184 75.52 5.38 -34.97
N GLY R 185 75.24 4.10 -34.71
CA GLY R 185 74.65 3.28 -35.76
C GLY R 185 73.25 3.71 -36.15
N SER R 186 72.39 3.97 -35.17
CA SER R 186 71.02 4.35 -35.41
C SER R 186 70.44 4.95 -34.13
N ARG R 187 69.11 5.13 -34.13
CA ARG R 187 68.43 5.57 -32.91
C ARG R 187 68.55 4.52 -31.82
N ARG R 188 68.43 3.24 -32.17
CA ARG R 188 68.58 2.17 -31.19
C ARG R 188 70.00 2.09 -30.66
N ALA R 189 71.00 2.36 -31.51
CA ALA R 189 72.39 2.33 -31.07
C ALA R 189 72.72 3.46 -30.11
N ALA R 190 72.14 4.64 -30.32
CA ALA R 190 72.40 5.77 -29.43
C ALA R 190 71.84 5.51 -28.03
N TRP R 191 70.60 5.00 -27.96
CA TRP R 191 70.02 4.67 -26.66
C TRP R 191 70.79 3.55 -25.97
N ARG R 192 71.22 2.55 -26.74
CA ARG R 192 71.97 1.43 -26.16
C ARG R 192 73.32 1.88 -25.61
N ARG R 193 74.01 2.77 -26.32
CA ARG R 193 75.30 3.26 -25.84
C ARG R 193 75.15 4.10 -24.59
N ARG R 194 74.07 4.87 -24.51
CA ARG R 194 73.84 5.78 -23.39
C ARG R 194 73.18 5.10 -22.19
N ASN R 195 72.85 3.82 -22.29
CA ASN R 195 72.18 3.09 -21.21
C ASN R 195 72.96 1.83 -20.85
N THR R 196 74.28 1.94 -20.77
CA THR R 196 75.14 0.85 -20.37
C THR R 196 76.11 1.32 -19.29
N LEU R 197 76.49 0.38 -18.42
CA LEU R 197 77.47 0.65 -17.38
C LEU R 197 78.83 0.15 -17.83
N GLN R 198 79.77 1.07 -18.00
CA GLN R 198 81.14 0.73 -18.38
C GLN R 198 81.90 0.36 -17.13
N LEU R 199 81.67 -0.84 -16.61
CA LEU R 199 82.31 -1.30 -15.39
C LEU R 199 83.69 -1.83 -15.73
N HIS R 200 84.71 -1.04 -15.46
CA HIS R 200 86.08 -1.40 -15.79
C HIS R 200 86.64 -2.37 -14.76
N ARG R 201 87.81 -2.94 -15.09
CA ARG R 201 88.49 -3.84 -14.15
C ARG R 201 88.96 -3.07 -12.92
N TYR R 202 89.62 -1.94 -13.13
CA TYR R 202 90.13 -1.13 -12.03
C TYR R 202 89.19 0.01 -11.64
N ARG R 203 88.06 0.15 -12.34
CA ARG R 203 87.05 1.19 -12.09
C ARG R 203 87.65 2.60 -12.09
N GLN S 1 63.11 -48.40 72.11
CA GLN S 1 63.36 -48.03 70.73
C GLN S 1 62.06 -47.80 69.97
N VAL S 2 60.95 -48.22 70.57
CA VAL S 2 59.63 -48.06 70.00
C VAL S 2 58.78 -47.28 70.99
N LEU S 3 58.22 -46.15 70.56
CA LEU S 3 57.41 -45.31 71.43
C LEU S 3 55.98 -45.82 71.46
N VAL S 4 55.54 -46.27 72.63
CA VAL S 4 54.17 -46.71 72.85
C VAL S 4 53.45 -45.61 73.61
N LEU S 5 52.64 -44.82 72.89
CA LEU S 5 51.97 -43.67 73.47
C LEU S 5 50.49 -43.99 73.69
N ASP S 6 50.03 -43.81 74.93
CA ASP S 6 48.63 -44.01 75.25
C ASP S 6 47.83 -42.79 74.83
N GLY S 7 46.79 -43.00 74.03
CA GLY S 7 46.03 -41.90 73.48
C GLY S 7 44.93 -41.34 74.35
N ARG S 8 44.73 -41.87 75.55
CA ARG S 8 43.67 -41.37 76.42
C ARG S 8 44.04 -39.99 76.93
N GLY S 9 43.09 -39.06 76.86
CA GLY S 9 43.29 -37.72 77.39
C GLY S 9 44.18 -36.84 76.57
N HIS S 10 44.59 -37.27 75.39
CA HIS S 10 45.50 -36.51 74.54
C HIS S 10 44.72 -35.75 73.48
N LEU S 11 45.12 -34.51 73.25
CA LEU S 11 44.51 -33.68 72.23
C LEU S 11 44.94 -34.16 70.85
N LEU S 12 44.03 -34.06 69.88
CA LEU S 12 44.26 -34.63 68.57
C LEU S 12 45.42 -33.93 67.86
N GLY S 13 45.38 -32.60 67.78
CA GLY S 13 46.40 -31.87 67.05
C GLY S 13 47.72 -31.73 67.79
N ARG S 14 47.69 -31.67 69.11
CA ARG S 14 48.93 -31.54 69.87
C ARG S 14 49.71 -32.85 69.88
N LEU S 15 49.02 -33.99 69.97
CA LEU S 15 49.71 -35.27 69.90
C LEU S 15 50.22 -35.55 68.49
N ALA S 16 49.41 -35.21 67.47
CA ALA S 16 49.81 -35.49 66.10
C ALA S 16 51.01 -34.65 65.67
N ALA S 17 51.11 -33.41 66.17
CA ALA S 17 52.25 -32.58 65.85
C ALA S 17 53.55 -33.07 66.48
N ILE S 18 53.48 -33.70 67.65
CA ILE S 18 54.67 -34.21 68.30
C ILE S 18 55.04 -35.58 67.71
N VAL S 19 54.04 -36.41 67.41
CA VAL S 19 54.30 -37.70 66.78
C VAL S 19 54.93 -37.52 65.41
N ALA S 20 54.40 -36.57 64.62
CA ALA S 20 54.91 -36.36 63.26
C ALA S 20 56.37 -35.95 63.24
N LYS S 21 56.80 -35.15 64.22
CA LYS S 21 58.21 -34.78 64.29
C LYS S 21 59.08 -35.95 64.74
N GLN S 22 58.60 -36.74 65.70
CA GLN S 22 59.35 -37.90 66.18
C GLN S 22 59.44 -38.98 65.10
N VAL S 23 58.35 -39.18 64.36
CA VAL S 23 58.35 -40.17 63.29
C VAL S 23 59.32 -39.80 62.17
N LEU S 24 59.39 -38.51 61.81
CA LEU S 24 60.32 -38.06 60.78
C LEU S 24 61.78 -38.18 61.20
N LEU S 25 62.05 -38.36 62.49
CA LEU S 25 63.41 -38.51 63.00
C LEU S 25 63.85 -39.96 63.07
N GLY S 26 63.20 -40.85 62.32
CA GLY S 26 63.58 -42.25 62.31
C GLY S 26 63.17 -43.02 63.54
N ARG S 27 62.18 -42.55 64.29
CA ARG S 27 61.71 -43.21 65.49
C ARG S 27 60.36 -43.88 65.22
N LYS S 28 60.27 -45.16 65.53
CA LYS S 28 59.02 -45.90 65.36
C LYS S 28 58.09 -45.59 66.53
N VAL S 29 56.92 -45.03 66.23
CA VAL S 29 55.96 -44.60 67.24
C VAL S 29 54.68 -45.39 67.05
N VAL S 30 54.23 -46.04 68.13
CA VAL S 30 52.97 -46.78 68.15
C VAL S 30 52.02 -46.05 69.07
N VAL S 31 50.92 -45.55 68.51
CA VAL S 31 49.90 -44.83 69.27
C VAL S 31 48.76 -45.79 69.58
N VAL S 32 48.41 -45.89 70.86
CA VAL S 32 47.47 -46.90 71.33
C VAL S 32 46.33 -46.18 72.06
N ARG S 33 45.16 -46.83 72.07
CA ARG S 33 43.92 -46.26 72.61
C ARG S 33 43.58 -44.93 71.94
N CYS S 34 43.35 -45.00 70.63
CA CYS S 34 42.96 -43.81 69.88
C CYS S 34 41.52 -43.39 70.13
N GLU S 35 40.71 -44.23 70.78
CA GLU S 35 39.37 -43.84 71.18
C GLU S 35 39.39 -42.92 72.39
N GLY S 36 40.48 -42.89 73.14
CA GLY S 36 40.64 -41.96 74.25
C GLY S 36 41.14 -40.59 73.85
N ILE S 37 41.50 -40.40 72.58
CA ILE S 37 41.85 -39.07 72.08
C ILE S 37 40.60 -38.18 72.15
N ASN S 38 40.77 -36.97 72.66
CA ASN S 38 39.67 -36.02 72.76
C ASN S 38 40.09 -34.66 72.21
N ILE S 39 39.11 -33.92 71.70
CA ILE S 39 39.34 -32.70 70.94
C ILE S 39 38.65 -31.54 71.66
N SER S 40 39.34 -30.41 71.77
CA SER S 40 38.77 -29.23 72.37
C SER S 40 37.56 -28.73 71.56
N GLY S 41 36.67 -28.05 72.25
CA GLY S 41 35.43 -27.60 71.65
C GLY S 41 34.28 -28.55 71.96
N ASN S 42 33.06 -28.02 71.88
CA ASN S 42 31.89 -28.83 72.21
C ASN S 42 31.72 -29.95 71.19
N PHE S 43 30.92 -30.95 71.58
CA PHE S 43 30.74 -32.13 70.74
C PHE S 43 30.00 -31.79 69.45
N TYR S 44 29.05 -30.85 69.52
CA TYR S 44 28.27 -30.50 68.34
C TYR S 44 29.10 -29.70 67.32
N ARG S 45 30.15 -29.01 67.78
CA ARG S 45 31.04 -28.32 66.86
C ARG S 45 31.84 -29.32 66.02
N ASN S 46 32.42 -30.32 66.66
CA ASN S 46 33.26 -31.29 65.96
C ASN S 46 32.45 -32.21 65.06
N LYS S 47 31.18 -32.45 65.38
CA LYS S 47 30.38 -33.34 64.55
C LYS S 47 30.16 -32.73 63.16
N LEU S 48 29.73 -31.47 63.10
CA LEU S 48 29.57 -30.82 61.81
C LEU S 48 30.92 -30.53 61.17
N LYS S 49 31.98 -30.42 61.97
CA LYS S 49 33.33 -30.38 61.41
C LYS S 49 33.64 -31.66 60.65
N TYR S 50 33.17 -32.81 61.15
CA TYR S 50 33.40 -34.06 60.43
C TYR S 50 32.29 -34.34 59.43
N LEU S 51 31.06 -33.90 59.72
CA LEU S 51 29.96 -34.12 58.77
C LEU S 51 30.13 -33.30 57.51
N ALA S 52 30.59 -32.05 57.61
CA ALA S 52 30.92 -31.29 56.42
C ALA S 52 32.16 -31.82 55.73
N PHE S 53 33.03 -32.53 56.46
CA PHE S 53 34.14 -33.22 55.82
C PHE S 53 33.64 -34.41 55.00
N LEU S 54 32.58 -35.07 55.48
CA LEU S 54 31.96 -36.16 54.72
C LEU S 54 31.35 -35.68 53.42
N ARG S 55 30.76 -34.48 53.40
CA ARG S 55 30.13 -33.97 52.18
C ARG S 55 31.13 -33.70 51.07
N LYS S 56 32.40 -33.48 51.41
CA LYS S 56 33.44 -33.19 50.43
C LYS S 56 33.84 -34.50 49.76
N ARG S 57 33.30 -34.75 48.57
CA ARG S 57 33.58 -35.95 47.82
C ARG S 57 33.55 -35.62 46.33
N MET S 58 34.21 -36.45 45.53
CA MET S 58 34.29 -36.21 44.10
C MET S 58 32.92 -36.43 43.45
N ASN S 59 32.48 -35.45 42.65
CA ASN S 59 31.15 -35.52 42.05
C ASN S 59 31.09 -36.59 40.97
N THR S 60 32.08 -36.63 40.09
CA THR S 60 32.02 -37.53 38.94
C THR S 60 32.26 -38.98 39.33
N ASN S 61 33.11 -39.23 40.33
CA ASN S 61 33.37 -40.59 40.79
C ASN S 61 33.78 -40.56 42.26
N PRO S 62 32.87 -40.81 43.19
CA PRO S 62 33.22 -40.76 44.62
C PRO S 62 34.21 -41.83 45.05
N SER S 63 34.40 -42.90 44.26
CA SER S 63 35.40 -43.91 44.60
C SER S 63 36.82 -43.36 44.49
N ARG S 64 37.04 -42.33 43.69
CA ARG S 64 38.33 -41.66 43.60
C ARG S 64 38.45 -40.48 44.53
N GLY S 65 37.39 -40.13 45.25
CA GLY S 65 37.38 -38.96 46.10
C GLY S 65 38.13 -39.18 47.41
N PRO S 66 37.93 -38.27 48.37
CA PRO S 66 38.58 -38.40 49.67
C PRO S 66 38.09 -39.64 50.41
N TYR S 67 39.03 -40.44 50.90
CA TYR S 67 38.69 -41.64 51.67
C TYR S 67 38.45 -41.21 53.11
N HIS S 68 37.18 -41.16 53.49
CA HIS S 68 36.79 -40.70 54.83
C HIS S 68 36.85 -41.89 55.77
N PHE S 69 37.88 -41.93 56.61
CA PHE S 69 38.07 -43.03 57.53
C PHE S 69 37.27 -42.78 58.81
N ARG S 70 36.57 -43.82 59.26
CA ARG S 70 35.66 -43.69 60.39
C ARG S 70 36.21 -44.26 61.70
N ALA S 71 37.28 -45.04 61.66
CA ALA S 71 37.86 -45.56 62.89
C ALA S 71 38.65 -44.49 63.61
N PRO S 72 38.64 -44.50 64.95
CA PRO S 72 39.45 -43.53 65.70
C PRO S 72 40.94 -43.63 65.42
N SER S 73 41.45 -44.84 65.19
CA SER S 73 42.86 -45.00 64.86
C SER S 73 43.17 -44.40 63.50
N ARG S 74 42.32 -44.64 62.51
CA ARG S 74 42.54 -44.11 61.17
C ARG S 74 42.25 -42.63 61.08
N ILE S 75 41.37 -42.10 61.93
CA ILE S 75 41.17 -40.66 61.99
C ILE S 75 42.44 -39.97 62.48
N PHE S 76 43.05 -40.51 63.54
CA PHE S 76 44.33 -39.98 64.00
C PHE S 76 45.44 -40.22 63.00
N TRP S 77 45.36 -41.33 62.25
CA TRP S 77 46.34 -41.56 61.19
C TRP S 77 46.18 -40.55 60.06
N ARG S 78 44.95 -40.08 59.83
CA ARG S 78 44.71 -39.09 58.78
C ARG S 78 45.32 -37.75 59.13
N THR S 79 45.16 -37.29 60.38
CA THR S 79 45.66 -35.98 60.76
C THR S 79 47.17 -35.95 60.91
N VAL S 80 47.81 -37.10 61.16
CA VAL S 80 49.27 -37.14 61.10
C VAL S 80 49.75 -37.09 59.65
N ARG S 81 49.04 -37.76 58.74
CA ARG S 81 49.40 -37.76 57.33
C ARG S 81 49.33 -36.36 56.73
N GLY S 82 48.41 -35.52 57.18
CA GLY S 82 48.38 -34.14 56.76
C GLY S 82 49.45 -33.26 57.37
N MET S 83 50.16 -33.78 58.37
CA MET S 83 51.27 -33.09 59.01
C MET S 83 52.62 -33.57 58.50
N LEU S 84 52.63 -34.36 57.44
CA LEU S 84 53.83 -34.97 56.91
C LEU S 84 53.92 -34.73 55.40
N PRO S 85 55.14 -34.69 54.86
CA PRO S 85 55.29 -34.58 53.39
C PRO S 85 55.11 -35.92 52.70
N HIS S 86 53.87 -36.42 52.75
CA HIS S 86 53.54 -37.77 52.28
C HIS S 86 53.60 -37.91 50.77
N LYS S 87 53.75 -36.82 50.02
CA LYS S 87 53.92 -36.90 48.58
C LYS S 87 55.35 -37.21 48.17
N THR S 88 56.29 -37.22 49.11
CA THR S 88 57.68 -37.54 48.83
C THR S 88 58.01 -38.96 49.30
N LYS S 89 59.21 -39.41 48.97
CA LYS S 89 59.64 -40.74 49.35
C LYS S 89 59.87 -40.84 50.85
N ARG S 90 60.45 -39.80 51.45
CA ARG S 90 60.72 -39.83 52.89
C ARG S 90 59.45 -39.67 53.72
N GLY S 91 58.41 -39.04 53.17
CA GLY S 91 57.15 -38.96 53.88
C GLY S 91 56.45 -40.31 54.00
N GLN S 92 56.45 -41.07 52.91
CA GLN S 92 55.85 -42.41 52.93
C GLN S 92 56.67 -43.40 53.73
N ALA S 93 58.00 -43.25 53.75
CA ALA S 93 58.83 -44.08 54.62
C ALA S 93 58.60 -43.75 56.09
N ALA S 94 58.24 -42.50 56.40
CA ALA S 94 57.91 -42.15 57.77
C ALA S 94 56.61 -42.82 58.22
N LEU S 95 55.59 -42.78 57.36
CA LEU S 95 54.28 -43.33 57.71
C LEU S 95 54.31 -44.83 57.97
N ASP S 96 55.33 -45.53 57.46
CA ASP S 96 55.49 -46.94 57.78
C ASP S 96 55.90 -47.16 59.23
N ARG S 97 56.54 -46.17 59.86
CA ARG S 97 56.91 -46.26 61.26
C ARG S 97 55.76 -45.98 62.21
N LEU S 98 54.68 -45.37 61.72
CA LEU S 98 53.51 -45.09 62.55
C LEU S 98 52.56 -46.27 62.54
N LYS S 99 52.01 -46.59 63.70
CA LYS S 99 51.10 -47.72 63.84
C LYS S 99 50.05 -47.37 64.88
N VAL S 100 48.80 -47.24 64.45
CA VAL S 100 47.71 -46.82 65.30
C VAL S 100 46.80 -48.01 65.58
N PHE S 101 46.19 -48.01 66.77
CA PHE S 101 45.34 -49.12 67.19
C PHE S 101 44.20 -48.60 68.06
N ASP S 102 43.00 -49.12 67.80
CA ASP S 102 41.88 -48.90 68.70
C ASP S 102 41.89 -49.97 69.79
N GLY S 103 41.66 -49.52 71.03
CA GLY S 103 41.88 -50.40 72.17
C GLY S 103 43.37 -50.63 72.37
N ILE S 104 43.70 -51.74 73.01
CA ILE S 104 45.10 -52.10 73.20
C ILE S 104 45.34 -53.52 72.71
N PRO S 105 46.17 -53.72 71.68
CA PRO S 105 46.43 -55.07 71.18
C PRO S 105 47.20 -55.91 72.18
N PRO S 106 47.07 -57.22 72.11
CA PRO S 106 47.87 -58.12 72.97
C PRO S 106 49.37 -58.00 72.75
N PRO S 107 49.86 -57.55 71.59
CA PRO S 107 51.27 -57.14 71.56
C PRO S 107 51.62 -56.02 72.52
N TYR S 108 50.69 -55.12 72.84
CA TYR S 108 51.00 -53.93 73.61
C TYR S 108 50.27 -53.85 74.95
N ASP S 109 49.53 -54.87 75.35
CA ASP S 109 48.84 -54.81 76.64
C ASP S 109 49.81 -54.97 77.80
N LYS S 110 50.78 -55.88 77.68
CA LYS S 110 51.77 -56.12 78.72
C LYS S 110 53.02 -55.27 78.49
N LYS S 111 52.83 -53.96 78.33
CA LYS S 111 53.91 -53.02 78.13
C LYS S 111 53.56 -51.68 78.77
N LYS S 112 54.59 -50.93 79.15
CA LYS S 112 54.39 -49.63 79.73
C LYS S 112 54.14 -48.59 78.64
N ARG S 113 53.09 -47.81 78.81
CA ARG S 113 52.67 -46.82 77.82
C ARG S 113 53.20 -45.45 78.21
N MET S 114 53.85 -44.78 77.27
CA MET S 114 54.36 -43.44 77.49
C MET S 114 53.26 -42.41 77.34
N VAL S 115 53.40 -41.31 78.06
CA VAL S 115 52.42 -40.22 78.07
C VAL S 115 53.14 -38.93 77.75
N VAL S 116 52.59 -38.15 76.81
CA VAL S 116 53.11 -36.82 76.48
C VAL S 116 52.37 -35.80 77.34
N PRO S 117 53.01 -35.17 78.31
CA PRO S 117 52.31 -34.16 79.12
C PRO S 117 52.03 -32.87 78.38
N ALA S 118 52.81 -32.54 77.35
CA ALA S 118 52.53 -31.34 76.56
C ALA S 118 51.30 -31.47 75.69
N ALA S 119 51.01 -32.67 75.19
CA ALA S 119 49.79 -32.93 74.42
C ALA S 119 48.70 -33.53 75.29
N LEU S 120 48.31 -32.83 76.35
CA LEU S 120 47.34 -33.35 77.30
C LEU S 120 46.21 -32.35 77.50
N LYS S 121 44.99 -32.87 77.65
CA LYS S 121 43.83 -32.00 77.88
C LYS S 121 43.94 -31.27 79.21
N VAL S 122 44.38 -31.96 80.26
CA VAL S 122 44.39 -31.36 81.59
C VAL S 122 45.42 -30.23 81.70
N VAL S 123 46.39 -30.20 80.78
CA VAL S 123 47.43 -29.18 80.82
C VAL S 123 47.10 -28.01 79.90
N ARG S 124 46.66 -28.30 78.67
CA ARG S 124 46.50 -27.27 77.66
C ARG S 124 45.11 -26.66 77.60
N LEU S 125 44.14 -27.19 78.34
CA LEU S 125 42.76 -26.71 78.28
C LEU S 125 42.31 -26.21 79.65
N LYS S 126 41.54 -25.14 79.64
CA LYS S 126 40.96 -24.62 80.87
C LYS S 126 39.90 -25.58 81.40
N PRO S 127 39.74 -25.69 82.72
CA PRO S 127 38.76 -26.64 83.28
C PRO S 127 37.32 -26.29 82.95
N THR S 128 37.02 -25.05 82.57
CA THR S 128 35.66 -24.64 82.25
C THR S 128 35.30 -24.85 80.78
N ARG S 129 36.23 -25.33 79.97
CA ARG S 129 35.96 -25.51 78.55
C ARG S 129 35.31 -26.86 78.30
N LYS S 130 34.91 -27.08 77.04
CA LYS S 130 34.24 -28.31 76.64
C LYS S 130 35.12 -29.06 75.64
N PHE S 131 35.05 -30.39 75.70
CA PHE S 131 35.85 -31.24 74.84
C PHE S 131 34.99 -32.38 74.33
N ALA S 132 35.41 -32.98 73.22
CA ALA S 132 34.66 -34.04 72.55
C ALA S 132 35.54 -35.26 72.38
N TYR S 133 35.04 -36.42 72.80
CA TYR S 133 35.76 -37.68 72.64
C TYR S 133 35.73 -38.13 71.19
N LEU S 134 36.89 -38.58 70.69
CA LEU S 134 36.95 -39.12 69.34
C LEU S 134 36.26 -40.48 69.24
N GLY S 135 36.28 -41.26 70.32
CA GLY S 135 35.61 -42.55 70.31
C GLY S 135 34.11 -42.41 70.17
N ARG S 136 33.51 -41.47 70.91
CA ARG S 136 32.09 -41.18 70.74
C ARG S 136 31.81 -40.58 69.36
N LEU S 137 32.69 -39.68 68.90
CA LEU S 137 32.51 -39.04 67.60
C LEU S 137 32.58 -40.05 66.47
N ALA S 138 33.45 -41.05 66.57
CA ALA S 138 33.62 -42.02 65.49
C ALA S 138 32.39 -42.91 65.35
N HIS S 139 31.89 -43.47 66.47
CA HIS S 139 30.72 -44.34 66.40
C HIS S 139 29.48 -43.58 65.98
N GLU S 140 29.42 -42.28 66.27
CA GLU S 140 28.28 -41.44 65.94
C GLU S 140 28.29 -41.00 64.49
N VAL S 141 29.36 -41.29 63.75
CA VAL S 141 29.48 -40.91 62.34
C VAL S 141 29.66 -42.12 61.43
N GLY S 142 29.78 -43.32 61.97
CA GLY S 142 29.88 -44.49 61.12
C GLY S 142 30.75 -45.63 61.60
N TRP S 143 31.50 -45.43 62.68
CA TRP S 143 32.27 -46.53 63.26
C TRP S 143 31.33 -47.52 63.93
N LYS S 144 31.59 -48.81 63.75
CA LYS S 144 30.69 -49.85 64.20
C LYS S 144 31.23 -50.67 65.35
N TYR S 145 32.39 -50.31 65.90
CA TYR S 145 33.08 -51.16 66.86
C TYR S 145 33.41 -50.41 68.15
N GLN S 146 32.52 -49.50 68.57
CA GLN S 146 32.73 -48.83 69.86
C GLN S 146 32.38 -49.77 71.01
N ALA S 147 31.17 -50.34 70.99
CA ALA S 147 30.81 -51.32 72.00
C ALA S 147 31.63 -52.59 71.86
N VAL S 148 32.11 -52.88 70.66
CA VAL S 148 33.01 -54.00 70.45
C VAL S 148 34.32 -53.78 71.17
N THR S 149 34.94 -52.61 70.99
CA THR S 149 36.21 -52.31 71.63
C THR S 149 36.02 -52.13 73.13
N ALA S 150 34.87 -51.61 73.56
CA ALA S 150 34.64 -51.34 74.98
C ALA S 150 34.65 -52.62 75.80
N THR S 151 34.03 -53.69 75.28
CA THR S 151 34.04 -54.96 76.00
C THR S 151 35.41 -55.63 76.01
N LEU S 152 36.15 -55.53 74.90
CA LEU S 152 37.48 -56.12 74.87
C LEU S 152 38.46 -55.31 75.71
N GLU S 153 38.31 -53.99 75.74
CA GLU S 153 39.05 -53.16 76.68
C GLU S 153 38.61 -53.41 78.12
N GLU S 154 37.34 -53.73 78.34
CA GLU S 154 36.88 -54.11 79.66
C GLU S 154 37.52 -55.42 80.12
N LYS S 155 37.74 -56.35 79.18
CA LYS S 155 38.27 -57.66 79.53
C LYS S 155 39.67 -57.57 80.11
N ARG S 156 40.52 -56.70 79.53
CA ARG S 156 41.89 -56.57 80.00
C ARG S 156 42.01 -55.67 81.23
N LYS S 157 40.91 -55.03 81.65
CA LYS S 157 40.99 -54.11 82.77
C LYS S 157 41.17 -54.84 84.10
N GLU S 158 40.44 -55.93 84.34
CA GLU S 158 40.69 -56.70 85.55
C GLU S 158 41.82 -57.70 85.37
N LYS S 159 42.16 -58.06 84.13
CA LYS S 159 43.32 -58.90 83.89
C LYS S 159 44.61 -58.20 84.28
N ALA S 160 44.71 -56.90 84.02
CA ALA S 160 45.85 -56.12 84.52
C ALA S 160 45.72 -55.85 86.02
N LYS S 161 44.48 -55.83 86.53
CA LYS S 161 44.28 -55.67 87.98
C LYS S 161 44.81 -56.87 88.74
N ILE S 162 44.63 -58.08 88.19
CA ILE S 162 45.21 -59.27 88.79
C ILE S 162 46.73 -59.18 88.80
N HIS S 163 47.31 -58.73 87.68
CA HIS S 163 48.76 -58.56 87.61
C HIS S 163 49.24 -57.47 88.58
N TYR S 164 48.49 -56.37 88.67
CA TYR S 164 48.90 -55.27 89.53
C TYR S 164 48.78 -55.63 91.00
N ARG S 165 47.69 -56.30 91.39
CA ARG S 165 47.54 -56.71 92.79
C ARG S 165 48.57 -57.76 93.17
N LYS S 166 48.92 -58.64 92.24
CA LYS S 166 50.06 -59.53 92.45
C LYS S 166 51.37 -58.73 92.49
N LYS S 167 51.48 -57.68 91.68
CA LYS S 167 52.68 -56.84 91.68
C LYS S 167 52.86 -56.14 93.02
N LYS S 168 51.78 -55.64 93.60
CA LYS S 168 51.88 -54.99 94.91
C LYS S 168 52.31 -55.98 95.98
N GLN S 169 51.72 -57.18 95.98
CA GLN S 169 52.09 -58.20 96.95
C GLN S 169 53.51 -58.71 96.71
N LEU S 170 53.95 -58.72 95.46
CA LEU S 170 55.32 -59.14 95.15
C LEU S 170 56.33 -58.18 95.75
N MET S 171 56.10 -56.87 95.63
CA MET S 171 57.01 -55.89 96.20
C MET S 171 56.65 -55.51 97.63
N ARG S 172 55.49 -55.94 98.13
CA ARG S 172 55.25 -55.87 99.57
C ARG S 172 56.19 -56.79 100.32
N LEU S 173 56.44 -57.99 99.77
CA LEU S 173 57.47 -58.86 100.31
C LEU S 173 58.86 -58.26 100.13
N ARG S 174 59.06 -57.48 99.05
CA ARG S 174 60.33 -56.83 98.84
C ARG S 174 60.59 -55.74 99.86
N LYS S 175 59.60 -54.86 100.08
CA LYS S 175 59.77 -53.78 101.06
C LYS S 175 59.91 -54.32 102.47
N GLN S 176 59.22 -55.41 102.78
CA GLN S 176 59.37 -56.04 104.10
C GLN S 176 60.70 -56.77 104.20
N ALA S 177 61.35 -57.05 103.07
CA ALA S 177 62.62 -57.79 103.11
C ALA S 177 63.73 -56.98 103.75
N GLU S 178 63.81 -55.68 103.44
CA GLU S 178 64.82 -54.85 104.11
C GLU S 178 64.59 -54.75 105.60
N LYS S 179 63.33 -54.79 106.04
CA LYS S 179 62.96 -54.61 107.44
C LYS S 179 63.56 -55.67 108.36
N ASN S 180 64.00 -56.81 107.81
CA ASN S 180 64.66 -57.83 108.61
C ASN S 180 66.17 -57.81 108.49
N VAL S 181 66.73 -57.03 107.58
CA VAL S 181 68.11 -57.26 107.13
C VAL S 181 68.95 -55.97 107.13
N GLU S 182 68.50 -54.91 107.83
CA GLU S 182 69.30 -53.68 107.87
C GLU S 182 70.69 -53.86 108.47
N LYS S 183 70.90 -54.87 109.30
CA LYS S 183 72.16 -54.96 110.03
C LYS S 183 73.32 -55.36 109.12
N LYS S 184 73.05 -56.07 108.03
CA LYS S 184 74.10 -56.53 107.14
C LYS S 184 74.05 -55.88 105.75
N ILE S 185 73.17 -54.91 105.54
CA ILE S 185 73.12 -54.17 104.27
C ILE S 185 73.41 -52.69 104.48
N SER S 186 73.69 -52.27 105.72
CA SER S 186 73.96 -50.86 105.99
C SER S 186 75.26 -50.39 105.35
N LYS S 187 76.20 -51.32 105.11
CA LYS S 187 77.43 -50.98 104.41
C LYS S 187 77.14 -50.52 102.98
N PHE S 188 76.22 -51.19 102.29
CA PHE S 188 75.84 -50.77 100.95
C PHE S 188 74.81 -49.65 100.99
N THR S 189 74.04 -49.55 102.08
CA THR S 189 72.97 -48.56 102.14
C THR S 189 73.50 -47.14 102.31
N ASP S 190 74.47 -46.95 103.20
CA ASP S 190 74.94 -45.59 103.51
C ASP S 190 75.67 -44.97 102.31
N VAL S 191 76.45 -45.76 101.58
CA VAL S 191 77.10 -45.22 100.38
C VAL S 191 76.10 -44.91 99.28
N LEU S 192 74.92 -45.53 99.29
CA LEU S 192 73.86 -45.15 98.37
C LEU S 192 73.08 -43.94 98.85
N LYS S 193 73.27 -43.54 100.11
CA LYS S 193 72.65 -42.33 100.63
C LYS S 193 73.57 -41.12 100.57
N THR S 194 74.88 -41.33 100.64
CA THR S 194 75.82 -40.22 100.49
C THR S 194 75.81 -39.68 99.07
N HIS S 195 75.55 -40.53 98.09
CA HIS S 195 75.46 -40.12 96.69
C HIS S 195 74.05 -39.80 96.25
N GLY S 196 73.09 -39.85 97.18
CA GLY S 196 71.73 -39.42 96.90
C GLY S 196 70.92 -40.35 96.02
N LEU S 197 70.62 -41.55 96.52
CA LEU S 197 69.75 -42.48 95.82
C LEU S 197 68.59 -42.99 96.65
N LEU S 198 68.68 -42.95 97.99
CA LEU S 198 67.59 -43.40 98.85
C LEU S 198 67.18 -42.34 99.87
N VAL S 199 67.72 -41.13 99.78
CA VAL S 199 67.38 -40.08 100.73
C VAL S 199 66.10 -39.38 100.29
N VAL T 1 77.10 -65.05 6.98
CA VAL T 1 77.63 -63.69 6.93
C VAL T 1 77.89 -63.16 8.34
N ARG T 2 77.83 -61.85 8.51
CA ARG T 2 78.11 -61.20 9.79
C ARG T 2 76.89 -61.36 10.69
N TYR T 3 76.94 -62.35 11.58
CA TYR T 3 75.85 -62.58 12.50
C TYR T 3 75.85 -61.54 13.61
N SER T 4 74.68 -61.38 14.25
CA SER T 4 74.52 -60.37 15.29
C SER T 4 75.17 -60.77 16.61
N LEU T 5 75.25 -62.06 16.90
CA LEU T 5 75.81 -62.52 18.17
C LEU T 5 76.72 -63.72 17.91
N ASP T 6 77.91 -63.68 18.51
CA ASP T 6 78.82 -64.80 18.34
C ASP T 6 78.53 -65.88 19.38
N PRO T 7 78.50 -67.15 18.96
CA PRO T 7 78.26 -68.24 19.91
C PRO T 7 79.42 -68.38 20.88
N GLU T 8 79.12 -68.86 22.09
CA GLU T 8 80.15 -69.11 23.09
C GLU T 8 81.06 -70.28 22.71
N ASN T 9 80.60 -71.18 21.84
CA ASN T 9 81.41 -72.29 21.35
C ASN T 9 81.04 -72.71 19.92
N PRO T 10 81.78 -72.23 18.92
CA PRO T 10 81.42 -72.51 17.51
C PRO T 10 81.50 -73.97 17.12
N THR T 11 82.26 -74.79 17.84
CA THR T 11 82.30 -76.22 17.53
C THR T 11 80.97 -76.90 17.86
N LYS T 12 80.32 -76.48 18.94
CA LYS T 12 79.07 -77.07 19.39
C LYS T 12 77.85 -76.27 18.94
N SER T 13 78.00 -75.41 17.94
CA SER T 13 76.93 -74.52 17.54
C SER T 13 76.72 -74.58 16.03
N CYS T 14 75.47 -74.35 15.62
CA CYS T 14 75.09 -74.30 14.22
C CYS T 14 74.20 -73.09 14.00
N LYS T 15 74.18 -72.59 12.76
CA LYS T 15 73.51 -71.34 12.43
C LYS T 15 72.53 -71.54 11.28
N SER T 16 71.54 -70.65 11.23
CA SER T 16 70.62 -70.57 10.11
C SER T 16 70.15 -69.13 9.99
N ARG T 17 69.73 -68.75 8.78
CA ARG T 17 69.41 -67.35 8.51
C ARG T 17 68.44 -67.28 7.33
N GLY T 18 67.44 -66.41 7.45
CA GLY T 18 66.51 -66.15 6.37
C GLY T 18 66.36 -64.67 6.09
N SER T 19 66.65 -64.24 4.87
CA SER T 19 66.65 -62.82 4.52
C SER T 19 65.53 -62.51 3.53
N ASN T 20 64.84 -61.39 3.78
CA ASN T 20 63.77 -60.87 2.93
C ASN T 20 62.64 -61.89 2.77
N LEU T 21 62.21 -62.45 3.89
CA LEU T 21 61.09 -63.39 3.92
C LEU T 21 59.78 -62.61 4.04
N ARG T 22 58.87 -62.86 3.11
CA ARG T 22 57.60 -62.10 3.05
C ARG T 22 56.67 -62.65 4.13
N VAL T 23 56.88 -62.17 5.35
CA VAL T 23 56.04 -62.49 6.49
C VAL T 23 56.02 -61.28 7.41
N HIS T 24 54.89 -61.09 8.10
CA HIS T 24 54.69 -59.90 8.93
C HIS T 24 55.71 -59.86 10.07
N PHE T 25 56.33 -58.69 10.26
CA PHE T 25 57.38 -58.54 11.26
C PHE T 25 56.83 -58.67 12.68
N LYS T 26 55.68 -58.05 12.94
CA LYS T 26 55.15 -58.01 14.30
C LYS T 26 54.73 -59.40 14.79
N ASN T 27 54.12 -60.20 13.91
CA ASN T 27 53.77 -61.57 14.29
C ASN T 27 55.01 -62.46 14.41
N THR T 28 56.06 -62.16 13.63
CA THR T 28 57.28 -62.93 13.69
C THR T 28 58.05 -62.70 14.98
N ARG T 29 58.10 -61.45 15.46
CA ARG T 29 58.83 -61.16 16.69
C ARG T 29 58.16 -61.78 17.91
N GLU T 30 56.83 -61.77 17.95
CA GLU T 30 56.11 -62.30 19.10
C GLU T 30 56.30 -63.81 19.25
N THR T 31 56.29 -64.55 18.15
CA THR T 31 56.58 -65.97 18.21
C THR T 31 58.07 -66.26 18.31
N ALA T 32 58.93 -65.28 18.06
CA ALA T 32 60.36 -65.45 18.24
C ALA T 32 60.76 -65.42 19.72
N GLN T 33 60.04 -64.65 20.54
CA GLN T 33 60.35 -64.61 21.96
C GLN T 33 59.87 -65.86 22.68
N ALA T 34 58.72 -66.41 22.25
CA ALA T 34 58.19 -67.61 22.88
C ALA T 34 58.89 -68.88 22.44
N ILE T 35 59.67 -68.82 21.37
CA ILE T 35 60.37 -70.00 20.85
C ILE T 35 61.82 -70.03 21.32
N LYS T 36 62.26 -68.98 22.03
CA LYS T 36 63.69 -68.75 22.25
C LYS T 36 64.32 -69.78 23.17
N GLY T 37 63.63 -70.16 24.24
CA GLY T 37 64.29 -70.94 25.28
C GLY T 37 64.09 -72.44 25.22
N MET T 38 63.17 -72.91 24.37
CA MET T 38 62.77 -74.31 24.44
C MET T 38 63.71 -75.20 23.61
N HIS T 39 63.57 -76.51 23.83
CA HIS T 39 64.31 -77.52 23.12
C HIS T 39 63.83 -77.63 21.67
N ILE T 40 64.71 -78.13 20.80
CA ILE T 40 64.44 -78.09 19.36
C ILE T 40 63.26 -78.98 18.99
N ARG T 41 63.18 -80.19 19.56
CA ARG T 41 61.99 -81.01 19.31
C ARG T 41 60.78 -80.50 20.08
N LYS T 42 61.01 -79.83 21.20
CA LYS T 42 59.93 -79.08 21.85
C LYS T 42 59.55 -77.86 21.02
N ALA T 43 60.53 -77.28 20.30
CA ALA T 43 60.25 -76.15 19.43
C ALA T 43 59.37 -76.55 18.24
N THR T 44 59.69 -77.67 17.59
CA THR T 44 58.93 -78.08 16.41
C THR T 44 57.51 -78.51 16.78
N LYS T 45 57.37 -79.18 17.93
CA LYS T 45 56.04 -79.60 18.37
C LYS T 45 55.17 -78.41 18.73
N TYR T 46 55.76 -77.38 19.34
CA TYR T 46 55.00 -76.19 19.70
C TYR T 46 54.52 -75.44 18.45
N LEU T 47 55.36 -75.40 17.41
CA LEU T 47 55.00 -74.68 16.19
C LEU T 47 53.84 -75.37 15.46
N LYS T 48 53.77 -76.70 15.52
CA LYS T 48 52.66 -77.40 14.88
C LYS T 48 51.36 -77.16 15.63
N ASP T 49 51.42 -77.00 16.95
CA ASP T 49 50.21 -76.68 17.72
C ASP T 49 49.70 -75.28 17.44
N VAL T 50 50.58 -74.36 17.06
CA VAL T 50 50.13 -73.02 16.66
C VAL T 50 49.31 -73.09 15.37
N THR T 51 49.77 -73.91 14.42
CA THR T 51 49.03 -74.07 13.17
C THR T 51 47.68 -74.73 13.39
N LEU T 52 47.60 -75.69 14.31
CA LEU T 52 46.36 -76.39 14.61
C LEU T 52 45.58 -75.72 15.74
N LYS T 53 46.00 -74.53 16.17
CA LYS T 53 45.30 -73.74 17.19
C LYS T 53 45.15 -74.50 18.50
N LYS T 54 46.18 -75.26 18.87
CA LYS T 54 46.22 -75.95 20.15
C LYS T 54 47.02 -75.20 21.20
N GLN T 55 48.12 -74.56 20.81
CA GLN T 55 48.87 -73.68 21.69
C GLN T 55 49.02 -72.33 21.00
N CYS T 56 48.82 -71.26 21.77
CA CYS T 56 48.79 -69.92 21.21
C CYS T 56 50.16 -69.26 21.30
N VAL T 57 50.32 -68.13 20.63
CA VAL T 57 51.51 -67.29 20.72
C VAL T 57 51.15 -66.06 21.54
N PRO T 58 51.73 -65.88 22.74
CA PRO T 58 51.38 -64.70 23.55
C PRO T 58 51.93 -63.42 22.92
N PHE T 59 51.04 -62.49 22.59
CA PHE T 59 51.41 -61.19 22.04
C PHE T 59 51.68 -60.23 23.19
N ARG T 60 52.95 -59.84 23.36
CA ARG T 60 53.37 -58.99 24.46
C ARG T 60 53.56 -57.54 24.06
N ARG T 61 54.37 -57.27 23.02
CA ARG T 61 54.68 -55.90 22.67
C ARG T 61 53.72 -55.33 21.63
N TYR T 62 53.62 -55.97 20.47
CA TYR T 62 52.74 -55.51 19.40
C TYR T 62 51.37 -56.15 19.60
N ASN T 63 50.64 -55.62 20.59
CA ASN T 63 49.37 -56.22 21.00
C ASN T 63 48.24 -55.20 21.06
N GLY T 64 48.31 -54.13 20.28
CA GLY T 64 47.24 -53.16 20.26
C GLY T 64 46.02 -53.65 19.50
N GLY T 65 44.93 -53.92 20.21
CA GLY T 65 43.72 -54.43 19.60
C GLY T 65 43.71 -55.92 19.36
N VAL T 66 44.75 -56.64 19.77
CA VAL T 66 44.78 -58.09 19.61
C VAL T 66 43.83 -58.71 20.63
N GLY T 67 42.95 -59.59 20.14
CA GLY T 67 42.01 -60.24 21.02
C GLY T 67 42.68 -61.22 21.96
N ARG T 68 42.03 -61.43 23.11
CA ARG T 68 42.54 -62.32 24.14
C ARG T 68 41.84 -63.68 24.08
N CYS T 69 42.57 -64.71 24.50
CA CYS T 69 42.08 -66.08 24.42
C CYS T 69 42.46 -66.83 25.68
N ALA T 70 41.86 -68.02 25.84
CA ALA T 70 42.08 -68.84 27.02
C ALA T 70 43.44 -69.53 27.03
N GLN T 71 44.11 -69.65 25.89
CA GLN T 71 45.38 -70.36 25.80
C GLN T 71 46.57 -69.53 26.27
N ALA T 72 46.38 -68.23 26.52
CA ALA T 72 47.47 -67.37 26.94
C ALA T 72 47.79 -67.49 28.42
N LYS T 73 46.93 -68.15 29.22
CA LYS T 73 47.18 -68.28 30.65
C LYS T 73 48.34 -69.23 30.95
N GLN T 74 48.71 -70.09 29.99
CA GLN T 74 49.88 -70.94 30.17
C GLN T 74 51.18 -70.13 30.14
N TRP T 75 51.17 -68.98 29.48
CA TRP T 75 52.34 -68.10 29.39
C TRP T 75 52.32 -66.99 30.42
N GLY T 76 51.36 -66.98 31.33
CA GLY T 76 51.21 -65.87 32.25
C GLY T 76 50.78 -64.59 31.57
N TRP T 77 49.88 -64.69 30.59
CA TRP T 77 49.44 -63.55 29.81
C TRP T 77 47.95 -63.71 29.52
N THR T 78 47.38 -62.69 28.89
CA THR T 78 45.97 -62.68 28.54
C THR T 78 45.73 -62.73 27.03
N GLN T 79 46.49 -61.97 26.25
CA GLN T 79 46.28 -61.86 24.82
C GLN T 79 47.07 -62.95 24.09
N GLY T 80 46.38 -63.72 23.26
CA GLY T 80 47.01 -64.78 22.51
C GLY T 80 46.51 -64.80 21.08
N ARG T 81 47.30 -65.44 20.21
CA ARG T 81 47.02 -65.48 18.79
C ARG T 81 47.80 -66.65 18.19
N TRP T 82 47.35 -67.14 17.04
CA TRP T 82 47.92 -68.31 16.38
C TRP T 82 48.33 -67.95 14.96
N PRO T 83 49.45 -67.25 14.78
CA PRO T 83 49.89 -66.85 13.44
C PRO T 83 50.35 -68.06 12.63
N LYS T 84 49.82 -68.19 11.42
CA LYS T 84 50.11 -69.36 10.60
C LYS T 84 51.38 -69.19 9.77
N LYS T 85 51.43 -68.15 8.93
CA LYS T 85 52.60 -67.93 8.09
C LYS T 85 53.84 -67.62 8.92
N SER T 86 53.65 -66.92 10.03
CA SER T 86 54.76 -66.59 10.91
C SER T 86 55.41 -67.84 11.50
N ALA T 87 54.60 -68.81 11.94
CA ALA T 87 55.17 -70.06 12.43
C ALA T 87 55.66 -70.95 11.31
N GLU T 88 55.06 -70.84 10.12
CA GLU T 88 55.40 -71.75 9.03
C GLU T 88 56.76 -71.42 8.43
N PHE T 89 57.07 -70.13 8.27
CA PHE T 89 58.38 -69.74 7.73
C PHE T 89 59.53 -70.12 8.64
N LEU T 90 59.36 -69.95 9.95
CA LEU T 90 60.41 -70.33 10.89
C LEU T 90 60.26 -71.78 11.36
N LEU T 91 59.33 -72.52 10.77
CA LEU T 91 59.34 -73.98 10.89
C LEU T 91 60.27 -74.63 9.89
N HIS T 92 60.36 -74.09 8.68
CA HIS T 92 61.35 -74.57 7.72
C HIS T 92 62.77 -74.19 8.15
N MET T 93 62.92 -73.14 8.96
CA MET T 93 64.26 -72.65 9.26
C MET T 93 64.97 -73.57 10.24
N LEU T 94 64.26 -74.09 11.23
CA LEU T 94 64.87 -75.10 12.09
C LEU T 94 65.09 -76.38 11.33
N LYS T 95 64.22 -76.68 10.35
CA LYS T 95 64.49 -77.76 9.41
C LYS T 95 65.76 -77.49 8.63
N ASN T 96 65.97 -76.24 8.21
CA ASN T 96 67.25 -75.84 7.65
C ASN T 96 68.35 -75.92 8.72
N ALA T 97 68.05 -75.45 9.94
CA ALA T 97 69.03 -75.49 11.02
C ALA T 97 69.32 -76.91 11.50
N GLU T 98 68.34 -77.81 11.39
CA GLU T 98 68.58 -79.22 11.72
C GLU T 98 69.54 -79.86 10.72
N SER T 99 69.44 -79.47 9.45
CA SER T 99 70.33 -80.01 8.43
C SER T 99 71.76 -79.49 8.59
N ASN T 100 71.92 -78.27 9.09
CA ASN T 100 73.27 -77.73 9.30
C ASN T 100 73.96 -78.41 10.48
N ALA T 101 73.19 -78.81 11.49
CA ALA T 101 73.78 -79.47 12.66
C ALA T 101 74.25 -80.88 12.33
N GLU T 102 73.46 -81.63 11.55
CA GLU T 102 73.86 -83.00 11.21
C GLU T 102 75.02 -82.99 10.22
N LEU T 103 75.15 -81.93 9.41
CA LEU T 103 76.32 -81.81 8.54
C LEU T 103 77.57 -81.50 9.34
N LYS T 104 77.42 -80.86 10.50
CA LYS T 104 78.53 -80.54 11.38
C LYS T 104 78.81 -81.66 12.38
N GLY T 105 77.99 -82.71 12.40
CA GLY T 105 78.16 -83.79 13.34
C GLY T 105 77.78 -83.45 14.76
N LEU T 106 76.67 -82.73 14.95
CA LEU T 106 76.15 -82.41 16.26
C LEU T 106 74.92 -83.25 16.57
N ASP T 107 74.69 -83.49 17.86
CA ASP T 107 73.57 -84.32 18.28
C ASP T 107 72.27 -83.53 18.14
N VAL T 108 71.34 -84.07 17.36
CA VAL T 108 70.10 -83.35 17.05
C VAL T 108 69.19 -83.29 18.27
N ASP T 109 69.05 -84.40 18.99
CA ASP T 109 68.04 -84.55 20.02
C ASP T 109 68.38 -83.82 21.32
N SER T 110 69.45 -83.02 21.34
CA SER T 110 69.82 -82.24 22.51
C SER T 110 70.20 -80.81 22.18
N LEU T 111 69.84 -80.32 21.00
CA LEU T 111 70.11 -78.93 20.65
C LEU T 111 69.14 -78.01 21.39
N VAL T 112 69.66 -76.86 21.82
CA VAL T 112 68.87 -75.83 22.48
C VAL T 112 69.16 -74.50 21.81
N ILE T 113 68.12 -73.85 21.31
CA ILE T 113 68.24 -72.50 20.77
C ILE T 113 68.45 -71.53 21.93
N GLU T 114 69.40 -70.60 21.77
CA GLU T 114 69.63 -69.55 22.75
C GLU T 114 69.38 -68.16 22.18
N HIS T 115 69.66 -67.96 20.90
CA HIS T 115 69.54 -66.65 20.27
C HIS T 115 68.66 -66.75 19.03
N ILE T 116 67.70 -65.83 18.94
CA ILE T 116 66.89 -65.67 17.74
C ILE T 116 66.56 -64.18 17.60
N GLN T 117 66.72 -63.66 16.38
CA GLN T 117 66.61 -62.22 16.16
C GLN T 117 65.82 -61.97 14.89
N VAL T 118 64.85 -61.05 14.97
CA VAL T 118 64.02 -60.67 13.84
C VAL T 118 64.28 -59.20 13.55
N ASN T 119 64.77 -58.92 12.34
CA ASN T 119 65.09 -57.56 11.90
C ASN T 119 64.21 -57.18 10.71
N LYS T 120 63.90 -55.89 10.61
CA LYS T 120 62.98 -55.40 9.59
C LYS T 120 63.65 -55.39 8.22
N ALA T 121 63.03 -56.06 7.26
CA ALA T 121 63.47 -56.06 5.87
C ALA T 121 62.96 -54.80 5.18
N PRO T 122 63.56 -54.42 4.04
CA PRO T 122 63.01 -53.29 3.28
C PRO T 122 61.58 -53.55 2.84
N LYS T 123 60.77 -52.49 2.91
CA LYS T 123 59.33 -52.59 2.71
C LYS T 123 59.00 -52.58 1.22
N MET T 124 58.14 -53.53 0.81
CA MET T 124 57.66 -53.54 -0.56
C MET T 124 56.69 -52.39 -0.80
N ARG T 125 56.46 -52.09 -2.08
CA ARG T 125 55.69 -50.92 -2.49
C ARG T 125 54.45 -51.36 -3.26
N ARG T 126 53.29 -51.26 -2.62
CA ARG T 126 51.99 -51.33 -3.27
C ARG T 126 51.21 -50.07 -2.90
N ARG T 127 49.96 -50.00 -3.32
CA ARG T 127 49.15 -48.82 -3.07
C ARG T 127 47.68 -49.20 -2.97
N THR T 128 46.91 -48.32 -2.33
CA THR T 128 45.47 -48.45 -2.19
C THR T 128 44.81 -47.16 -2.65
N TYR T 129 43.51 -47.26 -2.96
CA TYR T 129 42.76 -46.14 -3.51
C TYR T 129 41.72 -45.70 -2.49
N ARG T 130 41.69 -44.40 -2.21
CA ARG T 130 40.82 -43.82 -1.19
C ARG T 130 39.88 -42.81 -1.83
N ALA T 131 39.15 -42.09 -0.98
CA ALA T 131 38.14 -41.14 -1.43
C ALA T 131 38.78 -39.89 -2.04
N HIS T 132 37.99 -39.21 -2.87
CA HIS T 132 38.36 -37.95 -3.51
C HIS T 132 39.63 -38.08 -4.34
N GLY T 133 39.80 -39.24 -4.98
CA GLY T 133 40.96 -39.46 -5.85
C GLY T 133 42.29 -39.44 -5.14
N ARG T 134 42.40 -40.07 -3.98
CA ARG T 134 43.63 -40.11 -3.22
C ARG T 134 44.18 -41.52 -3.18
N ILE T 135 45.51 -41.62 -3.18
CA ILE T 135 46.21 -42.89 -3.14
C ILE T 135 47.10 -42.90 -1.90
N ASN T 136 46.97 -43.95 -1.10
CA ASN T 136 47.69 -44.11 0.15
C ASN T 136 48.62 -45.31 0.08
N PRO T 137 49.72 -45.30 0.83
CA PRO T 137 50.67 -46.41 0.78
C PRO T 137 50.09 -47.70 1.35
N TYR T 138 50.65 -48.80 0.89
CA TYR T 138 50.20 -50.15 1.25
C TYR T 138 51.43 -50.98 1.63
N MET T 139 52.25 -50.41 2.51
CA MET T 139 53.56 -50.97 2.86
C MET T 139 53.46 -52.41 3.33
N SER T 140 54.16 -53.30 2.63
CA SER T 140 54.41 -54.64 3.14
C SER T 140 55.51 -54.58 4.20
N SER T 141 55.48 -55.56 5.11
CA SER T 141 56.43 -55.60 6.22
C SER T 141 57.10 -56.96 6.30
N PRO T 142 58.04 -57.26 5.38
CA PRO T 142 58.85 -58.47 5.52
C PRO T 142 59.93 -58.25 6.58
N CYS T 143 60.59 -59.34 6.97
CA CYS T 143 61.58 -59.26 8.03
C CYS T 143 62.64 -60.32 7.84
N HIS T 144 63.82 -60.06 8.41
CA HIS T 144 64.95 -60.98 8.40
C HIS T 144 64.97 -61.77 9.70
N ILE T 145 65.17 -63.09 9.59
CA ILE T 145 65.22 -63.96 10.75
C ILE T 145 66.54 -64.72 10.71
N GLU T 146 67.26 -64.71 11.83
CA GLU T 146 68.48 -65.49 11.97
C GLU T 146 68.60 -65.98 13.40
N MET T 147 68.98 -67.25 13.56
CA MET T 147 69.08 -67.88 14.87
C MET T 147 70.31 -68.78 14.91
N ILE T 148 70.73 -69.11 16.13
CA ILE T 148 71.89 -69.97 16.35
C ILE T 148 71.52 -71.00 17.42
N LEU T 149 71.68 -72.28 17.10
CA LEU T 149 71.47 -73.36 18.04
C LEU T 149 72.80 -73.81 18.63
N THR T 150 72.74 -74.49 19.77
CA THR T 150 73.95 -74.94 20.45
C THR T 150 73.68 -76.25 21.18
N GLU T 151 74.65 -77.16 21.12
CA GLU T 151 74.58 -78.41 21.86
C GLU T 151 74.62 -78.17 23.36
N LYS T 152 73.70 -78.80 24.09
CA LYS T 152 73.67 -78.73 25.55
C LYS T 152 72.90 -79.91 26.09
N GLU T 153 73.52 -80.66 27.01
CA GLU T 153 72.88 -81.82 27.59
C GLU T 153 71.88 -81.42 28.68
N GLY U 1 74.57 -3.57 46.60
CA GLY U 1 74.15 -2.61 45.60
C GLY U 1 74.87 -1.28 45.72
N VAL U 2 75.46 -0.83 44.60
CA VAL U 2 76.20 0.42 44.56
C VAL U 2 75.56 1.32 43.50
N ASP U 3 75.21 2.53 43.88
CA ASP U 3 74.49 3.46 43.01
C ASP U 3 75.45 4.33 42.21
N ILE U 4 76.34 3.68 41.46
CA ILE U 4 77.27 4.39 40.58
C ILE U 4 76.96 4.02 39.14
N ARG U 5 77.31 4.93 38.24
CA ARG U 5 77.02 4.76 36.82
C ARG U 5 78.26 4.29 36.09
N HIS U 6 78.13 3.16 35.40
CA HIS U 6 79.18 2.65 34.53
C HIS U 6 79.08 3.18 33.12
N ASN U 7 78.33 4.27 32.91
CA ASN U 7 78.16 4.81 31.57
C ASN U 7 79.47 5.34 31.01
N LYS U 8 80.26 6.02 31.83
CA LYS U 8 81.51 6.63 31.37
C LYS U 8 82.63 6.37 32.36
N ASP U 9 82.71 5.16 32.90
CA ASP U 9 83.83 4.77 33.75
C ASP U 9 85.03 4.29 32.95
N ARG U 10 84.88 4.09 31.65
CA ARG U 10 85.96 3.69 30.76
C ARG U 10 86.32 4.89 29.90
N LYS U 11 87.47 5.50 30.18
CA LYS U 11 87.94 6.63 29.41
C LYS U 11 88.35 6.18 28.02
N VAL U 12 87.96 6.95 27.01
CA VAL U 12 88.23 6.64 25.61
C VAL U 12 89.42 7.49 25.16
N ARG U 13 90.54 6.83 24.90
CA ARG U 13 91.76 7.47 24.45
C ARG U 13 92.67 6.41 23.84
N ARG U 14 93.70 6.86 23.13
CA ARG U 14 94.60 5.95 22.46
C ARG U 14 95.75 5.55 23.38
N LYS U 15 95.96 4.23 23.51
CA LYS U 15 97.07 3.68 24.26
C LYS U 15 98.28 3.36 23.38
N GLU U 16 98.06 3.13 22.10
CA GLU U 16 99.09 2.74 21.14
C GLU U 16 98.55 3.01 19.74
N PRO U 17 99.39 3.43 18.80
CA PRO U 17 98.88 3.85 17.49
C PRO U 17 98.33 2.68 16.68
N LYS U 18 97.24 2.96 15.98
CA LYS U 18 96.58 1.93 15.17
C LYS U 18 97.37 1.57 13.92
N SER U 19 98.40 2.35 13.59
CA SER U 19 99.29 1.99 12.50
C SER U 19 100.11 0.75 12.86
N GLN U 20 100.34 -0.09 11.85
CA GLN U 20 101.11 -1.30 12.02
C GLN U 20 102.54 -1.17 11.52
N ASP U 21 102.98 0.03 11.14
CA ASP U 21 104.33 0.23 10.68
C ASP U 21 105.31 0.13 11.85
N ILE U 22 106.52 -0.34 11.56
CA ILE U 22 107.48 -0.67 12.60
C ILE U 22 108.42 0.48 12.94
N TYR U 23 108.57 1.46 12.05
CA TYR U 23 109.42 2.60 12.36
C TYR U 23 108.78 3.56 13.35
N LEU U 24 107.46 3.75 13.26
CA LEU U 24 106.77 4.54 14.28
C LEU U 24 106.77 3.83 15.62
N ARG U 25 106.61 2.50 15.61
CA ARG U 25 106.56 1.74 16.86
C ARG U 25 107.89 1.80 17.60
N LEU U 26 109.01 1.75 16.88
CA LEU U 26 110.32 1.91 17.51
C LEU U 26 110.49 3.32 18.08
N LEU U 27 109.94 4.32 17.40
CA LEU U 27 109.93 5.67 17.97
C LEU U 27 108.97 5.77 19.15
N VAL U 28 107.86 5.04 19.12
CA VAL U 28 106.95 5.00 20.25
C VAL U 28 107.60 4.30 21.43
N LYS U 29 108.31 3.20 21.18
CA LYS U 29 109.00 2.49 22.24
C LYS U 29 110.07 3.39 22.89
N LEU U 30 110.73 4.22 22.09
CA LEU U 30 111.74 5.12 22.62
C LEU U 30 111.12 6.18 23.53
N TYR U 31 109.94 6.69 23.17
CA TYR U 31 109.32 7.76 23.92
C TYR U 31 108.44 7.27 25.07
N ARG U 32 108.08 5.98 25.12
CA ARG U 32 107.48 5.46 26.33
C ARG U 32 108.48 5.43 27.48
N PHE U 33 109.75 5.11 27.19
CA PHE U 33 110.77 5.14 28.24
C PHE U 33 111.01 6.56 28.71
N LEU U 34 111.04 7.52 27.77
CA LEU U 34 111.31 8.91 28.13
C LEU U 34 110.17 9.54 28.92
N ALA U 35 108.93 9.08 28.73
CA ALA U 35 107.80 9.68 29.44
C ALA U 35 107.80 9.28 30.92
N ARG U 36 108.04 8.00 31.20
CA ARG U 36 107.96 7.46 32.54
C ARG U 36 109.28 7.52 33.31
N ARG U 37 110.37 7.93 32.66
CA ARG U 37 111.65 8.05 33.34
C ARG U 37 112.13 9.50 33.49
N THR U 38 111.74 10.40 32.60
CA THR U 38 112.04 11.80 32.75
C THR U 38 110.84 12.53 33.37
N ASN U 39 111.09 13.73 33.89
CA ASN U 39 110.07 14.52 34.56
C ASN U 39 109.43 15.55 33.65
N SER U 40 109.83 15.62 32.38
CA SER U 40 109.29 16.62 31.47
C SER U 40 107.94 16.18 30.92
N THR U 41 107.04 17.15 30.78
CA THR U 41 105.75 16.93 30.16
C THR U 41 105.85 16.87 28.63
N PHE U 42 106.96 17.39 28.08
CA PHE U 42 107.20 17.33 26.64
C PHE U 42 107.22 15.90 26.14
N ASN U 43 107.78 14.98 26.94
CA ASN U 43 107.83 13.57 26.55
C ASN U 43 106.55 12.81 26.88
N GLN U 44 105.61 13.45 27.57
CA GLN U 44 104.38 12.76 27.98
C GLN U 44 103.38 12.63 26.83
N VAL U 46 103.88 15.49 25.66
CA VAL U 46 102.97 15.80 24.58
C VAL U 46 103.32 14.95 23.36
N VAL U 47 104.62 14.70 23.18
CA VAL U 47 105.11 13.99 22.00
C VAL U 47 104.59 12.57 21.96
N LEU U 48 104.66 11.87 23.10
CA LEU U 48 104.20 10.47 23.14
C LEU U 48 102.69 10.38 22.94
N LYS U 49 101.94 11.33 23.48
CA LYS U 49 100.50 11.37 23.25
C LYS U 49 100.19 11.60 21.77
N ARG U 50 100.93 12.51 21.13
CA ARG U 50 100.68 12.83 19.73
C ARG U 50 101.20 11.78 18.77
N LEU U 51 102.16 10.95 19.19
CA LEU U 51 102.62 9.87 18.33
C LEU U 51 101.55 8.78 18.14
N PHE U 52 100.66 8.61 19.12
CA PHE U 52 99.56 7.68 18.98
C PHE U 52 98.47 8.18 18.04
N MET U 53 98.41 9.49 17.81
CA MET U 53 97.25 10.13 17.22
C MET U 53 97.09 9.74 15.75
N SER U 54 95.86 9.91 15.26
CA SER U 54 95.50 9.57 13.89
C SER U 54 96.05 10.60 12.91
N ARG U 55 95.93 10.28 11.63
CA ARG U 55 96.45 11.15 10.58
C ARG U 55 95.77 12.52 10.58
N THR U 56 94.45 12.55 10.81
CA THR U 56 93.74 13.81 10.88
C THR U 56 94.00 14.59 12.15
N ASN U 57 94.70 13.99 13.13
CA ASN U 57 94.98 14.64 14.40
C ASN U 57 96.42 15.13 14.53
N ARG U 58 97.30 14.77 13.61
CA ARG U 58 98.70 15.21 13.68
C ARG U 58 99.24 15.53 12.29
N PRO U 60 96.81 17.22 11.22
CA PRO U 60 96.98 18.12 10.08
C PRO U 60 98.44 18.43 9.79
N PRO U 61 98.80 18.48 8.50
CA PRO U 61 100.17 18.88 8.14
C PRO U 61 100.41 20.35 8.47
N LEU U 62 101.67 20.64 8.79
CA LEU U 62 102.11 21.99 9.12
C LEU U 62 102.84 22.58 7.92
N SER U 63 102.31 23.67 7.37
CA SER U 63 102.94 24.31 6.23
C SER U 63 104.23 25.00 6.66
N LEU U 64 105.12 25.19 5.68
CA LEU U 64 106.41 25.81 5.98
C LEU U 64 106.25 27.29 6.33
N SER U 65 105.31 28.00 5.68
CA SER U 65 105.13 29.42 5.95
C SER U 65 104.61 29.68 7.36
N ARG U 66 103.78 28.77 7.88
CA ARG U 66 103.35 28.88 9.27
C ARG U 66 104.53 28.73 10.22
N MET U 67 105.44 27.81 9.91
CA MET U 67 106.61 27.58 10.75
C MET U 67 107.59 28.75 10.68
N ILE U 68 107.67 29.42 9.52
CA ILE U 68 108.41 30.69 9.46
C ILE U 68 107.71 31.75 10.31
N ARG U 69 106.38 31.79 10.26
CA ARG U 69 105.63 32.80 10.99
C ARG U 69 105.78 32.62 12.49
N LYS U 70 105.75 31.38 12.97
CA LYS U 70 105.90 31.11 14.39
C LYS U 70 107.35 31.23 14.86
N MET U 71 108.32 31.27 13.94
CA MET U 71 109.70 31.59 14.28
C MET U 71 110.05 33.03 13.97
N LYS U 72 109.12 33.81 13.41
CA LYS U 72 109.23 35.25 13.50
C LYS U 72 108.80 35.75 14.87
N LEU U 73 108.04 34.92 15.60
CA LEU U 73 107.71 35.15 17.01
C LEU U 73 108.11 33.92 17.82
N PRO U 74 109.40 33.58 17.83
CA PRO U 74 109.83 32.31 18.43
C PRO U 74 110.01 32.41 19.92
N GLY U 75 110.56 31.36 20.53
CA GLY U 75 111.02 31.44 21.90
C GLY U 75 112.33 32.21 22.03
N ARG U 76 112.35 33.42 21.46
CA ARG U 76 113.51 34.31 21.44
C ARG U 76 114.72 33.65 20.79
N GLU U 77 114.54 33.37 19.50
CA GLU U 77 115.56 32.84 18.59
C GLU U 77 116.04 31.44 19.01
N SER U 78 115.59 30.44 18.27
N ASN U 79 119.35 30.03 19.80
CA ASN U 79 119.14 28.84 18.98
C ASN U 79 118.08 27.94 19.62
N LYS U 80 116.98 27.73 18.91
CA LYS U 80 115.87 26.93 19.42
C LYS U 80 115.27 26.15 18.27
N THR U 81 115.04 24.85 18.48
CA THR U 81 114.59 23.95 17.43
C THR U 81 113.07 23.90 17.37
N ALA U 82 112.56 23.42 16.24
CA ALA U 82 111.13 23.26 16.01
C ALA U 82 110.79 21.77 16.03
N VAL U 83 109.76 21.41 16.79
CA VAL U 83 109.29 20.05 16.91
C VAL U 83 107.85 19.99 16.40
N VAL U 84 107.64 19.26 15.30
CA VAL U 84 106.32 19.06 14.72
C VAL U 84 106.07 17.56 14.62
N VAL U 85 104.96 17.10 15.20
CA VAL U 85 104.63 15.69 15.15
C VAL U 85 104.16 15.27 13.76
N GLY U 86 103.45 16.14 13.04
CA GLY U 86 102.95 15.82 11.72
C GLY U 86 104.02 15.88 10.65
N THR U 87 103.63 16.33 9.47
CA THR U 87 104.51 16.35 8.31
C THR U 87 104.88 17.79 7.96
N VAL U 88 106.18 18.03 7.77
CA VAL U 88 106.68 19.34 7.39
C VAL U 88 107.26 19.29 5.99
N THR U 90 104.28 20.80 5.54
CA THR U 90 104.61 20.73 4.13
C THR U 90 105.25 22.02 3.63
N ASP U 91 105.72 22.01 2.38
CA ASP U 91 106.32 23.20 1.79
C ASP U 91 105.24 24.20 1.39
N ASP U 92 105.56 25.48 1.56
CA ASP U 92 104.71 26.58 1.12
C ASP U 92 105.36 27.28 -0.06
N VAL U 93 104.56 27.56 -1.10
CA VAL U 93 105.08 28.16 -2.33
C VAL U 93 104.91 29.68 -2.37
N ARG U 94 104.13 30.26 -1.46
CA ARG U 94 103.93 31.70 -1.39
C ARG U 94 104.81 32.36 -0.34
N VAL U 95 105.93 31.73 0.01
CA VAL U 95 106.95 32.31 0.87
C VAL U 95 108.21 32.48 0.06
N GLN U 96 108.85 33.65 0.18
CA GLN U 96 110.01 34.00 -0.63
C GLN U 96 111.32 33.66 0.07
N GLU U 97 111.55 34.21 1.26
CA GLU U 97 112.79 34.03 1.99
C GLU U 97 112.58 33.07 3.16
N VAL U 98 113.53 32.17 3.35
CA VAL U 98 113.51 31.20 4.44
C VAL U 98 114.81 31.33 5.22
N PRO U 99 114.78 31.42 6.54
CA PRO U 99 116.01 31.43 7.33
C PRO U 99 116.49 30.00 7.60
N LYS U 100 117.68 29.92 8.20
CA LYS U 100 118.18 28.64 8.69
C LYS U 100 117.39 28.21 9.92
N LEU U 101 117.01 26.94 9.96
CA LEU U 101 116.11 26.43 10.98
C LEU U 101 116.58 25.06 11.48
N LYS U 102 116.10 24.71 12.67
CA LYS U 102 116.32 23.39 13.25
C LYS U 102 114.94 22.75 13.39
N VAL U 103 114.64 21.80 12.51
CA VAL U 103 113.30 21.24 12.37
C VAL U 103 113.33 19.76 12.72
N CYS U 104 112.44 19.35 13.60
CA CYS U 104 112.22 17.94 13.90
C CYS U 104 110.81 17.56 13.46
N ALA U 105 110.70 16.53 12.63
CA ALA U 105 109.41 16.11 12.11
C ALA U 105 109.45 14.62 11.77
N LEU U 106 108.26 14.00 11.82
CA LEU U 106 108.14 12.62 11.38
C LEU U 106 108.40 12.47 9.88
N ARG U 107 107.92 13.43 9.09
CA ARG U 107 108.10 13.39 7.65
C ARG U 107 108.25 14.82 7.14
N VAL U 108 109.11 14.99 6.14
CA VAL U 108 109.30 16.27 5.46
C VAL U 108 109.14 16.04 3.96
N THR U 109 108.36 16.89 3.31
CA THR U 109 108.20 16.80 1.86
C THR U 109 109.52 17.12 1.16
N SER U 110 109.72 16.50 0.00
CA SER U 110 111.02 16.52 -0.66
C SER U 110 111.44 17.92 -1.07
N ARG U 111 110.48 18.76 -1.48
CA ARG U 111 110.82 20.15 -1.80
C ARG U 111 111.22 20.93 -0.55
N ALA U 112 110.57 20.63 0.58
CA ALA U 112 110.89 21.32 1.82
C ALA U 112 112.26 20.97 2.36
N ARG U 113 112.74 19.75 2.14
CA ARG U 113 114.10 19.40 2.55
C ARG U 113 115.12 20.19 1.75
N SER U 114 114.89 20.36 0.45
CA SER U 114 115.81 21.14 -0.37
C SER U 114 115.76 22.62 -0.01
N ARG U 115 114.57 23.13 0.34
CA ARG U 115 114.43 24.55 0.65
C ARG U 115 115.05 24.90 2.00
N ILE U 116 114.89 24.02 3.00
CA ILE U 116 115.43 24.30 4.32
C ILE U 116 116.96 24.22 4.30
N LEU U 117 117.50 23.18 3.66
CA LEU U 117 118.95 22.99 3.61
C LEU U 117 119.63 23.99 2.69
N LYS U 118 118.90 24.61 1.77
CA LYS U 118 119.49 25.64 0.93
C LYS U 118 119.79 26.91 1.73
N ALA U 119 119.04 27.15 2.80
CA ALA U 119 119.24 28.31 3.65
C ALA U 119 120.17 28.02 4.82
N GLY U 120 120.81 26.85 4.83
CA GLY U 120 121.67 26.49 5.93
C GLY U 120 120.97 25.90 7.13
N GLY U 121 119.77 25.37 6.95
CA GLY U 121 119.01 24.78 8.04
C GLY U 121 119.45 23.36 8.35
N LYS U 122 118.75 22.77 9.30
CA LYS U 122 119.05 21.41 9.73
C LYS U 122 117.75 20.68 10.05
N ILE U 123 117.63 19.44 9.59
CA ILE U 123 116.44 18.62 9.79
C ILE U 123 116.83 17.41 10.61
N LEU U 124 116.12 17.20 11.71
CA LEU U 124 116.36 16.09 12.60
C LEU U 124 115.14 15.17 12.67
N THR U 125 115.40 13.89 12.93
CA THR U 125 114.33 12.94 13.19
C THR U 125 114.09 12.86 14.70
N PHE U 126 113.05 12.11 15.08
CA PHE U 126 112.67 12.07 16.50
C PHE U 126 113.65 11.27 17.35
N ASP U 127 114.37 10.30 16.75
CA ASP U 127 115.42 9.63 17.51
C ASP U 127 116.64 10.51 17.68
N GLN U 128 116.88 11.43 16.74
CA GLN U 128 117.96 12.39 16.89
C GLN U 128 117.61 13.47 17.91
N LEU U 129 116.32 13.81 18.04
CA LEU U 129 115.90 14.80 19.00
C LEU U 129 116.14 14.34 20.43
N ALA U 130 115.90 13.05 20.70
CA ALA U 130 116.16 12.50 22.03
C ALA U 130 117.65 12.53 22.36
N LEU U 131 118.50 12.25 21.37
CA LEU U 131 119.94 12.34 21.59
C LEU U 131 120.40 13.77 21.76
N ASP U 132 119.71 14.72 21.12
CA ASP U 132 120.07 16.13 21.26
C ASP U 132 119.52 16.69 22.57
N SER U 133 118.21 16.67 22.74
CA SER U 133 117.55 17.16 23.96
C SER U 133 116.64 16.06 24.49
N PRO U 134 117.11 15.25 25.45
CA PRO U 134 116.26 14.19 26.01
C PRO U 134 115.01 14.71 26.70
N LYS U 135 115.08 15.88 27.33
CA LYS U 135 113.96 16.44 28.08
C LYS U 135 113.16 17.46 27.28
N GLY U 136 113.48 17.65 25.99
CA GLY U 136 112.84 18.70 25.22
C GLY U 136 113.29 20.09 25.60
N ARG U 137 114.51 20.21 26.13
CA ARG U 137 115.02 21.50 26.55
C ARG U 137 115.33 22.37 25.34
N GLY U 138 114.86 23.62 25.37
CA GLY U 138 115.06 24.54 24.26
C GLY U 138 114.34 24.11 23.00
N THR U 139 113.09 23.70 23.13
CA THR U 139 112.29 23.23 22.01
C THR U 139 110.99 24.00 21.92
N VAL U 140 110.50 24.17 20.69
CA VAL U 140 109.18 24.72 20.42
C VAL U 140 108.36 23.65 19.73
N LEU U 141 107.23 23.29 20.34
CA LEU U 141 106.34 22.28 19.77
C LEU U 141 105.22 22.97 19.03
N LEU U 142 105.04 22.64 17.76
CA LEU U 142 104.07 23.27 16.89
C LEU U 142 103.09 22.23 16.34
N SER U 143 102.03 22.72 15.71
CA SER U 143 101.04 21.86 15.10
C SER U 143 100.34 22.61 13.98
N GLY U 144 99.78 21.85 13.04
CA GLY U 144 99.05 22.43 11.94
C GLY U 144 97.65 22.82 12.34
N PRO U 145 96.93 23.46 11.40
CA PRO U 145 95.55 23.84 11.68
C PRO U 145 94.62 22.64 11.77
N ARG U 146 94.18 22.32 12.99
CA ARG U 146 93.36 21.14 13.20
C ARG U 146 92.00 21.28 12.53
N LYS U 147 91.42 22.49 12.54
CA LYS U 147 90.17 22.76 11.86
C LYS U 147 90.35 23.21 10.42
N GLY U 148 91.55 23.01 9.86
CA GLY U 148 91.82 23.42 8.50
C GLY U 148 91.23 22.53 7.42
N ARG U 149 90.69 21.38 7.79
CA ARG U 149 90.08 20.49 6.81
C ARG U 149 88.76 21.07 6.31
N GLU U 150 88.40 20.69 5.08
CA GLU U 150 87.12 21.07 4.51
C GLU U 150 85.96 20.37 5.19
N VAL U 151 86.22 19.27 5.89
CA VAL U 151 85.18 18.51 6.59
C VAL U 151 84.51 19.35 7.67
N TYR U 152 85.28 20.19 8.36
CA TYR U 152 84.73 20.97 9.47
C TYR U 152 83.77 22.06 9.01
N ARG U 153 83.81 22.44 7.73
CA ARG U 153 82.85 23.41 7.22
C ARG U 153 81.45 22.82 7.14
N HIS U 154 81.35 21.50 6.99
CA HIS U 154 80.06 20.82 7.02
C HIS U 154 79.56 20.53 8.43
N PHE U 155 80.43 20.66 9.43
CA PHE U 155 80.08 20.31 10.80
C PHE U 155 79.39 21.50 11.48
N GLY U 156 79.14 21.37 12.77
CA GLY U 156 78.54 22.45 13.53
C GLY U 156 77.03 22.48 13.41
N LYS U 157 76.50 23.70 13.49
CA LYS U 157 75.06 23.91 13.44
C LYS U 157 74.53 23.66 12.03
N ALA U 158 73.39 22.99 11.95
CA ALA U 158 72.86 22.52 10.66
C ALA U 158 72.41 23.70 9.80
N PRO U 159 72.52 23.58 8.48
CA PRO U 159 72.01 24.64 7.60
C PRO U 159 70.49 24.69 7.59
N GLY U 160 69.98 25.72 6.91
CA GLY U 160 68.55 25.97 6.95
C GLY U 160 68.07 26.44 8.30
N THR U 161 68.95 27.07 9.08
CA THR U 161 68.71 27.50 10.43
C THR U 161 69.26 28.92 10.57
N PRO U 162 68.55 29.80 11.28
CA PRO U 162 69.01 31.19 11.41
C PRO U 162 70.40 31.29 12.04
N HIS U 163 71.28 32.04 11.36
CA HIS U 163 72.66 32.29 11.80
C HIS U 163 73.42 30.98 12.04
N SER U 164 73.32 30.08 11.06
CA SER U 164 73.96 28.76 11.15
C SER U 164 74.77 28.47 9.90
N HIS U 165 75.64 29.39 9.51
CA HIS U 165 76.40 29.27 8.27
C HIS U 165 77.26 28.01 8.25
N THR U 166 76.87 27.07 7.40
CA THR U 166 77.51 25.75 7.32
C THR U 166 77.32 25.23 5.91
N LYS U 167 78.39 24.72 5.31
CA LYS U 167 78.33 24.28 3.91
C LYS U 167 77.44 23.06 3.79
N PRO U 168 76.39 23.11 2.96
CA PRO U 168 75.56 21.92 2.75
C PRO U 168 76.25 20.91 1.85
N TYR U 169 75.68 19.71 1.83
CA TYR U 169 76.22 18.58 1.07
C TYR U 169 75.54 18.55 -0.29
N VAL U 170 76.22 19.10 -1.30
CA VAL U 170 75.69 19.27 -2.64
C VAL U 170 76.64 18.61 -3.62
N ARG U 171 76.08 17.94 -4.65
CA ARG U 171 76.93 17.30 -5.65
C ARG U 171 77.63 18.31 -6.54
N SER U 172 76.96 19.42 -6.88
CA SER U 172 77.57 20.48 -7.68
C SER U 172 76.82 21.77 -7.41
N LYS U 173 77.56 22.86 -7.29
CA LYS U 173 76.98 24.16 -6.98
C LYS U 173 76.58 24.87 -8.27
N GLY U 174 75.41 25.50 -8.23
CA GLY U 174 74.90 26.19 -9.40
C GLY U 174 73.73 27.07 -9.05
N ARG U 175 73.09 27.60 -10.08
CA ARG U 175 71.93 28.47 -9.87
C ARG U 175 70.70 27.70 -9.43
N LYS U 176 70.61 26.42 -9.72
CA LYS U 176 69.46 25.59 -9.38
C LYS U 176 69.87 24.46 -8.43
N PHE U 177 70.78 24.75 -7.51
CA PHE U 177 71.28 23.76 -6.54
C PHE U 177 71.26 24.41 -5.17
N GLU U 178 70.11 24.29 -4.49
CA GLU U 178 69.87 24.85 -3.16
C GLU U 178 70.08 26.37 -3.13
N ARG U 179 69.40 27.05 -4.05
CA ARG U 179 69.25 28.49 -4.02
C ARG U 179 67.80 28.92 -3.97
N ALA U 180 66.87 27.97 -4.00
CA ALA U 180 65.43 28.16 -3.96
C ALA U 180 64.91 28.36 -2.53
N ARG U 181 63.64 28.00 -2.32
CA ARG U 181 62.78 28.34 -1.18
C ARG U 181 63.45 28.45 0.18
N GLY U 182 64.39 27.57 0.50
CA GLY U 182 65.05 27.63 1.79
C GLY U 182 66.04 28.77 1.92
N ARG U 183 66.36 29.42 0.80
CA ARG U 183 67.34 30.50 0.78
C ARG U 183 66.77 31.84 0.34
N ARG U 184 65.73 31.85 -0.48
CA ARG U 184 65.23 33.08 -1.07
C ARG U 184 64.18 33.73 -0.18
N ALA U 185 64.36 35.03 0.08
CA ALA U 185 63.32 35.77 0.78
C ALA U 185 62.10 35.99 -0.09
N SER U 186 62.28 35.98 -1.41
CA SER U 186 61.14 36.07 -2.33
C SER U 186 60.32 34.79 -2.34
N ARG U 187 60.95 33.66 -2.09
CA ARG U 187 60.31 32.35 -2.21
C ARG U 187 60.27 31.70 -0.83
N GLY U 188 59.14 31.84 -0.14
CA GLY U 188 58.90 31.17 1.13
C GLY U 188 59.49 31.87 2.34
N TYR U 189 60.80 31.74 2.54
CA TYR U 189 61.45 32.26 3.73
C TYR U 189 62.96 32.17 3.55
N LYS U 190 63.69 32.79 4.47
CA LYS U 190 65.14 32.71 4.49
C LYS U 190 65.62 32.80 5.94
N ASN U 191 66.83 32.30 6.17
CA ASN U 191 67.41 32.28 7.51
C ASN U 191 68.79 32.93 7.52
N SER V 1 44.71 -82.31 -14.59
CA SER V 1 45.21 -81.42 -15.64
C SER V 1 44.35 -80.16 -15.74
N MET V 2 44.23 -79.63 -16.96
CA MET V 2 43.45 -78.42 -17.20
C MET V 2 42.87 -78.53 -18.60
N LEU V 3 41.53 -78.38 -18.70
CA LEU V 3 40.82 -78.72 -19.93
C LEU V 3 39.87 -77.62 -20.38
N ARG V 4 40.31 -76.35 -20.40
CA ARG V 4 39.47 -75.32 -20.96
C ARG V 4 39.60 -75.23 -22.48
N LEU V 5 40.72 -75.70 -23.04
CA LEU V 5 40.89 -75.69 -24.49
C LEU V 5 40.02 -76.75 -25.16
N GLN V 6 39.96 -77.95 -24.56
CA GLN V 6 39.16 -79.03 -25.16
C GLN V 6 37.67 -78.72 -25.09
N LYS V 7 37.21 -78.13 -23.97
CA LYS V 7 35.81 -77.77 -23.84
C LYS V 7 35.43 -76.66 -24.81
N ARG V 8 36.33 -75.69 -25.04
CA ARG V 8 36.07 -74.65 -26.03
C ARG V 8 36.02 -75.24 -27.43
N LEU V 9 36.93 -76.17 -27.74
CA LEU V 9 36.93 -76.81 -29.05
C LEU V 9 35.70 -77.69 -29.24
N ALA V 10 35.30 -78.41 -28.18
CA ALA V 10 34.09 -79.23 -28.26
C ALA V 10 32.83 -78.37 -28.36
N SER V 11 32.89 -77.10 -27.98
CA SER V 11 31.74 -76.22 -28.17
C SER V 11 31.57 -75.82 -29.63
N SER V 12 32.67 -75.55 -30.34
CA SER V 12 32.56 -75.08 -31.71
C SER V 12 32.18 -76.20 -32.68
N VAL V 13 32.75 -77.39 -32.50
CA VAL V 13 32.52 -78.48 -33.43
C VAL V 13 31.06 -78.94 -33.35
N LEU V 14 30.52 -79.04 -32.14
CA LEU V 14 29.16 -79.56 -31.96
C LEU V 14 28.10 -78.49 -32.10
N ARG V 15 28.49 -77.25 -32.38
CA ARG V 15 27.60 -76.12 -32.63
C ARG V 15 26.63 -75.89 -31.47
N CYS V 16 27.19 -75.90 -30.26
CA CYS V 16 26.41 -75.67 -29.06
C CYS V 16 27.34 -75.12 -27.98
N GLY V 17 26.74 -74.58 -26.92
CA GLY V 17 27.53 -74.03 -25.84
C GLY V 17 28.20 -75.11 -25.00
N LYS V 18 29.16 -74.67 -24.18
CA LYS V 18 29.87 -75.58 -23.29
C LYS V 18 29.02 -76.07 -22.13
N LYS V 19 27.82 -75.50 -21.96
CA LYS V 19 26.88 -76.02 -20.96
C LYS V 19 26.47 -77.45 -21.27
N LYS V 20 26.28 -77.76 -22.55
CA LYS V 20 25.87 -79.09 -22.99
C LYS V 20 27.05 -79.98 -23.36
N VAL V 21 28.27 -79.55 -23.11
CA VAL V 21 29.47 -80.32 -23.43
C VAL V 21 29.88 -81.13 -22.22
N TRP V 22 29.98 -82.45 -22.39
CA TRP V 22 30.35 -83.36 -21.32
C TRP V 22 31.67 -84.04 -21.67
N LEU V 23 32.66 -83.91 -20.78
CA LEU V 23 33.93 -84.60 -20.92
C LEU V 23 33.97 -85.77 -19.95
N ASP V 24 34.61 -86.86 -20.37
CA ASP V 24 34.69 -88.04 -19.51
C ASP V 24 35.68 -87.78 -18.38
N PRO V 25 35.27 -87.90 -17.11
CA PRO V 25 36.19 -87.66 -16.00
C PRO V 25 37.19 -88.79 -15.77
N ASN V 26 37.02 -89.94 -16.41
CA ASN V 26 37.94 -91.07 -16.24
C ASN V 26 39.01 -91.13 -17.31
N GLU V 27 38.76 -90.55 -18.49
CA GLU V 27 39.72 -90.50 -19.59
C GLU V 27 40.34 -89.11 -19.73
N THR V 28 40.62 -88.45 -18.60
CA THR V 28 41.12 -87.08 -18.62
C THR V 28 42.47 -86.99 -19.32
N ASN V 29 43.35 -87.97 -19.09
CA ASN V 29 44.66 -87.96 -19.72
C ASN V 29 44.58 -88.14 -21.23
N GLU V 30 43.59 -88.88 -21.74
CA GLU V 30 43.44 -89.04 -23.17
C GLU V 30 42.88 -87.77 -23.82
N ILE V 31 41.96 -87.09 -23.14
CA ILE V 31 41.39 -85.86 -23.68
C ILE V 31 42.42 -84.73 -23.67
N ALA V 32 43.33 -84.73 -22.69
CA ALA V 32 44.19 -83.58 -22.45
C ALA V 32 45.18 -83.34 -23.58
N ASN V 33 45.50 -84.36 -24.37
CA ASN V 33 46.50 -84.24 -25.43
C ASN V 33 45.86 -84.19 -26.81
N ALA V 34 44.68 -83.57 -26.91
CA ALA V 34 44.05 -83.42 -28.22
C ALA V 34 44.61 -82.23 -28.98
N ASN V 35 44.44 -81.02 -28.41
CA ASN V 35 45.02 -79.76 -28.87
C ASN V 35 44.59 -79.36 -30.28
N SER V 36 43.69 -80.09 -30.93
CA SER V 36 43.27 -79.77 -32.28
C SER V 36 41.84 -80.27 -32.50
N ARG V 37 41.16 -79.62 -33.45
CA ARG V 37 39.79 -79.99 -33.76
C ARG V 37 39.70 -81.34 -34.48
N GLN V 38 40.76 -81.75 -35.17
CA GLN V 38 40.73 -83.04 -35.86
C GLN V 38 40.72 -84.20 -34.86
N GLN V 39 41.54 -84.12 -33.82
CA GLN V 39 41.52 -85.16 -32.79
C GLN V 39 40.33 -85.01 -31.85
N ILE V 40 39.73 -83.82 -31.78
CA ILE V 40 38.49 -83.65 -31.05
C ILE V 40 37.37 -84.44 -31.73
N ARG V 41 37.33 -84.42 -33.06
CA ARG V 41 36.32 -85.17 -33.80
C ARG V 41 36.47 -86.67 -33.59
N LYS V 42 37.70 -87.16 -33.42
CA LYS V 42 37.92 -88.57 -33.14
C LYS V 42 37.35 -88.96 -31.78
N LEU V 43 37.50 -88.09 -30.79
CA LEU V 43 36.94 -88.35 -29.47
C LEU V 43 35.41 -88.35 -29.47
N ILE V 44 34.79 -87.65 -30.42
CA ILE V 44 33.34 -87.74 -30.58
C ILE V 44 32.93 -89.14 -30.99
N LYS V 45 33.65 -89.73 -31.95
CA LYS V 45 33.33 -91.07 -32.41
C LYS V 45 33.65 -92.12 -31.35
N ASP V 46 34.71 -91.89 -30.56
CA ASP V 46 35.09 -92.83 -29.51
C ASP V 46 34.16 -92.76 -28.29
N GLY V 47 33.30 -91.75 -28.21
CA GLY V 47 32.36 -91.66 -27.11
C GLY V 47 32.92 -91.06 -25.83
N LEU V 48 34.13 -90.53 -25.86
CA LEU V 48 34.71 -89.93 -24.66
C LEU V 48 34.06 -88.60 -24.33
N ILE V 49 33.73 -87.80 -25.32
CA ILE V 49 33.05 -86.52 -25.12
C ILE V 49 31.72 -86.56 -25.86
N ILE V 50 30.63 -86.28 -25.14
CA ILE V 50 29.28 -86.50 -25.61
C ILE V 50 28.46 -85.24 -25.38
N ARG V 51 27.65 -84.86 -26.37
CA ARG V 51 26.72 -83.75 -26.20
C ARG V 51 25.64 -84.13 -25.18
N LYS V 52 25.43 -83.25 -24.21
CA LYS V 52 24.38 -83.49 -23.22
C LYS V 52 23.01 -83.21 -23.82
N PRO V 53 21.99 -83.95 -23.41
CA PRO V 53 20.63 -83.72 -23.94
C PRO V 53 20.06 -82.39 -23.47
N VAL V 54 19.11 -81.90 -24.25
CA VAL V 54 18.47 -80.61 -23.98
C VAL V 54 17.54 -80.75 -22.79
N THR V 55 17.61 -79.79 -21.87
CA THR V 55 16.75 -79.78 -20.69
C THR V 55 15.29 -79.63 -21.11
N VAL V 56 14.41 -80.39 -20.45
CA VAL V 56 13.01 -80.45 -20.84
C VAL V 56 12.29 -79.17 -20.40
N HIS V 57 11.34 -78.74 -21.23
CA HIS V 57 10.49 -77.58 -20.95
C HIS V 57 9.04 -77.95 -21.28
N SER V 58 8.63 -79.09 -20.72
CA SER V 58 7.40 -79.81 -21.09
C SER V 58 6.17 -78.91 -21.14
N ARG V 59 5.43 -79.01 -22.24
CA ARG V 59 4.24 -78.22 -22.51
C ARG V 59 2.97 -78.88 -21.98
N ALA V 60 3.07 -80.09 -21.43
CA ALA V 60 1.89 -80.87 -21.09
C ALA V 60 1.01 -80.17 -20.06
N ARG V 61 1.63 -79.50 -19.08
CA ARG V 61 0.86 -78.73 -18.12
C ARG V 61 0.17 -77.53 -18.79
N CYS V 62 0.85 -76.90 -19.74
CA CYS V 62 0.25 -75.79 -20.48
C CYS V 62 -0.88 -76.27 -21.39
N ARG V 63 -0.73 -77.46 -22.00
CA ARG V 63 -1.78 -78.01 -22.83
C ARG V 63 -3.02 -78.36 -22.01
N LYS V 64 -2.83 -78.84 -20.78
CA LYS V 64 -3.97 -79.12 -19.91
C LYS V 64 -4.73 -77.86 -19.55
N ASN V 65 -4.02 -76.75 -19.30
CA ASN V 65 -4.68 -75.50 -18.96
C ASN V 65 -5.49 -74.96 -20.13
N THR V 66 -4.95 -75.05 -21.35
CA THR V 66 -5.63 -74.52 -22.53
C THR V 66 -6.91 -75.28 -22.86
N LEU V 67 -6.98 -76.56 -22.50
CA LEU V 67 -8.22 -77.32 -22.71
C LEU V 67 -9.32 -76.80 -21.79
N ALA V 68 -8.97 -76.40 -20.57
CA ALA V 68 -9.95 -75.84 -19.66
C ALA V 68 -10.34 -74.41 -20.02
N ARG V 69 -9.53 -73.71 -20.81
CA ARG V 69 -9.87 -72.36 -21.24
C ARG V 69 -11.05 -72.36 -22.21
N ARG V 70 -11.12 -73.38 -23.06
CA ARG V 70 -12.16 -73.47 -24.08
C ARG V 70 -13.53 -73.80 -23.51
N LYS V 71 -13.60 -74.31 -22.29
CA LYS V 71 -14.88 -74.62 -21.64
C LYS V 71 -15.39 -73.48 -20.77
N GLY V 72 -14.73 -72.33 -20.78
CA GLY V 72 -15.17 -71.17 -20.03
C GLY V 72 -14.56 -71.03 -18.64
N ARG V 73 -13.50 -71.77 -18.35
CA ARG V 73 -12.91 -71.77 -17.01
C ARG V 73 -11.70 -70.83 -16.97
N HIS V 74 -11.42 -70.34 -15.76
CA HIS V 74 -10.37 -69.34 -15.48
C HIS V 74 -10.59 -68.05 -16.28
N MET V 75 -11.82 -67.84 -16.76
CA MET V 75 -12.23 -66.64 -17.50
C MET V 75 -13.25 -65.83 -16.71
N GLY V 76 -13.26 -65.95 -15.38
CA GLY V 76 -14.16 -65.19 -14.55
C GLY V 76 -13.68 -63.76 -14.37
N ILE V 77 -14.37 -63.06 -13.47
CA ILE V 77 -14.05 -61.66 -13.22
C ILE V 77 -12.71 -61.53 -12.52
N GLY V 78 -12.42 -62.43 -11.58
CA GLY V 78 -11.21 -62.34 -10.79
C GLY V 78 -9.94 -62.68 -11.53
N LYS V 79 -10.04 -63.31 -12.69
CA LYS V 79 -8.88 -63.63 -13.52
C LYS V 79 -8.81 -62.74 -14.75
N ARG V 80 -9.17 -61.47 -14.58
CA ARG V 80 -9.08 -60.47 -15.65
C ARG V 80 -8.39 -59.24 -15.09
N LYS V 81 -7.24 -58.90 -15.65
CA LYS V 81 -6.48 -57.73 -15.23
C LYS V 81 -6.63 -56.54 -16.16
N GLY V 82 -6.89 -56.77 -17.44
CA GLY V 82 -7.11 -55.70 -18.39
C GLY V 82 -8.58 -55.41 -18.61
N THR V 83 -8.83 -54.26 -19.23
CA THR V 83 -10.20 -53.84 -19.52
C THR V 83 -10.80 -54.72 -20.62
N ALA V 84 -12.12 -54.57 -20.81
CA ALA V 84 -12.81 -55.31 -21.86
C ALA V 84 -12.30 -54.93 -23.23
N ASN V 85 -12.03 -53.64 -23.46
CA ASN V 85 -11.46 -53.22 -24.73
C ASN V 85 -9.99 -53.65 -24.87
N ALA V 86 -9.28 -53.77 -23.74
CA ALA V 86 -7.90 -54.23 -23.79
C ALA V 86 -7.80 -55.71 -24.13
N ARG V 87 -8.64 -56.55 -23.54
CA ARG V 87 -8.63 -57.97 -23.86
C ARG V 87 -9.24 -58.25 -25.24
N MET V 88 -10.35 -57.60 -25.54
CA MET V 88 -11.01 -57.75 -26.84
C MET V 88 -11.36 -56.36 -27.39
N PRO V 89 -10.57 -55.84 -28.32
CA PRO V 89 -10.84 -54.49 -28.85
C PRO V 89 -12.18 -54.41 -29.55
N GLU V 90 -12.88 -53.30 -29.30
CA GLU V 90 -14.17 -53.08 -29.93
C GLU V 90 -14.04 -52.76 -31.41
N LYS V 91 -12.88 -52.27 -31.85
CA LYS V 91 -12.65 -52.08 -33.27
C LYS V 91 -12.62 -53.42 -34.01
N VAL V 92 -11.94 -54.42 -33.43
CA VAL V 92 -11.87 -55.73 -34.06
C VAL V 92 -13.23 -56.40 -34.07
N THR V 93 -13.99 -56.27 -32.98
CA THR V 93 -15.35 -56.79 -32.95
C THR V 93 -16.22 -56.11 -34.00
N TRP V 94 -16.07 -54.79 -34.17
CA TRP V 94 -16.81 -54.09 -35.20
C TRP V 94 -16.38 -54.53 -36.60
N MET V 95 -15.06 -54.68 -36.82
CA MET V 95 -14.59 -55.10 -38.14
C MET V 95 -15.04 -56.52 -38.47
N ARG V 96 -15.02 -57.42 -37.48
CA ARG V 96 -15.45 -58.79 -37.71
C ARG V 96 -16.90 -58.85 -38.17
N ARG V 97 -17.76 -58.00 -37.61
CA ARG V 97 -19.15 -57.98 -38.02
C ARG V 97 -19.32 -57.36 -39.41
N MET V 98 -18.54 -56.34 -39.74
CA MET V 98 -18.66 -55.70 -41.05
C MET V 98 -18.16 -56.59 -42.18
N ARG V 99 -17.08 -57.36 -41.95
CA ARG V 99 -16.65 -58.32 -42.96
C ARG V 99 -17.71 -59.39 -43.18
N ILE V 100 -18.34 -59.86 -42.11
CA ILE V 100 -19.32 -60.93 -42.23
C ILE V 100 -20.62 -60.42 -42.86
N LEU V 101 -21.13 -59.29 -42.37
CA LEU V 101 -22.44 -58.81 -42.82
C LEU V 101 -22.40 -58.26 -44.24
N ARG V 102 -21.34 -57.54 -44.62
CA ARG V 102 -21.22 -57.06 -45.99
C ARG V 102 -21.02 -58.20 -46.98
N ARG V 103 -20.38 -59.28 -46.55
CA ARG V 103 -20.25 -60.45 -47.41
C ARG V 103 -21.59 -61.15 -47.62
N LEU V 104 -22.41 -61.23 -46.56
CA LEU V 104 -23.72 -61.89 -46.69
C LEU V 104 -24.63 -61.13 -47.64
N LEU V 105 -24.61 -59.80 -47.58
CA LEU V 105 -25.33 -59.00 -48.56
C LEU V 105 -24.74 -59.17 -49.95
N ARG V 106 -23.43 -59.43 -50.05
CA ARG V 106 -22.82 -59.70 -51.35
C ARG V 106 -23.19 -61.08 -51.87
N ARG V 107 -23.37 -62.06 -50.97
CA ARG V 107 -23.79 -63.39 -51.39
C ARG V 107 -25.20 -63.37 -51.95
N TYR V 108 -26.12 -62.66 -51.28
CA TYR V 108 -27.52 -62.67 -51.67
C TYR V 108 -27.78 -61.88 -52.94
N ARG V 109 -26.99 -60.82 -53.19
CA ARG V 109 -27.19 -60.02 -54.38
C ARG V 109 -26.81 -60.79 -55.64
N GLU V 110 -25.68 -61.50 -55.60
CA GLU V 110 -25.25 -62.28 -56.77
C GLU V 110 -26.09 -63.55 -56.95
N SER V 111 -26.74 -64.01 -55.89
CA SER V 111 -27.61 -65.18 -55.95
C SER V 111 -29.04 -64.83 -56.33
N LYS V 112 -29.30 -63.56 -56.65
CA LYS V 112 -30.62 -63.07 -57.07
C LYS V 112 -31.68 -63.23 -55.98
N LYS V 113 -31.24 -63.37 -54.72
CA LYS V 113 -32.18 -63.34 -53.62
C LYS V 113 -32.68 -61.92 -53.34
N ILE V 114 -31.78 -60.94 -53.44
CA ILE V 114 -32.13 -59.53 -53.29
C ILE V 114 -31.62 -58.79 -54.51
N ASP V 115 -32.30 -57.68 -54.83
CA ASP V 115 -31.94 -56.86 -55.96
C ASP V 115 -30.94 -55.78 -55.53
N ARG V 116 -30.56 -54.91 -56.46
CA ARG V 116 -29.60 -53.85 -56.14
C ARG V 116 -30.20 -52.83 -55.18
N HIS V 117 -31.49 -52.50 -55.36
CA HIS V 117 -32.11 -51.47 -54.54
C HIS V 117 -32.27 -51.91 -53.09
N MET V 118 -32.64 -53.18 -52.86
CA MET V 118 -32.73 -53.69 -51.51
C MET V 118 -31.36 -53.93 -50.89
N TYR V 119 -30.36 -54.26 -51.71
CA TYR V 119 -28.99 -54.41 -51.22
C TYR V 119 -28.43 -53.08 -50.73
N HIS V 120 -28.63 -52.01 -51.51
CA HIS V 120 -28.05 -50.72 -51.15
C HIS V 120 -28.69 -50.12 -49.91
N SER V 121 -30.01 -50.27 -49.76
CA SER V 121 -30.68 -49.77 -48.56
C SER V 121 -30.26 -50.53 -47.32
N LEU V 122 -30.09 -51.85 -47.43
CA LEU V 122 -29.63 -52.64 -46.30
C LEU V 122 -28.15 -52.46 -46.05
N TYR V 123 -27.39 -52.03 -47.07
CA TYR V 123 -25.96 -51.79 -46.89
C TYR V 123 -25.72 -50.64 -45.92
N LEU V 124 -26.54 -49.58 -46.01
CA LEU V 124 -26.41 -48.46 -45.09
C LEU V 124 -26.92 -48.79 -43.70
N LYS V 125 -27.90 -49.71 -43.60
CA LYS V 125 -28.38 -50.13 -42.29
C LYS V 125 -27.37 -51.02 -41.57
N VAL V 126 -26.60 -51.81 -42.32
CA VAL V 126 -25.50 -52.56 -41.71
C VAL V 126 -24.46 -51.60 -41.13
N LYS V 127 -24.13 -50.55 -41.89
CA LYS V 127 -23.19 -49.54 -41.40
C LYS V 127 -23.77 -48.76 -40.22
N GLY V 128 -25.08 -48.58 -40.19
CA GLY V 128 -25.71 -47.79 -39.14
C GLY V 128 -26.05 -48.57 -37.89
N ASN V 129 -25.52 -49.80 -37.79
CA ASN V 129 -25.65 -50.64 -36.60
C ASN V 129 -27.11 -50.96 -36.28
N VAL V 130 -27.77 -51.61 -37.24
CA VAL V 130 -29.13 -52.08 -37.07
C VAL V 130 -29.18 -53.58 -36.77
N PHE V 131 -28.41 -54.38 -37.52
CA PHE V 131 -28.33 -55.81 -37.31
C PHE V 131 -27.05 -56.14 -36.55
N LYS V 132 -27.20 -56.86 -35.43
CA LYS V 132 -26.10 -57.11 -34.53
C LYS V 132 -25.46 -58.49 -34.70
N ASN V 133 -26.02 -59.35 -35.56
CA ASN V 133 -25.40 -60.62 -35.90
C ASN V 133 -25.99 -61.11 -37.22
N LYS V 134 -25.46 -62.24 -37.70
CA LYS V 134 -25.89 -62.79 -38.98
C LYS V 134 -27.32 -63.30 -38.93
N ARG V 135 -27.76 -63.78 -37.76
CA ARG V 135 -29.08 -64.40 -37.67
C ARG V 135 -30.21 -63.41 -37.89
N ILE V 136 -30.14 -62.24 -37.24
CA ILE V 136 -31.22 -61.27 -37.36
C ILE V 136 -31.25 -60.62 -38.73
N LEU V 137 -30.12 -60.58 -39.44
CA LEU V 137 -30.10 -60.03 -40.78
C LEU V 137 -30.79 -60.96 -41.78
N MET V 138 -30.55 -62.26 -41.65
CA MET V 138 -31.23 -63.23 -42.51
C MET V 138 -32.72 -63.30 -42.22
N GLU V 139 -33.12 -63.09 -40.97
CA GLU V 139 -34.54 -63.07 -40.63
C GLU V 139 -35.22 -61.82 -41.17
N HIS V 140 -34.51 -60.69 -41.18
CA HIS V 140 -35.12 -59.44 -41.64
C HIS V 140 -35.34 -59.42 -43.15
N ILE V 141 -34.50 -60.12 -43.91
CA ILE V 141 -34.64 -60.15 -45.37
C ILE V 141 -35.92 -60.89 -45.77
N HIS V 142 -36.20 -62.02 -45.10
CA HIS V 142 -37.40 -62.79 -45.42
C HIS V 142 -38.68 -62.03 -45.10
N LYS V 143 -38.66 -61.18 -44.07
CA LYS V 143 -39.78 -60.28 -43.85
C LYS V 143 -39.93 -59.29 -45.00
N LEU V 144 -38.81 -58.74 -45.47
CA LEU V 144 -38.84 -57.89 -46.65
C LEU V 144 -39.13 -58.69 -47.91
N LYS V 145 -38.68 -59.95 -47.96
CA LYS V 145 -39.04 -60.82 -49.06
C LYS V 145 -40.54 -61.06 -49.09
N ALA V 146 -41.15 -61.26 -47.91
CA ALA V 146 -42.60 -61.40 -47.84
C ALA V 146 -43.31 -60.10 -48.18
N ASP V 147 -42.76 -58.96 -47.74
CA ASP V 147 -43.35 -57.68 -48.07
C ASP V 147 -43.29 -57.40 -49.57
N LYS V 148 -42.18 -57.76 -50.21
CA LYS V 148 -42.09 -57.62 -51.66
C LYS V 148 -43.03 -58.58 -52.38
N ALA V 149 -43.29 -59.75 -51.79
CA ALA V 149 -44.11 -60.76 -52.44
C ALA V 149 -45.57 -60.32 -52.52
N ARG V 150 -46.13 -59.85 -51.40
CA ARG V 150 -47.55 -59.49 -51.40
C ARG V 150 -47.82 -58.20 -52.16
N LYS V 151 -46.99 -57.17 -51.95
CA LYS V 151 -47.23 -55.89 -52.60
C LYS V 151 -46.99 -55.96 -54.10
N LYS V 152 -46.21 -56.93 -54.58
CA LYS V 152 -46.17 -57.23 -56.00
C LYS V 152 -47.41 -58.00 -56.44
N LEU V 153 -47.86 -58.96 -55.61
CA LEU V 153 -49.05 -59.74 -55.96
C LEU V 153 -50.29 -58.88 -56.02
N LEU V 154 -50.38 -57.88 -55.13
CA LEU V 154 -51.45 -56.89 -55.23
C LEU V 154 -51.25 -55.99 -56.45
N ALA V 155 -50.02 -55.89 -56.96
CA ALA V 155 -49.69 -55.03 -58.07
C ALA V 155 -49.82 -55.72 -59.43
N ASP V 156 -50.14 -57.02 -59.46
CA ASP V 156 -50.46 -57.69 -60.71
C ASP V 156 -51.93 -58.08 -60.83
N GLN V 157 -52.57 -58.52 -59.74
CA GLN V 157 -53.99 -58.88 -59.83
C GLN V 157 -54.85 -57.63 -60.02
N ALA V 158 -54.48 -56.53 -59.37
CA ALA V 158 -55.17 -55.27 -59.58
C ALA V 158 -54.83 -54.65 -60.92
N GLU V 159 -53.58 -54.80 -61.38
CA GLU V 159 -53.20 -54.28 -62.69
C GLU V 159 -53.85 -55.08 -63.81
N ALA V 160 -53.94 -56.41 -63.66
CA ALA V 160 -54.59 -57.23 -64.69
C ALA V 160 -56.08 -56.96 -64.77
N ARG V 161 -56.74 -56.80 -63.61
CA ARG V 161 -58.13 -56.37 -63.61
C ARG V 161 -58.29 -54.96 -64.15
N ARG V 162 -57.31 -54.08 -63.90
CA ARG V 162 -57.27 -52.81 -64.60
C ARG V 162 -56.99 -53.02 -66.08
N SER V 163 -56.08 -53.95 -66.40
CA SER V 163 -55.79 -54.26 -67.80
C SER V 163 -56.97 -54.92 -68.50
N LYS V 164 -57.67 -55.84 -67.82
CA LYS V 164 -58.77 -56.57 -68.44
C LYS V 164 -59.91 -55.64 -68.83
N THR V 165 -60.19 -54.64 -67.99
CA THR V 165 -61.24 -53.68 -68.30
C THR V 165 -60.87 -52.81 -69.49
N LYS V 166 -59.57 -52.67 -69.78
CA LYS V 166 -59.13 -51.72 -70.81
C LYS V 166 -59.58 -52.14 -72.20
N GLU V 167 -59.29 -53.37 -72.63
CA GLU V 167 -59.78 -53.79 -73.93
C GLU V 167 -61.26 -54.11 -73.90
N ALA V 168 -61.80 -54.44 -72.73
CA ALA V 168 -63.24 -54.63 -72.60
C ALA V 168 -63.99 -53.35 -72.92
N ARG V 169 -63.45 -52.20 -72.52
CA ARG V 169 -63.95 -50.92 -73.01
C ARG V 169 -63.71 -50.79 -74.50
N LYS V 170 -62.50 -51.15 -74.97
CA LYS V 170 -62.15 -51.04 -76.37
C LYS V 170 -62.90 -52.03 -77.26
N ARG V 171 -63.17 -53.23 -76.77
CA ARG V 171 -64.02 -54.16 -77.52
C ARG V 171 -65.43 -53.58 -77.68
N ARG V 172 -65.96 -52.99 -76.60
CA ARG V 172 -67.23 -52.28 -76.69
C ARG V 172 -67.10 -51.03 -77.56
N GLU V 173 -65.95 -50.36 -77.49
CA GLU V 173 -65.75 -49.15 -78.30
C GLU V 173 -65.73 -49.48 -79.79
N GLU V 174 -65.05 -50.55 -80.19
CA GLU V 174 -64.89 -50.84 -81.60
C GLU V 174 -66.16 -51.37 -82.25
N ARG V 175 -67.17 -51.76 -81.46
CA ARG V 175 -68.47 -52.06 -82.03
C ARG V 175 -69.14 -50.81 -82.59
N LEU V 176 -68.87 -49.66 -81.98
CA LEU V 176 -69.61 -48.43 -82.29
C LEU V 176 -69.27 -47.89 -83.67
N GLN V 177 -67.99 -47.80 -84.02
CA GLN V 177 -67.61 -47.26 -85.33
C GLN V 177 -67.74 -48.29 -86.45
N ALA V 178 -68.01 -49.55 -86.12
CA ALA V 178 -68.25 -50.57 -87.14
C ALA V 178 -69.72 -50.61 -87.56
N LYS V 179 -70.64 -50.54 -86.60
CA LYS V 179 -72.06 -50.54 -86.90
C LYS V 179 -72.55 -49.17 -87.38
N LYS V 180 -71.81 -48.11 -87.11
CA LYS V 180 -72.21 -46.76 -87.52
C LYS V 180 -71.20 -46.16 -88.49
N MET W 1 54.85 6.44 69.58
CA MET W 1 55.79 5.98 70.59
C MET W 1 55.56 4.50 70.87
N LYS W 2 56.63 3.71 70.81
CA LYS W 2 56.54 2.27 71.03
C LYS W 2 56.68 1.97 72.51
N ALA W 3 55.64 1.39 73.11
CA ALA W 3 55.66 1.05 74.53
C ALA W 3 56.40 -0.28 74.72
N SER W 4 57.71 -0.20 74.56
CA SER W 4 58.57 -1.38 74.56
C SER W 4 59.09 -1.66 75.96
N GLY W 5 58.92 -2.90 76.41
CA GLY W 5 59.39 -3.30 77.73
C GLY W 5 58.66 -2.55 78.84
N THR W 6 59.40 -2.25 79.90
CA THR W 6 58.89 -1.45 81.00
C THR W 6 59.18 0.02 80.75
N LEU W 7 58.27 0.88 81.20
CA LEU W 7 58.38 2.31 80.97
C LEU W 7 59.28 2.95 82.02
N ARG W 8 59.79 4.14 81.69
CA ARG W 8 60.60 4.93 82.60
C ARG W 8 60.07 6.35 82.66
N GLU W 9 60.08 6.92 83.86
CA GLU W 9 59.62 8.29 84.07
C GLU W 9 60.78 9.26 83.92
N TYR W 10 60.61 10.25 83.07
CA TYR W 10 61.64 11.24 82.80
C TYR W 10 61.12 12.63 83.13
N LYS W 11 61.94 13.41 83.83
CA LYS W 11 61.61 14.78 84.21
C LYS W 11 62.36 15.70 83.24
N VAL W 12 61.65 16.18 82.21
CA VAL W 12 62.23 16.98 81.15
C VAL W 12 61.72 18.40 81.29
N VAL W 13 62.64 19.37 81.38
CA VAL W 13 62.29 20.77 81.42
C VAL W 13 62.82 21.44 80.16
N GLY W 14 62.23 22.59 79.83
CA GLY W 14 62.61 23.29 78.61
C GLY W 14 62.13 24.72 78.64
N ARG W 15 62.61 25.48 77.66
CA ARG W 15 62.28 26.89 77.55
C ARG W 15 62.52 27.33 76.11
N CYS W 16 62.00 28.51 75.78
CA CYS W 16 62.29 29.13 74.49
C CYS W 16 63.72 29.69 74.49
N LEU W 17 64.27 29.83 73.28
CA LEU W 17 65.57 30.48 73.15
C LEU W 17 65.46 31.95 73.54
N PRO W 18 66.54 32.54 74.07
CA PRO W 18 66.51 33.98 74.36
C PRO W 18 66.32 34.80 73.09
N THR W 19 65.43 35.79 73.17
CA THR W 19 65.07 36.63 72.04
C THR W 19 65.40 38.09 72.34
N PRO W 20 65.53 38.94 71.32
CA PRO W 20 65.60 40.39 71.60
C PRO W 20 64.35 40.91 72.29
N LYS W 21 63.18 40.32 72.02
CA LYS W 21 61.95 40.77 72.65
C LYS W 21 61.89 40.35 74.12
N CYS W 22 62.22 39.10 74.42
CA CYS W 22 62.08 38.54 75.76
C CYS W 22 63.44 38.13 76.30
N ARG W 23 63.77 38.60 77.50
CA ARG W 23 65.06 38.31 78.10
C ARG W 23 65.19 36.83 78.46
N THR W 24 64.36 36.36 79.38
CA THR W 24 64.43 34.99 79.85
C THR W 24 63.03 34.39 79.78
N PRO W 25 62.80 33.40 78.92
CA PRO W 25 61.49 32.76 78.84
C PRO W 25 61.24 31.90 80.08
N PRO W 26 59.97 31.66 80.42
CA PRO W 26 59.68 30.79 81.57
C PRO W 26 60.03 29.34 81.29
N LEU W 27 60.20 28.59 82.37
CA LEU W 27 60.63 27.19 82.31
C LEU W 27 59.42 26.29 82.54
N TYR W 28 59.29 25.27 81.70
CA TYR W 28 58.17 24.35 81.76
C TYR W 28 58.68 22.94 82.06
N ARG W 29 58.13 22.34 83.11
CA ARG W 29 58.50 20.99 83.53
C ARG W 29 57.33 20.04 83.29
N MET W 30 57.63 18.81 82.88
CA MET W 30 56.60 17.80 82.69
C MET W 30 57.07 16.44 83.20
N ARG W 31 56.09 15.54 83.34
CA ARG W 31 56.30 14.15 83.71
C ARG W 31 56.07 13.30 82.46
N ILE W 32 57.14 12.69 81.95
CA ILE W 32 57.10 11.96 80.69
C ILE W 32 57.47 10.51 80.95
N PHE W 33 56.60 9.60 80.52
CA PHE W 33 56.84 8.16 80.63
C PHE W 33 57.23 7.63 79.25
N ALA W 34 58.45 7.08 79.16
CA ALA W 34 59.00 6.67 77.89
C ALA W 34 60.04 5.58 78.14
N PRO W 35 60.31 4.70 77.15
CA PRO W 35 61.35 3.69 77.32
C PRO W 35 62.74 4.27 77.53
N ASN W 36 63.11 5.24 76.71
CA ASN W 36 64.41 5.90 76.86
C ASN W 36 64.24 7.41 76.84
N HIS W 37 65.35 8.14 77.02
CA HIS W 37 65.28 9.60 77.05
C HIS W 37 65.24 10.23 75.66
N VAL W 38 65.67 9.50 74.63
CA VAL W 38 65.61 10.02 73.28
C VAL W 38 64.16 10.17 72.83
N VAL W 39 63.33 9.15 73.12
CA VAL W 39 61.91 9.25 72.80
C VAL W 39 61.15 10.06 73.84
N ALA W 40 61.75 10.31 75.01
CA ALA W 40 61.10 11.13 76.02
C ALA W 40 61.12 12.61 75.64
N LYS W 41 62.24 13.08 75.10
CA LYS W 41 62.31 14.46 74.66
C LYS W 41 61.45 14.70 73.42
N SER W 42 61.35 13.71 72.54
CA SER W 42 60.44 13.81 71.40
C SER W 42 58.98 13.85 71.86
N ARG W 43 58.64 13.04 72.86
CA ARG W 43 57.31 13.09 73.45
C ARG W 43 57.08 14.36 74.26
N PHE W 44 58.15 14.92 74.83
CA PHE W 44 58.03 16.19 75.56
C PHE W 44 57.62 17.32 74.62
N TRP W 45 58.23 17.39 73.44
CA TRP W 45 57.90 18.44 72.49
C TRP W 45 56.54 18.23 71.84
N TYR W 46 56.01 17.01 71.91
CA TYR W 46 54.68 16.74 71.36
C TYR W 46 53.59 17.42 72.17
N PHE W 47 53.63 17.27 73.50
CA PHE W 47 52.62 17.87 74.36
C PHE W 47 52.85 19.36 74.56
N VAL W 48 54.10 19.81 74.61
CA VAL W 48 54.40 21.23 74.78
C VAL W 48 53.90 22.02 73.56
N SER W 49 54.04 21.43 72.37
CA SER W 49 53.56 22.09 71.16
C SER W 49 52.04 22.24 71.14
N GLN W 50 51.31 21.47 71.93
CA GLN W 50 49.86 21.62 71.98
C GLN W 50 49.45 22.72 72.94
N LEU W 51 50.06 22.76 74.13
CA LEU W 51 49.65 23.71 75.16
C LEU W 51 50.11 25.12 74.84
N LYS W 52 51.32 25.28 74.34
CA LYS W 52 51.95 26.59 74.15
C LYS W 52 52.34 26.79 72.69
N LYS W 53 52.68 28.05 72.38
CA LYS W 53 53.25 28.39 71.07
C LYS W 53 54.74 28.07 71.09
N MET W 54 55.03 26.77 71.11
CA MET W 54 56.40 26.27 71.19
C MET W 54 56.65 25.21 70.14
N LYS W 55 57.84 25.24 69.56
CA LYS W 55 58.35 24.22 68.67
C LYS W 55 59.76 23.85 69.11
N LYS W 56 60.29 22.77 68.54
CA LYS W 56 61.64 22.34 68.92
C LYS W 56 62.70 23.27 68.35
N SER W 57 62.43 23.89 67.20
CA SER W 57 63.39 24.84 66.63
C SER W 57 63.51 26.09 67.48
N SER W 58 62.39 26.59 68.00
CA SER W 58 62.38 27.80 68.82
C SER W 58 62.61 27.51 70.29
N GLY W 59 62.70 26.24 70.68
CA GLY W 59 62.91 25.86 72.07
C GLY W 59 64.15 25.02 72.24
N GLU W 60 64.42 24.66 73.49
CA GLU W 60 65.59 23.86 73.82
C GLU W 60 65.30 23.08 75.09
N ILE W 61 66.09 22.03 75.31
CA ILE W 61 65.99 21.19 76.50
C ILE W 61 67.03 21.65 77.50
N VAL W 62 66.58 21.97 78.71
CA VAL W 62 67.45 22.52 79.74
C VAL W 62 67.98 21.40 80.63
N TYR W 63 67.10 20.45 80.98
CA TYR W 63 67.50 19.33 81.82
C TYR W 63 66.63 18.13 81.47
N CYS W 64 67.27 17.05 81.05
CA CYS W 64 66.60 15.78 80.77
C CYS W 64 67.18 14.73 81.72
N GLY W 65 66.38 14.31 82.70
CA GLY W 65 66.85 13.36 83.68
C GLY W 65 65.74 12.43 84.13
N GLN W 66 66.14 11.32 84.72
CA GLN W 66 65.20 10.31 85.19
C GLN W 66 65.09 10.34 86.70
N VAL W 67 63.86 10.37 87.21
CA VAL W 67 63.60 10.31 88.63
C VAL W 67 63.27 8.86 88.99
N PHE W 68 63.78 8.42 90.14
CA PHE W 68 63.64 7.05 90.59
C PHE W 68 62.49 6.93 91.59
N GLU W 69 62.07 5.69 91.83
CA GLU W 69 60.97 5.44 92.75
C GLU W 69 61.43 5.71 94.18
N LYS W 70 60.65 6.53 94.90
CA LYS W 70 61.00 6.85 96.28
C LYS W 70 60.74 5.70 97.23
N SER W 71 59.69 4.91 96.99
CA SER W 71 59.37 3.74 97.79
C SER W 71 59.07 2.56 96.87
N PRO W 72 60.10 1.96 96.25
CA PRO W 72 59.87 0.83 95.35
C PRO W 72 59.59 -0.48 96.06
N LEU W 73 59.77 -0.55 97.37
CA LEU W 73 59.47 -1.75 98.15
C LEU W 73 58.15 -1.62 98.91
N ARG W 74 57.40 -0.55 98.67
CA ARG W 74 56.09 -0.35 99.28
C ARG W 74 55.02 -0.60 98.23
N VAL W 75 54.09 -1.49 98.54
CA VAL W 75 52.97 -1.73 97.63
C VAL W 75 52.02 -0.54 97.70
N LYS W 76 51.64 -0.03 96.53
CA LYS W 76 50.90 1.22 96.44
C LYS W 76 49.76 1.09 95.43
N ASN W 77 48.79 2.01 95.57
CA ASN W 77 47.65 2.09 94.68
C ASN W 77 47.78 3.37 93.86
N PHE W 78 47.69 3.25 92.54
CA PHE W 78 47.89 4.36 91.63
C PHE W 78 46.60 4.68 90.88
N GLY W 79 46.27 5.97 90.80
CA GLY W 79 45.17 6.45 89.98
C GLY W 79 45.71 7.06 88.71
N ILE W 80 45.22 6.58 87.58
CA ILE W 80 45.75 6.94 86.27
C ILE W 80 44.60 7.44 85.39
N TRP W 81 44.79 8.61 84.79
CA TRP W 81 43.81 9.23 83.91
C TRP W 81 44.20 9.03 82.45
N LEU W 82 43.21 8.82 81.60
CA LEU W 82 43.40 8.44 80.21
C LEU W 82 42.86 9.51 79.28
N ARG W 83 43.48 9.59 78.10
CA ARG W 83 43.02 10.41 76.98
C ARG W 83 43.25 9.64 75.69
N TYR W 84 42.76 8.41 75.62
CA TYR W 84 43.05 7.56 74.48
C TYR W 84 42.26 8.02 73.25
N ASP W 85 42.49 7.34 72.14
CA ASP W 85 41.72 7.50 70.92
C ASP W 85 41.08 6.16 70.56
N SER W 86 39.80 6.20 70.16
CA SER W 86 39.11 5.05 69.61
C SER W 86 38.97 5.20 68.09
N ARG W 87 38.32 4.22 67.46
CA ARG W 87 38.03 4.32 66.04
C ARG W 87 36.99 5.41 65.76
N SER W 88 36.06 5.63 66.68
CA SER W 88 35.05 6.67 66.53
C SER W 88 34.98 7.48 67.82
N GLY W 89 35.58 8.67 67.81
CA GLY W 89 35.54 9.54 68.97
C GLY W 89 36.68 9.27 69.94
N THR W 90 36.93 10.26 70.80
CA THR W 90 37.96 10.19 71.81
C THR W 90 37.33 10.29 73.19
N HIS W 91 37.89 9.56 74.16
CA HIS W 91 37.29 9.41 75.47
C HIS W 91 38.36 9.54 76.56
N ASN W 92 37.89 9.89 77.76
CA ASN W 92 38.73 9.99 78.95
C ASN W 92 38.32 8.92 79.96
N MET W 93 39.29 8.40 80.71
CA MET W 93 39.04 7.37 81.70
C MET W 93 39.78 7.70 82.99
N TYR W 94 39.35 7.05 84.08
CA TYR W 94 40.13 6.97 85.30
C TYR W 94 40.29 5.50 85.63
N ARG W 95 41.55 5.04 85.72
CA ARG W 95 41.82 3.62 85.94
C ARG W 95 42.72 3.46 87.14
N GLU W 96 42.48 2.40 87.90
CA GLU W 96 43.20 2.13 89.14
C GLU W 96 44.13 0.94 88.97
N TYR W 97 45.32 1.04 89.53
CA TYR W 97 46.29 -0.04 89.48
C TYR W 97 46.99 -0.17 90.83
N ARG W 98 47.58 -1.34 91.05
CA ARG W 98 48.26 -1.66 92.31
C ARG W 98 49.65 -2.20 91.96
N ASP W 99 50.67 -1.37 92.15
CA ASP W 99 52.03 -1.70 91.74
C ASP W 99 53.01 -1.01 92.67
N LEU W 100 54.27 -1.46 92.61
CA LEU W 100 55.33 -0.89 93.42
C LEU W 100 55.83 0.45 92.90
N THR W 101 55.84 0.65 91.59
CA THR W 101 56.43 1.83 90.98
C THR W 101 55.40 2.57 90.14
N THR W 102 55.60 3.89 90.03
CA THR W 102 54.73 4.70 89.19
C THR W 102 54.92 4.36 87.72
N ALA W 103 56.15 4.12 87.28
CA ALA W 103 56.41 3.76 85.90
C ALA W 103 55.86 2.38 85.58
N GLY W 104 55.91 1.45 86.54
CA GLY W 104 55.31 0.14 86.32
C GLY W 104 53.81 0.18 86.17
N ALA W 105 53.15 1.06 86.92
CA ALA W 105 51.70 1.22 86.79
C ALA W 105 51.34 1.81 85.43
N VAL W 106 52.14 2.75 84.93
CA VAL W 106 51.93 3.26 83.58
C VAL W 106 52.21 2.17 82.55
N THR W 107 53.24 1.35 82.79
CA THR W 107 53.47 0.18 81.95
C THR W 107 52.30 -0.78 82.02
N GLN W 108 51.77 -1.03 83.21
CA GLN W 108 50.59 -1.87 83.36
C GLN W 108 49.37 -1.22 82.70
N CYS W 109 49.32 0.12 82.69
CA CYS W 109 48.21 0.81 82.04
C CYS W 109 48.26 0.65 80.53
N TYR W 110 49.45 0.73 79.94
CA TYR W 110 49.58 0.63 78.49
C TYR W 110 49.22 -0.76 78.00
N ARG W 111 49.66 -1.80 78.72
CA ARG W 111 49.35 -3.16 78.33
C ARG W 111 47.89 -3.52 78.59
N ASP W 112 47.27 -2.91 79.62
CA ASP W 112 45.86 -3.20 79.89
C ASP W 112 44.93 -2.55 78.87
N MET W 113 45.19 -1.30 78.53
CA MET W 113 44.35 -0.59 77.56
C MET W 113 44.41 -1.18 76.17
N GLY W 114 45.59 -1.63 75.73
CA GLY W 114 45.66 -2.34 74.47
C GLY W 114 44.93 -3.67 74.49
N ALA W 115 44.92 -4.33 75.65
CA ALA W 115 44.20 -5.60 75.79
C ALA W 115 42.69 -5.39 75.76
N ARG W 116 42.20 -4.35 76.44
CA ARG W 116 40.76 -4.14 76.53
C ARG W 116 40.21 -3.43 75.29
N HIS W 117 40.63 -2.19 75.05
CA HIS W 117 40.03 -1.35 74.03
C HIS W 117 40.81 -1.34 72.73
N ARG W 118 41.87 -2.14 72.62
CA ARG W 118 42.72 -2.22 71.42
C ARG W 118 43.31 -0.85 71.07
N ALA W 119 43.65 -0.06 72.07
CA ALA W 119 44.21 1.27 71.85
C ALA W 119 45.73 1.20 71.81
N ARG W 120 46.32 1.74 70.76
CA ARG W 120 47.77 1.74 70.60
C ARG W 120 48.38 2.83 71.47
N ALA W 121 49.70 2.73 71.66
CA ALA W 121 50.40 3.67 72.54
C ALA W 121 50.48 5.07 71.95
N HIS W 122 50.49 5.20 70.63
CA HIS W 122 50.49 6.52 70.02
C HIS W 122 49.14 7.21 70.15
N SER W 123 48.06 6.46 70.36
CA SER W 123 46.74 7.03 70.53
C SER W 123 46.43 7.37 71.98
N ILE W 124 47.34 7.06 72.91
CA ILE W 124 47.10 7.25 74.34
C ILE W 124 47.94 8.44 74.80
N GLN W 125 47.29 9.40 75.45
CA GLN W 125 47.95 10.58 75.99
C GLN W 125 47.80 10.54 77.51
N ILE W 126 48.87 10.13 78.20
CA ILE W 126 48.86 10.15 79.65
C ILE W 126 48.91 11.59 80.16
N MET W 127 48.17 11.87 81.22
CA MET W 127 48.16 13.21 81.79
C MET W 127 48.52 13.26 83.27
N LYS W 128 48.06 12.32 84.08
CA LYS W 128 48.22 12.43 85.53
C LYS W 128 48.25 11.05 86.18
N VAL W 129 49.30 10.79 86.95
CA VAL W 129 49.40 9.61 87.80
C VAL W 129 49.64 10.09 89.22
N GLU W 130 48.79 9.64 90.16
CA GLU W 130 48.84 10.15 91.52
C GLU W 130 48.68 9.00 92.50
N GLU W 131 49.49 9.03 93.55
CA GLU W 131 49.33 8.08 94.64
C GLU W 131 48.08 8.38 95.44
N ILE W 132 47.28 7.35 95.69
CA ILE W 132 46.04 7.48 96.44
C ILE W 132 46.03 6.44 97.55
N ALA W 133 45.32 6.75 98.63
CA ALA W 133 45.21 5.83 99.76
C ALA W 133 44.33 4.64 99.41
N ALA W 134 44.44 3.59 100.23
CA ALA W 134 43.63 2.40 100.05
C ALA W 134 42.15 2.64 100.35
N SER W 135 41.84 3.54 101.29
CA SER W 135 40.45 3.80 101.65
C SER W 135 39.74 4.65 100.60
N LYS W 136 40.48 5.31 99.72
CA LYS W 136 39.90 6.18 98.70
C LYS W 136 39.79 5.50 97.34
N CYS W 137 40.09 4.20 97.27
CA CYS W 137 40.00 3.48 96.01
C CYS W 137 38.55 3.26 95.61
N ARG W 138 38.33 3.08 94.31
CA ARG W 138 36.98 2.99 93.77
C ARG W 138 36.69 1.67 93.08
N ARG W 139 37.60 1.16 92.26
CA ARG W 139 37.36 -0.06 91.50
C ARG W 139 37.41 -1.25 92.45
N PRO W 140 36.40 -2.14 92.47
CA PRO W 140 36.41 -3.26 93.42
C PRO W 140 37.52 -4.27 93.18
N ALA W 141 38.11 -4.31 91.99
CA ALA W 141 39.25 -5.20 91.76
C ALA W 141 40.47 -4.77 92.58
N VAL W 142 40.70 -3.46 92.69
CA VAL W 142 41.80 -2.98 93.52
C VAL W 142 41.46 -3.09 95.00
N LYS W 143 40.23 -2.76 95.37
CA LYS W 143 39.82 -2.75 96.77
C LYS W 143 39.75 -4.13 97.39
N GLN W 144 39.65 -5.19 96.59
CA GLN W 144 39.58 -6.53 97.15
C GLN W 144 40.91 -7.02 97.72
N PHE W 145 42.01 -6.33 97.42
CA PHE W 145 43.31 -6.65 97.98
C PHE W 145 43.60 -5.91 99.28
N HIS W 146 42.72 -5.01 99.69
CA HIS W 146 42.89 -4.25 100.94
C HIS W 146 42.32 -5.08 102.08
N ASP W 147 43.06 -6.13 102.45
CA ASP W 147 42.65 -7.03 103.53
C ASP W 147 43.86 -7.38 104.36
N SER W 148 43.77 -7.15 105.67
CA SER W 148 44.87 -7.49 106.56
C SER W 148 45.04 -8.99 106.73
N LYS W 149 43.98 -9.76 106.47
CA LYS W 149 44.03 -11.22 106.57
C LYS W 149 43.70 -11.86 105.23
N ILE W 150 44.28 -11.34 104.14
CA ILE W 150 44.04 -11.88 102.81
C ILE W 150 44.61 -13.29 102.73
N LYS W 151 43.83 -14.21 102.19
CA LYS W 151 44.23 -15.62 102.16
C LYS W 151 43.52 -16.29 100.99
N PHE W 152 44.29 -16.94 100.12
CA PHE W 152 43.74 -17.62 98.97
C PHE W 152 44.74 -18.68 98.51
N PRO W 153 44.26 -19.82 98.01
CA PRO W 153 45.19 -20.81 97.46
C PRO W 153 45.45 -20.58 95.97
N LEU W 154 46.24 -21.47 95.37
CA LEU W 154 46.42 -21.50 93.92
C LEU W 154 45.66 -22.72 93.40
N PRO W 155 44.40 -22.54 92.98
CA PRO W 155 43.53 -23.69 92.71
C PRO W 155 43.98 -24.59 91.57
N HIS W 156 44.17 -24.03 90.38
CA HIS W 156 44.53 -24.81 89.20
C HIS W 156 45.92 -24.38 88.75
N ARG W 157 46.95 -25.03 89.30
CA ARG W 157 48.33 -24.74 88.95
C ARG W 157 48.63 -25.31 87.57
N VAL W 158 48.65 -24.44 86.56
CA VAL W 158 49.05 -24.87 85.22
C VAL W 158 50.54 -25.17 85.23
N LEU W 159 50.89 -26.45 85.05
CA LEU W 159 52.27 -26.86 85.15
C LEU W 159 53.05 -26.42 83.93
N ARG W 160 54.24 -25.88 84.18
CA ARG W 160 55.21 -25.53 83.15
C ARG W 160 56.30 -26.59 83.11
N ARG W 161 57.38 -26.28 82.39
CA ARG W 161 58.46 -27.20 82.03
C ARG W 161 57.89 -28.54 81.56
N GLN W 162 56.97 -28.42 80.61
CA GLN W 162 56.22 -29.55 80.07
C GLN W 162 56.99 -30.31 78.99
N HIS W 163 58.02 -29.72 78.42
CA HIS W 163 58.75 -30.32 77.30
C HIS W 163 60.09 -30.91 77.69
N LYS W 164 60.60 -30.61 78.88
CA LYS W 164 61.85 -31.24 79.30
C LYS W 164 61.60 -32.72 79.58
N PRO W 165 60.51 -33.11 80.30
CA PRO W 165 60.05 -34.50 80.19
C PRO W 165 59.02 -34.64 79.07
N ARG W 166 59.48 -34.61 77.81
CA ARG W 166 58.54 -34.62 76.69
C ARG W 166 57.76 -35.92 76.64
N PHE W 167 58.41 -37.05 76.92
CA PHE W 167 57.76 -38.34 77.03
C PHE W 167 58.01 -38.90 78.42
N THR W 168 56.93 -39.13 79.17
CA THR W 168 57.01 -39.61 80.54
C THR W 168 56.01 -40.74 80.73
N THR W 169 56.07 -41.37 81.91
CA THR W 169 55.19 -42.49 82.23
C THR W 169 53.98 -42.07 83.05
N LYS W 170 54.23 -41.45 84.21
CA LYS W 170 53.16 -41.09 85.13
C LYS W 170 52.34 -39.92 84.58
N ARG W 171 51.04 -39.98 84.83
CA ARG W 171 50.20 -38.84 84.51
C ARG W 171 50.53 -37.67 85.43
N PRO W 172 50.77 -36.49 84.89
CA PRO W 172 51.21 -35.36 85.72
C PRO W 172 50.12 -34.90 86.68
N ASN W 173 50.57 -34.38 87.82
CA ASN W 173 49.66 -33.95 88.88
C ASN W 173 49.57 -32.42 88.87
N THR W 174 48.41 -31.90 88.51
CA THR W 174 48.14 -30.46 88.55
C THR W 174 47.47 -30.06 89.86
N PHE W 175 48.08 -30.44 90.98
CA PHE W 175 47.54 -30.11 92.29
C PHE W 175 48.66 -30.19 93.31
N PHE W 176 48.83 -29.12 94.08
CA PHE W 176 49.89 -29.06 95.08
C PHE W 176 49.42 -28.37 96.35
N THR X 1 42.99 19.86 24.21
CA THR X 1 44.26 20.57 24.34
C THR X 1 44.04 22.05 24.61
N ASN X 2 45.01 22.68 25.25
CA ASN X 2 44.92 24.10 25.58
C ASN X 2 45.28 24.96 24.39
N THR X 3 44.93 26.24 24.47
CA THR X 3 45.32 27.20 23.45
C THR X 3 46.77 27.64 23.65
N LYS X 4 47.33 28.27 22.62
CA LYS X 4 48.72 28.67 22.61
C LYS X 4 48.84 30.19 22.63
N GLY X 5 47.92 30.86 23.33
CA GLY X 5 47.90 32.30 23.35
C GLY X 5 49.05 32.89 24.14
N LYS X 6 49.34 34.17 23.83
CA LYS X 6 50.42 34.87 24.52
C LYS X 6 50.09 35.08 25.99
N ARG X 7 48.85 35.44 26.30
CA ARG X 7 48.42 35.75 27.65
C ARG X 7 47.39 34.76 28.18
N ARG X 8 47.52 33.50 27.80
CA ARG X 8 46.62 32.46 28.29
C ARG X 8 47.01 32.08 29.71
N GLY X 9 46.02 32.06 30.61
CA GLY X 9 46.30 31.75 32.00
C GLY X 9 46.96 32.86 32.78
N THR X 10 46.76 34.11 32.36
CA THR X 10 47.37 35.27 33.01
C THR X 10 46.31 36.14 33.69
N ARG X 11 45.30 35.51 34.28
CA ARG X 11 44.20 36.27 34.90
C ARG X 11 44.68 37.00 36.15
N TYR X 12 45.41 36.30 37.03
CA TYR X 12 45.86 36.87 38.29
C TYR X 12 47.29 37.37 38.26
N MET X 13 48.13 36.79 37.39
CA MET X 13 49.55 37.11 37.40
C MET X 13 49.85 38.48 36.81
N PHE X 14 49.17 38.86 35.74
CA PHE X 14 49.33 40.17 35.13
C PHE X 14 48.36 41.19 35.71
N SER X 15 47.51 40.80 36.65
CA SER X 15 46.55 41.71 37.24
C SER X 15 47.25 42.63 38.25
N ARG X 16 46.63 43.78 38.49
CA ARG X 16 47.14 44.74 39.45
C ARG X 16 46.76 44.34 40.87
N PRO X 17 47.55 44.74 41.85
CA PRO X 17 47.21 44.44 43.25
C PRO X 17 45.98 45.21 43.70
N PHE X 18 45.49 44.83 44.88
CA PHE X 18 44.27 45.43 45.41
C PHE X 18 44.52 46.89 45.80
N ARG X 19 43.65 47.77 45.31
CA ARG X 19 43.74 49.22 45.54
C ARG X 19 45.10 49.79 45.11
N LYS X 20 45.65 49.26 44.02
CA LYS X 20 46.89 49.74 43.45
C LYS X 20 46.76 49.95 41.95
N HIS X 21 45.57 50.30 41.49
CA HIS X 21 45.31 50.53 40.08
C HIS X 21 45.60 52.00 39.74
N GLY X 22 45.24 52.40 38.52
CA GLY X 22 45.35 53.79 38.13
C GLY X 22 46.68 54.18 37.51
N VAL X 23 47.18 55.37 37.86
CA VAL X 23 48.38 55.91 37.26
C VAL X 23 49.60 55.15 37.78
N VAL X 24 50.48 54.76 36.87
CA VAL X 24 51.74 54.12 37.25
C VAL X 24 52.61 55.11 38.01
N PRO X 25 53.22 54.74 39.12
CA PRO X 25 54.14 55.64 39.82
C PRO X 25 55.31 56.03 38.93
N LEU X 26 55.73 57.29 39.06
CA LEU X 26 56.66 57.90 38.12
C LEU X 26 58.12 57.63 38.46
N ALA X 27 58.41 57.04 39.62
CA ALA X 27 59.79 56.73 39.97
C ALA X 27 60.34 55.54 39.19
N THR X 28 59.47 54.68 38.66
CA THR X 28 59.93 53.62 37.77
C THR X 28 60.48 54.19 36.47
N TYR X 29 59.84 55.22 35.94
CA TYR X 29 60.23 55.81 34.67
C TYR X 29 61.57 56.54 34.74
N MET X 30 61.94 57.03 35.92
CA MET X 30 63.16 57.80 36.11
C MET X 30 64.18 57.03 36.94
N ARG X 31 64.21 55.71 36.77
CA ARG X 31 65.23 54.86 37.37
C ARG X 31 66.16 54.35 36.29
N ILE X 32 67.45 54.48 36.51
CA ILE X 32 68.45 54.20 35.49
C ILE X 32 68.73 52.71 35.45
N TYR X 33 69.27 52.26 34.32
CA TYR X 33 69.68 50.87 34.13
C TYR X 33 70.93 50.85 33.28
N LYS X 34 71.99 50.23 33.80
CA LYS X 34 73.25 50.13 33.08
C LYS X 34 73.37 48.76 32.43
N LYS X 35 74.50 48.53 31.78
CA LYS X 35 74.81 47.22 31.25
C LYS X 35 75.22 46.28 32.38
N GLY X 36 74.64 45.08 32.38
CA GLY X 36 75.01 44.07 33.35
C GLY X 36 74.39 44.21 34.73
N ASP X 37 73.34 45.02 34.88
CA ASP X 37 72.64 45.10 36.15
C ASP X 37 71.72 43.90 36.33
N ILE X 38 71.80 43.26 37.49
CA ILE X 38 70.95 42.12 37.80
C ILE X 38 69.53 42.62 38.01
N VAL X 39 68.60 42.11 37.20
CA VAL X 39 67.25 42.64 37.11
C VAL X 39 66.26 41.49 37.17
N ASP X 40 65.26 41.60 38.04
CA ASP X 40 64.13 40.69 38.09
C ASP X 40 62.96 41.26 37.28
N ILE X 41 62.09 40.37 36.82
CA ILE X 41 61.00 40.71 35.90
C ILE X 41 59.67 40.42 36.58
N LYS X 42 58.78 41.41 36.55
CA LYS X 42 57.43 41.26 37.10
C LYS X 42 56.48 42.03 36.19
N GLY X 43 55.55 41.31 35.53
CA GLY X 43 54.68 41.96 34.57
C GLY X 43 53.67 42.90 35.21
N MET X 44 53.31 43.94 34.45
CA MET X 44 52.33 44.94 34.86
C MET X 44 51.23 45.03 33.80
N GLY X 45 49.98 44.97 34.25
CA GLY X 45 48.83 44.96 33.36
C GLY X 45 48.39 46.32 32.85
N THR X 46 48.87 47.42 33.41
CA THR X 46 48.42 48.73 32.96
C THR X 46 48.97 49.06 31.58
N VAL X 47 50.26 48.83 31.35
CA VAL X 47 50.90 49.16 30.09
C VAL X 47 51.02 47.88 29.27
N GLN X 48 50.31 47.84 28.14
CA GLN X 48 50.27 46.64 27.31
C GLN X 48 51.43 46.55 26.33
N LYS X 49 52.21 47.61 26.17
CA LYS X 49 53.35 47.57 25.28
C LYS X 49 54.58 47.06 26.01
N GLY X 50 55.32 46.16 25.37
CA GLY X 50 56.55 45.65 25.95
C GLY X 50 56.36 44.68 27.10
N MET X 51 55.21 44.02 27.18
CA MET X 51 55.01 43.04 28.23
C MET X 51 55.87 41.81 27.98
N PRO X 52 56.59 41.32 28.99
CA PRO X 52 57.31 40.06 28.83
C PRO X 52 56.34 38.89 28.78
N HIS X 53 56.82 37.79 28.21
CA HIS X 53 55.99 36.60 28.12
C HIS X 53 55.79 36.00 29.51
N LYS X 54 54.75 35.17 29.64
CA LYS X 54 54.38 34.59 30.93
C LYS X 54 55.43 33.62 31.48
N CYS X 55 56.37 33.18 30.65
CA CYS X 55 57.45 32.32 31.12
C CYS X 55 58.56 33.10 31.82
N TYR X 56 58.63 34.41 31.62
CA TYR X 56 59.66 35.24 32.24
C TYR X 56 59.18 35.95 33.49
N HIS X 57 57.97 35.67 33.96
CA HIS X 57 57.44 36.30 35.16
C HIS X 57 58.11 35.68 36.38
N GLY X 58 58.74 36.52 37.21
CA GLY X 58 59.44 36.08 38.39
C GLY X 58 60.90 35.75 38.16
N LYS X 59 61.34 35.69 36.90
CA LYS X 59 62.71 35.34 36.59
C LYS X 59 63.63 36.55 36.78
N THR X 60 64.92 36.29 36.83
CA THR X 60 65.92 37.32 37.07
C THR X 60 67.02 37.20 36.02
N GLY X 61 67.34 38.32 35.37
CA GLY X 61 68.38 38.33 34.36
C GLY X 61 69.28 39.54 34.46
N ARG X 62 70.12 39.76 33.44
CA ARG X 62 71.04 40.88 33.42
C ARG X 62 70.91 41.62 32.09
N VAL X 63 71.14 42.93 32.15
CA VAL X 63 70.89 43.83 31.03
C VAL X 63 72.12 43.88 30.12
N TYR X 64 71.88 43.77 28.81
CA TYR X 64 72.95 43.89 27.82
C TYR X 64 72.76 45.05 26.86
N ASN X 65 71.52 45.45 26.59
CA ASN X 65 71.24 46.55 25.67
C ASN X 65 70.15 47.43 26.27
N VAL X 66 70.34 48.75 26.16
CA VAL X 66 69.41 49.73 26.72
C VAL X 66 68.97 50.65 25.59
N THR X 67 67.68 50.63 25.28
CA THR X 67 67.08 51.50 24.29
C THR X 67 66.43 52.71 24.99
N GLN X 68 65.65 53.49 24.24
CA GLN X 68 65.04 54.70 24.80
C GLN X 68 64.02 54.37 25.88
N HIS X 69 63.09 53.46 25.59
CA HIS X 69 61.99 53.16 26.50
C HIS X 69 62.02 51.74 27.02
N ALA X 70 63.05 50.96 26.72
CA ALA X 70 63.12 49.58 27.15
C ALA X 70 64.57 49.13 27.21
N VAL X 71 64.79 48.01 27.88
CA VAL X 71 66.12 47.42 28.02
C VAL X 71 66.07 45.97 27.54
N GLY X 72 67.22 45.49 27.06
CA GLY X 72 67.37 44.10 26.66
C GLY X 72 68.05 43.32 27.78
N ILE X 73 67.46 42.19 28.14
CA ILE X 73 67.89 41.43 29.30
C ILE X 73 68.16 39.99 28.89
N VAL X 74 69.31 39.45 29.30
CA VAL X 74 69.65 38.06 29.07
C VAL X 74 69.07 37.24 30.22
N VAL X 75 68.18 36.31 29.88
CA VAL X 75 67.51 35.48 30.88
C VAL X 75 67.76 34.01 30.57
N ASN X 76 67.57 33.18 31.59
CA ASN X 76 67.74 31.74 31.46
C ASN X 76 66.37 31.05 31.48
N LYS X 77 66.15 30.17 30.52
CA LYS X 77 64.89 29.45 30.38
C LYS X 77 65.18 27.96 30.19
N GLN X 78 64.52 27.11 30.97
CA GLN X 78 64.69 25.67 30.86
C GLN X 78 63.74 25.13 29.81
N VAL X 79 64.31 24.60 28.72
CA VAL X 79 63.51 24.05 27.62
C VAL X 79 63.90 22.58 27.48
N LYS X 80 63.17 21.71 28.19
CA LYS X 80 63.23 20.26 28.04
C LYS X 80 64.66 19.73 28.21
N GLY X 81 65.18 19.94 29.42
CA GLY X 81 66.47 19.38 29.78
C GLY X 81 67.68 20.24 29.47
N LYS X 82 67.49 21.41 28.88
CA LYS X 82 68.59 22.33 28.62
C LYS X 82 68.16 23.75 28.98
N ILE X 83 69.15 24.57 29.29
CA ILE X 83 68.95 25.97 29.66
C ILE X 83 69.45 26.83 28.52
N LEU X 84 68.58 27.68 27.99
CA LEU X 84 68.92 28.57 26.89
C LEU X 84 69.07 30.00 27.41
N ALA X 85 70.23 30.58 27.20
CA ALA X 85 70.50 31.98 27.58
C ALA X 85 69.98 32.87 26.46
N LYS X 86 68.72 33.29 26.58
CA LYS X 86 68.04 34.04 25.54
C LYS X 86 67.90 35.50 25.96
N ARG X 87 67.57 36.34 24.98
CA ARG X 87 67.51 37.79 25.16
C ARG X 87 66.12 38.29 24.79
N ILE X 88 65.55 39.13 25.65
CA ILE X 88 64.21 39.66 25.45
C ILE X 88 64.25 41.17 25.62
N ASN X 89 63.29 41.83 24.96
CA ASN X 89 63.15 43.28 25.02
C ASN X 89 61.93 43.58 25.89
N VAL X 90 62.17 44.11 27.09
CA VAL X 90 61.13 44.33 28.08
C VAL X 90 61.10 45.82 28.43
N ARG X 91 59.90 46.40 28.44
CA ARG X 91 59.75 47.81 28.73
C ARG X 91 60.01 48.09 30.21
N ILE X 92 60.26 49.38 30.51
CA ILE X 92 60.71 49.81 31.82
C ILE X 92 59.67 49.60 32.91
N GLU X 93 58.37 49.64 32.56
CA GLU X 93 57.32 49.47 33.58
C GLU X 93 57.38 48.10 34.24
N HIS X 94 58.02 47.12 33.60
CA HIS X 94 58.01 45.73 34.04
C HIS X 94 59.26 45.37 34.82
N ILE X 95 60.08 46.36 35.18
CA ILE X 95 61.48 46.13 35.52
C ILE X 95 61.79 46.73 36.88
N LYS X 96 62.41 45.93 37.75
CA LYS X 96 62.98 46.38 39.01
C LYS X 96 64.40 45.86 39.13
N HIS X 97 65.22 46.58 39.91
CA HIS X 97 66.52 46.05 40.27
C HIS X 97 66.36 44.86 41.20
N SER X 98 67.19 43.84 40.98
CA SER X 98 67.19 42.68 41.87
C SER X 98 68.03 42.99 43.10
N LYS X 99 67.43 42.81 44.28
CA LYS X 99 68.11 43.06 45.53
C LYS X 99 68.82 41.83 46.06
N SER X 100 68.99 40.80 45.24
CA SER X 100 69.78 39.64 45.64
C SER X 100 71.27 39.92 45.51
N ARG X 101 71.66 40.70 44.51
CA ARG X 101 73.07 40.94 44.23
C ARG X 101 73.71 41.93 45.19
N ASP X 102 72.93 42.88 45.73
CA ASP X 102 73.53 43.95 46.53
C ASP X 102 74.12 43.43 47.84
N SER X 103 73.57 42.33 48.37
CA SER X 103 74.09 41.76 49.61
C SER X 103 75.52 41.26 49.44
N PHE X 104 75.83 40.67 48.29
CA PHE X 104 77.22 40.32 48.00
C PHE X 104 78.08 41.57 47.81
N LEU X 105 77.55 42.57 47.11
CA LEU X 105 78.27 43.84 46.97
C LEU X 105 78.36 44.60 48.28
N LYS X 106 77.36 44.46 49.15
CA LYS X 106 77.47 45.01 50.50
C LYS X 106 78.58 44.31 51.26
N ARG X 107 78.57 42.98 51.27
CA ARG X 107 79.50 42.20 52.10
C ARG X 107 80.94 42.41 51.69
N VAL X 108 81.19 42.59 50.39
CA VAL X 108 82.55 42.80 49.87
C VAL X 108 83.18 44.04 50.50
N LYS X 109 82.37 45.06 50.77
CA LYS X 109 82.87 46.28 51.38
C LYS X 109 83.45 46.04 52.77
N GLU X 110 82.73 45.31 53.65
CA GLU X 110 83.31 45.04 54.96
C GLU X 110 84.42 44.01 54.93
N ASN X 111 84.41 43.09 53.96
CA ASN X 111 85.58 42.22 53.77
C ASN X 111 86.81 43.04 53.39
N ASP X 112 86.63 44.01 52.49
CA ASP X 112 87.71 44.93 52.15
C ASP X 112 87.96 45.97 53.23
N GLN X 113 86.94 46.33 54.03
CA GLN X 113 87.16 47.26 55.13
C GLN X 113 87.98 46.61 56.24
N LYS X 114 87.68 45.36 56.56
CA LYS X 114 88.41 44.62 57.59
C LYS X 114 89.70 43.98 57.06
N LYS X 115 89.99 44.11 55.78
CA LYS X 115 91.25 43.61 55.24
C LYS X 115 92.35 44.67 55.31
N LYS X 116 92.05 45.90 54.89
CA LYS X 116 93.02 46.98 55.00
C LYS X 116 93.14 47.47 56.45
N GLU X 117 92.03 47.50 57.18
CA GLU X 117 92.10 47.74 58.61
C GLU X 117 92.47 46.46 59.33
N ALA X 118 93.13 46.60 60.48
CA ALA X 118 93.64 45.52 61.33
C ALA X 118 94.74 44.70 60.67
N LYS X 119 95.14 45.04 59.43
CA LYS X 119 96.35 44.47 58.86
C LYS X 119 97.58 45.03 59.56
N GLU X 120 97.56 46.32 59.88
CA GLU X 120 98.60 46.91 60.70
C GLU X 120 98.52 46.47 62.15
N LYS X 121 97.36 46.00 62.59
CA LYS X 121 97.20 45.47 63.95
C LYS X 121 97.42 43.97 64.03
N GLY X 122 97.33 43.26 62.92
CA GLY X 122 97.66 41.84 62.87
C GLY X 122 96.58 40.91 63.38
N THR X 123 95.40 41.40 63.72
CA THR X 123 94.33 40.56 64.22
C THR X 123 93.62 39.88 63.06
N TRP X 124 93.58 38.54 63.08
CA TRP X 124 92.96 37.76 62.01
C TRP X 124 91.45 37.74 62.24
N VAL X 125 90.72 38.49 61.43
CA VAL X 125 89.27 38.58 61.53
C VAL X 125 88.64 37.63 60.53
N GLN X 126 87.69 36.81 60.98
CA GLN X 126 87.03 35.86 60.10
C GLN X 126 86.19 36.58 59.06
N LEU X 127 86.33 36.16 57.81
CA LEU X 127 85.63 36.79 56.69
C LEU X 127 84.61 35.89 56.02
N LYS X 128 84.84 34.58 55.98
CA LYS X 128 83.89 33.67 55.36
C LYS X 128 82.63 33.55 56.21
N ARG X 129 81.48 33.54 55.54
CA ARG X 129 80.22 33.30 56.25
C ARG X 129 80.15 31.87 56.74
N GLN X 130 79.67 31.71 57.96
CA GLN X 130 79.53 30.36 58.48
C GLN X 130 78.06 30.02 58.69
N PRO X 131 77.68 28.76 58.45
CA PRO X 131 76.33 28.33 58.82
C PRO X 131 76.15 28.35 60.33
N ALA X 132 74.89 28.41 60.74
CA ALA X 132 74.53 28.56 62.15
C ALA X 132 75.10 27.40 62.98
N PRO X 133 76.10 27.64 63.82
CA PRO X 133 76.75 26.55 64.54
C PRO X 133 75.89 26.08 65.70
N PRO X 134 76.16 24.88 66.23
CA PRO X 134 75.50 24.48 67.47
C PRO X 134 75.83 25.42 68.61
N ARG X 135 74.84 25.71 69.45
CA ARG X 135 75.03 26.63 70.54
C ARG X 135 75.93 26.01 71.61
N GLU X 136 76.74 26.87 72.24
CA GLU X 136 77.73 26.44 73.20
C GLU X 136 77.07 26.15 74.54
N ALA X 137 77.86 25.61 75.47
CA ALA X 137 77.36 25.30 76.80
C ALA X 137 77.11 26.59 77.58
N HIS X 138 75.96 26.66 78.23
CA HIS X 138 75.57 27.84 78.99
C HIS X 138 74.80 27.39 80.22
N PHE X 139 74.56 28.34 81.12
CA PHE X 139 73.88 28.09 82.38
C PHE X 139 72.54 28.82 82.37
N VAL X 140 71.47 28.12 82.76
CA VAL X 140 70.13 28.67 82.79
C VAL X 140 69.75 28.90 84.25
N ARG X 141 69.41 30.14 84.58
CA ARG X 141 69.13 30.51 85.96
C ARG X 141 67.64 30.33 86.26
N THR X 142 67.35 29.58 87.32
CA THR X 142 66.00 29.37 87.81
C THR X 142 65.79 30.04 89.16
N ASN X 143 66.36 31.24 89.32
CA ASN X 143 66.32 32.00 90.56
C ASN X 143 64.89 32.26 91.05
N GLY X 144 64.57 31.78 92.24
CA GLY X 144 63.26 31.98 92.80
C GLY X 144 62.27 30.89 92.44
N LYS X 145 61.47 31.14 91.40
CA LYS X 145 60.40 30.24 91.04
C LYS X 145 60.94 28.92 90.49
N GLU X 146 60.30 27.83 90.91
CA GLU X 146 60.54 26.49 90.40
C GLU X 146 59.81 26.34 89.05
N PRO X 147 60.38 25.57 88.12
CA PRO X 147 59.70 25.38 86.82
C PRO X 147 58.37 24.68 86.99
N GLU X 148 57.30 25.40 86.66
CA GLU X 148 55.94 24.93 86.91
C GLU X 148 55.58 23.76 86.00
N LEU X 149 54.70 22.90 86.51
CA LEU X 149 54.32 21.66 85.84
C LEU X 149 53.22 21.91 84.81
N LEU X 150 53.33 21.23 83.66
CA LEU X 150 52.34 21.31 82.60
C LEU X 150 51.54 20.02 82.54
N GLU X 151 50.22 20.16 82.42
CA GLU X 151 49.29 19.05 82.40
C GLU X 151 48.59 18.93 81.05
N PRO X 152 48.58 17.74 80.46
CA PRO X 152 47.74 17.53 79.28
C PRO X 152 46.26 17.65 79.64
N ILE X 153 45.57 18.54 78.95
CA ILE X 153 44.18 18.86 79.29
C ILE X 153 43.26 17.70 78.94
N PRO X 154 42.22 17.45 79.73
CA PRO X 154 41.26 16.39 79.38
C PRO X 154 40.45 16.78 78.15
N TYR X 155 40.05 15.77 77.39
CA TYR X 155 39.27 16.01 76.18
C TYR X 155 37.86 16.46 76.52
N GLU X 156 37.36 17.44 75.76
CA GLU X 156 35.97 17.84 75.82
C GLU X 156 35.52 18.19 74.41
N PHE X 157 34.32 17.74 74.06
CA PHE X 157 33.82 17.91 72.70
C PHE X 157 33.41 19.36 72.49
N MET X 158 34.18 20.08 71.68
CA MET X 158 33.94 21.51 71.47
C MET X 158 32.66 21.74 70.70
N ALA X 159 32.44 20.99 69.62
CA ALA X 159 31.25 21.14 68.81
C ALA X 159 30.04 20.54 69.51
N GLN Y 1 -7.59 -100.00 -45.39
CA GLN Y 1 -6.13 -99.95 -45.36
C GLN Y 1 -5.58 -101.01 -44.42
N LEU Y 2 -4.31 -101.35 -44.61
CA LEU Y 2 -3.66 -102.42 -43.85
C LEU Y 2 -2.42 -101.87 -43.17
N LEU Y 3 -2.29 -102.15 -41.87
CA LEU Y 3 -1.11 -101.81 -41.09
C LEU Y 3 -0.60 -103.07 -40.39
N LYS Y 4 0.69 -103.34 -40.52
CA LYS Y 4 1.30 -104.52 -39.93
C LYS Y 4 2.69 -104.16 -39.42
N PHE Y 5 2.94 -104.41 -38.14
CA PHE Y 5 4.23 -104.13 -37.52
C PHE Y 5 4.72 -105.36 -36.79
N THR Y 6 6.00 -105.66 -36.94
CA THR Y 6 6.62 -106.82 -36.32
C THR Y 6 7.60 -106.40 -35.24
N LEU Y 7 7.95 -107.35 -34.37
CA LEU Y 7 8.95 -107.13 -33.33
C LEU Y 7 9.81 -108.39 -33.27
N ASP Y 8 10.86 -108.43 -34.08
CA ASP Y 8 11.76 -109.58 -34.15
C ASP Y 8 12.80 -109.52 -33.04
N CYS Y 9 12.33 -109.66 -31.79
CA CYS Y 9 13.20 -109.61 -30.61
C CYS Y 9 13.91 -110.96 -30.44
N THR Y 10 14.83 -111.23 -31.37
CA THR Y 10 15.48 -112.53 -31.42
C THR Y 10 16.51 -112.71 -30.31
N HIS Y 11 17.52 -111.84 -30.30
CA HIS Y 11 18.70 -112.05 -29.43
C HIS Y 11 18.38 -112.23 -27.95
N PRO Y 12 17.45 -111.48 -27.32
CA PRO Y 12 17.13 -111.78 -25.91
C PRO Y 12 16.50 -113.15 -25.69
N VAL Y 13 16.02 -113.82 -26.73
CA VAL Y 13 15.37 -115.12 -26.52
C VAL Y 13 16.40 -116.24 -26.44
N GLU Y 14 17.33 -116.33 -27.40
CA GLU Y 14 18.34 -117.39 -27.36
C GLU Y 14 19.30 -117.19 -26.18
N ASP Y 15 19.51 -115.94 -25.75
CA ASP Y 15 20.37 -115.67 -24.62
C ASP Y 15 19.75 -116.03 -23.28
N GLY Y 16 18.46 -116.37 -23.26
CA GLY Y 16 17.79 -116.74 -22.02
C GLY Y 16 17.62 -115.60 -21.04
N ILE Y 17 17.34 -114.40 -21.53
CA ILE Y 17 17.07 -113.24 -20.68
C ILE Y 17 15.58 -112.96 -20.53
N MET Y 18 14.81 -113.08 -21.60
CA MET Y 18 13.36 -112.90 -21.54
C MET Y 18 12.71 -113.98 -22.40
N ASP Y 19 11.39 -113.92 -22.47
CA ASP Y 19 10.62 -114.82 -23.32
C ASP Y 19 9.63 -114.02 -24.14
N ALA Y 20 9.47 -114.41 -25.40
CA ALA Y 20 8.52 -113.75 -26.28
C ALA Y 20 7.08 -114.14 -25.93
N ALA Y 21 6.91 -115.27 -25.24
CA ALA Y 21 5.58 -115.70 -24.84
C ALA Y 21 4.92 -114.77 -23.82
N ASN Y 22 5.67 -114.31 -22.81
CA ASN Y 22 5.08 -113.40 -21.83
C ASN Y 22 4.87 -112.02 -22.44
N PHE Y 23 5.76 -111.59 -23.32
CA PHE Y 23 5.56 -110.35 -24.05
C PHE Y 23 4.35 -110.43 -24.97
N GLU Y 24 4.02 -111.64 -25.43
CA GLU Y 24 2.79 -111.81 -26.22
C GLU Y 24 1.55 -111.50 -25.40
N GLN Y 25 1.48 -112.01 -24.16
CA GLN Y 25 0.32 -111.72 -23.32
C GLN Y 25 0.33 -110.29 -22.80
N PHE Y 26 1.51 -109.74 -22.50
CA PHE Y 26 1.60 -108.42 -21.88
C PHE Y 26 0.97 -107.35 -22.76
N LEU Y 27 1.14 -107.47 -24.09
CA LEU Y 27 0.52 -106.52 -24.99
C LEU Y 27 -1.00 -106.60 -24.95
N GLN Y 28 -1.55 -107.82 -24.91
CA GLN Y 28 -2.93 -108.05 -25.32
C GLN Y 28 -3.95 -107.31 -24.46
N GLU Y 29 -3.65 -107.04 -23.18
CA GLU Y 29 -4.56 -106.19 -22.42
C GLU Y 29 -4.07 -104.75 -22.40
N ARG Y 30 -3.01 -104.43 -23.14
CA ARG Y 30 -2.39 -103.12 -23.06
C ARG Y 30 -2.29 -102.39 -24.41
N ILE Y 31 -2.87 -102.92 -25.48
CA ILE Y 31 -3.19 -102.07 -26.62
C ILE Y 31 -4.47 -101.32 -26.29
N LYS Y 32 -4.39 -100.00 -26.25
CA LYS Y 32 -5.51 -99.16 -25.83
C LYS Y 32 -6.11 -98.49 -27.07
N VAL Y 33 -7.16 -99.09 -27.60
CA VAL Y 33 -7.87 -98.56 -28.77
C VAL Y 33 -9.05 -97.75 -28.26
N ASN Y 34 -9.11 -96.47 -28.67
CA ASN Y 34 -10.16 -95.54 -28.27
C ASN Y 34 -10.27 -95.42 -26.76
N GLY Y 35 -9.12 -95.42 -26.08
CA GLY Y 35 -9.11 -95.30 -24.65
C GLY Y 35 -9.57 -96.52 -23.88
N LYS Y 36 -9.55 -97.69 -24.53
CA LYS Y 36 -9.99 -98.93 -23.89
C LYS Y 36 -8.88 -99.96 -24.02
N ALA Y 37 -8.24 -100.29 -22.91
CA ALA Y 37 -7.19 -101.30 -22.89
C ALA Y 37 -7.74 -102.71 -22.99
N GLY Y 38 -9.00 -102.92 -22.64
CA GLY Y 38 -9.57 -104.26 -22.69
C GLY Y 38 -9.82 -104.71 -24.12
N ASN Y 39 -9.82 -106.04 -24.31
CA ASN Y 39 -10.23 -106.80 -25.49
C ASN Y 39 -9.82 -106.19 -26.84
N LEU Y 40 -8.65 -105.53 -26.87
CA LEU Y 40 -8.03 -104.98 -28.08
C LEU Y 40 -8.93 -103.99 -28.82
N GLY Y 41 -9.85 -103.34 -28.12
CA GLY Y 41 -10.81 -102.46 -28.77
C GLY Y 41 -11.71 -103.20 -29.73
N GLY Y 42 -12.26 -104.33 -29.28
CA GLY Y 42 -13.03 -105.18 -30.15
C GLY Y 42 -12.13 -106.10 -30.98
N GLY Y 43 -12.75 -106.75 -31.96
CA GLY Y 43 -12.05 -107.69 -32.82
C GLY Y 43 -11.36 -107.05 -34.00
N VAL Y 44 -10.66 -105.94 -33.78
CA VAL Y 44 -10.00 -105.23 -34.87
C VAL Y 44 -8.54 -105.66 -34.97
N VAL Y 45 -7.78 -105.51 -33.88
CA VAL Y 45 -6.35 -105.78 -33.86
C VAL Y 45 -6.13 -107.26 -33.59
N SER Y 46 -5.34 -107.89 -34.46
CA SER Y 46 -5.00 -109.31 -34.34
C SER Y 46 -3.53 -109.44 -34.01
N LEU Y 47 -3.24 -110.09 -32.89
CA LEU Y 47 -1.87 -110.27 -32.43
C LEU Y 47 -1.55 -111.76 -32.45
N GLU Y 48 -0.66 -112.16 -33.36
CA GLU Y 48 -0.20 -113.54 -33.46
C GLU Y 48 1.30 -113.62 -33.25
N ARG Y 49 1.77 -114.79 -32.79
CA ARG Y 49 3.15 -114.94 -32.35
C ARG Y 49 3.85 -116.00 -33.18
N SER Y 50 5.08 -115.69 -33.58
CA SER Y 50 6.00 -116.65 -34.20
C SER Y 50 7.21 -116.82 -33.28
N LYS Y 51 8.20 -117.58 -33.75
CA LYS Y 51 9.41 -117.83 -32.97
C LYS Y 51 10.25 -116.56 -32.89
N SER Y 52 10.42 -116.03 -31.67
CA SER Y 52 11.22 -114.85 -31.37
C SER Y 52 10.76 -113.62 -32.16
N LYS Y 53 9.45 -113.51 -32.41
CA LYS Y 53 8.92 -112.41 -33.21
C LYS Y 53 7.44 -112.25 -32.87
N ILE Y 54 7.00 -110.99 -32.81
CA ILE Y 54 5.62 -110.63 -32.52
C ILE Y 54 5.09 -109.80 -33.67
N THR Y 55 3.97 -110.21 -34.25
CA THR Y 55 3.33 -109.47 -35.32
C THR Y 55 2.07 -108.79 -34.81
N VAL Y 56 1.99 -107.47 -35.01
CA VAL Y 56 0.79 -106.70 -34.68
C VAL Y 56 0.18 -106.20 -35.99
N THR Y 57 -1.05 -106.60 -36.26
CA THR Y 57 -1.74 -106.24 -37.49
C THR Y 57 -3.05 -105.53 -37.15
N SER Y 58 -3.20 -104.32 -37.67
CA SER Y 58 -4.38 -103.51 -37.42
C SER Y 58 -4.91 -102.90 -38.71
N GLU Y 59 -6.21 -102.58 -38.70
CA GLU Y 59 -6.84 -101.88 -39.81
C GLU Y 59 -7.34 -100.49 -39.45
N VAL Y 60 -7.60 -100.21 -38.19
CA VAL Y 60 -7.80 -98.85 -37.69
C VAL Y 60 -6.39 -98.24 -37.65
N PRO Y 61 -6.22 -96.95 -37.94
CA PRO Y 61 -4.88 -96.34 -37.87
C PRO Y 61 -4.23 -96.54 -36.52
N PHE Y 62 -2.95 -96.92 -36.56
CA PHE Y 62 -2.22 -97.35 -35.36
C PHE Y 62 -0.80 -96.82 -35.44
N SER Y 63 -0.36 -96.16 -34.37
CA SER Y 63 0.98 -95.58 -34.35
C SER Y 63 2.03 -96.66 -34.19
N LYS Y 64 3.07 -96.60 -35.02
CA LYS Y 64 4.14 -97.60 -34.96
C LYS Y 64 4.98 -97.42 -33.71
N ARG Y 65 5.26 -96.18 -33.32
CA ARG Y 65 6.08 -95.91 -32.14
C ARG Y 65 5.31 -96.07 -30.84
N TYR Y 66 3.98 -96.16 -30.90
CA TYR Y 66 3.23 -96.59 -29.72
C TYR Y 66 3.54 -98.04 -29.39
N LEU Y 67 3.73 -98.88 -30.40
CA LEU Y 67 4.25 -100.23 -30.17
C LEU Y 67 5.66 -100.19 -29.58
N LYS Y 68 6.46 -99.21 -29.99
CA LYS Y 68 7.76 -99.00 -29.35
C LYS Y 68 7.60 -98.47 -27.93
N TYR Y 69 6.54 -97.71 -27.67
CA TYR Y 69 6.25 -97.27 -26.31
C TYR Y 69 5.87 -98.44 -25.41
N LEU Y 70 5.08 -99.38 -25.95
CA LEU Y 70 4.61 -100.50 -25.14
C LEU Y 70 5.73 -101.47 -24.80
N THR Y 71 6.65 -101.70 -25.74
CA THR Y 71 7.75 -102.63 -25.46
C THR Y 71 8.78 -102.00 -24.53
N LYS Y 72 8.84 -100.67 -24.47
CA LYS Y 72 9.70 -100.01 -23.49
C LYS Y 72 9.12 -100.06 -22.08
N LYS Y 73 7.79 -100.14 -21.96
CA LYS Y 73 7.18 -100.35 -20.65
C LYS Y 73 7.45 -101.75 -20.13
N TYR Y 74 7.54 -102.73 -21.04
CA TYR Y 74 7.82 -104.11 -20.64
C TYR Y 74 9.24 -104.28 -20.13
N LEU Y 75 10.21 -103.57 -20.71
CA LEU Y 75 11.59 -103.66 -20.25
C LEU Y 75 11.76 -103.07 -18.86
N LYS Y 76 11.10 -101.94 -18.59
CA LYS Y 76 11.18 -101.33 -17.25
C LYS Y 76 10.44 -102.17 -16.23
N LYS Y 77 9.35 -102.84 -16.63
CA LYS Y 77 8.59 -103.67 -15.70
C LYS Y 77 9.42 -104.88 -15.24
N ASN Y 78 10.19 -105.47 -16.15
CA ASN Y 78 11.00 -106.65 -15.84
C ASN Y 78 12.47 -106.31 -15.61
N ASN Y 79 12.78 -105.01 -15.47
CA ASN Y 79 14.14 -104.52 -15.25
C ASN Y 79 15.06 -104.97 -16.40
N LEU Y 80 14.59 -104.72 -17.64
CA LEU Y 80 15.36 -105.04 -18.83
C LEU Y 80 15.73 -103.81 -19.66
N ARG Y 81 15.34 -102.61 -19.21
CA ARG Y 81 15.68 -101.39 -19.94
C ARG Y 81 17.18 -101.11 -19.92
N ASP Y 82 17.87 -101.51 -18.85
CA ASP Y 82 19.30 -101.21 -18.74
C ASP Y 82 20.14 -102.07 -19.69
N TRP Y 83 19.67 -103.26 -20.03
CA TRP Y 83 20.42 -104.16 -20.90
C TRP Y 83 19.89 -104.23 -22.32
N LEU Y 84 18.59 -104.02 -22.54
CA LEU Y 84 18.00 -104.11 -23.86
C LEU Y 84 17.75 -102.72 -24.43
N ARG Y 85 17.57 -102.67 -25.75
CA ARG Y 85 17.41 -101.42 -26.47
C ARG Y 85 16.63 -101.69 -27.75
N VAL Y 86 15.57 -100.92 -27.96
CA VAL Y 86 14.64 -101.14 -29.06
C VAL Y 86 15.08 -100.27 -30.23
N VAL Y 87 15.45 -100.91 -31.34
CA VAL Y 87 15.93 -100.22 -32.53
C VAL Y 87 15.16 -100.76 -33.73
N ALA Y 88 14.59 -99.84 -34.52
CA ALA Y 88 14.01 -100.23 -35.81
C ALA Y 88 15.09 -100.24 -36.88
N ASN Y 89 15.77 -101.39 -37.04
CA ASN Y 89 16.81 -101.50 -38.06
C ASN Y 89 16.23 -101.33 -39.46
N THR Y 90 15.09 -101.98 -39.72
CA THR Y 90 14.30 -101.72 -40.91
C THR Y 90 12.93 -101.20 -40.50
N LYS Y 91 12.20 -100.64 -41.46
CA LYS Y 91 10.85 -100.19 -41.18
C LYS Y 91 9.93 -101.39 -41.01
N GLU Y 92 8.77 -101.13 -40.41
CA GLU Y 92 7.75 -102.14 -40.08
C GLU Y 92 8.29 -103.23 -39.17
N SER Y 93 9.32 -102.93 -38.37
CA SER Y 93 9.94 -103.93 -37.51
C SER Y 93 10.63 -103.22 -36.35
N TYR Y 94 10.95 -104.01 -35.32
CA TYR Y 94 11.62 -103.48 -34.13
C TYR Y 94 12.53 -104.57 -33.57
N GLU Y 95 13.83 -104.32 -33.56
CA GLU Y 95 14.82 -105.27 -33.09
C GLU Y 95 15.31 -104.90 -31.70
N LEU Y 96 15.28 -105.87 -30.78
CA LEU Y 96 15.86 -105.69 -29.45
C LEU Y 96 17.34 -106.04 -29.52
N ARG Y 97 18.21 -105.09 -29.17
CA ARG Y 97 19.64 -105.25 -29.29
C ARG Y 97 20.29 -105.07 -27.92
N TYR Y 98 21.62 -105.03 -27.90
CA TYR Y 98 22.41 -104.95 -26.68
C TYR Y 98 23.32 -103.72 -26.75
N PHE Y 99 24.18 -103.58 -25.75
CA PHE Y 99 25.11 -102.45 -25.68
C PHE Y 99 26.55 -102.93 -25.85
N SER Z 1 -17.07 -49.69 51.35
CA SER Z 1 -15.78 -49.42 51.96
C SER Z 1 -14.66 -50.13 51.20
N GLY Z 2 -15.05 -50.95 50.22
CA GLY Z 2 -14.05 -51.67 49.44
C GLY Z 2 -13.29 -50.75 48.51
N ALA Z 3 -12.02 -51.06 48.30
CA ALA Z 3 -11.14 -50.28 47.44
C ALA Z 3 -11.02 -50.94 46.08
N LYS Z 4 -10.83 -50.11 45.05
CA LYS Z 4 -10.71 -50.59 43.68
C LYS Z 4 -9.27 -50.97 43.37
N PHE Z 5 -9.06 -52.22 42.97
CA PHE Z 5 -7.75 -52.67 42.55
C PHE Z 5 -7.42 -52.08 41.18
N ARG Z 6 -6.12 -51.97 40.91
CA ARG Z 6 -5.67 -51.48 39.61
C ARG Z 6 -5.92 -52.54 38.53
N ILE Z 7 -6.25 -52.08 37.33
CA ILE Z 7 -6.54 -52.96 36.21
C ILE Z 7 -5.77 -52.44 35.00
N SER Z 8 -5.68 -53.30 33.98
CA SER Z 8 -5.06 -52.88 32.72
C SER Z 8 -5.93 -51.83 32.05
N LEU Z 9 -5.33 -50.68 31.76
CA LEU Z 9 -6.05 -49.52 31.26
C LEU Z 9 -5.42 -49.05 29.95
N GLY Z 10 -6.25 -48.84 28.93
CA GLY Z 10 -5.77 -48.54 27.61
C GLY Z 10 -6.54 -47.47 26.85
N LEU Z 11 -7.06 -46.47 27.57
CA LEU Z 11 -7.83 -45.38 26.96
C LEU Z 11 -7.18 -44.05 27.27
N PRO Z 12 -6.15 -43.66 26.51
CA PRO Z 12 -5.43 -42.41 26.80
C PRO Z 12 -6.20 -41.19 26.30
N VAL Z 13 -5.55 -40.03 26.44
CA VAL Z 13 -6.12 -38.78 25.97
C VAL Z 13 -6.15 -38.79 24.44
N GLY Z 14 -7.31 -38.51 23.87
CA GLY Z 14 -7.50 -38.52 22.44
C GLY Z 14 -8.39 -39.64 21.94
N ALA Z 15 -8.71 -40.62 22.79
CA ALA Z 15 -9.59 -41.71 22.40
C ALA Z 15 -11.05 -41.25 22.41
N VAL Z 16 -11.79 -41.68 21.40
CA VAL Z 16 -13.21 -41.38 21.29
C VAL Z 16 -13.98 -42.67 21.58
N ILE Z 17 -14.89 -42.60 22.54
CA ILE Z 17 -15.70 -43.73 22.93
C ILE Z 17 -17.16 -43.41 22.65
N ASN Z 18 -17.98 -44.46 22.53
CA ASN Z 18 -19.40 -44.30 22.22
C ASN Z 18 -20.20 -44.12 23.51
N CYS Z 19 -21.23 -43.28 23.45
CA CYS Z 19 -21.98 -42.89 24.62
C CYS Z 19 -23.18 -43.81 24.79
N ALA Z 20 -23.19 -44.60 25.86
CA ALA Z 20 -24.22 -45.60 26.08
C ALA Z 20 -25.30 -45.10 27.03
N ASP Z 21 -26.03 -44.07 26.60
CA ASP Z 21 -27.21 -43.60 27.32
C ASP Z 21 -28.13 -42.88 26.34
N ASN Z 22 -29.27 -42.43 26.84
CA ASN Z 22 -30.25 -41.70 26.05
C ASN Z 22 -30.11 -40.18 26.20
N THR Z 23 -28.90 -39.66 26.03
CA THR Z 23 -28.64 -38.23 26.11
C THR Z 23 -28.55 -37.56 24.75
N GLY Z 24 -28.70 -38.30 23.66
CA GLY Z 24 -28.59 -37.73 22.33
C GLY Z 24 -27.18 -37.52 21.84
N ALA Z 25 -26.17 -38.02 22.57
CA ALA Z 25 -24.77 -37.87 22.20
C ALA Z 25 -24.21 -39.22 21.77
N LYS Z 26 -23.34 -39.20 20.76
CA LYS Z 26 -22.74 -40.41 20.24
C LYS Z 26 -21.33 -40.64 20.77
N ASN Z 27 -20.41 -39.72 20.51
CA ASN Z 27 -19.02 -39.92 20.88
C ASN Z 27 -18.61 -39.06 22.07
N LEU Z 28 -17.62 -39.54 22.80
CA LEU Z 28 -17.02 -38.84 23.93
C LEU Z 28 -15.53 -38.77 23.72
N TYR Z 29 -15.02 -37.58 23.41
CA TYR Z 29 -13.60 -37.36 23.15
C TYR Z 29 -12.91 -37.13 24.49
N ILE Z 30 -12.14 -38.11 24.94
CA ILE Z 30 -11.48 -38.04 26.23
C ILE Z 30 -10.36 -37.01 26.17
N ILE Z 31 -10.38 -36.04 27.09
CA ILE Z 31 -9.39 -34.97 27.08
C ILE Z 31 -8.40 -35.07 28.23
N SER Z 32 -8.77 -35.67 29.36
CA SER Z 32 -7.92 -35.81 30.52
C SER Z 32 -8.62 -36.69 31.54
N VAL Z 33 -7.82 -37.43 32.30
CA VAL Z 33 -8.34 -38.36 33.31
C VAL Z 33 -8.19 -37.72 34.69
N LYS Z 34 -9.28 -37.74 35.45
CA LYS Z 34 -9.29 -37.19 36.79
C LYS Z 34 -8.57 -38.13 37.76
N GLY Z 35 -7.82 -37.54 38.68
CA GLY Z 35 -7.13 -38.32 39.69
C GLY Z 35 -5.77 -38.84 39.29
N ILE Z 36 -5.16 -38.30 38.23
CA ILE Z 36 -3.86 -38.73 37.75
C ILE Z 36 -2.87 -37.60 38.01
N LYS Z 37 -1.83 -37.89 38.80
CA LYS Z 37 -0.78 -36.91 39.05
C LYS Z 37 0.03 -36.66 37.77
N GLY Z 38 0.52 -37.72 37.15
CA GLY Z 38 1.20 -37.62 35.87
C GLY Z 38 2.71 -37.81 36.01
N ARG Z 39 3.36 -37.82 34.85
CA ARG Z 39 4.80 -37.97 34.73
C ARG Z 39 5.19 -37.45 33.36
N LEU Z 40 6.49 -37.21 33.17
CA LEU Z 40 6.98 -36.67 31.91
C LEU Z 40 6.68 -37.62 30.76
N ASN Z 41 5.90 -37.12 29.78
CA ASN Z 41 5.53 -37.85 28.57
C ASN Z 41 4.77 -39.13 28.88
N ARG Z 42 3.74 -39.02 29.72
CA ARG Z 42 2.75 -40.06 29.88
C ARG Z 42 1.37 -39.50 29.53
N LEU Z 43 0.70 -40.16 28.60
CA LEU Z 43 -0.67 -39.76 28.32
C LEU Z 43 -1.59 -40.23 29.44
N PRO Z 44 -2.38 -39.33 30.03
CA PRO Z 44 -3.34 -39.76 31.05
C PRO Z 44 -4.38 -40.70 30.46
N ALA Z 45 -4.46 -41.90 31.02
CA ALA Z 45 -5.32 -42.95 30.48
C ALA Z 45 -6.23 -43.47 31.57
N ALA Z 46 -7.44 -43.85 31.17
CA ALA Z 46 -8.48 -44.27 32.09
C ALA Z 46 -8.87 -45.71 31.81
N GLY Z 47 -9.24 -46.42 32.87
CA GLY Z 47 -9.73 -47.78 32.74
C GLY Z 47 -11.22 -47.88 33.03
N VAL Z 48 -11.70 -49.09 33.31
CA VAL Z 48 -13.11 -49.28 33.63
C VAL Z 48 -13.38 -48.75 35.04
N GLY Z 49 -14.37 -47.89 35.17
CA GLY Z 49 -14.74 -47.32 36.45
C GLY Z 49 -14.04 -46.03 36.81
N ASP Z 50 -13.10 -45.56 35.99
CA ASP Z 50 -12.39 -44.32 36.27
C ASP Z 50 -13.20 -43.13 35.76
N MET Z 51 -13.44 -42.16 36.63
CA MET Z 51 -14.18 -40.97 36.22
C MET Z 51 -13.26 -40.06 35.43
N VAL Z 52 -13.72 -39.65 34.25
CA VAL Z 52 -12.88 -39.02 33.24
C VAL Z 52 -13.54 -37.73 32.76
N MET Z 53 -12.72 -36.83 32.24
CA MET Z 53 -13.20 -35.59 31.64
C MET Z 53 -13.20 -35.78 30.13
N ALA Z 54 -14.36 -35.61 29.51
CA ALA Z 54 -14.53 -35.89 28.09
C ALA Z 54 -15.27 -34.73 27.42
N THR Z 55 -15.34 -34.81 26.09
CA THR Z 55 -16.04 -33.81 25.28
C THR Z 55 -16.84 -34.52 24.21
N VAL Z 56 -18.09 -34.10 24.03
CA VAL Z 56 -18.95 -34.70 23.01
C VAL Z 56 -18.51 -34.23 21.63
N LYS Z 57 -18.07 -35.15 20.79
CA LYS Z 57 -17.64 -34.80 19.45
C LYS Z 57 -18.80 -34.72 18.47
N LYS Z 58 -19.78 -35.62 18.59
CA LYS Z 58 -20.97 -35.56 17.75
C LYS Z 58 -22.20 -35.97 18.56
N GLY Z 59 -23.34 -35.44 18.18
CA GLY Z 59 -24.59 -35.69 18.87
C GLY Z 59 -25.49 -34.46 18.79
N LYS Z 60 -26.43 -34.38 19.74
CA LYS Z 60 -27.36 -33.25 19.73
C LYS Z 60 -26.59 -31.99 20.13
N PRO Z 61 -26.71 -30.90 19.37
CA PRO Z 61 -25.67 -29.86 19.34
C PRO Z 61 -25.38 -29.13 20.65
N GLU Z 62 -26.29 -29.09 21.62
CA GLU Z 62 -25.97 -28.36 22.84
C GLU Z 62 -24.99 -29.08 23.75
N LEU Z 63 -24.79 -30.39 23.55
CA LEU Z 63 -23.77 -31.09 24.32
C LEU Z 63 -22.38 -30.92 23.72
N ARG Z 64 -22.27 -30.43 22.49
CA ARG Z 64 -20.98 -30.22 21.86
C ARG Z 64 -20.37 -28.89 22.31
N LYS Z 65 -19.07 -28.74 22.02
CA LYS Z 65 -18.30 -27.53 22.31
C LYS Z 65 -18.30 -27.18 23.80
N LYS Z 66 -18.35 -28.20 24.66
CA LYS Z 66 -18.27 -27.99 26.10
C LYS Z 66 -17.72 -29.26 26.74
N VAL Z 67 -17.20 -29.11 27.94
CA VAL Z 67 -16.52 -30.20 28.66
C VAL Z 67 -17.52 -30.88 29.59
N HIS Z 68 -17.58 -32.20 29.51
CA HIS Z 68 -18.47 -33.00 30.34
C HIS Z 68 -17.69 -34.08 31.08
N PRO Z 69 -17.81 -34.13 32.40
CA PRO Z 69 -17.25 -35.28 33.13
C PRO Z 69 -17.97 -36.56 32.76
N ALA Z 70 -17.23 -37.67 32.83
CA ALA Z 70 -17.76 -38.94 32.35
C ALA Z 70 -17.10 -40.08 33.12
N VAL Z 71 -17.75 -41.25 33.08
CA VAL Z 71 -17.25 -42.46 33.70
C VAL Z 71 -17.24 -43.57 32.65
N VAL Z 72 -16.09 -44.22 32.48
CA VAL Z 72 -15.97 -45.31 31.53
C VAL Z 72 -16.61 -46.57 32.11
N ILE Z 73 -17.46 -47.21 31.31
CA ILE Z 73 -18.19 -48.40 31.73
C ILE Z 73 -17.63 -49.67 31.06
N ARG Z 74 -17.25 -49.57 29.79
CA ARG Z 74 -16.66 -50.67 29.05
C ARG Z 74 -15.35 -50.23 28.39
N GLN Z 75 -14.40 -51.16 28.28
CA GLN Z 75 -13.17 -50.94 27.55
C GLN Z 75 -12.86 -52.19 26.73
N ARG Z 76 -12.10 -51.98 25.64
CA ARG Z 76 -11.76 -53.08 24.75
C ARG Z 76 -10.42 -53.72 25.07
N LYS Z 77 -9.55 -53.01 25.78
CA LYS Z 77 -8.29 -53.61 26.24
C LYS Z 77 -8.59 -54.57 27.39
N SER Z 78 -8.02 -55.78 27.31
CA SER Z 78 -8.26 -56.79 28.31
C SER Z 78 -7.58 -56.41 29.64
N TYR Z 79 -8.27 -56.70 30.73
CA TYR Z 79 -7.74 -56.44 32.06
C TYR Z 79 -7.98 -57.66 32.94
N ARG Z 80 -7.14 -57.81 33.96
CA ARG Z 80 -7.13 -58.99 34.81
C ARG Z 80 -7.86 -58.71 36.11
N ARG Z 81 -8.87 -59.50 36.41
CA ARG Z 81 -9.51 -59.45 37.71
C ARG Z 81 -8.74 -60.29 38.73
N LYS Z 82 -9.07 -60.10 40.00
CA LYS Z 82 -8.34 -60.79 41.06
C LYS Z 82 -8.63 -62.29 41.12
N ASP Z 83 -9.78 -62.73 40.61
CA ASP Z 83 -10.08 -64.16 40.60
C ASP Z 83 -9.40 -64.89 39.45
N GLY Z 84 -8.83 -64.17 38.49
CA GLY Z 84 -8.04 -64.79 37.45
C GLY Z 84 -8.72 -64.91 36.10
N VAL Z 85 -9.55 -63.94 35.75
CA VAL Z 85 -10.21 -63.91 34.45
C VAL Z 85 -9.80 -62.63 33.72
N PHE Z 86 -9.54 -62.74 32.43
CA PHE Z 86 -9.20 -61.59 31.60
C PHE Z 86 -10.43 -61.23 30.77
N LEU Z 87 -10.97 -60.04 31.02
CA LEU Z 87 -12.22 -59.61 30.42
C LEU Z 87 -11.97 -58.40 29.54
N TYR Z 88 -12.48 -58.46 28.30
CA TYR Z 88 -12.47 -57.33 27.40
C TYR Z 88 -13.81 -57.26 26.68
N PHE Z 89 -14.24 -56.05 26.36
CA PHE Z 89 -15.55 -55.82 25.79
C PHE Z 89 -15.43 -55.59 24.28
N GLU Z 90 -16.58 -55.53 23.62
CA GLU Z 90 -16.62 -55.30 22.17
C GLU Z 90 -16.22 -53.87 21.82
N ASP Z 91 -16.52 -52.91 22.68
CA ASP Z 91 -16.26 -51.50 22.40
C ASP Z 91 -15.86 -50.79 23.68
N ASN Z 92 -15.36 -49.57 23.52
CA ASN Z 92 -15.06 -48.69 24.63
C ASN Z 92 -16.25 -47.75 24.82
N ALA Z 93 -16.83 -47.76 26.01
CA ALA Z 93 -18.07 -47.04 26.25
C ALA Z 93 -18.00 -46.25 27.54
N GLY Z 94 -18.80 -45.19 27.60
CA GLY Z 94 -18.90 -44.36 28.79
C GLY Z 94 -20.18 -43.57 28.76
N VAL Z 95 -20.50 -42.97 29.91
CA VAL Z 95 -21.74 -42.20 30.07
C VAL Z 95 -21.41 -40.86 30.70
N ILE Z 96 -22.28 -39.89 30.47
CA ILE Z 96 -22.10 -38.54 31.00
C ILE Z 96 -22.57 -38.53 32.45
N VAL Z 97 -21.65 -38.29 33.38
CA VAL Z 97 -21.92 -38.30 34.81
C VAL Z 97 -21.47 -36.95 35.37
N ASN Z 98 -22.25 -36.43 36.33
CA ASN Z 98 -21.95 -35.14 36.93
C ASN Z 98 -20.73 -35.28 37.86
N ASN Z 99 -20.40 -34.19 38.55
CA ASN Z 99 -19.19 -34.18 39.37
C ASN Z 99 -19.32 -35.08 40.61
N LYS Z 100 -20.52 -35.20 41.17
CA LYS Z 100 -20.72 -35.93 42.41
C LYS Z 100 -21.32 -37.32 42.20
N GLY Z 101 -21.38 -37.79 40.95
CA GLY Z 101 -21.62 -39.20 40.69
C GLY Z 101 -23.04 -39.61 40.36
N GLU Z 102 -23.76 -38.85 39.55
CA GLU Z 102 -25.07 -39.24 39.05
C GLU Z 102 -25.14 -39.04 37.54
N MET Z 103 -25.90 -39.91 36.87
CA MET Z 103 -26.04 -39.84 35.43
C MET Z 103 -26.82 -38.60 35.00
N LYS Z 104 -26.42 -38.03 33.86
CA LYS Z 104 -27.23 -37.05 33.17
C LYS Z 104 -28.38 -37.69 32.41
N GLY Z 105 -28.24 -38.94 32.01
CA GLY Z 105 -29.26 -39.66 31.27
C GLY Z 105 -30.16 -40.50 32.15
N SER Z 106 -30.86 -41.43 31.51
CA SER Z 106 -31.85 -42.26 32.19
C SER Z 106 -31.54 -43.74 32.13
N ALA Z 107 -31.14 -44.25 30.96
CA ALA Z 107 -31.01 -45.68 30.75
C ALA Z 107 -29.61 -46.03 30.26
N ILE Z 108 -29.29 -47.32 30.38
CA ILE Z 108 -28.01 -47.88 29.93
C ILE Z 108 -28.29 -48.88 28.82
N THR Z 109 -27.66 -48.68 27.67
CA THR Z 109 -27.64 -49.72 26.64
C THR Z 109 -26.32 -50.48 26.71
N GLY Z 110 -26.42 -51.80 26.56
CA GLY Z 110 -25.27 -52.67 26.68
C GLY Z 110 -24.93 -52.99 28.11
N PRO Z 111 -23.94 -53.85 28.31
CA PRO Z 111 -23.56 -54.26 29.67
C PRO Z 111 -22.67 -53.23 30.35
N VAL Z 112 -22.56 -53.36 31.66
CA VAL Z 112 -21.67 -52.55 32.48
C VAL Z 112 -20.79 -53.48 33.30
N ALA Z 113 -19.48 -53.28 33.22
CA ALA Z 113 -18.56 -54.08 34.01
C ALA Z 113 -18.75 -53.79 35.50
N LYS Z 114 -18.58 -54.83 36.32
CA LYS Z 114 -18.82 -54.70 37.76
C LYS Z 114 -17.80 -53.82 38.46
N GLU Z 115 -16.65 -53.55 37.84
CA GLU Z 115 -15.71 -52.58 38.41
C GLU Z 115 -16.31 -51.18 38.40
N CYS Z 116 -16.98 -50.81 37.31
CA CYS Z 116 -17.65 -49.52 37.27
C CYS Z 116 -18.93 -49.54 38.11
N ALA Z 117 -19.59 -50.70 38.19
CA ALA Z 117 -20.84 -50.81 38.92
C ALA Z 117 -20.64 -50.70 40.43
N ASP Z 118 -19.53 -51.24 40.95
CA ASP Z 118 -19.30 -51.21 42.39
C ASP Z 118 -18.92 -49.82 42.88
N LEU Z 119 -18.10 -49.09 42.12
CA LEU Z 119 -17.70 -47.75 42.51
C LEU Z 119 -18.80 -46.71 42.32
N TRP Z 120 -19.70 -46.93 41.37
CA TRP Z 120 -20.75 -45.96 41.05
C TRP Z 120 -22.10 -46.64 41.17
N PRO Z 121 -22.76 -46.55 42.34
CA PRO Z 121 -24.07 -47.18 42.49
C PRO Z 121 -25.15 -46.59 41.60
N ARG Z 122 -25.05 -45.31 41.23
CA ARG Z 122 -26.05 -44.70 40.36
C ARG Z 122 -25.98 -45.26 38.93
N ILE Z 123 -24.77 -45.55 38.44
CA ILE Z 123 -24.62 -46.17 37.14
C ILE Z 123 -25.20 -47.58 37.14
N ALA Z 124 -24.90 -48.35 38.20
CA ALA Z 124 -25.44 -49.70 38.32
C ALA Z 124 -26.95 -49.71 38.52
N SER Z 125 -27.52 -48.62 39.02
CA SER Z 125 -28.97 -48.54 39.18
C SER Z 125 -29.67 -48.57 37.82
N ASN Z 126 -29.13 -47.86 36.83
CA ASN Z 126 -29.70 -47.82 35.50
C ASN Z 126 -29.13 -48.89 34.58
N ALA Z 127 -28.17 -49.69 35.06
CA ALA Z 127 -27.55 -50.71 34.23
C ALA Z 127 -28.48 -51.89 34.03
N GLY Z 128 -28.50 -52.43 32.82
CA GLY Z 128 -29.31 -53.58 32.50
C GLY Z 128 -28.66 -54.89 32.92
N SER Z 129 -27.45 -55.14 32.43
CA SER Z 129 -26.70 -56.34 32.77
C SER Z 129 -25.34 -55.95 33.33
N ILE Z 130 -24.85 -56.76 34.27
CA ILE Z 130 -23.59 -56.50 34.96
C ILE Z 130 -22.57 -57.52 34.46
N ALA Z 131 -21.42 -57.01 34.00
CA ALA Z 131 -20.29 -57.81 33.53
C ALA Z 131 -20.67 -58.77 32.39
N MET AA 1 -15.66 -72.84 43.40
CA MET AA 1 -15.06 -72.55 42.10
C MET AA 1 -15.81 -73.30 41.01
N LYS AA 2 -16.39 -72.56 40.07
CA LYS AA 2 -17.18 -73.14 38.99
C LYS AA 2 -16.31 -73.20 37.73
N VAL AA 3 -16.08 -74.41 37.22
CA VAL AA 3 -15.35 -74.58 35.97
C VAL AA 3 -16.24 -74.24 34.80
N GLU AA 4 -15.70 -73.52 33.83
CA GLU AA 4 -16.43 -73.05 32.66
C GLU AA 4 -16.03 -73.84 31.42
N LEU AA 5 -16.87 -73.76 30.40
CA LEU AA 5 -16.64 -74.45 29.13
C LEU AA 5 -16.41 -73.42 28.03
N CYS AA 6 -15.56 -73.78 27.08
CA CYS AA 6 -15.26 -72.89 25.97
C CYS AA 6 -16.48 -72.68 25.09
N SER AA 7 -16.72 -71.43 24.69
CA SER AA 7 -17.87 -71.13 23.86
C SER AA 7 -17.71 -71.68 22.44
N PHE AA 8 -16.47 -71.79 21.96
CA PHE AA 8 -16.21 -72.30 20.61
C PHE AA 8 -15.93 -73.80 20.62
N SER AA 9 -14.90 -74.22 21.35
CA SER AA 9 -14.46 -75.60 21.31
C SER AA 9 -15.23 -76.51 22.26
N GLY AA 10 -15.74 -75.97 23.36
CA GLY AA 10 -16.39 -76.77 24.37
C GLY AA 10 -15.46 -77.43 25.36
N TYR AA 11 -14.18 -77.11 25.32
CA TYR AA 11 -13.22 -77.70 26.26
C TYR AA 11 -13.44 -77.13 27.67
N LYS AA 12 -12.83 -77.81 28.64
CA LYS AA 12 -12.96 -77.43 30.04
C LYS AA 12 -11.92 -76.38 30.38
N ILE AA 13 -12.38 -75.24 30.89
CA ILE AA 13 -11.52 -74.09 31.18
C ILE AA 13 -11.23 -74.04 32.67
N TYR AA 14 -9.96 -74.10 33.02
CA TYR AA 14 -9.51 -73.97 34.40
C TYR AA 14 -9.31 -72.49 34.75
N PRO AA 15 -9.39 -72.14 36.05
CA PRO AA 15 -9.43 -70.72 36.43
C PRO AA 15 -8.28 -69.86 35.92
N GLY AA 16 -7.06 -70.40 35.89
CA GLY AA 16 -5.93 -69.59 35.48
C GLY AA 16 -5.74 -69.39 33.99
N HIS AA 17 -6.59 -69.99 33.16
CA HIS AA 17 -6.40 -69.97 31.73
C HIS AA 17 -7.56 -69.28 31.03
N GLY AA 18 -7.30 -68.82 29.81
CA GLY AA 18 -8.35 -68.36 28.93
C GLY AA 18 -8.58 -66.86 28.96
N ARG AA 19 -9.68 -66.48 28.33
CA ARG AA 19 -10.05 -65.08 28.17
C ARG AA 19 -11.57 -65.00 28.14
N ARG AA 20 -12.11 -63.94 28.73
CA ARG AA 20 -13.55 -63.74 28.84
C ARG AA 20 -13.97 -62.59 27.93
N TYR AA 21 -14.99 -62.82 27.12
CA TYR AA 21 -15.45 -61.87 26.12
C TYR AA 21 -16.92 -61.55 26.35
N ALA AA 22 -17.23 -60.25 26.46
CA ALA AA 22 -18.59 -59.77 26.62
C ALA AA 22 -18.90 -58.79 25.49
N ARG AA 23 -20.02 -59.02 24.81
CA ARG AA 23 -20.39 -58.22 23.65
C ARG AA 23 -21.30 -57.07 24.04
N THR AA 24 -21.70 -56.28 23.04
CA THR AA 24 -22.60 -55.15 23.25
C THR AA 24 -24.00 -55.59 23.64
N ASP AA 25 -24.47 -56.73 23.13
CA ASP AA 25 -25.79 -57.26 23.46
C ASP AA 25 -25.72 -58.29 24.57
N GLY AA 26 -24.81 -58.11 25.52
CA GLY AA 26 -24.57 -59.12 26.54
C GLY AA 26 -23.82 -60.30 25.97
N LYS AA 27 -24.31 -61.51 26.25
CA LYS AA 27 -23.77 -62.76 25.69
C LYS AA 27 -22.29 -62.91 26.03
N VAL AA 28 -22.02 -63.06 27.34
CA VAL AA 28 -20.65 -63.27 27.80
C VAL AA 28 -20.16 -64.64 27.34
N PHE AA 29 -18.99 -64.65 26.71
CA PHE AA 29 -18.41 -65.88 26.18
C PHE AA 29 -17.12 -66.21 26.91
N GLN AA 30 -16.76 -67.50 26.87
CA GLN AA 30 -15.53 -67.99 27.46
C GLN AA 30 -14.70 -68.68 26.38
N PHE AA 31 -13.40 -68.37 26.34
CA PHE AA 31 -12.48 -68.94 25.38
C PHE AA 31 -11.36 -69.67 26.12
N LEU AA 32 -10.94 -70.81 25.58
CA LEU AA 32 -9.86 -71.57 26.21
C LEU AA 32 -8.51 -70.90 25.98
N ASN AA 33 -8.28 -70.41 24.76
CA ASN AA 33 -7.02 -69.75 24.42
C ASN AA 33 -7.28 -68.85 23.21
N ALA AA 34 -6.19 -68.31 22.65
CA ALA AA 34 -6.30 -67.46 21.46
C ALA AA 34 -6.64 -68.26 20.21
N LYS AA 35 -6.34 -69.56 20.18
CA LYS AA 35 -6.73 -70.40 19.06
C LYS AA 35 -8.24 -70.50 18.95
N CYS AA 36 -8.93 -70.68 20.08
CA CYS AA 36 -10.39 -70.68 20.08
C CYS AA 36 -10.93 -69.26 19.94
N GLU AA 37 -10.18 -68.26 20.41
CA GLU AA 37 -10.64 -66.88 20.33
C GLU AA 37 -10.63 -66.37 18.90
N SER AA 38 -9.59 -66.71 18.13
CA SER AA 38 -9.48 -66.24 16.76
C SER AA 38 -10.53 -66.84 15.83
N ALA AA 39 -10.89 -68.10 16.05
CA ALA AA 39 -11.92 -68.72 15.21
C ALA AA 39 -13.30 -68.16 15.53
N PHE AA 40 -13.56 -67.84 16.79
CA PHE AA 40 -14.85 -67.27 17.17
C PHE AA 40 -15.00 -65.85 16.61
N LEU AA 41 -13.93 -65.06 16.67
CA LEU AA 41 -13.98 -63.71 16.13
C LEU AA 41 -14.04 -63.68 14.60
N SER AA 42 -13.56 -64.74 13.95
CA SER AA 42 -13.68 -64.88 12.50
C SER AA 42 -14.94 -65.61 12.09
N LYS AA 43 -15.82 -65.93 13.04
CA LYS AA 43 -17.14 -66.50 12.79
C LYS AA 43 -17.05 -67.85 12.08
N ARG AA 44 -16.06 -68.66 12.46
CA ARG AA 44 -15.98 -70.03 12.00
C ARG AA 44 -16.88 -70.92 12.84
N ASN AA 45 -17.73 -71.69 12.18
CA ASN AA 45 -18.71 -72.49 12.89
C ASN AA 45 -18.02 -73.72 13.48
N PRO AA 46 -18.23 -74.01 14.78
CA PRO AA 46 -17.49 -75.12 15.41
C PRO AA 46 -17.84 -76.49 14.87
N ARG AA 47 -18.99 -76.67 14.22
CA ARG AA 47 -19.43 -77.98 13.79
C ARG AA 47 -18.76 -78.46 12.51
N GLN AA 48 -17.93 -77.63 11.88
CA GLN AA 48 -17.10 -78.06 10.76
C GLN AA 48 -15.61 -78.02 11.08
N ILE AA 49 -15.25 -77.69 12.32
CA ILE AA 49 -13.85 -77.73 12.78
C ILE AA 49 -13.67 -79.05 13.51
N ASN AA 50 -12.73 -79.87 13.02
CA ASN AA 50 -12.69 -81.29 13.36
C ASN AA 50 -12.38 -81.55 14.84
N TRP AA 51 -11.61 -80.68 15.49
CA TRP AA 51 -11.15 -80.96 16.85
C TRP AA 51 -12.05 -80.38 17.93
N THR AA 52 -13.19 -79.79 17.57
CA THR AA 52 -14.11 -79.27 18.55
C THR AA 52 -15.02 -80.37 19.09
N VAL AA 53 -15.58 -80.12 20.28
CA VAL AA 53 -16.49 -81.08 20.90
C VAL AA 53 -17.79 -81.18 20.09
N LEU AA 54 -18.26 -80.04 19.57
CA LEU AA 54 -19.51 -80.04 18.80
C LEU AA 54 -19.38 -80.85 17.52
N TYR AA 55 -18.18 -80.89 16.92
CA TYR AA 55 -17.97 -81.74 15.76
C TYR AA 55 -18.04 -83.22 16.14
N ARG AA 56 -17.39 -83.59 17.24
CA ARG AA 56 -17.36 -84.99 17.66
C ARG AA 56 -18.73 -85.46 18.13
N ARG AA 57 -19.51 -84.56 18.73
CA ARG AA 57 -20.87 -84.92 19.14
C ARG AA 57 -21.78 -85.09 17.94
N LYS AA 58 -21.66 -84.20 16.95
CA LYS AA 58 -22.52 -84.26 15.77
C LYS AA 58 -22.19 -85.47 14.91
N HIS AA 59 -20.91 -85.74 14.68
CA HIS AA 59 -20.49 -86.85 13.84
C HIS AA 59 -20.38 -88.17 14.58
N LYS AA 60 -20.68 -88.18 15.88
CA LYS AA 60 -20.72 -89.40 16.71
C LYS AA 60 -19.39 -90.13 16.72
N LYS AA 61 -18.29 -89.40 16.62
CA LYS AA 61 -16.97 -90.00 16.62
C LYS AA 61 -16.60 -90.47 18.03
N GLY AA 62 -15.92 -91.60 18.09
CA GLY AA 62 -15.61 -92.21 19.37
C GLY AA 62 -16.74 -93.12 19.81
N GLN AA 63 -17.19 -92.94 21.05
CA GLN AA 63 -18.30 -93.70 21.64
C GLN AA 63 -18.06 -95.22 21.59
N LYS BA 1 35.44 -8.82 -89.26
CA LYS BA 1 34.98 -9.83 -88.33
C LYS BA 1 33.89 -9.28 -87.40
N ILE BA 2 33.05 -10.18 -86.89
CA ILE BA 2 31.95 -9.79 -86.02
C ILE BA 2 32.00 -10.63 -84.76
N ARG BA 3 31.41 -10.11 -83.69
CA ARG BA 3 31.35 -10.77 -82.39
C ARG BA 3 29.94 -11.32 -82.19
N THR BA 4 29.80 -12.64 -82.36
CA THR BA 4 28.49 -13.27 -82.18
C THR BA 4 28.11 -13.32 -80.70
N SER BA 5 29.03 -13.73 -79.84
CA SER BA 5 28.74 -13.83 -78.41
C SER BA 5 29.10 -12.53 -77.70
N PRO BA 6 28.29 -12.13 -76.71
CA PRO BA 6 28.58 -10.90 -75.96
C PRO BA 6 29.68 -11.04 -74.93
N THR BA 7 30.28 -12.23 -74.78
CA THR BA 7 31.34 -12.47 -73.81
C THR BA 7 32.69 -12.54 -74.52
N PHE BA 8 33.74 -12.16 -73.79
CA PHE BA 8 35.10 -12.18 -74.30
C PHE BA 8 35.87 -13.29 -73.58
N ARG BA 9 36.35 -14.25 -74.35
CA ARG BA 9 37.19 -15.32 -73.83
C ARG BA 9 38.63 -15.12 -74.28
N ARG BA 10 39.56 -15.64 -73.48
CA ARG BA 10 40.98 -15.53 -73.82
C ARG BA 10 41.27 -16.40 -75.03
N PRO BA 11 41.90 -15.86 -76.07
CA PRO BA 11 42.21 -16.66 -77.26
C PRO BA 11 43.23 -17.75 -76.94
N LYS BA 12 43.10 -18.86 -77.67
CA LYS BA 12 43.94 -20.04 -77.45
C LYS BA 12 45.31 -19.77 -78.06
N THR BA 13 46.23 -19.23 -77.24
CA THR BA 13 47.59 -18.99 -77.69
C THR BA 13 48.36 -20.30 -77.76
N LEU BA 14 49.29 -20.36 -78.71
CA LEU BA 14 50.11 -21.55 -78.88
C LEU BA 14 51.16 -21.63 -77.77
N ARG BA 15 51.39 -22.86 -77.29
CA ARG BA 15 52.36 -23.11 -76.25
C ARG BA 15 53.27 -24.25 -76.68
N LEU BA 16 54.55 -24.15 -76.35
CA LEU BA 16 55.53 -25.14 -76.78
C LEU BA 16 55.65 -26.26 -75.73
N ARG BA 17 56.53 -27.20 -76.00
CA ARG BA 17 56.93 -28.24 -75.06
C ARG BA 17 58.28 -27.87 -74.45
N ARG BA 18 58.71 -28.68 -73.48
CA ARG BA 18 60.01 -28.47 -72.86
C ARG BA 18 61.11 -28.93 -73.81
N GLN BA 19 62.08 -28.05 -74.07
CA GLN BA 19 63.24 -28.36 -74.90
C GLN BA 19 64.50 -27.93 -74.15
N PRO BA 20 64.84 -28.63 -73.06
CA PRO BA 20 65.95 -28.17 -72.22
C PRO BA 20 67.29 -28.29 -72.92
N LYS BA 21 68.16 -27.30 -72.69
CA LYS BA 21 69.52 -27.35 -73.19
C LYS BA 21 70.41 -28.28 -72.37
N TYR BA 22 69.97 -28.68 -71.18
CA TYR BA 22 70.69 -29.60 -70.33
C TYR BA 22 69.67 -30.28 -69.42
N PRO BA 23 69.82 -31.57 -69.15
CA PRO BA 23 68.91 -32.23 -68.20
C PRO BA 23 69.14 -31.71 -66.79
N ARG BA 24 68.05 -31.71 -66.00
CA ARG BA 24 68.15 -31.25 -64.62
C ARG BA 24 69.05 -32.17 -63.80
N LYS BA 25 68.94 -33.48 -64.02
CA LYS BA 25 69.81 -34.46 -63.38
C LYS BA 25 70.62 -35.19 -64.45
N SER BA 26 71.84 -35.58 -64.07
CA SER BA 26 72.77 -36.15 -65.03
C SER BA 26 72.34 -37.55 -65.48
N ALA BA 27 71.95 -38.40 -64.54
CA ALA BA 27 71.58 -39.77 -64.86
C ALA BA 27 70.24 -40.12 -64.25
N PRO BA 28 69.47 -41.00 -64.90
CA PRO BA 28 68.21 -41.45 -64.30
C PRO BA 28 68.45 -42.27 -63.04
N ARG BA 29 67.53 -42.16 -62.09
CA ARG BA 29 67.65 -42.91 -60.85
C ARG BA 29 67.40 -44.40 -61.11
N ARG BA 30 68.30 -45.23 -60.59
CA ARG BA 30 68.17 -46.67 -60.77
C ARG BA 30 67.00 -47.20 -59.93
N ASN BA 31 66.38 -48.28 -60.43
CA ASN BA 31 65.26 -48.89 -59.73
C ASN BA 31 65.74 -49.60 -58.48
N LYS BA 32 65.36 -49.06 -57.31
CA LYS BA 32 65.73 -49.66 -56.03
C LYS BA 32 64.81 -50.79 -55.62
N LEU BA 33 63.63 -50.91 -56.23
CA LEU BA 33 62.71 -52.01 -55.95
C LEU BA 33 62.85 -53.03 -57.09
N ASP BA 34 63.87 -53.86 -57.00
CA ASP BA 34 64.12 -54.90 -57.98
C ASP BA 34 63.45 -56.19 -57.55
N HIS BA 35 63.67 -57.27 -58.30
CA HIS BA 35 63.05 -58.55 -57.97
C HIS BA 35 63.63 -59.17 -56.71
N TYR BA 36 64.83 -58.74 -56.30
CA TYR BA 36 65.44 -59.28 -55.10
C TYR BA 36 65.02 -58.55 -53.84
N ALA BA 37 64.91 -57.21 -53.90
CA ALA BA 37 64.51 -56.45 -52.73
C ALA BA 37 63.03 -56.60 -52.41
N ILE BA 38 62.20 -56.89 -53.41
CA ILE BA 38 60.77 -57.05 -53.18
C ILE BA 38 60.44 -58.29 -52.36
N ILE BA 39 61.18 -59.39 -52.54
CA ILE BA 39 60.95 -60.63 -51.80
C ILE BA 39 62.07 -60.78 -50.80
N LYS BA 40 61.73 -60.67 -49.51
CA LYS BA 40 62.75 -60.72 -48.47
C LYS BA 40 63.07 -62.17 -48.08
N PHE BA 41 62.11 -62.89 -47.53
CA PHE BA 41 62.31 -64.25 -47.08
C PHE BA 41 60.95 -64.92 -46.92
N PRO BA 42 60.86 -66.23 -47.14
CA PRO BA 42 59.62 -66.95 -46.88
C PRO BA 42 59.51 -67.37 -45.42
N LEU BA 43 58.31 -67.82 -45.05
CA LEU BA 43 57.99 -68.16 -43.68
C LEU BA 43 58.11 -69.67 -43.46
N THR BA 44 58.66 -70.04 -42.31
CA THR BA 44 58.70 -71.43 -41.87
C THR BA 44 57.76 -71.68 -40.69
N THR BA 45 56.68 -70.91 -40.64
CA THR BA 45 55.69 -71.09 -39.58
C THR BA 45 54.90 -72.37 -39.79
N GLU BA 46 54.48 -72.99 -38.68
CA GLU BA 46 53.62 -74.17 -38.76
C GLU BA 46 52.31 -73.85 -39.46
N SER BA 47 51.85 -72.59 -39.39
CA SER BA 47 50.73 -72.16 -40.21
C SER BA 47 51.15 -71.92 -41.65
N ALA BA 48 52.41 -71.53 -41.87
CA ALA BA 48 52.91 -71.31 -43.22
C ALA BA 48 53.02 -72.61 -44.01
N MET BA 49 53.57 -73.67 -43.41
CA MET BA 49 53.52 -74.97 -44.06
C MET BA 49 52.09 -75.45 -44.23
N LYS BA 50 51.25 -75.28 -43.20
CA LYS BA 50 49.86 -75.71 -43.29
C LYS BA 50 49.15 -75.02 -44.45
N LYS BA 51 49.59 -73.81 -44.81
CA LYS BA 51 49.12 -73.14 -46.01
C LYS BA 51 49.70 -73.75 -47.29
N ILE BA 52 50.76 -74.56 -47.17
CA ILE BA 52 51.48 -75.02 -48.37
C ILE BA 52 50.97 -76.37 -48.85
N GLU BA 53 50.99 -77.41 -47.99
CA GLU BA 53 50.54 -78.73 -48.47
C GLU BA 53 49.06 -78.76 -48.79
N ASP BA 54 48.26 -77.92 -48.16
CA ASP BA 54 46.82 -77.96 -48.35
C ASP BA 54 46.37 -77.05 -49.49
N ASN BA 55 46.71 -75.77 -49.43
CA ASN BA 55 46.23 -74.80 -50.40
C ASN BA 55 47.12 -74.69 -51.64
N ASN BA 56 48.26 -75.38 -51.67
CA ASN BA 56 49.22 -75.34 -52.77
C ASN BA 56 49.64 -73.91 -53.07
N THR BA 57 50.13 -73.24 -52.03
CA THR BA 57 50.47 -71.83 -52.07
C THR BA 57 51.90 -71.63 -51.54
N LEU BA 58 52.35 -70.39 -51.56
CA LEU BA 58 53.61 -69.98 -50.96
C LEU BA 58 53.38 -68.71 -50.14
N VAL BA 59 54.07 -68.63 -49.00
CA VAL BA 59 53.97 -67.50 -48.09
C VAL BA 59 55.32 -66.79 -48.05
N PHE BA 60 55.31 -65.49 -48.29
CA PHE BA 60 56.52 -64.70 -48.36
C PHE BA 60 56.39 -63.43 -47.53
N ILE BA 61 57.53 -62.89 -47.12
CA ILE BA 61 57.63 -61.54 -46.57
C ILE BA 61 58.09 -60.63 -47.70
N VAL BA 62 57.26 -59.65 -48.03
CA VAL BA 62 57.50 -58.75 -49.15
C VAL BA 62 57.47 -57.32 -48.65
N ASP BA 63 58.14 -56.43 -49.39
CA ASP BA 63 58.20 -55.03 -49.02
C ASP BA 63 56.82 -54.39 -49.04
N VAL BA 64 56.64 -53.40 -48.16
CA VAL BA 64 55.34 -52.75 -48.01
C VAL BA 64 54.98 -51.90 -49.23
N LYS BA 65 55.94 -51.52 -50.06
CA LYS BA 65 55.69 -50.72 -51.25
C LYS BA 65 55.31 -51.56 -52.46
N ALA BA 66 55.25 -52.89 -52.31
CA ALA BA 66 55.00 -53.76 -53.45
C ALA BA 66 53.53 -53.81 -53.80
N ASN BA 67 53.26 -54.05 -55.09
CA ASN BA 67 51.90 -54.28 -55.57
C ASN BA 67 51.63 -55.78 -55.63
N LYS BA 68 50.38 -56.14 -55.92
CA LYS BA 68 50.09 -57.54 -56.23
C LYS BA 68 50.61 -57.91 -57.60
N HIS BA 69 50.64 -56.95 -58.54
CA HIS BA 69 51.21 -57.20 -59.85
C HIS BA 69 52.72 -57.38 -59.77
N GLN BA 70 53.38 -56.57 -58.94
CA GLN BA 70 54.83 -56.69 -58.77
C GLN BA 70 55.23 -57.99 -58.10
N ILE BA 71 54.43 -58.49 -57.16
CA ILE BA 71 54.72 -59.78 -56.55
C ILE BA 71 54.55 -60.90 -57.57
N LYS BA 72 53.56 -60.78 -58.46
CA LYS BA 72 53.30 -61.80 -59.47
C LYS BA 72 54.48 -61.96 -60.42
N GLN BA 73 55.07 -60.85 -60.88
CA GLN BA 73 56.21 -60.94 -61.79
C GLN BA 73 57.49 -61.30 -61.04
N ALA BA 74 57.59 -60.98 -59.76
CA ALA BA 74 58.80 -61.27 -59.00
C ALA BA 74 58.96 -62.76 -58.76
N VAL BA 75 57.89 -63.42 -58.30
CA VAL BA 75 57.93 -64.87 -58.10
C VAL BA 75 58.09 -65.58 -59.44
N LYS BA 76 57.49 -65.03 -60.49
CA LYS BA 76 57.64 -65.59 -61.83
C LYS BA 76 59.09 -65.54 -62.31
N LYS BA 77 59.79 -64.42 -62.05
CA LYS BA 77 61.14 -64.26 -62.56
C LYS BA 77 62.17 -65.03 -61.74
N LEU BA 78 62.00 -65.05 -60.40
CA LEU BA 78 63.04 -65.59 -59.53
C LEU BA 78 63.12 -67.11 -59.57
N TYR BA 79 61.97 -67.80 -59.63
CA TYR BA 79 61.95 -69.24 -59.46
C TYR BA 79 61.48 -69.99 -60.70
N ASP BA 80 61.17 -69.29 -61.79
CA ASP BA 80 60.71 -69.86 -63.06
C ASP BA 80 59.44 -70.69 -62.81
N ILE BA 81 58.41 -70.01 -62.31
CA ILE BA 81 57.06 -70.54 -62.18
C ILE BA 81 56.09 -69.46 -62.61
N ASP BA 82 54.79 -69.74 -62.48
CA ASP BA 82 53.76 -68.74 -62.71
C ASP BA 82 52.71 -68.82 -61.60
N VAL BA 83 52.01 -67.71 -61.40
CA VAL BA 83 51.21 -67.49 -60.20
C VAL BA 83 49.74 -67.38 -60.60
N ALA BA 84 48.88 -68.11 -59.89
CA ALA BA 84 47.44 -67.98 -60.11
C ALA BA 84 46.91 -66.67 -59.55
N LYS BA 85 47.07 -66.45 -58.24
CA LYS BA 85 46.62 -65.22 -57.61
C LYS BA 85 47.46 -64.95 -56.37
N VAL BA 86 47.43 -63.70 -55.93
CA VAL BA 86 48.21 -63.26 -54.77
C VAL BA 86 47.26 -62.53 -53.81
N ASN BA 87 47.26 -62.95 -52.55
CA ASN BA 87 46.55 -62.26 -51.49
C ASN BA 87 47.55 -61.69 -50.49
N THR BA 88 47.42 -60.41 -50.19
CA THR BA 88 48.40 -59.71 -49.36
C THR BA 88 47.74 -59.18 -48.09
N LEU BA 89 48.56 -59.02 -47.06
CA LEU BA 89 48.13 -58.38 -45.82
C LEU BA 89 49.35 -57.73 -45.18
N ILE BA 90 49.08 -56.78 -44.29
CA ILE BA 90 50.14 -56.12 -43.52
C ILE BA 90 49.97 -56.54 -42.07
N ARG BA 91 50.96 -57.26 -41.55
CA ARG BA 91 50.93 -57.70 -40.17
C ARG BA 91 51.25 -56.53 -39.24
N PRO BA 92 50.72 -56.54 -38.02
CA PRO BA 92 51.00 -55.45 -37.08
C PRO BA 92 52.47 -55.30 -36.72
N ASP BA 93 53.32 -56.28 -37.03
CA ASP BA 93 54.76 -56.12 -36.84
C ASP BA 93 55.34 -55.06 -37.76
N GLY BA 94 54.84 -54.95 -38.99
CA GLY BA 94 55.13 -53.81 -39.84
C GLY BA 94 55.45 -54.10 -41.29
N GLU BA 95 55.92 -55.29 -41.63
CA GLU BA 95 56.11 -55.61 -43.04
C GLU BA 95 54.93 -56.44 -43.57
N LYS BA 96 54.93 -56.64 -44.89
CA LYS BA 96 53.77 -57.15 -45.63
C LYS BA 96 53.94 -58.64 -45.90
N LYS BA 97 52.93 -59.41 -45.49
CA LYS BA 97 52.85 -60.84 -45.78
C LYS BA 97 51.95 -61.05 -46.99
N ALA BA 98 52.40 -61.89 -47.92
CA ALA BA 98 51.66 -62.17 -49.13
C ALA BA 98 51.50 -63.68 -49.30
N TYR BA 99 50.28 -64.11 -49.61
CA TYR BA 99 50.00 -65.51 -49.94
C TYR BA 99 49.98 -65.67 -51.45
N VAL BA 100 50.88 -66.49 -51.96
CA VAL BA 100 51.10 -66.64 -53.40
C VAL BA 100 50.51 -67.99 -53.82
N ARG BA 101 49.32 -67.95 -54.41
CA ARG BA 101 48.67 -69.16 -54.90
C ARG BA 101 49.30 -69.61 -56.21
N LEU BA 102 49.77 -70.85 -56.25
CA LEU BA 102 50.41 -71.39 -57.44
C LEU BA 102 49.38 -72.09 -58.33
N ALA BA 103 49.75 -72.21 -59.61
CA ALA BA 103 48.90 -72.89 -60.58
C ALA BA 103 48.91 -74.40 -60.34
N PRO BA 104 47.84 -75.11 -60.71
CA PRO BA 104 47.76 -76.55 -60.40
C PRO BA 104 48.78 -77.42 -61.11
N ASP BA 105 49.43 -76.93 -62.19
CA ASP BA 105 50.45 -77.72 -62.84
C ASP BA 105 51.80 -77.65 -62.13
N TYR BA 106 51.95 -76.74 -61.17
CA TYR BA 106 53.11 -76.69 -60.29
C TYR BA 106 52.70 -77.11 -58.89
N ASP BA 107 53.65 -77.68 -58.15
CA ASP BA 107 53.39 -78.18 -56.80
C ASP BA 107 54.13 -77.31 -55.80
N ALA BA 108 53.43 -76.91 -54.74
CA ALA BA 108 54.03 -76.07 -53.72
C ALA BA 108 55.13 -76.80 -52.95
N LEU BA 109 55.00 -78.13 -52.79
CA LEU BA 109 56.00 -78.89 -52.06
C LEU BA 109 57.33 -78.96 -52.80
N ASP BA 110 57.29 -79.16 -54.12
CA ASP BA 110 58.52 -79.34 -54.88
C ASP BA 110 59.33 -78.05 -54.96
N VAL BA 111 58.68 -76.93 -55.25
CA VAL BA 111 59.38 -75.66 -55.33
C VAL BA 111 59.90 -75.21 -53.97
N ALA BA 112 59.33 -75.72 -52.87
CA ALA BA 112 59.85 -75.41 -51.55
C ALA BA 112 61.22 -76.04 -51.32
N ASN BA 113 61.47 -77.21 -51.92
CA ASN BA 113 62.75 -77.88 -51.71
C ASN BA 113 63.88 -77.18 -52.46
N LYS BA 114 63.59 -76.61 -53.64
CA LYS BA 114 64.64 -75.88 -54.37
C LYS BA 114 65.03 -74.60 -53.64
N ILE BA 115 64.07 -73.95 -52.99
CA ILE BA 115 64.35 -72.69 -52.29
C ILE BA 115 64.77 -72.91 -50.84
N GLY BA 116 64.72 -74.15 -50.34
CA GLY BA 116 65.33 -74.51 -49.09
C GLY BA 116 64.39 -74.64 -47.90
N ILE BA 117 63.18 -74.09 -47.99
CA ILE BA 117 62.26 -74.14 -46.85
C ILE BA 117 61.59 -75.51 -46.80
N ILE BA 118 61.43 -76.04 -45.59
CA ILE BA 118 60.77 -77.33 -45.40
C ILE BA 118 60.22 -77.40 -43.98
N MET CA 1 107.91 -27.09 -17.20
CA MET CA 1 106.74 -26.45 -17.79
C MET CA 1 106.51 -26.79 -19.23
N LYS CA 2 105.25 -26.83 -19.63
CA LYS CA 2 104.92 -26.86 -21.04
C LYS CA 2 104.61 -25.44 -21.53
N PHE CA 3 105.07 -25.14 -22.74
CA PHE CA 3 104.94 -23.81 -23.31
C PHE CA 3 104.01 -23.74 -24.50
N ASN CA 4 103.52 -24.86 -25.00
CA ASN CA 4 102.59 -24.82 -26.13
C ASN CA 4 101.22 -24.36 -25.64
N PRO CA 5 100.67 -23.26 -26.18
CA PRO CA 5 99.37 -22.80 -25.71
C PRO CA 5 98.21 -23.68 -26.13
N PHE CA 6 98.38 -24.52 -27.14
CA PHE CA 6 97.32 -25.39 -27.64
C PHE CA 6 97.38 -26.80 -27.05
N VAL CA 7 98.30 -27.06 -26.13
CA VAL CA 7 98.45 -28.37 -25.49
C VAL CA 7 97.74 -28.32 -24.15
N THR CA 8 96.86 -29.30 -23.92
CA THR CA 8 96.02 -29.31 -22.73
C THR CA 8 96.84 -29.73 -21.50
N SER CA 9 96.68 -28.99 -20.41
CA SER CA 9 97.23 -29.35 -19.11
C SER CA 9 96.14 -29.66 -18.10
N ASP CA 10 94.88 -29.64 -18.51
CA ASP CA 10 93.77 -29.94 -17.61
C ASP CA 10 93.74 -31.42 -17.27
N ARG CA 11 93.43 -31.73 -16.01
CA ARG CA 11 93.37 -33.13 -15.58
C ARG CA 11 92.13 -33.82 -16.15
N SER CA 12 90.97 -33.15 -16.07
CA SER CA 12 89.73 -33.75 -16.56
C SER CA 12 89.74 -33.92 -18.06
N LYS CA 13 90.31 -32.96 -18.80
CA LYS CA 13 90.38 -33.08 -20.25
C LYS CA 13 91.35 -34.17 -20.67
N ASN CA 14 92.49 -34.29 -19.98
CA ASN CA 14 93.48 -35.31 -20.34
C ASN CA 14 92.94 -36.71 -20.10
N ARG CA 15 92.18 -36.90 -19.03
CA ARG CA 15 91.56 -38.20 -18.78
C ARG CA 15 90.48 -38.51 -19.80
N LYS CA 16 89.83 -37.48 -20.34
CA LYS CA 16 88.83 -37.69 -21.39
C LYS CA 16 89.47 -38.19 -22.67
N ARG CA 17 90.65 -37.66 -23.02
CA ARG CA 17 91.36 -38.13 -24.20
C ARG CA 17 91.82 -39.57 -24.02
N HIS CA 18 92.27 -39.92 -22.82
CA HIS CA 18 92.81 -41.26 -22.58
C HIS CA 18 91.72 -42.33 -22.62
N PHE CA 19 90.58 -42.06 -21.95
CA PHE CA 19 89.53 -43.07 -21.85
C PHE CA 19 88.60 -43.09 -23.05
N ASN CA 20 88.67 -42.11 -23.95
CA ASN CA 20 87.86 -42.09 -25.15
C ASN CA 20 88.72 -42.03 -26.41
N ALA CA 21 89.94 -42.55 -26.31
CA ALA CA 21 90.85 -42.55 -27.46
C ALA CA 21 90.38 -43.58 -28.48
N PRO CA 22 90.48 -43.27 -29.77
CA PRO CA 22 90.13 -44.24 -30.81
C PRO CA 22 91.18 -45.35 -30.89
N SER CA 23 90.81 -46.41 -31.63
CA SER CA 23 91.58 -47.65 -31.61
C SER CA 23 93.00 -47.47 -32.14
N HIS CA 24 93.18 -46.62 -33.15
CA HIS CA 24 94.52 -46.37 -33.67
C HIS CA 24 95.36 -45.56 -32.70
N ILE CA 25 94.71 -44.79 -31.81
CA ILE CA 25 95.44 -44.11 -30.76
C ILE CA 25 95.68 -45.04 -29.57
N ARG CA 26 94.77 -46.00 -29.35
CA ARG CA 26 94.93 -46.97 -28.27
C ARG CA 26 96.21 -47.78 -28.40
N ARG CA 27 96.61 -48.12 -29.63
CA ARG CA 27 97.84 -48.85 -29.84
C ARG CA 27 99.06 -48.02 -29.42
N LYS CA 28 99.05 -46.72 -29.72
CA LYS CA 28 100.18 -45.86 -29.39
C LYS CA 28 100.37 -45.70 -27.89
N ILE CA 29 99.27 -45.68 -27.13
CA ILE CA 29 99.38 -45.62 -25.68
C ILE CA 29 100.01 -46.89 -25.15
N MET CA 30 99.66 -48.03 -25.74
CA MET CA 30 100.20 -49.32 -25.33
C MET CA 30 101.57 -49.55 -25.92
N SER CA 31 102.55 -48.78 -25.50
CA SER CA 31 103.93 -49.02 -25.87
C SER CA 31 104.69 -49.44 -24.61
N SER CA 32 105.64 -50.34 -24.80
CA SER CA 32 106.42 -50.89 -23.71
C SER CA 32 107.89 -50.88 -24.09
N PRO CA 33 108.78 -50.66 -23.14
CA PRO CA 33 110.21 -50.59 -23.47
C PRO CA 33 110.73 -51.94 -23.91
N LEU CA 34 111.72 -51.90 -24.81
CA LEU CA 34 112.34 -53.14 -25.26
C LEU CA 34 113.30 -53.64 -24.20
N SER CA 35 113.69 -54.92 -24.33
CA SER CA 35 114.69 -55.46 -23.43
C SER CA 35 116.04 -54.81 -23.70
N LYS CA 36 116.92 -54.89 -22.70
CA LYS CA 36 118.19 -54.18 -22.78
C LYS CA 36 119.10 -54.70 -23.89
N GLU CA 37 119.02 -55.99 -24.22
CA GLU CA 37 119.82 -56.53 -25.31
C GLU CA 37 119.36 -55.98 -26.65
N LEU CA 38 118.06 -55.76 -26.82
CA LEU CA 38 117.57 -55.16 -28.06
C LEU CA 38 117.97 -53.70 -28.19
N ARG CA 39 118.26 -53.01 -27.08
CA ARG CA 39 118.24 -51.56 -27.07
C ARG CA 39 119.46 -50.93 -27.76
N GLN CA 40 120.63 -51.55 -27.67
CA GLN CA 40 121.76 -51.03 -28.44
C GLN CA 40 121.66 -51.42 -29.91
N LYS CA 41 121.06 -52.58 -30.20
CA LYS CA 41 121.00 -53.08 -31.57
C LYS CA 41 120.01 -52.28 -32.42
N TYR CA 42 118.83 -52.01 -31.88
CA TYR CA 42 117.81 -51.25 -32.61
C TYR CA 42 117.85 -49.76 -32.31
N ASN CA 43 118.48 -49.35 -31.22
CA ASN CA 43 118.54 -47.95 -30.77
C ASN CA 43 117.13 -47.36 -30.65
N VAL CA 44 116.21 -48.14 -30.07
CA VAL CA 44 114.83 -47.73 -29.88
C VAL CA 44 114.47 -47.91 -28.41
N ARG CA 45 113.90 -46.86 -27.80
CA ARG CA 45 113.57 -46.91 -26.38
C ARG CA 45 112.35 -47.80 -26.14
N SER CA 46 111.20 -47.44 -26.71
CA SER CA 46 109.95 -48.15 -26.44
C SER CA 46 109.24 -48.38 -27.76
N MET CA 47 108.20 -49.22 -27.73
CA MET CA 47 107.53 -49.59 -28.97
C MET CA 47 106.16 -50.14 -28.67
N PRO CA 48 105.13 -49.82 -29.48
CA PRO CA 48 103.84 -50.47 -29.30
C PRO CA 48 103.92 -51.98 -29.47
N ILE CA 49 103.08 -52.68 -28.73
CA ILE CA 49 103.11 -54.14 -28.65
C ILE CA 49 102.05 -54.71 -29.58
N ARG CA 50 102.30 -55.92 -30.07
CA ARG CA 50 101.43 -56.65 -30.99
C ARG CA 50 101.01 -57.99 -30.40
N LYS CA 51 100.37 -58.80 -31.24
CA LYS CA 51 99.76 -60.05 -30.77
C LYS CA 51 100.79 -61.10 -30.38
N ASP CA 52 101.95 -61.11 -31.03
CA ASP CA 52 102.96 -62.15 -30.78
C ASP CA 52 104.30 -61.50 -30.45
N ASP CA 53 104.48 -61.17 -29.16
CA ASP CA 53 105.74 -60.64 -28.66
C ASP CA 53 106.10 -61.33 -27.35
N GLU CA 54 107.37 -61.62 -27.18
CA GLU CA 54 107.89 -62.26 -25.97
C GLU CA 54 107.97 -61.24 -24.85
N VAL CA 55 107.44 -61.61 -23.68
CA VAL CA 55 107.19 -60.67 -22.60
C VAL CA 55 107.75 -61.21 -21.30
N GLN CA 56 108.53 -60.39 -20.61
CA GLN CA 56 108.80 -60.55 -19.19
C GLN CA 56 107.93 -59.58 -18.39
N VAL CA 57 107.45 -60.04 -17.24
CA VAL CA 57 106.63 -59.24 -16.35
C VAL CA 57 107.55 -58.62 -15.29
N VAL CA 58 107.49 -57.30 -15.17
CA VAL CA 58 108.42 -56.56 -14.32
C VAL CA 58 107.81 -56.25 -12.96
N ARG CA 59 106.55 -55.81 -12.94
CA ARG CA 59 105.87 -55.44 -11.71
C ARG CA 59 104.66 -56.34 -11.50
N GLY CA 60 103.91 -56.07 -10.44
CA GLY CA 60 102.71 -56.82 -10.14
C GLY CA 60 103.01 -58.13 -9.44
N HIS CA 61 101.94 -58.92 -9.27
CA HIS CA 61 102.04 -60.19 -8.57
C HIS CA 61 102.64 -61.30 -9.44
N TYR CA 62 102.68 -61.11 -10.75
CA TYR CA 62 103.19 -62.13 -11.67
C TYR CA 62 104.56 -61.77 -12.24
N LYS CA 63 105.30 -60.91 -11.55
CA LYS CA 63 106.62 -60.52 -12.04
C LYS CA 63 107.61 -61.66 -11.88
N GLY CA 64 108.63 -61.64 -12.73
CA GLY CA 64 109.64 -62.68 -12.69
C GLY CA 64 110.48 -62.65 -13.97
N GLN CA 65 111.29 -63.69 -14.12
CA GLN CA 65 112.18 -63.82 -15.26
C GLN CA 65 111.66 -64.78 -16.32
N GLN CA 66 110.41 -65.22 -16.18
CA GLN CA 66 109.83 -66.16 -17.13
C GLN CA 66 109.57 -65.48 -18.48
N ILE CA 67 109.71 -66.24 -19.55
CA ILE CA 67 109.51 -65.75 -20.91
C ILE CA 67 108.17 -66.27 -21.41
N GLY CA 68 107.25 -65.35 -21.68
CA GLY CA 68 105.95 -65.72 -22.23
C GLY CA 68 105.55 -64.77 -23.34
N LYS CA 69 104.77 -65.31 -24.28
CA LYS CA 69 104.31 -64.54 -25.42
C LYS CA 69 102.91 -64.00 -25.17
N VAL CA 70 102.56 -62.96 -25.93
CA VAL CA 70 101.25 -62.34 -25.84
C VAL CA 70 100.22 -63.25 -26.50
N VAL CA 71 99.03 -63.34 -25.92
CA VAL CA 71 97.92 -64.07 -26.50
C VAL CA 71 97.07 -63.18 -27.38
N GLN CA 72 96.59 -62.06 -26.84
CA GLN CA 72 95.83 -61.07 -27.60
C GLN CA 72 96.02 -59.70 -26.97
N VAL CA 73 95.73 -58.67 -27.75
CA VAL CA 73 95.80 -57.29 -27.28
C VAL CA 73 94.38 -56.76 -27.18
N TYR CA 74 93.92 -56.54 -25.95
CA TYR CA 74 92.56 -56.09 -25.67
C TYR CA 74 92.59 -54.58 -25.51
N ARG CA 75 92.37 -53.86 -26.61
CA ARG CA 75 92.50 -52.41 -26.60
C ARG CA 75 91.36 -51.72 -25.88
N LYS CA 76 90.26 -52.42 -25.60
CA LYS CA 76 89.14 -51.79 -24.91
C LYS CA 76 89.34 -51.73 -23.40
N LYS CA 77 90.22 -52.55 -22.83
CA LYS CA 77 90.44 -52.59 -21.38
C LYS CA 77 91.75 -51.97 -20.94
N TYR CA 78 92.57 -51.47 -21.86
CA TYR CA 78 93.98 -51.14 -21.60
C TYR CA 78 94.70 -52.33 -20.98
N VAL CA 79 94.48 -53.51 -21.57
CA VAL CA 79 94.92 -54.79 -21.02
C VAL CA 79 95.48 -55.64 -22.15
N ILE CA 80 96.64 -56.26 -21.91
CA ILE CA 80 97.15 -57.30 -22.80
C ILE CA 80 97.13 -58.62 -22.03
N TYR CA 81 97.14 -59.71 -22.78
CA TYR CA 81 97.09 -61.07 -22.21
C TYR CA 81 98.36 -61.81 -22.57
N ILE CA 82 99.06 -62.33 -21.57
CA ILE CA 82 100.31 -63.05 -21.76
C ILE CA 82 100.02 -64.54 -21.58
N GLU CA 83 100.85 -65.38 -22.22
CA GLU CA 83 100.66 -66.83 -22.30
C GLU CA 83 100.48 -67.51 -20.95
N ARG CA 84 101.50 -67.48 -20.09
CA ARG CA 84 101.45 -68.18 -18.82
C ARG CA 84 101.12 -67.27 -17.64
N VAL CA 85 100.78 -66.00 -17.90
CA VAL CA 85 100.28 -65.13 -16.84
C VAL CA 85 98.79 -65.36 -16.71
N GLN CA 86 98.40 -66.29 -15.85
CA GLN CA 86 96.99 -66.64 -15.74
C GLN CA 86 96.72 -67.14 -14.32
N ARG CA 87 95.47 -67.01 -13.87
CA ARG CA 87 95.08 -67.49 -12.55
C ARG CA 87 93.95 -68.52 -12.66
N GLU CA 88 93.76 -69.27 -11.57
CA GLU CA 88 92.83 -70.39 -11.56
C GLU CA 88 91.42 -69.90 -11.25
N LYS CA 89 90.46 -70.32 -12.06
CA LYS CA 89 89.07 -70.02 -11.75
C LYS CA 89 88.56 -71.01 -10.71
N ALA CA 90 87.34 -70.80 -10.23
CA ALA CA 90 86.76 -71.72 -9.26
C ALA CA 90 86.43 -73.07 -9.90
N ASN CA 91 85.84 -73.06 -11.10
CA ASN CA 91 85.32 -74.30 -11.68
C ASN CA 91 86.40 -75.19 -12.27
N GLY CA 92 87.65 -74.73 -12.32
CA GLY CA 92 88.75 -75.51 -12.85
C GLY CA 92 89.32 -74.98 -14.14
N THR CA 93 88.58 -74.11 -14.84
CA THR CA 93 89.13 -73.45 -16.01
C THR CA 93 90.18 -72.43 -15.62
N THR CA 94 90.98 -72.02 -16.60
CA THR CA 94 92.02 -71.03 -16.40
C THR CA 94 91.67 -69.72 -17.10
N VAL CA 95 91.95 -68.61 -16.43
CA VAL CA 95 91.66 -67.28 -16.94
C VAL CA 95 92.96 -66.48 -17.01
N HIS CA 96 93.19 -65.85 -18.16
CA HIS CA 96 94.37 -65.00 -18.32
C HIS CA 96 94.22 -63.73 -17.49
N VAL CA 97 95.27 -63.40 -16.73
CA VAL CA 97 95.29 -62.21 -15.92
C VAL CA 97 95.77 -61.03 -16.76
N GLY CA 98 95.07 -59.91 -16.66
CA GLY CA 98 95.42 -58.73 -17.43
C GLY CA 98 96.56 -57.94 -16.82
N ILE CA 99 97.56 -57.65 -17.65
CA ILE CA 99 98.73 -56.86 -17.26
C ILE CA 99 98.77 -55.63 -18.16
N HIS CA 100 98.91 -54.46 -17.55
CA HIS CA 100 98.98 -53.23 -18.33
C HIS CA 100 100.30 -53.19 -19.11
N PRO CA 101 100.30 -52.66 -20.33
CA PRO CA 101 101.53 -52.63 -21.13
C PRO CA 101 102.66 -51.80 -20.51
N SER CA 102 102.37 -50.92 -19.56
CA SER CA 102 103.43 -50.17 -18.88
C SER CA 102 104.34 -51.06 -18.06
N LYS CA 103 103.80 -52.09 -17.41
CA LYS CA 103 104.62 -53.04 -16.66
C LYS CA 103 105.00 -54.23 -17.52
N VAL CA 104 105.52 -53.94 -18.71
CA VAL CA 104 105.87 -54.98 -19.70
C VAL CA 104 107.18 -54.57 -20.36
N VAL CA 105 108.09 -55.53 -20.49
CA VAL CA 105 109.31 -55.34 -21.29
C VAL CA 105 109.33 -56.41 -22.38
N ILE CA 106 109.64 -55.99 -23.60
CA ILE CA 106 109.64 -56.90 -24.74
C ILE CA 106 111.04 -57.44 -24.94
N THR CA 107 111.17 -58.78 -24.92
CA THR CA 107 112.45 -59.44 -25.15
C THR CA 107 112.65 -59.91 -26.58
N ARG CA 108 111.56 -60.07 -27.34
CA ARG CA 108 111.65 -60.43 -28.75
C ARG CA 108 110.45 -59.86 -29.47
N LEU CA 109 110.70 -59.31 -30.66
CA LEU CA 109 109.69 -58.58 -31.40
C LEU CA 109 109.02 -59.49 -32.44
N LYS CA 110 108.07 -58.91 -33.18
CA LYS CA 110 107.36 -59.60 -34.26
C LYS CA 110 107.67 -58.84 -35.55
N LEU CA 111 108.69 -59.28 -36.27
CA LEU CA 111 109.20 -58.53 -37.41
C LEU CA 111 108.28 -58.67 -38.61
N ASP CA 112 108.07 -57.57 -39.32
CA ASP CA 112 107.16 -57.52 -40.46
C ASP CA 112 107.60 -56.43 -41.42
N LYS CA 113 106.93 -56.32 -42.59
CA LYS CA 113 107.23 -55.23 -43.52
C LYS CA 113 106.90 -53.88 -42.90
N ASP CA 114 105.76 -53.78 -42.22
CA ASP CA 114 105.41 -52.55 -41.55
C ASP CA 114 106.07 -52.42 -40.18
N ARG CA 115 106.41 -53.53 -39.54
CA ARG CA 115 107.10 -53.45 -38.27
C ARG CA 115 108.52 -52.94 -38.44
N LYS CA 116 109.26 -53.48 -39.43
CA LYS CA 116 110.64 -53.07 -39.66
C LYS CA 116 110.74 -51.61 -40.07
N LYS CA 117 109.71 -51.08 -40.73
CA LYS CA 117 109.79 -49.71 -41.23
C LYS CA 117 109.91 -48.71 -40.09
N ILE CA 118 109.23 -48.97 -38.97
CA ILE CA 118 109.28 -48.06 -37.83
C ILE CA 118 110.65 -48.10 -37.16
N LEU CA 119 111.33 -49.24 -37.24
CA LEU CA 119 112.59 -49.41 -36.51
C LEU CA 119 113.67 -48.44 -36.97
N GLU CA 120 113.92 -48.31 -38.28
CA GLU CA 120 114.87 -47.29 -38.73
C GLU CA 120 114.31 -45.90 -38.54
N ARG CA 121 113.00 -45.72 -38.70
CA ARG CA 121 112.40 -44.40 -38.55
C ARG CA 121 112.47 -43.92 -37.11
N LYS CA 122 112.22 -44.81 -36.15
CA LYS CA 122 112.39 -44.44 -34.75
C LYS CA 122 113.87 -44.28 -34.41
N ALA CA 123 114.73 -45.08 -35.02
CA ALA CA 123 116.18 -44.94 -34.83
C ALA CA 123 116.77 -43.81 -35.66
N LYS CA 124 116.07 -43.32 -36.68
CA LYS CA 124 116.56 -42.19 -37.45
C LYS CA 124 116.54 -40.92 -36.60
N SER CA 125 115.35 -40.54 -36.12
CA SER CA 125 115.21 -39.34 -35.30
C SER CA 125 115.87 -39.49 -33.94
N ARG CA 126 116.07 -40.72 -33.47
CA ARG CA 126 116.85 -40.93 -32.25
C ARG CA 126 118.29 -40.48 -32.44
N GLN CA 127 118.87 -40.77 -33.61
CA GLN CA 127 120.20 -40.27 -33.93
C GLN CA 127 120.24 -38.77 -34.16
N VAL CA 128 119.16 -38.19 -34.73
CA VAL CA 128 119.14 -36.77 -35.09
C VAL CA 128 119.39 -35.89 -33.87
N GLY CA 129 118.93 -36.32 -32.69
CA GLY CA 129 119.27 -35.61 -31.47
C GLY CA 129 120.74 -35.65 -31.11
N LYS CA 130 121.52 -36.52 -31.75
CA LYS CA 130 122.94 -36.64 -31.48
C LYS CA 130 123.83 -36.02 -32.56
N GLU CA 131 123.25 -35.55 -33.67
CA GLU CA 131 123.98 -34.66 -34.56
C GLU CA 131 123.59 -33.19 -34.36
N LYS CA 132 122.29 -32.91 -34.31
CA LYS CA 132 121.85 -31.54 -34.02
C LYS CA 132 122.19 -31.14 -32.60
N GLY CA 133 122.02 -32.05 -31.63
CA GLY CA 133 122.36 -31.76 -30.26
C GLY CA 133 123.84 -31.69 -29.97
N LYS CA 134 124.66 -32.30 -30.82
CA LYS CA 134 126.11 -32.28 -30.65
C LYS CA 134 126.77 -31.40 -31.72
N GLY DA 1 -23.54 -34.49 -91.20
CA GLY DA 1 -23.66 -35.92 -91.41
C GLY DA 1 -22.39 -36.68 -91.12
N LYS DA 2 -22.27 -37.87 -91.70
CA LYS DA 2 -21.09 -38.70 -91.50
C LYS DA 2 -19.93 -38.14 -92.31
N PHE DA 3 -18.84 -37.79 -91.62
CA PHE DA 3 -17.69 -37.18 -92.26
C PHE DA 3 -16.51 -38.13 -92.42
N MET DA 4 -16.65 -39.39 -91.99
CA MET DA 4 -15.55 -40.37 -92.09
C MET DA 4 -15.59 -41.08 -93.44
N LYS DA 5 -15.44 -40.28 -94.49
CA LYS DA 5 -15.46 -40.79 -95.86
C LYS DA 5 -14.10 -41.38 -96.21
N PRO DA 6 -14.05 -42.30 -97.20
CA PRO DA 6 -12.76 -42.88 -97.61
C PRO DA 6 -11.78 -41.90 -98.27
N GLY DA 7 -12.10 -40.61 -98.37
CA GLY DA 7 -11.15 -39.67 -98.92
C GLY DA 7 -10.44 -38.83 -97.88
N LYS DA 8 -10.89 -38.89 -96.64
CA LYS DA 8 -10.43 -37.96 -95.61
C LYS DA 8 -9.01 -38.29 -95.13
N VAL DA 9 -8.33 -37.25 -94.67
CA VAL DA 9 -7.05 -37.39 -93.97
C VAL DA 9 -7.33 -37.53 -92.48
N VAL DA 10 -6.61 -38.44 -91.81
CA VAL DA 10 -6.91 -38.79 -90.43
C VAL DA 10 -5.62 -38.75 -89.62
N LEU DA 11 -5.68 -38.08 -88.47
CA LEU DA 11 -4.59 -38.08 -87.50
C LEU DA 11 -4.74 -39.26 -86.55
N VAL DA 12 -3.67 -40.03 -86.38
CA VAL DA 12 -3.66 -41.17 -85.48
C VAL DA 12 -3.35 -40.68 -84.07
N LEU DA 13 -4.16 -41.10 -83.10
CA LEU DA 13 -4.06 -40.62 -81.74
C LEU DA 13 -3.47 -41.63 -80.76
N ALA DA 14 -3.36 -42.90 -81.14
CA ALA DA 14 -2.88 -43.92 -80.21
C ALA DA 14 -2.04 -44.94 -80.99
N GLY DA 15 -1.56 -45.96 -80.28
CA GLY DA 15 -0.76 -46.99 -80.89
C GLY DA 15 0.69 -46.57 -81.12
N ARG DA 16 1.41 -47.44 -81.83
CA ARG DA 16 2.80 -47.17 -82.16
C ARG DA 16 2.93 -45.98 -83.10
N TYR DA 17 1.92 -45.73 -83.93
CA TYR DA 17 1.95 -44.68 -84.94
C TYR DA 17 1.22 -43.42 -84.46
N SER DA 18 1.35 -43.09 -83.17
CA SER DA 18 0.73 -41.88 -82.63
C SER DA 18 1.34 -40.65 -83.28
N GLY DA 19 0.50 -39.67 -83.60
CA GLY DA 19 0.97 -38.46 -84.24
C GLY DA 19 1.30 -38.60 -85.71
N ARG DA 20 0.74 -39.61 -86.37
CA ARG DA 20 0.97 -39.84 -87.79
C ARG DA 20 -0.29 -39.52 -88.57
N LYS DA 21 -0.09 -39.11 -89.82
CA LYS DA 21 -1.20 -38.77 -90.70
C LYS DA 21 -1.57 -39.98 -91.55
N ALA DA 22 -2.88 -40.23 -91.68
CA ALA DA 22 -3.37 -41.41 -92.37
C ALA DA 22 -4.57 -41.04 -93.23
N VAL DA 23 -4.80 -41.86 -94.26
CA VAL DA 23 -5.91 -41.70 -95.18
C VAL DA 23 -6.75 -42.97 -95.14
N ILE DA 24 -8.07 -42.81 -94.95
CA ILE DA 24 -8.96 -43.97 -94.94
C ILE DA 24 -9.04 -44.56 -96.34
N VAL DA 25 -9.24 -45.87 -96.41
CA VAL DA 25 -9.63 -46.54 -97.64
C VAL DA 25 -10.95 -47.27 -97.52
N LYS DA 26 -11.42 -47.54 -96.30
CA LYS DA 26 -12.69 -48.22 -96.07
C LYS DA 26 -13.17 -47.85 -94.67
N ASN DA 27 -14.46 -47.49 -94.57
CA ASN DA 27 -15.05 -47.13 -93.29
C ASN DA 27 -16.16 -48.12 -92.93
N ILE DA 28 -16.23 -48.47 -91.66
CA ILE DA 28 -17.27 -49.36 -91.14
C ILE DA 28 -17.94 -48.62 -89.98
N ASP DA 29 -19.07 -47.98 -90.26
CA ASP DA 29 -19.79 -47.21 -89.26
C ASP DA 29 -20.55 -48.08 -88.28
N ASP DA 30 -20.94 -49.29 -88.66
CA ASP DA 30 -21.58 -50.26 -87.77
C ASP DA 30 -20.67 -51.49 -87.74
N GLY DA 31 -19.99 -51.69 -86.62
CA GLY DA 31 -18.93 -52.67 -86.53
C GLY DA 31 -19.40 -54.10 -86.73
N THR DA 32 -18.45 -54.93 -87.15
CA THR DA 32 -18.73 -56.33 -87.46
C THR DA 32 -18.69 -57.17 -86.19
N SER DA 33 -18.72 -58.50 -86.35
CA SER DA 33 -18.72 -59.38 -85.19
C SER DA 33 -17.38 -59.38 -84.48
N ASP DA 34 -16.28 -59.45 -85.23
CA ASP DA 34 -14.95 -59.47 -84.62
C ASP DA 34 -14.62 -58.11 -84.00
N ARG DA 35 -15.14 -57.03 -84.58
CA ARG DA 35 -14.90 -55.67 -84.09
C ARG DA 35 -16.24 -54.98 -83.87
N PRO DA 36 -16.87 -55.18 -82.70
CA PRO DA 36 -18.17 -54.53 -82.46
C PRO DA 36 -18.13 -53.01 -82.45
N TYR DA 37 -16.98 -52.41 -82.18
CA TYR DA 37 -16.85 -50.96 -82.25
C TYR DA 37 -16.87 -50.49 -83.70
N SER DA 38 -17.20 -49.21 -83.88
CA SER DA 38 -17.11 -48.60 -85.21
C SER DA 38 -15.65 -48.36 -85.55
N HIS DA 39 -15.17 -49.00 -86.61
CA HIS DA 39 -13.76 -48.95 -86.99
C HIS DA 39 -13.62 -48.67 -88.48
N ALA DA 40 -12.38 -48.48 -88.91
CA ALA DA 40 -12.08 -48.22 -90.31
C ALA DA 40 -10.68 -48.73 -90.64
N LEU DA 41 -10.44 -48.88 -91.95
CA LEU DA 41 -9.14 -49.24 -92.48
C LEU DA 41 -8.48 -48.00 -93.08
N VAL DA 42 -7.28 -47.68 -92.61
CA VAL DA 42 -6.54 -46.50 -93.06
C VAL DA 42 -5.19 -46.94 -93.59
N ALA DA 43 -4.62 -46.09 -94.45
CA ALA DA 43 -3.28 -46.27 -95.00
C ALA DA 43 -2.52 -44.97 -94.75
N GLY DA 44 -1.54 -45.01 -93.85
CA GLY DA 44 -0.85 -43.83 -93.40
C GLY DA 44 0.64 -43.86 -93.68
N ILE DA 45 1.31 -42.77 -93.30
CA ILE DA 45 2.74 -42.60 -93.48
C ILE DA 45 3.43 -42.86 -92.15
N ASP DA 46 4.51 -43.65 -92.18
CA ASP DA 46 5.28 -43.96 -90.99
C ASP DA 46 6.52 -43.06 -90.91
N ARG DA 47 7.27 -42.97 -92.00
CA ARG DA 47 8.50 -42.18 -92.05
C ARG DA 47 8.30 -41.04 -93.03
N TYR DA 48 8.21 -39.82 -92.50
CA TYR DA 48 8.03 -38.65 -93.35
C TYR DA 48 9.30 -38.38 -94.15
N PRO DA 49 9.15 -37.93 -95.40
CA PRO DA 49 10.32 -37.46 -96.14
C PRO DA 49 10.88 -36.18 -95.53
N ARG DA 50 12.21 -36.08 -95.54
CA ARG DA 50 12.85 -34.95 -94.91
C ARG DA 50 12.70 -33.70 -95.77
N LYS DA 51 13.00 -32.56 -95.16
CA LYS DA 51 12.88 -31.27 -95.85
C LYS DA 51 13.89 -31.17 -96.97
N VAL DA 52 13.42 -30.80 -98.15
CA VAL DA 52 14.26 -30.64 -99.32
C VAL DA 52 14.58 -29.15 -99.49
N THR DA 53 15.76 -28.87 -100.01
CA THR DA 53 16.22 -27.52 -100.26
C THR DA 53 16.93 -27.47 -101.60
N ALA DA 54 17.03 -26.27 -102.18
CA ALA DA 54 17.73 -26.12 -103.43
C ALA DA 54 19.23 -26.30 -103.23
N ALA DA 55 19.95 -26.48 -104.34
CA ALA DA 55 21.40 -26.60 -104.37
C ALA DA 55 21.89 -27.80 -103.55
N MET DA 56 21.18 -28.92 -103.71
CA MET DA 56 21.71 -30.22 -103.34
C MET DA 56 21.79 -31.09 -104.59
N GLY DA 57 22.47 -32.22 -104.45
CA GLY DA 57 22.49 -33.19 -105.52
C GLY DA 57 21.14 -33.86 -105.70
N LYS DA 58 20.77 -34.06 -106.97
CA LYS DA 58 19.51 -34.74 -107.27
C LYS DA 58 19.55 -36.21 -106.87
N LYS DA 59 20.74 -36.80 -106.82
CA LYS DA 59 20.88 -38.14 -106.25
C LYS DA 59 20.55 -38.15 -104.76
N LYS DA 60 20.96 -37.12 -104.04
CA LYS DA 60 20.61 -37.00 -102.62
C LYS DA 60 19.15 -36.64 -102.46
N ILE DA 61 18.60 -35.83 -103.37
CA ILE DA 61 17.21 -35.40 -103.28
C ILE DA 61 16.27 -36.59 -103.38
N ALA DA 62 16.52 -37.51 -104.31
CA ALA DA 62 15.72 -38.72 -104.41
C ALA DA 62 15.89 -39.61 -103.18
N LYS DA 63 17.10 -39.68 -102.64
CA LYS DA 63 17.32 -40.41 -101.39
C LYS DA 63 16.62 -39.71 -100.23
N ARG DA 64 16.66 -38.37 -100.20
CA ARG DA 64 16.01 -37.63 -99.12
C ARG DA 64 14.50 -37.77 -99.18
N SER DA 65 13.92 -37.75 -100.39
CA SER DA 65 12.47 -37.86 -100.55
C SER DA 65 12.09 -39.34 -100.63
N LYS DA 66 12.07 -39.97 -99.46
CA LYS DA 66 11.70 -41.38 -99.33
C LYS DA 66 10.59 -41.51 -98.30
N ILE DA 67 9.61 -42.34 -98.62
CA ILE DA 67 8.40 -42.51 -97.79
C ILE DA 67 8.28 -43.98 -97.41
N LYS DA 68 8.10 -44.24 -96.12
CA LYS DA 68 7.77 -45.56 -95.61
C LYS DA 68 6.36 -45.50 -95.04
N SER DA 69 5.47 -46.35 -95.53
CA SER DA 69 4.06 -46.31 -95.17
C SER DA 69 3.71 -47.46 -94.23
N PHE DA 70 2.44 -47.48 -93.82
CA PHE DA 70 1.91 -48.56 -92.99
C PHE DA 70 0.41 -48.65 -93.21
N VAL DA 71 -0.15 -49.79 -92.81
CA VAL DA 71 -1.59 -50.02 -92.89
C VAL DA 71 -2.05 -50.56 -91.54
N LYS DA 72 -3.21 -50.09 -91.07
CA LYS DA 72 -3.69 -50.47 -89.75
C LYS DA 72 -5.19 -50.22 -89.68
N VAL DA 73 -5.85 -50.95 -88.78
CA VAL DA 73 -7.27 -50.75 -88.46
C VAL DA 73 -7.34 -50.09 -87.11
N TYR DA 74 -8.06 -48.97 -87.02
CA TYR DA 74 -8.14 -48.19 -85.80
C TYR DA 74 -9.59 -47.94 -85.40
N ASN DA 75 -9.77 -47.64 -84.12
CA ASN DA 75 -11.04 -47.12 -83.61
C ASN DA 75 -11.26 -45.70 -84.10
N TYR DA 76 -12.53 -45.29 -84.23
CA TYR DA 76 -12.81 -43.89 -84.54
C TYR DA 76 -12.39 -42.95 -83.42
N ASN DA 77 -12.57 -43.33 -82.16
CA ASN DA 77 -12.17 -42.50 -81.04
C ASN DA 77 -10.68 -42.61 -80.72
N HIS DA 78 -9.95 -43.45 -81.46
CA HIS DA 78 -8.51 -43.48 -81.45
C HIS DA 78 -7.92 -42.69 -82.62
N LEU DA 79 -8.76 -41.97 -83.35
CA LEU DA 79 -8.37 -41.22 -84.54
C LEU DA 79 -8.91 -39.80 -84.46
N MET DA 80 -8.19 -38.88 -85.10
CA MET DA 80 -8.57 -37.48 -85.14
C MET DA 80 -8.82 -37.06 -86.58
N PRO DA 81 -10.07 -36.94 -87.02
CA PRO DA 81 -10.34 -36.50 -88.39
C PRO DA 81 -10.09 -35.01 -88.59
N THR DA 82 -9.80 -34.65 -89.84
CA THR DA 82 -9.58 -33.27 -90.21
C THR DA 82 -10.34 -32.96 -91.50
N ARG DA 83 -10.36 -31.68 -91.86
CA ARG DA 83 -11.07 -31.22 -93.05
C ARG DA 83 -10.40 -31.62 -94.35
N TYR DA 84 -9.12 -31.97 -94.31
CA TYR DA 84 -8.36 -32.24 -95.53
C TYR DA 84 -8.74 -33.60 -96.11
N SER DA 85 -8.52 -33.73 -97.42
CA SER DA 85 -8.84 -34.95 -98.13
C SER DA 85 -7.87 -35.13 -99.28
N VAL DA 86 -7.39 -36.36 -99.47
CA VAL DA 86 -6.47 -36.70 -100.54
C VAL DA 86 -7.14 -37.73 -101.44
N ASP DA 87 -7.26 -37.42 -102.73
CA ASP DA 87 -7.89 -38.31 -103.69
C ASP DA 87 -6.88 -39.24 -104.35
N ILE DA 88 -6.10 -39.94 -103.53
CA ILE DA 88 -5.14 -40.94 -103.98
C ILE DA 88 -5.90 -42.25 -104.18
N PRO DA 89 -5.66 -43.01 -105.27
CA PRO DA 89 -6.51 -44.17 -105.55
C PRO DA 89 -6.46 -45.31 -104.53
N LEU DA 90 -5.27 -45.91 -104.31
CA LEU DA 90 -5.13 -47.07 -103.43
C LEU DA 90 -6.12 -48.19 -103.76
N ASP DA 91 -5.95 -48.85 -104.89
CA ASP DA 91 -6.86 -49.90 -105.33
C ASP DA 91 -7.11 -50.95 -104.25
N LYS DA 92 -8.35 -51.43 -104.20
CA LYS DA 92 -8.84 -52.23 -103.08
C LYS DA 92 -8.47 -53.70 -103.18
N THR DA 93 -7.92 -54.16 -104.31
CA THR DA 93 -7.49 -55.55 -104.40
C THR DA 93 -6.25 -55.80 -103.54
N VAL DA 94 -5.37 -54.81 -103.43
CA VAL DA 94 -4.16 -54.96 -102.63
C VAL DA 94 -4.38 -54.55 -101.18
N VAL DA 95 -5.08 -53.44 -100.96
CA VAL DA 95 -5.39 -52.96 -99.61
C VAL DA 95 -6.82 -53.36 -99.28
N ASN DA 96 -6.98 -54.20 -98.27
CA ASN DA 96 -8.28 -54.75 -97.91
C ASN DA 96 -8.20 -55.23 -96.47
N LYS DA 97 -9.37 -55.59 -95.91
CA LYS DA 97 -9.43 -56.07 -94.54
C LYS DA 97 -8.87 -57.47 -94.37
N ASP DA 98 -8.87 -58.29 -95.43
CA ASP DA 98 -8.37 -59.65 -95.34
C ASP DA 98 -6.85 -59.73 -95.45
N VAL DA 99 -6.17 -58.61 -95.71
CA VAL DA 99 -4.72 -58.62 -95.89
C VAL DA 99 -3.99 -58.86 -94.57
N PHE DA 100 -4.61 -58.52 -93.43
CA PHE DA 100 -3.96 -58.61 -92.13
C PHE DA 100 -3.67 -60.04 -91.69
N ARG DA 101 -4.32 -61.03 -92.29
CA ARG DA 101 -4.08 -62.42 -91.89
C ARG DA 101 -2.84 -63.02 -92.53
N ASP DA 102 -2.26 -62.36 -93.53
CA ASP DA 102 -1.09 -62.86 -94.22
C ASP DA 102 0.00 -61.80 -94.20
N PRO DA 103 1.14 -62.06 -93.56
CA PRO DA 103 2.24 -61.07 -93.54
C PRO DA 103 2.87 -60.84 -94.91
N ALA DA 104 2.73 -61.84 -95.79
CA ALA DA 104 3.25 -61.68 -97.15
C ALA DA 104 2.45 -60.66 -97.95
N LEU DA 105 1.12 -60.70 -97.84
CA LEU DA 105 0.29 -59.72 -98.53
C LEU DA 105 0.33 -58.36 -97.86
N LYS DA 106 0.59 -58.31 -96.55
CA LYS DA 106 0.68 -57.03 -95.87
C LYS DA 106 1.89 -56.22 -96.34
N ARG DA 107 2.98 -56.90 -96.71
CA ARG DA 107 4.10 -56.21 -97.34
C ARG DA 107 3.73 -55.70 -98.72
N LYS DA 108 2.86 -56.41 -99.44
CA LYS DA 108 2.37 -55.93 -100.72
C LYS DA 108 1.49 -54.71 -100.55
N ALA DA 109 0.63 -54.71 -99.53
CA ALA DA 109 -0.21 -53.54 -99.26
C ALA DA 109 0.63 -52.37 -98.78
N ARG DA 110 1.67 -52.65 -97.99
CA ARG DA 110 2.59 -51.58 -97.57
C ARG DA 110 3.38 -51.05 -98.74
N ARG DA 111 3.78 -51.92 -99.68
CA ARG DA 111 4.49 -51.47 -100.86
C ARG DA 111 3.59 -50.64 -101.78
N GLU DA 112 2.33 -51.05 -101.93
CA GLU DA 112 1.40 -50.32 -102.79
C GLU DA 112 1.13 -48.92 -102.23
N ALA DA 113 0.94 -48.83 -100.91
CA ALA DA 113 0.72 -47.53 -100.29
C ALA DA 113 1.97 -46.65 -100.36
N LYS DA 114 3.15 -47.28 -100.32
CA LYS DA 114 4.40 -46.54 -100.41
C LYS DA 114 4.55 -45.88 -101.78
N VAL DA 115 4.24 -46.62 -102.84
CA VAL DA 115 4.48 -46.12 -104.20
C VAL DA 115 3.54 -44.97 -104.52
N LYS DA 116 2.25 -45.12 -104.18
CA LYS DA 116 1.27 -44.10 -104.53
C LYS DA 116 1.47 -42.82 -103.72
N PHE DA 117 1.93 -42.94 -102.47
CA PHE DA 117 2.23 -41.75 -101.68
C PHE DA 117 3.42 -40.99 -102.26
N GLU DA 118 4.43 -41.70 -102.75
CA GLU DA 118 5.62 -41.04 -103.27
C GLU DA 118 5.35 -40.29 -104.57
N GLU DA 119 4.54 -40.87 -105.45
CA GLU DA 119 4.30 -40.23 -106.75
C GLU DA 119 3.43 -38.99 -106.64
N ARG DA 120 2.56 -38.91 -105.64
CA ARG DA 120 1.81 -37.68 -105.38
C ARG DA 120 2.61 -36.68 -104.55
N TYR DA 121 3.59 -37.14 -103.78
CA TYR DA 121 4.45 -36.23 -103.05
C TYR DA 121 5.38 -35.46 -103.99
N LYS DA 122 5.78 -36.08 -105.10
CA LYS DA 122 6.65 -35.42 -106.06
C LYS DA 122 5.93 -34.34 -106.87
N THR DA 123 4.60 -34.39 -106.93
CA THR DA 123 3.85 -33.37 -107.66
C THR DA 123 3.74 -32.07 -106.89
N GLY DA 124 4.01 -32.08 -105.59
CA GLY DA 124 3.85 -30.88 -104.78
C GLY DA 124 2.43 -30.63 -104.33
N LYS DA 125 1.53 -31.58 -104.51
CA LYS DA 125 0.13 -31.45 -104.11
C LYS DA 125 -0.09 -32.16 -102.78
N ASN DA 126 -1.08 -31.65 -102.03
CA ASN DA 126 -1.43 -32.17 -100.71
C ASN DA 126 -0.22 -32.17 -99.77
N LYS DA 127 0.54 -31.07 -99.78
CA LYS DA 127 1.77 -30.98 -99.00
C LYS DA 127 1.54 -30.97 -97.51
N TRP DA 128 0.35 -30.60 -97.04
CA TRP DA 128 0.06 -30.64 -95.61
C TRP DA 128 0.07 -32.07 -95.09
N PHE DA 129 -0.42 -33.02 -95.90
CA PHE DA 129 -0.44 -34.42 -95.49
C PHE DA 129 0.97 -34.98 -95.33
N PHE DA 130 1.92 -34.49 -96.12
CA PHE DA 130 3.30 -34.99 -96.10
C PHE DA 130 4.17 -34.27 -95.07
N GLN DA 131 3.68 -33.18 -94.47
CA GLN DA 131 4.38 -32.55 -93.37
C GLN DA 131 4.20 -33.36 -92.10
N LYS DA 132 5.27 -33.47 -91.30
CA LYS DA 132 5.18 -34.13 -90.03
C LYS DA 132 4.54 -33.22 -88.98
N LEU DA 133 3.86 -33.83 -88.02
CA LEU DA 133 3.17 -33.10 -86.96
C LEU DA 133 4.19 -32.71 -85.89
N ARG DA 134 4.44 -31.41 -85.75
CA ARG DA 134 5.35 -30.92 -84.72
C ARG DA 134 4.58 -30.84 -83.40
N PHE DA 135 4.75 -31.85 -82.55
CA PHE DA 135 4.09 -31.88 -81.26
C PHE DA 135 5.06 -32.31 -80.17
N PRO EA 1 86.70 -8.10 2.74
CA PRO EA 1 86.79 -9.01 3.89
C PRO EA 1 85.46 -9.21 4.59
N SER EA 2 84.73 -10.26 4.22
CA SER EA 2 83.46 -10.55 4.85
C SER EA 2 83.62 -11.01 6.29
N ARG EA 3 84.81 -11.50 6.65
CA ARG EA 3 85.07 -11.90 8.03
C ARG EA 3 85.16 -10.72 8.97
N LEU EA 4 85.48 -9.53 8.46
CA LEU EA 4 85.56 -8.32 9.28
C LEU EA 4 84.26 -7.55 9.36
N ARG EA 5 83.21 -8.01 8.68
CA ARG EA 5 81.96 -7.27 8.63
C ARG EA 5 81.10 -7.56 9.86
N LYS EA 6 79.98 -6.84 9.95
CA LYS EA 6 79.12 -6.93 11.12
C LYS EA 6 78.31 -8.21 11.15
N THR EA 7 78.02 -8.79 9.99
CA THR EA 7 77.14 -9.95 9.92
C THR EA 7 77.74 -11.20 10.55
N ARG EA 8 79.06 -11.25 10.76
CA ARG EA 8 79.65 -12.41 11.40
C ARG EA 8 79.39 -12.40 12.90
N LYS EA 9 79.25 -11.23 13.50
CA LYS EA 9 78.94 -11.11 14.92
C LYS EA 9 77.44 -11.18 15.19
N LEU EA 10 76.61 -11.13 14.17
CA LEU EA 10 75.16 -11.12 14.33
C LEU EA 10 74.54 -12.52 14.21
N ARG EA 11 75.36 -13.55 14.05
CA ARG EA 11 74.84 -14.91 14.01
C ARG EA 11 74.39 -15.34 15.40
N GLY EA 12 73.20 -15.93 15.47
CA GLY EA 12 72.61 -16.31 16.73
C GLY EA 12 71.67 -15.28 17.33
N HIS EA 13 71.61 -14.08 16.76
CA HIS EA 13 70.73 -13.02 17.22
C HIS EA 13 69.51 -12.97 16.31
N VAL EA 14 68.32 -13.01 16.92
CA VAL EA 14 67.09 -13.24 16.16
C VAL EA 14 66.81 -12.09 15.19
N SER EA 15 66.86 -10.86 15.69
CA SER EA 15 66.45 -9.71 14.90
C SER EA 15 67.55 -9.17 14.01
N HIS EA 16 68.78 -9.69 14.12
CA HIS EA 16 69.91 -9.33 13.25
C HIS EA 16 70.19 -7.83 13.27
N GLY EA 17 70.10 -7.23 14.45
CA GLY EA 17 70.42 -5.82 14.60
C GLY EA 17 69.40 -4.86 14.05
N HIS EA 18 68.12 -5.27 13.95
CA HIS EA 18 67.09 -4.42 13.38
C HIS EA 18 65.88 -4.26 14.28
N GLY EA 19 65.90 -4.81 15.49
CA GLY EA 19 64.83 -4.60 16.44
C GLY EA 19 63.72 -5.64 16.31
N ARG EA 20 62.92 -5.73 17.38
CA ARG EA 20 61.82 -6.70 17.44
C ARG EA 20 60.46 -6.07 17.20
N ILE EA 21 60.29 -4.78 17.46
CA ILE EA 21 59.02 -4.11 17.22
C ILE EA 21 59.00 -3.56 15.81
N GLY EA 22 59.94 -2.67 15.51
CA GLY EA 22 60.10 -2.13 14.16
C GLY EA 22 60.94 -3.05 13.30
N LYS EA 23 60.33 -4.13 12.80
CA LYS EA 23 61.04 -5.10 11.98
C LYS EA 23 61.59 -4.44 10.71
N HIS EA 24 62.67 -5.01 10.20
CA HIS EA 24 63.34 -4.49 9.01
C HIS EA 24 62.46 -4.82 7.81
N ARG EA 25 61.45 -3.99 7.57
CA ARG EA 25 60.54 -4.18 6.46
C ARG EA 25 61.19 -3.69 5.17
N LYS EA 26 60.41 -3.70 4.09
CA LYS EA 26 60.97 -3.45 2.76
C LYS EA 26 61.21 -1.96 2.54
N HIS EA 27 60.15 -1.16 2.59
CA HIS EA 27 60.26 0.30 2.41
C HIS EA 27 59.21 0.99 3.28
N PRO EA 28 59.53 1.25 4.56
CA PRO EA 28 58.56 1.91 5.43
C PRO EA 28 58.32 3.37 5.12
N GLY EA 29 59.33 4.09 4.62
CA GLY EA 29 59.20 5.51 4.34
C GLY EA 29 59.06 5.88 2.89
N GLY EA 30 59.05 4.91 1.98
CA GLY EA 30 58.98 5.18 0.57
C GLY EA 30 60.34 5.13 -0.10
N ARG EA 31 60.32 4.86 -1.41
CA ARG EA 31 61.54 4.70 -2.18
C ARG EA 31 62.11 6.05 -2.59
N GLY EA 32 63.43 6.18 -2.46
CA GLY EA 32 64.11 7.38 -2.91
C GLY EA 32 63.81 8.59 -2.05
N ASN EA 33 63.79 9.76 -2.68
CA ASN EA 33 63.53 11.02 -1.98
C ASN EA 33 62.03 11.33 -1.92
N ALA EA 34 61.26 10.37 -1.43
CA ALA EA 34 59.81 10.54 -1.34
C ALA EA 34 59.44 11.45 -0.17
N GLY EA 35 58.38 12.22 -0.36
CA GLY EA 35 57.84 13.03 0.71
C GLY EA 35 58.54 14.35 0.97
N GLY EA 36 58.98 15.04 -0.07
CA GLY EA 36 59.59 16.34 0.12
C GLY EA 36 58.61 17.39 0.64
N MET EA 37 57.41 17.44 0.07
CA MET EA 37 56.33 18.28 0.59
C MET EA 37 55.47 17.52 1.59
N HIS EA 38 56.02 16.50 2.22
CA HIS EA 38 55.29 15.50 2.99
C HIS EA 38 56.16 15.00 4.13
N HIS EA 39 55.91 13.78 4.61
CA HIS EA 39 56.46 13.23 5.84
C HIS EA 39 57.97 13.36 6.03
N HIS EA 40 58.72 13.66 4.97
CA HIS EA 40 60.15 13.96 5.05
C HIS EA 40 60.39 15.46 4.88
N ARG EA 41 59.48 16.29 5.40
CA ARG EA 41 59.62 17.73 5.24
C ARG EA 41 60.77 18.28 6.10
N ILE EA 42 60.89 17.80 7.34
CA ILE EA 42 61.84 18.39 8.28
C ILE EA 42 63.27 18.10 7.85
N ASN EA 43 63.54 16.88 7.40
CA ASN EA 43 64.88 16.53 6.93
C ASN EA 43 65.26 17.31 5.68
N PHE EA 44 64.28 17.64 4.84
CA PHE EA 44 64.53 18.41 3.63
C PHE EA 44 64.66 19.91 3.89
N ASP EA 45 64.34 20.38 5.09
CA ASP EA 45 64.50 21.78 5.45
C ASP EA 45 65.65 22.03 6.42
N LYS EA 46 65.90 21.09 7.33
CA LYS EA 46 66.96 21.25 8.32
C LYS EA 46 68.33 20.90 7.76
N TYR EA 47 68.40 20.31 6.58
CA TYR EA 47 69.69 19.83 6.07
C TYR EA 47 69.92 20.21 4.61
N HIS EA 48 68.84 20.49 3.87
CA HIS EA 48 68.94 20.86 2.46
C HIS EA 48 68.08 22.09 2.18
N PRO EA 49 68.47 23.27 2.67
CA PRO EA 49 67.67 24.47 2.40
C PRO EA 49 67.80 24.91 0.95
N GLY EA 50 66.66 25.22 0.33
CA GLY EA 50 66.64 25.68 -1.04
C GLY EA 50 66.43 24.60 -2.07
N TYR EA 51 66.00 23.41 -1.67
CA TYR EA 51 65.90 22.29 -2.60
C TYR EA 51 64.76 22.49 -3.60
N PHE EA 52 63.62 23.00 -3.12
CA PHE EA 52 62.41 23.06 -3.94
C PHE EA 52 62.18 24.46 -4.49
N GLY EA 53 62.09 24.56 -5.80
CA GLY EA 53 61.78 25.81 -6.47
C GLY EA 53 62.78 26.12 -7.58
N LYS EA 54 62.42 27.13 -8.37
CA LYS EA 54 63.22 27.60 -9.48
C LYS EA 54 63.70 29.03 -9.22
N VAL EA 55 64.92 29.33 -9.64
CA VAL EA 55 65.49 30.66 -9.50
C VAL EA 55 66.55 30.83 -10.58
N GLY EA 56 66.63 32.04 -11.12
CA GLY EA 56 67.60 32.35 -12.15
C GLY EA 56 67.05 32.22 -13.56
N MET EA 57 67.91 32.49 -14.52
CA MET EA 57 67.57 32.41 -15.93
C MET EA 57 68.02 31.09 -16.51
N ARG EA 58 67.18 30.51 -17.37
CA ARG EA 58 67.58 29.33 -18.12
C ARG EA 58 68.53 29.71 -19.25
N HIS EA 59 69.40 28.77 -19.59
CA HIS EA 59 70.37 28.98 -20.67
C HIS EA 59 70.41 27.69 -21.48
N TYR EA 60 69.88 27.74 -22.71
CA TYR EA 60 69.55 26.52 -23.43
C TYR EA 60 70.80 25.78 -23.90
N HIS EA 61 71.60 26.42 -24.75
CA HIS EA 61 72.81 25.79 -25.29
C HIS EA 61 74.03 26.46 -24.67
N LEU EA 62 74.41 25.95 -23.49
CA LEU EA 62 75.55 26.48 -22.76
C LEU EA 62 76.79 25.65 -23.08
N LYS EA 63 77.88 26.32 -23.43
CA LYS EA 63 79.15 25.69 -23.70
C LYS EA 63 80.14 26.10 -22.61
N ARG EA 64 80.70 25.12 -21.91
CA ARG EA 64 81.66 25.42 -20.84
C ARG EA 64 82.99 25.91 -21.38
N ASN EA 65 83.25 25.72 -22.68
CA ASN EA 65 84.49 26.22 -23.27
C ASN EA 65 84.50 27.74 -23.32
N GLN EA 66 83.35 28.38 -23.45
CA GLN EA 66 83.29 29.84 -23.54
C GLN EA 66 83.62 30.50 -22.21
N SER EA 67 83.23 29.89 -21.09
CA SER EA 67 83.41 30.48 -19.78
C SER EA 67 84.75 30.13 -19.14
N PHE EA 68 85.65 29.48 -19.89
CA PHE EA 68 86.95 29.09 -19.36
C PHE EA 68 87.83 30.32 -19.20
N CYS EA 69 87.96 30.79 -17.96
CA CYS EA 69 88.84 31.92 -17.64
C CYS EA 69 89.50 31.64 -16.30
N PRO EA 70 90.53 30.78 -16.28
CA PRO EA 70 91.18 30.43 -15.02
C PRO EA 70 91.94 31.62 -14.43
N THR EA 71 91.97 31.69 -13.12
CA THR EA 71 92.57 32.80 -12.39
C THR EA 71 93.77 32.32 -11.59
N VAL EA 72 94.68 33.25 -11.33
CA VAL EA 72 95.84 32.99 -10.49
C VAL EA 72 96.05 34.21 -9.59
N ASN EA 73 96.40 33.94 -8.33
CA ASN EA 73 96.60 35.00 -7.36
C ASN EA 73 98.06 35.47 -7.39
N LEU EA 74 98.33 36.53 -6.62
CA LEU EA 74 99.68 37.07 -6.55
C LEU EA 74 100.57 36.30 -5.60
N ASP EA 75 100.03 35.33 -4.86
CA ASP EA 75 100.83 34.40 -4.08
C ASP EA 75 101.75 33.60 -4.98
N LYS EA 76 101.16 32.78 -5.85
CA LYS EA 76 101.92 31.91 -6.75
C LYS EA 76 102.08 32.56 -8.12
N LEU EA 77 102.62 33.78 -8.12
CA LEU EA 77 102.97 34.43 -9.38
C LEU EA 77 104.41 34.13 -9.79
N TRP EA 78 105.32 34.17 -8.82
CA TRP EA 78 106.72 33.85 -9.08
C TRP EA 78 106.96 32.35 -9.23
N THR EA 79 106.03 31.50 -8.81
CA THR EA 79 106.16 30.07 -9.02
C THR EA 79 105.98 29.67 -10.48
N LEU EA 80 105.44 30.57 -11.32
CA LEU EA 80 105.24 30.25 -12.73
C LEU EA 80 106.58 30.12 -13.45
N VAL EA 81 107.46 31.10 -13.27
CA VAL EA 81 108.81 31.04 -13.79
C VAL EA 81 109.69 30.31 -12.79
N SER EA 82 110.87 29.88 -13.22
CA SER EA 82 111.77 29.13 -12.35
C SER EA 82 112.38 30.04 -11.30
N GLU EA 83 112.94 29.42 -10.26
CA GLU EA 83 113.56 30.14 -9.15
C GLU EA 83 114.83 30.86 -9.57
N GLN EA 84 115.49 30.42 -10.64
CA GLN EA 84 116.70 31.07 -11.11
C GLN EA 84 116.43 32.51 -11.56
N THR EA 85 115.29 32.74 -12.21
CA THR EA 85 114.95 34.08 -12.67
C THR EA 85 114.65 35.04 -11.52
N ARG EA 86 114.16 34.53 -10.39
CA ARG EA 86 113.86 35.38 -9.24
C ARG EA 86 115.14 35.87 -8.59
N VAL EA 87 116.17 35.02 -8.53
CA VAL EA 87 117.44 35.40 -7.91
C VAL EA 87 118.14 36.47 -8.74
N ASN EA 88 118.19 36.26 -10.07
CA ASN EA 88 118.87 37.20 -10.95
C ASN EA 88 118.12 38.51 -11.12
N ALA EA 89 116.82 38.54 -10.83
CA ALA EA 89 116.06 39.78 -10.97
C ALA EA 89 116.48 40.80 -9.91
N ALA EA 90 116.60 40.37 -8.65
CA ALA EA 90 117.11 41.25 -7.62
C ALA EA 90 118.62 41.44 -7.69
N LYS EA 91 119.33 40.49 -8.31
CA LYS EA 91 120.78 40.62 -8.44
C LYS EA 91 121.16 41.62 -9.52
N ASN EA 92 120.33 41.78 -10.55
CA ASN EA 92 120.69 42.63 -11.67
C ASN EA 92 120.59 44.10 -11.26
N LYS EA 93 121.65 44.86 -11.55
CA LYS EA 93 121.70 46.27 -11.23
C LYS EA 93 121.11 47.16 -12.31
N THR EA 94 120.89 46.64 -13.52
CA THR EA 94 120.33 47.45 -14.59
C THR EA 94 118.84 47.69 -14.40
N GLY EA 95 118.16 46.80 -13.69
CA GLY EA 95 116.73 46.93 -13.50
C GLY EA 95 115.88 46.25 -14.55
N ALA EA 96 116.44 45.25 -15.25
CA ALA EA 96 115.71 44.53 -16.29
C ALA EA 96 114.68 43.62 -15.62
N ALA EA 97 113.41 44.00 -15.71
CA ALA EA 97 112.35 43.22 -15.09
C ALA EA 97 112.03 41.99 -15.95
N PRO EA 98 112.05 40.80 -15.38
CA PRO EA 98 111.67 39.61 -16.15
C PRO EA 98 110.18 39.59 -16.46
N ILE EA 99 109.85 38.90 -17.55
CA ILE EA 99 108.49 38.83 -18.07
C ILE EA 99 107.89 37.50 -17.66
N ILE EA 100 106.74 37.54 -17.00
CA ILE EA 100 105.99 36.35 -16.62
C ILE EA 100 104.72 36.34 -17.45
N ASP EA 101 104.66 35.44 -18.44
CA ASP EA 101 103.50 35.33 -19.32
C ASP EA 101 102.50 34.39 -18.66
N VAL EA 102 101.40 34.95 -18.17
CA VAL EA 102 100.41 34.17 -17.44
C VAL EA 102 99.69 33.19 -18.36
N VAL EA 103 99.45 33.57 -19.62
CA VAL EA 103 98.76 32.70 -20.56
C VAL EA 103 99.61 31.48 -20.90
N ARG EA 104 100.94 31.62 -20.84
CA ARG EA 104 101.83 30.51 -21.18
C ARG EA 104 101.66 29.34 -20.23
N SER EA 105 101.51 29.61 -18.94
CA SER EA 105 101.36 28.55 -17.95
C SER EA 105 99.94 28.02 -17.86
N GLY EA 106 98.96 28.72 -18.42
CA GLY EA 106 97.60 28.22 -18.43
C GLY EA 106 96.62 28.95 -17.53
N TYR EA 107 96.80 30.27 -17.38
CA TYR EA 107 95.84 31.10 -16.67
C TYR EA 107 95.60 32.37 -17.48
N TYR EA 108 94.39 32.93 -17.33
CA TYR EA 108 93.98 34.11 -18.08
C TYR EA 108 93.84 35.36 -17.24
N LYS EA 109 93.34 35.25 -16.01
CA LYS EA 109 93.12 36.40 -15.14
C LYS EA 109 94.08 36.37 -13.97
N VAL EA 110 94.44 37.56 -13.50
CA VAL EA 110 95.37 37.73 -12.38
C VAL EA 110 94.63 38.49 -11.28
N LEU EA 111 94.63 37.93 -10.08
CA LEU EA 111 93.96 38.52 -8.93
C LEU EA 111 94.98 38.94 -7.87
N GLY EA 112 94.70 40.06 -7.22
CA GLY EA 112 95.64 40.65 -6.29
C GLY EA 112 95.49 40.20 -4.85
N LYS EA 113 95.47 38.88 -4.64
CA LYS EA 113 95.29 38.36 -3.29
C LYS EA 113 96.52 38.56 -2.41
N GLY EA 114 97.71 38.29 -2.94
CA GLY EA 114 98.89 38.18 -2.11
C GLY EA 114 99.87 39.33 -2.22
N LYS EA 115 100.90 39.25 -1.39
CA LYS EA 115 101.99 40.22 -1.38
C LYS EA 115 102.96 39.92 -2.51
N LEU EA 116 103.55 40.98 -3.07
CA LEU EA 116 104.55 40.82 -4.10
C LEU EA 116 105.92 41.24 -3.57
N PRO EA 117 106.98 40.48 -3.88
CA PRO EA 117 108.32 40.91 -3.48
C PRO EA 117 108.75 42.17 -4.21
N LYS EA 118 109.62 42.94 -3.56
CA LYS EA 118 110.00 44.27 -4.06
C LYS EA 118 111.09 44.11 -5.13
N GLN EA 119 110.64 43.74 -6.33
CA GLN EA 119 111.46 43.71 -7.54
C GLN EA 119 110.53 43.80 -8.74
N PRO EA 120 110.90 44.57 -9.76
CA PRO EA 120 109.96 44.85 -10.86
C PRO EA 120 109.65 43.61 -11.69
N VAL EA 121 108.44 43.62 -12.26
CA VAL EA 121 107.96 42.53 -13.10
C VAL EA 121 107.30 43.11 -14.34
N ILE EA 122 107.17 42.27 -15.36
CA ILE EA 122 106.33 42.55 -16.53
C ILE EA 122 105.37 41.39 -16.67
N VAL EA 123 104.09 41.65 -16.43
CA VAL EA 123 103.06 40.61 -16.36
C VAL EA 123 102.22 40.67 -17.61
N LYS EA 124 102.26 39.61 -18.41
CA LYS EA 124 101.42 39.47 -19.59
C LYS EA 124 100.28 38.51 -19.26
N ALA EA 125 99.04 39.02 -19.31
CA ALA EA 125 97.88 38.20 -18.99
C ALA EA 125 96.71 38.65 -19.83
N LYS EA 126 95.73 37.75 -19.96
CA LYS EA 126 94.54 38.06 -20.75
C LYS EA 126 93.60 39.01 -20.02
N PHE EA 127 93.59 38.98 -18.69
CA PHE EA 127 92.72 39.85 -17.91
C PHE EA 127 93.42 40.20 -16.61
N PHE EA 128 93.01 41.32 -16.01
CA PHE EA 128 93.56 41.80 -14.75
C PHE EA 128 92.44 42.29 -13.85
N SER EA 129 92.68 42.19 -12.55
CA SER EA 129 91.81 42.82 -11.57
C SER EA 129 92.32 44.22 -11.23
N ARG EA 130 91.46 45.01 -10.59
CA ARG EA 130 91.87 46.36 -10.22
C ARG EA 130 92.94 46.35 -9.14
N ARG EA 131 92.73 45.55 -8.09
CA ARG EA 131 93.70 45.49 -7.00
C ARG EA 131 94.98 44.80 -7.45
N ALA EA 132 94.89 43.87 -8.39
CA ALA EA 132 96.09 43.22 -8.90
C ALA EA 132 96.99 44.19 -9.67
N GLU EA 133 96.40 45.19 -10.32
CA GLU EA 133 97.20 46.15 -11.06
C GLU EA 133 97.96 47.08 -10.13
N GLU EA 134 97.29 47.59 -9.08
CA GLU EA 134 97.94 48.54 -8.17
C GLU EA 134 99.07 47.89 -7.38
N LYS EA 135 98.93 46.60 -7.05
CA LYS EA 135 100.03 45.89 -6.40
C LYS EA 135 101.24 45.79 -7.31
N ILE EA 136 101.02 45.51 -8.59
CA ILE EA 136 102.12 45.45 -9.55
C ILE EA 136 102.74 46.82 -9.75
N LYS EA 137 101.91 47.86 -9.89
CA LYS EA 137 102.43 49.22 -10.02
C LYS EA 137 103.09 49.69 -8.72
N GLY EA 138 102.64 49.18 -7.57
CA GLY EA 138 103.26 49.53 -6.32
C GLY EA 138 104.69 49.06 -6.19
N VAL EA 139 105.01 47.92 -6.79
CA VAL EA 139 106.40 47.45 -6.85
C VAL EA 139 107.20 48.16 -7.94
N GLY EA 140 106.53 48.68 -8.96
CA GLY EA 140 107.21 49.29 -10.08
C GLY EA 140 107.21 48.39 -11.30
N GLY EA 141 106.10 47.67 -11.49
CA GLY EA 141 105.94 46.77 -12.61
C GLY EA 141 104.99 47.31 -13.66
N ALA EA 142 104.73 46.46 -14.66
CA ALA EA 142 103.87 46.82 -15.77
C ALA EA 142 102.88 45.68 -16.05
N CYS EA 143 101.64 46.06 -16.35
CA CYS EA 143 100.61 45.11 -16.74
C CYS EA 143 100.42 45.18 -18.25
N VAL EA 144 100.65 44.06 -18.93
CA VAL EA 144 100.59 43.98 -20.38
C VAL EA 144 99.43 43.09 -20.78
N LEU EA 145 98.51 43.64 -21.58
CA LEU EA 145 97.38 42.87 -22.07
C LEU EA 145 97.79 42.04 -23.30
N VAL EA 146 97.21 40.85 -23.40
CA VAL EA 146 97.50 39.93 -24.49
C VAL EA 146 96.25 39.10 -24.75
N ALA EA 147 96.05 38.74 -26.02
CA ALA EA 147 94.91 37.93 -26.41
C ALA EA 147 95.35 36.70 -27.20
N ALA FA 1 40.24 2.18 17.35
CA ALA FA 1 41.44 1.89 18.13
C ALA FA 1 42.08 3.16 18.66
N LYS FA 2 41.76 3.52 19.90
CA LYS FA 2 42.31 4.71 20.52
C LYS FA 2 43.73 4.45 21.04
N SER FA 3 44.38 5.52 21.48
CA SER FA 3 45.75 5.44 21.96
C SER FA 3 45.98 6.54 22.99
N LYS FA 4 47.14 6.45 23.66
CA LYS FA 4 47.49 7.45 24.66
C LYS FA 4 47.83 8.77 23.96
N ASN FA 5 47.28 9.87 24.50
CA ASN FA 5 47.41 11.16 23.83
C ASN FA 5 48.74 11.84 24.16
N HIS FA 6 48.97 12.15 25.43
CA HIS FA 6 50.13 12.92 25.82
C HIS FA 6 50.50 12.61 27.27
N THR FA 7 51.80 12.51 27.54
CA THR FA 7 52.28 12.32 28.89
C THR FA 7 53.72 12.84 28.97
N THR FA 8 54.15 13.11 30.21
CA THR FA 8 55.51 13.54 30.50
C THR FA 8 56.03 12.78 31.73
N HIS FA 9 55.85 11.46 31.74
CA HIS FA 9 56.25 10.66 32.89
C HIS FA 9 57.75 10.41 32.90
N ASN FA 10 58.30 9.94 31.79
CA ASN FA 10 59.69 9.55 31.70
C ASN FA 10 60.62 10.66 31.20
N GLN FA 11 60.07 11.83 30.86
CA GLN FA 11 60.90 12.87 30.27
C GLN FA 11 61.87 13.47 31.28
N SER FA 12 61.46 13.60 32.55
CA SER FA 12 62.35 14.17 33.55
C SER FA 12 63.55 13.26 33.83
N ARG FA 13 63.35 11.95 33.80
CA ARG FA 13 64.45 11.01 34.01
C ARG FA 13 65.43 11.05 32.85
N LYS FA 14 64.93 11.24 31.62
CA LYS FA 14 65.82 11.29 30.45
C LYS FA 14 66.66 12.55 30.46
N TRP FA 15 66.12 13.66 30.97
CA TRP FA 15 66.84 14.93 30.95
C TRP FA 15 68.05 14.92 31.89
N HIS FA 16 67.95 14.22 33.02
CA HIS FA 16 69.02 14.19 34.01
C HIS FA 16 70.05 13.11 33.73
N ARG FA 17 69.85 12.29 32.69
CA ARG FA 17 70.84 11.27 32.37
C ARG FA 17 72.16 11.88 31.89
N ASN FA 18 72.08 12.90 31.04
CA ASN FA 18 73.25 13.65 30.62
C ASN FA 18 73.38 14.98 31.35
N GLY FA 19 72.50 15.26 32.30
CA GLY FA 19 72.56 16.48 33.07
C GLY FA 19 71.91 17.66 32.39
N ILE FA 20 71.22 18.49 33.15
CA ILE FA 20 70.59 19.71 32.63
C ILE FA 20 71.66 20.80 32.72
N LYS FA 21 72.40 20.96 31.63
CA LYS FA 21 73.55 21.85 31.64
C LYS FA 21 73.12 23.31 31.50
N LYS FA 22 73.73 24.17 32.31
CA LYS FA 22 73.57 25.60 32.17
C LYS FA 22 74.31 26.08 30.93
N PRO FA 23 73.96 27.25 30.40
CA PRO FA 23 74.74 27.81 29.28
C PRO FA 23 76.18 28.08 29.69
N ARG FA 24 77.08 27.85 28.75
CA ARG FA 24 78.52 27.92 29.04
C ARG FA 24 78.92 29.36 29.28
N SER FA 25 79.43 29.63 30.48
CA SER FA 25 79.85 30.98 30.83
C SER FA 25 81.07 31.40 30.00
N GLN FA 26 81.03 32.64 29.54
CA GLN FA 26 82.09 33.16 28.68
C GLN FA 26 82.09 34.68 28.75
N ARG FA 27 83.25 35.25 29.06
CA ARG FA 27 83.40 36.70 29.04
C ARG FA 27 83.41 37.20 27.60
N TYR FA 28 83.25 38.52 27.45
CA TYR FA 28 83.11 39.17 26.16
C TYR FA 28 81.95 38.58 25.37
N GLU FA 29 80.73 38.76 25.87
CA GLU FA 29 79.56 38.22 25.20
C GLU FA 29 79.35 38.89 23.85
N SER FA 30 78.70 38.17 22.94
CA SER FA 30 78.46 38.69 21.60
C SER FA 30 77.50 39.88 21.63
N LEU FA 31 77.77 40.85 20.76
CA LEU FA 31 77.00 42.09 20.72
C LEU FA 31 75.91 42.05 19.65
N LYS FA 32 75.33 40.89 19.40
CA LYS FA 32 74.18 40.79 18.50
C LYS FA 32 72.93 41.25 19.23
N GLY FA 33 72.09 42.03 18.54
CA GLY FA 33 70.87 42.55 19.13
C GLY FA 33 71.01 43.90 19.81
N VAL FA 34 72.21 44.44 19.91
CA VAL FA 34 72.41 45.78 20.46
C VAL FA 34 71.90 46.79 19.44
N ASP FA 35 71.45 47.96 19.93
CA ASP FA 35 70.91 48.98 19.05
C ASP FA 35 71.97 49.46 18.05
N PRO FA 36 71.59 49.70 16.80
CA PRO FA 36 72.59 50.03 15.77
C PRO FA 36 73.28 51.37 15.98
N LYS FA 37 72.61 52.37 16.55
CA LYS FA 37 73.21 53.69 16.67
C LYS FA 37 74.37 53.70 17.67
N PHE FA 38 74.20 53.01 18.80
CA PHE FA 38 75.30 52.92 19.77
C PHE FA 38 76.42 52.04 19.25
N LEU FA 39 76.08 50.97 18.52
CA LEU FA 39 77.11 50.10 17.94
C LEU FA 39 77.86 50.79 16.81
N ARG FA 40 77.16 51.63 16.03
CA ARG FA 40 77.84 52.41 14.98
C ARG FA 40 78.84 53.37 15.59
N ASN FA 41 78.48 54.00 16.71
CA ASN FA 41 79.37 54.96 17.36
C ASN FA 41 80.63 54.30 17.92
N MET FA 42 80.49 53.15 18.57
CA MET FA 42 81.62 52.53 19.26
C MET FA 42 82.70 52.08 18.29
N ARG FA 43 82.32 51.71 17.07
CA ARG FA 43 83.32 51.36 16.07
C ARG FA 43 84.17 52.55 15.68
N PHE FA 44 83.60 53.76 15.72
CA PHE FA 44 84.39 54.97 15.51
C PHE FA 44 85.34 55.21 16.67
N ALA FA 45 84.92 54.89 17.90
CA ALA FA 45 85.79 55.06 19.06
C ALA FA 45 86.97 54.10 19.01
N LYS FA 46 86.73 52.85 18.58
CA LYS FA 46 87.83 51.91 18.40
C LYS FA 46 88.69 52.28 17.19
N LYS FA 47 88.09 52.97 16.21
CA LYS FA 47 88.85 53.37 15.02
C LYS FA 47 89.88 54.44 15.34
N HIS FA 48 89.58 55.32 16.29
CA HIS FA 48 90.44 56.46 16.59
C HIS FA 48 91.21 56.31 17.90
N ASN FA 49 91.35 55.07 18.39
CA ASN FA 49 92.14 54.85 19.61
C ASN FA 49 93.63 55.07 19.39
N LYS FA 50 94.09 55.06 18.13
CA LYS FA 50 95.50 55.34 17.85
C LYS FA 50 95.83 56.81 17.94
N LYS FA 51 94.82 57.69 17.92
CA LYS FA 51 95.06 59.13 17.96
C LYS FA 51 95.66 59.57 19.28
N GLY FA 52 95.23 58.97 20.38
CA GLY FA 52 95.72 59.37 21.69
C GLY FA 52 96.78 58.45 22.25
N LEU FA 53 97.38 57.62 21.39
CA LEU FA 53 98.39 56.68 21.83
C LEU FA 53 99.66 57.39 22.31
N LYS FA 54 100.06 58.46 21.62
CA LYS FA 54 101.21 59.25 22.10
C LYS FA 54 100.93 59.92 23.43
N LYS FA 55 99.69 60.34 23.67
CA LYS FA 55 99.35 60.91 24.97
C LYS FA 55 99.45 59.87 26.08
N MET FA 56 98.96 58.65 25.82
CA MET FA 56 98.94 57.60 26.84
C MET FA 56 100.34 57.15 27.24
N GLN FA 57 101.26 57.05 26.27
CA GLN FA 57 102.57 56.51 26.60
C GLN FA 57 103.35 57.45 27.51
N ALA FA 58 103.19 58.76 27.33
CA ALA FA 58 103.79 59.72 28.26
C ALA FA 58 102.98 59.83 29.54
N ASN FA 59 101.65 59.69 29.45
CA ASN FA 59 100.79 59.82 30.63
C ASN FA 59 100.96 58.65 31.59
N ASN FA 60 101.10 57.43 31.06
CA ASN FA 60 101.35 56.29 31.93
C ASN FA 60 102.78 56.28 32.42
N ALA FA 61 103.70 56.89 31.66
CA ALA FA 61 105.11 56.93 32.05
C ALA FA 61 105.35 57.71 33.33
N LYS FA 62 104.68 58.85 33.51
CA LYS FA 62 104.80 59.58 34.77
C LYS FA 62 104.06 58.89 35.90
N ALA FA 63 103.06 58.08 35.59
CA ALA FA 63 102.44 57.23 36.59
C ALA FA 63 103.33 56.06 36.99
N MET FA 64 104.17 55.57 36.07
CA MET FA 64 105.21 54.62 36.45
C MET FA 64 106.19 55.26 37.42
N ALA FA 65 106.61 56.50 37.16
CA ALA FA 65 107.49 57.21 38.06
C ALA FA 65 106.79 57.61 39.36
N ALA FA 66 105.48 57.89 39.30
CA ALA FA 66 104.73 58.14 40.54
C ALA FA 66 104.70 56.90 41.42
N ARG FA 67 104.51 55.72 40.82
CA ARG FA 67 104.60 54.48 41.58
C ARG FA 67 106.05 54.21 42.00
N ALA FA 68 107.01 54.52 41.13
CA ALA FA 68 108.41 54.30 41.45
C ALA FA 68 108.90 55.22 42.56
N GLU FA 69 108.47 56.48 42.56
CA GLU FA 69 108.85 57.40 43.63
C GLU FA 69 108.07 57.18 44.90
N ALA FA 70 106.91 56.49 44.83
CA ALA FA 70 106.18 56.16 46.05
C ALA FA 70 106.87 55.04 46.82
N ILE FA 71 107.40 54.04 46.11
CA ILE FA 71 108.17 52.98 46.75
C ILE FA 71 109.62 53.38 46.98
N LYS FA 72 110.09 54.45 46.33
CA LYS FA 72 111.41 54.98 46.65
C LYS FA 72 111.41 55.74 47.97
N ALA FA 73 110.33 56.44 48.28
CA ALA FA 73 110.19 57.07 49.59
C ALA FA 73 109.97 56.06 50.70
N LEU FA 74 109.56 54.84 50.37
CA LEU FA 74 109.42 53.75 51.33
C LEU FA 74 110.67 52.88 51.42
N VAL FA 75 111.34 52.64 50.30
CA VAL FA 75 112.56 51.85 50.29
C VAL FA 75 113.74 52.72 49.89
N VAL FA 76 100.14 24.31 71.61
CA VAL FA 76 99.52 24.94 72.77
C VAL FA 76 100.53 25.06 73.91
N SER FA 77 101.65 24.35 73.77
CA SER FA 77 102.73 24.37 74.75
C SER FA 77 104.06 24.29 74.03
N ARG FA 78 105.11 24.77 74.67
CA ARG FA 78 106.44 24.75 74.08
C ARG FA 78 107.13 23.40 74.22
N LYS FA 79 106.57 22.48 75.01
CA LYS FA 79 107.13 21.13 75.05
C LYS FA 79 106.80 20.34 73.79
N LEU FA 80 105.63 20.59 73.20
CA LEU FA 80 105.31 19.96 71.91
C LEU FA 80 105.94 20.71 70.75
N HIS FA 81 106.19 22.01 70.92
CA HIS FA 81 106.79 22.81 69.86
C HIS FA 81 108.28 22.54 69.70
N ARG FA 82 108.99 22.29 70.81
CA ARG FA 82 110.42 22.00 70.74
C ARG FA 82 110.69 20.70 69.99
N LEU FA 83 109.90 19.66 70.28
CA LEU FA 83 110.03 18.40 69.55
C LEU FA 83 109.54 18.50 68.11
N ALA FA 84 108.68 19.47 67.81
CA ALA FA 84 108.37 19.74 66.41
C ALA FA 84 109.57 20.33 65.68
N TYR FA 85 110.37 21.13 66.38
CA TYR FA 85 111.61 21.64 65.81
C TYR FA 85 112.61 20.50 65.58
N ILE FA 86 112.68 19.55 66.52
CA ILE FA 86 113.60 18.44 66.37
C ILE FA 86 113.19 17.52 65.23
N ALA FA 87 111.89 17.24 65.08
CA ALA FA 87 111.42 16.33 64.05
C ALA FA 87 111.40 16.95 62.66
N HIS FA 88 111.65 18.25 62.54
CA HIS FA 88 111.65 18.90 61.24
C HIS FA 88 112.86 18.44 60.42
N PRO FA 89 112.65 18.05 59.17
CA PRO FA 89 113.77 17.55 58.35
C PRO FA 89 114.79 18.63 57.98
N LYS FA 90 114.33 19.77 57.50
CA LYS FA 90 115.24 20.79 56.98
C LYS FA 90 115.86 21.64 58.09
N LEU FA 91 115.03 22.36 58.83
CA LEU FA 91 115.53 23.30 59.84
C LEU FA 91 115.85 22.64 61.17
N GLY FA 92 115.56 21.34 61.32
CA GLY FA 92 115.93 20.61 62.51
C GLY FA 92 117.20 19.81 62.41
N ARG FA 93 118.01 20.01 61.37
CA ARG FA 93 119.22 19.23 61.19
C ARG FA 93 120.28 19.56 62.24
N ARG FA 94 120.35 20.82 62.67
CA ARG FA 94 121.40 21.28 63.56
C ARG FA 94 121.16 20.91 65.02
N ALA FA 95 119.94 20.50 65.38
CA ALA FA 95 119.58 20.26 66.77
C ALA FA 95 119.39 18.81 67.15
N ARG FA 96 119.32 17.88 66.20
CA ARG FA 96 119.14 16.47 66.51
C ARG FA 96 120.48 15.73 66.64
N ALA FA 97 121.57 16.46 66.84
CA ALA FA 97 122.86 15.87 67.16
C ALA FA 97 123.14 15.87 68.66
N ARG FA 98 122.24 16.45 69.46
CA ARG FA 98 122.41 16.43 70.91
C ARG FA 98 122.30 15.02 71.46
N ILE FA 99 121.37 14.23 70.93
CA ILE FA 99 121.18 12.84 71.35
C ILE FA 99 122.39 11.99 70.96
N ALA FA 100 123.06 12.34 69.87
CA ALA FA 100 124.16 11.52 69.36
C ALA FA 100 125.31 11.41 70.36
N ARG FA 101 125.66 12.50 71.04
CA ARG FA 101 126.65 12.45 72.11
C ARG FA 101 126.03 12.13 73.45
N GLY FA 102 124.70 12.10 73.55
CA GLY FA 102 124.07 11.54 74.73
C GLY FA 102 124.30 10.05 74.85
N LEU FA 103 124.29 9.35 73.71
CA LEU FA 103 124.69 7.94 73.69
C LEU FA 103 126.17 7.77 73.94
N ARG FA 104 126.99 8.71 73.47
CA ARG FA 104 128.43 8.65 73.67
C ARG FA 104 128.80 8.88 75.14
N SER GA 1 -33.36 -14.36 -72.36
CA SER GA 1 -33.67 -15.54 -73.17
C SER GA 1 -33.05 -16.79 -72.56
N LEU GA 2 -32.33 -16.61 -71.45
CA LEU GA 2 -31.70 -17.74 -70.77
C LEU GA 2 -32.74 -18.67 -70.17
N GLU GA 3 -33.82 -18.12 -69.62
CA GLU GA 3 -34.86 -18.94 -69.02
C GLU GA 3 -35.64 -19.72 -70.07
N SER GA 4 -35.70 -19.20 -71.30
CA SER GA 4 -36.37 -19.93 -72.37
C SER GA 4 -35.60 -21.20 -72.73
N ILE GA 5 -34.26 -21.13 -72.71
CA ILE GA 5 -33.44 -22.30 -73.03
C ILE GA 5 -33.63 -23.41 -71.99
N ASN GA 6 -33.75 -23.05 -70.72
CA ASN GA 6 -34.02 -24.05 -69.68
C ASN GA 6 -35.38 -24.71 -69.90
N SER GA 7 -36.36 -23.96 -70.39
CA SER GA 7 -37.65 -24.54 -70.75
C SER GA 7 -37.55 -25.44 -71.97
N ARG GA 8 -36.70 -25.11 -72.93
CA ARG GA 8 -36.48 -26.00 -74.07
C ARG GA 8 -35.78 -27.28 -73.63
N LEU GA 9 -34.78 -27.17 -72.75
CA LEU GA 9 -34.06 -28.35 -72.26
C LEU GA 9 -34.99 -29.28 -71.47
N GLN GA 10 -35.85 -28.71 -70.64
CA GLN GA 10 -36.80 -29.52 -69.87
C GLN GA 10 -37.75 -30.27 -70.79
N LEU GA 11 -38.17 -29.63 -71.88
CA LEU GA 11 -39.07 -30.27 -72.84
C LEU GA 11 -38.41 -31.42 -73.57
N VAL GA 12 -37.12 -31.28 -73.92
CA VAL GA 12 -36.41 -32.35 -74.62
C VAL GA 12 -36.21 -33.56 -73.71
N MET GA 13 -35.98 -33.32 -72.42
CA MET GA 13 -35.70 -34.43 -71.50
C MET GA 13 -36.86 -35.40 -71.39
N LYS GA 14 -38.10 -34.89 -71.36
CA LYS GA 14 -39.27 -35.72 -71.17
C LYS GA 14 -39.80 -36.35 -72.45
N SER GA 15 -39.52 -35.76 -73.61
CA SER GA 15 -40.09 -36.24 -74.86
C SER GA 15 -39.05 -36.72 -75.85
N GLY GA 16 -38.03 -35.90 -76.13
CA GLY GA 16 -37.09 -36.19 -77.19
C GLY GA 16 -35.97 -37.13 -76.77
N LYS GA 17 -35.14 -37.47 -77.75
CA LYS GA 17 -33.99 -38.34 -77.54
C LYS GA 17 -32.74 -37.50 -77.35
N TYR GA 18 -31.89 -37.92 -76.42
CA TYR GA 18 -30.72 -37.14 -76.03
C TYR GA 18 -29.60 -38.07 -75.61
N VAL GA 19 -28.38 -37.55 -75.61
CA VAL GA 19 -27.20 -38.27 -75.16
C VAL GA 19 -26.44 -37.39 -74.18
N LEU GA 20 -26.18 -37.94 -73.00
CA LEU GA 20 -25.44 -37.25 -71.96
C LEU GA 20 -23.98 -37.66 -71.98
N GLY GA 21 -23.13 -36.77 -71.47
CA GLY GA 21 -21.72 -37.06 -71.34
C GLY GA 21 -20.91 -36.60 -72.53
N TYR GA 22 -19.59 -36.73 -72.40
CA TYR GA 22 -18.67 -36.30 -73.46
C TYR GA 22 -18.40 -37.43 -74.44
N LYS GA 23 -17.98 -38.59 -73.92
CA LYS GA 23 -17.54 -39.68 -74.79
C LYS GA 23 -18.70 -40.25 -75.61
N GLN GA 24 -19.86 -40.41 -75.00
CA GLN GA 24 -21.02 -40.94 -75.72
C GLN GA 24 -21.56 -39.95 -76.74
N SER GA 25 -21.47 -38.64 -76.45
CA SER GA 25 -21.93 -37.63 -77.38
C SER GA 25 -20.95 -37.43 -78.54
N LEU GA 26 -19.66 -37.70 -78.32
CA LEU GA 26 -18.68 -37.60 -79.39
C LEU GA 26 -18.94 -38.62 -80.49
N LYS GA 27 -19.48 -39.79 -80.14
CA LYS GA 27 -19.85 -40.77 -81.14
C LYS GA 27 -21.03 -40.30 -81.98
N MET GA 28 -22.00 -39.64 -81.34
CA MET GA 28 -23.21 -39.22 -82.04
C MET GA 28 -22.94 -38.11 -83.04
N ILE GA 29 -21.99 -37.21 -82.74
CA ILE GA 29 -21.53 -36.25 -83.74
C ILE GA 29 -20.92 -36.99 -84.93
N ARG GA 30 -20.17 -38.06 -84.64
CA ARG GA 30 -19.47 -38.80 -85.68
C ARG GA 30 -20.41 -39.62 -86.54
N GLN GA 31 -21.49 -40.16 -85.96
CA GLN GA 31 -22.53 -40.80 -86.75
C GLN GA 31 -23.45 -39.80 -87.44
N GLY GA 32 -23.35 -38.52 -87.09
CA GLY GA 32 -24.17 -37.50 -87.72
C GLY GA 32 -25.57 -37.36 -87.17
N LYS GA 33 -25.93 -38.12 -86.14
CA LYS GA 33 -27.30 -38.09 -85.62
C LYS GA 33 -27.60 -36.81 -84.85
N ALA GA 34 -26.65 -36.31 -84.07
CA ALA GA 34 -26.90 -35.13 -83.24
C ALA GA 34 -26.91 -33.86 -84.08
N LYS GA 35 -27.85 -32.96 -83.78
CA LYS GA 35 -28.01 -31.71 -84.52
C LYS GA 35 -27.61 -30.48 -83.70
N LEU GA 36 -27.63 -30.56 -82.38
CA LEU GA 36 -27.29 -29.41 -81.54
C LEU GA 36 -26.40 -29.87 -80.39
N VAL GA 37 -25.38 -29.07 -80.08
CA VAL GA 37 -24.42 -29.39 -79.02
C VAL GA 37 -24.53 -28.33 -77.94
N ILE GA 38 -24.59 -28.78 -76.69
CA ILE GA 38 -24.59 -27.90 -75.52
C ILE GA 38 -23.29 -28.12 -74.76
N LEU GA 39 -22.54 -27.03 -74.55
CA LEU GA 39 -21.27 -27.08 -73.84
C LEU GA 39 -21.28 -26.09 -72.69
N ALA GA 40 -20.88 -26.55 -71.51
CA ALA GA 40 -20.72 -25.67 -70.37
C ALA GA 40 -19.44 -24.84 -70.53
N ASN GA 41 -19.40 -23.70 -69.83
CA ASN GA 41 -18.27 -22.79 -69.94
C ASN GA 41 -17.05 -23.27 -69.17
N ASN GA 42 -17.21 -24.20 -68.22
CA ASN GA 42 -16.10 -24.70 -67.42
C ASN GA 42 -15.50 -25.97 -67.98
N CYS GA 43 -15.90 -26.35 -69.20
CA CYS GA 43 -15.28 -27.49 -69.86
C CYS GA 43 -13.85 -27.15 -70.26
N PRO GA 44 -12.98 -28.15 -70.39
CA PRO GA 44 -11.59 -27.87 -70.80
C PRO GA 44 -11.53 -27.21 -72.17
N ALA GA 45 -10.56 -26.31 -72.31
CA ALA GA 45 -10.38 -25.58 -73.57
C ALA GA 45 -9.97 -26.49 -74.70
N LEU GA 46 -9.22 -27.57 -74.42
CA LEU GA 46 -8.93 -28.55 -75.45
C LEU GA 46 -10.19 -29.27 -75.90
N ARG GA 47 -11.07 -29.61 -74.96
CA ARG GA 47 -12.33 -30.27 -75.30
C ARG GA 47 -13.31 -29.33 -75.98
N LYS GA 48 -13.26 -28.04 -75.66
CA LYS GA 48 -14.12 -27.06 -76.34
C LYS GA 48 -13.75 -26.95 -77.81
N SER GA 49 -12.45 -26.93 -78.11
CA SER GA 49 -11.99 -26.81 -79.49
C SER GA 49 -12.18 -28.09 -80.29
N GLU GA 50 -12.13 -29.26 -79.64
CA GLU GA 50 -12.31 -30.51 -80.36
C GLU GA 50 -13.77 -30.74 -80.72
N ILE GA 51 -14.69 -30.35 -79.83
CA ILE GA 51 -16.11 -30.50 -80.10
C ILE GA 51 -16.53 -29.64 -81.29
N GLU GA 52 -16.07 -28.38 -81.32
CA GLU GA 52 -16.42 -27.49 -82.42
C GLU GA 52 -15.78 -27.93 -83.73
N TYR GA 53 -14.59 -28.52 -83.67
CA TYR GA 53 -13.98 -29.07 -84.88
C TYR GA 53 -14.71 -30.31 -85.37
N TYR GA 54 -15.17 -31.17 -84.45
CA TYR GA 54 -15.98 -32.32 -84.83
C TYR GA 54 -17.30 -31.89 -85.45
N ALA GA 55 -17.95 -30.88 -84.87
CA ALA GA 55 -19.22 -30.40 -85.36
C ALA GA 55 -19.10 -29.60 -86.65
N MET GA 56 -17.95 -28.96 -86.89
CA MET GA 56 -17.76 -28.23 -88.14
C MET GA 56 -17.72 -29.18 -89.32
N LEU GA 57 -17.09 -30.35 -89.15
CA LEU GA 57 -17.07 -31.35 -90.21
C LEU GA 57 -18.45 -31.96 -90.41
N ALA GA 58 -19.21 -32.14 -89.32
CA ALA GA 58 -20.54 -32.70 -89.40
C ALA GA 58 -21.62 -31.66 -89.68
N LYS GA 59 -21.26 -30.38 -89.75
CA LYS GA 59 -22.19 -29.27 -89.95
C LYS GA 59 -23.29 -29.28 -88.87
N THR GA 60 -22.84 -29.32 -87.62
CA THR GA 60 -23.71 -29.39 -86.47
C THR GA 60 -23.56 -28.11 -85.64
N GLY GA 61 -24.70 -27.48 -85.34
CA GLY GA 61 -24.66 -26.26 -84.55
C GLY GA 61 -24.29 -26.54 -83.10
N VAL GA 62 -23.47 -25.65 -82.54
CA VAL GA 62 -23.01 -25.76 -81.17
C VAL GA 62 -23.49 -24.53 -80.41
N HIS GA 63 -24.23 -24.74 -79.33
CA HIS GA 63 -24.69 -23.65 -78.47
C HIS GA 63 -23.87 -23.69 -77.18
N HIS GA 64 -23.02 -22.70 -76.99
CA HIS GA 64 -22.21 -22.60 -75.77
C HIS GA 64 -23.12 -22.16 -74.62
N TYR GA 65 -23.31 -23.05 -73.66
CA TYR GA 65 -24.24 -22.76 -72.56
C TYR GA 65 -23.62 -21.76 -71.61
N SER GA 66 -24.48 -21.03 -70.90
CA SER GA 66 -24.03 -19.90 -70.08
C SER GA 66 -23.21 -20.38 -68.88
N GLY GA 67 -23.81 -21.19 -68.01
CA GLY GA 67 -23.20 -21.54 -66.75
C GLY GA 67 -22.32 -22.77 -66.82
N ASN GA 68 -22.00 -23.29 -65.63
CA ASN GA 68 -21.07 -24.40 -65.48
C ASN GA 68 -21.79 -25.75 -65.60
N ASN GA 69 -21.06 -26.84 -65.39
CA ASN GA 69 -21.63 -28.17 -65.53
C ASN GA 69 -22.54 -28.53 -64.35
N ILE GA 70 -22.31 -27.92 -63.18
CA ILE GA 70 -23.08 -28.28 -62.00
C ILE GA 70 -24.53 -27.86 -62.14
N GLU GA 71 -24.78 -26.66 -62.65
CA GLU GA 71 -26.16 -26.21 -62.87
C GLU GA 71 -26.73 -26.78 -64.16
N LEU GA 72 -25.87 -27.24 -65.08
CA LEU GA 72 -26.37 -27.79 -66.33
C LEU GA 72 -27.09 -29.12 -66.12
N GLY GA 73 -26.64 -29.93 -65.16
CA GLY GA 73 -27.35 -31.14 -64.83
C GLY GA 73 -28.72 -30.88 -64.23
N THR GA 74 -28.84 -29.84 -63.39
CA THR GA 74 -30.13 -29.48 -62.84
C THR GA 74 -31.05 -28.92 -63.91
N ALA GA 75 -30.48 -28.22 -64.90
CA ALA GA 75 -31.28 -27.76 -66.03
C ALA GA 75 -31.77 -28.92 -66.88
N CYS GA 76 -31.03 -30.03 -66.89
CA CYS GA 76 -31.45 -31.25 -67.57
C CYS GA 76 -32.32 -32.14 -66.68
N GLY GA 77 -32.62 -31.70 -65.46
CA GLY GA 77 -33.44 -32.49 -64.56
C GLY GA 77 -32.73 -33.66 -63.91
N LYS GA 78 -31.41 -33.75 -64.06
CA LYS GA 78 -30.64 -34.84 -63.49
C LYS GA 78 -30.02 -34.38 -62.16
N TYR GA 79 -29.15 -35.22 -61.59
CA TYR GA 79 -28.51 -34.91 -60.33
C TYR GA 79 -26.99 -34.98 -60.41
N TYR GA 80 -26.43 -34.93 -61.62
CA TYR GA 80 -24.99 -35.03 -61.84
C TYR GA 80 -24.56 -33.97 -62.85
N ARG GA 81 -23.28 -33.62 -62.79
CA ARG GA 81 -22.74 -32.59 -63.68
C ARG GA 81 -22.63 -33.13 -65.10
N VAL GA 82 -22.97 -32.28 -66.07
CA VAL GA 82 -22.90 -32.62 -67.48
C VAL GA 82 -22.17 -31.50 -68.21
N CYS GA 83 -21.16 -31.86 -69.01
CA CYS GA 83 -20.43 -30.84 -69.77
C CYS GA 83 -20.87 -30.80 -71.23
N THR GA 84 -21.05 -31.97 -71.84
CA THR GA 84 -21.41 -32.05 -73.26
C THR GA 84 -22.78 -32.69 -73.38
N LEU GA 85 -23.70 -31.98 -74.03
CA LEU GA 85 -25.03 -32.49 -74.32
C LEU GA 85 -25.28 -32.44 -75.82
N SER GA 86 -25.78 -33.55 -76.36
CA SER GA 86 -26.11 -33.64 -77.78
C SER GA 86 -27.56 -34.07 -77.91
N ILE GA 87 -28.33 -33.31 -78.69
CA ILE GA 87 -29.74 -33.60 -78.90
C ILE GA 87 -29.87 -34.47 -80.14
N ILE GA 88 -30.33 -35.70 -79.95
CA ILE GA 88 -30.56 -36.61 -81.06
C ILE GA 88 -31.87 -36.30 -81.77
N ASP GA 89 -32.95 -36.15 -81.01
CA ASP GA 89 -34.24 -35.76 -81.54
C ASP GA 89 -34.87 -34.74 -80.60
N PRO GA 90 -35.14 -33.52 -81.08
CA PRO GA 90 -35.92 -32.57 -80.27
C PRO GA 90 -37.33 -33.08 -79.99
N GLY GA 91 -37.90 -33.80 -80.95
CA GLY GA 91 -39.20 -34.42 -80.78
C GLY GA 91 -40.35 -33.44 -80.84
N ASP GA 92 -40.46 -32.59 -79.82
CA ASP GA 92 -41.55 -31.62 -79.72
C ASP GA 92 -41.09 -30.25 -79.25
N SER GA 93 -39.79 -29.94 -79.36
CA SER GA 93 -39.24 -28.70 -78.89
C SER GA 93 -38.70 -27.87 -80.05
N ASP GA 94 -38.62 -26.55 -79.83
CA ASP GA 94 -38.05 -25.61 -80.79
C ASP GA 94 -36.64 -25.15 -80.38
N ILE GA 95 -35.86 -26.06 -79.77
CA ILE GA 95 -34.54 -25.68 -79.27
C ILE GA 95 -33.57 -25.45 -80.43
N ILE GA 96 -33.74 -26.17 -81.54
CA ILE GA 96 -32.81 -26.06 -82.66
C ILE GA 96 -33.11 -24.89 -83.58
N ARG GA 97 -34.27 -24.26 -83.43
CA ARG GA 97 -34.70 -23.15 -84.27
C ARG GA 97 -34.53 -21.80 -83.58
N SER GA 98 -33.54 -21.68 -82.70
CA SER GA 98 -33.28 -20.43 -81.99
C SER GA 98 -31.79 -20.23 -81.77
N ASN HA 1 37.32 -105.88 14.04
CA ASN HA 1 38.16 -105.10 14.95
C ASN HA 1 38.24 -103.65 14.53
N GLU HA 2 39.08 -103.36 13.53
CA GLU HA 2 39.27 -101.99 13.08
C GLU HA 2 38.48 -101.70 11.80
N VAL HA 3 38.25 -102.71 10.97
CA VAL HA 3 37.33 -102.58 9.84
C VAL HA 3 35.93 -102.86 10.38
N VAL HA 4 35.18 -101.80 10.67
CA VAL HA 4 33.84 -101.91 11.22
C VAL HA 4 32.88 -101.07 10.37
N THR HA 5 31.84 -101.70 9.86
CA THR HA 5 30.79 -101.03 9.10
C THR HA 5 29.48 -101.16 9.87
N ARG HA 6 28.75 -100.05 10.00
CA ARG HA 6 27.56 -100.03 10.84
C ARG HA 6 26.60 -98.97 10.33
N GLU HA 7 25.31 -99.21 10.55
CA GLU HA 7 24.26 -98.27 10.19
C GLU HA 7 24.15 -97.16 11.23
N TYR HA 8 23.76 -95.97 10.77
CA TYR HA 8 23.51 -94.84 11.65
C TYR HA 8 22.42 -93.98 11.02
N THR HA 9 21.58 -93.41 11.89
CA THR HA 9 20.64 -92.37 11.47
C THR HA 9 20.94 -91.09 12.24
N ILE HA 10 20.89 -89.97 11.53
CA ILE HA 10 21.31 -88.68 12.08
C ILE HA 10 20.13 -87.72 12.03
N ASN HA 11 19.79 -87.15 13.19
CA ASN HA 11 18.76 -86.12 13.28
C ASN HA 11 19.39 -84.80 12.84
N ILE HA 12 19.29 -84.51 11.54
CA ILE HA 12 19.85 -83.27 11.01
C ILE HA 12 19.10 -82.06 11.55
N HIS HA 13 17.81 -82.23 11.85
CA HIS HA 13 16.97 -81.12 12.28
C HIS HA 13 17.48 -80.48 13.57
N LYS HA 14 18.01 -81.27 14.51
CA LYS HA 14 18.46 -80.72 15.77
C LYS HA 14 19.86 -80.13 15.71
N ARG HA 15 20.63 -80.44 14.66
CA ARG HA 15 21.96 -79.88 14.49
C ARG HA 15 21.98 -78.70 13.52
N ILE HA 16 20.82 -78.31 12.99
CA ILE HA 16 20.71 -77.17 12.09
C ILE HA 16 19.83 -76.07 12.67
N HIS HA 17 19.09 -76.36 13.74
CA HIS HA 17 18.18 -75.40 14.38
C HIS HA 17 18.96 -74.18 14.87
N GLY HA 18 18.86 -73.07 14.14
CA GLY HA 18 19.50 -71.83 14.54
C GLY HA 18 20.24 -71.07 13.46
N VAL HA 19 20.70 -71.77 12.42
CA VAL HA 19 21.49 -71.12 11.37
C VAL HA 19 20.56 -70.55 10.29
N GLY HA 20 21.11 -69.62 9.50
CA GLY HA 20 20.33 -68.95 8.47
C GLY HA 20 20.12 -69.80 7.23
N PHE HA 21 19.21 -69.31 6.37
CA PHE HA 21 18.76 -70.09 5.21
C PHE HA 21 19.89 -70.36 4.23
N LYS HA 22 20.73 -69.38 3.96
CA LYS HA 22 21.77 -69.51 2.94
C LYS HA 22 22.96 -70.34 3.42
N LYS HA 23 22.90 -70.88 4.64
CA LYS HA 23 23.96 -71.73 5.16
C LYS HA 23 23.46 -73.03 5.76
N ARG HA 24 22.16 -73.34 5.64
CA ARG HA 24 21.62 -74.56 6.24
C ARG HA 24 22.21 -75.81 5.59
N ALA HA 25 22.14 -75.90 4.26
CA ALA HA 25 22.77 -77.03 3.57
C ALA HA 25 24.29 -77.05 3.67
N PRO HA 26 25.03 -75.94 3.51
CA PRO HA 26 26.49 -76.01 3.77
C PRO HA 26 26.84 -76.40 5.18
N ARG HA 27 26.06 -75.97 6.18
CA ARG HA 27 26.24 -76.49 7.53
C ARG HA 27 25.86 -77.95 7.62
N ALA HA 28 24.82 -78.37 6.88
CA ALA HA 28 24.27 -79.72 7.03
C ALA HA 28 25.30 -80.80 6.72
N LEU HA 29 26.22 -80.53 5.79
CA LEU HA 29 27.30 -81.47 5.52
C LEU HA 29 28.35 -81.48 6.61
N LYS HA 30 28.40 -80.44 7.45
CA LYS HA 30 29.46 -80.36 8.46
C LYS HA 30 29.21 -81.31 9.62
N GLU HA 31 27.97 -81.46 10.07
CA GLU HA 31 27.75 -82.42 11.15
C GLU HA 31 27.67 -83.85 10.64
N ILE HA 32 27.89 -84.07 9.34
CA ILE HA 32 28.06 -85.43 8.86
C ILE HA 32 29.54 -85.80 8.88
N ARG HA 33 30.40 -84.85 8.54
CA ARG HA 33 31.83 -85.01 8.75
C ARG HA 33 32.16 -85.03 10.25
N LYS HA 34 31.49 -84.20 11.04
CA LYS HA 34 31.71 -84.19 12.48
C LYS HA 34 31.21 -85.47 13.14
N PHE HA 35 30.06 -85.99 12.67
CA PHE HA 35 29.53 -87.24 13.21
C PHE HA 35 30.46 -88.41 12.90
N ALA HA 36 31.06 -88.40 11.71
CA ALA HA 36 31.91 -89.52 11.29
C ALA HA 36 33.17 -89.63 12.14
N MET HA 37 33.68 -88.51 12.66
CA MET HA 37 34.86 -88.57 13.52
C MET HA 37 34.53 -88.88 14.97
N LYS HA 38 33.25 -89.01 15.31
CA LYS HA 38 32.88 -89.21 16.71
C LYS HA 38 32.95 -90.68 17.11
N GLU HA 39 32.24 -91.55 16.40
CA GLU HA 39 32.29 -92.99 16.73
C GLU HA 39 33.61 -93.60 16.26
N MET HA 40 33.88 -93.55 14.97
CA MET HA 40 35.16 -94.00 14.43
C MET HA 40 36.05 -92.78 14.25
N GLY HA 41 36.95 -92.55 15.21
CA GLY HA 41 37.73 -91.33 15.25
C GLY HA 41 38.83 -91.23 14.22
N THR HA 42 38.46 -91.10 12.95
CA THR HA 42 39.42 -90.90 11.87
C THR HA 42 39.25 -89.51 11.29
N PRO HA 43 40.27 -88.65 11.35
CA PRO HA 43 40.14 -87.31 10.76
C PRO HA 43 39.88 -87.32 9.26
N ASP HA 44 40.41 -88.29 8.52
CA ASP HA 44 40.19 -88.39 7.09
C ASP HA 44 38.80 -88.96 6.85
N VAL HA 45 37.84 -88.10 6.55
CA VAL HA 45 36.45 -88.48 6.34
C VAL HA 45 36.09 -88.17 4.89
N ARG HA 46 35.68 -89.20 4.15
CA ARG HA 46 35.24 -89.05 2.77
C ARG HA 46 33.76 -89.42 2.69
N ILE HA 47 32.95 -88.50 2.17
CA ILE HA 47 31.51 -88.69 2.06
C ILE HA 47 31.14 -88.89 0.60
N ASP HA 48 30.30 -89.89 0.34
CA ASP HA 48 29.95 -90.26 -1.02
C ASP HA 48 29.07 -89.18 -1.66
N THR HA 49 29.19 -89.05 -2.98
CA THR HA 49 28.45 -88.02 -3.71
C THR HA 49 26.94 -88.22 -3.66
N ARG HA 50 26.48 -89.46 -3.52
CA ARG HA 50 25.04 -89.70 -3.39
C ARG HA 50 24.50 -89.19 -2.07
N LEU HA 51 25.32 -89.17 -1.02
CA LEU HA 51 24.91 -88.53 0.23
C LEU HA 51 24.79 -87.02 0.06
N ASN HA 52 25.71 -86.42 -0.71
CA ASN HA 52 25.64 -84.98 -0.96
C ASN HA 52 24.40 -84.62 -1.77
N LYS HA 53 23.99 -85.50 -2.70
CA LYS HA 53 22.77 -85.28 -3.45
C LYS HA 53 21.53 -85.39 -2.56
N ALA HA 54 21.53 -86.33 -1.62
CA ALA HA 54 20.38 -86.51 -0.74
C ALA HA 54 20.16 -85.34 0.20
N VAL HA 55 21.24 -84.75 0.73
CA VAL HA 55 21.11 -83.59 1.59
C VAL HA 55 20.66 -82.38 0.79
N TRP HA 56 21.20 -82.21 -0.41
CA TRP HA 56 20.86 -81.08 -1.28
C TRP HA 56 19.64 -81.34 -2.14
N ALA HA 57 18.90 -82.43 -1.89
CA ALA HA 57 17.75 -82.77 -2.71
C ALA HA 57 16.62 -81.76 -2.60
N LYS HA 58 16.48 -81.09 -1.46
CA LYS HA 58 15.44 -80.09 -1.26
C LYS HA 58 15.99 -78.67 -1.33
N GLY HA 59 17.18 -78.49 -1.91
CA GLY HA 59 17.75 -77.16 -2.06
C GLY HA 59 18.72 -76.80 -0.95
N ILE HA 60 18.85 -75.51 -0.66
CA ILE HA 60 19.74 -75.04 0.38
C ILE HA 60 18.99 -74.68 1.67
N ARG HA 61 17.68 -74.42 1.60
CA ARG HA 61 16.92 -74.02 2.76
C ARG HA 61 16.33 -75.23 3.50
N ASN HA 62 15.51 -76.01 2.79
CA ASN HA 62 14.88 -77.18 3.41
C ASN HA 62 15.85 -78.35 3.37
N VAL HA 63 16.11 -78.95 4.53
CA VAL HA 63 16.99 -80.09 4.65
C VAL HA 63 16.19 -81.21 5.32
N PRO HA 64 16.33 -82.47 4.88
CA PRO HA 64 15.64 -83.56 5.57
C PRO HA 64 16.03 -83.67 7.03
N TYR HA 65 15.03 -83.91 7.87
CA TYR HA 65 15.25 -83.93 9.32
C TYR HA 65 16.05 -85.15 9.74
N ARG HA 66 15.69 -86.33 9.24
CA ARG HA 66 16.41 -87.56 9.51
C ARG HA 66 16.97 -88.12 8.21
N ILE HA 67 18.10 -88.81 8.32
CA ILE HA 67 18.74 -89.44 7.17
C ILE HA 67 19.49 -90.67 7.68
N ARG HA 68 19.48 -91.73 6.86
CA ARG HA 68 20.10 -93.00 7.23
C ARG HA 68 21.46 -93.10 6.57
N VAL HA 69 22.47 -93.49 7.34
CA VAL HA 69 23.86 -93.46 6.92
C VAL HA 69 24.51 -94.80 7.22
N ARG HA 70 25.17 -95.38 6.21
CA ARG HA 70 26.12 -96.46 6.43
C ARG HA 70 27.50 -95.84 6.65
N LEU HA 71 28.00 -95.94 7.87
CA LEU HA 71 29.23 -95.26 8.27
C LEU HA 71 30.31 -96.32 8.47
N SER HA 72 31.27 -96.38 7.56
CA SER HA 72 32.21 -97.49 7.47
C SER HA 72 33.63 -96.98 7.50
N ARG HA 73 34.48 -97.61 8.31
CA ARG HA 73 35.90 -97.28 8.41
C ARG HA 73 36.70 -98.28 7.58
N LYS HA 74 37.62 -97.79 6.77
CA LYS HA 74 38.43 -98.63 5.90
C LYS HA 74 39.91 -98.26 6.03
N ARG HA 75 40.75 -99.12 5.45
CA ARG HA 75 42.19 -98.90 5.46
C ARG HA 75 42.58 -97.80 4.47
N ASN HA 76 43.46 -96.90 4.90
CA ASN HA 76 43.98 -95.87 4.01
C ASN HA 76 45.00 -96.47 3.06
N GLU HA 77 44.86 -96.15 1.78
CA GLU HA 77 45.65 -96.75 0.72
C GLU HA 77 46.88 -95.85 0.52
N ASP HA 78 47.61 -95.99 -0.60
CA ASP HA 78 48.90 -95.34 -0.81
C ASP HA 78 48.81 -93.81 -0.87
N GLU HA 79 49.93 -93.16 -1.13
CA GLU HA 79 50.16 -91.74 -0.79
C GLU HA 79 49.99 -91.54 0.71
N ASP HA 80 50.95 -92.16 1.42
CA ASP HA 80 50.83 -92.39 2.85
C ASP HA 80 50.70 -91.08 3.64
N SER HA 81 49.80 -91.09 4.60
CA SER HA 81 49.49 -89.97 5.48
C SER HA 81 49.43 -90.51 6.89
N PRO HA 82 49.66 -89.66 7.90
CA PRO HA 82 49.61 -90.13 9.29
C PRO HA 82 48.27 -90.73 9.73
N ASN HA 83 47.17 -90.39 9.06
CA ASN HA 83 45.89 -91.05 9.34
C ASN HA 83 45.84 -92.36 8.57
N LYS HA 84 46.34 -93.43 9.20
CA LYS HA 84 46.40 -94.74 8.57
C LYS HA 84 45.02 -95.36 8.33
N LEU HA 85 43.97 -94.80 8.93
CA LEU HA 85 42.61 -95.26 8.69
C LEU HA 85 41.76 -94.08 8.26
N TYR HA 86 40.75 -94.37 7.44
CA TYR HA 86 39.82 -93.35 6.99
C TYR HA 86 38.42 -93.94 7.04
N THR HA 87 37.42 -93.06 6.95
CA THR HA 87 36.02 -93.45 7.09
C THR HA 87 35.27 -93.07 5.83
N LEU HA 88 34.59 -94.05 5.23
CA LEU HA 88 33.75 -93.82 4.07
C LEU HA 88 32.29 -93.75 4.52
N VAL HA 89 31.60 -92.71 4.05
CA VAL HA 89 30.23 -92.42 4.48
C VAL HA 89 29.31 -92.62 3.27
N THR HA 90 28.27 -93.44 3.46
CA THR HA 90 27.39 -93.83 2.36
C THR HA 90 25.94 -93.57 2.73
N TYR HA 91 25.21 -92.97 1.78
CA TYR HA 91 23.78 -92.74 1.96
C TYR HA 91 23.00 -94.05 1.87
N VAL HA 92 22.01 -94.20 2.75
CA VAL HA 92 21.14 -95.37 2.74
C VAL HA 92 19.69 -94.91 2.58
N PRO HA 93 19.05 -95.18 1.44
CA PRO HA 93 17.65 -94.77 1.25
C PRO HA 93 16.71 -95.68 2.04
N VAL HA 94 16.08 -95.13 3.06
CA VAL HA 94 15.11 -95.84 3.88
C VAL HA 94 13.82 -95.06 3.90
N THR HA 95 12.69 -95.74 3.69
CA THR HA 95 11.40 -95.08 3.56
C THR HA 95 10.93 -94.41 4.85
N THR HA 96 11.14 -95.03 6.00
CA THR HA 96 10.65 -94.49 7.26
C THR HA 96 11.73 -94.62 8.33
N PHE HA 97 11.72 -93.68 9.28
CA PHE HA 97 12.68 -93.67 10.37
C PHE HA 97 12.07 -94.14 11.69
N LYS HA 98 10.86 -94.71 11.65
CA LYS HA 98 10.24 -95.21 12.86
C LYS HA 98 10.86 -96.55 13.25
N ASN HA 99 11.36 -96.64 14.48
CA ASN HA 99 11.98 -97.85 15.02
C ASN HA 99 13.20 -98.29 14.20
N LEU HA 100 14.19 -97.40 14.13
CA LEU HA 100 15.49 -97.69 13.53
C LEU HA 100 16.57 -97.50 14.58
N GLN HA 101 17.22 -98.58 14.97
CA GLN HA 101 18.39 -98.52 15.83
C GLN HA 101 19.64 -98.42 14.96
N THR HA 102 20.81 -98.44 15.61
CA THR HA 102 22.09 -98.42 14.91
C THR HA 102 22.51 -99.86 14.65
N VAL HA 103 22.32 -100.30 13.41
CA VAL HA 103 22.57 -101.70 13.05
C VAL HA 103 24.05 -101.88 12.72
N ASN HA 104 24.69 -102.84 13.38
CA ASN HA 104 26.08 -103.20 13.10
C ASN HA 104 26.08 -104.27 12.01
N VAL HA 105 26.08 -103.81 10.76
CA VAL HA 105 26.05 -104.72 9.61
C VAL HA 105 27.38 -105.43 9.46
N ASP HA 106 27.41 -106.49 8.66
CA ASP HA 106 28.60 -107.31 8.48
C ASP HA 106 28.97 -107.41 7.01
N GLU HA 107 30.18 -107.87 6.75
CA GLU HA 107 30.68 -108.05 5.39
C GLU HA 107 30.71 -109.52 5.02
N ALA IA 1 107.92 -43.48 39.76
CA ALA IA 1 108.99 -43.72 38.80
C ALA IA 1 108.78 -42.92 37.53
N ALA IA 2 107.82 -42.00 37.56
CA ALA IA 2 107.50 -41.17 36.42
C ALA IA 2 108.36 -39.90 36.45
N LEU IA 3 108.08 -38.96 35.56
CA LEU IA 3 108.81 -37.70 35.49
C LEU IA 3 108.07 -36.66 36.30
N ARG IA 4 108.64 -36.28 37.44
CA ARG IA 4 108.03 -35.30 38.31
C ARG IA 4 108.18 -33.89 37.72
N PRO IA 5 107.21 -33.01 37.95
CA PRO IA 5 107.38 -31.61 37.58
C PRO IA 5 108.22 -30.87 38.62
N LEU IA 6 108.48 -29.60 38.34
CA LEU IA 6 109.25 -28.78 39.28
C LEU IA 6 108.47 -28.56 40.57
N VAL IA 7 107.20 -28.15 40.44
CA VAL IA 7 106.32 -27.92 41.59
C VAL IA 7 105.02 -28.64 41.32
N LYS IA 8 104.27 -28.91 42.40
CA LYS IA 8 102.98 -29.59 42.31
C LYS IA 8 101.95 -28.76 43.07
N PRO IA 9 101.41 -27.71 42.44
CA PRO IA 9 100.39 -26.90 43.11
C PRO IA 9 99.05 -27.63 43.18
N LYS IA 10 98.21 -27.16 44.08
CA LYS IA 10 96.88 -27.74 44.29
C LYS IA 10 95.95 -27.22 43.19
N ILE IA 11 95.50 -28.11 42.33
CA ILE IA 11 94.62 -27.75 41.22
C ILE IA 11 93.20 -27.58 41.76
N VAL IA 12 92.65 -26.39 41.61
CA VAL IA 12 91.29 -26.08 42.04
C VAL IA 12 90.47 -25.68 40.82
N LYS IA 13 89.27 -26.24 40.72
CA LYS IA 13 88.35 -25.94 39.62
C LYS IA 13 87.02 -25.51 40.22
N LYS IA 14 86.52 -24.35 39.79
CA LYS IA 14 85.26 -23.84 40.32
C LYS IA 14 84.07 -24.68 39.85
N ARG IA 15 84.12 -25.19 38.63
CA ARG IA 15 83.09 -26.07 38.12
C ARG IA 15 83.72 -27.04 37.13
N THR IA 16 83.32 -28.31 37.24
CA THR IA 16 83.83 -29.35 36.36
C THR IA 16 82.77 -29.97 35.46
N LYS IA 17 81.50 -29.84 35.80
CA LYS IA 17 80.44 -30.32 34.93
C LYS IA 17 80.35 -29.45 33.69
N LYS IA 18 80.07 -30.09 32.56
CA LYS IA 18 79.99 -29.38 31.29
C LYS IA 18 78.76 -28.48 31.24
N PHE IA 19 78.88 -27.38 30.51
CA PHE IA 19 77.76 -26.46 30.31
C PHE IA 19 76.95 -26.97 29.13
N ILE IA 20 75.81 -27.59 29.43
CA ILE IA 20 75.00 -28.21 28.39
C ILE IA 20 74.05 -27.17 27.80
N ARG IA 21 73.65 -27.40 26.55
CA ARG IA 21 72.69 -26.53 25.89
C ARG IA 21 71.31 -26.66 26.54
N HIS IA 22 70.54 -25.58 26.45
CA HIS IA 22 69.18 -25.60 26.96
C HIS IA 22 68.31 -26.53 26.12
N GLN IA 23 67.53 -27.38 26.80
CA GLN IA 23 66.68 -28.39 26.17
C GLN IA 23 67.48 -29.34 25.29
N SER IA 24 68.73 -29.61 25.65
CA SER IA 24 69.54 -30.58 24.91
C SER IA 24 69.11 -32.02 25.19
N ASP IA 25 68.53 -32.27 26.37
CA ASP IA 25 68.06 -33.62 26.69
C ASP IA 25 66.77 -33.95 25.96
N ARG IA 26 65.95 -32.94 25.65
CA ARG IA 26 64.63 -33.19 25.08
C ARG IA 26 64.68 -33.54 23.59
N TYR IA 27 65.76 -33.20 22.89
CA TYR IA 27 65.82 -33.39 21.45
C TYR IA 27 67.17 -33.98 21.07
N VAL IA 28 67.17 -34.71 19.95
CA VAL IA 28 68.43 -35.24 19.41
C VAL IA 28 69.08 -34.24 18.45
N LYS IA 29 68.27 -33.44 17.73
CA LYS IA 29 68.82 -32.41 16.86
C LYS IA 29 69.53 -31.32 17.64
N ILE IA 30 69.28 -31.21 18.94
CA ILE IA 30 69.92 -30.21 19.80
C ILE IA 30 71.13 -30.87 20.44
N LYS IA 31 72.32 -30.35 20.11
CA LYS IA 31 73.56 -30.96 20.56
C LYS IA 31 73.91 -30.50 21.97
N ARG IA 32 74.96 -31.10 22.53
CA ARG IA 32 75.41 -30.78 23.88
C ARG IA 32 76.14 -29.43 23.93
N ASN IA 33 76.70 -28.99 22.80
CA ASN IA 33 77.46 -27.74 22.77
C ASN IA 33 76.61 -26.55 23.17
N TRP IA 34 77.20 -25.67 23.97
CA TRP IA 34 76.47 -24.56 24.58
C TRP IA 34 76.13 -23.49 23.54
N ARG IA 35 74.88 -23.07 23.54
CA ARG IA 35 74.43 -21.89 22.81
C ARG IA 35 73.68 -20.99 23.79
N LYS IA 36 74.03 -19.72 23.81
CA LYS IA 36 73.38 -18.78 24.73
C LYS IA 36 71.96 -18.51 24.28
N PRO IA 37 70.96 -18.78 25.11
CA PRO IA 37 69.57 -18.48 24.71
C PRO IA 37 69.33 -16.98 24.63
N ARG IA 38 68.52 -16.58 23.67
CA ARG IA 38 68.19 -15.18 23.46
C ARG IA 38 66.69 -14.95 23.35
N GLY IA 39 65.88 -15.86 23.90
CA GLY IA 39 64.45 -15.71 23.82
C GLY IA 39 63.90 -14.71 24.83
N ILE IA 40 62.72 -14.20 24.52
CA ILE IA 40 62.06 -13.24 25.40
C ILE IA 40 61.57 -13.92 26.68
N ASP IA 41 61.05 -15.14 26.58
CA ASP IA 41 60.49 -15.84 27.72
C ASP IA 41 61.37 -17.00 28.19
N ASN IA 42 62.65 -17.00 27.83
CA ASN IA 42 63.54 -18.10 28.19
C ASN IA 42 63.89 -18.02 29.67
N ARG IA 43 63.62 -19.11 30.40
CA ARG IA 43 63.91 -19.14 31.83
C ARG IA 43 65.41 -19.12 32.11
N VAL IA 44 66.19 -19.83 31.29
CA VAL IA 44 67.63 -19.89 31.48
C VAL IA 44 68.27 -18.53 31.23
N ARG IA 45 67.73 -17.77 30.28
CA ARG IA 45 68.34 -16.50 29.90
C ARG IA 45 68.30 -15.48 31.04
N ARG IA 46 67.23 -15.47 31.82
CA ARG IA 46 67.05 -14.50 32.90
C ARG IA 46 67.29 -15.12 34.28
N ARG IA 47 68.05 -16.21 34.31
CA ARG IA 47 68.62 -16.77 35.55
C ARG IA 47 67.54 -17.22 36.53
N PHE IA 48 66.61 -18.06 36.08
CA PHE IA 48 65.61 -18.57 37.00
C PHE IA 48 66.20 -19.65 37.90
N LYS IA 49 65.58 -19.81 39.07
CA LYS IA 49 66.06 -20.78 40.05
C LYS IA 49 65.76 -22.19 39.60
N GLY IA 50 66.70 -23.11 39.83
CA GLY IA 50 66.52 -24.49 39.47
C GLY IA 50 66.61 -24.79 38.00
N GLN IA 51 67.32 -23.96 37.23
CA GLN IA 51 67.44 -24.12 35.80
C GLN IA 51 68.90 -24.39 35.43
N ILE IA 52 69.17 -24.44 34.12
CA ILE IA 52 70.52 -24.70 33.65
C ILE IA 52 71.37 -23.46 33.83
N LEU IA 53 72.53 -23.63 34.47
CA LEU IA 53 73.44 -22.50 34.67
C LEU IA 53 74.11 -22.12 33.36
N MET IA 54 74.37 -20.82 33.20
CA MET IA 54 75.04 -20.34 32.01
C MET IA 54 76.51 -20.05 32.30
N PRO IA 55 77.39 -20.23 31.32
CA PRO IA 55 78.81 -19.93 31.52
C PRO IA 55 79.02 -18.43 31.70
N ASN IA 56 79.81 -18.08 32.72
CA ASN IA 56 80.17 -16.70 33.00
C ASN IA 56 81.68 -16.59 33.13
N ILE IA 57 82.14 -15.34 33.22
CA ILE IA 57 83.56 -15.07 33.43
C ILE IA 57 84.02 -15.45 34.83
N GLY IA 58 83.09 -15.63 35.77
CA GLY IA 58 83.45 -16.00 37.13
C GLY IA 58 83.88 -17.45 37.27
N TYR IA 59 83.59 -18.28 36.27
CA TYR IA 59 83.98 -19.69 36.30
C TYR IA 59 85.40 -19.92 35.81
N GLY IA 60 86.12 -18.85 35.46
CA GLY IA 60 87.47 -19.02 34.93
C GLY IA 60 88.41 -19.59 35.99
N SER IA 61 89.29 -20.49 35.55
CA SER IA 61 90.26 -21.10 36.44
C SER IA 61 91.39 -20.12 36.76
N ASN IA 62 92.14 -20.46 37.80
CA ASN IA 62 93.27 -19.63 38.22
C ASN IA 62 94.34 -19.60 37.13
N LYS IA 63 94.96 -18.43 36.97
CA LYS IA 63 95.99 -18.27 35.94
C LYS IA 63 97.23 -19.10 36.24
N LYS IA 64 97.51 -19.35 37.52
CA LYS IA 64 98.65 -20.19 37.88
C LYS IA 64 98.42 -21.64 37.48
N THR IA 65 97.18 -22.12 37.60
CA THR IA 65 96.84 -23.51 37.32
C THR IA 65 96.08 -23.68 36.01
N LYS IA 66 96.01 -22.64 35.18
CA LYS IA 66 95.30 -22.75 33.91
C LYS IA 66 96.07 -23.63 32.94
N HIS IA 67 95.33 -24.45 32.19
CA HIS IA 67 95.86 -25.35 31.17
C HIS IA 67 96.84 -26.38 31.71
N MET IA 68 96.80 -26.66 33.01
CA MET IA 68 97.74 -27.58 33.63
C MET IA 68 97.11 -28.95 33.80
N LEU IA 69 97.87 -29.99 33.45
CA LEU IA 69 97.39 -31.36 33.59
C LEU IA 69 97.31 -31.75 35.06
N PRO IA 70 96.51 -32.76 35.39
CA PRO IA 70 96.50 -33.26 36.78
C PRO IA 70 97.84 -33.79 37.25
N SER IA 71 98.71 -34.25 36.35
CA SER IA 71 100.05 -34.66 36.73
C SER IA 71 100.94 -33.48 37.09
N GLY IA 72 100.57 -32.26 36.68
CA GLY IA 72 101.34 -31.08 36.98
C GLY IA 72 102.00 -30.43 35.79
N PHE IA 73 101.87 -31.00 34.59
CA PHE IA 73 102.49 -30.47 33.40
C PHE IA 73 101.47 -29.75 32.53
N ARG IA 74 101.94 -29.20 31.42
CA ARG IA 74 101.08 -28.65 30.38
C ARG IA 74 101.40 -29.33 29.05
N LYS IA 75 100.36 -29.60 28.27
CA LYS IA 75 100.51 -30.41 27.07
C LYS IA 75 101.14 -29.59 25.93
N PHE IA 76 101.73 -30.32 24.99
CA PHE IA 76 102.27 -29.73 23.78
C PHE IA 76 102.25 -30.81 22.69
N LEU IA 77 101.60 -30.48 21.56
CA LEU IA 77 101.43 -31.45 20.49
C LEU IA 77 102.73 -31.57 19.70
N VAL IA 78 103.19 -32.80 19.52
CA VAL IA 78 104.46 -33.08 18.85
C VAL IA 78 104.19 -34.04 17.70
N HIS IA 79 104.67 -33.68 16.51
CA HIS IA 79 104.46 -34.47 15.30
C HIS IA 79 105.65 -35.32 14.91
N ASN IA 80 106.87 -34.84 15.13
CA ASN IA 80 108.06 -35.55 14.68
C ASN IA 80 109.13 -35.45 15.76
N VAL IA 81 110.29 -36.05 15.46
CA VAL IA 81 111.39 -36.07 16.43
C VAL IA 81 111.97 -34.67 16.63
N LYS IA 82 111.99 -33.87 15.56
CA LYS IA 82 112.63 -32.55 15.62
C LYS IA 82 111.95 -31.61 16.61
N GLU IA 83 110.65 -31.80 16.85
CA GLU IA 83 109.94 -30.94 17.78
C GLU IA 83 110.23 -31.26 19.23
N LEU IA 84 110.97 -32.34 19.51
CA LEU IA 84 111.25 -32.73 20.88
C LEU IA 84 112.32 -31.85 21.52
N GLU IA 85 113.34 -31.47 20.74
CA GLU IA 85 114.46 -30.70 21.30
C GLU IA 85 114.08 -29.30 21.72
N VAL IA 86 112.88 -28.84 21.34
CA VAL IA 86 112.38 -27.54 21.77
C VAL IA 86 112.19 -27.54 23.28
N LEU IA 87 111.66 -28.65 23.80
CA LEU IA 87 111.18 -28.73 25.17
C LEU IA 87 112.25 -29.10 26.19
N LEU IA 88 113.49 -29.32 25.77
CA LEU IA 88 114.51 -29.77 26.72
C LEU IA 88 114.94 -28.68 27.70
N MET IA 89 114.77 -27.39 27.37
CA MET IA 89 114.85 -26.33 28.36
C MET IA 89 113.53 -26.04 29.06
N CYS IA 90 112.42 -26.64 28.60
CA CYS IA 90 111.14 -26.60 29.29
C CYS IA 90 110.79 -27.95 29.87
N ASN IA 91 111.78 -28.66 30.40
CA ASN IA 91 111.61 -30.06 30.76
C ASN IA 91 110.69 -30.24 31.96
N LYS IA 92 110.88 -29.42 33.00
CA LYS IA 92 110.17 -29.63 34.25
C LYS IA 92 108.81 -28.95 34.30
N SER IA 93 108.41 -28.23 33.26
CA SER IA 93 107.14 -27.53 33.22
C SER IA 93 106.19 -28.04 32.15
N TYR IA 94 106.69 -28.35 30.96
CA TYR IA 94 105.86 -28.73 29.83
C TYR IA 94 106.16 -30.15 29.40
N CYS IA 95 105.13 -30.87 28.96
CA CYS IA 95 105.24 -32.24 28.48
C CYS IA 95 104.86 -32.29 27.01
N ALA IA 96 105.18 -33.40 26.36
CA ALA IA 96 104.97 -33.60 24.94
C ALA IA 96 103.92 -34.67 24.69
N GLU IA 97 103.09 -34.45 23.67
CA GLU IA 97 102.06 -35.40 23.28
C GLU IA 97 102.19 -35.67 21.78
N ILE IA 98 102.17 -36.95 21.41
CA ILE IA 98 102.28 -37.34 20.01
C ILE IA 98 100.92 -37.19 19.34
N ALA IA 99 100.94 -36.78 18.08
CA ALA IA 99 99.71 -36.57 17.32
C ALA IA 99 99.07 -37.91 16.96
N HIS IA 100 97.79 -37.84 16.60
CA HIS IA 100 97.02 -39.05 16.32
C HIS IA 100 97.46 -39.72 15.03
N ASN IA 101 97.84 -38.92 14.02
CA ASN IA 101 98.16 -39.43 12.70
C ASN IA 101 99.63 -39.84 12.56
N VAL IA 102 100.39 -39.80 13.65
CA VAL IA 102 101.77 -40.26 13.62
C VAL IA 102 101.79 -41.78 13.53
N SER IA 103 102.60 -42.31 12.62
CA SER IA 103 102.67 -43.75 12.42
C SER IA 103 103.30 -44.44 13.62
N SER IA 104 103.08 -45.76 13.70
CA SER IA 104 103.60 -46.54 14.82
C SER IA 104 105.13 -46.57 14.80
N LYS IA 105 105.75 -46.66 13.63
CA LYS IA 105 107.21 -46.69 13.57
C LYS IA 105 107.83 -45.32 13.83
N ASN IA 106 107.09 -44.25 13.62
CA ASN IA 106 107.54 -42.93 14.01
C ASN IA 106 107.21 -42.59 15.46
N ARG IA 107 106.20 -43.24 16.03
CA ARG IA 107 105.97 -43.11 17.46
C ARG IA 107 107.10 -43.73 18.26
N LYS IA 108 107.58 -44.89 17.84
CA LYS IA 108 108.72 -45.56 18.47
C LYS IA 108 110.05 -44.94 18.08
N ALA IA 109 110.05 -43.93 17.20
CA ALA IA 109 111.21 -43.05 17.10
C ALA IA 109 111.20 -42.01 18.22
N ILE IA 110 110.03 -41.51 18.59
CA ILE IA 110 109.93 -40.34 19.46
C ILE IA 110 110.27 -40.69 20.91
N VAL IA 111 109.78 -41.84 21.40
CA VAL IA 111 109.62 -42.04 22.85
C VAL IA 111 110.97 -41.96 23.57
N GLU IA 112 111.98 -42.61 22.99
CA GLU IA 112 113.32 -42.70 23.58
C GLU IA 112 114.09 -41.38 23.47
N ARG IA 113 113.79 -40.55 22.47
CA ARG IA 113 114.45 -39.25 22.43
C ARG IA 113 113.99 -38.37 23.58
N ALA IA 114 112.70 -38.45 23.93
CA ALA IA 114 112.21 -37.77 25.12
C ALA IA 114 112.68 -38.44 26.40
N ALA IA 115 112.98 -39.75 26.35
CA ALA IA 115 113.53 -40.43 27.52
C ALA IA 115 114.98 -40.02 27.77
N GLN IA 116 115.74 -39.79 26.70
CA GLN IA 116 117.09 -39.27 26.84
C GLN IA 116 117.07 -37.82 27.32
N LEU IA 117 116.09 -37.04 26.88
CA LEU IA 117 115.92 -35.67 27.36
C LEU IA 117 115.04 -35.58 28.60
N ALA IA 118 114.61 -36.73 29.14
CA ALA IA 118 113.76 -36.80 30.34
C ALA IA 118 112.45 -36.03 30.15
N ILE IA 119 111.95 -35.98 28.93
CA ILE IA 119 110.71 -35.27 28.61
C ILE IA 119 109.54 -36.22 28.80
N ARG IA 120 108.59 -35.82 29.63
CA ARG IA 120 107.44 -36.66 29.92
C ARG IA 120 106.51 -36.72 28.71
N VAL IA 121 106.02 -37.92 28.42
CA VAL IA 121 105.10 -38.17 27.31
C VAL IA 121 103.76 -38.59 27.88
N THR IA 122 102.69 -37.92 27.45
CA THR IA 122 101.36 -38.25 27.94
C THR IA 122 100.93 -39.64 27.48
N ASN IA 123 101.28 -40.01 26.24
CA ASN IA 123 100.91 -41.29 25.65
C ASN IA 123 102.15 -41.98 25.08
N PRO IA 124 103.03 -42.50 25.93
CA PRO IA 124 104.24 -43.14 25.40
C PRO IA 124 103.96 -44.45 24.68
N ASN IA 125 103.23 -45.37 25.30
CA ASN IA 125 102.94 -46.68 24.72
C ASN IA 125 101.54 -46.65 24.09
N ALA IA 126 101.45 -46.02 22.92
CA ALA IA 126 100.15 -45.86 22.27
C ALA IA 126 99.75 -47.11 21.49
N ARG IA 127 100.53 -47.46 20.46
CA ARG IA 127 100.18 -48.56 19.57
C ARG IA 127 100.84 -49.86 19.99
N LEU IA 128 102.17 -49.86 20.07
CA LEU IA 128 102.97 -51.05 20.35
C LEU IA 128 102.68 -52.18 19.37
N SER JA 1 84.32 -52.13 75.97
CA SER JA 1 83.35 -53.21 75.89
C SER JA 1 81.96 -52.70 75.51
N GLY JA 2 81.80 -51.37 75.57
CA GLY JA 2 80.52 -50.76 75.25
C GLY JA 2 80.62 -49.57 74.31
N ARG JA 3 79.58 -48.75 74.28
CA ARG JA 3 79.52 -47.61 73.38
C ARG JA 3 80.44 -46.50 73.86
N LEU JA 4 81.10 -45.83 72.92
CA LEU JA 4 81.97 -44.70 73.22
C LEU JA 4 81.55 -43.44 72.48
N TRP JA 5 80.33 -43.40 71.95
CA TRP JA 5 79.87 -42.27 71.17
C TRP JA 5 78.41 -41.99 71.51
N CYS JA 6 78.02 -40.73 71.35
CA CYS JA 6 76.67 -40.30 71.66
C CYS JA 6 75.77 -40.44 70.42
N LYS JA 7 74.52 -40.81 70.67
CA LYS JA 7 73.59 -41.08 69.59
C LYS JA 7 73.03 -39.77 69.04
N ALA JA 8 73.12 -39.59 67.73
CA ALA JA 8 72.66 -38.38 67.08
C ALA JA 8 71.93 -38.76 65.80
N ILE JA 9 70.92 -37.96 65.45
CA ILE JA 9 70.09 -38.19 64.28
C ILE JA 9 70.33 -37.07 63.28
N PHE JA 10 70.66 -37.44 62.05
CA PHE JA 10 70.83 -36.47 60.97
C PHE JA 10 69.44 -36.00 60.54
N ALA JA 11 68.99 -34.88 61.12
CA ALA JA 11 67.65 -34.38 60.83
C ALA JA 11 67.54 -33.82 59.42
N GLY JA 12 68.57 -33.12 58.96
CA GLY JA 12 68.53 -32.54 57.63
C GLY JA 12 69.65 -31.56 57.44
N TYR JA 13 69.67 -30.97 56.25
CA TYR JA 13 70.67 -29.98 55.92
C TYR JA 13 70.28 -28.61 56.46
N LYS JA 14 71.27 -27.73 56.60
CA LYS JA 14 71.01 -26.33 56.90
C LYS JA 14 70.28 -25.72 55.72
N ARG JA 15 69.09 -25.16 55.95
CA ARG JA 15 68.23 -24.80 54.85
C ARG JA 15 67.38 -23.59 55.20
N GLY JA 16 66.76 -23.02 54.17
CA GLY JA 16 65.67 -22.08 54.32
C GLY JA 16 64.35 -22.79 54.19
N LEU JA 17 63.36 -22.09 53.64
CA LEU JA 17 62.07 -22.73 53.40
C LEU JA 17 61.99 -23.25 51.97
N ARG JA 18 62.52 -22.49 51.00
CA ARG JA 18 62.61 -22.92 49.62
C ARG JA 18 64.04 -23.00 49.10
N ASN JA 19 65.03 -22.99 49.98
CA ASN JA 19 66.42 -23.15 49.58
C ASN JA 19 67.16 -23.93 50.65
N GLN JA 20 67.85 -25.00 50.24
CA GLN JA 20 68.65 -25.80 51.15
C GLN JA 20 70.13 -25.67 50.81
N ARG JA 21 70.96 -25.69 51.86
CA ARG JA 21 72.42 -25.62 51.73
C ARG JA 21 72.96 -26.92 52.30
N GLU JA 22 73.17 -27.89 51.41
CA GLU JA 22 73.53 -29.25 51.79
C GLU JA 22 75.01 -29.43 52.07
N HIS JA 23 75.75 -28.34 52.24
CA HIS JA 23 77.13 -28.39 52.68
C HIS JA 23 77.25 -28.23 54.20
N THR JA 24 76.13 -28.12 54.90
CA THR JA 24 76.13 -28.04 56.36
C THR JA 24 74.97 -28.86 56.87
N ALA JA 25 75.25 -29.79 57.78
CA ALA JA 25 74.26 -30.73 58.29
C ALA JA 25 73.78 -30.30 59.68
N LEU JA 26 72.51 -30.55 59.95
CA LEU JA 26 71.91 -30.30 61.25
C LEU JA 26 71.78 -31.60 62.02
N LEU JA 27 72.20 -31.60 63.27
CA LEU JA 27 72.27 -32.80 64.10
C LEU JA 27 71.37 -32.65 65.31
N LYS JA 28 70.72 -33.76 65.69
CA LYS JA 28 69.88 -33.84 66.88
C LYS JA 28 70.48 -34.91 67.79
N ILE JA 29 71.40 -34.49 68.66
CA ILE JA 29 72.04 -35.42 69.58
C ILE JA 29 71.05 -35.76 70.69
N GLU JA 30 70.97 -37.05 71.02
CA GLU JA 30 70.05 -37.51 72.06
C GLU JA 30 70.51 -37.01 73.43
N GLY JA 31 69.57 -36.45 74.19
CA GLY JA 31 69.83 -35.98 75.53
C GLY JA 31 70.01 -34.49 75.68
N VAL JA 32 70.30 -33.78 74.60
CA VAL JA 32 70.46 -32.33 74.63
C VAL JA 32 69.24 -31.68 73.99
N TYR JA 33 68.62 -30.73 74.70
CA TYR JA 33 67.41 -30.06 74.25
C TYR JA 33 67.45 -28.56 74.53
N ALA JA 34 68.64 -28.01 74.78
CA ALA JA 34 68.77 -26.59 75.05
C ALA JA 34 70.09 -26.10 74.47
N ARG JA 35 70.18 -24.79 74.23
CA ARG JA 35 71.37 -24.20 73.64
C ARG JA 35 72.57 -24.31 74.59
N ASP JA 36 72.34 -24.07 75.88
CA ASP JA 36 73.44 -24.05 76.84
C ASP JA 36 74.04 -25.42 77.12
N GLU JA 37 73.34 -26.51 76.77
CA GLU JA 37 73.91 -27.84 76.91
C GLU JA 37 74.65 -28.30 75.65
N THR JA 38 74.63 -27.52 74.58
CA THR JA 38 75.36 -27.88 73.36
C THR JA 38 76.82 -27.47 73.41
N GLU JA 39 77.27 -26.80 74.47
CA GLU JA 39 78.65 -26.33 74.53
C GLU JA 39 79.63 -27.49 74.65
N PHE JA 40 79.22 -28.58 75.30
CA PHE JA 40 80.11 -29.72 75.47
C PHE JA 40 80.43 -30.38 74.14
N TYR JA 41 79.46 -30.45 73.23
CA TYR JA 41 79.62 -31.16 71.98
C TYR JA 41 80.27 -30.33 70.88
N LEU JA 42 80.57 -29.05 71.15
CA LEU JA 42 81.22 -28.21 70.15
C LEU JA 42 82.65 -28.66 69.93
N GLY JA 43 83.03 -28.83 68.66
CA GLY JA 43 84.35 -29.28 68.30
C GLY JA 43 84.52 -30.79 68.26
N LYS JA 44 83.49 -31.55 68.64
CA LYS JA 44 83.59 -33.01 68.60
C LYS JA 44 83.50 -33.51 67.16
N ARG JA 45 84.17 -34.63 66.91
CA ARG JA 45 84.20 -35.23 65.57
C ARG JA 45 82.99 -36.14 65.39
N CYS JA 46 82.25 -35.93 64.30
CA CYS JA 46 81.10 -36.74 63.96
C CYS JA 46 81.38 -37.59 62.74
N ALA JA 47 80.79 -38.78 62.72
CA ALA JA 47 80.98 -39.73 61.64
C ALA JA 47 79.67 -40.43 61.32
N TYR JA 48 79.42 -40.65 60.04
CA TYR JA 48 78.23 -41.35 59.56
C TYR JA 48 78.66 -42.73 59.05
N VAL JA 49 78.31 -43.77 59.78
CA VAL JA 49 78.74 -45.12 59.48
C VAL JA 49 77.68 -45.80 58.62
N TYR JA 50 78.11 -46.37 57.50
CA TYR JA 50 77.21 -47.07 56.59
C TYR JA 50 77.99 -48.19 55.91
N LYS JA 51 77.26 -49.14 55.34
CA LYS JA 51 77.85 -50.28 54.68
C LYS JA 51 77.42 -50.32 53.21
N ALA JA 52 78.29 -50.85 52.36
CA ALA JA 52 78.06 -50.88 50.93
C ALA JA 52 78.32 -52.30 50.43
N LYS JA 53 78.35 -52.45 49.10
CA LYS JA 53 78.52 -53.77 48.50
C LYS JA 53 79.98 -54.17 48.40
N ASN JA 54 80.79 -53.35 47.72
CA ASN JA 54 82.19 -53.69 47.51
C ASN JA 54 82.99 -53.55 48.80
N ASN JA 55 83.92 -54.48 48.99
CA ASN JA 55 84.74 -54.48 50.20
C ASN JA 55 85.83 -53.41 50.10
N THR JA 56 85.95 -52.60 51.14
CA THR JA 56 86.99 -51.59 51.26
C THR JA 56 87.84 -51.88 52.49
N VAL JA 57 89.05 -51.33 52.50
CA VAL JA 57 90.01 -51.61 53.57
C VAL JA 57 89.55 -50.99 54.88
N THR JA 58 90.13 -51.46 55.98
CA THR JA 58 89.84 -50.99 57.32
C THR JA 58 91.16 -50.79 58.05
N PRO JA 59 91.39 -49.62 58.65
CA PRO JA 59 92.64 -49.39 59.38
C PRO JA 59 92.73 -50.31 60.60
N GLY JA 60 93.81 -51.10 60.65
CA GLY JA 60 93.99 -52.05 61.72
C GLY JA 60 92.99 -53.19 61.74
N GLY JA 61 92.69 -53.76 60.58
CA GLY JA 61 91.81 -54.91 60.53
C GLY JA 61 91.60 -55.37 59.11
N LYS JA 62 90.93 -56.53 59.00
CA LYS JA 62 90.60 -57.10 57.72
C LYS JA 62 89.58 -56.22 57.00
N PRO JA 63 89.72 -56.05 55.68
CA PRO JA 63 88.85 -55.13 54.94
C PRO JA 63 87.39 -55.55 54.99
N ASN JA 64 86.53 -54.59 55.31
CA ASN JA 64 85.12 -54.86 55.58
C ASN JA 64 84.24 -54.15 54.56
N LYS JA 65 82.93 -54.25 54.76
CA LYS JA 65 81.96 -53.60 53.89
C LYS JA 65 81.52 -52.23 54.39
N THR JA 66 81.96 -51.83 55.58
CA THR JA 66 81.52 -50.58 56.17
C THR JA 66 82.34 -49.40 55.66
N ARG JA 67 81.69 -48.24 55.58
CA ARG JA 67 82.32 -47.00 55.13
C ARG JA 67 81.83 -45.86 56.00
N VAL JA 68 82.61 -44.78 56.04
CA VAL JA 68 82.28 -43.62 56.87
C VAL JA 68 82.48 -42.34 56.08
N ILE JA 69 81.83 -41.29 56.56
CA ILE JA 69 82.07 -39.92 56.11
C ILE JA 69 82.41 -39.10 57.35
N TRP JA 70 83.66 -38.67 57.46
CA TRP JA 70 84.12 -37.96 58.64
C TRP JA 70 83.70 -36.49 58.60
N GLY JA 71 83.56 -35.92 59.80
CA GLY JA 71 83.18 -34.53 59.93
C GLY JA 71 83.39 -34.06 61.36
N LYS JA 72 83.02 -32.81 61.60
CA LYS JA 72 83.19 -32.19 62.91
C LYS JA 72 81.94 -31.38 63.25
N VAL JA 73 81.73 -31.19 64.55
CA VAL JA 73 80.63 -30.38 65.04
C VAL JA 73 81.10 -28.92 65.09
N THR JA 74 80.41 -28.05 64.35
CA THR JA 74 80.86 -26.67 64.19
C THR JA 74 80.29 -25.74 65.26
N ARG JA 75 78.96 -25.60 65.29
CA ARG JA 75 78.34 -24.65 66.20
C ARG JA 75 76.87 -25.03 66.41
N ALA JA 76 76.30 -24.50 67.48
CA ALA JA 76 74.92 -24.80 67.84
C ALA JA 76 73.95 -24.17 66.85
N HIS JA 77 72.81 -24.83 66.67
CA HIS JA 77 71.77 -24.39 65.76
C HIS JA 77 70.45 -24.27 66.52
N GLY JA 78 69.67 -23.24 66.20
CA GLY JA 78 68.35 -23.11 66.81
C GLY JA 78 68.43 -22.78 68.29
N ASN JA 79 67.41 -23.25 69.03
CA ASN JA 79 67.31 -22.96 70.45
C ASN JA 79 67.10 -24.23 71.26
N SER JA 80 66.42 -25.21 70.68
CA SER JA 80 66.05 -26.43 71.39
C SER JA 80 67.09 -27.54 71.21
N GLY JA 81 68.36 -27.23 71.47
CA GLY JA 81 69.39 -28.24 71.53
C GLY JA 81 69.91 -28.72 70.19
N MET JA 82 69.46 -28.15 69.08
CA MET JA 82 69.99 -28.55 67.78
C MET JA 82 71.40 -28.01 67.61
N VAL JA 83 72.11 -28.54 66.62
CA VAL JA 83 73.51 -28.19 66.42
C VAL JA 83 73.86 -28.44 64.96
N ARG JA 84 74.82 -27.66 64.44
CA ARG JA 84 75.30 -27.79 63.08
C ARG JA 84 76.56 -28.64 63.05
N ALA JA 85 76.76 -29.33 61.92
CA ALA JA 85 77.98 -30.09 61.70
C ALA JA 85 78.38 -29.96 60.24
N LYS JA 86 79.69 -30.09 59.99
CA LYS JA 86 80.24 -30.00 58.64
C LYS JA 86 81.12 -31.22 58.39
N PHE JA 87 80.88 -31.89 57.27
CA PHE JA 87 81.63 -33.08 56.88
C PHE JA 87 82.56 -32.76 55.72
N ARG JA 88 83.48 -33.69 55.47
CA ARG JA 88 84.41 -33.55 54.34
C ARG JA 88 83.66 -33.61 53.02
N SER JA 89 82.80 -34.61 52.86
CA SER JA 89 81.87 -34.69 51.74
C SER JA 89 80.46 -34.54 52.28
N ASN JA 90 79.59 -33.94 51.46
CA ASN JA 90 78.22 -33.69 51.88
C ASN JA 90 77.47 -35.00 52.08
N LEU JA 91 76.67 -35.04 53.15
CA LEU JA 91 75.96 -36.27 53.50
C LEU JA 91 74.89 -36.58 52.45
N PRO JA 92 74.76 -37.84 52.06
CA PRO JA 92 73.64 -38.22 51.17
C PRO JA 92 72.32 -38.13 51.90
N ALA JA 93 71.26 -37.89 51.12
CA ALA JA 93 69.93 -37.77 51.70
C ALA JA 93 69.31 -39.09 52.09
N LYS JA 94 69.96 -40.22 51.75
CA LYS JA 94 69.51 -41.51 52.27
C LYS JA 94 69.68 -41.60 53.78
N ALA JA 95 70.59 -40.80 54.33
CA ALA JA 95 70.85 -40.79 55.76
C ALA JA 95 69.90 -39.92 56.55
N ILE JA 96 68.86 -39.36 55.91
CA ILE JA 96 67.88 -38.53 56.59
C ILE JA 96 67.11 -39.41 57.58
N GLY JA 97 67.13 -39.01 58.85
CA GLY JA 97 66.46 -39.76 59.89
C GLY JA 97 67.20 -40.97 60.40
N HIS JA 98 68.45 -41.16 60.00
CA HIS JA 98 69.25 -42.29 60.42
C HIS JA 98 70.23 -41.88 61.51
N ARG JA 99 70.79 -42.88 62.18
CA ARG JA 99 71.67 -42.65 63.31
C ARG JA 99 73.11 -42.42 62.84
N ILE JA 100 73.72 -41.34 63.33
CA ILE JA 100 75.13 -41.08 63.12
C ILE JA 100 75.79 -40.91 64.49
N ARG JA 101 77.10 -41.09 64.53
CA ARG JA 101 77.84 -41.09 65.78
C ARG JA 101 78.63 -39.80 65.94
N VAL JA 102 78.58 -39.24 67.15
CA VAL JA 102 79.46 -38.14 67.55
C VAL JA 102 80.36 -38.66 68.66
N MET JA 103 81.66 -38.47 68.50
CA MET JA 103 82.62 -39.06 69.42
C MET JA 103 83.09 -38.05 70.45
N LEU JA 104 83.86 -38.54 71.43
CA LEU JA 104 84.30 -37.71 72.54
C LEU JA 104 85.80 -37.40 72.53
N TYR JA 105 86.59 -38.12 71.72
CA TYR JA 105 88.03 -37.92 71.74
C TYR JA 105 88.50 -36.53 71.32
N PRO JA 106 87.71 -35.70 70.59
CA PRO JA 106 88.05 -34.26 70.60
C PRO JA 106 87.61 -33.57 71.89
N SER JA 107 88.18 -34.01 73.01
CA SER JA 107 87.71 -33.60 74.32
C SER JA 107 88.42 -32.33 74.77
N ARG JA 108 87.67 -31.43 75.42
CA ARG JA 108 88.21 -30.22 76.01
C ARG JA 108 88.31 -30.31 77.53
N ILE JA 109 88.00 -31.47 78.10
CA ILE JA 109 88.02 -31.64 79.55
C ILE JA 109 89.29 -32.38 79.98
N VAL KA 1 15.24 -70.11 -29.24
CA VAL KA 1 15.12 -69.50 -30.56
C VAL KA 1 16.46 -68.88 -30.96
N GLN KA 2 16.92 -69.24 -32.16
CA GLN KA 2 18.23 -68.83 -32.65
C GLN KA 2 18.27 -67.34 -33.00
N ARG KA 3 18.86 -66.53 -32.12
CA ARG KA 3 19.11 -65.13 -32.44
C ARG KA 3 20.39 -65.01 -33.25
N LEU KA 4 20.48 -63.94 -34.04
CA LEU KA 4 21.57 -63.78 -34.99
C LEU KA 4 22.01 -62.33 -35.04
N THR KA 5 23.21 -62.11 -35.57
CA THR KA 5 23.85 -60.82 -35.64
C THR KA 5 23.84 -60.30 -37.08
N TYR KA 6 24.47 -59.14 -37.28
CA TYR KA 6 24.68 -58.61 -38.62
C TYR KA 6 25.83 -59.34 -39.31
N ARG KA 7 26.11 -58.93 -40.55
CA ARG KA 7 27.20 -59.49 -41.33
C ARG KA 7 28.20 -58.44 -41.79
N ARG KA 8 27.90 -57.15 -41.66
CA ARG KA 8 28.82 -56.08 -41.94
C ARG KA 8 29.22 -55.39 -40.63
N ARG KA 9 30.00 -54.32 -40.75
CA ARG KA 9 30.42 -53.55 -39.59
C ARG KA 9 29.50 -52.39 -39.25
N LEU KA 10 28.51 -52.10 -40.10
CA LEU KA 10 27.58 -51.01 -39.85
C LEU KA 10 26.47 -51.56 -38.95
N SER KA 11 26.55 -51.27 -37.66
CA SER KA 11 25.64 -51.82 -36.67
C SER KA 11 24.44 -50.90 -36.40
N TYR KA 12 24.05 -50.08 -37.36
CA TYR KA 12 22.94 -49.16 -37.21
C TYR KA 12 21.83 -49.50 -38.20
N ASN KA 13 20.61 -49.10 -37.87
CA ASN KA 13 19.44 -49.38 -38.70
C ASN KA 13 19.20 -48.28 -39.73
N THR KA 14 20.23 -47.95 -40.51
CA THR KA 14 20.11 -46.91 -41.51
C THR KA 14 19.38 -47.44 -42.75
N ALA KA 15 19.20 -46.55 -43.73
CA ALA KA 15 18.51 -46.93 -44.95
C ALA KA 15 19.32 -47.88 -45.82
N SER KA 16 20.64 -47.92 -45.64
CA SER KA 16 21.51 -48.80 -46.40
C SER KA 16 21.82 -50.11 -45.68
N ASN KA 17 21.19 -50.36 -44.54
CA ASN KA 17 21.42 -51.56 -43.75
C ASN KA 17 20.14 -52.37 -43.57
N LYS KA 18 19.29 -52.38 -44.60
CA LYS KA 18 18.06 -53.13 -44.56
C LYS KA 18 18.33 -54.59 -44.95
N THR KA 19 17.79 -55.51 -44.16
CA THR KA 19 18.03 -56.94 -44.32
C THR KA 19 16.70 -57.67 -44.48
N ARG KA 20 16.80 -58.97 -44.72
CA ARG KA 20 15.63 -59.84 -44.78
C ARG KA 20 16.03 -61.21 -44.26
N LEU KA 21 15.04 -61.97 -43.81
CA LEU KA 21 15.27 -63.26 -43.18
C LEU KA 21 15.23 -64.35 -44.25
N SER KA 22 16.24 -65.23 -44.21
CA SER KA 22 16.38 -66.27 -45.23
C SER KA 22 16.84 -67.56 -44.57
N ARG KA 23 16.47 -68.69 -45.18
CA ARG KA 23 16.84 -70.01 -44.70
C ARG KA 23 17.85 -70.63 -45.65
N THR KA 24 19.01 -70.99 -45.12
CA THR KA 24 20.08 -71.57 -45.90
C THR KA 24 19.84 -73.06 -46.11
N PRO KA 25 20.49 -73.67 -47.11
CA PRO KA 25 20.45 -75.14 -47.22
C PRO KA 25 21.08 -75.86 -46.03
N GLY KA 26 21.90 -75.19 -45.23
CA GLY KA 26 22.45 -75.76 -44.02
C GLY KA 26 21.50 -75.73 -42.83
N ASN KA 27 20.24 -75.38 -43.05
CA ASN KA 27 19.20 -75.36 -42.02
C ASN KA 27 19.55 -74.39 -40.89
N ARG KA 28 19.90 -73.17 -41.26
CA ARG KA 28 20.08 -72.09 -40.31
C ARG KA 28 19.62 -70.79 -40.94
N ILE KA 29 19.20 -69.86 -40.09
CA ILE KA 29 18.62 -68.60 -40.53
C ILE KA 29 19.70 -67.52 -40.48
N VAL KA 30 19.75 -66.68 -41.51
CA VAL KA 30 20.75 -65.62 -41.61
C VAL KA 30 20.17 -64.46 -42.41
N TYR KA 31 20.66 -63.25 -42.12
CA TYR KA 31 20.27 -62.07 -42.87
C TYR KA 31 20.86 -62.10 -44.28
N LEU KA 32 20.08 -61.60 -45.23
CA LEU KA 32 20.56 -61.27 -46.56
C LEU KA 32 20.19 -59.82 -46.85
N TYR KA 33 21.17 -59.05 -47.31
CA TYR KA 33 21.01 -57.61 -47.43
C TYR KA 33 20.28 -57.28 -48.73
N THR KA 34 19.12 -56.64 -48.60
CA THR KA 34 18.28 -56.34 -49.74
C THR KA 34 18.75 -55.06 -50.44
N LYS KA 35 18.32 -54.91 -51.68
CA LYS KA 35 18.52 -53.68 -52.42
C LYS KA 35 17.35 -52.73 -52.18
N LYS KA 36 17.64 -51.44 -52.31
CA LYS KA 36 16.59 -50.43 -52.15
C LYS KA 36 15.59 -50.54 -53.31
N VAL KA 37 14.32 -50.33 -52.99
CA VAL KA 37 13.25 -50.54 -53.95
C VAL KA 37 13.26 -49.41 -54.96
N GLY KA 38 13.44 -49.75 -56.23
CA GLY KA 38 13.40 -48.77 -57.30
C GLY KA 38 11.98 -48.32 -57.60
N LYS KA 39 11.88 -47.25 -58.38
CA LYS KA 39 10.60 -46.65 -58.72
C LYS KA 39 10.50 -46.46 -60.23
N ALA KA 40 9.27 -46.55 -60.74
CA ALA KA 40 9.02 -46.32 -62.15
C ALA KA 40 9.23 -44.84 -62.48
N PRO KA 41 9.55 -44.52 -63.73
CA PRO KA 41 9.71 -43.11 -64.10
C PRO KA 41 8.41 -42.33 -63.99
N LYS KA 42 8.54 -41.05 -63.63
CA LYS KA 42 7.41 -40.16 -63.51
C LYS KA 42 7.16 -39.45 -64.83
N SER KA 43 5.87 -39.21 -65.12
CA SER KA 43 5.49 -38.58 -66.38
C SER KA 43 5.99 -37.14 -66.45
N ALA KA 44 6.40 -36.74 -67.66
CA ALA KA 44 6.92 -35.39 -67.85
C ALA KA 44 5.80 -34.35 -67.82
N CYS KA 45 4.56 -34.79 -67.97
CA CYS KA 45 3.43 -33.86 -67.95
C CYS KA 45 3.30 -33.17 -66.60
N GLY KA 46 3.52 -33.92 -65.52
CA GLY KA 46 3.39 -33.37 -64.19
C GLY KA 46 1.96 -33.20 -63.74
N VAL KA 47 0.99 -33.74 -64.47
CA VAL KA 47 -0.41 -33.61 -64.13
C VAL KA 47 -1.05 -34.94 -63.78
N CYS KA 48 -0.34 -36.05 -63.89
CA CYS KA 48 -0.86 -37.34 -63.48
C CYS KA 48 -0.16 -37.82 -62.21
N PRO KA 49 -0.91 -38.40 -61.27
CA PRO KA 49 -0.29 -38.83 -60.00
C PRO KA 49 0.34 -40.21 -60.07
N GLY KA 50 0.05 -40.95 -61.13
CA GLY KA 50 0.59 -42.28 -61.31
C GLY KA 50 1.92 -42.26 -62.04
N ARG KA 51 2.46 -43.46 -62.23
CA ARG KA 51 3.71 -43.66 -62.95
C ARG KA 51 3.44 -44.42 -64.23
N LEU KA 52 4.47 -44.48 -65.09
CA LEU KA 52 4.30 -45.07 -66.41
C LEU KA 52 4.26 -46.60 -66.33
N ARG KA 53 3.84 -47.20 -67.43
CA ARG KA 53 3.69 -48.65 -67.55
C ARG KA 53 4.64 -49.18 -68.62
N GLY KA 54 5.06 -50.42 -68.44
CA GLY KA 54 5.98 -51.06 -69.35
C GLY KA 54 7.45 -50.75 -69.12
N VAL KA 55 7.78 -49.97 -68.09
CA VAL KA 55 9.15 -49.66 -67.73
C VAL KA 55 9.44 -50.24 -66.36
N ARG KA 56 10.52 -51.00 -66.25
CA ARG KA 56 10.85 -51.68 -65.00
C ARG KA 56 11.26 -50.67 -63.94
N ALA KA 57 10.76 -50.88 -62.71
CA ALA KA 57 11.11 -50.04 -61.58
C ALA KA 57 12.33 -50.65 -60.90
N VAL KA 58 13.46 -49.97 -61.01
CA VAL KA 58 14.74 -50.50 -60.55
C VAL KA 58 15.66 -49.32 -60.24
N ARG KA 59 16.69 -49.59 -59.45
CA ARG KA 59 17.71 -48.59 -59.15
C ARG KA 59 18.35 -48.11 -60.46
N PRO KA 60 18.51 -46.79 -60.64
CA PRO KA 60 18.87 -46.26 -61.97
C PRO KA 60 20.24 -46.68 -62.49
N LYS KA 61 21.15 -47.11 -61.63
CA LYS KA 61 22.44 -47.58 -62.11
C LYS KA 61 22.38 -49.02 -62.63
N VAL KA 62 21.26 -49.71 -62.41
CA VAL KA 62 21.05 -51.02 -63.01
C VAL KA 62 20.58 -50.89 -64.45
N LEU KA 63 20.12 -49.69 -64.86
CA LEU KA 63 19.61 -49.47 -66.21
C LEU KA 63 20.66 -49.66 -67.29
N MET KA 64 21.94 -49.65 -66.94
CA MET KA 64 22.99 -50.00 -67.91
C MET KA 64 22.87 -51.46 -68.32
N ARG KA 65 22.50 -52.34 -67.38
CA ARG KA 65 22.39 -53.76 -67.67
C ARG KA 65 21.19 -54.08 -68.55
N LEU KA 66 20.09 -53.34 -68.37
CA LEU KA 66 18.84 -53.65 -69.06
C LEU KA 66 18.94 -53.35 -70.55
N SER KA 67 18.12 -54.05 -71.32
CA SER KA 67 18.05 -53.83 -72.76
C SER KA 67 17.29 -52.54 -73.08
N LYS KA 68 17.33 -52.15 -74.36
CA LYS KA 68 16.67 -50.92 -74.78
C LYS KA 68 15.16 -51.00 -74.63
N THR KA 69 14.56 -52.13 -75.04
CA THR KA 69 13.11 -52.24 -75.03
C THR KA 69 12.52 -52.28 -73.62
N LYS KA 70 13.33 -52.64 -72.62
CA LYS KA 70 12.84 -52.69 -71.25
C LYS KA 70 12.72 -51.30 -70.62
N LYS KA 71 13.38 -50.29 -71.19
CA LYS KA 71 13.41 -48.96 -70.59
C LYS KA 71 12.49 -47.95 -71.28
N HIS KA 72 11.71 -48.37 -72.27
CA HIS KA 72 10.70 -47.50 -72.85
C HIS KA 72 9.58 -48.36 -73.42
N VAL KA 73 8.63 -47.71 -74.08
CA VAL KA 73 7.56 -48.38 -74.79
C VAL KA 73 7.54 -47.85 -76.21
N SER KA 74 7.13 -48.70 -77.16
CA SER KA 74 7.19 -48.37 -78.59
C SER KA 74 6.08 -47.39 -78.92
N ARG KA 75 6.36 -46.11 -78.66
CA ARG KA 75 5.42 -45.03 -78.93
C ARG KA 75 6.18 -43.72 -78.95
N ALA KA 76 5.59 -42.72 -79.60
CA ALA KA 76 6.11 -41.36 -79.49
C ALA KA 76 6.01 -40.89 -78.06
N TYR KA 77 7.09 -40.29 -77.56
CA TYR KA 77 7.26 -39.96 -76.14
C TYR KA 77 7.06 -41.19 -75.27
N GLY KA 78 7.57 -42.33 -75.75
CA GLY KA 78 7.41 -43.59 -75.05
C GLY KA 78 8.46 -43.82 -73.99
N GLY KA 79 8.02 -44.08 -72.76
CA GLY KA 79 8.95 -44.20 -71.65
C GLY KA 79 9.31 -42.88 -70.99
N SER KA 80 8.77 -41.77 -71.49
CA SER KA 80 8.95 -40.46 -70.87
C SER KA 80 7.65 -39.70 -70.67
N MET KA 81 6.56 -40.10 -71.33
CA MET KA 81 5.28 -39.41 -71.20
C MET KA 81 4.18 -40.46 -71.15
N CYS KA 82 3.17 -40.22 -70.32
CA CYS KA 82 2.03 -41.11 -70.24
C CYS KA 82 1.16 -40.98 -71.48
N ALA KA 83 0.55 -42.09 -71.89
CA ALA KA 83 -0.19 -42.19 -73.15
C ALA KA 83 -1.34 -41.20 -73.24
N LYS KA 84 -2.03 -40.96 -72.13
CA LYS KA 84 -3.19 -40.07 -72.12
C LYS KA 84 -2.82 -38.64 -72.51
N CYS KA 85 -1.78 -38.10 -71.89
CA CYS KA 85 -1.33 -36.74 -72.19
C CYS KA 85 -0.68 -36.64 -73.56
N VAL KA 86 -0.14 -37.75 -74.06
CA VAL KA 86 0.47 -37.79 -75.39
C VAL KA 86 -0.58 -37.46 -76.45
N ARG KA 87 -1.74 -38.13 -76.38
CA ARG KA 87 -2.79 -37.88 -77.35
C ARG KA 87 -3.46 -36.53 -77.13
N ASP KA 88 -3.43 -35.99 -75.91
CA ASP KA 88 -3.88 -34.62 -75.70
C ASP KA 88 -2.88 -33.61 -76.27
N ARG KA 89 -1.59 -33.95 -76.24
CA ARG KA 89 -0.58 -33.14 -76.89
C ARG KA 89 -0.75 -33.16 -78.41
N ILE KA 90 -1.10 -34.32 -78.97
CA ILE KA 90 -1.39 -34.40 -80.40
C ILE KA 90 -2.67 -33.61 -80.72
N LYS KA 91 -3.68 -33.74 -79.85
CA LYS KA 91 -4.91 -32.97 -80.04
C LYS KA 91 -4.66 -31.47 -79.96
N ARG KA 92 -3.80 -31.06 -79.02
CA ARG KA 92 -3.51 -29.63 -78.86
C ARG KA 92 -2.74 -29.08 -80.06
N ALA KA 93 -1.65 -29.75 -80.44
CA ALA KA 93 -0.80 -29.24 -81.52
C ALA KA 93 -1.54 -29.18 -82.84
N PHE KA 94 -2.45 -30.11 -83.08
CA PHE KA 94 -3.27 -30.07 -84.29
C PHE KA 94 -4.23 -28.88 -84.27
N LEU KA 95 -4.90 -28.66 -83.14
CA LEU KA 95 -6.01 -27.72 -83.09
C LEU KA 95 -5.58 -26.26 -83.09
N ILE KA 96 -4.41 -25.94 -82.52
CA ILE KA 96 -3.99 -24.54 -82.49
C ILE KA 96 -3.62 -24.06 -83.88
N GLU KA 97 -2.86 -24.85 -84.63
CA GLU KA 97 -2.47 -24.46 -85.98
C GLU KA 97 -3.64 -24.44 -86.95
N GLU KA 98 -4.65 -25.29 -86.75
CA GLU KA 98 -5.88 -25.15 -87.52
C GLU KA 98 -6.61 -23.87 -87.14
N GLN KA 99 -6.58 -23.50 -85.86
CA GLN KA 99 -7.12 -22.21 -85.45
C GLN KA 99 -6.30 -21.06 -86.01
N LYS KA 100 -4.98 -21.17 -86.00
CA LYS KA 100 -4.11 -20.14 -86.57
C LYS KA 100 -4.31 -19.98 -88.07
N ILE KA 101 -4.65 -21.05 -88.78
CA ILE KA 101 -4.92 -20.93 -90.22
C ILE KA 101 -6.11 -20.02 -90.46
N VAL KA 102 -7.17 -20.18 -89.68
CA VAL KA 102 -8.37 -19.38 -89.85
C VAL KA 102 -8.10 -17.91 -89.55
N VAL KA 103 -7.22 -17.64 -88.58
CA VAL KA 103 -6.93 -16.25 -88.22
C VAL KA 103 -6.24 -15.53 -89.37
N LYS KA 104 -5.21 -16.13 -89.97
CA LYS KA 104 -4.58 -15.54 -91.14
C LYS KA 104 -5.37 -15.78 -92.43
N VAL KA 105 -6.34 -16.68 -92.43
CA VAL KA 105 -7.32 -16.69 -93.51
C VAL KA 105 -8.26 -15.50 -93.37
N LEU KA 106 -8.79 -15.27 -92.16
CA LEU KA 106 -9.66 -14.12 -91.91
C LEU KA 106 -8.92 -12.80 -92.09
N LYS KA 107 -7.61 -12.79 -91.82
CA LYS KA 107 -6.81 -11.58 -92.03
C LYS KA 107 -6.68 -11.25 -93.50
N ALA KA 108 -6.83 -12.26 -94.39
CA ALA KA 108 -6.70 -12.01 -95.82
C ALA KA 108 -7.83 -11.15 -96.36
N GLN KA 109 -9.08 -11.44 -95.97
CA GLN KA 109 -10.18 -10.57 -96.39
C GLN KA 109 -10.14 -9.24 -95.65
N ALA KA 110 -9.49 -9.19 -94.48
CA ALA KA 110 -9.37 -7.95 -93.73
C ALA KA 110 -8.57 -6.90 -94.50
N GLN KA 111 -7.66 -7.32 -95.37
CA GLN KA 111 -6.96 -6.41 -96.26
C GLN KA 111 -7.63 -6.29 -97.62
N SER KA 112 -8.73 -7.00 -97.85
CA SER KA 112 -9.45 -6.93 -99.11
C SER KA 112 -10.42 -5.76 -99.15
N GLN KA 113 -11.27 -5.62 -98.12
CA GLN KA 113 -12.15 -4.46 -98.02
C GLN KA 113 -11.43 -3.23 -97.49
N LYS KA 114 -10.23 -3.39 -96.94
CA LYS KA 114 -9.46 -2.27 -96.43
C LYS KA 114 -8.10 -2.18 -97.11
N ALA LA 1 85.23 -65.02 -52.48
CA ALA LA 1 86.51 -64.34 -52.35
C ALA LA 1 86.33 -62.91 -51.85
N LYS LA 2 87.42 -62.31 -51.37
CA LYS LA 2 87.37 -60.93 -50.88
C LYS LA 2 87.29 -59.96 -52.05
N ILE LA 3 86.08 -59.48 -52.36
CA ILE LA 3 85.87 -58.58 -53.49
C ILE LA 3 86.45 -57.22 -53.16
N LYS LA 4 87.36 -56.73 -54.00
CA LYS LA 4 87.99 -55.45 -53.81
C LYS LA 4 87.49 -54.44 -54.85
N ALA LA 5 87.76 -53.16 -54.58
CA ALA LA 5 87.31 -52.11 -55.47
C ALA LA 5 88.31 -51.84 -56.59
N ARG LA 6 89.58 -52.18 -56.39
CA ARG LA 6 90.60 -51.87 -57.40
C ARG LA 6 90.39 -52.66 -58.68
N ASP LA 7 90.12 -53.96 -58.58
CA ASP LA 7 89.96 -54.80 -59.76
C ASP LA 7 88.59 -54.66 -60.40
N LEU LA 8 87.61 -54.11 -59.69
CA LEU LA 8 86.25 -53.96 -60.22
C LEU LA 8 86.14 -52.82 -61.22
N ARG LA 9 87.04 -51.84 -61.17
CA ARG LA 9 86.90 -50.65 -62.00
C ARG LA 9 87.25 -50.93 -63.45
N GLY LA 10 88.20 -51.84 -63.70
CA GLY LA 10 88.63 -52.11 -65.07
C GLY LA 10 87.71 -53.02 -65.85
N LYS LA 11 86.78 -53.69 -65.18
CA LYS LA 11 85.90 -54.63 -65.85
C LYS LA 11 84.81 -53.89 -66.63
N LYS LA 12 84.15 -54.63 -67.52
CA LYS LA 12 83.09 -54.08 -68.36
C LYS LA 12 81.86 -53.72 -67.52
N LYS LA 13 81.10 -52.73 -68.01
CA LYS LA 13 79.90 -52.32 -67.30
C LYS LA 13 78.87 -53.44 -67.22
N GLU LA 14 78.67 -54.17 -68.32
CA GLU LA 14 77.76 -55.31 -68.30
C GLU LA 14 78.35 -56.50 -67.55
N GLU LA 15 79.67 -56.57 -67.41
CA GLU LA 15 80.28 -57.62 -66.59
C GLU LA 15 80.00 -57.37 -65.11
N LEU LA 16 79.94 -56.11 -64.70
CA LEU LA 16 79.61 -55.79 -63.32
C LEU LA 16 78.19 -56.21 -62.98
N LEU LA 17 77.25 -56.00 -63.90
CA LEU LA 17 75.87 -56.44 -63.68
C LEU LA 17 75.78 -57.96 -63.64
N LYS LA 18 76.65 -58.64 -64.39
CA LYS LA 18 76.71 -60.09 -64.32
C LYS LA 18 77.18 -60.56 -62.95
N GLN LA 19 78.11 -59.82 -62.34
CA GLN LA 19 78.54 -60.12 -60.98
C GLN LA 19 77.52 -59.64 -59.95
N LEU LA 20 76.83 -58.52 -60.23
CA LEU LA 20 75.95 -57.91 -59.24
C LEU LA 20 74.73 -58.77 -58.94
N ASP LA 21 74.07 -59.29 -59.97
CA ASP LA 21 72.86 -60.08 -59.75
C ASP LA 21 73.18 -61.44 -59.11
N ASP LA 22 74.34 -62.01 -59.41
CA ASP LA 22 74.74 -63.24 -58.74
C ASP LA 22 74.96 -63.01 -57.25
N LEU LA 23 75.53 -61.87 -56.87
CA LEU LA 23 75.59 -61.51 -55.47
C LEU LA 23 74.20 -61.28 -54.89
N LYS LA 24 73.30 -60.69 -55.68
CA LYS LA 24 71.91 -60.57 -55.26
C LYS LA 24 71.25 -61.94 -55.15
N VAL LA 25 71.54 -62.85 -56.08
CA VAL LA 25 71.00 -64.20 -56.02
C VAL LA 25 71.54 -64.95 -54.81
N GLU LA 26 72.86 -64.87 -54.59
CA GLU LA 26 73.48 -65.65 -53.52
C GLU LA 26 73.06 -65.14 -52.15
N LEU LA 27 72.70 -63.86 -52.06
CA LEU LA 27 72.19 -63.31 -50.81
C LEU LA 27 70.77 -63.78 -50.52
N SER LA 28 70.05 -64.27 -51.52
CA SER LA 28 68.64 -64.61 -51.33
C SER LA 28 68.46 -65.84 -50.44
N GLN LA 29 69.21 -66.91 -50.68
CA GLN LA 29 69.07 -68.09 -49.84
C GLN LA 29 69.73 -67.90 -48.48
N LEU LA 30 70.60 -66.90 -48.36
CA LEU LA 30 71.18 -66.57 -47.07
C LEU LA 30 70.13 -66.03 -46.10
N ARG LA 31 69.20 -65.20 -46.60
CA ARG LA 31 68.07 -64.80 -45.77
C ARG LA 31 67.11 -65.95 -45.53
N VAL LA 32 67.02 -66.89 -46.48
CA VAL LA 32 66.23 -68.10 -46.28
C VAL LA 32 66.86 -68.96 -45.21
N ALA LA 33 68.19 -69.07 -45.21
CA ALA LA 33 68.90 -69.89 -44.23
C ALA LA 33 68.77 -69.34 -42.81
N LYS LA 34 68.56 -68.03 -42.66
CA LYS LA 34 68.34 -67.47 -41.33
C LYS LA 34 66.99 -67.91 -40.77
N VAL LA 35 65.94 -67.89 -41.60
CA VAL LA 35 64.61 -68.27 -41.15
C VAL LA 35 64.52 -69.77 -40.89
N THR LA 36 65.14 -70.58 -41.76
CA THR LA 36 65.10 -72.03 -41.61
C THR LA 36 66.03 -72.54 -40.51
N GLY LA 37 66.86 -71.68 -39.93
CA GLY LA 37 67.76 -72.12 -38.89
C GLY LA 37 69.03 -72.74 -39.41
N GLY LA 38 69.79 -71.99 -40.20
CA GLY LA 38 71.03 -72.48 -40.76
C GLY LA 38 72.18 -72.38 -39.78
N ALA LA 39 73.38 -72.67 -40.30
CA ALA LA 39 74.57 -72.63 -39.48
C ALA LA 39 74.95 -71.18 -39.14
N ALA LA 40 75.62 -71.02 -38.00
CA ALA LA 40 76.02 -69.69 -37.56
C ALA LA 40 77.13 -69.11 -38.43
N SER LA 41 77.91 -69.97 -39.08
CA SER LA 41 78.95 -69.49 -39.99
C SER LA 41 78.35 -68.77 -41.19
N LYS LA 42 77.25 -69.30 -41.74
CA LYS LA 42 76.60 -68.66 -42.87
C LYS LA 42 75.88 -67.37 -42.48
N LEU LA 43 75.46 -67.24 -41.22
CA LEU LA 43 74.82 -66.03 -40.76
C LEU LA 43 75.80 -64.87 -40.59
N SER LA 44 77.09 -65.16 -40.38
CA SER LA 44 78.10 -64.12 -40.36
C SER LA 44 78.54 -63.68 -41.75
N LYS LA 45 78.22 -64.47 -42.77
CA LYS LA 45 78.63 -64.15 -44.14
C LYS LA 45 77.74 -63.12 -44.79
N ILE LA 46 76.52 -62.92 -44.29
CA ILE LA 46 75.57 -62.06 -44.99
C ILE LA 46 75.93 -60.58 -44.91
N ARG LA 47 76.68 -60.17 -43.89
CA ARG LA 47 77.17 -58.79 -43.83
C ARG LA 47 78.24 -58.55 -44.89
N VAL LA 48 79.05 -59.57 -45.18
CA VAL LA 48 80.08 -59.45 -46.21
C VAL LA 48 79.44 -59.25 -47.58
N VAL LA 49 78.39 -60.01 -47.88
CA VAL LA 49 77.71 -59.87 -49.16
C VAL LA 49 77.02 -58.52 -49.26
N ARG LA 50 76.47 -58.01 -48.15
CA ARG LA 50 75.87 -56.69 -48.17
C ARG LA 50 76.89 -55.61 -48.47
N LYS LA 51 78.10 -55.73 -47.90
CA LYS LA 51 79.16 -54.79 -48.23
C LYS LA 51 79.75 -55.05 -49.62
N SER LA 52 79.74 -56.31 -50.08
CA SER LA 52 80.21 -56.61 -51.42
C SER LA 52 79.24 -56.11 -52.48
N ILE LA 53 77.94 -56.19 -52.22
CA ILE LA 53 76.95 -55.59 -53.10
C ILE LA 53 77.12 -54.08 -53.13
N ALA LA 54 77.38 -53.48 -51.96
CA ALA LA 54 77.65 -52.06 -51.88
C ALA LA 54 78.92 -51.68 -52.65
N ARG LA 55 79.94 -52.53 -52.62
CA ARG LA 55 81.16 -52.26 -53.37
C ARG LA 55 80.90 -52.31 -54.88
N VAL LA 56 80.14 -53.30 -55.34
CA VAL LA 56 79.87 -53.43 -56.77
C VAL LA 56 78.99 -52.28 -57.25
N LEU LA 57 77.94 -51.96 -56.50
CA LEU LA 57 77.03 -50.90 -56.91
C LEU LA 57 77.68 -49.52 -56.83
N THR LA 58 78.68 -49.35 -55.97
CA THR LA 58 79.38 -48.08 -55.88
C THR LA 58 80.17 -47.82 -57.17
N VAL LA 59 80.90 -48.83 -57.65
CA VAL LA 59 81.72 -48.66 -58.85
C VAL LA 59 80.85 -48.39 -60.06
N ILE LA 60 79.69 -49.05 -60.15
CA ILE LA 60 78.74 -48.77 -61.22
C ILE LA 60 78.24 -47.34 -61.13
N ASN LA 61 77.91 -46.89 -59.92
CA ASN LA 61 77.54 -45.49 -59.72
C ASN LA 61 78.73 -44.56 -59.91
N GLN LA 62 79.94 -44.97 -59.48
CA GLN LA 62 81.13 -44.16 -59.68
C GLN LA 62 81.44 -44.01 -61.16
N THR LA 63 81.75 -45.12 -61.84
CA THR LA 63 82.26 -45.08 -63.21
C THR LA 63 81.29 -44.44 -64.19
N GLN LA 64 79.99 -44.44 -63.89
CA GLN LA 64 79.03 -43.73 -64.73
C GLN LA 64 79.25 -42.23 -64.64
N LYS LA 65 79.65 -41.72 -63.47
CA LYS LA 65 79.68 -40.29 -63.25
C LYS LA 65 80.83 -39.58 -63.97
N GLU LA 66 82.05 -40.15 -63.95
CA GLU LA 66 83.13 -39.46 -64.67
C GLU LA 66 83.00 -39.60 -66.18
N ASN LA 67 82.22 -40.57 -66.66
CA ASN LA 67 81.87 -40.60 -68.07
C ASN LA 67 80.91 -39.47 -68.41
N LEU LA 68 80.01 -39.13 -67.49
CA LEU LA 68 79.05 -38.06 -67.74
C LEU LA 68 79.72 -36.69 -67.69
N ARG LA 69 80.55 -36.44 -66.67
CA ARG LA 69 81.16 -35.13 -66.54
C ARG LA 69 82.30 -34.90 -67.53
N LYS LA 70 82.91 -35.96 -68.05
CA LYS LA 70 83.83 -35.81 -69.18
C LYS LA 70 83.06 -35.50 -70.45
N PHE LA 71 81.87 -36.07 -70.60
CA PHE LA 71 81.01 -35.76 -71.74
C PHE LA 71 80.51 -34.32 -71.66
N TYR LA 72 80.27 -33.82 -70.45
CA TYR LA 72 79.80 -32.46 -70.23
C TYR LA 72 80.94 -31.51 -69.88
N LYS LA 73 82.19 -31.94 -70.03
CA LYS LA 73 83.33 -31.12 -69.65
C LYS LA 73 83.46 -29.89 -70.55
N GLY LA 74 83.26 -30.06 -71.85
CA GLY LA 74 83.45 -28.98 -72.79
C GLY LA 74 82.20 -28.17 -73.11
N LYS LA 75 81.03 -28.70 -72.73
CA LYS LA 75 79.79 -28.04 -73.06
C LYS LA 75 79.52 -26.86 -72.14
N LYS LA 76 78.70 -25.92 -72.62
CA LYS LA 76 78.36 -24.73 -71.85
C LYS LA 76 77.46 -25.07 -70.67
N TYR LA 77 76.42 -25.87 -70.90
CA TYR LA 77 75.45 -26.23 -69.90
C TYR LA 77 75.66 -27.67 -69.44
N LYS LA 78 75.64 -27.87 -68.13
CA LYS LA 78 75.84 -29.17 -67.51
C LYS LA 78 74.73 -29.40 -66.50
N PRO LA 79 74.39 -30.66 -66.22
CA PRO LA 79 73.38 -30.95 -65.21
C PRO LA 79 73.82 -30.52 -63.82
N LEU LA 80 72.83 -30.24 -62.97
CA LEU LA 80 73.08 -29.75 -61.62
C LEU LA 80 73.82 -30.75 -60.75
N ASP LA 81 73.78 -32.04 -61.08
CA ASP LA 81 74.58 -33.02 -60.35
C ASP LA 81 76.07 -32.77 -60.57
N LEU LA 82 76.46 -32.42 -61.80
CA LEU LA 82 77.85 -32.16 -62.13
C LEU LA 82 78.30 -30.75 -61.75
N ARG LA 83 77.36 -29.85 -61.47
CA ARG LA 83 77.73 -28.51 -61.02
C ARG LA 83 78.24 -28.58 -59.58
N PRO LA 84 79.17 -27.69 -59.21
CA PRO LA 84 79.69 -27.71 -57.84
C PRO LA 84 78.63 -27.26 -56.84
N LYS LA 85 78.32 -28.13 -55.89
CA LYS LA 85 77.39 -27.83 -54.82
C LYS LA 85 78.19 -27.48 -53.58
N LYS LA 86 78.32 -26.17 -53.30
CA LYS LA 86 79.04 -25.70 -52.12
C LYS LA 86 78.34 -24.46 -51.57
N THR LA 87 77.51 -24.66 -50.55
CA THR LA 87 77.09 -23.59 -49.64
C THR LA 87 76.45 -22.40 -50.34
N ARG LA 88 75.18 -22.55 -50.74
CA ARG LA 88 74.44 -21.72 -51.69
C ARG LA 88 74.78 -20.23 -51.69
N ALA LA 89 75.06 -19.65 -50.51
CA ALA LA 89 75.43 -18.23 -50.43
C ALA LA 89 76.56 -17.85 -51.39
N MET LA 90 77.61 -18.68 -51.50
CA MET LA 90 78.73 -18.33 -52.37
C MET LA 90 78.58 -18.81 -53.79
N ARG LA 91 77.62 -19.70 -54.08
CA ARG LA 91 77.25 -19.94 -55.47
C ARG LA 91 76.48 -18.77 -56.05
N ARG LA 92 75.90 -17.92 -55.20
CA ARG LA 92 75.23 -16.71 -55.65
C ARG LA 92 76.16 -15.52 -55.79
N ARG LA 93 77.43 -15.65 -55.36
CA ARG LA 93 78.37 -14.56 -55.51
C ARG LA 93 78.84 -14.45 -56.96
N LEU LA 94 79.77 -13.53 -57.19
CA LEU LA 94 80.34 -13.31 -58.50
C LEU LA 94 81.38 -14.37 -58.83
N ASN LA 95 81.91 -14.31 -60.05
CA ASN LA 95 82.92 -15.26 -60.51
C ASN LA 95 84.30 -14.86 -60.01
N LYS LA 96 85.34 -15.52 -60.53
CA LYS LA 96 86.70 -15.11 -60.25
C LYS LA 96 87.07 -13.79 -60.92
N HIS LA 97 86.49 -13.52 -62.10
CA HIS LA 97 86.89 -12.42 -62.96
C HIS LA 97 86.06 -11.15 -62.76
N GLU LA 98 84.81 -11.28 -62.32
CA GLU LA 98 83.86 -10.16 -62.43
C GLU LA 98 84.10 -9.03 -61.42
N GLU LA 99 84.59 -9.33 -60.21
CA GLU LA 99 84.96 -8.24 -59.31
C GLU LA 99 86.36 -7.72 -59.57
N SER LA 100 87.10 -8.35 -60.48
CA SER LA 100 88.34 -7.78 -61.01
C SER LA 100 88.09 -6.75 -62.11
N LEU LA 101 86.83 -6.57 -62.51
CA LEU LA 101 86.49 -5.57 -63.52
C LEU LA 101 86.54 -4.17 -62.92
N LYS LA 102 87.41 -3.33 -63.44
CA LYS LA 102 87.49 -1.94 -63.04
C LYS LA 102 86.92 -1.05 -64.14
N THR LA 103 86.36 0.08 -63.73
CA THR LA 103 85.81 1.01 -64.71
C THR LA 103 86.93 1.73 -65.45
N LYS LA 104 86.58 2.32 -66.59
CA LYS LA 104 87.54 3.08 -67.36
C LYS LA 104 88.00 4.32 -66.60
N LYS LA 105 87.10 4.90 -65.80
CA LYS LA 105 87.49 6.01 -64.94
C LYS LA 105 88.46 5.54 -63.85
N GLN LA 106 88.22 4.37 -63.26
CA GLN LA 106 89.08 3.90 -62.18
C GLN LA 106 90.44 3.44 -62.70
N GLN LA 107 90.47 2.78 -63.86
CA GLN LA 107 91.74 2.32 -64.42
C GLN LA 107 92.66 3.47 -64.79
N ARG LA 108 92.09 4.64 -65.09
CA ARG LA 108 92.90 5.82 -65.37
C ARG LA 108 93.61 6.31 -64.11
N LYS LA 109 93.02 6.04 -62.94
CA LYS LA 109 93.55 6.61 -61.70
C LYS LA 109 94.88 5.98 -61.29
N GLU LA 110 94.97 4.64 -61.32
CA GLU LA 110 96.21 4.02 -60.88
C GLU LA 110 97.33 4.18 -61.91
N ARG LA 111 97.00 4.34 -63.19
CA ARG LA 111 98.05 4.60 -64.17
C ARG LA 111 98.60 6.01 -64.02
N LEU LA 112 97.71 6.99 -63.84
CA LEU LA 112 98.16 8.37 -63.68
C LEU LA 112 98.79 8.60 -62.31
N TYR LA 113 98.18 8.06 -61.26
CA TYR LA 113 98.64 8.26 -59.89
C TYR LA 113 98.75 6.92 -59.18
N PRO LA 114 99.78 6.13 -59.46
CA PRO LA 114 99.97 4.87 -58.75
C PRO LA 114 100.46 5.10 -57.32
N LEU LA 115 100.16 4.12 -56.47
CA LEU LA 115 100.65 4.15 -55.10
C LEU LA 115 102.16 3.94 -55.10
N ARG LA 116 102.87 4.85 -54.45
CA ARG LA 116 104.33 4.88 -54.50
C ARG LA 116 104.93 4.19 -53.29
N LYS LA 117 106.13 3.65 -53.49
CA LYS LA 117 106.93 3.07 -52.43
C LYS LA 117 107.94 4.12 -51.97
N TYR LA 118 107.98 4.39 -50.68
CA TYR LA 118 108.76 5.52 -50.19
C TYR LA 118 109.15 5.28 -48.73
N ALA LA 119 110.08 6.10 -48.25
CA ALA LA 119 110.52 6.06 -46.88
C ALA LA 119 110.98 7.46 -46.47
N VAL LA 120 110.99 7.71 -45.17
CA VAL LA 120 111.43 8.99 -44.64
C VAL LA 120 112.59 8.76 -43.67
N LYS LA 121 113.36 9.82 -43.45
CA LYS LA 121 114.50 9.76 -42.56
C LYS LA 121 114.06 10.13 -41.14
N ALA LA 122 115.03 10.27 -40.24
CA ALA LA 122 114.73 10.61 -38.85
C ALA LA 122 114.37 12.09 -38.72
N ALA MA 1 101.00 55.47 -26.04
CA ALA MA 1 99.70 54.83 -26.22
C ALA MA 1 99.83 53.58 -27.09
N LEU MA 2 100.51 52.56 -26.58
CA LEU MA 2 100.69 51.33 -27.33
C LEU MA 2 99.38 50.55 -27.37
N ARG MA 3 99.15 49.89 -28.50
CA ARG MA 3 97.91 49.16 -28.78
C ARG MA 3 98.13 47.68 -28.50
N TYR MA 4 97.80 47.26 -27.28
CA TYR MA 4 97.90 45.86 -26.91
C TYR MA 4 96.76 45.06 -27.52
N PRO MA 5 97.00 43.80 -27.88
CA PRO MA 5 95.91 42.93 -28.36
C PRO MA 5 94.95 42.58 -27.23
N MET MA 6 93.72 43.08 -27.32
CA MET MA 6 92.74 42.92 -26.25
C MET MA 6 91.84 41.73 -26.52
N ALA MA 7 91.35 41.13 -25.42
CA ALA MA 7 90.43 40.01 -25.48
C ALA MA 7 88.97 40.45 -25.44
N VAL MA 8 88.70 41.73 -25.22
CA VAL MA 8 87.34 42.26 -25.22
C VAL MA 8 87.37 43.64 -25.86
N GLY MA 9 86.31 43.96 -26.60
CA GLY MA 9 86.18 45.23 -27.27
C GLY MA 9 85.63 45.07 -28.67
N LEU MA 10 85.69 46.17 -29.43
CA LEU MA 10 85.16 46.16 -30.79
C LEU MA 10 86.00 45.29 -31.73
N ASN MA 11 87.31 45.24 -31.51
CA ASN MA 11 88.24 44.51 -32.35
C ASN MA 11 89.05 43.51 -31.53
N LYS MA 12 88.36 42.78 -30.67
CA LYS MA 12 89.01 41.81 -29.80
C LYS MA 12 89.52 40.61 -30.59
N GLY MA 13 90.46 39.89 -29.98
CA GLY MA 13 91.02 38.71 -30.60
C GLY MA 13 92.52 38.79 -30.82
N HIS MA 14 93.16 37.64 -31.03
CA HIS MA 14 94.59 37.61 -31.28
C HIS MA 14 94.88 38.19 -32.66
N LYS MA 15 95.89 39.06 -32.72
CA LYS MA 15 96.20 39.78 -33.95
C LYS MA 15 96.92 38.85 -34.92
N VAL MA 16 96.22 38.47 -36.00
CA VAL MA 16 96.77 37.62 -37.04
C VAL MA 16 96.39 38.23 -38.39
N THR MA 17 97.37 38.36 -39.28
CA THR MA 17 97.10 38.89 -40.61
C THR MA 17 96.21 37.95 -41.40
N LYS MA 18 95.45 38.52 -42.32
CA LYS MA 18 94.44 37.79 -43.09
C LYS MA 18 94.84 37.76 -44.55
N ASN MA 19 94.77 36.56 -45.16
CA ASN MA 19 95.04 36.38 -46.58
C ASN MA 19 93.74 36.27 -47.36
N VAL MA 20 93.78 36.72 -48.61
CA VAL MA 20 92.63 36.67 -49.50
C VAL MA 20 92.88 35.59 -50.55
N SER MA 21 91.85 34.80 -50.82
CA SER MA 21 91.94 33.70 -51.77
C SER MA 21 90.68 33.65 -52.62
N LYS MA 22 90.70 32.78 -53.61
CA LYS MA 22 89.53 32.60 -54.48
C LYS MA 22 88.40 31.96 -53.67
N PRO MA 23 87.17 32.48 -53.78
CA PRO MA 23 86.05 31.86 -53.07
C PRO MA 23 85.76 30.45 -53.57
N ARG MA 24 85.22 29.63 -52.68
CA ARG MA 24 84.95 28.24 -53.00
C ARG MA 24 83.83 28.12 -54.04
N HIS MA 25 83.93 27.09 -54.88
CA HIS MA 25 82.95 26.86 -55.94
C HIS MA 25 81.61 26.36 -55.41
N SER MA 26 81.55 25.93 -54.15
CA SER MA 26 80.28 25.59 -53.54
C SER MA 26 79.50 26.86 -53.16
N ARG MA 27 80.22 27.96 -52.89
CA ARG MA 27 79.61 29.19 -52.42
C ARG MA 27 78.83 29.94 -53.51
N ARG MA 28 79.06 29.65 -54.79
CA ARG MA 28 78.41 30.38 -55.86
C ARG MA 28 77.01 29.85 -56.17
N ARG MA 29 76.59 28.76 -55.53
CA ARG MA 29 75.48 27.96 -56.03
C ARG MA 29 74.19 28.76 -56.01
N GLY MA 30 73.29 28.41 -56.92
CA GLY MA 30 72.08 29.19 -57.11
C GLY MA 30 72.26 30.42 -57.97
N ARG MA 31 73.41 30.60 -58.60
CA ARG MA 31 73.63 31.73 -59.48
C ARG MA 31 72.86 31.54 -60.78
N LEU MA 32 72.14 32.58 -61.19
CA LEU MA 32 71.28 32.49 -62.37
C LEU MA 32 72.12 32.59 -63.63
N THR MA 33 72.24 31.47 -64.34
CA THR MA 33 72.90 31.44 -65.63
C THR MA 33 71.91 31.88 -66.71
N LYS MA 34 72.44 32.57 -67.74
CA LYS MA 34 71.58 33.08 -68.80
C LYS MA 34 70.88 31.97 -69.56
N HIS MA 35 71.49 30.78 -69.65
CA HIS MA 35 70.81 29.64 -70.25
C HIS MA 35 69.75 29.08 -69.32
N THR MA 36 70.05 28.99 -68.01
CA THR MA 36 69.07 28.54 -67.05
C THR MA 36 67.92 29.53 -66.89
N LYS MA 37 68.19 30.83 -67.03
CA LYS MA 37 67.12 31.81 -67.09
C LYS MA 37 66.26 31.58 -68.33
N PHE MA 38 66.91 31.25 -69.46
CA PHE MA 38 66.18 30.99 -70.70
C PHE MA 38 65.31 29.74 -70.59
N VAL MA 39 65.71 28.78 -69.76
CA VAL MA 39 64.90 27.59 -69.55
C VAL MA 39 63.65 27.93 -68.77
N ARG MA 40 63.78 28.77 -67.74
CA ARG MA 40 62.70 28.96 -66.77
C ARG MA 40 61.57 29.82 -67.31
N ASP MA 41 61.86 30.86 -68.10
CA ASP MA 41 60.78 31.66 -68.64
C ASP MA 41 60.08 30.95 -69.79
N MET MA 42 60.76 29.97 -70.41
CA MET MA 42 60.13 29.16 -71.43
C MET MA 42 58.95 28.38 -70.86
N ILE MA 43 59.13 27.79 -69.68
CA ILE MA 43 58.04 27.04 -69.04
C ILE MA 43 56.96 28.00 -68.54
N ARG MA 44 57.36 29.16 -68.03
CA ARG MA 44 56.38 30.17 -67.59
C ARG MA 44 55.49 30.61 -68.74
N GLU MA 45 56.05 30.72 -69.93
CA GLU MA 45 55.24 31.04 -71.10
C GLU MA 45 54.38 29.84 -71.51
N VAL MA 46 54.89 28.63 -71.33
CA VAL MA 46 54.15 27.43 -71.75
C VAL MA 46 53.13 27.02 -70.69
N CYS MA 47 53.58 26.80 -69.47
CA CYS MA 47 52.70 26.26 -68.44
C CYS MA 47 51.67 27.29 -67.99
N GLY MA 48 52.09 28.55 -67.81
CA GLY MA 48 51.18 29.59 -67.36
C GLY MA 48 51.46 30.04 -65.94
N PHE MA 49 50.42 30.20 -65.14
CA PHE MA 49 50.55 30.67 -63.77
C PHE MA 49 49.70 29.80 -62.85
N ALA MA 50 50.12 29.72 -61.59
CA ALA MA 50 49.38 28.96 -60.60
C ALA MA 50 48.07 29.68 -60.24
N PRO MA 51 47.04 28.93 -59.82
CA PRO MA 51 45.77 29.58 -59.45
C PRO MA 51 45.90 30.57 -58.30
N TYR MA 52 46.76 30.32 -57.32
CA TYR MA 52 46.96 31.29 -56.26
C TYR MA 52 47.76 32.49 -56.72
N GLU MA 53 48.58 32.32 -57.77
CA GLU MA 53 49.27 33.47 -58.33
C GLU MA 53 48.31 34.38 -59.10
N ARG MA 54 47.37 33.78 -59.84
CA ARG MA 54 46.41 34.58 -60.61
C ARG MA 54 45.54 35.46 -59.71
N ARG MA 55 45.24 34.98 -58.50
CA ARG MA 55 44.55 35.83 -57.54
C ARG MA 55 45.46 36.94 -57.02
N ALA MA 56 46.77 36.70 -56.99
CA ALA MA 56 47.69 37.69 -56.46
C ALA MA 56 47.81 38.93 -57.34
N MET MA 57 47.88 38.76 -58.67
CA MET MA 57 47.94 39.93 -59.54
C MET MA 57 46.63 40.71 -59.51
N GLU MA 58 45.51 40.05 -59.21
CA GLU MA 58 44.26 40.77 -59.02
C GLU MA 58 44.35 41.72 -57.84
N LEU MA 59 45.01 41.29 -56.76
CA LEU MA 59 45.26 42.19 -55.63
C LEU MA 59 46.34 43.22 -55.96
N LEU MA 60 47.32 42.85 -56.82
CA LEU MA 60 48.36 43.79 -57.21
C LEU MA 60 47.86 44.83 -58.20
N LYS MA 61 46.86 44.49 -59.03
CA LYS MA 61 46.36 45.45 -60.01
C LYS MA 61 45.61 46.59 -59.37
N VAL MA 62 44.91 46.33 -58.26
CA VAL MA 62 44.09 47.34 -57.60
C VAL MA 62 44.82 48.02 -56.46
N SER MA 63 46.16 47.92 -56.42
CA SER MA 63 47.01 48.57 -55.42
C SER MA 63 46.62 48.16 -54.00
N LYS MA 64 46.62 46.84 -53.77
CA LYS MA 64 46.32 46.28 -52.46
C LYS MA 64 47.51 45.44 -51.97
N ASP MA 65 48.71 45.98 -52.07
CA ASP MA 65 49.94 45.25 -51.80
C ASP MA 65 50.03 44.72 -50.37
N LYS MA 66 49.40 45.36 -49.39
CA LYS MA 66 49.41 44.83 -48.04
C LYS MA 66 48.57 43.56 -47.95
N ARG MA 67 47.39 43.56 -48.57
CA ARG MA 67 46.58 42.36 -48.62
C ARG MA 67 47.19 41.30 -49.53
N ALA MA 68 47.84 41.72 -50.62
CA ALA MA 68 48.50 40.78 -51.52
C ALA MA 68 49.65 40.05 -50.83
N LEU MA 69 50.42 40.76 -50.00
CA LEU MA 69 51.51 40.13 -49.27
C LEU MA 69 50.98 39.13 -48.24
N LYS MA 70 49.90 39.49 -47.56
CA LYS MA 70 49.32 38.59 -46.56
C LYS MA 70 48.70 37.35 -47.21
N PHE MA 71 48.10 37.51 -48.39
CA PHE MA 71 47.58 36.36 -49.12
C PHE MA 71 48.68 35.41 -49.54
N ILE MA 72 49.81 35.96 -50.02
CA ILE MA 72 50.94 35.13 -50.41
C ILE MA 72 51.57 34.49 -49.18
N LYS MA 73 51.63 35.23 -48.06
CA LYS MA 73 52.24 34.71 -46.84
C LYS MA 73 51.49 33.49 -46.33
N LYS MA 74 50.17 33.49 -46.47
CA LYS MA 74 49.40 32.29 -46.09
C LYS MA 74 49.66 31.14 -47.06
N ARG MA 75 50.01 31.47 -48.31
CA ARG MA 75 50.17 30.44 -49.33
C ARG MA 75 51.58 29.84 -49.33
N VAL MA 76 52.61 30.68 -49.46
CA VAL MA 76 53.96 30.17 -49.67
C VAL MA 76 54.68 29.87 -48.36
N GLY MA 77 54.31 30.52 -47.26
CA GLY MA 77 54.97 30.25 -46.00
C GLY MA 77 55.59 31.47 -45.34
N THR MA 78 56.92 31.50 -45.27
CA THR MA 78 57.63 32.52 -44.51
C THR MA 78 57.50 33.89 -45.17
N HIS MA 79 57.81 34.93 -44.40
CA HIS MA 79 57.67 36.31 -44.87
C HIS MA 79 58.70 36.64 -45.93
N ILE MA 80 59.92 36.10 -45.81
CA ILE MA 80 60.95 36.38 -46.81
C ILE MA 80 60.57 35.79 -48.16
N ARG MA 81 60.03 34.57 -48.17
CA ARG MA 81 59.51 33.99 -49.40
C ARG MA 81 58.27 34.75 -49.87
N ALA MA 82 57.44 35.21 -48.93
CA ALA MA 82 56.27 36.01 -49.32
C ALA MA 82 56.70 37.34 -49.91
N LYS MA 83 57.71 37.99 -49.33
CA LYS MA 83 58.18 39.27 -49.84
C LYS MA 83 58.78 39.13 -51.23
N ARG MA 84 59.63 38.11 -51.44
CA ARG MA 84 60.34 37.96 -52.71
C ARG MA 84 59.37 37.67 -53.86
N LYS MA 85 58.34 36.87 -53.61
CA LYS MA 85 57.39 36.50 -54.66
C LYS MA 85 56.63 37.73 -55.17
N ARG MA 86 56.47 38.76 -54.34
CA ARG MA 86 55.56 39.85 -54.66
C ARG MA 86 56.08 40.71 -55.81
N GLU MA 87 57.37 41.08 -55.79
CA GLU MA 87 57.87 41.93 -56.87
C GLU MA 87 58.09 41.15 -58.17
N GLU MA 88 58.36 39.85 -58.08
CA GLU MA 88 58.47 39.04 -59.29
C GLU MA 88 57.11 38.91 -59.98
N LEU MA 89 56.03 38.80 -59.21
CA LEU MA 89 54.70 38.91 -59.78
C LEU MA 89 54.37 40.36 -60.15
N SER MA 90 54.98 41.34 -59.49
CA SER MA 90 54.86 42.73 -59.90
C SER MA 90 55.71 43.05 -61.12
N SER MA 91 56.84 42.35 -61.28
CA SER MA 91 57.69 42.58 -62.44
C SER MA 91 57.01 42.10 -63.73
N VAL MA 92 56.36 40.94 -63.68
CA VAL MA 92 55.61 40.46 -64.84
C VAL MA 92 54.33 41.24 -65.05
N LEU MA 93 53.82 41.92 -64.00
CA LEU MA 93 52.70 42.82 -64.18
C LEU MA 93 53.12 44.11 -64.86
N ALA MA 94 54.29 44.65 -64.50
CA ALA MA 94 54.83 45.81 -65.20
C ALA MA 94 55.27 45.45 -66.61
N ALA MA 95 55.78 44.23 -66.81
CA ALA MA 95 56.10 43.78 -68.17
C ALA MA 95 54.84 43.57 -68.99
N MET MA 96 53.75 43.11 -68.36
CA MET MA 96 52.47 43.01 -69.04
C MET MA 96 51.94 44.39 -69.41
N ARG MA 97 52.06 45.35 -68.47
CA ARG MA 97 51.56 46.70 -68.72
C ARG MA 97 52.38 47.42 -69.78
N LYS MA 98 53.68 47.16 -69.83
CA LYS MA 98 54.53 47.77 -70.86
C LYS MA 98 54.14 47.25 -72.24
N ALA MA 99 53.85 45.94 -72.34
CA ALA MA 99 53.41 45.36 -73.60
C ALA MA 99 51.96 45.71 -73.93
N ALA MA 100 51.13 45.96 -72.91
CA ALA MA 100 49.73 46.27 -73.15
C ALA MA 100 49.55 47.63 -73.82
N ALA MA 101 50.33 48.64 -73.39
CA ALA MA 101 50.24 49.96 -74.02
C ALA MA 101 50.70 49.90 -75.47
N LYS MA 102 51.98 49.61 -75.69
CA LYS MA 102 52.53 49.52 -77.03
C LYS MA 102 52.97 48.09 -77.33
N THR NA 1 27.22 -33.48 -11.79
CA THR NA 1 27.72 -34.50 -12.70
C THR NA 1 28.78 -33.92 -13.64
N LYS NA 2 29.44 -32.85 -13.18
CA LYS NA 2 30.47 -32.19 -13.98
C LYS NA 2 31.82 -32.88 -13.88
N GLY NA 3 31.97 -33.86 -13.00
CA GLY NA 3 33.26 -34.47 -12.76
C GLY NA 3 33.48 -35.84 -13.36
N THR NA 4 33.35 -36.88 -12.52
CA THR NA 4 33.72 -38.23 -12.92
C THR NA 4 32.83 -38.74 -14.05
N SER NA 5 31.52 -38.51 -13.95
CA SER NA 5 30.59 -38.99 -14.96
C SER NA 5 30.74 -38.25 -16.29
N SER NA 6 31.37 -37.09 -16.30
CA SER NA 6 31.54 -36.34 -17.54
C SER NA 6 32.76 -36.78 -18.35
N PHE NA 7 33.69 -37.51 -17.74
CA PHE NA 7 34.85 -38.00 -18.46
C PHE NA 7 34.57 -39.26 -19.26
N GLY NA 8 33.40 -39.88 -19.06
CA GLY NA 8 33.07 -41.09 -19.80
C GLY NA 8 32.68 -40.85 -21.24
N LYS NA 9 32.37 -39.60 -21.60
CA LYS NA 9 31.97 -39.25 -22.96
C LYS NA 9 33.14 -38.74 -23.80
N ARG NA 10 34.36 -39.12 -23.46
CA ARG NA 10 35.56 -38.67 -24.16
C ARG NA 10 35.96 -39.77 -25.16
N ARG NA 11 35.46 -39.67 -26.39
CA ARG NA 11 35.80 -40.64 -27.41
C ARG NA 11 36.03 -40.02 -28.79
N ASN NA 12 36.11 -38.70 -28.89
CA ASN NA 12 36.31 -38.01 -30.16
C ASN NA 12 37.58 -37.18 -30.08
N LYS NA 13 38.64 -37.66 -30.74
CA LYS NA 13 39.92 -36.96 -30.69
C LYS NA 13 39.85 -35.65 -31.47
N THR NA 14 40.26 -34.56 -30.83
CA THR NA 14 40.32 -33.26 -31.50
C THR NA 14 41.67 -32.98 -32.14
N HIS NA 15 42.76 -33.48 -31.56
CA HIS NA 15 44.09 -33.34 -32.11
C HIS NA 15 44.56 -34.67 -32.67
N THR NA 16 45.57 -34.59 -33.55
CA THR NA 16 46.14 -35.80 -34.15
C THR NA 16 47.61 -35.49 -34.45
N LEU NA 17 48.28 -36.44 -35.09
CA LEU NA 17 49.71 -36.30 -35.37
C LEU NA 17 49.96 -35.29 -36.47
N CYS NA 18 50.93 -34.41 -36.24
CA CYS NA 18 51.39 -33.49 -37.26
C CYS NA 18 52.50 -34.14 -38.07
N ARG NA 19 52.57 -33.75 -39.35
CA ARG NA 19 53.56 -34.31 -40.27
C ARG NA 19 54.68 -33.34 -40.58
N ARG NA 20 54.82 -32.27 -39.80
CA ARG NA 20 55.96 -31.38 -39.91
C ARG NA 20 56.75 -31.27 -38.61
N CYS NA 21 56.06 -31.23 -37.47
CA CYS NA 21 56.72 -31.17 -36.17
C CYS NA 21 56.75 -32.50 -35.45
N GLY NA 22 55.84 -33.43 -35.77
CA GLY NA 22 55.81 -34.74 -35.18
C GLY NA 22 54.98 -34.86 -33.92
N SER NA 23 54.67 -33.74 -33.27
CA SER NA 23 53.88 -33.78 -32.05
C SER NA 23 52.40 -33.98 -32.37
N LYS NA 24 51.68 -34.61 -31.43
CA LYS NA 24 50.25 -34.83 -31.59
C LYS NA 24 49.50 -33.56 -31.22
N ALA NA 25 49.57 -32.54 -32.09
CA ALA NA 25 48.93 -31.25 -31.80
C ALA NA 25 48.28 -30.66 -33.04
N TYR NA 26 47.84 -31.48 -33.98
CA TYR NA 26 47.19 -31.03 -35.20
C TYR NA 26 45.69 -31.08 -35.00
N HIS NA 27 45.05 -29.92 -34.87
CA HIS NA 27 43.62 -29.83 -34.61
C HIS NA 27 42.87 -30.19 -35.88
N LEU NA 28 42.02 -31.23 -35.80
CA LEU NA 28 41.32 -31.71 -36.98
C LEU NA 28 40.27 -30.71 -37.47
N GLN NA 29 39.53 -30.10 -36.55
CA GLN NA 29 38.45 -29.20 -36.94
C GLN NA 29 38.95 -27.92 -37.58
N LYS NA 30 40.01 -27.33 -37.03
CA LYS NA 30 40.59 -26.12 -37.59
C LYS NA 30 41.61 -26.41 -38.68
N SER NA 31 41.99 -27.68 -38.89
CA SER NA 31 42.96 -28.09 -39.91
C SER NA 31 44.29 -27.37 -39.74
N THR NA 32 44.66 -27.10 -38.49
CA THR NA 32 45.88 -26.39 -38.15
C THR NA 32 46.58 -27.12 -37.01
N CYS NA 33 47.89 -26.90 -36.90
CA CYS NA 33 48.67 -27.47 -35.82
C CYS NA 33 48.93 -26.41 -34.76
N GLY NA 34 48.65 -26.74 -33.51
CA GLY NA 34 48.88 -25.81 -32.41
C GLY NA 34 50.31 -25.75 -31.92
N LYS NA 35 51.19 -26.61 -32.43
CA LYS NA 35 52.58 -26.64 -32.00
C LYS NA 35 53.49 -25.89 -32.96
N CYS NA 36 53.34 -26.12 -34.27
CA CYS NA 36 54.20 -25.52 -35.27
C CYS NA 36 53.47 -24.73 -36.35
N GLY NA 37 52.15 -24.82 -36.41
CA GLY NA 37 51.41 -24.12 -37.45
C GLY NA 37 51.65 -24.71 -38.83
N TYR NA 38 51.03 -25.87 -39.10
CA TYR NA 38 51.32 -26.56 -40.36
C TYR NA 38 50.92 -25.79 -41.61
N PRO NA 39 49.69 -25.25 -41.74
CA PRO NA 39 49.36 -24.51 -42.98
C PRO NA 39 50.18 -23.27 -43.23
N ALA NA 40 50.70 -22.62 -42.19
CA ALA NA 40 51.58 -21.48 -42.38
C ALA NA 40 52.93 -21.94 -42.92
N LYS NA 41 53.50 -21.15 -43.82
CA LYS NA 41 54.80 -21.49 -44.37
C LYS NA 41 55.91 -21.31 -43.34
N ARG NA 42 55.69 -20.49 -42.32
CA ARG NA 42 56.68 -20.22 -41.30
C ARG NA 42 56.39 -21.03 -40.04
N LYS NA 43 57.46 -21.49 -39.40
CA LYS NA 43 57.34 -22.28 -38.18
C LYS NA 43 56.94 -21.40 -37.02
N ARG NA 44 55.98 -21.89 -36.23
CA ARG NA 44 55.45 -21.14 -35.09
C ARG NA 44 56.47 -21.18 -33.95
N LYS NA 45 56.99 -20.01 -33.57
CA LYS NA 45 57.90 -19.89 -32.44
C LYS NA 45 57.65 -18.55 -31.77
N TYR NA 46 57.96 -18.49 -30.48
CA TYR NA 46 57.74 -17.28 -29.70
C TYR NA 46 58.84 -17.12 -28.67
N ASN NA 47 59.13 -15.86 -28.32
CA ASN NA 47 60.21 -15.54 -27.40
C ASN NA 47 59.80 -15.60 -25.94
N TRP NA 48 58.50 -15.72 -25.63
CA TRP NA 48 58.07 -15.82 -24.25
C TRP NA 48 58.18 -17.23 -23.70
N SER NA 49 58.60 -18.20 -24.51
CA SER NA 49 58.84 -19.56 -24.06
C SER NA 49 60.20 -19.98 -24.61
N ALA NA 50 61.27 -19.67 -23.87
CA ALA NA 50 62.61 -20.07 -24.29
C ALA NA 50 62.84 -21.55 -24.11
N LYS NA 51 62.17 -22.17 -23.13
CA LYS NA 51 62.26 -23.60 -22.95
C LYS NA 51 61.63 -24.34 -24.13
N ALA NA 52 60.52 -23.83 -24.65
CA ALA NA 52 59.90 -24.41 -25.83
C ALA NA 52 60.72 -24.20 -27.08
N LYS NA 53 61.57 -23.17 -27.12
CA LYS NA 53 62.47 -23.01 -28.25
C LYS NA 53 63.51 -24.12 -28.29
N ARG NA 54 64.29 -24.26 -27.21
CA ARG NA 54 65.40 -25.20 -27.15
C ARG NA 54 64.95 -26.65 -27.23
N ARG NA 55 63.66 -26.94 -27.07
CA ARG NA 55 63.16 -28.28 -27.34
C ARG NA 55 63.25 -28.64 -28.82
N ASN NA 56 63.25 -27.64 -29.71
CA ASN NA 56 63.33 -27.88 -31.14
C ASN NA 56 64.11 -26.70 -31.74
N THR NA 57 65.41 -26.91 -31.93
CA THR NA 57 66.28 -25.94 -32.60
C THR NA 57 67.14 -26.71 -33.60
N THR NA 58 68.16 -26.03 -34.14
CA THR NA 58 69.06 -26.67 -35.09
C THR NA 58 69.93 -27.74 -34.45
N GLY NA 59 70.02 -27.77 -33.11
CA GLY NA 59 70.88 -28.73 -32.45
C GLY NA 59 70.19 -30.00 -31.98
N THR NA 60 68.86 -30.02 -31.98
CA THR NA 60 68.13 -31.14 -31.38
C THR NA 60 68.19 -32.38 -32.27
N GLY NA 61 68.02 -32.20 -33.58
CA GLY NA 61 67.81 -33.32 -34.48
C GLY NA 61 69.08 -33.97 -35.00
N ARG NA 62 68.93 -34.69 -36.11
CA ARG NA 62 70.04 -35.47 -36.67
C ARG NA 62 71.12 -34.58 -37.27
N MET NA 63 70.73 -33.46 -37.90
CA MET NA 63 71.64 -32.60 -38.67
C MET NA 63 72.37 -33.40 -39.74
N ARG NA 64 71.61 -34.23 -40.47
CA ARG NA 64 72.21 -35.15 -41.44
C ARG NA 64 72.89 -34.43 -42.59
N HIS NA 65 72.55 -33.17 -42.85
CA HIS NA 65 73.19 -32.38 -43.89
C HIS NA 65 74.02 -31.24 -43.33
N LEU NA 66 73.68 -30.75 -42.14
CA LEU NA 66 74.42 -29.62 -41.56
C LEU NA 66 75.73 -30.04 -40.90
N LYS NA 67 75.84 -31.31 -40.46
CA LYS NA 67 77.06 -31.74 -39.79
C LYS NA 67 78.23 -31.92 -40.73
N ILE NA 68 77.97 -32.12 -42.03
CA ILE NA 68 79.04 -32.22 -43.01
C ILE NA 68 79.42 -30.87 -43.59
N VAL NA 69 78.58 -29.85 -43.44
CA VAL NA 69 78.97 -28.50 -43.82
C VAL NA 69 80.06 -27.98 -42.88
N TYR NA 70 79.93 -28.28 -41.58
CA TYR NA 70 80.98 -27.91 -40.63
C TYR NA 70 82.28 -28.63 -40.91
N ARG NA 71 82.21 -29.92 -41.27
CA ARG NA 71 83.42 -30.66 -41.62
C ARG NA 71 84.06 -30.12 -42.89
N ARG NA 72 83.25 -29.79 -43.89
CA ARG NA 72 83.78 -29.23 -45.13
C ARG NA 72 84.21 -27.78 -45.01
N PHE NA 73 83.79 -27.09 -43.94
CA PHE NA 73 84.17 -25.69 -43.77
C PHE NA 73 85.66 -25.55 -43.45
N ARG NA 74 86.20 -26.46 -42.65
CA ARG NA 74 87.60 -26.37 -42.22
C ARG NA 74 88.59 -26.71 -43.34
N HIS NA 75 88.12 -27.20 -44.48
CA HIS NA 75 88.98 -27.43 -45.64
C HIS NA 75 88.68 -26.48 -46.80
N GLY NA 76 87.83 -25.46 -46.58
CA GLY NA 76 87.58 -24.49 -47.62
C GLY NA 76 86.63 -24.92 -48.70
N PHE NA 77 85.86 -25.98 -48.47
CA PHE NA 77 84.87 -26.50 -49.42
C PHE NA 77 85.50 -26.86 -50.77
N ARG NA 78 86.56 -27.65 -50.71
CA ARG NA 78 87.20 -28.11 -51.94
C ARG NA 78 86.33 -29.14 -52.64
N GLU NA 79 86.30 -29.08 -53.97
CA GLU NA 79 85.51 -30.00 -54.77
C GLU NA 79 86.31 -30.48 -55.98
N GLY NA 80 85.98 -31.68 -56.44
CA GLY NA 80 86.57 -32.26 -57.62
C GLY NA 80 87.92 -32.89 -57.43
N THR NA 81 88.56 -32.67 -56.27
CA THR NA 81 89.87 -33.22 -56.00
C THR NA 81 89.74 -34.55 -55.25
N THR NA 82 90.80 -35.34 -55.31
CA THR NA 82 90.93 -36.61 -54.60
C THR NA 82 92.29 -36.66 -53.94
N PRO NA 83 92.42 -37.40 -52.84
CA PRO NA 83 93.75 -37.61 -52.26
C PRO NA 83 94.65 -38.39 -53.21
N LYS NA 84 95.95 -38.15 -53.08
CA LYS NA 84 96.92 -38.76 -53.99
C LYS NA 84 96.92 -40.27 -53.83
N PRO NA 85 96.72 -41.04 -54.91
CA PRO NA 85 96.59 -42.49 -54.76
C PRO NA 85 97.91 -43.19 -54.46
N LYS NA 86 97.85 -44.50 -54.27
CA LYS NA 86 99.03 -45.29 -53.95
C LYS NA 86 99.68 -45.83 -55.23
N PRO OA 1 22.50 -71.15 -62.76
CA PRO OA 1 22.52 -72.15 -63.83
C PRO OA 1 21.28 -72.10 -64.73
N ARG OA 2 21.34 -72.81 -65.86
CA ARG OA 2 20.26 -72.81 -66.83
C ARG OA 2 19.84 -74.24 -67.12
N LYS OA 3 18.52 -74.46 -67.23
CA LYS OA 3 17.97 -75.76 -67.58
C LYS OA 3 17.56 -75.73 -69.04
N ILE OA 4 18.25 -76.51 -69.86
CA ILE OA 4 17.92 -76.60 -71.29
C ILE OA 4 16.78 -77.59 -71.48
N GLU OA 5 15.92 -77.31 -72.47
CA GLU OA 5 14.68 -78.05 -72.59
C GLU OA 5 14.71 -79.10 -73.70
N GLU OA 6 14.58 -78.66 -74.95
CA GLU OA 6 14.51 -79.61 -76.06
C GLU OA 6 15.87 -80.29 -76.23
N ILE OA 7 15.85 -81.45 -76.89
CA ILE OA 7 16.88 -82.45 -76.70
C ILE OA 7 18.22 -82.06 -77.32
N LYS OA 8 18.24 -81.43 -78.51
CA LYS OA 8 19.51 -81.31 -79.24
C LYS OA 8 20.30 -80.08 -78.83
N ASP OA 9 19.72 -79.16 -78.06
CA ASP OA 9 20.49 -78.01 -77.62
C ASP OA 9 21.56 -78.38 -76.60
N PHE OA 10 21.30 -79.40 -75.77
CA PHE OA 10 22.33 -79.88 -74.85
C PHE OA 10 23.50 -80.46 -75.61
N LEU OA 11 23.23 -81.15 -76.70
CA LEU OA 11 24.29 -81.66 -77.57
C LEU OA 11 25.05 -80.50 -78.21
N LEU OA 12 24.35 -79.43 -78.59
CA LEU OA 12 25.03 -78.24 -79.07
C LEU OA 12 25.83 -77.57 -77.95
N THR OA 13 25.31 -77.60 -76.72
CA THR OA 13 26.10 -77.16 -75.58
C THR OA 13 27.30 -78.05 -75.36
N ALA OA 14 27.14 -79.36 -75.58
CA ALA OA 14 28.26 -80.29 -75.46
C ALA OA 14 29.30 -80.11 -76.57
N ARG OA 15 28.90 -79.57 -77.72
CA ARG OA 15 29.85 -79.32 -78.80
C ARG OA 15 30.54 -77.97 -78.69
N ARG OA 16 30.23 -77.18 -77.67
CA ARG OA 16 30.85 -75.88 -77.49
C ARG OA 16 32.32 -76.03 -77.13
N LYS OA 17 33.06 -74.93 -77.25
CA LYS OA 17 34.48 -74.95 -76.99
C LYS OA 17 34.81 -74.81 -75.52
N ASP OA 18 33.95 -74.16 -74.74
CA ASP OA 18 34.18 -73.92 -73.33
C ASP OA 18 33.67 -75.03 -72.43
N ALA OA 19 33.12 -76.10 -73.02
CA ALA OA 19 32.61 -77.21 -72.23
C ALA OA 19 33.78 -77.98 -71.62
N LYS OA 20 33.94 -77.84 -70.30
CA LYS OA 20 35.05 -78.50 -69.62
C LYS OA 20 34.78 -80.00 -69.46
N SER OA 21 33.61 -80.35 -68.93
CA SER OA 21 33.27 -81.75 -68.72
C SER OA 21 31.75 -81.89 -68.66
N VAL OA 22 31.29 -83.12 -68.81
CA VAL OA 22 29.88 -83.46 -68.70
C VAL OA 22 29.72 -84.48 -67.57
N LYS OA 23 28.71 -84.27 -66.73
CA LYS OA 23 28.48 -85.11 -65.56
C LYS OA 23 27.13 -85.82 -65.67
N ILE OA 24 27.09 -87.05 -65.17
CA ILE OA 24 25.90 -87.89 -65.22
C ILE OA 24 25.44 -88.15 -63.80
N LYS OA 25 24.33 -87.52 -63.41
CA LYS OA 25 23.73 -87.70 -62.10
C LYS OA 25 22.56 -88.66 -62.22
N LYS OA 26 22.67 -89.83 -61.58
CA LYS OA 26 21.66 -90.87 -61.66
C LYS OA 26 20.94 -90.97 -60.33
N ASN OA 27 19.86 -90.19 -60.19
CA ASN OA 27 18.98 -90.30 -59.03
C ASN OA 27 17.70 -91.05 -59.41
N LYS OA 28 16.83 -91.23 -58.44
CA LYS OA 28 15.58 -91.92 -58.69
C LYS OA 28 14.61 -91.03 -59.45
N ASP OA 29 13.99 -91.62 -60.49
CA ASP OA 29 12.95 -91.08 -61.35
C ASP OA 29 13.41 -89.96 -62.28
N ASN OA 30 14.66 -89.51 -62.19
CA ASN OA 30 15.17 -88.50 -63.11
C ASN OA 30 16.62 -88.79 -63.45
N VAL OA 31 17.03 -88.36 -64.63
CA VAL OA 31 18.42 -88.43 -65.07
C VAL OA 31 18.83 -87.04 -65.51
N LYS OA 32 19.91 -86.53 -64.94
CA LYS OA 32 20.36 -85.17 -65.20
C LYS OA 32 21.66 -85.18 -65.99
N PHE OA 33 21.73 -84.32 -67.00
CA PHE OA 33 22.90 -84.19 -67.88
C PHE OA 33 23.55 -82.85 -67.58
N LYS OA 34 24.46 -82.83 -66.61
CA LYS OA 34 25.16 -81.61 -66.22
C LYS OA 34 26.37 -81.41 -67.13
N VAL OA 35 26.50 -80.22 -67.68
CA VAL OA 35 27.66 -79.84 -68.47
C VAL OA 35 28.17 -78.48 -67.97
N ARG OA 36 29.48 -78.36 -67.83
CA ARG OA 36 30.10 -77.17 -67.26
C ARG OA 36 30.66 -76.31 -68.39
N CYS OA 37 30.06 -75.14 -68.59
CA CYS OA 37 30.55 -74.16 -69.54
C CYS OA 37 31.33 -73.08 -68.81
N SER OA 38 31.74 -72.04 -69.54
CA SER OA 38 32.51 -70.97 -68.92
C SER OA 38 31.65 -70.10 -68.02
N ARG OA 39 30.38 -69.89 -68.40
CA ARG OA 39 29.50 -68.98 -67.68
C ARG OA 39 28.42 -69.70 -66.87
N TYR OA 40 27.76 -70.70 -67.44
CA TYR OA 40 26.66 -71.38 -66.79
C TYR OA 40 26.89 -72.88 -66.74
N LEU OA 41 26.34 -73.51 -65.70
CA LEU OA 41 26.32 -74.97 -65.59
C LEU OA 41 24.98 -75.44 -66.13
N TYR OA 42 24.97 -75.87 -67.40
CA TYR OA 42 23.74 -76.24 -68.07
C TYR OA 42 23.35 -77.67 -67.71
N THR OA 43 22.07 -77.87 -67.42
CA THR OA 43 21.55 -79.17 -67.02
C THR OA 43 20.35 -79.53 -67.88
N LEU OA 44 20.19 -80.83 -68.12
CA LEU OA 44 19.09 -81.36 -68.92
C LEU OA 44 18.39 -82.44 -68.12
N VAL OA 45 17.13 -82.21 -67.76
CA VAL OA 45 16.40 -83.07 -66.84
C VAL OA 45 15.32 -83.84 -67.61
N ILE OA 46 15.54 -85.15 -67.80
CA ILE OA 46 14.64 -86.03 -68.55
C ILE OA 46 14.12 -87.11 -67.60
N THR OA 47 12.80 -87.38 -67.65
CA THR OA 47 12.14 -88.27 -66.72
C THR OA 47 12.16 -89.74 -67.13
N ASP OA 48 12.72 -90.08 -68.28
CA ASP OA 48 12.64 -91.44 -68.82
C ASP OA 48 13.99 -92.14 -68.71
N LYS OA 49 13.96 -93.41 -68.33
CA LYS OA 49 15.19 -94.16 -68.07
C LYS OA 49 15.93 -94.55 -69.35
N GLU OA 50 15.22 -95.05 -70.36
CA GLU OA 50 15.90 -95.60 -71.53
C GLU OA 50 16.44 -94.51 -72.45
N LYS OA 51 15.90 -93.30 -72.36
CA LYS OA 51 16.45 -92.20 -73.14
C LYS OA 51 17.83 -91.78 -72.62
N ALA OA 52 18.08 -92.00 -71.33
CA ALA OA 52 19.40 -91.69 -70.78
C ALA OA 52 20.47 -92.59 -71.39
N GLU OA 53 20.21 -93.90 -71.47
CA GLU OA 53 21.16 -94.81 -72.10
C GLU OA 53 21.21 -94.65 -73.62
N LYS OA 54 20.13 -94.20 -74.24
CA LYS OA 54 20.14 -93.96 -75.68
C LYS OA 54 21.17 -92.88 -76.05
N LEU OA 55 21.19 -91.79 -75.29
CA LEU OA 55 21.98 -90.61 -75.64
C LEU OA 55 23.39 -90.63 -75.05
N LYS OA 56 23.65 -91.54 -74.11
CA LYS OA 56 24.92 -91.50 -73.38
C LYS OA 56 26.11 -91.75 -74.30
N GLN OA 57 25.93 -92.52 -75.37
CA GLN OA 57 26.98 -92.73 -76.35
C GLN OA 57 26.94 -91.70 -77.48
N SER OA 58 26.01 -90.75 -77.43
CA SER OA 58 25.93 -89.69 -78.42
C SER OA 58 26.79 -88.49 -78.07
N LEU OA 59 27.42 -88.49 -76.89
CA LEU OA 59 28.32 -87.42 -76.51
C LEU OA 59 29.61 -87.50 -77.33
N PRO OA 60 30.21 -86.37 -77.65
CA PRO OA 60 31.49 -86.38 -78.36
C PRO OA 60 32.58 -86.99 -77.49
N PRO OA 61 33.53 -87.71 -78.08
CA PRO OA 61 34.60 -88.31 -77.28
C PRO OA 61 35.57 -87.31 -76.69
N GLY OA 62 35.66 -86.09 -77.25
CA GLY OA 62 36.52 -85.08 -76.66
C GLY OA 62 36.06 -84.61 -75.31
N LEU OA 63 34.74 -84.49 -75.12
CA LEU OA 63 34.20 -84.05 -73.85
C LEU OA 63 34.29 -85.17 -72.82
N ALA OA 64 34.99 -84.93 -71.72
CA ALA OA 64 35.16 -85.94 -70.69
C ALA OA 64 33.87 -86.16 -69.93
N VAL OA 65 33.52 -87.42 -69.69
CA VAL OA 65 32.32 -87.80 -68.95
C VAL OA 65 32.75 -88.35 -67.60
N LYS OA 66 32.00 -88.00 -66.55
CA LYS OA 66 32.25 -88.48 -65.20
C LYS OA 66 30.93 -88.88 -64.57
N GLU OA 67 30.82 -90.13 -64.15
CA GLU OA 67 29.61 -90.62 -63.50
C GLU OA 67 29.51 -90.01 -62.10
N LEU OA 68 28.50 -89.16 -61.90
CA LEU OA 68 28.35 -88.40 -60.66
C LEU OA 68 27.58 -89.25 -59.66
N LYS OA 69 28.24 -89.63 -58.57
CA LYS OA 69 27.61 -90.40 -57.50
C LYS OA 69 28.35 -90.18 -56.19
N SER PA 1 39.91 -49.52 -32.25
CA SER PA 1 39.22 -49.28 -33.51
C SER PA 1 39.68 -50.26 -34.58
N SER PA 2 38.75 -51.06 -35.09
CA SER PA 2 39.05 -51.98 -36.17
C SER PA 2 39.41 -51.22 -37.45
N HIS PA 3 38.74 -50.10 -37.71
CA HIS PA 3 39.11 -49.25 -38.84
C HIS PA 3 40.38 -48.49 -38.51
N LYS PA 4 41.39 -48.61 -39.37
CA LYS PA 4 42.68 -47.99 -39.14
C LYS PA 4 43.16 -47.32 -40.43
N THR PA 5 44.01 -46.33 -40.27
CA THR PA 5 44.71 -45.71 -41.39
C THR PA 5 46.12 -46.29 -41.49
N PHE PA 6 46.76 -46.02 -42.63
CA PHE PA 6 48.12 -46.52 -42.81
C PHE PA 6 49.12 -45.80 -41.92
N ARG PA 7 48.80 -44.56 -41.51
CA ARG PA 7 49.69 -43.82 -40.63
C ARG PA 7 49.67 -44.38 -39.22
N ILE PA 8 48.48 -44.67 -38.70
CA ILE PA 8 48.36 -45.14 -37.32
C ILE PA 8 48.91 -46.56 -37.19
N LYS PA 9 48.57 -47.43 -38.13
CA LYS PA 9 49.02 -48.82 -38.06
C LYS PA 9 50.53 -48.93 -38.19
N ARG PA 10 51.15 -48.11 -39.05
CA ARG PA 10 52.60 -48.05 -39.10
C ARG PA 10 53.19 -47.49 -37.81
N PHE PA 11 52.54 -46.48 -37.23
CA PHE PA 11 53.01 -45.92 -35.96
C PHE PA 11 52.84 -46.90 -34.82
N LEU PA 12 51.73 -47.66 -34.83
CA LEU PA 12 51.52 -48.67 -33.79
C LEU PA 12 52.49 -49.84 -33.95
N ALA PA 13 53.00 -50.05 -35.16
CA ALA PA 13 53.94 -51.14 -35.39
C ALA PA 13 55.26 -50.92 -34.67
N LYS PA 14 55.74 -49.67 -34.64
CA LYS PA 14 57.02 -49.39 -33.98
C LYS PA 14 56.90 -49.54 -32.47
N LYS PA 15 55.80 -49.07 -31.88
CA LYS PA 15 55.63 -49.14 -30.43
C LYS PA 15 55.49 -50.58 -29.97
N GLN PA 16 54.89 -51.46 -30.77
CA GLN PA 16 54.83 -52.87 -30.43
C GLN PA 16 56.22 -53.49 -30.43
N LYS PA 17 57.05 -53.13 -31.42
CA LYS PA 17 58.40 -53.67 -31.52
C LYS PA 17 59.33 -53.13 -30.44
N GLN PA 18 59.06 -51.94 -29.92
CA GLN PA 18 59.89 -51.36 -28.87
C GLN PA 18 59.51 -51.85 -27.47
N ASN PA 19 58.45 -52.63 -27.35
CA ASN PA 19 57.99 -53.12 -26.05
C ASN PA 19 58.69 -54.40 -25.62
N ARG PA 20 59.55 -54.97 -26.47
CA ARG PA 20 60.25 -56.20 -26.09
C ARG PA 20 61.42 -55.88 -25.16
N PRO PA 21 61.78 -56.80 -24.27
CA PRO PA 21 62.82 -56.53 -23.28
C PRO PA 21 64.22 -56.55 -23.90
N ILE PA 22 65.20 -56.22 -23.06
CA ILE PA 22 66.60 -56.17 -23.45
C ILE PA 22 67.14 -57.59 -23.63
N PRO PA 23 68.18 -57.78 -24.44
CA PRO PA 23 68.76 -59.12 -24.57
C PRO PA 23 69.45 -59.57 -23.29
N GLN PA 24 69.64 -60.89 -23.20
CA GLN PA 24 70.26 -61.48 -22.01
C GLN PA 24 71.72 -61.05 -21.88
N TRP PA 25 72.43 -60.92 -23.00
CA TRP PA 25 73.87 -60.71 -23.02
C TRP PA 25 74.28 -59.25 -22.96
N ILE PA 26 73.34 -58.31 -22.85
CA ILE PA 26 73.68 -56.89 -22.99
C ILE PA 26 74.47 -56.37 -21.80
N TRP PA 27 74.36 -56.99 -20.63
CA TRP PA 27 75.14 -56.58 -19.48
C TRP PA 27 76.36 -57.47 -19.25
N MET PA 28 76.77 -58.24 -20.26
CA MET PA 28 78.08 -58.85 -20.32
C MET PA 28 79.13 -57.93 -20.91
N LYS PA 29 78.73 -56.73 -21.34
CA LYS PA 29 79.63 -55.80 -22.00
C LYS PA 29 80.54 -55.13 -20.98
N THR PA 30 81.42 -54.26 -21.47
CA THR PA 30 82.46 -53.66 -20.63
C THR PA 30 81.95 -52.47 -19.83
N GLY PA 31 81.52 -51.41 -20.52
CA GLY PA 31 81.12 -50.18 -19.85
C GLY PA 31 79.62 -49.98 -19.81
N ASN PA 32 78.87 -51.06 -19.90
CA ASN PA 32 77.41 -50.95 -19.90
C ASN PA 32 76.90 -50.64 -18.50
N LYS PA 33 75.93 -49.73 -18.44
CA LYS PA 33 75.28 -49.36 -17.19
C LYS PA 33 73.82 -49.77 -17.14
N ILE PA 34 73.27 -50.34 -18.21
CA ILE PA 34 71.85 -50.66 -18.29
C ILE PA 34 71.60 -51.95 -17.53
N ARG PA 35 70.65 -51.92 -16.60
CA ARG PA 35 70.26 -53.11 -15.86
C ARG PA 35 68.99 -53.74 -16.42
N TYR PA 36 68.04 -52.93 -16.88
CA TYR PA 36 66.78 -53.41 -17.42
C TYR PA 36 66.19 -52.32 -18.30
N ASN PA 37 65.12 -52.67 -19.01
CA ASN PA 37 64.44 -51.72 -19.88
C ASN PA 37 63.51 -50.85 -19.04
N SER PA 38 63.81 -49.55 -18.98
CA SER PA 38 62.98 -48.60 -18.24
C SER PA 38 61.86 -48.01 -19.09
N LYS PA 39 61.81 -48.34 -20.38
CA LYS PA 39 60.78 -47.83 -21.28
C LYS PA 39 59.77 -48.91 -21.67
N ARG PA 40 59.57 -49.90 -20.81
CA ARG PA 40 58.56 -50.93 -21.07
C ARG PA 40 57.18 -50.33 -20.87
N ARG PA 41 56.38 -50.33 -21.93
CA ARG PA 41 55.07 -49.70 -21.93
C ARG PA 41 54.01 -50.77 -21.74
N HIS PA 42 53.25 -50.67 -20.64
CA HIS PA 42 52.13 -51.56 -20.40
C HIS PA 42 50.84 -50.91 -20.91
N TRP PA 43 50.03 -51.70 -21.60
CA TRP PA 43 48.83 -51.17 -22.24
C TRP PA 43 47.77 -50.74 -21.24
N ARG PA 44 47.89 -51.16 -19.97
CA ARG PA 44 46.92 -50.73 -18.96
C ARG PA 44 47.36 -49.41 -18.32
N ARG PA 45 48.64 -49.29 -17.98
CA ARG PA 45 49.12 -48.09 -17.26
C ARG PA 45 49.36 -46.94 -18.22
N THR PA 46 50.27 -47.11 -19.17
CA THR PA 46 50.59 -46.09 -20.17
C THR PA 46 49.70 -46.29 -21.38
N LYS PA 47 48.98 -45.24 -21.77
CA LYS PA 47 48.01 -45.32 -22.85
C LYS PA 47 48.53 -44.81 -24.18
N LEU PA 48 49.84 -44.57 -24.27
CA LEU PA 48 50.58 -44.29 -25.50
C LEU PA 48 50.21 -42.95 -26.15
N GLY PA 49 49.21 -42.24 -25.63
CA GLY PA 49 48.79 -41.01 -26.25
C GLY PA 49 47.59 -41.19 -27.17
N LEU PA 50 47.67 -40.55 -28.33
CA LEU PA 50 46.61 -40.56 -29.35
C LEU PA 50 45.27 -40.08 -28.78
N ILE QA 1 -19.33 -25.89 79.81
CA ILE QA 1 -18.68 -27.02 79.17
C ILE QA 1 -17.31 -27.23 79.80
N ILE QA 2 -16.83 -26.23 80.53
CA ILE QA 2 -15.53 -26.29 81.19
C ILE QA 2 -15.60 -25.42 82.44
N GLU QA 3 -14.81 -25.82 83.45
CA GLU QA 3 -14.78 -25.07 84.70
C GLU QA 3 -13.94 -23.81 84.53
N PRO QA 4 -14.48 -22.63 84.84
CA PRO QA 4 -13.70 -21.39 84.68
C PRO QA 4 -12.47 -21.31 85.57
N SER QA 5 -12.47 -21.99 86.73
CA SER QA 5 -11.28 -22.00 87.57
C SER QA 5 -10.15 -22.79 86.91
N LEU QA 6 -10.48 -23.91 86.27
CA LEU QA 6 -9.50 -24.68 85.53
C LEU QA 6 -9.24 -24.12 84.14
N ARG QA 7 -10.01 -23.13 83.69
CA ARG QA 7 -9.75 -22.48 82.41
C ARG QA 7 -8.41 -21.76 82.43
N GLN QA 8 -8.11 -21.04 83.51
CA GLN QA 8 -6.85 -20.34 83.63
C GLN QA 8 -5.66 -21.28 83.83
N LEU QA 9 -5.91 -22.53 84.23
CA LEU QA 9 -4.83 -23.50 84.33
C LEU QA 9 -4.22 -23.81 82.97
N ALA QA 10 -5.07 -23.93 81.94
CA ALA QA 10 -4.59 -24.13 80.58
C ALA QA 10 -4.34 -22.83 79.84
N GLN QA 11 -4.98 -21.73 80.27
CA GLN QA 11 -4.72 -20.43 79.69
C GLN QA 11 -3.39 -19.83 80.14
N LYS QA 12 -2.82 -20.34 81.24
CA LYS QA 12 -1.55 -19.83 81.73
C LYS QA 12 -0.41 -20.18 80.78
N TYR QA 13 -0.41 -21.41 80.25
CA TYR QA 13 0.68 -21.88 79.42
C TYR QA 13 0.55 -21.45 77.96
N ASN QA 14 -0.59 -20.93 77.55
CA ASN QA 14 -0.81 -20.58 76.15
C ASN QA 14 -1.03 -19.09 75.93
N CYS QA 15 -1.98 -18.48 76.65
CA CYS QA 15 -2.30 -17.07 76.43
C CYS QA 15 -1.38 -16.12 77.17
N ASP QA 16 -0.77 -16.56 78.27
CA ASP QA 16 0.16 -15.71 79.03
C ASP QA 16 1.59 -15.95 78.54
N LYS QA 17 1.81 -15.57 77.27
CA LYS QA 17 3.10 -15.74 76.62
C LYS QA 17 3.40 -14.51 75.77
N MET QA 18 4.68 -14.25 75.56
CA MET QA 18 5.14 -13.09 74.81
C MET QA 18 5.69 -13.54 73.47
N ILE QA 19 5.41 -12.77 72.42
CA ILE QA 19 5.75 -13.14 71.06
C ILE QA 19 6.77 -12.14 70.52
N CYS QA 20 7.92 -12.65 70.10
CA CYS QA 20 8.92 -11.80 69.46
C CYS QA 20 8.44 -11.35 68.08
N ARG QA 21 8.84 -10.15 67.69
CA ARG QA 21 8.47 -9.66 66.36
C ARG QA 21 9.29 -10.31 65.25
N LYS QA 22 10.56 -10.62 65.50
CA LYS QA 22 11.44 -11.10 64.45
C LYS QA 22 11.25 -12.61 64.22
N CYS QA 23 11.49 -13.42 65.25
CA CYS QA 23 11.46 -14.86 65.12
C CYS QA 23 10.16 -15.50 65.58
N TYR QA 24 9.22 -14.71 66.09
CA TYR QA 24 7.91 -15.18 66.56
C TYR QA 24 8.04 -16.28 67.61
N ALA QA 25 8.99 -16.13 68.53
CA ALA QA 25 9.20 -17.11 69.58
C ALA QA 25 8.18 -16.95 70.69
N ARG QA 26 7.97 -18.03 71.45
CA ARG QA 26 7.07 -18.04 72.59
C ARG QA 26 7.92 -17.88 73.85
N LEU QA 27 7.80 -16.72 74.51
CA LEU QA 27 8.59 -16.40 75.68
C LEU QA 27 7.70 -16.34 76.92
N HIS QA 28 8.33 -16.48 78.08
CA HIS QA 28 7.62 -16.37 79.35
C HIS QA 28 7.13 -14.93 79.54
N PRO QA 29 6.03 -14.74 80.28
CA PRO QA 29 5.43 -13.39 80.39
C PRO QA 29 6.35 -12.35 81.00
N ARG QA 30 7.24 -12.71 81.92
CA ARG QA 30 8.17 -11.75 82.52
C ARG QA 30 9.51 -11.78 81.79
N ALA QA 31 9.46 -11.38 80.51
CA ALA QA 31 10.64 -11.34 79.66
C ALA QA 31 10.72 -9.98 78.98
N VAL QA 32 11.90 -9.36 79.05
CA VAL QA 32 12.17 -8.11 78.35
C VAL QA 32 13.07 -8.29 77.13
N ASN QA 33 13.75 -9.43 77.02
CA ASN QA 33 14.57 -9.75 75.87
C ASN QA 33 14.20 -11.13 75.34
N CYS QA 34 14.49 -11.36 74.06
CA CYS QA 34 14.19 -12.65 73.47
C CYS QA 34 15.29 -13.66 73.79
N ARG QA 35 14.90 -14.94 73.81
CA ARG QA 35 15.79 -16.01 74.24
C ARG QA 35 16.43 -16.77 73.08
N LYS QA 36 16.08 -16.43 71.84
CA LYS QA 36 16.56 -17.20 70.69
C LYS QA 36 17.82 -16.57 70.10
N LYS QA 37 18.70 -17.45 69.61
CA LYS QA 37 19.94 -17.02 68.97
C LYS QA 37 19.69 -16.48 67.56
N LYS QA 38 18.59 -16.85 66.92
CA LYS QA 38 18.33 -16.54 65.53
C LYS QA 38 18.00 -15.08 65.27
N CYS QA 39 17.45 -14.36 66.25
CA CYS QA 39 17.12 -12.96 66.06
C CYS QA 39 18.07 -12.01 66.78
N GLY QA 40 18.81 -12.50 67.77
CA GLY QA 40 19.78 -11.70 68.47
C GLY QA 40 19.31 -11.07 69.76
N HIS QA 41 18.43 -11.73 70.51
CA HIS QA 41 17.86 -11.24 71.76
C HIS QA 41 17.19 -9.87 71.55
N THR QA 42 16.38 -9.81 70.51
CA THR QA 42 15.68 -8.58 70.14
C THR QA 42 14.63 -8.24 71.18
N ASN QA 43 14.53 -6.94 71.49
CA ASN QA 43 13.58 -6.45 72.47
C ASN QA 43 12.22 -6.13 71.87
N ASN QA 44 12.03 -6.40 70.58
CA ASN QA 44 10.75 -6.17 69.92
C ASN QA 44 9.73 -7.24 70.32
N LEU QA 45 9.05 -6.97 71.43
CA LEU QA 45 8.08 -7.90 71.98
C LEU QA 45 6.70 -7.25 71.99
N ARG QA 46 5.68 -8.07 71.73
CA ARG QA 46 4.30 -7.63 71.71
C ARG QA 46 3.42 -8.52 72.59
N PRO QA 47 2.30 -7.99 73.07
CA PRO QA 47 1.32 -8.83 73.77
C PRO QA 47 0.66 -9.80 72.82
N LYS QA 48 0.19 -10.92 73.37
CA LYS QA 48 -0.51 -11.92 72.58
C LYS QA 48 -1.99 -11.54 72.45
N LYS QA 49 -2.46 -11.45 71.21
CA LYS QA 49 -3.81 -10.98 70.94
C LYS QA 49 -4.84 -12.03 71.33
N LYS QA 50 -5.98 -11.56 71.82
CA LYS QA 50 -7.09 -12.44 72.18
C LYS QA 50 -7.84 -12.89 70.93
N VAL QA 51 -8.43 -14.07 71.01
CA VAL QA 51 -9.13 -14.68 69.89
C VAL QA 51 -10.61 -14.33 69.96
N LYS QA 52 -11.21 -14.07 68.80
CA LYS QA 52 -12.65 -13.81 68.72
C LYS QA 52 -13.29 -14.60 67.60
N MET RA 1 -38.12 11.74 -7.99
CA MET RA 1 -37.54 10.62 -8.74
C MET RA 1 -38.29 10.33 -10.03
N ARG RA 2 -37.62 10.53 -11.16
CA ARG RA 2 -38.16 10.11 -12.44
C ARG RA 2 -38.19 8.59 -12.52
N ALA RA 3 -39.18 8.06 -13.24
CA ALA RA 3 -39.29 6.61 -13.41
C ALA RA 3 -38.11 6.03 -14.19
N LYS RA 4 -37.42 6.85 -14.98
CA LYS RA 4 -36.28 6.36 -15.75
C LYS RA 4 -35.08 6.08 -14.84
N TRP RA 5 -34.80 6.98 -13.90
CA TRP RA 5 -33.59 6.84 -13.09
C TRP RA 5 -33.76 5.82 -11.97
N ARG RA 6 -34.99 5.61 -11.49
CA ARG RA 6 -35.20 4.56 -10.50
C ARG RA 6 -35.03 3.18 -11.11
N LYS RA 7 -35.30 3.04 -12.42
CA LYS RA 7 -34.93 1.83 -13.13
C LYS RA 7 -33.42 1.71 -13.26
N LYS RA 8 -32.74 2.83 -13.52
CA LYS RA 8 -31.29 2.83 -13.59
C LYS RA 8 -30.67 2.57 -12.23
N ARG RA 9 -31.28 3.09 -11.16
CA ARG RA 9 -30.82 2.78 -9.81
C ARG RA 9 -30.99 1.29 -9.49
N MET RA 10 -32.09 0.70 -9.95
CA MET RA 10 -32.32 -0.73 -9.72
C MET RA 10 -31.27 -1.58 -10.42
N ARG RA 11 -30.92 -1.20 -11.66
CA ARG RA 11 -29.92 -1.98 -12.41
C ARG RA 11 -28.54 -1.85 -11.78
N ARG RA 12 -28.18 -0.67 -11.27
CA ARG RA 12 -26.93 -0.54 -10.53
C ARG RA 12 -26.97 -1.32 -9.23
N LEU RA 13 -28.14 -1.36 -8.58
CA LEU RA 13 -28.28 -2.13 -7.35
C LEU RA 13 -28.34 -3.63 -7.62
N LYS RA 14 -29.01 -4.03 -8.71
CA LYS RA 14 -29.06 -5.43 -9.09
C LYS RA 14 -27.68 -5.95 -9.49
N ARG RA 15 -26.91 -5.14 -10.22
CA ARG RA 15 -25.55 -5.52 -10.58
C ARG RA 15 -24.66 -5.63 -9.35
N LYS RA 16 -24.90 -4.78 -8.35
CA LYS RA 16 -24.14 -4.87 -7.10
C LYS RA 16 -24.43 -6.18 -6.38
N ARG RA 17 -25.68 -6.65 -6.42
CA ARG RA 17 -26.01 -7.96 -5.84
C ARG RA 17 -25.39 -9.10 -6.65
N ARG RA 18 -25.16 -8.88 -7.95
CA ARG RA 18 -24.54 -9.93 -8.77
C ARG RA 18 -23.09 -10.17 -8.36
N LYS RA 19 -22.33 -9.11 -8.09
CA LYS RA 19 -20.94 -9.27 -7.69
C LYS RA 19 -20.84 -9.84 -6.27
N MET RA 20 -21.73 -9.40 -5.38
CA MET RA 20 -21.66 -9.84 -4.00
C MET RA 20 -21.99 -11.33 -3.87
N ARG RA 21 -22.96 -11.80 -4.64
CA ARG RA 21 -23.29 -13.22 -4.60
C ARG RA 21 -22.24 -14.07 -5.30
N GLN RA 22 -21.54 -13.50 -6.28
CA GLN RA 22 -20.56 -14.26 -7.06
C GLN RA 22 -19.29 -14.56 -6.28
N ARG RA 23 -18.85 -13.65 -5.39
CA ARG RA 23 -17.61 -13.87 -4.66
C ARG RA 23 -17.76 -14.94 -3.58
N SER RA 24 -18.98 -15.16 -3.08
CA SER RA 24 -19.19 -16.18 -2.07
C SER RA 24 -19.08 -17.59 -2.64
N LYS RA 25 -19.38 -17.77 -3.93
CA LYS RA 25 -19.31 -19.09 -4.56
C LYS RA 25 -17.91 -19.34 -5.12
N VAL SA 1 34.58 47.92 3.91
CA VAL SA 1 35.21 49.14 4.39
C VAL SA 1 35.02 50.26 3.38
N ASN SA 2 35.23 51.49 3.81
CA ASN SA 2 35.22 52.65 2.94
C ASN SA 2 36.58 53.32 2.97
N VAL SA 3 37.13 53.62 1.80
CA VAL SA 3 38.40 54.34 1.70
C VAL SA 3 38.20 55.50 0.74
N PRO SA 4 38.90 56.62 0.92
CA PRO SA 4 38.73 57.77 0.02
C PRO SA 4 39.44 57.54 -1.30
N LYS SA 5 39.08 58.37 -2.28
CA LYS SA 5 39.70 58.31 -3.59
C LYS SA 5 41.07 59.00 -3.62
N THR SA 6 41.42 59.74 -2.58
CA THR SA 6 42.72 60.39 -2.48
C THR SA 6 43.39 60.02 -1.16
N ARG SA 7 44.72 59.98 -1.19
CA ARG SA 7 45.50 59.66 -0.01
C ARG SA 7 46.91 60.21 -0.19
N ARG SA 8 47.39 60.99 0.77
CA ARG SA 8 48.74 61.52 0.72
C ARG SA 8 49.66 60.56 1.47
N THR SA 9 50.54 59.88 0.73
CA THR SA 9 51.40 58.88 1.30
C THR SA 9 52.76 58.92 0.59
N PHE SA 10 53.66 58.04 1.02
CA PHE SA 10 55.03 58.05 0.54
C PHE SA 10 55.10 57.64 -0.92
N CYS SA 11 55.99 58.29 -1.66
CA CYS SA 11 56.25 57.96 -3.06
C CYS SA 11 57.67 57.41 -3.19
N LYS SA 12 57.81 56.30 -3.90
CA LYS SA 12 59.10 55.64 -4.01
C LYS SA 12 60.09 56.45 -4.85
N LYS SA 13 59.65 56.93 -6.01
CA LYS SA 13 60.55 57.66 -6.89
C LYS SA 13 60.85 59.06 -6.36
N CYS SA 14 59.84 59.75 -5.83
CA CYS SA 14 60.06 61.09 -5.30
C CYS SA 14 60.84 61.08 -3.99
N GLY SA 15 60.47 60.19 -3.08
CA GLY SA 15 61.16 60.07 -1.81
C GLY SA 15 60.48 60.77 -0.64
N LYS SA 16 59.28 61.30 -0.84
CA LYS SA 16 58.56 62.00 0.22
C LYS SA 16 57.07 61.76 0.04
N HIS SA 17 56.26 62.30 0.95
CA HIS SA 17 54.82 62.17 0.86
C HIS SA 17 54.27 63.10 -0.21
N GLN SA 18 53.44 62.54 -1.11
CA GLN SA 18 52.72 63.30 -2.12
C GLN SA 18 51.32 62.72 -2.17
N PRO SA 19 50.31 63.50 -2.53
CA PRO SA 19 48.96 62.95 -2.68
C PRO SA 19 48.88 61.93 -3.81
N HIS SA 20 48.02 60.94 -3.62
CA HIS SA 20 47.88 59.85 -4.56
C HIS SA 20 46.40 59.59 -4.84
N LYS SA 21 46.07 59.33 -6.10
CA LYS SA 21 44.72 58.92 -6.49
C LYS SA 21 44.56 57.44 -6.21
N VAL SA 22 43.47 57.08 -5.55
CA VAL SA 22 43.30 55.75 -4.98
C VAL SA 22 42.19 55.01 -5.71
N THR SA 23 42.49 53.79 -6.15
CA THR SA 23 41.51 52.90 -6.75
C THR SA 23 41.95 51.45 -6.52
N GLN SA 24 41.02 50.53 -6.75
CA GLN SA 24 41.26 49.11 -6.50
C GLN SA 24 42.03 48.48 -7.65
N TYR SA 25 42.91 47.54 -7.30
CA TYR SA 25 43.67 46.77 -8.27
C TYR SA 25 42.83 45.61 -8.80
N LYS SA 26 42.95 45.36 -10.10
CA LYS SA 26 42.20 44.31 -10.78
C LYS SA 26 43.16 43.36 -11.48
N LYS SA 27 42.83 42.07 -11.45
CA LYS SA 27 43.64 41.08 -12.14
C LYS SA 27 43.55 41.28 -13.65
N GLY SA 28 44.70 41.29 -14.31
CA GLY SA 28 44.74 41.43 -15.75
C GLY SA 28 44.48 40.12 -16.46
N LYS SA 29 44.34 40.22 -17.79
CA LYS SA 29 44.14 39.04 -18.61
C LYS SA 29 45.40 38.19 -18.66
N ASP SA 30 45.22 36.87 -18.59
CA ASP SA 30 46.35 35.96 -18.65
C ASP SA 30 46.90 35.90 -20.07
N SER SA 31 48.19 36.16 -20.23
CA SER SA 31 48.81 36.13 -21.53
C SER SA 31 48.90 34.69 -22.05
N LEU SA 32 48.55 34.51 -23.32
CA LEU SA 32 48.61 33.20 -23.94
C LEU SA 32 50.04 32.71 -24.15
N TYR SA 33 51.02 33.61 -24.19
CA TYR SA 33 52.38 33.26 -24.52
C TYR SA 33 53.31 33.33 -23.30
N ALA SA 34 52.75 33.26 -22.10
CA ALA SA 34 53.56 33.16 -20.90
C ALA SA 34 54.25 31.81 -20.82
N GLN SA 35 55.35 31.76 -20.06
CA GLN SA 35 56.18 30.55 -20.02
C GLN SA 35 55.42 29.37 -19.45
N GLY SA 36 54.69 29.58 -18.35
CA GLY SA 36 53.92 28.50 -17.76
C GLY SA 36 52.71 28.13 -18.58
N LYS SA 37 52.10 29.12 -19.25
CA LYS SA 37 50.96 28.82 -20.12
C LYS SA 37 51.40 28.05 -21.37
N ARG SA 38 52.54 28.45 -21.95
CA ARG SA 38 53.09 27.69 -23.07
C ARG SA 38 53.51 26.30 -22.64
N ARG SA 39 54.07 26.16 -21.44
CA ARG SA 39 54.40 24.84 -20.92
C ARG SA 39 53.13 24.03 -20.66
N TYR SA 40 52.08 24.68 -20.16
CA TYR SA 40 50.83 23.98 -19.90
C TYR SA 40 50.16 23.54 -21.19
N ASP SA 41 50.15 24.43 -22.20
CA ASP SA 41 49.48 24.10 -23.47
C ASP SA 41 50.18 22.97 -24.21
N ARG SA 42 51.52 22.94 -24.19
CA ARG SA 42 52.22 21.83 -24.80
C ARG SA 42 52.01 20.54 -24.02
N LYS SA 43 51.93 20.63 -22.70
CA LYS SA 43 51.66 19.45 -21.88
C LYS SA 43 50.20 18.99 -22.03
N GLN SA 44 49.25 19.93 -22.11
CA GLN SA 44 47.85 19.59 -22.30
C GLN SA 44 47.56 19.08 -23.70
N SER SA 45 48.45 19.34 -24.66
CA SER SA 45 48.24 18.87 -26.02
C SER SA 45 48.45 17.36 -26.09
N GLY SA 46 47.83 16.76 -27.10
CA GLY SA 46 47.92 15.32 -27.27
C GLY SA 46 46.97 14.59 -26.32
N TYR SA 47 47.19 13.27 -26.23
CA TYR SA 47 46.38 12.43 -25.38
C TYR SA 47 46.94 12.37 -23.97
N GLY SA 48 46.15 11.82 -23.05
CA GLY SA 48 46.50 11.73 -21.65
C GLY SA 48 45.52 12.43 -20.72
N GLY SA 49 44.63 13.26 -21.26
CA GLY SA 49 43.67 13.95 -20.42
C GLY SA 49 44.28 15.11 -19.66
N GLN SA 50 43.58 15.50 -18.59
CA GLN SA 50 44.04 16.61 -17.76
C GLN SA 50 45.30 16.19 -17.00
N THR SA 51 46.38 16.94 -17.20
CA THR SA 51 47.67 16.62 -16.63
C THR SA 51 47.95 17.35 -15.32
N LYS SA 52 47.47 18.57 -15.18
CA LYS SA 52 47.71 19.36 -13.98
C LYS SA 52 46.45 19.42 -13.11
N PRO SA 53 46.61 19.53 -11.80
CA PRO SA 53 45.45 19.54 -10.91
C PRO SA 53 44.59 20.77 -11.10
N ILE SA 54 43.30 20.60 -10.80
CA ILE SA 54 42.31 21.68 -10.87
C ILE SA 54 41.76 21.88 -9.47
N PHE SA 55 41.91 23.10 -8.94
CA PHE SA 55 41.49 23.39 -7.57
C PHE SA 55 39.97 23.42 -7.48
N ARG SA 56 39.41 22.72 -6.49
CA ARG SA 56 37.96 22.60 -6.37
C ARG SA 56 37.47 22.91 -4.97
N LYS SA 57 38.32 22.73 -3.96
CA LYS SA 57 37.91 22.87 -2.56
C LYS SA 57 38.01 24.33 -2.13
N LYS SA 58 37.11 25.15 -2.69
CA LYS SA 58 37.06 26.57 -2.37
C LYS SA 58 36.59 26.76 -0.92
N ALA SA 59 37.47 27.30 -0.08
CA ALA SA 59 37.21 27.39 1.35
C ALA SA 59 36.78 28.80 1.78
N LYS SA 60 37.64 29.79 1.54
CA LYS SA 60 37.36 31.14 1.99
C LYS SA 60 36.55 31.91 0.94
N THR SA 61 35.86 32.95 1.41
CA THR SA 61 34.93 33.70 0.56
C THR SA 61 35.30 35.17 0.44
N THR SA 62 36.53 35.56 0.79
CA THR SA 62 36.94 36.96 0.72
C THR SA 62 38.28 37.05 -0.01
N LYS SA 63 38.73 38.29 -0.22
CA LYS SA 63 39.98 38.57 -0.88
C LYS SA 63 40.71 39.68 -0.14
N LYS SA 64 42.03 39.73 -0.31
CA LYS SA 64 42.82 40.85 0.17
C LYS SA 64 42.69 42.00 -0.81
N ILE SA 65 42.05 43.08 -0.38
CA ILE SA 65 41.81 44.23 -1.26
C ILE SA 65 43.11 44.99 -1.47
N VAL SA 66 43.40 45.28 -2.73
CA VAL SA 66 44.65 45.91 -3.14
C VAL SA 66 44.34 47.25 -3.77
N LEU SA 67 45.00 48.30 -3.28
CA LEU SA 67 44.84 49.63 -3.86
C LEU SA 67 45.91 49.86 -4.92
N ARG SA 68 45.51 50.52 -6.01
CA ARG SA 68 46.43 50.88 -7.10
C ARG SA 68 46.67 52.39 -6.97
N LEU SA 69 47.83 52.76 -6.42
CA LEU SA 69 48.16 54.15 -6.19
C LEU SA 69 48.49 54.86 -7.51
N GLU SA 70 48.49 56.18 -7.46
CA GLU SA 70 48.75 56.97 -8.65
C GLU SA 70 49.32 58.31 -8.25
N CYS SA 71 50.52 58.61 -8.73
CA CYS SA 71 51.17 59.88 -8.41
C CYS SA 71 50.55 60.99 -9.23
N VAL SA 72 50.05 62.02 -8.53
CA VAL SA 72 49.31 63.08 -9.20
C VAL SA 72 50.27 64.11 -9.80
N GLU SA 73 51.55 64.04 -9.46
CA GLU SA 73 52.53 64.92 -10.06
C GLU SA 73 52.64 64.65 -11.56
N PRO SA 74 52.63 65.70 -12.38
CA PRO SA 74 52.60 65.51 -13.84
C PRO SA 74 53.84 64.85 -14.43
N ASN SA 75 54.93 64.69 -13.66
CA ASN SA 75 56.16 64.10 -14.18
C ASN SA 75 56.57 62.86 -13.38
N CYS SA 76 55.79 62.48 -12.37
CA CYS SA 76 56.15 61.30 -11.59
C CYS SA 76 55.47 60.05 -12.11
N ARG SA 77 54.14 60.02 -12.04
CA ARG SA 77 53.31 58.92 -12.54
C ARG SA 77 53.76 57.56 -12.02
N SER SA 78 54.07 57.49 -10.73
CA SER SA 78 54.55 56.26 -10.11
C SER SA 78 53.37 55.46 -9.59
N LYS SA 79 53.38 54.16 -9.85
CA LYS SA 79 52.35 53.25 -9.38
C LYS SA 79 52.99 52.22 -8.44
N ARG SA 80 52.25 51.84 -7.41
CA ARG SA 80 52.66 50.77 -6.50
C ARG SA 80 51.43 50.18 -5.84
N MET SA 81 51.59 48.95 -5.33
CA MET SA 81 50.52 48.20 -4.72
C MET SA 81 50.53 48.39 -3.21
N LEU SA 82 49.34 48.31 -2.61
CA LEU SA 82 49.17 48.46 -1.17
C LEU SA 82 48.11 47.48 -0.71
N ALA SA 83 48.42 46.72 0.34
CA ALA SA 83 47.54 45.67 0.82
C ALA SA 83 46.81 46.11 2.08
N ILE SA 84 45.55 45.68 2.19
CA ILE SA 84 44.70 45.97 3.34
C ILE SA 84 44.11 44.63 3.79
N LYS SA 85 43.81 44.53 5.08
CA LYS SA 85 43.24 43.32 5.65
C LYS SA 85 41.92 42.95 4.95
N ARG SA 86 41.59 41.66 5.01
CA ARG SA 86 40.48 41.13 4.24
C ARG SA 86 39.15 41.67 4.74
N CYS SA 87 38.27 42.00 3.79
CA CYS SA 87 36.93 42.48 4.13
C CYS SA 87 35.99 42.19 2.97
N LYS SA 88 34.76 41.81 3.30
CA LYS SA 88 33.76 41.54 2.28
C LYS SA 88 33.18 42.81 1.67
N HIS SA 89 33.19 43.91 2.42
CA HIS SA 89 32.66 45.18 1.97
C HIS SA 89 33.81 46.08 1.52
N PHE SA 90 33.59 46.79 0.41
CA PHE SA 90 34.62 47.70 -0.11
C PHE SA 90 33.97 48.72 -1.01
N GLU SA 91 34.36 49.99 -0.84
CA GLU SA 91 33.85 51.08 -1.65
C GLU SA 91 34.82 52.24 -1.61
N LEU SA 92 34.77 53.09 -2.63
CA LEU SA 92 35.72 54.20 -2.77
C LEU SA 92 35.05 55.53 -2.47
N GLY SA 93 35.47 56.16 -1.37
CA GLY SA 93 35.07 57.53 -1.06
C GLY SA 93 33.59 57.75 -0.87
N GLY SA 94 32.86 56.77 -0.36
CA GLY SA 94 31.42 56.86 -0.21
C GLY SA 94 30.99 57.15 1.22
N ASP SA 95 29.83 57.81 1.32
CA ASP SA 95 29.03 58.01 2.54
C ASP SA 95 29.87 58.27 3.80
N LYS SA 96 30.63 59.36 3.75
CA LYS SA 96 31.37 59.82 4.93
C LYS SA 96 30.39 60.10 6.06
N LYS SA 97 30.48 59.29 7.12
CA LYS SA 97 29.45 59.27 8.15
C LYS SA 97 29.70 60.37 9.18
N ARG SA 98 28.60 60.82 9.80
CA ARG SA 98 28.65 61.84 10.83
C ARG SA 98 28.80 61.17 12.18
N LYS SA 99 28.55 61.92 13.26
CA LYS SA 99 28.61 61.36 14.61
C LYS SA 99 27.29 61.65 15.30
N GLY SA 100 26.31 60.77 15.12
CA GLY SA 100 25.07 60.83 15.86
C GLY SA 100 24.06 61.86 15.38
N GLN SA 101 23.54 61.69 14.16
CA GLN SA 101 22.46 62.53 13.65
C GLN SA 101 21.16 61.73 13.70
N VAL SA 102 20.06 62.39 13.33
CA VAL SA 102 18.74 61.77 13.42
C VAL SA 102 18.57 60.88 12.19
N ILE SA 103 18.57 59.56 12.42
CA ILE SA 103 18.44 58.59 11.35
C ILE SA 103 17.00 58.09 11.31
N GLN SA 104 16.61 57.57 10.15
CA GLN SA 104 15.27 57.04 9.97
C GLN SA 104 15.26 55.94 8.90
N ALA TA 1 -25.13 -39.19 -32.35
CA ALA TA 1 -25.58 -38.13 -31.45
C ALA TA 1 -24.63 -36.94 -31.49
N LYS TA 2 -25.00 -35.86 -30.80
CA LYS TA 2 -24.18 -34.67 -30.72
C LYS TA 2 -23.22 -34.82 -29.53
N ARG TA 3 -21.93 -34.87 -29.81
CA ARG TA 3 -20.93 -35.17 -28.80
C ARG TA 3 -20.65 -34.00 -27.87
N THR TA 4 -20.61 -32.78 -28.40
CA THR TA 4 -20.31 -31.59 -27.61
C THR TA 4 -21.40 -30.55 -27.82
N LYS TA 5 -21.48 -29.62 -26.87
CA LYS TA 5 -22.55 -28.62 -26.89
C LYS TA 5 -22.20 -27.45 -27.81
N LYS TA 6 -21.10 -26.76 -27.54
CA LYS TA 6 -20.78 -25.54 -28.28
C LYS TA 6 -19.33 -25.46 -28.73
N VAL TA 7 -18.61 -26.57 -28.73
CA VAL TA 7 -17.24 -26.63 -29.25
C VAL TA 7 -17.18 -27.72 -30.31
N GLY TA 8 -16.57 -27.40 -31.45
CA GLY TA 8 -16.45 -28.35 -32.53
C GLY TA 8 -15.05 -28.90 -32.67
N ILE TA 9 -14.33 -28.42 -33.68
CA ILE TA 9 -12.95 -28.86 -33.93
C ILE TA 9 -12.01 -28.46 -32.80
N VAL TA 10 -12.35 -27.45 -32.01
CA VAL TA 10 -11.46 -26.95 -30.96
C VAL TA 10 -11.62 -27.79 -29.69
N GLY TA 11 -12.40 -28.87 -29.76
CA GLY TA 11 -12.51 -29.78 -28.64
C GLY TA 11 -11.25 -30.57 -28.36
N LYS TA 12 -10.37 -30.67 -29.36
CA LYS TA 12 -9.07 -31.34 -29.14
C LYS TA 12 -8.16 -30.54 -28.23
N TYR TA 13 -8.39 -29.23 -28.11
CA TYR TA 13 -7.54 -28.38 -27.28
C TYR TA 13 -7.85 -28.51 -25.79
N GLY TA 14 -9.01 -29.08 -25.44
CA GLY TA 14 -9.34 -29.24 -24.03
C GLY TA 14 -9.67 -27.91 -23.38
N THR TA 15 -9.22 -27.76 -22.14
CA THR TA 15 -9.45 -26.54 -21.37
C THR TA 15 -8.36 -25.49 -21.59
N ARG TA 16 -7.38 -25.78 -22.44
CA ARG TA 16 -6.25 -24.88 -22.62
C ARG TA 16 -6.63 -23.68 -23.49
N TYR TA 17 -5.76 -22.67 -23.44
CA TYR TA 17 -5.74 -21.49 -24.30
C TYR TA 17 -6.91 -20.53 -24.10
N GLY TA 18 -7.85 -20.84 -23.22
CA GLY TA 18 -8.95 -19.92 -22.98
C GLY TA 18 -10.11 -20.11 -23.93
N ALA TA 19 -11.28 -19.56 -23.56
CA ALA TA 19 -12.47 -19.75 -24.38
C ALA TA 19 -12.42 -18.88 -25.64
N SER TA 20 -12.00 -17.62 -25.52
CA SER TA 20 -12.07 -16.71 -26.66
C SER TA 20 -11.05 -17.06 -27.72
N LEU TA 21 -9.84 -17.44 -27.32
CA LEU TA 21 -8.84 -17.86 -28.29
C LEU TA 21 -9.26 -19.14 -28.99
N ARG TA 22 -9.86 -20.08 -28.26
CA ARG TA 22 -10.40 -21.28 -28.89
C ARG TA 22 -11.59 -20.97 -29.78
N LYS TA 23 -12.34 -19.91 -29.45
CA LYS TA 23 -13.50 -19.55 -30.26
C LYS TA 23 -13.10 -18.95 -31.60
N MET TA 24 -12.14 -18.01 -31.59
CA MET TA 24 -11.75 -17.36 -32.84
C MET TA 24 -10.90 -18.28 -33.70
N VAL TA 25 -10.21 -19.25 -33.09
CA VAL TA 25 -9.49 -20.27 -33.86
C VAL TA 25 -10.50 -21.15 -34.61
N LYS TA 26 -11.66 -21.41 -34.01
CA LYS TA 26 -12.62 -22.38 -34.54
C LYS TA 26 -13.09 -22.01 -35.95
N LYS TA 27 -13.37 -20.73 -36.19
CA LYS TA 27 -13.78 -20.31 -37.52
C LYS TA 27 -12.68 -20.54 -38.55
N ILE TA 28 -11.44 -20.20 -38.20
CA ILE TA 28 -10.32 -20.40 -39.11
C ILE TA 28 -9.99 -21.88 -39.24
N GLU TA 29 -10.01 -22.60 -38.11
CA GLU TA 29 -9.63 -24.01 -38.11
C GLU TA 29 -10.61 -24.86 -38.91
N ILE TA 30 -11.90 -24.53 -38.86
CA ILE TA 30 -12.88 -25.24 -39.67
C ILE TA 30 -12.68 -24.94 -41.15
N SER TA 31 -12.49 -23.67 -41.49
CA SER TA 31 -12.38 -23.26 -42.89
C SER TA 31 -11.10 -23.73 -43.55
N GLN TA 32 -10.01 -23.88 -42.80
CA GLN TA 32 -8.74 -24.29 -43.39
C GLN TA 32 -8.67 -25.78 -43.71
N HIS TA 33 -9.62 -26.58 -43.22
CA HIS TA 33 -9.71 -27.98 -43.59
C HIS TA 33 -11.00 -28.33 -44.33
N ALA TA 34 -11.89 -27.36 -44.53
CA ALA TA 34 -13.08 -27.59 -45.32
C ALA TA 34 -12.73 -27.61 -46.80
N LYS TA 35 -13.58 -28.28 -47.58
CA LYS TA 35 -13.38 -28.40 -49.02
C LYS TA 35 -14.26 -27.40 -49.76
N TYR TA 36 -13.73 -26.86 -50.85
CA TYR TA 36 -14.39 -25.83 -51.63
C TYR TA 36 -14.62 -26.33 -53.05
N THR TA 37 -15.56 -25.69 -53.75
CA THR TA 37 -15.99 -26.10 -55.07
C THR TA 37 -14.93 -25.71 -56.09
N CYS TA 38 -14.47 -26.68 -56.88
CA CYS TA 38 -13.51 -26.40 -57.94
C CYS TA 38 -14.13 -25.52 -59.02
N SER TA 39 -13.41 -24.45 -59.38
CA SER TA 39 -13.85 -23.58 -60.47
C SER TA 39 -13.52 -24.14 -61.84
N PHE TA 40 -12.68 -25.18 -61.91
CA PHE TA 40 -12.30 -25.78 -63.18
C PHE TA 40 -13.08 -27.06 -63.47
N CYS TA 41 -13.16 -27.96 -62.49
CA CYS TA 41 -13.85 -29.23 -62.68
C CYS TA 41 -15.29 -29.19 -62.19
N GLY TA 42 -15.52 -28.64 -61.00
CA GLY TA 42 -16.82 -28.63 -60.37
C GLY TA 42 -16.94 -29.58 -59.21
N LYS TA 43 -16.06 -30.58 -59.13
CA LYS TA 43 -16.01 -31.49 -57.98
C LYS TA 43 -15.40 -30.77 -56.79
N THR TA 44 -16.06 -30.83 -55.64
CA THR TA 44 -15.54 -30.16 -54.46
C THR TA 44 -14.31 -30.91 -53.96
N LYS TA 45 -13.13 -30.47 -54.42
CA LYS TA 45 -11.86 -31.13 -54.09
C LYS TA 45 -10.78 -30.07 -53.84
N MET TA 46 -11.13 -28.99 -53.15
CA MET TA 46 -10.17 -27.97 -52.77
C MET TA 46 -9.70 -28.24 -51.34
N LYS TA 47 -8.51 -28.82 -51.22
CA LYS TA 47 -7.91 -29.15 -49.94
C LYS TA 47 -6.62 -28.37 -49.77
N ARG TA 48 -6.45 -27.77 -48.60
CA ARG TA 48 -5.25 -26.99 -48.32
C ARG TA 48 -4.08 -27.93 -48.04
N ARG TA 49 -3.02 -27.80 -48.84
CA ARG TA 49 -1.80 -28.59 -48.68
C ARG TA 49 -0.72 -27.84 -47.91
N ALA TA 50 -0.53 -26.56 -48.20
CA ALA TA 50 0.43 -25.73 -47.48
C ALA TA 50 -0.17 -24.33 -47.35
N VAL TA 51 0.67 -23.37 -47.00
CA VAL TA 51 0.21 -22.00 -46.70
C VAL TA 51 0.01 -21.28 -48.02
N GLY TA 52 -1.23 -20.91 -48.32
CA GLY TA 52 -1.54 -20.10 -49.48
C GLY TA 52 -1.78 -20.85 -50.76
N ILE TA 53 -1.65 -22.17 -50.77
CA ILE TA 53 -1.90 -22.96 -51.97
C ILE TA 53 -3.13 -23.82 -51.74
N TRP TA 54 -3.89 -24.04 -52.80
CA TRP TA 54 -5.07 -24.90 -52.76
C TRP TA 54 -5.02 -25.83 -53.96
N HIS TA 55 -5.06 -27.13 -53.68
CA HIS TA 55 -4.83 -28.17 -54.68
C HIS TA 55 -6.12 -28.90 -54.99
N CYS TA 56 -6.29 -29.26 -56.27
CA CYS TA 56 -7.48 -29.97 -56.71
C CYS TA 56 -7.21 -31.47 -56.75
N GLY TA 57 -8.06 -32.24 -56.07
CA GLY TA 57 -7.88 -33.68 -56.02
C GLY TA 57 -8.34 -34.39 -57.28
N SER TA 58 -8.99 -33.67 -58.20
CA SER TA 58 -9.45 -34.25 -59.46
C SER TA 58 -8.58 -33.80 -60.62
N CYS TA 59 -8.37 -32.49 -60.76
CA CYS TA 59 -7.60 -31.95 -61.88
C CYS TA 59 -6.10 -31.96 -61.65
N MET TA 60 -5.64 -32.35 -60.46
CA MET TA 60 -4.23 -32.32 -60.08
C MET TA 60 -3.66 -30.92 -60.26
N LYS TA 61 -4.45 -29.92 -59.88
CA LYS TA 61 -4.22 -28.53 -60.23
C LYS TA 61 -4.14 -27.69 -58.95
N THR TA 62 -3.00 -27.05 -58.74
CA THR TA 62 -2.78 -26.21 -57.56
C THR TA 62 -3.14 -24.77 -57.88
N VAL TA 63 -3.94 -24.15 -57.02
CA VAL TA 63 -4.34 -22.76 -57.16
C VAL TA 63 -3.85 -21.99 -55.94
N ALA TA 64 -3.18 -20.87 -56.18
CA ALA TA 64 -2.66 -20.03 -55.10
C ALA TA 64 -3.79 -19.21 -54.51
N GLY TA 65 -4.13 -19.48 -53.25
CA GLY TA 65 -5.22 -18.78 -52.59
C GLY TA 65 -4.84 -18.21 -51.25
N GLY TA 66 -5.82 -18.08 -50.35
CA GLY TA 66 -5.57 -17.52 -49.03
C GLY TA 66 -4.92 -18.52 -48.08
N ALA TA 67 -4.55 -18.02 -46.91
CA ALA TA 67 -3.91 -18.87 -45.91
C ALA TA 67 -4.88 -19.87 -45.32
N TRP TA 68 -6.13 -19.46 -45.11
CA TRP TA 68 -7.14 -20.33 -44.49
C TRP TA 68 -8.37 -20.53 -45.36
N THR TA 69 -8.80 -19.51 -46.08
CA THR TA 69 -9.92 -19.61 -47.01
C THR TA 69 -9.39 -19.77 -48.44
N TYR TA 70 -10.23 -20.33 -49.30
CA TYR TA 70 -9.84 -20.53 -50.69
C TYR TA 70 -9.63 -19.19 -51.40
N ASN TA 71 -10.54 -18.23 -51.18
CA ASN TA 71 -10.39 -16.88 -51.69
C ASN TA 71 -10.63 -15.90 -50.56
N THR TA 72 -9.68 -15.00 -50.33
CA THR TA 72 -9.87 -13.95 -49.35
C THR TA 72 -10.82 -12.90 -49.89
N THR TA 73 -11.47 -12.19 -48.96
CA THR TA 73 -12.43 -11.16 -49.36
C THR TA 73 -11.74 -9.99 -50.05
N SER TA 74 -10.48 -9.71 -49.69
CA SER TA 74 -9.76 -8.62 -50.33
C SER TA 74 -9.42 -8.95 -51.78
N ALA TA 75 -8.98 -10.19 -52.04
CA ALA TA 75 -8.54 -10.56 -53.39
C ALA TA 75 -9.69 -10.60 -54.38
N VAL TA 76 -10.89 -10.98 -53.93
CA VAL TA 76 -12.05 -10.97 -54.82
C VAL TA 76 -12.38 -9.54 -55.23
N THR TA 77 -12.29 -8.59 -54.30
CA THR TA 77 -12.49 -7.19 -54.62
C THR TA 77 -11.42 -6.65 -55.56
N VAL TA 78 -10.18 -7.13 -55.43
CA VAL TA 78 -9.12 -6.73 -56.35
C VAL TA 78 -9.40 -7.26 -57.75
N LYS TA 79 -9.84 -8.52 -57.85
CA LYS TA 79 -10.08 -9.13 -59.16
C LYS TA 79 -11.20 -8.41 -59.90
N SER TA 80 -12.25 -8.01 -59.19
CA SER TA 80 -13.30 -7.21 -59.81
C SER TA 80 -12.78 -5.83 -60.21
N ALA TA 81 -11.91 -5.25 -59.38
CA ALA TA 81 -11.36 -3.92 -59.65
C ALA TA 81 -10.35 -3.92 -60.79
N ILE TA 82 -9.53 -4.97 -60.91
CA ILE TA 82 -8.56 -5.04 -62.00
C ILE TA 82 -9.27 -5.27 -63.32
N ARG TA 83 -10.28 -6.13 -63.32
CA ARG TA 83 -11.07 -6.37 -64.52
C ARG TA 83 -11.83 -5.12 -64.95
N ARG TA 84 -12.28 -4.31 -63.98
CA ARG TA 84 -12.98 -3.07 -64.32
C ARG TA 84 -12.05 -2.06 -64.98
N LEU TA 85 -10.80 -1.97 -64.52
CA LEU TA 85 -9.84 -1.07 -65.14
C LEU TA 85 -9.19 -1.66 -66.39
N LYS TA 86 -9.31 -2.98 -66.58
CA LYS TA 86 -8.76 -3.60 -67.78
C LYS TA 86 -9.52 -3.15 -69.03
N GLU TA 87 -10.85 -3.19 -68.99
CA GLU TA 87 -11.68 -2.76 -70.10
C GLU TA 87 -11.84 -1.25 -70.15
N LEU TA 88 -11.44 -0.53 -69.10
CA LEU TA 88 -11.51 0.93 -69.11
C LEU TA 88 -10.38 1.51 -69.95
N LYS TA 89 -9.22 0.84 -69.95
CA LYS TA 89 -8.06 1.35 -70.67
C LYS TA 89 -8.25 1.25 -72.19
N ASP TA 90 -8.50 0.04 -72.68
CA ASP TA 90 -8.63 -0.18 -74.11
C ASP TA 90 -10.04 0.08 -74.64
N GLN TA 91 -10.97 0.46 -73.77
CA GLN TA 91 -12.36 0.77 -74.12
C GLN TA 91 -13.06 -0.39 -74.82
N SER UA 1 118.98 -3.14 11.90
CA SER UA 1 119.58 -3.30 13.21
C SER UA 1 118.85 -4.36 14.01
N ALA UA 2 119.22 -4.52 15.28
CA ALA UA 2 118.65 -5.58 16.11
C ALA UA 2 117.18 -5.31 16.42
N HIS UA 3 116.83 -4.07 16.77
CA HIS UA 3 115.45 -3.75 17.11
C HIS UA 3 114.59 -3.64 15.86
N LEU UA 4 115.17 -3.26 14.72
CA LEU UA 4 114.38 -3.11 13.50
C LEU UA 4 113.98 -4.48 12.95
N GLN UA 5 114.91 -5.44 12.93
CA GLN UA 5 114.61 -6.75 12.38
C GLN UA 5 113.75 -7.59 13.32
N TRP UA 6 113.76 -7.26 14.62
CA TRP UA 6 112.93 -8.00 15.57
C TRP UA 6 111.45 -7.78 15.32
N MET UA 7 111.05 -6.56 14.94
CA MET UA 7 109.65 -6.27 14.71
C MET UA 7 109.09 -7.00 13.49
N VAL UA 8 109.96 -7.50 12.62
CA VAL UA 8 109.53 -8.27 11.45
C VAL UA 8 109.46 -9.76 11.75
N VAL UA 9 110.45 -10.28 12.49
CA VAL UA 9 110.55 -11.72 12.70
C VAL UA 9 109.65 -12.16 13.84
N ARG UA 10 109.04 -11.22 14.56
CA ARG UA 10 108.28 -11.57 15.76
C ARG UA 10 107.02 -12.38 15.45
N ASN UA 11 106.41 -12.17 14.29
CA ASN UA 11 105.21 -12.93 13.96
C ASN UA 11 105.33 -13.75 12.69
N CYS UA 12 105.89 -13.17 11.62
CA CYS UA 12 106.00 -13.88 10.34
C CYS UA 12 107.43 -14.40 10.15
N SER UA 13 107.72 -15.49 10.84
CA SER UA 13 108.99 -16.19 10.71
C SER UA 13 108.75 -17.68 10.60
N SER UA 14 109.59 -18.35 9.81
CA SER UA 14 109.44 -19.78 9.59
C SER UA 14 109.81 -20.62 10.81
N PHE UA 15 110.73 -20.13 11.64
CA PHE UA 15 111.15 -20.89 12.81
C PHE UA 15 110.13 -20.85 13.95
N LEU UA 16 109.19 -19.91 13.93
CA LEU UA 16 108.23 -19.78 15.00
C LEU UA 16 107.08 -20.77 14.82
N ILE UA 17 106.69 -21.40 15.92
CA ILE UA 17 105.52 -22.29 15.95
C ILE UA 17 104.66 -21.91 17.15
N LYS UA 18 103.34 -21.98 16.99
CA LYS UA 18 102.39 -21.65 18.05
C LYS UA 18 101.30 -22.70 18.10
N ARG UA 19 101.19 -23.38 19.25
CA ARG UA 19 100.09 -24.30 19.51
C ARG UA 19 100.03 -24.55 21.01
N ASN UA 20 98.85 -24.98 21.46
CA ASN UA 20 98.59 -25.34 22.86
C ASN UA 20 98.93 -24.20 23.82
N LYS UA 21 98.53 -22.98 23.44
CA LYS UA 21 98.76 -21.76 24.23
C LYS UA 21 100.24 -21.54 24.53
N GLN UA 22 101.12 -21.88 23.59
CA GLN UA 22 102.55 -21.74 23.76
C GLN UA 22 103.15 -21.20 22.47
N THR UA 23 104.34 -20.61 22.61
CA THR UA 23 105.07 -20.06 21.47
C THR UA 23 106.53 -20.47 21.58
N TYR UA 24 107.07 -21.02 20.50
CA TYR UA 24 108.46 -21.48 20.46
C TYR UA 24 109.09 -21.09 19.14
N SER UA 25 110.42 -21.16 19.10
CA SER UA 25 111.19 -20.90 17.89
C SER UA 25 112.25 -21.97 17.74
N THR UA 26 112.45 -22.42 16.50
CA THR UA 26 113.40 -23.49 16.18
C THR UA 26 114.66 -22.96 15.49
N GLU UA 27 115.14 -21.80 15.91
CA GLU UA 27 116.36 -21.25 15.34
C GLU UA 27 117.56 -22.08 15.78
N PRO UA 28 118.59 -22.16 14.94
CA PRO UA 28 119.78 -22.95 15.31
C PRO UA 28 120.50 -22.44 16.54
N ASN UA 29 120.46 -21.13 16.81
CA ASN UA 29 121.17 -20.55 17.94
C ASN UA 29 120.23 -20.07 19.04
N ASN UA 30 118.95 -20.41 18.96
CA ASN UA 30 117.97 -20.00 19.97
C ASN UA 30 117.98 -21.02 21.11
N LEU UA 31 118.91 -20.82 22.03
CA LEU UA 31 118.88 -21.56 23.28
C LEU UA 31 117.68 -21.11 24.10
N LYS UA 32 117.13 -22.05 24.88
CA LYS UA 32 115.88 -21.97 25.64
C LYS UA 32 114.66 -22.07 24.72
N ALA UA 33 114.89 -22.08 23.40
CA ALA UA 33 113.91 -22.39 22.38
C ALA UA 33 112.65 -21.53 22.44
N ARG UA 34 112.74 -20.32 23.01
CA ARG UA 34 111.59 -19.45 23.16
C ARG UA 34 111.71 -18.25 22.23
N ASN UA 35 110.58 -17.79 21.71
CA ASN UA 35 110.53 -16.62 20.85
C ASN UA 35 110.66 -15.37 21.73
N SER UA 36 111.86 -14.79 21.75
CA SER UA 36 112.11 -13.61 22.57
C SER UA 36 113.22 -12.80 21.93
N PHE UA 37 113.28 -11.51 22.31
CA PHE UA 37 114.29 -10.62 21.76
C PHE UA 37 115.70 -10.99 22.23
N ARG UA 38 115.85 -11.32 23.51
CA ARG UA 38 117.17 -11.67 24.04
C ARG UA 38 117.67 -12.98 23.46
N TYR UA 39 116.81 -13.98 23.36
CA TYR UA 39 117.23 -15.34 23.02
C TYR UA 39 117.23 -15.62 21.53
N ASN UA 40 116.87 -14.66 20.69
CA ASN UA 40 116.88 -14.89 19.26
C ASN UA 40 118.32 -14.98 18.76
N GLY UA 41 118.66 -16.09 18.11
CA GLY UA 41 120.02 -16.34 17.69
C GLY UA 41 120.39 -15.64 16.40
N LEU UA 42 119.39 -15.29 15.60
CA LEU UA 42 119.64 -14.65 14.32
C LEU UA 42 119.62 -13.12 14.40
N ILE UA 43 118.95 -12.56 15.41
CA ILE UA 43 118.73 -11.12 15.43
C ILE UA 43 120.01 -10.37 15.78
N HIS UA 44 120.68 -10.77 16.86
CA HIS UA 44 121.73 -9.97 17.44
C HIS UA 44 123.06 -10.13 16.69
N ARG UA 45 123.89 -9.09 16.79
CA ARG UA 45 125.24 -9.14 16.23
C ARG UA 45 126.10 -10.19 16.94
N LYS UA 46 125.99 -10.28 18.27
CA LYS UA 46 126.76 -11.22 19.07
C LYS UA 46 125.80 -12.27 19.61
N THR UA 47 126.12 -13.54 19.38
CA THR UA 47 125.22 -14.65 19.69
C THR UA 47 126.00 -15.81 20.30
N VAL UA 48 125.45 -16.39 21.37
CA VAL UA 48 125.99 -17.60 21.98
C VAL UA 48 125.07 -18.76 21.64
N GLY UA 49 125.66 -19.86 21.16
CA GLY UA 49 124.89 -21.04 20.82
C GLY UA 49 125.50 -22.32 21.35
N VAL UA 50 124.67 -23.16 21.96
CA VAL UA 50 125.11 -24.43 22.53
C VAL UA 50 124.35 -25.55 21.83
N GLU UA 51 125.07 -26.48 21.23
CA GLU UA 51 124.51 -27.59 20.48
C GLU UA 51 125.24 -28.88 20.86
N PRO UA 52 124.59 -30.03 20.72
CA PRO UA 52 125.29 -31.30 20.95
C PRO UA 52 126.34 -31.55 19.89
N ALA UA 53 127.34 -32.35 20.26
CA ALA UA 53 128.45 -32.65 19.37
C ALA UA 53 128.00 -33.56 18.24
N ALA UA 54 128.81 -33.61 17.18
CA ALA UA 54 128.49 -34.42 16.02
C ALA UA 54 128.59 -35.91 16.32
N ASP UA 55 129.56 -36.31 17.14
CA ASP UA 55 129.75 -37.71 17.50
C ASP UA 55 128.95 -38.14 18.72
N GLY UA 56 128.17 -37.24 19.32
CA GLY UA 56 127.35 -37.56 20.46
C GLY UA 56 128.05 -37.46 21.80
N LYS UA 57 129.37 -37.23 21.80
CA LYS UA 57 130.17 -37.14 23.02
C LYS UA 57 130.74 -35.73 23.08
N GLY UA 58 130.23 -34.91 23.98
CA GLY UA 58 130.66 -33.54 24.15
C GLY UA 58 129.62 -32.55 23.67
N VAL UA 59 130.00 -31.28 23.73
CA VAL UA 59 129.14 -30.17 23.32
C VAL UA 59 129.94 -29.27 22.38
N VAL UA 60 129.27 -28.71 21.38
CA VAL UA 60 129.89 -27.70 20.53
C VAL UA 60 129.33 -26.33 20.91
N VAL UA 61 130.22 -25.35 21.02
CA VAL UA 61 129.85 -23.99 21.39
C VAL UA 61 129.96 -23.12 20.16
N VAL UA 62 128.84 -22.51 19.76
CA VAL UA 62 128.77 -21.67 18.57
C VAL UA 62 129.15 -20.25 18.95
N MET UA 63 130.15 -19.69 18.26
CA MET UA 63 130.62 -18.34 18.51
C MET UA 63 130.44 -17.53 17.23
N LYS UA 64 129.81 -16.37 17.35
CA LYS UA 64 129.53 -15.51 16.22
C LYS UA 64 130.47 -14.31 16.25
N ARG UA 65 131.24 -14.15 15.17
CA ARG UA 65 132.16 -13.02 15.07
C ARG UA 65 131.44 -11.78 14.56
N ARG UA 66 132.04 -10.63 14.82
CA ARG UA 66 131.48 -9.34 14.43
C ARG UA 66 132.02 -8.81 13.12
N SER UA 67 132.95 -9.52 12.48
CA SER UA 67 133.58 -9.02 11.26
C SER UA 67 132.67 -9.19 10.05
N GLY UA 68 132.35 -10.44 9.71
CA GLY UA 68 131.52 -10.72 8.56
C GLY UA 68 130.05 -10.84 8.87
N GLN UA 69 129.40 -9.70 9.18
CA GLN UA 69 128.00 -9.74 9.59
C GLN UA 69 127.07 -10.21 8.48
N ARG UA 70 127.33 -9.77 7.24
CA ARG UA 70 126.60 -10.26 6.08
C ARG UA 70 127.34 -11.40 5.38
N LYS UA 71 128.25 -12.07 6.09
CA LYS UA 71 128.99 -13.20 5.56
C LYS UA 71 128.73 -14.39 6.48
N PRO UA 72 127.58 -15.04 6.33
CA PRO UA 72 127.21 -16.13 7.26
C PRO UA 72 128.12 -17.35 7.20
N ALA UA 73 128.85 -17.56 6.10
CA ALA UA 73 129.75 -18.69 6.03
C ALA UA 73 130.96 -18.50 6.96
N THR UA 74 131.35 -17.24 7.17
CA THR UA 74 132.52 -16.91 7.98
C THR UA 74 132.14 -16.40 9.37
N SER UA 75 130.91 -15.89 9.53
CA SER UA 75 130.51 -15.22 10.76
C SER UA 75 130.49 -16.18 11.95
N TYR UA 76 130.28 -17.47 11.71
CA TYR UA 76 130.16 -18.45 12.78
C TYR UA 76 131.42 -19.30 12.85
N VAL UA 77 131.97 -19.44 14.05
CA VAL UA 77 133.09 -20.34 14.32
C VAL UA 77 132.66 -21.28 15.44
N ARG UA 78 133.00 -22.55 15.31
CA ARG UA 78 132.50 -23.60 16.20
C ARG UA 78 133.68 -24.25 16.91
N THR UA 79 133.57 -24.35 18.24
CA THR UA 79 134.57 -25.01 19.07
C THR UA 79 133.91 -26.14 19.83
N THR UA 80 134.59 -27.29 19.87
CA THR UA 80 134.07 -28.49 20.51
C THR UA 80 134.76 -28.69 21.85
N ILE UA 81 133.98 -28.93 22.89
CA ILE UA 81 134.48 -29.20 24.24
C ILE UA 81 134.05 -30.60 24.63
N ASN UA 82 135.01 -31.45 24.97
CA ASN UA 82 134.77 -32.84 25.33
C ASN UA 82 135.50 -33.18 26.63
N LYS UA 83 135.39 -32.30 27.61
CA LYS UA 83 136.02 -32.49 28.91
C LYS UA 83 134.98 -32.93 29.93
N ASN UA 84 135.36 -32.97 31.20
CA ASN UA 84 134.48 -33.40 32.27
C ASN UA 84 133.38 -32.36 32.50
N ALA UA 85 132.40 -32.75 33.34
CA ALA UA 85 131.21 -31.92 33.54
C ALA UA 85 131.56 -30.59 34.19
N ARG UA 86 132.44 -30.60 35.19
CA ARG UA 86 132.79 -29.35 35.87
C ARG UA 86 133.64 -28.46 34.98
N ALA UA 87 134.57 -29.05 34.22
CA ALA UA 87 135.46 -28.24 33.38
C ALA UA 87 134.74 -27.70 32.15
N THR UA 88 133.75 -28.43 31.63
CA THR UA 88 132.98 -27.93 30.49
C THR UA 88 132.17 -26.69 30.87
N LEU UA 89 131.54 -26.72 32.05
CA LEU UA 89 130.77 -25.57 32.50
C LEU UA 89 131.68 -24.40 32.88
N SER UA 90 132.92 -24.69 33.28
CA SER UA 90 133.86 -23.62 33.58
C SER UA 90 134.31 -22.89 32.33
N SER UA 91 134.47 -23.62 31.22
CA SER UA 91 134.96 -23.01 29.98
C SER UA 91 133.90 -22.11 29.34
N ILE UA 92 132.65 -22.57 29.30
CA ILE UA 92 131.58 -21.76 28.70
C ILE UA 92 131.30 -20.53 29.54
N ARG UA 93 131.46 -20.64 30.85
CA ARG UA 93 131.35 -19.47 31.72
C ARG UA 93 132.49 -18.48 31.45
N HIS UA 94 133.69 -18.99 31.14
CA HIS UA 94 134.82 -18.10 30.90
C HIS UA 94 134.72 -17.40 29.55
N MET UA 95 134.20 -18.07 28.52
CA MET UA 95 134.12 -17.45 27.20
C MET UA 95 133.10 -16.31 27.15
N ILE UA 96 132.13 -16.31 28.05
CA ILE UA 96 131.07 -15.30 28.02
C ILE UA 96 131.35 -14.16 28.98
N ARG UA 97 131.66 -14.49 30.24
CA ARG UA 97 131.86 -13.46 31.25
C ARG UA 97 133.17 -12.70 31.04
N LYS UA 98 134.26 -13.43 30.81
CA LYS UA 98 135.57 -12.77 30.74
C LYS UA 98 135.85 -12.14 29.38
N ASN UA 99 135.10 -12.51 28.35
CA ASN UA 99 135.17 -11.79 27.08
C ASN UA 99 134.12 -10.71 26.95
N LYS UA 100 133.23 -10.57 27.94
CA LYS UA 100 132.12 -9.62 27.89
C LYS UA 100 131.27 -9.80 26.64
N TYR UA 101 131.05 -11.06 26.27
CA TYR UA 101 130.37 -11.41 25.03
C TYR UA 101 128.91 -11.71 25.34
N HIS UA 102 128.06 -10.66 25.22
CA HIS UA 102 126.61 -10.72 25.35
C HIS UA 102 126.25 -11.37 26.68
N PRO UA 103 126.59 -10.74 27.81
CA PRO UA 103 126.67 -11.46 29.09
C PRO UA 103 125.34 -11.81 29.76
N ASP UA 104 124.20 -11.45 29.18
CA ASP UA 104 122.96 -11.77 29.88
C ASP UA 104 122.55 -13.23 29.70
N LEU UA 105 123.24 -13.97 28.84
CA LEU UA 105 122.91 -15.34 28.54
C LEU UA 105 123.99 -16.32 29.00
N ARG UA 106 124.84 -15.92 29.93
CA ARG UA 106 125.87 -16.83 30.43
C ARG UA 106 125.29 -18.03 31.17
N MET UA 107 124.31 -17.81 32.05
CA MET UA 107 123.72 -18.91 32.79
C MET UA 107 122.81 -19.76 31.91
N ALA UA 108 122.16 -19.14 30.91
CA ALA UA 108 121.32 -19.88 30.00
C ALA UA 108 122.12 -20.89 29.18
N ALA UA 109 123.35 -20.56 28.80
CA ALA UA 109 124.22 -21.53 28.16
C ALA UA 109 124.66 -22.61 29.14
N ILE UA 110 124.86 -22.24 30.41
CA ILE UA 110 125.21 -23.21 31.43
C ILE UA 110 124.07 -24.20 31.66
N ARG UA 111 122.83 -23.70 31.69
CA ARG UA 111 121.68 -24.58 31.84
C ARG UA 111 121.53 -25.52 30.65
N ARG UA 112 121.76 -25.02 29.43
CA ARG UA 112 121.62 -25.87 28.25
C ARG UA 112 122.72 -26.92 28.19
N ALA UA 113 123.96 -26.53 28.49
CA ALA UA 113 125.07 -27.47 28.44
C ALA UA 113 124.94 -28.54 29.53
N SER UA 114 124.42 -28.16 30.70
CA SER UA 114 124.24 -29.11 31.79
C SER UA 114 123.22 -30.18 31.47
N ALA UA 115 122.26 -29.90 30.58
CA ALA UA 115 121.28 -30.89 30.17
C ALA UA 115 121.73 -31.71 28.97
N ILE UA 116 122.50 -31.13 28.06
CA ILE UA 116 123.01 -31.87 26.92
C ILE UA 116 124.02 -32.92 27.37
N LEU UA 117 124.88 -32.56 28.33
CA LEU UA 117 125.77 -33.54 28.93
C LEU UA 117 125.00 -34.61 29.68
N ARG UA 118 123.89 -34.25 30.31
CA ARG UA 118 123.02 -35.23 30.96
C ARG UA 118 122.30 -36.09 29.94
N SER UA 119 121.96 -35.53 28.77
CA SER UA 119 121.26 -36.30 27.75
C SER UA 119 122.15 -37.40 27.18
N GLN UA 120 123.44 -37.12 26.98
CA GLN UA 120 124.37 -38.10 26.46
C GLN UA 120 124.96 -39.00 27.55
N LYS UA 121 124.58 -38.78 28.81
CA LYS UA 121 124.96 -39.67 29.87
C LYS UA 121 124.29 -41.03 29.65
N PRO UA 122 124.96 -42.14 30.00
CA PRO UA 122 124.34 -43.45 29.83
C PRO UA 122 123.04 -43.57 30.63
N VAL UA 123 122.00 -44.05 29.96
CA VAL UA 123 120.66 -44.09 30.54
C VAL UA 123 120.54 -45.28 31.48
N MET UA 124 119.90 -45.06 32.63
CA MET UA 124 119.66 -46.11 33.61
C MET UA 124 118.68 -47.14 33.04
N ARG VA 1 12.37 15.87 103.01
CA ARG VA 1 12.53 14.88 104.08
C ARG VA 1 13.73 15.22 104.96
N ALA VA 2 14.74 15.88 104.37
CA ALA VA 2 15.92 16.26 105.13
C ALA VA 2 15.60 17.29 106.20
N THR VA 3 14.72 18.26 105.89
CA THR VA 3 14.30 19.23 106.88
C THR VA 3 13.37 18.60 107.92
N TRP VA 4 12.59 17.59 107.53
CA TRP VA 4 11.74 16.90 108.49
C TRP VA 4 12.55 16.09 109.48
N LYS VA 5 13.68 15.54 109.04
CA LYS VA 5 14.57 14.81 109.95
C LYS VA 5 15.15 15.76 110.99
N SER VA 6 15.58 16.94 110.57
CA SER VA 6 16.12 17.92 111.50
C SER VA 6 15.04 18.47 112.42
N ASN VA 7 13.80 18.58 111.92
CA ASN VA 7 12.70 19.02 112.77
C ASN VA 7 12.39 18.01 113.86
N TYR VA 8 12.44 16.72 113.52
CA TYR VA 8 12.20 15.68 114.52
C TYR VA 8 13.32 15.61 115.55
N PHE VA 9 14.57 15.88 115.14
CA PHE VA 9 15.66 15.96 116.10
C PHE VA 9 15.48 17.13 117.05
N LEU VA 10 14.96 18.25 116.55
CA LEU VA 10 14.65 19.38 117.42
C LEU VA 10 13.51 19.08 118.37
N LYS VA 11 12.59 18.19 117.99
CA LYS VA 11 11.48 17.83 118.88
C LYS VA 11 11.96 16.93 120.02
N ILE VA 12 12.81 15.96 119.72
CA ILE VA 12 13.22 14.99 120.74
C ILE VA 12 14.17 15.64 121.75
N ILE VA 13 15.00 16.61 121.32
CA ILE VA 13 15.88 17.28 122.27
C ILE VA 13 15.08 18.19 123.20
N GLN VA 14 13.97 18.76 122.71
CA GLN VA 14 13.12 19.58 123.57
C GLN VA 14 12.35 18.74 124.56
N LEU VA 15 11.87 17.57 124.14
CA LEU VA 15 11.11 16.71 125.04
C LEU VA 15 11.99 16.07 126.10
N LEU VA 16 13.22 15.70 125.75
CA LEU VA 16 14.12 15.07 126.71
C LEU VA 16 14.72 16.06 127.70
N ASP VA 17 14.67 17.35 127.40
CA ASP VA 17 15.21 18.36 128.30
C ASP VA 17 14.13 18.87 129.25
N THR VA 18 15.77 3.11 114.94
CA THR VA 18 17.12 3.61 114.69
C THR VA 18 17.21 5.12 114.83
N MET VA 19 16.05 5.79 114.69
CA MET VA 19 16.01 7.24 114.81
C MET VA 19 16.34 7.69 116.23
N MET VA 20 15.75 7.02 117.23
CA MET VA 20 16.01 7.38 118.62
C MET VA 20 17.40 6.95 119.06
N ARG VA 21 17.97 5.92 118.42
CA ARG VA 21 19.29 5.44 118.78
C ARG VA 21 20.35 6.50 118.51
N LYS VA 22 20.28 7.13 117.34
CA LYS VA 22 21.24 8.19 117.01
C LYS VA 22 21.03 9.43 117.88
N ALA VA 23 19.78 9.74 118.23
CA ALA VA 23 19.51 10.87 119.12
C ALA VA 23 20.09 10.63 120.50
N ILE VA 24 19.98 9.40 121.01
CA ILE VA 24 20.56 9.08 122.31
C ILE VA 24 22.07 9.15 122.27
N ARG VA 25 22.67 8.67 121.17
CA ARG VA 25 24.13 8.77 121.01
C ARG VA 25 24.58 10.23 120.97
N GLY VA 26 23.83 11.10 120.32
CA GLY VA 26 24.15 12.51 120.33
C GLY VA 26 23.99 13.15 121.70
N HIS VA 27 23.00 12.71 122.47
CA HIS VA 27 22.78 13.23 123.82
C HIS VA 27 23.85 12.73 124.78
N THR WA 1 -85.70 93.82 -64.01
CA THR WA 1 -84.98 94.75 -64.88
C THR WA 1 -83.77 95.34 -64.16
N GLU WA 2 -83.31 94.66 -63.12
CA GLU WA 2 -82.18 95.11 -62.32
C GLU WA 2 -81.40 93.90 -61.83
N GLN WA 3 -80.15 94.15 -61.42
CA GLN WA 3 -79.31 93.14 -60.81
C GLN WA 3 -78.79 93.66 -59.48
N MET WA 4 -78.95 92.85 -58.44
CA MET WA 4 -78.78 93.32 -57.08
C MET WA 4 -77.30 93.26 -56.73
N THR WA 5 -76.78 94.31 -56.08
CA THR WA 5 -75.33 94.51 -55.99
C THR WA 5 -74.86 94.56 -54.55
N LEU WA 6 -73.54 94.51 -54.39
CA LEU WA 6 -72.87 94.49 -53.10
C LEU WA 6 -71.87 95.64 -53.01
N ARG WA 7 -71.62 96.10 -51.79
CA ARG WA 7 -70.62 97.14 -51.53
C ARG WA 7 -69.57 96.75 -50.50
N GLY WA 8 -69.94 95.98 -49.48
CA GLY WA 8 -69.02 95.62 -48.43
C GLY WA 8 -69.66 94.70 -47.42
N THR WA 9 -68.96 94.52 -46.30
CA THR WA 9 -69.43 93.69 -45.20
C THR WA 9 -69.29 94.44 -43.88
N LEU WA 10 -70.08 94.03 -42.90
CA LEU WA 10 -70.06 94.62 -41.56
C LEU WA 10 -69.84 93.50 -40.54
N LYS WA 11 -68.63 93.43 -40.00
CA LYS WA 11 -68.29 92.45 -38.96
C LYS WA 11 -68.18 93.17 -37.62
N GLY WA 12 -69.16 92.93 -36.74
CA GLY WA 12 -69.13 93.52 -35.42
C GLY WA 12 -69.76 92.64 -34.35
N HIS WA 13 -69.89 91.34 -34.62
CA HIS WA 13 -70.64 90.45 -33.76
C HIS WA 13 -69.84 89.19 -33.48
N ASN WA 14 -70.07 88.61 -32.31
CA ASN WA 14 -69.52 87.31 -31.93
C ASN WA 14 -70.52 86.18 -32.15
N GLY WA 15 -71.76 86.35 -31.71
CA GLY WA 15 -72.82 85.47 -32.12
C GLY WA 15 -73.45 85.93 -33.43
N TRP WA 16 -74.30 85.09 -34.01
CA TRP WA 16 -74.87 85.46 -35.29
C TRP WA 16 -76.02 86.46 -35.10
N VAL WA 17 -76.38 87.11 -36.20
CA VAL WA 17 -77.31 88.25 -36.15
C VAL WA 17 -78.73 87.74 -36.03
N THR WA 18 -79.48 88.28 -35.07
CA THR WA 18 -80.84 87.85 -34.80
C THR WA 18 -81.90 88.83 -35.30
N GLN WA 19 -81.63 90.12 -35.28
CA GLN WA 19 -82.58 91.11 -35.77
C GLN WA 19 -81.86 92.38 -36.20
N ILE WA 20 -82.28 92.93 -37.34
CA ILE WA 20 -81.80 94.20 -37.83
C ILE WA 20 -82.94 95.22 -37.75
N ALA WA 21 -82.66 96.37 -37.16
CA ALA WA 21 -83.68 97.36 -36.85
C ALA WA 21 -83.41 98.64 -37.64
N THR WA 22 -84.47 99.19 -38.24
CA THR WA 22 -84.38 100.37 -39.08
C THR WA 22 -85.15 101.53 -38.46
N THR WA 23 -84.88 102.73 -38.98
CA THR WA 23 -85.59 103.93 -38.59
C THR WA 23 -85.88 104.76 -39.83
N PRO WA 24 -87.01 105.47 -39.87
CA PRO WA 24 -87.32 106.31 -41.03
C PRO WA 24 -86.69 107.68 -41.01
N GLN WA 25 -86.29 108.19 -39.84
CA GLN WA 25 -85.78 109.56 -39.75
C GLN WA 25 -84.36 109.69 -40.27
N PHE WA 26 -83.48 108.79 -39.83
CA PHE WA 26 -82.06 108.89 -40.16
C PHE WA 26 -81.67 107.80 -41.14
N PRO WA 27 -81.18 108.16 -42.34
CA PRO WA 27 -80.79 107.13 -43.31
C PRO WA 27 -79.54 106.37 -42.90
N ASP WA 28 -78.61 107.03 -42.20
CA ASP WA 28 -77.37 106.40 -41.77
C ASP WA 28 -77.52 105.64 -40.46
N MET WA 29 -78.71 105.66 -39.84
CA MET WA 29 -78.92 104.93 -38.61
C MET WA 29 -79.43 103.52 -38.91
N ILE WA 30 -78.68 102.52 -38.47
CA ILE WA 30 -79.09 101.12 -38.57
C ILE WA 30 -78.72 100.44 -37.26
N LEU WA 31 -79.58 99.52 -36.83
CA LEU WA 31 -79.43 98.81 -35.57
C LEU WA 31 -79.48 97.31 -35.81
N SER WA 32 -78.62 96.57 -35.11
CA SER WA 32 -78.51 95.14 -35.31
C SER WA 32 -78.18 94.48 -33.98
N ALA WA 33 -79.13 93.74 -33.44
CA ALA WA 33 -78.88 92.84 -32.32
C ALA WA 33 -78.33 91.52 -32.83
N SER WA 34 -77.88 90.68 -31.90
CA SER WA 34 -77.25 89.42 -32.27
C SER WA 34 -77.39 88.45 -31.11
N ARG WA 35 -76.77 87.28 -31.27
CA ARG WA 35 -76.85 86.24 -30.24
C ARG WA 35 -76.17 86.70 -28.95
N ASP WA 36 -75.02 87.37 -29.09
CA ASP WA 36 -74.34 87.90 -27.91
C ASP WA 36 -75.13 89.09 -27.35
N LYS WA 37 -74.78 89.46 -26.13
CA LYS WA 37 -75.54 90.44 -25.36
C LYS WA 37 -75.37 91.87 -25.88
N THR WA 38 -74.37 92.11 -26.72
CA THR WA 38 -74.14 93.46 -27.25
C THR WA 38 -75.11 93.76 -28.38
N ILE WA 39 -75.75 94.92 -28.31
CA ILE WA 39 -76.63 95.41 -29.36
C ILE WA 39 -75.83 96.47 -30.14
N ILE WA 40 -75.33 96.08 -31.31
CA ILE WA 40 -74.39 96.91 -32.05
C ILE WA 40 -75.18 97.91 -32.90
N MET WA 41 -74.98 99.21 -32.64
CA MET WA 41 -75.50 100.26 -33.49
C MET WA 41 -74.38 100.82 -34.35
N TRP WA 42 -74.68 101.10 -35.61
CA TRP WA 42 -73.68 101.36 -36.63
C TRP WA 42 -73.75 102.80 -37.11
N LYS WA 43 -72.60 103.31 -37.56
CA LYS WA 43 -72.50 104.58 -38.28
C LYS WA 43 -72.10 104.26 -39.72
N LEU WA 44 -73.07 104.37 -40.63
CA LEU WA 44 -72.83 104.02 -42.04
C LEU WA 44 -71.93 105.07 -42.68
N THR WA 45 -70.69 104.67 -42.96
CA THR WA 45 -69.73 105.57 -43.60
C THR WA 45 -69.83 105.54 -45.12
N ARG WA 46 -70.29 104.41 -45.69
CA ARG WA 46 -70.39 104.21 -47.13
C ARG WA 46 -69.04 104.42 -47.82
N ASP WA 47 -67.98 103.87 -47.23
CA ASP WA 47 -66.64 104.02 -47.75
C ASP WA 47 -66.18 102.74 -48.44
N GLU WA 48 -65.03 102.81 -49.10
CA GLU WA 48 -64.50 101.66 -49.82
C GLU WA 48 -64.00 100.59 -48.85
N THR WA 49 -63.23 100.98 -47.83
CA THR WA 49 -62.67 100.01 -46.89
C THR WA 49 -63.77 99.35 -46.06
N ASN WA 50 -64.75 100.13 -45.62
CA ASN WA 50 -65.85 99.61 -44.80
C ASN WA 50 -67.14 100.37 -45.13
N TYR WA 51 -68.26 99.67 -45.04
CA TYR WA 51 -69.55 100.31 -45.28
C TYR WA 51 -69.99 101.13 -44.08
N GLY WA 52 -69.67 100.67 -42.87
CA GLY WA 52 -70.03 101.40 -41.67
C GLY WA 52 -69.11 101.04 -40.52
N ILE WA 53 -69.23 101.83 -39.45
CA ILE WA 53 -68.47 101.59 -38.23
C ILE WA 53 -69.43 101.62 -37.05
N PRO WA 54 -69.27 100.69 -36.10
CA PRO WA 54 -70.08 100.74 -34.89
C PRO WA 54 -69.64 101.88 -33.98
N GLN WA 55 -70.60 102.46 -33.28
CA GLN WA 55 -70.34 103.56 -32.36
C GLN WA 55 -70.67 103.22 -30.93
N ARG WA 56 -71.76 102.50 -30.68
CA ARG WA 56 -72.07 102.06 -29.32
C ARG WA 56 -72.46 100.59 -29.34
N ALA WA 57 -72.00 99.86 -28.32
CA ALA WA 57 -72.42 98.49 -28.07
C ALA WA 57 -73.30 98.50 -26.84
N LEU WA 58 -74.58 98.15 -27.01
CA LEU WA 58 -75.55 98.18 -25.92
C LEU WA 58 -75.59 96.82 -25.24
N ARG WA 59 -75.29 96.81 -23.95
CA ARG WA 59 -75.19 95.58 -23.17
C ARG WA 59 -76.07 95.67 -21.92
N GLY WA 60 -76.39 94.51 -21.36
CA GLY WA 60 -77.28 94.45 -20.21
C GLY WA 60 -78.22 93.26 -20.18
N HIS WA 61 -78.12 92.37 -21.17
CA HIS WA 61 -78.98 91.20 -21.26
C HIS WA 61 -78.24 89.97 -20.75
N SER WA 62 -78.98 89.07 -20.07
CA SER WA 62 -78.38 87.85 -19.55
C SER WA 62 -78.15 86.81 -20.63
N HIS WA 63 -79.04 86.72 -21.60
CA HIS WA 63 -79.10 85.58 -22.50
C HIS WA 63 -79.28 86.15 -23.90
N PHE WA 64 -79.62 85.29 -24.85
CA PHE WA 64 -79.60 85.63 -26.28
C PHE WA 64 -80.66 86.67 -26.60
N VAL WA 65 -80.24 87.72 -27.30
CA VAL WA 65 -81.15 88.79 -27.72
C VAL WA 65 -81.76 88.38 -29.06
N SER WA 66 -83.10 88.35 -29.13
CA SER WA 66 -83.80 87.86 -30.29
C SER WA 66 -84.24 88.98 -31.24
N ASP WA 67 -85.00 89.95 -30.75
CA ASP WA 67 -85.56 91.01 -31.57
C ASP WA 67 -85.09 92.37 -31.10
N VAL WA 68 -84.92 93.29 -32.05
CA VAL WA 68 -84.66 94.69 -31.75
C VAL WA 68 -85.38 95.53 -32.79
N VAL WA 69 -85.87 96.70 -32.36
CA VAL WA 69 -86.66 97.57 -33.23
C VAL WA 69 -86.58 98.99 -32.70
N ILE WA 70 -86.48 99.94 -33.63
CA ILE WA 70 -86.33 101.36 -33.31
C ILE WA 70 -87.69 102.02 -33.40
N SER WA 71 -87.94 102.99 -32.50
CA SER WA 71 -89.15 103.78 -32.58
C SER WA 71 -89.15 104.64 -33.84
N SER WA 72 -90.35 105.14 -34.19
CA SER WA 72 -90.47 106.07 -35.31
C SER WA 72 -89.73 107.38 -35.04
N ASP WA 73 -89.68 107.80 -33.79
CA ASP WA 73 -88.94 109.01 -33.43
C ASP WA 73 -87.44 108.83 -33.67
N GLY WA 74 -86.91 107.65 -33.31
CA GLY WA 74 -85.51 107.35 -33.51
C GLY WA 74 -84.62 107.55 -32.31
N GLN WA 75 -85.19 107.96 -31.17
CA GLN WA 75 -84.38 108.22 -29.98
C GLN WA 75 -84.31 107.02 -29.04
N PHE WA 76 -85.43 106.32 -28.82
CA PHE WA 76 -85.49 105.19 -27.91
C PHE WA 76 -85.68 103.91 -28.71
N ALA WA 77 -84.81 102.94 -28.48
CA ALA WA 77 -84.83 101.66 -29.18
C ALA WA 77 -85.11 100.54 -28.20
N LEU WA 78 -86.05 99.67 -28.55
CA LEU WA 78 -86.44 98.55 -27.71
C LEU WA 78 -85.86 97.25 -28.24
N SER WA 79 -85.51 96.36 -27.32
CA SER WA 79 -84.87 95.10 -27.65
C SER WA 79 -85.60 93.95 -26.96
N GLY WA 80 -85.51 92.77 -27.59
CA GLY WA 80 -86.09 91.56 -27.02
C GLY WA 80 -85.08 90.47 -26.83
N SER WA 81 -84.93 89.99 -25.60
CA SER WA 81 -83.94 88.97 -25.27
C SER WA 81 -84.60 87.80 -24.56
N TRP WA 82 -83.90 86.67 -24.55
CA TRP WA 82 -84.44 85.41 -24.06
C TRP WA 82 -84.50 85.32 -22.54
N ASP WA 83 -83.85 86.23 -21.81
CA ASP WA 83 -83.85 86.16 -20.35
C ASP WA 83 -85.10 86.79 -19.73
N GLY WA 84 -86.13 87.10 -20.52
CA GLY WA 84 -87.35 87.66 -20.01
C GLY WA 84 -87.31 89.16 -19.77
N THR WA 85 -86.21 89.83 -20.09
CA THR WA 85 -86.04 91.25 -19.84
C THR WA 85 -86.14 92.00 -21.17
N LEU WA 86 -87.19 92.79 -21.33
CA LEU WA 86 -87.35 93.67 -22.48
C LEU WA 86 -86.91 95.08 -22.06
N ARG WA 87 -85.97 95.65 -22.81
CA ARG WA 87 -85.35 96.90 -22.44
C ARG WA 87 -85.59 97.94 -23.53
N LEU WA 88 -86.16 99.08 -23.14
CA LEU WA 88 -86.23 100.24 -24.03
C LEU WA 88 -85.00 101.10 -23.78
N TRP WA 89 -84.07 101.09 -24.73
CA TRP WA 89 -82.76 101.68 -24.52
C TRP WA 89 -82.77 103.15 -24.90
N ASP WA 90 -81.68 103.85 -24.54
CA ASP WA 90 -81.42 105.21 -24.99
C ASP WA 90 -80.27 105.17 -25.97
N LEU WA 91 -80.50 105.67 -27.19
CA LEU WA 91 -79.56 105.47 -28.27
C LEU WA 91 -78.30 106.32 -28.11
N THR WA 92 -78.44 107.54 -27.59
CA THR WA 92 -77.28 108.43 -27.47
C THR WA 92 -76.44 108.09 -26.25
N THR WA 93 -77.04 108.17 -25.06
CA THR WA 93 -76.28 107.95 -23.83
C THR WA 93 -75.95 106.48 -23.58
N GLY WA 94 -76.64 105.56 -24.24
CA GLY WA 94 -76.37 104.15 -24.05
C GLY WA 94 -76.80 103.61 -22.70
N THR WA 95 -78.10 103.69 -22.41
CA THR WA 95 -78.62 103.20 -21.14
C THR WA 95 -80.07 102.79 -21.33
N THR WA 96 -80.55 101.95 -20.41
CA THR WA 96 -81.93 101.51 -20.43
C THR WA 96 -82.84 102.53 -19.77
N THR WA 97 -83.88 102.96 -20.48
CA THR WA 97 -84.85 103.88 -19.90
C THR WA 97 -85.63 103.22 -18.77
N ARG WA 98 -86.23 102.06 -19.06
CA ARG WA 98 -86.88 101.24 -18.05
C ARG WA 98 -87.03 99.83 -18.59
N ARG WA 99 -87.31 98.90 -17.70
CA ARG WA 99 -87.29 97.47 -18.00
C ARG WA 99 -88.70 96.89 -17.94
N PHE WA 100 -89.05 96.06 -18.92
CA PHE WA 100 -90.30 95.31 -18.89
C PHE WA 100 -90.09 93.99 -18.14
N VAL WA 101 -90.93 93.74 -17.15
CA VAL WA 101 -90.84 92.54 -16.32
C VAL WA 101 -92.18 91.83 -16.38
N GLY WA 102 -92.14 90.50 -16.47
CA GLY WA 102 -93.37 89.72 -16.42
C GLY WA 102 -93.42 88.49 -17.29
N HIS WA 103 -92.51 88.38 -18.26
CA HIS WA 103 -92.49 87.20 -19.11
C HIS WA 103 -91.73 86.06 -18.44
N THR WA 104 -92.18 84.83 -18.71
CA THR WA 104 -91.64 83.67 -18.02
C THR WA 104 -90.57 82.96 -18.84
N LYS WA 105 -90.74 82.91 -20.15
CA LYS WA 105 -89.86 82.15 -21.04
C LYS WA 105 -89.14 83.10 -22.00
N ASP WA 106 -88.43 82.51 -22.96
CA ASP WA 106 -87.62 83.28 -23.90
C ASP WA 106 -88.51 84.15 -24.78
N VAL WA 107 -88.14 85.42 -24.92
CA VAL WA 107 -88.88 86.36 -25.76
C VAL WA 107 -88.35 86.28 -27.18
N LEU WA 108 -89.23 85.99 -28.13
CA LEU WA 108 -88.80 85.77 -29.51
C LEU WA 108 -88.97 87.01 -30.39
N SER WA 109 -90.03 87.79 -30.21
CA SER WA 109 -90.27 88.94 -31.07
C SER WA 109 -91.07 90.00 -30.32
N VAL WA 110 -91.01 91.22 -30.84
CA VAL WA 110 -91.63 92.38 -30.21
C VAL WA 110 -91.71 93.49 -31.26
N ALA WA 111 -92.65 94.42 -31.07
CA ALA WA 111 -92.78 95.55 -31.98
C ALA WA 111 -93.47 96.72 -31.26
N PHE WA 112 -93.25 97.93 -31.80
CA PHE WA 112 -93.94 99.12 -31.33
C PHE WA 112 -95.33 99.23 -31.94
N SER WA 113 -96.00 100.32 -31.61
CA SER WA 113 -97.19 100.78 -32.31
C SER WA 113 -96.80 101.92 -33.24
N SER WA 114 -97.80 102.62 -33.79
CA SER WA 114 -97.52 103.77 -34.63
C SER WA 114 -96.91 104.92 -33.81
N ASP WA 115 -97.41 105.13 -32.59
CA ASP WA 115 -96.96 106.22 -31.74
C ASP WA 115 -96.19 105.72 -30.52
N ASN WA 116 -95.75 104.46 -30.53
CA ASN WA 116 -94.97 103.84 -29.45
C ASN WA 116 -95.69 103.91 -28.11
N ARG WA 117 -97.01 103.69 -28.11
CA ARG WA 117 -97.78 103.75 -26.88
C ARG WA 117 -98.39 102.41 -26.46
N GLN WA 118 -98.56 101.47 -27.38
CA GLN WA 118 -98.96 100.11 -27.05
C GLN WA 118 -97.94 99.14 -27.63
N ILE WA 119 -97.33 98.33 -26.76
CA ILE WA 119 -96.28 97.40 -27.14
C ILE WA 119 -96.76 95.99 -26.87
N VAL WA 120 -96.72 95.14 -27.89
CA VAL WA 120 -97.14 93.74 -27.79
C VAL WA 120 -95.91 92.87 -27.96
N SER WA 121 -95.69 91.95 -27.02
CA SER WA 121 -94.51 91.09 -27.00
C SER WA 121 -94.90 89.65 -27.30
N GLY WA 122 -94.01 88.94 -27.99
CA GLY WA 122 -94.21 87.53 -28.29
C GLY WA 122 -93.10 86.68 -27.72
N SER WA 123 -93.44 85.81 -26.77
CA SER WA 123 -92.45 84.99 -26.07
C SER WA 123 -92.87 83.53 -26.12
N ARG WA 124 -91.99 82.66 -25.64
CA ARG WA 124 -92.21 81.23 -25.68
C ARG WA 124 -93.22 80.75 -24.65
N ASP WA 125 -93.63 81.60 -23.72
CA ASP WA 125 -94.73 81.24 -22.85
C ASP WA 125 -96.07 81.42 -23.59
N LYS WA 126 -97.12 80.85 -23.04
CA LYS WA 126 -98.42 80.84 -23.71
C LYS WA 126 -99.24 82.08 -23.40
N THR WA 127 -98.62 83.26 -23.54
CA THR WA 127 -99.28 84.53 -23.34
C THR WA 127 -98.83 85.52 -24.41
N ILE WA 128 -99.69 86.49 -24.69
CA ILE WA 128 -99.37 87.60 -25.57
C ILE WA 128 -99.58 88.86 -24.74
N LYS WA 129 -98.52 89.34 -24.11
CA LYS WA 129 -98.61 90.43 -23.14
C LYS WA 129 -98.53 91.78 -23.83
N LEU WA 130 -99.38 92.70 -23.43
CA LEU WA 130 -99.40 94.07 -23.95
C LEU WA 130 -98.87 95.01 -22.87
N TRP WA 131 -97.86 95.79 -23.23
CA TRP WA 131 -97.21 96.72 -22.31
C TRP WA 131 -97.50 98.16 -22.70
N ASN WA 132 -97.11 99.07 -21.81
CA ASN WA 132 -97.13 100.50 -22.05
C ASN WA 132 -95.77 101.08 -21.69
N THR WA 133 -95.60 102.38 -21.97
CA THR WA 133 -94.39 103.08 -21.58
C THR WA 133 -94.44 103.63 -20.17
N LEU WA 134 -95.57 103.45 -19.46
CA LEU WA 134 -95.70 103.90 -18.09
C LEU WA 134 -95.46 102.79 -17.08
N GLY WA 135 -95.59 101.52 -17.47
CA GLY WA 135 -95.34 100.41 -16.58
C GLY WA 135 -96.60 99.75 -16.06
N VAL WA 136 -97.60 99.60 -16.92
CA VAL WA 136 -98.87 98.97 -16.55
C VAL WA 136 -99.07 97.75 -17.43
N CYS WA 137 -99.30 96.60 -16.81
CA CYS WA 137 -99.69 95.40 -17.54
C CYS WA 137 -101.14 95.52 -17.97
N LYS WA 138 -101.38 95.89 -19.22
CA LYS WA 138 -102.72 96.29 -19.63
C LYS WA 138 -103.63 95.09 -19.86
N TYR WA 139 -103.31 94.25 -20.85
CA TYR WA 139 -104.10 93.06 -21.13
C TYR WA 139 -103.18 91.87 -21.39
N THR WA 140 -103.59 90.70 -20.89
CA THR WA 140 -102.87 89.46 -21.11
C THR WA 140 -103.89 88.34 -21.29
N VAL WA 141 -103.61 87.43 -22.22
CA VAL WA 141 -104.49 86.31 -22.52
C VAL WA 141 -103.76 85.00 -22.21
N GLN WA 142 -104.44 84.11 -21.49
CA GLN WA 142 -103.87 82.83 -21.11
C GLN WA 142 -104.65 81.64 -21.69
N ASP WA 143 -105.97 81.60 -21.48
CA ASP WA 143 -106.75 80.49 -21.99
C ASP WA 143 -107.07 80.67 -23.47
N GLU WA 144 -107.78 81.73 -23.82
CA GLU WA 144 -108.04 82.01 -25.23
C GLU WA 144 -106.82 82.68 -25.84
N SER WA 145 -105.90 81.86 -26.34
CA SER WA 145 -104.64 82.32 -26.89
C SER WA 145 -104.03 81.18 -27.70
N HIS WA 146 -102.77 81.35 -28.09
CA HIS WA 146 -102.02 80.27 -28.70
C HIS WA 146 -101.89 79.10 -27.72
N SER WA 147 -102.18 77.90 -28.18
CA SER WA 147 -102.10 76.73 -27.30
C SER WA 147 -100.65 76.42 -26.92
N GLU WA 148 -99.71 76.61 -27.83
CA GLU WA 148 -98.29 76.47 -27.56
C GLU WA 148 -97.60 77.77 -27.98
N TRP WA 149 -96.26 77.78 -28.04
CA TRP WA 149 -95.47 79.00 -27.99
C TRP WA 149 -95.91 80.04 -29.03
N VAL WA 150 -95.70 81.31 -28.69
CA VAL WA 150 -96.02 82.44 -29.55
C VAL WA 150 -94.71 82.93 -30.17
N SER WA 151 -94.58 82.81 -31.49
CA SER WA 151 -93.30 83.10 -32.13
C SER WA 151 -93.10 84.58 -32.40
N CYS WA 152 -93.99 85.18 -33.19
CA CYS WA 152 -93.78 86.56 -33.66
C CYS WA 152 -95.03 87.38 -33.44
N VAL WA 153 -94.83 88.68 -33.16
CA VAL WA 153 -95.90 89.64 -33.03
C VAL WA 153 -95.57 90.85 -33.88
N ARG WA 154 -96.57 91.39 -34.58
CA ARG WA 154 -96.39 92.56 -35.43
C ARG WA 154 -97.62 93.45 -35.34
N PHE WA 155 -97.46 94.69 -35.78
CA PHE WA 155 -98.54 95.66 -35.85
C PHE WA 155 -98.85 96.01 -37.29
N SER WA 156 -100.05 96.55 -37.50
CA SER WA 156 -100.45 97.01 -38.82
C SER WA 156 -100.09 98.49 -38.97
N PRO WA 157 -99.31 98.86 -39.99
CA PRO WA 157 -99.03 100.29 -40.21
C PRO WA 157 -100.27 101.11 -40.46
N ASN WA 158 -101.31 100.53 -41.07
CA ASN WA 158 -102.58 101.20 -41.23
C ASN WA 158 -103.26 101.22 -39.87
N SER WA 159 -103.15 102.35 -39.16
CA SER WA 159 -103.68 102.48 -37.81
C SER WA 159 -105.20 102.59 -37.77
N SER WA 160 -105.85 102.76 -38.93
CA SER WA 160 -107.31 102.79 -38.96
C SER WA 160 -107.90 101.45 -38.55
N ASN WA 161 -107.27 100.35 -38.95
CA ASN WA 161 -107.73 99.03 -38.55
C ASN WA 161 -107.09 98.64 -37.23
N PRO WA 162 -107.87 98.43 -36.17
CA PRO WA 162 -107.31 97.95 -34.89
C PRO WA 162 -106.92 96.48 -34.95
N ILE WA 163 -105.86 96.19 -35.73
CA ILE WA 163 -105.46 94.83 -36.05
C ILE WA 163 -104.01 94.65 -35.64
N ILE WA 164 -103.74 93.60 -34.85
CA ILE WA 164 -102.39 93.16 -34.57
C ILE WA 164 -102.28 91.69 -34.94
N VAL WA 165 -101.19 91.34 -35.60
CA VAL WA 165 -100.99 90.01 -36.15
C VAL WA 165 -99.94 89.30 -35.32
N SER WA 166 -100.31 88.16 -34.74
CA SER WA 166 -99.44 87.39 -33.87
C SER WA 166 -99.53 85.92 -34.23
N CYS WA 167 -98.43 85.35 -34.72
CA CYS WA 167 -98.37 83.93 -35.02
C CYS WA 167 -97.85 83.18 -33.80
N GLY WA 168 -97.67 81.88 -33.96
CA GLY WA 168 -97.14 81.08 -32.88
C GLY WA 168 -96.66 79.73 -33.38
N TRP WA 169 -96.26 78.90 -32.42
CA TRP WA 169 -95.78 77.55 -32.69
C TRP WA 169 -96.92 76.60 -33.08
N ASP WA 170 -98.17 76.98 -32.84
CA ASP WA 170 -99.33 76.14 -33.10
C ASP WA 170 -99.84 76.29 -34.52
N LYS WA 171 -99.02 76.81 -35.43
CA LYS WA 171 -99.33 76.93 -36.86
C LYS WA 171 -100.59 77.75 -37.12
N LEU WA 172 -100.85 78.75 -36.27
CA LEU WA 172 -102.01 79.62 -36.42
C LEU WA 172 -101.56 81.08 -36.41
N VAL WA 173 -102.06 81.85 -37.37
CA VAL WA 173 -101.80 83.29 -37.44
C VAL WA 173 -102.97 83.96 -36.76
N LYS WA 174 -102.84 84.23 -35.46
CA LYS WA 174 -103.92 84.82 -34.68
C LYS WA 174 -103.90 86.34 -34.86
N VAL WA 175 -105.02 86.89 -35.31
CA VAL WA 175 -105.19 88.33 -35.50
C VAL WA 175 -106.12 88.83 -34.40
N TRP WA 176 -105.66 89.81 -33.63
CA TRP WA 176 -106.36 90.30 -32.48
C TRP WA 176 -106.90 91.71 -32.72
N ASN WA 177 -107.95 92.05 -31.97
CA ASN WA 177 -108.59 93.35 -32.07
C ASN WA 177 -108.08 94.25 -30.95
N LEU WA 178 -107.59 95.43 -31.33
CA LEU WA 178 -107.06 96.36 -30.33
C LEU WA 178 -108.15 96.97 -29.47
N ALA WA 179 -109.33 97.21 -30.06
CA ALA WA 179 -110.40 97.89 -29.33
C ALA WA 179 -111.06 96.97 -28.31
N ASN WA 180 -111.62 95.86 -28.77
CA ASN WA 180 -112.37 94.96 -27.89
C ASN WA 180 -111.47 94.01 -27.11
N CYS WA 181 -110.16 93.99 -27.41
CA CYS WA 181 -109.18 93.15 -26.73
C CYS WA 181 -109.55 91.67 -26.84
N LYS WA 182 -109.71 91.22 -28.08
CA LYS WA 182 -110.01 89.82 -28.39
C LYS WA 182 -109.48 89.54 -29.78
N LEU WA 183 -109.50 88.25 -30.16
CA LEU WA 183 -109.05 87.89 -31.48
C LEU WA 183 -110.10 88.25 -32.53
N LYS WA 184 -109.64 88.51 -33.75
CA LYS WA 184 -110.51 88.81 -34.87
C LYS WA 184 -110.65 87.62 -35.82
N THR WA 185 -109.53 87.06 -36.26
CA THR WA 185 -109.54 85.93 -37.17
C THR WA 185 -108.28 85.11 -36.99
N ASN WA 186 -108.35 83.85 -37.44
CA ASN WA 186 -107.24 82.93 -37.43
C ASN WA 186 -106.98 82.45 -38.84
N HIS WA 187 -105.72 82.14 -39.14
CA HIS WA 187 -105.28 81.81 -40.51
C HIS WA 187 -104.67 80.41 -40.48
N ILE WA 188 -105.49 79.40 -40.74
CA ILE WA 188 -105.07 78.01 -40.69
C ILE WA 188 -104.52 77.61 -42.06
N GLY WA 189 -103.51 76.72 -42.07
CA GLY WA 189 -103.03 76.19 -43.32
C GLY WA 189 -101.54 75.97 -43.48
N HIS WA 190 -100.74 76.30 -42.46
CA HIS WA 190 -99.30 76.15 -42.53
C HIS WA 190 -98.88 74.77 -42.01
N THR WA 191 -98.00 74.11 -42.76
CA THR WA 191 -97.40 72.85 -42.34
C THR WA 191 -96.09 73.15 -41.61
N GLY WA 192 -96.06 72.84 -40.32
CA GLY WA 192 -94.94 73.23 -39.48
C GLY WA 192 -95.20 74.54 -38.77
N TYR WA 193 -94.48 74.76 -37.67
CA TYR WA 193 -94.73 75.91 -36.83
C TYR WA 193 -94.32 77.21 -37.54
N LEU WA 194 -94.95 78.29 -37.12
CA LEU WA 194 -94.76 79.59 -37.76
C LEU WA 194 -93.54 80.29 -37.16
N ASN WA 195 -92.70 80.84 -38.03
CA ASN WA 195 -91.47 81.49 -37.57
C ASN WA 195 -91.60 83.01 -37.61
N THR WA 196 -91.92 83.58 -38.77
CA THR WA 196 -91.86 85.01 -38.98
C THR WA 196 -93.17 85.55 -39.54
N VAL WA 197 -93.44 86.81 -39.21
CA VAL WA 197 -94.59 87.55 -39.73
C VAL WA 197 -94.14 88.97 -40.05
N THR WA 198 -94.55 89.48 -41.21
CA THR WA 198 -94.37 90.89 -41.54
C THR WA 198 -95.70 91.44 -42.06
N VAL WA 199 -95.91 92.73 -41.86
CA VAL WA 199 -97.13 93.41 -42.29
C VAL WA 199 -96.73 94.53 -43.24
N SER WA 200 -97.38 94.59 -44.40
CA SER WA 200 -97.06 95.60 -45.40
C SER WA 200 -97.46 96.99 -44.93
N PRO WA 201 -96.76 98.03 -45.38
CA PRO WA 201 -97.18 99.40 -45.06
C PRO WA 201 -98.55 99.77 -45.61
N ASP WA 202 -99.03 99.08 -46.64
CA ASP WA 202 -100.36 99.36 -47.16
C ASP WA 202 -101.45 98.97 -46.18
N GLY WA 203 -101.16 98.02 -45.28
CA GLY WA 203 -102.16 97.58 -44.33
C GLY WA 203 -103.21 96.68 -44.90
N SER WA 204 -102.94 96.05 -46.05
CA SER WA 204 -103.91 95.19 -46.73
C SER WA 204 -103.53 93.72 -46.68
N LEU WA 205 -102.28 93.38 -46.94
CA LEU WA 205 -101.84 91.99 -47.05
C LEU WA 205 -100.78 91.68 -46.01
N CYS WA 206 -100.82 90.47 -45.47
CA CYS WA 206 -99.89 90.00 -44.45
C CYS WA 206 -99.28 88.68 -44.89
N ALA WA 207 -98.04 88.43 -44.45
CA ALA WA 207 -97.28 87.26 -44.85
C ALA WA 207 -96.85 86.45 -43.64
N SER WA 208 -96.59 85.16 -43.88
CA SER WA 208 -96.11 84.25 -42.85
C SER WA 208 -95.35 83.12 -43.53
N GLY WA 209 -94.17 82.79 -42.99
CA GLY WA 209 -93.31 81.77 -43.56
C GLY WA 209 -92.93 80.71 -42.54
N GLY WA 210 -92.14 79.74 -43.01
CA GLY WA 210 -91.71 78.66 -42.15
C GLY WA 210 -90.77 77.70 -42.86
N LYS WA 211 -90.87 76.42 -42.47
CA LYS WA 211 -89.96 75.39 -42.94
C LYS WA 211 -90.24 74.97 -44.38
N ASP WA 212 -91.51 74.87 -44.76
CA ASP WA 212 -91.85 74.39 -46.09
C ASP WA 212 -91.53 75.38 -47.20
N GLY WA 213 -91.18 76.61 -46.86
CA GLY WA 213 -90.94 77.63 -47.85
C GLY WA 213 -92.19 78.20 -48.48
N GLN WA 214 -93.36 77.96 -47.89
CA GLN WA 214 -94.64 78.35 -48.46
C GLN WA 214 -95.09 79.67 -47.83
N ALA WA 215 -95.17 80.72 -48.65
CA ALA WA 215 -95.57 82.03 -48.17
C ALA WA 215 -97.04 82.25 -48.51
N MET WA 216 -97.91 81.88 -47.57
CA MET WA 216 -99.35 82.10 -47.71
C MET WA 216 -99.65 83.57 -47.45
N LEU WA 217 -100.12 84.27 -48.48
CA LEU WA 217 -100.50 85.67 -48.35
C LEU WA 217 -101.97 85.79 -48.05
N TRP WA 218 -102.30 86.55 -47.01
CA TRP WA 218 -103.68 86.73 -46.56
C TRP WA 218 -103.99 88.22 -46.52
N ASP WA 219 -105.28 88.54 -46.57
CA ASP WA 219 -105.76 89.92 -46.60
C ASP WA 219 -106.25 90.33 -45.21
N LEU WA 220 -105.82 91.51 -44.75
CA LEU WA 220 -106.23 91.99 -43.44
C LEU WA 220 -107.71 92.36 -43.40
N ASN WA 221 -108.24 92.94 -44.48
CA ASN WA 221 -109.64 93.36 -44.50
C ASN WA 221 -110.57 92.17 -44.42
N GLU WA 222 -110.27 91.09 -45.14
CA GLU WA 222 -111.04 89.86 -45.08
C GLU WA 222 -110.09 88.67 -45.16
N GLY WA 223 -110.24 87.72 -44.26
CA GLY WA 223 -109.31 86.61 -44.14
C GLY WA 223 -109.41 85.59 -45.26
N LYS WA 224 -109.02 85.99 -46.47
CA LYS WA 224 -109.07 85.12 -47.64
C LYS WA 224 -107.65 84.83 -48.11
N HIS WA 225 -107.34 83.55 -48.29
CA HIS WA 225 -106.04 83.17 -48.83
C HIS WA 225 -106.00 83.46 -50.32
N LEU WA 226 -104.92 84.12 -50.77
CA LEU WA 226 -104.80 84.50 -52.18
C LEU WA 226 -104.05 83.45 -53.00
N TYR WA 227 -102.79 83.20 -52.64
CA TYR WA 227 -101.88 82.34 -53.40
C TYR WA 227 -100.63 82.10 -52.57
N THR WA 228 -99.76 81.21 -53.08
CA THR WA 228 -98.60 80.73 -52.34
C THR WA 228 -97.42 80.57 -53.29
N LEU WA 229 -96.21 80.82 -52.78
CA LEU WA 229 -94.97 80.61 -53.53
C LEU WA 229 -94.06 79.68 -52.73
N ASP WA 230 -93.39 78.78 -53.42
CA ASP WA 230 -92.48 77.83 -52.78
C ASP WA 230 -91.11 78.46 -52.57
N GLY WA 231 -90.58 78.29 -51.36
CA GLY WA 231 -89.23 78.72 -51.05
C GLY WA 231 -88.32 77.55 -50.75
N GLY WA 232 -88.93 76.40 -50.43
CA GLY WA 232 -88.19 75.17 -50.22
C GLY WA 232 -87.58 75.05 -48.84
N ASP WA 233 -86.52 75.81 -48.58
CA ASP WA 233 -85.75 75.69 -47.35
C ASP WA 233 -86.30 76.67 -46.30
N ILE WA 234 -85.57 76.87 -45.22
CA ILE WA 234 -86.08 77.52 -44.02
C ILE WA 234 -86.29 79.01 -44.29
N ILE WA 235 -87.49 79.51 -43.99
CA ILE WA 235 -87.77 80.94 -44.02
C ILE WA 235 -87.64 81.45 -42.60
N ASN WA 236 -86.53 82.13 -42.32
CA ASN WA 236 -86.30 82.66 -40.97
C ASN WA 236 -86.97 84.02 -40.77
N ALA WA 237 -86.97 84.87 -41.80
CA ALA WA 237 -87.53 86.20 -41.69
C ALA WA 237 -88.20 86.59 -43.01
N LEU WA 238 -89.28 87.36 -42.89
CA LEU WA 238 -89.97 87.94 -44.03
C LEU WA 238 -90.03 89.45 -43.85
N CYS WA 239 -89.98 90.18 -44.97
CA CYS WA 239 -89.94 91.64 -44.91
C CYS WA 239 -90.63 92.22 -46.13
N PHE WA 240 -91.53 93.17 -45.90
CA PHE WA 240 -92.16 93.90 -46.98
C PHE WA 240 -91.33 95.12 -47.36
N SER WA 241 -91.19 95.34 -48.67
CA SER WA 241 -90.46 96.52 -49.14
C SER WA 241 -91.30 97.77 -48.93
N PRO WA 242 -90.76 98.83 -48.32
CA PRO WA 242 -91.56 100.06 -48.17
C PRO WA 242 -91.72 100.82 -49.48
N ASN WA 243 -90.70 100.84 -50.33
CA ASN WA 243 -90.77 101.63 -51.56
C ASN WA 243 -91.41 100.87 -52.71
N ARG WA 244 -91.32 99.54 -52.71
CA ARG WA 244 -91.84 98.72 -53.79
C ARG WA 244 -92.91 97.78 -53.24
N TYR WA 245 -93.64 97.17 -54.16
CA TYR WA 245 -94.74 96.27 -53.80
C TYR WA 245 -94.22 94.82 -53.78
N TRP WA 246 -93.21 94.63 -52.93
CA TRP WA 246 -92.42 93.40 -52.89
C TRP WA 246 -92.50 92.75 -51.51
N LEU WA 247 -92.11 91.48 -51.46
CA LEU WA 247 -91.99 90.73 -50.22
C LEU WA 247 -90.65 90.01 -50.22
N CYS WA 248 -89.74 90.44 -49.36
CA CYS WA 248 -88.44 89.80 -49.23
C CYS WA 248 -88.53 88.60 -48.30
N ALA WA 249 -87.64 87.63 -48.51
CA ALA WA 249 -87.69 86.39 -47.76
C ALA WA 249 -86.26 85.96 -47.39
N ALA WA 250 -86.13 85.43 -46.17
CA ALA WA 250 -84.87 84.86 -45.71
C ALA WA 250 -84.93 83.34 -45.89
N THR WA 251 -84.81 82.91 -47.15
CA THR WA 251 -84.95 81.49 -47.50
C THR WA 251 -83.60 80.79 -47.35
N GLY WA 252 -83.19 80.62 -46.11
CA GLY WA 252 -81.94 79.97 -45.79
C GLY WA 252 -80.73 80.70 -46.30
N PRO WA 253 -79.83 79.98 -46.98
CA PRO WA 253 -78.63 80.63 -47.54
C PRO WA 253 -78.90 81.53 -48.74
N SER WA 254 -80.11 81.50 -49.29
CA SER WA 254 -80.47 82.33 -50.44
C SER WA 254 -81.55 83.33 -50.04
N ILE WA 255 -81.41 84.56 -50.51
CA ILE WA 255 -82.40 85.61 -50.26
C ILE WA 255 -83.16 85.82 -51.57
N LYS WA 256 -84.44 85.46 -51.55
CA LYS WA 256 -85.29 85.53 -52.74
C LYS WA 256 -86.32 86.63 -52.56
N ILE WA 257 -86.23 87.65 -53.41
CA ILE WA 257 -87.22 88.72 -53.45
C ILE WA 257 -88.29 88.35 -54.47
N TRP WA 258 -89.52 88.76 -54.20
CA TRP WA 258 -90.64 88.42 -55.06
C TRP WA 258 -91.58 89.61 -55.19
N ASP WA 259 -92.12 89.79 -56.39
CA ASP WA 259 -93.18 90.76 -56.62
C ASP WA 259 -94.53 90.12 -56.37
N LEU WA 260 -95.39 90.82 -55.64
CA LEU WA 260 -96.68 90.24 -55.28
C LEU WA 260 -97.63 90.20 -56.47
N GLU WA 261 -97.62 91.25 -57.30
CA GLU WA 261 -98.48 91.27 -58.48
C GLU WA 261 -97.99 90.28 -59.52
N GLY WA 262 -96.75 90.44 -59.97
CA GLY WA 262 -96.15 89.48 -60.88
C GLY WA 262 -95.43 88.37 -60.14
N LYS WA 263 -96.02 87.19 -60.12
CA LYS WA 263 -95.52 86.06 -59.33
C LYS WA 263 -94.26 85.50 -60.00
N ILE WA 264 -93.15 86.19 -59.79
CA ILE WA 264 -91.87 85.78 -60.36
C ILE WA 264 -90.78 86.35 -59.46
N ILE WA 265 -89.58 85.75 -59.56
CA ILE WA 265 -88.45 86.19 -58.76
C ILE WA 265 -87.63 87.21 -59.56
N VAL WA 266 -87.24 88.29 -58.89
CA VAL WA 266 -86.42 89.33 -59.49
C VAL WA 266 -84.94 89.01 -59.37
N ASP WA 267 -84.47 88.75 -58.15
CA ASP WA 267 -83.09 88.40 -57.91
C ASP WA 267 -82.99 87.44 -56.73
N GLU WA 268 -82.06 86.50 -56.83
CA GLU WA 268 -81.77 85.55 -55.76
C GLU WA 268 -80.35 85.77 -55.27
N LEU WA 269 -80.20 85.96 -53.97
CA LEU WA 269 -78.93 86.36 -53.37
C LEU WA 269 -78.25 85.14 -52.74
N LYS WA 270 -77.53 84.39 -53.55
CA LYS WA 270 -76.61 83.37 -53.07
C LYS WA 270 -75.20 83.94 -53.09
N GLN WA 271 -74.55 83.98 -51.93
CA GLN WA 271 -73.20 84.51 -51.84
C GLN WA 271 -72.22 83.62 -52.58
N GLU WA 272 -71.24 84.26 -53.23
CA GLU WA 272 -70.22 83.56 -54.01
C GLU WA 272 -69.00 83.17 -53.19
N VAL WA 273 -69.14 83.07 -51.87
CA VAL WA 273 -68.01 82.85 -50.97
C VAL WA 273 -68.04 81.43 -50.41
N ILE WA 274 -68.59 80.49 -51.18
CA ILE WA 274 -68.69 79.10 -50.75
C ILE WA 274 -67.29 78.53 -50.53
N SER WA 275 -66.95 78.26 -49.28
CA SER WA 275 -65.68 77.67 -48.91
C SER WA 275 -65.82 76.42 -48.06
N THR WA 276 -66.86 76.35 -47.22
CA THR WA 276 -67.11 75.18 -46.38
C THR WA 276 -68.00 74.18 -47.12
N SER WA 277 -67.56 73.78 -48.30
CA SER WA 277 -68.29 72.80 -49.09
C SER WA 277 -67.99 71.37 -48.66
N SER WA 278 -66.95 71.16 -47.86
CA SER WA 278 -66.57 69.82 -47.41
C SER WA 278 -67.30 69.52 -46.10
N LYS WA 279 -68.29 68.62 -46.18
CA LYS WA 279 -69.10 68.12 -45.05
C LYS WA 279 -69.56 69.25 -44.13
N ALA WA 280 -69.95 70.38 -44.71
CA ALA WA 280 -70.42 71.52 -43.94
C ALA WA 280 -71.52 72.21 -44.74
N GLU WA 281 -71.99 73.34 -44.21
CA GLU WA 281 -73.11 74.06 -44.78
C GLU WA 281 -72.80 75.55 -44.88
N PRO WA 282 -73.14 76.19 -45.99
CA PRO WA 282 -73.02 77.65 -46.08
C PRO WA 282 -73.98 78.34 -45.12
N PRO WA 283 -73.67 79.55 -44.67
CA PRO WA 283 -74.54 80.23 -43.70
C PRO WA 283 -75.90 80.55 -44.27
N GLN WA 284 -76.90 80.57 -43.39
CA GLN WA 284 -78.28 80.80 -43.75
C GLN WA 284 -78.74 82.15 -43.21
N CYS WA 285 -79.57 82.84 -43.98
CA CYS WA 285 -80.05 84.16 -43.56
C CYS WA 285 -81.02 84.02 -42.40
N THR WA 286 -80.87 84.88 -41.39
CA THR WA 286 -81.72 84.86 -40.22
C THR WA 286 -82.59 86.11 -40.12
N SER WA 287 -82.01 87.29 -40.24
CA SER WA 287 -82.75 88.54 -40.17
C SER WA 287 -82.26 89.51 -41.24
N LEU WA 288 -83.21 90.24 -41.83
CA LEU WA 288 -82.89 91.22 -42.85
C LEU WA 288 -84.07 92.18 -42.99
N ALA WA 289 -83.76 93.39 -43.45
CA ALA WA 289 -84.78 94.42 -43.64
C ALA WA 289 -84.31 95.41 -44.69
N TRP WA 290 -85.26 96.11 -45.28
CA TRP WA 290 -84.96 97.15 -46.26
C TRP WA 290 -84.57 98.44 -45.55
N SER WA 291 -84.14 99.43 -46.32
CA SER WA 291 -83.77 100.73 -45.77
C SER WA 291 -85.03 101.57 -45.54
N ALA WA 292 -84.83 102.79 -45.06
CA ALA WA 292 -85.94 103.71 -44.88
C ALA WA 292 -86.58 104.08 -46.21
N ASP WA 293 -85.76 104.30 -47.24
CA ASP WA 293 -86.24 104.56 -48.58
C ASP WA 293 -86.33 103.29 -49.42
N GLY WA 294 -86.00 102.14 -48.86
CA GLY WA 294 -86.11 100.88 -49.57
C GLY WA 294 -85.17 100.70 -50.73
N GLN WA 295 -83.94 101.20 -50.63
CA GLN WA 295 -82.96 101.05 -51.69
C GLN WA 295 -81.71 100.30 -51.27
N THR WA 296 -81.50 100.07 -49.97
CA THR WA 296 -80.35 99.33 -49.47
C THR WA 296 -80.84 98.24 -48.55
N LEU WA 297 -80.37 97.01 -48.77
CA LEU WA 297 -80.80 95.85 -48.02
C LEU WA 297 -79.67 95.38 -47.11
N PHE WA 298 -79.97 95.30 -45.82
CA PHE WA 298 -79.03 94.80 -44.82
C PHE WA 298 -79.47 93.42 -44.38
N ALA WA 299 -78.54 92.46 -44.39
CA ALA WA 299 -78.88 91.07 -44.13
C ALA WA 299 -77.83 90.44 -43.23
N GLY WA 300 -78.25 89.95 -42.05
CA GLY WA 300 -77.36 89.29 -41.14
C GLY WA 300 -77.54 87.79 -41.20
N TYR WA 301 -76.47 87.10 -41.58
CA TYR WA 301 -76.49 85.66 -41.78
C TYR WA 301 -76.05 84.95 -40.50
N THR WA 302 -75.81 83.63 -40.58
CA THR WA 302 -75.27 82.94 -39.40
C THR WA 302 -73.76 83.02 -39.30
N ASP WA 303 -73.08 83.85 -40.09
CA ASP WA 303 -71.63 83.96 -40.05
C ASP WA 303 -71.15 85.11 -39.15
N ASN WA 304 -72.00 85.54 -38.22
CA ASN WA 304 -71.71 86.66 -37.31
C ASN WA 304 -71.37 87.93 -38.07
N LEU WA 305 -72.04 88.17 -39.21
CA LEU WA 305 -71.70 89.28 -40.09
C LEU WA 305 -72.93 89.73 -40.84
N VAL WA 306 -72.98 91.02 -41.15
CA VAL WA 306 -74.01 91.60 -41.99
C VAL WA 306 -73.35 92.10 -43.27
N ARG WA 307 -73.71 91.50 -44.40
CA ARG WA 307 -73.24 91.98 -45.69
C ARG WA 307 -74.34 92.83 -46.35
N VAL WA 308 -73.91 93.92 -47.00
CA VAL WA 308 -74.81 94.96 -47.48
C VAL WA 308 -75.24 94.64 -48.90
N TRP WA 309 -76.38 95.19 -49.30
CA TRP WA 309 -76.94 95.01 -50.64
C TRP WA 309 -77.65 96.27 -51.07
N GLN WA 310 -77.32 96.77 -52.26
CA GLN WA 310 -77.93 97.98 -52.80
C GLN WA 310 -78.59 97.66 -54.14
N VAL WA 311 -79.57 98.47 -54.51
CA VAL WA 311 -80.28 98.34 -55.77
C VAL WA 311 -79.58 99.18 -56.83
N THR WA 312 -79.25 98.57 -57.97
CA THR WA 312 -78.56 99.29 -59.03
C THR WA 312 -79.51 100.16 -59.83
N ILE WA 313 -80.51 99.54 -60.45
CA ILE WA 313 -81.44 100.28 -61.32
C ILE WA 313 -82.58 100.86 -60.51
N SER XA 1 -102.47 19.29 -59.62
CA SER XA 1 -101.05 19.37 -59.97
C SER XA 1 -100.58 18.09 -60.64
N GLY XA 2 -101.25 16.98 -60.32
CA GLY XA 2 -100.91 15.71 -60.92
C GLY XA 2 -101.65 15.42 -62.20
N ALA XA 3 -101.00 15.68 -63.34
CA ALA XA 3 -101.54 15.39 -64.68
C ALA XA 3 -102.88 16.06 -64.92
N LEU XA 4 -103.09 17.23 -64.32
CA LEU XA 4 -104.32 18.00 -64.51
C LEU XA 4 -104.00 19.19 -65.40
N ASP XA 5 -104.61 19.22 -66.59
CA ASP XA 5 -104.27 20.21 -67.61
C ASP XA 5 -104.56 21.65 -67.17
N VAL XA 6 -105.40 21.84 -66.15
CA VAL XA 6 -105.60 23.17 -65.59
C VAL XA 6 -104.33 23.67 -64.92
N LEU XA 7 -103.61 22.78 -64.23
CA LEU XA 7 -102.45 23.14 -63.43
C LEU XA 7 -101.13 22.71 -64.04
N GLN XA 8 -101.11 22.28 -65.30
CA GLN XA 8 -99.84 21.92 -65.93
C GLN XA 8 -99.06 23.18 -66.31
N MET XA 9 -97.92 22.96 -66.97
CA MET XA 9 -96.98 24.04 -67.23
C MET XA 9 -97.55 24.98 -68.29
N LYS XA 10 -97.46 26.29 -68.02
CA LYS XA 10 -97.91 27.31 -68.94
C LYS XA 10 -96.74 27.83 -69.77
N GLU XA 11 -97.04 28.18 -71.02
CA GLU XA 11 -96.01 28.70 -71.92
C GLU XA 11 -95.55 30.09 -71.48
N GLU XA 12 -96.45 30.87 -70.87
CA GLU XA 12 -96.06 32.20 -70.37
C GLU XA 12 -95.03 32.09 -69.25
N ASP XA 13 -95.09 31.03 -68.46
CA ASP XA 13 -94.14 30.83 -67.37
C ASP XA 13 -92.81 30.24 -67.84
N VAL XA 14 -92.76 29.68 -69.06
CA VAL XA 14 -91.50 29.11 -69.55
C VAL XA 14 -90.51 30.22 -69.87
N LEU XA 15 -90.95 31.22 -70.63
CA LEU XA 15 -90.07 32.33 -71.00
C LEU XA 15 -89.66 33.16 -69.80
N LYS XA 16 -90.48 33.18 -68.74
CA LYS XA 16 -90.10 33.89 -67.52
C LYS XA 16 -89.00 33.16 -66.76
N PHE XA 17 -89.07 31.82 -66.72
CA PHE XA 17 -88.03 31.05 -66.04
C PHE XA 17 -86.69 31.19 -66.75
N LEU XA 18 -86.69 31.19 -68.08
CA LEU XA 18 -85.44 31.24 -68.84
C LEU XA 18 -84.83 32.63 -68.84
N ALA XA 19 -85.65 33.68 -68.91
CA ALA XA 19 -85.10 35.03 -68.94
C ALA XA 19 -84.51 35.45 -67.60
N ALA XA 20 -85.09 34.98 -66.50
CA ALA XA 20 -84.58 35.29 -65.17
C ALA XA 20 -83.49 34.33 -64.73
N GLY XA 21 -83.19 33.31 -65.52
CA GLY XA 21 -82.14 32.35 -65.17
C GLY XA 21 -82.45 31.49 -63.98
N THR XA 22 -83.70 31.07 -63.82
CA THR XA 22 -84.08 30.20 -62.70
C THR XA 22 -83.65 28.76 -62.91
N HIS XA 23 -83.52 28.31 -64.16
CA HIS XA 23 -83.04 26.97 -64.43
C HIS XA 23 -81.54 26.82 -64.18
N LEU XA 24 -80.81 27.92 -64.09
CA LEU XA 24 -79.37 27.88 -63.85
C LEU XA 24 -79.11 27.53 -62.39
N GLY XA 25 -78.43 26.41 -62.15
CA GLY XA 25 -78.09 25.97 -60.82
C GLY XA 25 -76.74 26.49 -60.38
N GLY XA 26 -76.25 25.90 -59.27
CA GLY XA 26 -74.94 26.25 -58.76
C GLY XA 26 -73.84 25.38 -59.34
N THR XA 27 -72.60 25.73 -58.98
CA THR XA 27 -71.45 24.98 -59.47
C THR XA 27 -71.36 23.59 -58.83
N ASN XA 28 -71.61 23.52 -57.52
CA ASN XA 28 -71.54 22.26 -56.80
C ASN XA 28 -72.93 21.63 -56.72
N LEU XA 29 -73.00 20.47 -56.07
CA LEU XA 29 -74.23 19.68 -56.02
C LEU XA 29 -74.37 19.03 -54.65
N ASP XA 30 -75.48 19.30 -53.98
CA ASP XA 30 -75.83 18.57 -52.76
C ASP XA 30 -76.50 17.26 -53.14
N PHE XA 31 -76.13 16.18 -52.44
CA PHE XA 31 -76.54 14.84 -52.85
C PHE XA 31 -78.04 14.60 -52.69
N GLN XA 32 -78.76 15.49 -51.99
CA GLN XA 32 -80.22 15.46 -52.01
C GLN XA 32 -80.81 16.15 -53.24
N MET XA 33 -80.05 17.01 -53.91
CA MET XA 33 -80.51 17.72 -55.09
C MET XA 33 -80.14 17.01 -56.39
N GLU XA 34 -79.87 15.71 -56.33
CA GLU XA 34 -79.57 14.94 -57.53
C GLU XA 34 -80.82 14.53 -58.30
N GLN XA 35 -82.01 14.73 -57.73
CA GLN XA 35 -83.25 14.31 -58.34
C GLN XA 35 -84.00 15.47 -59.02
N TYR XA 36 -83.52 16.71 -58.86
CA TYR XA 36 -84.17 17.87 -59.45
C TYR XA 36 -83.38 18.47 -60.61
N ILE XA 37 -82.39 17.76 -61.14
CA ILE XA 37 -81.41 18.31 -62.06
C ILE XA 37 -81.39 17.46 -63.33
N TYR XA 38 -81.39 18.14 -64.49
CA TYR XA 38 -81.37 17.40 -65.75
C TYR XA 38 -79.99 16.84 -66.04
N LYS XA 39 -79.00 17.72 -66.24
CA LYS XA 39 -77.62 17.29 -66.48
C LYS XA 39 -76.74 18.53 -66.32
N ARG XA 40 -75.49 18.31 -65.94
CA ARG XA 40 -74.54 19.38 -65.70
C ARG XA 40 -73.87 19.81 -67.00
N LYS XA 41 -74.08 21.06 -67.41
CA LYS XA 41 -73.55 21.53 -68.68
C LYS XA 41 -72.04 21.72 -68.57
N SER XA 42 -71.40 21.94 -69.73
CA SER XA 42 -70.02 22.38 -69.74
C SER XA 42 -69.92 23.78 -69.13
N ASP XA 43 -68.82 24.01 -68.41
CA ASP XA 43 -68.47 25.08 -67.44
C ASP XA 43 -68.98 24.75 -66.04
N GLY XA 44 -69.47 23.52 -65.83
CA GLY XA 44 -69.78 23.05 -64.48
C GLY XA 44 -70.95 23.71 -63.79
N ILE XA 45 -72.03 23.98 -64.51
CA ILE XA 45 -73.27 24.49 -63.93
C ILE XA 45 -74.36 23.46 -64.13
N TYR XA 46 -75.03 23.07 -63.05
CA TYR XA 46 -76.13 22.13 -63.16
C TYR XA 46 -77.39 22.83 -63.65
N ILE XA 47 -78.26 22.06 -64.31
CA ILE XA 47 -79.49 22.58 -64.89
C ILE XA 47 -80.66 22.03 -64.09
N ILE XA 48 -81.38 22.91 -63.42
CA ILE XA 48 -82.55 22.53 -62.62
C ILE XA 48 -83.73 22.28 -63.56
N ASN XA 49 -84.44 21.18 -63.34
CA ASN XA 49 -85.56 20.82 -64.21
C ASN XA 49 -86.75 21.70 -63.84
N LEU XA 50 -87.17 22.52 -64.80
CA LEU XA 50 -88.20 23.53 -64.55
C LEU XA 50 -89.58 22.92 -64.38
N LYS XA 51 -89.90 21.85 -65.13
CA LYS XA 51 -91.18 21.19 -64.96
C LYS XA 51 -91.27 20.54 -63.58
N ARG XA 52 -90.18 19.94 -63.12
CA ARG XA 52 -90.12 19.42 -61.76
C ARG XA 52 -90.03 20.54 -60.73
N THR XA 53 -89.43 21.68 -61.10
CA THR XA 53 -89.54 22.86 -60.25
C THR XA 53 -90.98 23.33 -60.16
N TRP XA 54 -91.69 23.36 -61.30
CA TRP XA 54 -93.10 23.74 -61.31
C TRP XA 54 -93.95 22.75 -60.52
N GLU XA 55 -93.61 21.46 -60.57
CA GLU XA 55 -94.36 20.47 -59.80
C GLU XA 55 -94.13 20.64 -58.30
N LYS XA 56 -92.89 20.92 -57.88
CA LYS XA 56 -92.62 21.22 -56.49
C LYS XA 56 -93.17 22.59 -56.10
N LEU XA 57 -93.27 23.51 -57.06
CA LEU XA 57 -93.86 24.82 -56.77
C LEU XA 57 -95.34 24.70 -56.47
N LEU XA 58 -96.03 23.77 -57.15
CA LEU XA 58 -97.45 23.57 -56.92
C LEU XA 58 -97.73 22.90 -55.58
N LEU XA 59 -96.88 21.95 -55.18
CA LEU XA 59 -97.09 21.26 -53.91
C LEU XA 59 -96.94 22.20 -52.71
N ALA XA 60 -95.99 23.11 -52.76
CA ALA XA 60 -95.87 24.11 -51.70
C ALA XA 60 -97.03 25.09 -51.72
N ALA XA 61 -97.61 25.34 -52.90
CA ALA XA 61 -98.80 26.20 -52.97
C ALA XA 61 -100.00 25.55 -52.30
N ARG XA 62 -100.06 24.21 -52.29
CA ARG XA 62 -101.09 23.51 -51.52
C ARG XA 62 -100.95 23.75 -50.03
N ALA XA 63 -99.76 24.13 -49.55
CA ALA XA 63 -99.56 24.25 -48.10
C ALA XA 63 -100.24 25.49 -47.55
N ILE XA 64 -99.96 26.66 -48.14
CA ILE XA 64 -100.52 27.92 -47.64
C ILE XA 64 -102.04 27.91 -47.75
N VAL XA 65 -102.57 27.37 -48.84
CA VAL XA 65 -104.03 27.30 -49.02
C VAL XA 65 -104.66 26.42 -47.96
N ALA XA 66 -103.99 25.32 -47.59
CA ALA XA 66 -104.52 24.43 -46.57
C ALA XA 66 -104.49 25.08 -45.19
N ILE XA 67 -103.61 26.04 -44.96
CA ILE XA 67 -103.59 26.79 -43.71
C ILE XA 67 -104.81 27.71 -43.72
N GLU XA 68 -105.74 27.47 -42.80
CA GLU XA 68 -106.99 28.22 -42.80
C GLU XA 68 -106.75 29.69 -42.45
N ASN XA 69 -105.96 29.94 -41.43
CA ASN XA 69 -105.60 31.32 -41.09
C ASN XA 69 -104.42 31.78 -41.93
N PRO XA 70 -104.56 32.80 -42.76
CA PRO XA 70 -103.42 33.28 -43.55
C PRO XA 70 -102.39 34.06 -42.74
N ALA XA 71 -102.72 34.46 -41.51
CA ALA XA 71 -101.83 35.33 -40.74
C ALA XA 71 -100.59 34.56 -40.25
N ASP XA 72 -100.79 33.36 -39.72
CA ASP XA 72 -99.68 32.62 -39.10
C ASP XA 72 -98.92 31.78 -40.12
N VAL XA 73 -98.46 32.42 -41.18
CA VAL XA 73 -97.52 31.79 -42.12
C VAL XA 73 -96.26 32.64 -42.15
N SER XA 74 -95.27 32.24 -41.34
CA SER XA 74 -94.06 33.04 -41.19
C SER XA 74 -93.20 32.96 -42.45
N VAL XA 75 -92.93 34.11 -43.05
CA VAL XA 75 -92.09 34.22 -44.22
C VAL XA 75 -90.89 35.07 -43.86
N ILE XA 76 -89.69 34.50 -43.96
CA ILE XA 76 -88.48 35.10 -43.43
C ILE XA 76 -87.43 35.17 -44.52
N SER XA 77 -86.82 36.34 -44.68
CA SER XA 77 -85.69 36.53 -45.59
C SER XA 77 -84.60 37.32 -44.86
N SER XA 78 -83.36 36.83 -44.94
CA SER XA 78 -82.25 37.48 -44.26
C SER XA 78 -81.27 38.14 -45.22
N ARG XA 79 -81.00 37.53 -46.37
CA ARG XA 79 -80.11 38.14 -47.36
C ARG XA 79 -80.76 39.40 -47.94
N ASN XA 80 -79.92 40.34 -48.38
CA ASN XA 80 -80.40 41.63 -48.83
C ASN XA 80 -81.25 41.55 -50.10
N THR XA 81 -81.18 40.44 -50.83
CA THR XA 81 -81.95 40.30 -52.06
C THR XA 81 -83.44 40.13 -51.79
N GLY XA 82 -83.81 39.40 -50.73
CA GLY XA 82 -85.14 38.86 -50.62
C GLY XA 82 -86.16 39.59 -49.76
N GLN XA 83 -85.79 40.68 -49.09
CA GLN XA 83 -86.75 41.35 -48.21
C GLN XA 83 -87.87 42.01 -49.01
N ARG XA 84 -87.56 42.55 -50.19
CA ARG XA 84 -88.57 43.23 -50.99
C ARG XA 84 -89.56 42.24 -51.59
N ALA XA 85 -89.11 41.01 -51.88
CA ALA XA 85 -90.01 40.01 -52.44
C ALA XA 85 -90.93 39.43 -51.37
N VAL XA 86 -90.42 39.23 -50.15
CA VAL XA 86 -91.22 38.58 -49.11
C VAL XA 86 -92.19 39.54 -48.43
N LEU XA 87 -91.95 40.85 -48.51
CA LEU XA 87 -92.82 41.80 -47.83
C LEU XA 87 -94.16 41.97 -48.53
N LYS XA 88 -94.17 42.01 -49.85
CA LYS XA 88 -95.42 42.16 -50.60
C LYS XA 88 -96.14 40.83 -50.77
N PHE XA 89 -95.40 39.71 -50.75
CA PHE XA 89 -96.06 38.41 -50.73
C PHE XA 89 -96.88 38.25 -49.47
N ALA XA 90 -96.35 38.70 -48.33
CA ALA XA 90 -97.12 38.67 -47.10
C ALA XA 90 -98.24 39.70 -47.11
N ALA XA 91 -98.07 40.80 -47.84
CA ALA XA 91 -99.12 41.80 -47.94
C ALA XA 91 -100.25 41.33 -48.84
N ALA XA 92 -99.92 40.68 -49.96
CA ALA XA 92 -100.94 40.23 -50.90
C ALA XA 92 -101.71 39.03 -50.35
N THR XA 93 -100.99 38.07 -49.78
CA THR XA 93 -101.62 36.85 -49.27
C THR XA 93 -102.20 37.04 -47.88
N GLY XA 94 -101.41 37.60 -46.96
CA GLY XA 94 -101.84 37.76 -45.58
C GLY XA 94 -100.85 37.18 -44.60
N ALA XA 95 -99.70 36.75 -45.11
CA ALA XA 95 -98.69 36.07 -44.30
C ALA XA 95 -98.00 37.06 -43.36
N THR XA 96 -97.11 36.51 -42.53
CA THR XA 96 -96.34 37.30 -41.58
C THR XA 96 -94.95 37.54 -42.13
N PRO XA 97 -94.57 38.78 -42.46
CA PRO XA 97 -93.23 39.01 -43.02
C PRO XA 97 -92.19 39.33 -41.96
N ILE XA 98 -90.99 38.80 -42.17
CA ILE XA 98 -89.81 39.11 -41.37
C ILE XA 98 -88.70 39.49 -42.32
N ALA XA 99 -88.19 40.72 -42.20
CA ALA XA 99 -87.23 41.27 -43.14
C ALA XA 99 -85.90 41.50 -42.44
N GLY XA 100 -85.00 40.51 -42.51
CA GLY XA 100 -83.66 40.67 -42.01
C GLY XA 100 -83.51 40.56 -40.51
N ARG XA 101 -82.38 40.00 -40.07
CA ARG XA 101 -82.02 39.86 -38.65
C ARG XA 101 -83.10 39.09 -37.88
N PHE XA 102 -83.22 37.81 -38.24
CA PHE XA 102 -84.09 36.89 -37.52
C PHE XA 102 -83.62 36.75 -36.08
N THR XA 103 -84.41 37.24 -35.15
CA THR XA 103 -84.02 37.20 -33.74
C THR XA 103 -84.10 35.77 -33.22
N PRO XA 104 -83.02 35.23 -32.65
CA PRO XA 104 -83.09 33.88 -32.08
C PRO XA 104 -83.92 33.83 -30.81
N GLY XA 105 -85.11 33.23 -30.90
CA GLY XA 105 -85.99 33.15 -29.76
C GLY XA 105 -87.40 33.64 -30.06
N THR XA 106 -87.68 33.91 -31.33
CA THR XA 106 -89.03 34.33 -31.72
C THR XA 106 -90.02 33.18 -31.68
N PHE XA 107 -89.55 31.93 -31.67
CA PHE XA 107 -90.42 30.78 -31.57
C PHE XA 107 -90.23 29.99 -30.28
N THR XA 108 -89.30 30.38 -29.42
CA THR XA 108 -89.03 29.65 -28.19
C THR XA 108 -89.20 30.49 -26.93
N ASN XA 109 -88.97 31.80 -27.01
CA ASN XA 109 -89.02 32.67 -25.83
C ASN XA 109 -90.40 33.33 -25.73
N GLN XA 110 -91.07 33.11 -24.60
CA GLN XA 110 -92.43 33.64 -24.44
C GLN XA 110 -92.42 35.12 -24.14
N ILE XA 111 -91.41 35.60 -23.40
CA ILE XA 111 -91.38 37.00 -22.99
C ILE XA 111 -91.19 37.95 -24.16
N GLN XA 112 -90.63 37.47 -25.27
CA GLN XA 112 -90.40 38.31 -26.44
C GLN XA 112 -91.71 38.83 -27.02
N THR XA 113 -91.69 40.09 -27.45
CA THR XA 113 -92.85 40.68 -28.12
C THR XA 113 -93.03 40.16 -29.54
N ALA XA 114 -91.98 39.57 -30.13
CA ALA XA 114 -92.06 38.95 -31.44
C ALA XA 114 -92.27 37.45 -31.36
N PHE XA 115 -92.90 36.97 -30.29
CA PHE XA 115 -93.16 35.55 -30.09
C PHE XA 115 -94.28 35.13 -31.06
N ARG XA 116 -93.89 34.48 -32.14
CA ARG XA 116 -94.82 34.08 -33.19
C ARG XA 116 -95.13 32.59 -33.07
N GLU XA 117 -96.35 32.22 -33.49
CA GLU XA 117 -96.78 30.83 -33.51
C GLU XA 117 -97.34 30.50 -34.89
N PRO XA 118 -96.48 30.34 -35.90
CA PRO XA 118 -96.98 30.01 -37.24
C PRO XA 118 -97.31 28.54 -37.36
N ARG XA 119 -98.00 28.20 -38.45
CA ARG XA 119 -98.15 26.83 -38.89
C ARG XA 119 -97.28 26.50 -40.09
N LEU XA 120 -96.50 27.44 -40.58
CA LEU XA 120 -95.75 27.23 -41.81
C LEU XA 120 -94.58 28.19 -41.87
N LEU XA 121 -93.43 27.69 -42.31
CA LEU XA 121 -92.21 28.48 -42.42
C LEU XA 121 -91.76 28.44 -43.88
N VAL XA 122 -91.68 29.60 -44.50
CA VAL XA 122 -91.24 29.72 -45.88
C VAL XA 122 -89.90 30.46 -45.89
N VAL XA 123 -88.88 29.83 -46.48
CA VAL XA 123 -87.50 30.27 -46.35
C VAL XA 123 -86.97 30.62 -47.73
N THR XA 124 -86.39 31.83 -47.84
CA THR XA 124 -85.83 32.26 -49.12
C THR XA 124 -84.58 31.46 -49.47
N ASP XA 125 -83.69 31.23 -48.50
CA ASP XA 125 -82.46 30.51 -48.74
C ASP XA 125 -82.08 29.72 -47.49
N PRO XA 126 -81.87 28.41 -47.61
CA PRO XA 126 -81.53 27.61 -46.43
C PRO XA 126 -80.23 28.03 -45.76
N ARG XA 127 -79.22 28.45 -46.53
CA ARG XA 127 -77.98 28.90 -45.93
C ARG XA 127 -78.12 30.28 -45.30
N ALA XA 128 -78.89 31.18 -45.93
CA ALA XA 128 -79.10 32.50 -45.37
C ALA XA 128 -80.04 32.49 -44.18
N ASP XA 129 -80.94 31.51 -44.12
CA ASP XA 129 -81.93 31.45 -43.06
C ASP XA 129 -81.88 30.10 -42.35
N HIS XA 130 -80.68 29.66 -41.99
CA HIS XA 130 -80.55 28.42 -41.22
C HIS XA 130 -81.09 28.57 -39.81
N GLN XA 131 -80.97 29.76 -39.22
CA GLN XA 131 -81.45 30.03 -37.87
C GLN XA 131 -82.97 29.86 -37.74
N PRO XA 132 -83.80 30.34 -38.69
CA PRO XA 132 -85.23 29.97 -38.60
C PRO XA 132 -85.49 28.47 -38.66
N LEU XA 133 -84.62 27.70 -39.32
CA LEU XA 133 -84.76 26.25 -39.32
C LEU XA 133 -84.40 25.64 -37.98
N THR XA 134 -83.62 26.35 -37.14
CA THR XA 134 -83.26 25.83 -35.83
C THR XA 134 -84.45 25.82 -34.88
N GLU XA 135 -85.22 26.91 -34.84
CA GLU XA 135 -86.45 26.93 -34.05
C GLU XA 135 -87.61 26.25 -34.75
N ALA XA 136 -87.44 25.85 -36.02
CA ALA XA 136 -88.41 24.98 -36.68
C ALA XA 136 -88.32 23.55 -36.20
N SER XA 137 -87.28 23.22 -35.42
CA SER XA 137 -87.14 21.92 -34.78
C SER XA 137 -87.78 21.88 -33.40
N TYR XA 138 -87.64 22.97 -32.64
CA TYR XA 138 -88.12 23.01 -31.27
C TYR XA 138 -89.64 23.15 -31.22
N VAL XA 139 -90.24 23.67 -32.28
CA VAL XA 139 -91.68 23.75 -32.44
C VAL XA 139 -92.05 22.99 -33.71
N ASN XA 140 -93.16 22.25 -33.65
CA ASN XA 140 -93.60 21.43 -34.79
C ASN XA 140 -94.01 22.35 -35.93
N LEU XA 141 -93.12 22.51 -36.90
CA LEU XA 141 -93.30 23.48 -37.99
C LEU XA 141 -92.94 22.84 -39.32
N PRO XA 142 -93.92 22.56 -40.19
CA PRO XA 142 -93.58 22.23 -41.58
C PRO XA 142 -92.91 23.42 -42.25
N THR XA 143 -91.93 23.14 -43.10
CA THR XA 143 -91.06 24.17 -43.63
C THR XA 143 -91.02 24.11 -45.15
N ILE XA 144 -91.17 25.26 -45.80
CA ILE XA 144 -90.95 25.41 -47.22
C ILE XA 144 -89.65 26.19 -47.43
N ALA XA 145 -88.84 25.73 -48.38
CA ALA XA 145 -87.57 26.39 -48.65
C ALA XA 145 -87.40 26.54 -50.16
N LEU XA 146 -86.84 27.69 -50.55
CA LEU XA 146 -86.44 27.94 -51.94
C LEU XA 146 -84.97 27.54 -52.03
N CYS XA 147 -84.72 26.30 -52.42
CA CYS XA 147 -83.39 25.72 -52.35
C CYS XA 147 -82.67 25.83 -53.69
N ASN XA 148 -81.35 25.94 -53.62
CA ASN XA 148 -80.49 25.84 -54.79
C ASN XA 148 -79.80 24.48 -54.78
N THR XA 149 -79.00 24.21 -55.81
CA THR XA 149 -78.25 22.97 -55.85
C THR XA 149 -77.23 22.88 -54.73
N ASP XA 150 -76.70 24.03 -54.30
CA ASP XA 150 -75.74 24.05 -53.20
C ASP XA 150 -76.41 24.03 -51.83
N SER XA 151 -77.72 24.27 -51.77
CA SER XA 151 -78.39 24.45 -50.49
C SER XA 151 -78.60 23.11 -49.80
N PRO XA 152 -78.16 22.96 -48.55
CA PRO XA 152 -78.44 21.72 -47.81
C PRO XA 152 -79.88 21.66 -47.36
N LEU XA 153 -80.29 20.45 -46.94
CA LEU XA 153 -81.67 20.18 -46.54
C LEU XA 153 -81.80 19.90 -45.05
N ARG XA 154 -81.13 20.68 -44.20
CA ARG XA 154 -81.26 20.46 -42.77
C ARG XA 154 -82.52 21.16 -42.26
N TYR XA 155 -83.48 20.36 -41.80
CA TYR XA 155 -84.76 20.77 -41.22
C TYR XA 155 -85.65 21.52 -42.21
N VAL XA 156 -85.46 21.34 -43.51
CA VAL XA 156 -86.46 21.77 -44.47
C VAL XA 156 -87.39 20.59 -44.72
N ASP XA 157 -88.67 20.88 -44.98
CA ASP XA 157 -89.67 19.83 -45.10
C ASP XA 157 -90.31 19.75 -46.47
N ILE XA 158 -90.27 20.80 -47.28
CA ILE XA 158 -90.60 20.74 -48.70
C ILE XA 158 -89.78 21.81 -49.41
N ALA XA 159 -89.22 21.45 -50.56
CA ALA XA 159 -88.26 22.31 -51.25
C ALA XA 159 -88.70 22.56 -52.69
N ILE XA 160 -88.50 23.80 -53.14
CA ILE XA 160 -88.76 24.18 -54.52
C ILE XA 160 -87.39 24.47 -55.15
N PRO XA 161 -86.89 23.60 -56.03
CA PRO XA 161 -85.52 23.79 -56.55
C PRO XA 161 -85.41 24.96 -57.53
N CYS XA 162 -84.74 26.03 -57.11
CA CYS XA 162 -84.65 27.25 -57.90
C CYS XA 162 -83.25 27.83 -57.82
N ASN XA 163 -83.06 28.93 -58.56
CA ASN XA 163 -81.86 29.75 -58.45
C ASN XA 163 -82.14 30.86 -57.44
N ASN XA 164 -81.58 30.73 -56.25
CA ASN XA 164 -81.72 31.74 -55.21
C ASN XA 164 -80.52 32.67 -55.12
N LYS XA 165 -79.59 32.59 -56.06
CA LYS XA 165 -78.45 33.50 -56.11
C LYS XA 165 -78.72 34.74 -56.96
N GLY XA 166 -79.34 34.57 -58.12
CA GLY XA 166 -79.62 35.68 -59.00
C GLY XA 166 -80.83 36.47 -58.52
N ALA XA 167 -80.70 37.80 -58.57
CA ALA XA 167 -81.76 38.67 -58.06
C ALA XA 167 -83.05 38.54 -58.86
N HIS XA 168 -82.94 38.43 -60.18
CA HIS XA 168 -84.13 38.25 -61.01
C HIS XA 168 -84.79 36.90 -60.76
N SER XA 169 -84.00 35.88 -60.45
CA SER XA 169 -84.55 34.56 -60.20
C SER XA 169 -85.08 34.40 -58.78
N VAL XA 170 -84.71 35.30 -57.86
CA VAL XA 170 -85.26 35.23 -56.51
C VAL XA 170 -86.70 35.74 -56.50
N GLY XA 171 -86.90 37.00 -56.90
CA GLY XA 171 -88.22 37.59 -56.83
C GLY XA 171 -89.24 37.02 -57.80
N LEU XA 172 -88.77 36.38 -58.87
CA LEU XA 172 -89.71 35.74 -59.79
C LEU XA 172 -90.40 34.55 -59.13
N MET XA 173 -89.65 33.77 -58.35
CA MET XA 173 -90.22 32.58 -57.72
C MET XA 173 -91.27 32.94 -56.66
N TRP XA 174 -91.08 34.06 -55.97
CA TRP XA 174 -92.14 34.55 -55.10
C TRP XA 174 -93.30 35.11 -55.93
N TRP XA 175 -93.01 35.68 -57.09
CA TRP XA 175 -94.10 36.15 -57.95
C TRP XA 175 -94.88 34.96 -58.51
N MET XA 176 -94.20 33.80 -58.65
CA MET XA 176 -94.89 32.53 -58.85
C MET XA 176 -95.83 32.22 -57.69
N LEU XA 177 -95.33 32.26 -56.45
CA LEU XA 177 -96.16 31.87 -55.31
C LEU XA 177 -97.26 32.89 -55.02
N ALA XA 178 -97.05 34.17 -55.33
CA ALA XA 178 -98.10 35.15 -55.10
C ALA XA 178 -99.33 34.88 -55.98
N ARG XA 179 -99.11 34.40 -57.19
CA ARG XA 179 -100.22 34.05 -58.08
C ARG XA 179 -100.94 32.80 -57.60
N GLU XA 180 -100.18 31.75 -57.29
CA GLU XA 180 -100.76 30.41 -57.13
C GLU XA 180 -101.53 30.21 -55.83
N VAL XA 181 -101.06 30.77 -54.70
CA VAL XA 181 -101.80 30.60 -53.46
C VAL XA 181 -103.15 31.30 -53.52
N LEU XA 182 -103.28 32.33 -54.36
CA LEU XA 182 -104.53 33.01 -54.59
C LEU XA 182 -105.30 32.43 -55.77
N ARG XA 183 -104.79 31.35 -56.37
CA ARG XA 183 -105.45 30.74 -57.52
C ARG XA 183 -106.27 29.51 -57.17
N MET XA 184 -105.97 28.84 -56.05
CA MET XA 184 -106.87 27.78 -55.59
C MET XA 184 -107.99 28.35 -54.73
N ARG XA 185 -107.66 29.20 -53.75
CA ARG XA 185 -108.67 30.02 -53.11
C ARG XA 185 -109.12 31.10 -54.08
N GLY XA 186 -110.35 31.58 -53.91
CA GLY XA 186 -110.92 32.42 -54.95
C GLY XA 186 -110.56 33.89 -54.85
N THR XA 187 -109.50 34.28 -55.55
CA THR XA 187 -109.13 35.69 -55.68
C THR XA 187 -108.87 36.04 -57.13
N ILE XA 188 -108.26 35.11 -57.88
CA ILE XA 188 -107.78 35.34 -59.23
C ILE XA 188 -108.34 34.27 -60.16
N SER XA 189 -108.86 34.70 -61.31
CA SER XA 189 -109.26 33.76 -62.35
C SER XA 189 -108.05 33.37 -63.20
N ARG XA 190 -108.00 32.10 -63.61
CA ARG XA 190 -106.88 31.61 -64.39
C ARG XA 190 -106.98 31.92 -65.88
N GLU XA 191 -108.13 32.41 -66.35
CA GLU XA 191 -108.26 32.74 -67.76
C GLU XA 191 -107.43 33.96 -68.13
N HIS XA 192 -107.50 35.03 -67.29
CA HIS XA 192 -106.74 36.25 -67.54
C HIS XA 192 -105.49 36.29 -66.66
N PRO XA 193 -104.40 36.87 -67.17
CA PRO XA 193 -103.17 36.91 -66.37
C PRO XA 193 -103.28 37.88 -65.21
N TRP XA 194 -102.49 37.65 -64.15
CA TRP XA 194 -102.59 38.50 -62.98
C TRP XA 194 -101.87 39.80 -63.23
N GLU XA 195 -102.49 40.89 -62.80
CA GLU XA 195 -102.20 42.22 -63.32
C GLU XA 195 -100.90 42.82 -62.80
N VAL XA 196 -100.34 42.29 -61.72
CA VAL XA 196 -99.11 42.84 -61.17
C VAL XA 196 -97.90 42.24 -61.87
N MET XA 197 -97.02 43.11 -62.34
CA MET XA 197 -95.85 42.93 -63.17
C MET XA 197 -94.65 42.64 -62.28
N PRO XA 198 -93.81 41.67 -62.66
CA PRO XA 198 -92.88 41.06 -61.71
C PRO XA 198 -91.69 41.91 -61.31
N ASP XA 199 -91.46 43.09 -61.88
CA ASP XA 199 -90.35 43.91 -61.39
C ASP XA 199 -90.66 44.54 -60.04
N LEU XA 200 -91.90 44.47 -59.58
CA LEU XA 200 -92.25 44.97 -58.26
C LEU XA 200 -91.60 44.12 -57.18
N TYR XA 201 -91.52 42.81 -57.38
CA TYR XA 201 -90.94 41.90 -56.40
C TYR XA 201 -89.42 41.80 -56.46
N PHE XA 202 -88.79 42.35 -57.50
CA PHE XA 202 -87.35 42.20 -57.66
C PHE XA 202 -86.59 43.16 -56.76
N TYR XA 203 -85.42 42.72 -56.30
CA TYR XA 203 -84.58 43.54 -55.44
C TYR XA 203 -83.99 44.70 -56.24
N ARG XA 204 -84.13 45.91 -55.70
CA ARG XA 204 -83.53 47.09 -56.31
C ARG XA 204 -82.28 47.46 -55.52
N ASP XA 205 -81.13 47.43 -56.19
CA ASP XA 205 -79.91 47.91 -55.58
C ASP XA 205 -80.00 49.42 -55.35
N PRO XA 206 -79.38 49.93 -54.29
CA PRO XA 206 -79.33 51.40 -54.12
C PRO XA 206 -78.69 52.12 -55.28
N GLU XA 207 -77.72 51.51 -55.96
CA GLU XA 207 -77.22 52.09 -57.20
C GLU XA 207 -78.29 52.08 -58.29
N GLU XA 208 -79.05 50.97 -58.39
CA GLU XA 208 -80.08 50.90 -59.42
C GLU XA 208 -81.24 51.86 -59.13
N ILE XA 209 -81.55 52.08 -57.85
CA ILE XA 209 -82.52 53.11 -57.49
C ILE XA 209 -81.97 54.49 -57.84
N GLU XA 210 -80.67 54.73 -57.60
CA GLU XA 210 -80.06 55.98 -58.02
C GLU XA 210 -79.90 56.04 -59.52
N LYS XA 211 -79.63 54.89 -60.18
CA LYS XA 211 -79.54 54.82 -61.64
C LYS XA 211 -80.87 55.16 -62.30
N GLU XA 212 -81.98 54.72 -61.70
CA GLU XA 212 -83.28 54.89 -62.32
C GLU XA 212 -83.72 56.36 -62.34
N GLU XA 213 -83.33 57.12 -61.32
CA GLU XA 213 -83.99 58.38 -61.01
C GLU XA 213 -83.71 59.47 -62.04
N GLN XA 214 -82.54 59.49 -62.68
CA GLN XA 214 -82.25 60.53 -63.66
C GLN XA 214 -82.95 60.26 -64.99
N ALA XA 215 -83.20 58.99 -65.32
CA ALA XA 215 -84.01 58.70 -66.50
C ALA XA 215 -85.47 59.09 -66.29
N ALA XA 216 -85.95 59.07 -65.04
CA ALA XA 216 -87.27 59.59 -64.73
C ALA XA 216 -87.29 61.11 -64.73
N ALA XA 217 -86.14 61.73 -64.49
CA ALA XA 217 -86.02 63.18 -64.47
C ALA XA 217 -85.66 63.71 -65.85
N VAL YA 1 8.88 48.30 -42.92
CA VAL YA 1 8.81 49.75 -42.78
C VAL YA 1 8.67 50.42 -44.15
N VAL YA 2 8.50 49.59 -45.18
CA VAL YA 2 8.33 50.05 -46.55
C VAL YA 2 6.99 49.55 -47.07
N ASP YA 3 6.30 50.39 -47.83
CA ASP YA 3 5.01 50.01 -48.40
C ASP YA 3 5.20 48.94 -49.46
N PRO YA 4 4.59 47.76 -49.32
CA PRO YA 4 4.74 46.74 -50.36
C PRO YA 4 4.07 47.09 -51.68
N PHE YA 5 3.14 48.04 -51.68
CA PHE YA 5 2.40 48.38 -52.88
C PHE YA 5 3.18 49.29 -53.82
N SER YA 6 4.30 49.86 -53.38
CA SER YA 6 5.19 50.56 -54.30
C SER YA 6 5.97 49.58 -55.17
N LYS YA 7 6.00 48.31 -54.79
CA LYS YA 7 6.71 47.27 -55.53
C LYS YA 7 5.83 46.57 -56.55
N LYS YA 8 4.62 47.05 -56.80
CA LYS YA 8 3.74 46.35 -57.72
C LYS YA 8 3.89 46.89 -59.13
N ASP YA 9 3.62 46.01 -60.10
CA ASP YA 9 3.50 46.36 -61.51
C ASP YA 9 2.18 45.84 -62.03
N TRP YA 10 1.40 46.72 -62.64
CA TRP YA 10 0.03 46.37 -63.00
C TRP YA 10 -0.03 45.73 -64.38
N TYR YA 11 -1.00 44.85 -64.56
CA TYR YA 11 -1.15 44.10 -65.80
C TYR YA 11 -2.61 44.11 -66.23
N ASP YA 12 -2.85 44.37 -67.50
CA ASP YA 12 -4.17 44.28 -68.09
C ASP YA 12 -4.53 42.83 -68.34
N VAL YA 13 -5.83 42.53 -68.27
CA VAL YA 13 -6.35 41.18 -68.44
C VAL YA 13 -7.21 41.16 -69.70
N LYS YA 14 -6.91 40.23 -70.61
CA LYS YA 14 -7.54 40.21 -71.93
C LYS YA 14 -8.44 38.97 -72.03
N ALA YA 15 -9.69 39.20 -72.38
CA ALA YA 15 -10.60 38.10 -72.66
C ALA YA 15 -10.29 37.49 -74.02
N PRO YA 16 -10.65 36.21 -74.24
CA PRO YA 16 -10.39 35.58 -75.55
C PRO YA 16 -11.20 36.18 -76.68
N ALA YA 17 -10.99 35.66 -77.90
CA ALA YA 17 -11.53 36.32 -79.09
C ALA YA 17 -13.04 36.15 -79.20
N MET YA 18 -13.57 34.99 -78.80
CA MET YA 18 -14.98 34.73 -79.06
C MET YA 18 -15.92 35.55 -78.19
N PHE YA 19 -15.42 36.22 -77.16
CA PHE YA 19 -16.24 37.18 -76.43
C PHE YA 19 -16.08 38.58 -77.03
N ASN YA 20 -17.09 39.41 -76.80
CA ASN YA 20 -17.13 40.73 -77.41
C ASN YA 20 -16.12 41.67 -76.77
N ILE YA 21 -16.25 41.92 -75.48
CA ILE YA 21 -15.37 42.87 -74.78
C ILE YA 21 -14.02 42.18 -74.57
N ARG YA 22 -12.99 42.68 -75.25
CA ARG YA 22 -11.68 42.05 -75.19
C ARG YA 22 -10.99 42.28 -73.86
N ASN YA 23 -11.18 43.45 -73.25
CA ASN YA 23 -10.54 43.75 -71.98
C ASN YA 23 -11.43 43.27 -70.84
N ILE YA 24 -10.79 42.99 -69.69
CA ILE YA 24 -11.52 42.53 -68.51
C ILE YA 24 -11.26 43.48 -67.35
N GLY YA 25 -10.01 43.61 -66.96
CA GLY YA 25 -9.65 44.46 -65.85
C GLY YA 25 -8.15 44.63 -65.73
N LYS YA 26 -7.71 44.93 -64.52
CA LYS YA 26 -6.30 45.10 -64.21
C LYS YA 26 -5.96 44.25 -62.99
N THR YA 27 -4.67 43.88 -62.89
CA THR YA 27 -4.20 42.98 -61.85
C THR YA 27 -2.79 43.39 -61.48
N LEU YA 28 -2.52 43.55 -60.18
CA LEU YA 28 -1.25 44.11 -59.73
C LEU YA 28 -0.35 42.99 -59.20
N VAL YA 29 0.89 42.97 -59.70
CA VAL YA 29 1.86 41.90 -59.44
C VAL YA 29 3.16 42.55 -59.00
N THR YA 30 3.85 41.92 -58.04
CA THR YA 30 5.13 42.42 -57.57
C THR YA 30 6.19 42.38 -58.67
N ARG YA 31 7.24 43.18 -58.48
CA ARG YA 31 8.35 43.22 -59.43
C ARG YA 31 9.16 41.93 -59.35
N THR YA 32 9.87 41.64 -60.44
CA THR YA 32 10.73 40.46 -60.49
C THR YA 32 12.01 40.71 -59.70
N GLN YA 33 11.99 40.36 -58.42
CA GLN YA 33 13.13 40.54 -57.53
C GLN YA 33 13.63 39.17 -57.09
N GLY YA 34 14.92 38.92 -57.31
CA GLY YA 34 15.48 37.63 -56.91
C GLY YA 34 15.08 36.54 -57.88
N THR YA 35 14.71 35.39 -57.34
CA THR YA 35 14.38 34.23 -58.17
C THR YA 35 12.91 34.14 -58.52
N LYS YA 36 12.04 34.86 -57.82
CA LYS YA 36 10.61 34.85 -58.11
C LYS YA 36 10.33 35.77 -59.29
N ILE YA 37 9.51 35.30 -60.22
CA ILE YA 37 9.22 36.01 -61.47
C ILE YA 37 7.78 36.52 -61.40
N ALA YA 38 7.56 37.71 -61.95
CA ALA YA 38 6.21 38.27 -62.01
C ALA YA 38 5.30 37.41 -62.88
N SER YA 39 5.85 36.86 -63.97
CA SER YA 39 5.08 35.97 -64.83
C SER YA 39 4.78 34.63 -64.16
N ASP YA 40 5.62 34.21 -63.19
CA ASP YA 40 5.38 32.94 -62.52
C ASP YA 40 4.16 33.01 -61.61
N GLY YA 41 4.06 34.08 -60.81
CA GLY YA 41 2.94 34.24 -59.90
C GLY YA 41 1.67 34.78 -60.52
N LEU YA 42 1.71 35.13 -61.80
CA LEU YA 42 0.55 35.67 -62.49
C LEU YA 42 -0.23 34.61 -63.25
N LYS YA 43 0.39 33.47 -63.57
CA LYS YA 43 -0.28 32.46 -64.37
C LYS YA 43 -1.37 31.73 -63.59
N GLY YA 44 -1.10 31.34 -62.35
CA GLY YA 44 -2.06 30.56 -61.59
C GLY YA 44 -3.15 31.37 -60.94
N ARG YA 45 -3.82 32.24 -61.71
CA ARG YA 45 -4.86 33.12 -61.20
C ARG YA 45 -6.11 32.97 -62.06
N VAL YA 46 -7.22 32.60 -61.43
CA VAL YA 46 -8.51 32.43 -62.09
C VAL YA 46 -9.35 33.68 -61.87
N PHE YA 47 -9.96 34.19 -62.94
CA PHE YA 47 -10.73 35.42 -62.89
C PHE YA 47 -12.22 35.08 -62.95
N GLU YA 48 -12.92 35.37 -61.87
CA GLU YA 48 -14.36 35.13 -61.81
C GLU YA 48 -15.10 36.37 -62.28
N VAL YA 49 -15.81 36.25 -63.41
CA VAL YA 49 -16.45 37.40 -64.04
C VAL YA 49 -17.73 36.92 -64.73
N SER YA 50 -18.77 37.77 -64.70
CA SER YA 50 -20.04 37.44 -65.31
C SER YA 50 -19.98 37.60 -66.83
N LEU YA 51 -21.00 37.07 -67.50
CA LEU YA 51 -21.08 37.14 -68.95
C LEU YA 51 -21.38 38.54 -69.47
N ALA YA 52 -22.18 39.32 -68.74
CA ALA YA 52 -22.56 40.64 -69.23
C ALA YA 52 -21.41 41.65 -69.08
N ASP YA 53 -20.34 41.30 -68.39
CA ASP YA 53 -19.13 42.10 -68.36
C ASP YA 53 -18.16 41.73 -69.46
N LEU YA 54 -18.45 40.67 -70.22
CA LEU YA 54 -17.64 40.22 -71.35
C LEU YA 54 -18.37 40.34 -72.67
N GLN YA 55 -19.67 40.07 -72.69
CA GLN YA 55 -20.53 40.43 -73.79
C GLN YA 55 -21.18 41.78 -73.52
N ASN YA 56 -21.60 42.46 -74.59
CA ASN YA 56 -22.00 43.86 -74.45
C ASN YA 56 -23.36 44.02 -73.76
N ASP YA 57 -24.42 43.47 -74.35
CA ASP YA 57 -25.76 43.56 -73.75
C ASP YA 57 -26.43 42.20 -73.88
N GLU YA 58 -26.17 41.34 -72.90
CA GLU YA 58 -26.71 39.98 -72.86
C GLU YA 58 -27.15 39.70 -71.42
N VAL YA 59 -27.39 38.43 -71.12
CA VAL YA 59 -27.84 38.06 -69.78
C VAL YA 59 -26.71 38.29 -68.77
N ALA YA 60 -27.10 38.37 -67.49
CA ALA YA 60 -26.17 38.71 -66.42
C ALA YA 60 -26.08 37.68 -65.31
N PHE YA 61 -26.83 36.57 -65.40
CA PHE YA 61 -26.80 35.54 -64.37
C PHE YA 61 -25.82 34.42 -64.68
N ARG YA 62 -25.01 34.57 -65.73
CA ARG YA 62 -24.03 33.56 -66.10
C ARG YA 62 -22.62 34.11 -65.91
N LYS YA 63 -21.77 33.33 -65.25
CA LYS YA 63 -20.41 33.72 -64.95
C LYS YA 63 -19.44 32.72 -65.56
N PHE YA 64 -18.21 33.19 -65.82
CA PHE YA 64 -17.19 32.39 -66.49
C PHE YA 64 -15.88 32.46 -65.72
N LYS YA 65 -15.22 31.31 -65.61
CA LYS YA 65 -13.89 31.23 -65.01
C LYS YA 65 -12.83 31.34 -66.11
N LEU YA 66 -11.86 32.23 -65.91
CA LEU YA 66 -10.84 32.50 -66.91
C LEU YA 66 -9.46 32.40 -66.27
N ILE YA 67 -8.59 31.56 -66.85
CA ILE YA 67 -7.24 31.32 -66.36
C ILE YA 67 -6.24 31.95 -67.33
N THR YA 68 -5.17 32.52 -66.78
CA THR YA 68 -4.10 33.13 -67.59
C THR YA 68 -2.98 32.11 -67.78
N GLU YA 69 -2.90 31.49 -68.95
CA GLU YA 69 -1.81 30.55 -69.19
C GLU YA 69 -0.51 31.23 -69.61
N ASP YA 70 -0.55 32.50 -70.00
CA ASP YA 70 0.66 33.17 -70.44
C ASP YA 70 0.54 34.67 -70.20
N VAL YA 71 1.69 35.30 -69.96
CA VAL YA 71 1.80 36.74 -69.82
C VAL YA 71 2.52 37.28 -71.06
N GLN YA 72 1.86 38.18 -71.79
CA GLN YA 72 2.49 38.86 -72.92
C GLN YA 72 3.43 39.98 -72.51
N GLY YA 73 3.22 40.58 -71.34
CA GLY YA 73 3.92 41.79 -70.97
C GLY YA 73 2.99 42.99 -70.96
N LYS YA 74 2.58 43.42 -69.76
CA LYS YA 74 1.53 44.42 -69.55
C LYS YA 74 0.20 43.97 -70.14
N ASN YA 75 0.03 42.65 -70.30
CA ASN YA 75 -1.21 42.07 -70.80
C ASN YA 75 -1.33 40.63 -70.30
N CYS YA 76 -2.52 40.26 -69.85
CA CYS YA 76 -2.83 38.89 -69.43
C CYS YA 76 -3.86 38.32 -70.38
N LEU YA 77 -3.45 37.35 -71.19
CA LEU YA 77 -4.35 36.71 -72.15
C LEU YA 77 -4.96 35.46 -71.50
N THR YA 78 -6.28 35.42 -71.44
CA THR YA 78 -7.01 34.38 -70.71
C THR YA 78 -7.56 33.32 -71.65
N ASN YA 79 -8.15 32.28 -71.06
CA ASN YA 79 -8.88 31.27 -71.78
C ASN YA 79 -9.91 30.66 -70.84
N PHE YA 80 -10.91 29.99 -71.44
CA PHE YA 80 -12.02 29.43 -70.68
C PHE YA 80 -11.55 28.35 -69.71
N HIS YA 81 -12.05 28.42 -68.48
CA HIS YA 81 -11.65 27.48 -67.43
C HIS YA 81 -12.88 26.85 -66.78
N GLY YA 82 -14.01 27.55 -66.81
CA GLY YA 82 -15.22 27.03 -66.22
C GLY YA 82 -16.39 28.01 -66.28
N MET YA 83 -17.60 27.50 -66.41
CA MET YA 83 -18.80 28.31 -66.45
C MET YA 83 -19.67 27.96 -65.25
N ASP YA 84 -20.14 28.99 -64.55
CA ASP YA 84 -20.95 28.78 -63.35
C ASP YA 84 -22.07 29.81 -63.33
N LEU YA 85 -23.26 29.38 -62.92
CA LEU YA 85 -24.41 30.27 -62.82
C LEU YA 85 -24.39 31.00 -61.49
N THR YA 86 -25.12 32.11 -61.45
CA THR YA 86 -25.25 32.88 -60.21
C THR YA 86 -26.08 32.09 -59.19
N ARG YA 87 -25.61 32.09 -57.95
CA ARG YA 87 -26.33 31.37 -56.90
C ARG YA 87 -27.70 31.99 -56.61
N ASP YA 88 -27.84 33.30 -56.84
CA ASP YA 88 -29.16 33.91 -56.79
C ASP YA 88 -30.08 33.33 -57.85
N LYS YA 89 -29.56 33.15 -59.07
CA LYS YA 89 -30.33 32.50 -60.13
C LYS YA 89 -30.51 31.02 -59.82
N MET YA 90 -29.53 30.40 -59.15
CA MET YA 90 -29.60 28.98 -58.86
C MET YA 90 -30.72 28.65 -57.88
N CYS YA 91 -30.85 29.41 -56.80
CA CYS YA 91 -31.83 29.10 -55.77
C CYS YA 91 -33.21 29.67 -56.06
N SER YA 92 -33.33 30.62 -56.99
CA SER YA 92 -34.64 31.20 -57.28
C SER YA 92 -35.51 30.25 -58.09
N MET YA 93 -34.91 29.54 -59.04
CA MET YA 93 -35.68 28.66 -59.91
C MET YA 93 -36.11 27.37 -59.21
N VAL YA 94 -35.42 26.97 -58.16
CA VAL YA 94 -35.82 25.78 -57.42
C VAL YA 94 -36.98 26.13 -56.49
N LYS YA 95 -38.14 25.52 -56.72
CA LYS YA 95 -39.32 25.77 -55.91
C LYS YA 95 -40.14 24.49 -55.81
N LYS YA 96 -41.13 24.51 -54.91
CA LYS YA 96 -41.92 23.34 -54.61
C LYS YA 96 -42.94 23.07 -55.70
N TRP YA 97 -43.54 21.87 -55.64
CA TRP YA 97 -44.58 21.41 -56.57
C TRP YA 97 -44.09 21.40 -58.02
N GLN YA 98 -42.85 20.94 -58.20
CA GLN YA 98 -42.31 20.63 -59.52
C GLN YA 98 -41.16 19.66 -59.32
N THR YA 99 -40.75 19.02 -60.41
CA THR YA 99 -39.72 17.99 -60.39
C THR YA 99 -38.39 18.59 -60.86
N MET YA 100 -37.38 18.53 -60.00
CA MET YA 100 -36.04 19.01 -60.34
C MET YA 100 -35.24 17.85 -60.91
N ILE YA 101 -34.80 17.99 -62.16
CA ILE YA 101 -34.06 16.95 -62.86
C ILE YA 101 -32.69 17.50 -63.23
N GLU YA 102 -31.64 16.76 -62.88
CA GLU YA 102 -30.27 17.12 -63.20
C GLU YA 102 -29.63 16.01 -64.00
N ALA YA 103 -28.57 16.36 -64.72
CA ALA YA 103 -27.87 15.39 -65.55
C ALA YA 103 -26.44 15.86 -65.76
N HIS YA 104 -25.50 14.92 -65.66
CA HIS YA 104 -24.08 15.19 -65.83
C HIS YA 104 -23.45 14.08 -66.66
N VAL YA 105 -22.38 14.44 -67.37
CA VAL YA 105 -21.64 13.49 -68.19
C VAL YA 105 -20.22 14.02 -68.37
N ASP YA 106 -19.26 13.11 -68.47
CA ASP YA 106 -17.87 13.44 -68.74
C ASP YA 106 -17.60 13.29 -70.23
N VAL YA 107 -17.18 14.38 -70.87
CA VAL YA 107 -17.03 14.40 -72.32
C VAL YA 107 -15.79 15.22 -72.66
N LYS YA 108 -15.05 14.76 -73.66
CA LYS YA 108 -13.84 15.42 -74.13
C LYS YA 108 -14.07 15.94 -75.54
N THR YA 109 -13.48 17.10 -75.84
CA THR YA 109 -13.61 17.73 -77.14
C THR YA 109 -12.72 17.01 -78.16
N THR YA 110 -12.61 17.59 -79.37
CA THR YA 110 -11.69 17.03 -80.37
C THR YA 110 -10.25 17.14 -79.90
N ASP YA 111 -9.90 18.27 -79.28
CA ASP YA 111 -8.62 18.38 -78.61
C ASP YA 111 -8.73 17.83 -77.19
N GLY YA 112 -7.64 17.98 -76.42
CA GLY YA 112 -7.57 17.33 -75.12
C GLY YA 112 -8.33 18.02 -74.01
N TYR YA 113 -9.35 18.81 -74.33
CA TYR YA 113 -10.13 19.50 -73.32
C TYR YA 113 -11.26 18.58 -72.88
N LEU YA 114 -11.10 17.96 -71.72
CA LEU YA 114 -12.09 17.06 -71.16
C LEU YA 114 -12.90 17.80 -70.11
N LEU YA 115 -14.22 17.82 -70.27
CA LEU YA 115 -15.09 18.67 -69.48
C LEU YA 115 -16.12 17.84 -68.73
N ARG YA 116 -16.56 18.38 -67.59
CA ARG YA 116 -17.69 17.83 -66.84
C ARG YA 116 -18.80 18.87 -66.85
N LEU YA 117 -19.86 18.61 -67.59
CA LEU YA 117 -20.96 19.55 -67.75
C LEU YA 117 -22.09 19.22 -66.77
N PHE YA 118 -22.87 20.25 -66.46
CA PHE YA 118 -24.00 20.11 -65.55
C PHE YA 118 -25.18 20.90 -66.10
N CYS YA 119 -26.36 20.28 -66.10
CA CYS YA 119 -27.60 20.93 -66.51
C CYS YA 119 -28.70 20.64 -65.49
N VAL YA 120 -29.75 21.45 -65.56
CA VAL YA 120 -30.86 21.34 -64.62
C VAL YA 120 -32.17 21.50 -65.39
N GLY YA 121 -33.20 20.77 -64.95
CA GLY YA 121 -34.51 20.87 -65.55
C GLY YA 121 -35.58 21.05 -64.49
N PHE YA 122 -36.72 21.61 -64.92
CA PHE YA 122 -37.82 21.91 -64.02
C PHE YA 122 -39.13 21.72 -64.77
N THR YA 123 -39.99 20.84 -64.25
CA THR YA 123 -41.29 20.61 -64.86
C THR YA 123 -42.16 21.86 -64.71
N LYS YA 124 -42.94 22.14 -65.76
CA LYS YA 124 -43.71 23.38 -65.84
C LYS YA 124 -45.19 23.09 -65.64
N LYS YA 125 -45.83 23.86 -64.77
CA LYS YA 125 -47.28 23.81 -64.65
C LYS YA 125 -47.90 24.44 -65.90
N ARG YA 126 -48.86 23.73 -66.49
CA ARG YA 126 -49.46 24.19 -67.74
C ARG YA 126 -50.36 25.41 -67.50
N ASN YA 127 -50.65 26.12 -68.60
CA ASN YA 127 -51.47 27.33 -68.50
C ASN YA 127 -52.89 26.99 -68.06
N ASN YA 128 -53.46 25.93 -68.61
CA ASN YA 128 -54.80 25.48 -68.24
C ASN YA 128 -54.78 24.42 -67.15
N GLN YA 129 -53.61 24.11 -66.59
CA GLN YA 129 -53.53 23.09 -65.54
C GLN YA 129 -54.15 23.62 -64.26
N ILE YA 130 -55.01 22.81 -63.65
CA ILE YA 130 -55.68 23.17 -62.41
C ILE YA 130 -54.99 22.42 -61.28
N ARG YA 131 -54.35 21.30 -61.63
CA ARG YA 131 -53.69 20.45 -60.65
C ARG YA 131 -52.47 21.15 -60.06
N LYS YA 132 -52.37 21.14 -58.73
CA LYS YA 132 -51.30 21.85 -58.05
C LYS YA 132 -49.98 21.10 -58.12
N THR YA 133 -50.03 19.77 -58.14
CA THR YA 133 -48.81 18.97 -57.97
C THR YA 133 -47.85 19.14 -59.14
N SER YA 134 -48.31 18.83 -60.36
CA SER YA 134 -47.51 18.97 -61.59
C SER YA 134 -46.19 18.21 -61.50
N TYR YA 135 -46.26 16.97 -61.00
CA TYR YA 135 -45.10 16.10 -60.90
C TYR YA 135 -45.00 15.20 -62.12
N ALA YA 136 -43.89 14.47 -62.21
CA ALA YA 136 -43.62 13.55 -63.29
C ALA YA 136 -43.29 12.17 -62.74
N GLN YA 137 -43.51 11.15 -63.57
CA GLN YA 137 -43.21 9.78 -63.18
C GLN YA 137 -41.70 9.57 -63.12
N HIS YA 138 -41.29 8.56 -62.34
CA HIS YA 138 -39.87 8.27 -62.18
C HIS YA 138 -39.24 7.80 -63.48
N GLN YA 139 -39.96 6.98 -64.26
CA GLN YA 139 -39.45 6.56 -65.55
C GLN YA 139 -39.40 7.71 -66.55
N GLN YA 140 -40.30 8.68 -66.42
CA GLN YA 140 -40.24 9.86 -67.26
C GLN YA 140 -38.99 10.68 -66.97
N VAL YA 141 -38.61 10.79 -65.69
CA VAL YA 141 -37.38 11.48 -65.32
C VAL YA 141 -36.17 10.74 -65.88
N ARG YA 142 -36.18 9.41 -65.78
CA ARG YA 142 -35.12 8.60 -66.38
C ARG YA 142 -35.14 8.68 -67.90
N GLN YA 143 -36.31 8.77 -68.52
CA GLN YA 143 -36.40 8.99 -69.95
C GLN YA 143 -36.05 10.42 -70.36
N ILE YA 144 -36.30 11.39 -69.48
CA ILE YA 144 -35.88 12.76 -69.77
C ILE YA 144 -34.36 12.86 -69.71
N ARG YA 145 -33.75 12.31 -68.66
CA ARG YA 145 -32.33 12.52 -68.43
C ARG YA 145 -31.44 11.75 -69.39
N LYS YA 146 -31.92 10.65 -69.98
CA LYS YA 146 -31.13 9.97 -70.99
C LYS YA 146 -31.07 10.74 -72.30
N LYS YA 147 -32.13 11.45 -72.65
CA LYS YA 147 -32.08 12.38 -73.78
C LYS YA 147 -31.33 13.65 -73.39
N MET YA 148 -31.41 14.03 -72.12
CA MET YA 148 -30.82 15.26 -71.61
C MET YA 148 -29.30 15.15 -71.51
N MET YA 149 -28.76 13.93 -71.41
CA MET YA 149 -27.31 13.75 -71.38
C MET YA 149 -26.71 13.62 -72.79
N GLU YA 150 -27.38 12.90 -73.69
CA GLU YA 150 -26.79 12.61 -75.00
C GLU YA 150 -26.64 13.87 -75.84
N ILE YA 151 -27.42 14.91 -75.53
CA ILE YA 151 -27.30 16.17 -76.24
C ILE YA 151 -25.94 16.80 -75.98
N MET YA 152 -25.44 16.68 -74.74
CA MET YA 152 -24.10 17.18 -74.43
C MET YA 152 -23.03 16.43 -75.21
N THR YA 153 -23.15 15.11 -75.32
CA THR YA 153 -22.14 14.34 -76.04
C THR YA 153 -22.15 14.64 -77.53
N ARG YA 154 -23.30 15.05 -78.07
CA ARG YA 154 -23.39 15.42 -79.48
C ARG YA 154 -22.76 16.78 -79.75
N GLU YA 155 -22.96 17.74 -78.86
CA GLU YA 155 -22.45 19.10 -79.08
C GLU YA 155 -20.96 19.21 -78.81
N VAL YA 156 -20.42 18.47 -77.86
CA VAL YA 156 -19.06 18.67 -77.39
C VAL YA 156 -18.06 17.83 -78.18
N GLN YA 157 -18.42 16.59 -78.52
CA GLN YA 157 -17.48 15.69 -79.17
C GLN YA 157 -17.10 16.14 -80.58
N THR YA 158 -18.02 16.83 -81.27
CA THR YA 158 -17.82 17.13 -82.68
C THR YA 158 -16.80 18.23 -82.94
N ASN YA 159 -16.49 19.06 -81.94
CA ASN YA 159 -15.61 20.21 -82.15
C ASN YA 159 -14.76 20.41 -80.90
N ASP YA 160 -13.93 21.46 -80.92
CA ASP YA 160 -13.07 21.82 -79.81
C ASP YA 160 -13.69 22.97 -79.02
N LEU YA 161 -12.91 23.55 -78.09
CA LEU YA 161 -13.47 24.46 -77.10
C LEU YA 161 -14.03 25.74 -77.72
N LYS YA 162 -13.56 26.13 -78.91
CA LYS YA 162 -13.93 27.43 -79.46
C LYS YA 162 -15.42 27.51 -79.80
N GLU YA 163 -16.04 26.39 -80.16
CA GLU YA 163 -17.46 26.43 -80.50
C GLU YA 163 -18.35 26.16 -79.29
N VAL YA 164 -17.95 25.26 -78.39
CA VAL YA 164 -18.81 24.97 -77.24
C VAL YA 164 -18.85 26.15 -76.29
N VAL YA 165 -17.76 26.91 -76.16
CA VAL YA 165 -17.81 28.17 -75.43
C VAL YA 165 -18.73 29.15 -76.15
N ASN YA 166 -18.67 29.18 -77.48
CA ASN YA 166 -19.62 29.98 -78.25
C ASN YA 166 -21.04 29.44 -78.13
N LYS YA 167 -21.21 28.19 -77.70
CA LYS YA 167 -22.54 27.67 -77.37
C LYS YA 167 -22.96 27.99 -75.95
N LEU YA 168 -22.03 28.41 -75.10
CA LEU YA 168 -22.35 28.74 -73.72
C LEU YA 168 -22.73 30.21 -73.52
N ILE YA 169 -22.36 31.08 -74.44
CA ILE YA 169 -22.79 32.48 -74.37
C ILE YA 169 -24.30 32.55 -74.53
N PRO YA 170 -24.92 31.87 -75.53
CA PRO YA 170 -26.38 31.64 -75.43
C PRO YA 170 -26.67 30.38 -74.64
N ASP YA 171 -27.95 29.99 -74.59
CA ASP YA 171 -28.36 28.72 -74.01
C ASP YA 171 -28.54 27.63 -75.06
N SER YA 172 -27.71 27.66 -76.11
CA SER YA 172 -27.89 26.79 -77.27
C SER YA 172 -27.88 25.31 -76.92
N ILE YA 173 -27.14 24.91 -75.89
CA ILE YA 173 -27.23 23.55 -75.39
C ILE YA 173 -28.50 23.35 -74.57
N GLY YA 174 -28.85 24.33 -73.74
CA GLY YA 174 -30.05 24.24 -72.92
C GLY YA 174 -31.35 24.44 -73.67
N LYS YA 175 -31.33 25.21 -74.76
CA LYS YA 175 -32.53 25.37 -75.57
C LYS YA 175 -32.91 24.07 -76.26
N ASP YA 176 -31.91 23.34 -76.76
CA ASP YA 176 -32.17 22.06 -77.41
C ASP YA 176 -32.72 21.03 -76.43
N ILE YA 177 -32.21 21.05 -75.19
CA ILE YA 177 -32.70 20.12 -74.18
C ILE YA 177 -34.16 20.39 -73.86
N GLU YA 178 -34.55 21.67 -73.79
CA GLU YA 178 -35.93 22.03 -73.46
C GLU YA 178 -36.90 21.54 -74.53
N LYS YA 179 -36.57 21.73 -75.80
CA LYS YA 179 -37.50 21.37 -76.87
C LYS YA 179 -37.47 19.88 -77.21
N ALA YA 180 -36.35 19.20 -76.99
CA ALA YA 180 -36.27 17.78 -77.35
C ALA YA 180 -37.06 16.90 -76.39
N CYS YA 181 -37.22 17.33 -75.14
CA CYS YA 181 -37.92 16.55 -74.12
C CYS YA 181 -39.35 17.01 -73.92
N GLN YA 182 -39.89 17.83 -74.83
CA GLN YA 182 -41.29 18.24 -74.75
C GLN YA 182 -42.24 17.07 -74.94
N SER YA 183 -41.83 16.03 -75.67
CA SER YA 183 -42.66 14.86 -75.86
C SER YA 183 -42.72 13.97 -74.63
N ILE YA 184 -41.81 14.14 -73.68
CA ILE YA 184 -41.81 13.37 -72.45
C ILE YA 184 -42.57 14.14 -71.38
N TYR YA 185 -42.10 15.34 -71.04
CA TYR YA 185 -42.77 16.20 -70.09
C TYR YA 185 -42.42 17.63 -70.45
N PRO YA 186 -43.40 18.54 -70.53
CA PRO YA 186 -43.09 19.92 -70.94
C PRO YA 186 -42.37 20.71 -69.86
N LEU YA 187 -41.05 20.53 -69.77
CA LEU YA 187 -40.24 21.30 -68.84
C LEU YA 187 -39.80 22.61 -69.51
N HIS YA 188 -39.69 23.66 -68.69
CA HIS YA 188 -39.52 25.01 -69.21
C HIS YA 188 -38.23 25.66 -68.77
N ASP YA 189 -37.81 25.45 -67.52
CA ASP YA 189 -36.77 26.27 -66.91
C ASP YA 189 -35.43 25.52 -66.98
N VAL YA 190 -34.92 25.42 -68.21
CA VAL YA 190 -33.75 24.60 -68.51
C VAL YA 190 -32.56 25.49 -68.79
N PHE YA 191 -31.45 25.24 -68.09
CA PHE YA 191 -30.16 25.81 -68.44
C PHE YA 191 -29.10 24.76 -68.18
N VAL YA 192 -27.93 24.94 -68.81
CA VAL YA 192 -26.73 24.27 -68.35
C VAL YA 192 -26.12 25.08 -67.22
N ARG YA 193 -25.93 24.45 -66.06
CA ARG YA 193 -25.66 25.17 -64.83
C ARG YA 193 -24.18 25.24 -64.46
N LYS YA 194 -23.38 24.27 -64.86
CA LYS YA 194 -21.96 24.27 -64.47
C LYS YA 194 -21.15 23.51 -65.49
N VAL YA 195 -20.05 24.14 -65.95
CA VAL YA 195 -19.04 23.48 -66.77
C VAL YA 195 -17.73 23.52 -66.01
N LYS YA 196 -17.13 22.34 -65.81
CA LYS YA 196 -15.96 22.20 -64.95
C LYS YA 196 -14.81 21.60 -65.76
N MET YA 197 -13.65 22.26 -65.72
CA MET YA 197 -12.45 21.71 -66.34
C MET YA 197 -11.89 20.57 -65.51
N LEU YA 198 -11.50 19.49 -66.19
CA LEU YA 198 -10.95 18.32 -65.53
C LEU YA 198 -9.53 18.00 -65.95
N LYS YA 199 -9.25 17.96 -67.25
CA LYS YA 199 -7.92 17.62 -67.74
C LYS YA 199 -7.61 18.46 -68.98
N LYS YA 200 -6.49 19.17 -68.94
CA LYS YA 200 -6.03 19.90 -70.11
C LYS YA 200 -4.80 19.25 -70.71
N PRO YA 201 -4.60 19.40 -72.02
CA PRO YA 201 -3.37 18.90 -72.63
C PRO YA 201 -2.20 19.86 -72.43
N LYS YA 202 -1.07 19.58 -73.06
CA LYS YA 202 0.09 20.45 -72.93
C LYS YA 202 -0.22 21.84 -73.49
N PHE YA 203 0.13 22.87 -72.72
CA PHE YA 203 -0.07 24.25 -73.17
C PHE YA 203 1.07 24.68 -74.08
N GLU YA 204 0.77 24.93 -75.35
CA GLU YA 204 1.69 25.59 -76.26
C GLU YA 204 1.07 26.91 -76.70
N LEU YA 205 1.87 27.96 -76.72
CA LEU YA 205 1.37 29.32 -76.87
C LEU YA 205 0.67 29.56 -78.20
N GLY YA 206 0.97 28.76 -79.22
CA GLY YA 206 0.35 28.97 -80.53
C GLY YA 206 -1.15 28.74 -80.52
N LYS YA 207 -1.64 27.86 -79.65
CA LYS YA 207 -3.07 27.63 -79.52
C LYS YA 207 -3.81 28.86 -78.98
N LEU YA 208 -3.16 29.66 -78.14
CA LEU YA 208 -3.84 30.76 -77.47
C LEU YA 208 -4.03 31.96 -78.38
N MET YA 209 -3.22 32.08 -79.43
CA MET YA 209 -3.26 33.28 -80.26
C MET YA 209 -4.49 33.34 -81.16
N GLU YA 210 -4.88 32.23 -81.78
CA GLU YA 210 -6.08 32.29 -82.61
C GLU YA 210 -7.33 32.42 -81.76
N LEU YA 211 -7.23 32.05 -80.48
CA LEU YA 211 -8.27 32.34 -79.50
C LEU YA 211 -8.19 33.76 -78.97
N HIS YA 212 -7.15 34.52 -79.32
CA HIS YA 212 -6.97 35.91 -78.93
C HIS YA 212 -6.75 36.82 -80.13
N GLY YA 213 -7.18 36.39 -81.31
CA GLY YA 213 -6.99 37.18 -82.52
C GLY YA 213 -5.63 37.01 -83.14
N LYS ZA 1 -103.51 36.23 -9.10
CA LYS ZA 1 -104.12 34.93 -8.85
C LYS ZA 1 -104.62 34.29 -10.15
N GLU ZA 2 -105.31 35.09 -10.97
CA GLU ZA 2 -105.91 34.60 -12.19
C GLU ZA 2 -104.84 34.34 -13.25
N TRP ZA 3 -104.98 33.22 -13.95
CA TRP ZA 3 -104.08 32.85 -15.03
C TRP ZA 3 -104.42 33.56 -16.35
N LEU ZA 4 -103.46 34.29 -16.88
CA LEU ZA 4 -103.55 34.79 -18.25
C LEU ZA 4 -102.61 34.00 -19.16
N PRO ZA 5 -103.12 33.36 -20.22
CA PRO ZA 5 -102.26 32.54 -21.07
C PRO ZA 5 -101.27 33.35 -21.90
N VAL ZA 6 -100.15 32.71 -22.20
CA VAL ZA 6 -99.10 33.29 -23.02
C VAL ZA 6 -98.96 32.56 -24.35
N THR ZA 7 -98.69 31.26 -24.31
CA THR ZA 7 -98.62 30.46 -25.53
C THR ZA 7 -100.03 30.16 -26.03
N LYS ZA 8 -100.17 30.16 -27.36
CA LYS ZA 8 -101.50 30.00 -27.95
C LYS ZA 8 -102.03 28.58 -27.79
N LEU ZA 9 -101.17 27.61 -27.47
CA LEU ZA 9 -101.66 26.28 -27.11
C LEU ZA 9 -102.46 26.34 -25.82
N GLY ZA 10 -102.00 27.13 -24.86
CA GLY ZA 10 -102.70 27.30 -23.60
C GLY ZA 10 -103.97 28.12 -23.70
N ARG ZA 11 -104.14 28.90 -24.77
CA ARG ZA 11 -105.36 29.67 -24.94
C ARG ZA 11 -106.57 28.75 -25.04
N LEU ZA 12 -106.46 27.67 -25.81
CA LEU ZA 12 -107.57 26.73 -25.93
C LEU ZA 12 -107.81 25.96 -24.64
N VAL ZA 13 -106.79 25.87 -23.77
CA VAL ZA 13 -106.99 25.23 -22.47
C VAL ZA 13 -107.95 26.05 -21.62
N LYS ZA 14 -107.83 27.38 -21.66
CA LYS ZA 14 -108.71 28.25 -20.89
C LYS ZA 14 -110.08 28.42 -21.51
N ASP ZA 15 -110.24 28.13 -22.80
CA ASP ZA 15 -111.53 28.24 -23.46
C ASP ZA 15 -112.37 26.98 -23.36
N MET ZA 16 -111.99 26.04 -22.47
CA MET ZA 16 -112.72 24.79 -22.24
C MET ZA 16 -112.76 23.93 -23.50
N LYS ZA 17 -111.72 24.03 -24.32
CA LYS ZA 17 -111.76 23.45 -25.66
C LYS ZA 17 -110.85 22.25 -25.87
N ILE ZA 18 -109.77 22.12 -25.11
CA ILE ZA 18 -108.93 20.93 -25.18
C ILE ZA 18 -109.50 19.89 -24.22
N LYS ZA 19 -109.99 18.78 -24.77
CA LYS ZA 19 -110.73 17.82 -23.97
C LYS ZA 19 -109.83 17.08 -22.99
N SER ZA 20 -108.61 16.76 -23.39
CA SER ZA 20 -107.68 16.03 -22.53
C SER ZA 20 -106.25 16.38 -22.95
N LEU ZA 21 -105.30 15.96 -22.13
CA LEU ZA 21 -103.90 16.13 -22.50
C LEU ZA 21 -103.38 15.01 -23.38
N GLU ZA 22 -104.22 14.03 -23.72
CA GLU ZA 22 -103.80 12.94 -24.59
C GLU ZA 22 -103.57 13.43 -26.02
N GLU ZA 23 -104.51 14.20 -26.57
CA GLU ZA 23 -104.33 14.69 -27.94
C GLU ZA 23 -103.25 15.76 -28.01
N ILE ZA 24 -102.85 16.32 -26.87
CA ILE ZA 24 -101.63 17.12 -26.84
C ILE ZA 24 -100.42 16.25 -27.13
N TYR ZA 25 -100.35 15.06 -26.52
CA TYR ZA 25 -99.28 14.13 -26.81
C TYR ZA 25 -99.45 13.44 -28.16
N LEU ZA 26 -100.68 13.40 -28.68
CA LEU ZA 26 -100.92 12.78 -29.98
C LEU ZA 26 -100.19 13.50 -31.10
N PHE ZA 27 -100.12 14.83 -31.04
CA PHE ZA 27 -99.50 15.63 -32.08
C PHE ZA 27 -98.12 16.13 -31.69
N SER ZA 28 -97.60 15.67 -30.54
CA SER ZA 28 -96.25 15.96 -30.07
C SER ZA 28 -95.99 17.46 -29.93
N LEU ZA 29 -97.04 18.20 -29.59
CA LEU ZA 29 -96.90 19.63 -29.40
C LEU ZA 29 -96.18 19.94 -28.10
N PRO ZA 30 -95.29 20.93 -28.10
CA PRO ZA 30 -94.55 21.24 -26.86
C PRO ZA 30 -95.45 21.92 -25.83
N ILE ZA 31 -95.22 21.59 -24.57
CA ILE ZA 31 -95.88 22.23 -23.45
C ILE ZA 31 -94.85 23.08 -22.73
N LYS ZA 32 -95.18 24.37 -22.56
CA LYS ZA 32 -94.28 25.31 -21.90
C LYS ZA 32 -94.99 26.03 -20.76
N GLU ZA 33 -96.20 25.61 -20.39
CA GLU ZA 33 -96.95 26.19 -19.29
C GLU ZA 33 -97.26 25.11 -18.26
N SER ZA 34 -96.85 25.36 -17.02
CA SER ZA 34 -97.00 24.39 -15.94
C SER ZA 34 -98.43 24.23 -15.47
N GLU ZA 35 -99.25 25.24 -15.68
CA GLU ZA 35 -100.64 25.21 -15.27
C GLU ZA 35 -101.57 24.58 -16.29
N ILE ZA 36 -101.09 24.28 -17.50
CA ILE ZA 36 -101.83 23.43 -18.43
C ILE ZA 36 -102.01 22.03 -17.85
N ILE ZA 37 -100.96 21.51 -17.22
CA ILE ZA 37 -101.05 20.23 -16.50
C ILE ZA 37 -102.02 20.36 -15.33
N ASP ZA 38 -102.04 21.52 -14.68
CA ASP ZA 38 -102.88 21.74 -13.52
C ASP ZA 38 -104.37 21.80 -13.85
N PHE ZA 39 -104.73 22.03 -15.12
CA PHE ZA 39 -106.14 22.08 -15.47
C PHE ZA 39 -106.70 20.67 -15.65
N PHE ZA 40 -105.92 19.79 -16.29
CA PHE ZA 40 -106.37 18.43 -16.54
C PHE ZA 40 -106.23 17.58 -15.29
N LEU ZA 41 -105.03 17.54 -14.72
CA LEU ZA 41 -104.70 16.65 -13.60
C LEU ZA 41 -104.29 17.41 -12.35
N GLY ZA 42 -105.00 18.49 -12.02
CA GLY ZA 42 -104.60 19.30 -10.89
C GLY ZA 42 -104.95 18.75 -9.52
N ALA ZA 43 -105.69 17.64 -9.45
CA ALA ZA 43 -106.12 17.05 -8.19
C ALA ZA 43 -105.33 15.80 -7.82
N SER ZA 44 -105.28 14.81 -8.71
CA SER ZA 44 -104.64 13.54 -8.38
C SER ZA 44 -103.12 13.65 -8.42
N LEU ZA 45 -102.58 14.68 -9.07
CA LEU ZA 45 -101.14 14.87 -9.15
C LEU ZA 45 -100.55 15.17 -7.76
N LYS ZA 46 -99.42 14.53 -7.47
CA LYS ZA 46 -98.67 14.74 -6.24
C LYS ZA 46 -97.21 14.98 -6.58
N ASP ZA 47 -96.51 15.63 -5.66
CA ASP ZA 47 -95.08 15.91 -5.81
C ASP ZA 47 -94.28 15.24 -4.70
N GLU ZA 48 -93.00 14.98 -5.00
CA GLU ZA 48 -92.08 14.35 -4.06
C GLU ZA 48 -90.66 14.72 -4.44
N VAL ZA 49 -89.91 15.23 -3.47
CA VAL ZA 49 -88.56 15.74 -3.71
C VAL ZA 49 -87.55 14.61 -3.53
N LEU ZA 50 -86.67 14.44 -4.52
CA LEU ZA 50 -85.65 13.38 -4.48
C LEU ZA 50 -84.44 13.78 -3.65
N LYS ZA 51 -83.75 14.84 -4.04
CA LYS ZA 51 -82.50 15.23 -3.39
C LYS ZA 51 -82.28 16.72 -3.56
N ILE ZA 52 -81.62 17.31 -2.56
CA ILE ZA 52 -81.14 18.69 -2.62
C ILE ZA 52 -79.62 18.62 -2.77
N MET ZA 53 -79.11 19.10 -3.90
CA MET ZA 53 -77.72 18.91 -4.25
C MET ZA 53 -76.97 20.24 -4.16
N PRO ZA 54 -76.15 20.47 -3.13
CA PRO ZA 54 -75.47 21.76 -3.02
C PRO ZA 54 -74.21 21.86 -3.88
N VAL ZA 55 -74.38 22.15 -5.17
CA VAL ZA 55 -73.24 22.37 -6.04
C VAL ZA 55 -72.65 23.74 -5.78
N GLN ZA 56 -71.41 23.92 -6.24
CA GLN ZA 56 -70.73 25.20 -6.05
C GLN ZA 56 -69.64 25.35 -7.10
N LYS ZA 57 -69.20 26.59 -7.28
CA LYS ZA 57 -68.11 26.92 -8.19
C LYS ZA 57 -67.07 27.75 -7.45
N GLN ZA 58 -65.81 27.60 -7.84
CA GLN ZA 58 -64.72 28.31 -7.18
C GLN ZA 58 -64.60 29.71 -7.78
N THR ZA 59 -64.83 30.73 -6.96
CA THR ZA 59 -64.60 32.11 -7.34
C THR ZA 59 -63.36 32.63 -6.62
N ARG ZA 60 -63.00 33.89 -6.89
CA ARG ZA 60 -61.87 34.48 -6.20
C ARG ZA 60 -62.17 34.78 -4.74
N ALA ZA 61 -63.37 35.25 -4.44
CA ALA ZA 61 -63.78 35.52 -3.06
C ALA ZA 61 -64.62 34.37 -2.53
N GLY ZA 62 -63.96 33.22 -2.38
CA GLY ZA 62 -64.62 32.04 -1.85
C GLY ZA 62 -65.32 31.23 -2.93
N GLN ZA 63 -66.21 30.35 -2.47
CA GLN ZA 63 -66.96 29.44 -3.34
C GLN ZA 63 -68.40 29.94 -3.44
N ARG ZA 64 -68.85 30.19 -4.67
CA ARG ZA 64 -70.24 30.56 -4.94
C ARG ZA 64 -71.09 29.29 -4.94
N THR ZA 65 -71.89 29.11 -3.89
CA THR ZA 65 -72.67 27.89 -3.70
C THR ZA 65 -74.15 28.16 -3.99
N ARG ZA 66 -74.74 27.32 -4.83
CA ARG ZA 66 -76.16 27.36 -5.13
C ARG ZA 66 -76.74 25.95 -4.99
N PHE ZA 67 -78.04 25.88 -4.73
CA PHE ZA 67 -78.70 24.62 -4.40
C PHE ZA 67 -79.45 24.08 -5.61
N LYS ZA 68 -79.24 22.80 -5.89
CA LYS ZA 68 -79.86 22.11 -7.02
C LYS ZA 68 -80.93 21.17 -6.49
N ALA ZA 69 -82.12 21.23 -7.07
CA ALA ZA 69 -83.26 20.47 -6.61
C ALA ZA 69 -83.58 19.33 -7.56
N PHE ZA 70 -84.17 18.27 -7.00
CA PHE ZA 70 -84.59 17.09 -7.76
C PHE ZA 70 -86.00 16.71 -7.29
N VAL ZA 71 -87.00 17.02 -8.11
CA VAL ZA 71 -88.39 16.76 -7.78
C VAL ZA 71 -88.99 15.87 -8.86
N ALA ZA 72 -89.49 14.71 -8.45
CA ALA ZA 72 -90.28 13.85 -9.32
C ALA ZA 72 -91.76 14.05 -9.01
N ILE ZA 73 -92.58 14.04 -10.07
CA ILE ZA 73 -93.97 14.47 -9.96
C ILE ZA 73 -94.81 13.58 -10.86
N GLY ZA 74 -96.12 13.53 -10.57
CA GLY ZA 74 -97.03 12.78 -11.41
C GLY ZA 74 -98.10 12.04 -10.63
N ASP ZA 75 -99.33 12.05 -11.15
CA ASP ZA 75 -100.41 11.29 -10.52
C ASP ZA 75 -100.17 9.79 -10.71
N TYR ZA 76 -100.84 8.99 -9.89
CA TYR ZA 76 -100.59 7.57 -9.81
C TYR ZA 76 -101.30 6.76 -10.89
N ASN ZA 77 -101.75 7.41 -11.97
CA ASN ZA 77 -102.44 6.73 -13.05
C ASN ZA 77 -102.15 7.45 -14.37
N GLY ZA 78 -101.15 6.96 -15.11
CA GLY ZA 78 -100.94 7.31 -16.49
C GLY ZA 78 -99.80 8.29 -16.75
N HIS ZA 79 -99.39 9.08 -15.76
CA HIS ZA 79 -98.45 10.16 -16.01
C HIS ZA 79 -97.39 10.24 -14.92
N VAL ZA 80 -96.19 10.67 -15.31
CA VAL ZA 80 -95.08 10.87 -14.37
C VAL ZA 80 -94.13 11.91 -14.97
N GLY ZA 81 -93.55 12.73 -14.11
CA GLY ZA 81 -92.64 13.78 -14.56
C GLY ZA 81 -91.48 13.96 -13.61
N LEU ZA 82 -90.43 14.59 -14.12
CA LEU ZA 82 -89.22 14.87 -13.37
C LEU ZA 82 -88.72 16.26 -13.71
N GLY ZA 83 -88.27 16.99 -12.69
CA GLY ZA 83 -87.77 18.34 -12.89
C GLY ZA 83 -86.56 18.68 -12.06
N VAL ZA 84 -85.56 19.31 -12.67
CA VAL ZA 84 -84.33 19.69 -12.00
C VAL ZA 84 -84.16 21.20 -12.13
N LYS ZA 85 -83.94 21.87 -11.00
CA LYS ZA 85 -83.72 23.31 -10.97
C LYS ZA 85 -82.59 23.61 -10.00
N CYS ZA 86 -81.66 24.46 -10.44
CA CYS ZA 86 -80.51 24.87 -9.63
C CYS ZA 86 -80.63 26.37 -9.39
N SER ZA 87 -81.20 26.73 -8.25
CA SER ZA 87 -81.40 28.12 -7.86
C SER ZA 87 -80.49 28.48 -6.68
N LYS ZA 88 -80.59 29.74 -6.25
CA LYS ZA 88 -79.74 30.22 -5.16
C LYS ZA 88 -80.17 29.62 -3.83
N GLU ZA 89 -81.48 29.57 -3.57
CA GLU ZA 89 -82.01 29.19 -2.27
C GLU ZA 89 -82.82 27.90 -2.42
N VAL ZA 90 -82.88 27.14 -1.32
CA VAL ZA 90 -83.42 25.78 -1.36
C VAL ZA 90 -84.89 25.78 -1.72
N ALA ZA 91 -85.70 26.60 -1.04
CA ALA ZA 91 -87.13 26.62 -1.29
C ALA ZA 91 -87.46 27.17 -2.67
N THR ZA 92 -86.69 28.15 -3.15
CA THR ZA 92 -86.87 28.64 -4.51
C THR ZA 92 -86.52 27.56 -5.53
N ALA ZA 93 -85.45 26.81 -5.29
CA ALA ZA 93 -85.10 25.71 -6.17
C ALA ZA 93 -86.14 24.60 -6.14
N ILE ZA 94 -86.70 24.30 -4.97
CA ILE ZA 94 -87.75 23.30 -4.87
C ILE ZA 94 -89.01 23.77 -5.61
N ARG ZA 95 -89.39 25.03 -5.40
CA ARG ZA 95 -90.53 25.59 -6.12
C ARG ZA 95 -90.26 25.67 -7.62
N GLY ZA 96 -89.05 26.06 -8.00
CA GLY ZA 96 -88.70 26.16 -9.41
C GLY ZA 96 -88.55 24.82 -10.10
N ALA ZA 97 -88.26 23.76 -9.35
CA ALA ZA 97 -88.19 22.42 -9.92
C ALA ZA 97 -89.57 21.84 -10.18
N ILE ZA 98 -90.57 22.21 -9.38
CA ILE ZA 98 -91.93 21.72 -9.58
C ILE ZA 98 -92.49 22.24 -10.91
N ILE ZA 99 -92.22 23.51 -11.22
CA ILE ZA 99 -92.68 24.10 -12.47
C ILE ZA 99 -92.05 23.38 -13.67
N LEU ZA 100 -90.74 23.13 -13.60
CA LEU ZA 100 -90.07 22.39 -14.67
C LEU ZA 100 -90.47 20.91 -14.69
N ALA ZA 101 -90.90 20.36 -13.55
CA ALA ZA 101 -91.29 18.96 -13.52
C ALA ZA 101 -92.64 18.74 -14.18
N LYS ZA 102 -93.56 19.70 -14.06
CA LYS ZA 102 -94.85 19.56 -14.73
C LYS ZA 102 -94.71 19.68 -16.24
N LEU ZA 103 -93.78 20.53 -16.70
CA LEU ZA 103 -93.51 20.65 -18.13
C LEU ZA 103 -92.95 19.38 -18.74
N SER ZA 104 -92.43 18.46 -17.93
CA SER ZA 104 -91.72 17.29 -18.43
C SER ZA 104 -92.46 15.98 -18.16
N ILE ZA 105 -93.76 16.04 -17.85
CA ILE ZA 105 -94.50 14.82 -17.61
C ILE ZA 105 -94.75 14.10 -18.93
N VAL ZA 106 -94.71 12.78 -18.89
CA VAL ZA 106 -94.88 11.95 -20.08
C VAL ZA 106 -95.95 10.90 -19.80
N PRO ZA 107 -96.69 10.43 -20.80
CA PRO ZA 107 -97.62 9.33 -20.59
C PRO ZA 107 -96.89 7.99 -20.53
N VAL ZA 108 -97.46 7.08 -19.76
CA VAL ZA 108 -96.87 5.76 -19.56
C VAL ZA 108 -97.63 4.77 -20.44
N ARG ZA 109 -96.99 3.64 -20.71
CA ARG ZA 109 -97.67 2.48 -21.28
C ARG ZA 109 -97.59 1.35 -20.27
N ARG ZA 110 -98.74 0.86 -19.86
CA ARG ZA 110 -98.82 -0.26 -18.93
C ARG ZA 110 -99.25 -1.50 -19.71
N GLY ZA 111 -98.54 -2.61 -19.48
CA GLY ZA 111 -98.82 -3.85 -20.17
C GLY ZA 111 -99.14 -4.98 -19.20
N TYR ZA 112 -99.48 -6.12 -19.80
CA TYR ZA 112 -99.76 -7.33 -19.05
C TYR ZA 112 -98.54 -8.24 -19.07
N TRP ZA 113 -98.47 -9.14 -18.10
CA TRP ZA 113 -97.47 -10.20 -18.07
C TRP ZA 113 -98.15 -11.49 -18.43
N GLY ZA 114 -97.80 -12.06 -19.58
CA GLY ZA 114 -98.43 -13.31 -19.98
C GLY ZA 114 -99.91 -13.09 -20.23
N ASN ZA 115 -100.72 -13.56 -19.29
CA ASN ZA 115 -102.17 -13.41 -19.37
C ASN ZA 115 -102.56 -11.94 -19.29
N LYS ZA 116 -103.68 -11.61 -19.92
CA LYS ZA 116 -104.10 -10.24 -20.15
C LYS ZA 116 -105.41 -9.89 -19.46
N ILE ZA 117 -105.57 -10.31 -18.21
CA ILE ZA 117 -106.83 -10.13 -17.48
C ILE ZA 117 -106.74 -8.90 -16.59
N GLY ZA 118 -107.87 -8.20 -16.45
CA GLY ZA 118 -107.94 -7.08 -15.52
C GLY ZA 118 -107.34 -5.82 -16.11
N LYS ZA 119 -106.71 -5.01 -15.24
CA LYS ZA 119 -106.05 -3.76 -15.59
C LYS ZA 119 -104.57 -4.01 -15.87
N PRO ZA 120 -103.98 -3.27 -16.81
CA PRO ZA 120 -102.54 -3.44 -17.06
C PRO ZA 120 -101.72 -2.95 -15.89
N HIS ZA 121 -100.72 -3.74 -15.51
CA HIS ZA 121 -99.97 -3.50 -14.29
C HIS ZA 121 -98.48 -3.28 -14.51
N THR ZA 122 -97.85 -4.01 -15.42
CA THR ZA 122 -96.40 -4.00 -15.57
C THR ZA 122 -96.01 -3.34 -16.88
N VAL ZA 123 -94.71 -3.23 -17.09
CA VAL ZA 123 -94.18 -2.67 -18.35
C VAL ZA 123 -94.44 -3.67 -19.47
N PRO ZA 124 -94.98 -3.23 -20.62
CA PRO ZA 124 -95.36 -4.19 -21.67
C PRO ZA 124 -94.20 -4.95 -22.27
N CYS ZA 125 -92.97 -4.44 -22.21
CA CYS ZA 125 -91.82 -5.11 -22.80
C CYS ZA 125 -90.58 -4.74 -21.98
N LYS ZA 126 -89.41 -5.00 -22.54
CA LYS ZA 126 -88.13 -4.67 -21.91
C LYS ZA 126 -87.62 -3.36 -22.53
N VAL ZA 127 -87.97 -2.25 -21.90
CA VAL ZA 127 -87.47 -0.94 -22.30
C VAL ZA 127 -86.35 -0.53 -21.35
N THR ZA 128 -85.44 0.31 -21.85
CA THR ZA 128 -84.35 0.79 -21.04
C THR ZA 128 -84.02 2.21 -21.45
N GLY ZA 129 -83.45 2.97 -20.51
CA GLY ZA 129 -83.03 4.34 -20.78
C GLY ZA 129 -81.77 4.63 -19.99
N ARG ZA 130 -80.99 5.57 -20.51
CA ARG ZA 130 -79.70 5.84 -19.89
C ARG ZA 130 -79.28 7.27 -20.17
N CYS ZA 131 -78.52 7.83 -19.23
CA CYS ZA 131 -77.80 9.08 -19.41
C CYS ZA 131 -76.51 8.99 -18.61
N GLY ZA 132 -75.43 9.48 -19.19
CA GLY ZA 132 -74.14 9.22 -18.58
C GLY ZA 132 -73.83 7.74 -18.62
N SER ZA 133 -73.21 7.26 -17.55
CA SER ZA 133 -72.85 5.85 -17.44
C SER ZA 133 -73.88 5.03 -16.67
N VAL ZA 134 -74.99 5.63 -16.25
CA VAL ZA 134 -76.03 4.92 -15.52
C VAL ZA 134 -77.02 4.34 -16.53
N LEU ZA 135 -77.17 3.01 -16.51
CA LEU ZA 135 -78.07 2.30 -17.41
C LEU ZA 135 -79.07 1.52 -16.57
N VAL ZA 136 -80.36 1.74 -16.82
CA VAL ZA 136 -81.44 1.14 -16.04
C VAL ZA 136 -82.35 0.38 -17.01
N ARG ZA 137 -82.63 -0.88 -16.69
CA ARG ZA 137 -83.48 -1.74 -17.51
C ARG ZA 137 -84.78 -2.03 -16.77
N LEU ZA 138 -85.87 -2.11 -17.51
CA LEU ZA 138 -87.18 -2.43 -16.96
C LEU ZA 138 -87.66 -3.77 -17.49
N ILE ZA 139 -88.11 -4.64 -16.59
CA ILE ZA 139 -88.51 -6.00 -16.93
C ILE ZA 139 -89.97 -6.20 -16.53
N PRO ZA 140 -90.79 -6.84 -17.37
CA PRO ZA 140 -92.16 -7.17 -16.96
C PRO ZA 140 -92.18 -8.11 -15.76
N ALA ZA 141 -93.21 -7.94 -14.93
CA ALA ZA 141 -93.33 -8.66 -13.67
C ALA ZA 141 -94.75 -9.16 -13.50
N PRO ZA 142 -94.94 -10.26 -12.78
CA PRO ZA 142 -96.29 -10.77 -12.55
C PRO ZA 142 -97.03 -9.89 -11.54
N ARG ZA 143 -98.32 -10.17 -11.39
CA ARG ZA 143 -99.16 -9.33 -10.54
C ARG ZA 143 -98.78 -9.52 -9.07
N GLY ZA 144 -98.90 -8.44 -8.29
CA GLY ZA 144 -98.65 -8.53 -6.86
C GLY ZA 144 -97.20 -8.65 -6.47
N THR ZA 145 -96.26 -8.48 -7.41
CA THR ZA 145 -94.85 -8.62 -7.11
C THR ZA 145 -94.32 -7.42 -6.32
N GLY ZA 146 -94.75 -6.21 -6.72
CA GLY ZA 146 -94.14 -5.00 -6.20
C GLY ZA 146 -93.02 -4.52 -7.10
N ILE ZA 147 -92.54 -3.31 -6.80
CA ILE ZA 147 -91.46 -2.70 -7.56
C ILE ZA 147 -90.15 -3.11 -6.92
N VAL ZA 148 -89.40 -3.96 -7.63
CA VAL ZA 148 -88.10 -4.44 -7.18
C VAL ZA 148 -87.05 -3.51 -7.76
N SER ZA 149 -86.61 -2.53 -6.97
CA SER ZA 149 -85.71 -1.51 -7.49
C SER ZA 149 -84.99 -0.84 -6.32
N ALA ZA 150 -84.03 0.01 -6.67
CA ALA ZA 150 -83.40 0.87 -5.67
C ALA ZA 150 -84.43 1.83 -5.10
N PRO ZA 151 -84.24 2.29 -3.86
CA PRO ZA 151 -85.28 3.13 -3.22
C PRO ZA 151 -85.63 4.41 -3.98
N VAL ZA 152 -84.66 5.04 -4.64
CA VAL ZA 152 -84.92 6.32 -5.31
C VAL ZA 152 -85.71 6.12 -6.61
N PRO ZA 153 -85.37 5.18 -7.49
CA PRO ZA 153 -86.29 4.91 -8.62
C PRO ZA 153 -87.58 4.23 -8.21
N LYS ZA 154 -87.66 3.68 -6.99
CA LYS ZA 154 -88.90 3.08 -6.52
C LYS ZA 154 -90.00 4.13 -6.36
N LYS ZA 155 -89.64 5.33 -5.92
CA LYS ZA 155 -90.63 6.40 -5.82
C LYS ZA 155 -91.17 6.80 -7.19
N LEU ZA 156 -90.30 6.80 -8.22
CA LEU ZA 156 -90.73 7.15 -9.56
C LEU ZA 156 -91.73 6.13 -10.11
N LEU ZA 157 -91.52 4.85 -9.83
CA LEU ZA 157 -92.46 3.83 -10.29
C LEU ZA 157 -93.74 3.79 -9.47
N MET ZA 158 -93.70 4.23 -8.21
CA MET ZA 158 -94.94 4.50 -7.49
C MET ZA 158 -95.74 5.60 -8.18
N MET ZA 159 -95.05 6.66 -8.61
CA MET ZA 159 -95.71 7.85 -9.13
C MET ZA 159 -95.99 7.75 -10.62
N ALA ZA 160 -95.53 6.70 -11.29
CA ALA ZA 160 -95.88 6.49 -12.68
C ALA ZA 160 -97.11 5.59 -12.84
N GLY ZA 161 -97.52 4.91 -11.77
CA GLY ZA 161 -98.65 4.00 -11.83
C GLY ZA 161 -98.31 2.55 -12.03
N ILE ZA 162 -97.03 2.20 -12.14
CA ILE ZA 162 -96.62 0.81 -12.32
C ILE ZA 162 -96.39 0.18 -10.96
N ASP ZA 163 -97.13 -0.87 -10.65
CA ASP ZA 163 -97.02 -1.51 -9.36
C ASP ZA 163 -96.01 -2.66 -9.34
N ASP ZA 164 -95.83 -3.35 -10.46
CA ASP ZA 164 -94.93 -4.51 -10.54
C ASP ZA 164 -93.96 -4.32 -11.70
N CYS ZA 165 -92.66 -4.38 -11.40
CA CYS ZA 165 -91.62 -4.30 -12.42
C CYS ZA 165 -90.31 -4.75 -11.80
N TYR ZA 166 -89.50 -5.45 -12.59
CA TYR ZA 166 -88.14 -5.81 -12.19
C TYR ZA 166 -87.16 -4.86 -12.86
N THR ZA 167 -86.16 -4.40 -12.11
CA THR ZA 167 -85.19 -3.43 -12.60
C THR ZA 167 -83.77 -3.97 -12.46
N SER ZA 168 -82.86 -3.36 -13.20
CA SER ZA 168 -81.44 -3.66 -13.11
C SER ZA 168 -80.67 -2.38 -13.46
N ALA ZA 169 -79.73 -2.02 -12.60
CA ALA ZA 169 -79.00 -0.75 -12.72
C ALA ZA 169 -77.53 -1.04 -12.94
N ARG ZA 170 -77.00 -0.53 -14.06
CA ARG ZA 170 -75.57 -0.62 -14.37
C ARG ZA 170 -74.97 0.78 -14.35
N GLY ZA 171 -73.90 0.95 -13.58
CA GLY ZA 171 -73.21 2.22 -13.52
C GLY ZA 171 -73.11 2.79 -12.12
N CYS ZA 172 -72.46 3.95 -11.99
CA CYS ZA 172 -72.31 4.62 -10.71
C CYS ZA 172 -73.65 5.27 -10.36
N THR ZA 173 -74.47 4.54 -9.62
CA THR ZA 173 -75.81 5.00 -9.26
C THR ZA 173 -75.82 5.93 -8.05
N ALA ZA 174 -74.65 6.22 -7.47
CA ALA ZA 174 -74.58 7.19 -6.38
C ALA ZA 174 -74.94 8.59 -6.86
N THR ZA 175 -74.63 8.90 -8.12
CA THR ZA 175 -75.01 10.19 -8.71
C THR ZA 175 -76.50 10.19 -8.99
N LEU ZA 176 -77.28 10.82 -8.11
CA LEU ZA 176 -78.73 10.71 -8.17
C LEU ZA 176 -79.31 11.48 -9.36
N GLY ZA 177 -78.59 12.49 -9.86
CA GLY ZA 177 -79.07 13.22 -11.02
C GLY ZA 177 -79.12 12.34 -12.26
N ASN ZA 178 -78.07 11.56 -12.49
CA ASN ZA 178 -78.08 10.62 -13.62
C ASN ZA 178 -78.92 9.39 -13.31
N PHE ZA 179 -78.97 8.96 -12.05
CA PHE ZA 179 -79.72 7.77 -11.70
C PHE ZA 179 -81.23 7.97 -11.90
N ALA ZA 180 -81.73 9.15 -11.56
CA ALA ZA 180 -83.15 9.44 -11.75
C ALA ZA 180 -83.49 9.69 -13.22
N LYS ZA 181 -82.61 10.38 -13.95
CA LYS ZA 181 -82.88 10.67 -15.35
C LYS ZA 181 -82.81 9.42 -16.22
N ALA ZA 182 -81.89 8.50 -15.89
CA ALA ZA 182 -81.77 7.27 -16.67
C ALA ZA 182 -83.02 6.40 -16.52
N THR ZA 183 -83.60 6.34 -15.33
CA THR ZA 183 -84.87 5.64 -15.17
C THR ZA 183 -85.98 6.36 -15.92
N PHE ZA 184 -86.07 7.68 -15.76
CA PHE ZA 184 -87.16 8.44 -16.36
C PHE ZA 184 -87.15 8.38 -17.88
N ASP ZA 185 -85.99 8.16 -18.50
CA ASP ZA 185 -85.94 7.90 -19.94
C ASP ZA 185 -86.60 6.58 -20.28
N ALA ZA 186 -86.39 5.56 -19.43
CA ALA ZA 186 -86.90 4.22 -19.71
C ALA ZA 186 -88.42 4.16 -19.71
N ILE ZA 187 -89.08 4.82 -18.75
CA ILE ZA 187 -90.53 4.91 -18.80
C ILE ZA 187 -90.98 5.75 -19.99
N SER ZA 188 -90.21 6.79 -20.33
CA SER ZA 188 -90.59 7.68 -21.42
C SER ZA 188 -90.51 7.01 -22.78
N LYS ZA 189 -89.81 5.88 -22.90
CA LYS ZA 189 -89.71 5.16 -24.16
C LYS ZA 189 -90.79 4.09 -24.32
N THR ZA 190 -91.72 3.99 -23.38
CA THR ZA 190 -92.80 3.00 -23.49
C THR ZA 190 -93.71 3.29 -24.67
N TYR ZA 191 -94.05 4.56 -24.88
CA TYR ZA 191 -94.76 5.00 -26.08
C TYR ZA 191 -93.83 5.35 -27.23
N SER ZA 192 -92.54 5.04 -27.11
CA SER ZA 192 -91.62 5.15 -28.24
C SER ZA 192 -91.30 3.81 -28.87
N TYR ZA 193 -91.67 2.71 -28.23
CA TYR ZA 193 -91.42 1.37 -28.76
C TYR ZA 193 -92.63 0.89 -29.53
N LEU ZA 194 -92.40 0.38 -30.74
CA LEU ZA 194 -93.49 -0.13 -31.57
C LEU ZA 194 -93.93 -1.51 -31.08
N THR ZA 195 -95.24 -1.67 -30.91
CA THR ZA 195 -95.89 -2.88 -30.48
C THR ZA 195 -96.61 -3.55 -31.65
N PRO ZA 196 -96.60 -4.88 -31.74
CA PRO ZA 196 -97.34 -5.56 -32.82
C PRO ZA 196 -98.83 -5.26 -32.83
N ASP ZA 197 -99.42 -4.90 -31.68
CA ASP ZA 197 -100.80 -4.44 -31.68
C ASP ZA 197 -100.96 -3.14 -32.44
N LEU ZA 198 -99.89 -2.33 -32.50
CA LEU ZA 198 -99.94 -1.00 -33.08
C LEU ZA 198 -99.57 -0.99 -34.56
N TRP ZA 199 -99.81 -2.08 -35.27
CA TRP ZA 199 -99.45 -2.19 -36.68
C TRP ZA 199 -100.51 -1.64 -37.62
N LYS ZA 200 -101.65 -1.20 -37.10
CA LYS ZA 200 -102.69 -0.65 -37.97
C LYS ZA 200 -102.30 0.74 -38.46
N GLU ZA 201 -102.91 1.13 -39.57
CA GLU ZA 201 -102.73 2.47 -40.10
C GLU ZA 201 -103.42 3.48 -39.18
N THR ZA 202 -102.65 4.45 -38.67
CA THR ZA 202 -103.18 5.44 -37.75
C THR ZA 202 -104.04 6.45 -38.50
N VAL ZA 203 -105.35 6.45 -38.20
CA VAL ZA 203 -106.24 7.45 -38.78
C VAL ZA 203 -105.88 8.82 -38.23
N PHE ZA 204 -105.76 9.80 -39.12
CA PHE ZA 204 -105.35 11.14 -38.73
C PHE ZA 204 -106.60 12.00 -38.48
N THR ZA 205 -106.74 12.47 -37.24
CA THR ZA 205 -107.79 13.41 -36.89
C THR ZA 205 -107.31 14.83 -37.16
N LYS ZA 206 -108.22 15.79 -36.99
CA LYS ZA 206 -107.88 17.19 -37.22
C LYS ZA 206 -106.98 17.71 -36.11
N SER ZA 207 -106.03 18.56 -36.50
CA SER ZA 207 -105.09 19.14 -35.54
C SER ZA 207 -105.81 19.99 -34.51
N PRO ZA 208 -105.37 19.96 -33.26
CA PRO ZA 208 -106.03 20.78 -32.22
C PRO ZA 208 -105.96 22.27 -32.51
N TYR ZA 209 -104.84 22.75 -33.04
CA TYR ZA 209 -104.74 24.16 -33.39
C TYR ZA 209 -105.53 24.44 -34.66
N GLN ZA 210 -105.66 23.45 -35.54
CA GLN ZA 210 -106.47 23.58 -36.76
C GLN ZA 210 -107.96 23.63 -36.50
N GLU ZA 211 -108.46 22.80 -35.58
CA GLU ZA 211 -109.90 22.68 -35.38
C GLU ZA 211 -110.50 23.96 -34.81
N PHE ZA 212 -109.74 24.68 -33.99
CA PHE ZA 212 -110.18 25.99 -33.50
C PHE ZA 212 -109.31 27.13 -33.99
N THR ZA 213 -108.97 27.15 -35.29
CA THR ZA 213 -108.24 28.29 -35.85
C THR ZA 213 -109.07 29.55 -35.94
N ASP ZA 214 -110.40 29.44 -36.02
CA ASP ZA 214 -111.27 30.62 -36.00
C ASP ZA 214 -111.54 31.07 -34.57
N HIS ZA 215 -111.58 30.13 -33.63
CA HIS ZA 215 -111.83 30.48 -32.23
C HIS ZA 215 -110.64 31.19 -31.60
N LEU ZA 216 -109.44 30.97 -32.13
CA LEU ZA 216 -108.23 31.55 -31.57
C LEU ZA 216 -107.89 32.92 -32.16
N VAL ZA 217 -108.71 33.42 -33.06
CA VAL ZA 217 -108.49 34.74 -33.66
C VAL ZA 217 -109.67 35.69 -33.42
N LYS ZA 218 -110.83 35.21 -33.00
CA LYS ZA 218 -112.00 36.07 -32.84
C LYS ZA 218 -112.02 36.79 -31.50
N THR ZA 219 -111.19 36.39 -30.54
CA THR ZA 219 -111.22 36.97 -29.20
C THR ZA 219 -109.90 37.55 -28.72
N HIS ZA 220 -108.76 37.08 -29.23
CA HIS ZA 220 -107.45 37.60 -28.83
C HIS ZA 220 -106.52 37.60 -30.04
N THR ZA 221 -105.28 38.00 -29.79
CA THR ZA 221 -104.27 38.05 -30.84
C THR ZA 221 -103.85 36.66 -31.28
N MET AB 1 -83.07 85.74 26.49
CA MET AB 1 -83.50 84.92 27.62
C MET AB 1 -82.51 85.03 28.79
N ALA AB 2 -82.56 84.05 29.70
CA ALA AB 2 -81.75 84.12 30.91
C ALA AB 2 -80.27 83.97 30.61
N VAL AB 3 -79.87 82.84 30.02
CA VAL AB 3 -78.47 82.62 29.69
C VAL AB 3 -78.11 83.16 28.30
N GLN AB 4 -79.04 83.15 27.35
CA GLN AB 4 -78.93 83.83 26.06
C GLN AB 4 -77.69 83.36 25.28
N ILE AB 5 -77.69 82.06 24.98
CA ILE AB 5 -76.60 81.44 24.23
C ILE AB 5 -76.70 81.84 22.77
N SER AB 6 -75.61 81.66 22.02
CA SER AB 6 -75.56 82.09 20.64
C SER AB 6 -76.41 81.18 19.75
N LYS AB 7 -76.66 81.63 18.53
CA LYS AB 7 -77.39 80.83 17.55
C LYS AB 7 -76.59 79.61 17.10
N LYS AB 8 -75.25 79.65 17.21
CA LYS AB 8 -74.46 78.46 16.96
C LYS AB 8 -74.79 77.36 17.97
N ARG AB 9 -74.90 77.74 19.25
CA ARG AB 9 -75.28 76.80 20.29
C ARG AB 9 -76.77 76.52 20.33
N LYS AB 10 -77.59 77.40 19.73
CA LYS AB 10 -79.03 77.20 19.76
C LYS AB 10 -79.45 76.01 18.91
N PHE AB 11 -78.96 75.94 17.66
CA PHE AB 11 -79.32 74.84 16.80
C PHE AB 11 -78.56 73.56 17.15
N VAL AB 12 -77.42 73.67 17.82
CA VAL AB 12 -76.73 72.48 18.30
C VAL AB 12 -77.51 71.82 19.43
N ALA AB 13 -78.00 72.64 20.38
CA ALA AB 13 -78.79 72.13 21.49
C ALA AB 13 -80.13 71.57 21.05
N ASP AB 14 -80.70 72.07 19.95
CA ASP AB 14 -81.93 71.50 19.43
C ASP AB 14 -81.71 70.11 18.87
N GLY AB 15 -80.54 69.86 18.26
CA GLY AB 15 -80.26 68.54 17.72
C GLY AB 15 -80.10 67.49 18.80
N ILE AB 16 -79.41 67.84 19.89
CA ILE AB 16 -79.26 66.90 21.00
C ILE AB 16 -80.61 66.66 21.68
N PHE AB 17 -81.46 67.68 21.72
CA PHE AB 17 -82.81 67.51 22.25
C PHE AB 17 -83.61 66.52 21.41
N LYS AB 18 -83.47 66.61 20.08
CA LYS AB 18 -84.13 65.65 19.19
C LYS AB 18 -83.51 64.26 19.33
N ALA AB 19 -82.19 64.19 19.46
CA ALA AB 19 -81.49 62.90 19.48
C ALA AB 19 -81.77 62.12 20.76
N GLU AB 20 -81.85 62.81 21.89
CA GLU AB 20 -82.14 62.13 23.15
C GLU AB 20 -83.56 61.59 23.20
N LEU AB 21 -84.51 62.33 22.62
CA LEU AB 21 -85.89 61.83 22.51
C LEU AB 21 -85.97 60.64 21.57
N ASN AB 22 -85.20 60.66 20.48
CA ASN AB 22 -85.21 59.56 19.53
C ASN AB 22 -84.65 58.28 20.12
N GLU AB 23 -83.62 58.38 20.96
CA GLU AB 23 -83.16 57.20 21.69
C GLU AB 23 -84.18 56.75 22.72
N PHE AB 24 -84.90 57.70 23.33
CA PHE AB 24 -85.86 57.36 24.37
C PHE AB 24 -87.06 56.56 23.86
N LEU AB 25 -87.75 57.06 22.82
CA LEU AB 25 -88.98 56.38 22.43
C LEU AB 25 -88.71 55.08 21.69
N THR AB 26 -87.50 54.90 21.15
CA THR AB 26 -87.13 53.62 20.57
C THR AB 26 -87.01 52.55 21.65
N ARG AB 27 -86.57 52.93 22.84
CA ARG AB 27 -86.40 51.98 23.95
C ARG AB 27 -87.68 51.75 24.75
N GLU AB 28 -88.75 52.50 24.48
CA GLU AB 28 -89.96 52.41 25.28
C GLU AB 28 -91.22 52.13 24.49
N LEU AB 29 -91.35 52.67 23.27
CA LEU AB 29 -92.56 52.50 22.47
C LEU AB 29 -92.35 51.61 21.25
N ALA AB 30 -91.26 50.86 21.21
CA ALA AB 30 -91.03 49.97 20.08
C ALA AB 30 -92.02 48.82 20.04
N GLU AB 31 -92.53 48.40 21.19
CA GLU AB 31 -93.49 47.30 21.24
C GLU AB 31 -94.85 47.69 20.68
N ASP AB 32 -95.14 48.99 20.60
CA ASP AB 32 -96.42 49.47 20.09
C ASP AB 32 -96.27 50.27 18.80
N GLY AB 33 -95.18 50.05 18.07
CA GLY AB 33 -95.01 50.64 16.76
C GLY AB 33 -94.58 52.10 16.75
N TYR AB 34 -93.46 52.40 17.39
CA TYR AB 34 -92.90 53.75 17.32
C TYR AB 34 -92.25 53.97 15.95
N SER AB 35 -92.55 55.10 15.32
CA SER AB 35 -92.05 55.39 13.98
C SER AB 35 -91.40 56.77 13.84
N GLY AB 36 -91.24 57.50 14.93
CA GLY AB 36 -90.54 58.78 14.90
C GLY AB 36 -91.31 59.86 15.63
N VAL AB 37 -90.61 60.97 15.88
CA VAL AB 37 -91.19 62.13 16.55
C VAL AB 37 -90.99 63.36 15.67
N GLU AB 38 -91.77 64.39 15.97
CA GLU AB 38 -91.66 65.65 15.24
C GLU AB 38 -92.07 66.79 16.17
N VAL AB 39 -91.21 67.79 16.28
CA VAL AB 39 -91.44 68.94 17.16
C VAL AB 39 -92.16 70.02 16.36
N ARG AB 40 -93.09 70.71 17.02
CA ARG AB 40 -93.80 71.84 16.44
C ARG AB 40 -93.53 73.04 17.33
N VAL AB 41 -92.58 73.88 16.92
CA VAL AB 41 -92.14 74.98 17.77
C VAL AB 41 -93.11 76.15 17.66
N THR AB 42 -93.64 76.57 18.80
CA THR AB 42 -94.53 77.71 18.93
C THR AB 42 -94.20 78.44 20.22
N PRO AB 43 -94.50 79.73 20.32
CA PRO AB 43 -94.23 80.46 21.57
C PRO AB 43 -95.05 79.90 22.73
N THR AB 44 -94.34 79.44 23.76
CA THR AB 44 -94.87 78.99 25.06
C THR AB 44 -95.61 77.66 24.92
N ARG AB 45 -95.74 77.15 23.70
CA ARG AB 45 -96.39 75.88 23.42
C ARG AB 45 -95.42 75.00 22.63
N THR AB 46 -95.05 73.86 23.21
CA THR AB 46 -94.13 72.91 22.57
C THR AB 46 -94.92 71.66 22.22
N GLU AB 47 -95.39 71.58 20.97
CA GLU AB 47 -96.13 70.42 20.50
C GLU AB 47 -95.15 69.43 19.86
N ILE AB 48 -95.06 68.24 20.42
CA ILE AB 48 -94.29 67.15 19.83
C ILE AB 48 -95.26 66.01 19.55
N ILE AB 49 -95.22 65.49 18.33
CA ILE AB 49 -96.18 64.50 17.85
C ILE AB 49 -95.45 63.18 17.65
N ILE AB 50 -95.94 62.13 18.28
CA ILE AB 50 -95.36 60.80 18.15
C ILE AB 50 -96.03 60.12 16.96
N LEU AB 51 -95.34 60.07 15.83
CA LEU AB 51 -95.82 59.34 14.66
C LEU AB 51 -95.70 57.85 14.95
N ALA AB 52 -96.82 57.18 15.15
CA ALA AB 52 -96.85 55.78 15.50
C ALA AB 52 -97.82 55.03 14.60
N THR AB 53 -97.50 53.75 14.34
CA THR AB 53 -98.36 52.92 13.51
C THR AB 53 -99.65 52.57 14.25
N ARG AB 54 -99.53 52.00 15.44
CA ARG AB 54 -100.70 51.61 16.24
C ARG AB 54 -101.00 52.74 17.22
N THR AB 55 -101.90 53.64 16.83
CA THR AB 55 -102.30 54.73 17.71
C THR AB 55 -103.16 54.22 18.86
N GLN AB 56 -103.86 53.10 18.67
CA GLN AB 56 -104.67 52.54 19.75
C GLN AB 56 -103.79 51.99 20.88
N ASN AB 57 -102.67 51.36 20.52
CA ASN AB 57 -101.83 50.68 21.51
C ASN AB 57 -100.87 51.62 22.24
N VAL AB 58 -100.74 52.86 21.82
CA VAL AB 58 -99.83 53.79 22.49
C VAL AB 58 -100.54 54.68 23.51
N LEU AB 59 -101.85 54.91 23.36
CA LEU AB 59 -102.57 55.71 24.33
C LEU AB 59 -102.82 54.94 25.63
N GLY AB 60 -103.07 53.64 25.53
CA GLY AB 60 -103.17 52.79 26.70
C GLY AB 60 -104.45 52.92 27.49
N GLU AB 61 -104.34 52.94 28.82
CA GLU AB 61 -105.49 52.96 29.71
C GLU AB 61 -106.04 54.38 29.79
N LYS AB 62 -106.94 54.69 28.84
CA LYS AB 62 -107.63 55.98 28.77
C LYS AB 62 -106.65 57.14 28.68
N GLY AB 63 -105.61 56.98 27.86
CA GLY AB 63 -104.60 58.01 27.71
C GLY AB 63 -103.70 58.18 28.91
N ARG AB 64 -103.47 57.12 29.67
CA ARG AB 64 -102.57 57.20 30.82
C ARG AB 64 -101.11 57.28 30.39
N ARG AB 65 -100.73 56.48 29.39
CA ARG AB 65 -99.33 56.42 28.98
C ARG AB 65 -98.87 57.70 28.31
N ILE AB 66 -99.74 58.34 27.52
CA ILE AB 66 -99.40 59.63 26.95
C ILE AB 66 -99.22 60.67 28.05
N ARG AB 67 -100.06 60.63 29.08
CA ARG AB 67 -99.89 61.51 30.22
C ARG AB 67 -98.63 61.14 31.02
N GLU AB 68 -98.25 59.87 31.02
CA GLU AB 68 -96.96 59.50 31.61
C GLU AB 68 -95.80 60.06 30.80
N LEU AB 69 -95.92 60.05 29.48
CA LEU AB 69 -94.86 60.57 28.62
C LEU AB 69 -94.73 62.09 28.71
N THR AB 70 -95.82 62.80 29.03
CA THR AB 70 -95.73 64.24 29.22
C THR AB 70 -94.89 64.59 30.44
N ALA AB 71 -95.05 63.85 31.54
CA ALA AB 71 -94.35 64.16 32.78
C ALA AB 71 -92.85 63.87 32.68
N VAL AB 72 -92.45 62.97 31.77
CA VAL AB 72 -91.03 62.70 31.57
C VAL AB 72 -90.32 63.90 30.98
N VAL AB 73 -90.94 64.53 29.97
CA VAL AB 73 -90.34 65.70 29.34
C VAL AB 73 -90.36 66.89 30.29
N GLN AB 74 -91.37 66.98 31.16
CA GLN AB 74 -91.46 68.05 32.14
C GLN AB 74 -90.28 68.08 33.10
N LYS AB 75 -89.72 66.93 33.44
CA LYS AB 75 -88.77 66.82 34.54
C LYS AB 75 -87.33 66.70 34.07
N ARG AB 76 -87.06 65.84 33.09
CA ARG AB 76 -85.68 65.63 32.65
C ARG AB 76 -85.12 66.85 31.93
N PHE AB 77 -85.91 67.45 31.05
CA PHE AB 77 -85.45 68.61 30.29
C PHE AB 77 -85.76 69.93 31.00
N GLY AB 78 -86.47 69.90 32.12
CA GLY AB 78 -86.72 71.10 32.89
C GLY AB 78 -87.69 72.08 32.26
N PHE AB 79 -88.59 71.60 31.41
CA PHE AB 79 -89.56 72.48 30.78
C PHE AB 79 -90.61 72.93 31.80
N PRO AB 80 -91.12 74.16 31.69
CA PRO AB 80 -92.18 74.63 32.58
C PRO AB 80 -93.44 73.77 32.46
N GLU AB 81 -94.25 73.83 33.51
CA GLU AB 81 -95.47 73.02 33.59
C GLU AB 81 -96.48 73.50 32.54
N GLY AB 82 -96.96 72.57 31.73
CA GLY AB 82 -97.89 72.88 30.66
C GLY AB 82 -97.26 73.42 29.40
N SER AB 83 -95.93 73.56 29.36
CA SER AB 83 -95.27 74.13 28.19
C SER AB 83 -95.15 73.14 27.03
N VAL AB 84 -95.06 71.83 27.31
CA VAL AB 84 -94.87 70.82 26.29
C VAL AB 84 -96.03 69.83 26.37
N GLU AB 85 -96.55 69.45 25.20
CA GLU AB 85 -97.64 68.49 25.08
C GLU AB 85 -97.29 67.45 24.03
N LEU AB 86 -97.89 66.27 24.16
CA LEU AB 86 -97.60 65.14 23.30
C LEU AB 86 -98.87 64.64 22.63
N TYR AB 87 -98.74 64.22 21.37
CA TYR AB 87 -99.83 63.62 20.61
C TYR AB 87 -99.30 62.40 19.88
N ALA AB 88 -100.21 61.46 19.59
CA ALA AB 88 -99.91 60.28 18.79
C ALA AB 88 -100.72 60.35 17.50
N GLU AB 89 -100.04 60.22 16.36
CA GLU AB 89 -100.67 60.30 15.06
C GLU AB 89 -100.32 59.06 14.24
N LYS AB 90 -101.26 58.65 13.40
CA LYS AB 90 -101.09 57.47 12.57
C LYS AB 90 -100.11 57.74 11.44
N VAL AB 91 -99.36 56.72 11.06
CA VAL AB 91 -98.38 56.80 10.00
C VAL AB 91 -98.95 56.12 8.76
N ALA AB 92 -99.06 56.87 7.66
CA ALA AB 92 -99.52 56.31 6.41
C ALA AB 92 -98.49 55.35 5.85
N THR AB 93 -98.97 54.33 5.11
CA THR AB 93 -98.20 53.25 4.49
C THR AB 93 -97.07 52.74 5.37
N ARG AB 94 -97.44 52.22 6.56
CA ARG AB 94 -96.47 51.82 7.57
C ARG AB 94 -95.56 50.69 7.13
N GLY AB 95 -95.94 49.95 6.07
CA GLY AB 95 -95.05 48.93 5.55
C GLY AB 95 -93.78 49.50 4.93
N LEU AB 96 -93.84 50.75 4.45
CA LEU AB 96 -92.70 51.41 3.85
C LEU AB 96 -91.77 52.05 4.88
N CYS AB 97 -92.16 52.06 6.15
CA CYS AB 97 -91.30 52.58 7.22
C CYS AB 97 -90.41 51.44 7.68
N ALA AB 98 -89.10 51.57 7.43
CA ALA AB 98 -88.15 50.52 7.78
C ALA AB 98 -88.05 50.31 9.29
N ILE AB 99 -88.03 51.39 10.07
CA ILE AB 99 -87.93 51.26 11.52
C ILE AB 99 -89.20 50.63 12.09
N ALA AB 100 -90.34 50.81 11.42
CA ALA AB 100 -91.56 50.10 11.79
C ALA AB 100 -91.51 48.64 11.41
N GLN AB 101 -90.83 48.29 10.31
CA GLN AB 101 -90.66 46.90 9.91
C GLN AB 101 -89.46 46.23 10.57
N ALA AB 102 -88.51 47.01 11.08
CA ALA AB 102 -87.37 46.42 11.76
C ALA AB 102 -87.77 45.82 13.10
N GLU AB 103 -88.62 46.51 13.86
CA GLU AB 103 -89.13 45.95 15.10
C GLU AB 103 -90.13 44.84 14.83
N SER AB 104 -90.81 44.87 13.68
CA SER AB 104 -91.68 43.76 13.28
C SER AB 104 -90.87 42.51 13.01
N LEU AB 105 -89.72 42.65 12.33
CA LEU AB 105 -88.83 41.51 12.12
C LEU AB 105 -88.11 41.12 13.41
N ARG AB 106 -87.84 42.10 14.27
CA ARG AB 106 -87.18 41.82 15.55
C ARG AB 106 -88.06 40.94 16.44
N TYR AB 107 -89.36 41.22 16.50
CA TYR AB 107 -90.24 40.47 17.37
C TYR AB 107 -90.60 39.10 16.81
N LYS AB 108 -90.59 38.95 15.48
CA LYS AB 108 -90.77 37.62 14.90
C LYS AB 108 -89.58 36.72 15.19
N LEU AB 109 -88.37 37.26 15.14
CA LEU AB 109 -87.19 36.51 15.55
C LEU AB 109 -87.23 36.20 17.04
N LEU AB 110 -87.65 37.17 17.85
CA LEU AB 110 -87.73 36.97 19.30
C LEU AB 110 -88.88 36.07 19.70
N GLY AB 111 -89.92 35.95 18.86
CA GLY AB 111 -91.06 35.12 19.19
C GLY AB 111 -90.82 33.63 19.02
N GLY AB 112 -89.70 33.25 18.40
CA GLY AB 112 -89.39 31.87 18.15
C GLY AB 112 -89.57 31.40 16.73
N LEU AB 113 -89.93 32.28 15.80
CA LEU AB 113 -90.07 31.91 14.41
C LEU AB 113 -88.69 31.71 13.79
N ALA AB 114 -88.64 30.91 12.72
CA ALA AB 114 -87.39 30.64 12.04
C ALA AB 114 -86.79 31.91 11.44
N VAL AB 115 -85.47 31.91 11.29
CA VAL AB 115 -84.76 33.08 10.77
C VAL AB 115 -85.20 33.36 9.34
N ARG AB 116 -85.27 32.33 8.51
CA ARG AB 116 -85.69 32.53 7.13
C ARG AB 116 -87.16 32.88 7.03
N ARG AB 117 -88.02 32.14 7.74
CA ARG AB 117 -89.47 32.29 7.57
C ARG AB 117 -89.97 33.63 8.10
N ALA AB 118 -89.29 34.20 9.11
CA ALA AB 118 -89.63 35.55 9.53
C ALA AB 118 -89.28 36.57 8.45
N CYS AB 119 -88.23 36.29 7.67
CA CYS AB 119 -87.79 37.25 6.67
C CYS AB 119 -88.71 37.31 5.46
N TYR AB 120 -89.28 36.18 5.02
CA TYR AB 120 -90.19 36.23 3.88
C TYR AB 120 -91.51 36.91 4.25
N GLY AB 121 -91.97 36.74 5.49
CA GLY AB 121 -93.29 37.23 5.86
C GLY AB 121 -93.39 38.75 5.82
N VAL AB 122 -92.30 39.45 6.15
CA VAL AB 122 -92.24 40.89 6.02
C VAL AB 122 -92.22 41.29 4.54
N LEU AB 123 -91.46 40.54 3.71
CA LEU AB 123 -91.13 41.03 2.37
C LEU AB 123 -92.32 41.01 1.42
N ARG AB 124 -93.23 40.04 1.54
CA ARG AB 124 -94.41 40.12 0.68
C ARG AB 124 -95.47 41.05 1.23
N PHE AB 125 -95.33 41.51 2.47
CA PHE AB 125 -96.19 42.57 2.99
C PHE AB 125 -95.79 43.93 2.45
N ILE AB 126 -94.48 44.18 2.30
CA ILE AB 126 -94.05 45.51 1.90
C ILE AB 126 -94.20 45.75 0.40
N MET AB 127 -94.08 44.70 -0.43
CA MET AB 127 -94.49 44.83 -1.82
C MET AB 127 -96.01 44.88 -1.95
N GLU AB 128 -96.73 44.25 -1.01
CA GLU AB 128 -98.17 44.47 -0.91
C GLU AB 128 -98.47 45.90 -0.47
N SER AB 129 -97.54 46.53 0.26
CA SER AB 129 -97.67 47.92 0.65
C SER AB 129 -97.19 48.88 -0.43
N GLY AB 130 -96.69 48.38 -1.56
CA GLY AB 130 -96.28 49.22 -2.66
C GLY AB 130 -94.85 49.72 -2.60
N ALA AB 131 -93.89 48.79 -2.58
CA ALA AB 131 -92.47 49.12 -2.59
C ALA AB 131 -91.83 48.61 -3.88
N LYS AB 132 -90.86 49.36 -4.38
CA LYS AB 132 -90.14 48.99 -5.60
C LYS AB 132 -88.97 48.05 -5.34
N GLY AB 133 -88.54 47.92 -4.08
CA GLY AB 133 -87.48 47.00 -3.76
C GLY AB 133 -87.00 47.23 -2.34
N CYS AB 134 -86.28 46.23 -1.84
CA CYS AB 134 -85.86 46.24 -0.45
C CYS AB 134 -84.60 45.39 -0.30
N GLU AB 135 -83.89 45.63 0.81
CA GLU AB 135 -82.70 44.83 1.14
C GLU AB 135 -82.77 44.45 2.61
N VAL AB 136 -82.85 43.15 2.88
CA VAL AB 136 -82.98 42.63 4.24
C VAL AB 136 -81.76 41.77 4.53
N VAL AB 137 -80.99 42.14 5.56
CA VAL AB 137 -79.79 41.41 5.97
C VAL AB 137 -79.90 41.14 7.48
N VAL AB 138 -79.72 39.87 7.86
CA VAL AB 138 -79.63 39.47 9.25
C VAL AB 138 -78.24 38.89 9.48
N SER AB 139 -77.47 39.53 10.35
CA SER AB 139 -76.12 39.08 10.69
C SER AB 139 -76.17 38.22 11.96
N GLY AB 140 -75.01 37.79 12.43
CA GLY AB 140 -74.91 36.98 13.63
C GLY AB 140 -74.64 35.53 13.31
N LYS AB 141 -74.64 34.71 14.35
CA LYS AB 141 -74.41 33.28 14.22
C LYS AB 141 -75.74 32.58 13.93
N LEU AB 142 -75.72 31.68 12.96
CA LEU AB 142 -76.91 30.95 12.54
C LEU AB 142 -76.59 29.47 12.41
N ARG AB 143 -77.41 28.62 13.02
CA ARG AB 143 -77.28 27.16 12.94
C ARG AB 143 -75.92 26.66 13.40
N GLY AB 144 -75.35 27.34 14.38
CA GLY AB 144 -74.06 26.94 14.92
C GLY AB 144 -73.32 28.14 15.49
N GLN AB 145 -72.06 27.90 15.85
CA GLN AB 145 -71.24 28.95 16.44
C GLN AB 145 -70.76 29.94 15.37
N ARG AB 146 -70.49 29.46 14.17
CA ARG AB 146 -69.95 30.32 13.12
C ARG AB 146 -71.00 31.33 12.66
N ALA AB 147 -70.55 32.55 12.43
CA ALA AB 147 -71.46 33.62 12.01
C ALA AB 147 -71.68 33.57 10.50
N LYS AB 148 -72.93 33.75 10.11
CA LYS AB 148 -73.31 33.81 8.70
C LYS AB 148 -74.18 35.04 8.46
N SER AB 149 -74.04 35.59 7.25
CA SER AB 149 -74.76 36.79 6.85
C SER AB 149 -75.75 36.44 5.76
N MET AB 150 -77.00 36.84 5.97
CA MET AB 150 -78.11 36.58 5.06
C MET AB 150 -78.29 37.77 4.13
N LYS AB 151 -78.75 37.49 2.91
CA LYS AB 151 -79.01 38.55 1.94
C LYS AB 151 -80.05 38.04 0.94
N PHE AB 152 -81.32 38.37 1.18
CA PHE AB 152 -82.47 37.91 0.39
C PHE AB 152 -83.07 39.16 -0.23
N VAL AB 153 -82.66 39.50 -1.46
CA VAL AB 153 -82.92 40.80 -2.05
C VAL AB 153 -83.68 40.64 -3.36
N ASP AB 154 -84.70 41.47 -3.55
CA ASP AB 154 -85.48 41.53 -4.78
C ASP AB 154 -85.89 42.97 -5.06
N GLY AB 155 -86.15 43.26 -6.33
CA GLY AB 155 -86.69 44.55 -6.73
C GLY AB 155 -85.61 45.58 -7.03
N LEU AB 156 -86.08 46.75 -7.46
CA LEU AB 156 -85.18 47.87 -7.73
C LEU AB 156 -84.69 48.48 -6.42
N MET AB 157 -83.38 48.61 -6.29
CA MET AB 157 -82.77 49.12 -5.06
C MET AB 157 -81.37 49.59 -5.39
N ILE AB 158 -81.11 50.88 -5.16
CA ILE AB 158 -79.85 51.49 -5.51
C ILE AB 158 -79.03 51.77 -4.25
N HIS AB 159 -77.77 52.13 -4.43
CA HIS AB 159 -76.88 52.36 -3.29
C HIS AB 159 -76.19 53.71 -3.34
N SER AB 160 -75.84 54.19 -4.53
CA SER AB 160 -74.86 55.25 -4.69
C SER AB 160 -75.51 56.59 -5.00
N GLY AB 161 -74.76 57.65 -4.72
CA GLY AB 161 -75.12 59.00 -5.14
C GLY AB 161 -75.98 59.76 -4.13
N ASP AB 162 -76.43 60.92 -4.58
CA ASP AB 162 -77.35 61.73 -3.79
C ASP AB 162 -78.69 61.07 -3.49
N PRO AB 163 -79.39 60.42 -4.43
CA PRO AB 163 -80.78 59.99 -4.15
C PRO AB 163 -80.93 58.98 -3.02
N VAL AB 164 -79.86 58.34 -2.55
CA VAL AB 164 -80.00 57.33 -1.50
C VAL AB 164 -80.47 57.94 -0.18
N ASN AB 165 -80.29 59.25 0.02
CA ASN AB 165 -80.67 59.87 1.27
C ASN AB 165 -82.19 60.02 1.40
N TYR AB 166 -82.92 60.02 0.28
CA TYR AB 166 -84.37 60.20 0.33
C TYR AB 166 -85.17 59.19 -0.48
N TYR AB 167 -84.52 58.34 -1.28
CA TYR AB 167 -85.24 57.30 -2.01
C TYR AB 167 -85.25 55.96 -1.30
N VAL AB 168 -84.42 55.77 -0.27
CA VAL AB 168 -84.46 54.58 0.56
C VAL AB 168 -84.53 55.00 2.03
N ASP AB 169 -84.92 54.06 2.88
CA ASP AB 169 -84.93 54.24 4.33
C ASP AB 169 -84.34 53.00 4.99
N THR AB 170 -83.34 53.21 5.85
CA THR AB 170 -82.53 52.14 6.40
C THR AB 170 -82.72 52.09 7.91
N ALA AB 171 -82.94 50.90 8.44
CA ALA AB 171 -83.07 50.69 9.88
C ALA AB 171 -82.07 49.65 10.32
N VAL AB 172 -81.36 49.94 11.41
CA VAL AB 172 -80.36 49.04 11.98
C VAL AB 172 -80.78 48.73 13.41
N ARG AB 173 -81.12 47.46 13.66
CA ARG AB 173 -81.59 47.04 14.97
C ARG AB 173 -80.90 45.75 15.37
N HIS AB 174 -80.72 45.58 16.68
CA HIS AB 174 -80.18 44.34 17.23
C HIS AB 174 -81.30 43.52 17.85
N VAL AB 175 -80.99 42.26 18.16
CA VAL AB 175 -81.91 41.40 18.91
C VAL AB 175 -81.07 40.45 19.75
N LEU AB 176 -81.50 40.25 21.00
CA LEU AB 176 -80.78 39.44 21.96
C LEU AB 176 -81.37 38.04 22.03
N LEU AB 177 -80.55 37.05 21.74
CA LEU AB 177 -80.94 35.64 21.85
C LEU AB 177 -80.01 34.94 22.83
N ARG AB 178 -80.27 33.64 23.03
CA ARG AB 178 -79.47 32.87 23.97
C ARG AB 178 -78.05 32.62 23.47
N GLN AB 179 -77.85 32.56 22.15
CA GLN AB 179 -76.53 32.28 21.60
C GLN AB 179 -75.72 33.55 21.37
N GLY AB 180 -76.36 34.71 21.35
CA GLY AB 180 -75.63 35.96 21.14
C GLY AB 180 -76.56 37.05 20.64
N VAL AB 181 -75.98 38.00 19.93
CA VAL AB 181 -76.71 39.13 19.37
C VAL AB 181 -76.74 39.00 17.85
N LEU AB 182 -77.93 39.09 17.28
CA LEU AB 182 -78.12 39.00 15.83
C LEU AB 182 -78.49 40.37 15.29
N GLY AB 183 -77.79 40.81 14.25
CA GLY AB 183 -78.10 42.08 13.63
C GLY AB 183 -79.26 41.98 12.65
N ILE AB 184 -79.91 43.11 12.42
CA ILE AB 184 -81.02 43.20 11.48
C ILE AB 184 -80.84 44.45 10.62
N LYS AB 185 -80.82 44.27 9.30
CA LYS AB 185 -80.83 45.37 8.35
C LYS AB 185 -82.16 45.39 7.61
N VAL AB 186 -82.83 46.54 7.61
CA VAL AB 186 -84.06 46.73 6.85
C VAL AB 186 -83.86 47.97 5.98
N LYS AB 187 -83.54 47.75 4.71
CA LYS AB 187 -83.47 48.80 3.71
C LYS AB 187 -84.62 48.61 2.73
N ILE AB 188 -85.38 49.68 2.48
CA ILE AB 188 -86.51 49.65 1.56
C ILE AB 188 -86.43 50.87 0.65
N MET AB 189 -86.46 50.65 -0.66
CA MET AB 189 -86.41 51.75 -1.61
C MET AB 189 -87.81 52.31 -1.83
N LEU AB 190 -87.94 53.62 -1.69
CA LEU AB 190 -89.22 54.30 -1.83
C LEU AB 190 -89.57 54.48 -3.31
N PRO AB 191 -90.85 54.41 -3.64
CA PRO AB 191 -91.29 54.76 -4.99
C PRO AB 191 -91.41 56.27 -5.16
N TRP AB 192 -91.44 56.70 -6.41
CA TRP AB 192 -91.56 58.12 -6.74
C TRP AB 192 -92.99 58.45 -7.14
N ASP AB 193 -93.54 59.50 -6.53
CA ASP AB 193 -94.86 59.99 -6.86
C ASP AB 193 -94.87 61.51 -6.80
N PRO AB 194 -95.61 62.17 -7.69
CA PRO AB 194 -95.72 63.64 -7.59
C PRO AB 194 -96.53 64.12 -6.40
N SER AB 195 -97.43 63.28 -5.86
CA SER AB 195 -98.23 63.70 -4.71
C SER AB 195 -97.39 63.77 -3.44
N GLY AB 196 -96.45 62.84 -3.28
CA GLY AB 196 -95.59 62.83 -2.12
C GLY AB 196 -96.17 62.20 -0.88
N LYS AB 197 -97.33 61.56 -0.97
CA LYS AB 197 -97.91 60.87 0.18
C LYS AB 197 -97.30 59.48 0.40
N ILE AB 198 -96.53 58.98 -0.57
CA ILE AB 198 -95.85 57.69 -0.40
C ILE AB 198 -94.35 57.77 -0.66
N GLY AB 199 -93.86 58.79 -1.35
CA GLY AB 199 -92.45 58.92 -1.60
C GLY AB 199 -92.04 60.37 -1.81
N PRO AB 200 -90.85 60.59 -2.38
CA PRO AB 200 -90.39 61.96 -2.63
C PRO AB 200 -90.91 62.52 -3.95
N LYS AB 201 -90.93 63.85 -4.01
CA LYS AB 201 -91.44 64.53 -5.21
C LYS AB 201 -90.43 64.46 -6.34
N LYS AB 202 -89.14 64.59 -6.04
CA LYS AB 202 -88.11 64.71 -7.07
C LYS AB 202 -87.92 63.38 -7.78
N PRO AB 203 -87.95 63.36 -9.12
CA PRO AB 203 -87.79 62.10 -9.86
C PRO AB 203 -86.36 61.59 -9.86
N LEU AB 204 -86.17 60.38 -10.38
CA LEU AB 204 -84.83 59.81 -10.48
C LEU AB 204 -83.98 60.59 -11.48
N PRO AB 205 -82.69 60.77 -11.19
CA PRO AB 205 -81.81 61.45 -12.16
C PRO AB 205 -81.69 60.70 -13.49
N ASP AB 206 -81.68 59.37 -13.45
CA ASP AB 206 -81.56 58.59 -14.69
C ASP AB 206 -82.85 58.52 -15.48
N HIS AB 207 -83.98 58.83 -14.85
CA HIS AB 207 -85.28 58.75 -15.51
C HIS AB 207 -85.57 60.04 -16.26
N VAL AB 208 -85.88 59.91 -17.55
CA VAL AB 208 -86.26 61.04 -18.39
C VAL AB 208 -87.66 60.75 -18.90
N SER AB 209 -88.65 61.50 -18.42
CA SER AB 209 -90.05 61.30 -18.79
C SER AB 209 -90.34 62.14 -20.02
N ILE AB 210 -90.48 61.49 -21.17
CA ILE AB 210 -90.77 62.17 -22.42
C ILE AB 210 -92.27 62.08 -22.69
N VAL AB 211 -92.90 63.23 -22.88
CA VAL AB 211 -94.34 63.27 -23.15
C VAL AB 211 -94.57 62.94 -24.61
N GLU AB 212 -95.80 62.52 -24.92
CA GLU AB 212 -96.14 62.15 -26.29
C GLU AB 212 -96.93 63.25 -26.99
N PRO AB 213 -96.62 63.51 -28.26
CA PRO AB 213 -97.32 64.57 -28.98
C PRO AB 213 -98.76 64.22 -29.28
N LYS AB 214 -99.62 65.24 -29.27
CA LYS AB 214 -101.04 65.03 -29.52
C LYS AB 214 -101.29 64.64 -30.97
N ASP AB 215 -102.39 63.93 -31.19
CA ASP AB 215 -102.77 63.48 -32.53
C ASP AB 215 -103.42 64.64 -33.27
N GLU AB 216 -102.58 65.44 -33.92
CA GLU AB 216 -103.02 66.61 -34.66
C GLU AB 216 -102.78 66.40 -36.15
N ILE AB 217 -103.76 66.79 -36.96
CA ILE AB 217 -103.69 66.66 -38.41
C ILE AB 217 -103.16 67.97 -38.98
N LEU AB 218 -102.11 67.88 -39.79
CA LEU AB 218 -101.55 69.08 -40.39
C LEU AB 218 -102.49 69.65 -41.45
N PRO AB 219 -102.75 70.95 -41.43
CA PRO AB 219 -103.64 71.57 -42.43
C PRO AB 219 -102.92 71.76 -43.75
N THR AB 220 -103.47 71.19 -44.82
CA THR AB 220 -102.93 71.35 -46.16
C THR AB 220 -103.69 72.37 -46.99
N THR AB 221 -104.91 72.71 -46.61
CA THR AB 221 -105.71 73.70 -47.33
C THR AB 221 -105.76 74.98 -46.51
N PRO AB 222 -105.30 76.12 -47.05
CA PRO AB 222 -105.34 77.38 -46.29
C PRO AB 222 -106.77 77.86 -46.07
N ILE AB 223 -107.19 77.85 -44.80
CA ILE AB 223 -108.55 78.21 -44.42
C ILE AB 223 -108.49 79.26 -43.32
N SER AB 224 -109.66 79.84 -43.02
CA SER AB 224 -109.78 80.88 -42.02
C SER AB 224 -110.88 80.52 -41.03
N GLU AB 225 -110.73 81.02 -39.80
CA GLU AB 225 -111.68 80.77 -38.73
C GLU AB 225 -112.15 82.07 -38.09
N GLN AB 226 -112.55 83.04 -38.92
CA GLN AB 226 -112.91 84.36 -38.43
C GLN AB 226 -114.19 84.30 -37.60
N LYS AB 227 -114.14 84.88 -36.41
CA LYS AB 227 -115.32 85.07 -35.57
C LYS AB 227 -115.16 86.36 -34.78
N GLY AB 228 -116.26 87.09 -34.60
CA GLY AB 228 -116.23 88.34 -33.88
C GLY AB 228 -115.51 89.45 -34.63
N ALA BB 1 -66.11 -54.75 3.42
CA ALA BB 1 -66.52 -55.62 4.53
C ALA BB 1 -65.68 -56.89 4.55
N ARG BB 2 -66.00 -57.80 5.47
CA ARG BB 2 -65.29 -59.06 5.60
C ARG BB 2 -66.24 -60.25 5.56
N GLY BB 3 -67.45 -60.08 5.05
CA GLY BB 3 -68.40 -61.15 4.95
C GLY BB 3 -69.79 -60.68 4.57
N PRO BB 4 -70.77 -61.58 4.65
CA PRO BB 4 -72.14 -61.23 4.26
C PRO BB 4 -72.80 -60.31 5.27
N LYS BB 5 -73.75 -59.52 4.76
CA LYS BB 5 -74.52 -58.62 5.59
C LYS BB 5 -75.56 -59.41 6.39
N LYS BB 6 -75.82 -58.95 7.62
CA LYS BB 6 -76.83 -59.56 8.48
C LYS BB 6 -77.88 -58.59 9.00
N HIS BB 7 -77.59 -57.29 9.01
CA HIS BB 7 -78.56 -56.28 9.44
C HIS BB 7 -79.19 -55.60 8.23
N LEU BB 8 -80.20 -54.78 8.50
CA LEU BB 8 -80.90 -54.05 7.45
C LEU BB 8 -81.47 -52.76 8.04
N LYS BB 9 -81.04 -51.63 7.50
CA LYS BB 9 -81.50 -50.34 7.97
C LYS BB 9 -82.92 -50.08 7.49
N ARG BB 10 -83.67 -49.30 8.30
CA ARG BB 10 -85.03 -48.93 7.92
C ARG BB 10 -85.04 -48.02 6.70
N VAL BB 11 -84.05 -47.14 6.58
CA VAL BB 11 -83.96 -46.27 5.41
C VAL BB 11 -83.64 -47.08 4.16
N ALA BB 12 -82.85 -48.13 4.28
CA ALA BB 12 -82.44 -48.94 3.13
C ALA BB 12 -83.50 -49.96 2.72
N ALA BB 13 -84.62 -50.03 3.44
CA ALA BB 13 -85.68 -50.96 3.07
C ALA BB 13 -86.35 -50.52 1.77
N PRO BB 14 -86.85 -51.46 0.96
CA PRO BB 14 -87.55 -51.09 -0.26
C PRO BB 14 -88.83 -50.31 0.02
N LYS BB 15 -89.20 -49.45 -0.94
CA LYS BB 15 -90.29 -48.50 -0.75
C LYS BB 15 -91.67 -49.16 -0.74
N HIS BB 16 -91.80 -50.36 -1.33
CA HIS BB 16 -93.11 -51.00 -1.40
C HIS BB 16 -93.53 -51.66 -0.09
N TRP BB 17 -92.59 -51.86 0.84
CA TRP BB 17 -92.97 -52.37 2.16
C TRP BB 17 -93.73 -51.33 2.97
N MET BB 18 -93.49 -50.04 2.69
CA MET BB 18 -94.18 -48.92 3.30
C MET BB 18 -94.02 -48.92 4.82
N LEU BB 19 -92.84 -49.30 5.29
CA LEU BB 19 -92.53 -49.24 6.71
C LEU BB 19 -92.23 -47.80 7.12
N ASP BB 20 -92.82 -47.39 8.24
CA ASP BB 20 -92.59 -46.04 8.74
C ASP BB 20 -91.19 -45.93 9.33
N LYS BB 21 -90.59 -44.74 9.16
CA LYS BB 21 -89.22 -44.50 9.58
C LYS BB 21 -89.10 -43.99 11.01
N LEU BB 22 -90.20 -43.62 11.66
CA LEU BB 22 -90.14 -43.09 13.01
C LEU BB 22 -90.09 -44.19 14.07
N THR BB 23 -90.42 -45.43 13.72
CA THR BB 23 -90.50 -46.50 14.72
C THR BB 23 -89.11 -46.97 15.14
N GLY BB 24 -88.35 -47.51 14.19
CA GLY BB 24 -87.07 -48.10 14.51
C GLY BB 24 -86.00 -47.76 13.49
N VAL BB 25 -84.76 -47.78 13.95
CA VAL BB 25 -83.62 -47.53 13.07
C VAL BB 25 -83.43 -48.66 12.08
N PHE BB 26 -83.68 -49.89 12.50
CA PHE BB 26 -83.45 -51.07 11.67
C PHE BB 26 -84.74 -51.49 10.97
N ALA BB 27 -84.58 -52.42 10.04
CA ALA BB 27 -85.67 -53.01 9.28
C ALA BB 27 -85.57 -54.52 9.39
N PRO BB 28 -86.68 -55.24 9.23
CA PRO BB 28 -86.61 -56.70 9.28
C PRO BB 28 -85.84 -57.28 8.10
N ARG BB 29 -84.63 -57.76 8.37
CA ARG BB 29 -83.80 -58.33 7.32
C ARG BB 29 -84.38 -59.67 6.90
N PRO BB 30 -84.76 -59.85 5.63
CA PRO BB 30 -85.34 -61.12 5.21
C PRO BB 30 -84.30 -62.22 5.18
N SER BB 31 -84.72 -63.40 5.63
CA SER BB 31 -83.87 -64.58 5.54
C SER BB 31 -83.75 -65.02 4.08
N THR BB 32 -82.68 -65.76 3.79
CA THR BB 32 -82.50 -66.29 2.45
C THR BB 32 -83.53 -67.37 2.16
N GLY BB 33 -83.84 -67.55 0.88
CA GLY BB 33 -84.83 -68.53 0.47
C GLY BB 33 -84.99 -68.60 -1.03
N PRO BB 34 -86.22 -68.91 -1.48
CA PRO BB 34 -86.46 -69.04 -2.92
C PRO BB 34 -86.67 -67.71 -3.64
N HIS BB 35 -86.61 -66.59 -2.93
CA HIS BB 35 -86.84 -65.29 -3.52
C HIS BB 35 -85.75 -64.33 -3.04
N LYS BB 36 -85.53 -63.28 -3.82
CA LYS BB 36 -84.52 -62.28 -3.51
C LYS BB 36 -85.02 -61.36 -2.38
N LEU BB 37 -84.10 -60.56 -1.84
CA LEU BB 37 -84.41 -59.74 -0.69
C LEU BB 37 -85.39 -58.62 -1.04
N ARG BB 38 -85.16 -57.94 -2.17
CA ARG BB 38 -85.84 -56.68 -2.41
C ARG BB 38 -87.32 -56.84 -2.75
N GLU BB 39 -87.66 -57.77 -3.65
CA GLU BB 39 -89.04 -57.86 -4.12
C GLU BB 39 -89.91 -58.77 -3.26
N CYS BB 40 -89.31 -59.45 -2.28
CA CYS BB 40 -90.09 -60.29 -1.38
C CYS BB 40 -90.67 -59.42 -0.25
N LEU BB 41 -91.52 -60.05 0.56
CA LEU BB 41 -92.11 -59.38 1.71
C LEU BB 41 -92.01 -60.35 2.88
N PRO BB 42 -91.33 -60.00 3.96
CA PRO BB 42 -91.17 -60.92 5.08
C PRO BB 42 -92.50 -61.22 5.76
N LEU BB 43 -92.55 -62.42 6.37
CA LEU BB 43 -93.75 -62.85 7.08
C LEU BB 43 -94.08 -61.96 8.27
N ILE BB 44 -93.07 -61.35 8.89
CA ILE BB 44 -93.33 -60.42 9.99
C ILE BB 44 -94.04 -59.17 9.49
N ILE BB 45 -93.69 -58.69 8.29
CA ILE BB 45 -94.34 -57.52 7.73
C ILE BB 45 -95.78 -57.84 7.33
N PHE BB 46 -96.00 -59.03 6.75
CA PHE BB 46 -97.34 -59.42 6.31
C PHE BB 46 -98.31 -59.60 7.46
N LEU BB 47 -97.81 -59.94 8.65
CA LEU BB 47 -98.68 -60.15 9.81
C LEU BB 47 -98.83 -58.87 10.63
N ARG BB 48 -97.71 -58.30 11.09
CA ARG BB 48 -97.76 -57.14 11.97
C ARG BB 48 -98.14 -55.87 11.24
N ASN BB 49 -97.57 -55.64 10.05
CA ASN BB 49 -97.73 -54.37 9.36
C ASN BB 49 -98.80 -54.37 8.28
N ARG BB 50 -99.11 -55.52 7.69
CA ARG BB 50 -100.12 -55.61 6.64
C ARG BB 50 -101.48 -56.02 7.20
N LEU BB 51 -101.53 -57.03 8.06
CA LEU BB 51 -102.77 -57.57 8.59
C LEU BB 51 -103.10 -57.08 9.99
N LYS BB 52 -102.11 -56.56 10.72
CA LYS BB 52 -102.29 -55.93 12.03
C LYS BB 52 -102.85 -56.88 13.09
N TYR BB 53 -102.63 -58.19 12.93
CA TYR BB 53 -102.85 -59.09 14.05
C TYR BB 53 -101.86 -58.84 15.17
N ALA BB 54 -100.60 -58.58 14.82
CA ALA BB 54 -99.53 -58.44 15.80
C ALA BB 54 -99.13 -56.97 15.95
N LEU BB 55 -98.63 -56.62 17.13
CA LEU BB 55 -98.20 -55.26 17.44
C LEU BB 55 -96.68 -55.12 17.49
N THR BB 56 -95.99 -56.00 18.21
CA THR BB 56 -94.55 -55.95 18.37
C THR BB 56 -93.92 -57.17 17.71
N GLY BB 57 -92.57 -57.18 17.70
CA GLY BB 57 -91.84 -58.29 17.11
C GLY BB 57 -91.89 -59.57 17.91
N ASP BB 58 -92.00 -59.48 19.23
CA ASP BB 58 -92.16 -60.67 20.05
C ASP BB 58 -93.53 -61.31 19.83
N GLU BB 59 -94.54 -60.49 19.51
CA GLU BB 59 -95.86 -61.00 19.22
C GLU BB 59 -95.89 -61.77 17.90
N VAL BB 60 -95.09 -61.34 16.93
CA VAL BB 60 -94.94 -62.09 15.68
C VAL BB 60 -94.24 -63.42 15.94
N LYS BB 61 -93.29 -63.44 16.89
CA LYS BB 61 -92.51 -64.63 17.16
C LYS BB 61 -93.37 -65.78 17.68
N LYS BB 62 -94.34 -65.47 18.54
CA LYS BB 62 -95.16 -66.51 19.15
C LYS BB 62 -96.17 -67.10 18.15
N ILE BB 63 -96.75 -66.26 17.30
CA ILE BB 63 -97.80 -66.72 16.39
C ILE BB 63 -97.22 -67.67 15.34
N CYS BB 64 -96.03 -67.34 14.81
CA CYS BB 64 -95.44 -68.15 13.75
C CYS BB 64 -95.05 -69.53 14.24
N MET BB 65 -94.77 -69.68 15.53
CA MET BB 65 -94.39 -70.96 16.10
C MET BB 65 -95.56 -71.69 16.75
N GLN BB 66 -96.78 -71.16 16.64
CA GLN BB 66 -97.96 -71.93 16.97
C GLN BB 66 -98.35 -72.88 15.85
N ARG BB 67 -97.61 -72.89 14.75
CA ARG BB 67 -97.83 -73.75 13.59
C ARG BB 67 -99.21 -73.51 12.99
N PHE BB 68 -99.55 -72.22 12.83
CA PHE BB 68 -100.81 -71.82 12.23
C PHE BB 68 -100.64 -71.19 10.85
N ILE BB 69 -99.42 -70.91 10.43
CA ILE BB 69 -99.14 -70.27 9.15
C ILE BB 69 -98.52 -71.33 8.24
N LYS BB 70 -99.17 -71.57 7.10
CA LYS BB 70 -98.72 -72.58 6.14
C LYS BB 70 -98.50 -71.89 4.80
N ILE BB 71 -97.25 -71.57 4.49
CA ILE BB 71 -96.91 -70.91 3.24
C ILE BB 71 -96.76 -71.97 2.15
N ASP BB 72 -97.52 -71.81 1.06
CA ASP BB 72 -97.54 -72.60 -0.17
C ASP BB 72 -97.28 -74.10 0.03
N GLY BB 73 -97.94 -74.69 1.02
CA GLY BB 73 -97.88 -76.12 1.24
C GLY BB 73 -96.91 -76.59 2.30
N LYS BB 74 -96.17 -75.69 2.95
CA LYS BB 74 -95.19 -76.08 3.96
C LYS BB 74 -95.16 -75.03 5.06
N VAL BB 75 -95.28 -75.46 6.31
CA VAL BB 75 -95.29 -74.53 7.44
C VAL BB 75 -93.87 -74.07 7.72
N ARG BB 76 -93.66 -72.76 7.64
CA ARG BB 76 -92.39 -72.15 8.01
C ARG BB 76 -92.56 -71.33 9.29
N THR BB 77 -91.65 -71.52 10.23
CA THR BB 77 -91.72 -70.88 11.54
C THR BB 77 -90.74 -69.72 11.66
N ASP BB 78 -90.26 -69.17 10.53
CA ASP BB 78 -89.34 -68.04 10.54
C ASP BB 78 -90.11 -66.76 10.26
N ILE BB 79 -89.89 -65.75 11.10
CA ILE BB 79 -90.63 -64.50 10.98
C ILE BB 79 -90.23 -63.72 9.74
N THR BB 80 -88.99 -63.85 9.28
CA THR BB 80 -88.48 -63.10 8.14
C THR BB 80 -88.36 -63.97 6.89
N TYR BB 81 -89.32 -64.87 6.69
CA TYR BB 81 -89.27 -65.74 5.52
C TYR BB 81 -89.55 -64.93 4.26
N PRO BB 82 -88.77 -65.13 3.20
CA PRO BB 82 -88.97 -64.35 1.98
C PRO BB 82 -90.19 -64.79 1.18
N ALA BB 83 -91.38 -64.31 1.59
CA ALA BB 83 -92.60 -64.60 0.86
C ALA BB 83 -92.61 -63.76 -0.41
N GLY BB 84 -92.42 -64.41 -1.55
CA GLY BB 84 -92.29 -63.75 -2.83
C GLY BB 84 -93.63 -63.59 -3.53
N PHE BB 85 -93.60 -63.67 -4.86
CA PHE BB 85 -94.80 -63.45 -5.65
C PHE BB 85 -95.70 -64.67 -5.61
N MET BB 86 -96.95 -64.45 -5.21
CA MET BB 86 -98.02 -65.45 -5.20
C MET BB 86 -97.70 -66.68 -4.36
N ASP BB 87 -97.01 -66.50 -3.24
CA ASP BB 87 -96.90 -67.58 -2.27
C ASP BB 87 -98.24 -67.73 -1.55
N VAL BB 88 -98.81 -68.93 -1.61
CA VAL BB 88 -100.16 -69.17 -1.09
C VAL BB 88 -100.00 -69.39 0.42
N ILE BB 89 -100.01 -68.29 1.17
CA ILE BB 89 -99.94 -68.36 2.62
C ILE BB 89 -101.33 -68.74 3.12
N SER BB 90 -101.45 -69.95 3.64
CA SER BB 90 -102.73 -70.50 4.08
C SER BB 90 -102.79 -70.48 5.60
N ILE BB 91 -103.84 -69.88 6.14
CA ILE BB 91 -104.06 -69.82 7.59
C ILE BB 91 -105.16 -70.82 7.94
N ASP BB 92 -104.84 -71.79 8.78
CA ASP BB 92 -105.76 -72.88 9.08
C ASP BB 92 -106.82 -72.48 10.12
N LYS BB 93 -106.48 -71.55 11.01
CA LYS BB 93 -107.36 -71.26 12.14
C LYS BB 93 -108.65 -70.58 11.69
N THR BB 94 -108.55 -69.56 10.84
CA THR BB 94 -109.71 -68.83 10.37
C THR BB 94 -110.22 -69.34 9.03
N GLY BB 95 -109.61 -70.38 8.47
CA GLY BB 95 -110.02 -70.88 7.17
C GLY BB 95 -109.74 -69.93 6.02
N GLU BB 96 -108.78 -69.03 6.19
CA GLU BB 96 -108.52 -67.97 5.23
C GLU BB 96 -107.19 -68.23 4.52
N ASN BB 97 -107.14 -67.89 3.23
CA ASN BB 97 -105.97 -68.14 2.40
C ASN BB 97 -105.57 -66.84 1.71
N PHE BB 98 -104.27 -66.51 1.75
CA PHE BB 98 -103.72 -65.34 1.10
C PHE BB 98 -102.74 -65.73 0.00
N ARG BB 99 -102.91 -65.14 -1.17
CA ARG BB 99 -101.93 -65.21 -2.24
C ARG BB 99 -101.38 -63.82 -2.50
N LEU BB 100 -100.05 -63.68 -2.50
CA LEU BB 100 -99.40 -62.38 -2.60
C LEU BB 100 -99.46 -61.89 -4.04
N ILE BB 101 -100.42 -61.01 -4.33
CA ILE BB 101 -100.58 -60.46 -5.67
C ILE BB 101 -100.31 -58.96 -5.60
N TYR BB 102 -99.67 -58.44 -6.64
CA TYR BB 102 -99.35 -57.03 -6.72
C TYR BB 102 -100.63 -56.21 -6.95
N ASP BB 103 -100.64 -55.00 -6.39
CA ASP BB 103 -101.74 -54.08 -6.60
C ASP BB 103 -101.48 -53.31 -7.90
N THR BB 104 -102.32 -52.32 -8.20
CA THR BB 104 -102.05 -51.45 -9.34
C THR BB 104 -100.80 -50.61 -9.13
N LYS BB 105 -100.44 -50.33 -7.88
CA LYS BB 105 -99.17 -49.68 -7.57
C LYS BB 105 -98.08 -50.75 -7.44
N GLY BB 106 -96.93 -50.33 -6.90
CA GLY BB 106 -95.83 -51.25 -6.67
C GLY BB 106 -95.94 -52.11 -5.43
N ARG BB 107 -96.94 -51.86 -4.59
CA ARG BB 107 -97.07 -52.57 -3.34
C ARG BB 107 -97.73 -53.93 -3.54
N PHE BB 108 -97.43 -54.86 -2.64
CA PHE BB 108 -98.19 -56.09 -2.54
C PHE BB 108 -99.61 -55.79 -2.07
N ALA BB 109 -100.59 -56.41 -2.73
CA ALA BB 109 -101.99 -56.25 -2.35
C ALA BB 109 -102.44 -57.42 -1.49
N VAL BB 110 -103.27 -57.11 -0.49
CA VAL BB 110 -103.78 -58.12 0.43
C VAL BB 110 -104.98 -58.79 -0.21
N HIS BB 111 -104.72 -59.88 -0.94
CA HIS BB 111 -105.75 -60.56 -1.73
C HIS BB 111 -106.12 -61.87 -1.07
N ARG BB 112 -107.39 -62.02 -0.72
CA ARG BB 112 -107.93 -63.26 -0.18
C ARG BB 112 -108.41 -64.14 -1.34
N ILE BB 113 -107.91 -65.37 -1.41
CA ILE BB 113 -108.27 -66.30 -2.45
C ILE BB 113 -109.09 -67.44 -1.86
N THR BB 114 -109.90 -68.07 -2.71
CA THR BB 114 -110.75 -69.16 -2.28
C THR BB 114 -109.92 -70.41 -1.96
N PRO BB 115 -110.41 -71.27 -1.07
CA PRO BB 115 -109.65 -72.48 -0.73
C PRO BB 115 -109.37 -73.41 -1.91
N GLU BB 116 -110.31 -73.52 -2.87
CA GLU BB 116 -110.05 -74.35 -4.04
C GLU BB 116 -109.05 -73.68 -4.97
N GLU BB 117 -108.92 -72.35 -4.88
CA GLU BB 117 -107.85 -71.64 -5.59
C GLU BB 117 -106.51 -71.79 -4.90
N ALA BB 118 -106.49 -72.14 -3.62
CA ALA BB 118 -105.26 -72.22 -2.84
C ALA BB 118 -104.42 -73.45 -3.16
N LYS BB 119 -104.93 -74.39 -3.94
CA LYS BB 119 -104.20 -75.62 -4.20
C LYS BB 119 -103.20 -75.48 -5.33
N TYR BB 120 -103.33 -74.45 -6.17
CA TYR BB 120 -102.46 -74.27 -7.32
C TYR BB 120 -101.87 -72.87 -7.34
N LYS BB 121 -100.70 -72.76 -7.96
CA LYS BB 121 -100.07 -71.46 -8.18
C LYS BB 121 -99.29 -71.52 -9.48
N LEU BB 122 -98.98 -70.34 -10.02
CA LEU BB 122 -98.33 -70.22 -11.32
C LEU BB 122 -96.88 -69.82 -11.11
N CYS BB 123 -95.96 -70.63 -11.65
CA CYS BB 123 -94.53 -70.42 -11.49
C CYS BB 123 -93.89 -70.22 -12.86
N LYS BB 124 -93.05 -69.20 -12.96
CA LYS BB 124 -92.33 -68.91 -14.20
C LYS BB 124 -91.02 -69.68 -14.23
N VAL BB 125 -90.84 -70.53 -15.24
CA VAL BB 125 -89.61 -71.28 -15.37
C VAL BB 125 -88.51 -70.37 -15.92
N ARG BB 126 -87.26 -70.79 -15.71
CA ARG BB 126 -86.10 -70.01 -16.12
C ARG BB 126 -85.24 -70.69 -17.16
N LYS BB 127 -84.94 -71.98 -17.00
CA LYS BB 127 -84.05 -72.67 -17.92
C LYS BB 127 -84.48 -74.13 -18.04
N ILE BB 128 -84.15 -74.72 -19.18
CA ILE BB 128 -84.33 -76.16 -19.42
C ILE BB 128 -82.97 -76.80 -19.21
N PHE BB 129 -82.84 -77.55 -18.12
CA PHE BB 129 -81.56 -78.14 -17.71
C PHE BB 129 -81.58 -79.64 -17.99
N VAL BB 130 -80.52 -80.15 -18.61
CA VAL BB 130 -80.38 -81.57 -18.88
C VAL BB 130 -79.63 -82.18 -17.69
N GLY BB 131 -80.25 -83.17 -17.04
CA GLY BB 131 -79.65 -83.81 -15.90
C GLY BB 131 -78.54 -84.79 -16.29
N THR BB 132 -77.97 -85.42 -15.27
CA THR BB 132 -76.79 -86.26 -15.44
C THR BB 132 -77.05 -87.53 -16.24
N LYS BB 133 -78.30 -87.89 -16.47
CA LYS BB 133 -78.65 -89.08 -17.24
C LYS BB 133 -79.68 -88.75 -18.32
N GLY BB 134 -79.49 -87.62 -18.99
CA GLY BB 134 -80.46 -87.17 -19.97
C GLY BB 134 -81.80 -86.79 -19.36
N ILE BB 135 -81.78 -86.13 -18.20
CA ILE BB 135 -82.99 -85.83 -17.44
C ILE BB 135 -83.32 -84.36 -17.66
N PRO BB 136 -84.41 -84.02 -18.36
CA PRO BB 136 -84.82 -82.62 -18.45
C PRO BB 136 -85.21 -82.07 -17.09
N HIS BB 137 -84.85 -80.80 -16.86
CA HIS BB 137 -85.17 -80.11 -15.62
C HIS BB 137 -85.73 -78.74 -15.92
N LEU BB 138 -86.61 -78.27 -15.05
CA LEU BB 138 -87.14 -76.92 -15.09
C LEU BB 138 -86.92 -76.25 -13.75
N VAL BB 139 -86.46 -75.00 -13.79
CA VAL BB 139 -86.21 -74.20 -12.59
C VAL BB 139 -87.17 -73.03 -12.59
N THR BB 140 -88.06 -72.99 -11.60
CA THR BB 140 -89.11 -71.99 -11.54
C THR BB 140 -88.58 -70.71 -10.91
N HIS BB 141 -89.49 -69.75 -10.64
CA HIS BB 141 -89.08 -68.51 -9.99
C HIS BB 141 -88.73 -68.73 -8.53
N ASP BB 142 -89.35 -69.71 -7.89
CA ASP BB 142 -89.05 -70.07 -6.52
C ASP BB 142 -88.10 -71.28 -6.45
N ALA BB 143 -87.29 -71.45 -7.49
CA ALA BB 143 -86.20 -72.43 -7.53
C ALA BB 143 -86.69 -73.87 -7.38
N ARG BB 144 -87.88 -74.17 -7.88
CA ARG BB 144 -88.41 -75.54 -7.83
C ARG BB 144 -87.80 -76.35 -8.96
N THR BB 145 -86.84 -77.22 -8.62
CA THR BB 145 -86.17 -78.06 -9.61
C THR BB 145 -87.07 -79.24 -9.93
N ILE BB 146 -87.88 -79.09 -10.97
CA ILE BB 146 -88.85 -80.09 -11.36
C ILE BB 146 -88.23 -80.95 -12.46
N ARG BB 147 -87.96 -82.21 -12.14
CA ARG BB 147 -87.45 -83.15 -13.12
C ARG BB 147 -88.59 -83.83 -13.87
N TYR BB 148 -88.29 -84.31 -15.08
CA TYR BB 148 -89.26 -84.84 -16.04
C TYR BB 148 -90.43 -83.88 -16.26
N PRO BB 149 -90.21 -82.70 -16.87
CA PRO BB 149 -91.35 -81.82 -17.16
C PRO BB 149 -91.96 -82.11 -18.52
N ASP BB 150 -92.96 -81.33 -18.92
CA ASP BB 150 -93.49 -81.45 -20.27
C ASP BB 150 -92.46 -80.92 -21.26
N PRO BB 151 -92.15 -81.65 -22.33
CA PRO BB 151 -91.08 -81.22 -23.24
C PRO BB 151 -91.37 -79.95 -24.02
N LEU BB 152 -92.63 -79.52 -24.13
CA LEU BB 152 -92.95 -78.33 -24.91
C LEU BB 152 -92.79 -77.04 -24.13
N ILE BB 153 -92.46 -77.11 -22.85
CA ILE BB 153 -92.26 -75.91 -22.03
C ILE BB 153 -90.91 -75.30 -22.40
N LYS BB 154 -90.92 -74.02 -22.75
CA LYS BB 154 -89.73 -73.31 -23.23
C LYS BB 154 -89.16 -72.45 -22.10
N VAL BB 155 -88.23 -71.56 -22.47
CA VAL BB 155 -87.41 -70.85 -21.50
C VAL BB 155 -88.25 -69.96 -20.58
N ASN BB 156 -89.20 -69.21 -21.15
CA ASN BB 156 -89.91 -68.21 -20.37
C ASN BB 156 -91.41 -68.50 -20.23
N ASP BB 157 -91.82 -69.77 -20.30
CA ASP BB 157 -93.22 -70.09 -20.07
C ASP BB 157 -93.49 -70.21 -18.57
N THR BB 158 -94.78 -70.33 -18.23
CA THR BB 158 -95.24 -70.47 -16.86
C THR BB 158 -96.02 -71.77 -16.70
N ILE BB 159 -95.86 -72.40 -15.54
CA ILE BB 159 -96.45 -73.70 -15.25
C ILE BB 159 -97.38 -73.56 -14.06
N GLN BB 160 -98.58 -74.13 -14.19
CA GLN BB 160 -99.56 -74.14 -13.11
C GLN BB 160 -99.31 -75.38 -12.27
N ILE BB 161 -98.44 -75.25 -11.26
CA ILE BB 161 -98.06 -76.38 -10.43
C ILE BB 161 -99.17 -76.64 -9.41
N ASP BB 162 -99.15 -77.83 -8.81
CA ASP BB 162 -100.11 -78.22 -7.78
C ASP BB 162 -99.38 -78.35 -6.46
N LEU BB 163 -99.89 -77.70 -5.42
CA LEU BB 163 -99.13 -77.52 -4.19
C LEU BB 163 -99.00 -78.79 -3.36
N GLU BB 164 -100.09 -79.56 -3.21
CA GLU BB 164 -100.04 -80.71 -2.31
C GLU BB 164 -99.22 -81.86 -2.88
N THR BB 165 -99.06 -81.92 -4.21
CA THR BB 165 -98.25 -82.97 -4.82
C THR BB 165 -96.93 -82.46 -5.37
N GLY BB 166 -96.76 -81.15 -5.53
CA GLY BB 166 -95.52 -80.62 -6.05
C GLY BB 166 -95.26 -80.85 -7.52
N LYS BB 167 -96.31 -81.11 -8.30
CA LYS BB 167 -96.18 -81.39 -9.73
C LYS BB 167 -97.03 -80.43 -10.53
N ILE BB 168 -96.74 -80.33 -11.82
CA ILE BB 168 -97.43 -79.38 -12.68
C ILE BB 168 -98.75 -79.96 -13.15
N THR BB 169 -99.66 -79.06 -13.56
CA THR BB 169 -100.93 -79.44 -14.14
C THR BB 169 -101.02 -79.02 -15.60
N ASP BB 170 -100.84 -77.73 -15.89
CA ASP BB 170 -100.85 -77.21 -17.26
C ASP BB 170 -99.73 -76.19 -17.40
N PHE BB 171 -99.60 -75.62 -18.60
CA PHE BB 171 -98.63 -74.58 -18.85
C PHE BB 171 -99.16 -73.66 -19.94
N ILE BB 172 -98.69 -72.41 -19.93
CA ILE BB 172 -99.15 -71.38 -20.86
C ILE BB 172 -98.00 -71.03 -21.79
N LYS BB 173 -98.24 -71.16 -23.09
CA LYS BB 173 -97.23 -70.82 -24.09
C LYS BB 173 -97.05 -69.31 -24.19
N PHE BB 174 -95.80 -68.87 -24.23
CA PHE BB 174 -95.49 -67.45 -24.35
C PHE BB 174 -95.77 -67.00 -25.78
N ASP BB 175 -96.90 -66.31 -25.97
CA ASP BB 175 -97.31 -65.86 -27.29
C ASP BB 175 -98.02 -64.51 -27.16
N THR BB 176 -98.07 -63.79 -28.27
CA THR BB 176 -98.73 -62.48 -28.29
C THR BB 176 -100.23 -62.63 -28.13
N GLY BB 177 -100.83 -61.73 -27.37
CA GLY BB 177 -102.24 -61.75 -27.07
C GLY BB 177 -102.58 -62.35 -25.72
N ASN BB 178 -101.67 -63.10 -25.12
CA ASN BB 178 -101.91 -63.68 -23.81
C ASN BB 178 -101.79 -62.62 -22.71
N LEU BB 179 -102.47 -62.87 -21.60
CA LEU BB 179 -102.41 -61.97 -20.46
C LEU BB 179 -101.01 -62.01 -19.84
N CYS BB 180 -100.69 -60.95 -19.10
CA CYS BB 180 -99.34 -60.78 -18.56
C CYS BB 180 -99.41 -60.06 -17.22
N MET BB 181 -98.33 -60.17 -16.47
CA MET BB 181 -98.18 -59.51 -15.18
C MET BB 181 -96.79 -58.90 -15.12
N VAL BB 182 -96.72 -57.57 -15.08
CA VAL BB 182 -95.45 -56.86 -15.13
C VAL BB 182 -94.83 -56.88 -13.74
N THR BB 183 -93.87 -57.76 -13.52
CA THR BB 183 -93.22 -57.92 -12.21
C THR BB 183 -91.88 -57.18 -12.18
N GLY BB 184 -91.96 -55.85 -12.12
CA GLY BB 184 -90.76 -55.06 -11.86
C GLY BB 184 -90.69 -53.71 -12.56
N GLY BB 185 -90.21 -52.71 -11.84
CA GLY BB 185 -89.89 -51.42 -12.41
C GLY BB 185 -90.96 -50.37 -12.21
N ALA BB 186 -91.01 -49.44 -13.18
CA ALA BB 186 -92.00 -48.36 -13.12
C ALA BB 186 -93.39 -48.86 -13.45
N ASN BB 187 -93.50 -49.88 -14.30
CA ASN BB 187 -94.78 -50.51 -14.63
C ASN BB 187 -95.13 -51.65 -13.69
N LEU BB 188 -94.59 -51.64 -12.47
CA LEU BB 188 -94.78 -52.72 -11.52
C LEU BB 188 -96.25 -52.80 -11.10
N GLY BB 189 -96.87 -53.96 -11.32
CA GLY BB 189 -98.26 -54.16 -10.99
C GLY BB 189 -99.23 -54.06 -12.14
N ARG BB 190 -98.75 -54.00 -13.38
CA ARG BB 190 -99.61 -53.82 -14.53
C ARG BB 190 -100.07 -55.16 -15.09
N ILE BB 191 -101.33 -55.20 -15.53
CA ILE BB 191 -101.90 -56.37 -16.19
C ILE BB 191 -102.35 -55.96 -17.59
N GLY BB 192 -101.91 -56.71 -18.60
CA GLY BB 192 -102.28 -56.40 -19.96
C GLY BB 192 -101.88 -57.51 -20.89
N VAL BB 193 -102.42 -57.45 -22.11
CA VAL BB 193 -102.12 -58.46 -23.12
C VAL BB 193 -100.82 -58.11 -23.83
N ILE BB 194 -100.17 -59.14 -24.37
CA ILE BB 194 -98.89 -58.99 -25.07
C ILE BB 194 -99.19 -58.69 -26.53
N THR BB 195 -98.66 -57.58 -27.04
CA THR BB 195 -98.96 -57.13 -28.38
C THR BB 195 -97.77 -57.14 -29.33
N ASN BB 196 -96.54 -57.06 -28.82
CA ASN BB 196 -95.38 -56.98 -29.70
C ASN BB 196 -94.14 -57.45 -28.94
N ARG BB 197 -93.34 -58.28 -29.59
CA ARG BB 197 -92.06 -58.74 -29.06
C ARG BB 197 -90.93 -58.18 -29.93
N GLU BB 198 -89.95 -57.54 -29.29
CA GLU BB 198 -88.81 -56.95 -29.98
C GLU BB 198 -87.54 -57.70 -29.59
N ARG BB 199 -86.78 -58.12 -30.59
CA ARG BB 199 -85.59 -58.93 -30.38
C ARG BB 199 -84.35 -58.05 -30.33
N HIS BB 200 -83.51 -58.27 -29.31
CA HIS BB 200 -82.26 -57.55 -29.16
C HIS BB 200 -81.17 -58.54 -28.79
N PRO BB 201 -80.42 -59.05 -29.76
CA PRO BB 201 -79.32 -59.99 -29.45
C PRO BB 201 -78.23 -59.30 -28.64
N GLY BB 202 -77.77 -59.98 -27.60
CA GLY BB 202 -76.79 -59.41 -26.68
C GLY BB 202 -77.40 -58.58 -25.57
N SER BB 203 -78.30 -57.66 -25.93
CA SER BB 203 -78.99 -56.82 -24.96
C SER BB 203 -80.22 -57.55 -24.44
N PHE BB 204 -81.08 -56.85 -23.72
CA PHE BB 204 -82.30 -57.43 -23.16
C PHE BB 204 -83.47 -57.16 -24.10
N ASP BB 205 -84.23 -58.22 -24.39
CA ASP BB 205 -85.40 -58.09 -25.24
C ASP BB 205 -86.51 -57.35 -24.50
N VAL BB 206 -87.19 -56.46 -25.22
CA VAL BB 206 -88.28 -55.66 -24.67
C VAL BB 206 -89.57 -56.08 -25.35
N VAL BB 207 -90.63 -56.22 -24.57
CA VAL BB 207 -91.93 -56.68 -25.05
C VAL BB 207 -92.95 -55.59 -24.77
N HIS BB 208 -93.66 -55.15 -25.81
CA HIS BB 208 -94.74 -54.20 -25.64
C HIS BB 208 -95.99 -54.89 -25.12
N VAL BB 209 -96.64 -54.28 -24.15
CA VAL BB 209 -97.81 -54.86 -23.50
C VAL BB 209 -98.97 -53.89 -23.65
N LYS BB 210 -100.08 -54.37 -24.22
CA LYS BB 210 -101.29 -53.56 -24.37
C LYS BB 210 -102.18 -53.75 -23.15
N ASP BB 211 -102.55 -52.65 -22.50
CA ASP BB 211 -103.37 -52.71 -21.31
C ASP BB 211 -104.82 -53.04 -21.70
N ALA BB 212 -105.61 -53.44 -20.69
CA ALA BB 212 -107.01 -53.76 -20.91
C ALA BB 212 -107.81 -52.52 -21.35
N ASN BB 213 -107.36 -51.33 -20.97
CA ASN BB 213 -108.00 -50.08 -21.38
C ASN BB 213 -107.31 -49.43 -22.57
N GLY BB 214 -106.47 -50.17 -23.29
CA GLY BB 214 -105.81 -49.62 -24.45
C GLY BB 214 -104.61 -48.75 -24.17
N ASN BB 215 -104.08 -48.78 -22.95
CA ASN BB 215 -102.91 -48.00 -22.58
C ASN BB 215 -101.66 -48.85 -22.81
N SER BB 216 -101.23 -48.89 -24.07
CA SER BB 216 -100.08 -49.70 -24.45
C SER BB 216 -98.80 -49.15 -23.84
N PHE BB 217 -97.91 -50.07 -23.47
CA PHE BB 217 -96.65 -49.69 -22.82
C PHE BB 217 -95.63 -50.80 -23.06
N ALA BB 218 -94.38 -50.47 -22.80
CA ALA BB 218 -93.27 -51.40 -23.00
C ALA BB 218 -92.71 -51.85 -21.65
N THR BB 219 -92.03 -53.01 -21.69
CA THR BB 219 -91.37 -53.59 -20.52
C THR BB 219 -90.40 -54.65 -21.03
N ARG BB 220 -89.21 -54.69 -20.45
CA ARG BB 220 -88.26 -55.73 -20.80
C ARG BB 220 -88.74 -57.09 -20.32
N LEU BB 221 -88.28 -58.14 -21.00
CA LEU BB 221 -88.80 -59.49 -20.76
C LEU BB 221 -88.43 -60.02 -19.38
N SER BB 222 -87.39 -59.48 -18.74
CA SER BB 222 -86.98 -59.96 -17.42
C SER BB 222 -88.01 -59.65 -16.34
N ASN BB 223 -88.80 -58.59 -16.52
CA ASN BB 223 -89.85 -58.22 -15.57
C ASN BB 223 -91.24 -58.55 -16.09
N ILE BB 224 -91.38 -59.61 -16.88
CA ILE BB 224 -92.62 -59.95 -17.56
C ILE BB 224 -93.01 -61.37 -17.20
N PHE BB 225 -94.28 -61.58 -16.86
CA PHE BB 225 -94.77 -62.84 -16.33
C PHE BB 225 -96.20 -63.03 -16.81
N VAL BB 226 -96.41 -63.97 -17.73
CA VAL BB 226 -97.74 -64.22 -18.26
C VAL BB 226 -98.60 -64.91 -17.19
N ILE BB 227 -99.92 -64.68 -17.28
CA ILE BB 227 -100.85 -65.19 -16.27
C ILE BB 227 -102.03 -65.94 -16.89
N GLY BB 228 -102.16 -65.96 -18.20
CA GLY BB 228 -103.28 -66.63 -18.82
C GLY BB 228 -103.29 -66.42 -20.32
N LYS BB 229 -104.22 -67.11 -20.97
CA LYS BB 229 -104.34 -67.09 -22.41
C LYS BB 229 -105.43 -66.11 -22.84
N GLY BB 230 -105.12 -65.25 -23.80
CA GLY BB 230 -106.06 -64.26 -24.29
C GLY BB 230 -106.45 -63.24 -23.24
N ASN BB 231 -107.76 -63.09 -23.03
CA ASN BB 231 -108.28 -62.22 -21.98
C ASN BB 231 -108.77 -62.99 -20.76
N LYS BB 232 -108.47 -64.29 -20.68
CA LYS BB 232 -108.93 -65.11 -19.57
C LYS BB 232 -107.79 -65.38 -18.61
N PRO BB 233 -107.80 -64.83 -17.41
CA PRO BB 233 -106.76 -65.15 -16.43
C PRO BB 233 -106.99 -66.51 -15.79
N TRP BB 234 -105.95 -67.00 -15.12
CA TRP BB 234 -106.00 -68.30 -14.46
C TRP BB 234 -106.09 -68.20 -12.94
N ILE BB 235 -106.12 -66.98 -12.40
CA ILE BB 235 -106.23 -66.75 -10.96
C ILE BB 235 -107.27 -65.67 -10.73
N SER BB 236 -107.48 -65.33 -9.46
CA SER BB 236 -108.37 -64.24 -9.11
C SER BB 236 -107.63 -62.91 -9.19
N LEU BB 237 -108.38 -61.84 -9.49
CA LEU BB 237 -107.77 -60.55 -9.67
C LEU BB 237 -108.20 -59.58 -8.57
N PRO BB 238 -107.29 -58.76 -8.06
CA PRO BB 238 -107.64 -57.77 -7.05
C PRO BB 238 -108.37 -56.59 -7.68
N ARG BB 239 -108.85 -55.69 -6.83
CA ARG BB 239 -109.51 -54.48 -7.29
C ARG BB 239 -108.50 -53.56 -7.96
N GLY BB 240 -108.91 -52.95 -9.07
CA GLY BB 240 -108.00 -52.15 -9.87
C GLY BB 240 -107.51 -52.90 -11.09
N LYS BB 241 -107.20 -54.19 -10.89
CA LYS BB 241 -106.88 -55.13 -11.97
C LYS BB 241 -105.65 -54.72 -12.79
N GLY BB 242 -104.75 -53.94 -12.20
CA GLY BB 242 -103.51 -53.58 -12.86
C GLY BB 242 -103.68 -52.72 -14.11
N ILE BB 243 -104.23 -51.52 -13.94
CA ILE BB 243 -104.48 -50.61 -15.04
C ILE BB 243 -103.54 -49.41 -15.01
N ARG BB 244 -103.30 -48.86 -13.82
CA ARG BB 244 -102.54 -47.61 -13.61
C ARG BB 244 -103.12 -46.47 -14.45
N LEU BB 245 -104.42 -46.27 -14.27
CA LEU BB 245 -105.06 -45.08 -14.77
C LEU BB 245 -104.47 -43.84 -14.08
N THR BB 246 -104.28 -42.78 -14.88
CA THR BB 246 -103.39 -41.69 -14.47
C THR BB 246 -103.98 -40.90 -13.30
N ILE BB 247 -103.08 -40.22 -12.58
CA ILE BB 247 -103.39 -39.63 -11.28
C ILE BB 247 -104.46 -38.54 -11.34
N ALA BB 248 -104.82 -38.07 -12.55
CA ALA BB 248 -105.89 -37.10 -12.69
C ALA BB 248 -107.25 -37.65 -12.24
N GLU BB 249 -107.46 -38.96 -12.33
CA GLU BB 249 -108.77 -39.52 -12.02
C GLU BB 249 -108.81 -40.35 -10.74
N GLU BB 250 -107.67 -40.71 -10.16
CA GLU BB 250 -107.71 -41.08 -8.75
C GLU BB 250 -108.11 -39.90 -7.88
N ARG BB 251 -107.78 -38.68 -8.30
CA ARG BB 251 -108.35 -37.50 -7.67
C ARG BB 251 -109.86 -37.48 -7.84
N ASP BB 252 -110.34 -37.87 -9.01
CA ASP BB 252 -111.79 -37.90 -9.26
C ASP BB 252 -112.48 -39.00 -8.48
N LYS BB 253 -111.92 -40.22 -8.50
CA LYS BB 253 -112.55 -41.35 -7.81
C LYS BB 253 -112.52 -41.20 -6.31
N ARG BB 254 -111.43 -40.69 -5.74
CA ARG BB 254 -111.37 -40.46 -4.29
C ARG BB 254 -112.33 -39.35 -3.86
N LEU BB 255 -112.46 -38.30 -4.68
CA LEU BB 255 -113.40 -37.23 -4.35
C LEU BB 255 -114.84 -37.69 -4.51
N ALA BB 256 -115.12 -38.48 -5.55
CA ALA BB 256 -116.49 -38.93 -5.80
C ALA BB 256 -116.95 -39.95 -4.77
N ALA BB 257 -116.02 -40.74 -4.23
CA ALA BB 257 -116.41 -41.74 -3.23
C ALA BB 257 -116.83 -41.10 -1.92
N LYS BB 258 -116.20 -39.98 -1.54
CA LYS BB 258 -116.53 -39.33 -0.28
C LYS BB 258 -117.87 -38.60 -0.35
N GLN BB 259 -118.15 -37.91 -1.45
CA GLN BB 259 -119.38 -37.14 -1.57
C GLN BB 259 -120.60 -38.01 -1.82
N SER BB 260 -120.44 -39.17 -2.46
CA SER BB 260 -121.58 -40.03 -2.76
C SER BB 260 -122.17 -40.64 -1.50
N SER BB 261 -121.32 -41.20 -0.63
CA SER BB 261 -121.81 -41.80 0.60
C SER BB 261 -122.18 -40.74 1.64
N GLY BB 262 -121.43 -39.65 1.69
CA GLY BB 262 -121.68 -38.61 2.67
C GLY BB 262 -120.99 -38.87 4.00
N THR CB 1 -44.67 104.07 -24.42
CA THR CB 1 -43.99 103.45 -25.54
C THR CB 1 -44.73 102.21 -26.08
N PRO CB 2 -45.84 102.45 -26.80
CA PRO CB 2 -46.63 101.33 -27.33
C PRO CB 2 -45.96 100.59 -28.48
N ASP CB 3 -44.90 101.14 -29.07
CA ASP CB 3 -44.25 100.52 -30.21
C ASP CB 3 -43.17 99.53 -29.80
N ILE CB 4 -42.30 99.93 -28.88
CA ILE CB 4 -41.18 99.10 -28.45
C ILE CB 4 -41.14 99.07 -26.93
N LYS CB 5 -40.61 97.98 -26.38
CA LYS CB 5 -40.46 97.80 -24.95
C LYS CB 5 -38.97 97.65 -24.61
N LEU CB 6 -38.62 98.07 -23.39
CA LEU CB 6 -37.25 97.99 -22.90
C LEU CB 6 -37.24 97.12 -21.65
N PHE CB 7 -36.44 96.06 -21.67
CA PHE CB 7 -36.33 95.18 -20.51
C PHE CB 7 -35.49 95.89 -19.45
N GLY CB 8 -36.11 96.78 -18.70
CA GLY CB 8 -35.40 97.64 -17.77
C GLY CB 8 -34.69 98.74 -18.53
N LYS CB 9 -33.61 98.37 -19.23
CA LYS CB 9 -32.98 99.22 -20.21
C LYS CB 9 -32.50 98.49 -21.45
N TRP CB 10 -32.67 97.16 -21.52
CA TRP CB 10 -32.12 96.39 -22.62
C TRP CB 10 -33.05 96.39 -23.83
N SER CB 11 -32.46 96.32 -25.01
CA SER CB 11 -33.21 96.42 -26.25
C SER CB 11 -34.02 95.16 -26.52
N THR CB 12 -35.24 95.36 -27.04
CA THR CB 12 -36.04 94.23 -27.53
C THR CB 12 -35.38 93.57 -28.72
N ASP CB 13 -34.82 94.38 -29.62
CA ASP CB 13 -34.29 93.94 -30.90
C ASP CB 13 -32.83 93.53 -30.77
N ASP CB 14 -32.16 93.41 -31.92
CA ASP CB 14 -30.74 93.05 -32.12
C ASP CB 14 -30.22 92.00 -31.14
N VAL CB 15 -31.03 90.96 -30.88
CA VAL CB 15 -30.57 89.73 -30.26
C VAL CB 15 -30.68 88.63 -31.30
N GLN CB 16 -29.56 87.98 -31.61
CA GLN CB 16 -29.48 87.02 -32.70
C GLN CB 16 -29.24 85.61 -32.16
N ILE CB 17 -29.93 84.64 -32.75
CA ILE CB 17 -29.75 83.23 -32.43
C ILE CB 17 -28.87 82.62 -33.51
N ASN CB 18 -27.75 82.02 -33.09
CA ASN CB 18 -26.78 81.50 -34.05
C ASN CB 18 -27.27 80.23 -34.71
N ASP CB 19 -27.52 79.18 -33.92
CA ASP CB 19 -27.98 77.91 -34.45
C ASP CB 19 -29.44 78.00 -34.83
N ILE CB 20 -29.78 77.55 -36.05
CA ILE CB 20 -31.14 77.69 -36.56
C ILE CB 20 -32.10 76.69 -35.95
N SER CB 21 -31.60 75.64 -35.28
CA SER CB 21 -32.50 74.65 -34.70
C SER CB 21 -33.20 75.17 -33.45
N LEU CB 22 -32.60 76.14 -32.76
CA LEU CB 22 -33.12 76.62 -31.48
C LEU CB 22 -33.83 77.96 -31.60
N GLN CB 23 -34.03 78.50 -32.80
CA GLN CB 23 -34.59 79.83 -32.93
C GLN CB 23 -36.10 79.84 -32.66
N ASP CB 24 -36.77 78.71 -32.91
CA ASP CB 24 -38.18 78.58 -32.55
C ASP CB 24 -38.41 78.28 -31.07
N TYR CB 25 -37.37 77.84 -30.35
CA TYR CB 25 -37.51 77.48 -28.94
C TYR CB 25 -36.81 78.46 -28.02
N ILE CB 26 -36.43 79.62 -28.54
CA ILE CB 26 -35.92 80.72 -27.72
C ILE CB 26 -36.83 81.92 -27.97
N ALA CB 27 -37.48 82.40 -26.91
CA ALA CB 27 -38.51 83.45 -27.01
C ALA CB 27 -37.94 84.74 -26.45
N VAL CB 28 -37.34 85.55 -27.31
CA VAL CB 28 -36.68 86.77 -26.85
C VAL CB 28 -37.09 87.98 -27.68
N LYS CB 29 -37.64 87.75 -28.87
CA LYS CB 29 -37.77 88.83 -29.85
C LYS CB 29 -39.19 88.93 -30.40
N GLU CB 30 -39.63 90.18 -30.57
CA GLU CB 30 -40.73 90.71 -31.39
C GLU CB 30 -42.12 90.22 -31.02
N LYS CB 31 -42.23 89.26 -30.11
CA LYS CB 31 -43.52 88.93 -29.52
C LYS CB 31 -43.48 88.67 -28.02
N TYR CB 32 -42.32 88.29 -27.46
CA TYR CB 32 -42.22 87.81 -26.10
C TYR CB 32 -41.45 88.78 -25.20
N ALA CB 33 -41.27 90.02 -25.63
CA ALA CB 33 -40.58 91.02 -24.83
C ALA CB 33 -41.48 91.50 -23.70
N LYS CB 34 -40.93 91.51 -22.49
CA LYS CB 34 -41.65 91.98 -21.31
C LYS CB 34 -40.72 92.85 -20.49
N TYR CB 35 -41.31 93.69 -19.65
CA TYR CB 35 -40.51 94.59 -18.82
C TYR CB 35 -39.83 93.86 -17.66
N LEU CB 36 -40.42 92.77 -17.18
CA LEU CB 36 -39.90 91.99 -16.07
C LEU CB 36 -39.79 90.53 -16.48
N PRO CB 37 -38.92 89.77 -15.83
CA PRO CB 37 -38.91 88.31 -16.04
C PRO CB 37 -39.98 87.60 -15.22
N HIS CB 38 -40.94 88.37 -14.71
CA HIS CB 38 -42.07 87.85 -13.95
C HIS CB 38 -43.35 88.07 -14.72
N SER CB 39 -44.22 87.06 -14.72
CA SER CB 39 -45.51 87.14 -15.40
C SER CB 39 -46.54 86.37 -14.58
N ALA CB 40 -47.74 86.23 -15.13
CA ALA CB 40 -48.83 85.59 -14.39
C ALA CB 40 -48.64 84.08 -14.33
N GLY CB 41 -48.23 83.46 -15.44
CA GLY CB 41 -48.06 82.02 -15.53
C GLY CB 41 -48.87 81.43 -16.67
N ARG CB 42 -49.45 80.26 -16.44
CA ARG CB 42 -50.27 79.44 -17.35
C ARG CB 42 -49.44 78.75 -18.44
N TYR CB 43 -48.16 79.08 -18.60
CA TYR CB 43 -47.36 78.42 -19.63
C TYR CB 43 -47.00 76.98 -19.31
N ALA CB 44 -47.24 76.51 -18.08
CA ALA CB 44 -46.99 75.11 -17.76
C ALA CB 44 -48.22 74.24 -17.96
N ALA CB 45 -49.31 74.79 -18.51
CA ALA CB 45 -50.55 74.04 -18.65
C ALA CB 45 -50.47 73.01 -19.77
N LYS CB 46 -50.22 73.45 -20.99
CA LYS CB 46 -50.15 72.56 -22.13
C LYS CB 46 -48.74 72.02 -22.32
N ARG CB 47 -48.63 70.99 -23.16
CA ARG CB 47 -47.34 70.35 -23.43
C ARG CB 47 -46.37 71.33 -24.10
N PHE CB 48 -46.82 72.01 -25.15
CA PHE CB 48 -45.95 72.83 -25.97
C PHE CB 48 -46.17 74.33 -25.75
N ARG CB 49 -46.87 74.70 -24.68
CA ARG CB 49 -46.93 76.09 -24.25
C ARG CB 49 -45.62 76.55 -23.63
N LYS CB 50 -44.75 75.61 -23.28
CA LYS CB 50 -43.46 75.92 -22.67
C LYS CB 50 -42.51 76.64 -23.62
N ALA CB 51 -42.66 76.42 -24.93
CA ALA CB 51 -41.66 76.90 -25.89
C ALA CB 51 -41.70 78.42 -26.02
N GLN CB 52 -42.88 79.03 -25.95
CA GLN CB 52 -43.03 80.46 -26.18
C GLN CB 52 -42.85 81.29 -24.92
N CYS CB 53 -42.56 80.68 -23.78
CA CYS CB 53 -42.26 81.45 -22.58
C CYS CB 53 -40.92 82.16 -22.76
N PRO CB 54 -40.80 83.43 -22.35
CA PRO CB 54 -39.53 84.13 -22.50
C PRO CB 54 -38.41 83.47 -21.70
N ILE CB 55 -37.23 83.39 -22.31
CA ILE CB 55 -36.12 82.65 -21.73
C ILE CB 55 -35.57 83.30 -20.46
N VAL CB 56 -35.70 84.62 -20.33
CA VAL CB 56 -35.32 85.27 -19.07
C VAL CB 56 -36.26 84.83 -17.96
N GLU CB 57 -37.56 84.71 -18.26
CA GLU CB 57 -38.49 84.15 -17.29
C GLU CB 57 -38.21 82.67 -17.04
N ARG CB 58 -37.84 81.91 -18.07
CA ARG CB 58 -37.56 80.49 -17.90
C ARG CB 58 -36.33 80.29 -17.01
N LEU CB 59 -35.28 81.09 -17.22
CA LEU CB 59 -34.13 81.03 -16.34
C LEU CB 59 -34.47 81.48 -14.93
N THR CB 60 -35.35 82.47 -14.81
CA THR CB 60 -35.82 82.89 -13.49
C THR CB 60 -36.61 81.78 -12.81
N ASN CB 61 -37.54 81.15 -13.55
CA ASN CB 61 -38.36 80.11 -12.96
C ASN CB 61 -37.58 78.83 -12.67
N SER CB 62 -36.46 78.63 -13.34
CA SER CB 62 -35.61 77.47 -13.07
C SER CB 62 -34.59 77.75 -11.97
N MET CB 63 -34.64 78.92 -11.35
CA MET CB 63 -33.61 79.36 -10.43
C MET CB 63 -33.93 79.07 -8.97
N MET CB 64 -35.19 79.20 -8.55
CA MET CB 64 -35.55 79.07 -7.14
C MET CB 64 -35.70 77.59 -6.75
N MET CB 65 -34.58 76.89 -6.77
CA MET CB 65 -34.51 75.48 -6.43
C MET CB 65 -33.91 75.30 -5.03
N HIS CB 66 -33.80 74.03 -4.62
CA HIS CB 66 -33.09 73.60 -3.42
C HIS CB 66 -33.69 74.17 -2.14
N GLY CB 67 -35.00 73.95 -1.97
CA GLY CB 67 -35.57 74.04 -0.63
C GLY CB 67 -35.96 75.42 -0.16
N ARG CB 68 -35.06 76.04 0.61
CA ARG CB 68 -35.35 77.32 1.25
C ARG CB 68 -35.69 78.42 0.26
N ASN CB 69 -35.19 78.32 -0.97
CA ASN CB 69 -35.42 79.33 -1.99
C ASN CB 69 -36.68 79.08 -2.80
N ASN CB 70 -37.42 78.01 -2.52
CA ASN CB 70 -38.59 77.65 -3.31
C ASN CB 70 -39.70 78.68 -3.13
N GLY CB 71 -40.35 79.04 -4.23
CA GLY CB 71 -41.39 80.06 -4.19
C GLY CB 71 -40.89 81.45 -3.86
N LYS CB 72 -39.75 81.84 -4.44
CA LYS CB 72 -39.11 83.12 -4.16
C LYS CB 72 -38.75 83.83 -5.46
N LYS CB 73 -39.72 83.92 -6.38
CA LYS CB 73 -39.46 84.60 -7.64
C LYS CB 73 -39.24 86.09 -7.46
N LEU CB 74 -39.75 86.69 -6.38
CA LEU CB 74 -39.56 88.11 -6.14
C LEU CB 74 -38.09 88.46 -5.90
N MET CB 75 -37.32 87.52 -5.37
CA MET CB 75 -35.90 87.76 -5.13
C MET CB 75 -35.00 87.20 -6.22
N THR CB 76 -35.43 86.19 -6.96
CA THR CB 76 -34.66 85.71 -8.10
C THR CB 76 -34.75 86.66 -9.29
N VAL CB 77 -35.85 87.40 -9.41
CA VAL CB 77 -35.91 88.50 -10.39
C VAL CB 77 -34.89 89.57 -10.05
N ARG CB 78 -34.71 89.85 -8.75
CA ARG CB 78 -33.65 90.75 -8.29
C ARG CB 78 -32.27 90.20 -8.62
N ILE CB 79 -32.08 88.89 -8.48
CA ILE CB 79 -30.82 88.26 -8.86
C ILE CB 79 -30.57 88.41 -10.34
N VAL CB 80 -31.60 88.18 -11.16
CA VAL CB 80 -31.44 88.27 -12.61
C VAL CB 80 -31.20 89.71 -13.03
N LYS CB 81 -31.90 90.66 -12.40
CA LYS CB 81 -31.78 92.07 -12.79
C LYS CB 81 -30.36 92.59 -12.58
N HIS CB 82 -29.80 92.39 -11.38
CA HIS CB 82 -28.43 92.83 -11.13
C HIS CB 82 -27.41 92.05 -11.96
N ALA CB 83 -27.73 90.80 -12.31
CA ALA CB 83 -26.76 90.00 -13.05
C ALA CB 83 -26.50 90.53 -14.45
N PHE CB 84 -27.42 91.30 -15.02
CA PHE CB 84 -27.22 91.81 -16.38
C PHE CB 84 -26.26 93.00 -16.44
N GLU CB 85 -26.19 93.84 -15.41
CA GLU CB 85 -25.16 94.88 -15.42
C GLU CB 85 -23.77 94.28 -15.27
N ILE CB 86 -23.65 93.16 -14.55
CA ILE CB 86 -22.36 92.49 -14.44
C ILE CB 86 -21.88 92.03 -15.80
N ILE CB 87 -22.79 91.55 -16.65
CA ILE CB 87 -22.42 91.20 -18.02
C ILE CB 87 -22.02 92.45 -18.80
N HIS CB 88 -22.79 93.52 -18.67
CA HIS CB 88 -22.49 94.77 -19.38
C HIS CB 88 -21.27 95.48 -18.82
N LEU CB 89 -20.87 95.19 -17.59
CA LEU CB 89 -19.68 95.77 -16.99
C LEU CB 89 -18.57 94.75 -16.80
N LEU CB 90 -18.62 93.64 -17.54
CA LEU CB 90 -17.47 92.75 -17.73
C LEU CB 90 -17.13 92.57 -19.19
N THR CB 91 -18.12 92.32 -20.04
CA THR CB 91 -17.93 92.17 -21.47
C THR CB 91 -18.26 93.44 -22.23
N GLY CB 92 -19.41 94.05 -21.94
CA GLY CB 92 -19.79 95.31 -22.54
C GLY CB 92 -20.84 95.23 -23.64
N GLU CB 93 -21.36 94.04 -23.93
CA GLU CB 93 -22.39 93.89 -24.95
C GLU CB 93 -23.75 93.64 -24.31
N ASN CB 94 -24.73 93.35 -25.15
CA ASN CB 94 -26.10 93.10 -24.70
C ASN CB 94 -26.17 91.81 -23.92
N PRO CB 95 -26.58 91.82 -22.65
CA PRO CB 95 -26.68 90.59 -21.87
C PRO CB 95 -27.71 89.60 -22.41
N LEU CB 96 -28.70 90.06 -23.17
CA LEU CB 96 -29.65 89.14 -23.80
C LEU CB 96 -28.94 88.27 -24.84
N GLN CB 97 -28.02 88.85 -25.60
CA GLN CB 97 -27.27 88.09 -26.59
C GLN CB 97 -26.30 87.12 -25.92
N VAL CB 98 -25.65 87.55 -24.84
CA VAL CB 98 -24.73 86.67 -24.12
C VAL CB 98 -25.47 85.49 -23.51
N LEU CB 99 -26.69 85.72 -23.02
CA LEU CB 99 -27.50 84.61 -22.53
C LEU CB 99 -27.87 83.66 -23.67
N VAL CB 100 -28.18 84.21 -24.85
CA VAL CB 100 -28.52 83.38 -26.00
C VAL CB 100 -27.32 82.55 -26.44
N ASN CB 101 -26.14 83.16 -26.50
CA ASN CB 101 -24.93 82.43 -26.88
C ASN CB 101 -24.56 81.36 -25.85
N ALA CB 102 -24.95 81.54 -24.59
CA ALA CB 102 -24.69 80.52 -23.58
C ALA CB 102 -25.61 79.32 -23.73
N ILE CB 103 -26.82 79.51 -24.28
CA ILE CB 103 -27.76 78.40 -24.43
C ILE CB 103 -27.28 77.45 -25.53
N ILE CB 104 -26.79 78.01 -26.64
CA ILE CB 104 -26.39 77.18 -27.78
C ILE CB 104 -25.14 76.38 -27.44
N ASN CB 105 -24.17 77.01 -26.78
CA ASN CB 105 -22.89 76.35 -26.53
C ASN CB 105 -22.92 75.44 -25.30
N SER CB 106 -23.99 75.44 -24.52
CA SER CB 106 -24.12 74.54 -23.38
C SER CB 106 -25.11 73.41 -23.64
N GLY CB 107 -25.74 73.38 -24.82
CA GLY CB 107 -26.70 72.35 -25.13
C GLY CB 107 -26.11 71.21 -25.93
N PRO CB 108 -26.16 70.01 -25.39
CA PRO CB 108 -25.65 68.84 -26.11
C PRO CB 108 -26.49 68.51 -27.32
N ARG CB 109 -25.83 67.97 -28.35
CA ARG CB 109 -26.55 67.50 -29.53
C ARG CB 109 -27.18 66.13 -29.30
N GLU CB 110 -26.36 65.13 -28.96
CA GLU CB 110 -26.83 63.78 -28.76
C GLU CB 110 -26.62 63.36 -27.30
N ASP CB 111 -27.42 62.38 -26.87
CA ASP CB 111 -27.39 61.91 -25.49
C ASP CB 111 -27.76 60.44 -25.50
N SER CB 112 -27.14 59.68 -24.62
CA SER CB 112 -27.36 58.24 -24.54
C SER CB 112 -28.47 57.90 -23.56
N THR CB 113 -29.10 56.75 -23.76
CA THR CB 113 -30.24 56.38 -22.93
C THR CB 113 -30.37 54.86 -22.85
N ARG CB 114 -30.94 54.40 -21.74
CA ARG CB 114 -31.27 52.99 -21.56
C ARG CB 114 -32.45 52.61 -22.44
N ILE CB 115 -32.28 51.58 -23.27
CA ILE CB 115 -33.34 51.11 -24.14
C ILE CB 115 -33.55 49.61 -23.92
N ARG CB 122 -25.80 48.84 -21.55
CA ARG CB 122 -25.97 49.03 -22.98
C ARG CB 122 -26.84 50.25 -23.25
N ARG CB 123 -26.20 51.39 -23.52
CA ARG CB 123 -26.91 52.63 -23.77
C ARG CB 123 -26.75 53.01 -25.25
N GLN CB 124 -27.85 53.43 -25.87
CA GLN CB 124 -27.85 53.90 -27.24
C GLN CB 124 -28.01 55.41 -27.28
N ALA CB 125 -27.18 56.06 -28.09
CA ALA CB 125 -27.18 57.52 -28.20
C ALA CB 125 -28.28 57.97 -29.15
N VAL CB 126 -29.12 58.90 -28.69
CA VAL CB 126 -30.20 59.47 -29.48
C VAL CB 126 -30.10 60.98 -29.43
N ASP CB 127 -30.46 61.63 -30.53
CA ASP CB 127 -30.40 63.09 -30.60
C ASP CB 127 -31.53 63.70 -29.78
N VAL CB 128 -31.23 64.80 -29.10
CA VAL CB 128 -32.19 65.43 -28.21
C VAL CB 128 -33.13 66.35 -28.98
N SER CB 129 -34.26 66.69 -28.37
CA SER CB 129 -35.18 67.63 -28.96
C SER CB 129 -34.61 69.05 -28.89
N PRO CB 130 -34.96 69.91 -29.84
CA PRO CB 130 -34.59 71.33 -29.69
C PRO CB 130 -35.17 71.97 -28.45
N LEU CB 131 -36.36 71.56 -28.01
CA LEU CB 131 -36.85 71.97 -26.70
C LEU CB 131 -36.00 71.37 -25.59
N ARG CB 132 -35.63 70.09 -25.73
CA ARG CB 132 -34.79 69.42 -24.74
C ARG CB 132 -33.41 70.05 -24.65
N ARG CB 133 -32.86 70.52 -25.78
CA ARG CB 133 -31.57 71.19 -25.75
C ARG CB 133 -31.66 72.54 -25.03
N VAL CB 134 -32.80 73.21 -25.13
CA VAL CB 134 -32.95 74.50 -24.46
C VAL CB 134 -33.02 74.33 -22.94
N ASN CB 135 -33.81 73.35 -22.48
CA ASN CB 135 -34.03 73.19 -21.04
C ASN CB 135 -32.76 72.72 -20.33
N GLN CB 136 -32.03 71.77 -20.93
CA GLN CB 136 -30.82 71.26 -20.31
C GLN CB 136 -29.69 72.29 -20.30
N ALA CB 137 -29.61 73.12 -21.35
CA ALA CB 137 -28.62 74.18 -21.37
C ALA CB 137 -28.92 75.25 -20.32
N ILE CB 138 -30.20 75.57 -20.13
CA ILE CB 138 -30.59 76.50 -19.06
C ILE CB 138 -30.27 75.88 -17.70
N TRP CB 139 -30.53 74.58 -17.55
CA TRP CB 139 -30.41 73.91 -16.26
C TRP CB 139 -28.96 73.78 -15.81
N LEU CB 140 -28.05 73.49 -16.73
CA LEU CB 140 -26.65 73.26 -16.35
C LEU CB 140 -25.97 74.54 -15.89
N LEU CB 141 -26.30 75.68 -16.51
CA LEU CB 141 -25.70 76.94 -16.09
C LEU CB 141 -26.33 77.50 -14.82
N CYS CB 142 -27.45 76.94 -14.37
CA CYS CB 142 -28.12 77.47 -13.20
C CYS CB 142 -27.59 76.82 -11.92
N THR CB 143 -27.44 75.50 -11.92
CA THR CB 143 -26.98 74.80 -10.73
C THR CB 143 -25.52 75.12 -10.42
N GLY CB 144 -24.73 75.42 -11.45
CA GLY CB 144 -23.36 75.82 -11.24
C GLY CB 144 -23.24 77.13 -10.47
N ALA CB 145 -24.12 78.09 -10.77
CA ALA CB 145 -24.19 79.29 -9.96
C ALA CB 145 -24.65 78.98 -8.54
N ARG CB 146 -25.50 77.95 -8.39
CA ARG CB 146 -25.94 77.54 -7.05
C ARG CB 146 -24.78 76.96 -6.25
N GLU CB 147 -23.93 76.15 -6.89
CA GLU CB 147 -22.79 75.57 -6.19
C GLU CB 147 -21.65 76.57 -5.98
N ALA CB 148 -21.43 77.49 -6.93
CA ALA CB 148 -20.37 78.47 -6.78
C ALA CB 148 -20.70 79.49 -5.70
N ALA CB 149 -21.98 79.89 -5.59
CA ALA CB 149 -22.38 80.80 -4.53
C ALA CB 149 -22.52 80.11 -3.18
N PHE CB 150 -22.54 78.78 -3.17
CA PHE CB 150 -22.65 78.05 -1.92
C PHE CB 150 -21.31 78.05 -1.19
N ARG CB 151 -21.32 78.51 0.06
CA ARG CB 151 -20.14 78.54 0.94
C ARG CB 151 -18.99 79.32 0.31
N ASN CB 152 -19.30 80.50 -0.23
CA ASN CB 152 -18.29 81.33 -0.86
C ASN CB 152 -18.66 82.79 -0.68
N ILE CB 153 -17.63 83.64 -0.68
CA ILE CB 153 -17.84 85.08 -0.54
C ILE CB 153 -18.58 85.63 -1.75
N LYS CB 154 -18.29 85.10 -2.93
CA LYS CB 154 -18.95 85.53 -4.16
C LYS CB 154 -20.44 85.28 -4.09
N THR CB 155 -21.23 86.31 -4.41
CA THR CB 155 -22.67 86.26 -4.23
C THR CB 155 -23.35 85.56 -5.41
N ILE CB 156 -24.65 85.30 -5.25
CA ILE CB 156 -25.40 84.56 -6.26
C ILE CB 156 -25.57 85.39 -7.52
N ALA CB 157 -25.68 86.71 -7.37
CA ALA CB 157 -25.85 87.59 -8.54
C ALA CB 157 -24.63 87.58 -9.44
N GLU CB 158 -23.43 87.52 -8.86
CA GLU CB 158 -22.22 87.40 -9.67
C GLU CB 158 -22.13 86.03 -10.34
N CYS CB 159 -22.55 84.98 -9.63
CA CYS CB 159 -22.40 83.62 -10.13
C CYS CB 159 -23.23 83.36 -11.38
N LEU CB 160 -24.42 83.96 -11.47
CA LEU CB 160 -25.22 83.85 -12.68
C LEU CB 160 -24.50 84.47 -13.87
N ALA CB 161 -23.91 85.65 -13.67
CA ALA CB 161 -23.25 86.35 -14.76
C ALA CB 161 -21.90 85.75 -15.14
N ASP CB 162 -21.28 84.99 -14.23
CA ASP CB 162 -19.97 84.42 -14.54
C ASP CB 162 -20.08 83.31 -15.57
N GLU CB 163 -21.00 82.37 -15.37
CA GLU CB 163 -21.00 81.15 -16.17
C GLU CB 163 -21.57 81.37 -17.56
N LEU CB 164 -22.67 82.13 -17.67
CA LEU CB 164 -23.25 82.36 -18.99
C LEU CB 164 -22.37 83.26 -19.87
N ILE CB 165 -21.49 84.05 -19.26
CA ILE CB 165 -20.43 84.71 -20.02
C ILE CB 165 -19.40 83.68 -20.45
N ASN CB 166 -19.02 82.78 -19.54
CA ASN CB 166 -18.09 81.70 -19.87
C ASN CB 166 -18.72 80.72 -20.84
N ALA CB 167 -20.00 80.39 -20.67
CA ALA CB 167 -20.67 79.47 -21.58
C ALA CB 167 -20.90 80.08 -22.95
N ALA CB 168 -20.99 81.41 -23.04
CA ALA CB 168 -21.13 82.05 -24.35
C ALA CB 168 -19.87 81.86 -25.19
N LYS CB 169 -18.70 81.97 -24.57
CA LYS CB 169 -17.43 81.77 -25.25
C LYS CB 169 -16.94 80.33 -25.15
N GLY CB 170 -17.46 79.52 -24.23
CA GLY CB 170 -17.09 78.13 -24.14
C GLY CB 170 -15.64 77.86 -23.79
N SER CB 171 -15.11 78.57 -22.78
CA SER CB 171 -13.71 78.41 -22.39
C SER CB 171 -13.49 77.25 -21.44
N SER CB 172 -14.45 76.32 -21.34
CA SER CB 172 -14.38 75.11 -20.53
C SER CB 172 -14.19 75.39 -19.04
N ASN CB 173 -14.52 76.59 -18.58
CA ASN CB 173 -14.44 76.93 -17.17
C ASN CB 173 -15.81 77.03 -16.49
N SER CB 174 -16.88 77.22 -17.26
CA SER CB 174 -18.21 77.14 -16.70
C SER CB 174 -18.59 75.68 -16.46
N TYR CB 175 -19.45 75.46 -15.46
CA TYR CB 175 -19.85 74.10 -15.13
C TYR CB 175 -20.74 73.52 -16.23
N ALA CB 176 -21.49 74.38 -16.92
CA ALA CB 176 -22.39 73.93 -17.98
C ALA CB 176 -21.64 73.36 -19.18
N ILE CB 177 -20.46 73.93 -19.48
CA ILE CB 177 -19.69 73.49 -20.65
C ILE CB 177 -19.18 72.08 -20.45
N LYS CB 178 -18.71 71.77 -19.24
CA LYS CB 178 -18.06 70.50 -18.97
C LYS CB 178 -19.03 69.32 -19.04
N LYS CB 179 -20.22 69.46 -18.46
CA LYS CB 179 -21.21 68.39 -18.55
C LYS CB 179 -21.77 68.25 -19.96
N LYS CB 180 -21.85 69.36 -20.71
CA LYS CB 180 -22.23 69.29 -22.11
C LYS CB 180 -21.21 68.49 -22.92
N ASP CB 181 -19.93 68.66 -22.61
CA ASP CB 181 -18.89 67.86 -23.27
C ASP CB 181 -18.96 66.41 -22.82
N GLU CB 182 -19.21 66.17 -21.54
CA GLU CB 182 -19.18 64.80 -21.00
C GLU CB 182 -20.40 64.00 -21.44
N LEU CB 183 -21.58 64.62 -21.42
CA LEU CB 183 -22.79 63.90 -21.80
C LEU CB 183 -22.79 63.51 -23.28
N GLU CB 184 -22.07 64.25 -24.13
CA GLU CB 184 -21.90 63.85 -25.52
C GLU CB 184 -20.72 62.91 -25.71
N ARG CB 185 -19.69 63.02 -24.88
CA ARG CB 185 -18.57 62.08 -24.95
C ARG CB 185 -19.01 60.67 -24.57
N VAL CB 186 -19.87 60.56 -23.56
CA VAL CB 186 -20.45 59.27 -23.21
C VAL CB 186 -21.31 58.75 -24.35
N ALA CB 187 -22.13 59.61 -24.94
CA ALA CB 187 -22.97 59.22 -26.07
C ALA CB 187 -22.14 58.88 -27.30
N LYS CB 188 -21.00 59.54 -27.47
CA LYS CB 188 -20.12 59.22 -28.60
C LYS CB 188 -19.50 57.85 -28.46
N SER CB 189 -19.34 57.36 -27.22
CA SER CB 189 -18.70 56.07 -27.00
C SER CB 189 -19.63 54.92 -27.38
N ASN CB 190 -20.80 54.84 -26.75
CA ASN CB 190 -21.73 53.74 -26.97
C ASN CB 190 -22.80 54.12 -28.01
N ARG CB 191 -22.35 54.32 -29.24
CA ARG CB 191 -23.27 54.63 -30.34
C ARG CB 191 -22.97 53.75 -31.54
N MET DB 1 -36.94 -80.41 47.29
CA MET DB 1 -37.36 -81.06 46.04
C MET DB 1 -38.57 -81.95 46.29
N LYS DB 2 -39.76 -81.39 46.04
CA LYS DB 2 -40.98 -82.15 46.22
C LYS DB 2 -41.14 -83.20 45.12
N LEU DB 3 -41.71 -84.34 45.50
CA LEU DB 3 -41.91 -85.46 44.58
C LEU DB 3 -43.37 -85.87 44.63
N ASN DB 4 -44.10 -85.60 43.55
CA ASN DB 4 -45.49 -86.04 43.44
C ASN DB 4 -45.54 -87.48 42.98
N ILE DB 5 -45.60 -88.42 43.93
CA ILE DB 5 -45.62 -89.84 43.63
C ILE DB 5 -47.05 -90.28 43.37
N SER DB 6 -47.24 -91.10 42.33
CA SER DB 6 -48.54 -91.65 41.97
C SER DB 6 -48.38 -93.12 41.62
N PHE DB 7 -49.27 -93.95 42.18
CA PHE DB 7 -49.22 -95.39 41.93
C PHE DB 7 -50.52 -95.79 41.24
N PRO DB 8 -50.51 -96.04 39.92
CA PRO DB 8 -51.77 -96.19 39.17
C PRO DB 8 -52.59 -97.41 39.54
N ALA DB 9 -51.99 -98.46 40.09
CA ALA DB 9 -52.74 -99.67 40.40
C ALA DB 9 -53.61 -99.52 41.64
N THR DB 10 -53.44 -98.45 42.42
CA THR DB 10 -54.30 -98.16 43.55
C THR DB 10 -55.01 -96.82 43.43
N GLY DB 11 -54.50 -95.87 42.64
CA GLY DB 11 -55.15 -94.60 42.45
C GLY DB 11 -54.83 -93.54 43.47
N CYS DB 12 -53.94 -93.80 44.42
CA CYS DB 12 -53.57 -92.84 45.44
C CYS DB 12 -52.32 -92.08 45.04
N GLN DB 13 -52.17 -90.88 45.62
CA GLN DB 13 -51.03 -90.02 45.30
C GLN DB 13 -50.81 -89.05 46.45
N LYS DB 14 -49.54 -88.84 46.82
CA LYS DB 14 -49.18 -87.92 47.89
C LYS DB 14 -47.89 -87.20 47.52
N LEU DB 15 -47.65 -86.07 48.18
CA LEU DB 15 -46.45 -85.28 47.97
C LEU DB 15 -45.48 -85.54 49.13
N ILE DB 16 -44.26 -85.93 48.80
CA ILE DB 16 -43.21 -86.19 49.78
C ILE DB 16 -41.95 -85.44 49.35
N GLU DB 17 -41.38 -84.68 50.27
CA GLU DB 17 -40.17 -83.91 50.01
C GLU DB 17 -38.94 -84.72 50.40
N VAL DB 18 -37.90 -84.60 49.57
CA VAL DB 18 -36.63 -85.28 49.80
C VAL DB 18 -35.55 -84.22 49.98
N ASP DB 19 -34.67 -84.43 50.97
CA ASP DB 19 -33.71 -83.41 51.39
C ASP DB 19 -32.30 -83.97 51.40
N ASP DB 20 -31.94 -84.71 50.35
CA ASP DB 20 -30.55 -85.08 50.11
C ASP DB 20 -30.33 -85.24 48.62
N GLU DB 21 -29.10 -84.93 48.17
CA GLU DB 21 -28.79 -84.91 46.75
C GLU DB 21 -28.25 -86.23 46.23
N ARG DB 22 -27.64 -87.05 47.08
CA ARG DB 22 -27.00 -88.27 46.58
C ARG DB 22 -28.03 -89.30 46.14
N LYS DB 23 -29.26 -89.20 46.64
CA LYS DB 23 -30.32 -90.08 46.19
C LYS DB 23 -30.91 -89.61 44.87
N LEU DB 24 -30.62 -88.36 44.47
CA LEU DB 24 -31.23 -87.77 43.28
C LEU DB 24 -30.40 -87.94 42.01
N ARG DB 25 -29.20 -88.53 42.10
CA ARG DB 25 -28.46 -88.85 40.88
C ARG DB 25 -29.18 -89.90 40.04
N THR DB 26 -29.99 -90.76 40.65
CA THR DB 26 -30.77 -91.72 39.88
C THR DB 26 -32.04 -91.11 39.31
N PHE DB 27 -32.26 -89.81 39.52
CA PHE DB 27 -33.36 -89.09 38.89
C PHE DB 27 -32.89 -87.94 38.02
N TYR DB 28 -31.77 -87.31 38.35
CA TYR DB 28 -31.24 -86.24 37.51
C TYR DB 28 -30.68 -86.79 36.21
N GLU DB 29 -30.64 -85.91 35.20
CA GLU DB 29 -30.12 -86.21 33.86
C GLU DB 29 -30.83 -87.42 33.23
N LYS DB 30 -32.16 -87.32 33.16
CA LYS DB 30 -32.96 -88.35 32.51
C LYS DB 30 -34.19 -87.71 31.88
N ARG DB 31 -34.69 -88.37 30.85
CA ARG DB 31 -35.75 -87.83 30.02
C ARG DB 31 -37.11 -88.41 30.45
N MET DB 32 -38.15 -88.12 29.68
CA MET DB 32 -39.50 -88.54 30.02
C MET DB 32 -39.70 -90.03 29.75
N ALA DB 33 -40.69 -90.60 30.45
CA ALA DB 33 -41.22 -91.94 30.19
C ALA DB 33 -40.15 -93.03 30.30
N THR DB 34 -39.21 -92.90 31.22
CA THR DB 34 -38.18 -93.89 31.44
C THR DB 34 -38.49 -94.70 32.69
N GLU DB 35 -38.38 -96.02 32.57
CA GLU DB 35 -38.61 -96.92 33.69
C GLU DB 35 -37.38 -96.92 34.59
N VAL DB 36 -37.49 -96.27 35.74
CA VAL DB 36 -36.38 -96.08 36.67
C VAL DB 36 -36.65 -96.88 37.93
N ALA DB 37 -35.64 -97.64 38.37
CA ALA DB 37 -35.75 -98.33 39.65
C ALA DB 37 -35.45 -97.37 40.79
N ALA DB 38 -36.35 -97.33 41.77
CA ALA DB 38 -36.24 -96.43 42.92
C ALA DB 38 -35.56 -97.09 44.12
N ASP DB 39 -34.63 -98.01 43.87
CA ASP DB 39 -34.00 -98.76 44.95
C ASP DB 39 -33.12 -97.91 45.85
N ALA DB 40 -32.73 -96.71 45.43
CA ALA DB 40 -31.83 -95.88 46.20
C ALA DB 40 -32.51 -94.71 46.91
N LEU DB 41 -33.82 -94.52 46.69
CA LEU DB 41 -34.51 -93.38 47.29
C LEU DB 41 -34.79 -93.55 48.77
N GLY DB 42 -34.81 -94.79 49.28
CA GLY DB 42 -35.05 -95.00 50.69
C GLY DB 42 -35.10 -96.48 50.99
N GLU DB 43 -35.26 -96.79 52.28
CA GLU DB 43 -35.33 -98.18 52.70
C GLU DB 43 -36.65 -98.83 52.29
N GLU DB 44 -37.75 -98.08 52.30
CA GLU DB 44 -39.02 -98.62 51.83
C GLU DB 44 -39.07 -98.70 50.32
N TRP DB 45 -38.26 -97.92 49.62
CA TRP DB 45 -38.24 -97.91 48.16
C TRP DB 45 -37.11 -98.81 47.68
N LYS DB 46 -37.43 -100.07 47.41
CA LYS DB 46 -36.53 -100.98 46.73
C LYS DB 46 -37.34 -101.87 45.80
N GLY DB 47 -36.80 -102.12 44.61
CA GLY DB 47 -37.54 -102.86 43.61
C GLY DB 47 -38.73 -102.12 43.05
N TYR DB 48 -38.78 -100.80 43.22
CA TYR DB 48 -39.90 -99.98 42.78
C TYR DB 48 -39.54 -99.37 41.43
N VAL DB 49 -40.03 -99.98 40.35
CA VAL DB 49 -39.83 -99.44 39.01
C VAL DB 49 -40.77 -98.25 38.84
N VAL DB 50 -40.22 -97.04 38.88
CA VAL DB 50 -41.01 -95.81 38.79
C VAL DB 50 -40.72 -95.14 37.45
N ARG DB 51 -41.78 -94.70 36.78
CA ARG DB 51 -41.66 -93.94 35.55
C ARG DB 51 -41.79 -92.46 35.84
N ILE DB 52 -40.86 -91.67 35.31
CA ILE DB 52 -40.80 -90.23 35.57
C ILE DB 52 -41.57 -89.51 34.47
N SER DB 53 -42.45 -88.58 34.87
CA SER DB 53 -43.30 -87.89 33.92
C SER DB 53 -43.13 -86.37 33.92
N GLY DB 54 -42.32 -85.81 34.81
CA GLY DB 54 -42.07 -84.38 34.78
C GLY DB 54 -43.12 -83.58 35.53
N GLY DB 55 -42.69 -82.43 36.06
CA GLY DB 55 -43.58 -81.58 36.83
C GLY DB 55 -43.45 -80.11 36.51
N ASN DB 56 -43.25 -79.28 37.54
CA ASN DB 56 -43.21 -77.84 37.39
C ASN DB 56 -41.88 -77.28 37.88
N ASP DB 57 -41.42 -76.24 37.20
CA ASP DB 57 -40.18 -75.55 37.54
C ASP DB 57 -40.36 -74.76 38.85
N LYS DB 58 -39.25 -74.20 39.34
CA LYS DB 58 -39.31 -73.30 40.48
C LYS DB 58 -40.07 -72.02 40.15
N GLN DB 59 -40.27 -71.71 38.87
CA GLN DB 59 -41.14 -70.63 38.43
C GLN DB 59 -42.54 -71.12 38.10
N GLY DB 60 -42.81 -72.41 38.28
CA GLY DB 60 -44.12 -72.96 37.98
C GLY DB 60 -44.39 -73.25 36.52
N PHE DB 61 -43.40 -73.08 35.65
CA PHE DB 61 -43.59 -73.35 34.23
C PHE DB 61 -43.54 -74.86 33.98
N PRO DB 62 -44.58 -75.45 33.42
CA PRO DB 62 -44.56 -76.90 33.16
C PRO DB 62 -43.56 -77.28 32.08
N MET DB 63 -43.04 -78.50 32.21
CA MET DB 63 -42.10 -79.04 31.24
C MET DB 63 -42.81 -79.90 30.21
N LYS DB 64 -42.28 -79.90 29.00
CA LYS DB 64 -42.97 -80.42 27.82
C LYS DB 64 -42.38 -81.76 27.40
N GLN DB 65 -43.26 -82.69 27.02
CA GLN DB 65 -42.85 -83.98 26.49
C GLN DB 65 -42.04 -83.81 25.21
N GLY DB 66 -40.80 -84.30 25.23
CA GLY DB 66 -39.96 -84.31 24.04
C GLY DB 66 -39.55 -82.95 23.53
N VAL DB 67 -38.70 -82.25 24.28
CA VAL DB 67 -38.22 -80.92 23.88
C VAL DB 67 -36.70 -80.95 23.79
N LEU DB 68 -36.09 -82.01 24.32
CA LEU DB 68 -34.65 -82.30 24.20
C LEU DB 68 -33.78 -81.20 24.79
N THR DB 69 -34.15 -80.67 25.96
CA THR DB 69 -33.31 -79.74 26.68
C THR DB 69 -33.62 -79.84 28.16
N HIS DB 70 -32.91 -79.06 28.97
CA HIS DB 70 -33.12 -79.01 30.40
C HIS DB 70 -33.43 -77.62 30.93
N GLY DB 71 -33.33 -76.60 30.10
CA GLY DB 71 -33.64 -75.23 30.49
C GLY DB 71 -35.09 -74.89 30.28
N ARG DB 72 -35.33 -73.63 29.89
CA ARG DB 72 -36.67 -73.13 29.65
C ARG DB 72 -36.71 -72.45 28.28
N VAL DB 73 -37.68 -72.84 27.46
CA VAL DB 73 -37.83 -72.32 26.10
C VAL DB 73 -39.28 -71.90 25.90
N ARG DB 74 -39.49 -71.07 24.88
CA ARG DB 74 -40.82 -70.60 24.49
C ARG DB 74 -41.19 -71.20 23.16
N LEU DB 75 -42.41 -71.74 23.07
CA LEU DB 75 -42.85 -72.48 21.90
C LEU DB 75 -44.27 -72.06 21.51
N LEU DB 76 -44.52 -72.06 20.21
CA LEU DB 76 -45.87 -71.85 19.71
C LEU DB 76 -46.66 -73.14 19.84
N LEU DB 77 -47.82 -73.08 20.52
CA LEU DB 77 -48.63 -74.25 20.79
C LEU DB 77 -50.02 -74.06 20.20
N SER DB 78 -50.50 -75.08 19.50
CA SER DB 78 -51.83 -75.13 18.91
C SER DB 78 -52.66 -76.16 19.65
N LYS DB 79 -53.86 -76.42 19.14
CA LYS DB 79 -54.73 -77.43 19.73
C LYS DB 79 -54.11 -78.81 19.55
N GLY DB 80 -54.13 -79.60 20.63
CA GLY DB 80 -53.50 -80.90 20.66
C GLY DB 80 -52.16 -80.92 21.35
N HIS DB 81 -51.53 -79.75 21.55
CA HIS DB 81 -50.27 -79.68 22.24
C HIS DB 81 -50.49 -79.65 23.75
N SER DB 82 -49.49 -80.13 24.49
CA SER DB 82 -49.56 -80.14 25.93
C SER DB 82 -49.27 -78.76 26.50
N CYS DB 83 -49.69 -78.55 27.75
CA CYS DB 83 -49.46 -77.32 28.51
C CYS DB 83 -50.08 -76.10 27.81
N TYR DB 84 -51.20 -76.30 27.11
CA TYR DB 84 -51.87 -75.21 26.42
C TYR DB 84 -53.37 -75.47 26.39
N ARG DB 85 -54.15 -74.44 26.69
CA ARG DB 85 -55.61 -74.51 26.62
C ARG DB 85 -56.11 -73.50 25.60
N PRO DB 86 -56.45 -73.91 24.38
CA PRO DB 86 -57.00 -72.96 23.42
C PRO DB 86 -58.39 -72.50 23.81
N ARG DB 87 -58.73 -71.29 23.38
CA ARG DB 87 -60.06 -70.71 23.62
C ARG DB 87 -60.83 -70.45 22.34
N ARG DB 88 -60.18 -69.88 21.33
CA ARG DB 88 -60.76 -69.76 20.01
C ARG DB 88 -60.40 -70.97 19.16
N THR DB 89 -61.17 -71.19 18.10
CA THR DB 89 -60.87 -72.27 17.18
C THR DB 89 -59.61 -71.95 16.39
N GLY DB 90 -58.68 -72.89 16.33
CA GLY DB 90 -57.40 -72.66 15.68
C GLY DB 90 -56.51 -71.66 16.37
N GLU DB 91 -56.76 -71.37 17.65
CA GLU DB 91 -55.97 -70.38 18.37
C GLU DB 91 -54.55 -70.88 18.62
N ARG DB 92 -53.58 -69.98 18.44
CA ARG DB 92 -52.18 -70.30 18.67
C ARG DB 92 -51.59 -69.25 19.59
N LYS DB 93 -50.73 -69.70 20.50
CA LYS DB 93 -50.15 -68.80 21.49
C LYS DB 93 -48.79 -69.32 21.93
N ARG DB 94 -47.88 -68.39 22.21
CA ARG DB 94 -46.57 -68.75 22.74
C ARG DB 94 -46.68 -69.15 24.21
N LYS DB 95 -45.96 -70.20 24.58
CA LYS DB 95 -45.95 -70.67 25.95
C LYS DB 95 -44.53 -71.00 26.36
N SER DB 96 -44.13 -70.53 27.53
CA SER DB 96 -42.80 -70.81 28.08
C SER DB 96 -42.86 -72.15 28.81
N VAL DB 97 -42.08 -73.11 28.33
CA VAL DB 97 -42.07 -74.46 28.88
C VAL DB 97 -40.66 -74.83 29.30
N ARG DB 98 -40.57 -75.72 30.29
CA ARG DB 98 -39.30 -76.18 30.81
C ARG DB 98 -38.79 -77.37 30.00
N GLY DB 99 -37.49 -77.65 30.12
CA GLY DB 99 -36.91 -78.77 29.43
C GLY DB 99 -37.35 -80.11 30.01
N CYS DB 100 -37.15 -81.16 29.22
CA CYS DB 100 -37.58 -82.49 29.61
C CYS DB 100 -36.53 -83.26 30.39
N ILE DB 101 -35.24 -82.96 30.22
CA ILE DB 101 -34.21 -83.61 31.01
C ILE DB 101 -34.19 -83.00 32.40
N VAL DB 102 -34.31 -83.84 33.42
CA VAL DB 102 -34.46 -83.39 34.80
C VAL DB 102 -33.10 -83.10 35.40
N ASP DB 103 -32.96 -81.92 36.00
CA ASP DB 103 -31.74 -81.51 36.69
C ASP DB 103 -32.17 -80.91 38.03
N ALA DB 104 -31.22 -80.29 38.72
CA ALA DB 104 -31.47 -79.73 40.04
C ALA DB 104 -32.22 -78.40 40.02
N ASN DB 105 -32.72 -77.98 38.87
CA ASN DB 105 -33.48 -76.73 38.74
C ASN DB 105 -34.99 -76.97 38.73
N LEU DB 106 -35.46 -78.01 39.41
CA LEU DB 106 -36.87 -78.37 39.43
C LEU DB 106 -37.42 -78.20 40.84
N SER DB 107 -38.76 -78.19 40.93
CA SER DB 107 -39.46 -78.07 42.20
C SER DB 107 -40.30 -79.30 42.51
N VAL DB 108 -41.15 -79.74 41.59
CA VAL DB 108 -42.02 -80.89 41.78
C VAL DB 108 -41.79 -81.85 40.62
N LEU DB 109 -41.63 -83.13 40.94
CA LEU DB 109 -41.52 -84.19 39.95
C LEU DB 109 -42.70 -85.13 40.08
N ASN DB 110 -43.42 -85.34 38.98
CA ASN DB 110 -44.52 -86.30 38.94
C ASN DB 110 -43.96 -87.67 38.58
N LEU DB 111 -44.10 -88.62 39.50
CA LEU DB 111 -43.50 -89.94 39.36
C LEU DB 111 -44.59 -91.00 39.39
N VAL DB 112 -44.50 -91.96 38.47
CA VAL DB 112 -45.50 -93.01 38.29
C VAL DB 112 -44.81 -94.36 38.49
N ILE DB 113 -45.20 -95.07 39.54
CA ILE DB 113 -44.60 -96.37 39.84
C ILE DB 113 -45.24 -97.41 38.93
N VAL DB 114 -44.42 -98.09 38.12
CA VAL DB 114 -44.94 -99.09 37.20
C VAL DB 114 -45.05 -100.44 37.89
N LYS DB 115 -43.94 -100.95 38.41
CA LYS DB 115 -43.92 -102.24 39.09
C LYS DB 115 -43.80 -102.02 40.59
N LYS DB 116 -44.73 -102.62 41.35
CA LYS DB 116 -44.69 -102.53 42.81
C LYS DB 116 -43.55 -103.38 43.37
N GLY DB 117 -42.81 -102.80 44.30
CA GLY DB 117 -41.74 -103.53 44.96
C GLY DB 117 -42.25 -104.45 46.05
N GLU DB 118 -41.32 -105.24 46.61
CA GLU DB 118 -41.68 -106.15 47.70
C GLU DB 118 -42.00 -105.41 48.99
N LYS DB 119 -41.43 -104.22 49.19
CA LYS DB 119 -41.81 -103.42 50.35
C LYS DB 119 -43.12 -102.69 50.07
N ASP DB 120 -43.85 -102.38 51.14
CA ASP DB 120 -45.19 -101.82 51.04
C ASP DB 120 -45.19 -100.45 51.70
N ILE DB 121 -45.34 -99.40 50.91
CA ILE DB 121 -45.42 -98.04 51.45
C ILE DB 121 -46.82 -97.83 52.05
N PRO DB 122 -46.93 -97.18 53.21
CA PRO DB 122 -48.26 -96.94 53.79
C PRO DB 122 -49.08 -95.89 53.06
N GLY DB 123 -48.46 -95.04 52.26
CA GLY DB 123 -49.18 -93.94 51.66
C GLY DB 123 -49.95 -94.29 50.40
N LEU DB 124 -49.36 -95.08 49.52
CA LEU DB 124 -49.93 -95.35 48.21
C LEU DB 124 -50.32 -96.81 48.01
N THR DB 125 -49.42 -97.75 48.32
CA THR DB 125 -49.71 -99.17 48.12
C THR DB 125 -50.76 -99.71 49.08
N ASP DB 126 -51.14 -98.95 50.11
CA ASP DB 126 -52.17 -99.36 51.05
C ASP DB 126 -53.50 -98.66 50.81
N THR DB 127 -53.48 -97.39 50.42
CA THR DB 127 -54.72 -96.66 50.20
C THR DB 127 -55.35 -97.09 48.89
N THR DB 128 -56.56 -97.63 48.96
CA THR DB 128 -57.25 -98.12 47.78
C THR DB 128 -58.22 -97.04 47.31
N VAL DB 129 -57.97 -96.49 46.13
CA VAL DB 129 -58.85 -95.52 45.49
C VAL DB 129 -59.51 -96.23 44.31
N PRO DB 130 -60.80 -96.59 44.41
CA PRO DB 130 -61.43 -97.38 43.34
C PRO DB 130 -61.75 -96.54 42.10
N ARG DB 131 -62.46 -97.15 41.15
CA ARG DB 131 -62.85 -96.45 39.94
C ARG DB 131 -63.83 -95.33 40.27
N ARG DB 132 -63.90 -94.34 39.39
CA ARG DB 132 -64.76 -93.18 39.58
C ARG DB 132 -66.09 -93.32 38.86
N LEU DB 133 -66.11 -93.93 37.69
CA LEU DB 133 -67.33 -94.13 36.92
C LEU DB 133 -67.38 -95.56 36.41
N GLY DB 134 -68.59 -96.05 36.19
CA GLY DB 134 -68.80 -97.35 35.62
C GLY DB 134 -68.85 -97.28 34.11
N PRO DB 135 -68.64 -98.42 33.44
CA PRO DB 135 -68.73 -98.44 31.97
C PRO DB 135 -70.13 -98.07 31.50
N LYS DB 136 -70.17 -97.37 30.37
CA LYS DB 136 -71.39 -96.73 29.90
C LYS DB 136 -71.87 -97.23 28.54
N ARG DB 137 -70.96 -97.45 27.60
CA ARG DB 137 -71.36 -97.92 26.28
C ARG DB 137 -71.76 -99.39 26.32
N ALA DB 138 -72.68 -99.76 25.41
CA ALA DB 138 -73.23 -101.12 25.41
C ALA DB 138 -72.16 -102.17 25.14
N SER DB 139 -71.27 -101.91 24.17
CA SER DB 139 -70.27 -102.88 23.81
C SER DB 139 -69.17 -102.99 24.87
N ARG DB 140 -68.90 -101.91 25.60
CA ARG DB 140 -67.92 -101.97 26.68
C ARG DB 140 -68.42 -102.77 27.87
N ILE DB 141 -69.74 -102.92 28.00
CA ILE DB 141 -70.29 -103.81 29.02
C ILE DB 141 -69.97 -105.26 28.68
N ARG DB 142 -70.07 -105.62 27.39
CA ARG DB 142 -69.86 -107.01 26.97
C ARG DB 142 -68.43 -107.46 27.23
N LYS DB 143 -67.45 -106.60 26.96
CA LYS DB 143 -66.05 -106.97 27.14
C LYS DB 143 -65.65 -107.02 28.62
N LEU DB 144 -66.35 -106.31 29.49
CA LEU DB 144 -66.00 -106.32 30.91
C LEU DB 144 -66.38 -107.65 31.56
N PHE DB 145 -67.57 -108.18 31.24
CA PHE DB 145 -68.08 -109.40 31.84
C PHE DB 145 -67.89 -110.61 30.93
N ASN DB 146 -67.19 -110.45 29.80
CA ASN DB 146 -66.93 -111.52 28.84
C ASN DB 146 -68.22 -112.16 28.34
N LEU DB 147 -69.22 -111.33 28.07
CA LEU DB 147 -70.50 -111.80 27.58
C LEU DB 147 -70.44 -112.00 26.05
N SER DB 148 -71.54 -112.47 25.49
CA SER DB 148 -71.65 -112.73 24.07
C SER DB 148 -72.34 -111.57 23.37
N LYS DB 149 -72.57 -111.71 22.07
CA LYS DB 149 -73.22 -110.69 21.26
C LYS DB 149 -74.72 -110.94 21.10
N GLU DB 150 -75.28 -111.88 21.85
CA GLU DB 150 -76.69 -112.24 21.72
C GLU DB 150 -77.49 -111.98 22.99
N ASP DB 151 -76.88 -112.12 24.16
CA ASP DB 151 -77.59 -111.93 25.41
C ASP DB 151 -77.81 -110.45 25.70
N ASP DB 152 -78.73 -110.18 26.63
CA ASP DB 152 -79.01 -108.81 27.03
C ASP DB 152 -78.02 -108.36 28.10
N VAL DB 153 -77.50 -107.15 27.91
CA VAL DB 153 -76.48 -106.59 28.80
C VAL DB 153 -77.00 -105.44 29.65
N ARG DB 154 -78.31 -105.17 29.61
CA ARG DB 154 -78.85 -104.05 30.37
C ARG DB 154 -78.83 -104.29 31.87
N GLN DB 155 -79.09 -105.52 32.30
CA GLN DB 155 -79.08 -105.84 33.73
C GLN DB 155 -77.68 -105.90 34.31
N TYR DB 156 -76.64 -105.95 33.46
CA TYR DB 156 -75.25 -105.98 33.91
C TYR DB 156 -74.65 -104.58 34.03
N VAL DB 157 -75.50 -103.55 34.20
CA VAL DB 157 -75.00 -102.19 34.32
C VAL DB 157 -74.33 -102.00 35.68
N VAL DB 158 -73.29 -101.16 35.71
CA VAL DB 158 -72.55 -100.89 36.94
C VAL DB 158 -73.19 -99.65 37.56
N ARG DB 159 -74.14 -99.88 38.46
CA ARG DB 159 -74.82 -98.81 39.17
C ARG DB 159 -74.22 -98.64 40.57
N LYS DB 160 -74.60 -97.55 41.22
CA LYS DB 160 -74.06 -97.22 42.52
C LYS DB 160 -75.19 -96.87 43.49
N PRO DB 161 -75.03 -97.19 44.77
CA PRO DB 161 -76.01 -96.75 45.77
C PRO DB 161 -75.74 -95.34 46.26
N LEU DB 162 -76.82 -94.63 46.56
CA LEU DB 162 -76.75 -93.24 46.97
C LEU DB 162 -77.38 -93.09 48.34
N ASN DB 163 -76.61 -92.61 49.31
CA ASN DB 163 -77.08 -92.47 50.69
C ASN DB 163 -76.49 -91.22 51.33
N LYS DB 164 -77.36 -90.33 51.77
CA LYS DB 164 -76.95 -89.14 52.49
C LYS DB 164 -78.13 -88.63 53.31
N GLU DB 165 -77.81 -87.81 54.31
CA GLU DB 165 -78.86 -87.24 55.15
C GLU DB 165 -79.61 -86.13 54.41
N GLY DB 166 -80.91 -86.06 54.65
CA GLY DB 166 -81.74 -85.05 54.02
C GLY DB 166 -82.50 -85.59 52.82
N LYS DB 167 -82.04 -86.69 52.25
CA LYS DB 167 -82.66 -87.31 51.10
C LYS DB 167 -82.88 -88.80 51.34
N LYS DB 168 -83.89 -89.34 50.66
CA LYS DB 168 -84.17 -90.76 50.74
C LYS DB 168 -83.08 -91.55 50.02
N PRO DB 169 -82.84 -92.80 50.41
CA PRO DB 169 -81.85 -93.63 49.70
C PRO DB 169 -82.29 -93.97 48.29
N ARG DB 170 -81.64 -93.36 47.31
CA ARG DB 170 -81.96 -93.57 45.90
C ARG DB 170 -80.85 -94.34 45.21
N THR DB 171 -81.07 -94.66 43.94
CA THR DB 171 -80.09 -95.37 43.14
C THR DB 171 -80.06 -94.74 41.75
N LYS DB 172 -78.86 -94.41 41.27
CA LYS DB 172 -78.68 -93.77 39.98
C LYS DB 172 -77.94 -94.71 39.04
N ALA DB 173 -78.34 -94.70 37.77
CA ALA DB 173 -77.78 -95.59 36.77
C ALA DB 173 -77.42 -94.80 35.53
N PRO DB 174 -76.34 -95.16 34.86
CA PRO DB 174 -75.97 -94.49 33.61
C PRO DB 174 -76.84 -94.91 32.45
N LYS DB 175 -76.87 -94.07 31.42
CA LYS DB 175 -77.55 -94.40 30.18
C LYS DB 175 -76.63 -95.24 29.31
N ILE DB 176 -77.14 -96.37 28.83
CA ILE DB 176 -76.36 -97.30 28.02
C ILE DB 176 -76.35 -96.77 26.59
N GLN DB 177 -75.15 -96.44 26.10
CA GLN DB 177 -74.99 -95.82 24.79
C GLN DB 177 -74.73 -96.89 23.74
N ARG DB 178 -75.23 -96.62 22.52
CA ARG DB 178 -75.09 -97.51 21.37
C ARG DB 178 -75.67 -98.89 21.66
N LEU DB 179 -76.86 -98.90 22.25
CA LEU DB 179 -77.59 -100.13 22.56
C LEU DB 179 -78.77 -100.27 21.60
N VAL DB 180 -78.99 -101.49 21.12
CA VAL DB 180 -80.07 -101.76 20.17
C VAL DB 180 -81.40 -101.67 20.91
N THR DB 181 -82.27 -100.79 20.45
CA THR DB 181 -83.60 -100.56 21.01
C THR DB 181 -84.61 -100.55 19.87
N PRO DB 182 -85.88 -100.87 20.16
CA PRO DB 182 -86.90 -100.82 19.11
C PRO DB 182 -87.10 -99.46 18.47
N ARG DB 183 -86.72 -98.37 19.14
CA ARG DB 183 -86.80 -97.05 18.50
C ARG DB 183 -85.76 -96.91 17.39
N VAL DB 184 -84.54 -97.38 17.61
CA VAL DB 184 -83.52 -97.34 16.57
C VAL DB 184 -83.87 -98.31 15.44
N LEU DB 185 -84.38 -99.48 15.79
CA LEU DB 185 -84.78 -100.45 14.79
C LEU DB 185 -85.93 -99.91 13.94
N GLN DB 186 -86.88 -99.22 14.56
CA GLN DB 186 -87.94 -98.55 13.80
C GLN DB 186 -87.36 -97.44 12.92
N HIS DB 187 -86.38 -96.69 13.44
CA HIS DB 187 -85.72 -95.67 12.64
C HIS DB 187 -84.93 -96.28 11.50
N LYS DB 188 -84.29 -97.43 11.73
CA LYS DB 188 -83.67 -98.16 10.63
C LYS DB 188 -84.72 -98.66 9.64
N ARG DB 189 -85.86 -99.12 10.14
CA ARG DB 189 -86.97 -99.50 9.27
C ARG DB 189 -87.63 -98.30 8.62
N ARG DB 190 -87.44 -97.10 9.17
CA ARG DB 190 -88.01 -95.91 8.56
C ARG DB 190 -87.22 -95.45 7.34
N ARG DB 191 -85.89 -95.55 7.38
CA ARG DB 191 -85.06 -95.08 6.28
C ARG DB 191 -85.06 -96.04 5.09
N ILE DB 192 -85.34 -97.33 5.31
CA ILE DB 192 -85.46 -98.25 4.19
C ILE DB 192 -86.79 -98.05 3.47
N ALA DB 193 -87.79 -97.46 4.15
CA ALA DB 193 -89.01 -97.08 3.47
C ALA DB 193 -88.75 -95.96 2.47
N LEU DB 194 -87.86 -95.02 2.82
CA LEU DB 194 -87.48 -93.97 1.90
C LEU DB 194 -86.75 -94.52 0.67
N LYS DB 195 -85.91 -95.53 0.86
CA LYS DB 195 -85.27 -96.20 -0.27
C LYS DB 195 -86.29 -96.91 -1.15
N LYS DB 196 -87.31 -97.53 -0.54
CA LYS DB 196 -88.41 -98.07 -1.32
C LYS DB 196 -89.26 -96.96 -1.92
N GLN DB 197 -89.38 -95.82 -1.23
CA GLN DB 197 -90.11 -94.69 -1.78
C GLN DB 197 -89.33 -94.06 -2.94
N ARG DB 198 -88.02 -93.97 -2.82
CA ARG DB 198 -87.20 -93.36 -3.88
C ARG DB 198 -87.22 -94.19 -5.14
N THR DB 199 -86.91 -95.50 -5.02
CA THR DB 199 -86.79 -96.36 -6.18
C THR DB 199 -88.11 -96.54 -6.92
N LYS DB 200 -89.24 -96.62 -6.20
CA LYS DB 200 -90.54 -96.66 -6.84
C LYS DB 200 -90.84 -95.35 -7.56
N LYS DB 201 -90.52 -94.22 -6.93
CA LYS DB 201 -90.86 -92.92 -7.50
C LYS DB 201 -90.06 -92.63 -8.77
N ASN DB 202 -88.77 -92.98 -8.79
CA ASN DB 202 -87.99 -92.79 -10.00
C ASN DB 202 -88.50 -93.67 -11.14
N LYS DB 203 -88.88 -94.91 -10.82
CA LYS DB 203 -89.43 -95.79 -11.85
C LYS DB 203 -90.83 -95.38 -12.28
N GLU DB 204 -91.63 -94.81 -11.37
CA GLU DB 204 -92.97 -94.37 -11.72
C GLU DB 204 -92.92 -93.16 -12.65
N GLU DB 205 -92.11 -92.16 -12.30
CA GLU DB 205 -92.11 -90.91 -13.06
C GLU DB 205 -91.37 -91.03 -14.38
N ALA DB 206 -90.30 -91.84 -14.43
CA ALA DB 206 -89.62 -92.07 -15.69
C ALA DB 206 -90.48 -92.85 -16.68
N ALA DB 207 -91.22 -93.84 -16.21
CA ALA DB 207 -92.16 -94.55 -17.07
C ALA DB 207 -93.31 -93.65 -17.50
N GLU DB 208 -93.75 -92.75 -16.61
CA GLU DB 208 -94.74 -91.75 -17.01
C GLU DB 208 -94.16 -90.80 -18.05
N TYR DB 209 -92.90 -90.38 -17.87
CA TYR DB 209 -92.26 -89.53 -18.87
C TYR DB 209 -92.00 -90.28 -20.16
N ALA DB 210 -91.60 -91.55 -20.06
CA ALA DB 210 -91.41 -92.37 -21.27
C ALA DB 210 -92.73 -92.59 -22.00
N LYS DB 211 -93.81 -92.80 -21.25
CA LYS DB 211 -95.13 -92.79 -21.86
C LYS DB 211 -95.47 -91.40 -22.39
N LEU DB 212 -95.10 -90.36 -21.66
CA LEU DB 212 -95.31 -88.99 -22.15
C LEU DB 212 -94.46 -88.71 -23.37
N LEU DB 213 -93.21 -89.19 -23.39
CA LEU DB 213 -92.35 -89.02 -24.56
C LEU DB 213 -92.88 -89.77 -25.77
N ALA DB 214 -93.54 -90.91 -25.55
CA ALA DB 214 -94.24 -91.58 -26.65
C ALA DB 214 -95.50 -90.82 -27.04
N LYS DB 215 -96.14 -90.13 -26.09
CA LYS DB 215 -97.35 -89.36 -26.38
C LYS DB 215 -97.06 -88.20 -27.33
N ARG DB 216 -95.97 -87.48 -27.10
CA ARG DB 216 -95.60 -86.38 -27.98
C ARG DB 216 -95.09 -86.88 -29.32
N MET DB 217 -94.44 -88.06 -29.33
CA MET DB 217 -93.84 -88.63 -30.53
C MET DB 217 -94.84 -88.91 -31.65
N LYS DB 218 -96.04 -89.40 -31.33
CA LYS DB 218 -97.01 -89.66 -32.39
C LYS DB 218 -97.52 -88.35 -33.02
N GLU DB 219 -97.65 -87.29 -32.21
CA GLU DB 219 -98.15 -86.04 -32.77
C GLU DB 219 -97.05 -85.25 -33.51
N ALA DB 220 -95.80 -85.35 -33.05
CA ALA DB 220 -94.72 -84.60 -33.70
C ALA DB 220 -94.44 -85.13 -35.10
N LYS DB 221 -94.39 -86.45 -35.26
CA LYS DB 221 -94.12 -87.04 -36.57
C LYS DB 221 -95.35 -87.03 -37.47
N GLU DB 222 -96.56 -87.03 -36.90
CA GLU DB 222 -97.76 -86.89 -37.71
C GLU DB 222 -97.82 -85.53 -38.38
N LYS DB 223 -97.48 -84.47 -37.63
CA LYS DB 223 -97.40 -83.13 -38.20
C LYS DB 223 -96.21 -82.95 -39.12
N ARG DB 224 -95.19 -83.81 -39.00
CA ARG DB 224 -94.10 -83.80 -39.97
C ARG DB 224 -94.60 -84.21 -41.35
N GLN DB 225 -95.51 -85.18 -41.41
CA GLN DB 225 -96.09 -85.62 -42.67
C GLN DB 225 -97.01 -84.57 -43.29
N GLU DB 226 -97.49 -83.61 -42.51
CA GLU DB 226 -98.28 -82.52 -43.07
C GLU DB 226 -97.43 -81.57 -43.89
N GLN DB 227 -96.20 -81.29 -43.45
CA GLN DB 227 -95.30 -80.43 -44.20
C GLN DB 227 -94.79 -81.13 -45.46
N ILE DB 228 -94.47 -82.42 -45.36
CA ILE DB 228 -93.98 -83.16 -46.52
C ILE DB 228 -95.08 -83.28 -47.57
N ALA DB 229 -96.32 -83.53 -47.16
CA ALA DB 229 -97.43 -83.53 -48.11
C ALA DB 229 -97.68 -82.13 -48.67
N LYS DB 230 -97.48 -81.10 -47.85
CA LYS DB 230 -97.57 -79.73 -48.35
C LYS DB 230 -96.42 -79.42 -49.31
N ARG DB 231 -95.24 -79.99 -49.04
CA ARG DB 231 -94.08 -79.79 -49.90
C ARG DB 231 -94.31 -80.37 -51.30
N ARG DB 232 -95.08 -81.45 -51.41
CA ARG DB 232 -95.45 -82.01 -52.70
C ARG DB 232 -96.65 -81.28 -53.31
N ARG DB 233 -97.59 -80.84 -52.48
CA ARG DB 233 -98.79 -80.17 -52.99
C ARG DB 233 -98.48 -78.77 -53.50
N LEU DB 234 -97.60 -78.04 -52.81
CA LEU DB 234 -97.23 -76.70 -53.28
C LEU DB 234 -96.44 -76.77 -54.58
N SER DB 235 -95.61 -77.81 -54.74
CA SER DB 235 -94.84 -78.00 -55.97
C SER DB 235 -95.70 -78.50 -57.12
N SER DB 236 -96.91 -78.99 -56.85
CA SER DB 236 -97.82 -79.42 -57.90
C SER DB 236 -98.65 -78.28 -58.46
N LEU DB 237 -98.56 -77.09 -57.88
CA LEU DB 237 -99.33 -75.94 -58.34
C LEU DB 237 -98.40 -74.90 -58.97
N ALA EB 1 -92.21 -48.25 -86.10
CA ALA EB 1 -92.11 -46.86 -86.53
C ALA EB 1 -90.95 -46.16 -85.83
N LYS EB 2 -91.23 -44.96 -85.31
CA LYS EB 2 -90.21 -44.19 -84.59
C LYS EB 2 -90.59 -43.91 -83.14
N ILE EB 3 -91.79 -44.24 -82.71
CA ILE EB 3 -92.12 -44.17 -81.29
C ILE EB 3 -91.48 -45.33 -80.55
N VAL EB 4 -90.53 -45.03 -79.67
CA VAL EB 4 -89.79 -46.04 -78.93
C VAL EB 4 -89.92 -45.69 -77.45
N LYS EB 5 -90.92 -46.25 -76.78
CA LYS EB 5 -91.05 -46.06 -75.35
C LYS EB 5 -89.98 -46.89 -74.62
N PRO EB 6 -89.47 -46.41 -73.49
CA PRO EB 6 -88.49 -47.22 -72.73
C PRO EB 6 -89.04 -48.52 -72.19
N ASN EB 7 -90.36 -48.64 -72.03
CA ASN EB 7 -90.99 -49.88 -71.61
C ASN EB 7 -91.58 -50.62 -72.80
N GLY EB 8 -91.83 -51.90 -72.61
CA GLY EB 8 -92.42 -52.71 -73.67
C GLY EB 8 -93.92 -52.57 -73.76
N GLU EB 9 -94.39 -51.43 -74.27
CA GLU EB 9 -95.81 -51.17 -74.37
C GLU EB 9 -96.09 -50.33 -75.60
N LYS EB 10 -97.23 -50.58 -76.23
CA LYS EB 10 -97.66 -49.78 -77.37
C LYS EB 10 -98.18 -48.42 -76.90
N PRO EB 11 -97.80 -47.33 -77.57
CA PRO EB 11 -98.31 -46.01 -77.17
C PRO EB 11 -99.77 -45.82 -77.51
N ASP EB 12 -100.31 -44.65 -77.20
CA ASP EB 12 -101.70 -44.35 -77.45
C ASP EB 12 -101.89 -43.89 -78.90
N GLU EB 13 -103.10 -43.46 -79.25
CA GLU EB 13 -103.39 -43.07 -80.63
C GLU EB 13 -102.69 -41.78 -81.01
N PHE EB 14 -102.37 -40.93 -80.03
CA PHE EB 14 -101.80 -39.62 -80.34
C PHE EB 14 -100.30 -39.76 -80.65
N GLU EB 15 -99.57 -40.47 -79.78
CA GLU EB 15 -98.13 -40.65 -79.97
C GLU EB 15 -97.81 -41.43 -81.24
N SER EB 16 -98.58 -42.46 -81.55
CA SER EB 16 -98.46 -43.10 -82.86
C SER EB 16 -98.88 -42.15 -83.97
N GLY EB 17 -99.91 -41.35 -83.72
CA GLY EB 17 -100.40 -40.39 -84.68
C GLY EB 17 -99.44 -39.27 -85.02
N ILE EB 18 -98.37 -39.10 -84.25
CA ILE EB 18 -97.30 -38.17 -84.61
C ILE EB 18 -96.21 -38.97 -85.32
N SER EB 19 -96.06 -40.24 -84.92
CA SER EB 19 -94.97 -41.08 -85.42
C SER EB 19 -95.09 -41.30 -86.93
N GLN EB 20 -96.26 -41.75 -87.40
CA GLN EB 20 -96.46 -41.86 -88.83
C GLN EB 20 -96.63 -40.49 -89.49
N ALA EB 21 -97.01 -39.47 -88.71
CA ALA EB 21 -97.01 -38.10 -89.22
C ALA EB 21 -95.61 -37.51 -89.29
N LEU EB 22 -94.64 -38.10 -88.59
CA LEU EB 22 -93.24 -37.70 -88.70
C LEU EB 22 -92.46 -38.56 -89.69
N LEU EB 23 -92.91 -39.81 -89.91
CA LEU EB 23 -92.32 -40.63 -90.96
C LEU EB 23 -92.56 -40.03 -92.34
N GLU EB 24 -93.76 -39.50 -92.57
CA GLU EB 24 -94.08 -38.91 -93.85
C GLU EB 24 -93.34 -37.59 -94.06
N LEU EB 25 -93.06 -36.85 -92.99
CA LEU EB 25 -92.23 -35.65 -93.10
C LEU EB 25 -90.79 -35.98 -93.46
N GLU EB 26 -90.30 -37.17 -93.09
CA GLU EB 26 -89.00 -37.61 -93.56
C GLU EB 26 -89.04 -37.96 -95.04
N MET EB 27 -90.17 -38.55 -95.50
CA MET EB 27 -90.28 -38.98 -96.88
C MET EB 27 -90.41 -37.78 -97.83
N ASN EB 28 -91.16 -36.75 -97.42
CA ASN EB 28 -91.50 -35.65 -98.31
C ASN EB 28 -90.55 -34.46 -98.23
N SER EB 29 -89.69 -34.40 -97.22
CA SER EB 29 -88.76 -33.28 -97.10
C SER EB 29 -87.35 -33.72 -97.49
N ASP EB 30 -86.50 -32.72 -97.70
CA ASP EB 30 -85.11 -32.98 -98.09
C ASP EB 30 -84.25 -33.42 -96.92
N LEU EB 31 -84.71 -33.25 -95.68
CA LEU EB 31 -83.96 -33.67 -94.50
C LEU EB 31 -84.23 -35.13 -94.13
N LYS EB 32 -84.10 -36.01 -95.13
CA LYS EB 32 -84.30 -37.44 -94.89
C LYS EB 32 -83.19 -38.04 -94.04
N ALA EB 33 -81.95 -37.62 -94.28
CA ALA EB 33 -80.82 -38.20 -93.54
C ALA EB 33 -80.76 -37.66 -92.12
N GLN EB 34 -81.24 -36.43 -91.90
CA GLN EB 34 -81.18 -35.80 -90.59
C GLN EB 34 -82.24 -36.30 -89.63
N LEU EB 35 -83.18 -37.13 -90.10
CA LEU EB 35 -84.28 -37.60 -89.29
C LEU EB 35 -84.44 -39.12 -89.31
N ARG EB 36 -83.75 -39.82 -90.21
CA ARG EB 36 -83.98 -41.25 -90.40
C ARG EB 36 -83.60 -42.09 -89.18
N GLU EB 37 -82.50 -41.74 -88.52
CA GLU EB 37 -81.99 -42.51 -87.40
C GLU EB 37 -82.58 -42.05 -86.07
N LEU EB 38 -83.55 -41.16 -86.10
CA LEU EB 38 -83.98 -40.42 -84.93
C LEU EB 38 -85.36 -40.90 -84.47
N ASN EB 39 -85.53 -41.03 -83.16
CA ASN EB 39 -86.74 -41.62 -82.59
C ASN EB 39 -87.26 -40.79 -81.41
N ILE EB 40 -88.46 -41.16 -80.95
CA ILE EB 40 -89.19 -40.41 -79.93
C ILE EB 40 -89.60 -41.35 -78.81
N THR EB 41 -89.39 -40.92 -77.56
CA THR EB 41 -89.83 -41.72 -76.41
C THR EB 41 -91.33 -41.61 -76.20
N ALA EB 42 -91.85 -40.39 -76.03
CA ALA EB 42 -93.25 -40.20 -75.69
C ALA EB 42 -93.66 -38.77 -76.03
N ALA EB 43 -94.97 -38.54 -76.02
CA ALA EB 43 -95.55 -37.22 -76.26
C ALA EB 43 -96.86 -37.12 -75.49
N LYS EB 44 -97.25 -35.88 -75.19
CA LYS EB 44 -98.42 -35.63 -74.36
C LYS EB 44 -99.26 -34.50 -74.95
N GLU EB 45 -100.54 -34.49 -74.59
CA GLU EB 45 -101.46 -33.42 -74.95
C GLU EB 45 -101.92 -32.73 -73.68
N ILE EB 46 -101.74 -31.41 -73.63
CA ILE EB 46 -102.09 -30.61 -72.46
C ILE EB 46 -102.96 -29.43 -72.90
N GLU EB 47 -103.67 -28.87 -71.93
CA GLU EB 47 -104.54 -27.72 -72.16
C GLU EB 47 -103.93 -26.48 -71.51
N VAL EB 48 -103.83 -25.41 -72.28
CA VAL EB 48 -103.35 -24.14 -71.77
C VAL EB 48 -104.57 -23.29 -71.44
N GLY EB 49 -104.35 -22.21 -70.69
CA GLY EB 49 -105.46 -21.36 -70.27
C GLY EB 49 -106.18 -20.76 -71.47
N GLY EB 50 -107.50 -20.64 -71.31
CA GLY EB 50 -108.34 -20.25 -72.42
C GLY EB 50 -108.70 -21.43 -73.30
N GLY EB 51 -109.39 -21.12 -74.39
CA GLY EB 51 -109.82 -22.14 -75.33
C GLY EB 51 -108.72 -22.51 -76.31
N ARG EB 52 -107.64 -23.11 -75.80
CA ARG EB 52 -106.50 -23.45 -76.63
C ARG EB 52 -105.79 -24.66 -76.01
N LYS EB 53 -105.16 -25.46 -76.86
CA LYS EB 53 -104.48 -26.68 -76.43
C LYS EB 53 -103.01 -26.61 -76.83
N ALA EB 54 -102.27 -27.66 -76.51
CA ALA EB 54 -100.82 -27.66 -76.74
C ALA EB 54 -100.32 -29.09 -76.96
N ILE EB 55 -99.15 -29.18 -77.57
CA ILE EB 55 -98.45 -30.45 -77.80
C ILE EB 55 -97.05 -30.36 -77.18
N ILE EB 56 -96.67 -31.40 -76.45
CA ILE EB 56 -95.34 -31.53 -75.88
C ILE EB 56 -94.83 -32.94 -76.17
N ILE EB 57 -93.56 -33.04 -76.56
CA ILE EB 57 -92.96 -34.29 -77.00
C ILE EB 57 -91.70 -34.54 -76.17
N PHE EB 58 -91.56 -35.75 -75.63
CA PHE EB 58 -90.47 -36.10 -74.74
C PHE EB 58 -89.34 -36.76 -75.51
N VAL EB 59 -88.10 -36.45 -75.13
CA VAL EB 59 -86.95 -36.64 -76.01
C VAL EB 59 -85.78 -37.27 -75.25
N PRO EB 60 -85.04 -38.21 -75.84
CA PRO EB 60 -83.84 -38.74 -75.17
C PRO EB 60 -82.77 -37.67 -75.00
N VAL EB 61 -81.98 -37.81 -73.93
CA VAL EB 61 -81.01 -36.77 -73.59
C VAL EB 61 -79.83 -36.70 -74.54
N PRO EB 62 -79.09 -37.79 -74.83
CA PRO EB 62 -77.94 -37.66 -75.73
C PRO EB 62 -78.32 -37.31 -77.15
N GLN EB 63 -79.56 -37.58 -77.55
CA GLN EB 63 -80.06 -37.28 -78.88
C GLN EB 63 -80.70 -35.90 -78.94
N LEU EB 64 -80.80 -35.20 -77.80
CA LEU EB 64 -81.48 -33.90 -77.74
C LEU EB 64 -80.83 -32.89 -78.67
N LYS EB 65 -79.50 -32.88 -78.74
CA LYS EB 65 -78.80 -31.92 -79.59
C LYS EB 65 -79.09 -32.12 -81.08
N SER EB 66 -79.48 -33.33 -81.49
CA SER EB 66 -79.84 -33.56 -82.88
C SER EB 66 -81.12 -32.81 -83.24
N PHE EB 67 -82.05 -32.71 -82.28
CA PHE EB 67 -83.24 -31.89 -82.44
C PHE EB 67 -82.95 -30.40 -82.30
N GLN EB 68 -81.89 -30.02 -81.59
CA GLN EB 68 -81.67 -28.61 -81.28
C GLN EB 68 -81.24 -27.81 -82.51
N LYS EB 69 -80.56 -28.46 -83.46
CA LYS EB 69 -80.21 -27.80 -84.70
C LYS EB 69 -81.29 -27.97 -85.78
N ILE EB 70 -82.40 -28.65 -85.46
CA ILE EB 70 -83.51 -28.83 -86.38
C ILE EB 70 -84.86 -28.46 -85.75
N GLN EB 71 -84.84 -27.69 -84.66
CA GLN EB 71 -86.10 -27.22 -84.05
C GLN EB 71 -86.93 -26.40 -85.04
N VAL EB 72 -86.29 -25.43 -85.70
CA VAL EB 72 -87.04 -24.40 -86.44
C VAL EB 72 -87.82 -25.02 -87.59
N ARG EB 73 -87.22 -25.97 -88.30
CA ARG EB 73 -87.95 -26.68 -89.35
C ARG EB 73 -89.04 -27.56 -88.75
N LEU EB 74 -88.74 -28.24 -87.65
CA LEU EB 74 -89.71 -29.14 -87.02
C LEU EB 74 -90.83 -28.41 -86.30
N VAL EB 75 -90.56 -27.22 -85.74
CA VAL EB 75 -91.62 -26.43 -85.14
C VAL EB 75 -92.59 -25.94 -86.21
N ARG EB 76 -92.06 -25.43 -87.33
CA ARG EB 76 -92.94 -24.87 -88.36
C ARG EB 76 -93.66 -25.96 -89.15
N GLU EB 77 -92.99 -27.08 -89.43
CA GLU EB 77 -93.62 -28.14 -90.22
C GLU EB 77 -94.74 -28.83 -89.45
N LEU EB 78 -94.61 -28.94 -88.13
CA LEU EB 78 -95.68 -29.48 -87.31
C LEU EB 78 -96.68 -28.42 -86.87
N GLU EB 79 -96.40 -27.14 -87.10
CA GLU EB 79 -97.35 -26.08 -86.77
C GLU EB 79 -98.52 -26.08 -87.76
N LYS EB 80 -98.23 -26.30 -89.04
CA LYS EB 80 -99.30 -26.39 -90.03
C LYS EB 80 -100.08 -27.70 -89.93
N LYS EB 81 -99.48 -28.75 -89.37
CA LYS EB 81 -100.20 -30.00 -89.18
C LYS EB 81 -101.23 -29.88 -88.06
N PHE EB 82 -100.87 -29.20 -86.97
CA PHE EB 82 -101.77 -28.91 -85.86
C PHE EB 82 -101.78 -27.39 -85.69
N SER EB 83 -102.73 -26.73 -86.35
CA SER EB 83 -102.74 -25.27 -86.41
C SER EB 83 -103.08 -24.65 -85.05
N GLY EB 84 -103.89 -25.32 -84.25
CA GLY EB 84 -104.35 -24.74 -82.99
C GLY EB 84 -103.53 -25.13 -81.78
N LYS EB 85 -102.30 -25.59 -81.99
CA LYS EB 85 -101.48 -26.07 -80.89
C LYS EB 85 -100.03 -25.64 -81.10
N HIS EB 86 -99.35 -25.32 -80.00
CA HIS EB 86 -97.96 -24.89 -80.01
C HIS EB 86 -97.05 -26.06 -79.67
N VAL EB 87 -95.92 -26.14 -80.37
CA VAL EB 87 -95.05 -27.31 -80.33
C VAL EB 87 -93.69 -26.93 -79.75
N VAL EB 88 -93.18 -27.81 -78.87
CA VAL EB 88 -91.87 -27.64 -78.26
C VAL EB 88 -91.35 -29.02 -77.86
N PHE EB 89 -90.03 -29.20 -77.92
CA PHE EB 89 -89.39 -30.44 -77.55
C PHE EB 89 -88.78 -30.33 -76.16
N ILE EB 90 -88.96 -31.39 -75.37
CA ILE EB 90 -88.47 -31.44 -73.99
C ILE EB 90 -87.74 -32.76 -73.79
N ALA EB 91 -86.54 -32.69 -73.21
CA ALA EB 91 -85.76 -33.89 -72.96
C ALA EB 91 -86.38 -34.74 -71.85
N GLN EB 92 -86.23 -36.05 -71.98
CA GLN EB 92 -86.71 -37.01 -70.99
C GLN EB 92 -85.56 -37.37 -70.06
N ARG EB 93 -85.59 -36.82 -68.84
CA ARG EB 93 -84.60 -37.09 -67.82
C ARG EB 93 -85.26 -37.84 -66.67
N ARG EB 94 -84.74 -39.02 -66.35
CA ARG EB 94 -85.26 -39.78 -65.23
C ARG EB 94 -84.83 -39.13 -63.92
N ILE EB 95 -85.78 -38.96 -63.01
CA ILE EB 95 -85.52 -38.34 -61.71
C ILE EB 95 -85.15 -39.44 -60.73
N LEU EB 96 -84.34 -39.08 -59.73
CA LEU EB 96 -83.94 -40.03 -58.72
C LEU EB 96 -84.34 -39.53 -57.33
N PRO EB 97 -84.78 -40.41 -56.44
CA PRO EB 97 -85.20 -39.97 -55.11
C PRO EB 97 -84.03 -39.58 -54.23
N LYS EB 98 -84.32 -38.71 -53.27
CA LYS EB 98 -83.34 -38.35 -52.27
C LYS EB 98 -83.06 -39.55 -51.37
N PRO EB 99 -81.79 -39.84 -51.07
CA PRO EB 99 -81.49 -40.99 -50.21
C PRO EB 99 -81.93 -40.77 -48.77
N THR EB 100 -83.04 -41.41 -48.39
CA THR EB 100 -83.58 -41.27 -47.06
C THR EB 100 -82.93 -42.29 -46.12
N ARG EB 101 -83.37 -42.28 -44.86
CA ARG EB 101 -82.83 -43.22 -43.88
C ARG EB 101 -83.34 -44.63 -44.10
N LYS EB 102 -84.55 -44.78 -44.66
CA LYS EB 102 -85.09 -46.11 -44.94
C LYS EB 102 -84.40 -46.77 -46.11
N SER EB 103 -84.00 -45.99 -47.11
CA SER EB 103 -83.32 -46.52 -48.29
C SER EB 103 -82.17 -45.62 -48.71
N LYS EB 108 -76.12 -49.88 -54.30
CA LYS EB 108 -76.60 -48.63 -54.84
C LYS EB 108 -75.51 -47.56 -54.80
N GLN EB 109 -75.38 -46.81 -55.90
CA GLN EB 109 -74.33 -45.80 -56.01
C GLN EB 109 -74.85 -44.46 -55.49
N LYS EB 110 -74.02 -43.43 -55.59
CA LYS EB 110 -74.45 -42.07 -55.31
C LYS EB 110 -75.44 -41.60 -56.37
N ARG EB 111 -76.41 -40.81 -55.93
CA ARG EB 111 -77.31 -40.15 -56.87
C ARG EB 111 -76.52 -39.12 -57.67
N PRO EB 112 -76.46 -39.23 -58.99
CA PRO EB 112 -75.72 -38.24 -59.78
C PRO EB 112 -76.40 -36.88 -59.74
N ARG EB 113 -75.58 -35.84 -59.75
CA ARG EB 113 -76.07 -34.48 -59.66
C ARG EB 113 -76.73 -33.99 -60.94
N SER EB 114 -76.59 -34.70 -62.04
CA SER EB 114 -77.37 -34.41 -63.23
C SER EB 114 -78.78 -34.99 -63.15
N ARG EB 115 -79.03 -35.91 -62.21
CA ARG EB 115 -80.32 -36.55 -62.05
C ARG EB 115 -81.11 -36.00 -60.87
N THR EB 116 -80.64 -34.91 -60.25
CA THR EB 116 -81.33 -34.33 -59.11
C THR EB 116 -82.47 -33.45 -59.58
N LEU EB 117 -83.31 -33.03 -58.63
CA LEU EB 117 -84.49 -32.24 -58.97
C LEU EB 117 -84.11 -30.86 -59.50
N THR EB 118 -83.09 -30.23 -58.90
CA THR EB 118 -82.73 -28.87 -59.28
C THR EB 118 -82.09 -28.81 -60.66
N ALA EB 119 -81.25 -29.79 -61.00
CA ALA EB 119 -80.60 -29.81 -62.30
C ALA EB 119 -81.52 -30.32 -63.41
N VAL EB 120 -82.66 -30.91 -63.06
CA VAL EB 120 -83.61 -31.34 -64.08
C VAL EB 120 -84.67 -30.28 -64.31
N HIS EB 121 -85.16 -29.66 -63.24
CA HIS EB 121 -86.22 -28.64 -63.37
C HIS EB 121 -85.76 -27.43 -64.16
N ASP EB 122 -84.54 -26.95 -63.93
CA ASP EB 122 -84.03 -25.84 -64.73
C ASP EB 122 -83.71 -26.26 -66.15
N ALA EB 123 -83.28 -27.51 -66.35
CA ALA EB 123 -83.03 -28.02 -67.70
C ALA EB 123 -84.30 -28.21 -68.50
N ILE EB 124 -85.42 -28.56 -67.85
CA ILE EB 124 -86.71 -28.60 -68.53
C ILE EB 124 -87.11 -27.20 -68.99
N LEU EB 125 -86.92 -26.21 -68.11
CA LEU EB 125 -87.22 -24.83 -68.44
C LEU EB 125 -86.25 -24.23 -69.44
N GLU EB 126 -85.01 -24.73 -69.48
CA GLU EB 126 -84.02 -24.20 -70.42
C GLU EB 126 -84.33 -24.60 -71.86
N ASP EB 127 -84.87 -25.81 -72.07
CA ASP EB 127 -85.16 -26.30 -73.40
C ASP EB 127 -86.50 -25.82 -73.94
N LEU EB 128 -87.34 -25.21 -73.11
CA LEU EB 128 -88.62 -24.70 -73.58
C LEU EB 128 -88.42 -23.49 -74.49
N VAL EB 129 -87.63 -22.52 -74.04
CA VAL EB 129 -87.31 -21.35 -74.87
C VAL EB 129 -86.02 -21.67 -75.62
N PHE EB 130 -86.18 -22.39 -76.73
CA PHE EB 130 -85.02 -22.71 -77.55
C PHE EB 130 -84.49 -21.53 -78.38
N PRO EB 131 -85.31 -20.60 -78.91
CA PRO EB 131 -84.70 -19.47 -79.62
C PRO EB 131 -84.14 -18.40 -78.70
N SER EB 132 -84.68 -18.25 -77.50
CA SER EB 132 -84.32 -17.18 -76.57
C SER EB 132 -83.71 -17.80 -75.33
N GLU EB 133 -82.38 -17.80 -75.26
CA GLU EB 133 -81.68 -18.28 -74.09
C GLU EB 133 -81.92 -17.35 -72.89
N ILE EB 134 -81.93 -17.94 -71.71
CA ILE EB 134 -82.29 -17.21 -70.49
C ILE EB 134 -81.16 -16.26 -70.11
N VAL EB 135 -81.50 -14.98 -69.98
CA VAL EB 135 -80.52 -13.97 -69.58
C VAL EB 135 -80.46 -13.84 -68.05
N GLY EB 136 -81.55 -14.13 -67.35
CA GLY EB 136 -81.55 -14.09 -65.90
C GLY EB 136 -82.80 -14.71 -65.35
N LYS EB 137 -82.73 -15.06 -64.07
CA LYS EB 137 -83.86 -15.64 -63.35
C LYS EB 137 -84.16 -14.84 -62.10
N ARG EB 138 -85.44 -14.57 -61.87
CA ARG EB 138 -85.92 -13.95 -60.64
C ARG EB 138 -87.01 -14.84 -60.07
N ILE EB 139 -86.91 -15.14 -58.78
CA ILE EB 139 -87.90 -15.99 -58.12
C ILE EB 139 -88.68 -15.13 -57.15
N ARG EB 140 -89.89 -14.73 -57.54
CA ARG EB 140 -90.73 -13.89 -56.71
C ARG EB 140 -91.60 -14.75 -55.81
N VAL EB 141 -91.38 -14.64 -54.51
CA VAL EB 141 -92.22 -15.29 -53.52
C VAL EB 141 -93.45 -14.39 -53.36
N LYS EB 142 -94.63 -15.00 -53.31
CA LYS EB 142 -95.83 -14.20 -53.10
C LYS EB 142 -96.14 -14.12 -51.60
N LEU EB 143 -97.28 -13.51 -51.27
CA LEU EB 143 -97.64 -13.23 -49.88
C LEU EB 143 -97.92 -14.51 -49.09
N ASP EB 144 -98.56 -15.48 -49.72
CA ASP EB 144 -98.98 -16.69 -49.01
C ASP EB 144 -97.81 -17.63 -48.72
N GLY EB 145 -96.65 -17.39 -49.31
CA GLY EB 145 -95.49 -18.24 -49.14
C GLY EB 145 -95.08 -19.00 -50.38
N SER EB 146 -95.93 -19.05 -51.40
CA SER EB 146 -95.60 -19.72 -52.66
C SER EB 146 -94.69 -18.81 -53.49
N ARG EB 147 -94.10 -19.39 -54.55
CA ARG EB 147 -93.10 -18.70 -55.35
C ARG EB 147 -93.61 -18.50 -56.77
N LEU EB 148 -93.00 -17.53 -57.45
CA LEU EB 148 -93.35 -17.20 -58.84
C LEU EB 148 -92.05 -16.84 -59.54
N ILE EB 149 -91.57 -17.73 -60.41
CA ILE EB 149 -90.29 -17.54 -61.07
C ILE EB 149 -90.47 -16.62 -62.27
N LYS EB 150 -89.67 -15.55 -62.32
CA LYS EB 150 -89.64 -14.64 -63.46
C LYS EB 150 -88.42 -14.98 -64.30
N VAL EB 151 -88.65 -15.40 -65.54
CA VAL EB 151 -87.59 -15.81 -66.45
C VAL EB 151 -87.35 -14.69 -67.45
N HIS EB 152 -86.10 -14.22 -67.52
CA HIS EB 152 -85.72 -13.18 -68.47
C HIS EB 152 -85.22 -13.80 -69.77
N LEU EB 153 -85.64 -13.22 -70.89
CA LEU EB 153 -85.23 -13.62 -72.23
C LEU EB 153 -84.61 -12.43 -72.96
N ASP EB 154 -83.72 -12.75 -73.90
CA ASP EB 154 -83.08 -11.74 -74.75
C ASP EB 154 -84.09 -11.14 -75.73
N LYS EB 155 -83.77 -9.93 -76.21
CA LYS EB 155 -84.59 -9.21 -77.20
C LYS EB 155 -84.41 -9.75 -78.61
N ALA EB 156 -83.35 -10.48 -78.88
CA ALA EB 156 -83.29 -11.27 -80.08
C ALA EB 156 -84.49 -12.21 -80.09
N GLN EB 157 -85.31 -12.11 -81.15
CA GLN EB 157 -86.40 -13.05 -81.40
C GLN EB 157 -87.52 -12.83 -80.39
N GLN EB 158 -88.06 -11.60 -80.36
CA GLN EB 158 -89.27 -11.32 -79.57
C GLN EB 158 -90.46 -12.11 -80.11
N ASN EB 159 -90.84 -11.86 -81.38
CA ASN EB 159 -92.17 -12.25 -81.83
C ASN EB 159 -92.27 -13.72 -82.24
N ASN EB 160 -91.14 -14.41 -82.48
CA ASN EB 160 -91.21 -15.87 -82.61
C ASN EB 160 -91.70 -16.55 -81.34
N VAL EB 161 -91.26 -16.07 -80.17
CA VAL EB 161 -91.63 -16.71 -78.92
C VAL EB 161 -92.63 -15.88 -78.12
N GLU EB 162 -92.97 -14.67 -78.58
CA GLU EB 162 -93.88 -13.82 -77.81
C GLU EB 162 -95.28 -14.40 -77.72
N HIS EB 163 -95.70 -15.16 -78.72
CA HIS EB 163 -97.00 -15.81 -78.70
C HIS EB 163 -96.98 -17.19 -78.03
N LYS EB 164 -95.82 -17.62 -77.54
CA LYS EB 164 -95.71 -18.86 -76.78
C LYS EB 164 -95.46 -18.63 -75.30
N VAL EB 165 -95.62 -17.39 -74.83
CA VAL EB 165 -95.42 -17.12 -73.40
C VAL EB 165 -96.51 -17.79 -72.57
N GLU EB 166 -97.75 -17.74 -73.04
CA GLU EB 166 -98.85 -18.38 -72.32
C GLU EB 166 -98.69 -19.89 -72.31
N THR EB 167 -98.26 -20.47 -73.44
CA THR EB 167 -98.11 -21.92 -73.52
C THR EB 167 -97.01 -22.42 -72.61
N PHE EB 168 -95.85 -21.74 -72.62
CA PHE EB 168 -94.72 -22.19 -71.82
C PHE EB 168 -94.99 -22.04 -70.32
N SER EB 169 -95.87 -21.12 -69.94
CA SER EB 169 -96.28 -21.03 -68.54
C SER EB 169 -97.12 -22.23 -68.12
N GLY EB 170 -97.88 -22.80 -69.06
CA GLY EB 170 -98.69 -23.95 -68.77
C GLY EB 170 -97.94 -25.26 -68.85
N VAL EB 171 -96.91 -25.32 -69.70
CA VAL EB 171 -96.11 -26.54 -69.83
C VAL EB 171 -95.33 -26.81 -68.55
N TYR EB 172 -94.66 -25.77 -68.01
CA TYR EB 172 -93.89 -25.94 -66.79
C TYR EB 172 -94.79 -26.17 -65.59
N LYS EB 173 -95.99 -25.60 -65.60
CA LYS EB 173 -96.96 -25.87 -64.53
C LYS EB 173 -97.48 -27.29 -64.61
N LYS EB 174 -97.62 -27.83 -65.83
CA LYS EB 174 -98.12 -29.21 -65.97
C LYS EB 174 -97.05 -30.23 -65.56
N LEU EB 175 -95.77 -29.89 -65.72
CA LEU EB 175 -94.70 -30.83 -65.42
C LEU EB 175 -94.25 -30.71 -63.97
N THR EB 176 -93.84 -29.51 -63.55
CA THR EB 176 -93.33 -29.29 -62.20
C THR EB 176 -94.45 -28.88 -61.24
N GLY EB 177 -95.20 -27.84 -61.59
CA GLY EB 177 -96.24 -27.34 -60.73
C GLY EB 177 -95.89 -26.02 -60.08
N LYS EB 178 -95.14 -25.19 -60.80
CA LYS EB 178 -94.70 -23.89 -60.31
C LYS EB 178 -95.15 -22.81 -61.30
N ASP EB 179 -95.67 -21.71 -60.76
CA ASP EB 179 -96.12 -20.58 -61.58
C ASP EB 179 -94.91 -19.81 -62.06
N VAL EB 180 -94.69 -19.78 -63.37
CA VAL EB 180 -93.51 -19.15 -63.96
C VAL EB 180 -93.97 -18.15 -65.03
N ASN EB 181 -93.49 -16.92 -64.91
CA ASN EB 181 -93.76 -15.87 -65.88
C ASN EB 181 -92.48 -15.52 -66.63
N PHE EB 182 -92.64 -15.04 -67.86
CA PHE EB 182 -91.52 -14.78 -68.76
C PHE EB 182 -91.46 -13.30 -69.09
N GLU EB 183 -90.26 -12.73 -69.01
CA GLU EB 183 -90.04 -11.30 -69.17
C GLU EB 183 -89.10 -11.04 -70.34
N PHE EB 184 -89.00 -9.75 -70.69
CA PHE EB 184 -88.18 -9.31 -71.81
C PHE EB 184 -87.44 -8.05 -71.38
N PRO EB 185 -86.31 -8.20 -70.69
CA PRO EB 185 -85.49 -7.04 -70.34
C PRO EB 185 -84.63 -6.60 -71.52
N GLU EB 186 -84.14 -5.35 -71.42
CA GLU EB 186 -83.24 -4.81 -72.44
C GLU EB 186 -82.01 -4.11 -71.88
N PHE EB 187 -81.89 -3.93 -70.57
CA PHE EB 187 -80.86 -3.06 -69.99
C PHE EB 187 -79.44 -3.59 -70.14
N GLN EB 188 -79.27 -4.86 -70.51
CA GLN EB 188 -77.95 -5.41 -70.78
C GLN EB 188 -77.76 -5.73 -72.25
N LEU EB 189 -78.65 -6.51 -72.84
CA LEU EB 189 -78.55 -6.87 -74.25
C LEU EB 189 -79.90 -7.37 -74.78
N GLY FB 1 -47.50 -62.66 2.83
CA GLY FB 1 -46.79 -63.56 1.95
C GLY FB 1 -46.75 -63.04 0.53
N ILE FB 2 -46.28 -63.88 -0.39
CA ILE FB 2 -46.30 -63.53 -1.81
C ILE FB 2 -47.76 -63.45 -2.26
N SER FB 3 -48.09 -62.37 -2.98
CA SER FB 3 -49.48 -62.06 -3.28
C SER FB 3 -49.67 -61.84 -4.77
N ARG FB 4 -50.91 -61.97 -5.21
CA ARG FB 4 -51.33 -61.73 -6.59
C ARG FB 4 -52.23 -60.51 -6.61
N ASP FB 5 -51.63 -59.33 -6.78
CA ASP FB 5 -52.37 -58.08 -6.82
C ASP FB 5 -51.94 -57.23 -8.00
N ASN FB 6 -52.92 -56.63 -8.67
CA ASN FB 6 -52.65 -55.77 -9.82
C ASN FB 6 -52.31 -54.33 -9.44
N TRP FB 7 -52.78 -53.87 -8.27
CA TRP FB 7 -52.58 -52.48 -7.86
C TRP FB 7 -51.18 -52.20 -7.33
N HIS FB 8 -50.35 -53.23 -7.14
CA HIS FB 8 -49.00 -53.02 -6.65
C HIS FB 8 -48.03 -52.54 -7.72
N LYS FB 9 -48.44 -52.54 -8.99
CA LYS FB 9 -47.56 -52.20 -10.10
C LYS FB 9 -48.08 -50.96 -10.82
N ARG FB 10 -47.39 -50.60 -11.91
CA ARG FB 10 -47.59 -49.31 -12.56
C ARG FB 10 -48.86 -49.31 -13.41
N ARG FB 11 -49.22 -48.11 -13.88
CA ARG FB 11 -50.35 -47.93 -14.76
C ARG FB 11 -49.99 -48.35 -16.18
N LYS FB 12 -50.96 -48.22 -17.09
CA LYS FB 12 -50.69 -48.43 -18.51
C LYS FB 12 -49.75 -47.35 -19.04
N THR FB 13 -49.98 -46.09 -18.65
CA THR FB 13 -49.15 -45.00 -19.13
C THR FB 13 -47.76 -44.98 -18.49
N GLY FB 14 -47.59 -45.65 -17.35
CA GLY FB 14 -46.32 -45.69 -16.66
C GLY FB 14 -46.31 -45.05 -15.29
N GLY FB 15 -47.41 -44.44 -14.87
CA GLY FB 15 -47.46 -43.87 -13.53
C GLY FB 15 -47.51 -44.94 -12.47
N LYS FB 16 -47.14 -44.55 -11.25
CA LYS FB 16 -47.04 -45.48 -10.13
C LYS FB 16 -48.29 -45.39 -9.26
N ARG FB 17 -48.94 -46.54 -9.04
CA ARG FB 17 -50.07 -46.58 -8.14
C ARG FB 17 -49.61 -46.46 -6.68
N LYS FB 18 -50.45 -45.84 -5.86
CA LYS FB 18 -50.22 -45.74 -4.44
C LYS FB 18 -51.26 -46.57 -3.71
N PRO FB 19 -50.85 -47.51 -2.86
CA PRO FB 19 -51.83 -48.40 -2.21
C PRO FB 19 -52.71 -47.66 -1.22
N TYR FB 20 -53.95 -48.13 -1.13
CA TYR FB 20 -54.91 -47.61 -0.17
C TYR FB 20 -55.35 -48.65 0.85
N HIS FB 21 -54.79 -49.86 0.81
CA HIS FB 21 -55.08 -50.90 1.78
C HIS FB 21 -53.91 -51.86 1.81
N LYS FB 22 -53.84 -52.66 2.87
CA LYS FB 22 -52.80 -53.67 2.99
C LYS FB 22 -53.18 -54.90 2.18
N LYS FB 23 -52.37 -55.95 2.31
CA LYS FB 23 -52.58 -57.16 1.52
C LYS FB 23 -53.84 -57.90 1.96
N ARG FB 24 -54.66 -58.28 0.98
CA ARG FB 24 -55.90 -58.99 1.24
C ARG FB 24 -55.67 -60.50 1.16
N LYS FB 25 -56.58 -61.25 1.77
CA LYS FB 25 -56.45 -62.71 1.83
C LYS FB 25 -56.81 -63.37 0.50
N TYR FB 26 -57.68 -62.76 -0.30
CA TYR FB 26 -58.08 -63.34 -1.58
C TYR FB 26 -57.07 -63.07 -2.69
N GLU FB 27 -56.05 -62.24 -2.43
CA GLU FB 27 -54.96 -62.02 -3.35
C GLU FB 27 -53.77 -62.93 -3.07
N LEU FB 28 -54.01 -64.04 -2.38
CA LEU FB 28 -52.95 -64.90 -1.88
C LEU FB 28 -52.27 -65.68 -3.01
N GLY FB 29 -50.94 -65.77 -2.91
CA GLY FB 29 -50.18 -66.64 -3.76
C GLY FB 29 -49.32 -67.57 -2.92
N ARG FB 30 -49.09 -68.76 -3.46
CA ARG FB 30 -48.37 -69.79 -2.72
C ARG FB 30 -47.09 -70.19 -3.45
N PRO FB 31 -46.11 -70.75 -2.75
CA PRO FB 31 -44.91 -71.26 -3.43
C PRO FB 31 -45.24 -72.39 -4.39
N ALA FB 32 -44.40 -72.51 -5.42
CA ALA FB 32 -44.61 -73.48 -6.48
C ALA FB 32 -44.41 -74.91 -5.97
N ALA FB 33 -45.08 -75.85 -6.64
CA ALA FB 33 -44.95 -77.26 -6.28
C ALA FB 33 -43.60 -77.82 -6.70
N ASN FB 34 -43.30 -77.72 -8.00
CA ASN FB 34 -42.07 -78.23 -8.61
C ASN FB 34 -41.90 -79.73 -8.32
N THR FB 35 -42.84 -80.51 -8.82
CA THR FB 35 -42.81 -81.95 -8.60
C THR FB 35 -41.71 -82.60 -9.43
N LYS FB 36 -41.12 -83.66 -8.88
CA LYS FB 36 -40.01 -84.36 -9.51
C LYS FB 36 -40.36 -85.83 -9.72
N ILE FB 37 -39.37 -86.63 -10.13
CA ILE FB 37 -39.57 -88.04 -10.39
C ILE FB 37 -39.27 -88.82 -9.11
N GLY FB 38 -40.24 -89.61 -8.65
CA GLY FB 38 -40.08 -90.40 -7.45
C GLY FB 38 -41.37 -91.05 -7.00
N PRO FB 39 -41.32 -91.77 -5.88
CA PRO FB 39 -42.54 -92.34 -5.31
C PRO FB 39 -43.56 -91.26 -4.95
N ARG FB 40 -44.82 -91.65 -4.98
CA ARG FB 40 -45.93 -90.70 -4.87
C ARG FB 40 -45.94 -89.97 -3.54
N ARG FB 41 -45.60 -88.68 -3.55
CA ARG FB 41 -45.62 -87.82 -2.38
C ARG FB 41 -46.39 -86.55 -2.77
N ILE FB 42 -47.69 -86.56 -2.52
CA ILE FB 42 -48.58 -85.46 -2.86
C ILE FB 42 -49.15 -84.87 -1.58
N HIS FB 43 -49.05 -83.56 -1.45
CA HIS FB 43 -49.54 -82.84 -0.27
C HIS FB 43 -50.82 -82.11 -0.63
N THR FB 44 -51.89 -82.35 0.14
CA THR FB 44 -53.14 -81.65 -0.08
C THR FB 44 -53.16 -80.34 0.72
N VAL FB 45 -53.67 -79.28 0.10
CA VAL FB 45 -53.74 -77.96 0.70
C VAL FB 45 -55.15 -77.43 0.54
N ARG FB 46 -55.65 -76.76 1.59
CA ARG FB 46 -56.96 -76.13 1.52
C ARG FB 46 -56.87 -74.82 0.73
N VAL FB 47 -57.86 -74.58 -0.12
CA VAL FB 47 -57.90 -73.37 -0.93
C VAL FB 47 -59.21 -72.62 -0.67
N ARG FB 48 -59.41 -71.52 -1.40
CA ARG FB 48 -60.60 -70.68 -1.22
C ARG FB 48 -61.88 -71.47 -1.46
N GLY FB 49 -62.88 -71.22 -0.61
CA GLY FB 49 -64.13 -71.95 -0.68
C GLY FB 49 -64.16 -73.26 0.06
N GLY FB 50 -63.13 -73.55 0.86
CA GLY FB 50 -63.07 -74.81 1.59
C GLY FB 50 -62.91 -76.00 0.67
N ASN FB 51 -62.13 -75.85 -0.39
CA ASN FB 51 -61.85 -76.90 -1.35
C ASN FB 51 -60.44 -77.44 -1.11
N LYS FB 52 -60.03 -78.38 -1.97
CA LYS FB 52 -58.74 -79.03 -1.82
C LYS FB 52 -57.97 -78.97 -3.13
N LYS FB 53 -56.67 -78.67 -3.03
CA LYS FB 53 -55.76 -78.74 -4.15
C LYS FB 53 -54.61 -79.68 -3.80
N TYR FB 54 -54.18 -80.47 -4.77
CA TYR FB 54 -53.23 -81.56 -4.55
C TYR FB 54 -51.86 -81.11 -5.07
N ARG FB 55 -51.01 -80.68 -4.15
CA ARG FB 55 -49.66 -80.21 -4.48
C ARG FB 55 -48.75 -81.42 -4.63
N ALA FB 56 -48.56 -81.87 -5.86
CA ALA FB 56 -47.66 -82.98 -6.12
C ALA FB 56 -46.21 -82.53 -5.97
N LEU FB 57 -45.39 -83.40 -5.38
CA LEU FB 57 -43.97 -83.13 -5.20
C LEU FB 57 -43.07 -84.21 -5.78
N ARG FB 58 -43.50 -85.46 -5.82
CA ARG FB 58 -42.79 -86.54 -6.50
C ARG FB 58 -43.80 -87.43 -7.19
N LEU FB 59 -43.61 -87.65 -8.48
CA LEU FB 59 -44.53 -88.45 -9.28
C LEU FB 59 -43.75 -89.43 -10.14
N ASP FB 60 -44.30 -90.63 -10.30
CA ASP FB 60 -43.65 -91.69 -11.05
C ASP FB 60 -44.45 -92.19 -12.25
N VAL FB 61 -45.77 -92.30 -12.13
CA VAL FB 61 -46.60 -92.87 -13.18
C VAL FB 61 -47.58 -91.80 -13.66
N GLY FB 62 -48.20 -92.09 -14.80
CA GLY FB 62 -49.18 -91.18 -15.37
C GLY FB 62 -50.02 -91.89 -16.41
N ASN FB 63 -51.26 -91.42 -16.58
CA ASN FB 63 -52.21 -92.03 -17.50
C ASN FB 63 -52.12 -91.33 -18.85
N PHE FB 64 -51.02 -91.60 -19.57
CA PHE FB 64 -50.82 -91.05 -20.89
C PHE FB 64 -51.71 -91.75 -21.91
N SER FB 65 -51.94 -91.07 -23.03
CA SER FB 65 -52.90 -91.52 -24.04
C SER FB 65 -52.23 -91.63 -25.40
N TRP FB 66 -52.66 -92.63 -26.16
CA TRP FB 66 -52.25 -92.84 -27.55
C TRP FB 66 -53.52 -92.72 -28.38
N GLY FB 67 -53.73 -91.54 -28.96
CA GLY FB 67 -54.99 -91.18 -29.56
C GLY FB 67 -55.34 -91.77 -30.91
N SER FB 68 -54.37 -92.32 -31.65
CA SER FB 68 -54.70 -92.94 -32.93
C SER FB 68 -55.45 -94.25 -32.73
N GLU FB 69 -55.02 -95.07 -31.77
CA GLU FB 69 -55.65 -96.34 -31.49
C GLU FB 69 -56.75 -96.23 -30.44
N CYS FB 70 -57.05 -95.01 -29.97
CA CYS FB 70 -58.11 -94.74 -29.00
C CYS FB 70 -57.93 -95.55 -27.72
N CYS FB 71 -56.67 -95.67 -27.27
CA CYS FB 71 -56.34 -96.40 -26.07
C CYS FB 71 -55.42 -95.57 -25.18
N THR FB 72 -55.59 -95.70 -23.87
CA THR FB 72 -54.72 -95.06 -22.90
C THR FB 72 -54.40 -96.05 -21.78
N ARG FB 73 -53.19 -95.93 -21.23
CA ARG FB 73 -52.73 -96.83 -20.18
C ARG FB 73 -51.85 -96.07 -19.21
N LYS FB 74 -51.71 -96.62 -18.00
CA LYS FB 74 -50.85 -96.06 -16.97
C LYS FB 74 -49.44 -96.62 -17.13
N THR FB 75 -48.46 -95.74 -17.28
CA THR FB 75 -47.08 -96.13 -17.46
C THR FB 75 -46.18 -95.26 -16.58
N ARG FB 76 -45.03 -95.80 -16.20
CA ARG FB 76 -44.12 -95.10 -15.31
C ARG FB 76 -43.20 -94.16 -16.10
N ILE FB 77 -43.09 -92.92 -15.62
CA ILE FB 77 -42.22 -91.94 -16.28
C ILE FB 77 -40.80 -92.12 -15.79
N ILE FB 78 -39.84 -92.09 -16.72
CA ILE FB 78 -38.45 -92.31 -16.38
C ILE FB 78 -37.58 -91.06 -16.53
N ASP FB 79 -37.72 -90.30 -17.62
CA ASP FB 79 -36.80 -89.19 -17.90
C ASP FB 79 -37.59 -88.00 -18.40
N VAL FB 80 -36.99 -86.82 -18.24
CA VAL FB 80 -37.49 -85.57 -18.80
C VAL FB 80 -36.43 -85.03 -19.75
N VAL FB 81 -36.81 -84.78 -21.00
CA VAL FB 81 -35.88 -84.42 -22.05
C VAL FB 81 -36.03 -82.95 -22.48
N TYR FB 82 -37.26 -82.45 -22.57
CA TYR FB 82 -37.49 -81.13 -23.11
C TYR FB 82 -38.60 -80.44 -22.34
N ASN FB 83 -38.42 -79.13 -22.09
CA ASN FB 83 -39.46 -78.27 -21.56
C ASN FB 83 -39.38 -76.94 -22.28
N ALA FB 84 -40.52 -76.48 -22.79
CA ALA FB 84 -40.53 -75.29 -23.64
C ALA FB 84 -40.37 -74.00 -22.84
N SER FB 85 -40.86 -73.98 -21.59
CA SER FB 85 -40.82 -72.75 -20.81
C SER FB 85 -39.41 -72.37 -20.40
N ASN FB 86 -38.64 -73.32 -19.87
CA ASN FB 86 -37.32 -73.00 -19.36
C ASN FB 86 -36.40 -74.19 -19.57
N ASN FB 87 -35.10 -73.90 -19.70
CA ASN FB 87 -34.10 -74.95 -19.84
C ASN FB 87 -33.59 -75.48 -18.50
N GLU FB 88 -33.79 -74.73 -17.41
CA GLU FB 88 -33.40 -75.20 -16.09
C GLU FB 88 -34.38 -76.21 -15.52
N LEU FB 89 -35.58 -76.32 -16.11
CA LEU FB 89 -36.52 -77.37 -15.75
C LEU FB 89 -36.22 -78.69 -16.44
N VAL FB 90 -35.22 -78.71 -17.32
CA VAL FB 90 -34.76 -79.96 -17.91
C VAL FB 90 -33.59 -80.52 -17.12
N ARG FB 91 -32.62 -79.66 -16.79
CA ARG FB 91 -31.50 -80.07 -15.94
C ARG FB 91 -31.99 -80.50 -14.56
N THR FB 92 -32.77 -79.64 -13.90
CA THR FB 92 -33.52 -80.04 -12.72
C THR FB 92 -34.85 -80.60 -13.22
N LYS FB 93 -34.97 -81.93 -13.22
CA LYS FB 93 -36.07 -82.59 -13.91
C LYS FB 93 -37.40 -82.33 -13.21
N THR FB 94 -38.11 -81.31 -13.66
CA THR FB 94 -39.35 -80.86 -13.06
C THR FB 94 -40.51 -81.10 -14.02
N LEU FB 95 -41.62 -81.57 -13.47
CA LEU FB 95 -42.83 -81.83 -14.25
C LEU FB 95 -43.82 -80.69 -14.07
N VAL FB 96 -44.13 -80.00 -15.16
CA VAL FB 96 -45.26 -79.08 -15.21
C VAL FB 96 -46.06 -79.42 -16.46
N LYS FB 97 -47.10 -78.62 -16.71
CA LYS FB 97 -47.91 -78.85 -17.91
C LYS FB 97 -47.07 -78.56 -19.15
N ASN FB 98 -47.26 -79.38 -20.19
CA ASN FB 98 -46.50 -79.31 -21.44
C ASN FB 98 -45.01 -79.53 -21.21
N CYS FB 99 -44.69 -80.72 -20.69
CA CYS FB 99 -43.32 -81.20 -20.60
C CYS FB 99 -43.16 -82.45 -21.46
N ILE FB 100 -42.07 -82.51 -22.21
CA ILE FB 100 -41.74 -83.67 -23.03
C ILE FB 100 -40.96 -84.64 -22.13
N VAL FB 101 -41.60 -85.75 -21.76
CA VAL FB 101 -40.98 -86.71 -20.86
C VAL FB 101 -40.77 -88.03 -21.58
N LEU FB 102 -40.10 -88.97 -20.91
CA LEU FB 102 -39.84 -90.29 -21.46
C LEU FB 102 -40.54 -91.34 -20.60
N ILE FB 103 -41.14 -92.33 -21.25
CA ILE FB 103 -41.89 -93.38 -20.57
C ILE FB 103 -41.53 -94.73 -21.15
N ASP FB 104 -41.81 -95.78 -20.37
CA ASP FB 104 -41.60 -97.13 -20.82
C ASP FB 104 -42.66 -97.54 -21.85
N SER FB 105 -42.30 -98.49 -22.70
CA SER FB 105 -43.14 -98.86 -23.83
C SER FB 105 -43.95 -100.13 -23.59
N THR FB 106 -43.59 -100.94 -22.60
CA THR FB 106 -44.25 -102.22 -22.34
C THR FB 106 -45.77 -102.12 -22.09
N PRO FB 107 -46.31 -101.12 -21.38
CA PRO FB 107 -47.78 -101.04 -21.30
C PRO FB 107 -48.47 -100.83 -22.64
N TYR FB 108 -47.83 -100.13 -23.58
CA TYR FB 108 -48.44 -99.92 -24.89
C TYR FB 108 -48.05 -101.01 -25.88
N ARG FB 109 -46.85 -101.57 -25.72
CA ARG FB 109 -46.39 -102.64 -26.62
C ARG FB 109 -47.24 -103.90 -26.47
N GLN FB 110 -47.62 -104.24 -25.24
CA GLN FB 110 -48.42 -105.45 -25.03
C GLN FB 110 -49.81 -105.31 -25.62
N TRP FB 111 -50.36 -104.09 -25.60
CA TRP FB 111 -51.67 -103.85 -26.20
C TRP FB 111 -51.65 -104.09 -27.70
N TYR FB 112 -50.57 -103.70 -28.38
CA TYR FB 112 -50.41 -104.04 -29.79
C TYR FB 112 -50.27 -105.54 -29.98
N GLU FB 113 -49.59 -106.21 -29.04
CA GLU FB 113 -49.38 -107.64 -29.12
C GLU FB 113 -50.55 -108.46 -28.56
N SER FB 114 -51.59 -107.80 -28.04
CA SER FB 114 -52.79 -108.50 -27.58
C SER FB 114 -53.97 -108.23 -28.50
N HIS FB 115 -54.30 -106.95 -28.73
CA HIS FB 115 -55.46 -106.62 -29.55
C HIS FB 115 -55.20 -106.86 -31.03
N TYR FB 116 -53.98 -106.60 -31.50
CA TYR FB 116 -53.58 -106.93 -32.86
C TYR FB 116 -52.66 -108.14 -32.97
N ALA FB 117 -51.82 -108.37 -31.95
CA ALA FB 117 -50.92 -109.51 -31.88
C ALA FB 117 -49.97 -109.57 -33.09
N LEU FB 118 -49.16 -108.53 -33.20
CA LEU FB 118 -48.13 -108.41 -34.23
C LEU FB 118 -46.82 -107.97 -33.59
N PRO FB 119 -45.67 -108.36 -34.16
CA PRO FB 119 -44.39 -108.01 -33.54
C PRO FB 119 -44.03 -106.54 -33.65
N LEU FB 120 -44.03 -105.87 -32.50
CA LEU FB 120 -43.59 -104.49 -32.38
C LEU FB 120 -42.46 -104.43 -31.37
N GLY FB 121 -41.51 -103.54 -31.60
CA GLY FB 121 -40.23 -103.66 -30.92
C GLY FB 121 -39.60 -104.94 -31.41
N ARG FB 122 -39.07 -105.74 -30.46
CA ARG FB 122 -38.69 -107.13 -30.71
C ARG FB 122 -37.67 -107.24 -31.84
N LYS FB 123 -36.48 -106.69 -31.58
CA LYS FB 123 -35.40 -106.77 -32.55
C LYS FB 123 -35.10 -108.22 -32.88
N LYS FB 124 -35.01 -108.51 -34.18
CA LYS FB 124 -35.01 -109.89 -34.66
C LYS FB 124 -33.78 -110.65 -34.19
N GLY FB 125 -34.00 -111.89 -33.77
CA GLY FB 125 -32.95 -112.71 -33.22
C GLY FB 125 -33.35 -113.38 -31.91
N ALA FB 126 -34.24 -112.74 -31.16
CA ALA FB 126 -34.69 -113.23 -29.86
C ALA FB 126 -36.20 -113.43 -29.88
N LYS FB 127 -36.66 -114.54 -29.30
CA LYS FB 127 -38.08 -114.85 -29.20
C LYS FB 127 -38.50 -114.84 -27.73
N LEU FB 128 -39.79 -114.60 -27.51
CA LEU FB 128 -40.33 -114.45 -26.16
C LEU FB 128 -40.24 -115.77 -25.40
N THR FB 129 -39.51 -115.77 -24.29
CA THR FB 129 -39.37 -116.93 -23.42
C THR FB 129 -40.58 -117.21 -22.52
N PRO FB 130 -41.30 -116.21 -21.98
CA PRO FB 130 -42.55 -116.54 -21.26
C PRO FB 130 -43.62 -117.17 -22.14
N GLU FB 131 -43.55 -117.01 -23.46
CA GLU FB 131 -44.40 -117.65 -24.46
C GLU FB 131 -45.86 -117.21 -24.38
N GLU FB 132 -46.21 -116.22 -23.55
CA GLU FB 132 -47.61 -115.83 -23.41
C GLU FB 132 -48.12 -115.08 -24.64
N GLU FB 133 -47.32 -114.15 -25.18
CA GLU FB 133 -47.74 -113.43 -26.37
C GLU FB 133 -47.71 -114.33 -27.61
N GLU FB 134 -46.82 -115.32 -27.63
CA GLU FB 134 -46.82 -116.30 -28.72
C GLU FB 134 -48.11 -117.11 -28.73
N ILE FB 135 -48.64 -117.45 -27.56
CA ILE FB 135 -49.94 -118.09 -27.49
C ILE FB 135 -51.03 -117.15 -27.99
N LEU FB 136 -50.93 -115.87 -27.64
CA LEU FB 136 -51.92 -114.88 -28.03
C LEU FB 136 -51.84 -114.52 -29.52
N ASN FB 137 -50.70 -114.75 -30.17
CA ASN FB 137 -50.61 -114.50 -31.60
C ASN FB 137 -51.43 -115.50 -32.40
N LYS FB 138 -51.44 -116.75 -31.97
CA LYS FB 138 -52.11 -117.85 -32.66
C LYS FB 138 -53.31 -118.33 -31.84
N LYS FB 139 -53.89 -119.45 -32.28
CA LYS FB 139 -54.98 -120.14 -31.56
C LYS FB 139 -56.23 -119.28 -31.49
N ARG FB 140 -56.62 -118.72 -32.63
CA ARG FB 140 -57.87 -117.99 -32.74
C ARG FB 140 -58.98 -118.89 -33.26
N SER FB 141 -60.22 -118.49 -33.02
CA SER FB 141 -61.35 -119.22 -33.58
C SER FB 141 -61.48 -118.94 -35.07
N LYS FB 142 -62.09 -119.89 -35.79
CA LYS FB 142 -62.21 -119.75 -37.24
C LYS FB 142 -63.15 -118.61 -37.61
N LYS FB 143 -64.23 -118.42 -36.84
CA LYS FB 143 -65.17 -117.34 -37.12
C LYS FB 143 -64.64 -115.97 -36.70
N ILE FB 144 -63.75 -115.91 -35.70
CA ILE FB 144 -63.17 -114.64 -35.28
C ILE FB 144 -61.90 -114.32 -36.03
N GLN FB 145 -61.34 -115.28 -36.78
CA GLN FB 145 -60.13 -115.01 -37.55
C GLN FB 145 -60.38 -114.00 -38.66
N LYS FB 146 -61.55 -114.06 -39.30
CA LYS FB 146 -61.88 -113.07 -40.32
C LYS FB 146 -61.99 -111.67 -39.72
N LYS FB 147 -62.59 -111.55 -38.54
CA LYS FB 147 -62.59 -110.27 -37.84
C LYS FB 147 -61.18 -109.88 -37.42
N TYR FB 148 -60.38 -110.87 -37.00
CA TYR FB 148 -58.98 -110.62 -36.68
C TYR FB 148 -58.19 -110.20 -37.92
N ASP FB 149 -58.50 -110.78 -39.09
CA ASP FB 149 -57.79 -110.44 -40.30
C ASP FB 149 -58.15 -109.05 -40.82
N GLU FB 150 -59.30 -108.51 -40.42
CA GLU FB 150 -59.64 -107.14 -40.77
C GLU FB 150 -59.00 -106.12 -39.84
N ARG FB 151 -58.39 -106.57 -38.74
CA ARG FB 151 -57.65 -105.68 -37.85
C ARG FB 151 -56.29 -105.30 -38.42
N LYS FB 152 -55.83 -105.99 -39.46
CA LYS FB 152 -54.54 -105.71 -40.08
C LYS FB 152 -54.63 -104.66 -41.18
N LYS FB 153 -55.83 -104.18 -41.50
CA LYS FB 153 -55.95 -103.09 -42.46
C LYS FB 153 -55.41 -101.78 -41.89
N ASN FB 154 -55.55 -101.57 -40.58
CA ASN FB 154 -55.03 -100.39 -39.91
C ASN FB 154 -53.95 -100.75 -38.89
N ALA FB 155 -53.18 -101.81 -39.15
CA ALA FB 155 -52.12 -102.25 -38.24
C ALA FB 155 -50.77 -101.65 -38.61
N LYS FB 156 -50.77 -100.59 -39.40
CA LYS FB 156 -49.54 -99.92 -39.79
C LYS FB 156 -49.24 -98.78 -38.83
N ILE FB 157 -47.94 -98.56 -38.60
CA ILE FB 157 -47.47 -97.58 -37.63
C ILE FB 157 -46.37 -96.75 -38.29
N SER FB 158 -46.28 -95.49 -37.87
CA SER FB 158 -45.26 -94.60 -38.41
C SER FB 158 -43.88 -95.03 -37.94
N SER FB 159 -42.87 -94.79 -38.77
CA SER FB 159 -41.51 -95.23 -38.48
C SER FB 159 -40.94 -94.54 -37.25
N LEU FB 160 -41.21 -93.24 -37.10
CA LEU FB 160 -40.69 -92.51 -35.95
C LEU FB 160 -41.32 -92.98 -34.65
N LEU FB 161 -42.63 -93.27 -34.66
CA LEU FB 161 -43.26 -93.85 -33.50
C LEU FB 161 -42.80 -95.28 -33.26
N GLU FB 162 -42.54 -96.02 -34.34
CA GLU FB 162 -41.99 -97.38 -34.21
C GLU FB 162 -40.54 -97.37 -33.74
N GLU FB 163 -39.79 -96.31 -34.09
CA GLU FB 163 -38.38 -96.25 -33.71
C GLU FB 163 -38.19 -96.16 -32.20
N GLN FB 164 -39.00 -95.36 -31.52
CA GLN FB 164 -38.86 -95.25 -30.07
C GLN FB 164 -39.40 -96.47 -29.36
N PHE FB 165 -40.24 -97.27 -30.04
CA PHE FB 165 -40.64 -98.55 -29.47
C PHE FB 165 -39.50 -99.55 -29.46
N GLN FB 166 -38.48 -99.36 -30.32
CA GLN FB 166 -37.36 -100.28 -30.36
C GLN FB 166 -36.57 -100.24 -29.05
N GLN FB 167 -36.20 -99.03 -28.59
CA GLN FB 167 -35.46 -98.91 -27.34
C GLN FB 167 -36.35 -98.97 -26.11
N GLY FB 168 -37.67 -98.84 -26.26
CA GLY FB 168 -38.59 -98.92 -25.15
C GLY FB 168 -38.87 -97.61 -24.45
N LYS FB 169 -38.37 -96.49 -24.97
CA LYS FB 169 -38.54 -95.17 -24.34
C LYS FB 169 -39.34 -94.29 -25.28
N LEU FB 170 -40.57 -93.94 -24.88
CA LEU FB 170 -41.46 -93.14 -25.70
C LEU FB 170 -41.47 -91.69 -25.23
N LEU FB 171 -41.45 -90.77 -26.19
CA LEU FB 171 -41.64 -89.36 -25.89
C LEU FB 171 -43.12 -89.06 -25.70
N ALA FB 172 -43.44 -88.30 -24.66
CA ALA FB 172 -44.82 -87.98 -24.32
C ALA FB 172 -44.90 -86.59 -23.72
N CYS FB 173 -46.03 -85.92 -23.93
CA CYS FB 173 -46.24 -84.55 -23.48
C CYS FB 173 -47.22 -84.52 -22.32
N ILE FB 174 -46.89 -83.74 -21.28
CA ILE FB 174 -47.79 -83.59 -20.15
C ILE FB 174 -48.96 -82.71 -20.56
N ALA FB 175 -50.17 -83.19 -20.30
CA ALA FB 175 -51.37 -82.41 -20.59
C ALA FB 175 -52.08 -81.92 -19.33
N SER FB 176 -52.09 -82.71 -18.26
CA SER FB 176 -52.70 -82.25 -17.02
C SER FB 176 -51.75 -81.33 -16.27
N ARG FB 177 -52.32 -80.44 -15.47
CA ARG FB 177 -51.53 -79.54 -14.64
C ARG FB 177 -51.22 -80.21 -13.30
N PRO FB 178 -49.95 -80.43 -12.97
CA PRO FB 178 -49.63 -81.38 -11.89
C PRO FB 178 -49.75 -80.83 -10.48
N GLY FB 179 -49.43 -79.55 -10.26
CA GLY FB 179 -49.41 -79.03 -8.91
C GLY FB 179 -50.78 -78.76 -8.32
N GLN FB 180 -51.83 -78.83 -9.13
CA GLN FB 180 -53.18 -78.50 -8.67
C GLN FB 180 -54.02 -79.74 -8.40
N CYS FB 181 -54.16 -80.62 -9.38
CA CYS FB 181 -54.96 -81.83 -9.21
C CYS FB 181 -54.14 -83.02 -8.73
N GLY FB 182 -52.81 -82.94 -8.78
CA GLY FB 182 -51.94 -83.96 -8.27
C GLY FB 182 -51.53 -85.02 -9.28
N ARG FB 183 -52.26 -85.12 -10.39
CA ARG FB 183 -51.97 -86.14 -11.38
C ARG FB 183 -50.95 -85.64 -12.41
N ALA FB 184 -50.47 -86.57 -13.22
CA ALA FB 184 -49.49 -86.29 -14.27
C ALA FB 184 -49.91 -86.95 -15.57
N ASP FB 185 -51.16 -86.75 -15.97
CA ASP FB 185 -51.67 -87.34 -17.20
C ASP FB 185 -51.21 -86.52 -18.40
N GLY FB 186 -51.32 -87.13 -19.58
CA GLY FB 186 -50.87 -86.50 -20.81
C GLY FB 186 -51.13 -87.34 -22.05
N TYR FB 187 -50.27 -87.20 -23.06
CA TYR FB 187 -50.45 -87.93 -24.31
C TYR FB 187 -49.10 -88.13 -24.97
N VAL FB 188 -49.06 -89.08 -25.91
CA VAL FB 188 -47.85 -89.44 -26.63
C VAL FB 188 -47.73 -88.59 -27.90
N LEU FB 189 -46.52 -88.10 -28.17
CA LEU FB 189 -46.26 -87.32 -29.37
C LEU FB 189 -46.45 -88.18 -30.62
N GLU FB 190 -47.16 -87.65 -31.61
CA GLU FB 190 -47.46 -88.38 -32.84
C GLU FB 190 -47.25 -87.48 -34.04
N GLY FB 191 -46.58 -88.02 -35.07
CA GLY FB 191 -46.50 -87.39 -36.38
C GLY FB 191 -45.87 -86.01 -36.43
N LYS FB 192 -46.67 -85.02 -36.83
CA LYS FB 192 -46.19 -83.65 -36.91
C LYS FB 192 -45.79 -83.13 -35.54
N GLU FB 193 -46.56 -83.47 -34.51
CA GLU FB 193 -46.21 -83.09 -33.14
C GLU FB 193 -44.90 -83.76 -32.71
N LEU FB 194 -44.72 -85.04 -33.07
CA LEU FB 194 -43.55 -85.77 -32.64
C LEU FB 194 -42.29 -85.29 -33.34
N GLU FB 195 -42.36 -85.02 -34.64
CA GLU FB 195 -41.18 -84.63 -35.40
C GLU FB 195 -40.70 -83.22 -35.08
N PHE FB 196 -41.54 -82.39 -34.46
CA PHE FB 196 -41.14 -81.02 -34.15
C PHE FB 196 -40.10 -80.99 -33.02
N TYR FB 197 -40.36 -81.71 -31.93
CA TYR FB 197 -39.42 -81.70 -30.81
C TYR FB 197 -38.16 -82.51 -31.13
N LEU FB 198 -38.27 -83.49 -32.03
CA LEU FB 198 -37.08 -84.24 -32.46
C LEU FB 198 -36.06 -83.32 -33.14
N ARG FB 199 -36.54 -82.32 -33.89
CA ARG FB 199 -35.66 -81.29 -34.39
C ARG FB 199 -35.11 -80.42 -33.26
N LYS FB 200 -35.94 -80.13 -32.25
CA LYS FB 200 -35.52 -79.29 -31.14
C LYS FB 200 -34.58 -80.02 -30.19
N ILE FB 201 -34.82 -81.32 -29.95
CA ILE FB 201 -33.93 -82.10 -29.10
C ILE FB 201 -32.57 -82.25 -29.75
N LYS FB 202 -32.54 -82.46 -31.08
CA LYS FB 202 -31.27 -82.49 -31.80
C LYS FB 202 -30.57 -81.14 -31.73
N ALA FB 203 -31.34 -80.05 -31.83
CA ALA FB 203 -30.77 -78.72 -31.65
C ALA FB 203 -30.28 -78.50 -30.22
N ARG FB 204 -30.95 -79.12 -29.24
CA ARG FB 204 -30.46 -79.06 -27.86
C ARG FB 204 -29.12 -79.77 -27.72
N LYS FB 205 -28.96 -80.92 -28.38
CA LYS FB 205 -27.70 -81.65 -28.32
C LYS FB 205 -26.65 -81.00 -29.21
N GLY FB 206 -26.96 -80.87 -30.50
CA GLY FB 206 -26.03 -80.27 -31.44
C GLY FB 206 -24.97 -81.24 -31.93
N PRO GB 1 -76.42 -44.19 14.35
CA PRO GB 1 -77.67 -43.99 13.61
C PRO GB 1 -78.92 -44.06 14.49
N VAL GB 2 -79.77 -43.05 14.37
CA VAL GB 2 -81.05 -43.00 15.06
C VAL GB 2 -82.14 -42.69 14.04
N ALA GB 3 -83.36 -43.10 14.36
CA ALA GB 3 -84.50 -42.96 13.44
C ALA GB 3 -85.33 -41.76 13.88
N ARG GB 4 -85.07 -40.62 13.25
CA ARG GB 4 -85.80 -39.39 13.57
C ARG GB 4 -85.75 -38.46 12.36
N SER GB 5 -86.16 -37.21 12.56
CA SER GB 5 -86.43 -36.29 11.46
C SER GB 5 -85.18 -35.58 10.94
N TRP GB 6 -84.49 -34.85 11.83
CA TRP GB 6 -83.37 -33.96 11.47
C TRP GB 6 -83.80 -32.94 10.42
N VAL GB 7 -85.02 -32.42 10.55
CA VAL GB 7 -85.56 -31.46 9.59
C VAL GB 7 -85.86 -30.19 10.38
N CYS GB 8 -84.94 -29.23 10.32
CA CYS GB 8 -85.16 -27.89 10.85
C CYS GB 8 -85.43 -26.94 9.69
N ARG GB 9 -86.45 -26.10 9.86
CA ARG GB 9 -86.89 -25.25 8.75
C ARG GB 9 -87.44 -23.94 9.32
N LYS GB 10 -86.96 -22.82 8.78
CA LYS GB 10 -87.47 -21.52 9.15
C LYS GB 10 -88.84 -21.30 8.51
N THR GB 11 -89.73 -20.65 9.26
CA THR GB 11 -91.06 -20.30 8.78
C THR GB 11 -91.17 -18.85 8.35
N TYR GB 12 -90.06 -18.11 8.34
CA TYR GB 12 -90.08 -16.69 8.04
C TYR GB 12 -88.77 -16.29 7.38
N VAL GB 13 -88.80 -15.18 6.66
CA VAL GB 13 -87.62 -14.63 6.01
C VAL GB 13 -87.51 -13.16 6.39
N THR GB 14 -86.36 -12.78 6.95
CA THR GB 14 -86.13 -11.39 7.31
C THR GB 14 -85.95 -10.55 6.05
N PRO GB 15 -86.36 -9.28 6.07
CA PRO GB 15 -86.18 -8.44 4.89
C PRO GB 15 -84.71 -8.12 4.64
N ARG GB 16 -84.40 -7.82 3.38
CA ARG GB 16 -83.04 -7.47 3.01
C ARG GB 16 -82.63 -6.12 3.58
N ARG GB 17 -83.54 -5.16 3.62
CA ARG GB 17 -83.30 -3.87 4.24
C ARG GB 17 -83.89 -3.87 5.64
N PRO GB 18 -83.09 -3.61 6.67
CA PRO GB 18 -83.62 -3.62 8.04
C PRO GB 18 -84.31 -2.33 8.48
N PHE GB 19 -83.87 -1.18 7.97
CA PHE GB 19 -84.07 0.09 8.66
C PHE GB 19 -84.70 1.15 7.74
N GLU GB 20 -85.62 0.73 6.87
CA GLU GB 20 -86.27 1.68 5.97
C GLU GB 20 -87.59 2.13 6.58
N LYS GB 21 -87.98 3.38 6.29
CA LYS GB 21 -89.18 3.95 6.90
C LYS GB 21 -90.45 3.37 6.30
N SER GB 22 -90.42 3.03 5.00
CA SER GB 22 -91.63 2.55 4.34
C SER GB 22 -92.09 1.20 4.89
N ARG GB 23 -91.16 0.26 5.12
CA ARG GB 23 -91.55 -1.05 5.63
C ARG GB 23 -91.97 -0.97 7.09
N LEU GB 24 -91.34 -0.09 7.86
CA LEU GB 24 -91.72 0.08 9.27
C LEU GB 24 -93.14 0.63 9.40
N ASP GB 25 -93.59 1.42 8.43
CA ASP GB 25 -94.96 1.92 8.46
C ASP GB 25 -95.95 0.81 8.15
N GLN GB 26 -95.62 -0.06 7.20
CA GLN GB 26 -96.59 -1.05 6.72
C GLN GB 26 -96.82 -2.17 7.72
N GLU GB 27 -95.75 -2.72 8.31
CA GLU GB 27 -95.93 -3.84 9.24
C GLU GB 27 -96.51 -3.38 10.57
N LEU GB 28 -96.21 -2.16 11.00
CA LEU GB 28 -96.81 -1.62 12.22
C LEU GB 28 -98.31 -1.40 12.07
N LYS GB 29 -98.78 -1.15 10.85
CA LYS GB 29 -100.23 -1.12 10.59
C LYS GB 29 -100.84 -2.50 10.81
N LEU GB 30 -100.15 -3.56 10.38
CA LEU GB 30 -100.68 -4.91 10.47
C LEU GB 30 -100.65 -5.48 11.88
N ILE GB 31 -99.77 -4.99 12.75
CA ILE GB 31 -99.66 -5.55 14.09
C ILE GB 31 -100.81 -5.08 14.98
N GLY GB 32 -100.98 -3.75 15.08
CA GLY GB 32 -101.96 -3.20 16.00
C GLY GB 32 -103.40 -3.42 15.60
N GLU GB 33 -103.70 -3.44 14.30
CA GLU GB 33 -105.08 -3.56 13.88
C GLU GB 33 -105.60 -4.99 14.08
N TYR GB 34 -104.73 -5.99 13.93
CA TYR GB 34 -105.12 -7.38 14.05
C TYR GB 34 -104.56 -8.03 15.30
N GLY GB 35 -103.97 -7.26 16.21
CA GLY GB 35 -103.48 -7.79 17.47
C GLY GB 35 -102.33 -8.76 17.37
N LEU GB 36 -101.34 -8.47 16.56
CA LEU GB 36 -100.17 -9.33 16.43
C LEU GB 36 -99.16 -9.04 17.55
N ARG GB 37 -98.14 -9.90 17.63
CA ARG GB 37 -97.18 -9.78 18.74
C ARG GB 37 -95.82 -9.22 18.32
N ASN GB 38 -95.34 -9.54 17.12
CA ASN GB 38 -94.00 -9.08 16.73
C ASN GB 38 -93.88 -9.11 15.21
N LYS GB 39 -92.76 -8.56 14.72
CA LYS GB 39 -92.50 -8.52 13.29
C LYS GB 39 -92.17 -9.90 12.74
N ARG GB 40 -91.85 -10.87 13.60
CA ARG GB 40 -91.49 -12.20 13.12
C ARG GB 40 -92.67 -12.88 12.44
N GLU GB 41 -93.83 -12.89 13.09
CA GLU GB 41 -94.99 -13.54 12.49
C GLU GB 41 -95.57 -12.70 11.37
N VAL GB 42 -95.24 -11.41 11.33
CA VAL GB 42 -95.54 -10.61 10.14
C VAL GB 42 -94.79 -11.17 8.94
N TRP GB 43 -93.51 -11.47 9.10
CA TRP GB 43 -92.73 -12.03 8.01
C TRP GB 43 -93.11 -13.48 7.75
N ARG GB 44 -93.68 -14.15 8.75
CA ARG GB 44 -94.04 -15.56 8.68
C ARG GB 44 -95.23 -15.81 7.76
N VAL GB 45 -96.13 -14.85 7.61
CA VAL GB 45 -97.28 -15.01 6.73
C VAL GB 45 -96.84 -14.64 5.32
N LYS GB 46 -95.89 -13.70 5.24
CA LYS GB 46 -95.32 -13.32 3.95
C LYS GB 46 -94.54 -14.47 3.33
N PHE GB 47 -93.85 -15.26 4.17
CA PHE GB 47 -93.10 -16.41 3.66
C PHE GB 47 -94.03 -17.51 3.16
N THR GB 48 -95.20 -17.67 3.80
CA THR GB 48 -96.19 -18.62 3.29
C THR GB 48 -96.79 -18.15 1.97
N LEU GB 49 -97.04 -16.85 1.84
CA LEU GB 49 -97.56 -16.32 0.58
C LEU GB 49 -96.53 -16.43 -0.53
N ALA GB 50 -95.24 -16.32 -0.20
CA ALA GB 50 -94.19 -16.46 -1.20
C ALA GB 50 -94.14 -17.87 -1.79
N LYS GB 51 -94.41 -18.88 -0.97
CA LYS GB 51 -94.47 -20.25 -1.48
C LYS GB 51 -95.64 -20.43 -2.44
N ILE GB 52 -96.80 -19.88 -2.08
CA ILE GB 52 -97.99 -20.03 -2.92
C ILE GB 52 -97.84 -19.22 -4.21
N ARG GB 53 -97.27 -18.01 -4.10
CA ARG GB 53 -97.05 -17.19 -5.29
C ARG GB 53 -96.04 -17.84 -6.23
N LYS GB 54 -94.95 -18.40 -5.69
CA LYS GB 54 -93.95 -19.03 -6.54
C LYS GB 54 -94.46 -20.32 -7.16
N ALA GB 55 -95.27 -21.08 -6.43
CA ALA GB 55 -95.86 -22.30 -6.98
C ALA GB 55 -96.87 -21.98 -8.07
N ALA GB 56 -97.57 -20.85 -7.98
CA ALA GB 56 -98.52 -20.48 -9.02
C ALA GB 56 -97.79 -19.99 -10.27
N ARG GB 57 -96.68 -19.25 -10.09
CA ARG GB 57 -95.96 -18.67 -11.22
C ARG GB 57 -95.41 -19.74 -12.15
N GLU GB 58 -94.86 -20.82 -11.58
CA GLU GB 58 -94.31 -21.89 -12.41
C GLU GB 58 -95.42 -22.65 -13.13
N LEU GB 59 -96.65 -22.58 -12.63
CA LEU GB 59 -97.79 -23.17 -13.34
C LEU GB 59 -98.25 -22.29 -14.50
N LEU GB 60 -98.14 -20.97 -14.39
CA LEU GB 60 -98.46 -20.10 -15.52
C LEU GB 60 -97.47 -20.28 -16.65
N THR GB 61 -96.19 -20.55 -16.34
CA THR GB 61 -95.22 -20.83 -17.38
C THR GB 61 -95.53 -22.13 -18.12
N LEU GB 62 -96.11 -23.10 -17.42
CA LEU GB 62 -96.52 -24.34 -18.07
C LEU GB 62 -97.68 -24.09 -19.01
N ASP GB 63 -97.68 -24.79 -20.15
CA ASP GB 63 -98.72 -24.62 -21.15
C ASP GB 63 -100.06 -25.15 -20.66
N GLU GB 64 -101.13 -24.72 -21.33
CA GLU GB 64 -102.47 -25.19 -20.99
C GLU GB 64 -102.62 -26.65 -21.42
N LYS GB 65 -103.49 -27.38 -20.72
CA LYS GB 65 -103.71 -28.83 -20.84
C LYS GB 65 -102.51 -29.65 -20.42
N ASP GB 66 -101.55 -29.04 -19.73
CA ASP GB 66 -100.45 -29.81 -19.13
C ASP GB 66 -101.03 -30.60 -17.96
N PRO GB 67 -100.93 -31.93 -17.96
CA PRO GB 67 -101.46 -32.71 -16.83
C PRO GB 67 -100.80 -32.39 -15.50
N ARG GB 68 -99.54 -31.96 -15.50
CA ARG GB 68 -98.96 -31.42 -14.28
C ARG GB 68 -99.67 -30.12 -13.88
N ARG GB 69 -99.95 -29.25 -14.85
CA ARG GB 69 -100.69 -28.03 -14.54
C ARG GB 69 -102.15 -28.32 -14.19
N LEU GB 70 -102.75 -29.33 -14.82
CA LEU GB 70 -104.14 -29.67 -14.54
C LEU GB 70 -104.32 -30.21 -13.13
N PHE GB 71 -103.40 -31.08 -12.68
CA PHE GB 71 -103.55 -31.70 -11.37
C PHE GB 71 -103.09 -30.77 -10.25
N GLU GB 72 -101.88 -30.19 -10.39
CA GLU GB 72 -101.38 -29.29 -9.36
C GLU GB 72 -102.16 -27.99 -9.31
N GLY GB 73 -102.67 -27.52 -10.46
CA GLY GB 73 -103.50 -26.33 -10.46
C GLY GB 73 -104.80 -26.53 -9.70
N ASN GB 74 -105.46 -27.66 -9.92
CA ASN GB 74 -106.70 -27.94 -9.21
C ASN GB 74 -106.46 -28.25 -7.73
N ALA GB 75 -105.35 -28.93 -7.42
CA ALA GB 75 -105.07 -29.23 -6.02
C ALA GB 75 -104.74 -27.99 -5.24
N LEU GB 76 -104.10 -27.00 -5.87
CA LEU GB 76 -103.79 -25.76 -5.18
C LEU GB 76 -105.05 -24.91 -4.96
N LEU GB 77 -105.97 -24.92 -5.93
CA LEU GB 77 -107.21 -24.17 -5.79
C LEU GB 77 -108.20 -24.83 -4.85
N ARG GB 78 -108.06 -26.14 -4.59
CA ARG GB 78 -108.88 -26.79 -3.58
C ARG GB 78 -108.63 -26.22 -2.19
N ARG GB 79 -107.35 -26.01 -1.85
CA ARG GB 79 -107.02 -25.54 -0.51
C ARG GB 79 -107.35 -24.06 -0.33
N LEU GB 80 -107.27 -23.27 -1.41
CA LEU GB 80 -107.46 -21.82 -1.30
C LEU GB 80 -108.90 -21.46 -0.97
N VAL GB 81 -109.88 -22.13 -1.58
CA VAL GB 81 -111.27 -21.80 -1.30
C VAL GB 81 -111.69 -22.29 0.08
N ARG GB 82 -111.24 -23.49 0.47
CA ARG GB 82 -111.70 -24.14 1.69
C ARG GB 82 -111.22 -23.45 2.98
N ILE GB 83 -110.27 -22.52 2.88
CA ILE GB 83 -109.89 -21.70 4.01
C ILE GB 83 -110.57 -20.34 3.97
N GLY GB 84 -111.48 -20.14 3.02
CA GLY GB 84 -112.25 -18.91 2.97
C GLY GB 84 -111.51 -17.69 2.47
N VAL GB 85 -110.44 -17.88 1.69
CA VAL GB 85 -109.67 -16.78 1.16
C VAL GB 85 -110.04 -16.49 -0.30
N LEU GB 86 -110.19 -17.53 -1.12
CA LEU GB 86 -110.51 -17.36 -2.53
C LEU GB 86 -111.97 -17.73 -2.79
N ASP GB 87 -112.64 -16.89 -3.58
CA ASP GB 87 -114.02 -17.14 -3.94
C ASP GB 87 -114.12 -18.38 -4.82
N GLU GB 88 -115.22 -19.11 -4.67
CA GLU GB 88 -115.44 -20.30 -5.49
C GLU GB 88 -115.75 -19.96 -6.94
N GLY GB 89 -116.31 -18.77 -7.20
CA GLY GB 89 -116.46 -18.27 -8.56
C GLY GB 89 -115.23 -17.60 -9.11
N LYS GB 90 -114.21 -17.44 -8.28
CA LYS GB 90 -112.92 -16.92 -8.69
C LYS GB 90 -111.85 -18.00 -8.74
N MET GB 91 -112.26 -19.27 -8.80
CA MET GB 91 -111.35 -20.42 -8.78
C MET GB 91 -110.58 -20.51 -10.08
N LYS GB 92 -109.40 -19.90 -10.12
CA LYS GB 92 -108.50 -19.97 -11.27
C LYS GB 92 -107.12 -19.56 -10.80
N LEU GB 93 -106.10 -20.21 -11.36
CA LEU GB 93 -104.73 -20.07 -10.90
C LEU GB 93 -104.15 -18.68 -11.14
N ASP GB 94 -104.76 -17.85 -11.98
CA ASP GB 94 -104.15 -16.57 -12.32
C ASP GB 94 -104.54 -15.44 -11.36
N TYR GB 95 -105.60 -15.62 -10.57
CA TYR GB 95 -105.89 -14.67 -9.50
C TYR GB 95 -105.13 -14.95 -8.21
N ILE GB 96 -104.30 -16.00 -8.17
CA ILE GB 96 -103.43 -16.22 -7.02
C ILE GB 96 -102.40 -15.10 -6.92
N LEU GB 97 -101.93 -14.60 -8.07
CA LEU GB 97 -100.99 -13.49 -8.08
C LEU GB 97 -101.61 -12.20 -7.53
N GLY GB 98 -102.92 -12.02 -7.69
CA GLY GB 98 -103.60 -10.86 -7.14
C GLY GB 98 -103.94 -10.99 -5.68
N LEU GB 99 -103.61 -12.11 -5.05
CA LEU GB 99 -103.86 -12.29 -3.63
C LEU GB 99 -102.79 -11.55 -2.83
N LYS GB 100 -103.23 -10.81 -1.82
CA LYS GB 100 -102.36 -9.98 -1.01
C LYS GB 100 -102.19 -10.63 0.37
N ILE GB 101 -101.32 -10.02 1.17
CA ILE GB 101 -101.14 -10.49 2.55
C ILE GB 101 -102.25 -10.02 3.47
N GLU GB 102 -103.04 -9.03 3.05
CA GLU GB 102 -104.13 -8.54 3.87
C GLU GB 102 -105.25 -9.56 4.01
N ASP GB 103 -105.41 -10.46 3.02
CA ASP GB 103 -106.53 -11.41 3.03
C ASP GB 103 -106.32 -12.57 4.00
N PHE GB 104 -105.07 -13.00 4.21
CA PHE GB 104 -104.81 -14.16 5.07
C PHE GB 104 -105.19 -13.87 6.52
N LEU GB 105 -105.07 -12.61 6.94
CA LEU GB 105 -105.08 -12.28 8.36
C LEU GB 105 -106.47 -12.40 8.99
N GLU GB 106 -107.54 -12.34 8.19
CA GLU GB 106 -108.85 -12.60 8.79
C GLU GB 106 -109.01 -14.06 9.20
N ARG GB 107 -108.47 -15.00 8.41
CA ARG GB 107 -108.68 -16.41 8.66
C ARG GB 107 -107.85 -16.92 9.85
N ARG GB 108 -106.97 -16.08 10.38
CA ARG GB 108 -106.39 -16.32 11.70
C ARG GB 108 -107.51 -16.30 12.74
N LEU GB 109 -107.47 -17.25 13.68
CA LEU GB 109 -108.56 -17.42 14.64
C LEU GB 109 -108.66 -16.24 15.59
N GLN GB 110 -107.54 -15.54 15.85
CA GLN GB 110 -107.58 -14.37 16.72
C GLN GB 110 -108.43 -13.27 16.12
N THR GB 111 -108.31 -13.04 14.82
CA THR GB 111 -109.13 -12.04 14.14
C THR GB 111 -110.55 -12.51 13.93
N GLN GB 112 -110.75 -13.81 13.70
CA GLN GB 112 -112.11 -14.33 13.54
C GLN GB 112 -112.91 -14.24 14.83
N VAL GB 113 -112.23 -14.27 15.98
CA VAL GB 113 -112.95 -14.09 17.24
C VAL GB 113 -113.56 -12.69 17.31
N PHE GB 114 -112.79 -11.67 16.90
CA PHE GB 114 -113.35 -10.32 16.81
C PHE GB 114 -114.39 -10.22 15.71
N LYS GB 115 -114.15 -10.87 14.57
CA LYS GB 115 -115.06 -10.77 13.44
C LYS GB 115 -116.41 -11.41 13.76
N LEU GB 116 -116.42 -12.42 14.62
CA LEU GB 116 -117.67 -12.96 15.15
C LEU GB 116 -118.23 -12.13 16.28
N GLY GB 117 -117.44 -11.22 16.87
CA GLY GB 117 -117.97 -10.26 17.82
C GLY GB 117 -118.11 -10.71 19.25
N LEU GB 118 -117.50 -11.84 19.64
CA LEU GB 118 -117.61 -12.30 21.02
C LEU GB 118 -116.48 -11.80 21.91
N ALA GB 119 -115.56 -10.99 21.39
CA ALA GB 119 -114.50 -10.38 22.19
C ALA GB 119 -114.62 -8.87 22.14
N LYS GB 120 -114.32 -8.22 23.27
CA LYS GB 120 -114.42 -6.77 23.36
C LYS GB 120 -113.33 -6.09 22.55
N SER GB 121 -112.10 -6.62 22.59
CA SER GB 121 -110.99 -6.04 21.86
C SER GB 121 -110.29 -7.10 21.02
N ILE GB 122 -109.58 -6.63 19.99
CA ILE GB 122 -108.76 -7.52 19.19
C ILE GB 122 -107.60 -8.06 20.02
N HIS GB 123 -107.06 -7.26 20.94
CA HIS GB 123 -106.06 -7.76 21.87
C HIS GB 123 -106.69 -8.57 23.01
N HIS GB 124 -107.94 -8.28 23.35
CA HIS GB 124 -108.68 -9.14 24.27
C HIS GB 124 -109.02 -10.48 23.62
N ALA GB 125 -109.12 -10.50 22.30
CA ALA GB 125 -109.39 -11.76 21.59
C ALA GB 125 -108.25 -12.75 21.78
N ARG GB 126 -107.02 -12.26 21.81
CA ARG GB 126 -105.87 -13.13 22.04
C ARG GB 126 -105.85 -13.68 23.47
N VAL GB 127 -106.38 -12.91 24.43
CA VAL GB 127 -106.44 -13.37 25.81
C VAL GB 127 -107.43 -14.52 25.95
N LEU GB 128 -108.58 -14.44 25.27
CA LEU GB 128 -109.59 -15.48 25.36
C LEU GB 128 -109.08 -16.81 24.82
N ILE GB 129 -108.29 -16.77 23.75
CA ILE GB 129 -107.67 -17.99 23.23
C ILE GB 129 -106.61 -18.50 24.19
N ARG GB 130 -105.86 -17.59 24.80
CA ARG GB 130 -104.78 -17.98 25.71
C ARG GB 130 -105.34 -18.65 26.96
N GLN GB 131 -106.49 -18.18 27.44
CA GLN GB 131 -107.10 -18.69 28.66
C GLN GB 131 -108.10 -19.81 28.40
N ARG GB 132 -108.12 -20.35 27.17
CA ARG GB 132 -108.88 -21.55 26.82
C ARG GB 132 -110.38 -21.40 27.06
N HIS GB 133 -110.92 -20.21 26.80
CA HIS GB 133 -112.35 -19.97 26.99
C HIS GB 133 -113.20 -20.33 25.78
N ILE GB 134 -112.59 -20.62 24.63
CA ILE GB 134 -113.32 -20.88 23.40
C ILE GB 134 -112.94 -22.26 22.87
N ARG GB 135 -113.73 -22.72 21.89
CA ARG GB 135 -113.53 -24.02 21.29
C ARG GB 135 -113.99 -23.99 19.85
N VAL GB 136 -113.45 -24.91 19.05
CA VAL GB 136 -113.83 -25.05 17.65
C VAL GB 136 -114.15 -26.52 17.40
N ARG GB 137 -115.40 -26.80 17.02
CA ARG GB 137 -115.88 -28.16 16.78
C ARG GB 137 -115.63 -29.05 17.98
N LYS GB 138 -115.99 -28.55 19.17
CA LYS GB 138 -115.79 -29.25 20.44
C LYS GB 138 -114.33 -29.59 20.67
N GLN GB 139 -113.45 -28.64 20.38
CA GLN GB 139 -112.02 -28.80 20.56
C GLN GB 139 -111.43 -27.45 20.94
N VAL GB 140 -110.83 -27.38 22.13
CA VAL GB 140 -110.28 -26.13 22.63
C VAL GB 140 -108.99 -25.80 21.89
N VAL GB 141 -108.89 -24.57 21.41
CA VAL GB 141 -107.69 -24.07 20.73
C VAL GB 141 -107.07 -22.98 21.60
N ASN GB 142 -105.80 -23.15 21.94
CA ASN GB 142 -105.10 -22.24 22.84
C ASN GB 142 -104.19 -21.29 22.06
N ILE GB 143 -104.22 -21.34 20.74
CA ILE GB 143 -103.26 -20.62 19.90
C ILE GB 143 -104.03 -19.66 19.01
N PRO GB 144 -103.62 -18.38 18.93
CA PRO GB 144 -104.34 -17.43 18.08
C PRO GB 144 -104.10 -17.61 16.59
N SER GB 145 -103.03 -18.29 16.19
CA SER GB 145 -102.69 -18.43 14.78
C SER GB 145 -103.36 -19.64 14.13
N PHE GB 146 -104.46 -20.11 14.69
CA PHE GB 146 -105.22 -21.20 14.08
C PHE GB 146 -105.82 -20.73 12.76
N ILE GB 147 -105.61 -21.53 11.72
CA ILE GB 147 -106.17 -21.24 10.40
C ILE GB 147 -107.58 -21.84 10.33
N VAL GB 148 -108.58 -20.98 10.32
CA VAL GB 148 -109.97 -21.43 10.31
C VAL GB 148 -110.39 -21.74 8.88
N ARG GB 149 -110.89 -22.95 8.66
CA ARG GB 149 -111.37 -23.36 7.35
C ARG GB 149 -112.72 -22.71 7.06
N LEU GB 150 -113.11 -22.75 5.78
CA LEU GB 150 -114.39 -22.17 5.38
C LEU GB 150 -115.56 -22.94 5.99
N ASP GB 151 -115.48 -24.27 5.97
CA ASP GB 151 -116.57 -25.08 6.51
C ASP GB 151 -116.55 -25.16 8.03
N SER GB 152 -115.42 -24.87 8.67
CA SER GB 152 -115.30 -24.88 10.13
C SER GB 152 -115.52 -23.50 10.76
N GLN GB 153 -115.92 -22.50 9.97
CA GLN GB 153 -116.02 -21.15 10.48
C GLN GB 153 -117.19 -20.97 11.43
N LYS GB 154 -118.33 -21.60 11.13
CA LYS GB 154 -119.56 -21.37 11.86
C LYS GB 154 -119.64 -22.13 13.18
N HIS GB 155 -118.67 -22.99 13.48
CA HIS GB 155 -118.69 -23.79 14.70
C HIS GB 155 -117.88 -23.19 15.84
N ILE GB 156 -117.40 -21.96 15.68
CA ILE GB 156 -116.59 -21.31 16.72
C ILE GB 156 -117.51 -20.74 17.78
N ASP GB 157 -117.30 -21.14 19.03
CA ASP GB 157 -118.08 -20.63 20.16
C ASP GB 157 -117.25 -20.84 21.42
N PHE GB 158 -117.84 -20.53 22.57
CA PHE GB 158 -117.17 -20.70 23.85
C PHE GB 158 -117.04 -22.17 24.21
N SER GB 159 -115.99 -22.50 24.94
CA SER GB 159 -115.79 -23.87 25.40
C SER GB 159 -116.74 -24.19 26.55
N LEU GB 160 -116.96 -25.48 26.78
CA LEU GB 160 -117.84 -25.92 27.86
C LEU GB 160 -117.25 -25.56 29.22
N ARG GB 161 -115.94 -25.75 29.41
CA ARG GB 161 -115.27 -25.37 30.65
C ARG GB 161 -114.75 -23.94 30.48
N SER GB 162 -115.65 -22.97 30.62
CA SER GB 162 -115.32 -21.57 30.49
C SER GB 162 -116.32 -20.76 31.30
N PRO GB 163 -115.86 -19.98 32.28
CA PRO GB 163 -116.78 -19.10 33.02
C PRO GB 163 -117.49 -18.08 32.15
N TYR GB 164 -116.85 -17.60 31.08
CA TYR GB 164 -117.54 -16.72 30.14
C TYR GB 164 -118.65 -17.46 29.41
N GLY GB 165 -118.48 -18.76 29.18
CA GLY GB 165 -119.53 -19.60 28.63
C GLY GB 165 -120.30 -20.31 29.71
N GLY GB 166 -120.83 -21.47 29.37
CA GLY GB 166 -121.57 -22.28 30.33
C GLY GB 166 -120.68 -23.20 31.14
N GLY GB 167 -119.89 -22.64 32.05
CA GLY GB 167 -118.96 -23.44 32.83
C GLY GB 167 -118.75 -22.94 34.24
N ARG GB 168 -117.80 -23.54 34.95
CA ARG GB 168 -117.52 -23.15 36.33
C ARG GB 168 -116.86 -21.77 36.37
N PRO GB 169 -117.07 -21.02 37.44
CA PRO GB 169 -116.44 -19.70 37.54
C PRO GB 169 -114.94 -19.80 37.74
N GLY GB 170 -114.25 -18.70 37.41
CA GLY GB 170 -112.81 -18.64 37.45
C GLY GB 170 -112.27 -18.47 38.86
N ARG GB 171 -110.94 -18.26 38.93
CA ARG GB 171 -110.27 -18.12 40.21
C ARG GB 171 -110.67 -16.85 40.93
N VAL GB 172 -110.84 -15.75 40.19
CA VAL GB 172 -111.14 -14.45 40.79
C VAL GB 172 -112.57 -14.45 41.32
N LYS GB 173 -113.51 -15.03 40.56
CA LYS GB 173 -114.89 -15.12 41.04
C LYS GB 173 -115.00 -16.01 42.26
N ARG GB 174 -114.24 -17.11 42.30
CA ARG GB 174 -114.18 -17.93 43.51
C ARG GB 174 -113.51 -17.17 44.66
N LYS GB 175 -112.54 -16.31 44.34
CA LYS GB 175 -111.88 -15.52 45.37
C LYS GB 175 -112.77 -14.40 45.90
N ASN GB 176 -113.50 -13.71 45.02
CA ASN GB 176 -114.34 -12.60 45.45
C ASN GB 176 -115.59 -13.08 46.17
N ALA GB 177 -116.18 -14.20 45.74
CA ALA GB 177 -117.39 -14.69 46.39
C ALA GB 177 -117.10 -15.34 47.74
N LYS GB 178 -115.92 -15.95 47.91
CA LYS GB 178 -115.59 -16.60 49.16
C LYS GB 178 -115.39 -15.58 50.28
N LYS GB 179 -114.65 -14.50 50.01
CA LYS GB 179 -114.47 -13.47 51.02
C LYS GB 179 -115.71 -12.61 51.22
N GLY GB 180 -116.55 -12.49 50.19
CA GLY GB 180 -117.84 -11.85 50.37
C GLY GB 180 -118.76 -12.64 51.28
N GLN GB 181 -118.73 -13.97 51.16
CA GLN GB 181 -119.43 -14.84 52.10
C GLN GB 181 -118.67 -14.99 53.40
N GLY GB 182 -117.33 -14.96 53.36
CA GLY GB 182 -116.55 -15.01 54.58
C GLY GB 182 -116.67 -13.78 55.44
N GLY GB 183 -116.80 -12.60 54.83
CA GLY GB 183 -117.03 -11.39 55.60
C GLY GB 183 -118.38 -11.40 56.29
N ALA GB 184 -119.42 -11.88 55.59
CA ALA GB 184 -120.74 -11.99 56.18
C ALA GB 184 -120.84 -13.16 57.16
N GLY GB 185 -120.04 -14.20 56.97
CA GLY GB 185 -120.06 -15.36 57.86
C GLY GB 185 -120.98 -16.47 57.37
N MET HB 1 -78.31 50.19 54.31
CA MET HB 1 -79.10 51.04 53.43
C MET HB 1 -79.70 52.09 54.35
N LEU HB 2 -78.84 52.67 55.17
CA LEU HB 2 -79.30 53.50 56.30
C LEU HB 2 -79.25 54.99 55.97
N MET HB 3 -80.04 55.39 54.93
CA MET HB 3 -80.38 56.81 54.76
C MET HB 3 -81.68 57.09 55.47
N PRO HB 4 -81.67 58.02 56.43
CA PRO HB 4 -82.66 57.98 57.51
C PRO HB 4 -84.07 58.31 57.04
N LYS HB 5 -85.03 57.98 57.93
CA LYS HB 5 -86.46 58.02 57.65
C LYS HB 5 -86.97 59.41 57.29
N LYS HB 6 -86.26 60.49 57.64
CA LYS HB 6 -86.65 61.83 57.20
C LYS HB 6 -86.64 61.93 55.68
N ASN HB 7 -85.81 61.11 55.04
CA ASN HB 7 -85.64 61.15 53.59
C ASN HB 7 -86.56 60.21 52.83
N ARG HB 8 -87.30 59.33 53.52
CA ARG HB 8 -88.13 58.39 52.79
C ARG HB 8 -89.49 58.95 52.40
N ILE HB 9 -90.34 59.26 53.39
CA ILE HB 9 -91.77 59.49 53.15
C ILE HB 9 -92.05 60.65 52.19
N ALA HB 10 -91.05 61.46 51.86
CA ALA HB 10 -91.21 62.46 50.82
C ALA HB 10 -91.18 61.87 49.41
N ILE HB 11 -90.30 60.89 49.14
CA ILE HB 11 -90.08 60.51 47.75
C ILE HB 11 -91.16 59.56 47.24
N TYR HB 12 -91.77 58.77 48.13
CA TYR HB 12 -93.02 58.09 47.76
C TYR HB 12 -94.16 59.08 47.55
N GLU HB 13 -94.21 60.14 48.36
CA GLU HB 13 -95.12 61.24 48.08
C GLU HB 13 -94.76 61.94 46.78
N LEU HB 14 -93.46 62.08 46.51
CA LEU HB 14 -93.01 62.61 45.23
C LEU HB 14 -93.37 61.67 44.09
N LEU HB 15 -93.25 60.35 44.30
CA LEU HB 15 -93.60 59.37 43.28
C LEU HB 15 -95.10 59.19 43.12
N PHE HB 16 -95.90 59.77 44.02
CA PHE HB 16 -97.36 59.65 43.93
C PHE HB 16 -97.97 60.77 43.09
N LYS HB 17 -97.63 62.04 43.37
CA LYS HB 17 -98.25 63.15 42.66
C LYS HB 17 -97.85 63.17 41.19
N GLU HB 18 -96.70 62.60 40.85
CA GLU HB 18 -96.34 62.28 39.47
C GLU HB 18 -95.87 60.85 39.43
N GLY HB 19 -96.47 60.05 38.54
CA GLY HB 19 -96.18 58.62 38.52
C GLY HB 19 -94.76 58.29 38.12
N VAL HB 20 -94.12 59.18 37.35
CA VAL HB 20 -92.76 58.96 36.89
C VAL HB 20 -91.93 60.20 37.22
N MET HB 21 -90.69 59.98 37.66
CA MET HB 21 -89.75 61.05 37.96
C MET HB 21 -88.38 60.67 37.45
N VAL HB 22 -87.55 61.67 37.21
CA VAL HB 22 -86.28 61.50 36.52
C VAL HB 22 -85.14 61.55 37.52
N ALA HB 23 -83.95 61.11 37.08
CA ALA HB 23 -82.75 61.18 37.90
C ALA HB 23 -81.53 61.04 36.99
N LYS HB 24 -80.58 61.98 37.12
CA LYS HB 24 -79.30 61.89 36.42
C LYS HB 24 -78.46 60.76 37.00
N LYS HB 25 -77.97 59.88 36.12
CA LYS HB 25 -77.13 58.78 36.59
C LYS HB 25 -75.77 59.36 36.97
N ASP HB 26 -75.65 59.73 38.25
CA ASP HB 26 -74.43 60.34 38.78
C ASP HB 26 -74.43 60.10 40.28
N VAL HB 27 -73.51 59.25 40.74
CA VAL HB 27 -73.45 58.91 42.16
C VAL HB 27 -73.02 60.10 43.00
N HIS HB 28 -72.13 60.94 42.46
CA HIS HB 28 -71.53 62.03 43.24
C HIS HB 28 -72.33 63.29 42.99
N MET HB 29 -73.50 63.39 43.65
CA MET HB 29 -74.41 64.51 43.45
C MET HB 29 -75.21 64.70 44.73
N PRO HB 30 -74.91 65.76 45.51
CA PRO HB 30 -75.62 65.99 46.78
C PRO HB 30 -77.13 66.18 46.65
N LYS HB 31 -77.62 66.67 45.52
CA LYS HB 31 -79.02 67.11 45.41
C LYS HB 31 -79.70 66.40 44.24
N HIS HB 32 -80.91 66.86 43.93
CA HIS HB 32 -81.62 66.47 42.71
C HIS HB 32 -81.92 67.71 41.86
N PRO HB 33 -81.88 67.57 40.54
CA PRO HB 33 -82.31 68.69 39.67
C PRO HB 33 -83.79 68.98 39.82
N GLU HB 34 -84.61 67.92 39.86
CA GLU HB 34 -86.03 68.08 40.09
C GLU HB 34 -86.32 68.51 41.52
N LEU HB 35 -85.74 67.80 42.49
CA LEU HB 35 -85.95 68.10 43.91
C LEU HB 35 -84.75 68.87 44.45
N ALA HB 36 -84.71 70.16 44.13
CA ALA HB 36 -83.66 71.05 44.59
C ALA HB 36 -84.00 71.73 45.91
N ASP HB 37 -85.22 71.52 46.43
CA ASP HB 37 -85.62 72.14 47.69
C ASP HB 37 -85.08 71.38 48.90
N LYS HB 38 -85.11 70.05 48.85
CA LYS HB 38 -84.63 69.20 49.92
C LYS HB 38 -83.20 68.75 49.62
N ASN HB 39 -82.48 68.33 50.66
CA ASN HB 39 -81.12 67.84 50.47
C ASN HB 39 -81.08 66.61 49.57
N VAL HB 40 -81.73 65.52 50.00
CA VAL HB 40 -82.09 64.34 49.19
C VAL HB 40 -80.95 63.87 48.27
N PRO HB 41 -79.92 63.21 48.81
CA PRO HB 41 -78.76 62.83 48.00
C PRO HB 41 -79.12 61.86 46.88
N ASN HB 42 -78.44 62.04 45.73
CA ASN HB 42 -78.75 61.27 44.52
C ASN HB 42 -78.42 59.79 44.67
N LEU HB 43 -77.28 59.47 45.28
CA LEU HB 43 -76.81 58.09 45.30
C LEU HB 43 -77.69 57.19 46.15
N HIS HB 44 -78.24 57.72 47.25
CA HIS HB 44 -79.17 56.94 48.05
C HIS HB 44 -80.49 56.72 47.33
N VAL HB 45 -80.97 57.73 46.59
CA VAL HB 45 -82.22 57.62 45.86
C VAL HB 45 -82.12 56.65 44.69
N MET HB 46 -80.92 56.47 44.13
CA MET HB 46 -80.72 55.42 43.13
C MET HB 46 -81.05 54.04 43.70
N LYS HB 47 -80.75 53.83 44.98
CA LYS HB 47 -81.10 52.58 45.64
C LYS HB 47 -82.53 52.56 46.15
N ALA HB 48 -83.27 53.66 46.03
CA ALA HB 48 -84.64 53.71 46.53
C ALA HB 48 -85.61 53.00 45.59
N MET HB 49 -85.72 53.48 44.34
CA MET HB 49 -86.71 52.91 43.43
C MET HB 49 -86.23 51.67 42.69
N GLN HB 50 -84.95 51.29 42.79
CA GLN HB 50 -84.58 49.96 42.32
C GLN HB 50 -85.04 48.91 43.31
N SER HB 51 -85.10 49.26 44.59
CA SER HB 51 -85.74 48.41 45.58
C SER HB 51 -87.26 48.36 45.39
N LEU HB 52 -87.84 49.41 44.78
CA LEU HB 52 -89.23 49.34 44.35
C LEU HB 52 -89.40 48.30 43.25
N LYS HB 53 -88.44 48.24 42.32
CA LYS HB 53 -88.45 47.22 41.28
C LYS HB 53 -88.16 45.84 41.83
N SER HB 54 -87.42 45.77 42.94
CA SER HB 54 -86.94 44.49 43.45
C SER HB 54 -88.06 43.57 43.90
N ARG HB 55 -89.19 44.12 44.34
CA ARG HB 55 -90.41 43.35 44.56
C ARG HB 55 -91.32 43.41 43.34
N GLY HB 56 -91.00 44.27 42.38
CA GLY HB 56 -91.84 44.48 41.21
C GLY HB 56 -93.01 45.44 41.37
N TYR HB 57 -92.72 46.70 41.68
CA TYR HB 57 -93.74 47.75 41.66
C TYR HB 57 -93.47 48.86 40.65
N VAL HB 58 -92.31 48.89 40.01
CA VAL HB 58 -91.96 50.01 39.14
C VAL HB 58 -91.22 49.44 37.93
N LYS HB 59 -91.28 50.20 36.82
CA LYS HB 59 -90.57 49.85 35.61
C LYS HB 59 -89.32 50.72 35.45
N GLU HB 60 -88.56 50.46 34.39
CA GLU HB 60 -87.29 51.17 34.18
C GLU HB 60 -87.14 51.55 32.71
N GLN HB 61 -86.60 52.75 32.48
CA GLN HB 61 -86.25 53.22 31.14
C GLN HB 61 -85.03 54.11 31.25
N PHE HB 62 -84.29 54.24 30.15
CA PHE HB 62 -83.01 54.93 30.13
C PHE HB 62 -82.93 55.87 28.92
N ALA HB 63 -82.42 57.09 29.15
CA ALA HB 63 -82.12 57.99 28.03
C ALA HB 63 -80.74 58.61 28.28
N TRP HB 64 -79.70 57.84 27.94
CA TRP HB 64 -78.28 58.19 27.90
C TRP HB 64 -77.65 58.50 29.24
N ARG HB 65 -78.45 58.99 30.19
CA ARG HB 65 -77.94 59.38 31.50
C ARG HB 65 -78.97 59.23 32.61
N HIS HB 66 -80.17 58.71 32.34
CA HIS HB 66 -81.32 59.00 33.19
C HIS HB 66 -82.09 57.74 33.51
N PHE HB 67 -82.33 57.50 34.80
CA PHE HB 67 -83.23 56.44 35.21
C PHE HB 67 -84.67 56.95 35.19
N TYR HB 68 -85.55 56.18 34.57
CA TYR HB 68 -86.97 56.54 34.46
C TYR HB 68 -87.80 55.46 35.12
N TRP HB 69 -88.57 55.84 36.13
CA TRP HB 69 -89.30 54.91 36.98
C TRP HB 69 -90.81 55.08 36.75
N TYR HB 70 -91.36 54.28 35.84
CA TYR HB 70 -92.80 54.27 35.64
C TYR HB 70 -93.47 53.37 36.66
N LEU HB 71 -94.41 53.94 37.41
CA LEU HB 71 -95.14 53.20 38.43
C LEU HB 71 -96.13 52.23 37.78
N THR HB 72 -96.15 51.00 38.29
CA THR HB 72 -97.13 50.02 37.82
C THR HB 72 -98.38 50.07 38.71
N ASN HB 73 -99.43 49.39 38.26
CA ASN HB 73 -100.68 49.35 39.01
C ASN HB 73 -100.53 48.71 40.39
N GLU HB 74 -99.52 47.86 40.57
CA GLU HB 74 -99.20 47.38 41.90
C GLU HB 74 -98.65 48.50 42.79
N GLY HB 75 -97.99 49.49 42.20
CA GLY HB 75 -97.35 50.54 42.99
C GLY HB 75 -98.30 51.50 43.65
N ILE HB 76 -99.49 51.71 43.08
CA ILE HB 76 -100.48 52.59 43.71
C ILE HB 76 -100.96 51.98 45.03
N GLN HB 77 -101.26 50.69 45.03
CA GLN HB 77 -101.74 50.05 46.25
C GLN HB 77 -100.64 49.93 47.30
N TYR HB 78 -99.38 49.80 46.86
CA TYR HB 78 -98.27 49.88 47.80
C TYR HB 78 -98.19 51.26 48.44
N LEU HB 79 -98.41 52.31 47.64
CA LEU HB 79 -98.38 53.66 48.19
C LEU HB 79 -99.56 53.91 49.12
N ARG HB 80 -100.68 53.20 48.91
CA ARG HB 80 -101.83 53.36 49.78
C ARG HB 80 -101.63 52.69 51.12
N ASP HB 81 -100.93 51.56 51.16
CA ASP HB 81 -100.64 50.90 52.43
C ASP HB 81 -99.50 51.61 53.18
N TYR HB 82 -98.45 52.01 52.45
CA TYR HB 82 -97.28 52.59 53.09
C TYR HB 82 -97.55 53.99 53.63
N LEU HB 83 -98.18 54.85 52.82
CA LEU HB 83 -98.42 56.24 53.21
C LEU HB 83 -99.80 56.45 53.83
N HIS HB 84 -100.65 55.42 53.83
CA HIS HB 84 -102.00 55.48 54.42
C HIS HB 84 -102.83 56.62 53.82
N LEU HB 85 -102.70 56.80 52.52
CA LEU HB 85 -103.46 57.80 51.81
C LEU HB 85 -104.81 57.25 51.36
N PRO HB 86 -105.81 58.10 51.18
CA PRO HB 86 -107.14 57.63 50.74
C PRO HB 86 -107.08 57.09 49.32
N PRO HB 87 -107.98 56.16 48.96
CA PRO HB 87 -107.99 55.62 47.61
C PRO HB 87 -108.58 56.55 46.56
N GLU HB 88 -109.17 57.67 46.97
CA GLU HB 88 -109.78 58.60 46.03
C GLU HB 88 -108.77 59.44 45.27
N ILE HB 89 -107.66 59.82 45.90
CA ILE HB 89 -106.64 60.62 45.23
C ILE HB 89 -105.83 59.74 44.30
N VAL HB 90 -105.56 60.27 43.10
CA VAL HB 90 -104.91 59.51 42.03
C VAL HB 90 -103.68 60.29 41.56
N PRO HB 91 -102.70 59.66 40.94
CA PRO HB 91 -101.58 60.40 40.35
C PRO HB 91 -102.05 61.30 39.21
N ALA HB 92 -101.23 62.30 38.90
CA ALA HB 92 -101.56 63.27 37.87
C ALA HB 92 -101.69 62.64 36.48
N THR HB 93 -101.03 61.50 36.25
CA THR HB 93 -101.21 60.80 34.99
C THR HB 93 -102.44 59.90 34.98
N LEU HB 94 -103.07 59.68 36.14
CA LEU HB 94 -104.33 58.98 36.23
C LEU HB 94 -105.53 59.92 36.25
N ARG HB 95 -105.29 61.23 36.19
CA ARG HB 95 -106.36 62.23 36.21
C ARG HB 95 -106.38 62.94 34.86
N ARG HB 96 -107.58 63.16 34.33
CA ARG HB 96 -107.73 63.86 33.06
C ARG HB 96 -108.95 64.76 33.08
N ASP IB 1 -43.32 -70.54 -41.92
CA ASP IB 1 -44.58 -69.80 -41.76
C ASP IB 1 -45.01 -69.73 -40.30
N ILE IB 2 -45.34 -70.89 -39.73
CA ILE IB 2 -45.81 -70.97 -38.35
C ILE IB 2 -44.82 -71.78 -37.52
N GLN IB 3 -45.09 -71.89 -36.22
CA GLN IB 3 -44.32 -72.72 -35.28
C GLN IB 3 -42.86 -72.27 -35.21
N THR IB 4 -42.67 -71.01 -34.79
CA THR IB 4 -41.35 -70.43 -34.67
C THR IB 4 -40.94 -70.17 -33.21
N GLU IB 5 -41.57 -70.87 -32.27
CA GLU IB 5 -41.31 -70.67 -30.85
C GLU IB 5 -40.65 -71.92 -30.28
N ARG IB 6 -40.50 -71.94 -28.95
CA ARG IB 6 -39.96 -73.12 -28.29
C ARG IB 6 -40.95 -74.28 -28.33
N ALA IB 7 -42.24 -74.00 -28.11
CA ALA IB 7 -43.25 -75.04 -28.01
C ALA IB 7 -43.88 -75.34 -29.35
N TYR IB 8 -44.82 -76.30 -29.34
CA TYR IB 8 -45.61 -76.65 -30.52
C TYR IB 8 -46.99 -76.03 -30.39
N GLN IB 9 -47.25 -74.93 -31.10
CA GLN IB 9 -48.58 -74.34 -31.08
C GLN IB 9 -49.50 -75.08 -32.04
N LYS IB 10 -50.73 -75.32 -31.60
CA LYS IB 10 -51.72 -76.00 -32.42
C LYS IB 10 -53.10 -75.72 -31.83
N GLN IB 11 -54.12 -76.01 -32.63
CA GLN IB 11 -55.49 -75.86 -32.16
C GLN IB 11 -55.79 -76.97 -31.14
N PRO IB 12 -56.22 -76.61 -29.93
CA PRO IB 12 -56.34 -77.62 -28.87
C PRO IB 12 -57.53 -78.55 -29.03
N THR IB 13 -58.59 -78.08 -29.70
CA THR IB 13 -59.80 -78.88 -29.82
C THR IB 13 -59.65 -80.04 -30.79
N ILE IB 14 -59.00 -79.80 -31.92
CA ILE IB 14 -58.92 -80.81 -32.97
C ILE IB 14 -57.78 -81.80 -32.69
N PHE IB 15 -57.90 -82.98 -33.28
CA PHE IB 15 -56.85 -83.99 -33.26
C PHE IB 15 -56.33 -84.18 -34.68
N GLN IB 16 -55.01 -84.11 -34.84
CA GLN IB 16 -54.40 -84.10 -36.16
C GLN IB 16 -53.52 -85.31 -36.42
N ASN IB 17 -53.73 -86.40 -35.68
CA ASN IB 17 -52.91 -87.60 -35.86
C ASN IB 17 -53.77 -88.86 -35.83
N LYS IB 18 -54.92 -88.81 -36.48
CA LYS IB 18 -55.74 -90.00 -36.63
C LYS IB 18 -55.16 -90.90 -37.72
N LYS IB 19 -55.58 -92.17 -37.70
CA LYS IB 19 -55.05 -93.14 -38.65
C LYS IB 19 -55.54 -92.83 -40.06
N ARG IB 20 -54.60 -92.82 -41.00
CA ARG IB 20 -54.88 -92.46 -42.40
C ARG IB 20 -54.80 -93.70 -43.27
N VAL IB 21 -55.79 -93.85 -44.15
CA VAL IB 21 -55.97 -94.96 -45.10
C VAL IB 21 -55.55 -96.32 -44.57
N LYS IB 30 -54.31 -81.97 -45.80
CA LYS IB 30 -54.93 -80.81 -45.15
C LYS IB 30 -55.19 -81.08 -43.68
N LEU IB 31 -55.71 -80.07 -42.98
CA LEU IB 31 -55.99 -80.17 -41.56
C LEU IB 31 -57.47 -79.88 -41.31
N PRO IB 32 -58.12 -80.66 -40.43
CA PRO IB 32 -59.49 -80.32 -40.05
C PRO IB 32 -59.53 -79.09 -39.16
N ARG IB 33 -59.41 -77.93 -39.78
CA ARG IB 33 -59.19 -76.69 -39.04
C ARG IB 33 -60.43 -76.29 -38.24
N TYR IB 34 -60.22 -75.95 -36.97
CA TYR IB 34 -61.31 -75.50 -36.12
C TYR IB 34 -61.63 -74.03 -36.40
N TYR IB 35 -62.92 -73.73 -36.52
CA TYR IB 35 -63.40 -72.36 -36.62
C TYR IB 35 -64.85 -72.32 -36.15
N LYS IB 36 -65.22 -71.23 -35.50
CA LYS IB 36 -66.54 -71.08 -34.93
C LYS IB 36 -67.15 -69.75 -35.36
N ASN IB 37 -68.48 -69.69 -35.33
CA ASN IB 37 -69.17 -68.44 -35.58
C ASN IB 37 -69.12 -67.57 -34.32
N ILE IB 38 -69.39 -66.29 -34.51
CA ILE IB 38 -69.25 -65.32 -33.43
C ILE IB 38 -70.57 -64.69 -33.02
N GLY IB 39 -71.54 -64.53 -33.92
CA GLY IB 39 -72.86 -64.03 -33.57
C GLY IB 39 -72.99 -62.54 -33.85
N LEU IB 40 -74.17 -62.04 -33.44
CA LEU IB 40 -74.55 -60.62 -33.59
C LEU IB 40 -74.55 -60.18 -35.06
N GLY IB 41 -74.82 -61.11 -35.98
CA GLY IB 41 -74.83 -60.79 -37.39
C GLY IB 41 -73.47 -60.66 -38.04
N PHE IB 42 -72.40 -60.90 -37.29
CA PHE IB 42 -71.05 -60.75 -37.82
C PHE IB 42 -70.69 -61.96 -38.67
N LYS IB 43 -70.24 -61.70 -39.89
CA LYS IB 43 -69.85 -62.77 -40.80
C LYS IB 43 -68.38 -63.13 -40.61
N THR IB 44 -68.11 -64.41 -40.39
CA THR IB 44 -66.74 -64.86 -40.20
C THR IB 44 -65.94 -64.69 -41.49
N PRO IB 45 -64.72 -64.20 -41.43
CA PRO IB 45 -63.96 -63.90 -42.65
C PRO IB 45 -63.53 -65.17 -43.38
N LYS IB 46 -63.29 -65.02 -44.67
CA LYS IB 46 -62.87 -66.14 -45.50
C LYS IB 46 -61.48 -66.63 -45.11
N GLU IB 47 -60.58 -65.70 -44.77
CA GLU IB 47 -59.20 -66.03 -44.46
C GLU IB 47 -59.06 -66.82 -43.16
N ALA IB 48 -59.98 -66.64 -42.21
CA ALA IB 48 -59.95 -67.44 -40.99
C ALA IB 48 -60.23 -68.91 -41.29
N ILE IB 49 -61.18 -69.18 -42.20
CA ILE IB 49 -61.55 -70.55 -42.51
C ILE IB 49 -60.45 -71.25 -43.30
N GLU IB 50 -59.91 -70.57 -44.31
CA GLU IB 50 -58.98 -71.20 -45.25
C GLU IB 50 -57.51 -70.94 -44.92
N GLY IB 51 -57.22 -70.09 -43.94
CA GLY IB 51 -55.85 -69.76 -43.64
C GLY IB 51 -55.16 -70.78 -42.75
N THR IB 52 -53.84 -70.61 -42.62
CA THR IB 52 -53.03 -71.50 -41.80
C THR IB 52 -52.52 -70.83 -40.52
N TYR IB 53 -52.99 -69.63 -40.21
CA TYR IB 53 -52.64 -69.02 -38.94
C TYR IB 53 -53.34 -69.78 -37.81
N ILE IB 54 -52.65 -69.92 -36.69
CA ILE IB 54 -53.22 -70.50 -35.48
C ILE IB 54 -52.88 -69.59 -34.32
N ASP IB 55 -53.91 -69.23 -33.54
CA ASP IB 55 -53.75 -68.26 -32.46
C ASP IB 55 -54.87 -68.48 -31.46
N LYS IB 56 -54.51 -68.62 -30.18
CA LYS IB 56 -55.51 -68.88 -29.15
C LYS IB 56 -56.39 -67.67 -28.88
N LYS IB 57 -55.95 -66.47 -29.24
CA LYS IB 57 -56.69 -65.24 -28.95
C LYS IB 57 -57.51 -64.75 -30.14
N CYS IB 58 -57.54 -65.49 -31.23
CA CYS IB 58 -58.38 -65.15 -32.36
C CYS IB 58 -59.86 -65.36 -32.00
N PRO IB 59 -60.75 -64.46 -32.40
CA PRO IB 59 -62.17 -64.60 -32.06
C PRO IB 59 -62.88 -65.72 -32.80
N PHE IB 60 -62.23 -66.33 -33.79
CA PHE IB 60 -62.82 -67.40 -34.60
C PHE IB 60 -62.10 -68.73 -34.45
N THR IB 61 -60.77 -68.72 -34.32
CA THR IB 61 -59.99 -69.93 -34.13
C THR IB 61 -59.38 -70.01 -32.74
N GLY IB 62 -59.99 -69.36 -31.75
CA GLY IB 62 -59.47 -69.35 -30.40
C GLY IB 62 -60.58 -69.45 -29.38
N ASN IB 63 -60.17 -69.60 -28.11
CA ASN IB 63 -61.09 -69.79 -26.99
C ASN IB 63 -61.41 -68.47 -26.29
N VAL IB 64 -62.04 -67.56 -27.04
CA VAL IB 64 -62.48 -66.28 -26.51
C VAL IB 64 -63.93 -66.05 -26.93
N SER IB 65 -64.74 -65.56 -25.99
CA SER IB 65 -66.15 -65.31 -26.22
C SER IB 65 -66.41 -63.82 -26.19
N ILE IB 66 -67.14 -63.31 -27.18
CA ILE IB 66 -67.42 -61.89 -27.30
C ILE IB 66 -68.74 -61.60 -26.58
N ARG IB 67 -68.70 -60.66 -25.63
CA ARG IB 67 -69.85 -60.29 -24.83
C ARG IB 67 -69.81 -58.79 -24.58
N GLY IB 68 -70.79 -58.30 -23.84
CA GLY IB 68 -70.77 -56.92 -23.39
C GLY IB 68 -70.96 -55.91 -24.51
N ARG IB 69 -70.27 -54.78 -24.36
CA ARG IB 69 -70.39 -53.67 -25.30
C ARG IB 69 -69.66 -53.97 -26.61
N ILE IB 70 -70.08 -53.29 -27.66
CA ILE IB 70 -69.43 -53.32 -28.96
C ILE IB 70 -69.12 -51.89 -29.37
N LEU IB 71 -67.85 -51.60 -29.63
CA LEU IB 71 -67.41 -50.24 -29.89
C LEU IB 71 -66.75 -50.16 -31.27
N SER IB 72 -66.25 -48.97 -31.61
CA SER IB 72 -65.56 -48.74 -32.86
C SER IB 72 -64.57 -47.60 -32.68
N GLY IB 73 -63.53 -47.61 -33.51
CA GLY IB 73 -62.50 -46.60 -33.43
C GLY IB 73 -61.60 -46.65 -34.65
N VAL IB 74 -60.56 -45.82 -34.62
CA VAL IB 74 -59.60 -45.70 -35.71
C VAL IB 74 -58.25 -46.19 -35.22
N VAL IB 75 -57.58 -46.99 -36.04
CA VAL IB 75 -56.30 -47.59 -35.68
C VAL IB 75 -55.19 -46.57 -35.92
N THR IB 76 -54.29 -46.43 -34.95
CA THR IB 76 -53.20 -45.48 -35.04
C THR IB 76 -51.81 -46.10 -34.97
N LYS IB 77 -51.65 -47.28 -34.38
CA LYS IB 77 -50.34 -47.90 -34.23
C LYS IB 77 -50.41 -49.38 -34.53
N MET IB 78 -49.38 -49.89 -35.22
CA MET IB 78 -49.30 -51.30 -35.54
C MET IB 78 -47.90 -51.89 -35.35
N LYS IB 79 -46.99 -51.18 -34.70
CA LYS IB 79 -45.65 -51.72 -34.48
C LYS IB 79 -45.63 -52.90 -33.53
N MET IB 80 -46.67 -53.04 -32.69
CA MET IB 80 -46.78 -54.19 -31.81
C MET IB 80 -47.23 -55.41 -32.58
N GLN IB 81 -46.75 -56.59 -32.17
CA GLN IB 81 -47.12 -57.83 -32.85
C GLN IB 81 -48.39 -58.41 -32.24
N ARG IB 82 -49.32 -58.79 -33.12
CA ARG IB 82 -50.55 -59.55 -32.82
C ARG IB 82 -51.57 -58.71 -32.06
N THR IB 83 -51.19 -57.52 -31.63
CA THR IB 83 -52.10 -56.57 -31.01
C THR IB 83 -51.80 -55.17 -31.54
N ILE IB 84 -52.83 -54.32 -31.58
CA ILE IB 84 -52.73 -52.98 -32.13
C ILE IB 84 -53.33 -51.99 -31.13
N VAL IB 85 -53.17 -50.71 -31.43
CA VAL IB 85 -53.69 -49.62 -30.61
C VAL IB 85 -54.65 -48.80 -31.46
N ILE IB 86 -55.87 -48.62 -30.97
CA ILE IB 86 -56.89 -47.87 -31.68
C ILE IB 86 -57.16 -46.57 -30.93
N ARG IB 87 -57.87 -45.66 -31.60
CA ARG IB 87 -58.20 -44.35 -31.03
C ARG IB 87 -59.70 -44.12 -31.13
N ARG IB 88 -60.30 -43.62 -30.05
CA ARG IB 88 -61.71 -43.29 -30.01
C ARG IB 88 -61.85 -41.83 -29.60
N ASP IB 89 -62.60 -41.06 -30.37
CA ASP IB 89 -62.81 -39.64 -30.10
C ASP IB 89 -64.25 -39.41 -29.66
N TYR IB 90 -64.41 -38.53 -28.66
CA TYR IB 90 -65.72 -38.21 -28.13
C TYR IB 90 -65.66 -36.81 -27.54
N LEU IB 91 -66.84 -36.25 -27.31
CA LEU IB 91 -66.99 -34.91 -26.74
C LEU IB 91 -67.71 -35.00 -25.40
N HIS IB 92 -67.18 -34.30 -24.40
CA HIS IB 92 -67.75 -34.26 -23.06
C HIS IB 92 -68.48 -32.94 -22.87
N TYR IB 93 -69.75 -33.00 -22.49
CA TYR IB 93 -70.55 -31.79 -22.31
C TYR IB 93 -70.32 -31.23 -20.92
N ILE IB 94 -69.94 -29.95 -20.86
CA ILE IB 94 -69.83 -29.22 -19.60
C ILE IB 94 -71.13 -28.45 -19.39
N ARG IB 95 -71.73 -28.60 -18.22
CA ARG IB 95 -73.03 -27.98 -17.97
C ARG IB 95 -72.92 -26.48 -17.71
N LYS IB 96 -71.75 -26.00 -17.26
CA LYS IB 96 -71.59 -24.57 -17.01
C LYS IB 96 -71.44 -23.79 -18.31
N TYR IB 97 -70.39 -24.08 -19.07
CA TYR IB 97 -70.20 -23.51 -20.40
C TYR IB 97 -70.83 -24.46 -21.41
N ASN IB 98 -71.85 -23.98 -22.13
CA ASN IB 98 -72.63 -24.84 -23.03
C ASN IB 98 -71.82 -25.18 -24.29
N ARG IB 99 -70.69 -25.84 -24.07
CA ARG IB 99 -69.76 -26.20 -25.14
C ARG IB 99 -69.36 -27.66 -24.92
N PHE IB 100 -68.35 -28.10 -25.67
CA PHE IB 100 -67.83 -29.46 -25.54
C PHE IB 100 -66.31 -29.38 -25.49
N GLU IB 101 -65.66 -30.54 -25.46
CA GLU IB 101 -64.21 -30.61 -25.52
C GLU IB 101 -63.81 -31.94 -26.14
N LYS IB 102 -62.77 -31.90 -26.97
CA LYS IB 102 -62.28 -33.10 -27.63
C LYS IB 102 -61.47 -33.93 -26.64
N ARG IB 103 -61.96 -35.13 -26.34
CA ARG IB 103 -61.26 -36.07 -25.47
C ARG IB 103 -61.10 -37.39 -26.21
N HIS IB 104 -59.93 -38.01 -26.07
CA HIS IB 104 -59.65 -39.26 -26.75
C HIS IB 104 -59.16 -40.28 -25.74
N LYS IB 105 -59.47 -41.55 -26.02
CA LYS IB 105 -59.04 -42.68 -25.19
C LYS IB 105 -58.48 -43.75 -26.10
N ASN IB 106 -57.17 -43.96 -26.02
CA ASN IB 106 -56.47 -44.91 -26.89
C ASN IB 106 -56.17 -46.23 -26.17
N MET IB 107 -57.09 -47.17 -26.33
CA MET IB 107 -56.97 -48.49 -25.73
C MET IB 107 -56.24 -49.44 -26.67
N SER IB 108 -55.80 -50.57 -26.11
CA SER IB 108 -55.08 -51.59 -26.86
C SER IB 108 -56.04 -52.72 -27.23
N VAL IB 109 -56.12 -53.02 -28.52
CA VAL IB 109 -57.05 -54.01 -29.04
C VAL IB 109 -56.27 -55.11 -29.75
N HIS IB 110 -56.60 -56.35 -29.45
CA HIS IB 110 -55.94 -57.48 -30.10
C HIS IB 110 -56.37 -57.59 -31.55
N LEU IB 111 -55.39 -57.79 -32.43
CA LEU IB 111 -55.63 -57.96 -33.86
C LEU IB 111 -55.32 -59.40 -34.25
N SER IB 112 -56.37 -60.18 -34.51
CA SER IB 112 -56.16 -61.52 -35.04
C SER IB 112 -55.61 -61.44 -36.45
N PRO IB 113 -54.66 -62.31 -36.81
CA PRO IB 113 -54.06 -62.22 -38.15
C PRO IB 113 -54.96 -62.76 -39.26
N CYS IB 114 -56.22 -63.07 -38.94
CA CYS IB 114 -57.18 -63.39 -39.98
C CYS IB 114 -57.45 -62.18 -40.86
N PHE IB 115 -57.57 -61.00 -40.26
CA PHE IB 115 -57.63 -59.75 -41.02
C PHE IB 115 -56.23 -59.42 -41.51
N ARG IB 116 -56.00 -59.55 -42.82
CA ARG IB 116 -54.66 -59.48 -43.38
C ARG IB 116 -54.29 -58.06 -43.78
N ASP IB 117 -55.12 -57.41 -44.59
CA ASP IB 117 -54.84 -56.06 -45.10
C ASP IB 117 -55.55 -55.07 -44.18
N VAL IB 118 -54.86 -54.62 -43.14
CA VAL IB 118 -55.35 -53.59 -42.23
C VAL IB 118 -54.35 -52.44 -42.24
N GLN IB 119 -54.85 -51.24 -42.52
CA GLN IB 119 -54.00 -50.06 -42.66
C GLN IB 119 -54.31 -49.05 -41.56
N ILE IB 120 -53.31 -48.22 -41.26
CA ILE IB 120 -53.48 -47.18 -40.23
C ILE IB 120 -54.45 -46.13 -40.77
N GLY IB 121 -55.50 -45.87 -40.00
CA GLY IB 121 -56.58 -45.01 -40.44
C GLY IB 121 -57.88 -45.72 -40.72
N ASP IB 122 -57.86 -47.05 -40.78
CA ASP IB 122 -59.09 -47.82 -40.97
C ASP IB 122 -59.97 -47.72 -39.74
N ILE IB 123 -61.27 -47.62 -39.96
CA ILE IB 123 -62.25 -47.56 -38.87
C ILE IB 123 -62.53 -48.98 -38.43
N VAL IB 124 -61.96 -49.38 -37.29
CA VAL IB 124 -62.09 -50.75 -36.82
C VAL IB 124 -63.31 -50.87 -35.91
N THR IB 125 -63.88 -52.07 -35.87
CA THR IB 125 -64.98 -52.39 -34.96
C THR IB 125 -64.49 -53.45 -33.99
N VAL IB 126 -64.61 -53.17 -32.69
CA VAL IB 126 -64.04 -54.03 -31.66
C VAL IB 126 -65.17 -54.68 -30.87
N GLY IB 127 -64.80 -55.63 -30.02
CA GLY IB 127 -65.75 -56.33 -29.18
C GLY IB 127 -65.20 -56.65 -27.81
N GLU IB 128 -66.02 -56.46 -26.78
CA GLU IB 128 -65.58 -56.74 -25.42
C GLU IB 128 -65.52 -58.24 -25.16
N CYS IB 129 -64.56 -58.63 -24.33
CA CYS IB 129 -64.36 -60.02 -23.95
C CYS IB 129 -63.60 -60.05 -22.63
N ARG IB 130 -63.10 -61.23 -22.26
CA ARG IB 130 -62.29 -61.36 -21.06
C ARG IB 130 -60.95 -60.64 -21.27
N PRO IB 131 -60.32 -60.17 -20.18
CA PRO IB 131 -59.03 -59.48 -20.33
C PRO IB 131 -57.91 -60.38 -20.85
N LEU IB 132 -57.43 -60.08 -22.05
CA LEU IB 132 -56.37 -60.87 -22.66
C LEU IB 132 -55.02 -60.59 -22.02
N SER IB 133 -54.81 -59.39 -21.50
CA SER IB 133 -53.51 -59.00 -20.94
C SER IB 133 -53.77 -57.99 -19.83
N LYS IB 134 -52.72 -57.25 -19.46
CA LYS IB 134 -52.84 -56.23 -18.43
C LYS IB 134 -53.77 -55.09 -18.87
N THR IB 135 -53.72 -54.71 -20.14
CA THR IB 135 -54.55 -53.62 -20.66
C THR IB 135 -55.49 -54.05 -21.77
N VAL IB 136 -55.21 -55.15 -22.45
CA VAL IB 136 -56.03 -55.57 -23.58
C VAL IB 136 -57.30 -56.26 -23.06
N ARG IB 137 -58.46 -55.72 -23.46
CA ARG IB 137 -59.76 -56.31 -23.14
C ARG IB 137 -60.69 -56.26 -24.35
N PHE IB 138 -60.14 -56.00 -25.53
CA PHE IB 138 -60.95 -55.81 -26.72
C PHE IB 138 -60.28 -56.50 -27.90
N ASN IB 139 -61.10 -57.06 -28.78
CA ASN IB 139 -60.61 -57.82 -29.93
C ASN IB 139 -61.30 -57.34 -31.20
N VAL IB 140 -60.60 -57.45 -32.32
CA VAL IB 140 -61.11 -56.91 -33.58
C VAL IB 140 -62.16 -57.85 -34.15
N LEU IB 141 -63.32 -57.29 -34.51
CA LEU IB 141 -64.42 -58.06 -35.08
C LEU IB 141 -64.57 -57.88 -36.59
N LYS IB 142 -64.41 -56.67 -37.10
CA LYS IB 142 -64.37 -56.44 -38.54
C LYS IB 142 -63.53 -55.20 -38.80
N VAL IB 143 -63.03 -55.10 -40.03
CA VAL IB 143 -62.17 -53.99 -40.45
C VAL IB 143 -62.86 -53.29 -41.62
N THR IB 144 -63.49 -52.15 -41.36
CA THR IB 144 -64.03 -51.32 -42.42
C THR IB 144 -62.91 -50.50 -43.03
N LYS IB 145 -62.91 -50.40 -44.36
CA LYS IB 145 -61.85 -49.70 -45.07
C LYS IB 145 -61.93 -48.20 -44.81
N ALA IB 146 -60.78 -47.54 -44.82
CA ALA IB 146 -60.72 -46.10 -44.64
C ALA IB 146 -61.41 -45.37 -45.79
N ALA IB 147 -61.78 -44.12 -45.55
CA ALA IB 147 -62.46 -43.33 -46.56
C ALA IB 147 -61.59 -43.12 -47.79
N GLY IB 148 -62.17 -43.34 -48.95
CA GLY IB 148 -61.41 -43.25 -50.19
C GLY IB 148 -60.38 -44.37 -50.26
N THR IB 149 -59.13 -43.99 -50.58
CA THR IB 149 -57.98 -44.89 -50.66
C THR IB 149 -58.24 -46.04 -51.62
N LYS IB 150 -58.49 -45.67 -52.88
CA LYS IB 150 -58.67 -46.65 -53.95
C LYS IB 150 -57.35 -47.19 -54.48
N LYS IB 151 -56.25 -46.47 -54.29
CA LYS IB 151 -54.96 -46.90 -54.78
C LYS IB 151 -54.38 -48.01 -53.91
N VAL JB 1 -112.45 51.01 76.60
CA VAL JB 1 -111.83 52.15 75.91
C VAL JB 1 -110.51 51.73 75.29
N ASN JB 2 -110.07 50.50 75.59
CA ASN JB 2 -108.84 49.99 74.99
C ASN JB 2 -109.01 49.73 73.50
N THR JB 3 -110.22 49.35 73.08
CA THR JB 3 -110.49 49.22 71.65
C THR JB 3 -110.47 50.57 70.96
N ALA JB 4 -110.93 51.62 71.64
CA ALA JB 4 -110.82 52.98 71.10
C ALA JB 4 -109.37 53.46 71.07
N LEU JB 5 -108.53 52.92 71.95
CA LEU JB 5 -107.10 53.23 71.93
C LEU JB 5 -106.43 52.67 70.68
N GLN JB 6 -106.96 51.57 70.12
CA GLN JB 6 -106.42 51.04 68.88
C GLN JB 6 -106.62 52.04 67.73
N GLU JB 7 -107.79 52.68 67.68
CA GLU JB 7 -108.02 53.73 66.69
C GLU JB 7 -107.10 54.93 66.89
N VAL JB 8 -106.79 55.28 68.14
CA VAL JB 8 -105.82 56.34 68.40
C VAL JB 8 -104.42 55.88 68.00
N LEU JB 9 -104.08 54.63 68.33
CA LEU JB 9 -102.73 54.13 68.06
C LEU JB 9 -102.51 53.91 66.56
N LYS JB 10 -103.55 53.48 65.83
CA LYS JB 10 -103.40 53.21 64.40
C LYS JB 10 -103.08 54.49 63.63
N THR JB 11 -103.72 55.60 63.99
CA THR JB 11 -103.44 56.87 63.33
C THR JB 11 -102.14 57.49 63.81
N ALA JB 12 -101.52 56.97 64.88
CA ALA JB 12 -100.26 57.49 65.36
C ALA JB 12 -99.09 57.11 64.48
N LEU JB 13 -99.16 55.98 63.77
CA LEU JB 13 -98.14 55.65 62.79
C LEU JB 13 -98.39 56.34 61.45
N ILE JB 14 -99.64 56.71 61.18
CA ILE JB 14 -99.96 57.43 59.95
C ILE JB 14 -99.32 58.81 59.96
N HIS JB 15 -99.47 59.55 61.06
CA HIS JB 15 -98.83 60.85 61.21
C HIS JB 15 -97.40 60.74 61.74
N ASP JB 16 -96.97 59.53 62.14
CA ASP JB 16 -95.65 59.28 62.73
C ASP JB 16 -95.42 60.17 63.95
N GLY JB 17 -96.45 60.29 64.78
CA GLY JB 17 -96.38 61.12 65.96
C GLY JB 17 -95.79 60.40 67.16
N LEU JB 18 -95.80 59.08 67.14
CA LEU JB 18 -95.31 58.30 68.27
C LEU JB 18 -93.80 58.21 68.22
N ALA JB 19 -93.17 58.43 69.37
CA ALA JB 19 -91.72 58.26 69.53
C ALA JB 19 -91.52 57.05 70.44
N ARG JB 20 -91.49 55.86 69.83
CA ARG JB 20 -91.42 54.62 70.58
C ARG JB 20 -89.98 54.28 70.92
N GLY JB 21 -89.82 53.25 71.75
CA GLY JB 21 -88.52 52.85 72.23
C GLY JB 21 -88.13 53.57 73.52
N ILE JB 22 -87.35 52.88 74.34
CA ILE JB 22 -86.88 53.47 75.59
C ILE JB 22 -85.93 54.64 75.35
N ARG JB 23 -85.15 54.60 74.26
CA ARG JB 23 -84.24 55.71 73.97
C ARG JB 23 -85.02 56.97 73.63
N GLU JB 24 -86.09 56.84 72.85
CA GLU JB 24 -86.96 57.98 72.54
C GLU JB 24 -87.99 58.25 73.62
N ALA JB 25 -88.12 57.36 74.61
CA ALA JB 25 -89.00 57.61 75.74
C ALA JB 25 -88.46 58.70 76.66
N ALA JB 26 -87.13 58.81 76.79
CA ALA JB 26 -86.56 59.93 77.52
C ALA JB 26 -86.56 61.20 76.68
N LYS JB 27 -86.69 61.08 75.36
CA LYS JB 27 -86.75 62.25 74.50
C LYS JB 27 -88.16 62.84 74.45
N ALA JB 28 -89.19 61.99 74.36
CA ALA JB 28 -90.55 62.47 74.25
C ALA JB 28 -91.05 63.09 75.56
N LEU JB 29 -90.69 62.50 76.70
CA LEU JB 29 -91.16 63.01 77.98
C LEU JB 29 -90.43 64.27 78.41
N ASP JB 30 -89.13 64.37 78.14
CA ASP JB 30 -88.37 65.55 78.53
C ASP JB 30 -88.64 66.76 77.63
N LYS JB 31 -88.87 66.53 76.34
CA LYS JB 31 -89.25 67.60 75.44
C LYS JB 31 -90.74 67.89 75.47
N ARG JB 32 -91.50 67.16 76.28
CA ARG JB 32 -92.93 67.37 76.50
C ARG JB 32 -93.73 67.26 75.20
N GLN JB 33 -93.38 66.26 74.40
CA GLN JB 33 -94.18 65.83 73.26
C GLN JB 33 -94.97 64.56 73.56
N ALA JB 34 -95.15 64.25 74.85
CA ALA JB 34 -95.81 63.03 75.29
C ALA JB 34 -97.22 63.37 75.76
N HIS JB 35 -98.20 62.67 75.20
CA HIS JB 35 -99.60 62.81 75.61
C HIS JB 35 -100.17 61.54 76.22
N LEU JB 36 -99.73 60.38 75.76
CA LEU JB 36 -100.21 59.11 76.30
C LEU JB 36 -99.06 58.11 76.27
N CYS JB 37 -98.82 57.45 77.40
CA CYS JB 37 -97.77 56.45 77.52
C CYS JB 37 -98.39 55.12 77.96
N VAL JB 38 -98.03 54.05 77.27
CA VAL JB 38 -98.51 52.70 77.58
C VAL JB 38 -97.34 51.91 78.14
N LEU JB 39 -97.60 51.11 79.18
CA LEU JB 39 -96.57 50.39 79.90
C LEU JB 39 -96.98 48.93 80.08
N ALA JB 40 -96.08 48.02 79.74
CA ALA JB 40 -96.30 46.60 79.97
C ALA JB 40 -96.16 46.27 81.45
N SER JB 41 -96.94 45.30 81.91
CA SER JB 41 -96.96 44.90 83.31
C SER JB 41 -96.57 43.43 83.44
N ASN JB 42 -96.67 42.93 84.69
CA ASN JB 42 -96.52 41.55 85.14
C ASN JB 42 -95.46 40.73 84.39
N CYS JB 43 -94.28 41.31 84.21
CA CYS JB 43 -93.18 40.62 83.54
C CYS JB 43 -91.93 40.76 84.39
N ASP JB 44 -90.86 40.08 83.96
CA ASP JB 44 -89.61 40.09 84.70
C ASP JB 44 -88.84 41.40 84.49
N GLU JB 45 -89.44 42.51 84.92
CA GLU JB 45 -88.82 43.83 84.85
C GLU JB 45 -88.98 44.47 86.22
N PRO JB 46 -88.14 44.08 87.19
CA PRO JB 46 -88.38 44.48 88.59
C PRO JB 46 -88.27 45.98 88.85
N MET JB 47 -87.12 46.59 88.56
CA MET JB 47 -86.94 48.02 88.77
C MET JB 47 -86.81 48.78 87.46
N TYR JB 48 -86.90 48.09 86.32
CA TYR JB 48 -87.11 48.78 85.05
C TYR JB 48 -88.43 49.55 85.08
N VAL JB 49 -89.47 48.94 85.64
CA VAL JB 49 -90.78 49.58 85.74
C VAL JB 49 -90.78 50.73 86.73
N LYS JB 50 -89.82 50.78 87.65
CA LYS JB 50 -89.78 51.85 88.64
C LYS JB 50 -89.46 53.21 88.02
N LEU JB 51 -88.64 53.24 86.96
CA LEU JB 51 -88.30 54.51 86.33
C LEU JB 51 -89.46 55.08 85.54
N VAL JB 52 -90.05 54.27 84.66
CA VAL JB 52 -91.09 54.77 83.76
C VAL JB 52 -92.36 55.12 84.55
N GLU JB 53 -92.60 54.47 85.68
CA GLU JB 53 -93.68 54.88 86.57
C GLU JB 53 -93.38 56.20 87.28
N ALA JB 54 -92.11 56.65 87.26
CA ALA JB 54 -91.73 57.88 87.94
C ALA JB 54 -91.57 59.07 87.03
N LEU JB 55 -91.05 58.88 85.81
CA LEU JB 55 -91.02 59.98 84.86
C LEU JB 55 -92.42 60.33 84.37
N CYS JB 56 -93.30 59.34 84.29
CA CYS JB 56 -94.68 59.59 83.87
C CYS JB 56 -95.54 60.18 84.98
N ALA JB 57 -95.03 60.20 86.21
CA ALA JB 57 -95.71 60.85 87.33
C ALA JB 57 -95.17 62.24 87.62
N GLU JB 58 -94.40 62.82 86.70
CA GLU JB 58 -93.73 64.09 86.97
C GLU JB 58 -94.65 65.28 86.72
N HIS JB 59 -95.15 65.43 85.49
CA HIS JB 59 -95.91 66.63 85.14
C HIS JB 59 -96.87 66.29 84.00
N GLN JB 60 -98.13 66.03 84.36
CA GLN JB 60 -99.26 65.99 83.43
C GLN JB 60 -99.05 64.96 82.31
N ILE JB 61 -98.98 63.69 82.70
CA ILE JB 61 -98.81 62.59 81.77
C ILE JB 61 -99.88 61.54 82.06
N ASN JB 62 -100.64 61.17 81.03
CA ASN JB 62 -101.63 60.12 81.16
C ASN JB 62 -100.98 58.75 81.01
N LEU JB 63 -101.57 57.75 81.68
CA LEU JB 63 -100.99 56.42 81.72
C LEU JB 63 -102.06 55.36 81.47
N ILE JB 64 -101.71 54.36 80.67
CA ILE JB 64 -102.52 53.17 80.45
C ILE JB 64 -101.64 51.95 80.67
N LYS JB 65 -102.07 51.07 81.56
CA LYS JB 65 -101.31 49.87 81.90
C LYS JB 65 -101.85 48.69 81.09
N VAL JB 66 -101.08 48.25 80.11
CA VAL JB 66 -101.45 47.08 79.31
C VAL JB 66 -100.96 45.85 80.06
N ASP JB 67 -101.47 44.67 79.71
CA ASP JB 67 -101.25 43.48 80.53
C ASP JB 67 -99.84 42.91 80.34
N ASP JB 68 -99.52 42.47 79.12
CA ASP JB 68 -98.35 41.65 78.88
C ASP JB 68 -97.36 42.33 77.94
N ASN JB 69 -96.12 41.82 77.97
CA ASN JB 69 -95.08 42.30 77.08
C ASN JB 69 -95.41 41.99 75.63
N LYS JB 70 -95.90 40.78 75.36
CA LYS JB 70 -96.22 40.38 73.99
C LYS JB 70 -97.39 41.18 73.43
N LYS JB 71 -98.40 41.44 74.26
CA LYS JB 71 -99.62 42.09 73.81
C LYS JB 71 -99.45 43.59 73.59
N LEU JB 72 -98.33 44.18 74.02
CA LEU JB 72 -98.11 45.61 73.78
C LEU JB 72 -97.78 45.86 72.31
N GLY JB 73 -96.78 45.15 71.79
CA GLY JB 73 -96.38 45.29 70.41
C GLY JB 73 -97.24 44.56 69.41
N GLU JB 74 -98.21 43.77 69.88
CA GLU JB 74 -99.12 43.08 68.96
C GLU JB 74 -100.07 44.06 68.29
N TRP JB 75 -100.46 45.13 69.00
CA TRP JB 75 -101.45 46.06 68.50
C TRP JB 75 -100.88 47.09 67.53
N VAL JB 76 -99.55 47.17 67.40
CA VAL JB 76 -98.94 48.19 66.55
C VAL JB 76 -98.43 47.63 65.22
N GLY JB 77 -97.88 46.42 65.20
CA GLY JB 77 -97.46 45.80 63.96
C GLY JB 77 -96.16 46.35 63.40
N LEU JB 78 -95.06 46.17 64.14
CA LEU JB 78 -93.75 46.62 63.67
C LEU JB 78 -93.22 45.72 62.55
N CYS JB 79 -93.57 44.44 62.58
CA CYS JB 79 -93.04 43.46 61.64
C CYS JB 79 -94.17 42.73 60.94
N LYS JB 80 -95.14 43.49 60.41
CA LYS JB 80 -96.33 42.89 59.82
C LYS JB 80 -96.04 42.21 58.49
N ILE JB 81 -95.71 40.93 58.54
CA ILE JB 81 -95.57 40.10 57.34
C ILE JB 81 -96.84 39.28 57.21
N ASP JB 82 -97.41 39.26 56.00
CA ASP JB 82 -98.64 38.53 55.68
C ASP JB 82 -99.79 39.02 56.57
N ARG JB 83 -100.16 40.28 56.33
CA ARG JB 83 -101.17 40.98 57.15
C ARG JB 83 -102.55 40.33 57.08
N GLU JB 84 -102.80 39.47 56.09
CA GLU JB 84 -104.11 38.81 55.95
C GLU JB 84 -104.23 37.73 57.03
N GLY JB 85 -104.59 38.17 58.22
CA GLY JB 85 -104.76 37.26 59.35
C GLY JB 85 -103.75 37.44 60.45
N LYS JB 86 -103.28 36.33 61.01
CA LYS JB 86 -102.30 36.40 62.09
C LYS JB 86 -100.94 36.85 61.55
N PRO JB 87 -100.26 37.74 62.26
CA PRO JB 87 -98.90 38.11 61.85
C PRO JB 87 -97.94 36.93 61.97
N ARG JB 88 -96.95 36.92 61.08
CA ARG JB 88 -95.98 35.83 61.07
C ARG JB 88 -95.06 35.89 62.29
N LYS JB 89 -94.58 37.09 62.63
CA LYS JB 89 -93.67 37.26 63.77
C LYS JB 89 -93.92 38.63 64.38
N VAL JB 90 -94.08 38.67 65.70
CA VAL JB 90 -94.26 39.91 66.44
C VAL JB 90 -93.22 40.00 67.54
N VAL JB 91 -92.72 41.21 67.79
CA VAL JB 91 -91.72 41.44 68.83
C VAL JB 91 -92.43 41.93 70.09
N GLY JB 92 -91.74 41.86 71.23
CA GLY JB 92 -92.33 42.28 72.48
C GLY JB 92 -91.76 43.57 73.03
N CYS JB 93 -92.55 44.63 72.97
CA CYS JB 93 -92.15 45.93 73.50
C CYS JB 93 -92.81 46.20 74.84
N SER JB 94 -92.24 47.14 75.59
CA SER JB 94 -92.76 47.47 76.92
C SER JB 94 -93.05 48.95 77.13
N CYS JB 95 -92.50 49.85 76.32
CA CYS JB 95 -92.76 51.28 76.46
C CYS JB 95 -92.94 51.91 75.09
N VAL JB 96 -94.15 52.40 74.82
CA VAL JB 96 -94.46 53.12 73.60
C VAL JB 96 -95.06 54.46 73.99
N VAL JB 97 -94.45 55.55 73.54
CA VAL JB 97 -94.94 56.90 73.81
C VAL JB 97 -95.52 57.46 72.51
N VAL JB 98 -96.78 57.86 72.56
CA VAL JB 98 -97.49 58.32 71.37
C VAL JB 98 -97.83 59.80 71.52
N LYS JB 99 -98.01 60.46 70.38
CA LYS JB 99 -98.45 61.85 70.32
C LYS JB 99 -99.47 61.93 69.18
N ASP JB 100 -100.75 61.79 69.54
CA ASP JB 100 -101.82 61.76 68.54
C ASP JB 100 -102.03 63.16 67.98
N TYR JB 101 -101.79 63.32 66.68
CA TYR JB 101 -101.97 64.61 66.02
C TYR JB 101 -103.38 64.80 65.50
N GLY JB 102 -104.01 63.73 65.03
CA GLY JB 102 -105.39 63.80 64.57
C GLY JB 102 -106.38 63.75 65.71
N LYS JB 103 -106.48 64.83 66.47
CA LYS JB 103 -107.37 64.90 67.63
C LYS JB 103 -108.81 65.23 67.26
N GLU JB 104 -109.13 65.30 65.97
CA GLU JB 104 -110.49 65.47 65.50
C GLU JB 104 -111.18 64.13 65.28
N SER JB 105 -111.15 63.28 66.31
CA SER JB 105 -111.70 61.94 66.22
C SER JB 105 -112.49 61.63 67.48
N GLN JB 106 -113.47 60.74 67.35
CA GLN JB 106 -114.30 60.38 68.50
C GLN JB 106 -113.56 59.49 69.48
N ALA JB 107 -112.58 58.71 69.00
CA ALA JB 107 -111.84 57.81 69.88
C ALA JB 107 -110.95 58.55 70.86
N LYS JB 108 -110.39 59.70 70.47
CA LYS JB 108 -109.57 60.47 71.39
C LYS JB 108 -110.40 61.24 72.40
N ASP JB 109 -111.62 61.64 72.03
CA ASP JB 109 -112.46 62.41 72.95
C ASP JB 109 -112.95 61.56 74.11
N VAL JB 110 -113.35 60.31 73.84
CA VAL JB 110 -113.81 59.43 74.92
C VAL JB 110 -112.64 59.01 75.81
N ILE JB 111 -111.43 58.89 75.26
CA ILE JB 111 -110.25 58.63 76.07
C ILE JB 111 -109.89 59.85 76.92
N GLU JB 112 -110.00 61.05 76.36
CA GLU JB 112 -109.75 62.27 77.13
C GLU JB 112 -110.75 62.43 78.27
N GLU JB 113 -112.01 62.10 78.04
CA GLU JB 113 -112.99 62.07 79.13
C GLU JB 113 -112.65 60.98 80.13
N TYR JB 114 -112.17 59.83 79.65
CA TYR JB 114 -111.75 58.74 80.54
C TYR JB 114 -110.57 59.16 81.41
N PHE JB 115 -109.70 60.02 80.91
CA PHE JB 115 -108.60 60.55 81.71
C PHE JB 115 -109.00 61.77 82.53
N LYS JB 116 -110.04 62.50 82.10
CA LYS JB 116 -110.54 63.62 82.88
C LYS JB 116 -111.13 63.15 84.20
N CYS JB 117 -111.88 62.05 84.17
CA CYS JB 117 -112.48 61.50 85.37
C CYS JB 117 -111.51 60.62 86.14
N GLY KB 1 -58.00 -9.69 -50.13
CA GLY KB 1 -57.38 -10.09 -48.89
C GLY KB 1 -56.36 -11.19 -49.06
N ARG KB 2 -55.14 -10.80 -49.45
CA ARG KB 2 -54.07 -11.76 -49.65
C ARG KB 2 -53.61 -12.32 -48.30
N MET KB 3 -53.28 -13.61 -48.29
CA MET KB 3 -52.92 -14.27 -47.03
C MET KB 3 -51.48 -14.01 -46.62
N HIS KB 4 -50.62 -13.55 -47.53
CA HIS KB 4 -49.26 -13.14 -47.20
C HIS KB 4 -48.96 -11.72 -47.68
N ALA KB 5 -49.97 -10.86 -47.65
CA ALA KB 5 -49.82 -9.45 -47.99
C ALA KB 5 -50.95 -8.67 -47.34
N PRO KB 6 -50.72 -7.39 -47.00
CA PRO KB 6 -51.78 -6.60 -46.37
C PRO KB 6 -52.75 -5.99 -47.38
N GLY KB 7 -52.63 -6.40 -48.64
CA GLY KB 7 -53.49 -5.83 -49.68
C GLY KB 7 -54.86 -6.50 -49.70
N LYS KB 8 -55.88 -5.68 -49.95
CA LYS KB 8 -57.26 -6.12 -50.05
C LYS KB 8 -57.86 -5.78 -51.42
N GLY KB 9 -57.09 -6.01 -52.48
CA GLY KB 9 -57.55 -5.66 -53.81
C GLY KB 9 -58.65 -6.58 -54.31
N LEU KB 10 -59.41 -6.08 -55.28
CA LEU KB 10 -60.53 -6.81 -55.88
C LEU KB 10 -60.37 -6.72 -57.40
N SER KB 11 -59.72 -7.72 -58.00
CA SER KB 11 -59.50 -7.74 -59.44
C SER KB 11 -59.40 -9.20 -59.87
N GLN KB 12 -60.46 -9.69 -60.52
CA GLN KB 12 -60.50 -11.07 -61.00
C GLN KB 12 -61.49 -11.14 -62.16
N SER KB 13 -61.54 -12.31 -62.79
CA SER KB 13 -62.43 -12.52 -63.92
C SER KB 13 -63.89 -12.62 -63.45
N ALA KB 14 -64.80 -12.33 -64.38
CA ALA KB 14 -66.24 -12.42 -64.10
C ALA KB 14 -66.92 -13.02 -65.32
N LEU KB 15 -67.27 -14.30 -65.23
CA LEU KB 15 -67.92 -14.97 -66.34
C LEU KB 15 -69.32 -14.42 -66.55
N PRO KB 16 -69.80 -14.38 -67.79
CA PRO KB 16 -71.18 -13.98 -68.06
C PRO KB 16 -72.15 -15.04 -67.56
N TYR KB 17 -73.44 -14.66 -67.48
CA TYR KB 17 -74.44 -15.56 -66.93
C TYR KB 17 -74.66 -16.77 -67.82
N ARG KB 18 -74.78 -16.56 -69.14
CA ARG KB 18 -75.15 -17.63 -70.05
C ARG KB 18 -73.99 -18.60 -70.22
N ARG KB 19 -74.28 -19.90 -70.09
CA ARG KB 19 -73.30 -20.95 -70.28
C ARG KB 19 -73.32 -21.51 -71.70
N SER KB 20 -74.15 -20.95 -72.58
CA SER KB 20 -74.24 -21.44 -73.95
C SER KB 20 -73.00 -21.04 -74.76
N VAL KB 21 -72.74 -21.82 -75.80
CA VAL KB 21 -71.60 -21.59 -76.69
C VAL KB 21 -71.82 -20.29 -77.45
N PRO KB 22 -70.77 -19.51 -77.71
CA PRO KB 22 -70.92 -18.31 -78.54
C PRO KB 22 -71.42 -18.63 -79.94
N THR KB 23 -72.16 -17.67 -80.49
CA THR KB 23 -72.70 -17.80 -81.84
C THR KB 23 -71.66 -17.62 -82.93
N TRP KB 24 -70.52 -16.99 -82.62
CA TRP KB 24 -69.46 -16.82 -83.60
C TRP KB 24 -68.49 -18.00 -83.65
N LEU KB 25 -68.62 -18.95 -82.72
CA LEU KB 25 -67.69 -20.06 -82.61
C LEU KB 25 -68.23 -21.25 -83.39
N LYS KB 26 -67.47 -21.69 -84.39
CA LYS KB 26 -67.85 -22.85 -85.20
C LYS KB 26 -66.96 -24.06 -84.93
N LEU KB 27 -66.05 -23.96 -83.97
CA LEU KB 27 -65.18 -25.08 -83.63
C LEU KB 27 -65.90 -26.03 -82.68
N THR KB 28 -66.00 -27.29 -83.08
CA THR KB 28 -66.68 -28.28 -82.26
C THR KB 28 -65.80 -28.72 -81.09
N SER KB 29 -66.36 -29.58 -80.24
CA SER KB 29 -65.67 -29.99 -79.02
C SER KB 29 -64.36 -30.72 -79.33
N ASP KB 30 -64.38 -31.64 -80.30
CA ASP KB 30 -63.16 -32.38 -80.63
C ASP KB 30 -62.13 -31.50 -81.33
N ASP KB 31 -62.58 -30.54 -82.13
CA ASP KB 31 -61.63 -29.62 -82.77
C ASP KB 31 -60.96 -28.71 -81.74
N VAL KB 32 -61.67 -28.34 -80.68
CA VAL KB 32 -61.02 -27.61 -79.59
C VAL KB 32 -60.04 -28.51 -78.85
N LYS KB 33 -60.42 -29.77 -78.64
CA LYS KB 33 -59.55 -30.70 -77.90
C LYS KB 33 -58.26 -31.00 -78.66
N GLU KB 34 -58.33 -31.18 -79.98
CA GLU KB 34 -57.11 -31.41 -80.74
C GLU KB 34 -56.24 -30.16 -80.80
N GLN KB 35 -56.86 -28.98 -80.75
CA GLN KB 35 -56.09 -27.76 -80.57
C GLN KB 35 -55.44 -27.73 -79.18
N ILE KB 36 -56.18 -28.18 -78.16
CA ILE KB 36 -55.63 -28.29 -76.81
C ILE KB 36 -54.51 -29.32 -76.77
N TYR KB 37 -54.71 -30.46 -77.44
CA TYR KB 37 -53.67 -31.48 -77.50
C TYR KB 37 -52.44 -31.00 -78.27
N LYS KB 38 -52.62 -30.10 -79.23
CA LYS KB 38 -51.49 -29.52 -79.95
C LYS KB 38 -50.67 -28.60 -79.05
N LEU KB 39 -51.35 -27.74 -78.29
CA LEU KB 39 -50.64 -26.84 -77.38
C LEU KB 39 -49.99 -27.61 -76.24
N ALA KB 40 -50.66 -28.65 -75.73
CA ALA KB 40 -50.08 -29.42 -74.63
C ALA KB 40 -48.91 -30.28 -75.10
N LYS KB 41 -48.89 -30.67 -76.37
CA LYS KB 41 -47.81 -31.52 -76.87
C LYS KB 41 -46.50 -30.73 -76.96
N LYS KB 42 -46.57 -29.47 -77.38
CA LYS KB 42 -45.38 -28.64 -77.52
C LYS KB 42 -44.94 -28.02 -76.20
N GLY KB 43 -45.66 -28.27 -75.11
CA GLY KB 43 -45.23 -27.83 -73.80
C GLY KB 43 -45.89 -26.54 -73.38
N LEU KB 44 -46.88 -26.62 -72.49
CA LEU KB 44 -47.66 -25.47 -72.08
C LEU KB 44 -48.52 -25.84 -70.88
N THR KB 45 -48.45 -25.05 -69.81
CA THR KB 45 -49.27 -25.28 -68.63
C THR KB 45 -50.73 -24.89 -68.91
N PRO KB 46 -51.70 -25.58 -68.30
CA PRO KB 46 -53.12 -25.36 -68.68
C PRO KB 46 -53.60 -23.93 -68.52
N SER KB 47 -52.92 -23.10 -67.72
CA SER KB 47 -53.24 -21.68 -67.65
C SER KB 47 -53.06 -21.01 -69.01
N GLN KB 48 -52.02 -21.40 -69.75
CA GLN KB 48 -51.69 -20.67 -70.97
C GLN KB 48 -52.52 -21.11 -72.17
N ILE KB 49 -52.98 -22.36 -72.20
CA ILE KB 49 -53.89 -22.80 -73.27
C ILE KB 49 -55.17 -22.00 -73.23
N GLY KB 50 -55.73 -21.81 -72.03
CA GLY KB 50 -56.90 -20.95 -71.90
C GLY KB 50 -56.66 -19.52 -72.29
N VAL KB 51 -55.43 -19.02 -72.10
CA VAL KB 51 -55.12 -17.64 -72.44
C VAL KB 51 -55.16 -17.44 -73.96
N ILE KB 52 -54.36 -18.21 -74.69
CA ILE KB 52 -54.16 -17.93 -76.12
C ILE KB 52 -55.36 -18.41 -76.94
N LEU KB 53 -56.11 -19.39 -76.43
CA LEU KB 53 -57.29 -19.85 -77.15
C LEU KB 53 -58.37 -18.77 -77.23
N ARG KB 54 -58.57 -18.00 -76.15
CA ARG KB 54 -59.54 -16.92 -76.22
C ARG KB 54 -59.02 -15.71 -76.99
N ASP KB 55 -57.72 -15.66 -77.28
CA ASP KB 55 -57.13 -14.54 -78.00
C ASP KB 55 -57.22 -14.75 -79.51
N SER KB 56 -56.68 -15.86 -80.00
CA SER KB 56 -56.64 -16.13 -81.43
C SER KB 56 -57.80 -17.01 -81.91
N HIS KB 57 -58.13 -18.05 -81.16
CA HIS KB 57 -59.16 -18.99 -81.57
C HIS KB 57 -60.57 -18.54 -81.20
N GLY KB 58 -60.69 -17.53 -80.34
CA GLY KB 58 -61.97 -16.90 -80.09
C GLY KB 58 -62.95 -17.68 -79.25
N VAL KB 59 -62.51 -18.67 -78.48
CA VAL KB 59 -63.40 -19.44 -77.62
C VAL KB 59 -63.65 -18.66 -76.34
N ALA KB 60 -64.88 -18.78 -75.82
CA ALA KB 60 -65.20 -18.11 -74.55
C ALA KB 60 -64.64 -18.91 -73.39
N GLN KB 61 -65.12 -20.12 -73.18
CA GLN KB 61 -64.64 -21.01 -72.13
C GLN KB 61 -64.60 -22.44 -72.66
N VAL KB 62 -63.60 -23.19 -72.21
CA VAL KB 62 -63.47 -24.58 -72.63
C VAL KB 62 -64.53 -25.46 -71.96
N ARG KB 63 -64.95 -25.11 -70.74
CA ARG KB 63 -65.94 -25.91 -70.03
C ARG KB 63 -67.32 -25.83 -70.69
N PHE KB 64 -67.62 -24.74 -71.39
CA PHE KB 64 -68.91 -24.61 -72.06
C PHE KB 64 -68.93 -25.27 -73.42
N VAL KB 65 -67.83 -25.26 -74.15
CA VAL KB 65 -67.77 -25.88 -75.47
C VAL KB 65 -67.64 -27.39 -75.34
N THR KB 66 -66.62 -27.84 -74.61
CA THR KB 66 -66.44 -29.27 -74.36
C THR KB 66 -67.20 -29.68 -73.11
N GLY KB 67 -67.10 -30.96 -72.76
CA GLY KB 67 -67.75 -31.46 -71.57
C GLY KB 67 -66.95 -31.25 -70.31
N ASN KB 68 -65.64 -31.05 -70.45
CA ASN KB 68 -64.73 -30.95 -69.33
C ASN KB 68 -63.88 -29.69 -69.43
N LYS KB 69 -63.09 -29.46 -68.40
CA LYS KB 69 -62.15 -28.33 -68.36
C LYS KB 69 -60.78 -28.77 -68.89
N ILE KB 70 -59.85 -27.81 -68.93
CA ILE KB 70 -58.58 -28.02 -69.63
C ILE KB 70 -57.74 -29.09 -68.94
N LEU KB 71 -57.59 -29.01 -67.62
CA LEU KB 71 -56.78 -30.00 -66.91
C LEU KB 71 -57.44 -31.38 -66.94
N ARG KB 72 -58.78 -31.41 -66.93
CA ARG KB 72 -59.48 -32.68 -66.96
C ARG KB 72 -59.33 -33.39 -68.31
N ILE KB 73 -59.25 -32.62 -69.40
CA ILE KB 73 -59.03 -33.22 -70.71
C ILE KB 73 -57.63 -33.82 -70.81
N LEU KB 74 -56.62 -33.10 -70.28
CA LEU KB 74 -55.27 -33.61 -70.29
C LEU KB 74 -55.11 -34.84 -69.39
N LYS KB 75 -55.89 -34.91 -68.31
CA LYS KB 75 -55.82 -36.07 -67.43
C LYS KB 75 -56.41 -37.31 -68.09
N SER KB 76 -57.44 -37.13 -68.94
CA SER KB 76 -58.03 -38.26 -69.64
C SER KB 76 -57.06 -38.89 -70.63
N LYS KB 77 -56.31 -38.07 -71.36
CA LYS KB 77 -55.33 -38.57 -72.31
C LYS KB 77 -53.94 -38.76 -71.72
N GLY KB 78 -53.76 -38.42 -70.44
CA GLY KB 78 -52.47 -38.58 -69.80
C GLY KB 78 -51.42 -37.58 -70.19
N LEU KB 79 -51.81 -36.43 -70.73
CA LEU KB 79 -50.87 -35.37 -71.10
C LEU KB 79 -50.66 -34.37 -69.96
N ALA KB 80 -51.33 -34.56 -68.83
CA ALA KB 80 -51.14 -33.68 -67.69
C ALA KB 80 -49.75 -33.90 -67.10
N PRO KB 81 -49.14 -32.86 -66.53
CA PRO KB 81 -47.79 -33.03 -65.94
C PRO KB 81 -47.82 -33.86 -64.67
N ASP KB 82 -46.63 -34.21 -64.17
CA ASP KB 82 -46.52 -35.06 -62.99
C ASP KB 82 -47.05 -34.37 -61.74
N LEU KB 83 -46.79 -33.07 -61.60
CA LEU KB 83 -47.24 -32.33 -60.44
C LEU KB 83 -47.97 -31.06 -60.88
N PRO KB 84 -48.94 -30.58 -60.10
CA PRO KB 84 -49.81 -29.49 -60.56
C PRO KB 84 -49.08 -28.18 -60.85
N GLU KB 85 -49.76 -27.29 -61.58
CA GLU KB 85 -49.11 -26.08 -62.06
C GLU KB 85 -48.87 -25.03 -60.99
N ASP KB 86 -49.76 -24.90 -60.00
CA ASP KB 86 -49.56 -23.88 -58.97
C ASP KB 86 -48.43 -24.24 -58.02
N LEU KB 87 -48.24 -25.52 -57.73
CA LEU KB 87 -47.08 -25.94 -56.94
C LEU KB 87 -45.79 -25.83 -57.75
N TYR KB 88 -45.86 -26.07 -59.06
CA TYR KB 88 -44.66 -26.02 -59.89
C TYR KB 88 -44.07 -24.61 -59.93
N HIS KB 89 -44.91 -23.60 -60.12
CA HIS KB 89 -44.42 -22.24 -60.21
C HIS KB 89 -44.00 -21.70 -58.85
N LEU KB 90 -44.55 -22.23 -57.76
CA LEU KB 90 -44.08 -21.85 -56.43
C LEU KB 90 -42.69 -22.41 -56.16
N ILE KB 91 -42.46 -23.67 -56.53
CA ILE KB 91 -41.13 -24.26 -56.38
C ILE KB 91 -40.13 -23.55 -57.28
N LYS KB 92 -40.54 -23.20 -58.49
CA LYS KB 92 -39.66 -22.45 -59.39
C LYS KB 92 -39.32 -21.08 -58.82
N LYS KB 93 -40.32 -20.41 -58.23
CA LYS KB 93 -40.05 -19.12 -57.59
C LYS KB 93 -39.16 -19.29 -56.36
N ALA KB 94 -39.35 -20.36 -55.60
CA ALA KB 94 -38.54 -20.60 -54.41
C ALA KB 94 -37.10 -20.91 -54.76
N VAL KB 95 -36.87 -21.57 -55.90
CA VAL KB 95 -35.50 -21.85 -56.33
C VAL KB 95 -34.79 -20.56 -56.70
N ALA KB 96 -35.48 -19.66 -57.40
CA ALA KB 96 -34.88 -18.39 -57.81
C ALA KB 96 -34.53 -17.50 -56.63
N VAL KB 97 -35.39 -17.47 -55.59
CA VAL KB 97 -35.07 -16.69 -54.41
C VAL KB 97 -33.87 -17.29 -53.68
N ARG KB 98 -33.84 -18.61 -53.55
CA ARG KB 98 -32.71 -19.27 -52.88
C ARG KB 98 -31.43 -19.13 -53.69
N LYS KB 99 -31.52 -19.18 -55.02
CA LYS KB 99 -30.35 -18.94 -55.86
C LYS KB 99 -29.86 -17.51 -55.70
N HIS KB 100 -30.79 -16.55 -55.64
CA HIS KB 100 -30.42 -15.16 -55.37
C HIS KB 100 -29.82 -14.99 -53.98
N LEU KB 101 -30.32 -15.75 -53.00
CA LEU KB 101 -29.82 -15.66 -51.64
C LEU KB 101 -28.42 -16.21 -51.47
N GLU KB 102 -27.96 -17.06 -52.41
CA GLU KB 102 -26.59 -17.57 -52.33
C GLU KB 102 -25.57 -16.45 -52.51
N ARG KB 103 -25.81 -15.56 -53.47
CA ARG KB 103 -24.91 -14.44 -53.69
C ARG KB 103 -25.19 -13.30 -52.72
N ASN KB 104 -26.44 -12.85 -52.67
CA ASN KB 104 -26.83 -11.73 -51.81
C ASN KB 104 -27.43 -12.26 -50.51
N ARG KB 105 -26.54 -12.69 -49.61
CA ARG KB 105 -26.95 -13.14 -48.30
C ARG KB 105 -27.21 -11.99 -47.33
N LYS KB 106 -26.80 -10.77 -47.68
CA LYS KB 106 -27.17 -9.58 -46.92
C LYS KB 106 -28.60 -9.14 -47.17
N ASP KB 107 -29.26 -9.72 -48.18
CA ASP KB 107 -30.63 -9.35 -48.51
C ASP KB 107 -31.61 -9.93 -47.51
N LYS KB 108 -31.80 -9.23 -46.39
CA LYS KB 108 -32.73 -9.71 -45.37
C LYS KB 108 -34.17 -9.64 -45.84
N ASP KB 109 -34.49 -8.69 -46.73
CA ASP KB 109 -35.82 -8.64 -47.31
C ASP KB 109 -36.10 -9.87 -48.17
N ALA KB 110 -35.13 -10.29 -48.97
CA ALA KB 110 -35.28 -11.52 -49.73
C ALA KB 110 -35.25 -12.74 -48.83
N LYS KB 111 -34.53 -12.67 -47.71
CA LYS KB 111 -34.54 -13.77 -46.75
C LYS KB 111 -35.92 -13.94 -46.13
N PHE KB 112 -36.57 -12.83 -45.75
CA PHE KB 112 -37.94 -12.91 -45.24
C PHE KB 112 -38.90 -13.40 -46.31
N ARG KB 113 -38.69 -12.98 -47.55
CA ARG KB 113 -39.56 -13.39 -48.65
C ARG KB 113 -39.50 -14.89 -48.91
N LEU KB 114 -38.41 -15.55 -48.51
CA LEU KB 114 -38.24 -16.97 -48.83
C LEU KB 114 -39.21 -17.84 -48.06
N ILE KB 115 -39.46 -17.52 -46.78
CA ILE KB 115 -40.34 -18.36 -45.96
C ILE KB 115 -41.76 -18.34 -46.50
N LEU KB 116 -42.18 -17.23 -47.12
CA LEU KB 116 -43.56 -17.09 -47.59
C LEU KB 116 -43.91 -18.11 -48.66
N ILE KB 117 -43.00 -18.37 -49.60
CA ILE KB 117 -43.28 -19.40 -50.61
C ILE KB 117 -43.27 -20.79 -49.98
N GLU KB 118 -42.26 -21.08 -49.15
CA GLU KB 118 -42.24 -22.35 -48.43
C GLU KB 118 -43.44 -22.52 -47.51
N SER KB 119 -43.95 -21.41 -46.97
CA SER KB 119 -45.24 -21.45 -46.30
C SER KB 119 -46.36 -21.77 -47.29
N ARG KB 120 -46.33 -21.12 -48.45
CA ARG KB 120 -47.32 -21.35 -49.49
C ARG KB 120 -47.16 -22.72 -50.17
N ILE KB 121 -45.93 -23.22 -50.27
CA ILE KB 121 -45.70 -24.54 -50.86
C ILE KB 121 -46.30 -25.63 -49.99
N HIS KB 122 -46.11 -25.53 -48.68
CA HIS KB 122 -46.60 -26.56 -47.76
C HIS KB 122 -48.13 -26.57 -47.69
N ARG KB 123 -48.76 -25.40 -47.83
CA ARG KB 123 -50.22 -25.36 -47.89
C ARG KB 123 -50.75 -26.08 -49.12
N LEU KB 124 -50.07 -25.91 -50.25
CA LEU KB 124 -50.45 -26.65 -51.46
C LEU KB 124 -50.03 -28.11 -51.37
N ALA KB 125 -48.95 -28.41 -50.62
CA ALA KB 125 -48.48 -29.78 -50.52
C ALA KB 125 -49.45 -30.66 -49.75
N ARG KB 126 -49.91 -30.20 -48.59
CA ARG KB 126 -50.84 -30.98 -47.79
C ARG KB 126 -52.25 -30.99 -48.35
N TYR KB 127 -52.64 -29.96 -49.11
CA TYR KB 127 -53.93 -29.99 -49.79
C TYR KB 127 -53.94 -31.05 -50.89
N TYR KB 128 -52.87 -31.11 -51.69
CA TYR KB 128 -52.78 -32.11 -52.74
C TYR KB 128 -52.58 -33.50 -52.18
N LYS KB 129 -52.11 -33.62 -50.94
CA LYS KB 129 -52.05 -34.93 -50.28
C LYS KB 129 -53.45 -35.48 -50.04
N THR KB 130 -54.39 -34.62 -49.64
CA THR KB 130 -55.76 -35.06 -49.38
C THR KB 130 -56.54 -35.34 -50.65
N LYS KB 131 -56.22 -34.66 -51.75
CA LYS KB 131 -56.87 -34.91 -53.03
C LYS KB 131 -56.26 -36.08 -53.79
N ARG KB 132 -55.18 -36.67 -53.26
CA ARG KB 132 -54.55 -37.88 -53.80
C ARG KB 132 -54.06 -37.69 -55.22
N VAL KB 133 -53.64 -36.46 -55.58
CA VAL KB 133 -52.97 -36.22 -56.84
C VAL KB 133 -51.46 -36.28 -56.71
N LEU KB 134 -50.93 -36.28 -55.49
CA LEU KB 134 -49.53 -36.48 -55.13
C LEU KB 134 -49.39 -37.72 -54.26
N PRO KB 135 -48.23 -38.37 -54.27
CA PRO KB 135 -48.03 -39.51 -53.39
C PRO KB 135 -48.09 -39.08 -51.93
N PRO KB 136 -48.58 -39.97 -51.05
CA PRO KB 136 -48.72 -39.59 -49.64
C PRO KB 136 -47.41 -39.28 -48.93
N ASN KB 137 -46.27 -39.74 -49.44
CA ASN KB 137 -44.97 -39.47 -48.83
C ASN KB 137 -44.21 -38.37 -49.56
N TRP KB 138 -44.87 -37.63 -50.44
CA TRP KB 138 -44.22 -36.54 -51.14
C TRP KB 138 -43.94 -35.39 -50.17
N LYS KB 139 -42.73 -34.83 -50.27
CA LYS KB 139 -42.33 -33.73 -49.41
C LYS KB 139 -41.41 -32.81 -50.19
N TYR KB 140 -41.70 -31.51 -50.14
CA TYR KB 140 -40.86 -30.52 -50.81
C TYR KB 140 -39.52 -30.40 -50.10
N GLU KB 141 -38.45 -30.84 -50.76
CA GLU KB 141 -37.10 -30.78 -50.21
C GLU KB 141 -36.35 -29.71 -50.99
N SER KB 142 -35.78 -28.74 -50.27
CA SER KB 142 -35.25 -27.54 -50.91
C SER KB 142 -34.00 -27.81 -51.75
N SER KB 143 -33.13 -28.70 -51.30
CA SER KB 143 -31.88 -28.94 -52.00
C SER KB 143 -32.10 -29.67 -53.33
N THR KB 144 -33.01 -30.65 -53.35
CA THR KB 144 -33.29 -31.42 -54.56
C THR KB 144 -34.39 -30.81 -55.41
N ALA KB 145 -34.97 -29.68 -55.00
CA ALA KB 145 -35.97 -29.01 -55.79
C ALA KB 145 -35.41 -28.27 -56.99
N SER KB 146 -34.09 -28.02 -57.01
CA SER KB 146 -33.47 -27.35 -58.15
C SER KB 146 -33.42 -28.24 -59.39
N ALA KB 147 -33.53 -29.55 -59.22
CA ALA KB 147 -33.62 -30.44 -60.37
C ALA KB 147 -34.88 -30.17 -61.18
N LEU KB 148 -36.01 -29.97 -60.49
CA LEU KB 148 -37.22 -29.55 -61.17
C LEU KB 148 -37.12 -28.09 -61.60
N VAL KB 149 -37.55 -27.80 -62.82
CA VAL KB 149 -37.45 -26.45 -63.35
C VAL KB 149 -38.58 -25.58 -62.83
N SER LB 1 1.92 52.65 -56.34
CA SER LB 1 0.50 53.00 -56.26
C SER LB 1 0.11 54.06 -57.29
N LEU LB 2 0.28 53.73 -58.57
CA LEU LB 2 -0.02 54.63 -59.69
C LEU LB 2 -0.86 53.88 -60.72
N GLY LB 3 -2.16 54.13 -60.71
CA GLY LB 3 -3.05 53.62 -61.73
C GLY LB 3 -2.87 54.30 -63.07
N PRO LB 4 -2.43 53.53 -64.09
CA PRO LB 4 -2.26 54.09 -65.43
C PRO LB 4 -3.54 54.23 -66.22
N GLN LB 5 -4.64 53.65 -65.77
CA GLN LB 5 -5.94 53.84 -66.39
C GLN LB 5 -6.41 55.27 -66.14
N VAL LB 6 -7.00 55.86 -67.18
CA VAL LB 6 -7.51 57.23 -67.05
C VAL LB 6 -8.80 57.21 -66.23
N ALA LB 7 -8.92 58.15 -65.30
CA ALA LB 7 -10.08 58.19 -64.43
C ALA LB 7 -11.35 58.60 -65.17
N GLU LB 8 -11.23 59.51 -66.13
CA GLU LB 8 -12.40 60.02 -66.85
C GLU LB 8 -12.87 59.10 -67.97
N GLY LB 9 -12.05 58.15 -68.41
CA GLY LB 9 -12.44 57.26 -69.48
C GLY LB 9 -13.41 56.18 -69.05
N GLU LB 10 -12.95 55.26 -68.21
CA GLU LB 10 -13.81 54.22 -67.66
C GLU LB 10 -13.32 53.93 -66.23
N ASN LB 11 -14.02 53.05 -65.54
CA ASN LB 11 -13.87 52.92 -64.09
C ASN LB 11 -13.03 51.72 -63.71
N VAL LB 12 -12.07 51.94 -62.81
CA VAL LB 12 -11.20 50.88 -62.32
C VAL LB 12 -12.00 49.98 -61.38
N PHE LB 13 -11.89 48.67 -61.58
CA PHE LB 13 -12.72 47.71 -60.89
C PHE LB 13 -11.91 46.93 -59.87
N GLY LB 14 -12.59 46.56 -58.78
CA GLY LB 14 -12.04 45.76 -57.71
C GLY LB 14 -13.16 45.04 -56.99
N VAL LB 15 -12.85 44.30 -55.92
CA VAL LB 15 -13.87 43.59 -55.15
C VAL LB 15 -13.42 43.50 -53.70
N CYS LB 16 -14.36 43.62 -52.76
CA CYS LB 16 -14.12 43.36 -51.35
C CYS LB 16 -14.91 42.13 -50.92
N HIS LB 17 -14.27 41.26 -50.14
CA HIS LB 17 -14.91 40.02 -49.68
C HIS LB 17 -15.61 40.30 -48.35
N ILE LB 18 -16.90 40.62 -48.43
CA ILE LB 18 -17.67 40.94 -47.24
C ILE LB 18 -18.05 39.66 -46.52
N PHE LB 19 -17.38 39.38 -45.41
CA PHE LB 19 -17.74 38.29 -44.50
C PHE LB 19 -18.14 38.88 -43.17
N ALA LB 20 -19.39 38.64 -42.75
CA ALA LB 20 -19.95 39.24 -41.55
C ALA LB 20 -20.65 38.16 -40.74
N SER LB 21 -19.99 37.66 -39.70
CA SER LB 21 -20.58 36.69 -38.79
C SER LB 21 -21.41 37.43 -37.74
N PHE LB 22 -21.88 36.70 -36.73
CA PHE LB 22 -22.66 37.28 -35.64
C PHE LB 22 -21.79 37.77 -34.50
N ASN LB 23 -20.46 37.66 -34.63
CA ASN LB 23 -19.55 38.16 -33.61
C ASN LB 23 -18.42 39.00 -34.20
N ASP LB 24 -18.30 39.07 -35.53
CA ASP LB 24 -17.26 39.88 -36.16
C ASP LB 24 -17.68 40.17 -37.59
N THR LB 25 -17.04 41.20 -38.16
CA THR LB 25 -17.30 41.62 -39.54
C THR LB 25 -15.97 41.86 -40.24
N PHE LB 26 -15.82 41.27 -41.43
CA PHE LB 26 -14.59 41.35 -42.21
C PHE LB 26 -14.87 42.04 -43.55
N VAL LB 27 -14.04 43.03 -43.87
CA VAL LB 27 -14.02 43.66 -45.19
C VAL LB 27 -12.64 43.42 -45.78
N HIS LB 28 -12.60 42.85 -46.99
CA HIS LB 28 -11.35 42.34 -47.56
C HIS LB 28 -11.28 42.69 -49.05
N VAL LB 29 -10.68 43.82 -49.37
CA VAL LB 29 -10.53 44.25 -50.77
C VAL LB 29 -9.42 43.42 -51.41
N THR LB 30 -9.75 42.73 -52.49
CA THR LB 30 -8.79 42.00 -53.31
C THR LB 30 -8.91 42.49 -54.74
N ASP LB 31 -8.11 41.89 -55.63
CA ASP LB 31 -8.19 42.19 -57.05
C ASP LB 31 -9.31 41.35 -57.67
N LEU LB 32 -9.47 41.43 -58.99
CA LEU LB 32 -10.49 40.63 -59.66
C LEU LB 32 -10.19 39.13 -59.60
N SER LB 33 -8.93 38.75 -59.43
CA SER LB 33 -8.59 37.34 -59.22
C SER LB 33 -8.88 36.87 -57.81
N GLY LB 34 -8.66 37.74 -56.81
CA GLY LB 34 -8.79 37.35 -55.42
C GLY LB 34 -7.52 36.80 -54.79
N LYS LB 35 -6.52 36.44 -55.60
CA LYS LB 35 -5.24 36.00 -55.07
C LYS LB 35 -4.49 37.16 -54.41
N GLU LB 36 -4.59 38.35 -54.98
CA GLU LB 36 -3.87 39.52 -54.49
C GLU LB 36 -4.85 40.45 -53.79
N THR LB 37 -4.52 40.83 -52.57
CA THR LB 37 -5.35 41.73 -51.77
C THR LB 37 -4.72 43.12 -51.68
N ILE LB 38 -5.57 44.13 -51.51
CA ILE LB 38 -5.14 45.52 -51.37
C ILE LB 38 -5.34 46.00 -49.94
N CYS LB 39 -6.55 45.92 -49.42
CA CYS LB 39 -6.83 46.36 -48.06
C CYS LB 39 -7.75 45.35 -47.39
N ARG LB 40 -7.59 45.22 -46.08
CA ARG LB 40 -8.41 44.31 -45.28
C ARG LB 40 -8.45 44.83 -43.86
N VAL LB 41 -9.53 45.52 -43.51
CA VAL LB 41 -9.73 46.04 -42.17
C VAL LB 41 -10.99 45.40 -41.59
N THR LB 42 -10.94 45.08 -40.30
CA THR LB 42 -12.04 44.35 -39.67
C THR LB 42 -12.82 45.28 -38.74
N GLY LB 43 -13.99 44.80 -38.32
CA GLY LB 43 -14.80 45.56 -37.38
C GLY LB 43 -14.23 45.55 -35.98
N GLY LB 44 -13.42 44.56 -35.64
CA GLY LB 44 -12.92 44.43 -34.29
C GLY LB 44 -11.71 45.27 -33.96
N MET LB 45 -11.08 45.90 -34.95
CA MET LB 45 -9.85 46.62 -34.73
C MET LB 45 -10.03 48.12 -34.57
N LYS LB 46 -11.27 48.61 -34.64
CA LYS LB 46 -11.58 50.01 -34.33
C LYS LB 46 -12.42 50.16 -33.07
N VAL LB 47 -13.01 49.07 -32.58
CA VAL LB 47 -13.67 49.05 -31.29
C VAL LB 47 -12.89 48.09 -30.40
N LYS LB 48 -12.63 48.52 -29.17
CA LYS LB 48 -11.83 47.73 -28.23
C LYS LB 48 -12.76 47.05 -27.22
N ALA LB 49 -13.66 46.24 -27.78
CA ALA LB 49 -14.57 45.42 -26.99
C ALA LB 49 -15.02 44.26 -27.84
N ASP LB 50 -15.05 43.06 -27.24
CA ASP LB 50 -15.33 41.86 -28.01
C ASP LB 50 -16.80 41.74 -28.38
N ARG LB 51 -17.70 42.35 -27.60
CA ARG LB 51 -19.12 42.14 -27.77
C ARG LB 51 -19.73 42.93 -28.92
N ASP LB 52 -19.04 43.96 -29.43
CA ASP LB 52 -19.63 44.80 -30.48
C ASP LB 52 -18.72 44.87 -31.69
N GLU LB 53 -17.96 43.80 -31.97
CA GLU LB 53 -17.21 43.75 -33.21
C GLU LB 53 -18.13 43.55 -34.41
N SER LB 54 -19.22 42.81 -34.24
CA SER LB 54 -20.21 42.62 -35.29
C SER LB 54 -21.32 43.66 -35.24
N SER LB 55 -21.25 44.63 -34.33
CA SER LB 55 -22.29 45.64 -34.22
C SER LB 55 -22.33 46.49 -35.49
N PRO LB 56 -23.51 46.96 -35.91
CA PRO LB 56 -23.59 47.74 -37.16
C PRO LB 56 -22.83 49.05 -37.10
N TYR LB 57 -22.55 49.60 -35.92
CA TYR LB 57 -21.69 50.77 -35.83
C TYR LB 57 -20.23 50.41 -36.12
N ALA LB 58 -19.74 49.31 -35.55
CA ALA LB 58 -18.34 48.96 -35.76
C ALA LB 58 -18.08 48.56 -37.21
N ALA LB 59 -19.13 48.15 -37.92
CA ALA LB 59 -19.00 47.82 -39.33
C ALA LB 59 -18.85 49.08 -40.18
N MET LB 60 -19.64 50.12 -39.87
CA MET LB 60 -19.76 51.27 -40.78
C MET LB 60 -18.50 52.11 -40.87
N LEU LB 61 -17.81 52.38 -39.77
CA LEU LB 61 -16.61 53.20 -39.89
C LEU LB 61 -15.46 52.39 -40.48
N ALA LB 62 -15.59 51.07 -40.47
CA ALA LB 62 -14.64 50.27 -41.24
C ALA LB 62 -14.86 50.44 -42.74
N ALA LB 63 -16.06 50.90 -43.15
CA ALA LB 63 -16.38 50.93 -44.57
C ALA LB 63 -15.68 52.08 -45.30
N GLN LB 64 -15.64 53.28 -44.72
CA GLN LB 64 -14.95 54.36 -45.41
C GLN LB 64 -13.44 54.21 -45.28
N ASP LB 65 -12.97 53.60 -44.18
CA ASP LB 65 -11.54 53.49 -43.97
C ASP LB 65 -10.88 52.59 -45.00
N VAL LB 66 -11.53 51.47 -45.34
CA VAL LB 66 -11.04 50.67 -46.46
C VAL LB 66 -11.21 51.43 -47.77
N ALA LB 67 -12.33 52.13 -47.92
CA ALA LB 67 -12.57 52.95 -49.11
C ALA LB 67 -11.60 54.11 -49.20
N GLN LB 68 -11.29 54.76 -48.07
CA GLN LB 68 -10.26 55.80 -48.08
C GLN LB 68 -8.92 55.21 -48.49
N ARG LB 69 -8.60 54.02 -47.98
CA ARG LB 69 -7.39 53.31 -48.39
C ARG LB 69 -7.43 52.89 -49.84
N CYS LB 70 -8.60 52.57 -50.37
CA CYS LB 70 -8.76 52.15 -51.74
C CYS LB 70 -8.92 53.32 -52.71
N LYS LB 71 -8.88 54.55 -52.22
CA LYS LB 71 -9.09 55.72 -53.08
C LYS LB 71 -7.79 56.29 -53.66
N GLU LB 72 -6.71 56.35 -52.88
CA GLU LB 72 -5.49 56.94 -53.43
C GLU LB 72 -4.85 56.02 -54.46
N LEU LB 73 -5.03 54.72 -54.31
CA LEU LB 73 -4.39 53.75 -55.20
C LEU LB 73 -5.19 53.55 -56.48
N GLY LB 74 -6.40 54.09 -56.55
CA GLY LB 74 -7.05 54.31 -57.84
C GLY LB 74 -8.29 53.51 -58.14
N ILE LB 75 -8.98 52.97 -57.14
CA ILE LB 75 -10.17 52.19 -57.42
C ILE LB 75 -11.40 52.95 -56.96
N THR LB 76 -12.37 53.11 -57.88
CA THR LB 76 -13.63 53.80 -57.62
C THR LB 76 -14.82 52.85 -57.53
N ALA LB 77 -14.76 51.70 -58.22
CA ALA LB 77 -15.84 50.73 -58.17
C ALA LB 77 -15.36 49.43 -57.51
N LEU LB 78 -16.22 48.87 -56.67
CA LEU LB 78 -15.96 47.57 -56.09
C LEU LB 78 -17.12 46.64 -56.37
N HIS LB 79 -16.80 45.39 -56.68
CA HIS LB 79 -17.77 44.33 -56.66
C HIS LB 79 -17.99 43.91 -55.20
N ILE LB 80 -19.16 43.34 -54.93
CA ILE LB 80 -19.54 42.96 -53.57
C ILE LB 80 -19.89 41.47 -53.57
N LYS LB 81 -19.25 40.70 -52.68
CA LYS LB 81 -19.69 39.34 -52.37
C LYS LB 81 -20.03 39.28 -50.88
N LEU LB 82 -21.28 38.93 -50.57
CA LEU LB 82 -21.70 38.71 -49.19
C LEU LB 82 -21.28 37.31 -48.76
N ARG LB 83 -20.84 37.19 -47.51
CA ARG LB 83 -20.50 35.89 -46.95
C ARG LB 83 -20.95 35.83 -45.49
N ALA LB 84 -21.75 34.81 -45.18
CA ALA LB 84 -22.10 34.48 -43.82
C ALA LB 84 -21.17 33.37 -43.34
N THR LB 85 -21.46 32.82 -42.16
CA THR LB 85 -20.58 31.80 -41.58
C THR LB 85 -20.53 30.54 -42.45
N GLY LB 86 -21.68 30.11 -42.96
CA GLY LB 86 -21.71 29.00 -43.90
C GLY LB 86 -21.41 27.66 -43.23
N GLY LB 87 -21.15 26.67 -44.07
CA GLY LB 87 -20.92 25.32 -43.58
C GLY LB 87 -22.17 24.78 -42.92
N ASN LB 88 -21.96 23.96 -41.89
CA ASN LB 88 -23.10 23.46 -41.10
C ASN LB 88 -23.76 24.57 -40.28
N ARG LB 89 -23.05 25.65 -39.99
CA ARG LB 89 -23.53 26.70 -39.11
C ARG LB 89 -24.52 27.62 -39.81
N THR LB 90 -24.81 28.76 -39.20
CA THR LB 90 -25.86 29.65 -39.68
C THR LB 90 -25.53 30.22 -41.06
N LYS LB 91 -26.59 30.53 -41.81
CA LYS LB 91 -26.47 31.02 -43.18
C LYS LB 91 -26.86 32.48 -43.32
N THR LB 92 -27.41 33.08 -42.27
CA THR LB 92 -27.84 34.47 -42.34
C THR LB 92 -26.63 35.39 -42.15
N PRO LB 93 -26.42 36.36 -43.03
CA PRO LB 93 -25.38 37.36 -42.80
C PRO LB 93 -25.67 38.15 -41.53
N GLY LB 94 -24.60 38.53 -40.84
CA GLY LB 94 -24.73 39.21 -39.57
C GLY LB 94 -25.23 40.62 -39.72
N PRO LB 95 -25.43 41.31 -38.60
CA PRO LB 95 -25.89 42.71 -38.66
C PRO LB 95 -24.90 43.67 -39.28
N GLY LB 96 -23.62 43.31 -39.35
CA GLY LB 96 -22.62 44.16 -39.97
C GLY LB 96 -22.51 44.03 -41.47
N ALA LB 97 -23.30 43.15 -42.09
CA ALA LB 97 -23.24 42.95 -43.52
C ALA LB 97 -23.81 44.14 -44.29
N GLN LB 98 -25.07 44.49 -43.98
CA GLN LB 98 -25.76 45.57 -44.68
C GLN LB 98 -25.13 46.94 -44.44
N SER LB 99 -24.61 47.19 -43.24
CA SER LB 99 -24.00 48.49 -42.95
C SER LB 99 -22.65 48.64 -43.66
N ALA LB 100 -22.06 47.51 -44.08
CA ALA LB 100 -20.75 47.57 -44.71
C ALA LB 100 -20.82 48.18 -46.11
N LEU LB 101 -21.61 47.58 -46.99
CA LEU LB 101 -21.69 48.07 -48.36
C LEU LB 101 -22.49 49.37 -48.48
N ARG LB 102 -23.33 49.68 -47.50
CA ARG LB 102 -24.08 50.93 -47.54
C ARG LB 102 -23.18 52.13 -47.32
N ALA LB 103 -22.33 52.08 -46.28
CA ALA LB 103 -21.53 53.25 -45.92
C ALA LB 103 -20.44 53.52 -46.95
N LEU LB 104 -19.86 52.48 -47.54
CA LEU LB 104 -18.90 52.69 -48.61
C LEU LB 104 -19.55 53.29 -49.84
N ALA LB 105 -20.79 52.90 -50.15
CA ALA LB 105 -21.51 53.53 -51.24
C ALA LB 105 -21.81 55.00 -50.95
N ARG LB 106 -22.04 55.33 -49.67
CA ARG LB 106 -22.21 56.72 -49.28
C ARG LB 106 -20.89 57.48 -49.28
N SER LB 107 -19.76 56.77 -49.16
CA SER LB 107 -18.44 57.39 -49.11
C SER LB 107 -17.95 57.84 -50.47
N GLY LB 108 -18.61 57.45 -51.55
CA GLY LB 108 -18.17 57.81 -52.88
C GLY LB 108 -17.44 56.69 -53.58
N MET LB 109 -17.86 55.46 -53.31
CA MET LB 109 -17.28 54.26 -53.88
C MET LB 109 -18.36 53.56 -54.70
N LYS LB 110 -18.09 53.37 -55.99
CA LYS LB 110 -19.10 52.84 -56.89
C LYS LB 110 -19.33 51.35 -56.63
N ILE LB 111 -20.45 50.83 -57.16
CA ILE LB 111 -20.90 49.48 -56.88
C ILE LB 111 -20.89 48.69 -58.19
N GLY LB 112 -20.25 47.52 -58.16
CA GLY LB 112 -20.25 46.63 -59.31
C GLY LB 112 -21.43 45.66 -59.29
N ARG LB 113 -21.14 44.36 -59.28
CA ARG LB 113 -22.16 43.33 -59.24
C ARG LB 113 -22.33 42.81 -57.81
N ILE LB 114 -23.54 42.32 -57.51
CA ILE LB 114 -23.90 41.86 -56.19
C ILE LB 114 -24.22 40.38 -56.28
N GLU LB 115 -23.56 39.56 -55.46
CA GLU LB 115 -23.87 38.15 -55.35
C GLU LB 115 -23.44 37.67 -53.97
N ASP LB 116 -23.97 36.52 -53.56
CA ASP LB 116 -23.72 35.95 -52.24
C ASP LB 116 -22.89 34.67 -52.38
N VAL LB 117 -21.78 34.59 -51.65
CA VAL LB 117 -20.88 33.46 -51.73
C VAL LB 117 -20.78 32.73 -50.40
N THR LB 118 -21.91 32.64 -49.68
CA THR LB 118 -21.96 31.82 -48.48
C THR LB 118 -21.57 30.39 -48.82
N PRO LB 119 -20.62 29.80 -48.10
CA PRO LB 119 -20.20 28.43 -48.44
C PRO LB 119 -21.28 27.42 -48.12
N ILE LB 120 -22.32 27.40 -48.96
CA ILE LB 120 -23.51 26.59 -48.72
C ILE LB 120 -23.16 25.13 -48.93
N PRO LB 121 -23.29 24.29 -47.92
CA PRO LB 121 -23.11 22.85 -48.13
C PRO LB 121 -24.28 22.29 -48.91
N SER LB 122 -23.96 21.40 -49.85
CA SER LB 122 -25.00 20.59 -50.45
C SER LB 122 -25.59 19.73 -49.34
N ASP LB 123 -24.76 18.88 -48.75
CA ASP LB 123 -25.17 18.00 -47.67
C ASP LB 123 -24.02 17.93 -46.67
N SER LB 124 -24.22 18.56 -45.51
CA SER LB 124 -23.13 18.81 -44.58
C SER LB 124 -22.96 17.68 -43.59
N THR LB 125 -21.98 17.85 -42.71
CA THR LB 125 -21.70 16.91 -41.64
C THR LB 125 -22.63 17.20 -40.46
N ARG LB 126 -22.33 16.61 -39.31
CA ARG LB 126 -23.15 16.81 -38.11
C ARG LB 126 -23.01 18.24 -37.61
N ARG LB 127 -24.14 18.88 -37.34
CA ARG LB 127 -24.14 20.22 -36.75
C ARG LB 127 -23.58 20.18 -35.33
N LYS LB 128 -22.78 21.19 -35.00
CA LYS LB 128 -22.20 21.30 -33.67
C LYS LB 128 -23.30 21.53 -32.65
N GLY LB 129 -23.19 20.84 -31.53
CA GLY LB 129 -24.21 20.84 -30.49
C GLY LB 129 -24.81 19.45 -30.30
N GLY LB 130 -25.58 19.34 -29.22
CA GLY LB 130 -26.22 18.10 -28.88
C GLY LB 130 -27.49 17.86 -29.68
N ARG LB 131 -28.14 16.74 -29.37
CA ARG LB 131 -29.41 16.42 -30.02
C ARG LB 131 -30.51 17.38 -29.59
N ARG LB 132 -30.45 17.85 -28.35
CA ARG LB 132 -31.40 18.84 -27.84
C ARG LB 132 -31.02 20.26 -28.21
N GLY LB 133 -29.85 20.48 -28.81
CA GLY LB 133 -29.45 21.80 -29.24
C GLY LB 133 -28.81 22.60 -28.12
N ARG LB 134 -28.79 23.92 -28.32
CA ARG LB 134 -28.20 24.85 -27.36
C ARG LB 134 -29.26 25.20 -26.31
N ARG LB 135 -29.45 24.27 -25.37
CA ARG LB 135 -30.42 24.45 -24.30
C ARG LB 135 -29.93 25.47 -23.27
N PHE MB 1 -17.38 73.37 56.75
CA PHE MB 1 -16.57 74.03 57.76
C PHE MB 1 -17.31 75.20 58.41
N ARG MB 2 -17.53 76.25 57.63
CA ARG MB 2 -18.23 77.44 58.09
C ARG MB 2 -19.75 77.16 58.08
N LYS MB 3 -20.52 78.01 58.75
CA LYS MB 3 -21.94 77.81 58.94
C LYS MB 3 -22.69 77.95 57.61
N PHE MB 4 -24.00 77.74 57.65
CA PHE MB 4 -24.83 77.81 56.46
C PHE MB 4 -25.47 79.19 56.35
N THR MB 5 -25.51 79.72 55.13
CA THR MB 5 -26.14 81.00 54.85
C THR MB 5 -27.08 80.85 53.67
N TYR MB 6 -28.34 81.26 53.87
CA TYR MB 6 -29.36 81.20 52.80
C TYR MB 6 -29.62 82.60 52.26
N ARG MB 7 -28.76 83.00 51.33
CA ARG MB 7 -28.70 84.26 50.58
C ARG MB 7 -28.28 85.45 51.44
N GLY MB 8 -28.56 85.41 52.75
CA GLY MB 8 -27.94 86.35 53.66
C GLY MB 8 -27.95 85.94 55.13
N VAL MB 9 -28.49 84.77 55.44
CA VAL MB 9 -29.06 84.50 56.76
C VAL MB 9 -28.54 83.17 57.29
N ASP MB 10 -28.13 83.18 58.56
CA ASP MB 10 -27.70 81.97 59.23
C ASP MB 10 -28.90 81.13 59.69
N LEU MB 11 -28.60 79.92 60.18
CA LEU MB 11 -29.65 78.99 60.58
C LEU MB 11 -30.47 79.51 61.74
N ASP MB 12 -29.82 80.13 62.73
CA ASP MB 12 -30.54 80.61 63.92
C ASP MB 12 -31.53 81.72 63.59
N GLN MB 13 -31.13 82.67 62.73
CA GLN MB 13 -32.03 83.76 62.37
C GLN MB 13 -33.12 83.27 61.40
N LEU MB 14 -32.86 82.16 60.70
CA LEU MB 14 -33.86 81.58 59.80
C LEU MB 14 -35.11 81.13 60.55
N LEU MB 15 -34.94 80.46 61.68
CA LEU MB 15 -36.09 79.87 62.37
C LEU MB 15 -36.98 80.94 62.98
N ASP MB 16 -36.39 81.95 63.62
CA ASP MB 16 -37.16 83.04 64.23
C ASP MB 16 -37.37 84.19 63.24
N MET MB 17 -38.07 83.93 62.14
CA MET MB 17 -38.31 84.92 61.11
C MET MB 17 -39.65 84.64 60.44
N SER MB 18 -40.39 85.72 60.16
CA SER MB 18 -41.77 85.60 59.69
C SER MB 18 -41.80 85.14 58.23
N TYR MB 19 -43.02 84.97 57.72
CA TYR MB 19 -43.25 84.34 56.43
C TYR MB 19 -43.58 85.31 55.31
N GLU MB 20 -43.91 86.56 55.62
CA GLU MB 20 -44.27 87.50 54.57
C GLU MB 20 -43.07 87.89 53.71
N GLN MB 21 -41.91 88.11 54.34
CA GLN MB 21 -40.70 88.35 53.56
C GLN MB 21 -40.02 87.05 53.13
N LEU MB 22 -40.60 85.90 53.47
CA LEU MB 22 -40.01 84.62 53.08
C LEU MB 22 -40.14 84.35 51.58
N MET MB 23 -41.16 84.89 50.91
CA MET MB 23 -41.33 84.62 49.48
C MET MB 23 -40.22 85.24 48.65
N GLN MB 24 -39.90 86.51 48.90
CA GLN MB 24 -38.86 87.19 48.12
C GLN MB 24 -37.45 86.73 48.49
N LEU MB 25 -37.31 85.79 49.43
CA LEU MB 25 -35.99 85.29 49.80
C LEU MB 25 -35.44 84.36 48.73
N TYR MB 26 -36.27 83.52 48.13
CA TYR MB 26 -35.80 82.46 47.25
C TYR MB 26 -36.76 82.31 46.07
N SER MB 27 -36.68 81.15 45.41
CA SER MB 27 -37.05 80.95 44.00
C SER MB 27 -38.49 81.37 43.69
N ALA MB 28 -38.72 81.63 42.39
CA ALA MB 28 -39.98 82.17 41.92
C ALA MB 28 -41.11 81.15 42.00
N ARG MB 29 -40.85 79.90 41.65
CA ARG MB 29 -41.85 78.85 41.87
C ARG MB 29 -42.09 78.65 43.36
N GLN MB 30 -41.04 78.79 44.16
CA GLN MB 30 -41.16 78.64 45.61
C GLN MB 30 -41.94 79.78 46.24
N ARG MB 31 -41.78 81.02 45.74
CA ARG MB 31 -42.54 82.14 46.27
C ARG MB 31 -43.99 82.14 45.80
N ARG MB 32 -44.33 81.35 44.79
CA ARG MB 32 -45.71 81.26 44.33
C ARG MB 32 -46.52 80.24 45.12
N ARG MB 33 -45.86 79.19 45.63
CA ARG MB 33 -46.55 78.21 46.46
C ARG MB 33 -46.92 78.79 47.82
N LEU MB 34 -46.01 79.56 48.43
CA LEU MB 34 -46.29 80.16 49.72
C LEU MB 34 -47.36 81.23 49.61
N SER MB 35 -47.36 81.99 48.51
CA SER MB 35 -48.36 83.04 48.33
C SER MB 35 -49.77 82.47 48.17
N ARG MB 36 -49.89 81.34 47.46
CA ARG MB 36 -51.20 80.71 47.27
C ARG MB 36 -51.70 80.02 48.53
N GLY MB 37 -50.83 79.77 49.50
CA GLY MB 37 -51.23 79.21 50.78
C GLY MB 37 -50.86 77.75 50.91
N LEU MB 38 -51.18 77.20 52.08
CA LEU MB 38 -50.93 75.81 52.42
C LEU MB 38 -52.26 75.13 52.70
N ARG MB 39 -52.20 73.84 53.02
CA ARG MB 39 -53.38 73.04 53.28
C ARG MB 39 -53.27 72.37 54.64
N ARG MB 40 -54.43 72.13 55.27
CA ARG MB 40 -54.46 71.48 56.57
C ARG MB 40 -54.03 70.02 56.50
N LYS MB 41 -54.12 69.38 55.33
CA LYS MB 41 -53.57 68.04 55.17
C LYS MB 41 -52.06 68.07 55.25
N GLN MB 42 -51.44 69.17 54.83
CA GLN MB 42 -50.00 69.34 54.97
C GLN MB 42 -49.62 70.05 56.26
N HIS MB 43 -50.53 70.82 56.85
CA HIS MB 43 -50.28 71.48 58.13
C HIS MB 43 -50.35 70.53 59.31
N SER MB 44 -51.01 69.38 59.17
CA SER MB 44 -50.98 68.37 60.21
C SER MB 44 -49.60 67.74 60.32
N LEU MB 45 -48.84 67.74 59.23
CA LEU MB 45 -47.45 67.31 59.28
C LEU MB 45 -46.61 68.24 60.13
N LEU MB 46 -46.90 69.55 60.05
CA LEU MB 46 -46.17 70.53 60.86
C LEU MB 46 -46.38 70.30 62.35
N LYS MB 47 -47.61 69.98 62.77
CA LYS MB 47 -47.85 69.62 64.16
C LYS MB 47 -47.21 68.29 64.50
N ARG MB 48 -47.10 67.38 63.54
CA ARG MB 48 -46.47 66.09 63.77
C ARG MB 48 -44.95 66.18 63.83
N LEU MB 49 -44.35 67.13 63.11
CA LEU MB 49 -42.91 67.35 63.22
C LEU MB 49 -42.54 67.91 64.59
N ARG MB 50 -43.34 68.86 65.10
CA ARG MB 50 -43.10 69.39 66.44
C ARG MB 50 -43.34 68.33 67.50
N LYS MB 51 -44.28 67.41 67.26
CA LYS MB 51 -44.43 66.25 68.14
C LYS MB 51 -43.18 65.38 68.12
N ALA MB 52 -42.54 65.24 66.96
CA ALA MB 52 -41.28 64.53 66.86
C ALA MB 52 -40.10 65.36 67.33
N LYS MB 53 -40.31 66.66 67.60
CA LYS MB 53 -39.22 67.55 67.97
C LYS MB 53 -39.13 67.76 69.48
N LYS MB 54 -40.25 67.97 70.16
CA LYS MB 54 -40.22 68.23 71.60
C LYS MB 54 -39.96 66.97 72.41
N GLU MB 55 -40.42 65.81 71.94
CA GLU MB 55 -40.14 64.55 72.61
C GLU MB 55 -38.75 64.01 72.29
N ALA MB 56 -38.09 64.55 71.27
CA ALA MB 56 -36.75 64.10 70.93
C ALA MB 56 -35.73 64.58 71.97
N PRO MB 57 -34.76 63.74 72.31
CA PRO MB 57 -33.71 64.18 73.23
C PRO MB 57 -32.66 64.99 72.50
N PRO MB 58 -32.02 65.95 73.18
CA PRO MB 58 -30.99 66.77 72.51
C PRO MB 58 -29.75 65.99 72.10
N MET MB 59 -29.49 64.84 72.72
CA MET MB 59 -28.30 64.04 72.41
C MET MB 59 -28.58 62.95 71.38
N GLU MB 60 -29.79 62.85 70.85
CA GLU MB 60 -30.16 61.79 69.93
C GLU MB 60 -30.96 62.37 68.77
N LYS MB 61 -30.93 61.67 67.65
CA LYS MB 61 -31.76 62.02 66.51
C LYS MB 61 -33.24 61.80 66.86
N PRO MB 62 -34.14 62.61 66.27
CA PRO MB 62 -35.57 62.51 66.64
C PRO MB 62 -36.24 61.21 66.20
N GLU MB 63 -37.52 61.06 66.53
CA GLU MB 63 -38.26 59.89 66.10
C GLU MB 63 -38.67 60.03 64.64
N VAL MB 64 -39.13 58.93 64.06
CA VAL MB 64 -39.43 58.84 62.63
C VAL MB 64 -40.87 59.24 62.39
N VAL MB 65 -41.08 60.14 61.43
CA VAL MB 65 -42.40 60.51 60.96
C VAL MB 65 -42.53 60.06 59.50
N LYS MB 66 -43.76 59.76 59.11
CA LYS MB 66 -44.06 59.30 57.77
C LYS MB 66 -44.92 60.33 57.04
N THR MB 67 -44.71 60.45 55.73
CA THR MB 67 -45.49 61.34 54.89
C THR MB 67 -45.50 60.80 53.45
N HIS MB 68 -46.50 61.24 52.70
CA HIS MB 68 -46.57 61.00 51.27
C HIS MB 68 -46.46 62.30 50.47
N LEU MB 69 -46.20 63.42 51.13
CA LEU MB 69 -46.16 64.73 50.49
C LEU MB 69 -44.79 64.92 49.86
N ARG MB 70 -44.61 64.37 48.66
CA ARG MB 70 -43.42 64.64 47.88
C ARG MB 70 -43.34 66.10 47.43
N ASP MB 71 -44.50 66.76 47.32
CA ASP MB 71 -44.57 68.16 46.92
C ASP MB 71 -44.65 69.07 48.15
N MET MB 72 -43.66 68.92 49.03
CA MET MB 72 -43.63 69.68 50.27
C MET MB 72 -42.26 70.31 50.43
N ILE MB 73 -42.25 71.61 50.75
CA ILE MB 73 -41.01 72.37 50.82
C ILE MB 73 -40.40 72.23 52.20
N ILE MB 74 -39.12 71.90 52.26
CA ILE MB 74 -38.42 71.78 53.54
C ILE MB 74 -38.12 73.19 54.04
N LEU MB 75 -38.89 73.64 55.02
CA LEU MB 75 -38.66 74.95 55.61
C LEU MB 75 -37.51 74.88 56.61
N PRO MB 76 -36.91 76.02 56.94
CA PRO MB 76 -35.88 76.04 57.99
C PRO MB 76 -36.39 75.52 59.34
N GLU MB 77 -37.69 75.65 59.61
CA GLU MB 77 -38.24 75.14 60.87
C GLU MB 77 -38.15 73.62 60.94
N MET MB 78 -38.36 72.95 59.81
CA MET MB 78 -38.42 71.49 59.79
C MET MB 78 -37.07 70.82 59.92
N VAL MB 79 -35.98 71.58 59.87
CA VAL MB 79 -34.64 71.00 59.74
C VAL MB 79 -34.29 70.18 60.97
N GLY MB 80 -33.84 68.95 60.74
CA GLY MB 80 -33.45 68.06 61.82
C GLY MB 80 -34.53 67.06 62.20
N SER MB 81 -35.08 66.35 61.21
CA SER MB 81 -36.17 65.43 61.44
C SER MB 81 -35.89 64.11 60.72
N MET MB 82 -36.50 63.05 61.24
CA MET MB 82 -36.47 61.72 60.62
C MET MB 82 -37.77 61.55 59.85
N VAL MB 83 -37.72 61.77 58.53
CA VAL MB 83 -38.92 61.82 57.71
C VAL MB 83 -38.94 60.65 56.73
N GLY MB 84 -40.03 59.90 56.74
CA GLY MB 84 -40.25 58.80 55.82
C GLY MB 84 -41.00 59.17 54.56
N VAL MB 85 -40.38 59.94 53.68
CA VAL MB 85 -41.04 60.44 52.48
C VAL MB 85 -41.32 59.29 51.53
N TYR MB 86 -42.52 59.27 50.97
CA TYR MB 86 -43.00 58.16 50.16
C TYR MB 86 -42.43 58.23 48.74
N ASN MB 87 -42.35 57.06 48.11
CA ASN MB 87 -41.81 56.90 46.76
C ASN MB 87 -42.84 56.47 45.73
N GLY MB 88 -43.82 55.68 46.14
CA GLY MB 88 -44.72 55.01 45.23
C GLY MB 88 -45.00 53.61 45.72
N LYS MB 89 -44.00 53.02 46.36
CA LYS MB 89 -44.14 51.74 47.06
C LYS MB 89 -43.63 51.76 48.49
N THR MB 90 -42.53 52.45 48.75
CA THR MB 90 -41.81 52.33 50.01
C THR MB 90 -41.60 53.68 50.67
N PHE MB 91 -41.67 53.70 52.00
CA PHE MB 91 -41.20 54.85 52.76
C PHE MB 91 -39.68 54.97 52.63
N ASN MB 92 -39.20 56.19 52.42
CA ASN MB 92 -37.77 56.46 52.31
C ASN MB 92 -37.35 57.40 53.42
N GLN MB 93 -36.42 56.96 54.26
CA GLN MB 93 -35.98 57.76 55.39
C GLN MB 93 -34.97 58.79 54.94
N VAL MB 94 -35.25 60.06 55.20
CA VAL MB 94 -34.40 61.18 54.81
C VAL MB 94 -34.03 61.99 56.04
N GLU MB 95 -32.74 62.23 56.22
CA GLU MB 95 -32.24 63.19 57.21
C GLU MB 95 -32.11 64.56 56.56
N ILE MB 96 -32.89 65.53 57.03
CA ILE MB 96 -32.93 66.86 56.43
C ILE MB 96 -32.13 67.83 57.30
N LYS MB 97 -31.28 68.62 56.65
CA LYS MB 97 -30.25 69.52 57.16
C LYS MB 97 -30.51 70.93 56.64
N PRO MB 98 -29.73 71.94 57.05
CA PRO MB 98 -29.91 73.27 56.46
C PRO MB 98 -29.62 73.34 54.96
N GLU MB 99 -28.95 72.36 54.37
CA GLU MB 99 -28.65 72.40 52.94
C GLU MB 99 -29.83 72.03 52.05
N MET MB 100 -30.96 71.59 52.61
CA MET MB 100 -32.12 71.23 51.80
C MET MB 100 -33.25 72.25 51.91
N ILE MB 101 -32.93 73.54 51.93
CA ILE MB 101 -33.95 74.59 51.95
C ILE MB 101 -34.32 74.98 50.52
N GLY MB 102 -35.61 75.01 50.22
CA GLY MB 102 -36.08 75.41 48.91
C GLY MB 102 -36.14 74.27 47.91
N HIS MB 103 -36.53 73.09 48.39
CA HIS MB 103 -36.57 71.90 47.55
C HIS MB 103 -37.76 71.05 47.97
N TYR MB 104 -38.15 70.14 47.09
CA TYR MB 104 -39.25 69.23 47.37
C TYR MB 104 -38.76 67.97 48.05
N LEU MB 105 -39.61 67.40 48.92
CA LEU MB 105 -39.27 66.15 49.58
C LEU MB 105 -39.15 64.99 48.61
N GLY MB 106 -39.78 65.08 47.44
CA GLY MB 106 -39.71 64.01 46.46
C GLY MB 106 -38.41 63.88 45.71
N GLU MB 107 -37.59 64.93 45.73
CA GLU MB 107 -36.28 64.86 45.08
C GLU MB 107 -35.31 64.01 45.89
N PHE MB 108 -35.52 63.94 47.21
CA PHE MB 108 -34.70 63.14 48.11
C PHE MB 108 -35.30 61.77 48.39
N SER MB 109 -36.34 61.40 47.64
CA SER MB 109 -37.00 60.11 47.80
C SER MB 109 -37.21 59.57 46.39
N ILE MB 110 -36.27 58.76 45.93
CA ILE MB 110 -36.21 58.39 44.52
C ILE MB 110 -37.24 57.31 44.26
N THR MB 111 -38.08 57.54 43.23
CA THR MB 111 -39.12 56.58 42.90
C THR MB 111 -38.61 55.41 42.08
N TYR MB 112 -37.67 55.64 41.17
CA TYR MB 112 -37.25 54.61 40.23
C TYR MB 112 -35.74 54.38 40.33
N LYS MB 113 -35.36 53.10 40.39
CA LYS MB 113 -33.92 52.97 40.36
C LYS MB 113 -33.43 52.93 38.92
N PRO MB 114 -32.29 53.56 38.64
CA PRO MB 114 -31.76 53.55 37.27
C PRO MB 114 -31.43 52.14 36.81
N VAL MB 115 -31.77 51.87 35.57
CA VAL MB 115 -31.72 50.51 35.04
C VAL MB 115 -30.31 50.18 34.58
N LYS MB 116 -29.91 48.94 34.80
CA LYS MB 116 -28.65 48.40 34.32
C LYS MB 116 -28.97 47.40 33.22
N HIS MB 117 -28.59 47.73 31.99
CA HIS MB 117 -28.97 46.91 30.84
C HIS MB 117 -28.25 45.57 30.85
N GLY MB 118 -26.96 45.57 31.15
CA GLY MB 118 -26.20 44.34 31.20
C GLY MB 118 -26.20 43.71 32.58
N ARG MB 119 -27.09 42.73 32.79
CA ARG MB 119 -27.12 42.00 34.05
C ARG MB 119 -26.04 40.92 34.09
N PRO MB 120 -25.84 40.12 33.01
CA PRO MB 120 -24.66 39.25 33.13
C PRO MB 120 -23.35 39.99 32.89
N GLY NB 1 -69.77 119.50 -14.91
CA GLY NB 1 -70.55 118.96 -16.01
C GLY NB 1 -71.16 117.61 -15.71
N PRO NB 2 -71.37 116.80 -16.75
CA PRO NB 2 -71.91 115.45 -16.54
C PRO NB 2 -70.94 114.58 -15.74
N LEU NB 3 -71.50 113.70 -14.92
CA LEU NB 3 -70.71 112.80 -14.08
C LEU NB 3 -70.36 111.57 -14.90
N GLN NB 4 -69.17 111.56 -15.49
CA GLN NB 4 -68.69 110.43 -16.27
C GLN NB 4 -67.88 109.48 -15.39
N SER NB 5 -68.56 108.94 -14.38
CA SER NB 5 -67.92 108.07 -13.39
C SER NB 5 -68.09 106.61 -13.81
N VAL NB 6 -66.98 105.88 -13.89
CA VAL NB 6 -66.98 104.46 -14.21
C VAL NB 6 -66.23 103.73 -13.10
N GLN NB 7 -66.90 102.76 -12.49
CA GLN NB 7 -66.33 101.97 -11.40
C GLN NB 7 -66.16 100.53 -11.89
N VAL NB 8 -64.92 100.07 -11.97
CA VAL NB 8 -64.57 98.77 -12.54
C VAL NB 8 -63.85 97.94 -11.50
N PHE NB 9 -64.33 96.71 -11.29
CA PHE NB 9 -63.74 95.81 -10.32
C PHE NB 9 -62.68 94.92 -10.95
N GLY NB 10 -61.67 94.61 -10.15
CA GLY NB 10 -60.65 93.63 -10.52
C GLY NB 10 -60.54 92.55 -9.46
N ARG NB 11 -60.56 91.30 -9.89
CA ARG NB 11 -60.40 90.15 -9.00
C ARG NB 11 -59.15 89.35 -9.33
N LYS NB 12 -58.72 88.55 -8.35
CA LYS NB 12 -57.48 87.75 -8.40
C LYS NB 12 -57.68 86.47 -7.58
N LYS NB 13 -56.59 85.82 -7.16
CA LYS NB 13 -56.73 84.62 -6.31
C LYS NB 13 -57.53 84.94 -5.05
N THR NB 14 -57.13 85.99 -4.33
CA THR NB 14 -57.95 86.52 -3.24
C THR NB 14 -58.08 88.04 -3.27
N ALA NB 15 -57.09 88.77 -3.78
CA ALA NB 15 -57.10 90.23 -3.75
C ALA NB 15 -58.13 90.78 -4.72
N THR NB 16 -58.93 91.74 -4.25
CA THR NB 16 -59.90 92.45 -5.08
C THR NB 16 -59.60 93.94 -5.03
N ALA NB 17 -59.55 94.57 -6.21
CA ALA NB 17 -59.25 95.99 -6.31
C ALA NB 17 -60.17 96.62 -7.34
N VAL NB 18 -60.82 97.72 -6.96
CA VAL NB 18 -61.85 98.37 -7.77
C VAL NB 18 -61.37 99.77 -8.14
N ALA NB 19 -61.22 100.01 -9.44
CA ALA NB 19 -60.86 101.33 -9.93
C ALA NB 19 -62.10 102.21 -10.05
N HIS NB 20 -61.86 103.53 -10.15
CA HIS NB 20 -62.94 104.51 -10.21
C HIS NB 20 -62.57 105.58 -11.24
N CYS NB 21 -63.03 105.40 -12.48
CA CYS NB 21 -62.78 106.39 -13.52
C CYS NB 21 -63.67 107.60 -13.33
N LYS NB 22 -63.18 108.74 -13.82
CA LYS NB 22 -63.94 109.98 -13.84
C LYS NB 22 -63.29 110.92 -14.84
N ARG NB 23 -64.06 111.88 -15.33
CA ARG NB 23 -63.56 112.85 -16.29
C ARG NB 23 -62.73 113.90 -15.56
N GLY NB 24 -61.42 113.76 -15.59
CA GLY NB 24 -60.54 114.65 -14.87
C GLY NB 24 -59.17 114.73 -15.53
N ASN NB 25 -58.14 114.90 -14.70
CA ASN NB 25 -56.78 115.06 -15.17
C ASN NB 25 -56.07 113.72 -15.21
N GLY NB 26 -54.79 113.73 -15.60
CA GLY NB 26 -54.02 112.51 -15.76
C GLY NB 26 -53.19 112.11 -14.55
N LEU NB 27 -53.84 111.81 -13.43
CA LEU NB 27 -53.17 111.32 -12.24
C LEU NB 27 -53.71 109.94 -11.86
N ILE NB 28 -52.82 109.05 -11.47
CA ILE NB 28 -53.16 107.68 -11.10
C ILE NB 28 -52.66 107.43 -9.69
N LYS NB 29 -53.54 106.98 -8.81
CA LYS NB 29 -53.19 106.68 -7.43
C LYS NB 29 -53.98 105.47 -6.96
N VAL NB 30 -53.34 104.60 -6.19
CA VAL NB 30 -53.98 103.45 -5.57
C VAL NB 30 -53.88 103.62 -4.06
N ASN NB 31 -55.03 103.52 -3.37
CA ASN NB 31 -55.13 103.71 -1.92
C ASN NB 31 -54.54 105.05 -1.48
N GLY NB 32 -54.73 106.07 -2.32
CA GLY NB 32 -54.25 107.40 -2.02
C GLY NB 32 -52.79 107.66 -2.34
N ARG NB 33 -52.07 106.68 -2.87
CA ARG NB 33 -50.67 106.87 -3.23
C ARG NB 33 -50.46 106.44 -4.68
N PRO NB 34 -49.54 107.09 -5.39
CA PRO NB 34 -49.43 106.88 -6.84
C PRO NB 34 -48.84 105.52 -7.19
N LEU NB 35 -48.81 105.25 -8.50
CA LEU NB 35 -48.36 103.95 -8.99
C LEU NB 35 -46.86 103.76 -8.82
N GLU NB 36 -46.10 104.86 -8.79
CA GLU NB 36 -44.65 104.78 -8.69
C GLU NB 36 -44.20 104.25 -7.33
N MET NB 37 -44.98 104.49 -6.28
CA MET NB 37 -44.54 104.26 -4.91
C MET NB 37 -45.36 103.12 -4.32
N ILE NB 38 -44.91 101.89 -4.57
CA ILE NB 38 -45.53 100.68 -4.05
C ILE NB 38 -44.42 99.69 -3.71
N GLU NB 39 -44.33 99.29 -2.45
CA GLU NB 39 -43.47 98.18 -2.08
C GLU NB 39 -44.28 96.88 -2.13
N PRO NB 40 -43.77 95.82 -2.76
CA PRO NB 40 -42.43 95.58 -3.34
C PRO NB 40 -42.09 96.42 -4.58
N ARG NB 41 -40.86 96.94 -4.60
CA ARG NB 41 -40.35 97.74 -5.70
C ARG NB 41 -39.66 96.91 -6.77
N THR NB 42 -39.67 95.59 -6.64
CA THR NB 42 -39.16 94.72 -7.70
C THR NB 42 -40.04 94.81 -8.94
N LEU NB 43 -41.34 95.05 -8.78
CA LEU NB 43 -42.32 94.97 -9.85
C LEU NB 43 -42.85 96.34 -10.26
N GLN NB 44 -41.98 97.35 -10.34
CA GLN NB 44 -42.43 98.70 -10.67
C GLN NB 44 -42.98 98.80 -12.08
N TYR NB 45 -42.25 98.28 -13.08
CA TYR NB 45 -42.69 98.39 -14.46
C TYR NB 45 -43.90 97.52 -14.78
N LYS NB 46 -44.27 96.60 -13.91
CA LYS NB 46 -45.49 95.83 -14.13
C LYS NB 46 -46.73 96.70 -13.97
N LEU NB 47 -46.64 97.78 -13.19
CA LEU NB 47 -47.76 98.71 -13.10
C LEU NB 47 -47.81 99.64 -14.31
N LEU NB 48 -46.80 99.58 -15.18
CA LEU NB 48 -46.65 100.56 -16.24
C LEU NB 48 -47.11 100.09 -17.61
N GLU NB 49 -47.34 98.78 -17.81
CA GLU NB 49 -47.79 98.29 -19.12
C GLU NB 49 -49.13 98.89 -19.54
N PRO NB 50 -50.12 99.05 -18.65
CA PRO NB 50 -51.30 99.86 -19.05
C PRO NB 50 -50.94 101.29 -19.42
N VAL NB 51 -49.90 101.86 -18.81
CA VAL NB 51 -49.52 103.23 -19.12
C VAL NB 51 -48.57 103.28 -20.31
N LEU NB 52 -47.52 102.45 -20.32
CA LEU NB 52 -46.50 102.54 -21.35
C LEU NB 52 -47.01 102.02 -22.69
N LEU NB 53 -47.69 100.87 -22.69
CA LEU NB 53 -48.14 100.27 -23.94
C LEU NB 53 -49.41 100.90 -24.50
N LEU NB 54 -50.01 101.83 -23.78
CA LEU NB 54 -51.15 102.59 -24.29
C LEU NB 54 -50.88 104.09 -24.38
N GLY NB 55 -49.89 104.60 -23.67
CA GLY NB 55 -49.54 106.00 -23.73
C GLY NB 55 -50.16 106.81 -22.60
N LYS NB 56 -49.48 107.88 -22.23
CA LYS NB 56 -49.99 108.80 -21.22
C LYS NB 56 -51.14 109.65 -21.75
N GLU NB 57 -51.16 109.91 -23.06
CA GLU NB 57 -52.22 110.72 -23.66
C GLU NB 57 -53.58 110.06 -23.56
N ARG NB 58 -53.65 108.74 -23.45
CA ARG NB 58 -54.92 108.07 -23.25
C ARG NB 58 -55.45 108.23 -21.83
N PHE NB 59 -54.57 108.53 -20.87
CA PHE NB 59 -54.96 108.73 -19.48
C PHE NB 59 -55.11 110.21 -19.12
N ALA NB 60 -54.99 111.11 -20.09
CA ALA NB 60 -55.03 112.54 -19.80
C ALA NB 60 -56.40 112.98 -19.32
N GLY NB 61 -57.47 112.51 -19.96
CA GLY NB 61 -58.82 112.89 -19.59
C GLY NB 61 -59.47 112.05 -18.52
N VAL NB 62 -58.80 111.01 -18.02
CA VAL NB 62 -59.39 110.09 -17.06
C VAL NB 62 -58.50 110.04 -15.83
N ASP NB 63 -59.09 110.25 -14.66
CA ASP NB 63 -58.42 110.02 -13.39
C ASP NB 63 -59.06 108.84 -12.65
N ILE NB 64 -58.23 108.05 -11.99
CA ILE NB 64 -58.67 106.79 -11.38
C ILE NB 64 -58.18 106.71 -9.94
N ARG NB 65 -59.03 106.17 -9.08
CA ARG NB 65 -58.69 105.85 -7.70
C ARG NB 65 -59.09 104.41 -7.42
N VAL NB 66 -58.18 103.64 -6.82
CA VAL NB 66 -58.37 102.21 -6.63
C VAL NB 66 -58.37 101.92 -5.13
N ARG NB 67 -59.41 101.20 -4.67
CA ARG NB 67 -59.46 100.67 -3.32
C ARG NB 67 -59.10 99.20 -3.35
N VAL NB 68 -58.10 98.82 -2.55
CA VAL NB 68 -57.48 97.50 -2.65
C VAL NB 68 -57.55 96.82 -1.29
N LYS NB 69 -58.01 95.57 -1.28
CA LYS NB 69 -58.00 94.76 -0.07
C LYS NB 69 -57.94 93.29 -0.48
N GLY NB 70 -57.53 92.45 0.48
CA GLY NB 70 -57.49 91.02 0.27
C GLY NB 70 -56.19 90.53 -0.33
N GLY NB 71 -55.99 89.21 -0.24
CA GLY NB 71 -54.86 88.53 -0.83
C GLY NB 71 -53.54 88.91 -0.20
N GLY NB 72 -52.46 88.68 -0.94
CA GLY NB 72 -51.13 89.03 -0.51
C GLY NB 72 -50.59 90.19 -1.31
N HIS NB 73 -49.27 90.40 -1.30
CA HIS NB 73 -48.68 91.50 -2.05
C HIS NB 73 -48.85 91.29 -3.55
N VAL NB 74 -48.23 90.23 -4.09
CA VAL NB 74 -48.18 90.03 -5.54
C VAL NB 74 -49.58 89.85 -6.12
N ALA NB 75 -50.51 89.35 -5.31
CA ALA NB 75 -51.91 89.35 -5.72
C ALA NB 75 -52.43 90.76 -5.90
N GLN NB 76 -52.01 91.69 -5.03
CA GLN NB 76 -52.54 93.06 -5.10
C GLN NB 76 -51.96 93.82 -6.28
N ILE NB 77 -50.66 93.69 -6.55
CA ILE NB 77 -50.10 94.33 -7.73
C ILE NB 77 -50.70 93.74 -9.00
N TYR NB 78 -50.82 92.41 -9.08
CA TYR NB 78 -51.49 91.81 -10.23
C TYR NB 78 -52.98 92.11 -10.27
N ALA NB 79 -53.59 92.46 -9.14
CA ALA NB 79 -54.96 92.95 -9.20
C ALA NB 79 -55.01 94.33 -9.85
N ILE NB 80 -54.13 95.24 -9.44
CA ILE NB 80 -54.21 96.64 -9.89
C ILE NB 80 -53.54 96.86 -11.24
N ARG NB 81 -52.81 95.89 -11.77
CA ARG NB 81 -52.45 95.94 -13.18
C ARG NB 81 -53.69 95.78 -14.05
N GLN NB 82 -54.51 94.78 -13.73
CA GLN NB 82 -55.62 94.41 -14.60
C GLN NB 82 -56.90 95.16 -14.24
N SER NB 83 -56.97 95.72 -13.03
CA SER NB 83 -58.13 96.53 -12.68
C SER NB 83 -58.14 97.86 -13.42
N ILE NB 84 -56.96 98.45 -13.62
CA ILE NB 84 -56.88 99.76 -14.26
C ILE NB 84 -56.87 99.68 -15.78
N SER NB 85 -56.48 98.54 -16.36
CA SER NB 85 -56.58 98.37 -17.81
C SER NB 85 -58.03 98.18 -18.25
N LYS NB 86 -58.80 97.43 -17.47
CA LYS NB 86 -60.22 97.30 -17.72
C LYS NB 86 -60.99 98.57 -17.40
N ALA NB 87 -60.44 99.43 -16.54
CA ALA NB 87 -61.10 100.68 -16.20
C ALA NB 87 -61.15 101.63 -17.39
N LEU NB 88 -60.05 101.73 -18.14
CA LEU NB 88 -60.02 102.55 -19.35
C LEU NB 88 -60.81 101.92 -20.49
N VAL NB 89 -60.95 100.59 -20.50
CA VAL NB 89 -61.73 99.92 -21.54
C VAL NB 89 -63.20 100.27 -21.40
N ALA NB 90 -63.73 100.23 -20.17
CA ALA NB 90 -65.13 100.53 -19.93
C ALA NB 90 -65.46 102.00 -20.09
N TYR NB 91 -64.50 102.90 -19.82
CA TYR NB 91 -64.75 104.33 -19.98
C TYR NB 91 -64.95 104.70 -21.44
N TYR NB 92 -64.09 104.17 -22.33
CA TYR NB 92 -64.17 104.48 -23.75
C TYR NB 92 -65.25 103.68 -24.47
N GLN NB 93 -65.89 102.74 -23.78
CA GLN NB 93 -67.00 102.00 -24.37
C GLN NB 93 -68.33 102.69 -24.09
N LYS NB 94 -68.53 103.15 -22.85
CA LYS NB 94 -69.81 103.73 -22.45
C LYS NB 94 -70.04 105.11 -23.05
N TYR NB 95 -69.01 105.97 -23.04
CA TYR NB 95 -69.20 107.36 -23.38
C TYR NB 95 -68.79 107.72 -24.81
N VAL NB 96 -67.82 107.03 -25.39
CA VAL NB 96 -67.42 107.28 -26.77
C VAL NB 96 -67.42 105.96 -27.53
N ASP NB 97 -67.01 106.01 -28.79
CA ASP NB 97 -67.08 104.81 -29.62
C ASP NB 97 -66.09 103.74 -29.18
N GLU NB 98 -66.42 102.48 -29.51
CA GLU NB 98 -65.50 101.40 -29.20
C GLU NB 98 -64.46 101.22 -30.28
N ALA NB 99 -64.53 102.01 -31.36
CA ALA NB 99 -63.46 102.02 -32.36
C ALA NB 99 -62.14 102.48 -31.74
N SER NB 100 -62.19 103.45 -30.83
CA SER NB 100 -61.02 103.78 -30.02
C SER NB 100 -60.78 102.75 -28.92
N LYS NB 101 -61.85 102.15 -28.39
CA LYS NB 101 -61.70 101.18 -27.31
C LYS NB 101 -61.17 99.84 -27.82
N LYS NB 102 -61.47 99.48 -29.07
CA LYS NB 102 -60.96 98.22 -29.60
C LYS NB 102 -59.49 98.32 -29.98
N GLU NB 103 -59.00 99.51 -30.32
CA GLU NB 103 -57.61 99.66 -30.74
C GLU NB 103 -56.67 99.82 -29.56
N ILE NB 104 -57.19 100.06 -28.36
CA ILE NB 104 -56.37 99.96 -27.16
C ILE NB 104 -56.50 98.56 -26.55
N LYS NB 105 -57.60 97.87 -26.86
CA LYS NB 105 -57.81 96.54 -26.33
C LYS NB 105 -56.89 95.52 -27.02
N ASP NB 106 -56.81 95.59 -28.36
CA ASP NB 106 -56.00 94.63 -29.11
C ASP NB 106 -54.52 94.79 -28.80
N ILE NB 107 -54.10 95.96 -28.34
CA ILE NB 107 -52.75 96.11 -27.80
C ILE NB 107 -52.60 95.26 -26.54
N LEU NB 108 -53.60 95.28 -25.66
CA LEU NB 108 -53.58 94.45 -24.46
C LEU NB 108 -53.89 92.99 -24.76
N ILE NB 109 -54.58 92.69 -25.86
CA ILE NB 109 -54.81 91.29 -26.23
C ILE NB 109 -53.49 90.61 -26.60
N GLN NB 110 -52.70 91.27 -27.45
CA GLN NB 110 -51.48 90.66 -27.95
C GLN NB 110 -50.36 90.60 -26.92
N TYR NB 111 -50.39 91.48 -25.90
CA TYR NB 111 -49.33 91.48 -24.92
C TYR NB 111 -49.53 90.41 -23.85
N ASP NB 112 -50.63 90.51 -23.10
CA ASP NB 112 -50.88 89.60 -21.99
C ASP NB 112 -52.38 89.60 -21.69
N ARG NB 113 -52.98 88.40 -21.66
CA ARG NB 113 -54.43 88.29 -21.54
C ARG NB 113 -54.92 88.42 -20.11
N THR NB 114 -54.03 88.45 -19.11
CA THR NB 114 -54.47 88.61 -17.72
C THR NB 114 -54.97 90.03 -17.45
N LEU NB 115 -54.60 90.99 -18.30
CA LEU NB 115 -54.99 92.38 -18.07
C LEU NB 115 -56.50 92.58 -18.18
N LEU NB 116 -57.19 91.73 -18.93
CA LEU NB 116 -58.64 91.83 -19.11
C LEU NB 116 -59.39 90.63 -18.56
N VAL NB 117 -59.00 89.42 -18.92
CA VAL NB 117 -59.62 88.20 -18.40
C VAL NB 117 -58.79 87.70 -17.23
N ALA NB 118 -59.40 87.64 -16.05
CA ALA NB 118 -58.69 87.24 -14.84
C ALA NB 118 -58.35 85.76 -14.86
N ASP NB 119 -57.29 85.42 -14.14
CA ASP NB 119 -56.87 84.03 -13.99
C ASP NB 119 -57.85 83.35 -13.04
N PRO NB 120 -58.48 82.25 -13.44
CA PRO NB 120 -59.37 81.54 -12.51
C PRO NB 120 -58.65 80.54 -11.62
N ARG NB 121 -57.32 80.69 -11.50
CA ARG NB 121 -56.56 79.84 -10.59
C ARG NB 121 -56.87 80.19 -9.14
N ARG NB 122 -57.22 79.17 -8.37
CA ARG NB 122 -57.44 79.31 -6.93
C ARG NB 122 -56.83 78.11 -6.22
N CYS NB 123 -56.59 78.28 -4.92
CA CYS NB 123 -56.02 77.22 -4.11
C CYS NB 123 -57.09 76.17 -3.79
N GLU NB 124 -56.90 74.96 -4.27
CA GLU NB 124 -57.84 73.88 -4.01
C GLU NB 124 -57.70 73.40 -2.57
N SER NB 125 -58.71 72.67 -2.11
CA SER NB 125 -58.76 72.23 -0.72
C SER NB 125 -57.67 71.19 -0.43
N LYS NB 126 -57.18 71.21 0.80
CA LYS NB 126 -56.24 70.20 1.25
C LYS NB 126 -57.00 68.97 1.72
N LYS NB 127 -56.51 67.78 1.33
CA LYS NB 127 -57.17 66.54 1.68
C LYS NB 127 -56.50 65.90 2.88
N PHE NB 128 -57.26 65.03 3.56
CA PHE NB 128 -56.73 64.33 4.71
C PHE NB 128 -55.71 63.28 4.27
N GLY NB 129 -54.81 62.93 5.17
CA GLY NB 129 -53.76 61.98 4.87
C GLY NB 129 -52.55 62.56 4.15
N GLY NB 130 -52.47 63.89 4.04
CA GLY NB 130 -51.36 64.52 3.38
C GLY NB 130 -51.17 65.96 3.83
N PRO NB 131 -49.93 66.46 3.74
CA PRO NB 131 -49.66 67.85 4.14
C PRO NB 131 -50.14 68.88 3.13
N GLY NB 132 -50.48 68.47 1.91
CA GLY NB 132 -50.93 69.40 0.90
C GLY NB 132 -52.12 68.89 0.12
N ALA NB 133 -52.53 69.65 -0.90
CA ALA NB 133 -53.68 69.25 -1.71
C ALA NB 133 -53.41 68.00 -2.54
N ARG NB 134 -52.17 67.78 -2.94
CA ARG NB 134 -51.79 66.60 -3.71
C ARG NB 134 -50.81 65.70 -2.97
N ALA NB 135 -49.81 66.27 -2.31
CA ALA NB 135 -48.79 65.49 -1.64
C ALA NB 135 -49.36 64.77 -0.42
N ARG NB 136 -48.84 63.57 -0.17
CA ARG NB 136 -49.24 62.75 0.97
C ARG NB 136 -48.06 62.59 1.90
N TYR NB 137 -48.33 62.00 3.07
CA TYR NB 137 -47.27 61.75 4.03
C TYR NB 137 -46.37 60.61 3.57
N GLN NB 138 -45.22 60.49 4.21
CA GLN NB 138 -44.24 59.47 3.83
C GLN NB 138 -44.75 58.09 4.26
N LYS NB 139 -45.09 57.27 3.28
CA LYS NB 139 -45.58 55.92 3.57
C LYS NB 139 -44.44 55.04 4.04
N SER NB 140 -44.59 54.43 5.21
CA SER NB 140 -43.58 53.58 5.80
C SER NB 140 -44.00 52.12 5.68
N TYR NB 141 -43.10 51.29 5.16
CA TYR NB 141 -43.36 49.87 5.02
C TYR NB 141 -42.79 49.11 6.23
N ARG NB 142 -43.08 47.81 6.28
CA ARG NB 142 -42.57 46.89 7.31
C ARG NB 142 -42.91 47.34 8.73
N GLY OB 1 -63.43 61.32 -21.25
CA GLY OB 1 -64.06 60.88 -22.48
C GLY OB 1 -65.49 61.37 -22.62
N ARG OB 2 -65.75 62.10 -23.72
CA ARG OB 2 -67.08 62.64 -23.99
C ARG OB 2 -67.91 61.66 -24.81
N VAL OB 3 -68.09 60.47 -24.26
CA VAL OB 3 -68.90 59.42 -24.88
C VAL OB 3 -70.27 59.42 -24.22
N ARG OB 4 -71.32 59.52 -25.04
CA ARG OB 4 -72.68 59.59 -24.52
C ARG OB 4 -73.13 58.23 -24.03
N THR OB 5 -73.66 58.19 -22.81
CA THR OB 5 -74.14 56.94 -22.22
C THR OB 5 -75.51 56.57 -22.78
N LYS OB 6 -75.96 55.37 -22.42
CA LYS OB 6 -77.21 54.85 -22.96
C LYS OB 6 -78.42 55.65 -22.51
N THR OB 7 -78.38 56.19 -21.29
CA THR OB 7 -79.50 56.99 -20.81
C THR OB 7 -79.66 58.29 -21.61
N VAL OB 8 -78.55 58.94 -21.96
CA VAL OB 8 -78.61 60.12 -22.80
C VAL OB 8 -79.03 59.76 -24.22
N LYS OB 9 -78.51 58.64 -24.73
CA LYS OB 9 -78.77 58.26 -26.11
C LYS OB 9 -80.20 57.79 -26.31
N LYS OB 10 -80.71 56.95 -25.41
CA LYS OB 10 -82.06 56.42 -25.58
C LYS OB 10 -83.11 57.51 -25.37
N ALA OB 11 -82.82 58.50 -24.53
CA ALA OB 11 -83.75 59.63 -24.38
C ALA OB 11 -83.80 60.48 -25.64
N ALA OB 12 -82.68 60.60 -26.35
CA ALA OB 12 -82.63 61.39 -27.58
C ALA OB 12 -83.25 60.65 -28.77
N ARG OB 13 -83.39 59.33 -28.71
CA ARG OB 13 -83.96 58.58 -29.82
C ARG OB 13 -85.47 58.78 -29.90
N VAL OB 14 -86.15 58.80 -28.76
CA VAL OB 14 -87.61 58.93 -28.73
C VAL OB 14 -88.05 60.32 -29.16
N ILE OB 15 -87.24 61.34 -28.86
CA ILE OB 15 -87.63 62.72 -29.17
C ILE OB 15 -87.69 62.95 -30.68
N ILE OB 16 -86.72 62.42 -31.41
CA ILE OB 16 -86.64 62.66 -32.85
C ILE OB 16 -87.80 61.98 -33.58
N GLU OB 17 -88.12 60.76 -33.18
CA GLU OB 17 -89.18 60.01 -33.86
C GLU OB 17 -90.59 60.50 -33.51
N LYS OB 18 -90.72 61.37 -32.52
CA LYS OB 18 -92.01 61.94 -32.15
C LYS OB 18 -92.16 63.40 -32.50
N TYR OB 19 -91.05 64.16 -32.56
CA TYR OB 19 -91.11 65.60 -32.78
C TYR OB 19 -90.22 66.03 -33.93
N TYR OB 20 -90.36 65.38 -35.09
CA TYR OB 20 -89.55 65.74 -36.26
C TYR OB 20 -89.79 67.18 -36.72
N THR OB 21 -91.03 67.64 -36.70
CA THR OB 21 -91.30 69.02 -37.11
C THR OB 21 -90.86 70.04 -36.06
N ARG OB 22 -90.86 69.65 -34.78
CA ARG OB 22 -90.51 70.60 -33.72
C ARG OB 22 -89.00 70.83 -33.63
N LEU OB 23 -88.22 69.80 -33.93
CA LEU OB 23 -86.77 69.88 -33.81
C LEU OB 23 -86.13 70.77 -34.87
N GLY OB 24 -85.07 71.47 -34.50
CA GLY OB 24 -84.30 72.29 -35.41
C GLY OB 24 -82.92 71.69 -35.67
N ASN OB 25 -81.98 72.58 -35.97
CA ASN OB 25 -80.60 72.17 -36.23
C ASN OB 25 -79.62 72.68 -35.18
N ASP OB 26 -79.68 73.98 -34.84
CA ASP OB 26 -78.76 74.56 -33.87
C ASP OB 26 -79.10 74.10 -32.45
N PHE OB 27 -78.11 74.20 -31.56
CA PHE OB 27 -78.21 73.56 -30.24
C PHE OB 27 -79.23 74.22 -29.34
N HIS OB 28 -79.31 75.55 -29.38
CA HIS OB 28 -80.02 76.28 -28.34
C HIS OB 28 -81.54 76.24 -28.51
N THR OB 29 -82.04 76.08 -29.73
CA THR OB 29 -83.48 76.06 -29.95
C THR OB 29 -84.07 74.73 -29.49
N ASN OB 30 -83.58 73.61 -30.03
CA ASN OB 30 -84.07 72.31 -29.61
C ASN OB 30 -83.67 71.96 -28.18
N LYS OB 31 -82.75 72.72 -27.59
CA LYS OB 31 -82.60 72.70 -26.13
C LYS OB 31 -83.86 73.17 -25.45
N ARG OB 32 -84.45 74.27 -25.94
CA ARG OB 32 -85.69 74.78 -25.35
C ARG OB 32 -86.92 74.04 -25.84
N VAL OB 33 -86.86 73.44 -27.03
CA VAL OB 33 -87.97 72.61 -27.49
C VAL OB 33 -88.11 71.37 -26.60
N CYS OB 34 -86.98 70.72 -26.31
CA CYS OB 34 -86.97 69.56 -25.44
C CYS OB 34 -87.22 69.91 -23.98
N GLU OB 35 -87.10 71.20 -23.61
CA GLU OB 35 -87.38 71.61 -22.24
C GLU OB 35 -88.85 71.41 -21.90
N GLU OB 36 -89.75 71.76 -22.82
CA GLU OB 36 -91.18 71.66 -22.55
C GLU OB 36 -91.69 70.24 -22.76
N ILE OB 37 -91.13 69.51 -23.74
CA ILE OB 37 -91.67 68.22 -24.14
C ILE OB 37 -90.94 67.06 -23.49
N ALA OB 38 -90.07 67.32 -22.51
CA ALA OB 38 -89.38 66.26 -21.80
C ALA OB 38 -89.16 66.67 -20.36
N ILE OB 39 -89.45 65.77 -19.43
CA ILE OB 39 -89.27 66.00 -18.01
C ILE OB 39 -87.85 65.55 -17.68
N ILE OB 40 -86.91 66.47 -17.81
CA ILE OB 40 -85.49 66.21 -17.56
C ILE OB 40 -85.16 66.77 -16.17
N PRO OB 41 -84.68 65.95 -15.23
CA PRO OB 41 -84.52 66.41 -13.84
C PRO OB 41 -83.41 67.42 -13.61
N SER OB 42 -82.51 67.63 -14.56
CA SER OB 42 -81.40 68.55 -14.35
C SER OB 42 -81.03 69.23 -15.66
N LYS OB 43 -80.39 70.40 -15.53
CA LYS OB 43 -79.97 71.15 -16.71
C LYS OB 43 -78.83 70.46 -17.46
N LYS OB 44 -77.98 69.73 -16.73
CA LYS OB 44 -76.84 69.08 -17.36
C LYS OB 44 -77.28 68.03 -18.37
N LEU OB 45 -78.25 67.19 -18.00
CA LEU OB 45 -78.78 66.21 -18.94
C LEU OB 45 -79.58 66.87 -20.05
N ARG OB 46 -80.21 68.02 -19.76
CA ARG OB 46 -80.95 68.75 -20.78
C ARG OB 46 -80.03 69.23 -21.89
N ASN OB 47 -78.82 69.68 -21.54
CA ASN OB 47 -77.83 70.05 -22.55
C ASN OB 47 -77.26 68.82 -23.24
N LYS OB 48 -77.05 67.73 -22.48
CA LYS OB 48 -76.45 66.53 -23.05
C LYS OB 48 -77.38 65.85 -24.05
N ILE OB 49 -78.66 65.75 -23.74
CA ILE OB 49 -79.60 65.13 -24.66
C ILE OB 49 -79.78 65.98 -25.91
N ALA OB 50 -79.97 67.30 -25.72
CA ALA OB 50 -80.10 68.19 -26.86
C ALA OB 50 -78.82 68.26 -27.68
N GLY OB 51 -77.67 68.18 -27.01
CA GLY OB 51 -76.41 68.13 -27.74
C GLY OB 51 -76.24 66.87 -28.55
N TYR OB 52 -76.64 65.72 -28.00
CA TYR OB 52 -76.60 64.49 -28.78
C TYR OB 52 -77.64 64.48 -29.89
N VAL OB 53 -78.76 65.19 -29.68
CA VAL OB 53 -79.73 65.36 -30.75
C VAL OB 53 -79.12 66.11 -31.92
N THR OB 54 -78.37 67.19 -31.63
CA THR OB 54 -77.74 67.97 -32.69
C THR OB 54 -76.70 67.17 -33.45
N HIS OB 55 -75.99 66.26 -32.78
CA HIS OB 55 -75.08 65.38 -33.50
C HIS OB 55 -75.84 64.39 -34.36
N LEU OB 56 -77.03 63.96 -33.92
CA LEU OB 56 -77.87 63.11 -34.75
C LEU OB 56 -78.54 63.89 -35.88
N MET OB 57 -78.64 65.22 -35.75
CA MET OB 57 -79.19 66.04 -36.82
C MET OB 57 -78.33 65.96 -38.07
N LYS OB 58 -77.01 66.06 -37.91
CA LYS OB 58 -76.10 66.04 -39.06
C LYS OB 58 -76.14 64.70 -39.79
N ARG OB 59 -76.57 63.63 -39.11
CA ARG OB 59 -76.76 62.36 -39.77
C ARG OB 59 -78.08 62.28 -40.53
N ILE OB 60 -79.02 63.19 -40.26
CA ILE OB 60 -80.37 63.06 -40.82
C ILE OB 60 -80.43 63.65 -42.22
N GLN OB 61 -79.95 64.88 -42.40
CA GLN OB 61 -80.00 65.48 -43.73
C GLN OB 61 -78.98 64.89 -44.69
N ARG OB 62 -78.04 64.07 -44.21
CA ARG OB 62 -77.06 63.42 -45.06
C ARG OB 62 -77.45 61.98 -45.40
N GLY OB 63 -78.67 61.57 -45.08
CA GLY OB 63 -79.15 60.25 -45.41
C GLY OB 63 -79.88 59.58 -44.27
N PRO OB 64 -80.16 58.29 -44.43
CA PRO OB 64 -80.93 57.56 -43.41
C PRO OB 64 -80.08 57.11 -42.22
N VAL OB 65 -80.77 56.84 -41.12
CA VAL OB 65 -80.17 56.34 -39.90
C VAL OB 65 -80.77 54.98 -39.57
N ARG OB 66 -79.93 54.06 -39.11
CA ARG OB 66 -80.36 52.70 -38.80
C ARG OB 66 -81.44 52.66 -37.72
N GLY OB 67 -81.10 53.12 -36.52
CA GLY OB 67 -82.03 53.07 -35.41
C GLY OB 67 -82.88 54.31 -35.26
N ILE OB 68 -83.83 54.51 -36.18
CA ILE OB 68 -84.72 55.67 -36.14
C ILE OB 68 -86.00 55.30 -36.89
N SER OB 69 -87.10 55.99 -36.54
CA SER OB 69 -88.40 55.79 -37.19
C SER OB 69 -88.95 57.17 -37.56
N ILE OB 70 -88.63 57.62 -38.77
CA ILE OB 70 -89.09 58.91 -39.27
C ILE OB 70 -90.25 58.68 -40.23
N LYS OB 71 -91.36 59.37 -39.99
CA LYS OB 71 -92.54 59.23 -40.83
C LYS OB 71 -92.35 59.80 -42.23
N LEU OB 72 -91.38 60.71 -42.42
CA LEU OB 72 -91.14 61.29 -43.75
C LEU OB 72 -90.17 60.45 -44.56
N GLN OB 73 -89.14 59.89 -43.92
CA GLN OB 73 -88.18 59.07 -44.65
C GLN OB 73 -88.75 57.70 -45.00
N GLU OB 74 -89.69 57.18 -44.21
CA GLU OB 74 -90.32 55.91 -44.57
C GLU OB 74 -91.27 56.09 -45.75
N GLU OB 75 -91.86 57.28 -45.90
CA GLU OB 75 -92.69 57.57 -47.06
C GLU OB 75 -91.85 57.63 -48.34
N GLU OB 76 -90.62 58.12 -48.25
CA GLU OB 76 -89.70 58.06 -49.38
C GLU OB 76 -89.39 56.61 -49.74
N ARG OB 77 -89.14 55.79 -48.72
CA ARG OB 77 -88.82 54.38 -48.94
C ARG OB 77 -90.03 53.57 -49.37
N GLU OB 78 -91.24 53.98 -48.94
CA GLU OB 78 -92.43 53.21 -49.27
C GLU OB 78 -92.75 53.26 -50.75
N ARG OB 79 -92.71 54.46 -51.36
CA ARG OB 79 -93.01 54.56 -52.78
C ARG OB 79 -91.89 53.99 -53.64
N ARG OB 80 -90.65 54.03 -53.13
CA ARG OB 80 -89.54 53.39 -53.83
C ARG OB 80 -89.68 51.87 -53.82
N ASP OB 81 -90.23 51.30 -52.74
CA ASP OB 81 -90.50 49.88 -52.72
C ASP OB 81 -91.64 49.51 -53.66
N ASN OB 82 -92.61 50.40 -53.85
CA ASN OB 82 -93.73 50.16 -54.74
C ASN OB 82 -93.52 50.70 -56.14
N TYR OB 83 -92.27 50.84 -56.58
CA TYR OB 83 -91.99 51.33 -57.93
C TYR OB 83 -92.33 50.28 -58.97
N VAL OB 84 -93.00 50.70 -60.04
CA VAL OB 84 -93.35 49.83 -61.16
C VAL OB 84 -92.87 50.47 -62.46
N PRO OB 85 -91.85 49.93 -63.11
CA PRO OB 85 -91.44 50.43 -64.42
C PRO OB 85 -92.46 50.07 -65.51
N GLU OB 86 -92.33 50.75 -66.65
CA GLU OB 86 -93.37 50.69 -67.68
C GLU OB 86 -93.39 49.34 -68.41
N VAL OB 87 -92.26 48.64 -68.48
CA VAL OB 87 -92.23 47.27 -68.95
C VAL OB 87 -91.56 46.40 -67.89
N SER OB 88 -91.62 45.08 -68.11
CA SER OB 88 -90.98 44.14 -67.22
C SER OB 88 -89.54 43.87 -67.66
N ALA OB 89 -88.73 43.42 -66.70
CA ALA OB 89 -87.40 42.93 -67.02
C ALA OB 89 -87.42 41.54 -67.62
N LEU OB 90 -88.59 40.91 -67.69
CA LEU OB 90 -88.70 39.60 -68.31
C LEU OB 90 -88.99 39.70 -69.80
N ASP OB 91 -89.58 40.81 -70.24
CA ASP OB 91 -89.98 40.98 -71.64
C ASP OB 91 -88.78 41.43 -72.48
N GLN OB 92 -88.00 40.45 -72.92
CA GLN OB 92 -87.00 40.66 -73.97
C GLN OB 92 -87.31 39.72 -75.12
N GLU OB 93 -87.22 40.24 -76.34
CA GLU OB 93 -87.31 39.42 -77.54
C GLU OB 93 -86.06 38.60 -77.77
N ILE OB 94 -84.97 38.89 -77.05
CA ILE OB 94 -83.70 38.21 -77.21
C ILE OB 94 -83.45 37.41 -75.93
N ILE OB 95 -83.45 36.08 -76.06
CA ILE OB 95 -83.16 35.18 -74.96
C ILE OB 95 -82.09 34.20 -75.43
N GLU OB 96 -80.93 34.24 -74.78
CA GLU OB 96 -79.83 33.34 -75.13
C GLU OB 96 -79.99 32.04 -74.34
N VAL OB 97 -80.05 30.92 -75.06
CA VAL OB 97 -80.35 29.62 -74.47
C VAL OB 97 -79.25 28.63 -74.84
N ASP OB 98 -78.71 27.96 -73.82
CA ASP OB 98 -77.66 26.97 -74.00
C ASP OB 98 -78.21 25.78 -74.80
N PRO OB 99 -77.43 25.25 -75.75
CA PRO OB 99 -77.89 24.07 -76.52
C PRO OB 99 -78.19 22.86 -75.67
N ASP OB 100 -77.48 22.64 -74.56
CA ASP OB 100 -77.80 21.53 -73.67
C ASP OB 100 -79.16 21.74 -73.00
N THR OB 101 -79.54 22.99 -72.73
CA THR OB 101 -80.88 23.31 -72.26
C THR OB 101 -81.91 23.35 -73.39
N LYS OB 102 -81.48 23.34 -74.64
CA LYS OB 102 -82.44 23.18 -75.75
C LYS OB 102 -82.91 21.75 -75.85
N GLU OB 103 -82.04 20.78 -75.56
CA GLU OB 103 -82.46 19.40 -75.46
C GLU OB 103 -83.45 19.19 -74.31
N MET OB 104 -83.35 20.03 -73.27
CA MET OB 104 -84.29 20.00 -72.16
C MET OB 104 -85.73 20.28 -72.58
N LEU OB 105 -85.97 21.35 -73.35
CA LEU OB 105 -87.33 21.73 -73.67
C LEU OB 105 -87.92 20.82 -74.74
N LYS OB 106 -87.09 20.31 -75.64
CA LYS OB 106 -87.57 19.44 -76.72
C LYS OB 106 -88.11 18.11 -76.21
N LEU OB 107 -87.51 17.53 -75.17
CA LEU OB 107 -88.11 16.35 -74.58
C LEU OB 107 -89.36 16.68 -73.77
N LEU OB 108 -89.50 17.93 -73.32
CA LEU OB 108 -90.73 18.41 -72.73
C LEU OB 108 -91.71 18.80 -73.84
N ASP OB 109 -92.91 19.23 -73.43
CA ASP OB 109 -93.93 19.60 -74.42
C ASP OB 109 -93.56 20.89 -75.15
N PHE OB 110 -92.96 21.85 -74.43
CA PHE OB 110 -92.72 23.18 -74.98
C PHE OB 110 -91.31 23.29 -75.54
N GLY OB 111 -91.05 22.52 -76.60
CA GLY OB 111 -89.74 22.49 -77.22
C GLY OB 111 -89.47 23.63 -78.19
N SER OB 112 -90.26 23.69 -79.26
CA SER OB 112 -90.04 24.66 -80.34
C SER OB 112 -90.99 25.82 -80.15
N LEU OB 113 -90.44 27.01 -79.88
CA LEU OB 113 -91.21 28.23 -79.72
C LEU OB 113 -90.72 29.29 -80.71
N SER OB 114 -91.20 30.51 -80.54
CA SER OB 114 -90.95 31.56 -81.53
C SER OB 114 -89.67 32.34 -81.21
N ASN OB 115 -89.48 32.73 -79.96
CA ASN OB 115 -88.42 33.67 -79.63
C ASN OB 115 -87.31 33.07 -78.77
N LEU OB 116 -86.89 31.85 -79.09
CA LEU OB 116 -85.80 31.19 -78.39
C LEU OB 116 -84.62 31.04 -79.34
N GLN OB 117 -83.48 31.66 -78.99
CA GLN OB 117 -82.29 31.66 -79.84
C GLN OB 117 -81.23 30.80 -79.16
N VAL OB 118 -80.84 29.71 -79.82
CA VAL OB 118 -79.80 28.82 -79.30
C VAL OB 118 -78.42 29.43 -79.57
N THR OB 119 -77.55 29.38 -78.57
CA THR OB 119 -76.19 29.90 -78.68
C THR OB 119 -75.24 28.77 -79.07
N GLN OB 120 -73.93 29.02 -78.94
CA GLN OB 120 -72.92 28.01 -79.15
C GLN OB 120 -72.16 27.73 -77.85
N PRO OB 121 -72.06 26.47 -77.44
CA PRO OB 121 -71.40 26.15 -76.17
C PRO OB 121 -69.90 26.36 -76.24
N THR OB 122 -69.33 26.77 -75.11
CA THR OB 122 -67.89 26.95 -75.03
C THR OB 122 -67.20 25.59 -74.99
N VAL OB 123 -66.22 25.41 -75.87
CA VAL OB 123 -65.51 24.15 -75.98
C VAL OB 123 -64.28 24.20 -75.07
N GLY OB 124 -64.04 23.10 -74.36
CA GLY OB 124 -62.95 23.05 -73.40
C GLY OB 124 -63.42 23.39 -72.00
N MET OB 125 -63.52 22.39 -71.13
CA MET OB 125 -64.01 22.63 -69.78
C MET OB 125 -62.91 23.26 -68.94
N ASN OB 126 -63.15 24.50 -68.49
CA ASN OB 126 -62.23 25.21 -67.60
C ASN OB 126 -63.09 26.08 -66.68
N PHE OB 127 -63.43 25.54 -65.51
CA PHE OB 127 -64.30 26.25 -64.59
C PHE OB 127 -63.87 26.17 -63.13
N LYS OB 128 -62.94 25.29 -62.76
CA LYS OB 128 -62.56 25.13 -61.36
C LYS OB 128 -61.43 26.08 -60.99
N THR OB 129 -61.47 26.53 -59.73
CA THR OB 129 -60.38 27.31 -59.18
C THR OB 129 -59.13 26.43 -59.07
N PRO OB 130 -57.95 26.97 -59.37
CA PRO OB 130 -56.71 26.18 -59.22
C PRO OB 130 -56.51 25.71 -57.77
N ARG OB 131 -55.99 24.49 -57.64
CA ARG OB 131 -55.78 23.90 -56.32
C ARG OB 131 -54.66 24.61 -55.58
N GLY OB 132 -54.87 24.83 -54.29
CA GLY OB 132 -53.91 25.52 -53.45
C GLY OB 132 -54.43 26.82 -52.87
N SER PB 1 -7.02 104.88 10.03
CA SER PB 1 -8.38 104.75 9.52
C SER PB 1 -8.54 103.43 8.77
N LEU PB 2 -8.70 103.52 7.44
CA LEU PB 2 -8.75 102.32 6.62
C LEU PB 2 -7.41 101.60 6.61
N VAL PB 3 -6.31 102.34 6.67
CA VAL PB 3 -5.01 101.73 6.91
C VAL PB 3 -4.87 101.37 8.38
N ILE PB 4 -3.88 100.54 8.68
CA ILE PB 4 -3.70 99.99 10.02
C ILE PB 4 -3.23 101.10 10.96
N PRO PB 5 -3.77 101.19 12.17
CA PRO PB 5 -3.27 102.16 13.16
C PRO PB 5 -1.95 101.69 13.75
N GLU PB 6 -1.48 102.44 14.73
CA GLU PB 6 -0.33 102.04 15.51
C GLU PB 6 -0.80 101.17 16.69
N LYS PB 7 0.17 100.66 17.45
CA LYS PB 7 -0.06 99.88 18.69
C LYS PB 7 -1.06 98.74 18.50
N PHE PB 8 -0.59 97.64 17.90
CA PHE PB 8 -1.42 96.50 17.55
C PHE PB 8 -1.72 95.67 18.80
N GLN PB 9 -2.99 95.37 19.02
CA GLN PB 9 -3.37 94.25 19.86
C GLN PB 9 -4.08 93.19 19.02
N HIS PB 10 -3.46 92.01 18.90
CA HIS PB 10 -4.06 90.87 18.21
C HIS PB 10 -4.76 89.95 19.20
N ILE PB 11 -4.07 89.55 20.26
CA ILE PB 11 -4.68 88.81 21.35
C ILE PB 11 -4.69 89.69 22.59
N LEU PB 12 -5.87 89.89 23.16
CA LEU PB 12 -6.03 90.62 24.42
C LEU PB 12 -6.12 89.60 25.54
N ARG PB 13 -5.04 89.47 26.30
CA ARG PB 13 -5.03 88.56 27.45
C ARG PB 13 -5.78 89.24 28.57
N VAL PB 14 -7.08 88.99 28.64
CA VAL PB 14 -7.97 89.65 29.60
C VAL PB 14 -8.59 88.58 30.48
N LEU PB 15 -8.30 88.64 31.79
CA LEU PB 15 -8.81 87.69 32.78
C LEU PB 15 -8.49 86.26 32.36
N ASN PB 16 -7.19 86.06 32.05
CA ASN PB 16 -6.56 84.88 31.47
C ASN PB 16 -7.37 84.20 30.36
N THR PB 17 -8.05 85.00 29.53
CA THR PB 17 -8.77 84.48 28.38
C THR PB 17 -8.40 85.32 27.16
N ASN PB 18 -8.03 84.66 26.07
CA ASN PB 18 -7.62 85.35 24.86
C ASN PB 18 -8.80 85.99 24.16
N ILE PB 19 -8.59 87.21 23.67
CA ILE PB 19 -9.58 87.95 22.89
C ILE PB 19 -8.92 88.37 21.59
N ASP PB 20 -9.48 87.91 20.48
CA ASP PB 20 -8.89 88.21 19.17
C ASP PB 20 -9.09 89.68 18.80
N GLY PB 21 -8.06 90.27 18.19
CA GLY PB 21 -8.18 91.61 17.64
C GLY PB 21 -8.73 91.67 16.25
N ARG PB 22 -8.92 90.52 15.62
CA ARG PB 22 -9.46 90.43 14.26
C ARG PB 22 -10.96 90.66 14.21
N ARG PB 23 -11.67 90.26 15.26
CA ARG PB 23 -13.11 90.39 15.32
C ARG PB 23 -13.51 91.79 15.80
N LYS PB 24 -14.80 92.09 15.68
CA LYS PB 24 -15.32 93.35 16.17
C LYS PB 24 -15.40 93.36 17.70
N ILE PB 25 -15.43 94.56 18.28
CA ILE PB 25 -15.46 94.70 19.73
C ILE PB 25 -16.76 94.12 20.30
N ALA PB 26 -17.86 94.25 19.57
CA ALA PB 26 -19.16 93.83 20.07
C ALA PB 26 -19.28 92.31 20.20
N PHE PB 27 -18.42 91.55 19.51
CA PHE PB 27 -18.53 90.10 19.51
C PHE PB 27 -17.24 89.38 19.90
N ALA PB 28 -16.11 90.09 20.00
CA ALA PB 28 -14.90 89.47 20.52
C ALA PB 28 -14.93 89.28 22.04
N ILE PB 29 -15.78 90.02 22.73
CA ILE PB 29 -15.95 89.83 24.17
C ILE PB 29 -16.64 88.49 24.44
N THR PB 30 -17.47 88.03 23.50
CA THR PB 30 -18.29 86.82 23.66
C THR PB 30 -17.45 85.56 23.88
N ALA PB 31 -16.21 85.53 23.42
CA ALA PB 31 -15.33 84.39 23.68
C ALA PB 31 -15.11 84.19 25.18
N ILE PB 32 -15.18 85.26 25.96
CA ILE PB 32 -15.24 85.14 27.41
C ILE PB 32 -16.55 84.48 27.80
N LYS PB 33 -16.47 83.39 28.56
CA LYS PB 33 -17.67 82.78 29.10
C LYS PB 33 -18.28 83.66 30.18
N GLY PB 34 -19.60 83.57 30.34
CA GLY PB 34 -20.33 84.45 31.22
C GLY PB 34 -20.81 85.72 30.57
N VAL PB 35 -20.29 86.06 29.39
CA VAL PB 35 -20.79 87.15 28.57
C VAL PB 35 -21.03 86.59 27.17
N GLY PB 36 -22.17 86.95 26.58
CA GLY PB 36 -22.51 86.53 25.25
C GLY PB 36 -22.65 87.69 24.29
N ARG PB 37 -23.49 87.48 23.28
CA ARG PB 37 -23.80 88.56 22.33
C ARG PB 37 -24.60 89.67 22.98
N ARG PB 38 -25.45 89.33 23.95
CA ARG PB 38 -26.34 90.32 24.55
C ARG PB 38 -25.63 91.16 25.61
N TYR PB 39 -24.94 90.51 26.56
CA TYR PB 39 -24.33 91.25 27.66
C TYR PB 39 -23.13 92.06 27.22
N ALA PB 40 -22.51 91.72 26.08
CA ALA PB 40 -21.39 92.51 25.59
C ALA PB 40 -21.86 93.82 24.96
N HIS PB 41 -23.06 93.81 24.36
CA HIS PB 41 -23.57 95.00 23.70
C HIS PB 41 -23.94 96.12 24.66
N VAL PB 42 -24.51 95.79 25.83
CA VAL PB 42 -24.92 96.82 26.78
C VAL PB 42 -23.69 97.48 27.39
N VAL PB 43 -22.60 96.74 27.56
CA VAL PB 43 -21.38 97.30 28.12
C VAL PB 43 -20.79 98.36 27.19
N LEU PB 44 -20.95 98.18 25.87
CA LEU PB 44 -20.52 99.20 24.93
C LEU PB 44 -21.39 100.46 24.99
N ARG PB 45 -22.50 100.42 25.72
CA ARG PB 45 -23.33 101.59 25.92
C ARG PB 45 -23.33 102.13 27.34
N LYS PB 46 -22.92 101.31 28.33
CA LYS PB 46 -22.68 101.84 29.66
C LYS PB 46 -21.54 102.86 29.64
N ALA PB 47 -20.43 102.50 29.00
CA ALA PB 47 -19.38 103.44 28.68
C ALA PB 47 -19.50 103.89 27.24
N ASP PB 48 -19.09 105.13 26.97
CA ASP PB 48 -19.23 105.68 25.62
C ASP PB 48 -18.20 105.08 24.66
N ILE PB 49 -18.49 103.89 24.16
CA ILE PB 49 -17.60 103.13 23.29
C ILE PB 49 -18.27 102.96 21.94
N ASP PB 50 -17.54 103.33 20.88
CA ASP PB 50 -18.04 103.11 19.53
C ASP PB 50 -17.76 101.68 19.10
N LEU PB 51 -18.79 100.98 18.62
CA LEU PB 51 -18.67 99.58 18.25
C LEU PB 51 -18.37 99.37 16.77
N THR PB 52 -18.18 100.44 16.00
CA THR PB 52 -17.94 100.33 14.56
C THR PB 52 -16.48 100.07 14.23
N LYS PB 53 -15.60 100.00 15.22
CA LYS PB 53 -14.19 99.74 15.01
C LYS PB 53 -13.88 98.27 15.31
N ARG PB 54 -12.63 97.89 15.09
CA ARG PB 54 -12.17 96.53 15.36
C ARG PB 54 -11.62 96.42 16.78
N ALA PB 55 -11.29 95.19 17.19
CA ALA PB 55 -10.71 94.93 18.49
C ALA PB 55 -9.19 94.98 18.49
N GLY PB 56 -8.61 95.68 17.52
CA GLY PB 56 -7.18 95.85 17.47
C GLY PB 56 -6.81 97.31 17.34
N GLU PB 57 -7.80 98.20 17.45
CA GLU PB 57 -7.57 99.62 17.35
C GLU PB 57 -7.86 100.39 18.62
N LEU PB 58 -8.73 99.87 19.48
CA LEU PB 58 -9.12 100.59 20.68
C LEU PB 58 -7.96 100.67 21.67
N THR PB 59 -7.91 101.79 22.40
CA THR PB 59 -6.75 102.16 23.19
C THR PB 59 -6.73 101.44 24.52
N GLU PB 60 -5.52 101.33 25.08
CA GLU PB 60 -5.25 100.51 26.25
C GLU PB 60 -5.83 101.07 27.55
N ASP PB 61 -5.97 102.40 27.66
CA ASP PB 61 -6.45 102.94 28.93
C ASP PB 61 -7.93 102.67 29.14
N GLU PB 62 -8.74 102.72 28.08
CA GLU PB 62 -10.19 102.60 28.22
C GLU PB 62 -10.67 101.15 28.12
N VAL PB 63 -9.79 100.20 27.79
CA VAL PB 63 -10.18 98.79 27.92
C VAL PB 63 -10.18 98.36 29.38
N GLU PB 64 -9.51 99.10 30.27
CA GLU PB 64 -9.74 98.93 31.70
C GLU PB 64 -11.14 99.39 32.09
N ARG PB 65 -11.64 100.43 31.42
CA ARG PB 65 -13.01 100.87 31.64
C ARG PB 65 -14.03 99.81 31.22
N VAL PB 66 -13.64 98.91 30.32
CA VAL PB 66 -14.56 97.88 29.84
C VAL PB 66 -14.66 96.75 30.85
N ILE PB 67 -13.52 96.29 31.37
CA ILE PB 67 -13.48 95.07 32.17
C ILE PB 67 -13.98 95.30 33.59
N THR PB 68 -13.91 96.53 34.11
CA THR PB 68 -14.50 96.81 35.42
C THR PB 68 -16.02 96.71 35.39
N ILE PB 69 -16.64 96.74 34.21
CA ILE PB 69 -18.07 96.52 34.10
C ILE PB 69 -18.41 95.03 34.07
N MET PB 70 -17.42 94.16 33.84
CA MET PB 70 -17.69 92.73 33.78
C MET PB 70 -18.09 92.18 35.14
N GLN PB 71 -17.20 92.27 36.12
CA GLN PB 71 -17.44 91.69 37.44
C GLN PB 71 -18.19 92.62 38.38
N ASN PB 72 -18.33 93.90 38.04
CA ASN PB 72 -19.00 94.89 38.89
C ASN PB 72 -20.03 95.62 38.04
N PRO PB 73 -21.22 95.01 37.85
CA PRO PB 73 -22.22 95.63 36.97
C PRO PB 73 -23.12 96.65 37.66
N ARG PB 74 -23.31 96.52 38.97
CA ARG PB 74 -24.35 97.28 39.64
C ARG PB 74 -24.04 98.76 39.80
N GLN PB 75 -22.77 99.14 39.98
CA GLN PB 75 -22.45 100.56 40.11
C GLN PB 75 -22.48 101.28 38.78
N TYR PB 76 -22.46 100.56 37.67
CA TYR PB 76 -22.71 101.11 36.34
C TYR PB 76 -24.15 100.83 35.92
N LYS PB 77 -25.04 100.77 36.93
CA LYS PB 77 -26.49 100.60 36.83
C LYS PB 77 -26.95 99.57 35.79
N ILE PB 78 -26.20 98.49 35.64
CA ILE PB 78 -26.70 97.36 34.85
C ILE PB 78 -27.83 96.67 35.62
N PRO PB 79 -28.99 96.47 35.00
CA PRO PB 79 -30.11 95.86 35.73
C PRO PB 79 -29.84 94.40 36.05
N ASP PB 80 -30.61 93.90 37.03
CA ASP PB 80 -30.38 92.57 37.58
C ASP PB 80 -30.73 91.44 36.61
N TRP PB 81 -31.44 91.73 35.52
CA TRP PB 81 -31.90 90.65 34.66
C TRP PB 81 -30.91 90.32 33.54
N PHE PB 82 -29.79 91.01 33.47
CA PHE PB 82 -28.73 90.67 32.54
C PHE PB 82 -27.72 89.69 33.14
N LEU PB 83 -27.90 89.30 34.39
CA LEU PB 83 -26.87 88.60 35.15
C LEU PB 83 -27.06 87.09 35.07
N ASN PB 84 -25.96 86.38 34.85
CA ASN PB 84 -26.01 84.92 34.83
C ASN PB 84 -26.30 84.35 36.23
N ARG PB 85 -25.76 84.97 37.27
CA ARG PB 85 -25.96 84.53 38.65
C ARG PB 85 -26.76 85.61 39.39
N GLN PB 86 -28.07 85.46 39.37
CA GLN PB 86 -28.96 86.29 40.18
C GLN PB 86 -29.31 85.53 41.46
N LYS PB 87 -29.22 86.21 42.60
CA LYS PB 87 -29.59 85.66 43.91
C LYS PB 87 -28.78 84.40 44.20
N ASP PB 88 -27.47 84.62 44.39
CA ASP PB 88 -26.51 83.54 44.55
C ASP PB 88 -26.87 82.70 45.78
N VAL PB 89 -26.46 81.42 45.75
CA VAL PB 89 -26.91 80.46 46.75
C VAL PB 89 -26.31 80.78 48.13
N LYS PB 90 -25.04 81.18 48.18
CA LYS PB 90 -24.43 81.46 49.48
C LYS PB 90 -24.69 82.89 49.93
N ASP PB 91 -24.20 83.87 49.17
CA ASP PB 91 -24.18 85.26 49.61
C ASP PB 91 -25.28 86.10 48.99
N GLY PB 92 -26.10 85.53 48.10
CA GLY PB 92 -27.24 86.23 47.54
C GLY PB 92 -26.90 87.48 46.75
N LYS PB 93 -25.85 87.44 45.95
CA LYS PB 93 -25.35 88.62 45.24
C LYS PB 93 -25.81 88.58 43.78
N TYR PB 94 -26.44 89.66 43.33
CA TYR PB 94 -26.78 89.84 41.93
C TYR PB 94 -25.52 90.33 41.21
N SER PB 95 -24.86 89.44 40.47
CA SER PB 95 -23.59 89.78 39.86
C SER PB 95 -23.41 89.00 38.56
N GLN PB 96 -22.49 89.49 37.73
CA GLN PB 96 -22.07 88.83 36.50
C GLN PB 96 -20.68 88.26 36.71
N VAL PB 97 -20.50 86.98 36.37
CA VAL PB 97 -19.27 86.26 36.63
C VAL PB 97 -18.71 85.76 35.30
N LEU PB 98 -17.41 85.97 35.07
CA LEU PB 98 -16.83 85.96 33.72
C LEU PB 98 -15.74 84.91 33.56
N ALA PB 99 -16.13 83.69 33.18
CA ALA PB 99 -15.28 82.69 32.52
C ALA PB 99 -14.19 82.09 33.40
N ASN PB 100 -13.97 82.63 34.59
CA ASN PB 100 -13.02 82.03 35.52
C ASN PB 100 -13.63 81.74 36.87
N GLY PB 101 -14.33 82.72 37.46
CA GLY PB 101 -15.22 82.36 38.55
C GLY PB 101 -16.42 81.57 38.08
N LEU PB 102 -16.73 81.65 36.77
CA LEU PB 102 -17.94 81.02 36.26
C LEU PB 102 -17.92 79.51 36.46
N ASP PB 103 -16.79 78.88 36.14
CA ASP PB 103 -16.69 77.43 36.33
C ASP PB 103 -16.32 77.08 37.77
N ASN PB 104 -15.73 78.03 38.53
CA ASN PB 104 -15.69 77.83 39.98
C ASN PB 104 -17.08 77.81 40.56
N LYS PB 105 -17.94 78.78 40.20
CA LYS PB 105 -19.33 78.76 40.63
C LYS PB 105 -20.03 77.49 40.15
N LEU PB 106 -19.57 76.92 39.04
CA LEU PB 106 -20.22 75.74 38.47
C LEU PB 106 -19.96 74.49 39.29
N ARG PB 107 -18.86 74.43 40.05
CA ARG PB 107 -18.70 73.15 40.76
C ARG PB 107 -18.90 73.22 42.27
N GLU PB 108 -19.76 74.14 42.74
CA GLU PB 108 -20.33 73.90 44.07
C GLU PB 108 -21.71 73.29 43.97
N ASP PB 109 -22.50 73.86 43.08
CA ASP PB 109 -23.92 73.56 42.99
C ASP PB 109 -24.17 72.14 42.48
N LEU PB 110 -23.17 71.55 41.81
CA LEU PB 110 -23.30 70.15 41.44
C LEU PB 110 -23.16 69.21 42.63
N GLU PB 111 -22.12 69.36 43.46
CA GLU PB 111 -22.10 68.54 44.66
C GLU PB 111 -22.86 69.19 45.81
N ARG PB 112 -23.28 70.44 45.69
CA ARG PB 112 -24.34 70.87 46.57
C ARG PB 112 -25.61 70.08 46.29
N LEU PB 113 -25.90 69.82 45.01
CA LEU PB 113 -26.98 68.91 44.67
C LEU PB 113 -26.65 67.45 44.99
N LYS PB 114 -25.36 67.08 45.00
CA LYS PB 114 -25.02 65.70 45.31
C LYS PB 114 -25.12 65.41 46.80
N LYS PB 115 -24.64 66.32 47.64
CA LYS PB 115 -24.70 66.12 49.08
C LYS PB 115 -26.12 66.18 49.62
N ILE PB 116 -27.02 66.93 48.97
CA ILE PB 116 -28.42 66.87 49.37
C ILE PB 116 -29.08 65.60 48.84
N ARG PB 117 -28.43 64.90 47.91
CA ARG PB 117 -28.96 63.68 47.28
C ARG PB 117 -30.30 63.92 46.60
N ALA PB 118 -30.44 65.09 45.98
CA ALA PB 118 -31.66 65.39 45.25
C ALA PB 118 -31.68 64.66 43.92
N HIS PB 119 -32.86 64.62 43.31
CA HIS PB 119 -32.99 64.01 41.97
C HIS PB 119 -32.24 64.80 40.92
N ARG PB 120 -32.18 66.13 41.04
CA ARG PB 120 -31.46 66.93 40.06
C ARG PB 120 -29.96 66.66 40.11
N GLY PB 121 -29.43 66.45 41.31
CA GLY PB 121 -28.03 66.09 41.44
C GLY PB 121 -27.71 64.70 40.93
N LEU PB 122 -28.60 63.74 41.16
CA LEU PB 122 -28.34 62.36 40.74
C LEU PB 122 -28.28 62.23 39.22
N ARG PB 123 -29.12 62.97 38.49
CA ARG PB 123 -29.07 62.89 37.04
C ARG PB 123 -27.74 63.41 36.49
N HIS PB 124 -27.12 64.37 37.19
CA HIS PB 124 -25.77 64.80 36.82
C HIS PB 124 -24.71 63.75 37.17
N PHE PB 125 -24.95 62.94 38.21
CA PHE PB 125 -23.95 61.96 38.63
C PHE PB 125 -23.80 60.85 37.60
N TRP PB 126 -24.89 60.25 37.15
CA TRP PB 126 -24.82 59.26 36.09
C TRP PB 126 -24.83 59.90 34.70
N GLY PB 127 -24.86 61.22 34.61
CA GLY PB 127 -24.82 61.91 33.33
C GLY PB 127 -26.05 61.69 32.48
N LEU PB 128 -27.22 61.76 33.10
CA LEU PB 128 -28.50 61.62 32.41
C LEU PB 128 -29.13 62.98 32.22
N ARG PB 129 -30.20 63.00 31.42
CA ARG PB 129 -30.91 64.24 31.11
C ARG PB 129 -31.70 64.68 32.34
N VAL PB 130 -31.36 65.86 32.87
CA VAL PB 130 -31.96 66.31 34.12
C VAL PB 130 -33.21 67.16 33.89
N ARG PB 131 -33.36 67.78 32.73
CA ARG PB 131 -34.49 68.65 32.44
C ARG PB 131 -35.74 67.88 32.01
N GLY PB 132 -35.69 66.55 32.03
CA GLY PB 132 -36.87 65.76 31.73
C GLY PB 132 -37.00 65.36 30.28
N GLN PB 133 -35.90 64.89 29.68
CA GLN PB 133 -35.91 64.46 28.30
C GLN PB 133 -36.11 62.95 28.22
N HIS PB 134 -36.56 62.50 27.05
CA HIS PB 134 -36.74 61.09 26.80
C HIS PB 134 -35.41 60.46 26.42
N THR PB 135 -34.96 59.48 27.20
CA THR PB 135 -33.71 58.80 26.95
C THR PB 135 -33.87 57.48 26.20
N LYS PB 136 -35.10 57.12 25.82
CA LYS PB 136 -35.32 55.87 25.10
C LYS PB 136 -34.76 55.94 23.69
N THR PB 137 -34.94 57.08 23.02
CA THR PB 137 -34.55 57.24 21.63
C THR PB 137 -33.32 58.13 21.43
N THR PB 138 -33.03 59.01 22.37
CA THR PB 138 -31.92 59.95 22.25
C THR PB 138 -30.89 59.67 23.35
N GLY PB 139 -29.73 60.33 23.21
CA GLY PB 139 -28.64 60.14 24.15
C GLY PB 139 -27.88 58.85 23.94
N ARG PB 140 -27.22 58.73 22.78
CA ARG PB 140 -26.53 57.51 22.39
C ARG PB 140 -25.06 57.71 22.07
N ARG PB 141 -24.66 58.89 21.61
CA ARG PB 141 -23.34 59.17 21.04
C ARG PB 141 -22.24 59.16 22.08
N GLY PB 142 -22.40 59.94 23.15
CA GLY PB 142 -21.40 59.96 24.20
C GLY PB 142 -21.42 58.72 25.07
N ARG PB 143 -22.59 58.08 25.17
CA ARG PB 143 -22.72 56.84 25.93
C ARG PB 143 -22.61 55.63 25.01
N THR PB 144 -21.42 55.51 24.42
CA THR PB 144 -21.08 54.46 23.45
C THR PB 144 -22.07 54.39 22.29
N GLY QB 1 -48.56 121.75 -1.82
CA GLY QB 1 -47.62 120.65 -1.92
C GLY QB 1 -48.29 119.29 -1.96
N VAL QB 2 -47.73 118.34 -1.21
CA VAL QB 2 -48.24 116.97 -1.19
C VAL QB 2 -48.31 116.50 0.26
N THR QB 3 -49.06 115.42 0.46
CA THR QB 3 -49.15 114.75 1.75
C THR QB 3 -48.02 113.73 1.87
N VAL QB 4 -48.09 112.89 2.92
CA VAL QB 4 -47.06 111.87 3.12
C VAL QB 4 -47.29 110.62 2.29
N LYS QB 5 -48.47 110.49 1.65
CA LYS QB 5 -48.68 109.36 0.75
C LYS QB 5 -47.90 109.52 -0.55
N ASP QB 6 -47.51 110.76 -0.89
CA ASP QB 6 -46.64 111.02 -2.02
C ASP QB 6 -45.17 110.96 -1.64
N VAL QB 7 -44.86 110.74 -0.36
CA VAL QB 7 -43.49 110.64 0.14
C VAL QB 7 -43.23 109.19 0.50
N ASN QB 8 -42.07 108.67 0.07
CA ASN QB 8 -41.72 107.28 0.34
C ASN QB 8 -41.52 107.09 1.84
N GLN QB 9 -42.08 106.01 2.36
CA GLN QB 9 -42.05 105.76 3.80
C GLN QB 9 -40.71 105.20 4.26
N GLN QB 10 -39.82 104.84 3.33
CA GLN QB 10 -38.53 104.31 3.73
C GLN QB 10 -37.61 105.39 4.28
N GLU QB 11 -37.53 106.53 3.60
CA GLU QB 11 -36.74 107.66 4.11
C GLU QB 11 -37.58 108.68 4.86
N PHE QB 12 -38.87 108.41 5.03
CA PHE QB 12 -39.71 109.29 5.84
C PHE QB 12 -39.45 109.08 7.32
N VAL QB 13 -39.02 107.88 7.72
CA VAL QB 13 -38.90 107.56 9.13
C VAL QB 13 -37.76 108.32 9.82
N ARG QB 14 -36.65 108.59 9.13
CA ARG QB 14 -35.60 109.38 9.74
C ARG QB 14 -35.70 110.86 9.40
N ALA QB 15 -36.50 111.21 8.40
CA ALA QB 15 -36.80 112.63 8.16
C ALA QB 15 -37.63 113.22 9.28
N LEU QB 16 -38.61 112.47 9.80
CA LEU QB 16 -39.35 112.87 10.98
C LEU QB 16 -38.54 112.67 12.26
N ALA QB 17 -37.63 111.70 12.27
CA ALA QB 17 -36.67 111.60 13.38
C ALA QB 17 -35.73 112.79 13.42
N ALA QB 18 -35.39 113.36 12.25
CA ALA QB 18 -34.63 114.60 12.23
C ALA QB 18 -35.44 115.76 12.78
N PHE QB 19 -36.75 115.74 12.58
CA PHE QB 19 -37.62 116.69 13.27
C PHE QB 19 -37.61 116.45 14.77
N LEU QB 20 -37.43 115.19 15.18
CA LEU QB 20 -37.30 114.90 16.61
C LEU QB 20 -35.92 115.24 17.15
N LYS QB 21 -34.92 115.41 16.27
CA LYS QB 21 -33.62 115.89 16.71
C LYS QB 21 -33.67 117.36 17.11
N LYS QB 22 -34.30 118.19 16.30
CA LYS QB 22 -34.34 119.63 16.58
C LYS QB 22 -35.26 119.98 17.73
N SER QB 23 -36.19 119.10 18.11
CA SER QB 23 -36.98 119.32 19.31
C SER QB 23 -36.21 118.89 20.55
N GLY QB 24 -35.87 117.61 20.64
CA GLY QB 24 -35.07 117.10 21.73
C GLY QB 24 -35.72 117.18 23.10
N LYS QB 25 -37.04 116.96 23.18
CA LYS QB 25 -37.76 117.04 24.45
C LYS QB 25 -38.76 115.90 24.60
N LEU QB 26 -38.40 114.71 24.12
CA LEU QB 26 -39.30 113.57 24.14
C LEU QB 26 -39.33 112.84 25.48
N LYS QB 27 -38.56 113.31 26.47
CA LYS QB 27 -38.45 112.75 27.83
C LYS QB 27 -38.33 111.22 27.79
N VAL QB 28 -37.27 110.79 27.13
CA VAL QB 28 -37.04 109.37 26.83
C VAL QB 28 -36.80 108.60 28.13
N PRO QB 29 -37.19 107.33 28.20
CA PRO QB 29 -36.97 106.54 29.41
C PRO QB 29 -35.49 106.24 29.65
N GLU QB 30 -35.19 105.84 30.88
CA GLU QB 30 -33.81 105.51 31.24
C GLU QB 30 -33.33 104.26 30.53
N TRP QB 31 -34.23 103.30 30.32
CA TRP QB 31 -33.88 101.99 29.77
C TRP QB 31 -33.91 101.95 28.25
N VAL QB 32 -33.72 103.08 27.56
CA VAL QB 32 -33.63 103.07 26.11
C VAL QB 32 -32.38 102.34 25.65
N ASP QB 33 -31.25 102.59 26.30
CA ASP QB 33 -29.96 102.10 25.82
C ASP QB 33 -29.70 100.64 26.15
N THR QB 34 -30.58 99.98 26.93
CA THR QB 34 -30.26 98.65 27.42
C THR QB 34 -31.43 97.67 27.39
N VAL QB 35 -32.47 97.93 26.61
CA VAL QB 35 -33.65 97.07 26.59
C VAL QB 35 -33.71 96.30 25.27
N LYS QB 36 -34.36 95.13 25.32
CA LYS QB 36 -34.66 94.37 24.12
C LYS QB 36 -36.06 94.75 23.64
N LEU QB 37 -36.17 95.07 22.35
CA LEU QB 37 -37.38 95.69 21.82
C LEU QB 37 -38.58 94.76 21.80
N ALA QB 38 -38.39 93.45 21.83
CA ALA QB 38 -39.49 92.50 21.83
C ALA QB 38 -38.97 91.16 22.32
N LYS QB 39 -39.91 90.26 22.63
CA LYS QB 39 -39.54 88.92 23.08
C LYS QB 39 -39.07 88.03 21.95
N HIS QB 40 -39.41 88.36 20.70
CA HIS QB 40 -38.89 87.63 19.55
C HIS QB 40 -37.53 88.15 19.09
N LYS QB 41 -37.11 89.30 19.58
CA LYS QB 41 -35.73 89.73 19.41
C LYS QB 41 -34.84 89.04 20.44
N GLU QB 42 -33.55 89.00 20.13
CA GLU QB 42 -32.56 88.42 21.04
C GLU QB 42 -31.46 89.43 21.41
N LEU QB 43 -31.13 90.35 20.51
CA LEU QB 43 -30.12 91.35 20.80
C LEU QB 43 -30.67 92.77 20.70
N ALA QB 44 -29.86 93.76 21.08
CA ALA QB 44 -30.21 95.17 21.02
C ALA QB 44 -30.02 95.71 19.61
N PRO QB 45 -30.76 96.75 19.23
CA PRO QB 45 -30.59 97.33 17.90
C PRO QB 45 -29.21 97.96 17.70
N TYR QB 46 -28.74 97.91 16.46
CA TYR QB 46 -27.48 98.57 16.11
C TYR QB 46 -27.63 100.08 16.14
N ASP QB 47 -28.74 100.60 15.64
CA ASP QB 47 -28.98 102.04 15.67
C ASP QB 47 -29.25 102.49 17.10
N GLU QB 48 -28.55 103.53 17.55
CA GLU QB 48 -28.70 104.02 18.91
C GLU QB 48 -30.04 104.72 19.10
N ASN QB 49 -30.41 105.62 18.18
CA ASN QB 49 -31.61 106.42 18.32
C ASN QB 49 -32.81 105.71 17.70
N TRP QB 50 -33.06 104.49 18.19
CA TRP QB 50 -34.23 103.73 17.77
C TRP QB 50 -35.51 104.29 18.39
N PHE QB 51 -35.42 104.88 19.59
CA PHE QB 51 -36.59 105.48 20.19
C PHE QB 51 -37.06 106.71 19.42
N TYR QB 52 -36.12 107.51 18.91
CA TYR QB 52 -36.48 108.64 18.05
C TYR QB 52 -36.87 108.20 16.66
N THR QB 53 -36.54 106.97 16.27
CA THR QB 53 -36.92 106.46 14.96
C THR QB 53 -38.26 105.74 14.99
N ARG QB 54 -38.53 104.98 16.05
CA ARG QB 54 -39.83 104.33 16.19
C ARG QB 54 -40.93 105.33 16.50
N ALA QB 55 -40.65 106.35 17.30
CA ALA QB 55 -41.64 107.39 17.56
C ALA QB 55 -41.98 108.16 16.29
N ALA QB 56 -40.97 108.42 15.45
CA ALA QB 56 -41.25 108.96 14.13
C ALA QB 56 -42.02 107.97 13.27
N SER QB 57 -41.71 106.68 13.39
CA SER QB 57 -42.46 105.67 12.65
C SER QB 57 -43.84 105.43 13.25
N THR QB 58 -44.02 105.75 14.53
CA THR QB 58 -45.34 105.61 15.14
C THR QB 58 -46.28 106.71 14.67
N ALA QB 59 -45.75 107.92 14.45
CA ALA QB 59 -46.59 109.04 14.03
C ALA QB 59 -47.17 108.83 12.64
N ARG QB 60 -46.39 108.26 11.71
CA ARG QB 60 -46.90 107.98 10.38
C ARG QB 60 -47.89 106.83 10.37
N HIS QB 61 -47.85 105.95 11.38
CA HIS QB 61 -48.87 104.92 11.50
C HIS QB 61 -50.19 105.48 12.01
N LEU QB 62 -50.11 106.46 12.92
CA LEU QB 62 -51.31 107.06 13.50
C LEU QB 62 -52.00 108.02 12.54
N TYR QB 63 -51.29 108.52 11.53
CA TYR QB 63 -51.93 109.41 10.56
C TYR QB 63 -52.85 108.65 9.63
N LEU QB 64 -52.43 107.46 9.20
CA LEU QB 64 -53.25 106.65 8.29
C LEU QB 64 -54.54 106.17 8.95
N ARG QB 65 -54.46 105.76 10.21
CA ARG QB 65 -55.63 105.29 10.94
C ARG QB 65 -55.52 105.70 12.40
N GLY QB 66 -56.67 105.98 13.01
CA GLY QB 66 -56.74 106.41 14.39
C GLY QB 66 -57.34 105.35 15.29
N GLY QB 67 -57.38 105.67 16.57
CA GLY QB 67 -57.91 104.76 17.57
C GLY QB 67 -56.99 103.63 17.96
N ALA QB 68 -55.73 103.68 17.55
CA ALA QB 68 -54.78 102.62 17.88
C ALA QB 68 -54.36 102.70 19.33
N GLY QB 69 -54.25 101.53 19.97
CA GLY QB 69 -53.89 101.43 21.36
C GLY QB 69 -52.53 100.78 21.58
N VAL QB 70 -52.32 100.35 22.82
CA VAL QB 70 -51.08 99.68 23.20
C VAL QB 70 -50.99 98.32 22.52
N GLY QB 71 -52.08 97.56 22.51
CA GLY QB 71 -52.08 96.26 21.88
C GLY QB 71 -51.89 96.33 20.37
N SER QB 72 -52.43 97.38 19.75
CA SER QB 72 -52.28 97.57 18.31
C SER QB 72 -50.84 97.83 17.91
N MET QB 73 -50.09 98.60 18.71
CA MET QB 73 -48.69 98.87 18.42
C MET QB 73 -47.79 97.65 18.63
N THR QB 74 -48.15 96.77 19.56
CA THR QB 74 -47.43 95.51 19.71
C THR QB 74 -47.71 94.54 18.57
N LYS QB 75 -48.88 94.64 17.95
CA LYS QB 75 -49.21 93.74 16.84
C LYS QB 75 -48.42 94.11 15.59
N ILE QB 76 -48.37 95.41 15.25
CA ILE QB 76 -47.64 95.83 14.05
C ILE QB 76 -46.14 95.68 14.25
N TYR QB 77 -45.62 95.98 15.44
CA TYR QB 77 -44.20 95.86 15.71
C TYR QB 77 -43.83 94.49 16.25
N GLY QB 78 -44.66 93.48 16.02
CA GLY QB 78 -44.32 92.10 16.31
C GLY QB 78 -43.56 91.48 15.15
N GLY QB 79 -43.35 90.17 15.27
CA GLY QB 79 -42.64 89.45 14.22
C GLY QB 79 -42.55 87.99 14.53
N ARG QB 80 -41.78 87.29 13.71
CA ARG QB 80 -41.54 85.86 13.91
C ARG QB 80 -40.75 85.63 15.18
N GLN QB 81 -41.28 84.78 16.06
CA GLN QB 81 -40.54 84.31 17.22
C GLN QB 81 -39.83 83.03 16.81
N ARG QB 82 -38.58 83.18 16.37
CA ARG QB 82 -37.79 82.00 16.03
C ARG QB 82 -37.51 81.22 17.31
N ASN QB 83 -38.23 80.14 17.51
CA ASN QB 83 -38.18 79.36 18.73
C ASN QB 83 -37.00 78.42 18.79
N GLY QB 84 -36.10 78.49 17.80
CA GLY QB 84 -34.93 77.63 17.78
C GLY QB 84 -35.23 76.26 17.22
N VAL QB 85 -35.17 75.24 18.07
CA VAL QB 85 -35.47 73.88 17.61
C VAL QB 85 -36.96 73.71 17.32
N MET QB 86 -37.81 74.53 17.94
CA MET QB 86 -39.24 74.48 17.69
C MET QB 86 -39.58 75.29 16.44
N PRO QB 87 -40.73 75.02 15.81
CA PRO QB 87 -41.14 75.86 14.68
C PRO QB 87 -41.40 77.30 15.09
N SER QB 88 -41.12 78.21 14.16
CA SER QB 88 -41.27 79.63 14.41
C SER QB 88 -42.72 80.05 14.30
N HIS QB 89 -43.16 80.90 15.23
CA HIS QB 89 -44.52 81.41 15.25
C HIS QB 89 -44.49 82.92 15.45
N PHE QB 90 -45.59 83.57 15.08
CA PHE QB 90 -45.71 85.01 15.26
C PHE QB 90 -45.86 85.36 16.73
N SER QB 91 -45.17 86.41 17.16
CA SER QB 91 -45.22 86.88 18.53
C SER QB 91 -45.49 88.37 18.57
N ARG QB 92 -46.13 88.82 19.65
CA ARG QB 92 -46.40 90.23 19.85
C ARG QB 92 -45.13 90.94 20.34
N GLY QB 93 -45.12 92.26 20.14
CA GLY QB 93 -44.00 93.06 20.61
C GLY QB 93 -44.08 93.37 22.09
N SER QB 94 -43.02 93.98 22.59
CA SER QB 94 -42.98 94.39 23.99
C SER QB 94 -44.00 95.51 24.24
N LYS QB 95 -44.60 95.48 25.44
CA LYS QB 95 -45.68 96.40 25.75
C LYS QB 95 -45.19 97.77 26.20
N SER QB 96 -44.21 97.81 27.12
CA SER QB 96 -43.76 99.09 27.64
C SER QB 96 -42.98 99.90 26.61
N VAL QB 97 -42.33 99.23 25.66
CA VAL QB 97 -41.59 99.97 24.64
C VAL QB 97 -42.53 100.77 23.74
N ALA QB 98 -43.75 100.30 23.53
CA ALA QB 98 -44.75 101.06 22.79
C ALA QB 98 -45.56 101.97 23.70
N ARG QB 99 -45.67 101.62 24.98
CA ARG QB 99 -46.36 102.47 25.94
C ARG QB 99 -45.61 103.76 26.21
N ARG QB 100 -44.27 103.71 26.21
CA ARG QB 100 -43.49 104.92 26.43
C ARG QB 100 -43.47 105.83 25.21
N VAL QB 101 -43.59 105.27 24.01
CA VAL QB 101 -43.67 106.09 22.80
C VAL QB 101 -44.95 106.93 22.80
N LEU QB 102 -46.09 106.28 23.07
CA LEU QB 102 -47.34 107.03 23.15
C LEU QB 102 -47.36 107.98 24.33
N GLN QB 103 -46.63 107.65 25.40
CA GLN QB 103 -46.44 108.62 26.47
C GLN QB 103 -45.45 109.71 26.09
N ALA QB 104 -44.47 109.40 25.24
CA ALA QB 104 -43.58 110.44 24.73
C ALA QB 104 -44.29 111.34 23.73
N LEU QB 105 -45.21 110.77 22.95
CA LEU QB 105 -45.96 111.56 21.97
C LEU QB 105 -47.06 112.40 22.62
N GLU QB 106 -47.40 112.13 23.88
CA GLU QB 106 -48.37 112.98 24.57
C GLU QB 106 -47.67 114.01 25.46
N GLY QB 107 -46.38 113.79 25.75
CA GLY QB 107 -45.60 114.76 26.51
C GLY QB 107 -45.47 116.06 25.74
N LEU QB 108 -44.76 116.02 24.62
CA LEU QB 108 -44.86 117.07 23.62
C LEU QB 108 -46.00 116.72 22.67
N LYS QB 109 -46.89 117.68 22.42
CA LYS QB 109 -48.22 117.39 21.88
C LYS QB 109 -48.14 116.94 20.43
N MET QB 110 -48.16 115.63 20.24
CA MET QB 110 -48.32 115.03 18.92
C MET QB 110 -49.48 114.06 18.82
N VAL QB 111 -50.00 113.58 19.94
CA VAL QB 111 -51.11 112.62 19.94
C VAL QB 111 -52.10 113.02 21.03
N GLU QB 112 -53.36 112.64 20.84
CA GLU QB 112 -54.39 112.77 21.86
C GLU QB 112 -55.22 111.49 21.88
N LYS QB 113 -55.79 111.18 23.03
CA LYS QB 113 -56.56 109.96 23.19
C LYS QB 113 -57.96 110.15 22.61
N ASP QB 114 -58.28 109.36 21.59
CA ASP QB 114 -59.57 109.44 20.93
C ASP QB 114 -60.67 108.85 21.83
N GLN QB 115 -61.92 109.16 21.48
CA GLN QB 115 -63.05 108.57 22.19
C GLN QB 115 -63.07 107.06 22.00
N ASP QB 116 -63.62 106.37 23.00
CA ASP QB 116 -63.54 104.91 23.11
C ASP QB 116 -62.09 104.43 23.10
N GLY QB 117 -61.21 105.20 23.72
CA GLY QB 117 -59.81 104.86 23.80
C GLY QB 117 -59.07 105.06 22.50
N GLY QB 118 -57.84 104.55 22.49
CA GLY QB 118 -56.98 104.63 21.32
C GLY QB 118 -56.15 105.90 21.29
N ARG QB 119 -55.34 106.00 20.24
CA ARG QB 119 -54.49 107.16 20.03
C ARG QB 119 -54.67 107.64 18.59
N LYS QB 120 -55.00 108.93 18.44
CA LYS QB 120 -55.17 109.53 17.13
C LYS QB 120 -54.34 110.81 17.06
N LEU QB 121 -53.88 111.13 15.86
CA LEU QB 121 -52.92 112.21 15.69
C LEU QB 121 -53.62 113.56 15.58
N THR QB 122 -53.07 114.56 16.27
CA THR QB 122 -53.65 115.88 16.36
C THR QB 122 -53.48 116.66 15.06
N PRO QB 123 -54.41 117.58 14.75
CA PRO QB 123 -54.29 118.37 13.52
C PRO QB 123 -53.01 119.16 13.39
N GLN QB 124 -52.46 119.69 14.49
CA GLN QB 124 -51.18 120.39 14.41
C GLN QB 124 -50.04 119.40 14.20
N GLY QB 125 -50.18 118.18 14.71
CA GLY QB 125 -49.23 117.13 14.39
C GLY QB 125 -49.28 116.74 12.93
N GLN QB 126 -50.46 116.88 12.31
CA GLN QB 126 -50.57 116.68 10.88
C GLN QB 126 -50.08 117.90 10.11
N ARG QB 127 -50.17 119.09 10.72
CA ARG QB 127 -49.78 120.32 10.02
C ARG QB 127 -48.29 120.34 9.73
N ASP QB 128 -47.44 120.08 10.72
CA ASP QB 128 -46.01 119.99 10.48
C ASP QB 128 -45.62 118.66 9.85
N LEU QB 129 -46.54 117.69 9.81
CA LEU QB 129 -46.29 116.46 9.06
C LEU QB 129 -46.25 116.73 7.57
N ASP QB 130 -47.01 117.71 7.10
CA ASP QB 130 -46.98 118.05 5.68
C ASP QB 130 -45.75 118.85 5.30
N ARG QB 131 -45.20 119.64 6.23
CA ARG QB 131 -43.99 120.41 5.95
C ARG QB 131 -42.78 119.53 5.73
N ILE QB 132 -42.59 118.48 6.54
CA ILE QB 132 -41.53 117.52 6.28
C ILE QB 132 -41.84 116.64 5.08
N ALA QB 133 -43.11 116.51 4.71
CA ALA QB 133 -43.47 115.79 3.49
C ALA QB 133 -43.11 116.61 2.26
N GLY QB 134 -43.35 117.93 2.31
CA GLY QB 134 -43.02 118.78 1.20
C GLY QB 134 -41.53 119.03 1.04
N GLN QB 135 -40.75 118.90 2.12
CA GLN QB 135 -39.31 119.08 2.03
C GLN QB 135 -38.62 117.87 1.41
N VAL QB 136 -39.27 116.71 1.37
CA VAL QB 136 -38.70 115.55 0.70
C VAL QB 136 -39.12 115.50 -0.77
N ALA QB 137 -40.37 115.87 -1.08
CA ALA QB 137 -40.81 115.91 -2.46
C ALA QB 137 -40.06 116.99 -3.24
N ALA QB 138 -39.78 118.14 -2.61
CA ALA QB 138 -38.97 119.16 -3.26
C ALA QB 138 -37.53 118.72 -3.39
N ALA QB 139 -37.05 117.88 -2.47
CA ALA QB 139 -35.68 117.39 -2.55
C ALA QB 139 -35.48 116.42 -3.71
N LYS QB 140 -36.47 115.57 -3.99
CA LYS QB 140 -36.37 114.59 -5.05
C LYS QB 140 -36.63 115.19 -6.43
N LYS QB 141 -37.09 116.43 -6.51
CA LYS QB 141 -37.33 117.09 -7.78
C LYS QB 141 -36.13 117.97 -8.17
N HIS RB 1 -92.01 101.05 16.52
CA HIS RB 1 -92.46 101.00 15.14
C HIS RB 1 -91.41 100.33 14.25
N ARG RB 2 -90.14 100.51 14.61
CA ARG RB 2 -89.03 99.90 13.88
C ARG RB 2 -88.83 98.49 14.44
N ILE RB 3 -89.49 97.52 13.81
CA ILE RB 3 -89.54 96.15 14.30
C ILE RB 3 -88.62 95.28 13.46
N ARG RB 4 -87.79 94.49 14.12
CA ARG RB 4 -86.91 93.53 13.47
C ARG RB 4 -87.48 92.13 13.62
N ILE RB 5 -87.50 91.38 12.51
CA ILE RB 5 -87.92 89.98 12.50
C ILE RB 5 -86.74 89.15 12.04
N THR RB 6 -86.36 88.16 12.84
CA THR RB 6 -85.20 87.31 12.55
C THR RB 6 -85.69 85.97 12.03
N LEU RB 7 -85.17 85.57 10.86
CA LEU RB 7 -85.58 84.33 10.19
C LEU RB 7 -84.37 83.40 10.12
N THR RB 8 -84.34 82.42 11.01
CA THR RB 8 -83.27 81.42 11.04
C THR RB 8 -83.86 80.04 10.75
N SER RB 9 -83.29 79.34 9.78
CA SER RB 9 -83.75 77.99 9.46
C SER RB 9 -82.60 77.19 8.86
N ARG RB 10 -82.59 75.89 9.17
CA ARG RB 10 -81.54 75.02 8.67
C ARG RB 10 -81.75 74.67 7.20
N ASN RB 11 -82.98 74.40 6.79
CA ASN RB 11 -83.27 74.12 5.38
C ASN RB 11 -83.24 75.42 4.59
N VAL RB 12 -82.72 75.34 3.36
CA VAL RB 12 -82.61 76.51 2.52
C VAL RB 12 -83.97 76.94 2.00
N LYS RB 13 -84.76 75.99 1.49
CA LYS RB 13 -86.05 76.32 0.91
C LYS RB 13 -87.17 76.46 1.94
N SER RB 14 -86.96 75.98 3.17
CA SER RB 14 -87.92 76.29 4.24
C SER RB 14 -87.78 77.75 4.68
N LEU RB 15 -86.55 78.25 4.71
CA LEU RB 15 -86.33 79.66 5.03
C LEU RB 15 -86.72 80.56 3.87
N GLU RB 16 -86.46 80.11 2.64
CA GLU RB 16 -86.77 80.92 1.47
C GLU RB 16 -88.26 81.05 1.21
N LYS RB 17 -89.05 80.03 1.55
CA LYS RB 17 -90.49 80.12 1.33
C LYS RB 17 -91.17 81.03 2.35
N VAL RB 18 -90.62 81.11 3.57
CA VAL RB 18 -91.24 81.94 4.59
C VAL RB 18 -90.72 83.37 4.52
N CYS RB 19 -89.50 83.56 4.01
CA CYS RB 19 -88.98 84.91 3.87
C CYS RB 19 -89.73 85.70 2.82
N ALA RB 20 -90.28 85.04 1.80
CA ALA RB 20 -91.14 85.70 0.84
C ALA RB 20 -92.61 85.66 1.24
N ASP RB 21 -92.99 84.76 2.16
CA ASP RB 21 -94.37 84.68 2.61
C ASP RB 21 -94.73 85.90 3.46
N LEU RB 22 -93.81 86.33 4.34
CA LEU RB 22 -94.01 87.55 5.11
C LEU RB 22 -94.04 88.78 4.21
N ILE RB 23 -93.37 88.74 3.06
CA ILE RB 23 -93.48 89.82 2.08
C ILE RB 23 -94.90 89.85 1.51
N ARG RB 24 -95.44 88.68 1.16
CA ARG RB 24 -96.80 88.60 0.63
C ARG RB 24 -97.83 88.99 1.68
N GLY RB 25 -97.63 88.56 2.93
CA GLY RB 25 -98.57 88.91 3.98
C GLY RB 25 -98.57 90.39 4.31
N ALA RB 26 -97.39 91.00 4.34
CA ALA RB 26 -97.29 92.42 4.69
C ALA RB 26 -97.70 93.35 3.56
N LYS RB 27 -97.50 92.95 2.30
CA LYS RB 27 -97.88 93.82 1.19
C LYS RB 27 -99.39 93.90 1.00
N GLU RB 28 -100.14 92.94 1.55
CA GLU RB 28 -101.59 93.04 1.54
C GLU RB 28 -102.07 94.16 2.45
N LYS RB 29 -101.38 94.41 3.56
CA LYS RB 29 -101.69 95.50 4.46
C LYS RB 29 -101.02 96.80 4.04
N ASN RB 30 -100.08 96.73 3.09
CA ASN RB 30 -99.57 97.88 2.34
C ASN RB 30 -98.94 98.93 3.26
N LEU RB 31 -97.84 98.54 3.88
CA LEU RB 31 -97.05 99.41 4.74
C LEU RB 31 -95.59 99.40 4.27
N LYS RB 32 -94.73 100.11 4.98
CA LYS RB 32 -93.32 100.26 4.59
C LYS RB 32 -92.56 98.96 4.86
N VAL RB 33 -92.05 98.33 3.79
CA VAL RB 33 -91.37 97.04 3.87
C VAL RB 33 -89.94 97.21 3.38
N LYS RB 34 -88.98 96.80 4.21
CA LYS RB 34 -87.59 96.68 3.78
C LYS RB 34 -87.37 95.31 3.16
N GLY RB 35 -86.40 95.22 2.26
CA GLY RB 35 -86.05 93.97 1.62
C GLY RB 35 -85.33 93.01 2.55
N PRO RB 36 -85.43 91.70 2.27
CA PRO RB 36 -84.73 90.72 3.09
C PRO RB 36 -83.21 90.77 2.90
N VAL RB 37 -82.49 91.08 3.98
CA VAL RB 37 -81.04 91.24 3.91
C VAL RB 37 -80.41 89.86 4.02
N ARG RB 38 -79.68 89.45 2.97
CA ARG RB 38 -78.97 88.17 2.96
C ARG RB 38 -77.59 88.38 3.58
N MET RB 39 -77.41 87.89 4.80
CA MET RB 39 -76.15 87.94 5.52
C MET RB 39 -75.42 86.61 5.40
N PRO RB 40 -74.07 86.62 5.45
CA PRO RB 40 -73.32 85.38 5.18
C PRO RB 40 -73.61 84.30 6.21
N THR RB 41 -73.62 83.06 5.73
CA THR RB 41 -74.05 81.93 6.53
C THR RB 41 -72.93 81.46 7.46
N LYS RB 42 -73.30 80.61 8.41
CA LYS RB 42 -72.35 79.93 9.29
C LYS RB 42 -72.40 78.45 8.98
N THR RB 43 -71.24 77.85 8.78
CA THR RB 43 -71.15 76.42 8.55
C THR RB 43 -70.35 75.75 9.66
N LEU RB 44 -70.73 74.52 9.98
CA LEU RB 44 -70.25 73.81 11.18
C LEU RB 44 -69.37 72.66 10.73
N ARG RB 45 -68.05 72.86 10.76
CA ARG RB 45 -67.11 71.83 10.33
C ARG RB 45 -66.73 70.92 11.50
N ILE RB 46 -66.98 69.62 11.35
CA ILE RB 46 -66.54 68.60 12.30
C ILE RB 46 -65.86 67.50 11.51
N THR RB 47 -64.61 67.20 11.86
CA THR RB 47 -63.82 66.16 11.18
C THR RB 47 -63.33 65.15 12.22
N THR RB 48 -63.89 63.94 12.17
CA THR RB 48 -63.51 62.85 13.06
C THR RB 48 -63.09 61.62 12.27
N ARG RB 49 -62.31 60.77 12.93
CA ARG RB 49 -61.88 59.52 12.33
C ARG RB 49 -63.06 58.55 12.24
N LYS RB 50 -63.12 57.82 11.12
CA LYS RB 50 -64.23 56.89 10.90
C LYS RB 50 -64.11 55.61 11.70
N THR RB 51 -62.90 55.12 11.94
CA THR RB 51 -62.75 53.84 12.62
C THR RB 51 -63.05 54.01 14.12
N PRO RB 52 -63.94 53.20 14.69
CA PRO RB 52 -64.16 53.26 16.15
C PRO RB 52 -62.91 52.98 16.97
N CYS RB 53 -62.06 52.05 16.53
CA CYS RB 53 -60.76 51.86 17.15
C CYS RB 53 -59.72 52.67 16.37
N GLY RB 54 -58.44 52.45 16.68
CA GLY RB 54 -57.35 53.11 15.99
C GLY RB 54 -56.68 52.29 14.91
N GLU RB 55 -57.34 51.25 14.39
CA GLU RB 55 -56.73 50.33 13.46
C GLU RB 55 -57.24 50.59 12.04
N GLY RB 56 -56.34 50.52 11.07
CA GLY RB 56 -56.68 50.72 9.68
C GLY RB 56 -56.10 52.00 9.12
N SER RB 57 -56.56 52.35 7.92
CA SER RB 57 -56.11 53.55 7.24
C SER RB 57 -56.74 54.79 7.86
N LYS RB 58 -56.04 55.91 7.73
CA LYS RB 58 -56.46 57.18 8.34
C LYS RB 58 -57.41 57.90 7.40
N THR RB 59 -58.70 57.83 7.70
CA THR RB 59 -59.73 58.51 6.95
C THR RB 59 -60.58 59.38 7.87
N TRP RB 60 -61.11 60.46 7.33
CA TRP RB 60 -61.72 61.52 8.12
C TRP RB 60 -63.08 61.91 7.55
N ASP RB 61 -63.98 62.32 8.42
CA ASP RB 61 -65.33 62.73 8.04
C ASP RB 61 -65.36 64.20 7.64
N ARG RB 62 -66.48 64.60 7.03
CA ARG RB 62 -66.79 66.01 6.78
C ARG RB 62 -68.25 66.22 7.17
N PHE RB 63 -68.51 66.50 8.44
CA PHE RB 63 -69.86 66.68 8.94
C PHE RB 63 -70.18 68.16 9.05
N GLN RB 64 -71.29 68.58 8.42
CA GLN RB 64 -71.59 69.98 8.21
C GLN RB 64 -73.02 70.32 8.63
N MET RB 65 -73.19 71.56 9.10
CA MET RB 65 -74.49 72.21 9.31
C MET RB 65 -74.35 73.63 8.78
N ARG RB 66 -74.96 73.93 7.64
CA ARG RB 66 -75.04 75.32 7.23
C ARG RB 66 -76.31 75.94 7.83
N ILE RB 67 -76.17 77.10 8.46
CA ILE RB 67 -77.29 77.79 9.07
C ILE RB 67 -77.40 79.17 8.44
N HIS RB 68 -78.61 79.54 8.04
CA HIS RB 68 -78.87 80.79 7.35
C HIS RB 68 -79.73 81.69 8.21
N LYS RB 69 -79.48 82.99 8.10
CA LYS RB 69 -80.25 83.97 8.85
C LYS RB 69 -80.68 85.08 7.90
N ARG RB 70 -81.96 85.46 7.96
CA ARG RB 70 -82.49 86.53 7.14
C ARG RB 70 -83.18 87.57 8.03
N LEU RB 71 -82.91 88.84 7.73
CA LEU RB 71 -83.49 89.94 8.51
C LEU RB 71 -84.36 90.78 7.60
N ILE RB 72 -85.62 90.96 8.00
CA ILE RB 72 -86.57 91.80 7.29
C ILE RB 72 -87.07 92.85 8.26
N ASP RB 73 -87.00 94.11 7.84
CA ASP RB 73 -87.39 95.23 8.68
C ASP RB 73 -88.80 95.67 8.31
N LEU RB 74 -89.58 96.01 9.35
CA LEU RB 74 -90.96 96.44 9.19
C LEU RB 74 -91.16 97.76 9.92
N HIS RB 75 -91.88 98.68 9.28
CA HIS RB 75 -92.29 99.94 9.89
C HIS RB 75 -93.78 99.85 10.16
N SER RB 76 -94.11 99.27 11.30
CA SER RB 76 -95.48 99.05 11.73
C SER RB 76 -95.48 98.81 13.23
N PRO RB 77 -96.60 99.05 13.91
CA PRO RB 77 -96.74 98.60 15.30
C PRO RB 77 -96.85 97.08 15.36
N SER RB 78 -96.94 96.57 16.59
CA SER RB 78 -96.89 95.14 16.84
C SER RB 78 -98.21 94.43 16.63
N GLU RB 79 -99.31 95.17 16.44
CA GLU RB 79 -100.60 94.53 16.15
C GLU RB 79 -100.59 93.82 14.81
N ILE RB 80 -100.02 94.46 13.79
CA ILE RB 80 -99.99 93.87 12.45
C ILE RB 80 -99.03 92.68 12.43
N VAL RB 81 -97.88 92.81 13.11
CA VAL RB 81 -96.88 91.75 13.12
C VAL RB 81 -97.40 90.48 13.80
N LYS RB 82 -98.12 90.61 14.93
CA LYS RB 82 -98.62 89.45 15.65
C LYS RB 82 -99.70 88.70 14.90
N GLN RB 83 -100.31 89.29 13.87
CA GLN RB 83 -101.34 88.60 13.10
C GLN RB 83 -100.72 87.72 12.01
N ILE RB 84 -99.81 88.29 11.22
CA ILE RB 84 -99.24 87.56 10.08
C ILE RB 84 -98.30 86.45 10.52
N THR RB 85 -97.50 86.69 11.57
CA THR RB 85 -96.47 85.74 11.99
C THR RB 85 -97.03 84.43 12.54
N SER RB 86 -98.32 84.36 12.83
CA SER RB 86 -98.94 83.12 13.27
C SER RB 86 -99.52 82.31 12.12
N ILE RB 87 -99.39 82.78 10.88
CA ILE RB 87 -99.97 82.13 9.71
C ILE RB 87 -98.86 81.48 8.89
N SER RB 88 -99.03 80.19 8.60
CA SER RB 88 -98.15 79.43 7.71
C SER RB 88 -96.69 79.44 8.19
N ILE RB 89 -96.48 78.83 9.35
CA ILE RB 89 -95.15 78.68 9.92
C ILE RB 89 -94.85 77.19 10.11
N GLU RB 90 -93.60 76.83 9.88
CA GLU RB 90 -93.14 75.45 9.85
C GLU RB 90 -91.95 75.33 10.80
N PRO RB 91 -91.84 74.20 11.51
CA PRO RB 91 -90.85 74.09 12.59
C PRO RB 91 -89.39 74.16 12.15
N GLY RB 92 -89.10 74.01 10.86
CA GLY RB 92 -87.73 74.18 10.40
C GLY RB 92 -87.23 75.60 10.56
N VAL RB 93 -88.14 76.56 10.61
CA VAL RB 93 -87.82 77.98 10.73
C VAL RB 93 -88.04 78.42 12.17
N GLU RB 94 -87.01 79.01 12.78
CA GLU RB 94 -87.12 79.65 14.08
C GLU RB 94 -87.24 81.15 13.87
N VAL RB 95 -88.34 81.73 14.36
CA VAL RB 95 -88.67 83.13 14.11
C VAL RB 95 -88.51 83.91 15.40
N GLU RB 96 -87.70 84.97 15.34
CA GLU RB 96 -87.51 85.89 16.45
C GLU RB 96 -87.95 87.29 16.02
N VAL RB 97 -88.86 87.89 16.78
CA VAL RB 97 -89.42 89.20 16.47
C VAL RB 97 -89.01 90.16 17.57
N THR RB 98 -88.34 91.25 17.18
CA THR RB 98 -87.90 92.28 18.11
C THR RB 98 -88.68 93.56 17.86
N ILE RB 99 -89.37 94.05 18.89
CA ILE RB 99 -90.17 95.26 18.75
C ILE RB 99 -89.28 96.48 18.54
N ALA RB 100 -88.16 96.54 19.25
CA ALA RB 100 -87.22 97.65 19.09
C ALA RB 100 -86.35 97.44 17.87
N MET SB 1 -104.18 -1.81 -27.92
CA MET SB 1 -103.95 -2.86 -26.94
C MET SB 1 -105.25 -3.34 -26.35
N GLN SB 2 -105.41 -4.65 -26.29
CA GLN SB 2 -106.67 -5.29 -25.90
C GLN SB 2 -106.51 -6.08 -24.62
N ASN SB 3 -107.62 -6.21 -23.90
CA ASN SB 3 -107.69 -7.08 -22.73
C ASN SB 3 -108.31 -8.41 -23.16
N ASP SB 4 -108.61 -9.30 -22.20
CA ASP SB 4 -109.19 -10.59 -22.53
C ASP SB 4 -110.65 -10.49 -22.98
N ALA SB 5 -111.42 -9.57 -22.43
CA ALA SB 5 -112.85 -9.51 -22.70
C ALA SB 5 -113.21 -8.63 -23.90
N GLY SB 6 -112.23 -8.03 -24.57
CA GLY SB 6 -112.50 -7.29 -25.78
C GLY SB 6 -112.75 -5.81 -25.61
N GLU SB 7 -111.99 -5.13 -24.76
CA GLU SB 7 -112.09 -3.69 -24.60
C GLU SB 7 -110.73 -3.05 -24.80
N PHE SB 8 -110.72 -1.92 -25.50
CA PHE SB 8 -109.51 -1.12 -25.62
C PHE SB 8 -109.13 -0.55 -24.27
N VAL SB 9 -107.85 -0.59 -23.93
CA VAL SB 9 -107.43 -0.36 -22.55
C VAL SB 9 -106.44 0.80 -22.45
N ASP SB 10 -105.80 1.16 -23.56
CA ASP SB 10 -104.89 2.30 -23.52
C ASP SB 10 -105.67 3.61 -23.53
N LEU SB 11 -105.09 4.63 -22.92
CA LEU SB 11 -105.76 5.92 -22.83
C LEU SB 11 -105.68 6.72 -24.13
N TYR SB 12 -104.68 6.46 -24.98
CA TYR SB 12 -104.67 7.02 -26.33
C TYR SB 12 -103.78 6.17 -27.24
N VAL SB 13 -103.97 6.34 -28.54
CA VAL SB 13 -103.17 5.67 -29.55
C VAL SB 13 -102.23 6.69 -30.17
N PRO SB 14 -100.91 6.51 -30.07
CA PRO SB 14 -99.98 7.48 -30.66
C PRO SB 14 -99.99 7.44 -32.19
N ARG SB 15 -99.53 8.52 -32.80
CA ARG SB 15 -99.42 8.59 -34.24
C ARG SB 15 -98.31 7.69 -34.76
N LYS SB 16 -98.24 7.59 -36.09
CA LYS SB 16 -97.20 6.83 -36.77
C LYS SB 16 -96.62 7.69 -37.89
N CYS SB 17 -95.33 7.49 -38.16
CA CYS SB 17 -94.69 8.21 -39.24
C CYS SB 17 -95.22 7.73 -40.59
N SER SB 18 -95.45 8.67 -41.50
CA SER SB 18 -96.02 8.32 -42.79
C SER SB 18 -95.00 7.65 -43.71
N ALA SB 19 -93.72 7.95 -43.53
CA ALA SB 19 -92.67 7.40 -44.39
C ALA SB 19 -91.96 6.22 -43.74
N SER SB 20 -91.40 6.42 -42.54
CA SER SB 20 -90.61 5.39 -41.89
C SER SB 20 -91.46 4.38 -41.13
N ASN SB 21 -92.76 4.60 -41.02
CA ASN SB 21 -93.72 3.73 -40.34
C ASN SB 21 -93.37 3.53 -38.86
N ARG SB 22 -92.67 4.48 -38.25
CA ARG SB 22 -92.39 4.47 -36.82
C ARG SB 22 -93.42 5.32 -36.08
N ILE SB 23 -93.67 4.94 -34.84
CA ILE SB 23 -94.59 5.72 -34.01
C ILE SB 23 -93.90 6.99 -33.52
N ILE SB 24 -94.60 8.11 -33.63
CA ILE SB 24 -94.05 9.39 -33.24
C ILE SB 24 -94.19 9.56 -31.73
N GLY SB 25 -93.09 9.87 -31.06
CA GLY SB 25 -93.09 10.02 -29.62
C GLY SB 25 -93.83 11.27 -29.17
N ALA SB 26 -94.12 11.31 -27.87
CA ALA SB 26 -94.85 12.43 -27.30
C ALA SB 26 -93.99 13.69 -27.21
N LYS SB 27 -92.68 13.52 -27.12
CA LYS SB 27 -91.75 14.64 -27.00
C LYS SB 27 -90.91 14.79 -28.27
N ASP SB 28 -91.51 14.46 -29.42
CA ASP SB 28 -90.87 14.68 -30.71
C ASP SB 28 -91.34 16.05 -31.20
N HIS SB 29 -90.70 17.10 -30.68
CA HIS SB 29 -91.11 18.47 -31.00
C HIS SB 29 -90.77 18.86 -32.44
N ALA SB 30 -89.96 18.07 -33.14
CA ALA SB 30 -89.67 18.30 -34.55
C ALA SB 30 -90.58 17.49 -35.47
N SER SB 31 -91.76 17.10 -34.99
CA SER SB 31 -92.69 16.37 -35.83
C SER SB 31 -93.34 17.31 -36.85
N ILE SB 32 -93.82 16.72 -37.95
CA ILE SB 32 -94.49 17.46 -39.00
C ILE SB 32 -95.94 17.00 -39.05
N GLN SB 33 -96.85 17.96 -39.21
CA GLN SB 33 -98.24 17.66 -39.54
C GLN SB 33 -98.55 18.41 -40.83
N MET SB 34 -98.26 17.78 -41.95
CA MET SB 34 -98.55 18.36 -43.25
C MET SB 34 -100.05 18.49 -43.47
N ASN SB 35 -100.45 19.46 -44.29
CA ASN SB 35 -101.81 19.56 -44.79
C ASN SB 35 -101.74 19.87 -46.27
N VAL SB 36 -102.23 18.94 -47.10
CA VAL SB 36 -102.13 19.04 -48.55
C VAL SB 36 -103.51 19.37 -49.09
N ALA SB 37 -103.62 20.54 -49.73
CA ALA SB 37 -104.89 20.95 -50.33
C ALA SB 37 -105.12 20.21 -51.63
N GLU SB 38 -106.37 19.78 -51.85
CA GLU SB 38 -106.78 19.18 -53.10
C GLU SB 38 -107.27 20.27 -54.05
N VAL SB 39 -107.34 19.92 -55.34
CA VAL SB 39 -107.76 20.85 -56.38
C VAL SB 39 -108.93 20.23 -57.14
N ASP SB 40 -109.93 21.06 -57.45
CA ASP SB 40 -111.07 20.60 -58.23
C ASP SB 40 -110.59 20.43 -59.67
N LYS SB 41 -111.10 19.39 -60.35
CA LYS SB 41 -110.56 19.02 -61.65
C LYS SB 41 -110.85 20.07 -62.72
N VAL SB 42 -112.05 20.66 -62.71
CA VAL SB 42 -112.45 21.53 -63.81
C VAL SB 42 -112.20 23.02 -63.54
N THR SB 43 -112.49 23.51 -62.33
CA THR SB 43 -112.29 24.93 -62.07
C THR SB 43 -110.90 25.23 -61.53
N GLY SB 44 -110.17 24.19 -61.10
CA GLY SB 44 -108.84 24.39 -60.56
C GLY SB 44 -108.80 25.17 -59.26
N ARG SB 45 -109.69 24.86 -58.31
CA ARG SB 45 -109.82 25.65 -57.10
C ARG SB 45 -109.78 24.71 -55.89
N PHE SB 46 -109.63 25.31 -54.72
CA PHE SB 46 -109.57 24.56 -53.47
C PHE SB 46 -110.93 23.93 -53.15
N ASN SB 47 -110.88 22.72 -52.59
CA ASN SB 47 -112.10 21.98 -52.26
C ASN SB 47 -112.54 22.21 -50.82
N GLY SB 48 -111.69 21.87 -49.85
CA GLY SB 48 -112.03 22.08 -48.47
C GLY SB 48 -111.54 21.02 -47.48
N GLN SB 49 -111.09 19.87 -47.98
CA GLN SB 49 -110.62 18.81 -47.11
C GLN SB 49 -109.10 18.73 -47.14
N PHE SB 50 -108.56 17.74 -46.43
CA PHE SB 50 -107.14 17.59 -46.21
C PHE SB 50 -106.66 16.24 -46.73
N LYS SB 51 -105.35 16.16 -46.95
CA LYS SB 51 -104.67 14.92 -47.28
C LYS SB 51 -103.41 14.85 -46.42
N THR SB 52 -103.62 14.93 -45.11
CA THR SB 52 -102.54 15.17 -44.16
C THR SB 52 -101.60 13.98 -44.01
N TYR SB 53 -100.35 14.29 -43.67
CA TYR SB 53 -99.28 13.32 -43.42
C TYR SB 53 -98.68 13.58 -42.04
N ALA SB 54 -97.72 12.73 -41.67
CA ALA SB 54 -97.02 12.84 -40.39
C ALA SB 54 -95.63 12.26 -40.52
N ILE SB 55 -94.61 13.06 -40.23
CA ILE SB 55 -93.20 12.67 -40.34
C ILE SB 55 -92.51 12.94 -39.01
N CYS SB 56 -91.73 11.96 -38.54
CA CYS SB 56 -90.97 12.13 -37.30
C CYS SB 56 -89.83 13.12 -37.52
N GLY SB 57 -89.30 13.63 -36.40
CA GLY SB 57 -88.26 14.64 -36.44
C GLY SB 57 -86.91 14.13 -36.90
N ALA SB 58 -86.69 12.81 -36.83
CA ALA SB 58 -85.42 12.25 -37.28
C ALA SB 58 -85.22 12.43 -38.79
N ILE SB 59 -86.29 12.27 -39.57
CA ILE SB 59 -86.18 12.37 -41.02
C ILE SB 59 -85.82 13.78 -41.46
N ARG SB 60 -86.35 14.80 -40.76
CA ARG SB 60 -86.00 16.18 -41.09
C ARG SB 60 -84.52 16.43 -40.91
N ARG SB 61 -83.95 15.94 -39.82
CA ARG SB 61 -82.55 16.16 -39.50
C ARG SB 61 -81.62 15.31 -40.36
N MET SB 62 -82.17 14.27 -41.01
CA MET SB 62 -81.40 13.46 -41.95
C MET SB 62 -81.54 13.91 -43.40
N GLY SB 63 -82.44 14.85 -43.69
CA GLY SB 63 -82.47 15.51 -44.98
C GLY SB 63 -83.36 14.89 -46.05
N GLU SB 64 -84.19 13.90 -45.70
CA GLU SB 64 -85.13 13.33 -46.64
C GLU SB 64 -86.57 13.74 -46.38
N SER SB 65 -86.79 14.78 -45.57
CA SER SB 65 -88.15 15.18 -45.26
C SER SB 65 -88.88 15.76 -46.46
N ASP SB 66 -88.17 16.41 -47.39
CA ASP SB 66 -88.84 16.83 -48.62
C ASP SB 66 -89.07 15.65 -49.57
N ASP SB 67 -88.13 14.71 -49.61
CA ASP SB 67 -88.28 13.52 -50.43
C ASP SB 67 -89.35 12.57 -49.90
N SER SB 68 -89.49 12.46 -48.58
CA SER SB 68 -90.49 11.56 -47.99
C SER SB 68 -91.90 11.98 -48.37
N ILE SB 69 -92.21 13.27 -48.24
CA ILE SB 69 -93.52 13.78 -48.66
C ILE SB 69 -93.67 13.61 -50.17
N LEU SB 70 -92.56 13.81 -50.91
CA LEU SB 70 -92.61 13.70 -52.36
C LEU SB 70 -92.97 12.29 -52.81
N ARG SB 71 -92.47 11.27 -52.12
CA ARG SB 71 -92.75 9.90 -52.53
C ARG SB 71 -94.20 9.51 -52.26
N LEU SB 72 -94.76 9.96 -51.14
CA LEU SB 72 -96.20 9.77 -50.92
C LEU SB 72 -97.03 10.63 -51.86
N ALA SB 73 -96.49 11.78 -52.28
CA ALA SB 73 -97.23 12.69 -53.16
C ALA SB 73 -97.44 12.10 -54.55
N LYS SB 74 -96.48 11.33 -55.07
CA LYS SB 74 -96.72 10.61 -56.31
C LYS SB 74 -97.75 9.50 -56.11
N ALA SB 75 -97.70 8.82 -54.97
CA ALA SB 75 -98.62 7.73 -54.71
C ALA SB 75 -100.03 8.21 -54.39
N ASP SB 76 -100.18 9.39 -53.80
CA ASP SB 76 -101.49 9.97 -53.55
C ASP SB 76 -101.96 10.88 -54.69
N GLY SB 77 -101.17 11.01 -55.76
CA GLY SB 77 -101.61 11.69 -56.97
C GLY SB 77 -101.45 13.19 -56.98
N ILE SB 78 -100.84 13.79 -55.94
CA ILE SB 78 -100.62 15.22 -55.93
C ILE SB 78 -99.57 15.62 -56.97
N VAL SB 79 -98.48 14.88 -57.04
CA VAL SB 79 -97.43 15.12 -58.03
C VAL SB 79 -97.74 14.27 -59.25
N SER SB 80 -97.52 14.85 -60.44
CA SER SB 80 -97.66 14.10 -61.68
C SER SB 80 -96.71 12.91 -61.67
N LYS SB 81 -97.24 11.74 -62.03
CA LYS SB 81 -96.49 10.50 -61.94
C LYS SB 81 -95.29 10.45 -62.88
N ASN SB 82 -95.31 11.21 -63.97
CA ASN SB 82 -94.12 11.33 -64.81
C ASN SB 82 -93.02 12.13 -64.11
N PHE SB 83 -93.40 13.26 -63.50
CA PHE SB 83 -92.50 14.12 -62.73
C PHE SB 83 -91.27 14.58 -63.52
N VAL TB 1 -62.52 -14.60 -42.63
CA VAL TB 1 -63.41 -14.66 -43.78
C VAL TB 1 -64.86 -14.75 -43.32
N ARG TB 2 -65.76 -15.02 -44.27
CA ARG TB 2 -67.18 -15.15 -43.95
C ARG TB 2 -67.41 -16.52 -43.33
N MET TB 3 -67.49 -16.55 -42.00
CA MET TB 3 -67.69 -17.81 -41.29
C MET TB 3 -69.17 -18.22 -41.31
N ASN TB 4 -70.03 -17.34 -40.81
CA ASN TB 4 -71.47 -17.59 -40.79
C ASN TB 4 -72.13 -16.72 -41.85
N VAL TB 5 -73.16 -17.28 -42.50
CA VAL TB 5 -73.86 -16.61 -43.58
C VAL TB 5 -75.14 -15.95 -43.08
N LEU TB 6 -75.88 -16.64 -42.21
CA LEU TB 6 -77.12 -16.06 -41.68
C LEU TB 6 -76.83 -14.85 -40.80
N ALA TB 7 -75.70 -14.86 -40.09
CA ALA TB 7 -75.35 -13.73 -39.23
C ALA TB 7 -75.12 -12.46 -40.03
N ASP TB 8 -74.46 -12.58 -41.18
CA ASP TB 8 -74.25 -11.43 -42.06
C ASP TB 8 -75.53 -10.94 -42.71
N ALA TB 9 -76.46 -11.85 -43.00
CA ALA TB 9 -77.72 -11.44 -43.61
C ALA TB 9 -78.62 -10.71 -42.62
N LEU TB 10 -78.72 -11.24 -41.39
CA LEU TB 10 -79.59 -10.64 -40.39
C LEU TB 10 -79.10 -9.28 -39.92
N LYS TB 11 -77.77 -9.11 -39.77
CA LYS TB 11 -77.24 -7.82 -39.34
C LYS TB 11 -77.32 -6.79 -40.45
N SER TB 12 -77.23 -7.22 -41.71
CA SER TB 12 -77.34 -6.28 -42.82
C SER TB 12 -78.73 -5.68 -42.91
N ILE TB 13 -79.78 -6.49 -42.72
CA ILE TB 13 -81.14 -5.97 -42.74
C ILE TB 13 -81.52 -5.30 -41.43
N ASN TB 14 -80.78 -5.57 -40.35
CA ASN TB 14 -81.01 -4.84 -39.10
C ASN TB 14 -80.44 -3.43 -39.18
N ASN TB 15 -79.27 -3.29 -39.84
CA ASN TB 15 -78.72 -1.95 -40.08
C ASN TB 15 -79.61 -1.13 -41.00
N ALA TB 16 -80.21 -1.77 -42.00
CA ALA TB 16 -81.15 -1.07 -42.88
C ALA TB 16 -82.45 -0.71 -42.16
N GLU TB 17 -82.90 -1.58 -41.24
CA GLU TB 17 -84.11 -1.29 -40.48
C GLU TB 17 -83.90 -0.13 -39.52
N LYS TB 18 -82.72 -0.05 -38.91
CA LYS TB 18 -82.40 1.08 -38.03
C LYS TB 18 -82.42 2.39 -38.80
N ARG TB 19 -81.84 2.39 -40.00
CA ARG TB 19 -81.92 3.55 -40.89
C ARG TB 19 -83.30 3.66 -41.54
N GLY TB 20 -84.07 2.58 -41.60
CA GLY TB 20 -85.40 2.62 -42.15
C GLY TB 20 -85.49 2.52 -43.66
N LYS TB 21 -84.61 1.74 -44.28
CA LYS TB 21 -84.66 1.53 -45.73
C LYS TB 21 -85.95 0.82 -46.14
N ARG TB 22 -86.46 1.20 -47.31
CA ARG TB 22 -87.67 0.56 -47.83
C ARG TB 22 -87.41 -0.88 -48.24
N GLN TB 23 -86.22 -1.16 -48.78
CA GLN TB 23 -85.82 -2.52 -49.11
C GLN TB 23 -84.31 -2.63 -49.00
N VAL TB 24 -83.83 -3.85 -48.82
CA VAL TB 24 -82.43 -4.12 -48.52
C VAL TB 24 -81.97 -5.33 -49.33
N LEU TB 25 -80.70 -5.31 -49.75
CA LEU TB 25 -80.09 -6.40 -50.48
C LEU TB 25 -79.06 -7.12 -49.60
N ILE TB 26 -79.13 -8.45 -49.57
CA ILE TB 26 -78.12 -9.27 -48.92
C ILE TB 26 -77.40 -10.06 -50.01
N ARG TB 27 -76.09 -10.18 -49.86
CA ARG TB 27 -75.26 -10.72 -50.95
C ARG TB 27 -75.35 -12.24 -51.09
N PRO TB 28 -75.34 -13.06 -50.00
CA PRO TB 28 -75.53 -14.50 -50.20
C PRO TB 28 -76.98 -14.93 -50.18
N CYS TB 29 -77.33 -15.96 -50.95
CA CYS TB 29 -78.62 -16.64 -50.85
C CYS TB 29 -78.40 -18.08 -50.44
N SER TB 30 -78.98 -18.47 -49.31
CA SER TB 30 -78.90 -19.83 -48.81
C SER TB 30 -80.29 -20.39 -48.55
N LYS TB 31 -80.37 -21.72 -48.43
CA LYS TB 31 -81.64 -22.37 -48.12
C LYS TB 31 -82.11 -21.98 -46.72
N VAL TB 32 -81.17 -21.86 -45.78
CA VAL TB 32 -81.52 -21.46 -44.42
C VAL TB 32 -82.09 -20.05 -44.39
N ILE TB 33 -81.47 -19.13 -45.15
CA ILE TB 33 -81.95 -17.75 -45.18
C ILE TB 33 -83.33 -17.65 -45.81
N VAL TB 34 -83.56 -18.41 -46.88
CA VAL TB 34 -84.88 -18.43 -47.51
C VAL TB 34 -85.93 -18.98 -46.55
N ARG TB 35 -85.57 -20.06 -45.83
CA ARG TB 35 -86.45 -20.56 -44.79
C ARG TB 35 -86.60 -19.56 -43.66
N PHE TB 36 -85.52 -18.83 -43.34
CA PHE TB 36 -85.58 -17.80 -42.30
C PHE TB 36 -86.51 -16.66 -42.70
N LEU TB 37 -86.46 -16.26 -43.97
CA LEU TB 37 -87.30 -15.16 -44.43
C LEU TB 37 -88.77 -15.54 -44.49
N THR TB 38 -89.07 -16.82 -44.75
CA THR TB 38 -90.46 -17.25 -44.80
C THR TB 38 -91.08 -17.32 -43.42
N VAL TB 39 -90.27 -17.52 -42.38
CA VAL TB 39 -90.79 -17.51 -41.01
C VAL TB 39 -91.31 -16.13 -40.64
N MET TB 40 -90.55 -15.07 -40.97
CA MET TB 40 -90.93 -13.71 -40.62
C MET TB 40 -92.08 -13.17 -41.47
N MET TB 41 -92.26 -13.68 -42.69
CA MET TB 41 -93.24 -13.09 -43.60
C MET TB 41 -94.66 -13.50 -43.23
N LYS TB 42 -94.84 -14.76 -42.80
CA LYS TB 42 -96.15 -15.22 -42.35
C LYS TB 42 -96.66 -14.42 -41.15
N HIS TB 43 -95.75 -13.86 -40.36
CA HIS TB 43 -96.12 -13.00 -39.24
C HIS TB 43 -96.19 -11.53 -39.62
N GLY TB 44 -95.83 -11.18 -40.86
CA GLY TB 44 -95.98 -9.81 -41.33
C GLY TB 44 -94.96 -8.82 -40.79
N TYR TB 45 -93.81 -9.30 -40.32
CA TYR TB 45 -92.79 -8.40 -39.79
C TYR TB 45 -92.08 -7.63 -40.89
N ILE TB 46 -92.00 -8.18 -42.10
CA ILE TB 46 -91.25 -7.56 -43.19
C ILE TB 46 -92.15 -7.48 -44.41
N GLY TB 47 -91.70 -6.69 -45.40
CA GLY TB 47 -92.33 -6.68 -46.70
C GLY TB 47 -91.86 -7.86 -47.53
N GLU TB 48 -92.48 -8.03 -48.70
CA GLU TB 48 -92.27 -9.25 -49.47
C GLU TB 48 -90.89 -9.27 -50.13
N PHE TB 49 -90.21 -10.40 -49.99
CA PHE TB 49 -88.83 -10.58 -50.47
C PHE TB 49 -88.83 -11.35 -51.78
N GLU TB 50 -87.71 -11.21 -52.49
CA GLU TB 50 -87.47 -11.95 -53.73
C GLU TB 50 -85.99 -12.23 -53.83
N ILE TB 51 -85.63 -13.30 -54.54
CA ILE TB 51 -84.24 -13.67 -54.72
C ILE TB 51 -83.88 -13.52 -56.19
N ILE TB 52 -82.62 -13.21 -56.43
CA ILE TB 52 -82.08 -13.12 -57.79
C ILE TB 52 -81.13 -14.29 -58.02
N ASP TB 53 -81.65 -15.35 -58.63
CA ASP TB 53 -80.91 -16.61 -58.76
C ASP TB 53 -80.01 -16.54 -59.99
N ASP TB 54 -78.77 -16.13 -59.80
CA ASP TB 54 -77.76 -16.23 -60.84
C ASP TB 54 -77.11 -17.62 -60.75
N HIS TB 55 -76.00 -17.82 -61.48
CA HIS TB 55 -75.28 -19.09 -61.45
C HIS TB 55 -74.25 -19.15 -60.33
N ARG TB 56 -74.44 -18.35 -59.27
CA ARG TB 56 -73.55 -18.34 -58.12
C ARG TB 56 -74.47 -18.35 -56.90
N ALA TB 57 -73.89 -18.07 -55.72
CA ALA TB 57 -74.72 -17.78 -54.56
C ALA TB 57 -75.54 -16.52 -54.84
N GLY TB 58 -76.85 -16.67 -54.88
CA GLY TB 58 -77.71 -15.61 -55.37
C GLY TB 58 -77.81 -14.44 -54.41
N LYS TB 59 -78.49 -13.41 -54.87
CA LYS TB 59 -78.72 -12.20 -54.10
C LYS TB 59 -80.21 -12.03 -53.82
N ILE TB 60 -80.54 -11.66 -52.59
CA ILE TB 60 -81.92 -11.56 -52.13
C ILE TB 60 -82.23 -10.11 -51.85
N VAL TB 61 -83.27 -9.59 -52.50
CA VAL TB 61 -83.80 -8.25 -52.22
C VAL TB 61 -85.04 -8.42 -51.36
N VAL TB 62 -85.01 -7.88 -50.15
CA VAL TB 62 -86.10 -7.99 -49.19
C VAL TB 62 -86.73 -6.62 -49.02
N ASN TB 63 -87.99 -6.49 -49.42
CA ASN TB 63 -88.77 -5.30 -49.09
C ASN TB 63 -88.98 -5.25 -47.58
N LEU TB 64 -88.95 -4.06 -47.03
CA LEU TB 64 -89.04 -3.88 -45.59
C LEU TB 64 -90.25 -3.02 -45.21
N THR TB 65 -90.91 -3.40 -44.13
CA THR TB 65 -91.88 -2.55 -43.47
C THR TB 65 -91.21 -1.91 -42.27
N GLY TB 66 -91.96 -1.09 -41.53
CA GLY TB 66 -91.46 -0.47 -40.33
C GLY TB 66 -91.78 -1.22 -39.05
N ARG TB 67 -92.17 -2.49 -39.14
CA ARG TB 67 -92.62 -3.26 -37.99
C ARG TB 67 -91.49 -4.02 -37.30
N LEU TB 68 -90.26 -3.92 -37.80
CA LEU TB 68 -89.15 -4.68 -37.24
C LEU TB 68 -88.39 -3.83 -36.23
N ASN TB 69 -88.15 -4.38 -35.05
CA ASN TB 69 -87.34 -3.73 -34.04
C ASN TB 69 -85.89 -4.21 -34.09
N LYS TB 70 -85.68 -5.50 -33.92
CA LYS TB 70 -84.35 -6.10 -34.04
C LYS TB 70 -84.49 -7.57 -34.38
N CYS TB 71 -83.72 -8.02 -35.36
CA CYS TB 71 -83.65 -9.43 -35.74
C CYS TB 71 -82.19 -9.89 -35.54
N GLY TB 72 -81.95 -10.59 -34.42
CA GLY TB 72 -80.63 -11.06 -34.08
C GLY TB 72 -80.40 -12.51 -34.44
N VAL TB 73 -79.15 -12.94 -34.25
CA VAL TB 73 -78.72 -14.30 -34.54
C VAL TB 73 -77.95 -14.82 -33.34
N ILE TB 74 -78.15 -16.10 -33.03
CA ILE TB 74 -77.47 -16.75 -31.92
C ILE TB 74 -76.41 -17.70 -32.50
N SER TB 75 -75.15 -17.45 -32.17
CA SER TB 75 -74.04 -18.27 -32.64
C SER TB 75 -73.19 -18.67 -31.44
N PRO TB 76 -72.83 -19.95 -31.29
CA PRO TB 76 -73.18 -21.08 -32.17
C PRO TB 76 -74.60 -21.59 -31.97
N ARG TB 77 -75.04 -22.48 -32.85
CA ARG TB 77 -76.40 -23.02 -32.78
C ARG TB 77 -76.51 -24.01 -31.62
N PHE TB 78 -76.78 -23.50 -30.43
CA PHE TB 78 -76.97 -24.37 -29.28
C PHE TB 78 -78.25 -25.18 -29.45
N ASP TB 79 -78.20 -26.45 -29.07
CA ASP TB 79 -79.39 -27.28 -29.05
C ASP TB 79 -80.31 -26.85 -27.91
N VAL TB 80 -81.62 -26.88 -28.18
CA VAL TB 80 -82.61 -26.40 -27.22
C VAL TB 80 -83.58 -27.54 -26.92
N GLN TB 81 -83.69 -27.90 -25.64
CA GLN TB 81 -84.65 -28.88 -25.19
C GLN TB 81 -86.04 -28.25 -25.11
N LEU TB 82 -87.05 -29.08 -24.86
CA LEU TB 82 -88.37 -28.55 -24.59
C LEU TB 82 -88.50 -28.02 -23.17
N LYS TB 83 -87.60 -28.44 -22.26
CA LYS TB 83 -87.71 -28.04 -20.87
C LYS TB 83 -87.21 -26.62 -20.65
N ASP TB 84 -86.09 -26.25 -21.26
CA ASP TB 84 -85.53 -24.92 -21.04
C ASP TB 84 -85.83 -23.95 -22.17
N LEU TB 85 -86.73 -24.33 -23.09
CA LEU TB 85 -87.12 -23.41 -24.15
C LEU TB 85 -87.83 -22.18 -23.60
N GLU TB 86 -88.53 -22.34 -22.46
CA GLU TB 86 -89.07 -21.19 -21.75
C GLU TB 86 -87.95 -20.33 -21.17
N LYS TB 87 -86.87 -20.96 -20.71
CA LYS TB 87 -85.72 -20.22 -20.19
C LYS TB 87 -85.00 -19.45 -21.28
N TRP TB 88 -84.98 -19.96 -22.51
CA TRP TB 88 -84.34 -19.25 -23.62
C TRP TB 88 -85.10 -17.98 -23.96
N GLN TB 89 -86.43 -18.05 -24.03
CA GLN TB 89 -87.24 -16.90 -24.39
C GLN TB 89 -87.46 -15.94 -23.23
N ASN TB 90 -87.09 -16.32 -22.00
CA ASN TB 90 -87.26 -15.42 -20.87
C ASN TB 90 -86.24 -14.29 -20.93
N ASN TB 91 -84.98 -14.62 -21.23
CA ASN TB 91 -83.89 -13.65 -21.23
C ASN TB 91 -83.53 -13.15 -22.63
N LEU TB 92 -84.29 -13.53 -23.65
CA LEU TB 92 -84.01 -13.09 -25.02
C LEU TB 92 -85.15 -12.29 -25.62
N LEU TB 93 -86.38 -12.78 -25.55
CA LEU TB 93 -87.53 -12.03 -26.04
C LEU TB 93 -87.87 -10.89 -25.08
N PRO TB 94 -88.39 -9.78 -25.61
CA PRO TB 94 -88.76 -8.65 -24.74
C PRO TB 94 -89.92 -8.98 -23.81
N SER TB 95 -90.96 -9.61 -24.33
CA SER TB 95 -92.16 -9.91 -23.56
C SER TB 95 -92.71 -11.27 -23.96
N ARG TB 96 -93.73 -11.71 -23.23
CA ARG TB 96 -94.45 -12.94 -23.57
C ARG TB 96 -95.63 -12.69 -24.50
N GLN TB 97 -95.99 -11.44 -24.75
CA GLN TB 97 -97.07 -11.15 -25.69
C GLN TB 97 -96.62 -11.30 -27.13
N PHE TB 98 -95.37 -11.02 -27.42
CA PHE TB 98 -94.84 -11.08 -28.79
C PHE TB 98 -93.37 -11.47 -28.71
N GLY TB 99 -92.68 -11.32 -29.83
CA GLY TB 99 -91.31 -11.79 -29.92
C GLY TB 99 -91.28 -13.25 -30.31
N PHE TB 100 -90.42 -13.58 -31.28
CA PHE TB 100 -90.43 -14.91 -31.87
C PHE TB 100 -89.02 -15.45 -31.87
N ILE TB 101 -88.82 -16.63 -31.29
CA ILE TB 101 -87.56 -17.35 -31.39
C ILE TB 101 -87.74 -18.47 -32.40
N VAL TB 102 -86.98 -18.41 -33.48
CA VAL TB 102 -87.01 -19.41 -34.54
C VAL TB 102 -85.82 -20.34 -34.36
N LEU TB 103 -86.04 -21.63 -34.53
CA LEU TB 103 -85.01 -22.63 -34.32
C LEU TB 103 -85.32 -23.84 -35.19
N THR TB 104 -84.27 -24.42 -35.77
CA THR TB 104 -84.42 -25.51 -36.72
C THR TB 104 -84.72 -26.81 -35.98
N THR TB 105 -85.73 -27.53 -36.45
CA THR TB 105 -86.07 -28.85 -35.95
C THR TB 105 -86.04 -29.84 -37.11
N SER TB 106 -86.25 -31.12 -36.77
CA SER TB 106 -86.31 -32.15 -37.80
C SER TB 106 -87.53 -31.99 -38.69
N ALA TB 107 -88.63 -31.43 -38.17
CA ALA TB 107 -89.81 -31.18 -38.99
C ALA TB 107 -89.61 -30.01 -39.93
N GLY TB 108 -88.63 -29.15 -39.67
CA GLY TB 108 -88.35 -27.99 -40.49
C GLY TB 108 -87.87 -26.84 -39.64
N ILE TB 109 -87.99 -25.64 -40.18
CA ILE TB 109 -87.59 -24.41 -39.50
C ILE TB 109 -88.86 -23.61 -39.19
N MET TB 110 -89.07 -23.32 -37.91
CA MET TB 110 -90.27 -22.62 -37.48
C MET TB 110 -90.00 -21.91 -36.16
N ASP TB 111 -90.92 -21.01 -35.80
CA ASP TB 111 -90.83 -20.26 -34.56
C ASP TB 111 -91.13 -21.16 -33.36
N HIS TB 112 -90.99 -20.58 -32.17
CA HIS TB 112 -91.09 -21.37 -30.93
C HIS TB 112 -92.52 -21.79 -30.60
N GLU TB 113 -93.53 -21.06 -31.10
CA GLU TB 113 -94.91 -21.51 -30.88
C GLU TB 113 -95.20 -22.79 -31.65
N GLU TB 114 -94.80 -22.84 -32.93
CA GLU TB 114 -95.06 -24.02 -33.75
C GLU TB 114 -94.24 -25.22 -33.31
N ALA TB 115 -93.05 -25.00 -32.75
CA ALA TB 115 -92.29 -26.10 -32.17
C ALA TB 115 -93.00 -26.67 -30.94
N ARG TB 116 -93.71 -25.83 -30.19
CA ARG TB 116 -94.52 -26.33 -29.08
C ARG TB 116 -95.71 -27.15 -29.58
N ARG TB 117 -96.28 -26.76 -30.72
CA ARG TB 117 -97.42 -27.50 -31.28
C ARG TB 117 -97.00 -28.88 -31.74
N LYS TB 118 -95.84 -28.98 -32.39
CA LYS TB 118 -95.34 -30.26 -32.90
C LYS TB 118 -94.54 -31.03 -31.86
N HIS TB 119 -94.26 -30.41 -30.71
CA HIS TB 119 -93.52 -31.04 -29.60
C HIS TB 119 -92.17 -31.56 -30.09
N THR TB 120 -91.40 -30.68 -30.74
CA THR TB 120 -90.10 -31.03 -31.29
C THR TB 120 -89.11 -29.93 -30.98
N GLY TB 121 -87.94 -30.30 -30.47
CA GLY TB 121 -86.88 -29.36 -30.21
C GLY TB 121 -85.84 -29.35 -31.32
N GLY TB 122 -84.75 -28.64 -31.07
CA GLY TB 122 -83.68 -28.57 -32.04
C GLY TB 122 -82.65 -27.51 -31.66
N LYS TB 123 -81.87 -27.11 -32.65
CA LYS TB 123 -80.81 -26.12 -32.48
C LYS TB 123 -81.34 -24.72 -32.78
N ILE TB 124 -80.92 -23.76 -31.96
CA ILE TB 124 -81.39 -22.39 -32.10
C ILE TB 124 -80.73 -21.73 -33.30
N LEU TB 125 -81.45 -20.78 -33.91
CA LEU TB 125 -80.95 -20.05 -35.07
C LEU TB 125 -80.81 -18.56 -34.78
N GLY TB 126 -81.86 -17.93 -34.28
CA GLY TB 126 -81.81 -16.51 -33.97
C GLY TB 126 -83.11 -16.07 -33.36
N PHE TB 127 -83.17 -14.76 -33.06
CA PHE TB 127 -84.34 -14.15 -32.46
C PHE TB 127 -84.70 -12.89 -33.21
N PHE TB 128 -85.99 -12.56 -33.22
CA PHE TB 128 -86.50 -11.43 -33.97
C PHE TB 128 -87.83 -10.99 -33.39
N PHE TB 129 -88.03 -9.67 -33.31
CA PHE TB 129 -89.26 -9.10 -32.79
C PHE TB 129 -89.49 -7.69 -33.35
N GLY UB 1 -67.16 -13.34 -22.84
CA GLY UB 1 -66.17 -14.16 -23.49
C GLY UB 1 -65.87 -13.75 -24.91
N LYS UB 2 -64.65 -14.00 -25.36
CA LYS UB 2 -64.24 -13.64 -26.72
C LYS UB 2 -64.51 -14.78 -27.70
N CYS UB 3 -63.92 -15.95 -27.45
CA CYS UB 3 -64.14 -17.10 -28.31
C CYS UB 3 -65.50 -17.73 -28.01
N ARG UB 4 -66.28 -18.00 -29.06
CA ARG UB 4 -67.61 -18.57 -28.92
C ARG UB 4 -67.76 -19.85 -29.74
N GLY UB 5 -66.75 -20.72 -29.70
CA GLY UB 5 -66.85 -21.98 -30.41
C GLY UB 5 -67.71 -22.99 -29.68
N LEU UB 6 -68.20 -23.96 -30.44
CA LEU UB 6 -69.08 -24.99 -29.89
C LEU UB 6 -68.33 -26.02 -29.06
N ARG UB 7 -67.00 -26.12 -29.20
CA ARG UB 7 -66.21 -27.06 -28.41
C ARG UB 7 -65.01 -26.37 -27.76
N THR UB 8 -65.18 -25.10 -27.35
CA THR UB 8 -64.14 -24.35 -26.67
C THR UB 8 -64.33 -24.33 -25.15
N ALA UB 9 -64.91 -25.39 -24.57
CA ALA UB 9 -65.13 -25.42 -23.13
C ALA UB 9 -63.83 -25.51 -22.35
N ARG UB 10 -62.85 -26.28 -22.84
CA ARG UB 10 -61.56 -26.34 -22.17
C ARG UB 10 -60.76 -25.06 -22.34
N LYS UB 11 -61.00 -24.31 -23.40
CA LYS UB 11 -60.37 -23.00 -23.54
C LYS UB 11 -61.00 -21.98 -22.61
N LEU UB 12 -62.33 -22.00 -22.48
CA LEU UB 12 -63.02 -21.07 -21.60
C LEU UB 12 -62.75 -21.38 -20.13
N ARG UB 13 -62.74 -22.68 -19.77
CA ARG UB 13 -62.51 -23.06 -18.38
C ARG UB 13 -61.09 -22.75 -17.94
N SER UB 14 -60.10 -22.93 -18.82
CA SER UB 14 -58.72 -22.62 -18.47
C SER UB 14 -58.51 -21.13 -18.31
N HIS UB 15 -59.17 -20.31 -19.12
CA HIS UB 15 -59.06 -18.86 -18.99
C HIS UB 15 -59.67 -18.39 -17.66
N ARG UB 16 -60.84 -18.92 -17.30
CA ARG UB 16 -61.44 -18.56 -16.02
C ARG UB 16 -60.63 -19.10 -14.85
N ARG UB 17 -59.97 -20.25 -15.01
CA ARG UB 17 -59.11 -20.77 -13.96
C ARG UB 17 -57.87 -19.89 -13.78
N ASP UB 18 -57.27 -19.43 -14.88
CA ASP UB 18 -56.07 -18.63 -14.79
C ASP UB 18 -56.36 -17.22 -14.32
N GLN UB 19 -57.43 -16.60 -14.83
CA GLN UB 19 -57.78 -15.25 -14.42
C GLN UB 19 -58.32 -15.15 -13.00
N LYS UB 20 -58.72 -16.28 -12.40
CA LYS UB 20 -59.12 -16.26 -11.00
C LYS UB 20 -57.93 -16.01 -10.09
N TRP UB 21 -56.75 -16.50 -10.46
CA TRP UB 21 -55.54 -16.27 -9.67
C TRP UB 21 -55.12 -14.81 -9.64
N HIS UB 22 -55.61 -14.00 -10.58
CA HIS UB 22 -55.34 -12.57 -10.59
C HIS UB 22 -56.32 -11.79 -9.71
N ASP UB 23 -57.29 -12.47 -9.12
CA ASP UB 23 -58.22 -11.84 -8.19
C ASP UB 23 -57.64 -11.90 -6.78
N LYS UB 24 -57.77 -10.78 -6.06
CA LYS UB 24 -57.16 -10.68 -4.73
C LYS UB 24 -57.83 -11.63 -3.74
N GLN UB 25 -59.16 -11.77 -3.81
CA GLN UB 25 -59.87 -12.65 -2.87
C GLN UB 25 -59.62 -14.12 -3.17
N TYR UB 26 -59.55 -14.51 -4.45
CA TYR UB 26 -59.34 -15.91 -4.78
C TYR UB 26 -57.92 -16.36 -4.44
N LYS UB 27 -56.92 -15.51 -4.72
CA LYS UB 27 -55.55 -15.87 -4.45
C LYS UB 27 -55.27 -15.95 -2.95
N LYS UB 28 -55.93 -15.10 -2.16
CA LYS UB 28 -55.75 -15.15 -0.71
C LYS UB 28 -56.35 -16.42 -0.12
N ALA UB 29 -57.50 -16.86 -0.63
CA ALA UB 29 -58.19 -18.01 -0.07
C ALA UB 29 -57.65 -19.33 -0.59
N HIS UB 30 -56.80 -19.31 -1.62
CA HIS UB 30 -56.29 -20.53 -2.25
C HIS UB 30 -54.77 -20.53 -2.30
N LEU UB 31 -54.12 -19.98 -1.28
CA LEU UB 31 -52.68 -20.04 -1.16
C LEU UB 31 -52.31 -20.36 0.29
N GLY UB 32 -51.26 -21.16 0.46
CA GLY UB 32 -50.82 -21.51 1.79
C GLY UB 32 -50.10 -20.39 2.51
N THR UB 33 -49.57 -19.43 1.74
CA THR UB 33 -48.84 -18.31 2.35
C THR UB 33 -49.74 -17.38 3.14
N ALA UB 34 -50.98 -17.15 2.68
CA ALA UB 34 -51.90 -16.30 3.42
C ALA UB 34 -52.29 -16.92 4.76
N LEU UB 35 -52.50 -18.24 4.79
CA LEU UB 35 -52.79 -18.93 6.03
C LEU UB 35 -51.56 -19.10 6.90
N LYS UB 36 -50.37 -19.17 6.30
CA LYS UB 36 -49.14 -19.28 7.08
C LYS UB 36 -48.86 -18.00 7.85
N ALA UB 37 -49.08 -16.85 7.22
CA ALA UB 37 -48.81 -15.56 7.84
C ALA UB 37 -49.88 -15.14 8.83
N ASN UB 38 -51.04 -15.79 8.84
CA ASN UB 38 -52.09 -15.45 9.79
C ASN UB 38 -51.77 -16.05 11.15
N PRO UB 39 -51.64 -15.23 12.20
CA PRO UB 39 -51.41 -15.79 13.54
C PRO UB 39 -52.54 -16.65 14.06
N PHE UB 40 -53.79 -16.40 13.63
CA PHE UB 40 -54.90 -17.22 14.08
C PHE UB 40 -54.92 -18.57 13.36
N GLY UB 41 -54.49 -18.61 12.11
CA GLY UB 41 -54.56 -19.84 11.33
C GLY UB 41 -55.97 -20.27 11.02
N GLY UB 42 -56.84 -19.33 10.65
CA GLY UB 42 -58.23 -19.63 10.39
C GLY UB 42 -59.13 -19.65 11.61
N ALA UB 43 -58.57 -19.41 12.80
CA ALA UB 43 -59.36 -19.44 14.03
C ALA UB 43 -60.07 -18.10 14.25
N SER UB 44 -61.32 -18.18 14.71
CA SER UB 44 -62.06 -16.97 15.04
C SER UB 44 -61.50 -16.30 16.28
N HIS UB 45 -61.16 -17.09 17.30
CA HIS UB 45 -60.63 -16.58 18.55
C HIS UB 45 -59.42 -17.40 18.95
N ALA UB 46 -58.59 -16.83 19.83
CA ALA UB 46 -57.41 -17.52 20.31
C ALA UB 46 -57.04 -17.00 21.68
N LYS UB 47 -56.34 -17.83 22.45
CA LYS UB 47 -55.84 -17.46 23.77
C LYS UB 47 -54.34 -17.17 23.70
N GLY UB 48 -53.93 -16.11 24.40
CA GLY UB 48 -52.55 -15.70 24.44
C GLY UB 48 -52.16 -15.26 25.84
N ILE UB 49 -50.87 -14.97 26.01
CA ILE UB 49 -50.31 -14.61 27.31
C ILE UB 49 -49.80 -13.17 27.24
N VAL UB 50 -50.23 -12.36 28.21
CA VAL UB 50 -49.80 -10.96 28.27
C VAL UB 50 -48.38 -10.90 28.82
N LEU UB 51 -47.49 -10.24 28.09
CA LEU UB 51 -46.13 -10.01 28.56
C LEU UB 51 -45.80 -8.54 28.81
N GLU UB 52 -46.43 -7.62 28.10
CA GLU UB 52 -46.32 -6.21 28.42
C GLU UB 52 -47.53 -5.46 27.86
N LYS UB 53 -47.70 -4.23 28.33
CA LYS UB 53 -48.71 -3.31 27.82
C LYS UB 53 -48.01 -2.22 27.03
N VAL UB 54 -48.49 -1.99 25.81
CA VAL UB 54 -47.83 -1.08 24.86
C VAL UB 54 -48.79 0.05 24.51
N GLY UB 55 -48.30 1.28 24.59
CA GLY UB 55 -49.06 2.43 24.14
C GLY UB 55 -48.75 2.79 22.71
N VAL UB 56 -49.78 2.94 21.87
CA VAL UB 56 -49.62 3.16 20.44
C VAL UB 56 -50.05 4.59 20.12
N GLU UB 57 -49.18 5.32 19.43
CA GLU UB 57 -49.48 6.69 19.03
C GLU UB 57 -50.42 6.68 17.82
N ALA UB 58 -51.21 7.74 17.71
CA ALA UB 58 -52.28 7.80 16.71
C ALA UB 58 -51.79 8.37 15.38
N LYS UB 59 -52.67 8.32 14.39
CA LYS UB 59 -52.40 8.75 13.02
C LYS UB 59 -52.74 10.23 12.83
N GLN UB 60 -52.91 10.62 11.56
CA GLN UB 60 -53.11 11.98 11.05
C GLN UB 60 -54.47 12.46 11.58
N PRO UB 61 -54.98 13.67 11.21
CA PRO UB 61 -55.28 14.69 12.24
C PRO UB 61 -55.71 14.20 13.62
N ASN UB 62 -56.61 13.21 13.69
CA ASN UB 62 -57.06 12.70 14.98
C ASN UB 62 -55.89 12.08 15.74
N SER UB 63 -55.52 12.71 16.86
CA SER UB 63 -54.31 12.36 17.59
C SER UB 63 -54.68 12.06 19.04
N ALA UB 64 -54.29 10.88 19.51
CA ALA UB 64 -54.52 10.43 20.87
C ALA UB 64 -53.53 9.31 21.16
N ILE UB 65 -53.68 8.66 22.31
CA ILE UB 65 -52.86 7.50 22.66
C ILE UB 65 -53.80 6.31 22.85
N ARG UB 66 -53.57 5.26 22.06
CA ARG UB 66 -54.38 4.06 22.12
C ARG UB 66 -53.69 3.00 22.98
N LYS UB 67 -54.46 2.39 23.87
CA LYS UB 67 -53.92 1.43 24.83
C LYS UB 67 -53.97 0.03 24.22
N CYS UB 68 -52.81 -0.60 24.08
CA CYS UB 68 -52.68 -1.91 23.48
C CYS UB 68 -51.90 -2.83 24.40
N VAL UB 69 -51.94 -4.13 24.07
CA VAL UB 69 -51.28 -5.17 24.86
C VAL UB 69 -50.57 -6.12 23.92
N ARG UB 70 -49.28 -6.37 24.18
CA ARG UB 70 -48.49 -7.33 23.42
C ARG UB 70 -48.86 -8.75 23.83
N VAL UB 71 -49.66 -9.43 23.02
CA VAL UB 71 -50.19 -10.74 23.37
C VAL UB 71 -49.37 -11.82 22.65
N GLN UB 72 -48.90 -12.80 23.42
CA GLN UB 72 -48.12 -13.91 22.91
C GLN UB 72 -48.94 -15.19 23.01
N LEU UB 73 -49.09 -15.89 21.88
CA LEU UB 73 -50.01 -17.01 21.78
C LEU UB 73 -49.45 -18.25 22.50
N ILE UB 74 -50.30 -19.25 22.66
CA ILE UB 74 -49.88 -20.54 23.19
C ILE UB 74 -49.86 -21.62 22.11
N LYS UB 75 -50.73 -21.48 21.10
CA LYS UB 75 -50.82 -22.48 20.04
C LYS UB 75 -49.72 -22.32 18.99
N ASN UB 76 -49.27 -21.10 18.72
CA ASN UB 76 -48.25 -20.86 17.70
C ASN UB 76 -46.98 -20.23 18.26
N GLY UB 77 -47.07 -19.53 19.38
CA GLY UB 77 -45.92 -18.84 19.94
C GLY UB 77 -45.67 -17.46 19.38
N LYS UB 78 -46.49 -16.98 18.45
CA LYS UB 78 -46.30 -15.68 17.85
C LYS UB 78 -46.76 -14.57 18.79
N LYS UB 79 -46.35 -13.34 18.48
CA LYS UB 79 -46.65 -12.18 19.30
C LYS UB 79 -47.57 -11.23 18.55
N ILE UB 80 -48.59 -10.75 19.26
CA ILE UB 80 -49.61 -9.87 18.68
C ILE UB 80 -49.75 -8.65 19.56
N THR UB 81 -49.68 -7.46 18.95
CA THR UB 81 -50.04 -6.22 19.64
C THR UB 81 -51.55 -6.09 19.54
N ALA UB 82 -52.25 -6.60 20.54
CA ALA UB 82 -53.70 -6.54 20.55
C ALA UB 82 -54.19 -5.27 21.25
N PHE UB 83 -55.33 -4.78 20.80
CA PHE UB 83 -55.90 -3.53 21.28
C PHE UB 83 -56.90 -3.78 22.39
N VAL UB 84 -56.81 -2.97 23.44
CA VAL UB 84 -57.74 -3.03 24.56
C VAL UB 84 -59.04 -2.34 24.12
N PRO UB 85 -60.18 -3.03 24.09
CA PRO UB 85 -61.35 -2.54 23.36
C PRO UB 85 -61.95 -1.24 23.87
N ASN UB 86 -62.28 -1.15 25.14
CA ASN UB 86 -63.14 -0.06 25.60
C ASN UB 86 -62.34 0.88 26.50
N ASP UB 87 -62.99 1.95 26.95
CA ASP UB 87 -62.35 3.02 27.71
C ASP UB 87 -62.06 2.56 29.13
N GLY UB 88 -60.88 2.92 29.63
CA GLY UB 88 -60.52 2.64 31.01
C GLY UB 88 -60.44 1.17 31.37
N CYS UB 89 -60.03 0.33 30.43
CA CYS UB 89 -59.98 -1.11 30.63
C CYS UB 89 -58.56 -1.64 30.80
N LEU UB 90 -57.55 -0.78 30.70
CA LEU UB 90 -56.18 -1.24 30.93
C LEU UB 90 -55.89 -1.43 32.41
N ASN UB 91 -56.68 -0.81 33.29
CA ASN UB 91 -56.58 -1.12 34.71
C ASN UB 91 -57.11 -2.52 35.00
N PHE UB 92 -58.03 -3.01 34.17
CA PHE UB 92 -58.55 -4.37 34.34
C PHE UB 92 -57.50 -5.42 34.01
N ILE UB 93 -56.72 -5.19 32.95
CA ILE UB 93 -55.72 -6.16 32.52
C ILE UB 93 -54.52 -6.11 33.45
N GLU UB 94 -53.95 -7.28 33.74
CA GLU UB 94 -52.74 -7.43 34.53
C GLU UB 94 -51.71 -8.26 33.76
N GLU UB 95 -50.51 -8.34 34.32
CA GLU UB 95 -49.44 -9.07 33.67
C GLU UB 95 -49.61 -10.58 33.85
N ASN UB 96 -49.12 -11.32 32.86
CA ASN UB 96 -49.07 -12.80 32.89
C ASN UB 96 -50.45 -13.42 33.04
N ASP UB 97 -51.45 -12.86 32.36
CA ASP UB 97 -52.81 -13.34 32.43
C ASP UB 97 -53.28 -13.73 31.02
N GLU UB 98 -54.02 -14.84 30.93
CA GLU UB 98 -54.45 -15.33 29.63
C GLU UB 98 -55.64 -14.53 29.14
N VAL UB 99 -55.64 -14.20 27.85
CA VAL UB 99 -56.66 -13.34 27.26
C VAL UB 99 -57.19 -14.01 26.00
N LEU UB 100 -58.50 -13.87 25.77
CA LEU UB 100 -59.13 -14.35 24.54
C LEU UB 100 -59.07 -13.23 23.50
N VAL UB 101 -58.29 -13.44 22.45
CA VAL UB 101 -58.06 -12.43 21.42
C VAL UB 101 -58.73 -12.87 20.14
N ALA UB 102 -59.51 -11.97 19.56
CA ALA UB 102 -60.12 -12.14 18.25
C ALA UB 102 -59.71 -11.00 17.34
N GLY UB 103 -60.26 -10.98 16.13
CA GLY UB 103 -60.09 -9.85 15.25
C GLY UB 103 -60.97 -8.70 15.67
N PHE UB 104 -60.84 -7.58 14.96
CA PHE UB 104 -61.69 -6.43 15.26
C PHE UB 104 -62.83 -6.26 14.26
N GLY UB 105 -62.68 -6.78 13.04
CA GLY UB 105 -63.79 -6.78 12.11
C GLY UB 105 -63.44 -6.40 10.68
N ARG UB 106 -62.23 -5.89 10.47
CA ARG UB 106 -61.80 -5.47 9.15
C ARG UB 106 -61.09 -6.59 8.38
N LYS UB 107 -60.89 -7.74 9.03
CA LYS UB 107 -60.39 -8.96 8.40
C LYS UB 107 -59.01 -8.77 7.77
N GLY UB 108 -58.03 -8.47 8.61
CA GLY UB 108 -56.65 -8.41 8.18
C GLY UB 108 -56.15 -7.05 7.73
N HIS UB 109 -56.89 -5.98 8.02
CA HIS UB 109 -56.51 -4.63 7.63
C HIS UB 109 -56.52 -3.74 8.87
N ALA UB 110 -55.52 -2.87 8.98
CA ALA UB 110 -55.45 -1.94 10.09
C ALA UB 110 -56.67 -1.02 10.11
N VAL UB 111 -57.19 -0.80 11.32
CA VAL UB 111 -58.51 -0.20 11.50
C VAL UB 111 -58.35 1.22 12.00
N GLY UB 112 -58.72 2.18 11.16
CA GLY UB 112 -58.91 3.56 11.61
C GLY UB 112 -57.64 4.19 12.12
N ASP UB 113 -57.73 4.73 13.34
CA ASP UB 113 -56.66 5.54 13.90
C ASP UB 113 -55.47 4.70 14.37
N ILE UB 114 -55.69 3.42 14.68
CA ILE UB 114 -54.60 2.58 15.21
C ILE UB 114 -53.79 2.02 14.06
N PRO UB 115 -52.48 2.23 14.02
CA PRO UB 115 -51.65 1.63 12.96
C PRO UB 115 -51.23 0.21 13.30
N GLY UB 116 -51.50 -0.71 12.38
CA GLY UB 116 -50.94 -2.05 12.45
C GLY UB 116 -51.50 -2.98 13.49
N VAL UB 117 -52.73 -2.76 13.94
CA VAL UB 117 -53.38 -3.65 14.91
C VAL UB 117 -54.72 -4.09 14.32
N ARG UB 118 -54.94 -5.39 14.27
CA ARG UB 118 -56.17 -5.98 13.75
C ARG UB 118 -56.92 -6.78 14.80
N PHE UB 119 -56.56 -6.65 16.08
CA PHE UB 119 -56.95 -7.60 17.10
C PHE UB 119 -57.43 -6.89 18.36
N LYS UB 120 -58.43 -7.48 19.02
CA LYS UB 120 -59.00 -6.93 20.24
C LYS UB 120 -59.17 -8.04 21.26
N VAL UB 121 -59.21 -7.66 22.54
CA VAL UB 121 -59.32 -8.59 23.65
C VAL UB 121 -60.79 -8.75 24.02
N VAL UB 122 -61.24 -9.99 24.17
CA VAL UB 122 -62.63 -10.29 24.50
C VAL UB 122 -62.75 -10.67 25.97
N LYS UB 123 -62.07 -11.74 26.37
CA LYS UB 123 -62.15 -12.28 27.72
C LYS UB 123 -60.77 -12.29 28.37
N VAL UB 124 -60.73 -11.96 29.66
CA VAL UB 124 -59.50 -11.95 30.44
C VAL UB 124 -59.69 -12.86 31.64
N ALA UB 125 -58.78 -13.83 31.82
CA ALA UB 125 -58.79 -14.77 32.94
C ALA UB 125 -60.12 -15.51 33.03
N ASN UB 126 -60.64 -15.91 31.86
CA ASN UB 126 -61.95 -16.55 31.71
C ASN UB 126 -63.09 -15.68 32.22
N VAL UB 127 -62.87 -14.37 32.31
CA VAL UB 127 -63.89 -13.41 32.73
C VAL UB 127 -64.05 -12.40 31.60
N SER UB 128 -65.30 -12.18 31.18
CA SER UB 128 -65.57 -11.29 30.07
C SER UB 128 -65.25 -9.85 30.44
N LEU UB 129 -64.55 -9.15 29.54
CA LEU UB 129 -64.22 -7.74 29.76
C LEU UB 129 -65.45 -6.84 29.67
N LEU UB 130 -66.46 -7.24 28.89
CA LEU UB 130 -67.68 -6.46 28.80
C LEU UB 130 -68.42 -6.40 30.13
N ALA UB 131 -68.48 -7.53 30.84
CA ALA UB 131 -69.08 -7.54 32.17
C ALA UB 131 -68.21 -6.83 33.20
N LEU UB 132 -66.89 -6.80 32.99
CA LEU UB 132 -66.02 -6.02 33.86
C LEU UB 132 -66.33 -4.54 33.76
N TYR UB 133 -66.55 -4.04 32.54
CA TYR UB 133 -66.98 -2.65 32.37
C TYR UB 133 -68.35 -2.41 32.97
N LYS UB 134 -69.28 -3.33 32.77
CA LYS UB 134 -70.63 -3.17 33.30
C LYS UB 134 -70.68 -3.40 34.81
N GLY UB 135 -69.63 -3.94 35.41
CA GLY UB 135 -69.64 -4.27 36.82
C GLY UB 135 -70.37 -5.54 37.17
N LYS UB 136 -70.82 -6.31 36.18
CA LYS UB 136 -71.55 -7.54 36.45
C LYS UB 136 -70.64 -8.64 37.00
N LYS UB 137 -69.34 -8.58 36.71
CA LYS UB 137 -68.39 -9.56 37.20
C LYS UB 137 -67.19 -8.84 37.83
N GLU UB 138 -66.55 -9.54 38.76
CA GLU UB 138 -65.38 -9.04 39.45
C GLU UB 138 -64.23 -10.03 39.28
N ARG UB 139 -63.03 -9.48 39.09
CA ARG UB 139 -61.86 -10.32 38.82
C ARG UB 139 -61.47 -11.10 40.06
N PRO UB 140 -61.27 -12.41 39.97
CA PRO UB 140 -60.79 -13.18 41.13
C PRO UB 140 -59.35 -12.80 41.48
N ARG UB 141 -59.16 -12.36 42.71
CA ARG UB 141 -57.85 -11.94 43.17
C ARG UB 141 -57.52 -12.56 44.52
N THR VB 1 -121.58 -41.35 34.06
CA THR VB 1 -121.75 -40.55 32.84
C THR VB 1 -120.64 -40.84 31.83
N VAL VB 2 -119.80 -41.84 32.15
CA VAL VB 2 -118.69 -42.23 31.29
C VAL VB 2 -119.19 -43.36 30.40
N THR VB 3 -119.25 -43.11 29.09
CA THR VB 3 -119.71 -44.08 28.12
C THR VB 3 -118.53 -44.55 27.28
N ILE VB 4 -118.41 -45.87 27.10
CA ILE VB 4 -117.32 -46.48 26.36
C ILE VB 4 -117.91 -47.13 25.11
N ARG VB 5 -117.36 -46.78 23.96
CA ARG VB 5 -117.81 -47.33 22.69
C ARG VB 5 -116.69 -48.12 22.00
N THR VB 6 -117.09 -48.80 20.93
CA THR VB 6 -116.27 -49.80 20.26
C THR VB 6 -115.67 -49.22 18.99
N ARG VB 7 -114.34 -49.25 18.89
CA ARG VB 7 -113.64 -48.91 17.66
C ARG VB 7 -112.58 -49.96 17.37
N LYS VB 8 -112.45 -50.31 16.08
CA LYS VB 8 -111.44 -51.25 15.59
C LYS VB 8 -111.53 -52.61 16.28
N PHE VB 9 -112.75 -53.12 16.42
CA PHE VB 9 -113.00 -54.38 17.08
C PHE VB 9 -112.90 -55.54 16.09
N MET VB 10 -112.10 -56.54 16.44
CA MET VB 10 -111.98 -57.75 15.62
C MET VB 10 -111.49 -58.89 16.51
N THR VB 11 -111.97 -60.10 16.23
CA THR VB 11 -111.59 -61.28 17.00
C THR VB 11 -110.31 -61.88 16.44
N ASN VB 12 -109.59 -62.60 17.31
CA ASN VB 12 -108.34 -63.26 16.94
C ASN VB 12 -108.41 -64.73 17.28
N ARG VB 13 -108.41 -65.57 16.24
CA ARG VB 13 -108.23 -67.01 16.42
C ARG VB 13 -106.78 -67.42 16.28
N LEU VB 14 -105.98 -66.61 15.57
CA LEU VB 14 -104.53 -66.83 15.49
C LEU VB 14 -103.84 -66.54 16.81
N LEU VB 15 -104.44 -65.73 17.66
CA LEU VB 15 -103.80 -65.21 18.86
C LEU VB 15 -104.62 -65.49 20.12
N GLN VB 16 -105.82 -66.06 19.97
CA GLN VB 16 -106.69 -66.49 21.07
C GLN VB 16 -107.07 -65.32 21.98
N ARG VB 17 -107.63 -64.28 21.35
CA ARG VB 17 -108.03 -63.08 22.09
C ARG VB 17 -108.94 -62.23 21.21
N LYS VB 18 -109.39 -61.12 21.79
CA LYS VB 18 -110.00 -60.02 21.07
C LYS VB 18 -109.12 -58.79 21.19
N GLN VB 19 -109.36 -57.79 20.33
CA GLN VB 19 -108.63 -56.54 20.42
C GLN VB 19 -109.44 -55.42 19.79
N MET VB 20 -109.37 -54.24 20.42
CA MET VB 20 -110.10 -53.07 19.95
C MET VB 20 -109.48 -51.82 20.57
N VAL VB 21 -109.80 -50.67 19.97
CA VAL VB 21 -109.38 -49.39 20.51
C VAL VB 21 -110.47 -48.88 21.45
N ILE VB 22 -110.08 -48.50 22.66
CA ILE VB 22 -110.99 -48.09 23.72
C ILE VB 22 -111.10 -46.57 23.68
N ASP VB 23 -112.33 -46.07 23.52
CA ASP VB 23 -112.60 -44.64 23.49
C ASP VB 23 -113.35 -44.29 24.77
N VAL VB 24 -112.77 -43.41 25.58
CA VAL VB 24 -113.28 -43.09 26.91
C VAL VB 24 -113.68 -41.62 26.93
N LEU VB 25 -114.91 -41.35 27.39
CA LEU VB 25 -115.46 -39.99 27.47
C LEU VB 25 -115.71 -39.68 28.94
N HIS VB 26 -114.87 -38.84 29.54
CA HIS VB 26 -115.07 -38.36 30.91
C HIS VB 26 -114.89 -36.84 30.95
N PRO VB 27 -115.87 -36.09 30.46
CA PRO VB 27 -115.75 -34.63 30.51
C PRO VB 27 -115.94 -34.10 31.93
N GLY VB 28 -115.20 -33.05 32.25
CA GLY VB 28 -115.31 -32.40 33.53
C GLY VB 28 -114.66 -33.10 34.70
N LYS VB 29 -113.88 -34.15 34.45
CA LYS VB 29 -113.22 -34.88 35.52
C LYS VB 29 -111.88 -35.39 35.02
N ALA VB 30 -111.13 -36.03 35.91
CA ALA VB 30 -109.78 -36.46 35.61
C ALA VB 30 -109.79 -37.70 34.69
N THR VB 31 -108.61 -38.08 34.24
CA THR VB 31 -108.46 -39.30 33.45
C THR VB 31 -108.65 -40.51 34.35
N VAL VB 32 -109.65 -41.33 34.02
CA VAL VB 32 -109.97 -42.51 34.82
C VAL VB 32 -108.84 -43.52 34.72
N PRO VB 33 -108.57 -44.29 35.78
CA PRO VB 33 -107.45 -45.23 35.73
C PRO VB 33 -107.73 -46.42 34.83
N LYS VB 34 -106.65 -47.12 34.47
CA LYS VB 34 -106.78 -48.35 33.72
C LYS VB 34 -107.53 -49.43 34.49
N THR VB 35 -107.44 -49.41 35.82
CA THR VB 35 -108.24 -50.33 36.64
C THR VB 35 -109.73 -50.05 36.50
N GLU VB 36 -110.13 -48.78 36.44
CA GLU VB 36 -111.54 -48.45 36.30
C GLU VB 36 -112.09 -48.90 34.94
N ILE VB 37 -111.24 -48.97 33.93
CA ILE VB 37 -111.67 -49.36 32.59
C ILE VB 37 -112.10 -50.82 32.56
N ARG VB 38 -111.47 -51.66 33.40
CA ARG VB 38 -111.54 -53.11 33.21
C ARG VB 38 -112.95 -53.65 33.47
N GLU VB 39 -113.61 -53.23 34.56
CA GLU VB 39 -114.93 -53.79 34.84
C GLU VB 39 -116.01 -53.16 33.96
N LYS VB 40 -115.79 -51.94 33.47
CA LYS VB 40 -116.75 -51.34 32.54
C LYS VB 40 -116.81 -52.11 31.23
N LEU VB 41 -115.65 -52.50 30.70
CA LEU VB 41 -115.63 -53.39 29.55
C LEU VB 41 -116.04 -54.82 29.92
N ALA VB 42 -115.82 -55.23 31.17
CA ALA VB 42 -116.23 -56.55 31.60
C ALA VB 42 -117.74 -56.71 31.63
N LYS VB 43 -118.46 -55.68 32.11
CA LYS VB 43 -119.91 -55.77 32.24
C LYS VB 43 -120.62 -55.68 30.89
N MET VB 44 -120.13 -54.82 29.99
CA MET VB 44 -120.81 -54.58 28.73
C MET VB 44 -120.56 -55.73 27.74
N TYR VB 45 -119.39 -56.37 27.81
CA TYR VB 45 -119.10 -57.60 27.07
C TYR VB 45 -119.36 -58.86 27.88
N LYS VB 46 -119.85 -58.74 29.12
CA LYS VB 46 -120.28 -59.86 29.95
C LYS VB 46 -119.15 -60.87 30.18
N THR VB 47 -117.99 -60.39 30.57
CA THR VB 47 -116.82 -61.23 30.83
C THR VB 47 -116.18 -60.84 32.15
N THR VB 48 -115.10 -61.54 32.49
CA THR VB 48 -114.35 -61.23 33.69
C THR VB 48 -113.30 -60.14 33.40
N PRO VB 49 -113.02 -59.27 34.38
CA PRO VB 49 -112.00 -58.23 34.16
C PRO VB 49 -110.56 -58.70 34.28
N ASP VB 50 -110.31 -59.92 34.78
CA ASP VB 50 -108.93 -60.40 34.90
C ASP VB 50 -108.30 -60.73 33.56
N VAL VB 51 -109.11 -61.05 32.54
CA VAL VB 51 -108.59 -61.24 31.19
C VAL VB 51 -108.57 -59.95 30.39
N ILE VB 52 -108.87 -58.82 31.01
CA ILE VB 52 -108.91 -57.52 30.36
C ILE VB 52 -107.59 -56.81 30.60
N PHE VB 53 -106.82 -56.59 29.54
CA PHE VB 53 -105.56 -55.85 29.60
C PHE VB 53 -105.73 -54.62 28.72
N VAL VB 54 -105.89 -53.44 29.33
CA VAL VB 54 -106.09 -52.19 28.62
C VAL VB 54 -105.02 -51.20 29.06
N PHE VB 55 -104.42 -50.53 28.09
CA PHE VB 55 -103.33 -49.59 28.36
C PHE VB 55 -103.38 -48.48 27.32
N GLY VB 56 -102.27 -47.76 27.20
CA GLY VB 56 -102.07 -46.80 26.13
C GLY VB 56 -103.02 -45.64 26.12
N PHE VB 57 -103.24 -45.03 27.29
CA PHE VB 57 -104.18 -43.91 27.40
C PHE VB 57 -103.44 -42.59 27.21
N ARG VB 58 -103.94 -41.77 26.31
CA ARG VB 58 -103.42 -40.43 26.09
C ARG VB 58 -104.60 -39.46 26.00
N THR VB 59 -104.56 -38.41 26.80
CA THR VB 59 -105.65 -37.45 26.87
C THR VB 59 -105.50 -36.41 25.77
N HIS VB 60 -106.62 -36.09 25.12
CA HIS VB 60 -106.65 -35.02 24.14
C HIS VB 60 -106.56 -33.67 24.84
N PHE VB 61 -106.19 -32.65 24.07
CA PHE VB 61 -106.10 -31.30 24.60
C PHE VB 61 -107.50 -30.77 24.86
N GLY VB 62 -107.74 -30.23 26.06
CA GLY VB 62 -109.02 -29.73 26.46
C GLY VB 62 -109.83 -30.68 27.32
N GLY VB 63 -109.50 -31.97 27.28
CA GLY VB 63 -110.17 -32.94 28.12
C GLY VB 63 -111.45 -33.48 27.53
N GLY VB 64 -112.02 -34.44 28.25
CA GLY VB 64 -113.28 -35.05 27.88
C GLY VB 64 -113.14 -36.32 27.08
N LYS VB 65 -111.97 -36.61 26.52
CA LYS VB 65 -111.80 -37.80 25.70
C LYS VB 65 -110.35 -38.27 25.77
N THR VB 66 -110.16 -39.56 26.05
CA THR VB 66 -108.86 -40.20 25.97
C THR VB 66 -108.94 -41.39 25.04
N THR VB 67 -107.85 -41.66 24.34
CA THR VB 67 -107.75 -42.77 23.40
C THR VB 67 -106.89 -43.86 24.03
N GLY VB 68 -107.45 -45.07 24.11
CA GLY VB 68 -106.73 -46.20 24.67
C GLY VB 68 -106.94 -47.45 23.83
N PHE VB 69 -106.07 -48.43 24.05
CA PHE VB 69 -106.10 -49.68 23.30
C PHE VB 69 -105.95 -50.84 24.26
N GLY VB 70 -106.73 -51.89 24.06
CA GLY VB 70 -106.72 -53.03 24.95
C GLY VB 70 -107.10 -54.31 24.25
N MET VB 71 -106.76 -55.43 24.88
CA MET VB 71 -107.03 -56.76 24.35
C MET VB 71 -107.93 -57.53 25.32
N ILE VB 72 -108.86 -58.32 24.78
CA ILE VB 72 -109.71 -59.20 25.58
C ILE VB 72 -109.30 -60.64 25.31
N TYR VB 73 -108.89 -61.35 26.36
CA TYR VB 73 -108.51 -62.74 26.19
C TYR VB 73 -109.72 -63.67 26.36
N ASP VB 74 -109.65 -64.83 25.72
CA ASP VB 74 -110.72 -65.81 25.83
C ASP VB 74 -110.73 -66.51 27.19
N SER VB 75 -109.57 -66.63 27.82
CA SER VB 75 -109.46 -67.27 29.13
C SER VB 75 -108.20 -66.75 29.82
N LEU VB 76 -108.12 -67.00 31.12
CA LEU VB 76 -107.01 -66.48 31.91
C LEU VB 76 -105.68 -67.14 31.55
N ASP VB 77 -105.70 -68.44 31.22
CA ASP VB 77 -104.48 -69.11 30.82
C ASP VB 77 -103.96 -68.58 29.48
N TYR VB 78 -104.87 -68.14 28.60
CA TYR VB 78 -104.43 -67.46 27.38
C TYR VB 78 -103.78 -66.13 27.70
N ALA VB 79 -104.25 -65.45 28.75
CA ALA VB 79 -103.71 -64.14 29.12
C ALA VB 79 -102.26 -64.22 29.61
N LYS VB 80 -101.81 -65.39 30.04
CA LYS VB 80 -100.43 -65.58 30.46
C LYS VB 80 -99.58 -66.29 29.42
N LYS VB 81 -100.19 -66.80 28.35
CA LYS VB 81 -99.42 -67.51 27.31
C LYS VB 81 -98.69 -66.53 26.41
N ASN VB 82 -99.45 -65.64 25.76
CA ASN VB 82 -98.89 -64.66 24.80
C ASN VB 82 -99.14 -63.25 25.34
N GLU VB 83 -98.23 -62.79 26.19
CA GLU VB 83 -98.33 -61.47 26.80
C GLU VB 83 -96.95 -61.07 27.31
N PRO VB 84 -96.54 -59.81 27.15
CA PRO VB 84 -95.29 -59.36 27.79
C PRO VB 84 -95.36 -59.46 29.30
N LYS VB 85 -94.19 -59.72 29.91
CA LYS VB 85 -94.13 -59.97 31.35
C LYS VB 85 -94.44 -58.71 32.16
N HIS VB 86 -94.16 -57.53 31.61
CA HIS VB 86 -94.37 -56.30 32.37
C HIS VB 86 -95.85 -56.01 32.57
N ARG VB 87 -96.69 -56.38 31.60
CA ARG VB 87 -98.13 -56.18 31.76
C ARG VB 87 -98.71 -57.14 32.80
N LEU VB 88 -98.11 -58.32 32.93
CA LEU VB 88 -98.48 -59.20 34.04
C LEU VB 88 -98.07 -58.59 35.37
N ALA VB 89 -96.94 -57.88 35.42
CA ALA VB 89 -96.53 -57.16 36.61
C ALA VB 89 -97.31 -55.85 36.79
N ARG VB 90 -97.99 -55.37 35.74
CA ARG VB 90 -98.82 -54.19 35.89
C ARG VB 90 -100.02 -54.46 36.79
N HIS VB 91 -100.54 -55.70 36.76
CA HIS VB 91 -101.65 -56.10 37.61
C HIS VB 91 -101.17 -56.85 38.86
N GLY VB 92 -99.85 -57.00 39.04
CA GLY VB 92 -99.29 -57.56 40.24
C GLY VB 92 -99.28 -59.07 40.34
N LEU VB 93 -99.71 -59.79 39.30
CA LEU VB 93 -99.73 -61.24 39.35
C LEU VB 93 -98.39 -61.87 38.98
N TYR VB 94 -97.42 -61.07 38.51
CA TYR VB 94 -96.09 -61.58 38.20
C TYR VB 94 -95.05 -60.67 38.84
N GLU VB 95 -94.00 -61.27 39.39
CA GLU VB 95 -92.90 -60.56 40.02
C GLU VB 95 -91.61 -60.93 39.31
N LYS VB 96 -91.01 -59.96 38.62
CA LYS VB 96 -89.80 -60.22 37.85
C LYS VB 96 -88.56 -60.09 38.73
N LYS VB 97 -87.40 -60.29 38.13
CA LYS VB 97 -86.14 -60.13 38.84
C LYS VB 97 -85.88 -58.66 39.13
N LYS VB 98 -85.30 -58.37 40.30
CA LYS VB 98 -85.00 -57.01 40.71
C LYS VB 98 -83.51 -56.70 40.67
N THR VB 99 -82.72 -57.62 40.11
CA THR VB 99 -81.28 -57.44 40.00
C THR VB 99 -80.94 -56.49 38.86
N SER VB 100 -80.20 -55.44 39.16
CA SER VB 100 -79.82 -54.45 38.15
C SER VB 100 -79.09 -55.10 36.97
N ARG VB 101 -79.25 -54.51 35.79
CA ARG VB 101 -78.63 -55.03 34.57
C ARG VB 101 -77.11 -54.97 34.59
N LYS VB 102 -76.56 -53.94 35.26
CA LYS VB 102 -75.12 -53.79 35.35
C LYS VB 102 -74.49 -54.90 36.20
N GLN VB 103 -75.17 -55.24 37.30
CA GLN VB 103 -74.70 -56.30 38.19
C GLN VB 103 -74.77 -57.66 37.52
N ARG VB 104 -75.69 -57.82 36.58
CA ARG VB 104 -75.84 -59.09 35.86
C ARG VB 104 -74.63 -59.21 34.94
N LYS VB 105 -74.05 -58.07 34.60
CA LYS VB 105 -72.89 -58.00 33.72
C LYS VB 105 -71.62 -58.14 34.53
N GLU VB 106 -71.72 -57.86 35.82
CA GLU VB 106 -70.55 -57.93 36.71
C GLU VB 106 -70.13 -59.36 36.99
N ARG VB 107 -71.08 -60.26 37.28
CA ARG VB 107 -70.68 -61.62 37.58
C ARG VB 107 -70.56 -62.48 36.34
N LYS VB 108 -70.96 -61.98 35.17
CA LYS VB 108 -70.83 -62.75 33.94
C LYS VB 108 -69.37 -62.94 33.56
N ASN VB 109 -68.58 -61.86 33.58
CA ASN VB 109 -67.17 -61.99 33.25
C ASN VB 109 -66.37 -62.60 34.39
N ARG VB 110 -66.87 -62.49 35.62
CA ARG VB 110 -66.21 -63.15 36.75
C ARG VB 110 -66.35 -64.66 36.70
N MET VB 111 -67.48 -65.17 36.18
CA MET VB 111 -67.61 -66.60 35.94
C MET VB 111 -66.75 -67.06 34.77
N LYS VB 112 -66.36 -66.14 33.88
CA LYS VB 112 -65.46 -66.48 32.79
C LYS VB 112 -64.02 -66.65 33.27
N LYS VB 113 -63.68 -66.09 34.43
CA LYS VB 113 -62.32 -66.25 34.96
C LYS VB 113 -62.06 -67.68 35.42
N VAL VB 114 -63.10 -68.37 35.89
CA VAL VB 114 -62.97 -69.72 36.43
C VAL VB 114 -63.56 -70.69 35.42
N ARG VB 115 -62.74 -71.64 34.97
CA ARG VB 115 -63.19 -72.68 34.04
C ARG VB 115 -63.58 -73.92 34.85
N GLY VB 116 -64.83 -74.35 34.70
CA GLY VB 116 -65.29 -75.53 35.40
C GLY VB 116 -66.55 -75.31 36.24
N THR VB 117 -66.77 -76.21 37.20
CA THR VB 117 -67.99 -76.20 37.99
C THR VB 117 -68.10 -74.95 38.86
N ALA VB 118 -66.96 -74.36 39.24
CA ALA VB 118 -66.93 -73.30 40.25
C ALA VB 118 -67.40 -71.95 39.72
N LYS VB 119 -68.07 -71.88 38.57
CA LYS VB 119 -68.70 -70.63 38.15
C LYS VB 119 -69.81 -70.22 39.09
N ALA VB 120 -70.61 -71.19 39.56
CA ALA VB 120 -71.67 -70.90 40.51
C ALA VB 120 -71.15 -70.47 41.87
N ASN VB 121 -69.95 -70.90 42.25
CA ASN VB 121 -69.36 -70.48 43.51
C ASN VB 121 -68.87 -69.04 43.45
N VAL VB 122 -68.53 -68.53 42.26
CA VAL VB 122 -68.11 -67.15 42.12
C VAL VB 122 -69.26 -66.20 42.43
N GLY VB 123 -70.45 -66.51 41.89
CA GLY VB 123 -71.62 -65.70 42.15
C GLY VB 123 -72.13 -65.83 43.58
N ALA VB 124 -72.00 -64.75 44.35
CA ALA VB 124 -72.40 -64.69 45.75
C ALA VB 124 -71.76 -65.79 46.59
N ARG WB 1 -10.77 72.56 6.24
CA ARG WB 1 -9.58 72.16 5.50
C ARG WB 1 -8.82 73.37 4.98
N ASP WB 2 -9.42 74.08 4.04
CA ASP WB 2 -8.84 75.31 3.49
C ASP WB 2 -9.37 76.49 4.29
N LYS WB 3 -8.52 77.08 5.12
CA LYS WB 3 -8.90 78.18 6.00
C LYS WB 3 -8.47 79.49 5.35
N LEU WB 4 -9.44 80.38 5.11
CA LEU WB 4 -9.16 81.67 4.49
C LEU WB 4 -8.71 82.64 5.56
N ASN WB 5 -7.39 82.81 5.68
CA ASN WB 5 -6.80 83.76 6.64
C ASN WB 5 -6.79 85.16 6.01
N ASN WB 6 -7.97 85.77 5.99
CA ASN WB 6 -8.14 87.05 5.33
C ASN WB 6 -7.55 88.18 6.17
N LEU WB 7 -7.27 89.29 5.48
CA LEU WB 7 -6.55 90.43 6.05
C LEU WB 7 -7.56 91.48 6.53
N VAL WB 8 -7.35 91.95 7.76
CA VAL WB 8 -8.38 92.73 8.46
C VAL WB 8 -8.28 94.22 8.16
N LEU WB 9 -7.08 94.80 8.16
CA LEU WB 9 -6.89 96.20 7.83
C LEU WB 9 -5.71 96.38 6.89
N PHE WB 10 -5.85 97.36 6.00
CA PHE WB 10 -4.97 97.51 4.85
C PHE WB 10 -3.52 97.83 5.24
N ASP WB 11 -2.59 97.15 4.57
CA ASP WB 11 -1.17 97.44 4.70
C ASP WB 11 -0.85 98.72 3.91
N LYS WB 12 0.41 99.15 3.98
CA LYS WB 12 0.83 100.25 3.12
C LYS WB 12 0.84 99.83 1.65
N ALA WB 13 1.25 98.59 1.37
CA ALA WB 13 1.24 98.11 -0.01
C ALA WB 13 -0.18 97.91 -0.52
N THR WB 14 -1.05 97.30 0.29
CA THR WB 14 -2.42 97.04 -0.15
C THR WB 14 -3.21 98.32 -0.38
N TYR WB 15 -3.01 99.34 0.46
CA TYR WB 15 -3.62 100.63 0.23
C TYR WB 15 -3.01 101.34 -0.97
N ASP WB 16 -1.75 101.05 -1.29
CA ASP WB 16 -1.12 101.61 -2.49
C ASP WB 16 -1.68 100.95 -3.73
N LYS WB 17 -1.78 99.62 -3.74
CA LYS WB 17 -2.32 98.89 -4.88
C LYS WB 17 -3.84 98.83 -4.89
N LEU WB 18 -4.51 99.53 -3.97
CA LEU WB 18 -5.94 99.79 -4.11
C LEU WB 18 -6.20 101.12 -4.81
N CYS WB 19 -5.29 102.09 -4.68
CA CYS WB 19 -5.50 103.40 -5.28
C CYS WB 19 -5.19 103.43 -6.77
N LYS WB 20 -4.48 102.43 -7.28
CA LYS WB 20 -3.98 102.46 -8.65
C LYS WB 20 -4.66 101.41 -9.53
N GLU WB 21 -4.58 100.13 -9.18
CA GLU WB 21 -5.02 99.08 -10.09
C GLU WB 21 -6.53 98.85 -10.01
N VAL WB 22 -7.14 99.12 -8.85
CA VAL WB 22 -8.60 99.01 -8.73
C VAL WB 22 -9.33 99.95 -9.68
N PRO WB 23 -8.89 101.22 -9.89
CA PRO WB 23 -9.51 102.02 -10.96
C PRO WB 23 -9.10 101.63 -12.37
N ASN WB 24 -8.42 100.49 -12.53
CA ASN WB 24 -8.22 99.89 -13.84
C ASN WB 24 -9.17 98.74 -14.12
N TYR WB 25 -9.65 98.06 -13.09
CA TYR WB 25 -10.55 96.93 -13.26
C TYR WB 25 -11.92 97.39 -13.74
N LYS WB 26 -12.52 96.65 -14.67
CA LYS WB 26 -13.83 97.05 -15.16
C LYS WB 26 -14.93 96.72 -14.16
N LEU WB 27 -14.75 95.66 -13.36
CA LEU WB 27 -15.74 95.22 -12.39
C LEU WB 27 -15.16 95.32 -10.98
N ILE WB 28 -15.75 96.18 -10.14
CA ILE WB 28 -15.40 96.29 -8.74
C ILE WB 28 -16.65 95.98 -7.94
N THR WB 29 -16.64 94.87 -7.20
CA THR WB 29 -17.66 94.56 -6.22
C THR WB 29 -16.99 94.07 -4.93
N PRO WB 30 -17.60 94.31 -3.77
CA PRO WB 30 -16.98 93.86 -2.51
C PRO WB 30 -16.83 92.36 -2.39
N ALA WB 31 -17.60 91.57 -3.15
CA ALA WB 31 -17.44 90.12 -3.12
C ALA WB 31 -16.13 89.69 -3.75
N VAL WB 32 -15.81 90.22 -4.94
CA VAL WB 32 -14.57 89.85 -5.62
C VAL WB 32 -13.38 90.57 -5.00
N VAL WB 33 -13.60 91.78 -4.46
CA VAL WB 33 -12.51 92.52 -3.85
C VAL WB 33 -11.99 91.79 -2.60
N SER WB 34 -12.90 91.33 -1.76
CA SER WB 34 -12.50 90.53 -0.60
C SER WB 34 -11.88 89.21 -1.02
N GLU WB 35 -12.30 88.68 -2.18
CA GLU WB 35 -11.70 87.46 -2.70
C GLU WB 35 -10.31 87.72 -3.27
N ARG WB 36 -10.16 88.79 -4.05
CA ARG WB 36 -8.92 89.03 -4.78
C ARG WB 36 -7.85 89.65 -3.90
N LEU WB 37 -8.20 90.63 -3.08
CA LEU WB 37 -7.22 91.31 -2.24
C LEU WB 37 -6.83 90.48 -1.02
N LYS WB 38 -7.46 89.32 -0.83
CA LYS WB 38 -7.23 88.45 0.33
C LYS WB 38 -7.51 89.23 1.62
N ILE WB 39 -8.68 89.86 1.65
CA ILE WB 39 -9.12 90.70 2.76
C ILE WB 39 -10.54 90.30 3.16
N ARG WB 40 -10.96 90.81 4.30
CA ARG WB 40 -12.32 90.59 4.77
C ARG WB 40 -13.32 91.36 3.90
N GLY WB 41 -14.56 90.88 3.90
CA GLY WB 41 -15.62 91.59 3.20
C GLY WB 41 -16.02 92.89 3.88
N SER WB 42 -15.83 92.97 5.19
CA SER WB 42 -16.03 94.24 5.89
C SER WB 42 -15.00 95.27 5.43
N LEU WB 43 -13.74 94.85 5.31
CA LEU WB 43 -12.71 95.74 4.78
C LEU WB 43 -12.93 96.04 3.31
N ALA WB 44 -13.44 95.07 2.55
CA ALA WB 44 -13.76 95.30 1.14
C ALA WB 44 -14.89 96.31 0.96
N ARG WB 45 -15.95 96.20 1.76
CA ARG WB 45 -17.06 97.15 1.69
C ARG WB 45 -16.61 98.54 2.14
N ALA WB 46 -15.84 98.60 3.23
CA ALA WB 46 -15.37 99.88 3.75
C ALA WB 46 -14.34 100.53 2.84
N ALA WB 47 -13.72 99.76 1.93
CA ALA WB 47 -12.74 100.31 1.02
C ALA WB 47 -13.39 101.06 -0.14
N LEU WB 48 -14.66 100.77 -0.43
CA LEU WB 48 -15.26 101.26 -1.65
C LEU WB 48 -16.05 102.56 -1.47
N GLN WB 49 -16.32 103.00 -0.24
CA GLN WB 49 -17.06 104.23 -0.05
C GLN WB 49 -16.20 105.46 -0.30
N GLU WB 50 -14.93 105.43 0.11
CA GLU WB 50 -14.09 106.61 -0.06
C GLU WB 50 -13.66 106.78 -1.51
N LEU WB 51 -13.50 105.68 -2.25
CA LEU WB 51 -13.23 105.80 -3.68
C LEU WB 51 -14.38 106.46 -4.42
N LEU WB 52 -15.61 106.24 -3.96
CA LEU WB 52 -16.76 106.98 -4.50
C LEU WB 52 -16.63 108.46 -4.17
N SER WB 53 -16.13 108.78 -2.97
CA SER WB 53 -15.91 110.18 -2.60
C SER WB 53 -14.68 110.76 -3.28
N LYS WB 54 -13.61 109.97 -3.45
CA LYS WB 54 -12.41 110.44 -4.14
C LYS WB 54 -12.60 110.62 -5.63
N GLY WB 55 -13.68 110.09 -6.20
CA GLY WB 55 -13.91 110.23 -7.62
C GLY WB 55 -13.16 109.26 -8.50
N LEU WB 56 -12.83 108.08 -7.99
CA LEU WB 56 -12.09 107.07 -8.74
C LEU WB 56 -12.97 105.93 -9.24
N ILE WB 57 -14.12 105.70 -8.61
CA ILE WB 57 -15.05 104.67 -9.04
C ILE WB 57 -16.43 105.28 -9.17
N LYS WB 58 -17.28 104.63 -9.95
CA LYS WB 58 -18.64 105.09 -10.21
C LYS WB 58 -19.63 104.04 -9.75
N LEU WB 59 -20.61 104.46 -8.95
CA LEU WB 59 -21.74 103.59 -8.62
C LEU WB 59 -22.81 103.69 -9.70
N VAL WB 60 -23.31 102.55 -10.15
CA VAL WB 60 -24.35 102.46 -11.15
C VAL WB 60 -25.61 101.79 -10.61
N SER WB 61 -25.43 100.84 -9.69
CA SER WB 61 -26.55 100.07 -9.14
C SER WB 61 -26.19 99.67 -7.72
N LYS WB 62 -26.93 100.19 -6.74
CA LYS WB 62 -26.70 99.85 -5.34
C LYS WB 62 -27.90 99.08 -4.80
N HIS WB 63 -27.61 98.14 -3.88
CA HIS WB 63 -28.65 97.29 -3.31
C HIS WB 63 -28.18 96.77 -1.96
N ARG WB 64 -29.12 96.28 -1.17
CA ARG WB 64 -28.84 95.74 0.16
C ARG WB 64 -27.97 94.49 0.12
N ALA WB 65 -28.09 93.66 -0.92
CA ALA WB 65 -27.32 92.43 -0.99
C ALA WB 65 -26.13 92.51 -1.92
N GLN WB 66 -26.05 93.53 -2.77
CA GLN WB 66 -24.96 93.64 -3.73
C GLN WB 66 -24.81 95.09 -4.16
N VAL WB 67 -23.57 95.58 -4.17
CA VAL WB 67 -23.24 96.90 -4.72
C VAL WB 67 -22.14 96.71 -5.75
N ILE WB 68 -22.25 97.43 -6.87
CA ILE WB 68 -21.37 97.24 -8.03
C ILE WB 68 -20.71 98.57 -8.36
N TYR WB 69 -19.42 98.51 -8.67
CA TYR WB 69 -18.63 99.69 -9.00
C TYR WB 69 -17.80 99.44 -10.28
N THR WB 70 -17.48 100.52 -10.98
CA THR WB 70 -16.69 100.43 -12.21
C THR WB 70 -15.56 101.46 -12.24
N ARG WB 71 -14.92 101.60 -13.41
CA ARG WB 71 -13.91 102.63 -13.60
C ARG WB 71 -14.57 104.00 -13.75
N ASN WB 72 -13.72 105.03 -13.84
CA ASN WB 72 -14.19 106.35 -14.21
C ASN WB 72 -14.57 106.38 -15.69
N THR WB 73 -15.25 107.46 -16.09
CA THR WB 73 -15.59 107.65 -17.49
C THR WB 73 -14.34 107.77 -18.34
N LYS WB 74 -14.36 107.13 -19.51
CA LYS WB 74 -13.19 107.10 -20.38
C LYS WB 74 -12.84 108.47 -20.95
N GLY WB 75 -13.84 109.34 -21.11
CA GLY WB 75 -13.60 110.68 -21.61
C GLY WB 75 -13.15 111.65 -20.52
N THR XB 1 -54.50 14.02 -22.17
CA THR XB 1 -55.43 13.80 -23.29
C THR XB 1 -54.77 14.14 -24.62
N LYS XB 2 -55.45 13.81 -25.71
CA LYS XB 2 -54.93 14.07 -27.04
C LYS XB 2 -55.19 15.52 -27.42
N LYS XB 3 -54.11 16.27 -27.67
CA LYS XB 3 -54.24 17.68 -28.03
C LYS XB 3 -54.49 17.84 -29.53
N ARG XB 4 -53.70 17.15 -30.34
CA ARG XB 4 -53.79 17.25 -31.80
C ARG XB 4 -54.08 15.88 -32.40
N ARG XB 5 -54.96 15.87 -33.41
CA ARG XB 5 -55.30 14.61 -34.08
C ARG XB 5 -54.10 14.04 -34.84
N ASN XB 6 -53.33 14.91 -35.49
CA ASN XB 6 -52.14 14.49 -36.21
C ASN XB 6 -50.88 14.57 -35.36
N ASN XB 7 -51.03 14.85 -34.06
CA ASN XB 7 -49.93 14.93 -33.10
C ASN XB 7 -48.89 15.98 -33.50
N GLY XB 8 -49.34 17.06 -34.13
CA GLY XB 8 -48.45 18.14 -34.51
C GLY XB 8 -47.41 17.78 -35.55
N ARG XB 9 -47.77 16.91 -36.49
CA ARG XB 9 -46.84 16.50 -37.55
C ARG XB 9 -47.66 15.99 -38.73
N ALA XB 10 -47.00 15.87 -39.87
CA ALA XB 10 -47.64 15.41 -41.10
C ALA XB 10 -47.42 13.92 -41.34
N LYS XB 11 -46.86 13.20 -40.37
CA LYS XB 11 -46.58 11.78 -40.55
C LYS XB 11 -47.86 10.98 -40.35
N LYS XB 12 -48.34 10.34 -41.42
CA LYS XB 12 -49.57 9.57 -41.37
C LYS XB 12 -49.37 8.10 -41.74
N GLY XB 13 -48.58 7.81 -42.76
CA GLY XB 13 -48.38 6.43 -43.19
C GLY XB 13 -46.93 5.98 -43.13
N ARG XB 14 -46.03 6.91 -42.82
CA ARG XB 14 -44.59 6.59 -42.82
C ARG XB 14 -44.20 5.81 -41.56
N GLY XB 15 -44.37 6.43 -40.39
CA GLY XB 15 -43.94 5.87 -39.13
C GLY XB 15 -42.56 6.34 -38.70
N HIS XB 16 -41.76 6.84 -39.64
CA HIS XB 16 -40.43 7.34 -39.34
C HIS XB 16 -40.00 8.31 -40.43
N VAL XB 17 -39.54 9.50 -40.03
CA VAL XB 17 -39.06 10.51 -40.96
C VAL XB 17 -37.70 10.98 -40.49
N GLN XB 18 -36.91 11.53 -41.44
CA GLN XB 18 -35.58 12.01 -41.17
C GLN XB 18 -35.60 13.31 -40.37
N PRO XB 19 -34.73 13.45 -39.38
CA PRO XB 19 -34.69 14.67 -38.59
C PRO XB 19 -33.81 15.75 -39.23
N ILE XB 20 -34.13 16.99 -38.89
CA ILE XB 20 -33.39 18.16 -39.35
C ILE XB 20 -33.06 19.03 -38.15
N ARG XB 21 -31.97 19.78 -38.24
CA ARG XB 21 -31.58 20.66 -37.15
C ARG XB 21 -32.36 21.98 -37.23
N CYS XB 22 -32.14 22.84 -36.24
CA CYS XB 22 -32.83 24.11 -36.14
C CYS XB 22 -31.89 25.25 -36.53
N THR XB 23 -32.46 26.45 -36.62
CA THR XB 23 -31.70 27.62 -37.01
C THR XB 23 -31.05 28.31 -35.82
N ASN XB 24 -31.81 28.55 -34.75
CA ASN XB 24 -31.24 29.14 -33.54
C ASN XB 24 -30.40 28.14 -32.78
N CYS XB 25 -31.03 27.03 -32.36
CA CYS XB 25 -30.33 25.96 -31.67
C CYS XB 25 -30.00 24.85 -32.66
N ALA XB 26 -29.49 23.73 -32.15
CA ALA XB 26 -29.21 22.55 -32.97
C ALA XB 26 -30.15 21.40 -32.62
N ARG XB 27 -31.40 21.74 -32.31
CA ARG XB 27 -32.38 20.74 -31.89
C ARG XB 27 -32.74 19.84 -33.06
N CYS XB 28 -32.76 18.53 -32.80
CA CYS XB 28 -33.10 17.53 -33.81
C CYS XB 28 -34.62 17.40 -33.87
N VAL XB 29 -35.21 17.96 -34.92
CA VAL XB 29 -36.67 17.99 -35.10
C VAL XB 29 -37.00 17.21 -36.36
N PRO XB 30 -38.05 16.38 -36.36
CA PRO XB 30 -38.48 15.72 -37.59
C PRO XB 30 -38.89 16.73 -38.65
N LYS XB 31 -38.70 16.35 -39.92
CA LYS XB 31 -38.92 17.27 -41.03
C LYS XB 31 -40.38 17.72 -41.11
N ASP XB 32 -41.32 16.79 -40.95
CA ASP XB 32 -42.73 17.15 -41.00
C ASP XB 32 -43.20 17.84 -39.73
N LYS XB 33 -42.47 17.69 -38.62
CA LYS XB 33 -42.85 18.33 -37.37
C LYS XB 33 -42.32 19.76 -37.27
N ALA XB 34 -41.26 20.08 -38.01
CA ALA XB 34 -40.63 21.39 -37.91
C ALA XB 34 -41.51 22.46 -38.56
N ILE XB 35 -41.51 23.65 -37.96
CA ILE XB 35 -42.17 24.81 -38.55
C ILE XB 35 -41.24 25.36 -39.63
N LYS XB 36 -41.65 25.23 -40.89
CA LYS XB 36 -40.80 25.58 -42.02
C LYS XB 36 -41.24 26.93 -42.58
N LYS XB 37 -40.33 27.89 -42.57
CA LYS XB 37 -40.57 29.22 -43.12
C LYS XB 37 -39.66 29.45 -44.31
N PHE XB 38 -40.25 29.90 -45.42
CA PHE XB 38 -39.50 30.25 -46.62
C PHE XB 38 -39.71 31.74 -46.88
N VAL XB 39 -38.64 32.51 -46.75
CA VAL XB 39 -38.71 33.96 -46.79
C VAL XB 39 -38.07 34.44 -48.09
N ILE XB 40 -38.84 35.20 -48.87
CA ILE XB 40 -38.32 35.88 -50.06
C ILE XB 40 -38.01 37.31 -49.68
N ARG XB 41 -36.73 37.67 -49.67
CA ARG XB 41 -36.32 38.98 -49.18
C ARG XB 41 -35.14 39.48 -49.99
N ASN XB 42 -35.03 40.80 -50.09
CA ASN XB 42 -33.88 41.42 -50.72
C ASN XB 42 -32.71 41.47 -49.76
N ILE XB 43 -31.51 41.71 -50.30
CA ILE XB 43 -30.34 41.93 -49.46
C ILE XB 43 -30.49 43.21 -48.67
N VAL XB 44 -31.03 44.26 -49.28
CA VAL XB 44 -31.21 45.56 -48.64
C VAL XB 44 -32.66 46.00 -48.85
N GLU XB 45 -33.28 46.52 -47.79
CA GLU XB 45 -34.72 46.70 -47.81
C GLU XB 45 -35.20 48.12 -48.08
N ALA XB 46 -34.79 49.10 -47.27
CA ALA XB 46 -35.41 50.43 -47.37
C ALA XB 46 -34.41 51.54 -47.61
N ALA XB 47 -33.33 51.59 -46.82
CA ALA XB 47 -32.40 52.70 -46.92
C ALA XB 47 -31.26 52.41 -47.89
N ALA XB 48 -30.64 51.24 -47.76
CA ALA XB 48 -29.49 50.93 -48.61
C ALA XB 48 -29.89 50.58 -50.03
N VAL XB 49 -31.17 50.31 -50.29
CA VAL XB 49 -31.61 50.02 -51.64
C VAL XB 49 -31.58 51.27 -52.51
N ARG XB 50 -31.60 52.45 -51.89
CA ARG XB 50 -31.66 53.69 -52.66
C ARG XB 50 -30.27 54.19 -53.06
N ASP XB 51 -29.39 54.40 -52.08
CA ASP XB 51 -28.12 55.08 -52.33
C ASP XB 51 -27.18 54.24 -53.18
N ILE XB 52 -27.30 52.92 -53.12
CA ILE XB 52 -26.48 52.06 -53.95
C ILE XB 52 -26.87 52.20 -55.44
N SER XB 53 -28.14 52.55 -55.70
CA SER XB 53 -28.62 52.60 -57.08
C SER XB 53 -27.88 53.64 -57.92
N GLU XB 54 -27.70 54.86 -57.40
CA GLU XB 54 -26.91 55.84 -58.14
C GLU XB 54 -25.42 55.53 -58.01
N ALA XB 55 -25.03 54.80 -56.97
CA ALA XB 55 -23.64 54.36 -56.82
C ALA XB 55 -23.34 53.13 -57.67
N SER XB 56 -24.35 52.48 -58.25
CA SER XB 56 -24.10 51.35 -59.12
C SER XB 56 -23.52 51.83 -60.44
N VAL XB 57 -22.47 51.14 -60.91
CA VAL XB 57 -21.87 51.48 -62.20
C VAL XB 57 -22.86 51.22 -63.33
N PHE XB 58 -23.53 50.08 -63.28
CA PHE XB 58 -24.48 49.70 -64.32
C PHE XB 58 -25.85 50.29 -63.98
N ASP XB 59 -26.35 51.17 -64.85
CA ASP XB 59 -27.65 51.78 -64.64
C ASP XB 59 -28.74 50.73 -64.83
N ALA XB 60 -29.82 50.88 -64.06
CA ALA XB 60 -31.00 50.01 -64.12
C ALA XB 60 -30.61 48.54 -63.89
N TYR XB 61 -29.86 48.32 -62.80
CA TYR XB 61 -29.46 46.99 -62.38
C TYR XB 61 -30.37 46.56 -61.23
N VAL XB 62 -31.11 45.47 -61.44
CA VAL XB 62 -31.95 44.92 -60.39
C VAL XB 62 -31.07 44.24 -59.34
N LEU XB 63 -31.35 44.53 -58.07
CA LEU XB 63 -30.59 43.92 -56.98
C LEU XB 63 -31.06 42.48 -56.75
N PRO XB 64 -30.12 41.53 -56.66
CA PRO XB 64 -30.51 40.15 -56.40
C PRO XB 64 -31.07 39.97 -54.99
N LYS XB 65 -31.96 39.00 -54.85
CA LYS XB 65 -32.61 38.72 -53.58
C LYS XB 65 -31.80 37.67 -52.81
N LEU XB 66 -32.35 37.23 -51.68
CA LEU XB 66 -31.72 36.20 -50.87
C LEU XB 66 -32.79 35.20 -50.44
N TYR XB 67 -32.50 33.91 -50.60
CA TYR XB 67 -33.46 32.85 -50.34
C TYR XB 67 -32.94 31.96 -49.22
N VAL XB 68 -33.69 31.92 -48.12
CA VAL XB 68 -33.34 31.12 -46.95
C VAL XB 68 -34.58 30.34 -46.53
N LYS XB 69 -34.46 29.01 -46.49
CA LYS XB 69 -35.53 28.15 -46.01
C LYS XB 69 -35.30 27.91 -44.52
N LEU XB 70 -36.11 28.56 -43.69
CA LEU XB 70 -35.93 28.51 -42.24
C LEU XB 70 -36.57 27.26 -41.66
N HIS XB 71 -35.92 26.70 -40.65
CA HIS XB 71 -36.40 25.49 -39.98
C HIS XB 71 -36.34 25.74 -38.48
N TYR XB 72 -37.48 26.00 -37.87
CA TYR XB 72 -37.57 26.31 -36.45
C TYR XB 72 -38.14 25.11 -35.69
N CYS XB 73 -37.78 25.01 -34.42
CA CYS XB 73 -38.35 24.01 -33.53
C CYS XB 73 -39.61 24.59 -32.88
N VAL XB 74 -40.27 23.83 -32.03
CA VAL XB 74 -41.48 24.30 -31.35
C VAL XB 74 -41.14 25.39 -30.34
N SER XB 75 -40.08 25.18 -29.56
CA SER XB 75 -39.66 26.18 -28.59
C SER XB 75 -39.10 27.43 -29.28
N CYS XB 76 -38.36 27.24 -30.38
CA CYS XB 76 -37.69 28.36 -31.03
C CYS XB 76 -38.69 29.25 -31.76
N ALA XB 77 -39.64 28.64 -32.48
CA ALA XB 77 -40.59 29.43 -33.27
C ALA XB 77 -41.53 30.23 -32.36
N ILE XB 78 -41.98 29.63 -31.26
CA ILE XB 78 -42.91 30.31 -30.37
C ILE XB 78 -42.20 31.44 -29.63
N HIS XB 79 -40.96 31.20 -29.18
CA HIS XB 79 -40.20 32.25 -28.51
C HIS XB 79 -39.87 33.39 -29.46
N SER XB 80 -39.60 33.07 -30.73
CA SER XB 80 -39.38 34.08 -31.75
C SER XB 80 -40.68 34.53 -32.41
N LYS XB 81 -41.83 34.05 -31.91
CA LYS XB 81 -43.15 34.49 -32.33
C LYS XB 81 -43.42 34.21 -33.81
N VAL XB 82 -42.84 33.12 -34.33
CA VAL XB 82 -43.22 32.65 -35.65
C VAL XB 82 -44.64 32.08 -35.61
N VAL XB 83 -44.94 31.28 -34.60
CA VAL XB 83 -46.27 30.76 -34.36
C VAL XB 83 -46.63 31.00 -32.90
N ARG XB 84 -47.94 31.01 -32.62
CA ARG XB 84 -48.43 31.28 -31.28
C ARG XB 84 -49.57 30.33 -30.96
N ASN XB 85 -49.85 30.18 -29.67
CA ASN XB 85 -50.92 29.30 -29.22
C ASN XB 85 -52.29 29.87 -29.57
N ARG XB 86 -53.24 28.96 -29.79
CA ARG XB 86 -54.59 29.32 -30.18
C ARG XB 86 -55.60 28.54 -29.35
N SER XB 87 -56.86 28.94 -29.45
CA SER XB 87 -57.93 28.24 -28.75
C SER XB 87 -58.18 26.88 -29.38
N ARG XB 88 -58.94 26.04 -28.66
CA ARG XB 88 -59.18 24.67 -29.09
C ARG XB 88 -59.92 24.62 -30.43
N GLU XB 89 -60.81 25.56 -30.69
CA GLU XB 89 -61.45 25.66 -31.99
C GLU XB 89 -60.57 26.36 -33.02
N ALA XB 90 -59.71 27.27 -32.58
CA ALA XB 90 -58.81 27.96 -33.49
C ALA XB 90 -57.61 27.10 -33.89
N ARG XB 91 -57.32 26.04 -33.13
CA ARG XB 91 -56.24 25.13 -33.51
C ARG XB 91 -56.53 24.42 -34.83
N LYS XB 92 -57.78 23.98 -35.03
CA LYS XB 92 -58.11 23.15 -36.19
C LYS XB 92 -57.99 23.91 -37.51
N ASP XB 93 -57.98 25.24 -37.49
CA ASP XB 93 -57.75 26.01 -38.69
C ASP XB 93 -56.28 25.91 -39.09
N ARG XB 94 -56.02 25.54 -40.34
CA ARG XB 94 -54.66 25.38 -40.84
C ARG XB 94 -54.40 26.22 -42.08
N THR XB 95 -55.32 27.12 -42.44
CA THR XB 95 -55.06 28.02 -43.55
C THR XB 95 -54.00 29.05 -43.15
N PRO XB 96 -53.15 29.48 -44.07
CA PRO XB 96 -52.13 30.47 -43.73
C PRO XB 96 -52.75 31.82 -43.44
N PRO XB 97 -52.07 32.66 -42.65
CA PRO XB 97 -52.56 34.02 -42.43
C PRO XB 97 -52.55 34.80 -43.74
N PRO XB 98 -53.45 35.78 -43.88
CA PRO XB 98 -53.53 36.52 -45.13
C PRO XB 98 -52.25 37.28 -45.45
N ARG XB 99 -51.90 37.30 -46.73
CA ARG XB 99 -50.65 37.88 -47.21
C ARG XB 99 -50.97 39.13 -48.04
N PHE XB 100 -50.72 40.30 -47.45
CA PHE XB 100 -50.76 41.56 -48.18
C PHE XB 100 -49.57 42.46 -47.90
N ARG XB 101 -48.87 42.27 -46.78
CA ARG XB 101 -47.71 43.08 -46.43
C ARG XB 101 -46.81 42.32 -45.46
N PRO YB 1 -81.02 9.27 -49.10
CA PRO YB 1 -82.38 8.86 -49.46
C PRO YB 1 -82.64 7.38 -49.23
N LEU YB 2 -83.92 6.97 -49.24
CA LEU YB 2 -84.31 5.69 -48.68
C LEU YB 2 -84.80 4.68 -49.70
N ALA YB 3 -85.70 5.07 -50.60
CA ALA YB 3 -86.36 4.14 -51.52
C ALA YB 3 -85.62 4.10 -52.84
N LYS YB 4 -85.22 2.91 -53.27
CA LYS YB 4 -84.48 2.72 -54.51
C LYS YB 4 -85.08 1.55 -55.29
N ASP YB 5 -84.80 1.56 -56.61
CA ASP YB 5 -85.33 0.56 -57.54
C ASP YB 5 -84.30 -0.57 -57.77
N LEU YB 6 -84.08 -1.35 -56.71
CA LEU YB 6 -83.19 -2.50 -56.83
C LEU YB 6 -83.81 -3.61 -57.68
N LEU YB 7 -85.12 -3.58 -57.88
CA LEU YB 7 -85.77 -4.51 -58.80
C LEU YB 7 -85.26 -4.31 -60.22
N HIS YB 8 -85.23 -3.08 -60.69
CA HIS YB 8 -84.93 -2.76 -62.09
C HIS YB 8 -83.94 -1.60 -62.14
N PRO YB 9 -82.64 -1.86 -61.95
CA PRO YB 9 -81.65 -0.78 -62.03
C PRO YB 9 -81.59 -0.15 -63.40
N SER YB 10 -81.27 1.14 -63.43
CA SER YB 10 -81.25 1.87 -64.69
C SER YB 10 -80.01 1.50 -65.50
N PRO YB 11 -80.11 1.48 -66.83
CA PRO YB 11 -78.94 1.20 -67.66
C PRO YB 11 -77.76 2.12 -67.40
N GLU YB 12 -77.99 3.39 -67.05
CA GLU YB 12 -76.90 4.36 -67.00
C GLU YB 12 -75.94 4.08 -65.85
N GLU YB 13 -76.46 3.67 -64.67
CA GLU YB 13 -75.60 3.41 -63.53
C GLU YB 13 -75.17 1.96 -63.43
N GLU YB 14 -75.83 1.05 -64.15
CA GLU YB 14 -75.42 -0.35 -64.14
C GLU YB 14 -74.05 -0.52 -64.78
N LYS YB 15 -73.80 0.18 -65.88
CA LYS YB 15 -72.49 0.13 -66.52
C LYS YB 15 -71.44 0.91 -65.73
N ARG YB 16 -71.87 1.84 -64.87
CA ARG YB 16 -70.92 2.61 -64.07
C ARG YB 16 -70.32 1.80 -62.93
N LYS YB 17 -71.09 0.88 -62.35
CA LYS YB 17 -70.63 0.13 -61.19
C LYS YB 17 -69.53 -0.84 -61.58
N HIS YB 18 -68.80 -1.30 -60.56
CA HIS YB 18 -67.73 -2.27 -60.79
C HIS YB 18 -68.30 -3.59 -61.28
N LYS YB 19 -67.51 -4.30 -62.08
CA LYS YB 19 -68.01 -5.49 -62.77
C LYS YB 19 -68.43 -6.59 -61.81
N LYS YB 20 -67.71 -6.74 -60.69
CA LYS YB 20 -68.13 -7.68 -59.67
C LYS YB 20 -69.27 -7.12 -58.83
N LYS YB 21 -69.33 -5.80 -58.68
CA LYS YB 21 -70.31 -5.15 -57.82
C LYS YB 21 -71.62 -4.86 -58.52
N ARG YB 22 -71.82 -5.34 -59.74
CA ARG YB 22 -73.10 -5.19 -60.41
C ARG YB 22 -74.14 -6.09 -59.73
N LEU YB 23 -75.41 -5.80 -60.01
CA LEU YB 23 -76.49 -6.64 -59.48
C LEU YB 23 -76.41 -8.05 -60.07
N VAL YB 24 -76.15 -8.15 -61.37
CA VAL YB 24 -75.82 -9.40 -62.03
C VAL YB 24 -74.41 -9.28 -62.59
N GLN YB 25 -73.54 -10.19 -62.21
CA GLN YB 25 -72.12 -10.06 -62.55
C GLN YB 25 -71.93 -10.24 -64.06
N SER YB 26 -71.49 -9.17 -64.71
CA SER YB 26 -71.28 -9.14 -66.15
C SER YB 26 -69.92 -8.54 -66.46
N PRO YB 27 -69.19 -9.12 -67.42
CA PRO YB 27 -67.87 -8.58 -67.77
C PRO YB 27 -67.98 -7.34 -68.64
N ASN YB 28 -66.89 -6.59 -68.64
CA ASN YB 28 -66.75 -5.42 -69.51
C ASN YB 28 -65.98 -5.72 -70.79
N SER YB 29 -65.55 -6.97 -70.98
CA SER YB 29 -64.81 -7.34 -72.17
C SER YB 29 -65.76 -7.78 -73.28
N TYR YB 30 -65.20 -8.00 -74.46
CA TYR YB 30 -65.97 -8.37 -75.64
C TYR YB 30 -65.01 -8.95 -76.69
N PHE YB 31 -65.58 -9.31 -77.83
CA PHE YB 31 -64.83 -9.82 -78.97
C PHE YB 31 -65.20 -9.03 -80.21
N MET YB 32 -64.26 -8.91 -81.14
CA MET YB 32 -64.50 -8.13 -82.34
C MET YB 32 -63.88 -8.84 -83.55
N ASP YB 33 -64.46 -8.58 -84.72
CA ASP YB 33 -64.05 -9.20 -85.98
C ASP YB 33 -62.96 -8.35 -86.62
N VAL YB 34 -61.72 -8.61 -86.20
CA VAL YB 34 -60.59 -7.85 -86.70
C VAL YB 34 -60.25 -8.29 -88.11
N LYS YB 35 -60.13 -7.33 -89.03
CA LYS YB 35 -59.69 -7.58 -90.40
C LYS YB 35 -58.52 -6.67 -90.71
N CYS YB 36 -57.34 -7.27 -90.91
CA CYS YB 36 -56.16 -6.49 -91.23
C CYS YB 36 -56.20 -6.06 -92.70
N PRO YB 37 -55.58 -4.92 -93.02
CA PRO YB 37 -55.51 -4.49 -94.43
C PRO YB 37 -54.55 -5.32 -95.26
N GLY YB 38 -53.61 -6.03 -94.65
CA GLY YB 38 -52.68 -6.85 -95.41
C GLY YB 38 -53.34 -8.05 -96.06
N CYS YB 39 -54.29 -8.68 -95.37
CA CYS YB 39 -54.95 -9.88 -95.87
C CYS YB 39 -56.46 -9.74 -95.86
N TYR YB 40 -57.17 -10.84 -96.10
CA TYR YB 40 -58.62 -10.83 -96.26
C TYR YB 40 -59.36 -11.55 -95.14
N LYS YB 41 -58.72 -12.52 -94.48
CA LYS YB 41 -59.42 -13.43 -93.57
C LYS YB 41 -59.83 -12.70 -92.29
N ILE YB 42 -60.93 -13.15 -91.71
CA ILE YB 42 -61.51 -12.54 -90.50
C ILE YB 42 -61.03 -13.34 -89.29
N THR YB 43 -60.49 -12.65 -88.31
CA THR YB 43 -59.99 -13.26 -87.08
C THR YB 43 -60.79 -12.74 -85.88
N THR YB 44 -60.94 -13.60 -84.89
CA THR YB 44 -61.62 -13.25 -83.64
C THR YB 44 -60.57 -12.97 -82.58
N VAL YB 45 -60.63 -11.78 -81.99
CA VAL YB 45 -59.63 -11.31 -81.03
C VAL YB 45 -60.33 -10.88 -79.75
N PHE YB 46 -59.75 -11.26 -78.61
CA PHE YB 46 -60.24 -10.79 -77.32
C PHE YB 46 -59.90 -9.31 -77.13
N SER YB 47 -60.78 -8.60 -76.44
CA SER YB 47 -60.59 -7.17 -76.24
C SER YB 47 -59.42 -6.86 -75.30
N HIS YB 48 -59.11 -7.77 -74.38
CA HIS YB 48 -57.97 -7.62 -73.49
C HIS YB 48 -57.01 -8.78 -73.71
N ALA YB 49 -56.75 -9.09 -74.98
CA ALA YB 49 -56.10 -10.34 -75.38
C ALA YB 49 -54.71 -10.50 -74.78
N GLN YB 50 -54.04 -9.41 -74.40
CA GLN YB 50 -52.79 -9.38 -73.64
C GLN YB 50 -51.67 -10.21 -74.25
N THR YB 51 -51.81 -10.59 -75.51
CA THR YB 51 -50.83 -11.42 -76.20
C THR YB 51 -50.64 -10.90 -77.61
N VAL YB 52 -49.52 -11.27 -78.21
CA VAL YB 52 -49.22 -10.88 -79.59
C VAL YB 52 -50.10 -11.70 -80.53
N VAL YB 53 -50.69 -11.03 -81.51
CA VAL YB 53 -51.56 -11.66 -82.50
C VAL YB 53 -50.96 -11.43 -83.88
N LEU YB 54 -50.76 -12.50 -84.63
CA LEU YB 54 -50.13 -12.45 -85.94
C LEU YB 54 -51.10 -12.97 -87.00
N CYS YB 55 -51.05 -12.36 -88.18
CA CYS YB 55 -51.95 -12.72 -89.26
C CYS YB 55 -51.55 -14.05 -89.88
N VAL YB 56 -52.42 -14.56 -90.75
CA VAL YB 56 -52.13 -15.79 -91.47
C VAL YB 56 -51.00 -15.56 -92.45
N GLY YB 57 -50.05 -16.48 -92.50
CA GLY YB 57 -48.89 -16.33 -93.34
C GLY YB 57 -47.84 -15.36 -92.82
N CYS YB 58 -47.95 -14.95 -91.55
CA CYS YB 58 -47.03 -14.00 -90.92
C CYS YB 58 -46.96 -12.69 -91.71
N SER YB 59 -48.12 -12.18 -92.11
CA SER YB 59 -48.17 -10.97 -92.90
C SER YB 59 -47.90 -9.73 -92.05
N THR YB 60 -48.70 -9.53 -91.01
CA THR YB 60 -48.55 -8.37 -90.14
C THR YB 60 -49.05 -8.71 -88.74
N VAL YB 61 -48.60 -7.92 -87.76
CA VAL YB 61 -49.05 -8.09 -86.38
C VAL YB 61 -50.38 -7.38 -86.20
N LEU YB 62 -51.21 -7.90 -85.27
CA LEU YB 62 -52.57 -7.41 -85.11
C LEU YB 62 -52.80 -6.65 -83.82
N CYS YB 63 -52.42 -7.21 -82.67
CA CYS YB 63 -52.67 -6.58 -81.39
C CYS YB 63 -51.43 -6.65 -80.50
N GLN YB 64 -51.21 -5.58 -79.73
CA GLN YB 64 -50.13 -5.47 -78.77
C GLN YB 64 -50.67 -5.58 -77.35
N PRO YB 65 -49.99 -6.35 -76.49
CA PRO YB 65 -50.42 -6.42 -75.09
C PRO YB 65 -50.23 -5.09 -74.37
N THR YB 66 -51.21 -4.74 -73.55
CA THR YB 66 -51.17 -3.52 -72.76
C THR YB 66 -51.67 -3.85 -71.35
N GLY YB 67 -51.83 -2.81 -70.52
CA GLY YB 67 -52.38 -3.02 -69.20
C GLY YB 67 -53.88 -3.27 -69.21
N GLY YB 68 -54.58 -2.71 -70.20
CA GLY YB 68 -56.00 -2.91 -70.34
C GLY YB 68 -56.39 -3.49 -71.68
N LYS YB 69 -57.15 -2.74 -72.46
CA LYS YB 69 -57.55 -3.17 -73.79
C LYS YB 69 -56.32 -3.31 -74.69
N ALA YB 70 -56.32 -4.36 -75.51
CA ALA YB 70 -55.22 -4.58 -76.43
C ALA YB 70 -55.22 -3.54 -77.54
N ARG YB 71 -54.05 -2.96 -77.81
CA ARG YB 71 -53.93 -1.92 -78.83
C ARG YB 71 -53.98 -2.55 -80.22
N LEU YB 72 -55.01 -2.19 -80.99
CA LEU YB 72 -55.16 -2.69 -82.34
C LEU YB 72 -54.11 -2.08 -83.25
N THR YB 73 -53.64 -2.88 -84.21
CA THR YB 73 -52.78 -2.35 -85.26
C THR YB 73 -53.58 -1.39 -86.14
N GLU YB 74 -52.96 -0.27 -86.49
CA GLU YB 74 -53.66 0.81 -87.17
C GLU YB 74 -54.04 0.39 -88.58
N GLY YB 75 -55.26 0.77 -88.98
CA GLY YB 75 -55.80 0.37 -90.26
C GLY YB 75 -56.51 -0.96 -90.27
N CYS YB 76 -56.63 -1.63 -89.13
CA CYS YB 76 -57.30 -2.92 -89.05
C CYS YB 76 -58.77 -2.68 -88.68
N SER YB 77 -59.68 -3.02 -89.60
CA SER YB 77 -61.09 -2.85 -89.35
C SER YB 77 -61.60 -3.95 -88.40
N PHE YB 78 -62.37 -3.55 -87.39
CA PHE YB 78 -62.88 -4.47 -86.39
C PHE YB 78 -64.36 -4.18 -86.13
N ARG YB 79 -65.14 -5.24 -85.92
CA ARG YB 79 -66.57 -5.15 -85.68
C ARG YB 79 -66.90 -5.94 -84.43
N ARG YB 80 -67.36 -5.25 -83.38
CA ARG YB 80 -67.66 -5.89 -82.12
C ARG YB 80 -68.87 -6.83 -82.25
N LYS YB 81 -68.75 -8.03 -81.69
CA LYS YB 81 -69.80 -9.03 -81.78
C LYS YB 81 -70.39 -9.28 -80.39
N GLN YB 82 -71.43 -10.12 -80.35
CA GLN YB 82 -72.02 -10.57 -79.10
C GLN YB 82 -72.71 -11.91 -79.36
N HIS YB 83 -73.00 -12.62 -78.27
CA HIS YB 83 -73.73 -13.88 -78.38
C HIS YB 83 -74.95 -13.87 -77.47
N GLN ZB 1 -16.39 64.31 -40.79
CA GLN ZB 1 -17.75 64.19 -40.30
C GLN ZB 1 -18.30 65.55 -39.89
N PRO ZB 2 -18.82 66.30 -40.86
CA PRO ZB 2 -19.32 67.65 -40.57
C PRO ZB 2 -20.60 67.61 -39.77
N ILE ZB 3 -20.91 68.74 -39.12
CA ILE ZB 3 -22.19 68.88 -38.44
C ILE ZB 3 -23.28 69.16 -39.47
N LYS ZB 4 -24.39 68.42 -39.38
CA LYS ZB 4 -25.48 68.54 -40.32
C LYS ZB 4 -26.78 68.85 -39.58
N LEU ZB 5 -27.77 69.31 -40.33
CA LEU ZB 5 -29.06 69.70 -39.79
C LEU ZB 5 -30.13 68.79 -40.37
N ALA ZB 6 -31.06 68.34 -39.51
CA ALA ZB 6 -32.10 67.40 -39.90
C ALA ZB 6 -33.47 67.96 -39.51
N ARG ZB 7 -34.37 68.09 -40.47
CA ARG ZB 7 -35.66 68.73 -40.26
C ARG ZB 7 -36.77 67.69 -40.21
N VAL ZB 8 -37.58 67.73 -39.14
CA VAL ZB 8 -38.60 66.71 -38.91
C VAL ZB 8 -39.72 66.88 -39.94
N THR ZB 9 -40.08 65.78 -40.62
CA THR ZB 9 -41.12 65.82 -41.63
C THR ZB 9 -42.41 65.12 -41.23
N LYS ZB 10 -42.33 64.04 -40.45
CA LYS ZB 10 -43.52 63.42 -39.85
C LYS ZB 10 -43.05 62.52 -38.71
N VAL ZB 11 -43.87 62.39 -37.68
CA VAL ZB 11 -43.51 61.59 -36.51
C VAL ZB 11 -44.09 60.19 -36.68
N LEU ZB 12 -43.38 59.19 -36.16
CA LEU ZB 12 -43.78 57.79 -36.27
C LEU ZB 12 -44.44 57.24 -35.01
N GLY ZB 13 -43.82 57.40 -33.85
CA GLY ZB 13 -44.41 56.90 -32.63
C GLY ZB 13 -43.39 56.84 -31.51
N ARG ZB 14 -43.88 56.46 -30.34
CA ARG ZB 14 -43.05 56.35 -29.15
C ARG ZB 14 -42.22 55.07 -29.20
N THR ZB 15 -40.93 55.20 -28.86
CA THR ZB 15 -40.01 54.07 -28.78
C THR ZB 15 -39.34 54.07 -27.42
N GLY ZB 16 -38.43 53.11 -27.23
CA GLY ZB 16 -37.74 52.96 -25.96
C GLY ZB 16 -38.49 52.07 -24.99
N SER ZB 17 -37.79 51.72 -23.91
CA SER ZB 17 -38.37 50.82 -22.92
C SER ZB 17 -39.45 51.51 -22.09
N GLN ZB 18 -39.19 52.73 -21.63
CA GLN ZB 18 -40.15 53.50 -20.86
C GLN ZB 18 -40.95 54.48 -21.72
N GLY ZB 19 -40.88 54.36 -23.03
CA GLY ZB 19 -41.44 55.39 -23.89
C GLY ZB 19 -40.69 56.70 -23.77
N GLN ZB 20 -39.39 56.64 -23.49
CA GLN ZB 20 -38.57 57.82 -23.23
C GLN ZB 20 -38.11 58.52 -24.50
N CYS ZB 21 -38.22 57.87 -25.65
CA CYS ZB 21 -37.78 58.45 -26.93
C CYS ZB 21 -38.91 58.39 -27.94
N THR ZB 22 -38.88 59.32 -28.89
CA THR ZB 22 -39.86 59.39 -29.95
C THR ZB 22 -39.17 59.09 -31.27
N GLN ZB 23 -39.55 57.98 -31.90
CA GLN ZB 23 -39.02 57.66 -33.22
C GLN ZB 23 -39.64 58.59 -34.26
N VAL ZB 24 -38.79 59.35 -34.95
CA VAL ZB 24 -39.23 60.40 -35.84
C VAL ZB 24 -38.66 60.15 -37.23
N ARG ZB 25 -39.54 60.12 -38.24
CA ARG ZB 25 -39.08 60.13 -39.61
C ARG ZB 25 -38.65 61.56 -39.95
N VAL ZB 26 -37.39 61.73 -40.32
CA VAL ZB 26 -36.78 63.05 -40.37
C VAL ZB 26 -36.19 63.31 -41.75
N GLU ZB 27 -36.39 64.53 -42.24
CA GLU ZB 27 -35.90 65.02 -43.52
C GLU ZB 27 -34.70 65.96 -43.30
N PHE ZB 28 -33.90 66.15 -44.34
CA PHE ZB 28 -32.71 66.98 -44.19
C PHE ZB 28 -32.84 68.28 -44.96
N MET ZB 29 -32.49 69.39 -44.31
CA MET ZB 29 -32.57 70.68 -44.97
C MET ZB 29 -31.41 70.92 -45.92
N ASP ZB 30 -30.34 70.12 -45.84
CA ASP ZB 30 -29.24 70.25 -46.79
C ASP ZB 30 -29.62 69.71 -48.17
N ASP ZB 31 -30.40 68.63 -48.20
CA ASP ZB 31 -30.97 68.13 -49.45
C ASP ZB 31 -32.30 67.43 -49.18
N THR ZB 32 -33.30 67.73 -50.02
CA THR ZB 32 -34.65 67.24 -49.80
C THR ZB 32 -34.79 65.74 -50.07
N SER ZB 33 -34.09 65.21 -51.07
CA SER ZB 33 -34.31 63.82 -51.48
C SER ZB 33 -33.84 62.81 -50.43
N ARG ZB 34 -32.61 62.96 -49.92
CA ARG ZB 34 -32.04 61.99 -49.01
C ARG ZB 34 -32.45 62.29 -47.57
N SER ZB 35 -32.86 61.24 -46.86
CA SER ZB 35 -33.55 61.38 -45.58
C SER ZB 35 -33.57 60.04 -44.88
N ILE ZB 36 -33.40 60.03 -43.55
CA ILE ZB 36 -33.25 58.79 -42.81
C ILE ZB 36 -34.20 58.73 -41.62
N ILE ZB 37 -34.06 57.70 -40.78
CA ILE ZB 37 -34.91 57.46 -39.61
C ILE ZB 37 -34.03 57.51 -38.37
N ARG ZB 38 -34.44 58.31 -37.39
CA ARG ZB 38 -33.69 58.41 -36.15
C ARG ZB 38 -34.66 58.58 -34.98
N ASN ZB 39 -34.33 57.97 -33.84
CA ASN ZB 39 -35.10 58.14 -32.62
C ASN ZB 39 -34.67 59.42 -31.91
N VAL ZB 40 -35.65 60.17 -31.41
CA VAL ZB 40 -35.43 61.48 -30.82
C VAL ZB 40 -35.97 61.48 -29.40
N LYS ZB 41 -35.15 61.93 -28.45
CA LYS ZB 41 -35.61 62.19 -27.10
C LYS ZB 41 -36.36 63.52 -27.04
N GLY ZB 42 -37.18 63.67 -26.00
CA GLY ZB 42 -37.86 64.92 -25.74
C GLY ZB 42 -39.09 65.12 -26.59
N PRO ZB 43 -39.94 66.08 -26.20
CA PRO ZB 43 -41.14 66.38 -27.00
C PRO ZB 43 -40.80 67.11 -28.29
N VAL ZB 44 -41.25 66.57 -29.42
CA VAL ZB 44 -40.93 67.08 -30.74
C VAL ZB 44 -42.23 67.33 -31.50
N ARG ZB 45 -42.33 68.51 -32.11
CA ARG ZB 45 -43.46 68.85 -32.97
C ARG ZB 45 -43.09 68.65 -34.43
N GLU ZB 46 -43.99 69.07 -35.31
CA GLU ZB 46 -43.72 69.16 -36.73
C GLU ZB 46 -43.24 70.57 -37.08
N GLY ZB 47 -42.13 70.65 -37.80
CA GLY ZB 47 -41.58 71.94 -38.18
C GLY ZB 47 -40.45 72.40 -37.28
N ASP ZB 48 -39.53 71.49 -36.98
CA ASP ZB 48 -38.34 71.83 -36.21
C ASP ZB 48 -37.16 71.03 -36.75
N VAL ZB 49 -35.96 71.51 -36.47
CA VAL ZB 49 -34.74 71.01 -37.09
C VAL ZB 49 -33.87 70.39 -36.01
N LEU ZB 50 -33.27 69.25 -36.31
CA LEU ZB 50 -32.38 68.54 -35.41
C LEU ZB 50 -30.93 68.81 -35.79
N THR ZB 51 -30.01 68.38 -34.93
CA THR ZB 51 -28.57 68.57 -35.14
C THR ZB 51 -27.86 67.22 -34.93
N LEU ZB 52 -27.83 66.41 -35.98
CA LEU ZB 52 -27.15 65.12 -35.91
C LEU ZB 52 -25.66 65.30 -36.14
N LEU ZB 53 -24.85 64.66 -35.28
CA LEU ZB 53 -23.40 64.69 -35.47
C LEU ZB 53 -23.00 63.95 -36.75
N GLU ZB 54 -23.61 62.79 -37.01
CA GLU ZB 54 -23.42 62.06 -38.25
C GLU ZB 54 -24.77 61.64 -38.82
N SER ZB 55 -24.87 61.64 -40.14
CA SER ZB 55 -26.08 61.22 -40.83
C SER ZB 55 -26.04 59.78 -41.30
N GLU ZB 56 -24.98 59.04 -40.98
CA GLU ZB 56 -24.84 57.66 -41.41
C GLU ZB 56 -25.47 56.64 -40.46
N ARG ZB 57 -25.86 57.07 -39.26
CA ARG ZB 57 -26.50 56.16 -38.32
C ARG ZB 57 -28.01 56.29 -38.41
N GLU ZB 58 -28.69 55.16 -38.64
CA GLU ZB 58 -30.13 55.15 -38.89
C GLU ZB 58 -30.82 54.26 -37.88
N ALA ZB 59 -31.90 54.74 -37.29
CA ALA ZB 59 -32.67 53.95 -36.34
C ALA ZB 59 -33.57 52.96 -37.06
N ARG ZB 60 -33.63 51.74 -36.54
CA ARG ZB 60 -34.48 50.71 -37.10
C ARG ZB 60 -35.95 51.00 -36.77
N ARG ZB 61 -36.84 50.46 -37.59
CA ARG ZB 61 -38.27 50.60 -37.36
C ARG ZB 61 -38.75 49.46 -36.47
N LEU ZB 62 -39.39 49.81 -35.35
CA LEU ZB 62 -39.89 48.81 -34.41
C LEU ZB 62 -41.21 48.24 -34.88
N GLY AC 1 -63.90 60.90 58.70
CA GLY AC 1 -64.85 59.84 58.43
C GLY AC 1 -64.69 59.22 57.05
N HIS AC 2 -65.77 58.66 56.53
CA HIS AC 2 -65.79 58.08 55.20
C HIS AC 2 -66.31 59.04 54.13
N GLN AC 3 -67.07 60.07 54.53
CA GLN AC 3 -67.56 61.05 53.58
C GLN AC 3 -66.47 62.00 53.10
N GLN AC 4 -65.36 62.10 53.85
CA GLN AC 4 -64.29 63.04 53.52
C GLN AC 4 -63.29 62.49 52.52
N LEU AC 5 -63.40 61.21 52.12
CA LEU AC 5 -62.50 60.62 51.16
C LEU AC 5 -63.21 60.00 49.96
N TYR AC 6 -64.47 60.35 49.73
CA TYR AC 6 -65.20 59.70 48.64
C TYR AC 6 -65.28 60.58 47.40
N TRP AC 7 -65.60 61.86 47.56
CA TRP AC 7 -65.62 62.81 46.45
C TRP AC 7 -64.91 64.11 46.84
N SER AC 8 -63.80 63.97 47.57
CA SER AC 8 -63.00 65.13 47.96
C SER AC 8 -62.02 65.55 46.88
N HIS AC 9 -61.97 64.83 45.76
CA HIS AC 9 -61.05 65.29 44.74
C HIS AC 9 -61.70 66.39 43.90
N PRO AC 10 -61.00 67.50 43.69
CA PRO AC 10 -61.57 68.61 42.90
C PRO AC 10 -61.74 68.20 41.45
N ARG AC 11 -62.98 68.29 40.95
CA ARG AC 11 -63.33 67.94 39.59
C ARG AC 11 -64.02 69.10 38.88
N LYS AC 12 -63.46 70.29 39.00
CA LYS AC 12 -63.98 71.45 38.29
C LYS AC 12 -63.16 71.80 37.05
N PHE AC 13 -62.15 71.01 36.71
CA PHE AC 13 -61.37 71.22 35.51
C PHE AC 13 -60.82 69.88 35.02
N GLY AC 14 -59.95 69.94 34.02
CA GLY AC 14 -59.26 68.75 33.55
C GLY AC 14 -60.15 67.83 32.74
N GLN AC 15 -59.57 66.68 32.39
CA GLN AC 15 -60.28 65.66 31.62
C GLN AC 15 -61.03 64.67 32.51
N GLY AC 16 -60.86 64.74 33.83
CA GLY AC 16 -61.64 63.91 34.73
C GLY AC 16 -62.99 64.48 35.08
N SER AC 17 -63.18 65.79 34.89
CA SER AC 17 -64.49 66.40 35.13
C SER AC 17 -65.46 66.08 34.00
N ARG AC 18 -64.96 66.01 32.77
CA ARG AC 18 -65.79 65.80 31.59
C ARG AC 18 -65.73 64.35 31.13
N SER AC 19 -66.88 63.82 30.77
CA SER AC 19 -66.98 62.48 30.19
C SER AC 19 -68.15 62.49 29.20
N CYS AC 20 -68.26 61.41 28.44
CA CYS AC 20 -69.32 61.33 27.43
C CYS AC 20 -70.70 61.25 28.10
N ARG AC 21 -71.70 61.75 27.39
CA ARG AC 21 -73.07 61.74 27.88
C ARG AC 21 -73.85 60.53 27.41
N VAL AC 22 -73.22 59.62 26.67
CA VAL AC 22 -73.82 58.35 26.26
C VAL AC 22 -73.00 57.17 26.75
N CYS AC 23 -71.69 57.17 26.47
CA CYS AC 23 -70.81 56.09 26.87
C CYS AC 23 -70.08 56.34 28.18
N SER AC 24 -70.00 57.60 28.63
CA SER AC 24 -69.30 57.99 29.84
C SER AC 24 -67.83 57.56 29.82
N ASN AC 25 -67.20 57.70 28.66
CA ASN AC 25 -65.77 57.49 28.54
C ASN AC 25 -65.03 58.82 28.60
N ARG AC 26 -63.71 58.73 28.74
CA ARG AC 26 -62.86 59.91 28.89
C ARG AC 26 -61.94 60.13 27.69
N HIS AC 27 -62.30 59.60 26.52
CA HIS AC 27 -61.48 59.71 25.33
C HIS AC 27 -62.34 60.13 24.15
N GLY AC 28 -61.75 60.92 23.25
CA GLY AC 28 -62.42 61.31 22.02
C GLY AC 28 -63.56 62.27 22.20
N LEU AC 29 -63.61 62.99 23.32
CA LEU AC 29 -64.72 63.88 23.64
C LEU AC 29 -64.73 65.08 22.70
N ILE AC 30 -65.92 65.43 22.20
CA ILE AC 30 -66.09 66.62 21.37
C ILE AC 30 -66.67 67.70 22.29
N ARG AC 31 -65.79 68.47 22.91
CA ARG AC 31 -66.21 69.62 23.69
C ARG AC 31 -66.54 70.83 22.82
N LYS AC 32 -66.28 70.75 21.51
CA LYS AC 32 -66.54 71.87 20.62
C LYS AC 32 -68.03 72.11 20.49
N TYR AC 33 -68.44 73.38 20.60
CA TYR AC 33 -69.83 73.82 20.62
C TYR AC 33 -70.64 73.13 21.73
N GLY AC 34 -69.95 72.64 22.76
CA GLY AC 34 -70.62 72.09 23.92
C GLY AC 34 -71.46 70.85 23.66
N LEU AC 35 -71.01 69.98 22.75
CA LEU AC 35 -71.67 68.69 22.60
C LEU AC 35 -71.45 67.81 23.84
N ASN AC 36 -70.23 67.84 24.38
CA ASN AC 36 -69.84 67.06 25.56
C ASN AC 36 -70.14 65.58 25.33
N MET AC 37 -69.84 65.10 24.13
CA MET AC 37 -70.08 63.73 23.74
C MET AC 37 -68.92 63.28 22.87
N CYS AC 38 -68.56 62.00 22.98
CA CYS AC 38 -67.37 61.51 22.29
C CYS AC 38 -67.57 61.52 20.78
N ARG AC 39 -66.46 61.33 20.06
CA ARG AC 39 -66.50 61.24 18.61
C ARG AC 39 -67.25 59.99 18.16
N GLN AC 40 -67.13 58.89 18.92
CA GLN AC 40 -67.67 57.61 18.48
C GLN AC 40 -69.20 57.61 18.53
N CYS AC 41 -69.79 58.14 19.60
CA CYS AC 41 -71.24 58.31 19.64
C CYS AC 41 -71.74 59.42 18.74
N PHE AC 42 -70.84 60.30 18.29
CA PHE AC 42 -71.22 61.38 17.37
C PHE AC 42 -71.67 60.83 16.02
N ARG AC 43 -71.25 59.61 15.69
CA ARG AC 43 -71.45 59.08 14.34
C ARG AC 43 -72.85 58.53 14.12
N GLN AC 44 -73.33 57.65 14.99
CA GLN AC 44 -74.62 57.01 14.72
C GLN AC 44 -75.78 57.97 14.92
N TYR AC 45 -75.53 59.09 15.60
CA TYR AC 45 -76.54 60.12 15.85
C TYR AC 45 -76.24 61.38 15.05
N ALA AC 46 -75.33 61.30 14.08
CA ALA AC 46 -74.94 62.48 13.31
C ALA AC 46 -76.11 63.04 12.52
N LYS AC 47 -76.98 62.16 12.02
CA LYS AC 47 -78.21 62.61 11.38
C LYS AC 47 -79.21 63.12 12.41
N ASP AC 48 -79.19 62.56 13.62
CA ASP AC 48 -80.17 62.94 14.64
C ASP AC 48 -79.91 64.34 15.16
N ILE AC 49 -78.68 64.65 15.57
CA ILE AC 49 -78.34 66.04 15.91
C ILE AC 49 -78.35 66.91 14.66
N GLY AC 50 -77.86 66.38 13.54
CA GLY AC 50 -78.19 67.02 12.29
C GLY AC 50 -77.09 67.24 11.27
N PHE AC 51 -75.86 66.80 11.55
CA PHE AC 51 -74.80 66.98 10.57
C PHE AC 51 -75.05 66.11 9.33
N ILE AC 52 -74.75 66.69 8.17
CA ILE AC 52 -74.84 65.98 6.91
C ILE AC 52 -73.48 66.04 6.24
N LYS AC 53 -73.04 64.91 5.69
CA LYS AC 53 -71.73 64.82 5.06
C LYS AC 53 -71.89 65.27 3.63
N LEU AC 54 -71.84 66.59 3.42
CA LEU AC 54 -72.25 67.20 2.17
C LEU AC 54 -71.12 67.29 1.16
N ASP AC 55 -69.88 67.51 1.62
CA ASP AC 55 -68.73 67.55 0.73
C ASP AC 55 -67.72 66.49 1.13
N SER BC 1 -47.64 8.75 27.56
CA SER BC 1 -47.42 7.71 28.56
C SER BC 1 -48.66 6.86 28.79
N LEU BC 2 -48.55 5.88 29.68
CA LEU BC 2 -49.64 4.95 29.96
C LEU BC 2 -50.31 5.18 31.31
N ALA BC 3 -50.12 6.38 31.90
CA ALA BC 3 -50.59 6.62 33.26
C ALA BC 3 -52.03 7.15 33.30
N ARG BC 4 -52.51 7.74 32.21
CA ARG BC 4 -53.82 8.41 32.19
C ARG BC 4 -54.95 7.49 31.77
N VAL BC 5 -54.85 6.19 32.05
CA VAL BC 5 -55.93 5.26 31.74
C VAL BC 5 -57.07 5.48 32.72
N GLY BC 6 -58.30 5.48 32.21
CA GLY BC 6 -59.47 5.74 33.03
C GLY BC 6 -59.48 7.13 33.61
N LYS BC 7 -58.93 8.10 32.88
CA LYS BC 7 -58.83 9.47 33.39
C LYS BC 7 -60.21 10.11 33.49
N VAL BC 8 -61.01 10.01 32.43
CA VAL BC 8 -62.30 10.71 32.40
C VAL BC 8 -63.37 9.91 33.13
N ARG BC 9 -63.42 8.59 32.89
CA ARG BC 9 -64.43 7.75 33.55
C ARG BC 9 -64.33 7.83 35.06
N GLY BC 10 -63.11 7.98 35.60
CA GLY BC 10 -62.96 8.14 37.04
C GLY BC 10 -63.50 9.46 37.54
N GLN BC 11 -63.32 10.54 36.80
CA GLN BC 11 -63.67 11.87 37.24
C GLN BC 11 -65.06 12.31 36.79
N THR BC 12 -65.79 11.47 36.07
CA THR BC 12 -67.16 11.79 35.72
C THR BC 12 -68.05 11.68 36.95
N LEU BC 13 -68.95 12.65 37.11
CA LEU BC 13 -69.79 12.70 38.30
C LEU BC 13 -70.91 11.66 38.22
N LYS BC 14 -71.14 10.98 39.34
CA LYS BC 14 -71.98 9.78 39.39
C LYS BC 14 -73.43 10.16 39.58
N VAL BC 15 -74.30 9.73 38.67
CA VAL BC 15 -75.74 9.88 38.82
C VAL BC 15 -76.37 8.51 39.01
N ALA BC 16 -77.04 8.32 40.14
CA ALA BC 16 -77.72 7.07 40.40
C ALA BC 16 -79.01 7.00 39.57
N LYS BC 17 -79.28 5.81 39.04
CA LYS BC 17 -80.39 5.66 38.12
C LYS BC 17 -81.73 5.78 38.84
N GLN BC 18 -82.56 6.70 38.36
CA GLN BC 18 -83.85 7.01 38.94
C GLN BC 18 -84.89 5.97 38.52
N GLU BC 19 -85.98 5.91 39.29
CA GLU BC 19 -86.99 4.87 39.14
C GLU BC 19 -88.16 5.36 38.27
N LYS BC 20 -88.66 4.46 37.44
CA LYS BC 20 -89.77 4.76 36.54
C LYS BC 20 -90.65 3.53 36.39
N LYS BC 21 -91.88 3.74 35.94
CA LYS BC 21 -92.80 2.64 35.67
C LYS BC 21 -92.24 1.70 34.61
N LYS BC 22 -92.30 0.40 34.88
CA LYS BC 22 -91.81 -0.59 33.94
C LYS BC 22 -92.66 -0.58 32.68
N LYS BC 23 -92.00 -0.71 31.53
CA LYS BC 23 -92.69 -0.56 30.26
C LYS BC 23 -93.57 -1.77 29.99
N ARG BC 24 -94.70 -1.53 29.33
CA ARG BC 24 -95.60 -2.61 28.97
C ARG BC 24 -94.91 -3.44 27.89
N THR BC 25 -94.92 -4.76 28.04
CA THR BC 25 -94.13 -5.63 27.17
C THR BC 25 -95.03 -6.60 26.41
N GLY BC 26 -94.40 -7.48 25.63
CA GLY BC 26 -95.15 -8.40 24.79
C GLY BC 26 -95.80 -7.67 23.63
N ARG BC 27 -96.95 -8.19 23.20
CA ARG BC 27 -97.72 -7.53 22.14
C ARG BC 27 -98.32 -6.21 22.63
N ALA BC 28 -98.42 -6.01 23.94
CA ALA BC 28 -98.87 -4.74 24.48
C ALA BC 28 -97.88 -3.61 24.19
N LYS BC 29 -96.58 -3.92 24.11
CA LYS BC 29 -95.61 -2.92 23.69
C LYS BC 29 -95.87 -2.45 22.27
N ARG BC 30 -96.18 -3.39 21.37
CA ARG BC 30 -96.54 -3.03 20.00
C ARG BC 30 -97.93 -2.44 19.90
N ARG BC 31 -98.83 -2.82 20.80
CA ARG BC 31 -100.14 -2.18 20.85
C ARG BC 31 -100.01 -0.72 21.25
N MET BC 32 -99.16 -0.42 22.24
CA MET BC 32 -98.92 0.96 22.63
C MET BC 32 -98.26 1.75 21.50
N GLN BC 33 -97.32 1.10 20.78
CA GLN BC 33 -96.63 1.77 19.70
C GLN BC 33 -97.55 2.07 18.52
N TYR BC 34 -98.53 1.20 18.27
CA TYR BC 34 -99.38 1.37 17.09
C TYR BC 34 -100.30 2.57 17.21
N ASN BC 35 -100.90 2.78 18.39
CA ASN BC 35 -101.94 3.80 18.52
C ASN BC 35 -101.36 5.21 18.47
N ARG BC 36 -100.26 5.45 19.17
CA ARG BC 36 -99.70 6.79 19.25
C ARG BC 36 -98.93 7.21 18.00
N ARG BC 37 -98.75 6.30 17.03
CA ARG BC 37 -98.17 6.65 15.73
C ARG BC 37 -99.22 6.91 14.66
N PHE BC 38 -100.32 6.17 14.65
CA PHE BC 38 -101.24 6.17 13.51
C PHE BC 38 -102.56 6.88 13.82
N VAL BC 39 -103.26 6.46 14.87
CA VAL BC 39 -104.61 6.98 15.10
C VAL BC 39 -104.59 8.25 15.96
N ASN BC 40 -103.54 8.48 16.74
CA ASN BC 40 -103.52 9.62 17.65
C ASN BC 40 -102.99 10.90 17.01
N VAL BC 41 -102.51 10.83 15.76
CA VAL BC 41 -101.98 12.02 15.13
C VAL BC 41 -103.11 12.86 14.54
N VAL BC 42 -102.83 14.14 14.33
CA VAL BC 42 -103.79 15.07 13.73
C VAL BC 42 -103.11 15.78 12.56
N PRO BC 43 -103.86 16.20 11.54
CA PRO BC 43 -103.23 16.91 10.41
C PRO BC 43 -102.77 18.30 10.79
N THR BC 44 -101.45 18.49 10.87
CA THR BC 44 -100.85 19.77 11.19
C THR BC 44 -99.84 20.16 10.12
N PHE BC 45 -99.78 21.45 9.83
CA PHE BC 45 -98.84 21.96 8.84
C PHE BC 45 -97.46 22.16 9.48
N GLY BC 46 -96.44 22.11 8.63
CA GLY BC 46 -95.07 22.26 9.08
C GLY BC 46 -94.36 20.92 9.21
N LYS BC 47 -93.15 21.00 9.77
CA LYS BC 47 -92.32 19.81 9.96
C LYS BC 47 -92.88 18.94 11.07
N LYS BC 48 -92.95 17.64 10.81
CA LYS BC 48 -93.36 16.71 11.85
C LYS BC 48 -92.21 16.49 12.83
N LYS BC 49 -92.49 16.67 14.11
CA LYS BC 49 -91.46 16.55 15.15
C LYS BC 49 -91.20 15.09 15.46
N GLY BC 50 -89.93 14.76 15.66
CA GLY BC 50 -89.54 13.40 15.95
C GLY BC 50 -89.98 12.95 17.34
N PRO BC 51 -89.97 11.64 17.57
CA PRO BC 51 -90.36 11.14 18.90
C PRO BC 51 -89.45 11.58 20.02
N ASN BC 52 -88.20 11.94 19.74
CA ASN BC 52 -87.26 12.40 20.73
C ASN BC 52 -86.81 13.84 20.50
N ALA BC 53 -87.31 14.50 19.46
CA ALA BC 53 -86.81 15.81 19.07
C ALA BC 53 -87.25 16.87 20.08
N ASN BC 54 -86.28 17.50 20.72
CA ASN BC 54 -86.52 18.65 21.59
C ASN BC 54 -85.48 19.73 21.28
N SER BC 55 -85.94 20.97 21.24
CA SER BC 55 -85.06 22.09 20.91
C SER BC 55 -85.05 23.14 22.00
N LYS CC 1 -58.67 34.85 47.11
CA LYS CC 1 -57.34 34.27 47.04
C LYS CC 1 -56.63 34.34 48.38
N SER CC 2 -55.45 33.72 48.47
CA SER CC 2 -54.70 33.69 49.71
C SER CC 2 -54.03 35.03 49.98
N TYR CC 3 -53.99 35.41 51.26
CA TYR CC 3 -53.34 36.63 51.69
C TYR CC 3 -52.41 36.32 52.86
N THR CC 4 -51.29 37.05 52.91
CA THR CC 4 -50.31 36.83 53.97
C THR CC 4 -50.69 37.57 55.24
N THR CC 5 -50.96 38.87 55.14
CA THR CC 5 -51.32 39.67 56.30
C THR CC 5 -52.73 39.32 56.75
N PRO CC 6 -52.96 39.04 58.03
CA PRO CC 6 -54.32 38.76 58.50
C PRO CC 6 -55.21 39.99 58.38
N LYS CC 7 -56.50 39.73 58.21
CA LYS CC 7 -57.47 40.78 57.95
C LYS CC 7 -57.78 41.56 59.22
N LYS CC 8 -58.56 42.63 59.07
CA LYS CC 8 -59.00 43.47 60.18
C LYS CC 8 -60.45 43.14 60.50
N ASN CC 9 -60.74 42.89 61.77
CA ASN CC 9 -62.07 42.48 62.19
C ASN CC 9 -63.01 43.68 62.21
N LYS CC 10 -64.28 43.41 62.51
CA LYS CC 10 -65.30 44.45 62.61
C LYS CC 10 -65.36 44.94 64.04
N HIS CC 11 -65.52 46.25 64.21
CA HIS CC 11 -65.58 46.85 65.53
C HIS CC 11 -66.85 46.39 66.25
N LYS CC 12 -66.70 45.90 67.48
CA LYS CC 12 -67.83 45.42 68.25
C LYS CC 12 -68.56 46.60 68.87
N ARG CC 13 -69.78 46.84 68.41
CA ARG CC 13 -70.58 47.92 68.97
C ARG CC 13 -71.08 47.56 70.36
N LYS CC 14 -70.95 48.49 71.29
CA LYS CC 14 -71.31 48.25 72.69
C LYS CC 14 -72.83 48.31 72.82
N LYS CC 15 -73.46 47.15 72.69
CA LYS CC 15 -74.90 47.05 72.92
C LYS CC 15 -75.16 47.02 74.43
N VAL CC 16 -75.99 47.94 74.90
CA VAL CC 16 -76.27 48.09 76.32
C VAL CC 16 -77.73 47.74 76.53
N LYS CC 17 -77.98 46.70 77.33
CA LYS CC 17 -79.34 46.34 77.70
C LYS CC 17 -79.86 47.33 78.74
N LEU CC 18 -81.02 47.94 78.44
CA LEU CC 18 -81.64 48.96 79.28
C LEU CC 18 -80.68 50.14 79.50
N ALA CC 19 -80.27 50.73 78.37
CA ALA CC 19 -79.26 51.78 78.38
C ALA CC 19 -79.77 53.09 78.98
N VAL CC 20 -81.07 53.35 78.91
CA VAL CC 20 -81.63 54.59 79.46
C VAL CC 20 -81.73 54.53 80.98
N LEU CC 21 -81.67 53.33 81.56
CA LEU CC 21 -81.82 53.17 83.01
C LEU CC 21 -80.68 53.83 83.77
N LYS CC 22 -79.51 54.01 83.15
CA LYS CC 22 -78.37 54.62 83.81
C LYS CC 22 -78.36 56.14 83.73
N TYR CC 23 -79.22 56.74 82.91
CA TYR CC 23 -79.24 58.20 82.83
C TYR CC 23 -79.87 58.83 84.06
N TYR CC 24 -80.91 58.21 84.61
CA TYR CC 24 -81.65 58.75 85.74
C TYR CC 24 -81.52 57.81 86.92
N LYS CC 25 -81.72 58.36 88.12
CA LYS CC 25 -81.79 57.58 89.35
C LYS CC 25 -83.18 57.79 89.95
N VAL CC 26 -83.94 56.70 90.07
CA VAL CC 26 -85.31 56.79 90.55
C VAL CC 26 -85.30 57.05 92.06
N ASP CC 27 -86.22 57.89 92.51
CA ASP CC 27 -86.33 58.24 93.91
C ASP CC 27 -87.75 57.93 94.40
N GLU CC 28 -87.85 57.55 95.68
CA GLU CC 28 -89.15 57.22 96.26
C GLU CC 28 -90.06 58.44 96.41
N ASN CC 29 -89.53 59.64 96.33
CA ASN CC 29 -90.33 60.85 96.38
C ASN CC 29 -90.73 61.25 94.96
N GLY CC 30 -91.31 62.44 94.81
CA GLY CC 30 -91.74 62.91 93.50
C GLY CC 30 -90.67 63.70 92.78
N LYS CC 31 -89.50 63.09 92.57
CA LYS CC 31 -88.39 63.75 91.88
C LYS CC 31 -87.60 62.72 91.11
N ILE CC 32 -86.86 63.21 90.11
CA ILE CC 32 -85.96 62.39 89.31
C ILE CC 32 -84.59 63.05 89.29
N SER CC 33 -83.55 62.26 89.54
CA SER CC 33 -82.19 62.74 89.61
C SER CC 33 -81.48 62.49 88.28
N ARG CC 34 -80.85 63.53 87.75
CA ARG CC 34 -80.11 63.45 86.49
C ARG CC 34 -78.63 63.63 86.83
N LEU CC 35 -77.91 62.52 86.96
CA LEU CC 35 -76.48 62.57 87.23
C LEU CC 35 -75.73 63.19 86.05
N ARG CC 36 -76.15 62.88 84.83
CA ARG CC 36 -75.52 63.46 83.66
C ARG CC 36 -75.98 64.90 83.44
N ARG CC 37 -75.24 65.61 82.59
CA ARG CC 37 -75.49 67.01 82.30
C ARG CC 37 -76.61 67.17 81.27
N GLU CC 38 -77.01 68.42 81.04
CA GLU CC 38 -77.95 68.78 79.99
C GLU CC 38 -77.23 69.64 78.96
N CYS CC 39 -77.24 69.20 77.71
CA CYS CC 39 -76.49 69.90 76.68
C CYS CC 39 -77.18 71.20 76.27
N PRO CC 40 -76.45 72.31 76.16
CA PRO CC 40 -77.07 73.58 75.77
C PRO CC 40 -77.21 73.77 74.27
N SER CC 41 -77.06 72.70 73.49
CA SER CC 41 -77.09 72.80 72.04
C SER CC 41 -78.48 73.19 71.54
N ASP CC 42 -78.53 73.81 70.36
CA ASP CC 42 -79.79 74.27 69.80
C ASP CC 42 -80.63 73.11 69.28
N GLU CC 43 -79.99 72.10 68.68
CA GLU CC 43 -80.73 70.97 68.12
C GLU CC 43 -81.36 70.11 69.21
N CYS CC 44 -80.76 70.07 70.39
CA CYS CC 44 -81.26 69.25 71.49
C CYS CC 44 -81.29 70.08 72.77
N GLY CC 45 -82.49 70.38 73.26
CA GLY CC 45 -82.64 71.23 74.43
C GLY CC 45 -82.18 70.63 75.73
N ALA CC 46 -82.88 69.60 76.21
CA ALA CC 46 -82.52 68.97 77.48
C ALA CC 46 -82.71 67.46 77.49
N GLY CC 47 -83.10 66.84 76.37
CA GLY CC 47 -83.40 65.43 76.37
C GLY CC 47 -82.25 64.54 75.93
N VAL CC 48 -81.43 65.02 75.01
CA VAL CC 48 -80.31 64.24 74.50
C VAL CC 48 -79.16 64.29 75.50
N PHE CC 49 -78.67 63.12 75.89
CA PHE CC 49 -77.59 63.01 76.86
C PHE CC 49 -76.25 63.09 76.14
N MET CC 50 -75.16 63.01 76.91
CA MET CC 50 -73.82 63.15 76.36
C MET CC 50 -72.89 62.13 77.00
N ALA CC 51 -71.77 61.85 76.33
CA ALA CC 51 -70.86 60.79 76.74
C ALA CC 51 -70.17 61.11 78.06
N SER CC 52 -70.03 60.09 78.90
CA SER CC 52 -69.20 60.17 80.11
C SER CC 52 -67.91 59.38 79.87
N HIS CC 53 -66.97 60.03 79.20
CA HIS CC 53 -65.74 59.37 78.79
C HIS CC 53 -64.81 59.21 79.98
N PHE CC 54 -63.68 58.52 79.76
CA PHE CC 54 -62.70 58.29 80.81
C PHE CC 54 -61.93 59.56 81.16
N ASP CC 55 -61.81 60.49 80.22
CA ASP CC 55 -61.04 61.71 80.43
C ASP CC 55 -61.89 62.96 80.63
N ARG CC 56 -62.85 63.26 79.76
CA ARG CC 56 -63.71 64.43 79.94
C ARG CC 56 -65.01 64.23 79.19
N HIS CC 57 -66.00 65.07 79.54
CA HIS CC 57 -67.34 64.96 78.99
C HIS CC 57 -67.38 65.42 77.53
N TYR CC 58 -68.41 64.96 76.83
CA TYR CC 58 -68.57 65.24 75.40
C TYR CC 58 -69.95 64.79 74.95
N CYS CC 59 -70.55 65.57 74.04
CA CYS CC 59 -71.84 65.25 73.44
C CYS CC 59 -71.61 64.67 72.05
N GLY CC 60 -72.15 63.46 71.83
CA GLY CC 60 -71.73 62.64 70.70
C GLY CC 60 -72.03 63.13 69.30
N LYS CC 61 -73.30 63.16 68.91
CA LYS CC 61 -73.62 63.35 67.50
C LYS CC 61 -73.46 64.79 67.05
N CYS CC 62 -73.60 65.75 67.96
CA CYS CC 62 -73.58 67.16 67.58
C CYS CC 62 -72.18 67.67 67.24
N CYS CC 63 -71.14 66.89 67.55
CA CYS CC 63 -69.75 67.25 67.24
C CYS CC 63 -69.35 68.58 67.89
N LEU CC 64 -69.55 68.66 69.20
CA LEU CC 64 -69.21 69.85 69.98
C LEU CC 64 -68.44 69.41 71.20
N THR CC 65 -67.18 69.82 71.28
CA THR CC 65 -66.29 69.41 72.36
C THR CC 65 -66.40 70.38 73.53
N TYR CC 66 -66.58 69.83 74.74
CA TYR CC 66 -66.61 70.61 75.96
C TYR CC 66 -65.55 70.10 76.93
N CYS CC 67 -64.86 71.02 77.58
CA CYS CC 67 -63.85 70.68 78.57
C CYS CC 67 -64.14 71.37 79.89
N PHE CC 68 -63.71 70.74 80.97
CA PHE CC 68 -63.91 71.29 82.32
C PHE CC 68 -63.00 72.48 82.58
N GLY EC 1 26.17 -10.87 8.36
CA GLY EC 1 25.85 -11.97 7.47
C GLY EC 1 26.26 -13.31 8.05
N ARG EC 2 27.48 -13.34 8.60
CA ARG EC 2 28.06 -14.31 9.52
C ARG EC 2 28.41 -15.66 8.86
N GLY EC 3 27.94 -15.93 7.66
CA GLY EC 3 28.48 -17.08 6.95
C GLY EC 3 27.44 -18.00 6.35
N ARG EC 4 27.97 -19.06 5.73
CA ARG EC 4 27.28 -19.99 4.84
C ARG EC 4 27.35 -21.44 5.31
N GLY EC 5 28.56 -21.90 5.65
CA GLY EC 5 28.88 -23.31 5.71
C GLY EC 5 29.99 -23.56 4.71
N ARG EC 6 30.38 -24.80 4.45
CA ARG EC 6 31.59 -25.00 3.65
C ARG EC 6 31.46 -26.17 2.69
N GLY EC 7 31.44 -25.84 1.41
CA GLY EC 7 31.68 -26.74 0.30
C GLY EC 7 33.16 -26.79 -0.04
N ARG EC 8 33.94 -27.55 0.73
CA ARG EC 8 35.40 -27.55 0.81
C ARG EC 8 36.17 -27.68 -0.50
N GLY EC 9 36.05 -28.81 -1.17
CA GLY EC 9 36.75 -28.98 -2.44
C GLY EC 9 37.96 -29.87 -2.35
N ARG EC 10 38.77 -29.89 -3.41
CA ARG EC 10 39.98 -30.71 -3.48
C ARG EC 10 41.05 -30.19 -2.53
N GLY EC 11 41.46 -28.94 -2.66
CA GLY EC 11 42.54 -28.39 -1.86
C GLY EC 11 43.90 -29.05 -2.03
N ARG FC 2 -27.36 -75.31 17.07
CA ARG FC 2 -28.50 -74.83 17.82
C ARG FC 2 -28.16 -73.59 18.63
N GLY FC 3 -27.92 -72.47 17.94
CA GLY FC 3 -27.65 -71.21 18.60
C GLY FC 3 -26.59 -70.35 17.95
N ARG FC 4 -25.65 -71.01 17.24
CA ARG FC 4 -24.74 -70.46 16.24
C ARG FC 4 -23.66 -69.50 16.74
N GLY FC 5 -23.71 -69.08 18.01
CA GLY FC 5 -22.65 -68.29 18.61
C GLY FC 5 -22.58 -66.86 18.11
N ARG FC 6 -22.14 -66.73 16.88
CA ARG FC 6 -22.11 -65.47 16.18
C ARG FC 6 -23.42 -65.29 15.42
N GLY FC 7 -23.93 -64.08 15.43
CA GLY FC 7 -24.97 -63.72 14.49
C GLY FC 7 -24.37 -63.34 13.16
N ARG FC 8 -25.26 -63.14 12.18
CA ARG FC 8 -24.98 -62.68 10.82
C ARG FC 8 -24.03 -63.59 10.04
N GLY FC 9 -23.97 -64.87 10.37
CA GLY FC 9 -23.25 -65.86 9.60
C GLY FC 9 -24.09 -66.32 8.43
N ARG FC 10 -24.11 -65.51 7.37
CA ARG FC 10 -25.07 -65.58 6.26
C ARG FC 10 -25.05 -66.91 5.51
N GLY FC 11 -23.93 -67.27 4.89
CA GLY FC 11 -23.80 -68.60 4.31
C GLY FC 11 -24.59 -68.85 3.05
N ARG FC 12 -24.96 -67.80 2.32
CA ARG FC 12 -25.81 -67.93 1.14
C ARG FC 12 -25.06 -68.50 -0.06
#